data_6YFO
#
_entry.id   6YFO
#
_cell.length_a   415.014
_cell.length_b   334.996
_cell.length_c   291.781
_cell.angle_alpha   90.000
_cell.angle_beta   134.660
_cell.angle_gamma   90.000
#
_symmetry.space_group_name_H-M   'C 1 2 1'
#
_entity_poly.entity_id   1
_entity_poly.type   'polypeptide(L)'
_entity_poly.pdbx_seq_one_letter_code
;SIIGSSIKTGATSASITGGSDITFALTGQTVTNGLNVSVSEDTDYRTRRNATFKSRVPTVVNGNYSKGKNEVVFVIPMSL
DSGETVFNSVRIALEIHPALASASVKDLRLIGAQLLTDADYDSFWTLGALA
;
_entity_poly.pdbx_strand_id   AA,AB,AC,AD,AE,AF,AG,AH,AI,AJ,AK,AL,AM,AN,AO,AP,AQ,AR,AS,AT,AU,AV,AW,AX,AY,AZ,BA,BB,BC,BD,BE,BF,BG,BH,BI,BJ,BK,BL,BM,BN,BO,BP,BQ,BR,BS,BT,BU,BV,BW,BX,BY,BZ,CA,CB,CC,CD,CE,CF,CG,CH,CI,CJ,CK,CL,CM,CN,CO,CP,CQ,CR,CS,CT,CU,CV,CW,CX,CY,CZ,DA,DB,DC,DD,DE,DF,DG,DH,DI,DJ,DK,DL
#
# COMPACT_ATOMS: atom_id res chain seq x y z
N SER A 1 36.86 73.95 13.98
CA SER A 1 37.49 74.44 15.21
C SER A 1 36.56 74.25 16.42
N ILE A 2 35.78 73.16 16.41
CA ILE A 2 34.86 72.89 17.51
C ILE A 2 35.61 72.33 18.71
N ILE A 3 36.41 71.29 18.50
CA ILE A 3 37.15 70.67 19.59
C ILE A 3 38.18 71.66 20.11
N GLY A 4 38.05 72.05 21.37
CA GLY A 4 38.96 73.00 21.96
C GLY A 4 38.53 74.44 21.91
N SER A 5 37.35 74.74 21.36
CA SER A 5 36.87 76.11 21.35
C SER A 5 36.64 76.60 22.77
N SER A 6 36.72 77.93 22.94
CA SER A 6 36.59 78.56 24.24
C SER A 6 35.55 79.66 24.16
N ILE A 7 34.60 79.66 25.10
CA ILE A 7 33.56 80.67 25.21
C ILE A 7 33.37 81.05 26.67
N LYS A 8 32.56 82.08 26.90
CA LYS A 8 32.44 82.73 28.20
C LYS A 8 31.15 82.31 28.89
N THR A 9 31.25 81.85 30.14
CA THR A 9 30.09 81.61 30.97
C THR A 9 29.98 82.70 32.03
N GLY A 10 28.76 82.94 32.48
CA GLY A 10 28.52 84.04 33.40
C GLY A 10 28.96 85.38 32.83
N ALA A 11 28.68 85.63 31.57
CA ALA A 11 29.00 86.92 30.97
C ALA A 11 28.07 87.98 31.51
N THR A 12 28.63 89.18 31.74
CA THR A 12 27.81 90.30 32.18
C THR A 12 26.74 90.63 31.16
N SER A 13 27.13 90.79 29.89
CA SER A 13 26.15 90.99 28.82
C SER A 13 26.79 90.71 27.47
N ALA A 14 25.98 90.74 26.42
CA ALA A 14 26.46 90.62 25.05
C ALA A 14 25.95 91.82 24.26
N SER A 15 26.70 92.16 23.22
CA SER A 15 26.42 93.38 22.46
C SER A 15 26.82 93.15 21.01
N ILE A 16 26.53 94.13 20.16
CA ILE A 16 26.72 93.96 18.72
C ILE A 16 27.17 95.27 18.10
N THR A 17 28.27 95.22 17.36
CA THR A 17 28.76 96.35 16.57
C THR A 17 28.29 96.13 15.14
N GLY A 18 27.29 96.91 14.73
CA GLY A 18 26.64 96.60 13.47
C GLY A 18 25.86 97.74 12.88
N GLY A 19 25.25 97.46 11.72
CA GLY A 19 24.69 98.48 10.86
C GLY A 19 23.27 98.91 11.14
N SER A 20 22.40 98.80 10.12
CA SER A 20 21.11 99.46 10.16
C SER A 20 20.12 98.74 11.06
N ASP A 21 19.16 99.50 11.58
CA ASP A 21 18.10 98.96 12.41
C ASP A 21 17.06 98.23 11.56
N ILE A 22 16.36 97.32 12.20
CA ILE A 22 15.16 96.69 11.66
C ILE A 22 14.13 96.67 12.78
N THR A 23 12.89 97.00 12.42
CA THR A 23 11.81 97.18 13.38
C THR A 23 10.71 96.17 13.09
N PHE A 24 10.17 95.58 14.16
CA PHE A 24 9.13 94.57 14.11
C PHE A 24 7.76 95.17 14.34
N ALA A 25 6.73 94.47 13.84
CA ALA A 25 5.34 94.83 14.07
C ALA A 25 4.52 93.57 13.92
N LEU A 26 3.37 93.55 14.59
CA LEU A 26 2.59 92.33 14.66
C LEU A 26 1.95 92.00 13.32
N THR A 27 1.95 90.72 12.96
CA THR A 27 1.51 90.22 11.65
C THR A 27 0.06 89.74 11.65
N GLY A 28 -0.34 88.99 12.66
CA GLY A 28 -1.66 88.39 12.65
C GLY A 28 -1.74 87.07 11.91
N GLN A 29 -0.62 86.55 11.38
CA GLN A 29 -0.60 85.16 10.97
C GLN A 29 -0.84 84.28 12.19
N THR A 30 -1.87 83.44 12.11
CA THR A 30 -2.29 82.64 13.24
C THR A 30 -1.20 81.66 13.65
N VAL A 31 -0.76 81.75 14.90
CA VAL A 31 0.28 80.90 15.45
C VAL A 31 -0.15 80.43 16.83
N THR A 32 -0.22 79.11 17.02
CA THR A 32 -0.75 78.54 18.26
C THR A 32 0.23 78.72 19.40
N ASN A 33 -0.25 79.30 20.51
CA ASN A 33 0.58 79.66 21.66
C ASN A 33 1.74 80.58 21.25
N GLY A 34 1.54 81.34 20.18
CA GLY A 34 2.62 82.11 19.62
C GLY A 34 2.25 83.44 19.01
N LEU A 35 3.16 83.96 18.18
CA LEU A 35 3.08 85.35 17.75
C LEU A 35 3.96 85.53 16.52
N ASN A 36 3.41 86.11 15.46
CA ASN A 36 4.17 86.44 14.26
C ASN A 36 4.39 87.95 14.21
N VAL A 37 5.65 88.38 14.20
CA VAL A 37 6.00 89.78 13.92
C VAL A 37 6.88 89.81 12.69
N SER A 38 6.51 90.63 11.72
CA SER A 38 7.36 90.82 10.56
C SER A 38 7.95 92.22 10.60
N VAL A 39 8.88 92.48 9.70
CA VAL A 39 9.51 93.78 9.66
C VAL A 39 8.58 94.71 8.89
N SER A 40 8.43 95.94 9.38
CA SER A 40 7.74 96.94 8.58
C SER A 40 8.70 97.66 7.66
N GLU A 41 9.95 97.23 7.61
CA GLU A 41 10.97 97.93 6.86
C GLU A 41 11.27 97.30 5.51
N ASP A 42 10.99 96.02 5.36
CA ASP A 42 10.97 95.41 4.04
C ASP A 42 9.59 95.64 3.41
N THR A 43 9.59 95.85 2.10
CA THR A 43 8.39 96.30 1.42
C THR A 43 7.65 95.21 0.66
N ASP A 44 8.37 94.25 0.07
CA ASP A 44 7.76 93.18 -0.73
C ASP A 44 7.28 92.06 0.19
N TYR A 45 5.99 91.71 0.08
CA TYR A 45 5.44 90.69 0.96
C TYR A 45 6.07 89.33 0.71
N ARG A 46 6.35 89.02 -0.55
CA ARG A 46 7.08 87.79 -0.89
C ARG A 46 8.33 87.62 -0.05
N THR A 47 9.23 88.61 -0.10
CA THR A 47 10.55 88.49 0.50
C THR A 47 10.67 89.22 1.84
N ARG A 48 9.55 89.47 2.53
CA ARG A 48 9.60 90.25 3.75
C ARG A 48 9.94 89.34 4.92
N ARG A 49 11.04 89.67 5.60
CA ARG A 49 11.56 88.87 6.69
C ARG A 49 10.59 88.84 7.86
N ASN A 50 10.39 87.66 8.45
CA ASN A 50 9.48 87.61 9.59
C ASN A 50 9.92 86.60 10.63
N ALA A 51 9.55 86.85 11.87
CA ALA A 51 9.90 85.99 12.99
C ALA A 51 8.62 85.53 13.68
N THR A 52 8.75 84.40 14.37
CA THR A 52 7.63 83.76 15.05
C THR A 52 8.10 83.23 16.40
N PHE A 53 7.39 83.65 17.44
CA PHE A 53 7.71 83.37 18.83
C PHE A 53 6.65 82.41 19.36
N LYS A 54 7.06 81.20 19.73
CA LYS A 54 6.17 80.28 20.42
C LYS A 54 6.63 80.11 21.86
N SER A 55 5.68 79.90 22.75
CA SER A 55 5.94 79.89 24.19
C SER A 55 5.07 78.84 24.87
N ARG A 56 5.71 77.94 25.62
CA ARG A 56 5.01 76.93 26.42
C ARG A 56 5.61 76.95 27.82
N VAL A 57 4.75 77.16 28.82
CA VAL A 57 5.16 77.34 30.21
C VAL A 57 5.35 75.99 30.88
N PRO A 58 6.18 75.91 31.93
CA PRO A 58 6.22 74.70 32.74
C PRO A 58 4.86 74.40 33.33
N THR A 59 4.40 73.17 33.12
CA THR A 59 3.09 72.73 33.60
C THR A 59 3.30 71.63 34.63
N VAL A 60 2.61 71.74 35.76
CA VAL A 60 2.71 70.76 36.83
C VAL A 60 1.82 69.57 36.47
N VAL A 61 2.36 68.37 36.65
CA VAL A 61 1.61 67.14 36.45
C VAL A 61 2.03 66.16 37.53
N ASN A 62 1.06 65.66 38.30
CA ASN A 62 1.32 64.67 39.34
C ASN A 62 2.31 65.20 40.39
N GLY A 63 2.16 66.48 40.75
CA GLY A 63 2.88 67.05 41.85
C GLY A 63 4.23 67.65 41.52
N ASN A 64 4.68 67.60 40.28
CA ASN A 64 5.96 68.20 39.94
C ASN A 64 5.94 68.74 38.51
N TYR A 65 6.91 69.60 38.23
CA TYR A 65 6.91 70.44 37.04
C TYR A 65 7.52 69.73 35.84
N SER A 66 7.13 70.19 34.65
CA SER A 66 7.74 69.79 33.39
C SER A 66 8.48 70.99 32.81
N LYS A 67 9.64 70.73 32.22
CA LYS A 67 10.44 71.83 31.68
C LYS A 67 9.67 72.56 30.59
N GLY A 68 9.81 73.89 30.57
CA GLY A 68 9.13 74.71 29.58
C GLY A 68 10.01 75.01 28.39
N LYS A 69 9.37 75.49 27.32
CA LYS A 69 10.02 75.60 26.02
C LYS A 69 9.63 76.91 25.34
N ASN A 70 10.62 77.70 24.94
CA ASN A 70 10.38 78.98 24.26
C ASN A 70 11.15 78.97 22.94
N GLU A 71 10.42 78.90 21.83
CA GLU A 71 11.00 78.88 20.50
C GLU A 71 10.91 80.25 19.84
N VAL A 72 11.88 80.52 18.99
CA VAL A 72 11.82 81.61 18.03
C VAL A 72 12.28 81.06 16.69
N VAL A 73 11.69 81.54 15.62
CA VAL A 73 12.17 81.24 14.28
C VAL A 73 12.13 82.50 13.44
N PHE A 74 13.29 82.88 12.91
CA PHE A 74 13.43 84.04 12.04
C PHE A 74 13.66 83.54 10.63
N VAL A 75 12.94 84.12 9.67
CA VAL A 75 12.87 83.59 8.32
C VAL A 75 13.15 84.70 7.33
N ILE A 76 14.05 84.41 6.40
CA ILE A 76 14.31 85.18 5.19
C ILE A 76 13.72 84.42 4.02
N PRO A 77 12.59 84.85 3.45
CA PRO A 77 12.11 84.20 2.24
C PRO A 77 12.94 84.62 1.04
N MET A 78 13.11 83.69 0.10
CA MET A 78 13.70 84.03 -1.18
C MET A 78 13.03 83.20 -2.28
N SER A 79 12.75 83.84 -3.41
CA SER A 79 12.24 83.12 -4.55
C SER A 79 13.39 82.46 -5.29
N LEU A 80 13.23 81.18 -5.61
CA LEU A 80 14.25 80.47 -6.37
C LEU A 80 14.04 80.66 -7.86
N ASP A 81 15.06 80.30 -8.63
CA ASP A 81 14.96 80.40 -10.09
C ASP A 81 13.85 79.50 -10.62
N SER A 82 13.54 78.41 -9.92
CA SER A 82 12.52 77.47 -10.32
C SER A 82 11.10 77.98 -10.08
N GLY A 83 10.95 79.09 -9.37
CA GLY A 83 9.64 79.65 -9.12
C GLY A 83 9.18 79.50 -7.69
N GLU A 84 9.38 78.32 -7.11
CA GLU A 84 8.99 78.11 -5.71
C GLU A 84 9.73 79.08 -4.81
N THR A 85 9.00 79.72 -3.90
CA THR A 85 9.61 80.53 -2.87
C THR A 85 9.97 79.62 -1.70
N VAL A 86 11.22 79.72 -1.23
CA VAL A 86 11.70 78.89 -0.13
C VAL A 86 12.13 79.78 1.02
N PHE A 87 11.97 79.27 2.24
CA PHE A 87 12.28 80.01 3.45
C PHE A 87 13.66 79.63 3.97
N ASN A 88 14.39 80.63 4.47
CA ASN A 88 15.68 80.41 5.12
C ASN A 88 15.48 80.65 6.61
N SER A 89 15.83 79.67 7.42
CA SER A 89 15.40 79.61 8.80
C SER A 89 16.58 79.67 9.75
N VAL A 90 16.44 80.47 10.81
CA VAL A 90 17.23 80.27 12.02
C VAL A 90 16.23 80.08 13.15
N ARG A 91 16.37 78.97 13.87
CA ARG A 91 15.42 78.58 14.90
C ARG A 91 16.19 78.40 16.21
N ILE A 92 15.73 79.09 17.25
CA ILE A 92 16.37 79.04 18.55
C ILE A 92 15.30 78.67 19.56
N ALA A 93 15.38 77.45 20.08
CA ALA A 93 14.52 76.98 21.15
C ALA A 93 15.30 76.94 22.45
N LEU A 94 14.61 77.20 23.55
CA LEU A 94 15.26 77.24 24.86
C LEU A 94 14.32 76.62 25.88
N GLU A 95 14.73 75.48 26.43
CA GLU A 95 13.94 74.67 27.34
C GLU A 95 14.58 74.74 28.72
N ILE A 96 13.83 75.26 29.69
CA ILE A 96 14.33 75.47 31.04
C ILE A 96 13.47 74.70 32.01
N HIS A 97 14.10 74.02 32.95
CA HIS A 97 13.37 73.47 34.08
C HIS A 97 13.22 74.54 35.16
N PRO A 98 12.06 74.63 35.81
CA PRO A 98 11.85 75.70 36.80
C PRO A 98 12.90 75.77 37.88
N ALA A 99 13.62 74.67 38.13
CA ALA A 99 14.62 74.64 39.19
C ALA A 99 15.93 75.30 38.80
N LEU A 100 16.13 75.66 37.54
CA LEU A 100 17.39 76.29 37.14
C LEU A 100 17.47 77.69 37.74
N ALA A 101 18.71 78.10 38.05
CA ALA A 101 18.95 79.42 38.60
C ALA A 101 18.58 80.50 37.59
N SER A 102 17.97 81.58 38.11
CA SER A 102 17.67 82.74 37.28
C SER A 102 18.90 83.20 36.51
N ALA A 103 20.07 83.17 37.16
CA ALA A 103 21.30 83.60 36.51
C ALA A 103 21.75 82.60 35.45
N SER A 104 21.57 81.30 35.71
CA SER A 104 21.95 80.30 34.71
C SER A 104 21.03 80.32 33.49
N VAL A 105 19.82 80.86 33.63
CA VAL A 105 18.97 81.05 32.45
C VAL A 105 19.62 82.03 31.48
N LYS A 106 19.99 83.21 31.97
CA LYS A 106 20.71 84.15 31.12
C LYS A 106 22.06 83.61 30.68
N ASP A 107 22.74 82.81 31.52
CA ASP A 107 23.98 82.19 31.06
C ASP A 107 23.73 81.31 29.85
N LEU A 108 22.62 80.56 29.84
CA LEU A 108 22.27 79.75 28.67
C LEU A 108 22.00 80.61 27.45
N ARG A 109 21.24 81.69 27.63
CA ARG A 109 20.96 82.57 26.48
C ARG A 109 22.25 83.08 25.86
N LEU A 110 23.18 83.54 26.70
CA LEU A 110 24.42 84.13 26.18
C LEU A 110 25.38 83.08 25.65
N ILE A 111 25.45 81.91 26.29
CA ILE A 111 26.34 80.87 25.81
C ILE A 111 25.81 80.28 24.50
N GLY A 112 24.49 80.30 24.31
CA GLY A 112 23.94 79.87 23.04
C GLY A 112 24.21 80.88 21.95
N ALA A 113 23.87 82.15 22.20
CA ALA A 113 24.15 83.18 21.22
C ALA A 113 25.63 83.26 20.88
N GLN A 114 26.48 82.91 21.83
CA GLN A 114 27.92 82.92 21.60
C GLN A 114 28.37 81.76 20.73
N LEU A 115 27.58 80.68 20.65
CA LEU A 115 27.88 79.60 19.73
C LEU A 115 27.52 79.92 18.29
N LEU A 116 26.59 80.86 18.05
CA LEU A 116 26.35 81.34 16.68
C LEU A 116 27.49 82.24 16.19
N THR A 117 27.90 83.21 17.01
CA THR A 117 28.71 84.31 16.50
C THR A 117 30.21 84.10 16.62
N ASP A 118 30.66 83.30 17.60
CA ASP A 118 32.09 83.23 17.87
C ASP A 118 32.83 82.57 16.70
N ALA A 119 33.91 83.21 16.27
CA ALA A 119 34.61 82.84 15.05
C ALA A 119 35.09 81.40 15.05
N ASP A 120 35.32 80.82 16.24
CA ASP A 120 35.69 79.41 16.34
C ASP A 120 34.69 78.53 15.59
N TYR A 121 33.41 78.79 15.76
CA TYR A 121 32.40 77.98 15.08
C TYR A 121 32.09 78.52 13.68
N ASP A 122 32.78 79.59 13.29
CA ASP A 122 32.47 80.29 12.06
C ASP A 122 32.59 79.33 10.86
N SER A 123 33.53 78.39 10.92
CA SER A 123 33.64 77.40 9.85
C SER A 123 32.53 76.37 9.91
N PHE A 124 31.98 76.11 11.10
CA PHE A 124 30.93 75.11 11.24
C PHE A 124 29.63 75.57 10.59
N TRP A 125 29.16 76.75 10.96
CA TRP A 125 27.86 77.22 10.47
C TRP A 125 27.88 77.44 8.97
N THR A 126 28.92 78.12 8.47
CA THR A 126 28.97 78.47 7.05
C THR A 126 29.15 77.23 6.19
N LEU A 127 30.18 76.44 6.49
CA LEU A 127 30.57 75.34 5.63
C LEU A 127 29.93 74.01 6.02
N GLY A 128 29.19 73.97 7.12
CA GLY A 128 28.73 72.70 7.63
C GLY A 128 29.88 71.78 7.99
N ALA A 129 30.96 72.34 8.54
CA ALA A 129 32.22 71.63 8.73
C ALA A 129 32.30 71.06 10.14
N LEU A 130 32.43 69.74 10.24
CA LEU A 130 32.61 69.06 11.52
C LEU A 130 34.11 68.86 11.75
N ALA A 131 34.66 69.59 12.71
CA ALA A 131 36.05 69.49 13.08
C ALA A 131 36.28 70.27 14.37
N SER B 1 6.95 93.78 24.56
CA SER B 1 8.31 94.17 24.25
C SER B 1 8.82 93.41 23.02
N ILE B 2 8.13 92.31 22.67
CA ILE B 2 8.44 91.63 21.42
C ILE B 2 7.91 92.43 20.24
N ILE B 3 6.67 92.93 20.35
CA ILE B 3 6.09 93.76 19.30
C ILE B 3 6.82 95.10 19.27
N GLY B 4 7.22 95.52 18.08
CA GLY B 4 7.89 96.80 17.97
C GLY B 4 9.27 96.83 18.56
N SER B 5 9.96 95.70 18.60
CA SER B 5 11.36 95.67 19.00
C SER B 5 12.26 95.94 17.80
N SER B 6 13.49 96.39 18.09
CA SER B 6 14.43 96.81 17.07
C SER B 6 15.73 96.04 17.23
N ILE B 7 16.27 95.54 16.12
CA ILE B 7 17.50 94.74 16.11
C ILE B 7 18.32 95.07 14.86
N LYS B 8 19.65 94.90 14.97
CA LYS B 8 20.53 95.32 13.88
C LYS B 8 20.61 94.22 12.80
N THR B 9 20.39 94.61 11.55
CA THR B 9 20.69 93.72 10.43
C THR B 9 22.00 94.13 9.77
N GLY B 10 22.60 93.17 9.07
CA GLY B 10 23.87 93.39 8.43
C GLY B 10 24.87 93.96 9.39
N ALA B 11 24.93 93.38 10.58
CA ALA B 11 25.89 93.84 11.57
C ALA B 11 27.29 93.37 11.21
N THR B 12 28.29 94.21 11.50
CA THR B 12 29.68 93.86 11.20
C THR B 12 30.14 92.68 12.04
N SER B 13 29.89 92.72 13.36
CA SER B 13 30.17 91.58 14.21
C SER B 13 29.47 91.78 15.55
N ALA B 14 29.42 90.73 16.34
CA ALA B 14 28.87 90.76 17.69
C ALA B 14 29.90 90.21 18.65
N SER B 15 29.76 90.58 19.92
CA SER B 15 30.74 90.20 20.93
C SER B 15 30.06 90.12 22.29
N ILE B 16 30.85 89.85 23.31
CA ILE B 16 30.30 89.55 24.62
C ILE B 16 31.21 90.10 25.71
N THR B 17 30.67 91.03 26.51
CA THR B 17 31.38 91.55 27.69
C THR B 17 31.14 90.55 28.81
N GLY B 18 32.14 89.71 29.07
CA GLY B 18 31.91 88.43 29.70
C GLY B 18 32.84 88.14 30.87
N GLY B 19 32.60 86.99 31.49
CA GLY B 19 33.37 86.52 32.63
C GLY B 19 34.39 85.47 32.29
N SER B 20 34.32 84.30 32.94
CA SER B 20 35.38 83.30 32.86
C SER B 20 35.25 82.43 31.61
N ASP B 21 36.38 81.84 31.22
CA ASP B 21 36.43 80.96 30.06
C ASP B 21 35.82 79.60 30.35
N ILE B 22 35.46 78.90 29.28
CA ILE B 22 35.04 77.50 29.35
C ILE B 22 35.50 76.82 28.06
N THR B 23 36.01 75.60 28.20
CA THR B 23 36.73 74.94 27.11
C THR B 23 36.11 73.57 26.81
N PHE B 24 35.93 73.28 25.51
CA PHE B 24 35.31 72.05 25.05
C PHE B 24 36.36 71.00 24.69
N ALA B 25 36.04 69.74 24.98
CA ALA B 25 36.87 68.62 24.59
C ALA B 25 35.97 67.51 24.07
N LEU B 26 36.56 66.58 23.32
CA LEU B 26 35.79 65.55 22.64
C LEU B 26 35.23 64.52 23.61
N THR B 27 33.92 64.25 23.51
CA THR B 27 33.21 63.41 24.48
C THR B 27 33.16 61.94 24.09
N GLY B 28 33.24 61.64 22.80
CA GLY B 28 33.04 60.28 22.37
C GLY B 28 31.68 59.72 22.72
N GLN B 29 30.63 60.54 22.70
CA GLN B 29 29.26 60.06 22.69
C GLN B 29 28.83 59.94 21.25
N THR B 30 28.54 58.72 20.81
CA THR B 30 28.22 58.47 19.42
C THR B 30 27.04 59.32 18.99
N VAL B 31 27.27 60.22 18.03
CA VAL B 31 26.25 61.14 17.53
C VAL B 31 26.28 61.13 16.02
N THR B 32 25.16 60.75 15.41
CA THR B 32 25.10 60.65 13.95
C THR B 32 25.24 62.03 13.34
N ASN B 33 26.11 62.13 12.33
CA ASN B 33 26.31 63.36 11.56
C ASN B 33 26.82 64.49 12.44
N GLY B 34 27.58 64.19 13.49
CA GLY B 34 27.98 65.26 14.37
C GLY B 34 28.90 64.80 15.48
N LEU B 35 29.14 65.73 16.40
CA LEU B 35 30.09 65.57 17.49
C LEU B 35 29.40 65.87 18.82
N ASN B 36 30.00 65.35 19.89
CA ASN B 36 29.69 65.76 21.25
C ASN B 36 30.98 66.23 21.90
N VAL B 37 30.96 67.47 22.40
CA VAL B 37 32.08 68.02 23.17
C VAL B 37 31.53 68.52 24.49
N SER B 38 32.13 68.09 25.60
CA SER B 38 31.70 68.60 26.90
C SER B 38 32.80 69.50 27.47
N VAL B 39 32.41 70.27 28.48
CA VAL B 39 33.35 71.19 29.10
C VAL B 39 34.18 70.40 30.11
N SER B 40 35.47 70.31 29.86
CA SER B 40 36.37 69.61 30.77
C SER B 40 36.67 70.43 32.01
N GLU B 41 36.00 71.57 32.16
CA GLU B 41 36.24 72.48 33.27
C GLU B 41 35.24 72.31 34.40
N ASP B 42 34.14 71.59 34.18
CA ASP B 42 33.26 71.15 35.25
C ASP B 42 33.77 69.81 35.76
N THR B 43 33.73 69.61 37.07
CA THR B 43 34.44 68.49 37.69
C THR B 43 33.59 67.23 37.82
N ASP B 44 32.27 67.33 37.82
CA ASP B 44 31.38 66.21 38.11
C ASP B 44 30.62 65.83 36.84
N TYR B 45 30.91 64.65 36.29
CA TYR B 45 30.30 64.23 35.02
C TYR B 45 28.79 64.36 35.07
N ARG B 46 28.19 63.90 36.16
CA ARG B 46 26.74 63.91 36.34
C ARG B 46 26.12 65.27 36.01
N THR B 47 26.90 66.36 36.07
CA THR B 47 26.42 67.70 35.72
C THR B 47 27.44 68.47 34.87
N ARG B 48 28.09 67.83 33.90
CA ARG B 48 28.97 68.56 32.98
C ARG B 48 28.19 69.09 31.78
N ARG B 49 28.18 70.41 31.65
CA ARG B 49 27.62 71.07 30.49
C ARG B 49 28.26 70.53 29.23
N ASN B 50 27.44 70.07 28.28
CA ASN B 50 27.98 69.55 27.03
C ASN B 50 27.24 70.19 25.86
N ALA B 51 27.73 69.90 24.66
CA ALA B 51 27.17 70.47 23.45
C ALA B 51 27.32 69.47 22.33
N THR B 52 26.32 69.43 21.47
CA THR B 52 26.27 68.49 20.36
C THR B 52 26.06 69.24 19.07
N PHE B 53 26.89 68.95 18.09
CA PHE B 53 26.90 69.61 16.80
C PHE B 53 26.45 68.62 15.74
N LYS B 54 25.44 68.99 14.94
CA LYS B 54 24.96 68.17 13.85
C LYS B 54 24.97 68.97 12.55
N SER B 55 25.17 68.25 11.44
CA SER B 55 25.22 68.87 10.12
C SER B 55 24.61 67.93 9.09
N ARG B 56 23.35 68.19 8.72
CA ARG B 56 22.70 67.51 7.60
C ARG B 56 22.89 68.34 6.35
N VAL B 57 23.30 67.67 5.27
CA VAL B 57 23.69 68.33 4.04
C VAL B 57 22.48 68.52 3.13
N PRO B 58 22.53 69.44 2.18
CA PRO B 58 21.44 69.57 1.21
C PRO B 58 21.34 68.33 0.34
N THR B 59 20.10 68.02 -0.05
CA THR B 59 19.81 66.84 -0.85
C THR B 59 19.67 67.24 -2.31
N VAL B 60 20.29 66.46 -3.19
CA VAL B 60 20.24 66.71 -4.64
C VAL B 60 19.11 65.86 -5.21
N VAL B 61 18.03 66.51 -5.61
CA VAL B 61 16.86 65.83 -6.18
C VAL B 61 16.64 66.43 -7.57
N ASN B 62 17.22 65.77 -8.58
CA ASN B 62 16.95 66.09 -9.98
C ASN B 62 17.20 67.57 -10.27
N GLY B 63 18.41 68.03 -9.96
CA GLY B 63 18.77 69.42 -10.18
C GLY B 63 18.25 70.41 -9.16
N ASN B 64 17.40 70.00 -8.23
CA ASN B 64 16.88 70.89 -7.19
C ASN B 64 17.50 70.53 -5.84
N TYR B 65 17.87 71.54 -5.05
CA TYR B 65 18.53 71.32 -3.78
C TYR B 65 17.64 71.76 -2.63
N SER B 66 17.51 70.90 -1.62
CA SER B 66 16.84 71.24 -0.38
C SER B 66 17.78 72.04 0.51
N LYS B 67 17.20 72.80 1.43
CA LYS B 67 18.02 73.50 2.40
C LYS B 67 18.72 72.48 3.30
N GLY B 68 19.95 72.83 3.72
CA GLY B 68 20.66 72.05 4.71
C GLY B 68 20.43 72.59 6.10
N LYS B 69 20.90 71.83 7.09
CA LYS B 69 20.55 72.10 8.49
C LYS B 69 21.77 71.88 9.37
N ASN B 70 22.15 72.91 10.13
CA ASN B 70 23.26 72.78 11.07
C ASN B 70 22.74 73.10 12.47
N GLU B 71 22.74 72.09 13.35
CA GLU B 71 22.23 72.24 14.71
C GLU B 71 23.37 72.29 15.71
N VAL B 72 23.10 72.98 16.82
CA VAL B 72 23.88 72.87 18.04
C VAL B 72 22.89 72.74 19.19
N VAL B 73 23.23 71.89 20.15
CA VAL B 73 22.43 71.67 21.35
C VAL B 73 23.37 71.80 22.54
N PHE B 74 23.21 72.84 23.33
CA PHE B 74 23.99 73.04 24.54
C PHE B 74 23.11 72.66 25.73
N VAL B 75 23.68 71.93 26.67
CA VAL B 75 22.92 71.28 27.73
C VAL B 75 23.60 71.50 29.07
N ILE B 76 22.84 72.04 30.02
CA ILE B 76 23.19 72.08 31.44
C ILE B 76 22.39 70.99 32.14
N PRO B 77 22.99 69.86 32.50
CA PRO B 77 22.28 68.90 33.34
C PRO B 77 22.30 69.33 34.79
N MET B 78 21.16 69.18 35.47
CA MET B 78 21.04 69.54 36.87
C MET B 78 20.34 68.43 37.62
N SER B 79 20.81 68.19 38.85
CA SER B 79 20.26 67.18 39.73
C SER B 79 19.14 67.79 40.56
N LEU B 80 17.93 67.25 40.41
CA LEU B 80 16.79 67.78 41.15
C LEU B 80 16.86 67.34 42.61
N ASP B 81 16.03 68.00 43.43
CA ASP B 81 15.85 67.56 44.80
C ASP B 81 15.32 66.14 44.85
N SER B 82 14.50 65.76 43.87
CA SER B 82 13.93 64.42 43.74
C SER B 82 14.97 63.34 43.49
N GLY B 83 16.21 63.71 43.18
CA GLY B 83 17.22 62.77 42.75
C GLY B 83 17.28 62.58 41.24
N GLU B 84 16.14 62.71 40.56
CA GLU B 84 16.13 62.63 39.11
C GLU B 84 16.83 63.82 38.51
N THR B 85 17.82 63.58 37.65
CA THR B 85 18.57 64.65 36.99
C THR B 85 17.96 64.89 35.62
N VAL B 86 17.81 66.17 35.26
CA VAL B 86 17.19 66.58 34.00
C VAL B 86 18.11 67.57 33.28
N PHE B 87 17.67 67.99 32.10
CA PHE B 87 18.52 68.74 31.18
C PHE B 87 17.90 70.07 30.80
N ASN B 88 18.66 71.15 30.94
CA ASN B 88 18.31 72.48 30.46
C ASN B 88 18.98 72.68 29.11
N SER B 89 18.19 72.95 28.08
CA SER B 89 18.63 72.80 26.70
C SER B 89 18.42 74.10 25.92
N VAL B 90 19.50 74.70 25.44
CA VAL B 90 19.40 75.71 24.40
C VAL B 90 19.78 75.05 23.08
N ARG B 91 18.88 75.11 22.10
CA ARG B 91 19.10 74.50 20.79
C ARG B 91 19.00 75.57 19.72
N ILE B 92 19.99 75.60 18.82
CA ILE B 92 20.02 76.57 17.73
C ILE B 92 20.27 75.82 16.44
N ALA B 93 19.29 75.85 15.54
CA ALA B 93 19.34 75.17 14.26
C ALA B 93 19.26 76.20 13.15
N LEU B 94 20.16 76.11 12.19
CA LEU B 94 20.22 77.06 11.10
C LEU B 94 20.06 76.32 9.78
N GLU B 95 18.94 76.55 9.11
CA GLU B 95 18.56 75.89 7.87
C GLU B 95 18.71 76.87 6.72
N ILE B 96 19.60 76.55 5.79
CA ILE B 96 19.98 77.45 4.72
C ILE B 96 19.96 76.72 3.39
N HIS B 97 19.34 77.34 2.38
CA HIS B 97 19.49 76.89 1.00
C HIS B 97 20.80 77.44 0.42
N PRO B 98 21.52 76.64 -0.36
CA PRO B 98 22.88 77.05 -0.79
C PRO B 98 22.90 78.31 -1.63
N ALA B 99 21.77 78.70 -2.23
CA ALA B 99 21.71 79.87 -3.09
C ALA B 99 21.61 81.19 -2.33
N LEU B 100 21.51 81.15 -0.99
CA LEU B 100 21.48 82.40 -0.24
C LEU B 100 22.87 83.02 -0.18
N ALA B 101 22.91 84.35 -0.11
CA ALA B 101 24.17 85.07 -0.11
C ALA B 101 24.97 84.75 1.15
N SER B 102 26.29 84.58 0.95
CA SER B 102 27.18 84.31 2.06
C SER B 102 27.06 85.36 3.15
N ALA B 103 26.74 86.61 2.76
CA ALA B 103 26.57 87.68 3.73
C ALA B 103 25.25 87.55 4.49
N SER B 104 24.17 87.14 3.80
CA SER B 104 22.90 86.96 4.49
C SER B 104 22.95 85.79 5.46
N VAL B 105 23.78 84.79 5.19
CA VAL B 105 23.93 83.69 6.15
C VAL B 105 24.45 84.21 7.48
N LYS B 106 25.52 85.02 7.44
CA LYS B 106 26.08 85.56 8.68
C LYS B 106 25.15 86.60 9.29
N ASP B 107 24.46 87.41 8.48
CA ASP B 107 23.43 88.28 9.05
C ASP B 107 22.40 87.47 9.82
N LEU B 108 22.08 86.27 9.32
CA LEU B 108 21.06 85.44 9.97
C LEU B 108 21.58 84.90 11.31
N ARG B 109 22.85 84.47 11.33
CA ARG B 109 23.49 84.07 12.59
C ARG B 109 23.43 85.19 13.63
N LEU B 110 23.81 86.40 13.22
CA LEU B 110 23.87 87.51 14.17
C LEU B 110 22.48 87.95 14.60
N ILE B 111 21.50 87.88 13.71
CA ILE B 111 20.16 88.32 14.07
C ILE B 111 19.53 87.33 15.04
N GLY B 112 19.82 86.03 14.88
CA GLY B 112 19.40 85.07 15.88
C GLY B 112 20.06 85.32 17.23
N ALA B 113 21.37 85.60 17.21
CA ALA B 113 22.05 85.91 18.46
C ALA B 113 21.42 87.11 19.16
N GLN B 114 21.06 88.15 18.41
CA GLN B 114 20.42 89.30 19.04
C GLN B 114 19.07 88.89 19.62
N LEU B 115 18.28 88.11 18.88
CA LEU B 115 17.02 87.64 19.40
C LEU B 115 17.19 86.92 20.74
N LEU B 116 18.29 86.17 20.91
CA LEU B 116 18.58 85.59 22.22
C LEU B 116 18.92 86.64 23.27
N THR B 117 19.86 87.54 22.97
CA THR B 117 20.51 88.27 24.05
C THR B 117 19.97 89.68 24.30
N ASP B 118 19.11 90.22 23.42
CA ASP B 118 18.66 91.58 23.60
C ASP B 118 17.71 91.69 24.79
N ALA B 119 17.65 92.89 25.37
CA ALA B 119 16.84 93.09 26.56
C ALA B 119 15.35 93.11 26.23
N ASP B 120 14.99 93.58 25.03
CA ASP B 120 13.61 93.59 24.60
C ASP B 120 12.94 92.22 24.75
N TYR B 121 13.71 91.14 24.67
CA TYR B 121 13.16 89.79 24.69
C TYR B 121 13.31 89.11 26.04
N ASP B 122 13.87 89.82 27.04
CA ASP B 122 14.03 89.24 28.37
C ASP B 122 12.72 88.67 28.90
N SER B 123 11.64 89.45 28.80
CA SER B 123 10.35 88.98 29.30
C SER B 123 9.93 87.70 28.60
N PHE B 124 10.01 87.67 27.26
CA PHE B 124 9.67 86.47 26.51
C PHE B 124 10.44 85.26 26.98
N TRP B 125 11.78 85.32 26.89
CA TRP B 125 12.59 84.15 27.19
C TRP B 125 12.38 83.68 28.62
N THR B 126 12.53 84.60 29.59
CA THR B 126 12.51 84.19 30.99
C THR B 126 11.12 83.76 31.44
N LEU B 127 10.13 84.64 31.29
CA LEU B 127 8.80 84.41 31.84
C LEU B 127 7.90 83.62 30.92
N GLY B 128 8.22 83.56 29.63
CA GLY B 128 7.33 83.01 28.64
C GLY B 128 6.30 83.98 28.10
N ALA B 129 6.47 85.28 28.34
CA ALA B 129 5.42 86.24 28.04
C ALA B 129 5.34 86.50 26.55
N LEU B 130 4.15 86.30 25.99
CA LEU B 130 3.92 86.66 24.61
C LEU B 130 3.67 88.17 24.49
N ALA B 131 3.65 88.65 23.25
CA ALA B 131 3.40 90.07 22.94
C ALA B 131 4.40 91.04 23.58
N SER C 1 -27.25 111.79 -6.50
CA SER C 1 -26.21 112.18 -5.55
C SER C 1 -25.06 111.17 -5.52
N ILE C 2 -25.37 109.88 -5.66
CA ILE C 2 -24.31 108.88 -5.84
C ILE C 2 -23.69 109.03 -7.22
N ILE C 3 -24.54 109.15 -8.24
CA ILE C 3 -24.06 109.36 -9.60
C ILE C 3 -23.54 110.78 -9.72
N GLY C 4 -22.26 110.92 -10.07
CA GLY C 4 -21.64 112.21 -10.18
C GLY C 4 -20.92 112.68 -8.94
N SER C 5 -20.98 111.94 -7.85
CA SER C 5 -20.29 112.33 -6.63
C SER C 5 -18.77 112.37 -6.86
N SER C 6 -18.10 113.25 -6.12
CA SER C 6 -16.66 113.42 -6.22
C SER C 6 -16.04 113.20 -4.85
N ILE C 7 -14.95 112.43 -4.83
CA ILE C 7 -14.26 112.09 -3.59
C ILE C 7 -12.75 112.10 -3.84
N LYS C 8 -11.98 112.43 -2.81
CA LYS C 8 -10.54 112.61 -2.95
C LYS C 8 -9.83 111.26 -2.96
N THR C 9 -8.94 111.04 -3.93
CA THR C 9 -8.01 109.92 -3.89
C THR C 9 -6.60 110.46 -3.68
N GLY C 10 -5.72 109.56 -3.26
CA GLY C 10 -4.37 109.97 -2.88
C GLY C 10 -4.38 111.01 -1.77
N ALA C 11 -5.29 110.90 -0.83
CA ALA C 11 -5.37 111.86 0.26
C ALA C 11 -4.26 111.62 1.27
N THR C 12 -3.77 112.72 1.85
CA THR C 12 -2.73 112.61 2.88
C THR C 12 -3.27 111.94 4.14
N SER C 13 -4.34 112.49 4.71
CA SER C 13 -4.93 111.88 5.90
C SER C 13 -6.35 112.41 6.09
N ALA C 14 -7.14 111.67 6.86
CA ALA C 14 -8.51 112.03 7.18
C ALA C 14 -8.61 112.37 8.65
N SER C 15 -9.56 113.25 8.98
CA SER C 15 -9.74 113.70 10.34
C SER C 15 -11.23 113.89 10.60
N ILE C 16 -11.57 114.17 11.85
CA ILE C 16 -12.97 114.28 12.21
C ILE C 16 -13.15 115.37 13.27
N THR C 17 -13.92 116.41 12.93
CA THR C 17 -14.28 117.45 13.88
C THR C 17 -15.47 116.95 14.69
N GLY C 18 -15.21 116.57 15.94
CA GLY C 18 -16.23 115.87 16.69
C GLY C 18 -16.28 116.10 18.18
N GLY C 19 -17.13 115.32 18.85
CA GLY C 19 -17.41 115.51 20.27
C GLY C 19 -16.57 114.68 21.22
N SER C 20 -17.24 113.90 22.06
CA SER C 20 -16.58 113.24 23.19
C SER C 20 -15.79 112.02 22.75
N ASP C 21 -14.84 111.64 23.61
CA ASP C 21 -14.03 110.45 23.39
C ASP C 21 -14.79 109.19 23.76
N ILE C 22 -14.28 108.06 23.26
CA ILE C 22 -14.75 106.74 23.68
C ILE C 22 -13.54 105.82 23.63
N THR C 23 -13.45 104.91 24.60
CA THR C 23 -12.27 104.06 24.72
C THR C 23 -12.67 102.59 24.74
N PHE C 24 -11.81 101.77 24.15
CA PHE C 24 -12.02 100.34 24.03
C PHE C 24 -11.17 99.58 25.05
N ALA C 25 -11.72 98.49 25.55
CA ALA C 25 -10.93 97.56 26.35
C ALA C 25 -11.30 96.14 25.93
N LEU C 26 -10.36 95.21 26.14
CA LEU C 26 -10.54 93.85 25.65
C LEU C 26 -11.67 93.14 26.40
N THR C 27 -12.61 92.57 25.64
CA THR C 27 -13.82 92.02 26.22
C THR C 27 -13.56 90.71 26.95
N GLY C 28 -12.78 89.83 26.35
CA GLY C 28 -12.71 88.47 26.82
C GLY C 28 -13.81 87.58 26.28
N GLN C 29 -14.57 88.05 25.30
CA GLN C 29 -15.42 87.16 24.53
C GLN C 29 -14.55 86.42 23.52
N THR C 30 -14.60 85.10 23.54
CA THR C 30 -13.77 84.31 22.64
C THR C 30 -14.29 84.48 21.22
N VAL C 31 -13.41 84.91 20.31
CA VAL C 31 -13.75 85.12 18.92
C VAL C 31 -12.71 84.42 18.05
N THR C 32 -13.18 83.57 17.14
CA THR C 32 -12.29 82.82 16.25
C THR C 32 -11.57 83.76 15.30
N ASN C 33 -10.25 83.64 15.24
CA ASN C 33 -9.37 84.50 14.44
C ASN C 33 -9.57 85.97 14.76
N GLY C 34 -10.14 86.29 15.92
CA GLY C 34 -10.56 87.65 16.15
C GLY C 34 -10.49 88.10 17.59
N LEU C 35 -11.00 89.31 17.79
CA LEU C 35 -10.87 90.05 19.03
C LEU C 35 -12.19 90.78 19.28
N ASN C 36 -12.54 90.93 20.55
CA ASN C 36 -13.69 91.75 20.92
C ASN C 36 -13.22 92.80 21.91
N VAL C 37 -13.41 94.07 21.58
CA VAL C 37 -13.17 95.17 22.50
C VAL C 37 -14.47 95.95 22.64
N SER C 38 -14.91 96.16 23.87
CA SER C 38 -16.12 96.93 24.07
C SER C 38 -15.79 98.27 24.72
N VAL C 39 -16.84 99.09 24.83
CA VAL C 39 -16.70 100.45 25.32
C VAL C 39 -16.63 100.43 26.84
N SER C 40 -15.49 100.84 27.39
CA SER C 40 -15.32 100.95 28.82
C SER C 40 -16.08 102.12 29.41
N GLU C 41 -16.82 102.88 28.61
CA GLU C 41 -17.42 104.13 29.04
C GLU C 41 -18.94 104.07 29.11
N ASP C 42 -19.57 103.14 28.40
CA ASP C 42 -20.98 102.85 28.59
C ASP C 42 -21.14 101.93 29.79
N THR C 43 -22.12 102.25 30.65
CA THR C 43 -22.17 101.66 31.98
C THR C 43 -22.99 100.38 32.06
N ASP C 44 -23.87 100.13 31.10
CA ASP C 44 -24.75 98.95 31.12
C ASP C 44 -24.36 98.05 29.96
N TYR C 45 -23.86 96.85 30.28
CA TYR C 45 -23.47 95.88 29.25
C TYR C 45 -24.59 95.67 28.24
N ARG C 46 -25.82 95.60 28.74
CA ARG C 46 -27.00 95.40 27.89
C ARG C 46 -26.99 96.33 26.68
N THR C 47 -26.42 97.54 26.83
CA THR C 47 -26.33 98.51 25.74
C THR C 47 -24.89 99.00 25.51
N ARG C 48 -23.87 98.22 25.88
CA ARG C 48 -22.49 98.64 25.59
C ARG C 48 -22.14 98.38 24.13
N ARG C 49 -21.88 99.48 23.42
CA ARG C 49 -21.31 99.41 22.10
C ARG C 49 -20.04 98.55 22.12
N ASN C 50 -19.92 97.66 21.14
CA ASN C 50 -18.68 96.89 21.06
C ASN C 50 -18.27 96.62 19.63
N ALA C 51 -16.97 96.40 19.42
CA ALA C 51 -16.40 96.17 18.12
C ALA C 51 -15.65 94.85 18.12
N THR C 52 -15.70 94.16 16.99
CA THR C 52 -15.08 92.87 16.81
C THR C 52 -14.19 92.91 15.57
N PHE C 53 -12.95 92.48 15.75
CA PHE C 53 -11.89 92.56 14.75
C PHE C 53 -11.51 91.17 14.31
N LYS C 54 -11.73 90.84 13.05
CA LYS C 54 -11.30 89.56 12.49
C LYS C 54 -10.22 89.78 11.45
N SER C 55 -9.33 88.81 11.31
CA SER C 55 -8.18 88.94 10.43
C SER C 55 -7.79 87.60 9.83
N ARG C 56 -7.66 87.56 8.51
CA ARG C 56 -7.08 86.43 7.80
C ARG C 56 -6.00 86.94 6.85
N VAL C 57 -4.82 86.34 6.97
CA VAL C 57 -3.58 86.70 6.27
C VAL C 57 -3.60 86.03 4.90
N PRO C 58 -2.92 86.57 3.90
CA PRO C 58 -2.85 85.91 2.59
C PRO C 58 -2.28 84.50 2.67
N THR C 59 -2.97 83.56 2.02
CA THR C 59 -2.58 82.17 1.97
C THR C 59 -1.95 81.87 0.61
N VAL C 60 -0.87 81.08 0.61
CA VAL C 60 -0.08 80.78 -0.58
C VAL C 60 -0.37 79.36 -1.05
N VAL C 61 -0.75 79.22 -2.31
CA VAL C 61 -0.94 77.92 -2.97
C VAL C 61 0.11 77.80 -4.07
N ASN C 62 1.17 77.03 -3.78
CA ASN C 62 2.24 76.71 -4.73
C ASN C 62 2.74 77.96 -5.44
N GLY C 63 3.00 79.02 -4.67
CA GLY C 63 3.56 80.24 -5.18
C GLY C 63 2.56 81.34 -5.47
N ASN C 64 1.26 81.04 -5.50
CA ASN C 64 0.24 82.05 -5.82
C ASN C 64 -0.44 82.51 -4.54
N TYR C 65 -0.47 83.83 -4.32
CA TYR C 65 -1.04 84.38 -3.10
C TYR C 65 -2.53 84.69 -3.26
N SER C 66 -3.27 84.56 -2.16
CA SER C 66 -4.68 84.87 -2.10
C SER C 66 -4.89 86.18 -1.34
N LYS C 67 -5.79 87.01 -1.85
CA LYS C 67 -6.13 88.25 -1.17
C LYS C 67 -6.65 87.97 0.23
N GLY C 68 -6.05 88.64 1.23
CA GLY C 68 -6.46 88.48 2.60
C GLY C 68 -7.56 89.46 3.00
N LYS C 69 -8.09 89.25 4.20
CA LYS C 69 -9.36 89.87 4.61
C LYS C 69 -9.27 90.37 6.04
N ASN C 70 -9.51 91.66 6.25
CA ASN C 70 -9.53 92.26 7.58
C ASN C 70 -10.92 92.86 7.81
N GLU C 71 -11.70 92.23 8.70
CA GLU C 71 -13.05 92.70 9.02
C GLU C 71 -13.08 93.43 10.36
N VAL C 72 -13.98 94.40 10.44
CA VAL C 72 -14.36 95.03 11.69
C VAL C 72 -15.87 95.14 11.69
N VAL C 73 -16.49 94.88 12.84
CA VAL C 73 -17.92 95.10 13.01
C VAL C 73 -18.13 95.88 14.31
N PHE C 74 -18.92 96.94 14.23
CA PHE C 74 -19.20 97.81 15.36
C PHE C 74 -20.70 97.77 15.60
N VAL C 75 -21.08 97.63 16.86
CA VAL C 75 -22.46 97.30 17.22
C VAL C 75 -22.95 98.23 18.31
N ILE C 76 -24.11 98.85 18.06
CA ILE C 76 -24.93 99.50 19.07
C ILE C 76 -26.09 98.56 19.40
N PRO C 77 -26.11 97.93 20.56
CA PRO C 77 -27.28 97.13 20.94
C PRO C 77 -28.39 98.01 21.49
N MET C 78 -29.62 97.72 21.10
CA MET C 78 -30.77 98.41 21.64
C MET C 78 -31.90 97.41 21.87
N SER C 79 -32.61 97.56 22.97
CA SER C 79 -33.77 96.75 23.25
C SER C 79 -35.00 97.41 22.64
N LEU C 80 -35.81 96.60 21.95
CA LEU C 80 -37.01 97.09 21.28
C LEU C 80 -38.19 97.15 22.24
N ASP C 81 -39.26 97.81 21.78
CA ASP C 81 -40.53 97.73 22.49
C ASP C 81 -41.01 96.30 22.59
N SER C 82 -40.55 95.42 21.69
CA SER C 82 -40.82 93.99 21.74
C SER C 82 -40.14 93.30 22.91
N GLY C 83 -39.21 93.98 23.60
CA GLY C 83 -38.39 93.33 24.60
C GLY C 83 -37.16 92.70 23.98
N GLU C 84 -37.35 92.13 22.79
CA GLU C 84 -36.24 91.63 21.98
C GLU C 84 -35.17 92.70 21.82
N THR C 85 -33.91 92.30 22.00
CA THR C 85 -32.78 93.20 21.84
C THR C 85 -32.10 92.92 20.50
N VAL C 86 -31.95 93.97 19.69
CA VAL C 86 -31.38 93.87 18.35
C VAL C 86 -30.09 94.65 18.29
N PHE C 87 -29.19 94.21 17.41
CA PHE C 87 -27.86 94.80 17.26
C PHE C 87 -27.82 95.65 16.00
N ASN C 88 -27.39 96.91 16.15
CA ASN C 88 -27.27 97.86 15.04
C ASN C 88 -25.83 97.90 14.57
N SER C 89 -25.59 97.56 13.31
CA SER C 89 -24.29 97.13 12.84
C SER C 89 -23.73 98.08 11.79
N VAL C 90 -22.42 98.32 11.87
CA VAL C 90 -21.64 98.82 10.76
C VAL C 90 -20.44 97.88 10.59
N ARG C 91 -20.24 97.36 9.39
CA ARG C 91 -19.21 96.36 9.12
C ARG C 91 -18.34 96.82 7.97
N ILE C 92 -17.03 96.83 8.19
CA ILE C 92 -16.05 97.28 7.21
C ILE C 92 -15.04 96.17 7.01
N ALA C 93 -14.96 95.66 5.79
CA ALA C 93 -14.09 94.55 5.43
C ALA C 93 -13.18 94.98 4.30
N LEU C 94 -11.87 94.88 4.51
CA LEU C 94 -10.89 95.29 3.51
C LEU C 94 -10.10 94.07 3.06
N GLU C 95 -10.21 93.75 1.77
CA GLU C 95 -9.61 92.58 1.16
C GLU C 95 -8.52 93.03 0.20
N ILE C 96 -7.27 92.67 0.52
CA ILE C 96 -6.11 93.17 -0.20
C ILE C 96 -5.24 92.01 -0.67
N HIS C 97 -4.80 92.08 -1.93
CA HIS C 97 -3.78 91.17 -2.42
C HIS C 97 -2.40 91.72 -2.06
N PRO C 98 -1.45 90.85 -1.69
CA PRO C 98 -0.14 91.35 -1.25
C PRO C 98 0.58 92.20 -2.26
N ALA C 99 0.27 92.06 -3.55
CA ALA C 99 1.00 92.80 -4.58
C ALA C 99 0.57 94.25 -4.70
N LEU C 100 -0.49 94.67 -4.02
CA LEU C 100 -1.00 96.03 -4.17
C LEU C 100 -0.02 97.03 -3.56
N ALA C 101 -0.03 98.25 -4.10
CA ALA C 101 0.83 99.31 -3.61
C ALA C 101 0.50 99.65 -2.17
N SER C 102 1.55 99.80 -1.35
CA SER C 102 1.39 100.17 0.04
C SER C 102 0.52 101.42 0.20
N ALA C 103 0.71 102.40 -0.69
CA ALA C 103 -0.07 103.63 -0.60
C ALA C 103 -1.49 103.45 -1.13
N SER C 104 -1.69 102.55 -2.11
CA SER C 104 -3.05 102.24 -2.54
C SER C 104 -3.86 101.57 -1.44
N VAL C 105 -3.21 100.83 -0.55
CA VAL C 105 -3.92 100.25 0.60
C VAL C 105 -4.56 101.37 1.44
N LYS C 106 -3.76 102.35 1.85
CA LYS C 106 -4.29 103.43 2.66
C LYS C 106 -5.24 104.33 1.84
N ASP C 107 -5.03 104.43 0.53
CA ASP C 107 -6.01 105.15 -0.28
C ASP C 107 -7.37 104.45 -0.25
N LEU C 108 -7.37 103.10 -0.24
CA LEU C 108 -8.64 102.38 -0.10
C LEU C 108 -9.29 102.66 1.25
N ARG C 109 -8.51 102.63 2.32
CA ARG C 109 -9.07 102.97 3.63
C ARG C 109 -9.75 104.35 3.60
N LEU C 110 -9.04 105.34 3.06
CA LEU C 110 -9.55 106.72 3.07
C LEU C 110 -10.73 106.89 2.13
N ILE C 111 -10.73 106.20 0.98
CA ILE C 111 -11.82 106.36 0.04
C ILE C 111 -13.08 105.66 0.55
N GLY C 112 -12.90 104.51 1.23
CA GLY C 112 -14.02 103.90 1.91
C GLY C 112 -14.60 104.81 2.96
N ALA C 113 -13.74 105.44 3.76
CA ALA C 113 -14.25 106.35 4.79
C ALA C 113 -15.03 107.51 4.19
N GLN C 114 -14.53 108.05 3.07
CA GLN C 114 -15.26 109.14 2.42
C GLN C 114 -16.62 108.65 1.93
N LEU C 115 -16.69 107.40 1.45
CA LEU C 115 -17.98 106.87 1.00
C LEU C 115 -18.99 106.79 2.13
N LEU C 116 -18.55 106.64 3.38
CA LEU C 116 -19.47 106.77 4.51
C LEU C 116 -19.79 108.20 4.87
N THR C 117 -18.80 109.09 4.89
CA THR C 117 -18.97 110.36 5.58
C THR C 117 -19.07 111.57 4.67
N ASP C 118 -19.24 111.38 3.37
CA ASP C 118 -19.51 112.54 2.51
C ASP C 118 -21.01 112.78 2.42
N ALA C 119 -21.36 114.05 2.23
CA ALA C 119 -22.76 114.44 2.17
C ALA C 119 -23.46 113.83 0.97
N ASP C 120 -22.73 113.68 -0.14
CA ASP C 120 -23.30 113.15 -1.38
C ASP C 120 -24.03 111.83 -1.14
N TYR C 121 -23.63 111.07 -0.13
CA TYR C 121 -24.16 109.75 0.10
C TYR C 121 -25.18 109.70 1.23
N ASP C 122 -25.41 110.83 1.92
CA ASP C 122 -26.33 110.87 3.05
C ASP C 122 -27.66 110.20 2.71
N SER C 123 -28.21 110.54 1.54
CA SER C 123 -29.50 109.97 1.15
C SER C 123 -29.40 108.45 1.04
N PHE C 124 -28.35 107.95 0.39
CA PHE C 124 -28.13 106.52 0.28
C PHE C 124 -28.10 105.84 1.64
N TRP C 125 -27.18 106.28 2.50
CA TRP C 125 -27.00 105.58 3.77
C TRP C 125 -28.25 105.63 4.62
N THR C 126 -28.78 106.84 4.85
CA THR C 126 -29.91 106.97 5.76
C THR C 126 -31.15 106.26 5.22
N LEU C 127 -31.58 106.62 4.00
CA LEU C 127 -32.86 106.12 3.50
C LEU C 127 -32.72 104.83 2.71
N GLY C 128 -31.65 104.69 1.92
CA GLY C 128 -31.51 103.57 1.01
C GLY C 128 -31.66 103.96 -0.45
N ALA C 129 -31.54 105.24 -0.77
CA ALA C 129 -31.70 105.76 -2.12
C ALA C 129 -30.62 105.21 -3.05
N LEU C 130 -31.03 104.95 -4.29
CA LEU C 130 -30.16 104.30 -5.26
C LEU C 130 -29.78 105.18 -6.45
N ALA C 131 -30.02 106.49 -6.37
CA ALA C 131 -29.64 107.40 -7.47
C ALA C 131 -28.30 108.09 -7.17
N SER D 1 1.38 -44.10 100.04
CA SER D 1 0.88 -44.54 101.34
C SER D 1 -0.60 -44.14 101.54
N ILE D 2 -1.36 -44.12 100.45
CA ILE D 2 -2.78 -43.74 100.52
C ILE D 2 -3.62 -44.87 101.09
N ILE D 3 -3.48 -46.07 100.51
CA ILE D 3 -4.26 -47.22 100.97
C ILE D 3 -3.81 -47.59 102.38
N GLY D 4 -4.72 -47.49 103.33
CA GLY D 4 -4.41 -47.80 104.71
C GLY D 4 -4.01 -46.62 105.56
N SER D 5 -4.00 -45.41 105.02
CA SER D 5 -3.67 -44.25 105.82
C SER D 5 -4.72 -44.04 106.91
N SER D 6 -4.31 -43.39 108.00
CA SER D 6 -5.16 -43.16 109.15
C SER D 6 -5.15 -41.68 109.50
N ILE D 7 -6.33 -41.10 109.68
CA ILE D 7 -6.50 -39.70 110.09
C ILE D 7 -7.61 -39.61 111.13
N LYS D 8 -7.77 -38.42 111.70
CA LYS D 8 -8.62 -38.20 112.86
C LYS D 8 -9.93 -37.53 112.45
N THR D 9 -11.04 -38.10 112.87
CA THR D 9 -12.35 -37.46 112.73
C THR D 9 -12.81 -36.95 114.08
N GLY D 10 -13.65 -35.91 114.05
CA GLY D 10 -14.06 -35.26 115.28
C GLY D 10 -12.89 -34.75 116.10
N ALA D 11 -11.90 -34.15 115.44
CA ALA D 11 -10.79 -33.58 116.17
C ALA D 11 -11.23 -32.33 116.91
N THR D 12 -10.69 -32.14 118.12
CA THR D 12 -10.99 -30.93 118.87
C THR D 12 -10.51 -29.68 118.12
N SER D 13 -9.27 -29.68 117.65
CA SER D 13 -8.78 -28.57 116.82
C SER D 13 -7.51 -29.01 116.09
N ALA D 14 -7.04 -28.15 115.21
CA ALA D 14 -5.77 -28.34 114.52
C ALA D 14 -4.90 -27.12 114.74
N SER D 15 -3.59 -27.32 114.69
CA SER D 15 -2.64 -26.27 115.03
C SER D 15 -1.39 -26.46 114.19
N ILE D 16 -0.46 -25.51 114.31
CA ILE D 16 0.70 -25.50 113.43
C ILE D 16 1.92 -25.00 114.20
N THR D 17 3.00 -25.78 114.17
CA THR D 17 4.29 -25.39 114.71
C THR D 17 5.13 -24.85 113.56
N GLY D 18 5.31 -23.54 113.51
CA GLY D 18 5.89 -22.97 112.31
C GLY D 18 6.45 -21.58 112.51
N GLY D 19 6.99 -21.04 111.42
CA GLY D 19 7.82 -19.85 111.45
C GLY D 19 7.12 -18.51 111.38
N SER D 20 7.48 -17.70 110.40
CA SER D 20 7.13 -16.28 110.40
C SER D 20 5.67 -16.07 110.01
N ASP D 21 5.10 -14.96 110.50
CA ASP D 21 3.75 -14.57 110.17
C ASP D 21 3.67 -14.00 108.76
N ILE D 22 2.48 -14.06 108.20
CA ILE D 22 2.13 -13.36 106.98
C ILE D 22 0.75 -12.75 107.21
N THR D 23 0.60 -11.50 106.78
CA THR D 23 -0.59 -10.71 107.04
C THR D 23 -1.26 -10.35 105.72
N PHE D 24 -2.59 -10.44 105.70
CA PHE D 24 -3.42 -10.16 104.52
C PHE D 24 -3.99 -8.77 104.58
N ALA D 25 -4.34 -8.25 103.39
CA ALA D 25 -5.02 -6.97 103.26
C ALA D 25 -5.77 -7.00 101.94
N LEU D 26 -6.84 -6.21 101.87
CA LEU D 26 -7.72 -6.28 100.73
C LEU D 26 -7.07 -5.71 99.48
N THR D 27 -7.29 -6.37 98.34
CA THR D 27 -6.63 -6.05 97.07
C THR D 27 -7.48 -5.17 96.15
N GLY D 28 -8.77 -5.45 96.04
CA GLY D 28 -9.59 -4.74 95.08
C GLY D 28 -9.54 -5.28 93.68
N GLN D 29 -8.82 -6.37 93.43
CA GLN D 29 -9.02 -7.10 92.19
C GLN D 29 -10.45 -7.63 92.15
N THR D 30 -11.17 -7.26 91.11
CA THR D 30 -12.58 -7.59 91.02
C THR D 30 -12.79 -9.10 90.94
N VAL D 31 -13.56 -9.63 91.89
CA VAL D 31 -13.85 -11.06 91.98
C VAL D 31 -15.34 -11.23 92.28
N THR D 32 -16.03 -11.95 91.39
CA THR D 32 -17.48 -12.07 91.48
C THR D 32 -17.88 -12.98 92.65
N ASN D 33 -18.76 -12.46 93.51
CA ASN D 33 -19.15 -13.15 94.74
C ASN D 33 -17.95 -13.48 95.61
N GLY D 34 -16.89 -12.68 95.50
CA GLY D 34 -15.64 -13.02 96.15
C GLY D 34 -14.81 -11.85 96.62
N LEU D 35 -13.52 -12.12 96.88
CA LEU D 35 -12.68 -11.20 97.61
C LEU D 35 -11.22 -11.58 97.38
N ASN D 36 -10.40 -10.61 96.98
CA ASN D 36 -8.97 -10.82 96.81
C ASN D 36 -8.24 -10.13 97.97
N VAL D 37 -7.48 -10.90 98.76
CA VAL D 37 -6.57 -10.33 99.74
C VAL D 37 -5.16 -10.79 99.41
N SER D 38 -4.24 -9.85 99.31
CA SER D 38 -2.85 -10.21 99.11
C SER D 38 -2.07 -9.90 100.38
N VAL D 39 -0.82 -10.34 100.40
CA VAL D 39 0.01 -10.09 101.56
C VAL D 39 0.57 -8.68 101.46
N SER D 40 0.58 -7.97 102.56
CA SER D 40 1.29 -6.68 102.56
C SER D 40 2.74 -6.87 102.93
N GLU D 41 3.19 -8.12 103.07
CA GLU D 41 4.53 -8.40 103.54
C GLU D 41 5.49 -8.74 102.43
N ASP D 42 4.99 -9.22 101.30
CA ASP D 42 5.81 -9.31 100.10
C ASP D 42 5.77 -7.96 99.38
N THR D 43 6.89 -7.59 98.78
CA THR D 43 7.07 -6.24 98.26
C THR D 43 6.91 -6.13 96.74
N ASP D 44 7.34 -7.15 96.00
CA ASP D 44 7.29 -7.10 94.54
C ASP D 44 5.90 -7.52 94.05
N TYR D 45 5.27 -6.67 93.24
CA TYR D 45 3.90 -6.96 92.80
C TYR D 45 3.86 -8.20 91.91
N ARG D 46 4.88 -8.37 91.07
CA ARG D 46 5.01 -9.59 90.25
C ARG D 46 4.85 -10.85 91.10
N THR D 47 5.67 -11.00 92.13
CA THR D 47 5.74 -12.25 92.88
C THR D 47 5.01 -12.17 94.22
N ARG D 48 4.06 -11.25 94.37
CA ARG D 48 3.40 -11.07 95.66
C ARG D 48 2.27 -12.07 95.80
N ARG D 49 2.35 -12.90 96.84
CA ARG D 49 1.41 -13.98 97.08
C ARG D 49 0.02 -13.44 97.36
N ASN D 50 -1.00 -14.05 96.75
CA ASN D 50 -2.35 -13.55 97.03
C ASN D 50 -3.37 -14.68 97.05
N ALA D 51 -4.44 -14.46 97.81
CA ALA D 51 -5.51 -15.44 97.95
C ALA D 51 -6.82 -14.80 97.53
N THR D 52 -7.75 -15.66 97.15
CA THR D 52 -9.05 -15.26 96.65
C THR D 52 -10.12 -16.19 97.21
N PHE D 53 -11.12 -15.58 97.83
CA PHE D 53 -12.19 -16.24 98.54
C PHE D 53 -13.48 -16.03 97.74
N LYS D 54 -14.05 -17.11 97.23
CA LYS D 54 -15.37 -17.05 96.62
C LYS D 54 -16.37 -17.78 97.49
N SER D 55 -17.61 -17.30 97.49
CA SER D 55 -18.63 -17.78 98.41
C SER D 55 -19.99 -17.79 97.69
N ARG D 56 -20.65 -18.96 97.72
CA ARG D 56 -22.00 -19.12 97.17
C ARG D 56 -22.84 -19.86 98.20
N VAL D 57 -23.94 -19.22 98.61
CA VAL D 57 -24.80 -19.71 99.69
C VAL D 57 -25.77 -20.76 99.17
N PRO D 58 -26.26 -21.66 100.03
CA PRO D 58 -27.37 -22.53 99.63
C PRO D 58 -28.58 -21.71 99.23
N THR D 59 -29.10 -21.99 98.04
CA THR D 59 -30.25 -21.30 97.49
C THR D 59 -31.41 -22.27 97.36
N VAL D 60 -32.58 -21.86 97.82
CA VAL D 60 -33.76 -22.70 97.75
C VAL D 60 -34.36 -22.59 96.34
N VAL D 61 -34.71 -23.74 95.78
CA VAL D 61 -35.38 -23.79 94.48
C VAL D 61 -36.43 -24.89 94.54
N ASN D 62 -37.68 -24.53 94.25
CA ASN D 62 -38.79 -25.49 94.23
C ASN D 62 -38.95 -26.17 95.59
N GLY D 63 -38.82 -25.40 96.67
CA GLY D 63 -39.16 -25.87 97.99
C GLY D 63 -38.04 -26.55 98.76
N ASN D 64 -36.85 -26.71 98.17
CA ASN D 64 -35.76 -27.32 98.91
C ASN D 64 -34.42 -26.74 98.48
N TYR D 65 -33.41 -26.98 99.31
CA TYR D 65 -32.15 -26.29 99.22
C TYR D 65 -31.17 -26.96 98.27
N SER D 66 -30.23 -26.17 97.77
CA SER D 66 -29.10 -26.65 97.00
C SER D 66 -27.83 -26.46 97.82
N LYS D 67 -26.93 -27.42 97.74
CA LYS D 67 -25.70 -27.35 98.54
C LYS D 67 -24.90 -26.12 98.15
N GLY D 68 -24.30 -25.47 99.15
CA GLY D 68 -23.51 -24.28 98.93
C GLY D 68 -22.03 -24.58 98.81
N LYS D 69 -21.29 -23.61 98.29
CA LYS D 69 -19.91 -23.82 97.88
C LYS D 69 -19.03 -22.65 98.30
N ASN D 70 -17.95 -22.92 99.02
CA ASN D 70 -17.02 -21.88 99.46
C ASN D 70 -15.62 -22.26 99.00
N GLU D 71 -15.09 -21.50 98.04
CA GLU D 71 -13.76 -21.74 97.49
C GLU D 71 -12.76 -20.78 98.07
N VAL D 72 -11.51 -21.24 98.16
CA VAL D 72 -10.36 -20.39 98.38
C VAL D 72 -9.29 -20.83 97.39
N VAL D 73 -8.51 -19.87 96.90
CA VAL D 73 -7.35 -20.19 96.09
C VAL D 73 -6.20 -19.29 96.53
N PHE D 74 -5.09 -19.91 96.93
CA PHE D 74 -3.89 -19.20 97.34
C PHE D 74 -2.84 -19.41 96.25
N VAL D 75 -2.19 -18.33 95.85
CA VAL D 75 -1.34 -18.32 94.67
C VAL D 75 0.01 -17.73 95.02
N ILE D 76 1.05 -18.45 94.62
CA ILE D 76 2.45 -18.00 94.60
C ILE D 76 2.81 -17.73 93.14
N PRO D 77 2.92 -16.49 92.70
CA PRO D 77 3.41 -16.24 91.35
C PRO D 77 4.91 -16.44 91.29
N MET D 78 5.38 -16.93 90.13
CA MET D 78 6.82 -16.98 89.87
C MET D 78 7.06 -16.71 88.40
N SER D 79 8.09 -15.92 88.11
CA SER D 79 8.48 -15.70 86.74
C SER D 79 9.35 -16.87 86.27
N LEU D 80 9.04 -17.40 85.10
CA LEU D 80 9.83 -18.48 84.54
C LEU D 80 11.01 -17.93 83.75
N ASP D 81 11.95 -18.81 83.44
CA ASP D 81 13.11 -18.41 82.64
C ASP D 81 12.68 -17.92 81.26
N SER D 82 11.56 -18.43 80.75
CA SER D 82 11.03 -18.05 79.44
C SER D 82 10.39 -16.68 79.41
N GLY D 83 10.19 -16.06 80.57
CA GLY D 83 9.60 -14.74 80.62
C GLY D 83 8.19 -14.71 81.15
N GLU D 84 7.35 -15.64 80.70
CA GLU D 84 5.98 -15.71 81.19
C GLU D 84 5.98 -15.94 82.70
N THR D 85 5.17 -15.15 83.39
CA THR D 85 4.93 -15.36 84.81
C THR D 85 3.81 -16.38 84.96
N VAL D 86 4.04 -17.41 85.78
CA VAL D 86 3.06 -18.48 85.99
C VAL D 86 2.68 -18.53 87.45
N PHE D 87 1.44 -18.91 87.71
CA PHE D 87 0.89 -18.97 89.06
C PHE D 87 0.97 -20.39 89.62
N ASN D 88 1.29 -20.51 90.90
CA ASN D 88 1.26 -21.79 91.60
C ASN D 88 0.09 -21.77 92.56
N SER D 89 -0.79 -22.75 92.44
CA SER D 89 -2.12 -22.69 93.02
C SER D 89 -2.31 -23.78 94.06
N VAL D 90 -2.90 -23.42 95.18
CA VAL D 90 -3.59 -24.39 96.03
C VAL D 90 -5.02 -23.90 96.16
N ARG D 91 -5.97 -24.77 95.82
CA ARG D 91 -7.38 -24.42 95.76
C ARG D 91 -8.14 -25.37 96.66
N ILE D 92 -8.91 -24.82 97.59
CA ILE D 92 -9.68 -25.60 98.54
C ILE D 92 -11.13 -25.14 98.44
N ALA D 93 -11.98 -25.98 97.88
CA ALA D 93 -13.40 -25.76 97.82
C ALA D 93 -14.11 -26.65 98.84
N LEU D 94 -15.20 -26.15 99.38
CA LEU D 94 -15.94 -26.90 100.41
C LEU D 94 -17.43 -26.68 100.19
N GLU D 95 -18.12 -27.76 99.82
CA GLU D 95 -19.52 -27.74 99.45
C GLU D 95 -20.31 -28.47 100.54
N ILE D 96 -21.22 -27.76 101.18
CA ILE D 96 -21.99 -28.29 102.30
C ILE D 96 -23.47 -28.22 101.97
N HIS D 97 -24.18 -29.28 102.25
CA HIS D 97 -25.64 -29.21 102.21
C HIS D 97 -26.15 -28.69 103.55
N PRO D 98 -27.17 -27.83 103.55
CA PRO D 98 -27.64 -27.23 104.81
C PRO D 98 -28.01 -28.25 105.87
N ALA D 99 -28.30 -29.49 105.50
CA ALA D 99 -28.70 -30.50 106.46
C ALA D 99 -27.53 -31.11 107.22
N LEU D 100 -26.29 -30.83 106.83
CA LEU D 100 -25.16 -31.40 107.54
C LEU D 100 -25.05 -30.80 108.93
N ALA D 101 -24.58 -31.62 109.88
CA ALA D 101 -24.39 -31.16 111.25
C ALA D 101 -23.34 -30.06 111.32
N SER D 102 -23.60 -29.06 112.17
CA SER D 102 -22.63 -28.01 112.42
C SER D 102 -21.28 -28.60 112.77
N ALA D 103 -21.28 -29.67 113.58
CA ALA D 103 -20.02 -30.29 113.99
C ALA D 103 -19.35 -31.03 112.83
N SER D 104 -20.15 -31.67 111.97
CA SER D 104 -19.57 -32.35 110.81
C SER D 104 -19.01 -31.38 109.78
N VAL D 105 -19.46 -30.13 109.79
CA VAL D 105 -18.84 -29.12 108.93
C VAL D 105 -17.38 -28.90 109.33
N LYS D 106 -17.14 -28.62 110.62
CA LYS D 106 -15.77 -28.51 111.09
C LYS D 106 -15.00 -29.83 110.96
N ASP D 107 -15.68 -30.98 111.12
CA ASP D 107 -14.98 -32.24 110.88
C ASP D 107 -14.47 -32.32 109.44
N LEU D 108 -15.27 -31.84 108.48
CA LEU D 108 -14.81 -31.81 107.08
C LEU D 108 -13.62 -30.87 106.90
N ARG D 109 -13.68 -29.68 107.51
CA ARG D 109 -12.57 -28.76 107.39
C ARG D 109 -11.27 -29.38 107.89
N LEU D 110 -11.34 -30.03 109.06
CA LEU D 110 -10.13 -30.59 109.67
C LEU D 110 -9.67 -31.86 108.97
N ILE D 111 -10.61 -32.70 108.52
CA ILE D 111 -10.21 -33.91 107.82
C ILE D 111 -9.65 -33.58 106.45
N GLY D 112 -10.09 -32.48 105.84
CA GLY D 112 -9.49 -32.05 104.60
C GLY D 112 -8.10 -31.49 104.81
N ALA D 113 -7.97 -30.54 105.75
CA ALA D 113 -6.64 -29.99 106.04
C ALA D 113 -5.66 -31.07 106.47
N GLN D 114 -6.17 -32.13 107.08
CA GLN D 114 -5.32 -33.24 107.50
C GLN D 114 -4.88 -34.10 106.33
N LEU D 115 -5.59 -34.05 105.21
CA LEU D 115 -5.15 -34.74 104.00
C LEU D 115 -4.03 -34.00 103.27
N LEU D 116 -3.90 -32.68 103.47
CA LEU D 116 -2.73 -31.97 102.95
C LEU D 116 -1.47 -32.27 103.75
N THR D 117 -1.55 -32.21 105.08
CA THR D 117 -0.35 -32.15 105.89
C THR D 117 0.16 -33.49 106.39
N ASP D 118 -0.72 -34.48 106.54
CA ASP D 118 -0.32 -35.73 107.19
C ASP D 118 0.70 -36.47 106.33
N ALA D 119 1.79 -36.90 106.96
CA ALA D 119 2.95 -37.44 106.25
C ALA D 119 2.59 -38.66 105.40
N ASP D 120 1.53 -39.38 105.74
CA ASP D 120 1.07 -40.49 104.91
C ASP D 120 0.88 -40.05 103.46
N TYR D 121 0.25 -38.90 103.25
CA TYR D 121 0.02 -38.43 101.89
C TYR D 121 1.20 -37.62 101.38
N ASP D 122 2.24 -37.48 102.19
CA ASP D 122 3.37 -36.62 101.87
C ASP D 122 4.00 -37.03 100.55
N SER D 123 4.02 -38.34 100.25
CA SER D 123 4.55 -38.79 98.96
C SER D 123 3.58 -38.49 97.82
N PHE D 124 2.28 -38.43 98.11
CA PHE D 124 1.30 -38.17 97.06
C PHE D 124 1.41 -36.74 96.52
N TRP D 125 1.36 -35.75 97.41
CA TRP D 125 1.33 -34.36 96.99
C TRP D 125 2.63 -33.98 96.30
N THR D 126 3.77 -34.33 96.90
CA THR D 126 5.05 -33.91 96.36
C THR D 126 5.35 -34.61 95.04
N LEU D 127 5.28 -35.93 95.03
CA LEU D 127 5.72 -36.71 93.89
C LEU D 127 4.60 -37.01 92.90
N GLY D 128 3.36 -36.65 93.22
CA GLY D 128 2.24 -37.10 92.40
C GLY D 128 2.12 -38.61 92.38
N ALA D 129 2.40 -39.27 93.52
CA ALA D 129 2.55 -40.72 93.58
C ALA D 129 1.24 -41.36 94.01
N LEU D 130 0.70 -42.23 93.15
CA LEU D 130 -0.50 -43.00 93.45
C LEU D 130 -0.07 -44.35 94.03
N ALA D 131 -0.31 -44.55 95.31
CA ALA D 131 0.00 -45.81 95.97
C ALA D 131 -0.62 -45.78 97.37
N SER E 1 -13.09 -10.79 109.09
CA SER E 1 -12.06 -11.61 109.71
C SER E 1 -11.14 -12.23 108.66
N ILE E 2 -11.60 -12.23 107.40
CA ILE E 2 -10.72 -12.62 106.30
C ILE E 2 -9.71 -11.52 106.01
N ILE E 3 -10.17 -10.28 105.98
CA ILE E 3 -9.28 -9.15 105.76
C ILE E 3 -8.40 -8.96 106.98
N GLY E 4 -7.10 -8.83 106.76
CA GLY E 4 -6.20 -8.62 107.89
C GLY E 4 -6.03 -9.83 108.78
N SER E 5 -6.19 -11.03 108.23
CA SER E 5 -5.89 -12.24 108.98
C SER E 5 -4.41 -12.58 108.83
N SER E 6 -3.90 -13.36 109.79
CA SER E 6 -2.48 -13.71 109.88
C SER E 6 -2.33 -15.22 109.91
N ILE E 7 -1.38 -15.72 109.10
CA ILE E 7 -1.12 -17.16 108.99
C ILE E 7 0.37 -17.41 108.83
N LYS E 8 0.84 -18.58 109.28
CA LYS E 8 2.27 -18.86 109.29
C LYS E 8 2.75 -19.34 107.92
N THR E 9 3.80 -18.72 107.40
CA THR E 9 4.49 -19.25 106.22
C THR E 9 5.77 -19.95 106.64
N GLY E 10 6.24 -20.85 105.78
CA GLY E 10 7.42 -21.63 106.05
C GLY E 10 7.33 -22.29 107.40
N ALA E 11 6.17 -22.88 107.68
CA ALA E 11 6.00 -23.58 108.94
C ALA E 11 6.76 -24.90 108.92
N THR E 12 7.30 -25.28 110.08
CA THR E 12 8.04 -26.53 110.19
C THR E 12 7.12 -27.74 109.99
N SER E 13 5.97 -27.75 110.67
CA SER E 13 4.97 -28.78 110.44
C SER E 13 3.66 -28.34 111.09
N ALA E 14 2.59 -29.05 110.75
CA ALA E 14 1.28 -28.83 111.34
C ALA E 14 0.76 -30.16 111.87
N SER E 15 -0.18 -30.07 112.81
CA SER E 15 -0.68 -31.26 113.49
C SER E 15 -2.10 -31.00 113.95
N ILE E 16 -2.67 -31.99 114.64
CA ILE E 16 -4.08 -31.96 114.95
C ILE E 16 -4.32 -32.57 116.33
N THR E 17 -4.84 -31.77 117.26
CA THR E 17 -5.26 -32.26 118.57
C THR E 17 -6.66 -32.83 118.40
N GLY E 18 -6.73 -34.17 118.32
CA GLY E 18 -7.84 -34.83 117.66
C GLY E 18 -8.46 -35.95 118.47
N GLY E 19 -9.51 -36.53 117.90
CA GLY E 19 -10.26 -37.61 118.50
C GLY E 19 -9.92 -38.98 117.93
N SER E 20 -10.93 -39.70 117.42
CA SER E 20 -10.77 -41.10 117.06
C SER E 20 -10.17 -41.25 115.66
N ASP E 21 -9.57 -42.43 115.43
CA ASP E 21 -8.96 -42.75 114.15
C ASP E 21 -10.00 -43.09 113.10
N ILE E 22 -9.59 -43.00 111.85
CA ILE E 22 -10.37 -43.46 110.71
C ILE E 22 -9.40 -43.98 109.66
N THR E 23 -9.75 -45.11 109.03
CA THR E 23 -8.80 -45.85 108.20
C THR E 23 -9.37 -46.07 106.81
N PHE E 24 -8.53 -45.86 105.79
CA PHE E 24 -8.92 -45.97 104.39
C PHE E 24 -8.56 -47.34 103.82
N ALA E 25 -9.43 -47.84 102.95
CA ALA E 25 -9.18 -49.08 102.23
C ALA E 25 -9.61 -48.89 100.78
N LEU E 26 -9.09 -49.76 99.91
CA LEU E 26 -9.30 -49.59 98.47
C LEU E 26 -10.74 -49.90 98.07
N THR E 27 -11.36 -48.99 97.31
CA THR E 27 -12.79 -49.06 96.98
C THR E 27 -13.06 -49.80 95.68
N GLY E 28 -12.11 -49.79 94.75
CA GLY E 28 -12.40 -50.32 93.44
C GLY E 28 -13.52 -49.61 92.71
N GLN E 29 -13.65 -48.30 92.91
CA GLN E 29 -14.47 -47.46 92.03
C GLN E 29 -13.55 -46.92 90.94
N THR E 30 -13.81 -47.30 89.70
CA THR E 30 -12.94 -46.93 88.60
C THR E 30 -12.81 -45.41 88.52
N VAL E 31 -11.59 -44.92 88.71
CA VAL E 31 -11.30 -43.49 88.72
C VAL E 31 -10.08 -43.24 87.85
N THR E 32 -10.25 -42.44 86.80
CA THR E 32 -9.16 -42.17 85.88
C THR E 32 -8.05 -41.39 86.58
N ASN E 33 -6.81 -41.85 86.41
CA ASN E 33 -5.64 -41.18 86.95
C ASN E 33 -5.66 -41.10 88.46
N GLY E 34 -6.28 -42.07 89.13
CA GLY E 34 -6.37 -41.96 90.56
C GLY E 34 -7.02 -43.17 91.21
N LEU E 35 -7.28 -43.00 92.50
CA LEU E 35 -7.78 -44.04 93.37
C LEU E 35 -9.05 -43.58 94.08
N ASN E 36 -9.83 -44.54 94.55
CA ASN E 36 -10.90 -44.31 95.51
C ASN E 36 -10.64 -45.20 96.71
N VAL E 37 -10.57 -44.59 97.90
CA VAL E 37 -10.47 -45.31 99.15
C VAL E 37 -11.58 -44.83 100.07
N SER E 38 -12.36 -45.76 100.62
CA SER E 38 -13.39 -45.37 101.57
C SER E 38 -13.01 -45.84 102.96
N VAL E 39 -13.68 -45.29 103.95
CA VAL E 39 -13.40 -45.64 105.33
C VAL E 39 -14.14 -46.93 105.66
N SER E 40 -13.37 -47.97 105.94
CA SER E 40 -13.96 -49.25 106.29
C SER E 40 -14.50 -49.27 107.71
N GLU E 41 -14.48 -48.11 108.37
CA GLU E 41 -14.91 -48.00 109.75
C GLU E 41 -16.34 -47.49 109.89
N ASP E 42 -16.94 -46.97 108.83
CA ASP E 42 -18.37 -46.72 108.78
C ASP E 42 -19.06 -47.98 108.29
N THR E 43 -20.21 -48.31 108.88
CA THR E 43 -20.81 -49.61 108.68
C THR E 43 -21.80 -49.68 107.52
N ASP E 44 -22.37 -48.56 107.09
CA ASP E 44 -23.44 -48.54 106.11
C ASP E 44 -22.92 -47.90 104.81
N TYR E 45 -22.80 -48.71 103.75
CA TYR E 45 -22.23 -48.22 102.50
C TYR E 45 -22.90 -46.94 102.04
N ARG E 46 -24.24 -46.92 102.10
CA ARG E 46 -25.03 -45.78 101.66
C ARG E 46 -24.53 -44.45 102.22
N THR E 47 -23.79 -44.47 103.34
CA THR E 47 -23.21 -43.27 103.93
C THR E 47 -21.77 -43.49 104.40
N ARG E 48 -20.95 -44.21 103.63
CA ARG E 48 -19.53 -44.32 103.96
C ARG E 48 -18.72 -43.18 103.37
N ARG E 49 -18.10 -42.39 104.25
CA ARG E 49 -17.18 -41.35 103.85
C ARG E 49 -16.09 -41.94 102.98
N ASN E 50 -15.89 -41.37 101.80
CA ASN E 50 -14.83 -41.86 100.91
C ASN E 50 -13.98 -40.70 100.42
N ALA E 51 -12.91 -41.03 99.72
CA ALA E 51 -12.00 -40.02 99.23
C ALA E 51 -11.42 -40.51 97.92
N THR E 52 -11.19 -39.57 97.02
CA THR E 52 -10.70 -39.87 95.68
C THR E 52 -9.47 -39.02 95.41
N PHE E 53 -8.41 -39.69 94.95
CA PHE E 53 -7.12 -39.08 94.70
C PHE E 53 -6.87 -39.08 93.20
N LYS E 54 -6.54 -37.91 92.64
CA LYS E 54 -6.21 -37.79 91.23
C LYS E 54 -4.86 -37.11 91.07
N SER E 55 -4.16 -37.45 89.99
CA SER E 55 -2.83 -36.91 89.70
C SER E 55 -2.66 -36.76 88.19
N ARG E 56 -2.84 -35.53 87.70
CA ARG E 56 -2.51 -35.19 86.33
C ARG E 56 -1.09 -34.65 86.28
N VAL E 57 -0.30 -35.15 85.33
CA VAL E 57 1.12 -34.86 85.26
C VAL E 57 1.36 -33.62 84.41
N PRO E 58 2.51 -32.96 84.56
CA PRO E 58 2.83 -31.83 83.68
C PRO E 58 3.00 -32.28 82.25
N THR E 59 2.63 -31.39 81.33
CA THR E 59 2.67 -31.68 79.91
C THR E 59 3.93 -31.07 79.30
N VAL E 60 4.62 -31.85 78.47
CA VAL E 60 5.85 -31.42 77.81
C VAL E 60 5.46 -30.87 76.44
N VAL E 61 5.54 -29.56 76.27
CA VAL E 61 5.19 -28.90 75.01
C VAL E 61 6.43 -28.13 74.56
N ASN E 62 7.25 -28.77 73.73
CA ASN E 62 8.38 -28.12 73.06
C ASN E 62 9.29 -27.42 74.06
N GLY E 63 9.77 -28.19 75.03
CA GLY E 63 10.66 -27.67 76.05
C GLY E 63 10.00 -26.88 77.16
N ASN E 64 8.70 -26.60 77.07
CA ASN E 64 7.97 -25.87 78.11
C ASN E 64 7.04 -26.81 78.86
N TYR E 65 6.97 -26.68 80.18
CA TYR E 65 6.17 -27.58 81.00
C TYR E 65 5.01 -26.82 81.63
N SER E 66 3.81 -27.39 81.54
CA SER E 66 2.64 -26.90 82.24
C SER E 66 2.68 -27.37 83.69
N LYS E 67 1.96 -26.63 84.55
CA LYS E 67 1.83 -27.08 85.92
C LYS E 67 1.04 -28.39 85.96
N GLY E 68 1.40 -29.26 86.91
CA GLY E 68 0.63 -30.45 87.19
C GLY E 68 -0.38 -30.22 88.28
N LYS E 69 -1.25 -31.20 88.48
CA LYS E 69 -2.41 -31.02 89.33
C LYS E 69 -2.65 -32.29 90.15
N ASN E 70 -2.68 -32.16 91.48
CA ASN E 70 -2.98 -33.29 92.35
C ASN E 70 -4.22 -32.96 93.18
N GLU E 71 -5.30 -33.69 92.95
CA GLU E 71 -6.56 -33.45 93.64
C GLU E 71 -6.84 -34.51 94.68
N VAL E 72 -7.56 -34.11 95.71
CA VAL E 72 -8.24 -35.02 96.63
C VAL E 72 -9.66 -34.52 96.81
N VAL E 73 -10.61 -35.45 96.86
CA VAL E 73 -12.01 -35.15 97.09
C VAL E 73 -12.48 -36.06 98.21
N PHE E 74 -12.78 -35.48 99.37
CA PHE E 74 -13.32 -36.22 100.50
C PHE E 74 -14.81 -35.95 100.57
N VAL E 75 -15.59 -37.00 100.79
CA VAL E 75 -17.04 -36.94 100.64
C VAL E 75 -17.70 -37.62 101.82
N ILE E 76 -18.61 -36.88 102.47
CA ILE E 76 -19.57 -37.40 103.44
C ILE E 76 -20.92 -37.51 102.75
N PRO E 77 -21.37 -38.69 102.36
CA PRO E 77 -22.74 -38.82 101.87
C PRO E 77 -23.73 -38.86 103.03
N MET E 78 -24.85 -38.16 102.86
CA MET E 78 -25.89 -38.11 103.88
C MET E 78 -27.24 -38.33 103.23
N SER E 79 -28.10 -39.05 103.95
CA SER E 79 -29.46 -39.36 103.50
C SER E 79 -30.38 -38.27 103.99
N LEU E 80 -31.03 -37.57 103.05
CA LEU E 80 -31.94 -36.50 103.42
C LEU E 80 -33.25 -37.06 103.97
N ASP E 81 -34.02 -36.18 104.60
CA ASP E 81 -35.38 -36.53 105.00
C ASP E 81 -36.22 -36.92 103.78
N SER E 82 -35.94 -36.30 102.63
CA SER E 82 -36.62 -36.58 101.37
C SER E 82 -36.37 -37.98 100.83
N GLY E 83 -35.41 -38.71 101.41
CA GLY E 83 -34.97 -39.98 100.86
C GLY E 83 -33.82 -39.85 99.88
N GLU E 84 -33.73 -38.73 99.15
CA GLU E 84 -32.61 -38.50 98.25
C GLU E 84 -31.34 -38.27 99.05
N THR E 85 -30.30 -39.05 98.75
CA THR E 85 -29.02 -38.92 99.44
C THR E 85 -28.09 -38.04 98.61
N VAL E 86 -27.39 -37.13 99.27
CA VAL E 86 -26.51 -36.16 98.62
C VAL E 86 -25.13 -36.22 99.27
N PHE E 87 -24.21 -35.40 98.75
CA PHE E 87 -22.80 -35.50 99.08
C PHE E 87 -22.26 -34.17 99.59
N ASN E 88 -21.61 -34.20 100.76
CA ASN E 88 -20.87 -33.07 101.31
C ASN E 88 -19.40 -33.25 100.94
N SER E 89 -18.84 -32.27 100.25
CA SER E 89 -17.59 -32.45 99.53
C SER E 89 -16.57 -31.41 99.93
N VAL E 90 -15.45 -31.85 100.52
CA VAL E 90 -14.27 -30.99 100.62
C VAL E 90 -13.29 -31.43 99.53
N ARG E 91 -12.89 -30.50 98.67
CA ARG E 91 -11.99 -30.77 97.56
C ARG E 91 -10.76 -29.89 97.69
N ILE E 92 -9.58 -30.50 97.57
CA ILE E 92 -8.32 -29.78 97.67
C ILE E 92 -7.46 -30.16 96.48
N ALA E 93 -7.18 -29.19 95.63
CA ALA E 93 -6.40 -29.38 94.42
C ALA E 93 -5.15 -28.53 94.51
N LEU E 94 -4.00 -29.12 94.22
CA LEU E 94 -2.73 -28.43 94.32
C LEU E 94 -2.04 -28.49 92.96
N GLU E 95 -1.92 -27.32 92.32
CA GLU E 95 -1.37 -27.17 90.98
C GLU E 95 0.01 -26.52 91.10
N ILE E 96 1.03 -27.25 90.67
CA ILE E 96 2.42 -26.83 90.86
C ILE E 96 3.19 -27.00 89.56
N HIS E 97 3.96 -25.96 89.19
CA HIS E 97 4.94 -26.07 88.14
C HIS E 97 6.22 -26.71 88.71
N PRO E 98 6.87 -27.61 87.95
CA PRO E 98 7.99 -28.38 88.52
C PRO E 98 9.16 -27.52 88.98
N ALA E 99 9.27 -26.28 88.49
CA ALA E 99 10.39 -25.42 88.82
C ALA E 99 10.25 -24.73 90.18
N LEU E 100 9.12 -24.91 90.87
CA LEU E 100 8.98 -24.33 92.20
C LEU E 100 9.82 -25.10 93.22
N ALA E 101 10.30 -24.38 94.23
CA ALA E 101 11.15 -25.00 95.24
C ALA E 101 10.39 -26.06 96.03
N SER E 102 11.08 -27.17 96.30
CA SER E 102 10.50 -28.25 97.08
C SER E 102 9.98 -27.75 98.42
N ALA E 103 10.63 -26.72 98.97
CA ALA E 103 10.19 -26.16 100.25
C ALA E 103 8.94 -25.31 100.09
N SER E 104 8.83 -24.56 98.98
CA SER E 104 7.63 -23.76 98.75
C SER E 104 6.42 -24.64 98.48
N VAL E 105 6.62 -25.83 97.91
CA VAL E 105 5.50 -26.74 97.72
C VAL E 105 4.87 -27.11 99.06
N LYS E 106 5.71 -27.51 100.03
CA LYS E 106 5.19 -27.87 101.33
C LYS E 106 4.68 -26.66 102.10
N ASP E 107 5.32 -25.49 101.96
CA ASP E 107 4.75 -24.28 102.52
C ASP E 107 3.33 -24.06 101.98
N LEU E 108 3.12 -24.38 100.69
CA LEU E 108 1.81 -24.16 100.08
C LEU E 108 0.77 -25.14 100.64
N ARG E 109 1.16 -26.40 100.84
CA ARG E 109 0.29 -27.37 101.51
C ARG E 109 -0.13 -26.87 102.89
N LEU E 110 0.84 -26.43 103.68
CA LEU E 110 0.54 -26.02 105.05
C LEU E 110 -0.27 -24.73 105.09
N ILE E 111 -0.03 -23.82 104.14
CA ILE E 111 -0.76 -22.56 104.17
C ILE E 111 -2.22 -22.79 103.76
N GLY E 112 -2.46 -23.73 102.84
CA GLY E 112 -3.82 -24.12 102.56
C GLY E 112 -4.50 -24.76 103.76
N ALA E 113 -3.78 -25.64 104.45
CA ALA E 113 -4.35 -26.25 105.65
C ALA E 113 -4.73 -25.20 106.68
N GLN E 114 -3.88 -24.18 106.86
CA GLN E 114 -4.24 -23.14 107.82
C GLN E 114 -5.47 -22.39 107.35
N LEU E 115 -5.54 -22.06 106.05
CA LEU E 115 -6.73 -21.40 105.52
C LEU E 115 -8.00 -22.21 105.83
N LEU E 116 -7.92 -23.54 105.80
CA LEU E 116 -9.07 -24.34 106.24
C LEU E 116 -9.34 -24.21 107.73
N THR E 117 -8.33 -24.41 108.57
CA THR E 117 -8.60 -24.71 109.98
C THR E 117 -8.51 -23.53 110.92
N ASP E 118 -7.98 -22.38 110.50
CA ASP E 118 -7.80 -21.26 111.41
C ASP E 118 -9.15 -20.66 111.81
N ALA E 119 -9.18 -20.05 112.99
CA ALA E 119 -10.43 -19.50 113.51
C ALA E 119 -10.84 -18.24 112.77
N ASP E 120 -9.85 -17.47 112.29
CA ASP E 120 -10.13 -16.26 111.51
C ASP E 120 -11.10 -16.53 110.36
N TYR E 121 -11.10 -17.74 109.82
CA TYR E 121 -11.89 -18.07 108.65
C TYR E 121 -13.16 -18.82 108.98
N ASP E 122 -13.44 -19.06 110.27
CA ASP E 122 -14.65 -19.76 110.67
C ASP E 122 -15.89 -19.12 110.05
N SER E 123 -16.01 -17.79 110.16
CA SER E 123 -17.18 -17.12 109.61
C SER E 123 -17.31 -17.39 108.12
N PHE E 124 -16.22 -17.23 107.37
CA PHE E 124 -16.24 -17.48 105.94
C PHE E 124 -16.73 -18.88 105.62
N TRP E 125 -16.01 -19.89 106.11
CA TRP E 125 -16.34 -21.26 105.74
C TRP E 125 -17.77 -21.63 106.15
N THR E 126 -18.12 -21.40 107.42
CA THR E 126 -19.40 -21.88 107.91
C THR E 126 -20.57 -21.10 107.33
N LEU E 127 -20.55 -19.78 107.51
CA LEU E 127 -21.70 -18.93 107.16
C LEU E 127 -21.67 -18.48 105.71
N GLY E 128 -20.52 -18.54 105.05
CA GLY E 128 -20.35 -17.95 103.74
C GLY E 128 -20.01 -16.48 103.74
N ALA E 129 -19.63 -15.93 104.90
CA ALA E 129 -19.49 -14.48 105.02
C ALA E 129 -18.23 -14.00 104.32
N LEU E 130 -18.41 -13.05 103.41
CA LEU E 130 -17.27 -12.40 102.80
C LEU E 130 -16.71 -11.33 103.72
N ALA E 131 -15.54 -10.80 103.36
CA ALA E 131 -14.86 -9.75 104.12
C ALA E 131 -14.54 -10.12 105.57
N SER F 1 3.10 32.61 91.41
CA SER F 1 2.97 31.83 92.63
C SER F 1 3.07 30.32 92.36
N ILE F 2 2.54 29.87 91.22
CA ILE F 2 2.79 28.48 90.81
C ILE F 2 4.23 28.33 90.35
N ILE F 3 4.70 29.27 89.53
CA ILE F 3 6.09 29.24 89.09
C ILE F 3 6.97 29.65 90.26
N GLY F 4 7.90 28.77 90.64
CA GLY F 4 8.77 29.03 91.76
C GLY F 4 8.30 28.49 93.08
N SER F 5 7.10 27.90 93.14
CA SER F 5 6.60 27.34 94.38
C SER F 5 7.50 26.20 94.86
N SER F 6 7.54 26.02 96.17
CA SER F 6 8.35 24.98 96.80
C SER F 6 7.46 24.10 97.66
N ILE F 7 7.64 22.79 97.53
CA ILE F 7 6.83 21.81 98.25
C ILE F 7 7.72 20.65 98.69
N LYS F 8 7.38 20.03 99.81
CA LYS F 8 8.22 19.00 100.41
C LYS F 8 8.02 17.66 99.70
N THR F 9 9.13 17.02 99.31
CA THR F 9 9.09 15.63 98.88
C THR F 9 9.77 14.76 99.93
N GLY F 10 9.50 13.46 99.85
CA GLY F 10 9.96 12.55 100.88
C GLY F 10 9.48 12.92 102.26
N ALA F 11 8.26 13.42 102.38
CA ALA F 11 7.73 13.83 103.67
C ALA F 11 7.34 12.62 104.50
N THR F 12 7.53 12.74 105.81
CA THR F 12 7.13 11.66 106.71
C THR F 12 5.62 11.48 106.74
N SER F 13 4.88 12.54 107.06
CA SER F 13 3.42 12.45 107.06
C SER F 13 2.84 13.85 107.03
N ALA F 14 1.57 13.92 106.62
CA ALA F 14 0.83 15.17 106.55
C ALA F 14 -0.27 15.17 107.59
N SER F 15 -0.61 16.37 108.06
CA SER F 15 -1.61 16.52 109.10
C SER F 15 -2.43 17.77 108.81
N ILE F 16 -3.48 17.98 109.61
CA ILE F 16 -4.37 19.10 109.35
C ILE F 16 -4.88 19.67 110.68
N THR F 17 -4.56 20.93 110.95
CA THR F 17 -5.07 21.64 112.11
C THR F 17 -6.46 22.16 111.76
N GLY F 18 -7.48 21.51 112.30
CA GLY F 18 -8.82 21.78 111.82
C GLY F 18 -9.95 21.68 112.82
N GLY F 19 -11.18 21.79 112.32
CA GLY F 19 -12.36 21.87 113.15
C GLY F 19 -13.06 20.55 113.42
N SER F 20 -14.35 20.48 113.07
CA SER F 20 -15.20 19.39 113.50
C SER F 20 -14.97 18.13 112.66
N ASP F 21 -15.36 16.99 113.23
CA ASP F 21 -15.27 15.71 112.55
C ASP F 21 -16.41 15.53 111.56
N ILE F 22 -16.22 14.59 110.64
CA ILE F 22 -17.28 14.14 109.75
C ILE F 22 -17.05 12.65 109.50
N THR F 23 -18.13 11.88 109.43
CA THR F 23 -18.01 10.43 109.34
C THR F 23 -18.78 9.92 108.13
N PHE F 24 -18.23 8.87 107.52
CA PHE F 24 -18.80 8.25 106.33
C PHE F 24 -19.51 6.96 106.68
N ALA F 25 -20.60 6.68 105.98
CA ALA F 25 -21.23 5.37 106.05
C ALA F 25 -21.61 4.95 104.64
N LEU F 26 -21.71 3.64 104.45
CA LEU F 26 -21.93 3.09 103.11
C LEU F 26 -23.32 3.46 102.59
N THR F 27 -23.37 4.03 101.37
CA THR F 27 -24.60 4.59 100.84
C THR F 27 -25.57 3.50 100.41
N GLY F 28 -25.08 2.48 99.72
CA GLY F 28 -25.95 1.56 99.03
C GLY F 28 -26.36 2.04 97.66
N GLN F 29 -25.75 3.10 97.15
CA GLN F 29 -25.87 3.42 95.73
C GLN F 29 -24.95 2.50 94.96
N THR F 30 -25.51 1.78 93.99
CA THR F 30 -24.71 0.84 93.22
C THR F 30 -23.75 1.60 92.32
N VAL F 31 -22.45 1.31 92.47
CA VAL F 31 -21.40 1.97 91.68
C VAL F 31 -20.50 0.91 91.07
N THR F 32 -20.32 0.96 89.76
CA THR F 32 -19.51 -0.02 89.05
C THR F 32 -18.04 0.11 89.47
N ASN F 33 -17.44 -1.01 89.85
CA ASN F 33 -16.07 -1.07 90.34
C ASN F 33 -15.84 -0.14 91.53
N GLY F 34 -16.90 0.28 92.20
CA GLY F 34 -16.75 1.35 93.16
C GLY F 34 -17.69 1.29 94.34
N LEU F 35 -17.61 2.34 95.14
CA LEU F 35 -18.26 2.43 96.43
C LEU F 35 -18.78 3.85 96.60
N ASN F 36 -19.91 3.99 97.31
CA ASN F 36 -20.40 5.30 97.68
C ASN F 36 -20.57 5.33 99.18
N VAL F 37 -19.90 6.27 99.85
CA VAL F 37 -20.10 6.53 101.27
C VAL F 37 -20.51 7.99 101.42
N SER F 38 -21.61 8.23 102.10
CA SER F 38 -22.04 9.61 102.31
C SER F 38 -21.88 9.98 103.78
N VAL F 39 -22.11 11.26 104.04
CA VAL F 39 -21.92 11.84 105.36
C VAL F 39 -23.12 11.49 106.24
N SER F 40 -22.87 10.71 107.29
CA SER F 40 -23.90 10.37 108.25
C SER F 40 -24.27 11.52 109.16
N GLU F 41 -23.67 12.69 108.96
CA GLU F 41 -23.81 13.81 109.89
C GLU F 41 -24.58 14.98 109.31
N ASP F 42 -24.66 15.08 107.99
CA ASP F 42 -25.57 16.02 107.35
C ASP F 42 -26.96 15.41 107.31
N THR F 43 -27.97 16.22 107.65
CA THR F 43 -29.28 15.69 107.96
C THR F 43 -30.23 15.60 106.76
N ASP F 44 -29.96 16.35 105.69
CA ASP F 44 -30.82 16.38 104.52
C ASP F 44 -30.08 15.76 103.35
N TYR F 45 -30.58 14.63 102.84
CA TYR F 45 -29.95 13.97 101.71
C TYR F 45 -29.74 14.92 100.55
N ARG F 46 -30.72 15.79 100.31
CA ARG F 46 -30.66 16.77 99.23
C ARG F 46 -29.32 17.52 99.22
N THR F 47 -28.72 17.72 100.40
CA THR F 47 -27.43 18.39 100.53
C THR F 47 -26.39 17.56 101.29
N ARG F 48 -26.52 16.23 101.34
CA ARG F 48 -25.50 15.41 101.99
C ARG F 48 -24.28 15.25 101.11
N ARG F 49 -23.17 15.79 101.60
CA ARG F 49 -21.86 15.54 101.01
C ARG F 49 -21.63 14.04 100.88
N ASN F 50 -21.13 13.61 99.71
CA ASN F 50 -20.81 12.19 99.59
C ASN F 50 -19.58 11.98 98.73
N ALA F 51 -18.91 10.85 98.95
CA ALA F 51 -17.70 10.50 98.26
C ALA F 51 -17.86 9.14 97.59
N THR F 52 -17.26 9.02 96.41
CA THR F 52 -17.33 7.81 95.61
C THR F 52 -15.90 7.35 95.28
N PHE F 53 -15.65 6.08 95.52
CA PHE F 53 -14.33 5.47 95.43
C PHE F 53 -14.35 4.45 94.30
N LYS F 54 -13.57 4.67 93.26
CA LYS F 54 -13.43 3.70 92.18
C LYS F 54 -12.00 3.16 92.16
N SER F 55 -11.87 1.91 91.70
CA SER F 55 -10.58 1.22 91.74
C SER F 55 -10.45 0.27 90.57
N ARG F 56 -9.35 0.39 89.83
CA ARG F 56 -8.96 -0.59 88.84
C ARG F 56 -7.51 -1.01 89.07
N VAL F 57 -7.29 -2.31 89.16
CA VAL F 57 -6.02 -2.97 89.49
C VAL F 57 -5.20 -3.08 88.21
N PRO F 58 -3.86 -3.13 88.30
CA PRO F 58 -3.05 -3.32 87.08
C PRO F 58 -3.40 -4.59 86.33
N THR F 59 -3.56 -4.45 85.02
CA THR F 59 -3.87 -5.55 84.12
C THR F 59 -2.62 -5.97 83.37
N VAL F 60 -2.44 -7.28 83.20
CA VAL F 60 -1.24 -7.86 82.61
C VAL F 60 -1.55 -8.35 81.19
N VAL F 61 -0.76 -7.89 80.22
CA VAL F 61 -0.83 -8.35 78.84
C VAL F 61 0.48 -9.06 78.52
N ASN F 62 0.44 -10.40 78.53
CA ASN F 62 1.56 -11.26 78.17
C ASN F 62 2.85 -10.83 78.85
N GLY F 63 2.76 -10.58 80.16
CA GLY F 63 3.90 -10.24 80.98
C GLY F 63 4.10 -8.75 81.23
N ASN F 64 3.42 -7.87 80.50
CA ASN F 64 3.59 -6.43 80.66
C ASN F 64 2.43 -5.85 81.47
N TYR F 65 2.75 -5.12 82.53
CA TYR F 65 1.73 -4.58 83.42
C TYR F 65 1.30 -3.18 82.99
N SER F 66 0.04 -2.88 83.25
CA SER F 66 -0.55 -1.57 82.96
C SER F 66 -0.73 -0.81 84.26
N LYS F 67 -0.42 0.49 84.24
CA LYS F 67 -0.64 1.33 85.39
C LYS F 67 -2.11 1.33 85.80
N GLY F 68 -2.37 1.05 87.07
CA GLY F 68 -3.72 1.03 87.59
C GLY F 68 -4.16 2.39 88.11
N LYS F 69 -5.44 2.48 88.45
CA LYS F 69 -6.10 3.77 88.64
C LYS F 69 -7.02 3.73 89.86
N ASN F 70 -6.79 4.61 90.83
CA ASN F 70 -7.64 4.72 92.01
C ASN F 70 -8.23 6.13 92.05
N GLU F 71 -9.54 6.24 91.81
CA GLU F 71 -10.23 7.53 91.81
C GLU F 71 -11.03 7.72 93.09
N VAL F 72 -11.13 8.97 93.51
CA VAL F 72 -12.06 9.41 94.54
C VAL F 72 -12.71 10.69 94.03
N VAL F 73 -14.01 10.82 94.27
CA VAL F 73 -14.71 12.07 93.99
C VAL F 73 -15.55 12.43 95.20
N PHE F 74 -15.43 13.68 95.64
CA PHE F 74 -16.13 14.19 96.80
C PHE F 74 -17.03 15.33 96.35
N VAL F 75 -18.27 15.32 96.81
CA VAL F 75 -19.30 16.18 96.25
C VAL F 75 -20.05 16.89 97.36
N ILE F 76 -20.14 18.21 97.23
CA ILE F 76 -21.06 19.06 97.97
C ILE F 76 -22.23 19.41 97.03
N PRO F 77 -23.42 18.85 97.23
CA PRO F 77 -24.56 19.27 96.41
C PRO F 77 -25.16 20.55 96.95
N MET F 78 -25.53 21.45 96.04
CA MET F 78 -26.22 22.66 96.42
C MET F 78 -27.30 22.96 95.39
N SER F 79 -28.46 23.41 95.87
CA SER F 79 -29.53 23.84 94.99
C SER F 79 -29.34 25.31 94.65
N LEU F 80 -29.48 25.64 93.36
CA LEU F 80 -29.29 26.99 92.87
C LEU F 80 -30.58 27.80 93.02
N ASP F 81 -30.44 29.11 92.83
CA ASP F 81 -31.62 29.97 92.69
C ASP F 81 -32.49 29.52 91.51
N SER F 82 -31.90 28.81 90.55
CA SER F 82 -32.62 28.22 89.43
C SER F 82 -33.51 27.06 89.85
N GLY F 83 -33.37 26.58 91.09
CA GLY F 83 -34.05 25.36 91.50
C GLY F 83 -33.23 24.13 91.17
N GLU F 84 -32.58 24.18 90.01
CA GLU F 84 -31.63 23.16 89.60
C GLU F 84 -30.59 22.93 90.69
N THR F 85 -30.31 21.66 90.99
CA THR F 85 -29.31 21.29 91.98
C THR F 85 -28.05 20.83 91.27
N VAL F 86 -26.93 21.46 91.63
CA VAL F 86 -25.63 21.20 91.00
C VAL F 86 -24.68 20.61 92.03
N PHE F 87 -23.74 19.79 91.55
CA PHE F 87 -22.79 19.09 92.40
C PHE F 87 -21.43 19.78 92.32
N ASN F 88 -20.85 20.11 93.48
CA ASN F 88 -19.56 20.76 93.57
C ASN F 88 -18.50 19.70 93.90
N SER F 89 -17.52 19.56 93.01
CA SER F 89 -16.70 18.36 92.93
C SER F 89 -15.24 18.64 93.25
N VAL F 90 -14.62 17.71 93.96
CA VAL F 90 -13.17 17.57 93.97
C VAL F 90 -12.86 16.11 93.67
N ARG F 91 -12.00 15.88 92.67
CA ARG F 91 -11.71 14.53 92.18
C ARG F 91 -10.22 14.30 92.19
N ILE F 92 -9.79 13.21 92.83
CA ILE F 92 -8.37 12.87 92.96
C ILE F 92 -8.18 11.46 92.44
N ALA F 93 -7.37 11.34 91.39
CA ALA F 93 -7.12 10.08 90.71
C ALA F 93 -5.62 9.80 90.73
N LEU F 94 -5.24 8.65 91.27
CA LEU F 94 -3.83 8.28 91.37
C LEU F 94 -3.57 7.04 90.53
N GLU F 95 -2.72 7.19 89.53
CA GLU F 95 -2.41 6.14 88.54
C GLU F 95 -0.97 5.70 88.75
N ILE F 96 -0.79 4.44 89.13
CA ILE F 96 0.51 3.92 89.54
C ILE F 96 0.83 2.66 88.75
N HIS F 97 2.06 2.58 88.24
CA HIS F 97 2.57 1.33 87.70
C HIS F 97 3.13 0.46 88.82
N PRO F 98 2.94 -0.86 88.77
CA PRO F 98 3.37 -1.71 89.89
C PRO F 98 4.84 -1.62 90.21
N ALA F 99 5.68 -1.21 89.25
CA ALA F 99 7.12 -1.19 89.48
C ALA F 99 7.58 0.01 90.30
N LEU F 100 6.71 0.98 90.58
CA LEU F 100 7.13 2.17 91.30
C LEU F 100 7.48 1.84 92.75
N ALA F 101 8.38 2.64 93.31
CA ALA F 101 8.79 2.46 94.70
C ALA F 101 7.62 2.65 95.65
N SER F 102 7.52 1.74 96.61
CA SER F 102 6.46 1.82 97.62
C SER F 102 6.43 3.19 98.29
N ALA F 103 7.60 3.77 98.57
CA ALA F 103 7.65 5.08 99.21
C ALA F 103 7.35 6.20 98.23
N SER F 104 7.70 6.04 96.95
CA SER F 104 7.30 7.04 95.96
C SER F 104 5.80 7.12 95.79
N VAL F 105 5.08 6.00 96.01
CA VAL F 105 3.63 6.04 95.98
C VAL F 105 3.09 7.02 97.02
N LYS F 106 3.50 6.85 98.28
CA LYS F 106 3.04 7.75 99.31
C LYS F 106 3.60 9.16 99.15
N ASP F 107 4.78 9.31 98.55
CA ASP F 107 5.27 10.65 98.24
C ASP F 107 4.35 11.33 97.23
N LEU F 108 3.81 10.57 96.26
CA LEU F 108 2.85 11.16 95.32
C LEU F 108 1.58 11.58 96.05
N ARG F 109 1.07 10.75 96.94
CA ARG F 109 -0.10 11.15 97.72
C ARG F 109 0.14 12.47 98.44
N LEU F 110 1.28 12.57 99.12
CA LEU F 110 1.58 13.75 99.93
C LEU F 110 1.85 14.98 99.07
N ILE F 111 2.50 14.80 97.92
CA ILE F 111 2.82 15.94 97.09
C ILE F 111 1.56 16.45 96.38
N GLY F 112 0.67 15.54 96.01
CA GLY F 112 -0.64 15.96 95.52
C GLY F 112 -1.40 16.75 96.57
N ALA F 113 -1.39 16.28 97.82
CA ALA F 113 -2.10 17.00 98.86
C ALA F 113 -1.52 18.39 99.07
N GLN F 114 -0.19 18.52 99.01
CA GLN F 114 0.41 19.83 99.15
C GLN F 114 0.00 20.74 98.00
N LEU F 115 -0.13 20.18 96.79
CA LEU F 115 -0.56 20.99 95.66
C LEU F 115 -1.97 21.56 95.85
N LEU F 116 -2.82 20.88 96.64
CA LEU F 116 -4.10 21.47 97.01
C LEU F 116 -3.97 22.49 98.14
N THR F 117 -3.19 22.18 99.18
CA THR F 117 -3.33 22.92 100.44
C THR F 117 -2.18 23.86 100.75
N ASP F 118 -1.29 24.12 99.81
CA ASP F 118 -0.28 25.15 100.05
C ASP F 118 -0.80 26.51 99.61
N ALA F 119 -0.31 27.55 100.29
CA ALA F 119 -0.76 28.91 100.00
C ALA F 119 -0.35 29.35 98.61
N ASP F 120 0.82 28.88 98.14
CA ASP F 120 1.34 29.27 96.82
C ASP F 120 0.30 29.06 95.73
N TYR F 121 -0.62 28.12 95.92
CA TYR F 121 -1.56 27.75 94.87
C TYR F 121 -2.96 28.33 95.10
N ASP F 122 -3.17 29.03 96.23
CA ASP F 122 -4.49 29.58 96.55
C ASP F 122 -5.07 30.33 95.36
N SER F 123 -4.26 31.19 94.73
CA SER F 123 -4.76 31.98 93.61
C SER F 123 -5.22 31.06 92.48
N PHE F 124 -4.41 30.05 92.14
CA PHE F 124 -4.78 29.09 91.11
C PHE F 124 -6.11 28.42 91.42
N TRP F 125 -6.21 27.77 92.57
CA TRP F 125 -7.41 26.99 92.86
C TRP F 125 -8.65 27.88 92.91
N THR F 126 -8.61 28.94 93.71
CA THR F 126 -9.80 29.77 93.90
C THR F 126 -10.21 30.45 92.61
N LEU F 127 -9.30 31.22 92.00
CA LEU F 127 -9.67 32.06 90.88
C LEU F 127 -9.47 31.36 89.53
N GLY F 128 -8.42 30.57 89.38
CA GLY F 128 -8.05 30.00 88.11
C GLY F 128 -6.80 30.59 87.50
N ALA F 129 -6.00 31.29 88.29
CA ALA F 129 -4.79 31.97 87.84
C ALA F 129 -3.76 30.97 87.32
N LEU F 130 -3.05 31.37 86.27
CA LEU F 130 -2.13 30.48 85.57
C LEU F 130 -0.67 30.91 85.67
N ALA F 131 -0.33 31.82 86.58
CA ALA F 131 1.07 32.22 86.76
C ALA F 131 1.71 31.48 87.94
N SER G 1 62.29 -72.18 -20.59
CA SER G 1 63.27 -72.67 -19.62
C SER G 1 63.12 -71.93 -18.28
N ILE G 2 61.89 -71.58 -17.92
CA ILE G 2 61.64 -70.87 -16.66
C ILE G 2 61.70 -71.83 -15.49
N ILE G 3 60.95 -72.93 -15.55
CA ILE G 3 60.92 -73.90 -14.47
C ILE G 3 62.29 -74.56 -14.35
N GLY G 4 62.94 -74.35 -13.22
CA GLY G 4 64.25 -74.93 -13.00
C GLY G 4 65.42 -74.01 -13.32
N SER G 5 65.16 -72.78 -13.75
CA SER G 5 66.24 -71.86 -14.03
C SER G 5 67.01 -71.54 -12.73
N SER G 6 68.28 -71.17 -12.90
CA SER G 6 69.17 -70.89 -11.78
C SER G 6 69.81 -69.53 -11.98
N ILE G 7 69.76 -68.70 -10.93
CA ILE G 7 70.38 -67.37 -10.91
C ILE G 7 71.06 -67.14 -9.57
N LYS G 8 71.80 -66.05 -9.48
CA LYS G 8 72.70 -65.78 -8.36
C LYS G 8 72.08 -64.75 -7.42
N THR G 9 72.03 -65.08 -6.13
CA THR G 9 71.67 -64.11 -5.09
C THR G 9 72.91 -63.70 -4.33
N GLY G 10 72.86 -62.50 -3.77
CA GLY G 10 74.03 -61.93 -3.12
C GLY G 10 75.24 -61.85 -4.04
N ALA G 11 75.03 -61.43 -5.27
CA ALA G 11 76.15 -61.26 -6.19
C ALA G 11 76.97 -60.05 -5.80
N THR G 12 78.29 -60.16 -5.94
CA THR G 12 79.17 -59.04 -5.66
C THR G 12 78.85 -57.86 -6.57
N SER G 13 78.76 -58.10 -7.89
CA SER G 13 78.35 -57.06 -8.82
C SER G 13 77.94 -57.69 -10.14
N ALA G 14 77.42 -56.85 -11.04
CA ALA G 14 77.09 -57.27 -12.39
C ALA G 14 77.80 -56.34 -13.37
N SER G 15 78.07 -56.86 -14.56
CA SER G 15 78.89 -56.15 -15.53
C SER G 15 78.41 -56.51 -16.93
N ILE G 16 78.98 -55.85 -17.93
CA ILE G 16 78.49 -56.02 -19.30
C ILE G 16 79.66 -55.95 -20.28
N THR G 17 79.77 -56.96 -21.13
CA THR G 17 80.73 -56.99 -22.23
C THR G 17 80.00 -56.54 -23.48
N GLY G 18 80.27 -55.30 -23.92
CA GLY G 18 79.43 -54.74 -24.96
C GLY G 18 80.07 -53.59 -25.68
N GLY G 19 79.31 -53.05 -26.64
CA GLY G 19 79.82 -52.12 -27.64
C GLY G 19 79.83 -50.65 -27.27
N SER G 20 79.17 -49.82 -28.09
CA SER G 20 79.38 -48.39 -28.03
C SER G 20 78.64 -47.76 -26.84
N ASP G 21 79.17 -46.62 -26.38
CA ASP G 21 78.55 -45.86 -25.31
C ASP G 21 77.34 -45.10 -25.81
N ILE G 22 76.45 -44.80 -24.87
CA ILE G 22 75.37 -43.86 -25.09
C ILE G 22 75.32 -42.97 -23.86
N THR G 23 75.13 -41.67 -24.09
CA THR G 23 75.20 -40.65 -23.06
C THR G 23 73.85 -39.95 -22.94
N PHE G 24 73.43 -39.71 -21.69
CA PHE G 24 72.16 -39.08 -21.36
C PHE G 24 72.33 -37.59 -21.09
N ALA G 25 71.24 -36.86 -21.25
CA ALA G 25 71.19 -35.44 -20.92
C ALA G 25 69.74 -35.10 -20.65
N LEU G 26 69.53 -34.07 -19.83
CA LEU G 26 68.19 -33.76 -19.35
C LEU G 26 67.32 -33.19 -20.49
N THR G 27 66.06 -33.62 -20.52
CA THR G 27 65.12 -33.31 -21.60
C THR G 27 64.21 -32.14 -21.28
N GLY G 28 63.67 -32.06 -20.07
CA GLY G 28 62.70 -31.04 -19.76
C GLY G 28 61.27 -31.38 -20.14
N GLN G 29 61.03 -32.58 -20.68
CA GLN G 29 59.66 -33.06 -20.75
C GLN G 29 59.11 -33.20 -19.35
N THR G 30 58.00 -32.52 -19.08
CA THR G 30 57.45 -32.47 -17.74
C THR G 30 57.01 -33.85 -17.28
N VAL G 31 57.57 -34.30 -16.15
CA VAL G 31 57.28 -35.61 -15.57
C VAL G 31 57.09 -35.44 -14.07
N THR G 32 55.92 -35.84 -13.57
CA THR G 32 55.58 -35.61 -12.17
C THR G 32 56.36 -36.53 -11.25
N ASN G 33 57.03 -35.94 -10.26
CA ASN G 33 57.94 -36.66 -9.36
C ASN G 33 59.03 -37.39 -10.13
N GLY G 34 59.37 -36.89 -11.31
CA GLY G 34 60.27 -37.61 -12.19
C GLY G 34 61.19 -36.77 -13.03
N LEU G 35 61.73 -37.39 -14.09
CA LEU G 35 62.85 -36.81 -14.82
C LEU G 35 62.97 -37.50 -16.16
N ASN G 36 63.02 -36.73 -17.24
CA ASN G 36 63.24 -37.26 -18.58
C ASN G 36 64.66 -36.94 -19.02
N VAL G 37 65.46 -37.98 -19.31
CA VAL G 37 66.76 -37.80 -19.96
C VAL G 37 66.75 -38.55 -21.28
N SER G 38 67.10 -37.86 -22.35
CA SER G 38 67.23 -38.52 -23.64
C SER G 38 68.71 -38.59 -24.00
N VAL G 39 68.99 -39.33 -25.07
CA VAL G 39 70.37 -39.46 -25.51
C VAL G 39 70.71 -38.23 -26.34
N SER G 40 71.91 -37.70 -26.13
CA SER G 40 72.37 -36.66 -27.03
C SER G 40 73.09 -37.25 -28.23
N GLU G 41 73.09 -38.57 -28.35
CA GLU G 41 73.86 -39.24 -29.38
C GLU G 41 73.01 -39.66 -30.57
N ASP G 42 71.70 -39.84 -30.38
CA ASP G 42 70.80 -39.96 -31.50
C ASP G 42 70.39 -38.56 -31.95
N THR G 43 70.23 -38.41 -33.27
CA THR G 43 70.07 -37.08 -33.86
C THR G 43 68.63 -36.74 -34.23
N ASP G 44 67.83 -37.71 -34.66
CA ASP G 44 66.46 -37.46 -35.10
C ASP G 44 65.53 -37.45 -33.89
N TYR G 45 64.77 -36.37 -33.73
CA TYR G 45 63.91 -36.25 -32.55
C TYR G 45 62.81 -37.30 -32.56
N ARG G 46 62.26 -37.61 -33.74
CA ARG G 46 61.29 -38.69 -33.88
C ARG G 46 61.77 -39.97 -33.21
N THR G 47 62.94 -40.46 -33.62
CA THR G 47 63.41 -41.77 -33.20
C THR G 47 64.47 -41.71 -32.11
N ARG G 48 64.53 -40.61 -31.35
CA ARG G 48 65.60 -40.45 -30.36
C ARG G 48 65.20 -41.15 -29.07
N ARG G 49 66.02 -42.10 -28.65
CA ARG G 49 65.76 -42.93 -27.49
C ARG G 49 65.75 -42.10 -26.22
N ASN G 50 64.77 -42.34 -25.34
CA ASN G 50 64.74 -41.57 -24.11
C ASN G 50 64.24 -42.39 -22.93
N ALA G 51 64.69 -42.03 -21.74
CA ALA G 51 64.32 -42.70 -20.52
C ALA G 51 63.69 -41.71 -19.56
N THR G 52 62.89 -42.26 -18.65
CA THR G 52 62.13 -41.48 -17.69
C THR G 52 62.17 -42.18 -16.34
N PHE G 53 62.59 -41.42 -15.33
CA PHE G 53 62.82 -41.89 -13.98
C PHE G 53 61.75 -41.26 -13.09
N LYS G 54 60.89 -42.08 -12.50
CA LYS G 54 59.95 -41.60 -11.50
C LYS G 54 60.34 -42.17 -10.14
N SER G 55 60.08 -41.40 -9.09
CA SER G 55 60.55 -41.72 -7.75
C SER G 55 59.50 -41.31 -6.73
N ARG G 56 59.10 -42.26 -5.88
CA ARG G 56 58.17 -42.00 -4.77
C ARG G 56 58.74 -42.63 -3.52
N VAL G 57 58.94 -41.81 -2.49
CA VAL G 57 59.61 -42.21 -1.25
C VAL G 57 58.64 -42.90 -0.32
N PRO G 58 59.11 -43.75 0.59
CA PRO G 58 58.24 -44.26 1.66
C PRO G 58 57.69 -43.12 2.49
N THR G 59 56.38 -43.09 2.64
CA THR G 59 55.69 -42.06 3.40
C THR G 59 55.03 -42.69 4.62
N VAL G 60 55.23 -42.07 5.77
CA VAL G 60 54.64 -42.56 7.01
C VAL G 60 53.19 -42.12 7.08
N VAL G 61 52.32 -43.05 7.46
CA VAL G 61 50.90 -42.76 7.67
C VAL G 61 50.43 -43.55 8.87
N ASN G 62 49.89 -42.87 9.86
CA ASN G 62 49.36 -43.50 11.07
C ASN G 62 50.43 -44.30 11.80
N GLY G 63 51.64 -43.74 11.87
CA GLY G 63 52.69 -44.29 12.70
C GLY G 63 53.58 -45.32 12.05
N ASN G 64 53.34 -45.69 10.79
CA ASN G 64 54.21 -46.66 10.14
C ASN G 64 54.30 -46.37 8.65
N TYR G 65 55.32 -46.97 8.03
CA TYR G 65 55.75 -46.60 6.69
C TYR G 65 54.98 -47.37 5.62
N SER G 66 54.95 -46.78 4.43
CA SER G 66 54.44 -47.41 3.22
C SER G 66 55.61 -47.66 2.28
N LYS G 67 55.59 -48.81 1.60
CA LYS G 67 56.70 -49.15 0.71
C LYS G 67 56.82 -48.11 -0.40
N GLY G 68 58.06 -47.78 -0.76
CA GLY G 68 58.32 -46.81 -1.79
C GLY G 68 58.56 -47.46 -3.14
N LYS G 69 58.49 -46.64 -4.19
CA LYS G 69 58.46 -47.13 -5.56
C LYS G 69 59.33 -46.28 -6.47
N ASN G 70 60.26 -46.92 -7.18
CA ASN G 70 61.16 -46.21 -8.10
C ASN G 70 61.04 -46.86 -9.47
N GLU G 71 60.45 -46.14 -10.43
CA GLU G 71 60.25 -46.63 -11.78
C GLU G 71 61.28 -46.03 -12.72
N VAL G 72 61.62 -46.80 -13.74
CA VAL G 72 62.33 -46.31 -14.91
C VAL G 72 61.61 -46.85 -16.13
N VAL G 73 61.57 -46.06 -17.20
CA VAL G 73 61.08 -46.56 -18.48
C VAL G 73 62.00 -46.04 -19.58
N PHE G 74 62.56 -46.96 -20.36
CA PHE G 74 63.43 -46.65 -21.47
C PHE G 74 62.66 -46.95 -22.75
N VAL G 75 62.70 -46.03 -23.71
CA VAL G 75 61.83 -46.07 -24.86
C VAL G 75 62.65 -45.89 -26.12
N ILE G 76 62.43 -46.79 -27.07
CA ILE G 76 62.89 -46.70 -28.46
C ILE G 76 61.69 -46.35 -29.33
N PRO G 77 61.58 -45.10 -29.81
CA PRO G 77 60.49 -44.81 -30.75
C PRO G 77 60.82 -45.38 -32.12
N MET G 78 59.77 -45.80 -32.83
CA MET G 78 59.92 -46.18 -34.23
C MET G 78 58.66 -45.78 -34.98
N SER G 79 58.84 -45.23 -36.18
CA SER G 79 57.72 -44.94 -37.04
C SER G 79 57.29 -46.21 -37.76
N LEU G 80 55.98 -46.48 -37.75
CA LEU G 80 55.46 -47.64 -38.45
C LEU G 80 55.17 -47.29 -39.90
N ASP G 81 54.96 -48.33 -40.71
CA ASP G 81 54.62 -48.13 -42.10
C ASP G 81 53.30 -47.37 -42.25
N SER G 82 52.40 -47.51 -41.28
CA SER G 82 51.11 -46.84 -41.29
C SER G 82 51.19 -45.35 -40.97
N GLY G 83 52.34 -44.87 -40.53
CA GLY G 83 52.50 -43.46 -40.24
C GLY G 83 52.60 -43.15 -38.76
N GLU G 84 51.76 -43.78 -37.95
CA GLU G 84 51.81 -43.56 -36.51
C GLU G 84 53.18 -43.98 -35.98
N THR G 85 53.77 -43.12 -35.16
CA THR G 85 54.97 -43.46 -34.44
C THR G 85 54.58 -44.19 -33.14
N VAL G 86 55.21 -45.34 -32.89
CA VAL G 86 54.90 -46.14 -31.72
C VAL G 86 56.17 -46.29 -30.88
N PHE G 87 55.97 -46.39 -29.57
CA PHE G 87 57.08 -46.48 -28.62
C PHE G 87 57.31 -47.94 -28.23
N ASN G 88 58.58 -48.31 -28.09
CA ASN G 88 58.98 -49.63 -27.59
C ASN G 88 59.54 -49.44 -26.19
N SER G 89 58.98 -50.16 -25.23
CA SER G 89 59.16 -49.84 -23.82
C SER G 89 59.85 -50.98 -23.09
N VAL G 90 60.81 -50.63 -22.25
CA VAL G 90 61.21 -51.51 -21.15
C VAL G 90 61.03 -50.70 -19.88
N ARG G 91 60.26 -51.25 -18.95
CA ARG G 91 59.88 -50.55 -17.73
C ARG G 91 60.32 -51.40 -16.55
N ILE G 92 61.08 -50.80 -15.65
CA ILE G 92 61.59 -51.48 -14.46
C ILE G 92 61.18 -50.67 -13.25
N ALA G 93 60.25 -51.19 -12.47
CA ALA G 93 59.83 -50.60 -11.22
C ALA G 93 60.39 -51.42 -10.07
N LEU G 94 60.71 -50.75 -8.97
CA LEU G 94 61.30 -51.42 -7.82
C LEU G 94 60.71 -50.81 -6.55
N GLU G 95 59.96 -51.61 -5.82
CA GLU G 95 59.22 -51.20 -4.64
C GLU G 95 59.86 -51.86 -3.42
N ILE G 96 60.36 -51.03 -2.51
CA ILE G 96 61.08 -51.49 -1.33
C ILE G 96 60.36 -51.00 -0.09
N HIS G 97 60.20 -51.89 0.89
CA HIS G 97 59.78 -51.45 2.20
C HIS G 97 60.99 -51.00 3.01
N PRO G 98 60.88 -49.92 3.79
CA PRO G 98 62.05 -49.40 4.51
C PRO G 98 62.73 -50.43 5.39
N ALA G 99 62.04 -51.49 5.78
CA ALA G 99 62.62 -52.50 6.66
C ALA G 99 63.54 -53.48 5.94
N LEU G 100 63.58 -53.47 4.61
CA LEU G 100 64.45 -54.41 3.91
C LEU G 100 65.91 -54.04 4.14
N ALA G 101 66.75 -55.07 4.17
CA ALA G 101 68.19 -54.86 4.35
C ALA G 101 68.78 -54.08 3.17
N SER G 102 69.70 -53.17 3.51
CA SER G 102 70.43 -52.44 2.47
C SER G 102 71.03 -53.39 1.45
N ALA G 103 71.56 -54.53 1.92
CA ALA G 103 72.16 -55.50 1.01
C ALA G 103 71.11 -56.21 0.16
N SER G 104 69.95 -56.51 0.74
CA SER G 104 68.90 -57.15 -0.03
C SER G 104 68.29 -56.22 -1.06
N VAL G 105 68.42 -54.90 -0.89
CA VAL G 105 68.01 -53.98 -1.95
C VAL G 105 68.83 -54.19 -3.21
N LYS G 106 70.17 -54.16 -3.07
CA LYS G 106 71.02 -54.46 -4.22
C LYS G 106 70.84 -55.90 -4.70
N ASP G 107 70.56 -56.85 -3.80
CA ASP G 107 70.28 -58.20 -4.27
C ASP G 107 69.06 -58.21 -5.20
N LEU G 108 68.02 -57.42 -4.87
CA LEU G 108 66.86 -57.32 -5.75
C LEU G 108 67.22 -56.69 -7.09
N ARG G 109 68.01 -55.62 -7.07
CA ARG G 109 68.41 -54.99 -8.32
C ARG G 109 69.12 -55.98 -9.23
N LEU G 110 70.06 -56.75 -8.67
CA LEU G 110 70.86 -57.67 -9.48
C LEU G 110 70.06 -58.91 -9.89
N ILE G 111 69.20 -59.41 -9.00
CA ILE G 111 68.41 -60.58 -9.36
C ILE G 111 67.35 -60.21 -10.39
N GLY G 112 66.89 -58.97 -10.39
CA GLY G 112 65.98 -58.54 -11.43
C GLY G 112 66.68 -58.38 -12.76
N ALA G 113 67.80 -57.64 -12.76
CA ALA G 113 68.56 -57.48 -13.99
C ALA G 113 69.01 -58.82 -14.55
N GLN G 114 69.23 -59.79 -13.67
CA GLN G 114 69.63 -61.12 -14.11
C GLN G 114 68.48 -61.90 -14.74
N LEU G 115 67.24 -61.52 -14.45
CA LEU G 115 66.09 -62.12 -15.11
C LEU G 115 65.88 -61.61 -16.53
N LEU G 116 66.37 -60.40 -16.84
CA LEU G 116 66.37 -59.93 -18.24
C LEU G 116 67.41 -60.65 -19.08
N THR G 117 68.64 -60.76 -18.58
CA THR G 117 69.76 -61.10 -19.45
C THR G 117 70.09 -62.58 -19.49
N ASP G 118 69.78 -63.33 -18.44
CA ASP G 118 70.25 -64.71 -18.36
C ASP G 118 69.57 -65.56 -19.43
N ALA G 119 70.38 -66.33 -20.16
CA ALA G 119 69.92 -67.06 -21.35
C ALA G 119 68.77 -68.01 -21.06
N ASP G 120 68.65 -68.49 -19.82
CA ASP G 120 67.52 -69.32 -19.45
C ASP G 120 66.19 -68.66 -19.82
N TYR G 121 66.05 -67.37 -19.53
CA TYR G 121 64.82 -66.66 -19.86
C TYR G 121 64.84 -66.12 -21.26
N ASP G 122 65.92 -66.37 -22.00
CA ASP G 122 66.12 -65.78 -23.31
C ASP G 122 64.96 -66.15 -24.25
N SER G 123 64.42 -67.36 -24.11
CA SER G 123 63.28 -67.75 -24.92
C SER G 123 61.99 -67.06 -24.46
N PHE G 124 61.91 -66.72 -23.17
CA PHE G 124 60.70 -66.07 -22.65
C PHE G 124 60.53 -64.67 -23.20
N TRP G 125 61.55 -63.83 -23.06
CA TRP G 125 61.43 -62.43 -23.45
C TRP G 125 61.23 -62.29 -24.95
N THR G 126 62.04 -63.00 -25.73
CA THR G 126 61.99 -62.85 -27.18
C THR G 126 60.69 -63.40 -27.74
N LEU G 127 60.38 -64.65 -27.42
CA LEU G 127 59.28 -65.36 -28.05
C LEU G 127 57.97 -65.24 -27.27
N GLY G 128 58.00 -64.62 -26.09
CA GLY G 128 56.83 -64.66 -25.23
C GLY G 128 56.46 -66.08 -24.83
N ALA G 129 57.46 -66.93 -24.60
CA ALA G 129 57.27 -68.36 -24.42
C ALA G 129 57.17 -68.71 -22.94
N LEU G 130 56.03 -69.29 -22.56
CA LEU G 130 55.82 -69.77 -21.19
C LEU G 130 56.19 -71.25 -21.14
N ALA G 131 57.29 -71.55 -20.47
CA ALA G 131 57.73 -72.93 -20.30
C ALA G 131 58.87 -72.94 -19.28
N SER H 1 73.57 -37.88 -10.81
CA SER H 1 74.28 -39.01 -11.41
C SER H 1 73.42 -39.68 -12.48
N ILE H 2 72.11 -39.39 -12.46
CA ILE H 2 71.25 -39.85 -13.54
C ILE H 2 71.49 -39.01 -14.79
N ILE H 3 71.58 -37.69 -14.62
CA ILE H 3 71.86 -36.81 -15.74
C ILE H 3 73.30 -37.01 -16.19
N GLY H 4 73.49 -37.18 -17.50
CA GLY H 4 74.84 -37.36 -18.00
C GLY H 4 75.48 -38.68 -17.64
N SER H 5 74.67 -39.71 -17.43
CA SER H 5 75.20 -41.05 -17.23
C SER H 5 75.42 -41.73 -18.58
N SER H 6 76.29 -42.74 -18.59
CA SER H 6 76.71 -43.43 -19.80
C SER H 6 76.47 -44.92 -19.65
N ILE H 7 75.88 -45.54 -20.68
CA ILE H 7 75.55 -46.96 -20.68
C ILE H 7 75.77 -47.56 -22.07
N LYS H 8 76.06 -48.85 -22.13
CA LYS H 8 76.43 -49.49 -23.39
C LYS H 8 75.17 -49.88 -24.17
N THR H 9 75.12 -49.48 -25.45
CA THR H 9 74.10 -50.00 -26.35
C THR H 9 74.72 -51.05 -27.27
N GLY H 10 73.84 -51.89 -27.81
CA GLY H 10 74.28 -52.99 -28.66
C GLY H 10 75.38 -53.77 -28.01
N ALA H 11 75.19 -54.10 -26.73
CA ALA H 11 76.19 -54.90 -26.03
C ALA H 11 76.10 -56.35 -26.47
N THR H 12 77.26 -57.01 -26.53
CA THR H 12 77.31 -58.40 -26.93
C THR H 12 76.62 -59.30 -25.91
N SER H 13 76.93 -59.11 -24.62
CA SER H 13 76.22 -59.82 -23.57
C SER H 13 76.54 -59.16 -22.24
N ALA H 14 75.78 -59.54 -21.21
CA ALA H 14 76.00 -59.08 -19.85
C ALA H 14 76.08 -60.29 -18.94
N SER H 15 76.72 -60.10 -17.79
CA SER H 15 76.97 -61.21 -16.87
C SER H 15 77.05 -60.67 -15.45
N ILE H 16 77.32 -61.56 -14.51
CA ILE H 16 77.22 -61.22 -13.10
C ILE H 16 78.32 -61.93 -12.32
N THR H 17 79.21 -61.16 -11.69
CA THR H 17 80.22 -61.70 -10.79
C THR H 17 79.54 -61.88 -9.44
N GLY H 18 79.18 -63.13 -9.13
CA GLY H 18 78.11 -63.40 -8.19
C GLY H 18 78.46 -64.43 -7.14
N GLY H 19 77.50 -64.64 -6.23
CA GLY H 19 77.63 -65.58 -5.14
C GLY H 19 76.91 -66.89 -5.36
N SER H 20 76.00 -67.26 -4.45
CA SER H 20 75.41 -68.59 -4.45
C SER H 20 74.25 -68.70 -5.42
N ASP H 21 73.96 -69.95 -5.81
CA ASP H 21 72.86 -70.24 -6.73
C ASP H 21 71.51 -70.15 -6.04
N ILE H 22 70.47 -69.99 -6.86
CA ILE H 22 69.10 -70.09 -6.40
C ILE H 22 68.28 -70.69 -7.54
N THR H 23 67.36 -71.60 -7.19
CA THR H 23 66.69 -72.43 -8.20
C THR H 23 65.18 -72.32 -8.07
N PHE H 24 64.51 -72.18 -9.22
CA PHE H 24 63.07 -72.00 -9.29
C PHE H 24 62.35 -73.32 -9.53
N ALA H 25 61.18 -73.48 -8.91
CA ALA H 25 60.32 -74.62 -9.14
C ALA H 25 58.88 -74.13 -9.25
N LEU H 26 58.04 -74.97 -9.84
CA LEU H 26 56.67 -74.56 -10.14
C LEU H 26 55.82 -74.45 -8.88
N THR H 27 55.12 -73.31 -8.72
CA THR H 27 54.39 -72.99 -7.49
C THR H 27 52.94 -73.44 -7.51
N GLY H 28 52.34 -73.54 -8.69
CA GLY H 28 50.93 -73.81 -8.75
C GLY H 28 50.07 -72.74 -8.09
N GLN H 29 50.49 -71.48 -8.16
CA GLN H 29 49.61 -70.35 -7.85
C GLN H 29 48.96 -69.92 -9.15
N THR H 30 47.64 -70.04 -9.23
CA THR H 30 46.95 -69.76 -10.48
C THR H 30 47.22 -68.33 -10.92
N VAL H 31 47.84 -68.18 -12.08
CA VAL H 31 48.23 -66.88 -12.63
C VAL H 31 47.82 -66.84 -14.09
N THR H 32 46.95 -65.89 -14.43
CA THR H 32 46.45 -65.77 -15.79
C THR H 32 47.58 -65.39 -16.73
N ASN H 33 47.68 -66.13 -17.85
CA ASN H 33 48.64 -65.84 -18.90
C ASN H 33 50.08 -65.98 -18.40
N GLY H 34 50.33 -66.84 -17.43
CA GLY H 34 51.67 -66.91 -16.90
C GLY H 34 51.84 -67.99 -15.86
N LEU H 35 53.01 -67.94 -15.22
CA LEU H 35 53.46 -68.94 -14.27
C LEU H 35 53.87 -68.27 -12.96
N ASN H 36 53.88 -69.06 -11.90
CA ASN H 36 54.52 -68.70 -10.64
C ASN H 36 55.54 -69.78 -10.32
N VAL H 37 56.80 -69.37 -10.12
CA VAL H 37 57.86 -70.27 -9.68
C VAL H 37 58.50 -69.65 -8.44
N SER H 38 58.61 -70.42 -7.37
CA SER H 38 59.28 -69.91 -6.18
C SER H 38 60.60 -70.65 -5.99
N VAL H 39 61.44 -70.09 -5.15
CA VAL H 39 62.75 -70.68 -4.91
C VAL H 39 62.58 -71.78 -3.86
N SER H 40 62.85 -73.02 -4.27
CA SER H 40 62.74 -74.14 -3.36
C SER H 40 63.91 -74.20 -2.40
N GLU H 41 64.78 -73.19 -2.44
CA GLU H 41 65.97 -73.17 -1.61
C GLU H 41 65.81 -72.35 -0.34
N ASP H 42 64.75 -71.55 -0.23
CA ASP H 42 64.35 -70.95 1.02
C ASP H 42 63.43 -71.91 1.75
N THR H 43 63.60 -72.02 3.08
CA THR H 43 62.97 -73.10 3.83
C THR H 43 61.59 -72.76 4.37
N ASP H 44 61.26 -71.48 4.54
CA ASP H 44 60.04 -71.05 5.21
C ASP H 44 59.11 -70.40 4.19
N TYR H 45 57.98 -71.06 3.89
CA TYR H 45 57.06 -70.56 2.86
C TYR H 45 56.72 -69.10 3.10
N ARG H 46 56.39 -68.75 4.34
CA ARG H 46 56.00 -67.41 4.71
C ARG H 46 56.93 -66.33 4.17
N THR H 47 58.19 -66.69 3.85
CA THR H 47 59.16 -65.77 3.27
C THR H 47 59.96 -66.40 2.13
N ARG H 48 59.32 -67.19 1.25
CA ARG H 48 60.01 -67.69 0.07
C ARG H 48 59.92 -66.72 -1.09
N ARG H 49 61.08 -66.25 -1.53
CA ARG H 49 61.19 -65.43 -2.72
C ARG H 49 60.56 -66.15 -3.90
N ASN H 50 59.62 -65.49 -4.58
CA ASN H 50 59.00 -66.10 -5.73
C ASN H 50 59.01 -65.13 -6.91
N ALA H 51 58.58 -65.63 -8.07
CA ALA H 51 58.60 -64.83 -9.27
C ALA H 51 57.43 -65.26 -10.14
N THR H 52 56.84 -64.29 -10.82
CA THR H 52 55.67 -64.51 -11.65
C THR H 52 55.95 -63.98 -13.04
N PHE H 53 55.67 -64.81 -14.03
CA PHE H 53 55.92 -64.52 -15.43
C PHE H 53 54.59 -64.38 -16.15
N LYS H 54 54.40 -63.27 -16.85
CA LYS H 54 53.19 -63.04 -17.65
C LYS H 54 53.58 -62.71 -19.09
N SER H 55 52.68 -63.07 -20.02
CA SER H 55 52.90 -62.83 -21.44
C SER H 55 51.57 -62.53 -22.11
N ARG H 56 51.31 -61.25 -22.35
CA ARG H 56 50.19 -60.81 -23.17
C ARG H 56 50.66 -60.63 -24.60
N VAL H 57 49.89 -61.19 -25.53
CA VAL H 57 50.29 -61.25 -26.94
C VAL H 57 49.82 -60.01 -27.68
N PRO H 58 50.42 -59.69 -28.82
CA PRO H 58 49.92 -58.57 -29.62
C PRO H 58 48.53 -58.85 -30.15
N THR H 59 47.75 -57.78 -30.28
CA THR H 59 46.37 -57.87 -30.72
C THR H 59 46.28 -57.52 -32.20
N VAL H 60 45.54 -58.32 -32.96
CA VAL H 60 45.36 -58.12 -34.39
C VAL H 60 44.08 -57.32 -34.58
N VAL H 61 44.20 -56.06 -34.97
CA VAL H 61 43.07 -55.17 -35.19
C VAL H 61 43.15 -54.68 -36.63
N ASN H 62 42.47 -55.39 -37.53
CA ASN H 62 42.29 -54.96 -38.92
C ASN H 62 43.64 -54.66 -39.57
N GLY H 63 44.53 -55.64 -39.56
CA GLY H 63 45.85 -55.49 -40.15
C GLY H 63 46.86 -54.72 -39.33
N ASN H 64 46.47 -54.12 -38.21
CA ASN H 64 47.38 -53.38 -37.35
C ASN H 64 47.62 -54.16 -36.06
N TYR H 65 48.87 -54.20 -35.60
CA TYR H 65 49.23 -54.96 -34.41
C TYR H 65 49.65 -54.03 -33.29
N SER H 66 49.10 -54.27 -32.10
CA SER H 66 49.53 -53.59 -30.88
C SER H 66 50.81 -54.24 -30.36
N LYS H 67 51.56 -53.49 -29.57
CA LYS H 67 52.72 -54.07 -28.91
C LYS H 67 52.27 -55.13 -27.90
N GLY H 68 53.08 -56.18 -27.77
CA GLY H 68 52.87 -57.16 -26.73
C GLY H 68 53.66 -56.84 -25.49
N LYS H 69 53.39 -57.60 -24.43
CA LYS H 69 53.90 -57.25 -23.10
C LYS H 69 54.33 -58.51 -22.37
N ASN H 70 55.59 -58.56 -21.94
CA ASN H 70 56.09 -59.70 -21.17
C ASN H 70 56.59 -59.17 -19.82
N GLU H 71 55.91 -59.58 -18.73
CA GLU H 71 56.25 -59.12 -17.39
C GLU H 71 56.93 -60.22 -16.60
N VAL H 72 57.78 -59.79 -15.68
CA VAL H 72 58.26 -60.62 -14.58
C VAL H 72 58.14 -59.81 -13.30
N VAL H 73 57.72 -60.47 -12.22
CA VAL H 73 57.60 -59.86 -10.91
C VAL H 73 58.33 -60.76 -9.92
N PHE H 74 59.44 -60.30 -9.39
CA PHE H 74 60.20 -61.02 -8.38
C PHE H 74 59.90 -60.40 -7.03
N VAL H 75 59.67 -61.24 -6.04
CA VAL H 75 59.13 -60.80 -4.76
C VAL H 75 59.92 -61.44 -3.62
N ILE H 76 60.41 -60.59 -2.72
CA ILE H 76 60.94 -60.98 -1.41
C ILE H 76 59.89 -60.65 -0.37
N PRO H 77 59.16 -61.63 0.15
CA PRO H 77 58.28 -61.34 1.30
C PRO H 77 59.08 -61.29 2.59
N MET H 78 58.74 -60.31 3.43
CA MET H 78 59.42 -60.15 4.72
C MET H 78 58.38 -59.92 5.81
N SER H 79 58.66 -60.51 6.97
CA SER H 79 57.79 -60.39 8.14
C SER H 79 58.22 -59.17 8.95
N LEU H 80 57.30 -58.22 9.11
CA LEU H 80 57.62 -57.03 9.85
C LEU H 80 57.64 -57.31 11.36
N ASP H 81 58.19 -56.36 12.09
CA ASP H 81 58.11 -56.40 13.55
C ASP H 81 56.66 -56.40 14.01
N SER H 82 55.79 -55.72 13.27
CA SER H 82 54.36 -55.64 13.55
C SER H 82 53.63 -56.97 13.41
N GLY H 83 54.28 -58.00 12.86
CA GLY H 83 53.64 -59.24 12.51
C GLY H 83 53.08 -59.27 11.11
N GLU H 84 52.65 -58.13 10.58
CA GLU H 84 52.17 -58.07 9.21
C GLU H 84 53.33 -58.28 8.24
N THR H 85 53.18 -59.24 7.33
CA THR H 85 54.21 -59.54 6.34
C THR H 85 53.87 -58.80 5.05
N VAL H 86 54.88 -58.21 4.42
CA VAL H 86 54.73 -57.41 3.21
C VAL H 86 55.71 -57.88 2.16
N PHE H 87 55.65 -57.27 0.98
CA PHE H 87 56.34 -57.76 -0.21
C PHE H 87 57.25 -56.69 -0.80
N ASN H 88 58.52 -57.04 -1.01
CA ASN H 88 59.47 -56.22 -1.75
C ASN H 88 59.50 -56.70 -3.19
N SER H 89 59.23 -55.81 -4.13
CA SER H 89 58.86 -56.22 -5.48
C SER H 89 59.75 -55.52 -6.50
N VAL H 90 60.51 -56.30 -7.26
CA VAL H 90 61.11 -55.79 -8.49
C VAL H 90 60.29 -56.31 -9.66
N ARG H 91 59.78 -55.39 -10.49
CA ARG H 91 58.94 -55.73 -11.63
C ARG H 91 59.60 -55.22 -12.90
N ILE H 92 59.70 -56.08 -13.91
CA ILE H 92 60.30 -55.71 -15.19
C ILE H 92 59.34 -56.14 -16.29
N ALA H 93 58.82 -55.16 -17.02
CA ALA H 93 57.87 -55.37 -18.09
C ALA H 93 58.48 -54.87 -19.40
N LEU H 94 58.41 -55.69 -20.43
CA LEU H 94 59.01 -55.36 -21.72
C LEU H 94 57.92 -55.40 -22.78
N GLU H 95 57.60 -54.23 -23.32
CA GLU H 95 56.54 -54.04 -24.30
C GLU H 95 57.16 -53.78 -25.66
N ILE H 96 56.91 -54.68 -26.61
CA ILE H 96 57.56 -54.65 -27.91
C ILE H 96 56.52 -54.82 -29.01
N HIS H 97 56.62 -53.97 -30.04
CA HIS H 97 55.88 -54.19 -31.27
C HIS H 97 56.64 -55.19 -32.15
N PRO H 98 55.94 -56.11 -32.81
CA PRO H 98 56.62 -57.21 -33.52
C PRO H 98 57.55 -56.74 -34.62
N ALA H 99 57.39 -55.51 -35.13
CA ALA H 99 58.20 -55.02 -36.22
C ALA H 99 59.56 -54.51 -35.79
N LEU H 100 59.86 -54.49 -34.49
CA LEU H 100 61.18 -54.08 -34.05
C LEU H 100 62.21 -55.17 -34.34
N ALA H 101 63.45 -54.74 -34.60
CA ALA H 101 64.51 -55.68 -34.94
C ALA H 101 64.81 -56.61 -33.77
N SER H 102 65.04 -57.89 -34.11
CA SER H 102 65.37 -58.89 -33.11
C SER H 102 66.59 -58.46 -32.29
N ALA H 103 67.51 -57.71 -32.91
CA ALA H 103 68.69 -57.23 -32.21
C ALA H 103 68.35 -56.08 -31.27
N SER H 104 67.45 -55.18 -31.67
CA SER H 104 67.06 -54.09 -30.79
C SER H 104 66.28 -54.59 -29.58
N VAL H 105 65.56 -55.70 -29.72
CA VAL H 105 64.87 -56.27 -28.56
C VAL H 105 65.88 -56.65 -27.48
N LYS H 106 66.93 -57.37 -27.86
CA LYS H 106 67.94 -57.77 -26.89
C LYS H 106 68.77 -56.58 -26.40
N ASP H 107 69.05 -55.61 -27.28
CA ASP H 107 69.67 -54.38 -26.80
C ASP H 107 68.81 -53.74 -25.71
N LEU H 108 67.48 -53.81 -25.86
CA LEU H 108 66.58 -53.19 -24.89
C LEU H 108 66.62 -53.94 -23.56
N ARG H 109 66.63 -55.28 -23.61
CA ARG H 109 66.82 -56.08 -22.40
C ARG H 109 68.10 -55.69 -21.65
N LEU H 110 69.21 -55.62 -22.39
CA LEU H 110 70.49 -55.34 -21.75
C LEU H 110 70.56 -53.90 -21.24
N ILE H 111 69.93 -52.96 -21.95
CA ILE H 111 70.01 -51.58 -21.50
C ILE H 111 69.18 -51.38 -20.24
N GLY H 112 68.04 -52.09 -20.14
CA GLY H 112 67.31 -52.08 -18.89
C GLY H 112 68.11 -52.69 -17.74
N ALA H 113 68.78 -53.81 -18.02
CA ALA H 113 69.62 -54.42 -16.98
C ALA H 113 70.70 -53.45 -16.50
N GLN H 114 71.32 -52.71 -17.43
CA GLN H 114 72.33 -51.75 -17.00
C GLN H 114 71.69 -50.66 -16.14
N LEU H 115 70.53 -50.15 -16.57
CA LEU H 115 69.83 -49.15 -15.76
C LEU H 115 69.60 -49.65 -14.33
N LEU H 116 69.31 -50.94 -14.16
CA LEU H 116 69.24 -51.48 -12.79
C LEU H 116 70.59 -51.49 -12.09
N THR H 117 71.62 -52.05 -12.72
CA THR H 117 72.79 -52.46 -11.95
C THR H 117 73.96 -51.48 -11.97
N ASP H 118 73.93 -50.45 -12.81
CA ASP H 118 75.08 -49.56 -12.89
C ASP H 118 75.19 -48.70 -11.64
N ALA H 119 76.42 -48.26 -11.36
CA ALA H 119 76.66 -47.50 -10.14
C ALA H 119 76.11 -46.08 -10.25
N ASP H 120 76.10 -45.52 -11.46
CA ASP H 120 75.54 -44.18 -11.70
C ASP H 120 74.13 -44.04 -11.12
N TYR H 121 73.38 -45.13 -11.05
CA TYR H 121 71.99 -45.09 -10.65
C TYR H 121 71.78 -45.54 -9.21
N ASP H 122 72.87 -45.87 -8.48
CA ASP H 122 72.76 -46.29 -7.10
C ASP H 122 71.96 -45.29 -6.27
N SER H 123 72.30 -44.01 -6.39
CA SER H 123 71.60 -42.99 -5.61
C SER H 123 70.11 -43.00 -5.92
N PHE H 124 69.75 -43.02 -7.21
CA PHE H 124 68.34 -43.07 -7.61
C PHE H 124 67.62 -44.24 -6.97
N TRP H 125 68.08 -45.46 -7.27
CA TRP H 125 67.36 -46.64 -6.82
C TRP H 125 67.25 -46.69 -5.31
N THR H 126 68.39 -46.56 -4.62
CA THR H 126 68.39 -46.77 -3.17
C THR H 126 67.67 -45.64 -2.44
N LEU H 127 68.12 -44.40 -2.65
CA LEU H 127 67.65 -43.26 -1.87
C LEU H 127 66.39 -42.63 -2.44
N GLY H 128 66.08 -42.88 -3.72
CA GLY H 128 65.03 -42.19 -4.41
C GLY H 128 65.44 -40.86 -5.01
N ALA H 129 66.73 -40.59 -5.10
CA ALA H 129 67.19 -39.26 -5.47
C ALA H 129 66.99 -39.00 -6.95
N LEU H 130 66.28 -37.93 -7.28
CA LEU H 130 66.16 -37.51 -8.66
C LEU H 130 67.41 -36.74 -9.08
N ALA H 131 67.52 -36.50 -10.39
CA ALA H 131 68.64 -35.76 -10.98
C ALA H 131 70.00 -36.39 -10.74
N SER I 1 70.57 2.08 -40.01
CA SER I 1 71.53 1.19 -39.35
C SER I 1 70.98 -0.23 -39.24
N ILE I 2 69.67 -0.38 -39.02
CA ILE I 2 69.06 -1.71 -39.11
C ILE I 2 69.01 -2.16 -40.56
N ILE I 3 68.57 -1.27 -41.45
CA ILE I 3 68.55 -1.58 -42.87
C ILE I 3 69.98 -1.57 -43.39
N GLY I 4 70.41 -2.70 -43.95
CA GLY I 4 71.75 -2.82 -44.46
C GLY I 4 72.76 -3.40 -43.48
N SER I 5 72.35 -3.67 -42.24
CA SER I 5 73.26 -4.25 -41.26
C SER I 5 73.72 -5.63 -41.73
N SER I 6 74.93 -6.00 -41.30
CA SER I 6 75.53 -7.28 -41.65
C SER I 6 75.89 -8.02 -40.36
N ILE I 7 75.56 -9.31 -40.32
CA ILE I 7 75.80 -10.14 -39.15
C ILE I 7 76.21 -11.54 -39.61
N LYS I 8 77.04 -12.20 -38.81
CA LYS I 8 77.63 -13.48 -39.19
C LYS I 8 76.64 -14.62 -38.97
N THR I 9 76.45 -15.46 -39.99
CA THR I 9 75.75 -16.72 -39.82
C THR I 9 76.74 -17.86 -39.94
N GLY I 10 76.32 -19.04 -39.46
CA GLY I 10 77.22 -20.16 -39.38
C GLY I 10 78.47 -19.87 -38.57
N ALA I 11 78.33 -19.10 -37.49
CA ALA I 11 79.47 -18.76 -36.67
C ALA I 11 79.89 -19.93 -35.80
N THR I 12 81.20 -20.04 -35.58
CA THR I 12 81.71 -21.10 -34.71
C THR I 12 81.27 -20.90 -33.26
N SER I 13 81.59 -19.74 -32.69
CA SER I 13 81.16 -19.45 -31.32
C SER I 13 81.24 -17.96 -31.05
N ALA I 14 80.51 -17.52 -30.03
CA ALA I 14 80.50 -16.13 -29.62
C ALA I 14 81.17 -15.99 -28.26
N SER I 15 81.75 -14.82 -28.02
CA SER I 15 82.48 -14.57 -26.79
C SER I 15 82.24 -13.13 -26.38
N ILE I 16 82.73 -12.78 -25.18
CA ILE I 16 82.48 -11.45 -24.66
C ILE I 16 83.68 -10.96 -23.87
N THR I 17 84.29 -9.87 -24.34
CA THR I 17 85.38 -9.21 -23.62
C THR I 17 84.76 -8.32 -22.55
N GLY I 18 84.85 -8.76 -21.30
CA GLY I 18 84.08 -8.10 -20.27
C GLY I 18 84.68 -8.05 -18.87
N GLY I 19 83.88 -7.56 -17.92
CA GLY I 19 84.34 -7.31 -16.58
C GLY I 19 84.12 -8.43 -15.59
N SER I 20 83.42 -8.13 -14.50
CA SER I 20 83.35 -9.02 -13.35
C SER I 20 82.37 -10.17 -13.59
N ASP I 21 82.55 -11.24 -12.83
CA ASP I 21 81.68 -12.40 -12.88
C ASP I 21 80.39 -12.15 -12.10
N ILE I 22 79.40 -12.98 -12.40
CA ILE I 22 78.17 -13.02 -11.61
C ILE I 22 77.70 -14.47 -11.61
N THR I 23 77.17 -14.93 -10.47
CA THR I 23 76.81 -16.33 -10.33
C THR I 23 75.35 -16.47 -9.91
N PHE I 24 74.72 -17.53 -10.41
CA PHE I 24 73.32 -17.82 -10.15
C PHE I 24 73.18 -18.93 -9.12
N ALA I 25 72.15 -18.82 -8.29
CA ALA I 25 71.77 -19.93 -7.42
C ALA I 25 70.26 -20.05 -7.43
N LEU I 26 69.77 -21.25 -7.16
CA LEU I 26 68.34 -21.53 -7.28
C LEU I 26 67.53 -20.77 -6.23
N THR I 27 66.52 -20.05 -6.70
CA THR I 27 65.78 -19.12 -5.83
C THR I 27 64.87 -19.87 -4.86
N GLY I 28 64.17 -20.88 -5.34
CA GLY I 28 63.07 -21.44 -4.57
C GLY I 28 61.77 -20.69 -4.72
N GLN I 29 61.69 -19.77 -5.67
CA GLN I 29 60.39 -19.24 -6.08
C GLN I 29 59.74 -20.24 -7.00
N THR I 30 58.52 -20.65 -6.66
CA THR I 30 57.83 -21.66 -7.45
C THR I 30 57.43 -21.04 -8.78
N VAL I 31 57.87 -21.66 -9.88
CA VAL I 31 57.56 -21.19 -11.23
C VAL I 31 57.03 -22.36 -12.05
N THR I 32 55.86 -22.16 -12.65
CA THR I 32 55.22 -23.21 -13.45
C THR I 32 56.05 -23.51 -14.69
N ASN I 33 56.35 -24.79 -14.90
CA ASN I 33 57.19 -25.26 -16.01
C ASN I 33 58.55 -24.58 -16.02
N GLY I 34 58.97 -24.01 -14.90
CA GLY I 34 60.13 -23.15 -14.95
C GLY I 34 60.96 -23.14 -13.68
N LEU I 35 61.94 -22.25 -13.70
CA LEU I 35 63.00 -22.18 -12.70
C LEU I 35 63.29 -20.71 -12.43
N ASN I 36 63.67 -20.39 -11.20
CA ASN I 36 64.15 -19.06 -10.88
C ASN I 36 65.52 -19.19 -10.24
N VAL I 37 66.52 -18.56 -10.83
CA VAL I 37 67.85 -18.45 -10.24
C VAL I 37 68.18 -16.97 -10.10
N SER I 38 68.56 -16.55 -8.90
CA SER I 38 68.92 -15.15 -8.72
C SER I 38 70.42 -15.04 -8.47
N VAL I 39 70.86 -13.79 -8.40
CA VAL I 39 72.27 -13.47 -8.27
C VAL I 39 72.69 -13.61 -6.81
N SER I 40 73.58 -14.57 -6.55
CA SER I 40 74.12 -14.78 -5.22
C SER I 40 75.11 -13.70 -4.81
N GLU I 41 75.32 -12.70 -5.67
CA GLU I 41 76.39 -11.72 -5.45
C GLU I 41 75.87 -10.32 -5.15
N ASP I 42 74.63 -10.02 -5.53
CA ASP I 42 73.97 -8.81 -5.08
C ASP I 42 73.40 -9.04 -3.68
N THR I 43 73.61 -8.06 -2.80
CA THR I 43 73.42 -8.29 -1.37
C THR I 43 72.02 -7.97 -0.87
N ASP I 44 71.25 -7.17 -1.62
CA ASP I 44 69.90 -6.76 -1.19
C ASP I 44 68.90 -7.38 -2.15
N TYR I 45 68.05 -8.27 -1.62
CA TYR I 45 67.02 -8.92 -2.44
C TYR I 45 66.19 -7.89 -3.19
N ARG I 46 65.87 -6.78 -2.54
CA ARG I 46 65.09 -5.72 -3.13
C ARG I 46 65.60 -5.33 -4.51
N THR I 47 66.92 -5.45 -4.74
CA THR I 47 67.54 -5.15 -6.02
C THR I 47 68.38 -6.31 -6.56
N ARG I 48 68.11 -7.55 -6.18
CA ARG I 48 68.84 -8.69 -6.74
C ARG I 48 68.33 -9.02 -8.13
N ARG I 49 69.21 -8.85 -9.12
CA ARG I 49 68.98 -9.34 -10.46
C ARG I 49 68.60 -10.82 -10.42
N ASN I 50 67.57 -11.20 -11.17
CA ASN I 50 67.25 -12.62 -11.23
C ASN I 50 66.75 -13.00 -12.61
N ALA I 51 66.91 -14.29 -12.94
CA ALA I 51 66.53 -14.84 -14.22
C ALA I 51 65.57 -16.00 -14.01
N THR I 52 64.62 -16.12 -14.93
CA THR I 52 63.60 -17.15 -14.89
C THR I 52 63.60 -17.89 -16.21
N PHE I 53 63.64 -19.22 -16.13
CA PHE I 53 63.79 -20.12 -17.27
C PHE I 53 62.52 -20.95 -17.40
N LYS I 54 61.80 -20.78 -18.51
CA LYS I 54 60.64 -21.60 -18.79
C LYS I 54 60.91 -22.47 -20.02
N SER I 55 60.27 -23.64 -20.04
CA SER I 55 60.53 -24.62 -21.09
C SER I 55 59.26 -25.40 -21.39
N ARG I 56 58.91 -25.47 -22.68
CA ARG I 56 57.89 -26.38 -23.17
C ARG I 56 58.42 -27.16 -24.36
N VAL I 57 58.29 -28.48 -24.27
CA VAL I 57 58.83 -29.48 -25.21
C VAL I 57 57.84 -29.62 -26.37
N PRO I 58 58.28 -30.01 -27.56
CA PRO I 58 57.34 -30.23 -28.67
C PRO I 58 56.27 -31.26 -28.34
N THR I 59 55.03 -30.90 -28.65
CA THR I 59 53.86 -31.75 -28.43
C THR I 59 53.44 -32.37 -29.76
N VAL I 60 53.07 -33.65 -29.71
CA VAL I 60 52.72 -34.42 -30.90
C VAL I 60 51.21 -34.63 -30.98
N VAL I 61 50.62 -34.25 -32.11
CA VAL I 61 49.20 -34.48 -32.40
C VAL I 61 49.14 -35.45 -33.58
N ASN I 62 48.85 -36.72 -33.27
CA ASN I 62 48.65 -37.79 -34.26
C ASN I 62 49.76 -37.78 -35.32
N GLY I 63 51.00 -37.70 -34.85
CA GLY I 63 52.16 -37.77 -35.71
C GLY I 63 52.77 -36.44 -36.11
N ASN I 64 52.06 -35.32 -35.89
CA ASN I 64 52.56 -34.00 -36.28
C ASN I 64 53.11 -33.27 -35.06
N TYR I 65 54.35 -32.80 -35.16
CA TYR I 65 55.00 -32.14 -34.03
C TYR I 65 54.76 -30.63 -34.05
N SER I 66 54.71 -30.05 -32.85
CA SER I 66 54.55 -28.62 -32.67
C SER I 66 55.87 -28.02 -32.22
N LYS I 67 56.20 -26.86 -32.78
CA LYS I 67 57.41 -26.15 -32.37
C LYS I 67 57.37 -25.83 -30.87
N GLY I 68 58.44 -26.21 -30.16
CA GLY I 68 58.54 -25.96 -28.75
C GLY I 68 59.17 -24.61 -28.44
N LYS I 69 59.14 -24.25 -27.15
CA LYS I 69 59.41 -22.88 -26.73
C LYS I 69 60.28 -22.86 -25.48
N ASN I 70 61.44 -22.20 -25.56
CA ASN I 70 62.33 -22.05 -24.41
C ASN I 70 62.49 -20.56 -24.13
N GLU I 71 61.91 -20.08 -23.02
CA GLU I 71 61.99 -18.69 -22.63
C GLU I 71 63.00 -18.47 -21.51
N VAL I 72 63.63 -17.29 -21.53
CA VAL I 72 64.41 -16.78 -20.42
C VAL I 72 64.03 -15.33 -20.24
N VAL I 73 63.90 -14.91 -18.97
CA VAL I 73 63.70 -13.51 -18.67
C VAL I 73 64.67 -13.11 -17.56
N PHE I 74 65.37 -12.00 -17.78
CA PHE I 74 66.38 -11.50 -16.86
C PHE I 74 65.93 -10.12 -16.40
N VAL I 75 66.01 -9.88 -15.10
CA VAL I 75 65.37 -8.72 -14.49
C VAL I 75 66.36 -8.00 -13.58
N ILE I 76 66.47 -6.69 -13.80
CA ILE I 76 67.09 -5.75 -12.87
C ILE I 76 65.95 -5.00 -12.16
N PRO I 77 65.69 -5.27 -10.90
CA PRO I 77 64.68 -4.46 -10.18
C PRO I 77 65.28 -3.16 -9.70
N MET I 78 64.50 -2.08 -9.83
CA MET I 78 64.91 -0.80 -9.30
C MET I 78 63.71 -0.09 -8.69
N SER I 79 63.93 0.56 -7.56
CA SER I 79 62.89 1.35 -6.93
C SER I 79 62.92 2.77 -7.50
N LEU I 80 61.75 3.29 -7.85
CA LEU I 80 61.63 4.61 -8.44
C LEU I 80 61.57 5.68 -7.37
N ASP I 81 61.70 6.93 -7.82
CA ASP I 81 61.41 8.07 -6.93
C ASP I 81 59.97 8.02 -6.42
N SER I 82 59.09 7.32 -7.15
CA SER I 82 57.72 7.09 -6.72
C SER I 82 57.63 6.13 -5.53
N GLY I 83 58.72 5.48 -5.17
CA GLY I 83 58.67 4.42 -4.17
C GLY I 83 58.32 3.08 -4.79
N GLU I 84 57.43 3.13 -5.78
CA GLU I 84 57.11 1.96 -6.60
C GLU I 84 58.38 1.33 -7.15
N THR I 85 58.47 0.01 -7.07
CA THR I 85 59.61 -0.74 -7.60
C THR I 85 59.20 -1.39 -8.91
N VAL I 86 59.98 -1.12 -9.96
CA VAL I 86 59.70 -1.61 -11.31
C VAL I 86 60.83 -2.55 -11.74
N PHE I 87 60.47 -3.50 -12.60
CA PHE I 87 61.38 -4.53 -13.08
C PHE I 87 61.84 -4.20 -14.49
N ASN I 88 63.15 -4.18 -14.72
CA ASN I 88 63.74 -3.90 -16.02
C ASN I 88 64.13 -5.22 -16.69
N SER I 89 63.55 -5.48 -17.86
CA SER I 89 63.46 -6.83 -18.39
C SER I 89 64.21 -6.97 -19.70
N VAL I 90 64.87 -8.11 -19.86
CA VAL I 90 65.26 -8.62 -21.18
C VAL I 90 64.76 -10.05 -21.28
N ARG I 91 64.03 -10.35 -22.34
CA ARG I 91 63.37 -11.64 -22.51
C ARG I 91 63.76 -12.24 -23.85
N ILE I 92 64.24 -13.48 -23.82
CA ILE I 92 64.69 -14.17 -25.02
C ILE I 92 63.97 -15.51 -25.10
N ALA I 93 63.19 -15.69 -26.16
CA ALA I 93 62.36 -16.86 -26.36
C ALA I 93 62.75 -17.51 -27.69
N LEU I 94 63.13 -18.78 -27.64
CA LEU I 94 63.55 -19.50 -28.84
C LEU I 94 62.57 -20.64 -29.11
N GLU I 95 61.90 -20.58 -30.26
CA GLU I 95 60.85 -21.52 -30.64
C GLU I 95 61.35 -22.33 -31.83
N ILE I 96 61.51 -23.63 -31.63
CA ILE I 96 62.14 -24.51 -32.60
C ILE I 96 61.24 -25.70 -32.90
N HIS I 97 61.10 -26.01 -34.19
CA HIS I 97 60.47 -27.27 -34.59
C HIS I 97 61.50 -28.39 -34.58
N PRO I 98 61.12 -29.60 -34.15
CA PRO I 98 62.11 -30.68 -34.02
C PRO I 98 62.86 -31.00 -35.30
N ALA I 99 62.28 -30.69 -36.46
CA ALA I 99 62.89 -31.06 -37.73
C ALA I 99 64.05 -30.14 -38.13
N LEU I 100 64.27 -29.04 -37.43
CA LEU I 100 65.31 -28.09 -37.81
C LEU I 100 66.69 -28.69 -37.61
N ALA I 101 67.64 -28.23 -38.42
CA ALA I 101 69.01 -28.70 -38.32
C ALA I 101 69.61 -28.34 -36.96
N SER I 102 70.30 -29.33 -36.38
CA SER I 102 70.96 -29.12 -35.09
C SER I 102 71.86 -27.89 -35.12
N ALA I 103 72.58 -27.67 -36.22
CA ALA I 103 73.47 -26.52 -36.32
C ALA I 103 72.70 -25.22 -36.58
N SER I 104 71.56 -25.29 -37.27
CA SER I 104 70.73 -24.10 -37.43
C SER I 104 70.16 -23.64 -36.10
N VAL I 105 69.93 -24.56 -35.16
CA VAL I 105 69.50 -24.14 -33.82
C VAL I 105 70.53 -23.21 -33.18
N LYS I 106 71.78 -23.65 -33.13
CA LYS I 106 72.81 -22.81 -32.53
C LYS I 106 73.10 -21.57 -33.39
N ASP I 107 72.91 -21.66 -34.71
CA ASP I 107 73.03 -20.45 -35.51
C ASP I 107 71.97 -19.43 -35.13
N LEU I 108 70.75 -19.88 -34.80
CA LEU I 108 69.73 -18.96 -34.32
C LEU I 108 70.13 -18.32 -32.99
N ARG I 109 70.65 -19.12 -32.06
CA ARG I 109 71.13 -18.55 -30.80
C ARG I 109 72.16 -17.44 -31.06
N LEU I 110 73.14 -17.73 -31.92
CA LEU I 110 74.22 -16.78 -32.16
C LEU I 110 73.74 -15.55 -32.93
N ILE I 111 72.82 -15.73 -33.88
CA ILE I 111 72.36 -14.60 -34.66
C ILE I 111 71.45 -13.70 -33.82
N GLY I 112 70.65 -14.30 -32.93
CA GLY I 112 69.92 -13.50 -31.97
C GLY I 112 70.84 -12.69 -31.08
N ALA I 113 71.92 -13.32 -30.59
CA ALA I 113 72.85 -12.59 -29.74
C ALA I 113 73.50 -11.43 -30.49
N GLN I 114 73.85 -11.65 -31.76
CA GLN I 114 74.42 -10.55 -32.53
C GLN I 114 73.41 -9.41 -32.69
N LEU I 115 72.13 -9.76 -32.85
CA LEU I 115 71.12 -8.72 -32.99
C LEU I 115 71.01 -7.86 -31.73
N LEU I 116 71.37 -8.39 -30.55
CA LEU I 116 71.48 -7.55 -29.36
C LEU I 116 72.78 -6.77 -29.31
N THR I 117 73.91 -7.40 -29.63
CA THR I 117 75.20 -6.83 -29.25
C THR I 117 76.02 -6.26 -30.40
N ASP I 118 75.44 -6.10 -31.59
CA ASP I 118 76.17 -5.40 -32.63
C ASP I 118 75.89 -3.91 -32.57
N ALA I 119 76.88 -3.12 -33.00
CA ALA I 119 76.76 -1.68 -32.95
C ALA I 119 75.66 -1.17 -33.86
N ASP I 120 75.46 -1.85 -35.00
CA ASP I 120 74.46 -1.43 -35.97
C ASP I 120 73.09 -1.22 -35.34
N TYR I 121 72.81 -1.91 -34.23
CA TYR I 121 71.49 -1.88 -33.63
C TYR I 121 71.44 -1.01 -32.38
N ASP I 122 72.57 -0.44 -31.96
CA ASP I 122 72.61 0.38 -30.74
C ASP I 122 71.50 1.41 -30.73
N SER I 123 71.31 2.11 -31.85
CA SER I 123 70.29 3.14 -31.91
C SER I 123 68.90 2.53 -31.67
N PHE I 124 68.60 1.41 -32.33
CA PHE I 124 67.34 0.71 -32.13
C PHE I 124 67.11 0.37 -30.67
N TRP I 125 68.03 -0.39 -30.07
CA TRP I 125 67.80 -0.88 -28.71
C TRP I 125 67.69 0.28 -27.73
N THR I 126 68.67 1.18 -27.71
CA THR I 126 68.67 2.24 -26.71
C THR I 126 67.48 3.18 -26.89
N LEU I 127 67.35 3.77 -28.07
CA LEU I 127 66.35 4.82 -28.26
C LEU I 127 65.00 4.29 -28.74
N GLY I 128 65.00 3.29 -29.61
CA GLY I 128 63.79 2.81 -30.25
C GLY I 128 63.70 3.16 -31.72
N ALA I 129 64.81 3.52 -32.35
CA ALA I 129 64.87 3.93 -33.74
C ALA I 129 64.46 2.78 -34.67
N LEU I 130 63.76 3.12 -35.74
CA LEU I 130 63.18 2.15 -36.64
C LEU I 130 63.78 2.17 -38.05
N ALA I 131 64.91 2.84 -38.24
CA ALA I 131 65.56 2.85 -39.57
C ALA I 131 66.70 1.83 -39.63
N SER J 1 69.58 -0.45 -54.17
CA SER J 1 70.35 0.60 -54.83
C SER J 1 69.45 1.52 -55.66
N ILE J 2 68.23 1.75 -55.17
CA ILE J 2 67.28 2.61 -55.88
C ILE J 2 67.63 4.08 -55.68
N ILE J 3 67.79 4.49 -54.41
CA ILE J 3 68.10 5.88 -54.10
C ILE J 3 69.48 6.20 -54.63
N GLY J 4 69.56 7.13 -55.57
CA GLY J 4 70.83 7.52 -56.15
C GLY J 4 71.18 6.80 -57.44
N SER J 5 70.33 5.92 -57.94
CA SER J 5 70.62 5.26 -59.19
C SER J 5 70.66 6.27 -60.34
N SER J 6 71.39 5.92 -61.40
CA SER J 6 71.60 6.80 -62.53
C SER J 6 71.25 6.04 -63.81
N ILE J 7 70.43 6.65 -64.67
CA ILE J 7 70.06 6.10 -65.96
C ILE J 7 70.08 7.20 -67.01
N LYS J 8 69.89 6.81 -68.27
CA LYS J 8 70.11 7.69 -69.42
C LYS J 8 68.77 8.15 -69.99
N THR J 9 68.61 9.46 -70.15
CA THR J 9 67.49 10.02 -70.88
C THR J 9 67.94 10.50 -72.25
N GLY J 10 67.00 10.51 -73.20
CA GLY J 10 67.35 10.84 -74.57
C GLY J 10 68.41 9.93 -75.13
N ALA J 11 68.32 8.63 -74.87
CA ALA J 11 69.26 7.69 -75.44
C ALA J 11 69.00 7.52 -76.93
N THR J 12 70.09 7.40 -77.70
CA THR J 12 69.94 7.15 -79.13
C THR J 12 69.20 5.85 -79.40
N SER J 13 69.63 4.75 -78.75
CA SER J 13 68.90 3.49 -78.86
C SER J 13 69.33 2.56 -77.73
N ALA J 14 68.65 1.41 -77.64
CA ALA J 14 69.02 0.36 -76.71
C ALA J 14 69.20 -0.93 -77.49
N SER J 15 70.04 -1.81 -76.95
CA SER J 15 70.42 -3.02 -77.65
C SER J 15 70.67 -4.12 -76.63
N ILE J 16 70.93 -5.33 -77.12
CA ILE J 16 71.01 -6.49 -76.24
C ILE J 16 72.08 -7.46 -76.76
N THR J 17 73.01 -7.82 -75.88
CA THR J 17 74.01 -8.84 -76.17
C THR J 17 73.50 -10.15 -75.56
N GLY J 18 73.04 -11.06 -76.41
CA GLY J 18 72.34 -12.21 -75.88
C GLY J 18 72.26 -13.37 -76.85
N GLY J 19 71.61 -14.43 -76.38
CA GLY J 19 71.66 -15.74 -77.01
C GLY J 19 70.64 -16.00 -78.10
N SER J 20 69.86 -17.06 -77.94
CA SER J 20 69.09 -17.61 -79.06
C SER J 20 67.85 -16.76 -79.36
N ASP J 21 67.41 -16.83 -80.62
CA ASP J 21 66.21 -16.14 -81.05
C ASP J 21 64.96 -16.86 -80.57
N ILE J 22 63.88 -16.10 -80.47
CA ILE J 22 62.54 -16.64 -80.29
C ILE J 22 61.63 -15.89 -81.24
N THR J 23 60.74 -16.62 -81.90
CA THR J 23 59.89 -16.10 -82.95
C THR J 23 58.43 -16.23 -82.54
N PHE J 24 57.65 -15.19 -82.83
CA PHE J 24 56.24 -15.09 -82.48
C PHE J 24 55.37 -15.46 -83.68
N ALA J 25 54.14 -15.87 -83.37
CA ALA J 25 53.12 -16.14 -84.38
C ALA J 25 51.77 -15.99 -83.71
N LEU J 26 50.76 -15.66 -84.51
CA LEU J 26 49.47 -15.30 -83.97
C LEU J 26 48.76 -16.53 -83.39
N THR J 27 48.11 -16.34 -82.24
CA THR J 27 47.50 -17.42 -81.46
C THR J 27 46.00 -17.58 -81.73
N GLY J 28 45.26 -16.49 -81.80
CA GLY J 28 43.83 -16.59 -81.93
C GLY J 28 43.09 -16.75 -80.61
N GLN J 29 43.79 -16.74 -79.48
CA GLN J 29 43.11 -16.56 -78.22
C GLN J 29 42.44 -15.20 -78.21
N THR J 30 41.13 -15.20 -77.98
CA THR J 30 40.35 -13.98 -78.08
C THR J 30 40.78 -12.97 -77.02
N VAL J 31 41.18 -11.78 -77.47
CA VAL J 31 41.65 -10.70 -76.59
C VAL J 31 41.02 -9.39 -77.06
N THR J 32 40.28 -8.73 -76.17
CA THR J 32 39.53 -7.54 -76.54
C THR J 32 40.45 -6.36 -76.77
N ASN J 33 40.33 -5.72 -77.93
CA ASN J 33 41.21 -4.63 -78.37
C ASN J 33 42.67 -5.07 -78.36
N GLY J 34 42.90 -6.38 -78.55
CA GLY J 34 44.23 -6.90 -78.39
C GLY J 34 44.60 -8.06 -79.29
N LEU J 35 45.65 -8.78 -78.92
CA LEU J 35 46.30 -9.72 -79.82
C LEU J 35 47.16 -10.67 -79.00
N ASN J 36 47.00 -11.97 -79.20
CA ASN J 36 47.83 -12.99 -78.56
C ASN J 36 48.79 -13.57 -79.59
N VAL J 37 50.09 -13.44 -79.34
CA VAL J 37 51.10 -14.14 -80.13
C VAL J 37 51.90 -15.04 -79.21
N SER J 38 52.01 -16.31 -79.56
CA SER J 38 52.85 -17.22 -78.79
C SER J 38 54.06 -17.58 -79.61
N VAL J 39 55.00 -18.25 -78.98
CA VAL J 39 56.21 -18.65 -79.67
C VAL J 39 55.90 -19.92 -80.46
N SER J 40 56.39 -20.00 -81.68
CA SER J 40 56.31 -21.26 -82.39
C SER J 40 57.52 -22.13 -82.09
N GLU J 41 58.38 -21.71 -81.18
CA GLU J 41 59.63 -22.40 -80.92
C GLU J 41 59.56 -23.28 -79.68
N ASP J 42 58.67 -22.98 -78.75
CA ASP J 42 58.36 -23.92 -77.69
C ASP J 42 57.29 -24.89 -78.18
N THR J 43 57.42 -26.15 -77.76
CA THR J 43 56.62 -27.22 -78.33
C THR J 43 55.44 -27.65 -77.47
N ASP J 44 55.57 -27.62 -76.14
CA ASP J 44 54.51 -28.07 -75.24
C ASP J 44 53.51 -26.94 -75.01
N TYR J 45 52.24 -27.21 -75.27
CA TYR J 45 51.22 -26.16 -75.16
C TYR J 45 51.08 -25.69 -73.71
N ARG J 46 51.18 -26.62 -72.75
CA ARG J 46 51.17 -26.27 -71.33
C ARG J 46 52.17 -25.15 -71.02
N THR J 47 53.44 -25.36 -71.36
CA THR J 47 54.50 -24.46 -70.94
C THR J 47 54.96 -23.53 -72.06
N ARG J 48 54.13 -23.29 -73.08
CA ARG J 48 54.55 -22.49 -74.22
C ARG J 48 54.37 -21.01 -73.91
N ARG J 49 55.48 -20.27 -73.97
CA ARG J 49 55.51 -18.87 -73.63
C ARG J 49 54.65 -18.05 -74.59
N ASN J 50 53.86 -17.11 -74.04
CA ASN J 50 53.04 -16.31 -74.93
C ASN J 50 52.89 -14.87 -74.43
N ALA J 51 52.70 -13.97 -75.37
CA ALA J 51 52.53 -12.55 -75.06
C ALA J 51 51.20 -12.07 -75.60
N THR J 52 50.73 -10.99 -74.99
CA THR J 52 49.44 -10.40 -75.30
C THR J 52 49.56 -8.89 -75.31
N PHE J 53 49.14 -8.30 -76.43
CA PHE J 53 49.25 -6.87 -76.71
C PHE J 53 47.86 -6.28 -76.69
N LYS J 54 47.58 -5.38 -75.75
CA LYS J 54 46.34 -4.62 -75.76
C LYS J 54 46.65 -3.17 -76.08
N SER J 55 45.70 -2.52 -76.77
CA SER J 55 45.90 -1.18 -77.30
C SER J 55 44.62 -0.39 -77.20
N ARG J 56 44.70 0.79 -76.57
CA ARG J 56 43.59 1.73 -76.48
C ARG J 56 44.08 3.11 -76.86
N VAL J 57 43.45 3.70 -77.87
CA VAL J 57 43.88 4.97 -78.46
C VAL J 57 43.35 6.14 -77.64
N PRO J 58 44.01 7.31 -77.69
CA PRO J 58 43.42 8.52 -77.12
C PRO J 58 42.09 8.83 -77.77
N THR J 59 41.06 9.00 -76.94
CA THR J 59 39.72 9.29 -77.40
C THR J 59 39.33 10.68 -76.94
N VAL J 60 38.78 11.47 -77.86
CA VAL J 60 38.34 12.83 -77.55
C VAL J 60 36.98 12.76 -76.87
N VAL J 61 36.82 13.52 -75.79
CA VAL J 61 35.55 13.64 -75.09
C VAL J 61 35.40 15.08 -74.64
N ASN J 62 34.31 15.72 -75.06
CA ASN J 62 34.01 17.11 -74.66
C ASN J 62 35.12 18.06 -75.10
N GLY J 63 35.64 17.85 -76.31
CA GLY J 63 36.54 18.78 -76.93
C GLY J 63 38.02 18.59 -76.64
N ASN J 64 38.39 17.60 -75.82
CA ASN J 64 39.81 17.38 -75.56
C ASN J 64 40.07 15.89 -75.33
N TYR J 65 41.36 15.54 -75.42
CA TYR J 65 41.78 14.15 -75.51
C TYR J 65 41.97 13.51 -74.14
N SER J 66 41.87 12.19 -74.12
CA SER J 66 42.21 11.37 -72.96
C SER J 66 43.46 10.57 -73.28
N LYS J 67 44.35 10.42 -72.30
CA LYS J 67 45.59 9.71 -72.53
C LYS J 67 45.31 8.27 -72.94
N GLY J 68 46.11 7.77 -73.88
CA GLY J 68 45.95 6.40 -74.37
C GLY J 68 46.88 5.44 -73.66
N LYS J 69 46.58 4.14 -73.81
CA LYS J 69 47.22 3.10 -73.02
C LYS J 69 47.54 1.90 -73.88
N ASN J 70 48.81 1.47 -73.86
CA ASN J 70 49.26 0.32 -74.63
C ASN J 70 49.93 -0.67 -73.68
N GLU J 71 49.28 -1.81 -73.44
CA GLU J 71 49.78 -2.83 -72.55
C GLU J 71 50.41 -3.98 -73.34
N VAL J 72 51.39 -4.60 -72.73
CA VAL J 72 51.91 -5.90 -73.14
C VAL J 72 52.03 -6.76 -71.91
N VAL J 73 51.78 -8.05 -72.05
CA VAL J 73 52.06 -9.00 -70.98
C VAL J 73 52.68 -10.25 -71.59
N PHE J 74 53.87 -10.60 -71.12
CA PHE J 74 54.59 -11.78 -71.54
C PHE J 74 54.55 -12.78 -70.40
N VAL J 75 54.23 -14.03 -70.73
CA VAL J 75 53.92 -15.04 -69.74
C VAL J 75 54.73 -16.30 -70.01
N ILE J 76 55.38 -16.78 -68.95
CA ILE J 76 56.01 -18.10 -68.88
C ILE J 76 55.12 -18.99 -68.02
N PRO J 77 54.39 -19.93 -68.60
CA PRO J 77 53.64 -20.88 -67.77
C PRO J 77 54.58 -21.90 -67.16
N MET J 78 54.26 -22.33 -65.94
CA MET J 78 54.96 -23.46 -65.34
C MET J 78 53.97 -24.27 -64.51
N SER J 79 54.07 -25.58 -64.60
CA SER J 79 53.27 -26.45 -63.76
C SER J 79 53.94 -26.57 -62.39
N LEU J 80 53.15 -26.40 -61.34
CA LEU J 80 53.66 -26.55 -59.99
C LEU J 80 53.60 -28.00 -59.55
N ASP J 81 54.31 -28.30 -58.46
CA ASP J 81 54.28 -29.65 -57.91
C ASP J 81 52.87 -30.05 -57.48
N SER J 82 52.05 -29.07 -57.09
CA SER J 82 50.68 -29.31 -56.64
C SER J 82 49.73 -29.64 -57.79
N GLY J 83 50.17 -29.47 -59.03
CA GLY J 83 49.32 -29.79 -60.16
C GLY J 83 48.83 -28.57 -60.92
N GLU J 84 48.39 -27.54 -60.19
CA GLU J 84 47.93 -26.32 -60.84
C GLU J 84 49.06 -25.70 -61.66
N THR J 85 48.75 -25.34 -62.89
CA THR J 85 49.67 -24.58 -63.72
C THR J 85 49.51 -23.11 -63.40
N VAL J 86 50.62 -22.42 -63.13
CA VAL J 86 50.60 -21.01 -62.78
C VAL J 86 51.42 -20.23 -63.81
N PHE J 87 51.00 -18.99 -64.05
CA PHE J 87 51.64 -18.12 -65.03
C PHE J 87 52.63 -17.19 -64.36
N ASN J 88 53.76 -16.94 -65.02
CA ASN J 88 54.75 -15.97 -64.57
C ASN J 88 54.69 -14.78 -65.53
N SER J 89 54.48 -13.59 -64.99
CA SER J 89 54.06 -12.45 -65.78
C SER J 89 55.09 -11.34 -65.73
N VAL J 90 55.38 -10.75 -66.89
CA VAL J 90 55.94 -9.41 -66.93
C VAL J 90 54.98 -8.57 -67.76
N ARG J 91 54.52 -7.47 -67.17
CA ARG J 91 53.49 -6.63 -67.78
C ARG J 91 54.05 -5.22 -67.89
N ILE J 92 54.00 -4.67 -69.10
CA ILE J 92 54.51 -3.34 -69.38
C ILE J 92 53.38 -2.55 -70.04
N ALA J 93 52.83 -1.59 -69.30
CA ALA J 93 51.84 -0.68 -69.82
C ALA J 93 52.48 0.69 -70.03
N LEU J 94 52.00 1.40 -71.05
CA LEU J 94 52.57 2.70 -71.39
C LEU J 94 51.43 3.63 -71.80
N GLU J 95 51.20 4.66 -70.99
CA GLU J 95 50.09 5.59 -71.15
C GLU J 95 50.67 6.94 -71.55
N ILE J 96 50.28 7.41 -72.72
CA ILE J 96 50.81 8.65 -73.29
C ILE J 96 49.65 9.61 -73.53
N HIS J 97 49.85 10.87 -73.15
CA HIS J 97 48.92 11.90 -73.58
C HIS J 97 49.33 12.41 -74.95
N PRO J 98 48.37 12.67 -75.85
CA PRO J 98 48.72 13.08 -77.22
C PRO J 98 49.65 14.27 -77.29
N ALA J 99 49.71 15.10 -76.25
CA ALA J 99 50.54 16.29 -76.26
C ALA J 99 52.02 16.01 -76.00
N LEU J 100 52.38 14.79 -75.60
CA LEU J 100 53.78 14.50 -75.34
C LEU J 100 54.57 14.51 -76.65
N ALA J 101 55.83 14.93 -76.54
CA ALA J 101 56.71 14.95 -77.71
C ALA J 101 56.96 13.55 -78.24
N SER J 102 56.98 13.43 -79.57
CA SER J 102 57.31 12.17 -80.22
C SER J 102 58.62 11.60 -79.66
N ALA J 103 59.60 12.48 -79.43
CA ALA J 103 60.88 12.03 -78.90
C ALA J 103 60.77 11.59 -77.44
N SER J 104 59.96 12.28 -76.64
CA SER J 104 59.78 11.88 -75.25
C SER J 104 59.01 10.57 -75.12
N VAL J 105 58.24 10.19 -76.14
CA VAL J 105 57.62 8.86 -76.13
C VAL J 105 58.68 7.77 -76.13
N LYS J 106 59.61 7.84 -77.10
CA LYS J 106 60.71 6.89 -77.11
C LYS J 106 61.61 7.04 -75.88
N ASP J 107 61.77 8.25 -75.36
CA ASP J 107 62.53 8.39 -74.12
C ASP J 107 61.87 7.59 -72.99
N LEU J 108 60.53 7.61 -72.92
CA LEU J 108 59.84 6.81 -71.90
C LEU J 108 60.05 5.32 -72.13
N ARG J 109 59.95 4.87 -73.38
CA ARG J 109 60.17 3.45 -73.66
C ARG J 109 61.55 3.01 -73.20
N LEU J 110 62.57 3.80 -73.50
CA LEU J 110 63.95 3.41 -73.17
C LEU J 110 64.25 3.58 -71.68
N ILE J 111 63.70 4.62 -71.05
CA ILE J 111 63.95 4.80 -69.63
C ILE J 111 63.20 3.75 -68.82
N GLY J 112 62.07 3.25 -69.33
CA GLY J 112 61.40 2.17 -68.67
C GLY J 112 62.15 0.87 -68.82
N ALA J 113 62.51 0.52 -70.07
CA ALA J 113 63.28 -0.71 -70.27
C ALA J 113 64.59 -0.68 -69.52
N GLN J 114 65.15 0.52 -69.31
CA GLN J 114 66.39 0.65 -68.56
C GLN J 114 66.19 0.44 -67.07
N LEU J 115 64.96 0.59 -66.57
CA LEU J 115 64.67 0.27 -65.17
C LEU J 115 64.55 -1.22 -64.92
N LEU J 116 64.22 -2.03 -65.95
CA LEU J 116 64.29 -3.48 -65.80
C LEU J 116 65.72 -3.99 -65.75
N THR J 117 66.56 -3.54 -66.67
CA THR J 117 67.82 -4.24 -66.93
C THR J 117 69.00 -3.67 -66.15
N ASP J 118 68.98 -2.39 -65.78
CA ASP J 118 70.17 -1.77 -65.22
C ASP J 118 70.48 -2.38 -63.85
N ALA J 119 71.75 -2.75 -63.65
CA ALA J 119 72.17 -3.52 -62.49
C ALA J 119 71.85 -2.83 -61.17
N ASP J 120 71.74 -1.50 -61.17
CA ASP J 120 71.34 -0.77 -59.97
C ASP J 120 70.03 -1.33 -59.40
N TYR J 121 69.05 -1.60 -60.25
CA TYR J 121 67.78 -2.14 -59.77
C TYR J 121 67.81 -3.65 -59.69
N ASP J 122 68.95 -4.25 -60.02
CA ASP J 122 69.06 -5.70 -60.11
C ASP J 122 68.69 -6.36 -58.79
N SER J 123 69.01 -5.70 -57.66
CA SER J 123 68.62 -6.25 -56.37
C SER J 123 67.13 -6.06 -56.11
N PHE J 124 66.52 -5.03 -56.70
CA PHE J 124 65.09 -4.78 -56.47
C PHE J 124 64.23 -5.85 -57.10
N TRP J 125 64.42 -6.10 -58.39
CA TRP J 125 63.55 -7.02 -59.12
C TRP J 125 63.69 -8.44 -58.59
N THR J 126 64.93 -8.90 -58.42
CA THR J 126 65.16 -10.28 -58.00
C THR J 126 64.70 -10.52 -56.58
N LEU J 127 65.18 -9.70 -55.65
CA LEU J 127 64.97 -9.94 -54.23
C LEU J 127 63.74 -9.23 -53.69
N GLY J 128 63.06 -8.41 -54.49
CA GLY J 128 62.01 -7.57 -53.95
C GLY J 128 62.53 -6.61 -52.90
N ALA J 129 63.74 -6.09 -53.09
CA ALA J 129 64.45 -5.34 -52.07
C ALA J 129 64.23 -3.84 -52.24
N LEU J 130 63.65 -3.20 -51.22
CA LEU J 130 63.45 -1.76 -51.20
C LEU J 130 64.64 -1.12 -50.48
N ALA J 131 65.48 -0.42 -51.25
CA ALA J 131 66.62 0.28 -50.70
C ALA J 131 67.21 1.18 -51.79
N SER K 1 53.85 -6.02 -87.66
CA SER K 1 55.23 -6.13 -87.20
C SER K 1 55.29 -6.80 -85.83
N ILE K 2 54.14 -6.85 -85.14
CA ILE K 2 54.07 -7.62 -83.91
C ILE K 2 54.04 -9.11 -84.22
N ILE K 3 53.22 -9.50 -85.21
CA ILE K 3 53.17 -10.90 -85.61
C ILE K 3 54.47 -11.27 -86.31
N GLY K 4 55.04 -12.40 -85.91
CA GLY K 4 56.27 -12.83 -86.53
C GLY K 4 57.48 -11.98 -86.21
N SER K 5 57.49 -11.33 -85.04
CA SER K 5 58.67 -10.63 -84.58
C SER K 5 59.60 -11.59 -83.84
N SER K 6 60.87 -11.22 -83.77
CA SER K 6 61.92 -12.05 -83.20
C SER K 6 62.64 -11.30 -82.09
N ILE K 7 62.86 -11.96 -80.96
CA ILE K 7 63.51 -11.35 -79.79
C ILE K 7 64.40 -12.39 -79.10
N LYS K 8 65.45 -11.92 -78.42
CA LYS K 8 66.44 -12.83 -77.83
C LYS K 8 65.96 -13.34 -76.47
N THR K 9 65.98 -14.66 -76.29
CA THR K 9 65.79 -15.23 -74.96
C THR K 9 67.13 -15.66 -74.39
N GLY K 10 67.17 -15.77 -73.07
CA GLY K 10 68.38 -16.11 -72.35
C GLY K 10 69.53 -15.24 -72.79
N ALA K 11 69.26 -13.93 -72.87
CA ALA K 11 70.32 -13.00 -73.23
C ALA K 11 71.28 -12.81 -72.08
N THR K 12 72.56 -12.63 -72.41
CA THR K 12 73.58 -12.43 -71.39
C THR K 12 73.38 -11.10 -70.66
N SER K 13 73.16 -10.02 -71.41
CA SER K 13 72.81 -8.74 -70.80
C SER K 13 72.30 -7.80 -71.89
N ALA K 14 71.72 -6.69 -71.46
CA ALA K 14 71.24 -5.65 -72.35
C ALA K 14 71.84 -4.33 -71.90
N SER K 15 71.89 -3.37 -72.83
CA SER K 15 72.54 -2.10 -72.57
C SER K 15 71.89 -1.03 -73.44
N ILE K 16 72.42 0.18 -73.34
CA ILE K 16 71.78 1.34 -73.96
C ILE K 16 72.84 2.30 -74.48
N THR K 17 72.84 2.52 -75.79
CA THR K 17 73.70 3.53 -76.42
C THR K 17 72.97 4.87 -76.28
N GLY K 18 73.40 5.67 -75.30
CA GLY K 18 72.55 6.67 -74.70
C GLY K 18 73.19 8.04 -74.60
N GLY K 19 72.39 8.98 -74.11
CA GLY K 19 72.80 10.37 -73.94
C GLY K 19 73.14 10.72 -72.50
N SER K 20 72.48 11.74 -71.95
CA SER K 20 72.87 12.31 -70.67
C SER K 20 72.34 11.51 -69.49
N ASP K 21 73.02 11.67 -68.35
CA ASP K 21 72.62 10.99 -67.11
C ASP K 21 71.40 11.64 -66.48
N ILE K 22 70.74 10.88 -65.61
CA ILE K 22 69.66 11.37 -64.76
C ILE K 22 69.73 10.61 -63.45
N THR K 23 69.54 11.33 -62.33
CA THR K 23 69.83 10.79 -61.01
C THR K 23 68.61 10.90 -60.10
N PHE K 24 68.33 9.83 -59.37
CA PHE K 24 67.16 9.74 -58.48
C PHE K 24 67.54 10.09 -57.05
N ALA K 25 66.62 10.76 -56.37
CA ALA K 25 66.76 11.05 -54.95
C ALA K 25 65.42 10.81 -54.26
N LEU K 26 65.47 10.64 -52.95
CA LEU K 26 64.29 10.25 -52.19
C LEU K 26 63.27 11.39 -52.10
N THR K 27 62.00 11.10 -52.43
CA THR K 27 60.95 12.11 -52.55
C THR K 27 60.17 12.31 -51.27
N GLY K 28 60.10 11.31 -50.41
CA GLY K 28 59.23 11.42 -49.26
C GLY K 28 57.77 11.61 -49.60
N GLN K 29 57.30 11.02 -50.69
CA GLN K 29 55.87 10.87 -50.94
C GLN K 29 55.44 9.52 -50.37
N THR K 30 54.58 9.55 -49.37
CA THR K 30 54.20 8.33 -48.68
C THR K 30 53.62 7.32 -49.67
N VAL K 31 54.29 6.18 -49.81
CA VAL K 31 53.89 5.14 -50.74
C VAL K 31 53.92 3.80 -50.03
N THR K 32 52.78 3.14 -49.95
CA THR K 32 52.68 1.86 -49.25
C THR K 32 53.51 0.81 -49.96
N ASN K 33 54.33 0.10 -49.19
CA ASN K 33 55.13 -1.02 -49.68
C ASN K 33 56.14 -0.57 -50.72
N GLY K 34 56.62 0.67 -50.63
CA GLY K 34 57.51 1.14 -51.67
C GLY K 34 58.06 2.51 -51.42
N LEU K 35 58.72 3.04 -52.45
CA LEU K 35 59.45 4.30 -52.40
C LEU K 35 58.99 5.19 -53.54
N ASN K 36 59.23 6.49 -53.37
CA ASN K 36 59.16 7.46 -54.46
C ASN K 36 60.50 8.17 -54.54
N VAL K 37 61.12 8.13 -55.71
CA VAL K 37 62.35 8.87 -55.98
C VAL K 37 62.12 9.71 -57.23
N SER K 38 62.41 11.01 -57.14
CA SER K 38 62.28 11.86 -58.32
C SER K 38 63.67 12.29 -58.77
N VAL K 39 63.73 12.80 -60.00
CA VAL K 39 65.00 13.21 -60.57
C VAL K 39 65.30 14.61 -60.06
N SER K 40 66.37 14.74 -59.30
CA SER K 40 66.77 16.04 -58.77
C SER K 40 67.44 16.90 -59.84
N GLU K 41 67.43 16.42 -61.08
CA GLU K 41 68.09 17.11 -62.17
C GLU K 41 67.14 17.93 -63.02
N ASP K 42 65.84 17.75 -62.86
CA ASP K 42 64.84 18.66 -63.40
C ASP K 42 64.58 19.76 -62.38
N THR K 43 64.44 21.00 -62.85
CA THR K 43 64.46 22.15 -61.95
C THR K 43 63.10 22.57 -61.42
N ASP K 44 62.00 22.20 -62.10
CA ASP K 44 60.67 22.68 -61.76
C ASP K 44 59.83 21.51 -61.24
N TYR K 45 59.50 21.55 -59.94
CA TYR K 45 58.77 20.44 -59.32
C TYR K 45 57.53 20.07 -60.13
N ARG K 46 56.76 21.08 -60.54
CA ARG K 46 55.53 20.88 -61.28
C ARG K 46 55.69 19.91 -62.45
N THR K 47 56.92 19.71 -62.96
CA THR K 47 57.19 18.77 -64.04
C THR K 47 58.47 17.96 -63.79
N ARG K 48 58.71 17.51 -62.55
CA ARG K 48 59.85 16.61 -62.31
C ARG K 48 59.46 15.17 -62.50
N ARG K 49 60.12 14.52 -63.47
CA ARG K 49 60.00 13.10 -63.69
C ARG K 49 60.29 12.34 -62.41
N ASN K 50 59.35 11.49 -61.99
CA ASN K 50 59.57 10.71 -60.79
C ASN K 50 59.27 9.24 -61.05
N ALA K 51 59.55 8.41 -60.07
CA ALA K 51 59.37 6.98 -60.21
C ALA K 51 59.00 6.41 -58.85
N THR K 52 58.13 5.41 -58.87
CA THR K 52 57.62 4.80 -57.67
C THR K 52 57.84 3.29 -57.75
N PHE K 53 58.42 2.74 -56.70
CA PHE K 53 58.77 1.33 -56.62
C PHE K 53 57.89 0.67 -55.57
N LYS K 54 57.23 -0.43 -55.95
CA LYS K 54 56.40 -1.19 -55.03
C LYS K 54 56.83 -2.65 -55.04
N SER K 55 56.64 -3.32 -53.89
CA SER K 55 57.02 -4.72 -53.73
C SER K 55 56.02 -5.42 -52.81
N ARG K 56 55.08 -6.15 -53.41
CA ARG K 56 54.19 -7.02 -52.67
C ARG K 56 54.79 -8.42 -52.64
N VAL K 57 54.81 -9.02 -51.45
CA VAL K 57 55.50 -10.28 -51.22
C VAL K 57 54.56 -11.46 -51.49
N PRO K 58 55.08 -12.65 -51.73
CA PRO K 58 54.22 -13.82 -51.88
C PRO K 58 53.50 -14.14 -50.58
N THR K 59 52.29 -14.67 -50.72
CA THR K 59 51.44 -14.99 -49.58
C THR K 59 51.54 -16.48 -49.28
N VAL K 60 51.69 -16.81 -47.99
CA VAL K 60 51.79 -18.19 -47.54
C VAL K 60 50.39 -18.65 -47.14
N VAL K 61 49.80 -19.52 -47.94
CA VAL K 61 48.45 -20.03 -47.68
C VAL K 61 48.57 -21.56 -47.60
N ASN K 62 48.75 -22.06 -46.38
CA ASN K 62 48.70 -23.49 -46.09
C ASN K 62 49.66 -24.27 -46.99
N GLY K 63 50.94 -23.88 -46.94
CA GLY K 63 51.96 -24.53 -47.73
C GLY K 63 52.01 -24.13 -49.19
N ASN K 64 51.05 -23.34 -49.70
CA ASN K 64 51.05 -22.90 -51.08
C ASN K 64 51.39 -21.41 -51.15
N TYR K 65 52.21 -21.02 -52.12
CA TYR K 65 52.66 -19.64 -52.23
C TYR K 65 52.10 -19.02 -53.50
N SER K 66 51.54 -17.81 -53.36
CA SER K 66 51.13 -16.99 -54.50
C SER K 66 52.34 -16.29 -55.09
N LYS K 67 52.22 -15.91 -56.36
CA LYS K 67 53.27 -15.12 -56.98
C LYS K 67 53.35 -13.76 -56.30
N GLY K 68 54.57 -13.23 -56.19
CA GLY K 68 54.78 -11.87 -55.74
C GLY K 68 54.83 -10.90 -56.89
N LYS K 69 54.84 -9.61 -56.55
CA LYS K 69 54.66 -8.56 -57.55
C LYS K 69 55.59 -7.39 -57.25
N ASN K 70 56.43 -7.03 -58.21
CA ASN K 70 57.32 -5.87 -58.05
C ASN K 70 57.01 -4.88 -59.17
N GLU K 71 56.50 -3.70 -58.80
CA GLU K 71 56.12 -2.69 -59.77
C GLU K 71 57.10 -1.53 -59.76
N VAL K 72 57.23 -0.88 -60.92
CA VAL K 72 57.82 0.43 -61.05
C VAL K 72 56.90 1.27 -61.91
N VAL K 73 56.74 2.53 -61.54
CA VAL K 73 55.92 3.48 -62.30
C VAL K 73 56.78 4.72 -62.50
N PHE K 74 57.17 4.98 -63.75
CA PHE K 74 57.93 6.17 -64.10
C PHE K 74 56.98 7.16 -64.75
N VAL K 75 57.08 8.42 -64.36
CA VAL K 75 56.09 9.43 -64.70
C VAL K 75 56.78 10.69 -65.18
N ILE K 76 56.39 11.15 -66.36
CA ILE K 76 56.69 12.47 -66.89
C ILE K 76 55.44 13.33 -66.74
N PRO K 77 55.38 14.23 -65.77
CA PRO K 77 54.27 15.19 -65.73
C PRO K 77 54.49 16.32 -66.73
N MET K 78 53.42 16.70 -67.42
CA MET K 78 53.49 17.78 -68.41
C MET K 78 52.31 18.71 -68.21
N SER K 79 52.59 20.01 -68.38
CA SER K 79 51.58 21.05 -68.25
C SER K 79 50.92 21.27 -69.61
N LEU K 80 49.61 21.06 -69.67
CA LEU K 80 48.89 21.24 -70.92
C LEU K 80 48.71 22.72 -71.23
N ASP K 81 48.33 22.99 -72.47
CA ASP K 81 47.93 24.34 -72.85
C ASP K 81 46.75 24.81 -72.02
N SER K 82 45.86 23.88 -71.64
CA SER K 82 44.69 24.16 -70.82
C SER K 82 45.03 24.60 -69.41
N GLY K 83 46.30 24.50 -69.00
CA GLY K 83 46.68 24.71 -67.62
C GLY K 83 46.65 23.46 -66.76
N GLU K 84 45.75 22.54 -67.05
CA GLU K 84 45.71 21.27 -66.33
C GLU K 84 46.93 20.43 -66.66
N THR K 85 47.67 20.02 -65.63
CA THR K 85 48.85 19.19 -65.81
C THR K 85 48.48 17.72 -65.65
N VAL K 86 49.01 16.87 -66.52
CA VAL K 86 48.69 15.45 -66.55
C VAL K 86 49.99 14.65 -66.56
N PHE K 87 49.85 13.32 -66.54
CA PHE K 87 50.97 12.42 -66.31
C PHE K 87 51.12 11.41 -67.43
N ASN K 88 52.33 11.31 -67.99
CA ASN K 88 52.70 10.27 -68.94
C ASN K 88 53.39 9.15 -68.16
N SER K 89 52.87 7.94 -68.26
CA SER K 89 53.19 6.89 -67.31
C SER K 89 53.66 5.64 -68.04
N VAL K 90 54.91 5.24 -67.80
CA VAL K 90 55.35 3.89 -68.14
C VAL K 90 55.36 3.07 -66.86
N ARG K 91 54.63 1.96 -66.86
CA ARG K 91 54.51 1.08 -65.70
C ARG K 91 54.99 -0.31 -66.07
N ILE K 92 55.85 -0.88 -65.24
CA ILE K 92 56.40 -2.21 -65.46
C ILE K 92 56.25 -3.01 -64.18
N ALA K 93 55.42 -4.06 -64.24
CA ALA K 93 55.13 -4.91 -63.11
C ALA K 93 55.60 -6.33 -63.43
N LEU K 94 56.33 -6.93 -62.51
CA LEU K 94 56.88 -8.25 -62.71
C LEU K 94 56.38 -9.17 -61.61
N GLU K 95 55.54 -10.13 -61.99
CA GLU K 95 54.89 -11.06 -61.08
C GLU K 95 55.53 -12.43 -61.23
N ILE K 96 56.14 -12.92 -60.15
CA ILE K 96 56.95 -14.14 -60.19
C ILE K 96 56.57 -15.04 -59.03
N HIS K 97 56.36 -16.33 -59.31
CA HIS K 97 56.27 -17.33 -58.27
C HIS K 97 57.68 -17.75 -57.84
N PRO K 98 57.91 -17.96 -56.53
CA PRO K 98 59.28 -18.18 -56.06
C PRO K 98 59.95 -19.40 -56.63
N ALA K 99 59.20 -20.36 -57.16
CA ALA K 99 59.75 -21.59 -57.68
C ALA K 99 60.32 -21.45 -59.09
N LEU K 100 60.21 -20.28 -59.72
CA LEU K 100 60.81 -20.10 -61.03
C LEU K 100 62.32 -19.96 -60.90
N ALA K 101 63.03 -20.41 -61.94
CA ALA K 101 64.48 -20.38 -61.93
C ALA K 101 64.99 -18.94 -61.90
N SER K 102 66.04 -18.73 -61.09
CA SER K 102 66.67 -17.42 -60.99
C SER K 102 67.09 -16.90 -62.36
N ALA K 103 67.45 -17.80 -63.27
CA ALA K 103 67.83 -17.40 -64.62
C ALA K 103 66.63 -17.00 -65.46
N SER K 104 65.51 -17.71 -65.31
CA SER K 104 64.31 -17.34 -66.06
C SER K 104 63.74 -16.01 -65.59
N VAL K 105 63.94 -15.65 -64.32
CA VAL K 105 63.50 -14.34 -63.86
C VAL K 105 64.21 -13.23 -64.64
N LYS K 106 65.53 -13.32 -64.75
CA LYS K 106 66.28 -12.31 -65.48
C LYS K 106 66.01 -12.38 -66.98
N ASP K 107 65.84 -13.59 -67.53
CA ASP K 107 65.39 -13.68 -68.93
C ASP K 107 64.08 -12.92 -69.12
N LEU K 108 63.19 -12.98 -68.12
CA LEU K 108 61.90 -12.31 -68.23
C LEU K 108 62.05 -10.79 -68.20
N ARG K 109 62.92 -10.29 -67.31
CA ARG K 109 63.26 -8.87 -67.29
C ARG K 109 63.76 -8.40 -68.66
N LEU K 110 64.71 -9.14 -69.22
CA LEU K 110 65.32 -8.71 -70.49
C LEU K 110 64.34 -8.84 -71.65
N ILE K 111 63.47 -9.85 -71.62
CA ILE K 111 62.55 -10.02 -72.73
C ILE K 111 61.48 -8.92 -72.70
N GLY K 112 61.07 -8.49 -71.51
CA GLY K 112 60.21 -7.32 -71.41
C GLY K 112 60.90 -6.07 -71.92
N ALA K 113 62.16 -5.87 -71.54
CA ALA K 113 62.89 -4.72 -72.05
C ALA K 113 62.96 -4.72 -73.57
N GLN K 114 63.18 -5.89 -74.18
CA GLN K 114 63.21 -5.92 -75.64
C GLN K 114 61.85 -5.57 -76.21
N LEU K 115 60.77 -6.13 -75.62
CA LEU K 115 59.43 -5.78 -76.06
C LEU K 115 59.21 -4.27 -76.04
N LEU K 116 59.77 -3.56 -75.05
CA LEU K 116 59.70 -2.09 -75.09
C LEU K 116 60.53 -1.49 -76.22
N THR K 117 61.80 -1.87 -76.35
CA THR K 117 62.72 -1.05 -77.12
C THR K 117 62.96 -1.51 -78.55
N ASP K 118 62.51 -2.70 -78.94
CA ASP K 118 62.81 -3.19 -80.28
C ASP K 118 62.04 -2.40 -81.33
N ALA K 119 62.60 -2.36 -82.54
CA ALA K 119 61.99 -1.58 -83.61
C ALA K 119 60.72 -2.24 -84.14
N ASP K 120 60.67 -3.58 -84.11
CA ASP K 120 59.49 -4.31 -84.54
C ASP K 120 58.21 -3.80 -83.86
N TYR K 121 58.33 -3.26 -82.66
CA TYR K 121 57.17 -2.86 -81.88
C TYR K 121 56.93 -1.35 -81.91
N ASP K 122 57.76 -0.61 -82.65
CA ASP K 122 57.60 0.85 -82.76
C ASP K 122 56.17 1.21 -83.14
N SER K 123 55.64 0.57 -84.19
CA SER K 123 54.29 0.88 -84.63
C SER K 123 53.27 0.66 -83.51
N PHE K 124 53.35 -0.50 -82.84
CA PHE K 124 52.45 -0.78 -81.73
C PHE K 124 52.49 0.29 -80.67
N TRP K 125 53.68 0.51 -80.07
CA TRP K 125 53.77 1.43 -78.95
C TRP K 125 53.34 2.83 -79.35
N THR K 126 53.91 3.38 -80.43
CA THR K 126 53.69 4.78 -80.76
C THR K 126 52.26 5.01 -81.26
N LEU K 127 51.87 4.29 -82.32
CA LEU K 127 50.60 4.55 -82.99
C LEU K 127 49.43 3.82 -82.37
N GLY K 128 49.69 2.76 -81.58
CA GLY K 128 48.65 1.89 -81.10
C GLY K 128 48.27 0.79 -82.06
N ALA K 129 49.07 0.54 -83.10
CA ALA K 129 48.66 -0.36 -84.17
C ALA K 129 48.74 -1.81 -83.72
N LEU K 130 47.62 -2.52 -83.83
CA LEU K 130 47.62 -3.94 -83.59
C LEU K 130 48.17 -4.69 -84.80
N ALA K 131 48.42 -5.99 -84.61
CA ALA K 131 48.93 -6.88 -85.67
C ALA K 131 50.27 -6.44 -86.26
N SER L 1 33.95 -48.92 -102.57
CA SER L 1 35.03 -47.98 -102.85
C SER L 1 35.51 -47.27 -101.57
N ILE L 2 34.58 -46.97 -100.66
CA ILE L 2 34.99 -46.49 -99.33
C ILE L 2 35.61 -47.62 -98.53
N ILE L 3 34.95 -48.77 -98.54
CA ILE L 3 35.48 -49.95 -97.86
C ILE L 3 36.67 -50.48 -98.66
N GLY L 4 37.83 -50.54 -98.03
CA GLY L 4 39.03 -51.00 -98.69
C GLY L 4 39.88 -49.91 -99.30
N SER L 5 39.43 -48.66 -99.25
CA SER L 5 40.22 -47.56 -99.80
C SER L 5 41.54 -47.43 -99.05
N SER L 6 42.55 -46.94 -99.75
CA SER L 6 43.89 -46.75 -99.20
C SER L 6 44.29 -45.28 -99.38
N ILE L 7 44.85 -44.70 -98.31
CA ILE L 7 45.25 -43.30 -98.31
C ILE L 7 46.55 -43.17 -97.52
N LYS L 8 47.37 -42.19 -97.90
CA LYS L 8 48.70 -42.04 -97.32
C LYS L 8 48.63 -41.35 -95.97
N THR L 9 49.28 -41.92 -94.96
CA THR L 9 49.51 -41.21 -93.71
C THR L 9 51.00 -40.90 -93.58
N GLY L 10 51.30 -39.95 -92.69
CA GLY L 10 52.66 -39.46 -92.58
C GLY L 10 53.18 -38.88 -93.88
N ALA L 11 52.32 -38.21 -94.63
CA ALA L 11 52.74 -37.65 -95.91
C ALA L 11 53.56 -36.39 -95.69
N THR L 12 54.53 -36.18 -96.57
CA THR L 12 55.36 -34.98 -96.50
C THR L 12 54.54 -33.73 -96.80
N SER L 13 53.89 -33.69 -97.97
CA SER L 13 53.05 -32.54 -98.31
C SER L 13 52.11 -32.92 -99.45
N ALA L 14 51.05 -32.14 -99.57
CA ALA L 14 50.05 -32.33 -100.62
C ALA L 14 50.11 -31.17 -101.61
N SER L 15 49.75 -31.46 -102.85
CA SER L 15 49.82 -30.47 -103.91
C SER L 15 48.62 -30.67 -104.83
N ILE L 16 48.46 -29.75 -105.79
CA ILE L 16 47.30 -29.81 -106.67
C ILE L 16 47.69 -29.33 -108.06
N THR L 17 47.57 -30.23 -109.04
CA THR L 17 47.78 -29.88 -110.45
C THR L 17 46.49 -29.26 -110.96
N GLY L 18 46.50 -27.93 -111.14
CA GLY L 18 45.27 -27.23 -111.40
C GLY L 18 45.32 -26.01 -112.28
N GLY L 19 44.19 -25.32 -112.36
CA GLY L 19 44.03 -24.21 -113.29
C GLY L 19 44.32 -22.84 -112.72
N SER L 20 43.33 -21.94 -112.80
CA SER L 20 43.55 -20.53 -112.53
C SER L 20 43.62 -20.24 -111.03
N ASP L 21 44.23 -19.11 -110.69
CA ASP L 21 44.34 -18.65 -109.32
C ASP L 21 43.03 -18.00 -108.87
N ILE L 22 42.90 -17.89 -107.55
CA ILE L 22 41.82 -17.11 -106.95
C ILE L 22 42.37 -16.50 -105.67
N THR L 23 41.99 -15.26 -105.37
CA THR L 23 42.57 -14.55 -104.25
C THR L 23 41.48 -14.05 -103.31
N PHE L 24 41.81 -14.05 -102.02
CA PHE L 24 40.89 -13.63 -100.97
C PHE L 24 41.23 -12.25 -100.47
N ALA L 25 40.20 -11.49 -100.12
CA ALA L 25 40.39 -10.23 -99.41
C ALA L 25 39.35 -10.14 -98.30
N LEU L 26 39.68 -9.37 -97.26
CA LEU L 26 38.84 -9.31 -96.07
C LEU L 26 37.50 -8.64 -96.37
N THR L 27 36.41 -9.33 -96.01
CA THR L 27 35.08 -8.89 -96.40
C THR L 27 34.63 -7.67 -95.62
N GLY L 28 34.85 -7.68 -94.31
CA GLY L 28 34.22 -6.70 -93.45
C GLY L 28 32.83 -7.10 -93.02
N GLN L 29 32.42 -8.34 -93.27
CA GLN L 29 31.24 -8.89 -92.61
C GLN L 29 31.63 -9.28 -91.20
N THR L 30 30.90 -8.75 -90.21
CA THR L 30 31.22 -9.04 -88.83
C THR L 30 30.88 -10.50 -88.53
N VAL L 31 31.88 -11.26 -88.06
CA VAL L 31 31.69 -12.67 -87.72
C VAL L 31 32.24 -12.92 -86.33
N THR L 32 31.41 -13.51 -85.47
CA THR L 32 31.81 -13.78 -84.09
C THR L 32 32.91 -14.83 -84.05
N ASN L 33 34.00 -14.50 -83.33
CA ASN L 33 35.19 -15.34 -83.23
C ASN L 33 35.77 -15.69 -84.60
N GLY L 34 35.43 -14.91 -85.63
CA GLY L 34 35.75 -15.35 -86.96
C GLY L 34 36.03 -14.22 -87.94
N LEU L 35 36.21 -14.64 -89.18
CA LEU L 35 36.68 -13.80 -90.27
C LEU L 35 35.91 -14.17 -91.53
N ASN L 36 35.68 -13.20 -92.39
CA ASN L 36 35.11 -13.47 -93.70
C ASN L 36 36.03 -12.88 -94.75
N VAL L 37 36.53 -13.72 -95.66
CA VAL L 37 37.28 -13.26 -96.82
C VAL L 37 36.56 -13.77 -98.06
N SER L 38 36.28 -12.86 -98.99
CA SER L 38 35.62 -13.27 -100.21
C SER L 38 36.59 -13.14 -101.39
N VAL L 39 36.11 -13.62 -102.53
CA VAL L 39 36.91 -13.67 -103.75
C VAL L 39 36.94 -12.30 -104.40
N SER L 40 38.13 -11.70 -104.45
CA SER L 40 38.31 -10.43 -105.12
C SER L 40 38.26 -10.54 -106.63
N GLU L 41 38.01 -11.73 -107.17
CA GLU L 41 38.13 -11.98 -108.59
C GLU L 41 36.79 -12.26 -109.27
N ASP L 42 35.79 -12.68 -108.51
CA ASP L 42 34.42 -12.74 -109.01
C ASP L 42 33.81 -11.35 -108.93
N THR L 43 33.11 -10.95 -110.00
CA THR L 43 32.75 -9.56 -110.18
C THR L 43 31.39 -9.19 -109.61
N ASP L 44 30.52 -10.15 -109.37
CA ASP L 44 29.16 -9.89 -108.87
C ASP L 44 29.05 -10.47 -107.47
N TYR L 45 28.86 -9.59 -106.48
CA TYR L 45 28.72 -10.04 -105.09
C TYR L 45 27.66 -11.11 -104.96
N ARG L 46 26.55 -10.96 -105.70
CA ARG L 46 25.45 -11.91 -105.68
C ARG L 46 25.94 -13.34 -105.83
N THR L 47 27.04 -13.55 -106.57
CA THR L 47 27.64 -14.86 -106.77
C THR L 47 29.12 -14.92 -106.40
N ARG L 48 29.61 -14.04 -105.52
CA ARG L 48 30.99 -14.12 -105.08
C ARG L 48 31.19 -15.24 -104.06
N ARG L 49 31.98 -16.23 -104.45
CA ARG L 49 32.45 -17.25 -103.54
C ARG L 49 33.09 -16.58 -102.32
N ASN L 50 32.76 -17.08 -101.13
CA ASN L 50 33.44 -16.54 -99.94
C ASN L 50 33.66 -17.62 -98.90
N ALA L 51 34.66 -17.39 -98.06
CA ALA L 51 35.07 -18.33 -97.02
C ALA L 51 35.04 -17.63 -95.67
N THR L 52 34.64 -18.38 -94.65
CA THR L 52 34.52 -17.89 -93.29
C THR L 52 35.33 -18.79 -92.37
N PHE L 53 36.17 -18.16 -91.55
CA PHE L 53 37.14 -18.84 -90.69
C PHE L 53 36.75 -18.58 -89.24
N LYS L 54 36.41 -19.63 -88.51
CA LYS L 54 36.13 -19.52 -87.08
C LYS L 54 37.18 -20.27 -86.29
N SER L 55 37.45 -19.80 -85.08
CA SER L 55 38.53 -20.35 -84.27
C SER L 55 38.17 -20.26 -82.79
N ARG L 56 38.28 -21.40 -82.09
CA ARG L 56 38.22 -21.44 -80.64
C ARG L 56 39.41 -22.22 -80.10
N VAL L 57 40.13 -21.59 -79.17
CA VAL L 57 41.37 -22.06 -78.57
C VAL L 57 41.03 -23.01 -77.43
N PRO L 58 41.92 -23.96 -77.08
CA PRO L 58 41.64 -24.85 -75.95
C PRO L 58 41.41 -24.09 -74.65
N THR L 59 40.34 -24.47 -73.94
CA THR L 59 39.98 -23.87 -72.67
C THR L 59 40.38 -24.81 -71.53
N VAL L 60 40.89 -24.24 -70.45
CA VAL L 60 41.43 -25.00 -69.32
C VAL L 60 40.47 -24.92 -68.14
N VAL L 61 40.08 -26.09 -67.62
CA VAL L 61 39.27 -26.21 -66.42
C VAL L 61 40.12 -26.87 -65.34
N ASN L 62 40.63 -26.07 -64.41
CA ASN L 62 41.40 -26.52 -63.25
C ASN L 62 42.48 -27.53 -63.66
N GLY L 63 43.23 -27.19 -64.71
CA GLY L 63 44.34 -27.99 -65.16
C GLY L 63 44.05 -28.92 -66.33
N ASN L 64 42.78 -29.14 -66.66
CA ASN L 64 42.42 -30.06 -67.74
C ASN L 64 42.06 -29.28 -69.00
N TYR L 65 42.70 -29.61 -70.12
CA TYR L 65 42.47 -28.86 -71.35
C TYR L 65 41.35 -29.49 -72.18
N SER L 66 40.64 -28.64 -72.93
CA SER L 66 39.58 -29.05 -73.82
C SER L 66 40.06 -28.94 -75.26
N LYS L 67 39.72 -29.93 -76.07
CA LYS L 67 40.05 -29.89 -77.49
C LYS L 67 39.45 -28.66 -78.16
N GLY L 68 40.29 -27.89 -78.85
CA GLY L 68 39.84 -26.71 -79.55
C GLY L 68 39.39 -27.01 -80.97
N LYS L 69 38.82 -25.98 -81.61
CA LYS L 69 38.05 -26.17 -82.83
C LYS L 69 38.36 -25.07 -83.83
N ASN L 70 38.81 -25.46 -85.03
CA ASN L 70 39.08 -24.51 -86.10
C ASN L 70 38.18 -24.86 -87.30
N GLU L 71 37.19 -24.02 -87.58
CA GLU L 71 36.27 -24.25 -88.69
C GLU L 71 36.60 -23.35 -89.86
N VAL L 72 36.32 -23.88 -91.05
CA VAL L 72 36.30 -23.11 -92.30
C VAL L 72 35.05 -23.51 -93.05
N VAL L 73 34.38 -22.54 -93.66
CA VAL L 73 33.27 -22.83 -94.55
C VAL L 73 33.46 -22.02 -95.83
N PHE L 74 33.34 -22.69 -96.96
CA PHE L 74 33.51 -22.09 -98.26
C PHE L 74 32.21 -22.23 -99.03
N VAL L 75 31.79 -21.15 -99.67
CA VAL L 75 30.43 -21.04 -100.20
C VAL L 75 30.47 -20.55 -101.63
N ILE L 76 29.79 -21.29 -102.51
CA ILE L 76 29.42 -20.85 -103.85
C ILE L 76 27.93 -20.46 -103.80
N PRO L 77 27.57 -19.19 -103.86
CA PRO L 77 26.16 -18.84 -103.94
C PRO L 77 25.65 -18.95 -105.37
N MET L 78 24.45 -19.49 -105.51
CA MET L 78 23.80 -19.55 -106.82
C MET L 78 22.33 -19.23 -106.66
N SER L 79 21.79 -18.48 -107.60
CA SER L 79 20.35 -18.19 -107.63
C SER L 79 19.64 -19.30 -108.40
N LEU L 80 18.54 -19.78 -107.84
CA LEU L 80 17.78 -20.87 -108.44
C LEU L 80 16.78 -20.32 -109.46
N ASP L 81 16.20 -21.24 -110.23
CA ASP L 81 15.06 -20.90 -111.06
C ASP L 81 13.90 -20.36 -110.22
N SER L 82 13.87 -20.71 -108.94
CA SER L 82 12.90 -20.16 -107.99
C SER L 82 13.13 -18.70 -107.68
N GLY L 83 14.26 -18.12 -108.10
CA GLY L 83 14.63 -16.78 -107.69
C GLY L 83 15.38 -16.79 -106.38
N GLU L 84 14.94 -17.68 -105.48
CA GLU L 84 15.64 -17.93 -104.23
C GLU L 84 17.12 -18.23 -104.49
N THR L 85 17.99 -17.61 -103.71
CA THR L 85 19.43 -17.83 -103.81
C THR L 85 19.88 -18.75 -102.68
N VAL L 86 20.55 -19.84 -103.04
CA VAL L 86 20.99 -20.86 -102.10
C VAL L 86 22.52 -20.90 -102.09
N PHE L 87 23.07 -21.29 -100.94
CA PHE L 87 24.51 -21.33 -100.73
C PHE L 87 24.99 -22.77 -100.80
N ASN L 88 26.01 -23.03 -101.62
CA ASN L 88 26.60 -24.36 -101.78
C ASN L 88 27.88 -24.42 -100.96
N SER L 89 27.90 -25.37 -100.01
CA SER L 89 28.82 -25.30 -98.88
C SER L 89 29.80 -26.47 -98.87
N VAL L 90 31.04 -26.17 -98.51
CA VAL L 90 31.98 -27.18 -98.03
C VAL L 90 32.54 -26.66 -96.70
N ARG L 91 32.46 -27.48 -95.66
CA ARG L 91 32.83 -27.08 -94.31
C ARG L 91 33.83 -28.06 -93.74
N ILE L 92 34.96 -27.55 -93.26
CA ILE L 92 36.03 -28.37 -92.71
C ILE L 92 36.35 -27.87 -91.32
N ALA L 93 36.16 -28.74 -90.32
CA ALA L 93 36.35 -28.41 -88.92
C ALA L 93 37.36 -29.37 -88.32
N LEU L 94 38.44 -28.82 -87.76
CA LEU L 94 39.50 -29.63 -87.17
C LEU L 94 39.56 -29.37 -85.68
N GLU L 95 39.32 -30.41 -84.89
CA GLU L 95 39.24 -30.34 -83.44
C GLU L 95 40.43 -31.11 -82.86
N ILE L 96 41.31 -30.40 -82.16
CA ILE L 96 42.58 -30.95 -81.69
C ILE L 96 42.72 -30.71 -80.20
N HIS L 97 43.15 -31.74 -79.48
CA HIS L 97 43.57 -31.57 -78.09
C HIS L 97 45.04 -31.14 -78.06
N PRO L 98 45.41 -30.24 -77.13
CA PRO L 98 46.79 -29.71 -77.15
C PRO L 98 47.86 -30.78 -77.01
N ALA L 99 47.53 -31.94 -76.45
CA ALA L 99 48.54 -32.97 -76.21
C ALA L 99 48.91 -33.75 -77.47
N LEU L 100 48.20 -33.57 -78.58
CA LEU L 100 48.47 -34.34 -79.78
C LEU L 100 49.81 -33.97 -80.39
N ALA L 101 50.42 -34.93 -81.06
CA ALA L 101 51.71 -34.69 -81.72
C ALA L 101 51.57 -33.61 -82.80
N SER L 102 52.55 -32.70 -82.81
CA SER L 102 52.59 -31.64 -83.81
C SER L 102 52.49 -32.21 -85.22
N ALA L 103 53.16 -33.33 -85.50
CA ALA L 103 53.10 -33.93 -86.82
C ALA L 103 51.79 -34.66 -87.07
N SER L 104 51.17 -35.22 -86.03
CA SER L 104 49.86 -35.83 -86.20
C SER L 104 48.81 -34.79 -86.57
N VAL L 105 48.98 -33.54 -86.11
CA VAL L 105 48.06 -32.47 -86.52
C VAL L 105 48.06 -32.31 -88.04
N LYS L 106 49.25 -32.13 -88.61
CA LYS L 106 49.33 -31.97 -90.06
C LYS L 106 48.98 -33.27 -90.79
N ASP L 107 49.23 -34.43 -90.18
CA ASP L 107 48.76 -35.67 -90.80
C ASP L 107 47.24 -35.69 -90.89
N LEU L 108 46.55 -35.16 -89.87
CA LEU L 108 45.09 -35.07 -89.94
C LEU L 108 44.66 -34.14 -91.07
N ARG L 109 45.30 -32.98 -91.19
CA ARG L 109 44.97 -32.08 -92.31
C ARG L 109 45.10 -32.81 -93.64
N LEU L 110 46.23 -33.51 -93.84
CA LEU L 110 46.48 -34.16 -95.12
C LEU L 110 45.56 -35.35 -95.36
N ILE L 111 45.24 -36.09 -94.31
CA ILE L 111 44.38 -37.26 -94.49
C ILE L 111 42.93 -36.83 -94.74
N GLY L 112 42.50 -35.75 -94.10
CA GLY L 112 41.21 -35.17 -94.44
C GLY L 112 41.17 -34.73 -95.89
N ALA L 113 42.22 -34.06 -96.36
CA ALA L 113 42.23 -33.61 -97.75
C ALA L 113 42.17 -34.79 -98.71
N GLN L 114 42.88 -35.88 -98.39
CA GLN L 114 42.81 -37.05 -99.26
C GLN L 114 41.40 -37.63 -99.26
N LEU L 115 40.72 -37.59 -98.12
CA LEU L 115 39.35 -38.11 -98.08
C LEU L 115 38.41 -37.30 -99.00
N LEU L 116 38.71 -36.03 -99.26
CA LEU L 116 37.97 -35.29 -100.27
C LEU L 116 38.42 -35.62 -101.69
N THR L 117 39.72 -35.70 -101.93
CA THR L 117 40.21 -35.62 -103.30
C THR L 117 40.76 -36.93 -103.86
N ASP L 118 40.53 -38.06 -103.19
CA ASP L 118 40.88 -39.33 -103.80
C ASP L 118 39.73 -39.87 -104.62
N ALA L 119 40.07 -40.62 -105.68
CA ALA L 119 39.07 -41.16 -106.57
C ALA L 119 38.16 -42.17 -105.86
N ASP L 120 38.74 -42.92 -104.91
CA ASP L 120 37.98 -43.94 -104.19
C ASP L 120 36.68 -43.40 -103.62
N TYR L 121 36.63 -42.10 -103.32
CA TYR L 121 35.49 -41.51 -102.64
C TYR L 121 34.59 -40.72 -103.59
N ASP L 122 34.95 -40.62 -104.88
CA ASP L 122 34.17 -39.85 -105.84
C ASP L 122 32.70 -40.22 -105.76
N SER L 123 32.41 -41.52 -105.74
CA SER L 123 31.01 -41.97 -105.70
C SER L 123 30.31 -41.44 -104.45
N PHE L 124 30.97 -41.57 -103.29
CA PHE L 124 30.43 -41.05 -102.04
C PHE L 124 30.10 -39.57 -102.13
N TRP L 125 31.11 -38.76 -102.45
CA TRP L 125 30.89 -37.31 -102.42
C TRP L 125 29.84 -36.88 -103.42
N THR L 126 29.99 -37.28 -104.68
CA THR L 126 29.07 -36.80 -105.71
C THR L 126 27.65 -37.30 -105.47
N LEU L 127 27.48 -38.61 -105.38
CA LEU L 127 26.14 -39.18 -105.34
C LEU L 127 25.60 -39.36 -103.92
N GLY L 128 26.45 -39.73 -102.97
CA GLY L 128 26.02 -40.08 -101.64
C GLY L 128 26.10 -41.55 -101.32
N ALA L 129 26.85 -42.31 -102.11
CA ALA L 129 27.00 -43.75 -101.96
C ALA L 129 27.65 -44.11 -100.64
N LEU L 130 27.19 -45.21 -100.04
CA LEU L 130 27.61 -45.60 -98.70
C LEU L 130 28.39 -46.92 -98.67
N ALA L 131 28.86 -47.42 -99.82
CA ALA L 131 29.67 -48.64 -99.84
C ALA L 131 31.15 -48.32 -99.90
N SER M 1 37.22 -60.61 -95.52
CA SER M 1 37.30 -61.67 -96.52
C SER M 1 36.26 -62.77 -96.24
N ILE M 2 35.10 -62.36 -95.72
CA ILE M 2 34.03 -63.32 -95.41
C ILE M 2 33.31 -63.76 -96.68
N ILE M 3 32.85 -62.79 -97.47
CA ILE M 3 32.13 -63.09 -98.69
C ILE M 3 33.07 -63.77 -99.67
N GLY M 4 32.77 -65.02 -100.01
CA GLY M 4 33.60 -65.77 -100.93
C GLY M 4 34.64 -66.65 -100.28
N SER M 5 34.69 -66.70 -98.95
CA SER M 5 35.64 -67.58 -98.29
C SER M 5 35.31 -69.04 -98.61
N SER M 6 36.34 -69.89 -98.53
CA SER M 6 36.22 -71.30 -98.86
C SER M 6 36.76 -72.14 -97.71
N ILE M 7 35.99 -73.13 -97.27
CA ILE M 7 36.39 -74.06 -96.21
C ILE M 7 35.96 -75.47 -96.60
N LYS M 8 36.40 -76.45 -95.81
CA LYS M 8 36.28 -77.86 -96.14
C LYS M 8 35.15 -78.51 -95.35
N THR M 9 34.26 -79.19 -96.05
CA THR M 9 33.25 -80.04 -95.40
C THR M 9 33.62 -81.50 -95.58
N GLY M 10 33.16 -82.32 -94.64
CA GLY M 10 33.55 -83.72 -94.62
C GLY M 10 35.05 -83.91 -94.56
N ALA M 11 35.73 -83.12 -93.73
CA ALA M 11 37.16 -83.29 -93.56
C ALA M 11 37.45 -84.57 -92.78
N THR M 12 38.52 -85.26 -93.18
CA THR M 12 38.92 -86.46 -92.45
C THR M 12 39.27 -86.12 -91.00
N SER M 13 40.12 -85.11 -90.78
CA SER M 13 40.40 -84.65 -89.42
C SER M 13 41.02 -83.26 -89.48
N ALA M 14 41.23 -82.67 -88.31
CA ALA M 14 41.93 -81.41 -88.17
C ALA M 14 43.08 -81.59 -87.18
N SER M 15 44.11 -80.78 -87.35
CA SER M 15 45.33 -80.93 -86.59
C SER M 15 45.95 -79.56 -86.37
N ILE M 16 47.02 -79.52 -85.58
CA ILE M 16 47.60 -78.24 -85.18
C ILE M 16 49.12 -78.36 -85.09
N THR M 17 49.82 -77.46 -85.77
CA THR M 17 51.28 -77.33 -85.70
C THR M 17 51.58 -76.23 -84.70
N GLY M 18 52.02 -76.60 -83.50
CA GLY M 18 52.10 -75.61 -82.45
C GLY M 18 53.02 -76.01 -81.31
N GLY M 19 53.08 -75.10 -80.32
CA GLY M 19 54.11 -75.14 -79.29
C GLY M 19 53.81 -75.99 -78.07
N SER M 20 53.86 -75.36 -76.89
CA SER M 20 53.91 -76.11 -75.64
C SER M 20 52.54 -76.68 -75.26
N ASP M 21 52.58 -77.78 -74.50
CA ASP M 21 51.37 -78.40 -73.99
C ASP M 21 50.79 -77.60 -72.84
N ILE M 22 49.49 -77.78 -72.63
CA ILE M 22 48.79 -77.33 -71.44
C ILE M 22 47.90 -78.46 -70.99
N THR M 23 47.87 -78.71 -69.69
CA THR M 23 47.17 -79.85 -69.11
C THR M 23 46.08 -79.36 -68.18
N PHE M 24 44.93 -80.01 -68.24
CA PHE M 24 43.75 -79.68 -67.45
C PHE M 24 43.63 -80.57 -66.23
N ALA M 25 42.90 -80.06 -65.22
CA ALA M 25 42.59 -80.82 -64.02
C ALA M 25 41.34 -80.21 -63.43
N LEU M 26 40.59 -81.04 -62.69
CA LEU M 26 39.28 -80.62 -62.23
C LEU M 26 39.39 -79.56 -61.15
N THR M 27 38.50 -78.56 -61.21
CA THR M 27 38.54 -77.38 -60.34
C THR M 27 37.61 -77.49 -59.15
N GLY M 28 36.40 -77.97 -59.32
CA GLY M 28 35.43 -77.97 -58.25
C GLY M 28 34.67 -76.68 -58.08
N GLN M 29 34.90 -75.68 -58.93
CA GLN M 29 33.96 -74.58 -59.02
C GLN M 29 32.60 -75.10 -59.46
N THR M 30 31.59 -74.84 -58.65
CA THR M 30 30.26 -75.40 -58.89
C THR M 30 29.68 -74.87 -60.19
N VAL M 31 29.34 -75.79 -61.10
CA VAL M 31 28.79 -75.46 -62.41
C VAL M 31 27.62 -76.40 -62.69
N THR M 32 26.45 -75.83 -62.92
CA THR M 32 25.23 -76.62 -63.06
C THR M 32 25.21 -77.35 -64.40
N ASN M 33 25.00 -78.68 -64.34
CA ASN M 33 25.08 -79.56 -65.51
C ASN M 33 26.43 -79.44 -66.21
N GLY M 34 27.46 -79.09 -65.45
CA GLY M 34 28.74 -78.78 -66.06
C GLY M 34 29.97 -79.14 -65.24
N LEU M 35 31.09 -78.55 -65.62
CA LEU M 35 32.39 -79.01 -65.13
C LEU M 35 33.42 -77.91 -65.37
N ASN M 36 34.16 -77.55 -64.34
CA ASN M 36 35.26 -76.59 -64.45
C ASN M 36 36.58 -77.33 -64.37
N VAL M 37 37.40 -77.22 -65.42
CA VAL M 37 38.78 -77.70 -65.37
C VAL M 37 39.70 -76.51 -65.64
N SER M 38 40.67 -76.32 -64.76
CA SER M 38 41.67 -75.28 -64.99
C SER M 38 42.99 -75.94 -65.31
N VAL M 39 43.95 -75.12 -65.71
CA VAL M 39 45.26 -75.66 -66.03
C VAL M 39 46.04 -75.82 -64.73
N SER M 40 46.76 -76.93 -64.61
CA SER M 40 47.67 -77.05 -63.48
C SER M 40 49.03 -76.47 -63.82
N GLU M 41 49.16 -75.85 -64.99
CA GLU M 41 50.45 -75.39 -65.48
C GLU M 41 50.65 -73.90 -65.26
N ASP M 42 49.58 -73.13 -65.17
CA ASP M 42 49.67 -71.76 -64.69
C ASP M 42 49.64 -71.76 -63.17
N THR M 43 50.40 -70.86 -62.57
CA THR M 43 50.64 -70.90 -61.13
C THR M 43 49.83 -69.89 -60.34
N ASP M 44 49.58 -68.69 -60.89
CA ASP M 44 48.85 -67.65 -60.18
C ASP M 44 47.36 -67.85 -60.33
N TYR M 45 46.64 -67.92 -59.19
CA TYR M 45 45.21 -68.20 -59.24
C TYR M 45 44.45 -67.07 -59.93
N ARG M 46 44.87 -65.82 -59.71
CA ARG M 46 44.29 -64.68 -60.41
C ARG M 46 44.24 -64.90 -61.91
N THR M 47 45.39 -65.19 -62.52
CA THR M 47 45.49 -65.23 -63.97
C THR M 47 45.53 -66.65 -64.51
N ARG M 48 45.01 -67.63 -63.77
CA ARG M 48 45.11 -69.02 -64.21
C ARG M 48 43.97 -69.35 -65.15
N ARG M 49 44.33 -69.76 -66.37
CA ARG M 49 43.38 -70.02 -67.43
C ARG M 49 42.46 -71.20 -67.06
N ASN M 50 41.17 -71.04 -67.33
CA ASN M 50 40.27 -72.15 -67.00
C ASN M 50 39.14 -72.28 -68.02
N ALA M 51 38.65 -73.50 -68.17
CA ALA M 51 37.57 -73.80 -69.09
C ALA M 51 36.41 -74.43 -68.32
N THR M 52 35.23 -74.31 -68.91
CA THR M 52 33.99 -74.78 -68.32
C THR M 52 33.13 -75.42 -69.38
N PHE M 53 32.73 -76.65 -69.13
CA PHE M 53 31.98 -77.50 -70.04
C PHE M 53 30.58 -77.67 -69.48
N LYS M 54 29.58 -77.17 -70.21
CA LYS M 54 28.19 -77.43 -69.86
C LYS M 54 27.57 -78.34 -70.90
N SER M 55 26.64 -79.19 -70.47
CA SER M 55 26.09 -80.24 -71.31
C SER M 55 24.61 -80.41 -71.00
N ARG M 56 23.76 -80.33 -72.03
CA ARG M 56 22.33 -80.58 -71.91
C ARG M 56 21.91 -81.52 -73.04
N VAL M 57 21.33 -82.66 -72.66
CA VAL M 57 20.99 -83.74 -73.58
C VAL M 57 19.66 -83.45 -74.27
N PRO M 58 19.43 -84.02 -75.46
CA PRO M 58 18.09 -83.97 -76.05
C PRO M 58 17.08 -84.63 -75.13
N THR M 59 16.01 -83.90 -74.82
CA THR M 59 14.95 -84.38 -73.95
C THR M 59 13.66 -84.51 -74.75
N VAL M 60 13.00 -85.64 -74.60
CA VAL M 60 11.75 -85.90 -75.29
C VAL M 60 10.61 -85.20 -74.55
N VAL M 61 9.75 -84.52 -75.31
CA VAL M 61 8.57 -83.87 -74.76
C VAL M 61 7.44 -84.06 -75.75
N ASN M 62 6.34 -84.65 -75.29
CA ASN M 62 5.15 -84.85 -76.13
C ASN M 62 5.47 -85.69 -77.36
N GLY M 63 6.29 -86.73 -77.17
CA GLY M 63 6.51 -87.72 -78.20
C GLY M 63 7.65 -87.44 -79.15
N ASN M 64 8.33 -86.31 -79.03
CA ASN M 64 9.45 -86.05 -79.93
C ASN M 64 10.53 -85.23 -79.22
N TYR M 65 11.71 -85.23 -79.82
CA TYR M 65 12.92 -84.76 -79.17
C TYR M 65 13.11 -83.26 -79.33
N SER M 66 13.88 -82.70 -78.40
CA SER M 66 14.36 -81.31 -78.48
C SER M 66 15.87 -81.34 -78.70
N LYS M 67 16.36 -80.42 -79.53
CA LYS M 67 17.78 -80.40 -79.83
C LYS M 67 18.59 -80.15 -78.56
N GLY M 68 19.73 -80.84 -78.44
CA GLY M 68 20.59 -80.71 -77.30
C GLY M 68 21.70 -79.71 -77.52
N LYS M 69 22.34 -79.30 -76.42
CA LYS M 69 23.27 -78.17 -76.42
C LYS M 69 24.48 -78.48 -75.57
N ASN M 70 25.68 -78.34 -76.16
CA ASN M 70 26.93 -78.58 -75.45
C ASN M 70 27.80 -77.34 -75.57
N GLU M 71 27.98 -76.63 -74.46
CA GLU M 71 28.79 -75.41 -74.43
C GLU M 71 30.16 -75.69 -73.84
N VAL M 72 31.13 -74.92 -74.30
CA VAL M 72 32.44 -74.79 -73.66
C VAL M 72 32.75 -73.31 -73.59
N VAL M 73 33.42 -72.90 -72.53
CA VAL M 73 33.95 -71.54 -72.44
C VAL M 73 35.36 -71.61 -71.84
N PHE M 74 36.32 -71.09 -72.59
CA PHE M 74 37.71 -71.02 -72.16
C PHE M 74 38.02 -69.56 -71.84
N VAL M 75 38.67 -69.34 -70.70
CA VAL M 75 38.82 -68.00 -70.16
C VAL M 75 40.28 -67.76 -69.80
N ILE M 76 40.79 -66.63 -70.26
CA ILE M 76 42.08 -66.05 -69.85
C ILE M 76 41.77 -64.85 -68.96
N PRO M 77 41.97 -64.96 -67.65
CA PRO M 77 41.81 -63.77 -66.80
C PRO M 77 43.00 -62.84 -66.96
N MET M 78 42.73 -61.54 -66.87
CA MET M 78 43.80 -60.56 -66.80
C MET M 78 43.38 -59.43 -65.88
N SER M 79 44.31 -58.97 -65.05
CA SER M 79 44.06 -57.80 -64.22
C SER M 79 44.28 -56.55 -65.05
N LEU M 80 43.33 -55.62 -64.98
CA LEU M 80 43.46 -54.36 -65.69
C LEU M 80 44.23 -53.36 -64.84
N ASP M 81 44.66 -52.27 -65.48
CA ASP M 81 45.35 -51.22 -64.75
C ASP M 81 44.47 -50.59 -63.69
N SER M 82 43.15 -50.61 -63.90
CA SER M 82 42.18 -50.05 -62.97
C SER M 82 41.98 -50.90 -61.72
N GLY M 83 42.50 -52.13 -61.71
CA GLY M 83 42.37 -52.98 -60.55
C GLY M 83 41.42 -54.15 -60.77
N GLU M 84 40.27 -53.89 -61.39
CA GLU M 84 39.32 -54.96 -61.67
C GLU M 84 39.98 -56.02 -62.56
N THR M 85 39.81 -57.28 -62.18
CA THR M 85 40.22 -58.39 -63.02
C THR M 85 39.09 -58.70 -64.00
N VAL M 86 39.41 -58.79 -65.28
CA VAL M 86 38.42 -59.05 -66.32
C VAL M 86 38.78 -60.35 -67.04
N PHE M 87 37.75 -61.06 -67.49
CA PHE M 87 37.92 -62.34 -68.16
C PHE M 87 37.88 -62.16 -69.67
N ASN M 88 38.73 -62.91 -70.37
CA ASN M 88 38.72 -62.96 -71.83
C ASN M 88 38.18 -64.32 -72.24
N SER M 89 37.14 -64.31 -73.06
CA SER M 89 36.30 -65.48 -73.27
C SER M 89 36.36 -65.94 -74.72
N VAL M 90 36.47 -67.25 -74.91
CA VAL M 90 36.05 -67.87 -76.15
C VAL M 90 35.02 -68.92 -75.78
N ARG M 91 33.84 -68.83 -76.38
CA ARG M 91 32.71 -69.67 -76.04
C ARG M 91 32.25 -70.39 -77.30
N ILE M 92 32.18 -71.71 -77.23
CA ILE M 92 31.77 -72.54 -78.36
C ILE M 92 30.62 -73.41 -77.90
N ALA M 93 29.43 -73.12 -78.39
CA ALA M 93 28.25 -73.92 -78.14
C ALA M 93 27.91 -74.70 -79.40
N LEU M 94 27.36 -75.90 -79.21
CA LEU M 94 27.04 -76.77 -80.34
C LEU M 94 25.73 -77.48 -80.04
N GLU M 95 24.70 -77.16 -80.82
CA GLU M 95 23.34 -77.64 -80.64
C GLU M 95 23.01 -78.58 -81.77
N ILE M 96 22.72 -79.83 -81.44
CA ILE M 96 22.47 -80.89 -82.41
C ILE M 96 21.07 -81.45 -82.18
N HIS M 97 20.33 -81.63 -83.26
CA HIS M 97 19.10 -82.40 -83.17
C HIS M 97 19.43 -83.89 -83.33
N PRO M 98 18.78 -84.76 -82.55
CA PRO M 98 19.12 -86.19 -82.60
C PRO M 98 19.07 -86.80 -83.99
N ALA M 99 18.33 -86.19 -84.92
CA ALA M 99 18.19 -86.73 -86.26
C ALA M 99 19.39 -86.45 -87.15
N LEU M 100 20.33 -85.59 -86.73
CA LEU M 100 21.47 -85.31 -87.58
C LEU M 100 22.37 -86.53 -87.69
N ALA M 101 23.01 -86.68 -88.85
CA ALA M 101 23.92 -87.78 -89.07
C ALA M 101 25.13 -87.70 -88.14
N SER M 102 25.55 -88.87 -87.63
CA SER M 102 26.76 -88.94 -86.82
C SER M 102 27.93 -88.26 -87.52
N ALA M 103 28.04 -88.46 -88.84
CA ALA M 103 29.14 -87.85 -89.59
C ALA M 103 28.97 -86.34 -89.71
N SER M 104 27.73 -85.86 -89.87
CA SER M 104 27.51 -84.42 -89.96
C SER M 104 27.74 -83.72 -88.62
N VAL M 105 27.67 -84.46 -87.51
CA VAL M 105 28.05 -83.86 -86.22
C VAL M 105 29.52 -83.48 -86.22
N LYS M 106 30.40 -84.42 -86.57
CA LYS M 106 31.81 -84.08 -86.68
C LYS M 106 32.07 -83.08 -87.81
N ASP M 107 31.29 -83.11 -88.89
CA ASP M 107 31.45 -82.07 -89.91
C ASP M 107 31.18 -80.68 -89.32
N LEU M 108 30.18 -80.57 -88.44
CA LEU M 108 29.92 -79.28 -87.78
C LEU M 108 31.07 -78.88 -86.88
N ARG M 109 31.59 -79.83 -86.10
CA ARG M 109 32.72 -79.51 -85.21
C ARG M 109 33.90 -78.96 -86.01
N LEU M 110 34.23 -79.62 -87.13
CA LEU M 110 35.39 -79.21 -87.91
C LEU M 110 35.13 -77.95 -88.72
N ILE M 111 33.92 -77.78 -89.24
CA ILE M 111 33.63 -76.57 -90.01
C ILE M 111 33.54 -75.37 -89.08
N GLY M 112 33.16 -75.58 -87.82
CA GLY M 112 33.18 -74.49 -86.87
C GLY M 112 34.60 -74.12 -86.48
N ALA M 113 35.39 -75.13 -86.07
CA ALA M 113 36.78 -74.85 -85.73
C ALA M 113 37.54 -74.24 -86.88
N GLN M 114 37.14 -74.56 -88.11
CA GLN M 114 37.78 -74.00 -89.29
C GLN M 114 37.39 -72.54 -89.51
N LEU M 115 36.27 -72.09 -88.95
CA LEU M 115 35.91 -70.69 -89.01
C LEU M 115 36.70 -69.83 -88.03
N LEU M 116 37.23 -70.42 -86.94
CA LEU M 116 38.15 -69.68 -86.08
C LEU M 116 39.51 -69.49 -86.72
N THR M 117 40.08 -70.56 -87.28
CA THR M 117 41.50 -70.56 -87.60
C THR M 117 41.83 -70.14 -89.03
N ASP M 118 40.91 -70.34 -89.97
CA ASP M 118 41.25 -70.13 -91.38
C ASP M 118 41.52 -68.65 -91.64
N ALA M 119 42.64 -68.38 -92.32
CA ALA M 119 43.14 -67.02 -92.49
C ALA M 119 42.14 -66.09 -93.16
N ASP M 120 41.22 -66.64 -93.96
CA ASP M 120 40.17 -65.82 -94.57
C ASP M 120 39.43 -65.01 -93.51
N TYR M 121 39.07 -65.63 -92.39
CA TYR M 121 38.37 -64.91 -91.34
C TYR M 121 39.32 -64.21 -90.39
N ASP M 122 40.62 -64.33 -90.66
CA ASP M 122 41.64 -63.82 -89.75
C ASP M 122 41.44 -62.32 -89.50
N SER M 123 41.00 -61.58 -90.52
CA SER M 123 40.73 -60.16 -90.33
C SER M 123 39.45 -59.93 -89.53
N PHE M 124 38.50 -60.86 -89.60
CA PHE M 124 37.24 -60.69 -88.88
C PHE M 124 37.43 -60.78 -87.38
N TRP M 125 38.05 -61.87 -86.91
CA TRP M 125 38.17 -62.10 -85.48
C TRP M 125 39.05 -61.05 -84.82
N THR M 126 40.20 -60.75 -85.42
CA THR M 126 41.14 -59.82 -84.81
C THR M 126 40.60 -58.40 -84.82
N LEU M 127 40.20 -57.92 -85.99
CA LEU M 127 39.85 -56.52 -86.16
C LEU M 127 38.36 -56.25 -85.96
N GLY M 128 37.55 -57.30 -85.78
CA GLY M 128 36.10 -57.10 -85.80
C GLY M 128 35.62 -56.57 -87.13
N ALA M 129 36.22 -57.02 -88.23
CA ALA M 129 36.02 -56.44 -89.55
C ALA M 129 34.96 -57.20 -90.32
N LEU M 130 33.88 -56.50 -90.69
CA LEU M 130 32.82 -57.08 -91.51
C LEU M 130 33.09 -56.76 -92.96
N ALA M 131 33.46 -57.77 -93.73
CA ALA M 131 33.71 -57.61 -95.16
C ALA M 131 33.86 -59.00 -95.78
N SER N 1 37.56 -88.02 -70.06
CA SER N 1 38.52 -87.62 -71.08
C SER N 1 38.64 -86.10 -71.14
N ILE N 2 37.66 -85.40 -70.56
CA ILE N 2 37.78 -83.95 -70.41
C ILE N 2 38.78 -83.62 -69.30
N ILE N 3 38.69 -84.32 -68.17
CA ILE N 3 39.62 -84.11 -67.08
C ILE N 3 40.98 -84.64 -67.49
N GLY N 4 42.02 -83.85 -67.27
CA GLY N 4 43.35 -84.29 -67.61
C GLY N 4 43.62 -84.40 -69.10
N SER N 5 42.93 -83.61 -69.91
CA SER N 5 43.23 -83.54 -71.32
C SER N 5 44.34 -82.51 -71.57
N SER N 6 45.02 -82.66 -72.71
CA SER N 6 46.17 -81.84 -73.06
C SER N 6 45.95 -81.19 -74.41
N ILE N 7 46.24 -79.89 -74.50
CA ILE N 7 46.05 -79.11 -75.72
C ILE N 7 47.18 -78.09 -75.88
N LYS N 8 47.48 -77.73 -77.13
CA LYS N 8 48.63 -76.86 -77.39
C LYS N 8 48.27 -75.39 -77.18
N THR N 9 49.08 -74.67 -76.40
CA THR N 9 48.97 -73.22 -76.33
C THR N 9 50.08 -72.59 -77.15
N GLY N 10 49.84 -71.33 -77.55
CA GLY N 10 50.77 -70.61 -78.38
C GLY N 10 51.17 -71.42 -79.59
N ALA N 11 50.17 -72.02 -80.24
CA ALA N 11 50.45 -72.79 -81.43
C ALA N 11 50.75 -71.85 -82.61
N THR N 12 51.66 -72.29 -83.48
CA THR N 12 52.02 -71.50 -84.64
C THR N 12 50.86 -71.37 -85.61
N SER N 13 50.20 -72.49 -85.93
CA SER N 13 48.98 -72.45 -86.73
C SER N 13 48.29 -73.80 -86.64
N ALA N 14 47.05 -73.84 -87.11
CA ALA N 14 46.27 -75.06 -87.18
C ALA N 14 45.76 -75.23 -88.60
N SER N 15 45.43 -76.47 -88.96
CA SER N 15 45.03 -76.79 -90.32
C SER N 15 44.10 -78.00 -90.29
N ILE N 16 43.70 -78.43 -91.48
CA ILE N 16 42.65 -79.43 -91.60
C ILE N 16 42.96 -80.36 -92.77
N THR N 17 43.15 -81.64 -92.48
CA THR N 17 43.29 -82.67 -93.51
C THR N 17 41.88 -83.05 -93.94
N GLY N 18 41.44 -82.53 -95.09
CA GLY N 18 40.03 -82.36 -95.36
C GLY N 18 39.61 -82.86 -96.73
N GLY N 19 38.31 -82.78 -96.98
CA GLY N 19 37.69 -83.20 -98.21
C GLY N 19 37.36 -82.07 -99.16
N SER N 20 36.10 -81.95 -99.57
CA SER N 20 35.71 -81.04 -100.64
C SER N 20 35.52 -79.61 -100.14
N ASP N 21 35.63 -78.66 -101.08
CA ASP N 21 35.46 -77.25 -100.79
C ASP N 21 34.00 -76.88 -100.58
N ILE N 22 33.78 -75.75 -99.93
CA ILE N 22 32.47 -75.14 -99.81
C ILE N 22 32.66 -73.62 -99.79
N THR N 23 31.80 -72.90 -100.51
CA THR N 23 32.02 -71.48 -100.79
C THR N 23 30.82 -70.65 -100.34
N PHE N 24 31.11 -69.53 -99.68
CA PHE N 24 30.09 -68.64 -99.14
C PHE N 24 29.79 -67.49 -100.09
N ALA N 25 28.52 -67.10 -100.13
CA ALA N 25 28.08 -65.94 -100.90
C ALA N 25 27.09 -65.16 -100.06
N LEU N 26 26.89 -63.89 -100.43
CA LEU N 26 26.09 -62.98 -99.61
C LEU N 26 24.60 -63.33 -99.71
N THR N 27 23.94 -63.44 -98.54
CA THR N 27 22.56 -63.93 -98.46
C THR N 27 21.53 -62.80 -98.50
N GLY N 28 21.90 -61.60 -98.06
CA GLY N 28 20.91 -60.56 -97.93
C GLY N 28 19.80 -60.90 -96.96
N GLN N 29 20.10 -61.62 -95.89
CA GLN N 29 19.21 -61.71 -94.74
C GLN N 29 19.60 -60.62 -93.76
N THR N 30 18.70 -59.68 -93.52
CA THR N 30 19.02 -58.52 -92.69
C THR N 30 19.47 -58.99 -91.31
N VAL N 31 20.72 -58.67 -90.96
CA VAL N 31 21.32 -59.08 -89.70
C VAL N 31 22.02 -57.86 -89.08
N THR N 32 21.56 -57.48 -87.89
CA THR N 32 22.12 -56.31 -87.24
C THR N 32 23.58 -56.56 -86.87
N ASN N 33 24.43 -55.59 -87.21
CA ASN N 33 25.85 -55.61 -86.86
C ASN N 33 26.57 -56.80 -87.50
N GLY N 34 26.12 -57.25 -88.66
CA GLY N 34 26.74 -58.43 -89.22
C GLY N 34 26.20 -58.79 -90.58
N LEU N 35 26.62 -59.98 -91.03
CA LEU N 35 26.35 -60.49 -92.36
C LEU N 35 25.73 -61.88 -92.26
N ASN N 36 25.04 -62.27 -93.33
CA ASN N 36 24.65 -63.65 -93.56
C ASN N 36 25.21 -64.08 -94.90
N VAL N 37 25.99 -65.17 -94.91
CA VAL N 37 26.49 -65.78 -96.13
C VAL N 37 26.09 -67.25 -96.12
N SER N 38 25.47 -67.71 -97.19
CA SER N 38 25.14 -69.13 -97.28
C SER N 38 25.99 -69.79 -98.34
N VAL N 39 26.02 -71.11 -98.30
CA VAL N 39 26.84 -71.86 -99.25
C VAL N 39 26.04 -72.00 -100.54
N SER N 40 26.56 -71.40 -101.61
CA SER N 40 25.91 -71.48 -102.91
C SER N 40 26.12 -72.83 -103.56
N GLU N 41 26.74 -73.77 -102.84
CA GLU N 41 27.05 -75.08 -103.37
C GLU N 41 26.04 -76.15 -102.99
N ASP N 42 25.16 -75.86 -102.03
CA ASP N 42 23.98 -76.69 -101.78
C ASP N 42 22.85 -76.19 -102.67
N THR N 43 22.07 -77.13 -103.22
CA THR N 43 21.15 -76.79 -104.29
C THR N 43 19.75 -76.42 -103.81
N ASP N 44 19.35 -76.83 -102.61
CA ASP N 44 17.98 -76.67 -102.13
C ASP N 44 17.97 -75.67 -100.97
N TYR N 45 17.37 -74.48 -101.20
CA TYR N 45 17.39 -73.43 -100.19
C TYR N 45 16.91 -73.95 -98.85
N ARG N 46 15.82 -74.71 -98.84
CA ARG N 46 15.22 -75.24 -97.63
C ARG N 46 16.24 -75.91 -96.71
N THR N 47 17.39 -76.35 -97.25
CA THR N 47 18.46 -76.96 -96.46
C THR N 47 19.84 -76.45 -96.88
N ARG N 48 20.00 -75.16 -97.15
CA ARG N 48 21.33 -74.61 -97.41
C ARG N 48 22.01 -74.17 -96.14
N ARG N 49 23.14 -74.81 -95.84
CA ARG N 49 24.02 -74.43 -94.74
C ARG N 49 24.38 -72.95 -94.87
N ASN N 50 24.12 -72.18 -93.82
CA ASN N 50 24.48 -70.77 -93.86
C ASN N 50 25.25 -70.39 -92.60
N ALA N 51 25.75 -69.17 -92.58
CA ALA N 51 26.55 -68.69 -91.47
C ALA N 51 26.30 -67.21 -91.30
N THR N 52 26.30 -66.78 -90.05
CA THR N 52 26.00 -65.40 -89.70
C THR N 52 27.14 -64.87 -88.83
N PHE N 53 27.65 -63.70 -89.21
CA PHE N 53 28.77 -63.06 -88.56
C PHE N 53 28.28 -61.79 -87.87
N LYS N 54 28.59 -61.65 -86.58
CA LYS N 54 28.23 -60.46 -85.82
C LYS N 54 29.47 -59.89 -85.16
N SER N 55 29.46 -58.56 -84.97
CA SER N 55 30.60 -57.85 -84.35
C SER N 55 30.06 -56.69 -83.53
N ARG N 56 29.98 -56.88 -82.22
CA ARG N 56 29.70 -55.80 -81.28
C ARG N 56 31.01 -55.23 -80.78
N VAL N 57 31.11 -53.91 -80.80
CA VAL N 57 32.36 -53.20 -80.52
C VAL N 57 32.47 -52.92 -79.03
N PRO N 58 33.67 -52.67 -78.52
CA PRO N 58 33.82 -52.28 -77.11
C PRO N 58 33.16 -50.93 -76.85
N THR N 59 32.64 -50.78 -75.64
CA THR N 59 31.93 -49.58 -75.23
C THR N 59 32.87 -48.69 -74.42
N VAL N 60 32.87 -47.39 -74.73
CA VAL N 60 33.70 -46.41 -74.04
C VAL N 60 32.87 -45.79 -72.94
N VAL N 61 33.17 -46.13 -71.69
CA VAL N 61 32.46 -45.62 -70.52
C VAL N 61 33.48 -44.92 -69.64
N ASN N 62 33.62 -43.62 -69.83
CA ASN N 62 34.42 -42.76 -68.95
C ASN N 62 35.84 -43.30 -68.80
N GLY N 63 36.52 -43.47 -69.93
CA GLY N 63 37.88 -43.98 -69.94
C GLY N 63 38.03 -45.48 -69.74
N ASN N 64 36.97 -46.21 -69.44
CA ASN N 64 37.02 -47.66 -69.27
C ASN N 64 36.34 -48.35 -70.45
N TYR N 65 36.95 -49.43 -70.95
CA TYR N 65 36.43 -50.13 -72.12
C TYR N 65 35.94 -51.51 -71.73
N SER N 66 34.73 -51.85 -72.18
CA SER N 66 34.21 -53.20 -72.07
C SER N 66 34.80 -54.09 -73.14
N LYS N 67 34.79 -55.39 -72.89
CA LYS N 67 35.20 -56.33 -73.92
C LYS N 67 34.23 -56.28 -75.09
N GLY N 68 34.77 -56.46 -76.30
CA GLY N 68 33.95 -56.61 -77.48
C GLY N 68 33.67 -58.08 -77.78
N LYS N 69 32.78 -58.30 -78.74
CA LYS N 69 32.24 -59.64 -78.98
C LYS N 69 32.10 -59.88 -80.47
N ASN N 70 32.73 -60.95 -80.96
CA ASN N 70 32.61 -61.32 -82.37
C ASN N 70 32.04 -62.74 -82.45
N GLU N 71 30.83 -62.86 -82.98
CA GLU N 71 30.15 -64.15 -83.08
C GLU N 71 30.14 -64.66 -84.51
N VAL N 72 30.11 -65.99 -84.62
CA VAL N 72 29.75 -66.67 -85.85
C VAL N 72 28.77 -67.77 -85.48
N VAL N 73 27.75 -67.95 -86.32
CA VAL N 73 26.74 -68.99 -86.15
C VAL N 73 26.64 -69.73 -87.48
N PHE N 74 27.08 -70.98 -87.49
CA PHE N 74 26.98 -71.83 -88.67
C PHE N 74 25.81 -72.79 -88.45
N VAL N 75 24.99 -72.96 -89.48
CA VAL N 75 23.71 -73.64 -89.35
C VAL N 75 23.54 -74.63 -90.50
N ILE N 76 23.26 -75.88 -90.13
CA ILE N 76 22.77 -76.93 -91.04
C ILE N 76 21.28 -77.08 -90.80
N PRO N 77 20.43 -76.57 -91.68
CA PRO N 77 18.99 -76.87 -91.56
C PRO N 77 18.70 -78.26 -92.12
N MET N 78 17.84 -79.00 -91.42
CA MET N 78 17.46 -80.34 -91.84
C MET N 78 15.95 -80.50 -91.72
N SER N 79 15.38 -81.20 -92.70
CA SER N 79 13.95 -81.46 -92.76
C SER N 79 13.67 -82.76 -92.00
N LEU N 80 12.85 -82.67 -90.95
CA LEU N 80 12.53 -83.85 -90.16
C LEU N 80 11.53 -84.73 -90.91
N ASP N 81 11.40 -85.96 -90.41
CA ASP N 81 10.35 -86.84 -90.90
C ASP N 81 8.98 -86.23 -90.68
N SER N 82 8.82 -85.46 -89.60
CA SER N 82 7.57 -84.77 -89.26
C SER N 82 7.19 -83.69 -90.27
N GLY N 83 8.09 -83.32 -91.18
CA GLY N 83 7.88 -82.18 -92.05
C GLY N 83 8.43 -80.89 -91.49
N GLU N 84 8.44 -80.73 -90.17
CA GLU N 84 9.03 -79.54 -89.56
C GLU N 84 10.53 -79.55 -89.73
N THR N 85 11.08 -78.48 -90.29
CA THR N 85 12.51 -78.36 -90.50
C THR N 85 13.12 -77.58 -89.34
N VAL N 86 14.27 -78.05 -88.84
CA VAL N 86 14.94 -77.46 -87.69
C VAL N 86 16.40 -77.21 -88.04
N PHE N 87 17.13 -76.63 -87.08
CA PHE N 87 18.46 -76.10 -87.33
C PHE N 87 19.50 -76.72 -86.38
N ASN N 88 20.58 -77.23 -86.95
CA ASN N 88 21.75 -77.69 -86.21
C ASN N 88 22.77 -76.55 -86.21
N SER N 89 23.18 -76.12 -85.02
CA SER N 89 23.84 -74.83 -84.85
C SER N 89 25.17 -75.00 -84.12
N VAL N 90 26.27 -74.68 -84.78
CA VAL N 90 27.52 -74.45 -84.08
C VAL N 90 27.73 -72.94 -83.97
N ARG N 91 27.90 -72.44 -82.74
CA ARG N 91 28.07 -71.03 -82.48
C ARG N 91 29.40 -70.81 -81.76
N ILE N 92 30.18 -69.85 -82.26
CA ILE N 92 31.49 -69.54 -81.67
C ILE N 92 31.55 -68.03 -81.47
N ALA N 93 31.62 -67.61 -80.22
CA ALA N 93 31.67 -66.22 -79.83
C ALA N 93 32.98 -65.95 -79.11
N LEU N 94 33.67 -64.88 -79.52
CA LEU N 94 34.97 -64.56 -78.96
C LEU N 94 34.89 -63.15 -78.38
N GLU N 95 34.98 -63.05 -77.06
CA GLU N 95 34.86 -61.81 -76.31
C GLU N 95 36.24 -61.42 -75.79
N ILE N 96 36.72 -60.27 -76.25
CA ILE N 96 38.09 -59.83 -75.98
C ILE N 96 38.09 -58.38 -75.52
N HIS N 97 38.83 -58.10 -74.44
CA HIS N 97 39.14 -56.74 -74.07
C HIS N 97 40.32 -56.23 -74.89
N PRO N 98 40.30 -54.97 -75.35
CA PRO N 98 41.32 -54.51 -76.30
C PRO N 98 42.74 -54.55 -75.75
N ALA N 99 42.91 -54.60 -74.43
CA ALA N 99 44.23 -54.60 -73.83
C ALA N 99 44.92 -55.96 -73.84
N LEU N 100 44.25 -57.01 -74.31
CA LEU N 100 44.90 -58.31 -74.41
C LEU N 100 45.89 -58.33 -75.56
N ALA N 101 46.95 -59.11 -75.40
CA ALA N 101 47.99 -59.18 -76.41
C ALA N 101 47.46 -59.78 -77.71
N SER N 102 47.90 -59.18 -78.82
CA SER N 102 47.50 -59.65 -80.15
C SER N 102 47.82 -61.13 -80.31
N ALA N 103 48.88 -61.61 -79.67
CA ALA N 103 49.25 -63.01 -79.74
C ALA N 103 48.33 -63.89 -78.91
N SER N 104 47.91 -63.41 -77.73
CA SER N 104 46.98 -64.18 -76.91
C SER N 104 45.61 -64.28 -77.55
N VAL N 105 45.22 -63.28 -78.36
CA VAL N 105 43.95 -63.38 -79.07
C VAL N 105 43.96 -64.59 -80.02
N LYS N 106 45.02 -64.71 -80.81
CA LYS N 106 45.10 -65.83 -81.74
C LYS N 106 45.34 -67.16 -81.01
N ASP N 107 46.11 -67.15 -79.92
CA ASP N 107 46.18 -68.35 -79.09
C ASP N 107 44.79 -68.78 -78.63
N LEU N 108 43.92 -67.81 -78.33
CA LEU N 108 42.58 -68.12 -77.85
C LEU N 108 41.73 -68.73 -78.97
N ARG N 109 41.83 -68.17 -80.18
CA ARG N 109 41.17 -68.77 -81.35
C ARG N 109 41.59 -70.22 -81.54
N LEU N 110 42.89 -70.47 -81.51
CA LEU N 110 43.39 -71.82 -81.79
C LEU N 110 43.04 -72.78 -80.65
N ILE N 111 43.03 -72.30 -79.41
CA ILE N 111 42.73 -73.20 -78.30
C ILE N 111 41.25 -73.58 -78.31
N GLY N 112 40.38 -72.64 -78.72
CA GLY N 112 39.00 -73.01 -78.93
C GLY N 112 38.83 -74.02 -80.05
N ALA N 113 39.54 -73.82 -81.15
CA ALA N 113 39.48 -74.79 -82.24
C ALA N 113 39.90 -76.17 -81.78
N GLN N 114 40.96 -76.25 -80.96
CA GLN N 114 41.37 -77.56 -80.47
C GLN N 114 40.28 -78.17 -79.59
N LEU N 115 39.69 -77.35 -78.69
CA LEU N 115 38.60 -77.84 -77.86
C LEU N 115 37.47 -78.44 -78.71
N LEU N 116 37.19 -77.85 -79.88
CA LEU N 116 36.24 -78.48 -80.79
C LEU N 116 36.74 -79.81 -81.37
N THR N 117 37.94 -79.82 -81.93
CA THR N 117 38.30 -80.91 -82.84
C THR N 117 39.13 -82.03 -82.22
N ASP N 118 39.65 -81.87 -81.01
CA ASP N 118 40.51 -82.90 -80.45
C ASP N 118 39.70 -84.14 -80.09
N ALA N 119 40.39 -85.29 -80.09
CA ALA N 119 39.71 -86.56 -79.84
C ALA N 119 39.34 -86.70 -78.37
N ASP N 120 40.13 -86.12 -77.47
CA ASP N 120 39.83 -86.16 -76.04
C ASP N 120 38.41 -85.70 -75.74
N TYR N 121 37.85 -84.82 -76.57
CA TYR N 121 36.55 -84.23 -76.32
C TYR N 121 35.44 -84.86 -77.13
N ASP N 122 35.75 -85.89 -77.93
CA ASP N 122 34.75 -86.57 -78.74
C ASP N 122 33.56 -87.02 -77.89
N SER N 123 33.84 -87.68 -76.75
CA SER N 123 32.76 -88.14 -75.89
C SER N 123 31.88 -86.98 -75.44
N PHE N 124 32.49 -85.90 -74.96
CA PHE N 124 31.74 -84.73 -74.52
C PHE N 124 30.82 -84.21 -75.61
N TRP N 125 31.41 -83.82 -76.75
CA TRP N 125 30.61 -83.18 -77.79
C TRP N 125 29.51 -84.10 -78.29
N THR N 126 29.86 -85.34 -78.68
CA THR N 126 28.89 -86.21 -79.33
C THR N 126 27.83 -86.69 -78.35
N LEU N 127 28.26 -87.33 -77.26
CA LEU N 127 27.33 -88.00 -76.35
C LEU N 127 26.78 -87.07 -75.28
N GLY N 128 27.43 -85.94 -75.03
CA GLY N 128 27.11 -85.09 -73.91
C GLY N 128 27.76 -85.48 -72.61
N ALA N 129 28.77 -86.36 -72.65
CA ALA N 129 29.30 -86.95 -71.43
C ALA N 129 30.16 -85.94 -70.68
N LEU N 130 29.81 -85.70 -69.41
CA LEU N 130 30.66 -84.89 -68.56
C LEU N 130 31.83 -85.72 -68.04
N ALA N 131 32.78 -85.01 -67.42
CA ALA N 131 33.98 -85.63 -66.83
C ALA N 131 34.84 -86.41 -67.83
N SER O 1 53.74 -82.92 -23.48
CA SER O 1 54.02 -83.60 -24.73
C SER O 1 53.60 -82.75 -25.94
N ILE O 2 52.49 -82.00 -25.82
CA ILE O 2 52.17 -81.03 -26.85
C ILE O 2 53.13 -79.86 -26.80
N ILE O 3 53.39 -79.36 -25.59
CA ILE O 3 54.35 -78.27 -25.41
C ILE O 3 55.75 -78.84 -25.59
N GLY O 4 56.49 -78.29 -26.55
CA GLY O 4 57.81 -78.77 -26.84
C GLY O 4 57.90 -79.80 -27.93
N SER O 5 56.78 -80.25 -28.47
CA SER O 5 56.79 -81.24 -29.54
C SER O 5 57.49 -80.68 -30.77
N SER O 6 58.10 -81.57 -31.54
CA SER O 6 58.82 -81.21 -32.75
C SER O 6 58.25 -81.99 -33.93
N ILE O 7 58.02 -81.29 -35.03
CA ILE O 7 57.44 -81.88 -36.23
C ILE O 7 58.10 -81.29 -37.46
N LYS O 8 58.19 -82.08 -38.53
CA LYS O 8 58.92 -81.67 -39.72
C LYS O 8 58.10 -80.73 -40.58
N THR O 9 58.68 -79.61 -40.99
CA THR O 9 58.10 -78.76 -42.02
C THR O 9 58.95 -78.85 -43.28
N GLY O 10 58.35 -78.43 -44.39
CA GLY O 10 59.01 -78.60 -45.68
C GLY O 10 59.36 -80.05 -45.98
N ALA O 11 58.49 -80.98 -45.58
CA ALA O 11 58.76 -82.39 -45.81
C ALA O 11 58.51 -82.75 -47.26
N THR O 12 59.33 -83.69 -47.77
CA THR O 12 59.15 -84.16 -49.14
C THR O 12 57.83 -84.91 -49.30
N SER O 13 57.63 -85.96 -48.51
CA SER O 13 56.37 -86.70 -48.58
C SER O 13 56.20 -87.53 -47.31
N ALA O 14 54.95 -87.93 -47.06
CA ALA O 14 54.61 -88.75 -45.91
C ALA O 14 54.17 -90.13 -46.38
N SER O 15 54.39 -91.13 -45.54
CA SER O 15 54.08 -92.50 -45.88
C SER O 15 53.56 -93.20 -44.64
N ILE O 16 53.10 -94.43 -44.80
CA ILE O 16 52.51 -95.16 -43.69
C ILE O 16 52.84 -96.64 -43.80
N THR O 17 53.56 -97.16 -42.80
CA THR O 17 53.85 -98.59 -42.70
C THR O 17 52.64 -99.25 -42.08
N GLY O 18 51.86 -99.97 -42.90
CA GLY O 18 50.57 -100.43 -42.43
C GLY O 18 50.06 -101.75 -42.97
N GLY O 19 48.81 -102.06 -42.63
CA GLY O 19 48.23 -103.35 -42.95
C GLY O 19 47.43 -103.41 -44.23
N SER O 20 46.16 -103.81 -44.13
CA SER O 20 45.36 -104.15 -45.29
C SER O 20 44.85 -102.91 -46.01
N ASP O 21 44.51 -103.10 -47.29
CA ASP O 21 43.95 -102.06 -48.12
C ASP O 21 42.47 -101.84 -47.81
N ILE O 22 41.97 -100.69 -48.23
CA ILE O 22 40.53 -100.41 -48.21
C ILE O 22 40.24 -99.53 -49.42
N THR O 23 39.10 -99.76 -50.06
CA THR O 23 38.79 -99.06 -51.30
C THR O 23 37.45 -98.36 -51.20
N PHE O 24 37.36 -97.21 -51.86
CA PHE O 24 36.17 -96.37 -51.85
C PHE O 24 35.42 -96.51 -53.17
N ALA O 25 34.09 -96.45 -53.08
CA ALA O 25 33.26 -96.34 -54.27
C ALA O 25 32.17 -95.33 -54.00
N LEU O 26 31.66 -94.71 -55.07
CA LEU O 26 30.71 -93.61 -54.94
C LEU O 26 29.38 -94.11 -54.37
N THR O 27 28.92 -93.44 -53.30
CA THR O 27 27.77 -93.91 -52.56
C THR O 27 26.46 -93.69 -53.31
N GLY O 28 26.31 -92.51 -53.91
CA GLY O 28 25.02 -92.10 -54.39
C GLY O 28 24.14 -91.48 -53.33
N GLN O 29 24.68 -91.17 -52.16
CA GLN O 29 24.00 -90.29 -51.22
C GLN O 29 24.18 -88.86 -51.69
N THR O 30 23.07 -88.15 -51.87
CA THR O 30 23.14 -86.78 -52.36
C THR O 30 23.74 -85.90 -51.27
N VAL O 31 24.83 -85.19 -51.60
CA VAL O 31 25.51 -84.30 -50.67
C VAL O 31 25.72 -82.95 -51.35
N THR O 32 25.26 -81.89 -50.69
CA THR O 32 25.38 -80.54 -51.23
C THR O 32 26.84 -80.13 -51.31
N ASN O 33 27.25 -79.66 -52.49
CA ASN O 33 28.63 -79.27 -52.78
C ASN O 33 29.62 -80.40 -52.50
N GLY O 34 29.13 -81.64 -52.43
CA GLY O 34 29.98 -82.69 -51.92
C GLY O 34 29.72 -84.05 -52.52
N LEU O 35 30.43 -85.02 -51.96
CA LEU O 35 30.52 -86.38 -52.46
C LEU O 35 30.50 -87.34 -51.28
N ASN O 36 29.92 -88.52 -51.48
CA ASN O 36 30.01 -89.57 -50.47
C ASN O 36 30.58 -90.81 -51.14
N VAL O 37 31.69 -91.31 -50.62
CA VAL O 37 32.25 -92.59 -51.04
C VAL O 37 32.35 -93.48 -49.81
N SER O 38 31.80 -94.68 -49.91
CA SER O 38 31.88 -95.60 -48.78
C SER O 38 32.80 -96.76 -49.12
N VAL O 39 33.04 -97.58 -48.11
CA VAL O 39 33.96 -98.70 -48.22
C VAL O 39 33.29 -99.86 -48.91
N SER O 40 33.79 -100.21 -50.10
CA SER O 40 33.29 -101.35 -50.84
C SER O 40 33.69 -102.68 -50.23
N GLU O 41 34.40 -102.67 -49.10
CA GLU O 41 34.99 -103.87 -48.54
C GLU O 41 34.36 -104.30 -47.23
N ASP O 42 33.70 -103.39 -46.52
CA ASP O 42 32.86 -103.75 -45.40
C ASP O 42 31.51 -104.22 -45.91
N THR O 43 31.02 -105.33 -45.34
CA THR O 43 29.92 -106.06 -45.96
C THR O 43 28.54 -105.63 -45.46
N ASP O 44 28.44 -104.97 -44.32
CA ASP O 44 27.17 -104.57 -43.74
C ASP O 44 27.10 -103.05 -43.76
N TYR O 45 26.15 -102.50 -44.52
CA TYR O 45 25.99 -101.04 -44.60
C TYR O 45 25.85 -100.43 -43.21
N ARG O 46 25.13 -101.11 -42.32
CA ARG O 46 24.92 -100.65 -40.97
C ARG O 46 26.23 -100.22 -40.31
N THR O 47 27.35 -100.86 -40.68
CA THR O 47 28.66 -100.53 -40.14
C THR O 47 29.69 -100.24 -41.23
N ARG O 48 29.27 -99.82 -42.44
CA ARG O 48 30.24 -99.44 -43.47
C ARG O 48 30.83 -98.08 -43.21
N ARG O 49 32.13 -98.06 -42.96
CA ARG O 49 32.89 -96.82 -42.92
C ARG O 49 32.65 -96.02 -44.19
N ASN O 50 32.41 -94.71 -44.05
CA ASN O 50 32.27 -93.89 -45.25
C ASN O 50 32.86 -92.51 -45.03
N ALA O 51 33.24 -91.89 -46.15
CA ALA O 51 33.87 -90.57 -46.15
C ALA O 51 33.07 -89.64 -47.03
N THR O 52 33.00 -88.38 -46.61
CA THR O 52 32.26 -87.34 -47.31
C THR O 52 33.19 -86.17 -47.57
N PHE O 53 33.21 -85.72 -48.82
CA PHE O 53 34.12 -84.71 -49.33
C PHE O 53 33.32 -83.47 -49.72
N LYS O 54 33.55 -82.36 -49.04
CA LYS O 54 32.92 -81.10 -49.40
C LYS O 54 33.98 -80.11 -49.88
N SER O 55 33.57 -79.22 -50.78
CA SER O 55 34.50 -78.30 -51.42
C SER O 55 33.81 -76.98 -51.72
N ARG O 56 34.44 -75.88 -51.29
CA ARG O 56 34.05 -74.54 -51.70
C ARG O 56 35.29 -73.78 -52.17
N VAL O 57 35.19 -73.23 -53.38
CA VAL O 57 36.25 -72.55 -54.12
C VAL O 57 36.32 -71.09 -53.64
N PRO O 58 37.47 -70.43 -53.73
CA PRO O 58 37.54 -69.01 -53.33
C PRO O 58 36.58 -68.14 -54.12
N THR O 59 35.85 -67.30 -53.38
CA THR O 59 34.89 -66.36 -53.95
C THR O 59 35.49 -64.96 -53.98
N VAL O 60 35.25 -64.24 -55.07
CA VAL O 60 35.84 -62.92 -55.31
C VAL O 60 34.79 -61.84 -55.10
N VAL O 61 35.11 -60.86 -54.24
CA VAL O 61 34.29 -59.68 -54.02
C VAL O 61 35.06 -58.47 -54.51
N ASN O 62 34.70 -57.98 -55.70
CA ASN O 62 35.27 -56.77 -56.31
C ASN O 62 36.80 -56.77 -56.24
N GLY O 63 37.38 -57.90 -56.62
CA GLY O 63 38.83 -58.04 -56.70
C GLY O 63 39.49 -58.70 -55.50
N ASN O 64 38.78 -58.85 -54.38
CA ASN O 64 39.36 -59.43 -53.17
C ASN O 64 38.91 -60.89 -53.03
N TYR O 65 39.87 -61.80 -52.87
CA TYR O 65 39.55 -63.23 -52.79
C TYR O 65 39.34 -63.67 -51.35
N SER O 66 38.45 -64.66 -51.19
CA SER O 66 38.16 -65.25 -49.90
C SER O 66 38.80 -66.63 -49.82
N LYS O 67 39.38 -66.94 -48.67
CA LYS O 67 39.95 -68.26 -48.44
C LYS O 67 38.89 -69.34 -48.62
N GLY O 68 39.21 -70.34 -49.46
CA GLY O 68 38.31 -71.44 -49.70
C GLY O 68 38.51 -72.59 -48.73
N LYS O 69 37.61 -73.57 -48.80
CA LYS O 69 37.46 -74.57 -47.75
C LYS O 69 37.25 -75.94 -48.35
N ASN O 70 38.12 -76.89 -48.01
CA ASN O 70 37.99 -78.28 -48.45
C ASN O 70 37.86 -79.18 -47.21
N GLU O 71 36.67 -79.73 -46.99
CA GLU O 71 36.41 -80.60 -45.85
C GLU O 71 36.37 -82.06 -46.27
N VAL O 72 36.80 -82.91 -45.34
CA VAL O 72 36.61 -84.36 -45.42
C VAL O 72 36.14 -84.82 -44.06
N VAL O 73 35.18 -85.73 -44.05
CA VAL O 73 34.77 -86.38 -42.81
C VAL O 73 34.71 -87.89 -43.04
N PHE O 74 35.34 -88.63 -42.13
CA PHE O 74 35.42 -90.08 -42.21
C PHE O 74 34.74 -90.65 -40.98
N VAL O 75 33.90 -91.67 -41.20
CA VAL O 75 32.97 -92.13 -40.18
C VAL O 75 33.04 -93.64 -40.05
N ILE O 76 33.23 -94.09 -38.81
CA ILE O 76 33.02 -95.47 -38.40
C ILE O 76 31.67 -95.52 -37.66
N PRO O 77 30.62 -96.09 -38.23
CA PRO O 77 29.37 -96.25 -37.48
C PRO O 77 29.44 -97.47 -36.58
N MET O 78 28.92 -97.32 -35.37
CA MET O 78 28.81 -98.45 -34.46
C MET O 78 27.49 -98.36 -33.71
N SER O 79 26.85 -99.52 -33.53
CA SER O 79 25.63 -99.59 -32.74
C SER O 79 26.00 -99.81 -31.28
N LEU O 80 25.36 -99.04 -30.40
CA LEU O 80 25.62 -99.10 -28.97
C LEU O 80 24.80 -100.20 -28.32
N ASP O 81 25.16 -100.50 -27.06
CA ASP O 81 24.31 -101.35 -26.24
C ASP O 81 22.91 -100.76 -26.09
N SER O 82 22.78 -99.44 -26.27
CA SER O 82 21.50 -98.75 -26.28
C SER O 82 20.65 -99.10 -27.50
N GLY O 83 21.23 -99.77 -28.50
CA GLY O 83 20.55 -99.97 -29.77
C GLY O 83 20.78 -98.80 -30.71
N GLU O 84 20.79 -97.60 -30.13
CA GLU O 84 21.16 -96.39 -30.86
C GLU O 84 22.49 -96.57 -31.56
N THR O 85 22.54 -96.16 -32.82
CA THR O 85 23.76 -96.22 -33.61
C THR O 85 24.39 -94.84 -33.71
N VAL O 86 25.67 -94.75 -33.32
CA VAL O 86 26.39 -93.49 -33.27
C VAL O 86 27.55 -93.54 -34.27
N PHE O 87 27.91 -92.35 -34.78
CA PHE O 87 28.94 -92.21 -35.80
C PHE O 87 30.22 -91.70 -35.16
N ASN O 88 31.33 -92.38 -35.40
CA ASN O 88 32.65 -92.02 -34.88
C ASN O 88 33.42 -91.29 -35.96
N SER O 89 33.80 -90.05 -35.68
CA SER O 89 34.15 -89.08 -36.73
C SER O 89 35.60 -88.65 -36.62
N VAL O 90 36.24 -88.49 -37.78
CA VAL O 90 37.44 -87.68 -37.92
C VAL O 90 37.19 -86.72 -39.07
N ARG O 91 37.40 -85.43 -38.83
CA ARG O 91 37.06 -84.38 -39.80
C ARG O 91 38.29 -83.51 -40.01
N ILE O 92 38.67 -83.33 -41.28
CA ILE O 92 39.84 -82.54 -41.65
C ILE O 92 39.41 -81.50 -42.66
N ALA O 93 39.57 -80.23 -42.29
CA ALA O 93 39.14 -79.09 -43.10
C ALA O 93 40.35 -78.21 -43.35
N LEU O 94 40.65 -77.97 -44.63
CA LEU O 94 41.80 -77.15 -45.02
C LEU O 94 41.31 -75.90 -45.73
N GLU O 95 41.60 -74.74 -45.14
CA GLU O 95 41.13 -73.44 -45.62
C GLU O 95 42.34 -72.65 -46.10
N ILE O 96 42.36 -72.36 -47.40
CA ILE O 96 43.53 -71.77 -48.06
C ILE O 96 43.10 -70.51 -48.81
N HIS O 97 43.89 -69.45 -48.66
CA HIS O 97 43.75 -68.28 -49.53
C HIS O 97 44.54 -68.49 -50.82
N PRO O 98 44.01 -68.05 -51.96
CA PRO O 98 44.70 -68.33 -53.23
C PRO O 98 46.13 -67.82 -53.31
N ALA O 99 46.48 -66.81 -52.51
CA ALA O 99 47.81 -66.22 -52.59
C ALA O 99 48.89 -67.05 -51.92
N LEU O 100 48.53 -68.11 -51.20
CA LEU O 100 49.52 -68.88 -50.46
C LEU O 100 50.41 -69.66 -51.42
N ALA O 101 51.64 -69.91 -50.97
CA ALA O 101 52.59 -70.66 -51.77
C ALA O 101 52.09 -72.08 -52.03
N SER O 102 52.24 -72.51 -53.29
CA SER O 102 51.84 -73.86 -53.68
C SER O 102 52.46 -74.92 -52.77
N ALA O 103 53.74 -74.72 -52.39
CA ALA O 103 54.41 -75.68 -51.52
C ALA O 103 53.97 -75.55 -50.07
N SER O 104 53.62 -74.34 -49.64
CA SER O 104 53.08 -74.18 -48.28
C SER O 104 51.73 -74.89 -48.14
N VAL O 105 50.96 -75.01 -49.22
CA VAL O 105 49.71 -75.78 -49.16
C VAL O 105 49.99 -77.22 -48.77
N LYS O 106 50.90 -77.88 -49.50
CA LYS O 106 51.22 -79.27 -49.18
C LYS O 106 51.97 -79.38 -47.85
N ASP O 107 52.73 -78.35 -47.46
CA ASP O 107 53.32 -78.38 -46.12
C ASP O 107 52.24 -78.38 -45.05
N LEU O 108 51.14 -77.64 -45.27
CA LEU O 108 50.03 -77.68 -44.32
C LEU O 108 49.40 -79.07 -44.25
N ARG O 109 49.18 -79.69 -45.41
CA ARG O 109 48.65 -81.05 -45.40
C ARG O 109 49.54 -81.98 -44.57
N LEU O 110 50.86 -81.92 -44.81
CA LEU O 110 51.77 -82.83 -44.13
C LEU O 110 51.90 -82.51 -42.65
N ILE O 111 51.87 -81.23 -42.28
CA ILE O 111 52.02 -80.87 -40.87
C ILE O 111 50.76 -81.21 -40.09
N GLY O 112 49.59 -81.06 -40.73
CA GLY O 112 48.37 -81.55 -40.12
C GLY O 112 48.41 -83.04 -39.89
N ALA O 113 48.88 -83.79 -40.90
CA ALA O 113 48.96 -85.24 -40.73
C ALA O 113 49.90 -85.63 -39.60
N GLN O 114 51.03 -84.92 -39.47
CA GLN O 114 51.94 -85.22 -38.36
C GLN O 114 51.26 -84.92 -37.02
N LEU O 115 50.45 -83.86 -36.96
CA LEU O 115 49.76 -83.56 -35.72
C LEU O 115 48.79 -84.68 -35.31
N LEU O 116 48.27 -85.45 -36.26
CA LEU O 116 47.52 -86.65 -35.90
C LEU O 116 48.41 -87.82 -35.52
N THR O 117 49.47 -88.07 -36.27
CA THR O 117 50.14 -89.37 -36.20
C THR O 117 51.50 -89.36 -35.52
N ASP O 118 51.87 -88.27 -34.85
CA ASP O 118 53.10 -88.32 -34.06
C ASP O 118 52.79 -88.79 -32.64
N ALA O 119 53.78 -89.46 -32.04
CA ALA O 119 53.60 -89.99 -30.69
C ALA O 119 53.41 -88.90 -29.67
N ASP O 120 54.06 -87.74 -29.87
CA ASP O 120 53.97 -86.64 -28.93
C ASP O 120 52.53 -86.27 -28.60
N TYR O 121 51.60 -86.55 -29.51
CA TYR O 121 50.22 -86.12 -29.36
C TYR O 121 49.30 -87.26 -28.95
N ASP O 122 49.82 -88.49 -28.84
CA ASP O 122 49.00 -89.65 -28.49
C ASP O 122 48.13 -89.36 -27.27
N SER O 123 48.72 -88.78 -26.23
CA SER O 123 47.97 -88.51 -25.00
C SER O 123 46.82 -87.54 -25.29
N PHE O 124 47.10 -86.47 -26.03
CA PHE O 124 46.06 -85.52 -26.42
C PHE O 124 44.91 -86.20 -27.14
N TRP O 125 45.21 -86.87 -28.26
CA TRP O 125 44.14 -87.43 -29.08
C TRP O 125 43.34 -88.47 -28.31
N THR O 126 44.01 -89.46 -27.72
CA THR O 126 43.30 -90.56 -27.08
C THR O 126 42.51 -90.07 -25.87
N LEU O 127 43.19 -89.43 -24.92
CA LEU O 127 42.56 -89.10 -23.65
C LEU O 127 41.92 -87.72 -23.65
N GLY O 128 42.54 -86.74 -24.29
CA GLY O 128 42.11 -85.35 -24.21
C GLY O 128 43.02 -84.46 -23.41
N ALA O 129 44.26 -84.90 -23.15
CA ALA O 129 45.22 -84.18 -22.36
C ALA O 129 45.60 -82.85 -23.01
N LEU O 130 45.81 -81.84 -22.18
CA LEU O 130 46.03 -80.47 -22.64
C LEU O 130 47.42 -79.94 -22.32
N ALA O 131 48.37 -80.79 -21.93
CA ALA O 131 49.74 -80.35 -21.67
C ALA O 131 50.65 -80.61 -22.86
N SER P 1 -20.39 -141.22 -17.11
CA SER P 1 -20.92 -142.44 -16.49
C SER P 1 -21.74 -142.12 -15.23
N ILE P 2 -22.44 -140.97 -15.26
CA ILE P 2 -23.25 -140.56 -14.11
C ILE P 2 -24.56 -141.35 -14.06
N ILE P 3 -25.29 -141.37 -15.18
CA ILE P 3 -26.56 -142.07 -15.23
C ILE P 3 -26.32 -143.56 -15.10
N GLY P 4 -26.83 -144.16 -14.04
CA GLY P 4 -26.65 -145.57 -13.79
C GLY P 4 -25.50 -145.92 -12.89
N SER P 5 -24.77 -144.94 -12.37
CA SER P 5 -23.68 -145.24 -11.45
C SER P 5 -24.23 -145.88 -10.17
N SER P 6 -23.38 -146.65 -9.51
CA SER P 6 -23.75 -147.39 -8.30
C SER P 6 -22.74 -147.09 -7.21
N ILE P 7 -23.26 -146.73 -6.02
CA ILE P 7 -22.44 -146.47 -4.83
C ILE P 7 -23.10 -147.10 -3.62
N LYS P 8 -22.39 -147.07 -2.50
CA LYS P 8 -22.76 -147.82 -1.29
C LYS P 8 -23.37 -146.88 -0.25
N THR P 9 -24.54 -147.23 0.25
CA THR P 9 -25.12 -146.55 1.40
C THR P 9 -25.00 -147.43 2.63
N GLY P 10 -24.97 -146.78 3.80
CA GLY P 10 -24.73 -147.50 5.03
C GLY P 10 -23.43 -148.28 5.02
N ALA P 11 -22.36 -147.68 4.50
CA ALA P 11 -21.07 -148.32 4.52
C ALA P 11 -20.52 -148.36 5.94
N THR P 12 -19.86 -149.47 6.29
CA THR P 12 -19.22 -149.56 7.59
C THR P 12 -18.16 -148.48 7.76
N SER P 13 -17.24 -148.35 6.78
CA SER P 13 -16.27 -147.27 6.82
C SER P 13 -15.66 -147.09 5.42
N ALA P 14 -14.84 -146.06 5.28
CA ALA P 14 -14.08 -145.82 4.06
C ALA P 14 -12.62 -145.70 4.42
N SER P 15 -11.75 -146.04 3.46
CA SER P 15 -10.33 -146.13 3.71
C SER P 15 -9.59 -145.73 2.44
N ILE P 16 -8.26 -145.65 2.53
CA ILE P 16 -7.47 -145.14 1.42
C ILE P 16 -6.14 -145.89 1.35
N THR P 17 -5.83 -146.42 0.17
CA THR P 17 -4.53 -147.04 -0.11
C THR P 17 -3.68 -145.99 -0.82
N GLY P 18 -2.71 -145.44 -0.10
CA GLY P 18 -2.03 -144.28 -0.64
C GLY P 18 -0.69 -144.00 0.00
N GLY P 19 -0.06 -142.93 -0.48
CA GLY P 19 1.35 -142.66 -0.22
C GLY P 19 1.66 -141.88 1.04
N SER P 20 2.36 -140.75 0.88
CA SER P 20 2.99 -140.10 2.02
C SER P 20 1.99 -139.34 2.87
N ASP P 21 2.33 -139.17 4.15
CA ASP P 21 1.52 -138.42 5.09
C ASP P 21 1.67 -136.93 4.85
N ILE P 22 0.65 -136.18 5.28
CA ILE P 22 0.72 -134.73 5.39
C ILE P 22 0.10 -134.37 6.73
N THR P 23 0.73 -133.44 7.42
CA THR P 23 0.36 -133.08 8.78
C THR P 23 -0.05 -131.61 8.82
N PHE P 24 -1.12 -131.33 9.56
CA PHE P 24 -1.71 -130.00 9.71
C PHE P 24 -1.23 -129.32 10.99
N ALA P 25 -1.29 -128.00 10.98
CA ALA P 25 -1.00 -127.20 12.16
C ALA P 25 -1.72 -125.87 12.00
N LEU P 26 -2.03 -125.24 13.13
CA LEU P 26 -2.88 -124.07 13.09
C LEU P 26 -2.15 -122.87 12.49
N THR P 27 -2.86 -122.09 11.67
CA THR P 27 -2.31 -121.00 10.90
C THR P 27 -2.48 -119.63 11.57
N GLY P 28 -3.65 -119.35 12.12
CA GLY P 28 -3.92 -118.03 12.64
C GLY P 28 -4.38 -117.02 11.62
N GLN P 29 -4.56 -117.42 10.36
CA GLN P 29 -5.33 -116.59 9.44
C GLN P 29 -6.74 -116.46 9.95
N THR P 30 -7.17 -115.22 10.15
CA THR P 30 -8.46 -114.96 10.77
C THR P 30 -9.60 -115.47 9.89
N VAL P 31 -10.42 -116.35 10.45
CA VAL P 31 -11.55 -116.96 9.76
C VAL P 31 -12.75 -116.95 10.69
N THR P 32 -13.84 -116.32 10.24
CA THR P 32 -15.01 -116.12 11.10
C THR P 32 -15.77 -117.43 11.29
N ASN P 33 -16.00 -117.79 12.56
CA ASN P 33 -16.61 -119.07 12.93
C ASN P 33 -15.81 -120.24 12.39
N GLY P 34 -14.51 -120.04 12.18
CA GLY P 34 -13.72 -121.04 11.50
C GLY P 34 -12.27 -121.16 11.96
N LEU P 35 -11.45 -121.79 11.12
CA LEU P 35 -10.14 -122.25 11.53
C LEU P 35 -9.31 -122.52 10.29
N ASN P 36 -8.11 -121.96 10.22
CA ASN P 36 -7.16 -122.22 9.15
C ASN P 36 -6.05 -123.12 9.66
N VAL P 37 -5.88 -124.30 9.07
CA VAL P 37 -4.72 -125.14 9.33
C VAL P 37 -3.98 -125.36 8.02
N SER P 38 -2.69 -125.08 8.01
CA SER P 38 -1.89 -125.37 6.84
C SER P 38 -0.96 -126.53 7.14
N VAL P 39 -0.29 -127.01 6.11
CA VAL P 39 0.62 -128.12 6.29
C VAL P 39 1.94 -127.57 6.81
N SER P 40 2.54 -128.25 7.77
CA SER P 40 3.88 -127.89 8.17
C SER P 40 4.91 -128.61 7.32
N GLU P 41 4.47 -129.35 6.31
CA GLU P 41 5.35 -130.19 5.52
C GLU P 41 5.74 -129.57 4.19
N ASP P 42 4.92 -128.65 3.68
CA ASP P 42 5.36 -127.82 2.57
C ASP P 42 6.11 -126.61 3.14
N THR P 43 7.14 -126.20 2.40
CA THR P 43 8.08 -125.21 2.93
C THR P 43 7.87 -123.80 2.40
N ASP P 44 7.45 -123.65 1.15
CA ASP P 44 7.29 -122.34 0.52
C ASP P 44 5.92 -121.77 0.88
N TYR P 45 5.89 -120.56 1.45
CA TYR P 45 4.63 -119.99 1.90
C TYR P 45 3.70 -119.71 0.71
N ARG P 46 4.27 -119.26 -0.41
CA ARG P 46 3.50 -119.08 -1.65
C ARG P 46 2.65 -120.31 -1.97
N THR P 47 3.30 -121.47 -2.10
CA THR P 47 2.64 -122.66 -2.59
C THR P 47 2.27 -123.65 -1.49
N ARG P 48 2.16 -123.19 -0.24
CA ARG P 48 1.91 -124.10 0.87
C ARG P 48 0.42 -124.39 0.98
N ARG P 49 0.07 -125.66 0.87
CA ARG P 49 -1.31 -126.12 0.87
C ARG P 49 -1.98 -125.82 2.21
N ASN P 50 -3.22 -125.31 2.16
CA ASN P 50 -3.89 -125.04 3.42
C ASN P 50 -5.38 -125.30 3.34
N ALA P 51 -5.97 -125.64 4.49
CA ALA P 51 -7.39 -125.92 4.58
C ALA P 51 -8.02 -124.99 5.60
N THR P 52 -9.33 -124.80 5.43
CA THR P 52 -10.11 -123.90 6.25
C THR P 52 -11.45 -124.54 6.58
N PHE P 53 -11.74 -124.61 7.86
CA PHE P 53 -12.91 -125.27 8.42
C PHE P 53 -13.83 -124.19 8.97
N LYS P 54 -15.03 -124.06 8.40
CA LYS P 54 -16.05 -123.20 8.97
C LYS P 54 -17.19 -124.05 9.51
N SER P 55 -17.82 -123.56 10.58
CA SER P 55 -18.80 -124.33 11.32
C SER P 55 -19.92 -123.41 11.81
N ARG P 56 -21.16 -123.76 11.48
CA ARG P 56 -22.34 -123.05 11.95
C ARG P 56 -23.34 -124.07 12.47
N VAL P 57 -23.72 -123.92 13.73
CA VAL P 57 -24.57 -124.88 14.44
C VAL P 57 -26.04 -124.63 14.12
N PRO P 58 -26.89 -125.65 14.24
CA PRO P 58 -28.34 -125.41 14.17
C PRO P 58 -28.77 -124.44 15.25
N THR P 59 -29.48 -123.40 14.85
CA THR P 59 -29.96 -122.37 15.76
C THR P 59 -31.48 -122.40 15.76
N VAL P 60 -32.05 -122.37 16.97
CA VAL P 60 -33.50 -122.38 17.13
C VAL P 60 -34.02 -120.97 16.91
N VAL P 61 -35.11 -120.87 16.13
CA VAL P 61 -35.78 -119.60 15.90
C VAL P 61 -37.27 -119.87 15.87
N ASN P 62 -38.02 -119.19 16.73
CA ASN P 62 -39.48 -119.31 16.78
C ASN P 62 -39.91 -120.75 17.07
N GLY P 63 -39.18 -121.41 17.98
CA GLY P 63 -39.59 -122.70 18.50
C GLY P 63 -39.10 -123.91 17.73
N ASN P 64 -38.37 -123.72 16.63
CA ASN P 64 -37.86 -124.88 15.90
C ASN P 64 -36.52 -124.57 15.26
N TYR P 65 -35.82 -125.63 14.87
CA TYR P 65 -34.41 -125.55 14.50
C TYR P 65 -34.23 -125.19 13.03
N SER P 66 -33.05 -124.65 12.74
CA SER P 66 -32.58 -124.42 11.38
C SER P 66 -31.41 -125.35 11.10
N LYS P 67 -31.36 -125.89 9.89
CA LYS P 67 -30.30 -126.83 9.55
C LYS P 67 -28.94 -126.16 9.68
N GLY P 68 -27.96 -126.91 10.20
CA GLY P 68 -26.61 -126.40 10.36
C GLY P 68 -25.70 -126.75 9.20
N LYS P 69 -24.57 -126.06 9.14
CA LYS P 69 -23.70 -126.10 7.97
C LYS P 69 -22.24 -126.17 8.38
N ASN P 70 -21.52 -127.17 7.88
CA ASN P 70 -20.10 -127.33 8.18
C ASN P 70 -19.33 -127.40 6.86
N GLU P 71 -18.55 -126.36 6.59
CA GLU P 71 -17.76 -126.27 5.37
C GLU P 71 -16.31 -126.61 5.64
N VAL P 72 -15.65 -127.16 4.62
CA VAL P 72 -14.21 -127.26 4.55
C VAL P 72 -13.79 -126.81 3.17
N VAL P 73 -12.64 -126.16 3.08
CA VAL P 73 -12.05 -125.85 1.78
C VAL P 73 -10.55 -126.12 1.87
N PHE P 74 -10.06 -126.98 0.97
CA PHE P 74 -8.66 -127.31 0.88
C PHE P 74 -8.12 -126.68 -0.39
N VAL P 75 -6.97 -126.02 -0.28
CA VAL P 75 -6.45 -125.17 -1.34
C VAL P 75 -5.01 -125.53 -1.63
N ILE P 76 -4.73 -125.72 -2.92
CA ILE P 76 -3.39 -125.82 -3.49
C ILE P 76 -3.09 -124.51 -4.22
N PRO P 77 -2.25 -123.63 -3.68
CA PRO P 77 -1.87 -122.45 -4.44
C PRO P 77 -0.88 -122.83 -5.52
N MET P 78 -0.95 -122.11 -6.64
CA MET P 78 0.06 -122.22 -7.67
C MET P 78 0.26 -120.87 -8.34
N SER P 79 1.52 -120.52 -8.59
CA SER P 79 1.82 -119.30 -9.32
C SER P 79 1.67 -119.58 -10.81
N LEU P 80 0.96 -118.69 -11.50
CA LEU P 80 0.79 -118.83 -12.95
C LEU P 80 1.97 -118.17 -13.67
N ASP P 81 2.08 -118.47 -14.97
CA ASP P 81 3.12 -117.86 -15.78
C ASP P 81 2.95 -116.35 -15.84
N SER P 82 1.72 -115.85 -15.71
CA SER P 82 1.43 -114.43 -15.76
C SER P 82 1.82 -113.69 -14.49
N GLY P 83 2.19 -114.41 -13.43
CA GLY P 83 2.61 -113.76 -12.21
C GLY P 83 1.62 -113.90 -11.07
N GLU P 84 0.32 -113.71 -11.37
CA GLU P 84 -0.70 -113.85 -10.35
C GLU P 84 -0.68 -115.28 -9.79
N THR P 85 -0.71 -115.39 -8.47
CA THR P 85 -0.88 -116.67 -7.81
C THR P 85 -2.38 -116.97 -7.72
N VAL P 86 -2.77 -118.17 -8.14
CA VAL P 86 -4.17 -118.57 -8.13
C VAL P 86 -4.33 -119.80 -7.26
N PHE P 87 -5.49 -119.92 -6.62
CA PHE P 87 -5.78 -121.00 -5.70
C PHE P 87 -6.59 -122.09 -6.41
N ASN P 88 -6.28 -123.35 -6.09
CA ASN P 88 -7.04 -124.50 -6.58
C ASN P 88 -7.82 -125.07 -5.39
N SER P 89 -9.13 -125.18 -5.55
CA SER P 89 -10.03 -125.36 -4.44
C SER P 89 -10.76 -126.68 -4.53
N VAL P 90 -10.86 -127.38 -3.42
CA VAL P 90 -11.91 -128.38 -3.24
C VAL P 90 -12.67 -127.97 -1.99
N ARG P 91 -13.98 -127.81 -2.12
CA ARG P 91 -14.83 -127.30 -1.06
C ARG P 91 -15.92 -128.32 -0.80
N ILE P 92 -16.04 -128.73 0.46
CA ILE P 92 -17.03 -129.72 0.88
C ILE P 92 -17.84 -129.12 2.01
N ALA P 93 -19.09 -128.79 1.72
CA ALA P 93 -20.03 -128.31 2.72
C ALA P 93 -21.03 -129.42 3.03
N LEU P 94 -21.48 -129.45 4.29
CA LEU P 94 -22.40 -130.50 4.72
C LEU P 94 -23.42 -129.87 5.67
N GLU P 95 -24.67 -129.84 5.23
CA GLU P 95 -25.78 -129.20 5.94
C GLU P 95 -26.71 -130.28 6.44
N ILE P 96 -26.87 -130.34 7.76
CA ILE P 96 -27.67 -131.38 8.41
C ILE P 96 -28.78 -130.71 9.21
N HIS P 97 -29.98 -131.24 9.09
CA HIS P 97 -31.04 -130.85 10.01
C HIS P 97 -30.96 -131.71 11.28
N PRO P 98 -31.17 -131.11 12.46
CA PRO P 98 -31.00 -131.88 13.70
C PRO P 98 -31.82 -133.15 13.77
N ALA P 99 -32.88 -133.27 12.97
CA ALA P 99 -33.73 -134.44 13.01
C ALA P 99 -33.15 -135.63 12.25
N LEU P 100 -32.07 -135.45 11.49
CA LEU P 100 -31.51 -136.58 10.76
C LEU P 100 -30.88 -137.58 11.72
N ALA P 101 -30.95 -138.86 11.34
CA ALA P 101 -30.36 -139.91 12.15
C ALA P 101 -28.85 -139.76 12.24
N SER P 102 -28.32 -140.02 13.44
CA SER P 102 -26.88 -140.03 13.64
C SER P 102 -26.19 -140.89 12.59
N ALA P 103 -26.78 -142.05 12.28
CA ALA P 103 -26.19 -142.95 11.29
C ALA P 103 -26.29 -142.38 9.88
N SER P 104 -27.39 -141.71 9.55
CA SER P 104 -27.52 -141.11 8.23
C SER P 104 -26.58 -139.93 8.03
N VAL P 105 -26.12 -139.31 9.13
CA VAL P 105 -25.09 -138.28 8.99
C VAL P 105 -23.81 -138.87 8.43
N LYS P 106 -23.31 -139.93 9.05
CA LYS P 106 -22.14 -140.61 8.50
C LYS P 106 -22.43 -141.22 7.13
N ASP P 107 -23.66 -141.69 6.87
CA ASP P 107 -23.96 -142.16 5.52
C ASP P 107 -23.79 -141.04 4.50
N LEU P 108 -24.19 -139.81 4.85
CA LEU P 108 -23.98 -138.68 3.94
C LEU P 108 -22.49 -138.40 3.73
N ARG P 109 -21.71 -138.42 4.82
CA ARG P 109 -20.27 -138.17 4.67
C ARG P 109 -19.64 -139.18 3.72
N LEU P 110 -19.99 -140.46 3.88
CA LEU P 110 -19.36 -141.50 3.06
C LEU P 110 -19.91 -141.51 1.63
N ILE P 111 -21.20 -141.25 1.46
CA ILE P 111 -21.76 -141.23 0.12
C ILE P 111 -21.27 -140.01 -0.64
N GLY P 112 -20.96 -138.92 0.06
CA GLY P 112 -20.37 -137.78 -0.61
C GLY P 112 -18.93 -138.05 -1.00
N ALA P 113 -18.12 -138.52 -0.05
CA ALA P 113 -16.73 -138.83 -0.37
C ALA P 113 -16.64 -139.89 -1.46
N GLN P 114 -17.64 -140.76 -1.56
CA GLN P 114 -17.67 -141.77 -2.58
C GLN P 114 -18.01 -141.20 -3.96
N LEU P 115 -18.63 -140.03 -4.00
CA LEU P 115 -18.88 -139.36 -5.28
C LEU P 115 -17.63 -138.66 -5.82
N LEU P 116 -16.67 -138.32 -4.96
CA LEU P 116 -15.38 -137.83 -5.46
C LEU P 116 -14.53 -138.94 -6.05
N THR P 117 -14.42 -140.07 -5.35
CA THR P 117 -13.36 -141.03 -5.68
C THR P 117 -13.80 -142.14 -6.62
N ASP P 118 -15.08 -142.48 -6.64
CA ASP P 118 -15.51 -143.66 -7.40
C ASP P 118 -15.30 -143.43 -8.90
N ALA P 119 -14.68 -144.42 -9.55
CA ALA P 119 -14.24 -144.29 -10.94
C ALA P 119 -15.38 -143.96 -11.89
N ASP P 120 -16.62 -144.32 -11.55
CA ASP P 120 -17.77 -143.95 -12.36
C ASP P 120 -17.80 -142.44 -12.63
N TYR P 121 -17.55 -141.64 -11.60
CA TYR P 121 -17.57 -140.20 -11.78
C TYR P 121 -16.22 -139.68 -12.21
N ASP P 122 -15.24 -140.57 -12.40
CA ASP P 122 -13.88 -140.18 -12.68
C ASP P 122 -13.80 -139.33 -13.94
N SER P 123 -14.66 -139.62 -14.93
CA SER P 123 -14.69 -138.78 -16.13
C SER P 123 -15.35 -137.44 -15.87
N PHE P 124 -16.26 -137.36 -14.90
CA PHE P 124 -16.96 -136.11 -14.62
C PHE P 124 -16.03 -135.08 -14.01
N TRP P 125 -15.32 -135.44 -12.94
CA TRP P 125 -14.50 -134.48 -12.22
C TRP P 125 -13.34 -134.00 -13.08
N THR P 126 -12.65 -134.94 -13.73
CA THR P 126 -11.45 -134.58 -14.50
C THR P 126 -11.82 -133.77 -15.74
N LEU P 127 -12.74 -134.29 -16.55
CA LEU P 127 -13.02 -133.71 -17.85
C LEU P 127 -14.17 -132.71 -17.80
N GLY P 128 -14.84 -132.56 -16.67
CA GLY P 128 -16.07 -131.79 -16.65
C GLY P 128 -17.13 -132.36 -17.56
N ALA P 129 -17.22 -133.69 -17.63
CA ALA P 129 -18.03 -134.39 -18.62
C ALA P 129 -19.40 -134.75 -18.03
N LEU P 130 -20.46 -134.22 -18.65
CA LEU P 130 -21.83 -134.54 -18.27
C LEU P 130 -22.32 -135.70 -19.15
N ALA P 131 -22.48 -136.87 -18.54
CA ALA P 131 -22.98 -138.04 -19.23
C ALA P 131 -23.28 -139.12 -18.20
N SER Q 1 -8.93 -132.09 17.33
CA SER Q 1 -8.61 -133.22 16.45
C SER Q 1 -8.43 -132.74 15.01
N ILE Q 2 -8.91 -131.54 14.72
CA ILE Q 2 -8.63 -130.93 13.43
C ILE Q 2 -7.18 -130.45 13.37
N ILE Q 3 -6.73 -129.80 14.43
CA ILE Q 3 -5.35 -129.33 14.52
C ILE Q 3 -4.43 -130.53 14.67
N GLY Q 4 -3.38 -130.58 13.85
CA GLY Q 4 -2.45 -131.68 13.96
C GLY Q 4 -3.00 -133.01 13.49
N SER Q 5 -3.96 -133.00 12.55
CA SER Q 5 -4.42 -134.22 11.93
C SER Q 5 -3.53 -134.58 10.74
N SER Q 6 -3.54 -135.85 10.37
CA SER Q 6 -2.68 -136.39 9.33
C SER Q 6 -3.53 -137.08 8.27
N ILE Q 7 -3.23 -136.80 6.99
CA ILE Q 7 -3.97 -137.36 5.87
C ILE Q 7 -3.02 -137.66 4.71
N LYS Q 8 -3.36 -138.63 3.88
CA LYS Q 8 -2.46 -139.09 2.82
C LYS Q 8 -2.56 -138.19 1.59
N THR Q 9 -1.42 -137.71 1.10
CA THR Q 9 -1.36 -137.05 -0.20
C THR Q 9 -0.80 -138.00 -1.24
N GLY Q 10 -1.11 -137.71 -2.50
CA GLY Q 10 -0.70 -138.54 -3.59
C GLY Q 10 -1.05 -140.00 -3.34
N ALA Q 11 -2.27 -140.22 -2.88
CA ALA Q 11 -2.71 -141.58 -2.66
C ALA Q 11 -2.99 -142.29 -3.97
N THR Q 12 -2.70 -143.58 -4.02
CA THR Q 12 -2.93 -144.37 -5.22
C THR Q 12 -4.42 -144.49 -5.52
N SER Q 13 -5.23 -144.83 -4.51
CA SER Q 13 -6.68 -144.83 -4.67
C SER Q 13 -7.32 -144.93 -3.29
N ALA Q 14 -8.62 -144.69 -3.26
CA ALA Q 14 -9.41 -144.81 -2.05
C ALA Q 14 -10.60 -145.72 -2.32
N SER Q 15 -11.15 -146.31 -1.26
CA SER Q 15 -12.22 -147.28 -1.42
C SER Q 15 -13.08 -147.26 -0.16
N ILE Q 16 -14.07 -148.14 -0.14
CA ILE Q 16 -15.09 -148.10 0.90
C ILE Q 16 -15.51 -149.51 1.28
N THR Q 17 -15.29 -149.87 2.55
CA THR Q 17 -15.78 -151.13 3.10
C THR Q 17 -17.23 -150.90 3.50
N GLY Q 18 -18.15 -151.38 2.65
CA GLY Q 18 -19.49 -150.82 2.60
C GLY Q 18 -20.59 -151.86 2.63
N GLY Q 19 -21.82 -151.35 2.65
CA GLY Q 19 -23.02 -152.17 2.68
C GLY Q 19 -23.71 -152.31 1.33
N SER Q 20 -24.98 -151.94 1.26
CA SER Q 20 -25.81 -152.23 0.09
C SER Q 20 -25.60 -151.20 -1.02
N ASP Q 21 -25.93 -151.63 -2.25
CA ASP Q 21 -25.81 -150.78 -3.42
C ASP Q 21 -26.93 -149.74 -3.48
N ILE Q 22 -26.69 -148.69 -4.26
CA ILE Q 22 -27.72 -147.70 -4.60
C ILE Q 22 -27.42 -147.22 -6.01
N THR Q 23 -28.48 -147.06 -6.81
CA THR Q 23 -28.34 -146.84 -8.25
C THR Q 23 -29.07 -145.58 -8.68
N PHE Q 24 -28.41 -144.78 -9.52
CA PHE Q 24 -28.92 -143.51 -10.00
C PHE Q 24 -29.59 -143.67 -11.36
N ALA Q 25 -30.68 -142.91 -11.56
CA ALA Q 25 -31.36 -142.84 -12.85
C ALA Q 25 -31.72 -141.39 -13.11
N LEU Q 26 -31.98 -141.09 -14.40
CA LEU Q 26 -32.19 -139.71 -14.82
C LEU Q 26 -33.52 -139.17 -14.33
N THR Q 27 -33.49 -137.98 -13.70
CA THR Q 27 -34.66 -137.40 -13.04
C THR Q 27 -35.47 -136.48 -13.93
N GLY Q 28 -34.85 -135.88 -14.93
CA GLY Q 28 -35.55 -134.89 -15.71
C GLY Q 28 -36.02 -133.70 -14.90
N GLN Q 29 -35.26 -133.29 -13.89
CA GLN Q 29 -35.44 -131.98 -13.25
C GLN Q 29 -34.51 -131.01 -13.96
N THR Q 30 -35.10 -130.02 -14.62
CA THR Q 30 -34.31 -129.09 -15.43
C THR Q 30 -33.24 -128.42 -14.56
N VAL Q 31 -31.98 -128.66 -14.91
CA VAL Q 31 -30.84 -128.13 -14.16
C VAL Q 31 -29.84 -127.55 -15.15
N THR Q 32 -29.58 -126.24 -15.01
CA THR Q 32 -28.68 -125.57 -15.93
C THR Q 32 -27.27 -126.11 -15.78
N ASN Q 33 -26.65 -126.43 -16.91
CA ASN Q 33 -25.26 -126.88 -16.95
C ASN Q 33 -25.06 -128.19 -16.20
N GLY Q 34 -26.08 -129.04 -16.14
CA GLY Q 34 -25.92 -130.23 -15.34
C GLY Q 34 -27.11 -131.16 -15.44
N LEU Q 35 -27.07 -132.17 -14.56
CA LEU Q 35 -28.03 -133.26 -14.53
C LEU Q 35 -28.61 -133.40 -13.13
N ASN Q 36 -29.77 -134.04 -13.06
CA ASN Q 36 -30.33 -134.55 -11.81
C ASN Q 36 -30.57 -136.04 -11.98
N VAL Q 37 -30.00 -136.84 -11.09
CA VAL Q 37 -30.25 -138.28 -11.05
C VAL Q 37 -30.68 -138.63 -9.63
N SER Q 38 -31.80 -139.32 -9.49
CA SER Q 38 -32.22 -139.76 -8.18
C SER Q 38 -32.09 -141.28 -8.07
N VAL Q 39 -32.14 -141.76 -6.84
CA VAL Q 39 -31.99 -143.19 -6.61
C VAL Q 39 -33.36 -143.85 -6.85
N SER Q 40 -33.41 -144.71 -7.85
CA SER Q 40 -34.65 -145.41 -8.15
C SER Q 40 -34.90 -146.54 -7.18
N GLU Q 41 -34.08 -146.66 -6.14
CA GLU Q 41 -34.17 -147.72 -5.17
C GLU Q 41 -34.92 -147.33 -3.90
N ASP Q 42 -35.15 -146.03 -3.69
CA ASP Q 42 -36.08 -145.55 -2.68
C ASP Q 42 -37.47 -145.49 -3.29
N THR Q 43 -38.49 -145.89 -2.52
CA THR Q 43 -39.81 -146.13 -3.09
C THR Q 43 -40.73 -144.91 -3.06
N ASP Q 44 -40.48 -143.94 -2.19
CA ASP Q 44 -41.39 -142.81 -1.98
C ASP Q 44 -40.72 -141.53 -2.48
N TYR Q 45 -41.27 -140.95 -3.56
CA TYR Q 45 -40.66 -139.77 -4.17
C TYR Q 45 -40.40 -138.68 -3.14
N ARG Q 46 -41.39 -138.43 -2.28
CA ARG Q 46 -41.31 -137.39 -1.27
C ARG Q 46 -40.01 -137.45 -0.47
N THR Q 47 -39.34 -138.61 -0.42
CA THR Q 47 -38.06 -138.76 0.27
C THR Q 47 -37.06 -139.59 -0.53
N ARG Q 48 -36.98 -139.39 -1.85
CA ARG Q 48 -35.94 -140.05 -2.64
C ARG Q 48 -34.66 -139.24 -2.68
N ARG Q 49 -33.59 -139.82 -2.15
CA ARG Q 49 -32.26 -139.26 -2.22
C ARG Q 49 -31.91 -138.98 -3.68
N ASN Q 50 -31.53 -137.74 -3.97
CA ASN Q 50 -31.14 -137.41 -5.34
C ASN Q 50 -29.80 -136.68 -5.34
N ALA Q 51 -29.28 -136.44 -6.53
CA ALA Q 51 -27.99 -135.80 -6.68
C ALA Q 51 -28.01 -134.98 -7.95
N THR Q 52 -27.33 -133.85 -7.89
CA THR Q 52 -27.30 -132.90 -9.00
C THR Q 52 -25.85 -132.58 -9.33
N PHE Q 53 -25.52 -132.70 -10.61
CA PHE Q 53 -24.18 -132.52 -11.13
C PHE Q 53 -24.16 -131.25 -11.98
N LYS Q 54 -23.22 -130.35 -11.68
CA LYS Q 54 -23.04 -129.13 -12.46
C LYS Q 54 -21.60 -129.01 -12.92
N SER Q 55 -21.41 -128.36 -14.08
CA SER Q 55 -20.08 -128.17 -14.66
C SER Q 55 -20.02 -126.82 -15.36
N ARG Q 56 -19.43 -125.84 -14.70
CA ARG Q 56 -19.10 -124.56 -15.31
C ARG Q 56 -17.69 -124.61 -15.84
N VAL Q 57 -17.52 -124.17 -17.09
CA VAL Q 57 -16.25 -124.31 -17.81
C VAL Q 57 -15.37 -123.10 -17.54
N PRO Q 58 -14.06 -123.22 -17.76
CA PRO Q 58 -13.19 -122.05 -17.64
C PRO Q 58 -13.51 -121.00 -18.69
N THR Q 59 -13.32 -119.75 -18.31
CA THR Q 59 -13.62 -118.61 -19.18
C THR Q 59 -12.34 -118.11 -19.84
N VAL Q 60 -12.42 -117.86 -21.14
CA VAL Q 60 -11.28 -117.37 -21.91
C VAL Q 60 -11.37 -115.85 -21.96
N VAL Q 61 -10.48 -115.17 -21.25
CA VAL Q 61 -10.46 -113.71 -21.19
C VAL Q 61 -9.08 -113.28 -21.66
N ASN Q 62 -8.96 -113.00 -22.95
CA ASN Q 62 -7.76 -112.39 -23.53
C ASN Q 62 -6.51 -113.19 -23.19
N GLY Q 63 -6.53 -114.48 -23.53
CA GLY Q 63 -5.41 -115.35 -23.26
C GLY Q 63 -5.28 -115.85 -21.83
N ASN Q 64 -6.10 -115.37 -20.90
CA ASN Q 64 -6.07 -115.81 -19.51
C ASN Q 64 -7.30 -116.65 -19.21
N TYR Q 65 -7.11 -117.75 -18.47
CA TYR Q 65 -8.22 -118.66 -18.19
C TYR Q 65 -8.53 -118.64 -16.69
N SER Q 66 -9.83 -118.52 -16.37
CA SER Q 66 -10.31 -118.69 -15.01
C SER Q 66 -10.43 -120.16 -14.67
N LYS Q 67 -10.40 -120.44 -13.37
CA LYS Q 67 -10.64 -121.82 -12.94
C LYS Q 67 -12.07 -122.21 -13.28
N GLY Q 68 -12.25 -123.49 -13.62
CA GLY Q 68 -13.57 -124.06 -13.79
C GLY Q 68 -14.07 -124.70 -12.51
N LYS Q 69 -15.34 -125.09 -12.53
CA LYS Q 69 -16.02 -125.50 -11.31
C LYS Q 69 -16.93 -126.69 -11.59
N ASN Q 70 -16.72 -127.80 -10.88
CA ASN Q 70 -17.58 -128.97 -11.03
C ASN Q 70 -18.21 -129.29 -9.68
N GLU Q 71 -19.54 -129.14 -9.59
CA GLU Q 71 -20.26 -129.36 -8.34
C GLU Q 71 -21.03 -130.66 -8.39
N VAL Q 72 -21.21 -131.24 -7.20
CA VAL Q 72 -22.21 -132.28 -6.96
C VAL Q 72 -22.94 -131.91 -5.67
N VAL Q 73 -24.24 -132.14 -5.67
CA VAL Q 73 -25.10 -131.89 -4.51
C VAL Q 73 -25.92 -133.14 -4.29
N PHE Q 74 -25.65 -133.86 -3.20
CA PHE Q 74 -26.41 -135.04 -2.84
C PHE Q 74 -27.36 -134.66 -1.71
N VAL Q 75 -28.60 -135.11 -1.81
CA VAL Q 75 -29.67 -134.62 -0.96
C VAL Q 75 -30.48 -135.80 -0.43
N ILE Q 76 -30.62 -135.86 0.89
CA ILE Q 76 -31.58 -136.71 1.60
C ILE Q 76 -32.75 -135.84 2.03
N PRO Q 77 -33.89 -135.89 1.37
CA PRO Q 77 -35.07 -135.21 1.90
C PRO Q 77 -35.72 -136.02 3.01
N MET Q 78 -36.13 -135.33 4.07
CA MET Q 78 -36.78 -135.97 5.20
C MET Q 78 -38.02 -135.18 5.60
N SER Q 79 -39.06 -135.92 5.98
CA SER Q 79 -40.32 -135.34 6.41
C SER Q 79 -40.27 -135.11 7.91
N LEU Q 80 -40.41 -133.86 8.33
CA LEU Q 80 -40.37 -133.53 9.74
C LEU Q 80 -41.66 -133.95 10.42
N ASP Q 81 -41.62 -133.96 11.76
CA ASP Q 81 -42.83 -134.15 12.55
C ASP Q 81 -43.84 -133.05 12.26
N SER Q 82 -43.37 -131.84 11.95
CA SER Q 82 -44.20 -130.70 11.62
C SER Q 82 -44.97 -130.86 10.31
N GLY Q 83 -44.65 -131.89 9.51
CA GLY Q 83 -45.19 -132.03 8.18
C GLY Q 83 -44.33 -131.38 7.11
N GLU Q 84 -43.63 -130.29 7.44
CA GLU Q 84 -42.73 -129.65 6.48
C GLU Q 84 -41.53 -130.55 6.22
N THR Q 85 -41.28 -130.85 4.95
CA THR Q 85 -40.16 -131.69 4.56
C THR Q 85 -38.98 -130.79 4.18
N VAL Q 86 -37.79 -131.17 4.63
CA VAL Q 86 -36.57 -130.38 4.42
C VAL Q 86 -35.49 -131.29 3.85
N PHE Q 87 -34.33 -130.70 3.56
CA PHE Q 87 -33.27 -131.35 2.79
C PHE Q 87 -31.96 -131.37 3.55
N ASN Q 88 -31.36 -132.56 3.67
CA ASN Q 88 -30.02 -132.74 4.19
C ASN Q 88 -29.05 -132.82 3.01
N SER Q 89 -28.07 -131.93 2.97
CA SER Q 89 -27.32 -131.65 1.76
C SER Q 89 -25.83 -131.81 1.99
N VAL Q 90 -25.21 -132.75 1.29
CA VAL Q 90 -23.75 -132.76 1.16
C VAL Q 90 -23.42 -132.21 -0.22
N ARG Q 91 -22.61 -131.15 -0.26
CA ARG Q 91 -22.22 -130.49 -1.49
C ARG Q 91 -20.70 -130.52 -1.62
N ILE Q 92 -20.22 -130.93 -2.79
CA ILE Q 92 -18.78 -131.01 -3.05
C ILE Q 92 -18.51 -130.31 -4.37
N ALA Q 93 -17.77 -129.21 -4.31
CA ALA Q 93 -17.43 -128.40 -5.48
C ALA Q 93 -15.92 -128.40 -5.64
N LEU Q 94 -15.48 -128.65 -6.87
CA LEU Q 94 -14.05 -128.75 -7.15
C LEU Q 94 -13.71 -127.72 -8.23
N GLU Q 95 -12.94 -126.71 -7.85
CA GLU Q 95 -12.56 -125.59 -8.71
C GLU Q 95 -11.10 -125.73 -9.08
N ILE Q 96 -10.83 -125.89 -10.37
CA ILE Q 96 -9.50 -126.20 -10.87
C ILE Q 96 -9.16 -125.29 -12.04
N HIS Q 97 -7.95 -124.72 -12.01
CA HIS Q 97 -7.40 -124.05 -13.17
C HIS Q 97 -6.77 -125.10 -14.11
N PRO Q 98 -6.94 -124.96 -15.43
CA PRO Q 98 -6.52 -126.03 -16.34
C PRO Q 98 -5.04 -126.34 -16.30
N ALA Q 99 -4.21 -125.43 -15.81
CA ALA Q 99 -2.77 -125.62 -15.78
C ALA Q 99 -2.30 -126.49 -14.63
N LEU Q 100 -3.19 -126.92 -13.74
CA LEU Q 100 -2.77 -127.82 -12.66
C LEU Q 100 -2.52 -129.22 -13.21
N ALA Q 101 -1.58 -129.93 -12.57
CA ALA Q 101 -1.22 -131.26 -13.02
C ALA Q 101 -2.39 -132.23 -12.87
N SER Q 102 -2.56 -133.09 -13.89
CA SER Q 102 -3.61 -134.09 -13.87
C SER Q 102 -3.53 -134.95 -12.62
N ALA Q 103 -2.33 -135.16 -12.09
CA ALA Q 103 -2.14 -135.94 -10.87
C ALA Q 103 -2.58 -135.16 -9.63
N SER Q 104 -2.28 -133.85 -9.60
CA SER Q 104 -2.71 -133.05 -8.45
C SER Q 104 -4.22 -132.89 -8.40
N VAL Q 105 -4.90 -132.94 -9.55
CA VAL Q 105 -6.36 -132.90 -9.54
C VAL Q 105 -6.92 -134.10 -8.78
N LYS Q 106 -6.44 -135.30 -9.11
CA LYS Q 106 -6.92 -136.48 -8.41
C LYS Q 106 -6.44 -136.54 -6.97
N ASP Q 107 -5.22 -136.08 -6.68
CA ASP Q 107 -4.82 -135.93 -5.29
C ASP Q 107 -5.80 -135.05 -4.53
N LEU Q 108 -6.31 -134.00 -5.20
CA LEU Q 108 -7.23 -133.07 -4.54
C LEU Q 108 -8.58 -133.75 -4.27
N ARG Q 109 -9.08 -134.52 -5.23
CA ARG Q 109 -10.29 -135.32 -5.01
C ARG Q 109 -10.14 -136.23 -3.80
N LEU Q 110 -9.03 -136.97 -3.75
CA LEU Q 110 -8.84 -137.94 -2.66
C LEU Q 110 -8.63 -137.26 -1.32
N ILE Q 111 -7.96 -136.10 -1.32
CA ILE Q 111 -7.71 -135.43 -0.05
C ILE Q 111 -9.00 -134.84 0.51
N GLY Q 112 -9.88 -134.36 -0.38
CA GLY Q 112 -11.21 -133.96 0.08
C GLY Q 112 -11.99 -135.13 0.63
N ALA Q 113 -11.94 -136.28 -0.05
CA ALA Q 113 -12.63 -137.46 0.45
C ALA Q 113 -12.13 -137.85 1.84
N GLN Q 114 -10.82 -137.77 2.06
CA GLN Q 114 -10.30 -138.10 3.39
C GLN Q 114 -10.81 -137.10 4.42
N LEU Q 115 -10.79 -135.81 4.06
CA LEU Q 115 -11.33 -134.79 4.97
C LEU Q 115 -12.77 -135.12 5.37
N LEU Q 116 -13.58 -135.66 4.45
CA LEU Q 116 -14.91 -136.12 4.84
C LEU Q 116 -14.88 -137.32 5.78
N THR Q 117 -14.14 -138.38 5.42
CA THR Q 117 -14.39 -139.67 6.04
C THR Q 117 -13.44 -140.04 7.18
N ASP Q 118 -12.36 -139.30 7.40
CA ASP Q 118 -11.42 -139.68 8.43
C ASP Q 118 -12.00 -139.49 9.82
N ALA Q 119 -11.50 -140.27 10.78
CA ALA Q 119 -12.04 -140.21 12.13
C ALA Q 119 -11.62 -138.94 12.85
N ASP Q 120 -10.42 -138.42 12.53
CA ASP Q 120 -9.95 -137.16 13.12
C ASP Q 120 -10.97 -136.05 13.00
N TYR Q 121 -11.81 -136.08 11.98
CA TYR Q 121 -12.75 -134.99 11.71
C TYR Q 121 -14.17 -135.32 12.16
N ASP Q 122 -14.38 -136.49 12.77
CA ASP Q 122 -15.71 -136.86 13.25
C ASP Q 122 -16.30 -135.78 14.13
N SER Q 123 -15.54 -135.29 15.10
CA SER Q 123 -16.05 -134.26 16.00
C SER Q 123 -16.48 -133.03 15.22
N PHE Q 124 -15.62 -132.55 14.32
CA PHE Q 124 -15.96 -131.38 13.51
C PHE Q 124 -17.27 -131.57 12.76
N TRP Q 125 -17.33 -132.60 11.90
CA TRP Q 125 -18.49 -132.76 11.04
C TRP Q 125 -19.77 -132.95 11.87
N THR Q 126 -19.75 -133.89 12.82
CA THR Q 126 -20.98 -134.25 13.52
C THR Q 126 -21.41 -133.14 14.47
N LEU Q 127 -20.54 -132.76 15.40
CA LEU Q 127 -20.90 -131.83 16.47
C LEU Q 127 -20.75 -130.37 16.09
N GLY Q 128 -19.99 -130.08 15.04
CA GLY Q 128 -19.63 -128.72 14.71
C GLY Q 128 -18.42 -128.19 15.45
N ALA Q 129 -17.64 -129.05 16.10
CA ALA Q 129 -16.60 -128.60 17.01
C ALA Q 129 -15.41 -128.06 16.22
N LEU Q 130 -15.04 -126.82 16.52
CA LEU Q 130 -13.82 -126.27 15.96
C LEU Q 130 -12.61 -126.78 16.74
N ALA Q 131 -11.42 -126.50 16.18
CA ALA Q 131 -10.14 -126.89 16.80
C ALA Q 131 -9.98 -128.39 17.02
N SER R 1 29.32 -102.14 27.18
CA SER R 1 28.86 -103.51 27.33
C SER R 1 27.94 -103.91 26.17
N ILE R 2 27.12 -102.99 25.68
CA ILE R 2 26.37 -103.24 24.45
C ILE R 2 27.31 -103.23 23.26
N ILE R 3 28.19 -102.23 23.19
CA ILE R 3 29.18 -102.17 22.13
C ILE R 3 30.24 -103.23 22.38
N GLY R 4 30.40 -104.14 21.42
CA GLY R 4 31.36 -105.21 21.57
C GLY R 4 30.79 -106.50 22.13
N SER R 5 29.52 -106.51 22.50
CA SER R 5 28.92 -107.74 23.03
C SER R 5 28.92 -108.83 21.97
N SER R 6 28.97 -110.07 22.42
CA SER R 6 28.99 -111.24 21.55
C SER R 6 27.83 -112.16 21.92
N ILE R 7 27.11 -112.64 20.91
CA ILE R 7 25.95 -113.50 21.10
C ILE R 7 25.94 -114.55 20.01
N LYS R 8 25.39 -115.73 20.34
CA LYS R 8 25.44 -116.88 19.43
C LYS R 8 24.35 -116.76 18.37
N THR R 9 24.72 -116.95 17.10
CA THR R 9 23.75 -117.13 16.03
C THR R 9 23.82 -118.57 15.54
N GLY R 10 22.78 -118.98 14.84
CA GLY R 10 22.65 -120.37 14.44
C GLY R 10 22.69 -121.32 15.62
N ALA R 11 22.08 -120.94 16.74
CA ALA R 11 22.10 -121.78 17.92
C ALA R 11 21.11 -122.93 17.75
N THR R 12 21.47 -124.09 18.33
CA THR R 12 20.58 -125.24 18.28
C THR R 12 19.32 -124.99 19.10
N SER R 13 19.49 -124.67 20.39
CA SER R 13 18.32 -124.38 21.23
C SER R 13 18.77 -123.63 22.47
N ALA R 14 17.80 -122.95 23.10
CA ALA R 14 18.04 -122.21 24.33
C ALA R 14 17.33 -122.88 25.48
N SER R 15 17.88 -122.72 26.68
CA SER R 15 17.34 -123.35 27.86
C SER R 15 17.49 -122.38 29.03
N ILE R 16 16.92 -122.77 30.18
CA ILE R 16 16.94 -121.88 31.33
C ILE R 16 17.06 -122.70 32.61
N THR R 17 18.15 -122.48 33.34
CA THR R 17 18.34 -123.09 34.66
C THR R 17 17.58 -122.25 35.67
N GLY R 18 16.45 -122.77 36.15
CA GLY R 18 15.56 -121.93 36.92
C GLY R 18 14.75 -122.60 38.00
N GLY R 19 13.83 -121.83 38.59
CA GLY R 19 13.08 -122.27 39.75
C GLY R 19 11.73 -122.89 39.46
N SER R 20 10.67 -122.33 40.04
CA SER R 20 9.36 -122.96 40.05
C SER R 20 8.64 -122.80 38.71
N ASP R 21 7.68 -123.69 38.48
CA ASP R 21 6.85 -123.65 37.29
C ASP R 21 5.76 -122.58 37.43
N ILE R 22 5.20 -122.21 36.27
CA ILE R 22 4.01 -121.37 36.22
C ILE R 22 3.20 -121.82 35.02
N THR R 23 1.88 -121.84 35.15
CA THR R 23 1.03 -122.38 34.11
C THR R 23 -0.03 -121.36 33.69
N PHE R 24 -0.35 -121.38 32.40
CA PHE R 24 -1.30 -120.46 31.80
C PHE R 24 -2.64 -121.16 31.56
N ALA R 25 -3.72 -120.40 31.72
CA ALA R 25 -5.03 -120.86 31.31
C ALA R 25 -5.75 -119.72 30.62
N LEU R 26 -6.70 -120.06 29.75
CA LEU R 26 -7.35 -119.06 28.93
C LEU R 26 -8.23 -118.14 29.77
N THR R 27 -8.02 -116.82 29.60
CA THR R 27 -8.66 -115.84 30.48
C THR R 27 -10.14 -115.70 30.17
N GLY R 28 -10.49 -115.62 28.89
CA GLY R 28 -11.82 -115.20 28.52
C GLY R 28 -11.99 -113.70 28.45
N GLN R 29 -10.89 -112.94 28.52
CA GLN R 29 -10.92 -111.53 28.15
C GLN R 29 -10.91 -111.45 26.63
N THR R 30 -11.90 -110.76 26.07
CA THR R 30 -11.99 -110.65 24.62
C THR R 30 -10.85 -109.77 24.11
N VAL R 31 -10.05 -110.30 23.20
CA VAL R 31 -8.93 -109.58 22.62
C VAL R 31 -8.99 -109.69 21.10
N THR R 32 -8.96 -108.55 20.43
CA THR R 32 -9.05 -108.52 18.97
C THR R 32 -7.81 -109.15 18.35
N ASN R 33 -8.04 -110.09 17.43
CA ASN R 33 -6.98 -110.88 16.78
C ASN R 33 -6.08 -111.57 17.78
N GLY R 34 -6.54 -111.75 19.01
CA GLY R 34 -5.63 -112.18 20.05
C GLY R 34 -6.27 -113.04 21.13
N LEU R 35 -5.44 -113.32 22.13
CA LEU R 35 -5.72 -114.28 23.17
C LEU R 35 -5.20 -113.72 24.49
N ASN R 36 -5.87 -114.03 25.58
CA ASN R 36 -5.35 -113.70 26.90
C ASN R 36 -5.31 -114.97 27.73
N VAL R 37 -4.12 -115.33 28.22
CA VAL R 37 -3.95 -116.42 29.16
C VAL R 37 -3.31 -115.86 30.42
N SER R 38 -3.91 -116.11 31.56
CA SER R 38 -3.32 -115.63 32.80
C SER R 38 -2.80 -116.80 33.62
N VAL R 39 -2.13 -116.44 34.72
CA VAL R 39 -1.48 -117.42 35.58
C VAL R 39 -2.51 -118.06 36.49
N SER R 40 -2.70 -119.37 36.31
CA SER R 40 -3.60 -120.13 37.17
C SER R 40 -3.03 -120.36 38.55
N GLU R 41 -1.84 -119.84 38.85
CA GLU R 41 -1.13 -120.16 40.08
C GLU R 41 -1.03 -118.98 41.04
N ASP R 42 -1.16 -117.76 40.55
CA ASP R 42 -1.32 -116.60 41.41
C ASP R 42 -2.78 -116.51 41.85
N THR R 43 -2.98 -116.25 43.14
CA THR R 43 -4.29 -116.45 43.75
C THR R 43 -5.18 -115.20 43.72
N ASP R 44 -4.62 -114.02 43.54
CA ASP R 44 -5.38 -112.77 43.56
C ASP R 44 -5.34 -112.17 42.17
N TYR R 45 -6.50 -112.09 41.51
CA TYR R 45 -6.58 -111.50 40.17
C TYR R 45 -5.93 -110.13 40.13
N ARG R 46 -6.15 -109.33 41.18
CA ARG R 46 -5.58 -108.00 41.27
C ARG R 46 -4.10 -107.98 40.93
N THR R 47 -3.37 -109.07 41.23
CA THR R 47 -1.96 -109.19 40.94
C THR R 47 -1.62 -110.44 40.12
N ARG R 48 -2.58 -111.00 39.36
CA ARG R 48 -2.26 -112.15 38.51
C ARG R 48 -1.51 -111.72 37.25
N ARG R 49 -0.27 -112.18 37.15
CA ARG R 49 0.49 -112.06 35.91
C ARG R 49 -0.32 -112.62 34.75
N ASN R 50 -0.36 -111.88 33.63
CA ASN R 50 -1.04 -112.44 32.47
C ASN R 50 -0.33 -112.04 31.18
N ALA R 51 -0.53 -112.86 30.14
CA ALA R 51 0.10 -112.66 28.85
C ALA R 51 -0.98 -112.60 27.78
N THR R 52 -0.73 -111.76 26.78
CA THR R 52 -1.65 -111.53 25.68
C THR R 52 -0.90 -111.75 24.37
N PHE R 53 -1.50 -112.55 23.50
CA PHE R 53 -0.90 -113.02 22.26
C PHE R 53 -1.70 -112.45 21.09
N LYS R 54 -1.08 -111.61 20.28
CA LYS R 54 -1.72 -111.10 19.07
C LYS R 54 -0.98 -111.63 17.85
N SER R 55 -1.74 -111.78 16.75
CA SER R 55 -1.20 -112.39 15.55
C SER R 55 -1.85 -111.77 14.31
N ARG R 56 -1.01 -111.33 13.37
CA ARG R 56 -1.46 -110.95 12.04
C ARG R 56 -0.59 -111.65 11.00
N VAL R 57 -1.26 -112.32 10.07
CA VAL R 57 -0.69 -113.17 9.02
C VAL R 57 -0.28 -112.28 7.84
N PRO R 58 0.71 -112.68 7.04
CA PRO R 58 1.07 -111.86 5.86
C PRO R 58 -0.09 -111.64 4.91
N THR R 59 -0.26 -110.40 4.50
CA THR R 59 -1.31 -109.99 3.57
C THR R 59 -0.71 -109.79 2.19
N VAL R 60 -1.44 -110.22 1.16
CA VAL R 60 -0.96 -110.21 -0.23
C VAL R 60 -1.67 -109.11 -1.00
N VAL R 61 -0.88 -108.23 -1.64
CA VAL R 61 -1.39 -107.19 -2.52
C VAL R 61 -0.88 -107.50 -3.93
N ASN R 62 -1.78 -108.06 -4.76
CA ASN R 62 -1.52 -108.36 -6.17
C ASN R 62 -0.18 -109.06 -6.36
N GLY R 63 0.05 -110.09 -5.54
CA GLY R 63 1.22 -110.93 -5.65
C GLY R 63 2.35 -110.58 -4.71
N ASN R 64 2.32 -109.41 -4.06
CA ASN R 64 3.40 -108.99 -3.16
C ASN R 64 2.98 -109.21 -1.71
N TYR R 65 3.82 -109.92 -0.95
CA TYR R 65 3.48 -110.23 0.43
C TYR R 65 4.01 -109.18 1.40
N SER R 66 3.28 -108.99 2.49
CA SER R 66 3.66 -108.07 3.55
C SER R 66 4.14 -108.85 4.76
N LYS R 67 5.20 -108.37 5.38
CA LYS R 67 5.71 -108.98 6.60
C LYS R 67 4.64 -109.01 7.68
N GLY R 68 4.41 -110.20 8.25
CA GLY R 68 3.43 -110.35 9.30
C GLY R 68 4.03 -110.14 10.69
N LYS R 69 3.14 -110.12 11.69
CA LYS R 69 3.49 -109.60 13.01
C LYS R 69 2.90 -110.49 14.10
N ASN R 70 3.76 -111.02 14.97
CA ASN R 70 3.31 -111.83 16.11
C ASN R 70 3.77 -111.15 17.39
N GLU R 71 2.83 -110.59 18.16
CA GLU R 71 3.13 -109.91 19.40
C GLU R 71 2.79 -110.77 20.61
N VAL R 72 3.57 -110.60 21.67
CA VAL R 72 3.26 -111.11 22.99
C VAL R 72 3.53 -109.99 23.98
N VAL R 73 2.65 -109.84 24.97
CA VAL R 73 2.89 -108.92 26.07
C VAL R 73 2.62 -109.65 27.38
N PHE R 74 3.56 -109.55 28.31
CA PHE R 74 3.49 -110.21 29.60
C PHE R 74 3.50 -109.13 30.67
N VAL R 75 2.61 -109.25 31.64
CA VAL R 75 2.31 -108.18 32.56
C VAL R 75 2.33 -108.69 33.99
N ILE R 76 3.10 -108.00 34.84
CA ILE R 76 3.02 -108.09 36.29
C ILE R 76 2.26 -106.86 36.79
N PRO R 77 1.02 -106.99 37.25
CA PRO R 77 0.34 -105.85 37.84
C PRO R 77 0.76 -105.66 39.29
N MET R 78 0.96 -104.39 39.67
CA MET R 78 1.26 -104.06 41.05
C MET R 78 0.52 -102.79 41.43
N SER R 79 -0.02 -102.77 42.64
CA SER R 79 -0.65 -101.58 43.17
C SER R 79 0.41 -100.70 43.85
N LEU R 80 0.37 -99.40 43.55
CA LEU R 80 1.33 -98.45 44.09
C LEU R 80 0.89 -97.95 45.46
N ASP R 81 1.82 -97.27 46.13
CA ASP R 81 1.46 -96.53 47.34
C ASP R 81 0.39 -95.48 47.05
N SER R 82 0.28 -95.06 45.78
CA SER R 82 -0.78 -94.16 45.33
C SER R 82 -2.15 -94.82 45.32
N GLY R 83 -2.23 -96.14 45.49
CA GLY R 83 -3.48 -96.85 45.32
C GLY R 83 -3.68 -97.25 43.87
N GLU R 84 -3.28 -96.35 42.97
CA GLU R 84 -3.27 -96.63 41.54
C GLU R 84 -2.51 -97.93 41.27
N THR R 85 -3.08 -98.77 40.41
CA THR R 85 -2.45 -100.03 40.02
C THR R 85 -1.86 -99.87 38.62
N VAL R 86 -0.57 -100.18 38.50
CA VAL R 86 0.17 -100.03 37.26
C VAL R 86 0.63 -101.41 36.76
N PHE R 87 0.76 -101.53 35.44
CA PHE R 87 1.12 -102.78 34.80
C PHE R 87 2.58 -102.74 34.38
N ASN R 88 3.36 -103.74 34.78
CA ASN R 88 4.78 -103.86 34.43
C ASN R 88 4.93 -104.81 33.26
N SER R 89 5.49 -104.31 32.16
CA SER R 89 5.32 -104.92 30.85
C SER R 89 6.64 -105.41 30.28
N VAL R 90 6.59 -106.57 29.63
CA VAL R 90 7.61 -106.98 28.66
C VAL R 90 6.87 -107.38 27.39
N ARG R 91 7.26 -106.80 26.25
CA ARG R 91 6.55 -106.99 25.00
C ARG R 91 7.55 -107.43 23.92
N ILE R 92 7.23 -108.54 23.26
CA ILE R 92 8.10 -109.11 22.24
C ILE R 92 7.28 -109.28 20.97
N ALA R 93 7.70 -108.59 19.91
CA ALA R 93 7.00 -108.58 18.63
C ALA R 93 7.97 -109.04 17.55
N LEU R 94 7.59 -110.09 16.83
CA LEU R 94 8.42 -110.65 15.77
C LEU R 94 7.72 -110.48 14.43
N GLU R 95 8.35 -109.73 13.53
CA GLU R 95 7.81 -109.37 12.23
C GLU R 95 8.64 -110.05 11.15
N ILE R 96 8.01 -110.95 10.41
CA ILE R 96 8.71 -111.82 9.46
C ILE R 96 8.04 -111.72 8.09
N HIS R 97 8.87 -111.59 7.05
CA HIS R 97 8.39 -111.74 5.69
C HIS R 97 8.39 -113.22 5.31
N PRO R 98 7.38 -113.68 4.55
CA PRO R 98 7.28 -115.12 4.26
C PRO R 98 8.50 -115.69 3.56
N ALA R 99 9.28 -114.87 2.88
CA ALA R 99 10.41 -115.37 2.11
C ALA R 99 11.62 -115.71 2.97
N LEU R 100 11.62 -115.37 4.26
CA LEU R 100 12.78 -115.60 5.10
C LEU R 100 13.00 -117.09 5.34
N ALA R 101 14.26 -117.46 5.55
CA ALA R 101 14.60 -118.84 5.82
C ALA R 101 13.93 -119.33 7.11
N SER R 102 13.38 -120.54 7.03
CA SER R 102 12.74 -121.16 8.18
C SER R 102 13.68 -121.17 9.40
N ALA R 103 14.96 -121.45 9.18
CA ALA R 103 15.92 -121.48 10.29
C ALA R 103 16.31 -120.08 10.75
N SER R 104 16.31 -119.10 9.84
CA SER R 104 16.56 -117.72 10.26
C SER R 104 15.44 -117.20 11.16
N VAL R 105 14.21 -117.70 10.97
CA VAL R 105 13.13 -117.32 11.88
C VAL R 105 13.47 -117.71 13.33
N LYS R 106 13.82 -118.98 13.53
CA LYS R 106 14.15 -119.41 14.88
C LYS R 106 15.47 -118.81 15.36
N ASP R 107 16.39 -118.49 14.45
CA ASP R 107 17.59 -117.77 14.88
C ASP R 107 17.22 -116.38 15.42
N LEU R 108 16.22 -115.73 14.80
CA LEU R 108 15.76 -114.45 15.35
C LEU R 108 15.16 -114.61 16.73
N ARG R 109 14.32 -115.64 16.92
CA ARG R 109 13.78 -115.89 18.26
C ARG R 109 14.90 -116.03 19.28
N LEU R 110 15.90 -116.86 18.96
CA LEU R 110 16.97 -117.14 19.92
C LEU R 110 17.88 -115.93 20.13
N ILE R 111 18.13 -115.15 19.09
CA ILE R 111 19.01 -114.00 19.25
C ILE R 111 18.31 -112.88 20.03
N GLY R 112 17.00 -112.73 19.82
CA GLY R 112 16.23 -111.84 20.66
C GLY R 112 16.28 -112.25 22.12
N ALA R 113 16.12 -113.55 22.38
CA ALA R 113 16.16 -114.01 23.76
C ALA R 113 17.52 -113.75 24.40
N GLN R 114 18.60 -113.96 23.64
CA GLN R 114 19.92 -113.66 24.17
C GLN R 114 20.06 -112.18 24.49
N LEU R 115 19.47 -111.31 23.64
CA LEU R 115 19.55 -109.87 23.91
C LEU R 115 18.86 -109.50 25.22
N LEU R 116 17.86 -110.28 25.67
CA LEU R 116 17.32 -110.08 27.02
C LEU R 116 18.19 -110.67 28.11
N THR R 117 18.69 -111.89 27.91
CA THR R 117 19.20 -112.66 29.04
C THR R 117 20.72 -112.81 29.09
N ASP R 118 21.47 -112.06 28.28
CA ASP R 118 22.91 -112.08 28.43
C ASP R 118 23.35 -111.01 29.42
N ALA R 119 24.46 -111.29 30.11
CA ALA R 119 24.96 -110.37 31.12
C ALA R 119 25.40 -109.06 30.51
N ASP R 120 25.93 -109.10 29.28
CA ASP R 120 26.43 -107.90 28.61
C ASP R 120 25.39 -106.78 28.61
N TYR R 121 24.11 -107.13 28.65
CA TYR R 121 23.04 -106.16 28.51
C TYR R 121 22.40 -105.81 29.84
N ASP R 122 22.81 -106.45 30.94
CA ASP R 122 22.19 -106.21 32.25
C ASP R 122 22.11 -104.71 32.55
N SER R 123 23.20 -103.99 32.31
CA SER R 123 23.21 -102.57 32.60
C SER R 123 22.14 -101.84 31.78
N PHE R 124 22.07 -102.14 30.47
CA PHE R 124 21.06 -101.56 29.61
C PHE R 124 19.66 -101.80 30.13
N TRP R 125 19.29 -103.07 30.31
CA TRP R 125 17.90 -103.38 30.68
C TRP R 125 17.54 -102.78 32.03
N THR R 126 18.36 -103.05 33.06
CA THR R 126 17.99 -102.60 34.40
C THR R 126 17.99 -101.08 34.50
N LEU R 127 19.11 -100.44 34.16
CA LEU R 127 19.24 -99.01 34.40
C LEU R 127 18.79 -98.16 33.22
N GLY R 128 19.07 -98.61 31.99
CA GLY R 128 18.84 -97.80 30.82
C GLY R 128 20.10 -97.29 30.15
N ALA R 129 21.24 -97.88 30.47
CA ALA R 129 22.55 -97.47 29.96
C ALA R 129 22.63 -97.66 28.45
N LEU R 130 23.30 -96.73 27.79
CA LEU R 130 23.35 -96.69 26.33
C LEU R 130 24.75 -96.93 25.76
N ALA R 131 25.69 -97.43 26.55
CA ALA R 131 27.03 -97.74 26.04
C ALA R 131 27.18 -99.23 25.72
N SER S 1 50.86 34.83 46.09
CA SER S 1 51.08 35.92 47.04
C SER S 1 49.96 36.96 46.97
N ILE S 2 48.74 36.50 46.70
CA ILE S 2 47.60 37.42 46.60
C ILE S 2 47.13 37.84 47.98
N ILE S 3 46.87 36.86 48.86
CA ILE S 3 46.39 37.16 50.20
C ILE S 3 47.49 37.88 50.97
N GLY S 4 47.21 39.11 51.37
CA GLY S 4 48.17 39.90 52.09
C GLY S 4 49.03 40.82 51.25
N SER S 5 48.81 40.86 49.94
CA SER S 5 49.58 41.77 49.10
C SER S 5 49.26 43.22 49.47
N SER S 6 50.22 44.11 49.18
CA SER S 6 50.10 45.52 49.53
C SER S 6 50.39 46.35 48.28
N ILE S 7 49.50 47.31 48.01
CA ILE S 7 49.64 48.24 46.89
C ILE S 7 49.24 49.65 47.36
N LYS S 8 49.48 50.63 46.48
CA LYS S 8 49.37 52.04 46.83
C LYS S 8 48.08 52.64 46.28
N THR S 9 47.32 53.30 47.14
CA THR S 9 46.17 54.09 46.70
C THR S 9 46.52 55.57 46.79
N GLY S 10 45.84 56.36 45.96
CA GLY S 10 46.17 57.78 45.87
C GLY S 10 47.62 58.02 45.51
N ALA S 11 48.16 57.25 44.56
CA ALA S 11 49.51 57.48 44.12
C ALA S 11 49.59 58.75 43.30
N THR S 12 50.69 59.50 43.46
CA THR S 12 50.90 60.69 42.66
C THR S 12 50.96 60.35 41.18
N SER S 13 51.78 59.37 40.80
CA SER S 13 51.82 58.91 39.41
C SER S 13 52.49 57.55 39.35
N ALA S 14 52.48 56.96 38.16
CA ALA S 14 53.19 55.72 37.90
C ALA S 14 54.12 55.93 36.71
N SER S 15 55.19 55.16 36.67
CA SER S 15 56.24 55.35 35.68
C SER S 15 56.85 54.00 35.34
N ILE S 16 57.75 54.00 34.36
CA ILE S 16 58.29 52.74 33.84
C ILE S 16 59.75 52.92 33.47
N THR S 17 60.61 52.05 34.00
CA THR S 17 62.02 51.98 33.63
C THR S 17 62.16 50.87 32.60
N GLY S 18 62.35 51.26 31.33
CA GLY S 18 62.25 50.26 30.29
C GLY S 18 62.92 50.67 28.99
N GLY S 19 62.83 49.76 28.02
CA GLY S 19 63.62 49.83 26.81
C GLY S 19 63.05 50.65 25.66
N SER S 20 62.89 50.02 24.50
CA SER S 20 62.67 50.75 23.26
C SER S 20 61.23 51.26 23.16
N ASP S 21 61.07 52.35 22.40
CA ASP S 21 59.76 52.92 22.14
C ASP S 21 59.00 52.09 21.12
N ILE S 22 57.68 52.22 21.18
CA ILE S 22 56.79 51.73 20.14
C ILE S 22 55.77 52.82 19.88
N THR S 23 55.47 53.06 18.62
CA THR S 23 54.64 54.16 18.17
C THR S 23 53.40 53.62 17.47
N PHE S 24 52.26 54.22 17.76
CA PHE S 24 50.96 53.84 17.23
C PHE S 24 50.57 54.71 16.05
N ALA S 25 49.68 54.17 15.21
CA ALA S 25 49.11 54.89 14.09
C ALA S 25 47.78 54.23 13.76
N LEU S 26 46.87 55.02 13.19
CA LEU S 26 45.50 54.55 12.99
C LEU S 26 45.45 53.48 11.90
N THR S 27 44.63 52.45 12.15
CA THR S 27 44.53 51.27 11.29
C THR S 27 43.39 51.32 10.30
N GLY S 28 42.22 51.77 10.73
CA GLY S 28 41.07 51.71 9.86
C GLY S 28 40.34 50.39 9.85
N GLN S 29 40.76 49.42 10.65
CA GLN S 29 39.90 48.28 10.91
C GLN S 29 38.64 48.75 11.62
N THR S 30 37.50 48.44 11.02
CA THR S 30 36.24 48.96 11.51
C THR S 30 35.94 48.42 12.90
N VAL S 31 35.75 49.33 13.86
CA VAL S 31 35.48 48.99 15.26
C VAL S 31 34.35 49.89 15.75
N THR S 32 33.26 49.28 16.22
CA THR S 32 32.07 50.03 16.59
C THR S 32 32.29 50.77 17.90
N ASN S 33 32.02 52.08 17.88
CA ASN S 33 32.29 52.99 19.01
C ASN S 33 33.76 52.92 19.43
N GLY S 34 34.63 52.60 18.49
CA GLY S 34 36.02 52.35 18.82
C GLY S 34 37.04 52.76 17.79
N LEU S 35 38.24 52.20 17.92
CA LEU S 35 39.40 52.71 17.21
C LEU S 35 40.50 51.65 17.23
N ASN S 36 41.04 51.31 16.07
CA ASN S 36 42.17 50.39 15.97
C ASN S 36 43.43 51.18 15.63
N VAL S 37 44.44 51.12 16.49
CA VAL S 37 45.76 51.64 16.18
C VAL S 37 46.76 50.51 16.26
N SER S 38 47.54 50.33 15.21
CA SER S 38 48.60 49.33 15.24
C SER S 38 49.95 50.06 15.29
N VAL S 39 51.00 49.27 15.50
CA VAL S 39 52.32 49.86 15.55
C VAL S 39 52.81 50.04 14.12
N SER S 40 53.44 51.17 13.86
CA SER S 40 54.12 51.31 12.57
C SER S 40 55.54 50.80 12.64
N GLU S 41 55.92 50.20 13.76
CA GLU S 41 57.29 49.79 13.98
C GLU S 41 57.52 48.30 13.73
N ASP S 42 56.47 47.49 13.85
CA ASP S 42 56.54 46.13 13.38
C ASP S 42 56.19 46.11 11.89
N THR S 43 56.87 45.23 11.15
CA THR S 43 56.80 45.26 9.70
C THR S 43 55.90 44.21 9.09
N ASP S 44 55.80 43.02 9.68
CA ASP S 44 55.00 41.93 9.13
C ASP S 44 53.55 42.09 9.57
N TYR S 45 52.63 42.12 8.59
CA TYR S 45 51.23 42.34 8.93
C TYR S 45 50.66 41.18 9.75
N ARG S 46 51.08 39.95 9.45
CA ARG S 46 50.70 38.80 10.26
C ARG S 46 50.93 39.04 11.74
N THR S 47 52.17 39.37 12.11
CA THR S 47 52.56 39.43 13.51
C THR S 47 52.63 40.86 14.05
N ARG S 48 51.95 41.81 13.40
CA ARG S 48 52.08 43.20 13.81
C ARG S 48 51.12 43.50 14.96
N ARG S 49 51.71 43.93 16.08
CA ARG S 49 50.96 44.17 17.31
C ARG S 49 49.96 45.31 17.13
N ASN S 50 48.75 45.11 17.64
CA ASN S 50 47.76 46.18 17.50
C ASN S 50 46.85 46.28 18.70
N ALA S 51 46.35 47.48 18.95
CA ALA S 51 45.45 47.75 20.07
C ALA S 51 44.15 48.32 19.54
N THR S 52 43.12 48.16 20.35
CA THR S 52 41.76 48.57 20.01
C THR S 52 41.11 49.19 21.23
N PHE S 53 40.61 50.40 21.05
CA PHE S 53 40.03 51.24 22.10
C PHE S 53 38.54 51.35 21.83
N LYS S 54 37.72 50.82 22.73
CA LYS S 54 36.28 51.03 22.67
C LYS S 54 35.85 51.92 23.82
N SER S 55 34.82 52.73 23.57
CA SER S 55 34.39 53.76 24.50
C SER S 55 32.88 53.87 24.48
N ARG S 56 32.25 53.78 25.66
CA ARG S 56 30.82 53.97 25.83
C ARG S 56 30.60 54.91 27.01
N VAL S 57 29.91 56.01 26.76
CA VAL S 57 29.72 57.09 27.72
C VAL S 57 28.55 56.76 28.66
N PRO S 58 28.54 57.33 29.87
CA PRO S 58 27.35 57.23 30.71
C PRO S 58 26.15 57.84 30.00
N THR S 59 25.07 57.07 29.92
CA THR S 59 23.85 57.50 29.27
C THR S 59 22.74 57.60 30.32
N VAL S 60 22.01 58.70 30.29
CA VAL S 60 20.91 58.91 31.21
C VAL S 60 19.69 58.16 30.72
N VAL S 61 19.02 57.46 31.62
CA VAL S 61 17.77 56.77 31.32
C VAL S 61 16.85 56.91 32.53
N ASN S 62 15.66 57.46 32.30
CA ASN S 62 14.65 57.62 33.35
C ASN S 62 15.18 58.49 34.48
N GLY S 63 15.90 59.55 34.13
CA GLY S 63 16.29 60.57 35.08
C GLY S 63 17.60 60.34 35.81
N ASN S 64 18.29 59.24 35.55
CA ASN S 64 19.57 59.02 36.21
C ASN S 64 20.52 58.24 35.32
N TYR S 65 21.80 58.28 35.66
CA TYR S 65 22.87 57.87 34.79
C TYR S 65 23.16 56.37 34.92
N SER S 66 23.75 55.82 33.86
CA SER S 66 24.28 54.47 33.84
C SER S 66 25.80 54.54 33.76
N LYS S 67 26.48 53.66 34.47
CA LYS S 67 27.94 53.69 34.49
C LYS S 67 28.49 53.47 33.08
N GLY S 68 29.55 54.20 32.75
CA GLY S 68 30.18 54.09 31.44
C GLY S 68 31.35 53.13 31.45
N LYS S 69 31.77 52.74 30.25
CA LYS S 69 32.72 51.65 30.08
C LYS S 69 33.74 51.99 29.01
N ASN S 70 35.03 51.91 29.34
CA ASN S 70 36.10 52.19 28.39
C ASN S 70 37.03 50.98 28.35
N GLU S 71 37.02 50.26 27.23
CA GLU S 71 37.85 49.08 27.04
C GLU S 71 39.07 49.40 26.19
N VAL S 72 40.14 48.67 26.44
CA VAL S 72 41.28 48.59 25.56
C VAL S 72 41.65 47.12 25.44
N VAL S 73 42.11 46.72 24.26
CA VAL S 73 42.67 45.39 24.07
C VAL S 73 43.92 45.50 23.22
N PHE S 74 45.03 45.02 23.76
CA PHE S 74 46.32 45.00 23.06
C PHE S 74 46.62 43.56 22.70
N VAL S 75 47.03 43.35 21.45
CA VAL S 75 47.13 42.01 20.89
C VAL S 75 48.50 41.82 20.24
N ILE S 76 49.14 40.72 20.61
CA ILE S 76 50.33 40.18 19.96
C ILE S 76 49.90 38.98 19.13
N PRO S 77 49.83 39.06 17.81
CA PRO S 77 49.56 37.86 17.02
C PRO S 77 50.79 36.98 16.95
N MET S 78 50.56 35.68 16.91
CA MET S 78 51.64 34.73 16.63
C MET S 78 51.09 33.57 15.82
N SER S 79 51.86 33.14 14.83
CA SER S 79 51.49 31.96 14.06
C SER S 79 51.92 30.72 14.83
N LEU S 80 51.02 29.76 14.96
CA LEU S 80 51.33 28.51 15.63
C LEU S 80 51.95 27.52 14.64
N ASP S 81 52.55 26.47 15.20
CA ASP S 81 53.13 25.43 14.35
C ASP S 81 52.07 24.77 13.48
N SER S 82 50.83 24.73 13.96
CA SER S 82 49.71 24.12 13.23
C SER S 82 49.23 24.96 12.05
N GLY S 83 49.70 26.20 11.93
CA GLY S 83 49.30 27.04 10.82
C GLY S 83 48.38 28.17 11.21
N GLU S 84 47.38 27.87 12.05
CA GLU S 84 46.46 28.91 12.51
C GLU S 84 47.23 30.00 13.25
N THR S 85 46.95 31.25 12.90
CA THR S 85 47.47 32.39 13.64
C THR S 85 46.55 32.66 14.82
N VAL S 86 47.11 32.78 16.03
CA VAL S 86 46.33 33.02 17.23
C VAL S 86 46.77 34.33 17.87
N PHE S 87 45.83 35.00 18.51
CA PHE S 87 46.07 36.29 19.13
C PHE S 87 46.34 36.13 20.62
N ASN S 88 47.28 36.92 21.13
CA ASN S 88 47.57 36.99 22.56
C ASN S 88 47.06 38.33 23.08
N SER S 89 46.20 38.28 24.08
CA SER S 89 45.38 39.43 24.44
C SER S 89 45.70 39.90 25.85
N VAL S 90 45.79 41.21 26.01
CA VAL S 90 45.60 41.84 27.32
C VAL S 90 44.47 42.84 27.15
N ARG S 91 43.44 42.71 27.98
CA ARG S 91 42.23 43.51 27.86
C ARG S 91 42.01 44.22 29.18
N ILE S 92 41.87 45.54 29.12
CA ILE S 92 41.66 46.36 30.31
C ILE S 92 40.40 47.18 30.07
N ALA S 93 39.35 46.85 30.79
CA ALA S 93 38.11 47.61 30.79
C ALA S 93 38.00 48.39 32.09
N LEU S 94 37.38 49.56 32.00
CA LEU S 94 37.24 50.43 33.18
C LEU S 94 35.87 51.08 33.13
N GLU S 95 35.04 50.73 34.10
CA GLU S 95 33.64 51.15 34.19
C GLU S 95 33.52 52.11 35.37
N ILE S 96 33.11 53.33 35.09
CA ILE S 96 33.01 54.39 36.10
C ILE S 96 31.58 54.89 36.14
N HIS S 97 31.07 55.06 37.35
CA HIS S 97 29.81 55.78 37.50
C HIS S 97 30.10 57.28 37.58
N PRO S 98 29.28 58.12 36.95
CA PRO S 98 29.57 59.56 36.93
C PRO S 98 29.77 60.18 38.29
N ALA S 99 29.25 59.56 39.35
CA ALA S 99 29.36 60.11 40.69
C ALA S 99 30.72 59.87 41.33
N LEU S 100 31.59 59.06 40.74
CA LEU S 100 32.89 58.83 41.34
C LEU S 100 33.74 60.08 41.27
N ALA S 101 34.59 60.26 42.28
CA ALA S 101 35.49 61.41 42.31
C ALA S 101 36.49 61.36 41.16
N SER S 102 36.75 62.54 40.58
CA SER S 102 37.77 62.65 39.55
C SER S 102 39.08 62.03 40.00
N ALA S 103 39.44 62.24 41.27
CA ALA S 103 40.68 61.68 41.79
C ALA S 103 40.61 60.16 41.94
N SER S 104 39.44 59.64 42.36
CA SER S 104 39.30 58.19 42.49
C SER S 104 39.29 57.49 41.13
N VAL S 105 38.98 58.21 40.06
CA VAL S 105 39.11 57.62 38.72
C VAL S 105 40.58 57.29 38.42
N LYS S 106 41.47 58.27 38.59
CA LYS S 106 42.89 57.99 38.43
C LYS S 106 43.39 57.00 39.48
N ASP S 107 42.84 57.01 40.70
CA ASP S 107 43.25 55.99 41.67
C ASP S 107 42.92 54.60 41.14
N LEU S 108 41.77 54.43 40.49
CA LEU S 108 41.43 53.13 39.89
C LEU S 108 42.41 52.77 38.78
N ARG S 109 42.72 53.72 37.91
CA ARG S 109 43.66 53.42 36.82
C ARG S 109 45.00 52.94 37.37
N LEU S 110 45.52 53.62 38.40
CA LEU S 110 46.83 53.27 38.94
C LEU S 110 46.79 52.01 39.79
N ILE S 111 45.71 51.80 40.54
CA ILE S 111 45.62 50.59 41.34
C ILE S 111 45.39 49.37 40.46
N GLY S 112 44.77 49.55 39.30
CA GLY S 112 44.64 48.45 38.36
C GLY S 112 45.97 48.14 37.70
N ALA S 113 46.62 49.17 37.16
CA ALA S 113 47.93 48.95 36.53
C ALA S 113 48.93 48.37 37.52
N GLN S 114 48.76 48.69 38.80
CA GLN S 114 49.64 48.16 39.83
C GLN S 114 49.37 46.69 40.13
N LEU S 115 48.17 46.20 39.80
CA LEU S 115 47.88 44.79 39.94
C LEU S 115 48.50 43.95 38.82
N LEU S 116 48.78 44.55 37.65
CA LEU S 116 49.55 43.83 36.62
C LEU S 116 51.02 43.71 36.99
N THR S 117 51.64 44.80 37.42
CA THR S 117 53.09 44.85 37.45
C THR S 117 53.71 44.47 38.79
N ASP S 118 52.99 44.63 39.90
CA ASP S 118 53.61 44.46 41.20
C ASP S 118 53.99 42.99 41.42
N ALA S 119 55.22 42.77 41.87
CA ALA S 119 55.80 41.43 41.93
C ALA S 119 54.99 40.48 42.79
N ASP S 120 54.23 40.99 43.76
CA ASP S 120 53.35 40.14 44.56
C ASP S 120 52.45 39.30 43.67
N TYR S 121 51.86 39.89 42.64
CA TYR S 121 50.98 39.14 41.75
C TYR S 121 51.76 38.46 40.63
N ASP S 122 53.08 38.62 40.64
CA ASP S 122 53.91 38.15 39.54
C ASP S 122 53.75 36.64 39.35
N SER S 123 53.53 35.90 40.44
CA SER S 123 53.28 34.46 40.31
C SER S 123 51.89 34.18 39.78
N PHE S 124 50.93 35.07 40.03
CA PHE S 124 49.56 34.85 39.58
C PHE S 124 49.45 34.93 38.06
N TRP S 125 49.92 36.03 37.48
CA TRP S 125 49.75 36.25 36.05
C TRP S 125 50.52 35.23 35.23
N THR S 126 51.78 34.98 35.60
CA THR S 126 52.62 34.08 34.81
C THR S 126 52.14 32.65 34.94
N LEU S 127 52.00 32.15 36.16
CA LEU S 127 51.74 30.75 36.40
C LEU S 127 50.26 30.43 36.51
N GLY S 128 49.38 31.43 36.49
CA GLY S 128 47.99 31.19 36.79
C GLY S 128 47.79 30.65 38.19
N ALA S 129 48.59 31.14 39.15
CA ALA S 129 48.67 30.56 40.49
C ALA S 129 47.75 31.28 41.45
N LEU S 130 46.79 30.55 42.02
CA LEU S 130 45.89 31.10 43.03
C LEU S 130 46.46 30.80 44.41
N ALA S 131 46.93 31.83 45.09
CA ALA S 131 47.47 31.70 46.44
C ALA S 131 47.68 33.10 47.01
N SER T 1 45.08 61.96 20.98
CA SER T 1 46.24 61.61 21.79
C SER T 1 46.43 60.10 21.83
N ILE T 2 45.38 59.36 21.46
CA ILE T 2 45.52 57.91 21.29
C ILE T 2 46.30 57.61 20.02
N ILE T 3 45.95 58.29 18.93
CA ILE T 3 46.66 58.11 17.66
C ILE T 3 48.06 58.70 17.80
N GLY T 4 49.06 57.93 17.39
CA GLY T 4 50.42 58.43 17.45
C GLY T 4 50.97 58.57 18.85
N SER T 5 50.48 57.76 19.79
CA SER T 5 51.07 57.72 21.12
C SER T 5 52.23 56.74 21.14
N SER T 6 53.12 56.92 22.12
CA SER T 6 54.36 56.15 22.24
C SER T 6 54.43 55.50 23.61
N ILE T 7 54.78 54.22 23.64
CA ILE T 7 54.87 53.45 24.89
C ILE T 7 56.04 52.48 24.82
N LYS T 8 56.60 52.13 25.98
CA LYS T 8 57.82 51.31 26.01
C LYS T 8 57.48 49.83 25.89
N THR T 9 58.14 49.13 24.96
CA THR T 9 58.08 47.67 24.93
C THR T 9 59.35 47.09 25.51
N GLY T 10 59.25 45.84 25.94
CA GLY T 10 60.35 45.16 26.58
C GLY T 10 60.95 46.00 27.68
N ALA T 11 60.08 46.56 28.51
CA ALA T 11 60.56 47.35 29.63
C ALA T 11 61.11 46.44 30.72
N THR T 12 62.17 46.93 31.40
CA THR T 12 62.78 46.15 32.47
C THR T 12 61.83 46.00 33.65
N SER T 13 61.21 47.10 34.09
CA SER T 13 60.17 47.02 35.12
C SER T 13 59.43 48.34 35.16
N ALA T 14 58.30 48.34 35.87
CA ALA T 14 57.50 49.53 36.08
C ALA T 14 57.27 49.70 37.57
N SER T 15 56.97 50.93 37.99
CA SER T 15 56.84 51.24 39.40
C SER T 15 55.87 52.41 39.56
N ILE T 16 55.70 52.84 40.80
CA ILE T 16 54.66 53.81 41.11
C ILE T 16 55.15 54.75 42.20
N THR T 17 55.22 56.05 41.87
CA THR T 17 55.53 57.09 42.85
C THR T 17 54.23 57.42 43.56
N GLY T 18 54.05 56.89 44.77
CA GLY T 18 52.72 56.67 45.32
C GLY T 18 52.56 57.18 46.74
N GLY T 19 51.33 57.04 47.23
CA GLY T 19 50.96 57.46 48.57
C GLY T 19 50.87 56.32 49.56
N SER T 20 49.71 56.16 50.22
CA SER T 20 49.57 55.25 51.35
C SER T 20 49.36 53.80 50.90
N ASP T 21 49.68 52.88 51.80
CA ASP T 21 49.51 51.45 51.55
C ASP T 21 48.05 51.03 51.65
N ILE T 22 47.76 49.87 51.04
CA ILE T 22 46.48 49.21 51.19
C ILE T 22 46.73 47.71 51.14
N THR T 23 46.04 46.96 52.01
CA THR T 23 46.37 45.56 52.25
C THR T 23 45.15 44.68 52.05
N PHE T 24 45.34 43.55 51.35
CA PHE T 24 44.27 42.62 51.02
C PHE T 24 44.21 41.48 52.02
N ALA T 25 42.99 41.04 52.32
CA ALA T 25 42.76 39.86 53.15
C ALA T 25 41.64 39.04 52.53
N LEU T 26 41.58 37.77 52.92
CA LEU T 26 40.67 36.82 52.30
C LEU T 26 39.21 37.11 52.68
N THR T 27 38.34 37.20 51.66
CA THR T 27 36.94 37.62 51.85
C THR T 27 35.99 36.46 52.10
N GLY T 28 36.32 35.28 51.61
CA GLY T 28 35.36 34.20 51.67
C GLY T 28 34.07 34.46 50.94
N GLN T 29 34.11 35.19 49.82
CA GLN T 29 33.01 35.24 48.87
C GLN T 29 33.26 34.15 47.84
N THR T 30 32.36 33.17 47.79
CA THR T 30 32.55 32.03 46.91
C THR T 30 32.70 32.49 45.48
N VAL T 31 33.87 32.22 44.89
CA VAL T 31 34.20 32.63 43.53
C VAL T 31 34.79 31.44 42.79
N THR T 32 34.15 31.03 41.72
CA THR T 32 34.61 29.87 40.97
C THR T 32 35.94 30.17 40.31
N ASN T 33 36.89 29.24 40.48
CA ASN T 33 38.21 29.32 39.86
C ASN T 33 38.99 30.53 40.34
N GLY T 34 38.76 30.98 41.56
CA GLY T 34 39.43 32.19 41.99
C GLY T 34 39.16 32.55 43.43
N LEU T 35 39.62 33.74 43.79
CA LEU T 35 39.59 34.26 45.14
C LEU T 35 38.91 35.62 45.17
N ASN T 36 38.43 36.00 46.35
CA ASN T 36 38.03 37.38 46.65
C ASN T 36 38.84 37.84 47.84
N VAL T 37 39.54 38.95 47.69
CA VAL T 37 40.26 39.59 48.80
C VAL T 37 39.81 41.04 48.85
N SER T 38 39.39 41.50 50.03
CA SER T 38 39.02 42.90 50.17
C SER T 38 40.06 43.61 51.04
N VAL T 39 40.03 44.92 51.00
CA VAL T 39 40.97 45.72 51.76
C VAL T 39 40.44 45.84 53.19
N SER T 40 41.19 45.28 54.13
CA SER T 40 40.80 45.34 55.53
C SER T 40 41.08 46.71 56.12
N GLU T 41 41.51 47.66 55.29
CA GLU T 41 41.87 48.99 55.75
C GLU T 41 40.75 50.00 55.57
N ASP T 42 39.72 49.68 54.80
CA ASP T 42 38.49 50.45 54.79
C ASP T 42 37.58 49.93 55.89
N THR T 43 36.89 50.84 56.58
CA THR T 43 36.20 50.49 57.82
C THR T 43 34.75 50.06 57.62
N ASP T 44 34.10 50.44 56.52
CA ASP T 44 32.68 50.21 56.32
C ASP T 44 32.48 49.20 55.19
N TYR T 45 31.98 48.00 55.54
CA TYR T 45 31.84 46.93 54.55
C TYR T 45 31.09 47.42 53.32
N ARG T 46 29.99 48.14 53.54
CA ARG T 46 29.14 48.64 52.45
C ARG T 46 29.94 49.34 51.36
N THR T 47 31.15 49.83 51.65
CA THR T 47 32.02 50.46 50.66
C THR T 47 33.47 50.01 50.80
N ARG T 48 33.74 48.72 51.05
CA ARG T 48 35.12 48.24 51.04
C ARG T 48 35.55 47.81 49.65
N ARG T 49 36.58 48.49 49.15
CA ARG T 49 37.21 48.13 47.90
C ARG T 49 37.66 46.67 47.96
N ASN T 50 37.24 45.88 46.98
CA ASN T 50 37.65 44.48 46.94
C ASN T 50 38.17 44.12 45.56
N ALA T 51 38.70 42.91 45.45
CA ALA T 51 39.28 42.46 44.20
C ALA T 51 39.06 40.96 44.09
N THR T 52 38.84 40.52 42.87
CA THR T 52 38.53 39.13 42.58
C THR T 52 39.49 38.63 41.51
N PHE T 53 40.11 37.49 41.79
CA PHE T 53 41.11 36.89 40.92
C PHE T 53 40.54 35.60 40.35
N LYS T 54 40.59 35.46 39.03
CA LYS T 54 40.14 34.24 38.36
C LYS T 54 41.25 33.71 37.46
N SER T 55 41.26 32.38 37.28
CA SER T 55 42.28 31.71 36.46
C SER T 55 41.63 30.51 35.76
N ARG T 56 41.29 30.69 34.49
CA ARG T 56 40.87 29.59 33.63
C ARG T 56 42.08 29.06 32.88
N VAL T 57 42.23 27.75 32.88
CA VAL T 57 43.43 27.08 32.36
C VAL T 57 43.25 26.79 30.88
N PRO T 58 44.34 26.58 30.15
CA PRO T 58 44.22 26.18 28.75
C PRO T 58 43.58 24.81 28.62
N THR T 59 42.84 24.63 27.53
CA THR T 59 42.12 23.39 27.28
C THR T 59 42.90 22.53 26.30
N VAL T 60 43.01 21.25 26.61
CA VAL T 60 43.74 20.29 25.77
C VAL T 60 42.72 19.63 24.86
N VAL T 61 42.77 19.96 23.57
CA VAL T 61 41.85 19.41 22.57
C VAL T 61 42.71 18.74 21.50
N ASN T 62 42.94 17.45 21.66
CA ASN T 62 43.58 16.61 20.65
C ASN T 62 44.92 17.20 20.22
N GLY T 63 45.80 17.41 21.19
CA GLY T 63 47.11 17.96 20.93
C GLY T 63 47.17 19.47 20.70
N ASN T 64 46.03 20.15 20.63
CA ASN T 64 46.00 21.60 20.43
C ASN T 64 45.54 22.28 21.72
N TYR T 65 46.19 23.39 22.08
CA TYR T 65 45.88 24.07 23.32
C TYR T 65 45.27 25.44 23.05
N SER T 66 44.16 25.74 23.73
CA SER T 66 43.57 27.07 23.71
C SER T 66 44.33 27.99 24.65
N LYS T 67 44.20 29.29 24.40
CA LYS T 67 44.79 30.25 25.32
C LYS T 67 44.07 30.18 26.66
N GLY T 68 44.83 30.39 27.74
CA GLY T 68 44.26 30.52 29.06
C GLY T 68 43.98 31.98 29.41
N LYS T 69 43.29 32.18 30.52
CA LYS T 69 42.75 33.50 30.85
C LYS T 69 42.90 33.75 32.34
N ASN T 70 43.58 34.84 32.70
CA ASN T 70 43.72 35.23 34.10
C ASN T 70 43.12 36.62 34.29
N GLU T 71 42.03 36.70 35.06
CA GLU T 71 41.34 37.97 35.28
C GLU T 71 41.58 38.49 36.68
N VAL T 72 41.53 39.81 36.79
CA VAL T 72 41.39 40.50 38.07
C VAL T 72 40.31 41.56 37.90
N VAL T 73 39.49 41.71 38.92
CA VAL T 73 38.42 42.71 38.96
C VAL T 73 38.55 43.45 40.27
N PHE T 74 38.92 44.73 40.20
CA PHE T 74 39.02 45.58 41.37
C PHE T 74 37.80 46.49 41.38
N VAL T 75 37.20 46.65 42.55
CA VAL T 75 35.90 47.27 42.68
C VAL T 75 35.91 48.27 43.82
N ILE T 76 35.51 49.50 43.52
CA ILE T 76 35.17 50.53 44.50
C ILE T 76 33.66 50.63 44.57
N PRO T 77 33.01 50.10 45.59
CA PRO T 77 31.58 50.35 45.76
C PRO T 77 31.34 51.72 46.37
N MET T 78 30.34 52.42 45.84
CA MET T 78 29.99 53.75 46.32
C MET T 78 28.49 53.85 46.51
N SER T 79 28.09 54.54 47.58
CA SER T 79 26.69 54.75 47.91
C SER T 79 26.22 56.03 47.22
N LEU T 80 25.21 55.89 46.36
CA LEU T 80 24.69 57.05 45.65
C LEU T 80 23.83 57.91 46.57
N ASP T 81 23.54 59.13 46.11
CA ASP T 81 22.59 59.97 46.79
C ASP T 81 21.22 59.31 46.85
N SER T 82 20.88 58.51 45.82
CA SER T 82 19.63 57.78 45.75
C SER T 82 19.49 56.69 46.80
N GLY T 83 20.57 56.36 47.53
CA GLY T 83 20.58 55.23 48.42
C GLY T 83 21.06 53.95 47.77
N GLU T 84 20.81 53.78 46.48
CA GLU T 84 21.31 52.61 45.76
C GLU T 84 22.82 52.68 45.62
N THR T 85 23.51 51.63 46.07
CA THR T 85 24.97 51.56 46.00
C THR T 85 25.36 50.81 44.74
N VAL T 86 26.37 51.31 44.02
CA VAL T 86 26.82 50.75 42.76
C VAL T 86 28.33 50.55 42.82
N PHE T 87 28.88 49.99 41.74
CA PHE T 87 30.26 49.51 41.71
C PHE T 87 31.05 50.15 40.59
N ASN T 88 32.21 50.71 40.93
CA ASN T 88 33.19 51.21 39.96
C ASN T 88 34.23 50.11 39.76
N SER T 89 34.41 49.68 38.52
CA SER T 89 35.09 48.42 38.24
C SER T 89 36.23 48.63 37.26
N VAL T 90 37.45 48.35 37.69
CA VAL T 90 38.54 48.17 36.75
C VAL T 90 38.80 46.67 36.61
N ARG T 91 38.73 46.17 35.37
CA ARG T 91 38.90 44.75 35.09
C ARG T 91 40.07 44.58 34.12
N ILE T 92 40.98 43.66 34.45
CA ILE T 92 42.15 43.39 33.62
C ILE T 92 42.24 41.88 33.42
N ALA T 93 42.07 41.46 32.17
CA ALA T 93 42.10 40.05 31.79
C ALA T 93 43.26 39.83 30.83
N LEU T 94 44.05 38.80 31.09
CA LEU T 94 45.22 38.52 30.29
C LEU T 94 45.09 37.10 29.75
N GLU T 95 44.92 37.00 28.43
CA GLU T 95 44.71 35.73 27.72
C GLU T 95 45.97 35.39 26.95
N ILE T 96 46.58 34.27 27.30
CA ILE T 96 47.88 33.88 26.77
C ILE T 96 47.85 32.43 26.32
N HIS T 97 48.37 32.17 25.11
CA HIS T 97 48.65 30.80 24.69
C HIS T 97 50.00 30.35 25.27
N PRO T 98 50.11 29.11 25.72
CA PRO T 98 51.33 28.69 26.45
C PRO T 98 52.60 28.79 25.64
N ALA T 99 52.50 28.83 24.31
CA ALA T 99 53.68 28.87 23.45
C ALA T 99 54.30 30.25 23.32
N LEU T 100 53.70 31.28 23.92
CA LEU T 100 54.30 32.61 23.88
C LEU T 100 55.50 32.67 24.82
N ALA T 101 56.48 33.50 24.45
CA ALA T 101 57.69 33.62 25.23
C ALA T 101 57.41 34.20 26.62
N SER T 102 58.08 33.63 27.62
CA SER T 102 57.94 34.10 28.99
C SER T 102 58.22 35.59 29.09
N ALA T 103 59.12 36.11 28.23
CA ALA T 103 59.44 37.53 28.24
C ALA T 103 58.33 38.35 27.60
N SER T 104 57.70 37.84 26.53
CA SER T 104 56.60 38.57 25.90
C SER T 104 55.38 38.63 26.82
N VAL T 105 55.20 37.63 27.67
CA VAL T 105 54.09 37.69 28.62
C VAL T 105 54.24 38.90 29.54
N LYS T 106 55.44 39.07 30.12
CA LYS T 106 55.65 40.20 31.01
C LYS T 106 55.69 41.53 30.24
N ASP T 107 56.22 41.54 29.02
CA ASP T 107 56.09 42.74 28.19
C ASP T 107 54.62 43.11 28.02
N LEU T 108 53.75 42.10 27.89
CA LEU T 108 52.33 42.36 27.68
C LEU T 108 51.69 42.95 28.94
N ARG T 109 52.04 42.40 30.12
CA ARG T 109 51.60 42.99 31.40
C ARG T 109 52.00 44.46 31.50
N LEU T 110 53.27 44.76 31.21
CA LEU T 110 53.74 46.13 31.38
C LEU T 110 53.14 47.06 30.33
N ILE T 111 52.90 46.57 29.12
CA ILE T 111 52.36 47.44 28.08
C ILE T 111 50.89 47.76 28.38
N GLY T 112 50.16 46.80 28.96
CA GLY T 112 48.83 47.11 29.43
C GLY T 112 48.84 48.13 30.56
N ALA T 113 49.77 47.96 31.51
CA ALA T 113 49.88 48.94 32.59
C ALA T 113 50.15 50.34 32.05
N GLN T 114 51.02 50.46 31.04
CA GLN T 114 51.28 51.78 30.46
C GLN T 114 50.01 52.32 29.81
N LEU T 115 49.30 51.47 29.06
CA LEU T 115 48.04 51.92 28.46
C LEU T 115 47.09 52.47 29.51
N LEU T 116 47.07 51.89 30.72
CA LEU T 116 46.27 52.50 31.79
C LEU T 116 46.83 53.85 32.26
N THR T 117 48.12 53.92 32.57
CA THR T 117 48.60 55.02 33.39
C THR T 117 49.25 56.17 32.62
N ASP T 118 49.53 56.02 31.33
CA ASP T 118 50.22 57.07 30.60
C ASP T 118 49.31 58.28 30.41
N ALA T 119 49.94 59.45 30.27
CA ALA T 119 49.18 60.69 30.14
C ALA T 119 48.52 60.80 28.79
N ASP T 120 49.14 60.25 27.74
CA ASP T 120 48.55 60.25 26.40
C ASP T 120 47.12 59.74 26.40
N TYR T 121 46.78 58.85 27.32
CA TYR T 121 45.47 58.20 27.32
C TYR T 121 44.52 58.80 28.34
N ASP T 122 44.95 59.85 29.06
CA ASP T 122 44.09 60.50 30.05
C ASP T 122 42.75 60.89 29.45
N SER T 123 42.77 61.55 28.28
CA SER T 123 41.52 61.97 27.65
C SER T 123 40.62 60.77 27.38
N PHE T 124 41.17 59.70 26.79
CA PHE T 124 40.39 58.51 26.52
C PHE T 124 39.73 57.97 27.77
N TRP T 125 40.54 57.61 28.77
CA TRP T 125 39.99 56.94 29.95
C TRP T 125 38.97 57.83 30.65
N THR T 126 39.35 59.08 30.96
CA THR T 126 38.49 59.92 31.79
C THR T 126 37.23 60.35 31.04
N LEU T 127 37.41 61.00 29.88
CA LEU T 127 36.30 61.63 29.17
C LEU T 127 35.58 60.66 28.23
N GLY T 128 36.22 59.55 27.87
CA GLY T 128 35.71 58.68 26.83
C GLY T 128 36.09 59.08 25.42
N ALA T 129 37.04 59.99 25.27
CA ALA T 129 37.30 60.59 23.96
C ALA T 129 38.04 59.61 23.06
N LEU T 130 37.45 59.35 21.89
CA LEU T 130 38.14 58.56 20.89
C LEU T 130 39.16 59.41 20.14
N ALA T 131 39.99 58.74 19.35
CA ALA T 131 41.03 59.40 18.53
C ALA T 131 42.04 60.23 19.34
N SER U 1 51.95 56.99 -27.86
CA SER U 1 52.44 57.69 -26.70
C SER U 1 52.30 56.84 -25.42
N ILE U 2 51.23 56.05 -25.32
CA ILE U 2 51.13 55.07 -24.23
C ILE U 2 52.12 53.93 -24.48
N ILE U 3 52.15 53.43 -25.71
CA ILE U 3 53.10 52.39 -26.07
C ILE U 3 54.48 53.00 -26.18
N GLY U 4 55.42 52.50 -25.38
CA GLY U 4 56.76 53.02 -25.36
C GLY U 4 57.02 54.08 -24.31
N SER U 5 56.00 54.50 -23.57
CA SER U 5 56.20 55.50 -22.53
C SER U 5 57.15 54.97 -21.45
N SER U 6 57.87 55.89 -20.81
CA SER U 6 58.82 55.57 -19.77
C SER U 6 58.45 56.35 -18.51
N ILE U 7 58.48 55.65 -17.37
CA ILE U 7 58.11 56.23 -16.09
C ILE U 7 59.04 55.67 -15.02
N LYS U 8 59.31 56.47 -13.98
CA LYS U 8 60.28 56.12 -12.96
C LYS U 8 59.66 55.15 -11.94
N THR U 9 60.36 54.05 -11.66
CA THR U 9 60.03 53.20 -10.53
C THR U 9 61.11 53.34 -9.47
N GLY U 10 60.77 52.90 -8.26
CA GLY U 10 61.66 53.12 -7.13
C GLY U 10 61.99 54.58 -6.91
N ALA U 11 61.03 55.47 -7.13
CA ALA U 11 61.29 56.88 -6.96
C ALA U 11 61.32 57.26 -5.49
N THR U 12 62.17 58.23 -5.15
CA THR U 12 62.25 58.70 -3.77
C THR U 12 60.97 59.40 -3.36
N SER U 13 60.57 60.44 -4.11
CA SER U 13 59.32 61.14 -3.79
C SER U 13 58.87 61.95 -5.00
N ALA U 14 57.59 62.29 -5.00
CA ALA U 14 56.99 63.08 -6.06
C ALA U 14 56.60 64.45 -5.51
N SER U 15 56.61 65.44 -6.39
CA SER U 15 56.31 66.81 -6.00
C SER U 15 55.53 67.48 -7.12
N ILE U 16 55.07 68.69 -6.86
CA ILE U 16 54.24 69.39 -7.84
C ILE U 16 54.53 70.89 -7.81
N THR U 17 55.01 71.42 -8.93
CA THR U 17 55.22 72.85 -9.08
C THR U 17 53.89 73.47 -9.46
N GLY U 18 53.25 74.16 -8.50
CA GLY U 18 51.88 74.57 -8.71
C GLY U 18 51.44 75.87 -8.08
N GLY U 19 50.13 76.13 -8.17
CA GLY U 19 49.57 77.40 -7.76
C GLY U 19 49.04 77.45 -6.33
N SER U 20 47.77 77.80 -6.18
CA SER U 20 47.20 78.12 -4.89
C SER U 20 46.89 76.86 -4.06
N ASP U 21 46.80 77.06 -2.76
CA ASP U 21 46.45 76.00 -1.83
C ASP U 21 44.95 75.73 -1.84
N ILE U 22 44.59 74.56 -1.32
CA ILE U 22 43.19 74.22 -1.06
C ILE U 22 43.17 73.35 0.19
N THR U 23 42.18 73.53 1.04
CA THR U 23 42.15 72.84 2.33
C THR U 23 40.84 72.09 2.49
N PHE U 24 40.94 70.94 3.15
CA PHE U 24 39.80 70.06 3.39
C PHE U 24 39.31 70.19 4.82
N ALA U 25 37.99 70.07 4.99
CA ALA U 25 37.43 69.94 6.33
C ALA U 25 36.34 68.88 6.28
N LEU U 26 36.08 68.26 7.43
CA LEU U 26 35.16 67.13 7.49
C LEU U 26 33.73 67.56 7.20
N THR U 27 33.09 66.86 6.25
CA THR U 27 31.79 67.30 5.74
C THR U 27 30.69 67.03 6.74
N GLY U 28 30.70 65.85 7.36
CA GLY U 28 29.54 65.39 8.08
C GLY U 28 28.50 64.73 7.23
N GLN U 29 28.80 64.42 5.97
CA GLN U 29 27.99 63.51 5.19
C GLN U 29 28.32 62.10 5.61
N THR U 30 27.30 61.34 6.02
CA THR U 30 27.51 59.99 6.49
C THR U 30 27.91 59.11 5.30
N VAL U 31 29.08 58.46 5.42
CA VAL U 31 29.59 57.58 4.37
C VAL U 31 29.98 56.25 4.99
N THR U 32 29.45 55.16 4.44
CA THR U 32 29.72 53.83 4.95
C THR U 32 31.19 53.47 4.74
N ASN U 33 31.84 53.02 5.82
CA ASN U 33 33.27 52.69 5.83
C ASN U 33 34.14 53.86 5.36
N GLY U 34 33.60 55.08 5.39
CA GLY U 34 34.29 56.15 4.71
C GLY U 34 34.09 57.52 5.35
N LEU U 35 34.64 58.51 4.65
CA LEU U 35 34.77 59.87 5.13
C LEU U 35 34.49 60.81 3.97
N ASN U 36 33.91 61.97 4.27
CA ASN U 36 33.76 63.02 3.27
C ASN U 36 34.39 64.29 3.81
N VAL U 37 35.37 64.81 3.08
CA VAL U 37 35.95 66.12 3.37
C VAL U 37 35.77 67.00 2.15
N SER U 38 35.20 68.18 2.35
CA SER U 38 35.02 69.09 1.22
C SER U 38 35.94 70.29 1.38
N VAL U 39 35.94 71.11 0.33
CA VAL U 39 36.83 72.26 0.25
C VAL U 39 36.25 73.41 1.07
N SER U 40 36.96 73.79 2.12
CA SER U 40 36.58 74.91 2.95
C SER U 40 36.80 76.26 2.26
N GLU U 41 37.27 76.25 1.01
CA GLU U 41 37.70 77.47 0.34
C GLU U 41 36.79 77.86 -0.82
N ASP U 42 36.04 76.92 -1.37
CA ASP U 42 34.98 77.24 -2.31
C ASP U 42 33.75 77.67 -1.54
N THR U 43 33.12 78.75 -2.01
CA THR U 43 32.12 79.45 -1.19
C THR U 43 30.70 78.95 -1.39
N ASP U 44 30.41 78.27 -2.50
CA ASP U 44 29.05 77.82 -2.81
C ASP U 44 29.05 76.30 -2.78
N TYR U 45 28.30 75.72 -1.83
CA TYR U 45 28.20 74.27 -1.73
C TYR U 45 27.83 73.64 -3.06
N ARG U 46 26.91 74.28 -3.79
CA ARG U 46 26.46 73.79 -5.08
C ARG U 46 27.62 73.40 -5.98
N THR U 47 28.77 74.09 -5.85
CA THR U 47 29.97 73.80 -6.63
C THR U 47 31.20 73.56 -5.76
N ARG U 48 31.04 73.14 -4.50
CA ARG U 48 32.21 72.82 -3.67
C ARG U 48 32.79 71.47 -4.04
N ARG U 49 34.03 71.49 -4.54
CA ARG U 49 34.81 70.29 -4.73
C ARG U 49 34.85 69.49 -3.43
N ASN U 50 34.64 68.18 -3.53
CA ASN U 50 34.77 67.37 -2.31
C ASN U 50 35.36 66.00 -2.63
N ALA U 51 35.98 65.40 -1.61
CA ALA U 51 36.64 64.11 -1.74
C ALA U 51 36.08 63.16 -0.70
N THR U 52 35.97 61.90 -1.09
CA THR U 52 35.43 60.85 -0.26
C THR U 52 36.44 59.70 -0.18
N PHE U 53 36.72 59.27 1.04
CA PHE U 53 37.76 58.30 1.34
C PHE U 53 37.09 57.05 1.89
N LYS U 54 37.22 55.93 1.19
CA LYS U 54 36.73 54.65 1.68
C LYS U 54 37.90 53.70 1.94
N SER U 55 37.71 52.81 2.90
CA SER U 55 38.79 51.93 3.34
C SER U 55 38.23 50.59 3.78
N ARG U 56 38.79 49.52 3.23
CA ARG U 56 38.56 48.16 3.72
C ARG U 56 39.90 47.46 3.94
N VAL U 57 40.05 46.91 5.14
CA VAL U 57 41.26 46.29 5.66
C VAL U 57 41.29 44.83 5.18
N PRO U 58 42.47 44.22 5.04
CA PRO U 58 42.52 42.79 4.65
C PRO U 58 41.76 41.89 5.61
N THR U 59 40.94 41.02 5.03
CA THR U 59 40.14 40.04 5.77
C THR U 59 40.80 38.68 5.70
N VAL U 60 40.80 37.95 6.82
CA VAL U 60 41.48 36.66 6.94
C VAL U 60 40.45 35.54 6.94
N VAL U 61 40.63 34.56 6.05
CA VAL U 61 39.83 33.35 5.99
C VAL U 61 40.74 32.17 6.32
N ASN U 62 40.63 31.69 7.56
CA ASN U 62 41.36 30.50 8.05
C ASN U 62 42.84 30.56 7.68
N GLY U 63 43.45 31.72 7.93
CA GLY U 63 44.87 31.91 7.73
C GLY U 63 45.25 32.58 6.42
N ASN U 64 44.34 32.70 5.46
CA ASN U 64 44.64 33.29 4.16
C ASN U 64 44.11 34.72 4.10
N TYR U 65 44.99 35.67 3.76
CA TYR U 65 44.60 37.07 3.74
C TYR U 65 44.09 37.49 2.37
N SER U 66 43.16 38.45 2.37
CA SER U 66 42.60 39.02 1.17
C SER U 66 43.15 40.42 0.96
N LYS U 67 43.47 40.75 -0.29
CA LYS U 67 43.94 42.08 -0.62
C LYS U 67 42.90 43.12 -0.24
N GLY U 68 43.33 44.14 0.52
CA GLY U 68 42.45 45.21 0.92
C GLY U 68 42.41 46.36 -0.07
N LYS U 69 41.51 47.30 0.17
CA LYS U 69 41.12 48.28 -0.83
C LYS U 69 40.97 49.65 -0.20
N ASN U 70 41.72 50.64 -0.72
CA ASN U 70 41.62 52.01 -0.25
C ASN U 70 41.22 52.89 -1.44
N GLU U 71 39.98 53.40 -1.42
CA GLU U 71 39.47 54.25 -2.50
C GLU U 71 39.46 55.71 -2.09
N VAL U 72 39.67 56.57 -3.09
CA VAL U 72 39.44 58.00 -2.96
C VAL U 72 38.68 58.43 -4.21
N VAL U 73 37.71 59.31 -4.05
CA VAL U 73 37.03 59.93 -5.18
C VAL U 73 36.97 61.43 -4.95
N PHE U 74 37.37 62.19 -5.96
CA PHE U 74 37.41 63.64 -5.89
C PHE U 74 36.48 64.18 -6.97
N VAL U 75 35.66 65.16 -6.60
CA VAL U 75 34.53 65.56 -7.42
C VAL U 75 34.52 67.08 -7.56
N ILE U 76 34.45 67.53 -8.82
CA ILE U 76 34.09 68.90 -9.18
C ILE U 76 32.62 68.89 -9.65
N PRO U 77 31.69 69.41 -8.87
CA PRO U 77 30.31 69.53 -9.36
C PRO U 77 30.15 70.73 -10.25
N MET U 78 29.41 70.55 -11.34
CA MET U 78 29.07 71.67 -12.22
C MET U 78 27.64 71.52 -12.68
N SER U 79 26.93 72.65 -12.74
CA SER U 79 25.58 72.67 -13.27
C SER U 79 25.64 72.89 -14.78
N LEU U 80 24.87 72.08 -15.51
CA LEU U 80 24.84 72.14 -16.97
C LEU U 80 23.87 73.21 -17.45
N ASP U 81 23.95 73.50 -18.76
CA ASP U 81 22.92 74.31 -19.40
C ASP U 81 21.56 73.67 -19.27
N SER U 82 21.51 72.34 -19.06
CA SER U 82 20.28 71.61 -18.79
C SER U 82 19.68 71.93 -17.43
N GLY U 83 20.42 72.63 -16.57
CA GLY U 83 19.99 72.82 -15.19
C GLY U 83 20.45 71.67 -14.31
N GLU U 84 20.40 70.47 -14.87
CA GLU U 84 20.95 69.28 -14.23
C GLU U 84 22.38 69.52 -13.80
N THR U 85 22.70 69.12 -12.57
CA THR U 85 24.05 69.25 -12.04
C THR U 85 24.74 67.89 -12.07
N VAL U 86 25.91 67.84 -12.70
CA VAL U 86 26.67 66.61 -12.89
C VAL U 86 27.99 66.71 -12.13
N PHE U 87 28.49 65.55 -11.71
CA PHE U 87 29.71 65.46 -10.91
C PHE U 87 30.86 64.98 -11.80
N ASN U 88 31.97 65.72 -11.78
CA ASN U 88 33.16 65.40 -12.55
C ASN U 88 34.17 64.71 -11.63
N SER U 89 34.53 63.47 -11.98
CA SER U 89 35.12 62.55 -11.02
C SER U 89 36.54 62.16 -11.41
N VAL U 90 37.40 62.04 -10.40
CA VAL U 90 38.63 61.28 -10.50
C VAL U 90 38.66 60.32 -9.32
N ARG U 91 38.86 59.03 -9.59
CA ARG U 91 38.77 57.98 -8.58
C ARG U 91 40.05 57.16 -8.60
N ILE U 92 40.68 57.02 -7.44
CA ILE U 92 41.92 56.28 -7.30
C ILE U 92 41.74 55.22 -6.22
N ALA U 93 41.88 53.96 -6.61
CA ALA U 93 41.67 52.82 -5.73
C ALA U 93 42.94 51.98 -5.72
N LEU U 94 43.49 51.77 -4.53
CA LEU U 94 44.72 51.00 -4.37
C LEU U 94 44.42 49.74 -3.57
N GLU U 95 44.64 48.58 -4.20
CA GLU U 95 44.33 47.27 -3.63
C GLU U 95 45.64 46.53 -3.40
N ILE U 96 45.93 46.25 -2.13
CA ILE U 96 47.23 45.71 -1.72
C ILE U 96 47.01 44.45 -0.88
N HIS U 97 47.80 43.42 -1.18
CA HIS U 97 47.87 42.26 -0.31
C HIS U 97 48.90 42.52 0.79
N PRO U 98 48.63 42.06 2.02
CA PRO U 98 49.53 42.38 3.14
C PRO U 98 50.97 41.93 2.93
N ALA U 99 51.19 40.92 2.08
CA ALA U 99 52.54 40.39 1.90
C ALA U 99 53.43 41.25 1.02
N LEU U 100 52.88 42.28 0.38
CA LEU U 100 53.68 43.09 -0.54
C LEU U 100 54.71 43.91 0.22
N ALA U 101 55.83 44.20 -0.45
CA ALA U 101 56.89 45.00 0.14
C ALA U 101 56.39 46.40 0.49
N SER U 102 56.76 46.85 1.69
CA SER U 102 56.40 48.18 2.15
C SER U 102 56.79 49.26 1.13
N ALA U 103 57.97 49.11 0.51
CA ALA U 103 58.42 50.08 -0.48
C ALA U 103 57.71 49.91 -1.81
N SER U 104 57.32 48.68 -2.17
CA SER U 104 56.53 48.50 -3.39
C SER U 104 55.16 49.16 -3.26
N VAL U 105 54.61 49.25 -2.05
CA VAL U 105 53.35 49.96 -1.86
C VAL U 105 53.49 51.43 -2.32
N LYS U 106 54.49 52.12 -1.77
CA LYS U 106 54.69 53.51 -2.16
C LYS U 106 55.16 53.64 -3.61
N ASP U 107 55.86 52.64 -4.14
CA ASP U 107 56.18 52.68 -5.56
C ASP U 107 54.91 52.62 -6.40
N LEU U 108 53.90 51.84 -5.97
CA LEU U 108 52.62 51.84 -6.69
C LEU U 108 51.95 53.19 -6.62
N ARG U 109 51.93 53.82 -5.44
CA ARG U 109 51.36 55.17 -5.35
C ARG U 109 52.02 56.11 -6.35
N LEU U 110 53.36 56.10 -6.38
CA LEU U 110 54.09 57.05 -7.23
C LEU U 110 53.94 56.71 -8.70
N ILE U 111 53.89 55.43 -9.06
CA ILE U 111 53.78 55.06 -10.46
C ILE U 111 52.36 55.35 -10.97
N GLY U 112 51.36 55.15 -10.13
CA GLY U 112 50.02 55.58 -10.48
C GLY U 112 49.96 57.08 -10.72
N ALA U 113 50.59 57.86 -9.83
CA ALA U 113 50.57 59.32 -10.01
C ALA U 113 51.26 59.72 -11.31
N GLN U 114 52.37 59.06 -11.66
CA GLN U 114 53.02 59.38 -12.93
C GLN U 114 52.11 59.04 -14.10
N LEU U 115 51.35 57.95 -13.99
CA LEU U 115 50.43 57.60 -15.07
C LEU U 115 49.36 58.68 -15.29
N LEU U 116 49.01 59.45 -14.25
CA LEU U 116 48.15 60.62 -14.46
C LEU U 116 48.90 61.82 -15.02
N THR U 117 50.09 62.11 -14.49
CA THR U 117 50.67 63.43 -14.70
C THR U 117 51.86 63.46 -15.64
N ASP U 118 52.14 62.39 -16.36
CA ASP U 118 53.18 62.48 -17.38
C ASP U 118 52.59 62.91 -18.71
N ALA U 119 53.41 63.60 -19.50
CA ALA U 119 52.94 64.13 -20.78
C ALA U 119 52.60 63.01 -21.74
N ASP U 120 53.32 61.89 -21.67
CA ASP U 120 53.10 60.77 -22.58
C ASP U 120 51.63 60.35 -22.61
N TYR U 121 50.89 60.60 -21.53
CA TYR U 121 49.52 60.12 -21.41
C TYR U 121 48.50 61.22 -21.64
N ASP U 122 48.94 62.46 -21.85
CA ASP U 122 48.01 63.58 -22.03
C ASP U 122 46.93 63.25 -23.05
N SER U 123 47.34 62.69 -24.20
CA SER U 123 46.38 62.36 -25.24
C SER U 123 45.35 61.37 -24.73
N PHE U 124 45.80 60.31 -24.05
CA PHE U 124 44.90 59.32 -23.46
C PHE U 124 43.88 59.97 -22.53
N TRP U 125 44.37 60.67 -21.51
CA TRP U 125 43.46 61.19 -20.49
C TRP U 125 42.48 62.19 -21.09
N THR U 126 43.00 63.20 -21.79
CA THR U 126 42.12 64.25 -22.29
C THR U 126 41.13 63.72 -23.32
N LEU U 127 41.64 63.11 -24.39
CA LEU U 127 40.77 62.73 -25.50
C LEU U 127 40.20 61.32 -25.37
N GLY U 128 40.98 60.38 -24.87
CA GLY U 128 40.59 58.99 -24.85
C GLY U 128 41.37 58.12 -25.82
N ALA U 129 42.51 58.60 -26.31
CA ALA U 129 43.33 57.91 -27.28
C ALA U 129 43.88 56.60 -26.72
N LEU U 130 43.96 55.59 -27.57
CA LEU U 130 44.33 54.24 -27.15
C LEU U 130 45.65 53.75 -27.74
N ALA U 131 46.46 54.65 -28.31
CA ALA U 131 47.77 54.24 -28.84
C ALA U 131 48.89 54.55 -27.85
N SER V 1 15.89 33.23 85.53
CA SER V 1 16.47 34.53 85.85
C SER V 1 16.69 35.38 84.58
N ILE V 2 15.81 35.21 83.60
CA ILE V 2 15.93 35.95 82.34
C ILE V 2 15.47 37.39 82.52
N ILE V 3 14.26 37.57 83.05
CA ILE V 3 13.71 38.91 83.24
C ILE V 3 14.53 39.64 84.29
N GLY V 4 15.17 40.73 83.88
CA GLY V 4 16.00 41.50 84.78
C GLY V 4 17.47 41.15 84.76
N SER V 5 17.89 40.21 83.93
CA SER V 5 19.30 39.89 83.84
C SER V 5 20.09 41.09 83.32
N SER V 6 21.38 41.13 83.68
CA SER V 6 22.26 42.24 83.32
C SER V 6 23.52 41.70 82.67
N ILE V 7 23.88 42.25 81.51
CA ILE V 7 25.09 41.90 80.78
C ILE V 7 25.76 43.16 80.27
N LYS V 8 26.97 43.00 79.72
CA LYS V 8 27.85 44.10 79.37
C LYS V 8 27.83 44.35 77.86
N THR V 9 27.59 45.60 77.47
CA THR V 9 27.76 46.01 76.08
C THR V 9 29.02 46.84 75.94
N GLY V 10 29.59 46.83 74.74
CA GLY V 10 30.86 47.49 74.52
C GLY V 10 31.95 46.97 75.43
N ALA V 11 32.02 45.66 75.62
CA ALA V 11 33.08 45.09 76.44
C ALA V 11 34.40 45.16 75.69
N THR V 12 35.48 45.44 76.43
CA THR V 12 36.80 45.46 75.83
C THR V 12 37.16 44.10 75.25
N SER V 13 36.99 43.03 76.03
CA SER V 13 37.20 41.67 75.51
C SER V 13 36.54 40.66 76.44
N ALA V 14 36.55 39.40 76.03
CA ALA V 14 36.09 38.30 76.85
C ALA V 14 37.20 37.26 76.94
N SER V 15 37.19 36.50 78.03
CA SER V 15 38.28 35.58 78.32
C SER V 15 37.70 34.38 79.06
N ILE V 16 38.56 33.39 79.30
CA ILE V 16 38.09 32.12 79.88
C ILE V 16 39.15 31.56 80.81
N THR V 17 38.73 31.24 82.04
CA THR V 17 39.57 30.55 83.02
C THR V 17 39.20 29.08 82.95
N GLY V 18 40.07 28.27 82.36
CA GLY V 18 39.67 26.90 82.08
C GLY V 18 40.83 25.98 81.82
N GLY V 19 40.48 24.71 81.55
CA GLY V 19 41.42 23.61 81.56
C GLY V 19 42.18 23.34 80.28
N SER V 20 42.06 22.12 79.77
CA SER V 20 42.98 21.63 78.74
C SER V 20 42.64 22.22 77.37
N ASP V 21 43.68 22.31 76.52
CA ASP V 21 43.52 22.77 75.16
C ASP V 21 42.88 21.70 74.29
N ILE V 22 42.26 22.15 73.21
CA ILE V 22 41.82 21.30 72.12
C ILE V 22 42.21 22.00 70.83
N THR V 23 42.72 21.22 69.88
CA THR V 23 43.28 21.73 68.64
C THR V 23 42.49 21.20 67.47
N PHE V 24 42.23 22.07 66.49
CA PHE V 24 41.45 21.77 65.29
C PHE V 24 42.37 21.45 64.11
N ALA V 25 41.81 20.72 63.15
CA ALA V 25 42.48 20.43 61.90
C ALA V 25 41.42 20.14 60.87
N LEU V 26 41.76 20.37 59.60
CA LEU V 26 40.76 20.30 58.55
C LEU V 26 40.33 18.86 58.29
N THR V 27 39.03 18.67 58.07
CA THR V 27 38.41 17.35 57.93
C THR V 27 38.24 16.90 56.49
N GLY V 28 37.79 17.79 55.62
CA GLY V 28 37.47 17.39 54.26
C GLY V 28 36.09 16.81 54.07
N GLN V 29 35.27 16.76 55.13
CA GLN V 29 33.85 16.53 54.91
C GLN V 29 33.28 17.67 54.10
N THR V 30 32.67 17.32 52.97
CA THR V 30 32.20 18.33 52.04
C THR V 30 31.10 19.18 52.66
N VAL V 31 31.32 20.49 52.70
CA VAL V 31 30.39 21.45 53.28
C VAL V 31 30.28 22.65 52.34
N THR V 32 29.06 22.93 51.88
CA THR V 32 28.85 23.97 50.88
C THR V 32 29.03 25.36 51.48
N ASN V 33 29.88 26.17 50.84
CA ASN V 33 30.27 27.49 51.35
C ASN V 33 30.84 27.40 52.76
N GLY V 34 31.42 26.25 53.10
CA GLY V 34 31.83 26.02 54.47
C GLY V 34 33.08 25.18 54.65
N LEU V 35 33.24 24.65 55.87
CA LEU V 35 34.52 24.08 56.28
C LEU V 35 34.29 23.22 57.51
N ASN V 36 34.76 21.97 57.48
CA ASN V 36 34.70 21.08 58.63
C ASN V 36 36.09 20.95 59.22
N VAL V 37 36.24 21.32 60.50
CA VAL V 37 37.46 21.04 61.25
C VAL V 37 37.09 20.18 62.45
N SER V 38 37.78 19.06 62.61
CA SER V 38 37.58 18.24 63.80
C SER V 38 38.81 18.34 64.68
N VAL V 39 38.69 17.78 65.87
CA VAL V 39 39.81 17.82 66.79
C VAL V 39 40.76 16.69 66.43
N SER V 40 42.06 16.96 66.45
CA SER V 40 43.01 15.88 66.30
C SER V 40 43.34 15.27 67.65
N GLU V 41 42.66 15.69 68.71
CA GLU V 41 43.00 15.27 70.05
C GLU V 41 42.08 14.17 70.57
N ASP V 42 40.87 14.07 70.03
CA ASP V 42 40.05 12.90 70.27
C ASP V 42 40.43 11.82 69.25
N THR V 43 40.41 10.57 69.71
CA THR V 43 40.97 9.48 68.92
C THR V 43 39.93 8.63 68.20
N ASP V 44 38.74 8.43 68.79
CA ASP V 44 37.71 7.58 68.21
C ASP V 44 36.89 8.39 67.20
N TYR V 45 36.80 7.88 65.97
CA TYR V 45 36.10 8.63 64.92
C TYR V 45 34.61 8.76 65.24
N ARG V 46 34.02 7.71 65.81
CA ARG V 46 32.62 7.76 66.26
C ARG V 46 32.36 9.00 67.11
N THR V 47 33.12 9.15 68.19
CA THR V 47 32.83 10.18 69.19
C THR V 47 33.76 11.39 69.07
N ARG V 48 34.36 11.62 67.91
CA ARG V 48 35.33 12.71 67.78
C ARG V 48 34.60 14.01 67.50
N ARG V 49 34.81 14.98 68.39
CA ARG V 49 34.13 16.27 68.33
C ARG V 49 34.52 17.03 67.08
N ASN V 50 33.53 17.64 66.41
CA ASN V 50 33.88 18.40 65.21
C ASN V 50 33.00 19.62 65.05
N ALA V 51 33.55 20.64 64.39
CA ALA V 51 32.85 21.89 64.15
C ALA V 51 32.80 22.15 62.66
N THR V 52 31.82 22.95 62.27
CA THR V 52 31.55 23.27 60.88
C THR V 52 31.20 24.74 60.77
N PHE V 53 31.93 25.43 59.90
CA PHE V 53 31.84 26.87 59.69
C PHE V 53 31.24 27.11 58.32
N LYS V 54 30.06 27.73 58.27
CA LYS V 54 29.48 28.16 57.01
C LYS V 54 29.49 29.68 56.95
N SER V 55 29.65 30.22 55.75
CA SER V 55 29.85 31.65 55.55
C SER V 55 29.15 32.09 54.28
N ARG V 56 28.29 33.11 54.40
CA ARG V 56 27.61 33.73 53.27
C ARG V 56 27.75 35.23 53.39
N VAL V 57 28.32 35.85 52.35
CA VAL V 57 28.66 37.28 52.35
C VAL V 57 27.45 38.11 51.98
N PRO V 58 27.39 39.37 52.39
CA PRO V 58 26.37 40.29 51.88
C PRO V 58 26.47 40.41 50.37
N THR V 59 25.35 40.17 49.70
CA THR V 59 25.27 40.23 48.25
C THR V 59 24.36 41.38 47.84
N VAL V 60 24.82 42.19 46.90
CA VAL V 60 24.04 43.31 46.40
C VAL V 60 23.03 42.81 45.40
N VAL V 61 21.79 43.28 45.53
CA VAL V 61 20.72 42.96 44.59
C VAL V 61 19.89 44.22 44.39
N ASN V 62 19.75 44.67 43.15
CA ASN V 62 18.95 45.84 42.82
C ASN V 62 19.43 47.09 43.54
N GLY V 63 20.75 47.23 43.61
CA GLY V 63 21.35 48.46 44.09
C GLY V 63 21.61 48.55 45.58
N ASN V 64 21.23 47.54 46.36
CA ASN V 64 21.49 47.60 47.79
C ASN V 64 21.75 46.20 48.34
N TYR V 65 22.32 46.17 49.55
CA TYR V 65 22.91 44.97 50.11
C TYR V 65 21.88 44.13 50.86
N SER V 66 22.18 42.84 50.98
CA SER V 66 21.45 41.92 51.83
C SER V 66 22.34 41.50 52.98
N LYS V 67 21.75 41.37 54.17
CA LYS V 67 22.54 41.03 55.34
C LYS V 67 23.20 39.67 55.15
N GLY V 68 24.45 39.55 55.62
CA GLY V 68 25.19 38.31 55.52
C GLY V 68 25.09 37.46 56.76
N LYS V 69 25.47 36.20 56.62
CA LYS V 69 25.23 35.19 57.64
C LYS V 69 26.43 34.29 57.82
N ASN V 70 26.92 34.17 59.06
CA ASN V 70 28.06 33.32 59.37
C ASN V 70 27.66 32.34 60.47
N GLU V 71 27.54 31.07 60.12
CA GLU V 71 27.15 30.02 61.07
C GLU V 71 28.37 29.24 61.52
N VAL V 72 28.28 28.74 62.76
CA VAL V 72 29.17 27.71 63.27
C VAL V 72 28.30 26.67 63.94
N VAL V 73 28.69 25.41 63.86
CA VAL V 73 28.05 24.36 64.63
C VAL V 73 29.12 23.43 65.17
N PHE V 74 29.14 23.28 66.50
CA PHE V 74 30.08 22.40 67.18
C PHE V 74 29.29 21.21 67.70
N VAL V 75 29.82 20.01 67.48
CA VAL V 75 29.08 18.78 67.69
C VAL V 75 29.91 17.83 68.54
N ILE V 76 29.27 17.30 69.57
CA ILE V 76 29.74 16.18 70.38
C ILE V 76 28.92 14.95 70.00
N PRO V 77 29.47 14.00 69.25
CA PRO V 77 28.72 12.77 69.00
C PRO V 77 28.73 11.89 70.23
N MET V 78 27.63 11.16 70.43
CA MET V 78 27.59 10.13 71.46
C MET V 78 26.74 8.97 70.97
N SER V 79 27.20 7.75 71.22
CA SER V 79 26.41 6.58 70.92
C SER V 79 25.40 6.34 72.04
N LEU V 80 24.15 6.12 71.66
CA LEU V 80 23.11 5.84 72.65
C LEU V 80 23.07 4.35 72.95
N ASP V 81 22.37 4.02 74.04
CA ASP V 81 22.22 2.62 74.41
C ASP V 81 21.49 1.83 73.32
N SER V 82 20.63 2.50 72.55
CA SER V 82 19.86 1.86 71.49
C SER V 82 20.69 1.57 70.25
N GLY V 83 21.93 2.07 70.18
CA GLY V 83 22.78 1.80 69.04
C GLY V 83 22.99 2.99 68.14
N GLU V 84 21.92 3.73 67.85
CA GLU V 84 22.05 4.91 67.02
C GLU V 84 22.99 5.91 67.67
N THR V 85 23.92 6.44 66.89
CA THR V 85 24.76 7.53 67.33
C THR V 85 24.03 8.85 67.08
N VAL V 86 23.96 9.70 68.10
CA VAL V 86 23.26 10.97 68.00
C VAL V 86 24.24 12.10 68.27
N PHE V 87 24.01 13.24 67.61
CA PHE V 87 24.87 14.40 67.72
C PHE V 87 24.32 15.39 68.74
N ASN V 88 25.21 16.00 69.51
CA ASN V 88 24.86 17.08 70.43
C ASN V 88 25.41 18.39 69.86
N SER V 89 24.54 19.36 69.68
CA SER V 89 24.82 20.50 68.85
C SER V 89 24.82 21.79 69.66
N VAL V 90 25.79 22.65 69.41
CA VAL V 90 25.66 24.06 69.72
C VAL V 90 25.90 24.80 68.41
N ARG V 91 24.94 25.64 68.03
CA ARG V 91 24.94 26.32 66.75
C ARG V 91 24.85 27.81 67.00
N ILE V 92 25.79 28.57 66.45
CA ILE V 92 25.85 30.01 66.62
C ILE V 92 25.90 30.63 65.23
N ALA V 93 24.80 31.26 64.85
CA ALA V 93 24.73 32.02 63.61
C ALA V 93 24.76 33.50 63.93
N LEU V 94 25.36 34.28 63.02
CA LEU V 94 25.50 35.72 63.23
C LEU V 94 25.28 36.41 61.90
N GLU V 95 24.19 37.19 61.82
CA GLU V 95 23.75 37.86 60.60
C GLU V 95 23.94 39.35 60.79
N ILE V 96 24.78 39.95 59.94
CA ILE V 96 25.13 41.36 60.04
C ILE V 96 24.73 42.05 58.74
N HIS V 97 24.13 43.22 58.87
CA HIS V 97 23.95 44.08 57.72
C HIS V 97 25.20 44.93 57.53
N PRO V 98 25.65 45.14 56.28
CA PRO V 98 26.90 45.87 56.07
C PRO V 98 26.94 47.25 56.71
N ALA V 99 25.79 47.83 57.02
CA ALA V 99 25.74 49.17 57.61
C ALA V 99 26.04 49.18 59.10
N LEU V 100 26.12 48.02 59.76
CA LEU V 100 26.39 48.02 61.19
C LEU V 100 27.83 48.46 61.44
N ALA V 101 28.02 49.13 62.58
CA ALA V 101 29.34 49.59 62.97
C ALA V 101 30.28 48.40 63.22
N SER V 102 31.53 48.57 62.78
CA SER V 102 32.56 47.57 63.05
C SER V 102 32.60 47.22 64.53
N ALA V 103 32.46 48.22 65.40
CA ALA V 103 32.50 47.99 66.84
C ALA V 103 31.24 47.26 67.31
N SER V 104 30.08 47.57 66.74
CA SER V 104 28.87 46.87 67.14
C SER V 104 28.85 45.43 66.67
N VAL V 105 29.65 45.08 65.65
CA VAL V 105 29.78 43.67 65.28
C VAL V 105 30.41 42.88 66.42
N LYS V 106 31.56 43.35 66.92
CA LYS V 106 32.16 42.69 68.07
C LYS V 106 31.28 42.81 69.32
N ASP V 107 30.53 43.90 69.47
CA ASP V 107 29.61 43.95 70.60
C ASP V 107 28.57 42.82 70.51
N LEU V 108 28.09 42.52 69.30
CA LEU V 108 27.16 41.40 69.14
C LEU V 108 27.82 40.07 69.47
N ARG V 109 29.06 39.87 69.01
CA ARG V 109 29.74 38.61 69.31
C ARG V 109 29.86 38.42 70.82
N LEU V 110 30.26 39.47 71.54
CA LEU V 110 30.47 39.35 72.98
C LEU V 110 29.17 39.28 73.76
N ILE V 111 28.16 40.03 73.33
CA ILE V 111 26.88 39.98 74.03
C ILE V 111 26.19 38.65 73.79
N GLY V 112 26.44 38.02 72.64
CA GLY V 112 25.90 36.69 72.42
C GLY V 112 26.62 35.65 73.26
N ALA V 113 27.96 35.64 73.19
CA ALA V 113 28.71 34.70 74.00
C ALA V 113 28.43 34.89 75.48
N GLN V 114 28.08 36.11 75.90
CA GLN V 114 27.76 36.37 77.29
C GLN V 114 26.38 35.83 77.67
N LEU V 115 25.51 35.60 76.69
CA LEU V 115 24.22 34.96 76.96
C LEU V 115 24.35 33.45 77.16
N LEU V 116 25.40 32.82 76.62
CA LEU V 116 25.66 31.41 76.95
C LEU V 116 26.20 31.24 78.36
N THR V 117 27.19 32.05 78.74
CA THR V 117 27.99 31.72 79.91
C THR V 117 27.51 32.38 81.20
N ASP V 118 26.83 33.52 81.12
CA ASP V 118 26.52 34.27 82.32
C ASP V 118 25.52 33.49 83.19
N ALA V 119 25.84 33.39 84.49
CA ALA V 119 25.10 32.52 85.40
C ALA V 119 23.62 32.85 85.47
N ASP V 120 23.24 34.10 85.17
CA ASP V 120 21.82 34.46 85.12
C ASP V 120 21.04 33.51 84.22
N TYR V 121 21.58 33.21 83.04
CA TYR V 121 20.89 32.31 82.12
C TYR V 121 21.22 30.86 82.40
N ASP V 122 22.04 30.60 83.42
CA ASP V 122 22.54 29.27 83.70
C ASP V 122 21.39 28.30 83.93
N SER V 123 20.29 28.77 84.53
CA SER V 123 19.13 27.91 84.71
C SER V 123 18.36 27.70 83.40
N PHE V 124 18.45 28.66 82.48
CA PHE V 124 17.74 28.53 81.21
C PHE V 124 18.32 27.43 80.34
N TRP V 125 19.63 27.49 80.09
CA TRP V 125 20.26 26.55 79.17
C TRP V 125 20.20 25.12 79.70
N THR V 126 20.54 24.94 80.98
CA THR V 126 20.60 23.59 81.54
C THR V 126 19.22 22.99 81.66
N LEU V 127 18.30 23.70 82.32
CA LEU V 127 17.01 23.14 82.66
C LEU V 127 15.94 23.42 81.61
N GLY V 128 16.25 24.21 80.59
CA GLY V 128 15.21 24.66 79.68
C GLY V 128 14.15 25.48 80.39
N ALA V 129 14.57 26.30 81.36
CA ALA V 129 13.66 26.99 82.27
C ALA V 129 13.35 28.40 81.78
N LEU V 130 12.08 28.67 81.51
CA LEU V 130 11.62 29.99 81.13
C LEU V 130 11.16 30.74 82.38
N ALA V 131 11.94 31.74 82.78
CA ALA V 131 11.60 32.57 83.93
C ALA V 131 12.55 33.77 83.95
N SER W 1 43.06 30.88 59.90
CA SER W 1 43.09 31.01 61.34
C SER W 1 42.03 30.12 61.99
N ILE W 2 41.06 29.67 61.19
CA ILE W 2 40.10 28.67 61.67
C ILE W 2 40.78 27.31 61.75
N ILE W 3 41.53 26.94 60.72
CA ILE W 3 42.26 25.68 60.72
C ILE W 3 43.39 25.75 61.73
N GLY W 4 43.50 24.73 62.57
CA GLY W 4 44.57 24.72 63.55
C GLY W 4 44.42 25.75 64.64
N SER W 5 43.20 26.13 64.98
CA SER W 5 42.95 26.99 66.13
C SER W 5 42.81 26.14 67.39
N SER W 6 43.05 26.78 68.53
CA SER W 6 43.07 26.11 69.83
C SER W 6 42.09 26.78 70.77
N ILE W 7 41.29 25.97 71.47
CA ILE W 7 40.27 26.47 72.40
C ILE W 7 40.18 25.55 73.63
N LYS W 8 39.77 26.11 74.77
CA LYS W 8 39.78 25.35 76.02
C LYS W 8 38.52 24.48 76.13
N THR W 9 38.70 23.20 76.42
CA THR W 9 37.59 22.34 76.81
C THR W 9 37.60 22.14 78.31
N GLY W 10 36.42 21.77 78.84
CA GLY W 10 36.25 21.59 80.26
C GLY W 10 36.77 22.78 81.03
N ALA W 11 36.42 23.97 80.57
CA ALA W 11 36.84 25.17 81.26
C ALA W 11 36.02 25.34 82.54
N THR W 12 36.69 25.87 83.58
CA THR W 12 36.01 26.10 84.85
C THR W 12 34.93 27.18 84.72
N SER W 13 35.27 28.31 84.10
CA SER W 13 34.27 29.34 83.80
C SER W 13 34.86 30.32 82.80
N ALA W 14 33.99 31.15 82.26
CA ALA W 14 34.39 32.21 81.35
C ALA W 14 33.81 33.53 81.85
N SER W 15 34.43 34.64 81.43
CA SER W 15 34.05 35.94 81.94
C SER W 15 34.36 36.99 80.87
N ILE W 16 34.12 38.25 81.21
CA ILE W 16 34.18 39.32 80.23
C ILE W 16 34.73 40.57 80.88
N THR W 17 35.87 41.05 80.38
CA THR W 17 36.44 42.33 80.80
C THR W 17 35.74 43.40 79.98
N GLY W 18 34.78 44.08 80.61
CA GLY W 18 33.71 44.73 79.89
C GLY W 18 33.45 46.16 80.30
N GLY W 19 32.50 46.78 79.60
CA GLY W 19 32.11 48.16 79.84
C GLY W 19 30.82 48.29 80.62
N SER W 20 29.84 49.01 80.05
CA SER W 20 28.63 49.40 80.79
C SER W 20 27.60 48.27 80.84
N ASP W 21 26.71 48.35 81.84
CA ASP W 21 25.65 47.37 82.01
C ASP W 21 24.53 47.59 81.01
N ILE W 22 23.73 46.54 80.84
CA ILE W 22 22.49 46.60 80.07
C ILE W 22 21.50 45.63 80.72
N THR W 23 20.25 46.06 80.83
CA THR W 23 19.27 45.34 81.65
C THR W 23 18.02 44.99 80.83
N PHE W 24 17.54 43.76 80.99
CA PHE W 24 16.41 43.24 80.24
C PHE W 24 15.12 43.37 81.05
N ALA W 25 14.03 43.66 80.34
CA ALA W 25 12.70 43.70 80.94
C ALA W 25 11.73 43.04 79.98
N LEU W 26 10.58 42.63 80.52
CA LEU W 26 9.62 41.83 79.76
C LEU W 26 8.93 42.67 78.69
N THR W 27 8.92 42.16 77.45
CA THR W 27 8.43 42.90 76.28
C THR W 27 6.97 42.67 75.99
N GLY W 28 6.42 41.53 76.37
CA GLY W 28 5.07 41.21 75.97
C GLY W 28 4.88 41.13 74.47
N GLN W 29 5.88 40.67 73.74
CA GLN W 29 5.71 40.25 72.35
C GLN W 29 5.41 38.75 72.36
N THR W 30 4.21 38.38 71.92
CA THR W 30 3.79 37.00 72.00
C THR W 30 4.77 36.10 71.25
N VAL W 31 5.41 35.19 71.98
CA VAL W 31 6.42 34.29 71.44
C VAL W 31 6.12 32.88 71.94
N THR W 32 5.88 31.97 71.00
CA THR W 32 5.53 30.60 71.35
C THR W 32 6.72 29.92 72.02
N ASN W 33 6.45 29.28 73.15
CA ASN W 33 7.45 28.50 73.88
C ASN W 33 8.60 29.37 74.38
N GLY W 34 8.33 30.64 74.66
CA GLY W 34 9.45 31.48 75.05
C GLY W 34 9.01 32.87 75.44
N LEU W 35 10.02 33.73 75.60
CA LEU W 35 9.88 35.08 76.11
C LEU W 35 10.54 36.06 75.15
N ASN W 36 10.12 37.32 75.24
CA ASN W 36 10.83 38.44 74.64
C ASN W 36 11.15 39.43 75.75
N VAL W 37 12.42 39.77 75.89
CA VAL W 37 12.85 40.81 76.83
C VAL W 37 13.69 41.81 76.04
N SER W 38 13.37 43.09 76.15
CA SER W 38 14.19 44.10 75.49
C SER W 38 14.91 44.91 76.54
N VAL W 39 15.91 45.65 76.08
CA VAL W 39 16.72 46.46 76.99
C VAL W 39 15.98 47.77 77.24
N SER W 40 15.58 47.98 78.48
CA SER W 40 14.89 49.21 78.85
C SER W 40 15.85 50.39 78.95
N GLU W 41 17.12 50.17 78.59
CA GLU W 41 18.14 51.19 78.70
C GLU W 41 18.38 51.94 77.39
N ASP W 42 17.88 51.42 76.27
CA ASP W 42 17.83 52.17 75.02
C ASP W 42 16.52 52.96 74.99
N THR W 43 16.59 54.21 74.50
CA THR W 43 15.48 55.13 74.68
C THR W 43 14.45 55.11 73.55
N ASP W 44 14.84 54.65 72.35
CA ASP W 44 13.98 54.73 71.17
C ASP W 44 13.56 53.32 70.75
N TYR W 45 12.25 53.03 70.90
CA TYR W 45 11.75 51.68 70.62
C TYR W 45 12.20 51.20 69.25
N ARG W 46 12.07 52.07 68.24
CA ARG W 46 12.42 51.74 66.86
C ARG W 46 13.80 51.08 66.74
N THR W 47 14.69 51.28 67.71
CA THR W 47 16.01 50.66 67.73
C THR W 47 16.38 50.13 69.11
N ARG W 48 15.45 49.51 69.85
CA ARG W 48 15.82 48.87 71.12
C ARG W 48 16.26 47.43 70.91
N ARG W 49 17.51 47.16 71.26
CA ARG W 49 18.05 45.82 71.28
C ARG W 49 17.16 44.91 72.12
N ASN W 50 16.72 43.80 71.53
CA ASN W 50 15.89 42.87 72.28
C ASN W 50 16.43 41.46 72.12
N ALA W 51 15.83 40.53 72.87
CA ALA W 51 16.28 39.15 72.85
C ALA W 51 15.08 38.27 73.08
N THR W 52 15.09 37.12 72.42
CA THR W 52 13.99 36.17 72.46
C THR W 52 14.54 34.81 72.86
N PHE W 53 13.89 34.20 73.85
CA PHE W 53 14.29 32.92 74.43
C PHE W 53 13.24 31.90 74.07
N LYS W 54 13.66 30.78 73.49
CA LYS W 54 12.77 29.67 73.18
C LYS W 54 13.29 28.38 73.79
N SER W 55 12.37 27.47 74.12
CA SER W 55 12.72 26.19 74.72
C SER W 55 11.74 25.13 74.23
N ARG W 56 12.18 24.32 73.27
CA ARG W 56 11.46 23.14 72.84
C ARG W 56 11.99 21.94 73.61
N VAL W 57 11.07 21.14 74.13
CA VAL W 57 11.40 20.05 75.04
C VAL W 57 11.66 18.77 74.25
N PRO W 58 12.36 17.80 74.83
CA PRO W 58 12.54 16.51 74.16
C PRO W 58 11.20 15.80 74.00
N THR W 59 11.10 15.04 72.92
CA THR W 59 9.88 14.31 72.58
C THR W 59 10.02 12.86 73.01
N VAL W 60 8.99 12.33 73.64
CA VAL W 60 8.96 10.94 74.11
C VAL W 60 8.28 10.10 73.03
N VAL W 61 9.05 9.29 72.32
CA VAL W 61 8.54 8.44 71.25
C VAL W 61 8.90 7.01 71.62
N ASN W 62 7.97 6.32 72.29
CA ASN W 62 8.07 4.89 72.57
C ASN W 62 9.40 4.54 73.24
N GLY W 63 9.65 5.20 74.38
CA GLY W 63 10.86 4.98 75.14
C GLY W 63 12.11 5.65 74.60
N ASN W 64 12.06 6.28 73.43
CA ASN W 64 13.21 6.97 72.86
C ASN W 64 12.98 8.49 72.93
N TYR W 65 14.03 9.23 73.29
CA TYR W 65 13.91 10.67 73.44
C TYR W 65 14.72 11.39 72.38
N SER W 66 14.11 12.39 71.75
CA SER W 66 14.81 13.29 70.84
C SER W 66 15.55 14.35 71.64
N LYS W 67 16.56 14.94 71.02
CA LYS W 67 17.23 16.05 71.65
C LYS W 67 16.28 17.25 71.76
N GLY W 68 16.43 18.00 72.85
CA GLY W 68 15.71 19.26 73.00
C GLY W 68 16.53 20.42 72.50
N LYS W 69 15.89 21.59 72.44
CA LYS W 69 16.48 22.74 71.76
C LYS W 69 16.17 24.01 72.55
N ASN W 70 17.23 24.74 72.94
CA ASN W 70 17.06 26.01 73.64
C ASN W 70 17.72 27.11 72.81
N GLU W 71 16.90 28.04 72.29
CA GLU W 71 17.40 29.11 71.45
C GLU W 71 17.39 30.44 72.18
N VAL W 72 18.33 31.31 71.79
CA VAL W 72 18.28 32.73 72.10
C VAL W 72 18.57 33.48 70.81
N VAL W 73 17.85 34.57 70.61
CA VAL W 73 18.04 35.45 69.45
C VAL W 73 18.17 36.86 69.98
N PHE W 74 19.36 37.45 69.86
CA PHE W 74 19.60 38.82 70.26
C PHE W 74 19.64 39.66 69.00
N VAL W 75 18.98 40.83 69.04
CA VAL W 75 18.72 41.62 67.86
C VAL W 75 19.04 43.08 68.14
N ILE W 76 19.88 43.66 67.29
CA ILE W 76 20.11 45.09 67.18
C ILE W 76 19.35 45.60 65.96
N PRO W 77 18.21 46.26 66.11
CA PRO W 77 17.58 46.90 64.96
C PRO W 77 18.27 48.23 64.64
N MET W 78 18.46 48.47 63.35
CA MET W 78 19.10 49.71 62.90
C MET W 78 18.31 50.30 61.75
N SER W 79 18.21 51.62 61.74
CA SER W 79 17.51 52.37 60.71
C SER W 79 18.48 52.70 59.59
N LEU W 80 18.19 52.20 58.39
CA LEU W 80 19.06 52.45 57.25
C LEU W 80 18.90 53.89 56.76
N ASP W 81 19.85 54.30 55.92
CA ASP W 81 19.72 55.57 55.22
C ASP W 81 18.47 55.59 54.35
N SER W 82 18.09 54.42 53.81
CA SER W 82 16.90 54.25 52.98
C SER W 82 15.60 54.48 53.74
N GLY W 83 15.64 54.58 55.06
CA GLY W 83 14.45 54.62 55.88
C GLY W 83 13.98 53.24 56.34
N GLU W 84 14.22 52.21 55.54
CA GLU W 84 13.87 50.86 55.95
C GLU W 84 14.78 50.41 57.08
N THR W 85 14.18 49.97 58.19
CA THR W 85 14.92 49.50 59.34
C THR W 85 15.04 47.98 59.27
N VAL W 86 16.23 47.46 59.57
CA VAL W 86 16.52 46.03 59.49
C VAL W 86 17.15 45.57 60.80
N PHE W 87 17.44 44.28 60.87
CA PHE W 87 17.81 43.63 62.12
C PHE W 87 19.15 42.91 62.00
N ASN W 88 20.06 43.20 62.94
CA ASN W 88 21.31 42.49 63.10
C ASN W 88 21.12 41.43 64.18
N SER W 89 21.36 40.17 63.84
CA SER W 89 20.87 39.04 64.63
C SER W 89 22.02 38.11 65.00
N VAL W 90 22.28 37.97 66.29
CA VAL W 90 23.09 36.85 66.77
C VAL W 90 22.14 35.82 67.35
N ARG W 91 22.20 34.58 66.85
CA ARG W 91 21.33 33.50 67.29
C ARG W 91 22.19 32.35 67.80
N ILE W 92 21.85 31.85 68.98
CA ILE W 92 22.57 30.75 69.60
C ILE W 92 21.57 29.69 70.03
N ALA W 93 21.64 28.52 69.41
CA ALA W 93 20.74 27.42 69.68
C ALA W 93 21.54 26.24 70.19
N LEU W 94 21.09 25.65 71.29
CA LEU W 94 21.79 24.55 71.93
C LEU W 94 20.87 23.35 71.99
N GLU W 95 21.21 22.31 71.23
CA GLU W 95 20.42 21.10 71.08
C GLU W 95 21.12 19.97 71.82
N ILE W 96 20.45 19.44 72.84
CA ILE W 96 21.06 18.46 73.74
C ILE W 96 20.11 17.29 73.95
N HIS W 97 20.65 16.07 73.85
CA HIS W 97 19.93 14.89 74.29
C HIS W 97 20.08 14.73 75.81
N PRO W 98 19.02 14.33 76.51
CA PRO W 98 19.07 14.34 77.98
C PRO W 98 20.12 13.44 78.58
N ALA W 99 20.62 12.46 77.83
CA ALA W 99 21.60 11.51 78.34
C ALA W 99 23.02 12.05 78.34
N LEU W 100 23.26 13.26 77.84
CA LEU W 100 24.60 13.83 77.89
C LEU W 100 24.91 14.29 79.31
N ALA W 101 26.20 14.22 79.67
CA ALA W 101 26.63 14.58 81.01
C ALA W 101 26.38 16.06 81.29
N SER W 102 25.92 16.34 82.51
CA SER W 102 25.67 17.71 82.92
C SER W 102 26.91 18.58 82.74
N ALA W 103 28.10 17.98 82.88
CA ALA W 103 29.34 18.71 82.70
C ALA W 103 29.63 18.99 81.23
N SER W 104 29.34 18.02 80.35
CA SER W 104 29.55 18.25 78.92
C SER W 104 28.60 19.30 78.38
N VAL W 105 27.40 19.44 78.97
CA VAL W 105 26.50 20.49 78.53
C VAL W 105 27.14 21.86 78.73
N LYS W 106 27.68 22.10 79.93
CA LYS W 106 28.31 23.39 80.20
C LYS W 106 29.62 23.55 79.43
N ASP W 107 30.39 22.46 79.25
CA ASP W 107 31.54 22.55 78.36
C ASP W 107 31.11 23.01 76.97
N LEU W 108 29.94 22.56 76.52
CA LEU W 108 29.46 22.92 75.18
C LEU W 108 29.08 24.40 75.11
N ARG W 109 28.41 24.90 76.15
CA ARG W 109 28.12 26.33 76.26
C ARG W 109 29.40 27.16 76.17
N LEU W 110 30.41 26.78 76.96
CA LEU W 110 31.64 27.58 77.00
C LEU W 110 32.43 27.45 75.71
N ILE W 111 32.41 26.29 75.06
CA ILE W 111 33.16 26.14 73.83
C ILE W 111 32.53 26.93 72.70
N GLY W 112 31.19 27.01 72.69
CA GLY W 112 30.54 27.92 71.75
C GLY W 112 30.89 29.37 72.01
N ALA W 113 30.88 29.77 73.29
CA ALA W 113 31.27 31.14 73.62
C ALA W 113 32.68 31.45 73.13
N GLN W 114 33.61 30.51 73.30
CA GLN W 114 34.96 30.77 72.81
C GLN W 114 34.96 30.90 71.29
N LEU W 115 34.24 30.01 70.60
CA LEU W 115 34.13 30.12 69.15
C LEU W 115 33.65 31.51 68.72
N LEU W 116 32.74 32.12 69.48
CA LEU W 116 32.36 33.50 69.20
C LEU W 116 33.49 34.49 69.46
N THR W 117 34.10 34.44 70.64
CA THR W 117 34.88 35.59 71.10
C THR W 117 36.38 35.48 70.88
N ASP W 118 36.92 34.32 70.51
CA ASP W 118 38.36 34.20 70.37
C ASP W 118 38.87 34.98 69.17
N ALA W 119 40.15 35.38 69.25
CA ALA W 119 40.71 36.19 68.19
C ALA W 119 40.99 35.37 66.94
N ASP W 120 41.29 34.08 67.09
CA ASP W 120 41.50 33.20 65.95
C ASP W 120 40.36 33.26 64.95
N TYR W 121 39.15 33.56 65.41
CA TYR W 121 37.97 33.53 64.55
C TYR W 121 37.54 34.91 64.10
N ASP W 122 38.28 35.96 64.49
CA ASP W 122 37.94 37.33 64.09
C ASP W 122 37.75 37.43 62.58
N SER W 123 38.70 36.89 61.81
CA SER W 123 38.61 36.97 60.36
C SER W 123 37.33 36.31 59.86
N PHE W 124 37.04 35.10 60.34
CA PHE W 124 35.83 34.39 59.94
C PHE W 124 34.59 35.23 60.20
N TRP W 125 34.36 35.58 61.47
CA TRP W 125 33.12 36.26 61.82
C TRP W 125 32.98 37.58 61.08
N THR W 126 34.00 38.44 61.15
CA THR W 126 33.86 39.79 60.61
C THR W 126 33.82 39.78 59.08
N LEU W 127 34.85 39.21 58.45
CA LEU W 127 35.01 39.30 57.00
C LEU W 127 34.26 38.21 56.25
N GLY W 128 33.91 37.12 56.92
CA GLY W 128 33.37 35.95 56.27
C GLY W 128 34.42 34.99 55.74
N ALA W 129 35.67 35.15 56.15
CA ALA W 129 36.76 34.41 55.52
C ALA W 129 36.76 32.95 55.96
N LEU W 130 36.71 32.05 55.00
CA LEU W 130 36.85 30.64 55.29
C LEU W 130 38.33 30.29 55.49
N ALA W 131 38.58 29.07 55.97
CA ALA W 131 39.92 28.55 56.19
C ALA W 131 40.77 29.39 57.16
N SER X 1 61.75 -11.65 42.58
CA SER X 1 62.10 -10.45 43.35
C SER X 1 60.89 -9.92 44.13
N ILE X 2 59.69 -10.01 43.56
CA ILE X 2 58.48 -9.72 44.33
C ILE X 2 58.23 -10.83 45.36
N ILE X 3 58.34 -12.07 44.92
CA ILE X 3 58.20 -13.20 45.84
C ILE X 3 59.43 -13.29 46.71
N GLY X 4 59.24 -13.20 48.02
CA GLY X 4 60.33 -13.23 48.96
C GLY X 4 60.87 -11.87 49.36
N SER X 5 60.36 -10.79 48.79
CA SER X 5 60.81 -9.46 49.15
C SER X 5 60.51 -9.17 50.62
N SER X 6 61.34 -8.34 51.23
CA SER X 6 61.20 -7.96 52.63
C SER X 6 61.10 -6.44 52.72
N ILE X 7 60.15 -5.97 53.52
CA ILE X 7 59.90 -4.54 53.69
C ILE X 7 59.55 -4.27 55.15
N LYS X 8 59.89 -3.08 55.63
CA LYS X 8 59.75 -2.74 57.05
C LYS X 8 58.30 -2.36 57.36
N THR X 9 57.73 -2.96 58.41
CA THR X 9 56.47 -2.48 58.96
C THR X 9 56.74 -1.86 60.32
N GLY X 10 55.77 -1.07 60.78
CA GLY X 10 55.96 -0.31 62.00
C GLY X 10 57.15 0.61 61.93
N ALA X 11 57.40 1.21 60.77
CA ALA X 11 58.55 2.09 60.62
C ALA X 11 58.27 3.44 61.27
N THR X 12 59.33 4.04 61.82
CA THR X 12 59.20 5.36 62.44
C THR X 12 58.90 6.42 61.38
N SER X 13 59.76 6.54 60.37
CA SER X 13 59.50 7.50 59.29
C SER X 13 60.34 7.15 58.07
N ALA X 14 59.93 7.67 56.94
CA ALA X 14 60.63 7.47 55.67
C ALA X 14 61.24 8.78 55.21
N SER X 15 62.34 8.67 54.46
CA SER X 15 63.07 9.84 54.00
C SER X 15 63.58 9.56 52.61
N ILE X 16 64.16 10.58 51.98
CA ILE X 16 64.63 10.42 50.61
C ILE X 16 65.89 11.24 50.40
N THR X 17 66.99 10.56 50.06
CA THR X 17 68.25 11.21 49.71
C THR X 17 68.15 11.62 48.24
N GLY X 18 67.97 12.91 48.00
CA GLY X 18 67.64 13.35 46.66
C GLY X 18 68.14 14.70 46.21
N GLY X 19 67.69 15.12 45.04
CA GLY X 19 68.19 16.32 44.39
C GLY X 19 67.39 17.58 44.66
N SER X 20 66.93 18.23 43.60
CA SER X 20 66.38 19.58 43.68
C SER X 20 64.95 19.56 44.23
N ASP X 21 64.54 20.71 44.76
CA ASP X 21 63.20 20.92 45.26
C ASP X 21 62.20 21.15 44.13
N ILE X 22 60.93 20.96 44.45
CA ILE X 22 59.84 21.33 43.56
C ILE X 22 58.69 21.80 44.45
N THR X 23 57.97 22.83 44.01
CA THR X 23 56.94 23.43 44.84
C THR X 23 55.61 23.47 44.10
N PHE X 24 54.53 23.29 44.86
CA PHE X 24 53.18 23.27 44.33
C PHE X 24 52.47 24.57 44.62
N ALA X 25 51.62 24.98 43.67
CA ALA X 25 50.70 26.08 43.91
C ALA X 25 49.35 25.72 43.34
N LEU X 26 48.31 26.33 43.90
CA LEU X 26 46.94 25.95 43.53
C LEU X 26 46.62 26.35 42.10
N THR X 27 46.13 25.37 41.32
CA THR X 27 45.96 25.56 39.89
C THR X 27 44.78 26.47 39.57
N GLY X 28 43.66 26.27 40.25
CA GLY X 28 42.42 26.87 39.83
C GLY X 28 41.70 26.10 38.76
N GLN X 29 42.12 24.87 38.47
CA GLN X 29 41.30 23.94 37.71
C GLN X 29 40.24 23.37 38.62
N THR X 30 38.97 23.52 38.22
CA THR X 30 37.88 23.04 39.06
C THR X 30 37.88 21.52 39.06
N VAL X 31 37.96 20.92 40.26
CA VAL X 31 37.97 19.48 40.42
C VAL X 31 36.93 19.09 41.46
N THR X 32 36.04 18.18 41.09
CA THR X 32 34.98 17.73 41.99
C THR X 32 35.56 16.98 43.18
N ASN X 33 35.15 17.40 44.39
CA ASN X 33 35.65 16.85 45.65
C ASN X 33 37.17 16.93 45.74
N GLY X 34 37.81 17.78 44.95
CA GLY X 34 39.24 17.71 44.84
C GLY X 34 39.93 19.03 44.58
N LEU X 35 41.23 18.92 44.36
CA LEU X 35 42.14 20.04 44.29
C LEU X 35 43.15 19.76 43.18
N ASN X 36 43.62 20.81 42.52
CA ASN X 36 44.71 20.68 41.56
C ASN X 36 45.79 21.66 41.95
N VAL X 37 47.00 21.14 42.21
CA VAL X 37 48.17 21.98 42.43
C VAL X 37 49.22 21.59 41.39
N SER X 38 49.73 22.57 40.67
CA SER X 38 50.76 22.26 39.68
C SER X 38 52.10 22.84 40.13
N VAL X 39 53.11 22.49 39.36
CA VAL X 39 54.49 22.86 39.67
C VAL X 39 54.74 24.31 39.26
N SER X 40 55.00 25.17 40.25
CA SER X 40 55.32 26.55 39.99
C SER X 40 56.72 26.74 39.42
N GLU X 41 57.45 25.64 39.18
CA GLU X 41 58.85 25.72 38.81
C GLU X 41 59.13 25.27 37.38
N ASP X 42 58.23 24.49 36.79
CA ASP X 42 58.28 24.22 35.36
C ASP X 42 57.65 25.38 34.61
N THR X 43 58.31 25.81 33.54
CA THR X 43 58.00 27.10 32.93
C THR X 43 56.95 27.03 31.82
N ASP X 44 56.71 25.86 31.25
CA ASP X 44 55.78 25.71 30.14
C ASP X 44 54.61 24.85 30.62
N TYR X 45 53.41 25.45 30.67
CA TYR X 45 52.21 24.72 31.09
C TYR X 45 52.05 23.42 30.32
N ARG X 46 52.34 23.46 29.02
CA ARG X 46 52.23 22.30 28.16
C ARG X 46 52.90 21.07 28.76
N THR X 47 53.97 21.27 29.54
CA THR X 47 54.69 20.19 30.22
C THR X 47 54.82 20.41 31.73
N ARG X 48 53.92 21.19 32.36
CA ARG X 48 53.99 21.34 33.81
C ARG X 48 53.41 20.12 34.52
N ARG X 49 54.28 19.44 35.25
CA ARG X 49 53.85 18.39 36.16
C ARG X 49 52.77 18.93 37.09
N ASN X 50 51.71 18.15 37.28
CA ASN X 50 50.69 18.58 38.25
C ASN X 50 50.09 17.41 38.99
N ALA X 51 49.58 17.69 40.18
CA ALA X 51 49.00 16.68 41.05
C ALA X 51 47.57 17.08 41.41
N THR X 52 46.72 16.08 41.52
CA THR X 52 45.31 16.26 41.83
C THR X 52 44.95 15.40 43.03
N PHE X 53 44.30 16.02 44.00
CA PHE X 53 43.99 15.43 45.29
C PHE X 53 42.48 15.31 45.43
N LYS X 54 41.98 14.08 45.51
CA LYS X 54 40.57 13.85 45.76
C LYS X 54 40.37 13.21 47.13
N SER X 55 39.22 13.49 47.73
CA SER X 55 38.96 13.05 49.10
C SER X 55 37.47 12.75 49.29
N ARG X 56 37.17 11.57 49.79
CA ARG X 56 35.83 11.22 50.27
C ARG X 56 35.92 10.65 51.68
N VAL X 57 35.12 11.23 52.57
CA VAL X 57 35.09 10.95 54.01
C VAL X 57 34.18 9.74 54.24
N PRO X 58 34.39 8.96 55.31
CA PRO X 58 33.51 7.84 55.60
C PRO X 58 32.05 8.26 55.74
N THR X 59 31.17 7.51 55.07
CA THR X 59 29.74 7.74 55.09
C THR X 59 29.07 6.71 56.01
N VAL X 60 28.09 7.17 56.79
CA VAL X 60 27.42 6.35 57.80
C VAL X 60 26.03 5.97 57.32
N VAL X 61 25.74 4.67 57.33
CA VAL X 61 24.42 4.13 57.01
C VAL X 61 23.88 3.48 58.29
N ASN X 62 22.97 4.19 58.97
CA ASN X 62 22.27 3.69 60.16
C ASN X 62 23.25 3.05 61.16
N GLY X 63 24.35 3.76 61.42
CA GLY X 63 25.32 3.35 62.41
C GLY X 63 26.53 2.63 61.86
N ASN X 64 26.51 2.18 60.60
CA ASN X 64 27.62 1.44 60.01
C ASN X 64 28.45 2.35 59.11
N TYR X 65 29.76 2.40 59.35
CA TYR X 65 30.62 3.30 58.60
C TYR X 65 31.20 2.61 57.37
N SER X 66 31.43 3.41 56.33
CA SER X 66 32.03 2.94 55.08
C SER X 66 33.46 3.44 55.00
N LYS X 67 34.36 2.58 54.55
CA LYS X 67 35.75 2.97 54.33
C LYS X 67 35.84 4.13 53.35
N GLY X 68 36.54 5.19 53.78
CA GLY X 68 36.73 6.36 52.93
C GLY X 68 37.96 6.25 52.06
N LYS X 69 38.10 7.23 51.15
CA LYS X 69 39.02 7.11 50.02
C LYS X 69 39.74 8.42 49.80
N ASN X 70 41.08 8.39 49.84
CA ASN X 70 41.90 9.57 49.56
C ASN X 70 42.81 9.26 48.37
N GLU X 71 42.52 9.89 47.23
CA GLU X 71 43.31 9.68 46.02
C GLU X 71 44.26 10.84 45.76
N VAL X 72 45.40 10.51 45.16
CA VAL X 72 46.32 11.48 44.59
C VAL X 72 46.72 10.96 43.23
N VAL X 73 46.82 11.85 42.24
CA VAL X 73 47.36 11.50 40.94
C VAL X 73 48.37 12.56 40.54
N PHE X 74 49.55 12.11 40.12
CA PHE X 74 50.65 12.99 39.74
C PHE X 74 50.97 12.70 38.29
N VAL X 75 51.14 13.76 37.50
CA VAL X 75 51.17 13.66 36.06
C VAL X 75 52.36 14.42 35.51
N ILE X 76 53.15 13.74 34.68
CA ILE X 76 54.14 14.32 33.79
C ILE X 76 53.53 14.34 32.37
N PRO X 77 53.14 15.48 31.84
CA PRO X 77 52.69 15.53 30.45
C PRO X 77 53.86 15.57 29.49
N MET X 78 53.75 14.82 28.40
CA MET X 78 54.76 14.86 27.36
C MET X 78 54.07 14.79 26.00
N SER X 79 54.57 15.57 25.06
CA SER X 79 54.08 15.52 23.69
C SER X 79 54.86 14.46 22.92
N LEU X 80 54.13 13.63 22.18
CA LEU X 80 54.72 12.54 21.41
C LEU X 80 55.20 13.03 20.05
N ASP X 81 55.96 12.17 19.38
CA ASP X 81 56.28 12.41 17.98
C ASP X 81 55.02 12.49 17.13
N SER X 82 53.92 11.90 17.61
CA SER X 82 52.61 12.01 16.97
C SER X 82 52.01 13.40 17.08
N GLY X 83 52.59 14.28 17.88
CA GLY X 83 51.99 15.57 18.17
C GLY X 83 51.02 15.47 19.33
N GLU X 84 50.30 14.35 19.38
CA GLU X 84 49.44 14.02 20.51
C GLU X 84 50.22 14.13 21.82
N THR X 85 49.61 14.76 22.81
CA THR X 85 50.20 14.90 24.13
C THR X 85 49.56 13.91 25.09
N VAL X 86 50.38 13.10 25.74
CA VAL X 86 49.92 12.04 26.64
C VAL X 86 50.40 12.35 28.05
N PHE X 87 49.63 11.89 29.03
CA PHE X 87 49.89 12.13 30.44
C PHE X 87 50.48 10.88 31.08
N ASN X 88 51.62 11.03 31.76
CA ASN X 88 52.30 9.93 32.44
C ASN X 88 51.96 9.99 33.92
N SER X 89 51.35 8.92 34.44
CA SER X 89 50.59 8.96 35.66
C SER X 89 51.20 8.08 36.75
N VAL X 90 51.17 8.58 37.98
CA VAL X 90 51.27 7.74 39.16
C VAL X 90 50.11 8.10 40.08
N ARG X 91 49.35 7.09 40.50
CA ARG X 91 48.12 7.30 41.26
C ARG X 91 48.17 6.47 42.53
N ILE X 92 47.95 7.12 43.67
CA ILE X 92 48.00 6.48 44.97
C ILE X 92 46.70 6.76 45.69
N ALA X 93 45.96 5.70 46.00
CA ALA X 93 44.65 5.78 46.62
C ALA X 93 44.67 4.97 47.92
N LEU X 94 44.35 5.63 49.03
CA LEU X 94 44.35 4.99 50.33
C LEU X 94 42.93 4.97 50.89
N GLU X 95 42.42 3.76 51.10
CA GLU X 95 41.05 3.52 51.54
C GLU X 95 41.09 2.94 52.94
N ILE X 96 40.54 3.69 53.90
CA ILE X 96 40.65 3.36 55.31
C ILE X 96 39.27 3.34 55.96
N HIS X 97 39.00 2.31 56.76
CA HIS X 97 37.83 2.30 57.62
C HIS X 97 38.14 3.03 58.91
N PRO X 98 37.18 3.80 59.45
CA PRO X 98 37.47 4.61 60.64
C PRO X 98 37.97 3.82 61.84
N ALA X 99 37.66 2.52 61.91
CA ALA X 99 38.03 1.73 63.08
C ALA X 99 39.50 1.32 63.09
N LEU X 100 40.23 1.54 62.01
CA LEU X 100 41.62 1.10 61.94
C LEU X 100 42.49 1.89 62.91
N ALA X 101 43.56 1.25 63.38
CA ALA X 101 44.49 1.90 64.28
C ALA X 101 45.15 3.10 63.62
N SER X 102 45.23 4.19 64.39
CA SER X 102 45.88 5.41 63.91
C SER X 102 47.28 5.13 63.38
N ALA X 103 48.03 4.26 64.08
CA ALA X 103 49.39 3.94 63.64
C ALA X 103 49.40 2.99 62.45
N SER X 104 48.40 2.11 62.35
CA SER X 104 48.32 1.27 61.15
C SER X 104 48.04 2.09 59.90
N VAL X 105 47.35 3.22 60.03
CA VAL X 105 47.16 4.11 58.88
C VAL X 105 48.51 4.56 58.33
N LYS X 106 49.35 5.13 59.18
CA LYS X 106 50.66 5.58 58.72
C LYS X 106 51.56 4.41 58.33
N ASP X 107 51.38 3.23 58.95
CA ASP X 107 52.13 2.07 58.49
C ASP X 107 51.75 1.71 57.05
N LEU X 108 50.45 1.86 56.70
CA LEU X 108 50.05 1.64 55.31
C LEU X 108 50.69 2.64 54.37
N ARG X 109 50.70 3.92 54.76
CA ARG X 109 51.38 4.91 53.92
C ARG X 109 52.83 4.51 53.67
N LEU X 110 53.55 4.15 54.74
CA LEU X 110 54.97 3.84 54.61
C LEU X 110 55.21 2.54 53.85
N ILE X 111 54.35 1.54 54.04
CA ILE X 111 54.55 0.27 53.35
C ILE X 111 54.22 0.39 51.88
N GLY X 112 53.21 1.20 51.54
CA GLY X 112 52.97 1.53 50.15
C GLY X 112 54.16 2.22 49.52
N ALA X 113 54.75 3.19 50.24
CA ALA X 113 55.91 3.89 49.67
C ALA X 113 57.08 2.95 49.45
N GLN X 114 57.29 2.01 50.38
CA GLN X 114 58.37 1.04 50.19
C GLN X 114 58.09 0.17 48.96
N LEU X 115 56.82 -0.17 48.73
CA LEU X 115 56.49 -0.99 47.55
C LEU X 115 56.83 -0.26 46.25
N LEU X 116 56.82 1.08 46.24
CA LEU X 116 57.33 1.82 45.08
C LEU X 116 58.85 1.88 45.04
N THR X 117 59.49 2.16 46.18
CA THR X 117 60.89 2.61 46.13
C THR X 117 61.90 1.59 46.62
N ASP X 118 61.52 0.34 46.82
CA ASP X 118 62.52 -0.67 47.13
C ASP X 118 63.06 -1.30 45.85
N ALA X 119 64.32 -1.73 45.90
CA ALA X 119 64.96 -2.30 44.72
C ALA X 119 64.30 -3.60 44.31
N ASP X 120 63.80 -4.37 45.27
CA ASP X 120 63.19 -5.66 44.99
C ASP X 120 62.10 -5.56 43.92
N TYR X 121 61.49 -4.38 43.78
CA TYR X 121 60.36 -4.22 42.88
C TYR X 121 60.73 -3.49 41.59
N ASP X 122 61.99 -3.06 41.46
CA ASP X 122 62.42 -2.31 40.27
C ASP X 122 62.00 -3.02 39.00
N SER X 123 62.22 -4.33 38.93
CA SER X 123 61.87 -5.07 37.72
C SER X 123 60.38 -4.98 37.45
N PHE X 124 59.55 -5.19 38.49
CA PHE X 124 58.11 -5.06 38.35
C PHE X 124 57.71 -3.71 37.80
N TRP X 125 58.09 -2.64 38.50
CA TRP X 125 57.61 -1.31 38.11
C TRP X 125 58.08 -0.95 36.71
N THR X 126 59.40 -1.04 36.45
CA THR X 126 59.91 -0.59 35.17
C THR X 126 59.39 -1.44 34.02
N LEU X 127 59.61 -2.76 34.09
CA LEU X 127 59.30 -3.62 32.94
C LEU X 127 57.88 -4.18 32.98
N GLY X 128 57.38 -4.53 34.16
CA GLY X 128 56.12 -5.21 34.29
C GLY X 128 56.25 -6.67 34.70
N ALA X 129 57.40 -7.07 35.23
CA ALA X 129 57.69 -8.44 35.62
C ALA X 129 56.77 -8.89 36.76
N LEU X 130 56.36 -10.16 36.69
CA LEU X 130 55.39 -10.70 37.62
C LEU X 130 55.94 -11.77 38.56
N ALA X 131 57.27 -11.92 38.64
CA ALA X 131 57.85 -12.91 39.57
C ALA X 131 58.30 -12.25 40.87
N SER Y 1 -57.67 54.97 -126.99
CA SER Y 1 -58.16 54.72 -128.34
C SER Y 1 -58.21 53.21 -128.64
N ILE Y 2 -58.52 52.41 -127.63
CA ILE Y 2 -58.59 50.96 -127.79
C ILE Y 2 -59.88 50.56 -128.49
N ILE Y 3 -61.01 51.02 -127.97
CA ILE Y 3 -62.31 50.68 -128.54
C ILE Y 3 -62.43 51.31 -129.92
N GLY Y 4 -62.53 50.47 -130.94
CA GLY Y 4 -62.64 50.95 -132.30
C GLY Y 4 -61.34 51.01 -133.05
N SER Y 5 -60.23 50.61 -132.45
CA SER Y 5 -58.96 50.60 -133.16
C SER Y 5 -59.01 49.61 -134.33
N SER Y 6 -58.19 49.86 -135.34
CA SER Y 6 -58.15 49.06 -136.56
C SER Y 6 -56.72 48.63 -136.83
N ILE Y 7 -56.52 47.33 -137.08
CA ILE Y 7 -55.21 46.76 -137.41
C ILE Y 7 -55.39 45.74 -138.55
N LYS Y 8 -54.27 45.26 -139.06
CA LYS Y 8 -54.24 44.46 -140.29
C LYS Y 8 -54.04 42.98 -139.95
N THR Y 9 -54.90 42.13 -140.48
CA THR Y 9 -54.71 40.69 -140.42
C THR Y 9 -54.26 40.17 -141.79
N GLY Y 10 -53.54 39.06 -141.77
CA GLY Y 10 -52.96 38.54 -143.00
C GLY Y 10 -52.06 39.53 -143.69
N ALA Y 11 -51.23 40.24 -142.92
CA ALA Y 11 -50.29 41.16 -143.53
C ALA Y 11 -49.18 40.40 -144.23
N THR Y 12 -48.75 40.92 -145.38
CA THR Y 12 -47.64 40.30 -146.09
C THR Y 12 -46.38 40.31 -145.24
N SER Y 13 -46.01 41.46 -144.67
CA SER Y 13 -44.88 41.53 -143.75
C SER Y 13 -44.95 42.81 -142.94
N ALA Y 14 -44.05 42.94 -141.97
CA ALA Y 14 -43.88 44.15 -141.20
C ALA Y 14 -42.44 44.61 -141.28
N SER Y 15 -42.23 45.91 -141.14
CA SER Y 15 -40.93 46.50 -141.35
C SER Y 15 -40.77 47.69 -140.41
N ILE Y 16 -39.58 48.27 -140.40
CA ILE Y 16 -39.27 49.33 -139.43
C ILE Y 16 -38.36 50.37 -140.08
N THR Y 17 -38.77 51.64 -139.98
CA THR Y 17 -37.96 52.77 -140.41
C THR Y 17 -37.28 53.33 -139.17
N GLY Y 18 -35.98 53.07 -139.03
CA GLY Y 18 -35.35 53.37 -137.76
C GLY Y 18 -33.84 53.48 -137.86
N GLY Y 19 -33.24 53.75 -136.69
CA GLY Y 19 -31.86 54.17 -136.60
C GLY Y 19 -30.81 53.07 -136.51
N SER Y 20 -29.99 53.10 -135.46
CA SER Y 20 -28.77 52.32 -135.43
C SER Y 20 -29.04 50.84 -135.15
N ASP Y 21 -28.13 49.99 -135.63
CA ASP Y 21 -28.21 48.56 -135.39
C ASP Y 21 -27.79 48.23 -133.97
N ILE Y 22 -28.27 47.08 -133.50
CA ILE Y 22 -27.79 46.45 -132.28
C ILE Y 22 -27.63 44.97 -132.59
N THR Y 23 -26.53 44.40 -132.12
CA THR Y 23 -26.13 43.04 -132.44
C THR Y 23 -26.09 42.21 -131.17
N PHE Y 24 -26.59 40.98 -131.26
CA PHE Y 24 -26.67 40.04 -130.15
C PHE Y 24 -25.51 39.05 -130.18
N ALA Y 25 -25.23 38.49 -129.00
CA ALA Y 25 -24.24 37.44 -128.86
C ALA Y 25 -24.58 36.65 -127.60
N LEU Y 26 -24.17 35.39 -127.59
CA LEU Y 26 -24.61 34.49 -126.53
C LEU Y 26 -23.94 34.85 -125.20
N THR Y 27 -24.73 34.79 -124.11
CA THR Y 27 -24.32 35.23 -122.79
C THR Y 27 -23.81 34.09 -121.91
N GLY Y 28 -24.49 32.95 -121.91
CA GLY Y 28 -24.14 31.88 -120.99
C GLY Y 28 -24.74 32.01 -119.60
N GLN Y 29 -25.57 33.02 -119.36
CA GLN Y 29 -26.41 32.99 -118.18
C GLN Y 29 -27.35 31.80 -118.29
N THR Y 30 -27.31 30.94 -117.28
CA THR Y 30 -28.07 29.69 -117.33
C THR Y 30 -29.56 29.97 -117.35
N VAL Y 31 -30.24 29.46 -118.38
CA VAL Y 31 -31.68 29.64 -118.57
C VAL Y 31 -32.28 28.31 -118.99
N THR Y 32 -33.24 27.83 -118.21
CA THR Y 32 -33.80 26.49 -118.42
C THR Y 32 -34.70 26.47 -119.66
N ASN Y 33 -34.42 25.54 -120.57
CA ASN Y 33 -35.10 25.45 -121.86
C ASN Y 33 -34.97 26.75 -122.65
N GLY Y 34 -33.90 27.50 -122.39
CA GLY Y 34 -33.79 28.83 -122.96
C GLY Y 34 -32.38 29.28 -123.30
N LEU Y 35 -32.23 30.60 -123.46
CA LEU Y 35 -31.04 31.16 -124.08
C LEU Y 35 -30.96 32.64 -123.74
N ASN Y 36 -29.82 33.08 -123.23
CA ASN Y 36 -29.58 34.50 -122.96
C ASN Y 36 -28.62 35.05 -124.01
N VAL Y 37 -29.05 36.05 -124.77
CA VAL Y 37 -28.15 36.80 -125.66
C VAL Y 37 -28.18 38.26 -125.23
N SER Y 38 -27.01 38.83 -125.00
CA SER Y 38 -26.93 40.26 -124.71
C SER Y 38 -26.31 40.97 -125.89
N VAL Y 39 -26.33 42.29 -125.83
CA VAL Y 39 -25.75 43.07 -126.90
C VAL Y 39 -24.25 43.15 -126.68
N SER Y 40 -23.48 43.00 -127.75
CA SER Y 40 -22.06 43.27 -127.63
C SER Y 40 -21.76 44.74 -127.88
N GLU Y 41 -22.80 45.56 -128.04
CA GLU Y 41 -22.61 46.94 -128.42
C GLU Y 41 -22.71 47.90 -127.24
N ASP Y 42 -23.41 47.50 -126.18
CA ASP Y 42 -23.33 48.22 -124.93
C ASP Y 42 -22.12 47.71 -124.15
N THR Y 43 -21.45 48.63 -123.45
CA THR Y 43 -20.17 48.33 -122.84
C THR Y 43 -20.22 48.06 -121.35
N ASP Y 44 -21.10 48.73 -120.60
CA ASP Y 44 -21.19 48.58 -119.16
C ASP Y 44 -22.06 47.37 -118.82
N TYR Y 45 -21.50 46.44 -118.02
CA TYR Y 45 -22.23 45.23 -117.71
C TYR Y 45 -23.48 45.52 -116.88
N ARG Y 46 -23.39 46.49 -115.97
CA ARG Y 46 -24.56 46.93 -115.21
C ARG Y 46 -25.75 47.23 -116.13
N THR Y 47 -25.56 48.13 -117.09
CA THR Y 47 -26.66 48.63 -117.90
C THR Y 47 -26.72 48.00 -119.29
N ARG Y 48 -26.13 46.82 -119.47
CA ARG Y 48 -26.07 46.23 -120.80
C ARG Y 48 -27.36 45.47 -121.08
N ARG Y 49 -28.04 45.89 -122.15
CA ARG Y 49 -29.34 45.34 -122.52
C ARG Y 49 -29.23 43.87 -122.89
N ASN Y 50 -30.17 43.06 -122.41
CA ASN Y 50 -30.10 41.64 -122.75
C ASN Y 50 -31.48 41.03 -122.93
N ALA Y 51 -31.56 40.00 -123.76
CA ALA Y 51 -32.80 39.30 -124.03
C ALA Y 51 -32.63 37.83 -123.70
N THR Y 52 -33.78 37.20 -123.44
CA THR Y 52 -33.84 35.81 -123.02
C THR Y 52 -34.99 35.12 -123.72
N PHE Y 53 -34.68 34.03 -124.39
CA PHE Y 53 -35.60 33.26 -125.22
C PHE Y 53 -35.85 31.94 -124.52
N LYS Y 54 -37.10 31.70 -124.12
CA LYS Y 54 -37.48 30.39 -123.61
C LYS Y 54 -38.43 29.73 -124.61
N SER Y 55 -38.35 28.40 -124.67
CA SER Y 55 -39.06 27.63 -125.69
C SER Y 55 -39.55 26.32 -125.10
N ARG Y 56 -40.85 26.05 -125.23
CA ARG Y 56 -41.46 24.80 -124.82
C ARG Y 56 -42.34 24.29 -125.95
N VAL Y 57 -42.05 23.08 -126.41
CA VAL Y 57 -42.71 22.48 -127.58
C VAL Y 57 -44.04 21.86 -127.19
N PRO Y 58 -44.98 21.73 -128.14
CA PRO Y 58 -46.17 20.93 -127.87
C PRO Y 58 -45.81 19.51 -127.53
N THR Y 59 -46.33 19.03 -126.40
CA THR Y 59 -46.06 17.68 -125.93
C THR Y 59 -47.36 16.89 -125.93
N VAL Y 60 -47.30 15.68 -126.48
CA VAL Y 60 -48.46 14.81 -126.54
C VAL Y 60 -48.65 14.13 -125.19
N VAL Y 61 -49.89 14.11 -124.71
CA VAL Y 61 -50.24 13.43 -123.48
C VAL Y 61 -51.60 12.78 -123.68
N ASN Y 62 -51.67 11.46 -123.49
CA ASN Y 62 -52.93 10.72 -123.60
C ASN Y 62 -53.52 10.85 -124.99
N GLY Y 63 -52.67 10.81 -126.01
CA GLY Y 63 -53.12 10.72 -127.39
C GLY Y 63 -53.36 12.04 -128.09
N ASN Y 64 -53.19 13.18 -127.42
CA ASN Y 64 -53.39 14.45 -128.10
C ASN Y 64 -52.44 15.51 -127.53
N TYR Y 65 -52.30 16.60 -128.28
CA TYR Y 65 -51.24 17.57 -128.06
C TYR Y 65 -51.66 18.63 -127.06
N SER Y 66 -50.65 19.25 -126.45
CA SER Y 66 -50.81 20.43 -125.61
C SER Y 66 -50.18 21.62 -126.31
N LYS Y 67 -50.82 22.78 -126.21
CA LYS Y 67 -50.31 23.96 -126.90
C LYS Y 67 -48.91 24.31 -126.38
N GLY Y 68 -48.04 24.73 -127.30
CA GLY Y 68 -46.68 25.10 -126.95
C GLY Y 68 -46.53 26.59 -126.72
N LYS Y 69 -45.42 26.95 -126.09
CA LYS Y 69 -45.22 28.31 -125.59
C LYS Y 69 -43.80 28.78 -125.86
N ASN Y 70 -43.67 29.94 -126.52
CA ASN Y 70 -42.36 30.52 -126.82
C ASN Y 70 -42.33 31.94 -126.27
N GLU Y 71 -41.52 32.14 -125.22
CA GLU Y 71 -41.38 33.44 -124.58
C GLU Y 71 -40.10 34.12 -125.03
N VAL Y 72 -40.15 35.45 -125.03
CA VAL Y 72 -38.97 36.30 -125.12
C VAL Y 72 -39.13 37.38 -124.06
N VAL Y 73 -38.01 37.78 -123.47
CA VAL Y 73 -38.01 38.94 -122.58
C VAL Y 73 -36.76 39.77 -122.87
N PHE Y 74 -36.98 41.04 -123.22
CA PHE Y 74 -35.91 41.98 -123.48
C PHE Y 74 -35.87 42.97 -122.33
N VAL Y 75 -34.67 43.23 -121.82
CA VAL Y 75 -34.49 43.95 -120.57
C VAL Y 75 -33.48 45.07 -120.77
N ILE Y 76 -33.87 46.26 -120.34
CA ILE Y 76 -33.01 47.42 -120.16
C ILE Y 76 -32.75 47.61 -118.67
N PRO Y 77 -31.56 47.28 -118.17
CA PRO Y 77 -31.27 47.58 -116.77
C PRO Y 77 -31.02 49.08 -116.60
N MET Y 78 -31.42 49.60 -115.43
CA MET Y 78 -31.04 50.95 -115.05
C MET Y 78 -30.81 51.00 -113.55
N SER Y 79 -29.77 51.71 -113.14
CA SER Y 79 -29.53 51.93 -111.73
C SER Y 79 -30.40 53.08 -111.26
N LEU Y 80 -31.09 52.88 -110.14
CA LEU Y 80 -31.92 53.94 -109.57
C LEU Y 80 -31.09 54.83 -108.66
N ASP Y 81 -31.65 55.98 -108.31
CA ASP Y 81 -30.98 56.90 -107.40
C ASP Y 81 -30.75 56.25 -106.04
N SER Y 82 -31.62 55.32 -105.65
CA SER Y 82 -31.52 54.62 -104.37
C SER Y 82 -30.41 53.59 -104.33
N GLY Y 83 -29.81 53.27 -105.47
CA GLY Y 83 -28.73 52.31 -105.50
C GLY Y 83 -29.11 50.99 -106.14
N GLU Y 84 -30.28 50.46 -105.82
CA GLU Y 84 -30.73 49.22 -106.43
C GLU Y 84 -30.84 49.38 -107.93
N THR Y 85 -30.29 48.41 -108.66
CA THR Y 85 -30.46 48.33 -110.09
C THR Y 85 -31.77 47.61 -110.38
N VAL Y 86 -32.61 48.20 -111.23
CA VAL Y 86 -33.91 47.62 -111.57
C VAL Y 86 -33.97 47.38 -113.07
N PHE Y 87 -34.70 46.33 -113.45
CA PHE Y 87 -34.81 45.92 -114.84
C PHE Y 87 -36.10 46.47 -115.45
N ASN Y 88 -36.02 46.89 -116.71
CA ASN Y 88 -37.18 47.32 -117.48
C ASN Y 88 -37.46 46.25 -118.53
N SER Y 89 -38.68 45.72 -118.53
CA SER Y 89 -38.98 44.49 -119.21
C SER Y 89 -40.00 44.71 -120.32
N VAL Y 90 -39.76 44.10 -121.47
CA VAL Y 90 -40.83 43.82 -122.42
C VAL Y 90 -40.81 42.31 -122.64
N ARG Y 91 -41.94 41.67 -122.42
CA ARG Y 91 -42.06 40.21 -122.46
C ARG Y 91 -43.13 39.86 -123.48
N ILE Y 92 -42.77 39.01 -124.43
CA ILE Y 92 -43.68 38.57 -125.48
C ILE Y 92 -43.70 37.06 -125.48
N ALA Y 93 -44.81 36.49 -125.04
CA ALA Y 93 -45.04 35.06 -125.08
C ALA Y 93 -46.03 34.74 -126.19
N LEU Y 94 -45.86 33.58 -126.82
CA LEU Y 94 -46.71 33.18 -127.92
C LEU Y 94 -46.99 31.69 -127.81
N GLU Y 95 -48.25 31.36 -127.57
CA GLU Y 95 -48.71 29.99 -127.32
C GLU Y 95 -49.56 29.55 -128.49
N ILE Y 96 -49.11 28.51 -129.18
CA ILE Y 96 -49.77 28.01 -130.39
C ILE Y 96 -50.18 26.56 -130.16
N HIS Y 97 -51.40 26.24 -130.56
CA HIS Y 97 -51.78 24.84 -130.64
C HIS Y 97 -51.35 24.27 -131.99
N PRO Y 98 -50.85 23.04 -132.03
CA PRO Y 98 -50.34 22.48 -133.29
C PRO Y 98 -51.33 22.52 -134.43
N ALA Y 99 -52.63 22.61 -134.14
CA ALA Y 99 -53.64 22.61 -135.18
C ALA Y 99 -53.80 23.96 -135.88
N LEU Y 100 -53.18 25.02 -135.37
CA LEU Y 100 -53.32 26.32 -136.02
C LEU Y 100 -52.62 26.32 -137.36
N ALA Y 101 -53.18 27.08 -138.31
CA ALA Y 101 -52.58 27.20 -139.63
C ALA Y 101 -51.20 27.86 -139.56
N SER Y 102 -50.28 27.35 -140.37
CA SER Y 102 -48.96 27.95 -140.49
C SER Y 102 -49.07 29.44 -140.76
N ALA Y 103 -50.02 29.83 -141.62
CA ALA Y 103 -50.20 31.25 -141.96
C ALA Y 103 -50.77 32.03 -140.77
N SER Y 104 -51.69 31.43 -140.01
CA SER Y 104 -52.25 32.12 -138.86
C SER Y 104 -51.22 32.28 -137.74
N VAL Y 105 -50.18 31.45 -137.71
CA VAL Y 105 -49.09 31.68 -136.75
C VAL Y 105 -48.41 33.01 -137.02
N LYS Y 106 -47.97 33.23 -138.27
CA LYS Y 106 -47.41 34.52 -138.61
C LYS Y 106 -48.43 35.66 -138.50
N ASP Y 107 -49.72 35.39 -138.77
CA ASP Y 107 -50.71 36.44 -138.54
C ASP Y 107 -50.73 36.85 -137.06
N LEU Y 108 -50.60 35.88 -136.15
CA LEU Y 108 -50.53 36.23 -134.73
C LEU Y 108 -49.29 37.05 -134.40
N ARG Y 109 -48.14 36.65 -134.95
CA ARG Y 109 -46.91 37.40 -134.68
C ARG Y 109 -47.07 38.86 -135.11
N LEU Y 110 -47.62 39.07 -136.32
CA LEU Y 110 -47.73 40.43 -136.85
C LEU Y 110 -48.85 41.22 -136.18
N ILE Y 111 -49.95 40.57 -135.84
CA ILE Y 111 -51.04 41.28 -135.17
C ILE Y 111 -50.66 41.63 -133.75
N GLY Y 112 -49.79 40.83 -133.13
CA GLY Y 112 -49.28 41.17 -131.82
C GLY Y 112 -48.31 42.34 -131.89
N ALA Y 113 -47.30 42.22 -132.76
CA ALA Y 113 -46.35 43.31 -132.92
C ALA Y 113 -47.04 44.61 -133.32
N GLN Y 114 -48.17 44.51 -134.02
CA GLN Y 114 -48.91 45.68 -134.43
C GLN Y 114 -49.68 46.30 -133.26
N LEU Y 115 -49.93 45.53 -132.20
CA LEU Y 115 -50.54 46.10 -131.00
C LEU Y 115 -49.55 46.88 -130.15
N LEU Y 116 -48.24 46.61 -130.27
CA LEU Y 116 -47.24 47.46 -129.62
C LEU Y 116 -47.08 48.79 -130.33
N THR Y 117 -46.95 48.77 -131.66
CA THR Y 117 -46.45 49.94 -132.36
C THR Y 117 -47.53 50.87 -132.88
N ASP Y 118 -48.73 50.37 -133.15
CA ASP Y 118 -49.74 51.18 -133.83
C ASP Y 118 -50.19 52.33 -132.92
N ALA Y 119 -50.21 53.54 -133.48
CA ALA Y 119 -50.43 54.76 -132.71
C ALA Y 119 -51.74 54.75 -131.95
N ASP Y 120 -52.74 54.00 -132.41
CA ASP Y 120 -53.99 53.86 -131.68
C ASP Y 120 -53.75 53.45 -130.23
N TYR Y 121 -52.87 52.48 -130.02
CA TYR Y 121 -52.59 52.02 -128.66
C TYR Y 121 -51.50 52.84 -128.01
N ASP Y 122 -50.99 53.85 -128.73
CA ASP Y 122 -49.83 54.62 -128.27
C ASP Y 122 -50.13 55.27 -126.92
N SER Y 123 -51.38 55.68 -126.69
CA SER Y 123 -51.74 56.24 -125.39
C SER Y 123 -51.84 55.16 -124.31
N PHE Y 124 -52.16 53.93 -124.70
CA PHE Y 124 -52.30 52.85 -123.73
C PHE Y 124 -50.96 52.47 -123.11
N TRP Y 125 -49.97 52.16 -123.96
CA TRP Y 125 -48.69 51.67 -123.46
C TRP Y 125 -47.97 52.74 -122.65
N THR Y 126 -47.91 53.96 -123.18
CA THR Y 126 -47.15 55.02 -122.51
C THR Y 126 -47.82 55.44 -121.20
N LEU Y 127 -49.10 55.78 -121.27
CA LEU Y 127 -49.78 56.37 -120.13
C LEU Y 127 -50.49 55.34 -119.26
N GLY Y 128 -50.50 54.08 -119.66
CA GLY Y 128 -51.34 53.11 -118.97
C GLY Y 128 -52.81 53.47 -119.03
N ALA Y 129 -53.26 54.01 -120.17
CA ALA Y 129 -54.58 54.61 -120.29
C ALA Y 129 -55.57 53.61 -120.87
N LEU Y 130 -56.62 53.31 -120.10
CA LEU Y 130 -57.70 52.43 -120.54
C LEU Y 130 -58.82 53.29 -121.14
N ALA Y 131 -58.98 53.22 -122.44
CA ALA Y 131 -60.02 53.95 -123.14
C ALA Y 131 -60.09 53.45 -124.58
N SER Z 1 -29.93 31.36 -135.52
CA SER Z 1 -30.34 32.63 -136.10
C SER Z 1 -30.71 33.63 -135.00
N ILE Z 2 -30.94 33.12 -133.78
CA ILE Z 2 -31.13 34.00 -132.64
C ILE Z 2 -29.80 34.59 -132.21
N ILE Z 3 -28.76 33.76 -132.14
CA ILE Z 3 -27.43 34.25 -131.80
C ILE Z 3 -26.90 35.09 -132.94
N GLY Z 4 -26.37 36.27 -132.61
CA GLY Z 4 -25.82 37.12 -133.64
C GLY Z 4 -26.84 37.72 -134.57
N SER Z 5 -28.07 37.91 -134.11
CA SER Z 5 -29.08 38.63 -134.89
C SER Z 5 -28.95 40.13 -134.64
N SER Z 6 -29.46 40.92 -135.58
CA SER Z 6 -29.34 42.37 -135.57
C SER Z 6 -30.72 43.00 -135.66
N ILE Z 7 -30.97 44.01 -134.81
CA ILE Z 7 -32.25 44.69 -134.76
C ILE Z 7 -32.04 46.18 -134.49
N LYS Z 8 -32.98 47.01 -134.94
CA LYS Z 8 -32.79 48.46 -134.85
C LYS Z 8 -33.21 48.97 -133.47
N THR Z 9 -32.33 49.75 -132.83
CA THR Z 9 -32.71 50.49 -131.63
C THR Z 9 -32.94 51.95 -131.99
N GLY Z 10 -33.70 52.62 -131.12
CA GLY Z 10 -34.06 54.00 -131.34
C GLY Z 10 -34.61 54.20 -132.73
N ALA Z 11 -35.52 53.31 -133.13
CA ALA Z 11 -36.14 53.46 -134.43
C ALA Z 11 -37.16 54.59 -134.41
N THR Z 12 -37.26 55.29 -135.54
CA THR Z 12 -38.21 56.40 -135.65
C THR Z 12 -39.65 55.89 -135.60
N SER Z 13 -39.97 54.85 -136.37
CA SER Z 13 -41.28 54.21 -136.27
C SER Z 13 -41.22 52.86 -137.00
N ALA Z 14 -42.26 52.07 -136.80
CA ALA Z 14 -42.41 50.79 -137.47
C ALA Z 14 -43.78 50.75 -138.12
N SER Z 15 -43.93 49.89 -139.12
CA SER Z 15 -45.16 49.83 -139.90
C SER Z 15 -45.33 48.43 -140.46
N ILE Z 16 -46.38 48.25 -141.25
CA ILE Z 16 -46.78 46.92 -141.67
C ILE Z 16 -47.32 46.98 -143.10
N THR Z 17 -46.65 46.28 -144.01
CA THR Z 17 -47.14 46.13 -145.38
C THR Z 17 -48.14 44.97 -145.36
N GLY Z 18 -49.43 45.31 -145.35
CA GLY Z 18 -50.45 44.44 -144.82
C GLY Z 18 -51.65 44.25 -145.74
N GLY Z 19 -52.56 43.40 -145.29
CA GLY Z 19 -53.78 43.07 -146.00
C GLY Z 19 -55.01 43.78 -145.47
N SER Z 20 -56.04 43.02 -145.09
CA SER Z 20 -57.35 43.59 -144.78
C SER Z 20 -57.41 44.13 -143.35
N ASP Z 21 -58.36 45.05 -143.13
CA ASP Z 21 -58.58 45.65 -141.82
C ASP Z 21 -59.29 44.69 -140.88
N ILE Z 22 -59.16 44.99 -139.58
CA ILE Z 22 -59.93 44.32 -138.54
C ILE Z 22 -60.20 45.34 -137.45
N THR Z 23 -61.42 45.33 -136.91
CA THR Z 23 -61.89 46.40 -136.04
C THR Z 23 -62.39 45.84 -134.71
N PHE Z 24 -61.99 46.51 -133.61
CA PHE Z 24 -62.32 46.09 -132.26
C PHE Z 24 -63.55 46.81 -131.75
N ALA Z 25 -64.37 46.10 -130.97
CA ALA Z 25 -65.51 46.68 -130.29
C ALA Z 25 -65.57 46.12 -128.87
N LEU Z 26 -66.30 46.83 -128.01
CA LEU Z 26 -66.31 46.50 -126.58
C LEU Z 26 -67.08 45.20 -126.32
N THR Z 27 -66.47 44.27 -125.58
CA THR Z 27 -67.01 42.93 -125.37
C THR Z 27 -67.88 42.82 -124.13
N GLY Z 28 -67.64 43.66 -123.13
CA GLY Z 28 -68.33 43.47 -121.87
C GLY Z 28 -68.06 42.13 -121.20
N GLN Z 29 -66.85 41.61 -121.34
CA GLN Z 29 -66.37 40.52 -120.49
C GLN Z 29 -65.66 41.15 -119.31
N THR Z 30 -66.19 40.94 -118.11
CA THR Z 30 -65.64 41.59 -116.93
C THR Z 30 -64.18 41.23 -116.76
N VAL Z 31 -63.31 42.24 -116.82
CA VAL Z 31 -61.87 42.06 -116.73
C VAL Z 31 -61.31 43.10 -115.76
N THR Z 32 -60.69 42.61 -114.69
CA THR Z 32 -60.16 43.50 -113.67
C THR Z 32 -59.03 44.34 -114.23
N ASN Z 33 -59.10 45.65 -114.00
CA ASN Z 33 -58.04 46.59 -114.39
C ASN Z 33 -57.87 46.64 -115.89
N GLY Z 34 -58.93 46.41 -116.66
CA GLY Z 34 -58.75 46.37 -118.09
C GLY Z 34 -60.04 46.18 -118.84
N LEU Z 35 -59.88 45.94 -120.15
CA LEU Z 35 -60.96 45.86 -121.11
C LEU Z 35 -60.86 44.57 -121.90
N ASN Z 36 -61.98 44.15 -122.47
CA ASN Z 36 -62.02 43.12 -123.50
C ASN Z 36 -62.69 43.72 -124.72
N VAL Z 37 -62.00 43.68 -125.87
CA VAL Z 37 -62.57 44.08 -127.15
C VAL Z 37 -62.38 42.93 -128.13
N SER Z 38 -63.47 42.52 -128.79
CA SER Z 38 -63.34 41.48 -129.80
C SER Z 38 -63.58 42.08 -131.17
N VAL Z 39 -63.19 41.33 -132.18
CA VAL Z 39 -63.33 41.80 -133.56
C VAL Z 39 -64.76 41.53 -134.00
N SER Z 40 -65.49 42.59 -134.28
CA SER Z 40 -66.86 42.47 -134.74
C SER Z 40 -66.93 42.04 -136.20
N GLU Z 41 -65.78 41.74 -136.79
CA GLU Z 41 -65.70 41.38 -138.20
C GLU Z 41 -65.66 39.88 -138.43
N ASP Z 42 -65.43 39.09 -137.40
CA ASP Z 42 -65.64 37.64 -137.46
C ASP Z 42 -67.08 37.36 -137.09
N THR Z 43 -67.70 36.41 -137.78
CA THR Z 43 -69.15 36.24 -137.71
C THR Z 43 -69.61 35.25 -136.64
N ASP Z 44 -68.74 34.33 -136.20
CA ASP Z 44 -69.13 33.25 -135.30
C ASP Z 44 -68.47 33.46 -133.95
N TYR Z 45 -69.28 33.76 -132.92
CA TYR Z 45 -68.72 34.08 -131.59
C TYR Z 45 -67.76 32.99 -131.14
N ARG Z 46 -68.15 31.73 -131.30
CA ARG Z 46 -67.34 30.59 -130.87
C ARG Z 46 -65.89 30.69 -131.33
N THR Z 47 -65.59 31.46 -132.38
CA THR Z 47 -64.23 31.67 -132.86
C THR Z 47 -63.96 33.13 -133.21
N ARG Z 48 -64.44 34.09 -132.41
CA ARG Z 48 -64.08 35.50 -132.64
C ARG Z 48 -62.80 35.86 -131.92
N ARG Z 49 -61.79 36.25 -132.70
CA ARG Z 49 -60.55 36.78 -132.18
C ARG Z 49 -60.83 37.94 -131.25
N ASN Z 50 -60.31 37.88 -130.03
CA ASN Z 50 -60.52 38.97 -129.09
C ASN Z 50 -59.19 39.38 -128.47
N ALA Z 51 -59.23 40.46 -127.70
CA ALA Z 51 -58.02 40.98 -127.08
C ALA Z 51 -58.41 41.59 -125.75
N THR Z 52 -57.51 41.46 -124.79
CA THR Z 52 -57.74 41.93 -123.43
C THR Z 52 -56.57 42.81 -123.02
N PHE Z 53 -56.91 43.99 -122.52
CA PHE Z 53 -55.94 45.02 -122.13
C PHE Z 53 -55.98 45.15 -120.62
N LYS Z 54 -54.82 45.06 -119.97
CA LYS Z 54 -54.70 45.24 -118.53
C LYS Z 54 -53.65 46.30 -118.23
N SER Z 55 -53.85 47.01 -117.11
CA SER Z 55 -52.93 48.07 -116.69
C SER Z 55 -52.85 48.09 -115.16
N ARG Z 56 -51.78 47.51 -114.63
CA ARG Z 56 -51.45 47.63 -113.22
C ARG Z 56 -50.49 48.79 -113.02
N VAL Z 57 -50.81 49.64 -112.04
CA VAL Z 57 -50.09 50.89 -111.83
C VAL Z 57 -48.89 50.68 -110.91
N PRO Z 58 -47.91 51.57 -110.93
CA PRO Z 58 -46.81 51.46 -109.97
C PRO Z 58 -47.30 51.67 -108.55
N THR Z 59 -46.62 50.98 -107.62
CA THR Z 59 -46.99 51.02 -106.22
C THR Z 59 -46.07 51.99 -105.48
N VAL Z 60 -46.65 52.83 -104.63
CA VAL Z 60 -45.91 53.82 -103.85
C VAL Z 60 -45.61 53.19 -102.49
N VAL Z 61 -44.36 52.85 -102.25
CA VAL Z 61 -43.93 52.23 -101.00
C VAL Z 61 -42.86 53.13 -100.40
N ASN Z 62 -43.27 54.06 -99.55
CA ASN Z 62 -42.36 54.88 -98.74
C ASN Z 62 -41.33 55.59 -99.64
N GLY Z 63 -41.84 56.35 -100.61
CA GLY Z 63 -41.00 57.08 -101.52
C GLY Z 63 -40.37 56.27 -102.64
N ASN Z 64 -40.51 54.95 -102.64
CA ASN Z 64 -39.97 54.10 -103.69
C ASN Z 64 -41.11 53.56 -104.57
N TYR Z 65 -40.91 53.55 -105.88
CA TYR Z 65 -41.94 53.11 -106.81
C TYR Z 65 -41.54 51.82 -107.50
N SER Z 66 -42.46 50.86 -107.53
CA SER Z 66 -42.29 49.64 -108.31
C SER Z 66 -42.61 49.91 -109.77
N LYS Z 67 -42.08 49.06 -110.64
CA LYS Z 67 -42.44 49.16 -112.04
C LYS Z 67 -43.92 48.82 -112.22
N GLY Z 68 -44.57 49.50 -113.17
CA GLY Z 68 -45.91 49.17 -113.56
C GLY Z 68 -45.93 48.21 -114.74
N LYS Z 69 -47.12 47.71 -115.06
CA LYS Z 69 -47.26 46.60 -116.00
C LYS Z 69 -48.46 46.81 -116.89
N ASN Z 70 -48.25 46.83 -118.20
CA ASN Z 70 -49.35 46.97 -119.15
C ASN Z 70 -49.36 45.75 -120.06
N GLU Z 71 -50.41 44.92 -119.96
CA GLU Z 71 -50.52 43.70 -120.73
C GLU Z 71 -51.54 43.84 -121.85
N VAL Z 72 -51.30 43.09 -122.93
CA VAL Z 72 -52.31 42.80 -123.93
C VAL Z 72 -52.26 41.31 -124.21
N VAL Z 73 -53.43 40.71 -124.39
CA VAL Z 73 -53.56 39.29 -124.72
C VAL Z 73 -54.49 39.20 -125.91
N PHE Z 74 -53.95 38.81 -127.06
CA PHE Z 74 -54.74 38.61 -128.26
C PHE Z 74 -54.94 37.11 -128.45
N VAL Z 75 -56.16 36.72 -128.79
CA VAL Z 75 -56.56 35.32 -128.75
C VAL Z 75 -57.32 34.97 -130.03
N ILE Z 76 -56.85 33.93 -130.69
CA ILE Z 76 -57.58 33.24 -131.77
C ILE Z 76 -58.14 31.95 -131.20
N PRO Z 77 -59.44 31.88 -130.91
CA PRO Z 77 -60.03 30.58 -130.54
C PRO Z 77 -60.28 29.73 -131.78
N MET Z 78 -59.98 28.44 -131.67
CA MET Z 78 -60.18 27.51 -132.77
C MET Z 78 -60.85 26.25 -132.25
N SER Z 79 -61.76 25.71 -133.06
CA SER Z 79 -62.49 24.50 -132.74
C SER Z 79 -61.71 23.30 -133.26
N LEU Z 80 -61.32 22.41 -132.34
CA LEU Z 80 -60.56 21.24 -132.74
C LEU Z 80 -61.45 20.22 -133.41
N ASP Z 81 -60.82 19.25 -134.06
CA ASP Z 81 -61.54 18.10 -134.59
C ASP Z 81 -62.25 17.35 -133.47
N SER Z 82 -61.66 17.33 -132.26
CA SER Z 82 -62.23 16.70 -131.08
C SER Z 82 -63.52 17.35 -130.59
N GLY Z 83 -63.88 18.52 -131.12
CA GLY Z 83 -64.98 19.30 -130.60
C GLY Z 83 -64.57 20.29 -129.53
N GLU Z 84 -63.54 19.97 -128.75
CA GLU Z 84 -63.04 20.91 -127.75
C GLU Z 84 -62.37 22.09 -128.42
N THR Z 85 -62.81 23.30 -128.09
CA THR Z 85 -62.24 24.52 -128.64
C THR Z 85 -61.18 25.06 -127.70
N VAL Z 86 -60.05 25.49 -128.26
CA VAL Z 86 -58.91 25.98 -127.49
C VAL Z 86 -58.48 27.34 -128.02
N PHE Z 87 -57.47 27.92 -127.39
CA PHE Z 87 -57.09 29.31 -127.61
C PHE Z 87 -55.63 29.43 -128.00
N ASN Z 88 -55.38 30.13 -129.11
CA ASN Z 88 -54.04 30.51 -129.54
C ASN Z 88 -53.77 31.93 -129.06
N SER Z 89 -52.71 32.12 -128.28
CA SER Z 89 -52.56 33.32 -127.46
C SER Z 89 -51.22 33.98 -127.73
N VAL Z 90 -51.25 35.21 -128.24
CA VAL Z 90 -50.07 36.06 -128.20
C VAL Z 90 -50.26 37.06 -127.05
N ARG Z 91 -49.32 37.09 -126.12
CA ARG Z 91 -49.38 37.96 -124.96
C ARG Z 91 -48.14 38.86 -124.94
N ILE Z 92 -48.37 40.16 -124.75
CA ILE Z 92 -47.28 41.13 -124.71
C ILE Z 92 -47.48 41.99 -123.48
N ALA Z 93 -46.53 41.90 -122.55
CA ALA Z 93 -46.55 42.62 -121.29
C ALA Z 93 -45.34 43.55 -121.23
N LEU Z 94 -45.58 44.80 -120.88
CA LEU Z 94 -44.52 45.80 -120.85
C LEU Z 94 -44.46 46.37 -119.43
N GLU Z 95 -43.36 46.08 -118.73
CA GLU Z 95 -43.15 46.48 -117.35
C GLU Z 95 -42.10 47.58 -117.32
N ILE Z 96 -42.50 48.76 -116.85
CA ILE Z 96 -41.67 49.95 -116.90
C ILE Z 96 -41.67 50.64 -115.54
N HIS Z 97 -40.49 51.02 -115.07
CA HIS Z 97 -40.37 51.93 -113.94
C HIS Z 97 -40.53 53.37 -114.43
N PRO Z 98 -41.24 54.22 -113.68
CA PRO Z 98 -41.57 55.56 -114.19
C PRO Z 98 -40.37 56.42 -114.50
N ALA Z 99 -39.20 56.12 -113.94
CA ALA Z 99 -38.00 56.93 -114.14
C ALA Z 99 -37.30 56.66 -115.46
N LEU Z 100 -37.76 55.69 -116.26
CA LEU Z 100 -37.16 55.46 -117.56
C LEU Z 100 -37.56 56.56 -118.54
N ALA Z 101 -36.66 56.85 -119.47
CA ALA Z 101 -36.90 57.92 -120.44
C ALA Z 101 -38.08 57.58 -121.34
N SER Z 102 -38.90 58.61 -121.62
CA SER Z 102 -40.05 58.44 -122.49
C SER Z 102 -39.64 57.88 -123.84
N ALA Z 103 -38.43 58.20 -124.29
CA ALA Z 103 -37.92 57.69 -125.56
C ALA Z 103 -37.53 56.21 -125.46
N SER Z 104 -36.92 55.81 -124.34
CA SER Z 104 -36.56 54.42 -124.16
C SER Z 104 -37.78 53.53 -124.04
N VAL Z 105 -38.89 54.06 -123.52
CA VAL Z 105 -40.12 53.27 -123.46
C VAL Z 105 -40.57 52.88 -124.87
N LYS Z 106 -40.61 53.86 -125.78
CA LYS Z 106 -41.02 53.56 -127.14
C LYS Z 106 -39.97 52.74 -127.89
N ASP Z 107 -38.68 52.98 -127.63
CA ASP Z 107 -37.66 52.08 -128.18
C ASP Z 107 -37.93 50.64 -127.74
N LEU Z 108 -38.40 50.45 -126.51
CA LEU Z 108 -38.64 49.11 -125.99
C LEU Z 108 -39.85 48.47 -126.69
N ARG Z 109 -40.91 49.25 -126.90
CA ARG Z 109 -42.05 48.77 -127.70
C ARG Z 109 -41.61 48.31 -129.08
N LEU Z 110 -40.82 49.13 -129.77
CA LEU Z 110 -40.43 48.80 -131.14
C LEU Z 110 -39.46 47.64 -131.18
N ILE Z 111 -38.59 47.51 -130.18
CA ILE Z 111 -37.63 46.42 -130.20
C ILE Z 111 -38.31 45.09 -129.92
N GLY Z 112 -39.35 45.11 -129.07
CA GLY Z 112 -40.17 43.91 -128.92
C GLY Z 112 -40.90 43.56 -130.20
N ALA Z 113 -41.46 44.56 -130.88
CA ALA Z 113 -42.12 44.29 -132.15
C ALA Z 113 -41.17 43.66 -133.15
N GLN Z 114 -39.93 44.15 -133.22
CA GLN Z 114 -38.98 43.55 -134.14
C GLN Z 114 -38.69 42.11 -133.74
N LEU Z 115 -38.50 41.86 -132.44
CA LEU Z 115 -38.28 40.49 -131.98
C LEU Z 115 -39.41 39.56 -132.43
N LEU Z 116 -40.65 40.06 -132.45
CA LEU Z 116 -41.73 39.25 -133.03
C LEU Z 116 -41.59 39.05 -134.53
N THR Z 117 -41.40 40.12 -135.30
CA THR Z 117 -41.66 40.04 -136.73
C THR Z 117 -40.43 39.82 -137.61
N ASP Z 118 -39.22 39.93 -137.08
CA ASP Z 118 -38.05 39.81 -137.92
C ASP Z 118 -37.86 38.37 -138.40
N ALA Z 119 -37.20 38.22 -139.55
CA ALA Z 119 -37.03 36.90 -140.14
C ALA Z 119 -36.02 36.07 -139.37
N ASP Z 120 -35.01 36.72 -138.77
CA ASP Z 120 -34.01 36.02 -137.96
C ASP Z 120 -34.65 35.13 -136.90
N TYR Z 121 -35.84 35.48 -136.44
CA TYR Z 121 -36.48 34.77 -135.34
C TYR Z 121 -37.57 33.81 -135.82
N ASP Z 122 -37.78 33.71 -137.14
CA ASP Z 122 -38.79 32.80 -137.68
C ASP Z 122 -38.62 31.39 -137.14
N SER Z 123 -37.39 30.87 -137.18
CA SER Z 123 -37.16 29.51 -136.70
C SER Z 123 -37.56 29.37 -135.23
N PHE Z 124 -37.11 30.32 -134.39
CA PHE Z 124 -37.47 30.29 -132.97
C PHE Z 124 -38.97 30.24 -132.77
N TRP Z 125 -39.68 31.26 -133.26
CA TRP Z 125 -41.10 31.36 -132.99
C TRP Z 125 -41.86 30.15 -133.52
N THR Z 126 -41.67 29.84 -134.81
CA THR Z 126 -42.48 28.79 -135.43
C THR Z 126 -42.14 27.41 -134.90
N LEU Z 127 -40.87 27.02 -135.02
CA LEU Z 127 -40.45 25.66 -134.72
C LEU Z 127 -40.13 25.43 -133.25
N GLY Z 128 -39.87 26.51 -132.50
CA GLY Z 128 -39.36 26.40 -131.16
C GLY Z 128 -37.85 26.26 -131.06
N ALA Z 129 -37.14 26.52 -132.14
CA ALA Z 129 -35.71 26.20 -132.19
C ALA Z 129 -34.91 27.19 -131.36
N LEU Z 130 -34.13 26.67 -130.41
CA LEU Z 130 -33.21 27.51 -129.68
C LEU Z 130 -31.95 27.76 -130.51
N ALA Z 131 -31.12 28.68 -130.02
CA ALA Z 131 -29.86 29.04 -130.66
C ALA Z 131 -29.99 29.56 -132.10
N SER AA 1 14.93 31.92 -114.40
CA SER AA 1 14.24 32.12 -115.67
C SER AA 1 12.82 32.67 -115.46
N ILE AA 2 12.14 32.24 -114.40
CA ILE AA 2 10.87 32.87 -114.02
C ILE AA 2 11.14 34.27 -113.47
N ILE AA 3 12.12 34.38 -112.57
CA ILE AA 3 12.50 35.67 -112.01
C ILE AA 3 13.24 36.45 -113.08
N GLY AA 4 12.72 37.63 -113.43
CA GLY AA 4 13.31 38.44 -114.45
C GLY AA 4 12.75 38.24 -115.84
N SER AA 5 11.83 37.30 -116.02
CA SER AA 5 11.25 37.08 -117.34
C SER AA 5 10.48 38.31 -117.79
N SER AA 6 10.40 38.50 -119.10
CA SER AA 6 9.72 39.62 -119.71
C SER AA 6 8.68 39.11 -120.68
N ILE AA 7 7.48 39.70 -120.61
CA ILE AA 7 6.35 39.28 -121.45
C ILE AA 7 5.56 40.52 -121.85
N LYS AA 8 4.95 40.46 -123.04
CA LYS AA 8 4.28 41.62 -123.61
C LYS AA 8 2.90 41.81 -122.99
N THR AA 9 2.60 43.04 -122.55
CA THR AA 9 1.24 43.41 -122.20
C THR AA 9 0.70 44.38 -123.22
N GLY AA 10 -0.62 44.53 -123.24
CA GLY AA 10 -1.27 45.33 -124.26
C GLY AA 10 -0.94 44.85 -125.66
N ALA AA 11 -0.85 43.53 -125.85
CA ALA AA 11 -0.53 42.99 -127.15
C ALA AA 11 -1.73 43.05 -128.08
N THR AA 12 -1.48 43.27 -129.37
CA THR AA 12 -2.55 43.30 -130.35
C THR AA 12 -3.19 41.93 -130.50
N SER AA 13 -2.38 40.91 -130.84
CA SER AA 13 -2.92 39.56 -130.97
C SER AA 13 -1.78 38.55 -130.91
N ALA AA 14 -2.14 37.31 -130.60
CA ALA AA 14 -1.19 36.22 -130.52
C ALA AA 14 -1.45 35.24 -131.66
N SER AA 15 -0.39 34.56 -132.09
CA SER AA 15 -0.48 33.63 -133.21
C SER AA 15 0.43 32.44 -132.92
N ILE AA 16 0.36 31.44 -133.78
CA ILE AA 16 1.13 30.23 -133.56
C ILE AA 16 1.60 29.65 -134.89
N THR AA 17 2.92 29.58 -135.07
CA THR AA 17 3.52 28.94 -136.23
C THR AA 17 3.55 27.44 -135.97
N GLY AA 18 2.66 26.70 -136.62
CA GLY AA 18 2.47 25.32 -136.25
C GLY AA 18 2.10 24.34 -137.34
N GLY AA 19 1.79 23.11 -136.94
CA GLY AA 19 1.56 22.02 -137.86
C GLY AA 19 0.12 21.79 -138.25
N SER AA 20 -0.38 20.57 -138.02
CA SER AA 20 -1.65 20.14 -138.57
C SER AA 20 -2.83 20.69 -137.77
N ASP AA 21 -3.99 20.72 -138.43
CA ASP AA 21 -5.23 21.18 -137.81
C ASP AA 21 -5.83 20.08 -136.92
N ILE AA 22 -6.73 20.51 -136.05
CA ILE AA 22 -7.55 19.59 -135.26
C ILE AA 22 -8.90 20.25 -135.08
N THR AA 23 -9.97 19.47 -135.13
CA THR AA 23 -11.32 20.03 -135.11
C THR AA 23 -12.13 19.38 -133.99
N PHE AA 24 -13.00 20.20 -133.40
CA PHE AA 24 -13.85 19.79 -132.29
C PHE AA 24 -15.28 19.55 -132.77
N ALA AA 25 -15.93 18.56 -132.16
CA ALA AA 25 -17.35 18.37 -132.36
C ALA AA 25 -17.98 18.05 -131.00
N LEU AA 26 -19.28 18.36 -130.88
CA LEU AA 26 -19.95 18.23 -129.59
C LEU AA 26 -20.08 16.78 -129.17
N THR AA 27 -19.64 16.48 -127.95
CA THR AA 27 -19.53 15.09 -127.50
C THR AA 27 -20.90 14.49 -127.19
N GLY AA 28 -21.75 15.24 -126.52
CA GLY AA 28 -22.94 14.66 -125.95
C GLY AA 28 -22.72 14.02 -124.60
N GLN AA 29 -21.56 14.25 -123.98
CA GLN AA 29 -21.40 13.95 -122.57
C GLN AA 29 -22.05 15.06 -121.77
N THR AA 30 -22.97 14.69 -120.88
CA THR AA 30 -23.68 15.69 -120.09
C THR AA 30 -22.71 16.31 -119.09
N VAL AA 31 -22.57 17.64 -119.14
CA VAL AA 31 -21.70 18.37 -118.24
C VAL AA 31 -22.47 19.53 -117.62
N THR AA 32 -22.45 19.59 -116.29
CA THR AA 32 -23.18 20.63 -115.56
C THR AA 32 -22.57 22.00 -115.84
N ASN AA 33 -23.42 22.95 -116.24
CA ASN AA 33 -23.02 24.31 -116.62
C ASN AA 33 -21.97 24.31 -117.73
N GLY AA 34 -21.86 23.20 -118.47
CA GLY AA 34 -20.72 23.08 -119.35
C GLY AA 34 -21.00 22.27 -120.61
N LEU AA 35 -19.91 22.07 -121.35
CA LEU AA 35 -19.93 21.50 -122.69
C LEU AA 35 -18.74 20.57 -122.82
N ASN AA 36 -18.90 19.52 -123.61
CA ASN AA 36 -17.77 18.66 -123.95
C ASN AA 36 -17.69 18.57 -125.47
N VAL AA 37 -16.54 18.96 -126.03
CA VAL AA 37 -16.26 18.78 -127.44
C VAL AA 37 -14.99 17.94 -127.55
N SER AA 38 -15.05 16.86 -128.31
CA SER AA 38 -13.86 16.04 -128.49
C SER AA 38 -13.35 16.16 -129.91
N VAL AA 39 -12.19 15.56 -130.13
CA VAL AA 39 -11.49 15.63 -131.41
C VAL AA 39 -12.12 14.67 -132.40
N SER AA 40 -12.71 15.22 -133.46
CA SER AA 40 -13.29 14.42 -134.52
C SER AA 40 -12.24 13.75 -135.40
N GLU AA 41 -10.95 13.94 -135.08
CA GLU AA 41 -9.88 13.52 -135.97
C GLU AA 41 -9.04 12.38 -135.39
N ASP AA 42 -9.06 12.19 -134.07
CA ASP AA 42 -8.50 10.99 -133.46
C ASP AA 42 -9.53 9.86 -133.57
N THR AA 43 -9.05 8.68 -133.96
CA THR AA 43 -9.94 7.62 -134.40
C THR AA 43 -10.39 6.68 -133.29
N ASP AA 44 -9.68 6.63 -132.17
CA ASP AA 44 -10.00 5.73 -131.08
C ASP AA 44 -10.45 6.56 -129.87
N TYR AA 45 -11.71 6.41 -129.47
CA TYR AA 45 -12.24 7.14 -128.32
C TYR AA 45 -11.35 6.96 -127.10
N ARG AA 46 -10.84 5.74 -126.90
CA ARG AA 46 -9.98 5.43 -125.78
C ARG AA 46 -8.85 6.45 -125.62
N THR AA 47 -8.40 7.04 -126.73
CA THR AA 47 -7.34 8.06 -126.71
C THR AA 47 -7.75 9.35 -127.43
N ARG AA 48 -9.05 9.64 -127.55
CA ARG AA 48 -9.47 10.91 -128.17
C ARG AA 48 -9.30 12.07 -127.20
N ARG AA 49 -8.40 12.98 -127.56
CA ARG AA 49 -8.28 14.25 -126.87
C ARG AA 49 -9.65 14.94 -126.81
N ASN AA 50 -9.99 15.46 -125.63
CA ASN AA 50 -11.24 16.21 -125.55
C ASN AA 50 -11.11 17.39 -124.60
N ALA AA 51 -11.96 18.40 -124.82
CA ALA AA 51 -11.98 19.62 -124.04
C ALA AA 51 -13.35 19.85 -123.47
N THR AA 52 -13.38 20.38 -122.25
CA THR AA 52 -14.60 20.65 -121.52
C THR AA 52 -14.61 22.11 -121.10
N PHE AA 53 -15.73 22.78 -121.39
CA PHE AA 53 -15.90 24.21 -121.20
C PHE AA 53 -16.97 24.44 -120.14
N LYS AA 54 -16.59 25.04 -119.02
CA LYS AA 54 -17.54 25.42 -117.99
C LYS AA 54 -17.61 26.93 -117.87
N SER AA 55 -18.79 27.43 -117.48
CA SER AA 55 -19.04 28.86 -117.45
C SER AA 55 -19.99 29.21 -116.31
N ARG AA 56 -19.59 30.16 -115.48
CA ARG AA 56 -20.47 30.79 -114.51
C ARG AA 56 -20.39 32.31 -114.63
N VAL AA 57 -21.56 32.93 -114.77
CA VAL AA 57 -21.76 34.35 -115.03
C VAL AA 57 -21.71 35.10 -113.70
N PRO AA 58 -21.34 36.38 -113.67
CA PRO AA 58 -21.35 37.13 -112.41
C PRO AA 58 -22.73 37.15 -111.75
N THR AA 59 -22.73 36.87 -110.45
CA THR AA 59 -23.94 36.86 -109.64
C THR AA 59 -24.01 38.14 -108.80
N VAL AA 60 -25.20 38.71 -108.70
CA VAL AA 60 -25.43 40.00 -108.03
C VAL AA 60 -26.09 39.76 -106.68
N VAL AA 61 -25.48 40.31 -105.63
CA VAL AA 61 -26.04 40.30 -104.28
C VAL AA 61 -26.34 41.75 -103.89
N ASN AA 62 -27.62 42.12 -103.96
CA ASN AA 62 -28.11 43.44 -103.56
C ASN AA 62 -27.25 44.57 -104.11
N GLY AA 63 -26.94 44.47 -105.40
CA GLY AA 63 -26.21 45.50 -106.11
C GLY AA 63 -24.72 45.24 -106.27
N ASN AA 64 -24.15 44.27 -105.55
CA ASN AA 64 -22.72 43.99 -105.62
C ASN AA 64 -22.48 42.77 -106.49
N TYR AA 65 -21.59 42.92 -107.50
CA TYR AA 65 -21.34 41.83 -108.43
C TYR AA 65 -20.18 40.95 -107.97
N SER AA 66 -20.25 39.67 -108.30
CA SER AA 66 -19.22 38.70 -108.01
C SER AA 66 -18.47 38.35 -109.28
N LYS AA 67 -17.15 38.24 -109.17
CA LYS AA 67 -16.31 37.84 -110.29
C LYS AA 67 -16.74 36.47 -110.81
N GLY AA 68 -17.00 36.41 -112.12
CA GLY AA 68 -17.39 35.16 -112.75
C GLY AA 68 -16.21 34.35 -113.23
N LYS AA 69 -16.50 33.12 -113.67
CA LYS AA 69 -15.47 32.10 -113.86
C LYS AA 69 -15.71 31.33 -115.15
N ASN AA 70 -14.72 31.33 -116.04
CA ASN AA 70 -14.79 30.56 -117.29
C ASN AA 70 -13.64 29.57 -117.31
N GLU AA 71 -13.96 28.27 -117.16
CA GLU AA 71 -12.95 27.21 -117.16
C GLU AA 71 -12.92 26.48 -118.49
N VAL AA 72 -11.73 26.02 -118.85
CA VAL AA 72 -11.53 25.06 -119.93
C VAL AA 72 -10.56 24.01 -119.42
N VAL AA 73 -10.82 22.75 -119.75
CA VAL AA 73 -9.88 21.67 -119.47
C VAL AA 73 -9.70 20.85 -120.73
N PHE AA 74 -8.45 20.59 -121.09
CA PHE AA 74 -8.10 19.84 -122.28
C PHE AA 74 -7.33 18.62 -121.85
N VAL AA 75 -7.69 17.46 -122.42
CA VAL AA 75 -7.24 16.19 -121.90
C VAL AA 75 -6.70 15.33 -123.03
N ILE AA 76 -5.49 14.81 -122.84
CA ILE AA 76 -4.92 13.71 -123.61
C ILE AA 76 -5.03 12.45 -122.76
N PRO AA 77 -5.91 11.51 -123.08
CA PRO AA 77 -5.93 10.24 -122.34
C PRO AA 77 -4.86 9.30 -122.86
N MET AA 78 -4.19 8.61 -121.93
CA MET AA 78 -3.22 7.59 -122.31
C MET AA 78 -3.36 6.41 -121.36
N SER AA 79 -3.25 5.21 -121.91
CA SER AA 79 -3.24 4.00 -121.11
C SER AA 79 -1.81 3.70 -120.67
N LEU AA 80 -1.64 3.38 -119.39
CA LEU AA 80 -0.33 3.10 -118.82
C LEU AA 80 0.05 1.64 -119.04
N ASP AA 81 1.31 1.34 -118.76
CA ASP AA 81 1.74 -0.06 -118.68
C ASP AA 81 0.97 -0.81 -117.61
N SER AA 82 0.42 -0.09 -116.63
CA SER AA 82 -0.46 -0.66 -115.61
C SER AA 82 -1.80 -1.10 -116.17
N GLY AA 83 -2.13 -0.74 -117.41
CA GLY AA 83 -3.46 -0.97 -117.94
C GLY AA 83 -4.40 0.16 -117.59
N GLU AA 84 -4.23 0.69 -116.38
CA GLU AA 84 -4.93 1.89 -115.95
C GLU AA 84 -4.75 3.01 -116.96
N THR AA 85 -5.84 3.69 -117.29
CA THR AA 85 -5.82 4.82 -118.21
C THR AA 85 -5.90 6.12 -117.43
N VAL AA 86 -4.94 7.02 -117.66
CA VAL AA 86 -4.83 8.28 -116.94
C VAL AA 86 -5.02 9.43 -117.92
N PHE AA 87 -5.53 10.54 -117.41
CA PHE AA 87 -5.84 11.72 -118.20
C PHE AA 87 -4.78 12.78 -117.98
N ASN AA 88 -4.19 13.29 -119.07
CA ASN AA 88 -3.16 14.33 -119.02
C ASN AA 88 -3.82 15.69 -119.31
N SER AA 89 -3.71 16.60 -118.36
CA SER AA 89 -4.61 17.75 -118.26
C SER AA 89 -3.87 19.06 -118.44
N VAL AA 90 -4.50 19.99 -119.15
CA VAL AA 90 -4.19 21.41 -119.06
C VAL AA 90 -5.49 22.14 -118.80
N ARG AA 91 -5.52 22.96 -117.75
CA ARG AA 91 -6.74 23.63 -117.30
C ARG AA 91 -6.49 25.13 -117.20
N ILE AA 92 -7.35 25.91 -117.85
CA ILE AA 92 -7.22 27.36 -117.88
C ILE AA 92 -8.54 27.96 -117.41
N ALA AA 93 -8.48 28.70 -116.31
CA ALA AA 93 -9.65 29.29 -115.68
C ALA AA 93 -9.44 30.79 -115.58
N LEU AA 94 -10.37 31.56 -116.16
CA LEU AA 94 -10.28 33.01 -116.16
C LEU AA 94 -11.45 33.59 -115.36
N GLU AA 95 -11.12 34.29 -114.29
CA GLU AA 95 -12.09 34.85 -113.34
C GLU AA 95 -12.03 36.37 -113.44
N ILE AA 96 -13.15 36.96 -113.87
CA ILE AA 96 -13.20 38.38 -114.19
C ILE AA 96 -14.36 39.03 -113.44
N HIS AA 97 -14.09 40.19 -112.85
CA HIS AA 97 -15.17 41.03 -112.32
C HIS AA 97 -15.72 41.91 -113.44
N PRO AA 98 -17.04 42.13 -113.47
CA PRO AA 98 -17.63 42.88 -114.59
C PRO AA 98 -17.06 44.27 -114.79
N ALA AA 99 -16.49 44.87 -113.74
CA ALA AA 99 -16.00 46.24 -113.84
C ALA AA 99 -14.66 46.36 -114.56
N LEU AA 100 -14.00 45.24 -114.86
CA LEU AA 100 -12.69 45.31 -115.49
C LEU AA 100 -12.78 45.83 -116.92
N ALA AA 101 -11.70 46.48 -117.36
CA ALA AA 101 -11.64 47.01 -118.72
C ALA AA 101 -11.75 45.89 -119.74
N SER AA 102 -12.58 46.14 -120.76
CA SER AA 102 -12.75 45.19 -121.85
C SER AA 102 -11.41 44.77 -122.45
N ALA AA 103 -10.48 45.71 -122.61
CA ALA AA 103 -9.18 45.39 -123.17
C ALA AA 103 -8.28 44.69 -122.16
N SER AA 104 -8.43 44.99 -120.87
CA SER AA 104 -7.67 44.24 -119.87
C SER AA 104 -8.08 42.77 -119.82
N VAL AA 105 -9.35 42.47 -120.15
CA VAL AA 105 -9.76 41.06 -120.24
C VAL AA 105 -8.92 40.32 -121.27
N LYS AA 106 -8.86 40.84 -122.50
CA LYS AA 106 -8.07 40.18 -123.52
C LYS AA 106 -6.57 40.26 -123.24
N ASP AA 107 -6.12 41.31 -122.53
CA ASP AA 107 -4.71 41.32 -122.12
C ASP AA 107 -4.43 40.16 -121.15
N LEU AA 108 -5.38 39.84 -120.27
CA LEU AA 108 -5.20 38.67 -119.39
C LEU AA 108 -5.13 37.39 -120.19
N ARG AA 109 -6.02 37.22 -121.17
CA ARG AA 109 -5.94 36.03 -122.02
C ARG AA 109 -4.56 35.90 -122.65
N LEU AA 110 -4.06 36.99 -123.24
CA LEU AA 110 -2.79 36.95 -123.96
C LEU AA 110 -1.61 36.78 -123.02
N ILE AA 111 -1.66 37.37 -121.83
CA ILE AA 111 -0.54 37.26 -120.90
C ILE AA 111 -0.50 35.86 -120.29
N GLY AA 112 -1.67 35.27 -120.03
CA GLY AA 112 -1.70 33.88 -119.63
C GLY AA 112 -1.12 32.98 -120.70
N ALA AA 113 -1.47 33.22 -121.96
CA ALA AA 113 -0.93 32.38 -123.03
C ALA AA 113 0.58 32.50 -123.12
N GLN AA 114 1.11 33.72 -122.95
CA GLN AA 114 2.56 33.89 -122.97
C GLN AA 114 3.20 33.14 -121.81
N LEU AA 115 2.54 33.11 -120.64
CA LEU AA 115 3.10 32.37 -119.51
C LEU AA 115 3.20 30.88 -119.80
N LEU AA 116 2.36 30.33 -120.67
CA LEU AA 116 2.55 28.96 -121.14
C LEU AA 116 3.64 28.83 -122.20
N THR AA 117 3.67 29.73 -123.17
CA THR AA 117 4.41 29.44 -124.40
C THR AA 117 5.68 30.26 -124.57
N ASP AA 118 6.15 30.96 -123.54
CA ASP AA 118 7.45 31.61 -123.65
C ASP AA 118 8.54 30.67 -123.19
N ALA AA 119 9.73 30.84 -123.78
CA ALA AA 119 10.86 29.97 -123.46
C ALA AA 119 11.30 30.14 -122.01
N ASP AA 120 11.18 31.35 -121.47
CA ASP AA 120 11.61 31.64 -120.10
C ASP AA 120 11.01 30.66 -119.10
N TYR AA 121 9.85 30.09 -119.42
CA TYR AA 121 9.13 29.25 -118.48
C TYR AA 121 9.26 27.77 -118.79
N ASP AA 122 9.95 27.41 -119.89
CA ASP AA 122 10.08 26.01 -120.29
C ASP AA 122 10.54 25.15 -119.12
N SER AA 123 11.54 25.60 -118.39
CA SER AA 123 12.06 24.82 -117.27
C SER AA 123 10.96 24.60 -116.23
N PHE AA 124 10.24 25.66 -115.87
CA PHE AA 124 9.12 25.55 -114.93
C PHE AA 124 8.10 24.52 -115.38
N TRP AA 125 7.53 24.70 -116.58
CA TRP AA 125 6.45 23.82 -117.00
C TRP AA 125 6.91 22.38 -117.10
N THR AA 126 8.00 22.14 -117.85
CA THR AA 126 8.41 20.75 -118.09
C THR AA 126 8.85 20.07 -116.80
N LEU AA 127 9.81 20.65 -116.09
CA LEU AA 127 10.41 19.97 -114.95
C LEU AA 127 9.71 20.28 -113.63
N GLY AA 128 9.28 21.52 -113.44
CA GLY AA 128 8.75 21.97 -112.17
C GLY AA 128 9.66 22.93 -111.43
N ALA AA 129 10.63 23.53 -112.11
CA ALA AA 129 11.61 24.42 -111.52
C ALA AA 129 10.94 25.68 -110.98
N LEU AA 130 11.46 26.16 -109.85
CA LEU AA 130 10.86 27.27 -109.12
C LEU AA 130 11.72 28.52 -109.08
N ALA AA 131 12.76 28.61 -109.91
CA ALA AA 131 13.59 29.83 -109.96
C ALA AA 131 13.18 30.73 -111.12
N SER BA 1 -23.61 113.59 -19.92
CA SER BA 1 -24.25 114.81 -20.40
C SER BA 1 -25.28 114.50 -21.50
N ILE BA 2 -25.96 113.36 -21.37
CA ILE BA 2 -26.97 112.96 -22.35
C ILE BA 2 -28.26 113.73 -22.14
N ILE BA 3 -28.77 113.73 -20.91
CA ILE BA 3 -30.03 114.41 -20.61
C ILE BA 3 -29.81 115.90 -20.75
N GLY BA 4 -30.52 116.52 -21.69
CA GLY BA 4 -30.40 117.94 -21.92
C GLY BA 4 -29.44 118.32 -23.02
N SER BA 5 -28.80 117.36 -23.69
CA SER BA 5 -27.91 117.68 -24.78
C SER BA 5 -28.69 118.33 -25.93
N SER BA 6 -27.97 119.14 -26.72
CA SER BA 6 -28.57 119.90 -27.82
C SER BA 6 -27.78 119.63 -29.09
N ILE BA 7 -28.50 119.29 -30.17
CA ILE BA 7 -27.91 119.05 -31.49
C ILE BA 7 -28.80 119.70 -32.55
N LYS BA 8 -28.30 119.71 -33.78
CA LYS BA 8 -28.89 120.48 -34.87
C LYS BA 8 -29.67 119.55 -35.81
N THR BA 9 -30.92 119.90 -36.09
CA THR BA 9 -31.71 119.24 -37.12
C THR BA 9 -31.82 120.14 -38.34
N GLY BA 10 -32.00 119.52 -39.50
CA GLY BA 10 -31.99 120.26 -40.74
C GLY BA 10 -30.72 121.05 -40.96
N ALA BA 11 -29.57 120.45 -40.65
CA ALA BA 11 -28.31 121.12 -40.89
C ALA BA 11 -28.03 121.17 -42.39
N THR BA 12 -27.44 122.30 -42.82
CA THR BA 12 -27.06 122.42 -44.23
C THR BA 12 -26.03 121.36 -44.61
N SER BA 13 -24.96 121.22 -43.82
CA SER BA 13 -24.00 120.15 -44.05
C SER BA 13 -23.15 119.95 -42.79
N ALA BA 14 -22.30 118.92 -42.83
CA ALA BA 14 -21.33 118.67 -41.78
C ALA BA 14 -19.95 118.57 -42.41
N SER BA 15 -18.94 118.90 -41.62
CA SER BA 15 -17.58 119.01 -42.13
C SER BA 15 -16.62 118.59 -41.01
N ILE BA 16 -15.34 118.53 -41.36
CA ILE BA 16 -14.34 118.00 -40.42
C ILE BA 16 -13.03 118.75 -40.58
N THR BA 17 -12.51 119.28 -39.46
CA THR BA 17 -11.19 119.90 -39.41
C THR BA 17 -10.22 118.84 -38.90
N GLY BA 18 -9.39 118.31 -39.79
CA GLY BA 18 -8.62 117.15 -39.41
C GLY BA 18 -7.41 116.90 -40.30
N GLY BA 19 -6.69 115.83 -39.96
CA GLY BA 19 -5.36 115.57 -40.48
C GLY BA 19 -5.28 114.82 -41.80
N SER BA 20 -4.57 113.70 -41.80
CA SER BA 20 -4.14 113.07 -43.05
C SER BA 20 -5.29 112.32 -43.72
N ASP BA 21 -5.19 112.18 -45.04
CA ASP BA 21 -6.15 111.43 -45.82
C ASP BA 21 -5.95 109.94 -45.65
N ILE BA 22 -7.02 109.20 -45.89
CA ILE BA 22 -6.97 107.75 -46.05
C ILE BA 22 -7.82 107.41 -47.26
N THR BA 23 -7.33 106.49 -48.08
CA THR BA 23 -7.94 106.16 -49.36
C THR BA 23 -8.34 104.69 -49.35
N PHE BA 24 -9.53 104.42 -49.89
CA PHE BA 24 -10.12 103.09 -49.95
C PHE BA 24 -9.88 102.45 -51.31
N ALA BA 25 -9.94 101.11 -51.32
CA ALA BA 25 -9.86 100.34 -52.55
C ALA BA 25 -10.53 99.00 -52.28
N LEU BA 26 -11.04 98.38 -53.35
CA LEU BA 26 -11.87 97.21 -53.19
C LEU BA 26 -11.03 96.00 -52.76
N THR BA 27 -11.58 95.21 -51.83
CA THR BA 27 -10.88 94.10 -51.20
C THR BA 27 -11.16 92.75 -51.84
N GLY BA 28 -12.42 92.47 -52.18
CA GLY BA 28 -12.76 91.15 -52.68
C GLY BA 28 -13.03 90.12 -51.61
N GLN BA 29 -12.97 90.49 -50.33
CA GLN BA 29 -13.55 89.64 -49.30
C GLN BA 29 -15.04 89.50 -49.55
N THR BA 30 -15.49 88.26 -49.69
CA THR BA 30 -16.86 87.99 -50.07
C THR BA 30 -17.82 88.48 -48.98
N VAL BA 31 -18.74 89.36 -49.37
CA VAL BA 31 -19.73 89.95 -48.46
C VAL BA 31 -21.09 89.95 -49.16
N THR BA 32 -22.07 89.29 -48.53
CA THR BA 32 -23.37 89.11 -49.16
C THR BA 32 -24.16 90.41 -49.19
N ASN BA 33 -24.63 90.79 -50.37
CA ASN BA 33 -25.30 92.07 -50.61
C ASN BA 33 -24.42 93.24 -50.19
N GLY BA 34 -23.11 93.05 -50.24
CA GLY BA 34 -22.20 94.05 -49.70
C GLY BA 34 -20.87 94.19 -50.41
N LEU BA 35 -19.92 94.81 -49.72
CA LEU BA 35 -18.70 95.28 -50.36
C LEU BA 35 -17.65 95.54 -49.29
N ASN BA 36 -16.46 94.99 -49.45
CA ASN BA 36 -15.34 95.24 -48.56
C ASN BA 36 -14.34 96.16 -49.25
N VAL BA 37 -14.08 97.33 -48.68
CA VAL BA 37 -12.98 98.18 -49.13
C VAL BA 37 -12.02 98.38 -47.97
N SER BA 38 -10.74 98.12 -48.21
CA SER BA 38 -9.74 98.39 -47.20
C SER BA 38 -8.89 99.57 -47.64
N VAL BA 39 -8.06 100.04 -46.73
CA VAL BA 39 -7.20 101.16 -47.06
C VAL BA 39 -5.99 100.63 -47.82
N SER BA 40 -5.58 101.33 -48.87
CA SER BA 40 -4.33 100.99 -49.51
C SER BA 40 -3.17 101.72 -48.85
N GLU BA 41 -3.42 102.43 -47.76
CA GLU BA 41 -2.41 103.27 -47.13
C GLU BA 41 -1.78 102.61 -45.91
N ASP BA 42 -2.48 101.68 -45.27
CA ASP BA 42 -1.85 100.83 -44.28
C ASP BA 42 -1.21 99.64 -45.00
N THR BA 43 -0.06 99.22 -44.48
CA THR BA 43 0.78 98.25 -45.19
C THR BA 43 0.68 96.83 -44.66
N ASP BA 44 0.50 96.65 -43.35
CA ASP BA 44 0.46 95.32 -42.74
C ASP BA 44 -0.95 94.75 -42.85
N TYR BA 45 -1.07 93.55 -43.43
CA TYR BA 45 -2.40 92.98 -43.65
C TYR BA 45 -3.08 92.66 -42.33
N ARG BA 46 -2.32 92.20 -41.33
CA ARG BA 46 -2.85 91.99 -39.99
C ARG BA 46 -3.63 93.21 -39.49
N THR BA 47 -2.98 94.37 -39.45
CA THR BA 47 -3.54 95.54 -38.81
C THR BA 47 -4.11 96.55 -39.82
N ARG BA 48 -4.45 96.11 -41.03
CA ARG BA 48 -4.90 97.04 -42.05
C ARG BA 48 -6.39 97.31 -41.89
N ARG BA 49 -6.72 98.59 -41.69
CA ARG BA 49 -8.08 99.02 -41.42
C ARG BA 49 -8.98 98.75 -42.62
N ASN BA 50 -10.18 98.23 -42.35
CA ASN BA 50 -11.08 97.97 -43.48
C ASN BA 50 -12.54 98.22 -43.11
N ALA BA 51 -13.33 98.57 -44.12
CA ALA BA 51 -14.73 98.85 -43.95
C ALA BA 51 -15.55 97.93 -44.86
N THR BA 52 -16.80 97.73 -44.46
CA THR BA 52 -17.71 96.83 -45.14
C THR BA 52 -19.09 97.47 -45.19
N PHE BA 53 -19.61 97.56 -46.40
CA PHE BA 53 -20.87 98.22 -46.73
C PHE BA 53 -21.87 97.14 -47.12
N LYS BA 54 -22.93 96.99 -46.34
CA LYS BA 54 -24.04 96.12 -46.72
C LYS BA 54 -25.26 96.97 -47.03
N SER BA 55 -26.08 96.51 -47.97
CA SER BA 55 -27.18 97.28 -48.50
C SER BA 55 -28.36 96.36 -48.80
N ARG BA 56 -29.53 96.70 -48.24
CA ARG BA 56 -30.77 95.97 -48.50
C ARG BA 56 -31.86 97.00 -48.81
N VAL BA 57 -32.47 96.87 -49.98
CA VAL BA 57 -33.44 97.83 -50.50
C VAL BA 57 -34.82 97.57 -49.93
N PRO BA 58 -35.69 98.58 -49.86
CA PRO BA 58 -37.10 98.33 -49.53
C PRO BA 58 -37.72 97.38 -50.54
N THR BA 59 -38.32 96.31 -50.03
CA THR BA 59 -38.96 95.30 -50.85
C THR BA 59 -40.45 95.31 -50.58
N VAL BA 60 -41.24 95.31 -51.65
CA VAL BA 60 -42.68 95.30 -51.55
C VAL BA 60 -43.16 93.89 -51.27
N VAL BA 61 -44.07 93.75 -50.30
CA VAL BA 61 -44.69 92.47 -49.99
C VAL BA 61 -46.16 92.73 -49.66
N ASN BA 62 -47.05 92.06 -50.40
CA ASN BA 62 -48.49 92.17 -50.17
C ASN BA 62 -48.97 93.61 -50.35
N GLY BA 63 -48.43 94.29 -51.36
CA GLY BA 63 -48.93 95.59 -51.76
C GLY BA 63 -48.31 96.79 -51.08
N ASN BA 64 -47.40 96.60 -50.13
CA ASN BA 64 -46.77 97.74 -49.49
C ASN BA 64 -45.32 97.42 -49.11
N TYR BA 65 -44.57 98.48 -48.83
CA TYR BA 65 -43.12 98.40 -48.73
C TYR BA 65 -42.67 98.03 -47.33
N SER BA 66 -41.45 97.49 -47.27
CA SER BA 66 -40.75 97.23 -46.02
C SER BA 66 -39.55 98.17 -45.95
N LYS BA 67 -39.27 98.70 -44.75
CA LYS BA 67 -38.18 99.64 -44.61
C LYS BA 67 -36.85 98.98 -44.99
N GLY BA 68 -35.99 99.75 -45.66
CA GLY BA 68 -34.70 99.25 -46.09
C GLY BA 68 -33.60 99.59 -45.10
N LYS BA 69 -32.46 98.91 -45.26
CA LYS BA 69 -31.39 98.94 -44.27
C LYS BA 69 -30.04 99.02 -44.95
N ASN BA 70 -29.24 100.02 -44.56
CA ASN BA 70 -27.90 100.21 -45.12
C ASN BA 70 -26.90 100.26 -43.97
N GLU BA 71 -26.08 99.22 -43.86
CA GLU BA 71 -25.07 99.11 -42.80
C GLU BA 71 -23.70 99.47 -43.33
N VAL BA 72 -22.87 100.01 -42.44
CA VAL BA 72 -21.44 100.12 -42.64
C VAL BA 72 -20.78 99.65 -41.37
N VAL BA 73 -19.62 99.01 -41.51
CA VAL BA 73 -18.80 98.67 -40.35
C VAL BA 73 -17.34 98.96 -40.70
N PHE BA 74 -16.71 99.81 -39.90
CA PHE BA 74 -15.31 100.15 -40.05
C PHE BA 74 -14.54 99.50 -38.92
N VAL BA 75 -13.42 98.86 -39.25
CA VAL BA 75 -12.72 97.99 -38.33
C VAL BA 75 -11.24 98.36 -38.29
N ILE BA 76 -10.73 98.53 -37.08
CA ILE BA 76 -9.32 98.63 -36.76
C ILE BA 76 -8.88 97.31 -36.13
N PRO BA 77 -8.16 96.45 -36.83
CA PRO BA 77 -7.63 95.25 -36.19
C PRO BA 77 -6.45 95.61 -35.29
N MET BA 78 -6.32 94.88 -34.19
CA MET BA 78 -5.13 94.98 -33.35
C MET BA 78 -4.80 93.61 -32.78
N SER BA 79 -3.52 93.27 -32.76
CA SER BA 79 -3.09 92.04 -32.13
C SER BA 79 -2.96 92.29 -30.62
N LEU BA 80 -3.52 91.38 -29.83
CA LEU BA 80 -3.42 91.48 -28.39
C LEU BA 80 -2.13 90.82 -27.91
N ASP BA 81 -1.78 91.10 -26.65
CA ASP BA 81 -0.61 90.48 -26.06
C ASP BA 81 -0.75 88.96 -26.00
N SER BA 82 -1.98 88.47 -25.90
CA SER BA 82 -2.25 87.03 -25.83
C SER BA 82 -2.09 86.32 -27.17
N GLY BA 83 -1.94 87.07 -28.26
CA GLY BA 83 -1.74 86.46 -29.56
C GLY BA 83 -2.93 86.61 -30.48
N GLU BA 84 -4.14 86.40 -29.96
CA GLU BA 84 -5.34 86.56 -30.77
C GLU BA 84 -5.44 87.99 -31.29
N THR BA 85 -5.71 88.12 -32.58
CA THR BA 85 -6.00 89.41 -33.16
C THR BA 85 -7.49 89.70 -32.99
N VAL BA 86 -7.80 90.89 -32.46
CA VAL BA 86 -9.19 91.28 -32.20
C VAL BA 86 -9.51 92.52 -33.01
N PHE BA 87 -10.78 92.63 -33.42
CA PHE BA 87 -11.24 93.74 -34.24
C PHE BA 87 -11.90 94.81 -33.38
N ASN BA 88 -11.67 96.07 -33.73
CA ASN BA 88 -12.33 97.20 -33.09
C ASN BA 88 -13.31 97.78 -34.08
N SER BA 89 -14.57 97.88 -33.68
CA SER BA 89 -15.67 98.08 -34.62
C SER BA 89 -16.38 99.39 -34.35
N VAL BA 90 -16.68 100.11 -35.42
CA VAL BA 90 -17.75 101.11 -35.39
C VAL BA 90 -18.73 100.71 -36.48
N ARG BA 91 -20.00 100.54 -36.11
CA ARG BA 91 -21.02 100.05 -37.01
C ARG BA 91 -22.14 101.06 -37.04
N ILE BA 92 -22.50 101.49 -38.25
CA ILE BA 92 -23.56 102.47 -38.45
C ILE BA 92 -24.56 101.89 -39.43
N ALA BA 93 -25.73 101.55 -38.93
CA ALA BA 93 -26.83 101.07 -39.74
C ALA BA 93 -27.88 102.18 -39.85
N LEU BA 94 -28.55 102.24 -40.99
CA LEU BA 94 -29.54 103.28 -41.23
C LEU BA 94 -30.71 102.66 -41.99
N GLU BA 95 -31.87 102.61 -41.33
CA GLU BA 95 -33.07 101.97 -41.83
C GLU BA 95 -34.10 103.06 -42.14
N ILE BA 96 -34.50 103.15 -43.39
CA ILE BA 96 -35.41 104.18 -43.87
C ILE BA 96 -36.64 103.53 -44.46
N HIS BA 97 -37.81 104.05 -44.11
CA HIS BA 97 -39.01 103.66 -44.83
C HIS BA 97 -39.16 104.54 -46.07
N PRO BA 98 -39.59 103.96 -47.20
CA PRO BA 98 -39.66 104.75 -48.44
C PRO BA 98 -40.48 106.02 -48.32
N ALA BA 99 -41.38 106.11 -47.35
CA ALA BA 99 -42.23 107.28 -47.20
C ALA BA 99 -41.52 108.46 -46.54
N LEU BA 100 -40.32 108.27 -46.00
CA LEU BA 100 -39.64 109.39 -45.35
C LEU BA 100 -39.21 110.41 -46.40
N ALA BA 101 -39.22 111.68 -45.98
CA ALA BA 101 -38.79 112.76 -46.86
C ALA BA 101 -37.32 112.62 -47.23
N SER BA 102 -37.02 112.92 -48.50
CA SER BA 102 -35.64 112.95 -48.96
C SER BA 102 -34.78 113.80 -48.05
N ALA BA 103 -35.31 114.94 -47.60
CA ALA BA 103 -34.55 115.83 -46.72
C ALA BA 103 -34.38 115.23 -45.33
N SER BA 104 -35.40 114.54 -44.81
CA SER BA 104 -35.28 113.92 -43.50
C SER BA 104 -34.32 112.73 -43.52
N VAL BA 105 -34.06 112.14 -44.68
CA VAL BA 105 -33.02 111.12 -44.77
C VAL BA 105 -31.66 111.71 -44.43
N LYS BA 106 -31.29 112.79 -45.11
CA LYS BA 106 -30.04 113.47 -44.77
C LYS BA 106 -30.08 114.05 -43.36
N ASP BA 107 -31.24 114.49 -42.87
CA ASP BA 107 -31.30 114.95 -41.47
C ASP BA 107 -30.92 113.80 -40.53
N LEU BA 108 -31.38 112.57 -40.82
CA LEU BA 108 -30.99 111.42 -40.00
C LEU BA 108 -29.49 111.16 -40.07
N ARG BA 109 -28.93 111.21 -41.28
CA ARG BA 109 -27.49 110.98 -41.41
C ARG BA 109 -26.70 111.96 -40.57
N LEU BA 110 -27.08 113.25 -40.62
CA LEU BA 110 -26.32 114.28 -39.92
C LEU BA 110 -26.59 114.25 -38.42
N ILE BA 111 -27.83 113.97 -38.01
CA ILE BA 111 -28.13 113.93 -36.59
C ILE BA 111 -27.50 112.70 -35.96
N GLY BA 112 -27.32 111.62 -36.73
CA GLY BA 112 -26.61 110.47 -36.21
C GLY BA 112 -25.13 110.74 -36.08
N ALA BA 113 -24.51 111.25 -37.16
CA ALA BA 113 -23.09 111.57 -37.09
C ALA BA 113 -22.80 112.60 -36.01
N GLN BA 114 -23.77 113.45 -35.71
CA GLN BA 114 -23.61 114.45 -34.68
C GLN BA 114 -23.69 113.85 -33.28
N LEU BA 115 -24.29 112.67 -33.14
CA LEU BA 115 -24.29 111.97 -31.86
C LEU BA 115 -22.96 111.28 -31.57
N LEU BA 116 -22.17 110.96 -32.60
CA LEU BA 116 -20.81 110.47 -32.36
C LEU BA 116 -19.88 111.58 -31.91
N THR BA 117 -19.90 112.72 -32.59
CA THR BA 117 -18.81 113.69 -32.46
C THR BA 117 -19.07 114.78 -31.42
N ASP BA 118 -20.32 115.11 -31.15
CA ASP BA 118 -20.61 116.26 -30.31
C ASP BA 118 -20.14 116.02 -28.88
N ALA BA 119 -19.41 116.99 -28.33
CA ALA BA 119 -18.73 116.84 -27.05
C ALA BA 119 -19.66 116.48 -25.91
N ASP BA 120 -20.94 116.84 -26.01
CA ASP BA 120 -21.92 116.43 -25.00
C ASP BA 120 -21.89 114.92 -24.77
N TYR BA 121 -21.84 114.14 -25.84
CA TYR BA 121 -21.81 112.70 -25.69
C TYR BA 121 -20.39 112.17 -25.53
N ASP BA 122 -19.42 113.07 -25.51
CA ASP BA 122 -18.02 112.70 -25.50
C ASP BA 122 -17.71 111.83 -24.29
N SER BA 123 -18.37 112.07 -23.15
CA SER BA 123 -18.17 111.23 -21.98
C SER BA 123 -18.87 109.88 -22.14
N PHE BA 124 -19.94 109.81 -22.92
CA PHE BA 124 -20.66 108.56 -23.10
C PHE BA 124 -19.84 107.55 -23.89
N TRP BA 125 -19.36 107.94 -25.07
CA TRP BA 125 -18.68 107.00 -25.95
C TRP BA 125 -17.37 106.51 -25.32
N THR BA 126 -16.57 107.44 -24.79
CA THR BA 126 -15.26 107.09 -24.27
C THR BA 126 -15.39 106.24 -23.00
N LEU BA 127 -16.14 106.74 -22.03
CA LEU BA 127 -16.19 106.13 -20.71
C LEU BA 127 -17.32 105.13 -20.56
N GLY BA 128 -18.18 104.99 -21.56
CA GLY BA 128 -19.39 104.20 -21.36
C GLY BA 128 -20.27 104.75 -20.26
N ALA BA 129 -20.35 106.08 -20.15
CA ALA BA 129 -20.98 106.75 -19.01
C ALA BA 129 -22.42 107.10 -19.33
N LEU BA 130 -23.35 106.56 -18.53
CA LEU BA 130 -24.77 106.87 -18.65
C LEU BA 130 -25.09 108.01 -17.68
N ALA BA 131 -25.37 109.18 -18.22
CA ALA BA 131 -25.74 110.34 -17.41
C ALA BA 131 -26.23 111.43 -18.35
N SER CA 1 -18.64 105.26 -56.06
CA SER CA 1 -18.17 106.37 -55.24
C SER CA 1 -17.71 105.87 -53.87
N ILE CA 2 -18.13 104.65 -53.51
CA ILE CA 2 -17.61 104.02 -52.30
C ILE CA 2 -16.18 103.55 -52.53
N ILE CA 3 -15.93 102.91 -53.68
CA ILE CA 3 -14.58 102.47 -54.01
C ILE CA 3 -13.71 103.69 -54.31
N GLY CA 4 -12.53 103.73 -53.70
CA GLY CA 4 -11.64 104.85 -53.95
C GLY CA 4 -12.10 106.16 -53.35
N SER CA 5 -12.87 106.12 -52.28
CA SER CA 5 -13.22 107.32 -51.55
C SER CA 5 -12.13 107.66 -50.53
N SER CA 6 -12.08 108.93 -50.14
CA SER CA 6 -11.05 109.45 -49.26
C SER CA 6 -11.69 110.12 -48.05
N ILE CA 7 -11.16 109.82 -46.86
CA ILE CA 7 -11.69 110.34 -45.59
C ILE CA 7 -10.53 110.63 -44.64
N LYS CA 8 -10.73 111.59 -43.72
CA LYS CA 8 -9.65 112.03 -42.85
C LYS CA 8 -9.51 111.10 -41.64
N THR CA 9 -8.29 110.62 -41.38
CA THR CA 9 -8.00 109.94 -40.13
C THR CA 9 -7.26 110.87 -39.19
N GLY CA 10 -7.33 110.55 -37.90
CA GLY CA 10 -6.72 111.37 -36.88
C GLY CA 10 -7.13 112.82 -37.03
N ALA CA 11 -8.41 113.04 -37.25
CA ALA CA 11 -8.89 114.41 -37.37
C ALA CA 11 -8.93 115.08 -36.00
N THR CA 12 -8.64 116.38 -35.99
CA THR CA 12 -8.65 117.14 -34.74
C THR CA 12 -10.07 117.24 -34.17
N SER CA 13 -11.04 117.60 -35.00
CA SER CA 13 -12.45 117.57 -34.59
C SER CA 13 -13.33 117.69 -35.82
N ALA CA 14 -14.61 117.44 -35.62
CA ALA CA 14 -15.61 117.59 -36.66
C ALA CA 14 -16.73 118.48 -36.15
N SER CA 15 -17.47 119.07 -37.08
CA SER CA 15 -18.51 120.04 -36.72
C SER CA 15 -19.58 120.03 -37.79
N ILE CA 16 -20.57 120.91 -37.62
CA ILE CA 16 -21.76 120.86 -38.44
C ILE CA 16 -22.25 122.29 -38.72
N THR CA 17 -22.27 122.67 -39.99
CA THR CA 17 -22.85 123.93 -40.41
C THR CA 17 -24.35 123.70 -40.55
N GLY CA 18 -25.11 124.15 -39.54
CA GLY CA 18 -26.40 123.58 -39.24
C GLY CA 18 -27.51 124.62 -39.05
N GLY CA 19 -28.71 124.10 -38.85
CA GLY CA 19 -29.90 124.90 -38.64
C GLY CA 19 -30.33 125.00 -37.19
N SER CA 20 -31.57 124.62 -36.89
CA SER CA 20 -32.17 124.88 -35.59
C SER CA 20 -31.75 123.84 -34.55
N ASP CA 21 -31.85 124.23 -33.28
CA ASP CA 21 -31.52 123.35 -32.16
C ASP CA 21 -32.60 122.31 -31.92
N ILE CA 22 -32.22 121.25 -31.22
CA ILE CA 22 -33.15 120.25 -30.73
C ILE CA 22 -32.60 119.73 -29.40
N THR CA 23 -33.50 119.55 -28.42
CA THR CA 23 -33.09 119.31 -27.04
C THR CA 23 -33.71 118.03 -26.51
N PHE CA 24 -32.90 117.22 -25.81
CA PHE CA 24 -33.31 115.93 -25.28
C PHE CA 24 -33.73 116.06 -23.81
N ALA CA 25 -34.75 115.28 -23.44
CA ALA CA 25 -35.18 115.18 -22.05
C ALA CA 25 -35.48 113.72 -21.75
N LEU CA 26 -35.50 113.40 -20.46
CA LEU CA 26 -35.61 112.00 -20.03
C LEU CA 26 -37.02 111.46 -20.27
N THR CA 27 -37.09 110.29 -20.92
CA THR CA 27 -38.36 109.70 -21.38
C THR CA 27 -38.99 108.77 -20.36
N GLY CA 28 -38.19 108.15 -19.51
CA GLY CA 28 -38.73 107.13 -18.64
C GLY CA 28 -39.34 105.95 -19.37
N GLN CA 29 -38.77 105.57 -20.51
CA GLN CA 29 -39.06 104.28 -21.13
C GLN CA 29 -38.01 103.30 -20.63
N THR CA 30 -38.46 102.28 -19.90
CA THR CA 30 -37.53 101.36 -19.27
C THR CA 30 -36.64 100.71 -20.33
N VAL CA 31 -35.34 100.95 -20.21
CA VAL CA 31 -34.34 100.45 -21.17
C VAL CA 31 -33.19 99.86 -20.40
N THR CA 32 -32.94 98.57 -20.61
CA THR CA 32 -31.88 97.88 -19.87
C THR CA 32 -30.52 98.43 -20.28
N ASN CA 33 -29.70 98.75 -19.28
CA ASN CA 33 -28.33 99.21 -19.47
C ASN CA 33 -28.29 100.53 -20.23
N GLY CA 34 -29.30 101.37 -20.08
CA GLY CA 34 -29.31 102.59 -20.87
C GLY CA 34 -30.47 103.50 -20.55
N LEU CA 35 -30.59 104.52 -21.38
CA LEU CA 35 -31.54 105.61 -21.22
C LEU CA 35 -32.37 105.77 -22.49
N ASN CA 36 -33.54 106.39 -22.32
CA ASN CA 36 -34.31 106.92 -23.44
C ASN CA 36 -34.53 108.41 -23.19
N VAL CA 37 -34.13 109.23 -24.16
CA VAL CA 37 -34.39 110.66 -24.12
C VAL CA 37 -35.08 111.04 -25.43
N SER CA 38 -36.21 111.73 -25.34
CA SER CA 38 -36.88 112.19 -26.55
C SER CA 38 -36.78 113.70 -26.63
N VAL CA 39 -37.06 114.22 -27.83
CA VAL CA 39 -36.96 115.65 -28.05
C VAL CA 39 -38.25 116.29 -27.57
N SER CA 40 -38.14 117.13 -26.53
CA SER CA 40 -39.30 117.82 -26.01
C SER CA 40 -39.74 118.96 -26.90
N GLU CA 41 -39.11 119.10 -28.06
CA GLU CA 41 -39.39 120.19 -28.97
C GLU CA 41 -40.36 119.80 -30.09
N ASP CA 42 -40.61 118.52 -30.28
CA ASP CA 42 -41.71 118.06 -31.11
C ASP CA 42 -42.96 117.96 -30.26
N THR CA 43 -44.11 118.37 -30.82
CA THR CA 43 -45.31 118.58 -30.02
C THR CA 43 -46.21 117.36 -29.90
N ASP CA 44 -46.11 116.40 -30.82
CA ASP CA 44 -47.04 115.27 -30.89
C ASP CA 44 -46.28 113.99 -30.55
N TYR CA 45 -46.63 113.38 -29.40
CA TYR CA 45 -45.90 112.20 -28.93
C TYR CA 45 -45.84 111.13 -30.02
N ARG CA 46 -46.96 110.89 -30.68
CA ARG CA 46 -47.06 109.86 -31.71
C ARG CA 46 -45.94 109.95 -32.74
N THR CA 47 -45.30 111.12 -32.89
CA THR CA 47 -44.16 111.31 -33.80
C THR CA 47 -43.04 112.12 -33.17
N ARG CA 48 -42.71 111.90 -31.89
CA ARG CA 48 -41.55 112.56 -31.30
C ARG CA 48 -40.28 111.75 -31.52
N ARG CA 49 -39.33 112.36 -32.22
CA ARG CA 49 -38.01 111.81 -32.40
C ARG CA 49 -37.39 111.50 -31.05
N ASN CA 50 -36.95 110.26 -30.85
CA ASN CA 50 -36.32 109.90 -29.58
C ASN CA 50 -35.00 109.19 -29.85
N ALA CA 51 -34.27 108.93 -28.77
CA ALA CA 51 -32.97 108.30 -28.89
C ALA CA 51 -32.75 107.45 -27.66
N THR CA 52 -32.09 106.32 -27.85
CA THR CA 52 -31.84 105.36 -26.80
C THR CA 52 -30.35 105.06 -26.74
N PHE CA 53 -29.80 105.15 -25.54
CA PHE CA 53 -28.38 104.97 -25.29
C PHE CA 53 -28.20 103.68 -24.48
N LYS CA 54 -27.32 102.80 -24.97
CA LYS CA 54 -27.00 101.56 -24.26
C LYS CA 54 -25.50 101.45 -24.07
N SER CA 55 -25.10 100.77 -22.99
CA SER CA 55 -23.68 100.60 -22.66
C SER CA 55 -23.49 99.23 -22.01
N ARG CA 56 -23.01 98.27 -22.80
CA ARG CA 56 -22.58 96.98 -22.28
C ARG CA 56 -21.09 97.02 -22.01
N VAL CA 57 -20.69 96.56 -20.83
CA VAL CA 57 -19.32 96.70 -20.35
C VAL CA 57 -18.49 95.50 -20.80
N PRO CA 58 -17.16 95.63 -20.83
CA PRO CA 58 -16.32 94.48 -21.14
C PRO CA 58 -16.44 93.41 -20.06
N THR CA 59 -16.31 92.16 -20.49
CA THR CA 59 -16.44 91.00 -19.62
C THR CA 59 -15.05 90.51 -19.22
N VAL CA 60 -14.89 90.22 -17.93
CA VAL CA 60 -13.63 89.74 -17.39
C VAL CA 60 -13.70 88.22 -17.35
N VAL CA 61 -12.95 87.55 -18.23
CA VAL CA 61 -12.94 86.10 -18.32
C VAL CA 61 -11.49 85.66 -18.12
N ASN CA 62 -11.13 85.37 -16.88
CA ASN CA 62 -9.85 84.76 -16.55
C ASN CA 62 -8.68 85.57 -17.10
N GLY CA 63 -8.65 86.85 -16.74
CA GLY CA 63 -7.60 87.74 -17.18
C GLY CA 63 -7.74 88.27 -18.60
N ASN CA 64 -8.72 87.80 -19.37
CA ASN CA 64 -8.94 88.27 -20.73
C ASN CA 64 -10.21 89.11 -20.79
N TYR CA 65 -10.17 90.22 -21.52
CA TYR CA 65 -11.32 91.12 -21.58
C TYR CA 65 -11.90 91.14 -22.99
N SER CA 66 -13.22 91.02 -23.07
CA SER CA 66 -13.95 91.19 -24.32
C SER CA 66 -14.14 92.67 -24.61
N LYS CA 67 -14.36 92.99 -25.87
CA LYS CA 67 -14.68 94.36 -26.22
C LYS CA 67 -16.03 94.74 -25.63
N GLY CA 68 -16.15 96.01 -25.22
CA GLY CA 68 -17.42 96.56 -24.80
C GLY CA 68 -18.15 97.22 -25.95
N LYS CA 69 -19.40 97.59 -25.69
CA LYS CA 69 -20.29 98.03 -26.76
C LYS CA 69 -21.14 99.20 -26.28
N ASN CA 70 -21.07 100.32 -26.99
CA ASN CA 70 -21.89 101.49 -26.67
C ASN CA 70 -22.76 101.82 -27.88
N GLU CA 71 -24.08 101.67 -27.73
CA GLU CA 71 -25.02 101.91 -28.82
C GLU CA 71 -25.79 103.20 -28.60
N VAL CA 72 -26.19 103.80 -29.72
CA VAL CA 72 -27.21 104.83 -29.75
C VAL CA 72 -28.16 104.48 -30.88
N VAL CA 73 -29.45 104.69 -30.64
CA VAL CA 73 -30.50 104.45 -31.63
C VAL CA 73 -31.35 105.71 -31.67
N PHE CA 74 -31.29 106.45 -32.77
CA PHE CA 74 -32.11 107.63 -32.97
C PHE CA 74 -33.25 107.25 -33.91
N VAL CA 75 -34.46 107.70 -33.58
CA VAL CA 75 -35.67 107.22 -34.22
C VAL CA 75 -36.57 108.40 -34.57
N ILE CA 76 -36.95 108.48 -35.84
CA ILE CA 76 -38.03 109.33 -36.33
C ILE CA 76 -39.25 108.47 -36.57
N PRO CA 77 -40.25 108.49 -35.70
CA PRO CA 77 -41.50 107.80 -36.02
C PRO CA 77 -42.35 108.64 -36.98
N MET CA 78 -42.95 107.95 -37.95
CA MET CA 78 -43.80 108.62 -38.93
C MET CA 78 -45.08 107.82 -39.12
N SER CA 79 -46.18 108.56 -39.29
CA SER CA 79 -47.50 107.98 -39.48
C SER CA 79 -47.72 107.78 -40.97
N LEU CA 80 -47.94 106.54 -41.38
CA LEU CA 80 -48.15 106.24 -42.79
C LEU CA 80 -49.55 106.65 -43.21
N ASP CA 81 -49.75 106.69 -44.54
CA ASP CA 81 -51.08 106.89 -45.08
C ASP CA 81 -52.02 105.78 -44.63
N SER CA 82 -51.49 104.57 -44.45
CA SER CA 82 -52.23 103.40 -43.99
C SER CA 82 -52.75 103.54 -42.56
N GLY CA 83 -52.30 104.55 -41.81
CA GLY CA 83 -52.58 104.66 -40.40
C GLY CA 83 -51.55 103.99 -39.52
N GLU CA 84 -50.91 102.92 -39.99
CA GLU CA 84 -49.85 102.27 -39.23
C GLU CA 84 -48.62 103.18 -39.18
N THR CA 85 -48.15 103.45 -37.97
CA THR CA 85 -46.97 104.30 -37.77
C THR CA 85 -45.74 103.40 -37.64
N VAL CA 86 -44.65 103.80 -38.29
CA VAL CA 86 -43.41 103.02 -38.32
C VAL CA 86 -42.25 103.93 -37.94
N PHE CA 87 -41.05 103.34 -37.88
CA PHE CA 87 -39.88 103.99 -37.31
C PHE CA 87 -38.73 104.04 -38.30
N ASN CA 88 -38.17 105.23 -38.50
CA ASN CA 88 -36.94 105.44 -39.25
C ASN CA 88 -35.79 105.50 -38.27
N SER CA 89 -34.80 104.63 -38.44
CA SER CA 89 -33.84 104.33 -37.38
C SER CA 89 -32.42 104.51 -37.88
N VAL CA 90 -31.68 105.43 -37.30
CA VAL CA 90 -30.24 105.45 -37.44
C VAL CA 90 -29.64 104.87 -36.15
N ARG CA 91 -28.83 103.82 -36.29
CA ARG CA 91 -28.22 103.14 -35.15
C ARG CA 91 -26.71 103.19 -35.31
N ILE CA 92 -26.01 103.58 -34.24
CA ILE CA 92 -24.55 103.66 -34.25
C ILE CA 92 -24.04 102.95 -33.01
N ALA CA 93 -23.32 101.85 -33.23
CA ALA CA 93 -22.77 101.03 -32.17
C ALA CA 93 -21.25 101.04 -32.28
N LEU CA 94 -20.59 101.28 -31.16
CA LEU CA 94 -19.13 101.37 -31.14
C LEU CA 94 -18.60 100.34 -30.15
N GLU CA 95 -17.91 99.33 -30.70
CA GLU CA 95 -17.37 98.20 -29.95
C GLU CA 95 -15.87 98.35 -29.85
N ILE CA 96 -15.37 98.48 -28.63
CA ILE CA 96 -13.97 98.80 -28.38
C ILE CA 96 -13.42 97.87 -27.30
N HIS CA 97 -12.23 97.30 -27.56
CA HIS CA 97 -11.46 96.63 -26.54
C HIS CA 97 -10.68 97.66 -25.71
N PRO CA 98 -10.60 97.49 -24.39
CA PRO CA 98 -10.02 98.55 -23.55
C PRO CA 98 -8.58 98.88 -23.85
N ALA CA 99 -7.85 97.97 -24.52
CA ALA CA 99 -6.45 98.18 -24.80
C ALA CA 99 -6.19 99.09 -26.01
N LEU CA 100 -7.23 99.52 -26.71
CA LEU CA 100 -7.02 100.44 -27.82
C LEU CA 100 -6.70 101.84 -27.30
N ALA CA 101 -5.90 102.56 -28.08
CA ALA CA 101 -5.47 103.90 -27.68
C ALA CA 101 -6.65 104.85 -27.59
N SER CA 102 -6.63 105.69 -26.54
CA SER CA 102 -7.66 106.69 -26.34
C SER CA 102 -7.83 107.56 -27.57
N ALA CA 103 -6.73 107.79 -28.31
CA ALA CA 103 -6.79 108.61 -29.51
C ALA CA 103 -7.44 107.85 -30.67
N SER CA 104 -7.15 106.55 -30.79
CA SER CA 104 -7.78 105.76 -31.86
C SER CA 104 -9.27 105.59 -31.63
N VAL CA 105 -9.72 105.60 -30.37
CA VAL CA 105 -11.15 105.54 -30.12
C VAL CA 105 -11.86 106.76 -30.74
N LYS CA 106 -11.33 107.96 -30.48
CA LYS CA 106 -11.95 109.15 -31.04
C LYS CA 106 -11.74 109.24 -32.55
N ASP CA 107 -10.59 108.79 -33.06
CA ASP CA 107 -10.45 108.68 -34.51
C ASP CA 107 -11.56 107.80 -35.10
N LEU CA 108 -11.93 106.74 -34.37
CA LEU CA 108 -12.95 105.82 -34.87
C LEU CA 108 -14.33 106.48 -34.87
N ARG CA 109 -14.64 107.23 -33.81
CA ARG CA 109 -15.88 108.03 -33.79
C ARG CA 109 -15.95 108.97 -34.99
N LEU CA 110 -14.88 109.71 -35.23
CA LEU CA 110 -14.91 110.70 -36.31
C LEU CA 110 -14.92 110.05 -37.68
N ILE CA 111 -14.27 108.91 -37.83
CA ILE CA 111 -14.25 108.26 -39.14
C ILE CA 111 -15.61 107.67 -39.47
N GLY CA 112 -16.33 107.17 -38.45
CA GLY CA 112 -17.71 106.76 -38.65
C GLY CA 112 -18.59 107.94 -39.03
N ALA CA 113 -18.41 109.07 -38.33
CA ALA CA 113 -19.20 110.26 -38.68
C ALA CA 113 -18.96 110.67 -40.13
N GLN CA 114 -17.71 110.62 -40.59
CA GLN CA 114 -17.46 110.97 -41.98
C GLN CA 114 -18.14 109.98 -42.91
N LEU CA 115 -18.05 108.69 -42.61
CA LEU CA 115 -18.74 107.69 -43.43
C LEU CA 115 -20.24 108.00 -43.54
N LEU CA 116 -20.85 108.52 -42.47
CA LEU CA 116 -22.24 108.98 -42.60
C LEU CA 116 -22.38 110.20 -43.51
N THR CA 117 -21.61 111.25 -43.27
CA THR CA 117 -21.97 112.56 -43.81
C THR CA 117 -21.25 112.96 -45.09
N ASP CA 118 -20.22 112.23 -45.52
CA ASP CA 118 -19.48 112.65 -46.71
C ASP CA 118 -20.31 112.47 -47.96
N ALA CA 119 -20.00 113.27 -48.98
CA ALA CA 119 -20.78 113.24 -50.21
C ALA CA 119 -20.48 111.99 -51.03
N ASP CA 120 -19.26 111.47 -50.93
CA ASP CA 120 -18.88 110.23 -51.63
C ASP CA 120 -19.87 109.10 -51.36
N TYR CA 121 -20.51 109.11 -50.19
CA TYR CA 121 -21.36 108.01 -49.77
C TYR CA 121 -22.84 108.32 -49.95
N ASP CA 122 -23.18 109.50 -50.48
CA ASP CA 122 -24.57 109.89 -50.71
C ASP CA 122 -25.32 108.81 -51.49
N SER CA 123 -24.73 108.35 -52.59
CA SER CA 123 -25.39 107.33 -53.41
C SER CA 123 -25.68 106.08 -52.59
N PHE CA 124 -24.66 105.58 -51.86
CA PHE CA 124 -24.83 104.40 -51.02
C PHE CA 124 -25.99 104.56 -50.05
N TRP CA 125 -25.89 105.57 -49.17
CA TRP CA 125 -26.89 105.71 -48.12
C TRP CA 125 -28.28 105.90 -48.69
N THR CA 126 -28.45 106.87 -49.60
CA THR CA 126 -29.79 107.22 -50.06
C THR CA 126 -30.39 106.13 -50.94
N LEU CA 127 -29.70 105.77 -52.02
CA LEU CA 127 -30.24 104.87 -53.03
C LEU CA 127 -30.02 103.39 -52.70
N GLY CA 128 -29.07 103.09 -51.83
CA GLY CA 128 -28.65 101.72 -51.59
C GLY CA 128 -27.59 101.22 -52.56
N ALA CA 129 -26.96 102.11 -53.31
CA ALA CA 129 -26.10 101.69 -54.41
C ALA CA 129 -24.78 101.15 -53.88
N LEU CA 130 -24.46 99.91 -54.26
CA LEU CA 130 -23.15 99.37 -53.94
C LEU CA 130 -22.10 99.89 -54.92
N ALA CA 131 -20.85 99.62 -54.60
CA ALA CA 131 -19.70 100.03 -55.42
C ALA CA 131 -19.60 101.54 -55.66
N SER DA 1 17.32 75.88 -73.43
CA SER DA 1 16.83 77.25 -73.46
C SER DA 1 16.14 77.62 -72.14
N ILE DA 2 15.42 76.68 -71.52
CA ILE DA 2 14.91 76.90 -70.18
C ILE DA 2 16.06 76.87 -69.18
N ILE DA 3 16.94 75.88 -69.30
CA ILE DA 3 18.10 75.81 -68.43
C ILE DA 3 19.10 76.88 -68.86
N GLY DA 4 19.43 77.77 -67.93
CA GLY DA 4 20.34 78.86 -68.22
C GLY DA 4 19.67 80.15 -68.64
N SER DA 5 18.35 80.17 -68.77
CA SER DA 5 17.65 81.39 -69.15
C SER DA 5 17.84 82.46 -68.08
N SER DA 6 17.81 83.72 -68.51
CA SER DA 6 17.97 84.86 -67.64
C SER DA 6 16.76 85.78 -67.77
N ILE DA 7 16.24 86.23 -66.63
CA ILE DA 7 15.05 87.08 -66.59
C ILE DA 7 15.24 88.12 -65.49
N LYS DA 8 14.64 89.29 -65.69
CA LYS DA 8 14.84 90.42 -64.78
C LYS DA 8 13.97 90.27 -63.54
N THR DA 9 14.58 90.43 -62.36
CA THR DA 9 13.82 90.59 -61.13
C THR DA 9 13.96 92.01 -60.63
N GLY DA 10 13.06 92.40 -59.73
CA GLY DA 10 13.00 93.79 -59.29
C GLY DA 10 12.82 94.76 -60.43
N ALA DA 11 12.02 94.39 -61.43
CA ALA DA 11 11.81 95.26 -62.57
C ALA DA 11 10.86 96.40 -62.21
N THR DA 12 11.10 97.56 -62.81
CA THR DA 12 10.24 98.71 -62.58
C THR DA 12 8.84 98.47 -63.16
N SER DA 13 8.77 98.18 -64.46
CA SER DA 13 7.47 97.89 -65.08
C SER DA 13 7.68 97.17 -66.39
N ALA DA 14 6.63 96.49 -66.85
CA ALA DA 14 6.65 95.78 -68.11
C ALA DA 14 5.72 96.46 -69.11
N SER DA 15 6.05 96.32 -70.39
CA SER DA 15 5.29 96.98 -71.44
C SER DA 15 5.23 96.04 -72.64
N ILE DA 16 4.46 96.43 -73.64
CA ILE DA 16 4.27 95.57 -74.80
C ILE DA 16 4.15 96.41 -76.06
N THR DA 17 5.08 96.22 -77.00
CA THR DA 17 5.03 96.87 -78.30
C THR DA 17 4.11 96.04 -79.19
N GLY DA 18 2.90 96.55 -79.42
CA GLY DA 18 1.88 95.73 -80.04
C GLY DA 18 0.88 96.41 -80.94
N GLY DA 19 -0.12 95.64 -81.37
CA GLY DA 19 -1.08 96.09 -82.36
C GLY DA 19 -2.36 96.70 -81.81
N SER DA 20 -3.49 96.14 -82.20
CA SER DA 20 -4.79 96.76 -81.95
C SER DA 20 -5.25 96.55 -80.52
N ASP DA 21 -6.16 97.43 -80.09
CA ASP DA 21 -6.76 97.36 -78.77
C ASP DA 21 -7.85 96.30 -78.72
N ILE DA 22 -8.19 95.89 -77.49
CA ILE DA 22 -9.34 95.05 -77.25
C ILE DA 22 -9.92 95.46 -75.90
N THR DA 23 -11.24 95.46 -75.79
CA THR DA 23 -11.89 95.98 -74.59
C THR DA 23 -12.84 94.93 -74.01
N PHE DA 24 -12.91 94.93 -72.68
CA PHE DA 24 -13.74 94.00 -71.94
C PHE DA 24 -15.02 94.67 -71.44
N ALA DA 25 -16.10 93.91 -71.42
CA ALA DA 25 -17.32 94.34 -70.76
C ALA DA 25 -17.89 93.18 -69.98
N LEU DA 26 -18.65 93.50 -68.94
CA LEU DA 26 -19.14 92.48 -68.02
C LEU DA 26 -20.16 91.56 -68.71
N THR DA 27 -19.92 90.25 -68.62
CA THR DA 27 -20.70 89.28 -69.38
C THR DA 27 -22.10 89.11 -68.80
N GLY DA 28 -22.21 89.00 -67.49
CA GLY DA 28 -23.45 88.56 -66.89
C GLY DA 28 -23.58 87.06 -66.83
N GLN DA 29 -22.52 86.31 -67.11
CA GLN DA 29 -22.48 84.90 -66.77
C GLN DA 29 -22.17 84.78 -65.29
N THR DA 30 -23.04 84.08 -64.56
CA THR DA 30 -22.86 83.94 -63.12
C THR DA 30 -21.65 83.06 -62.85
N VAL DA 31 -20.69 83.58 -62.09
CA VAL DA 31 -19.47 82.85 -61.74
C VAL DA 31 -19.26 82.94 -60.24
N THR DA 32 -19.10 81.78 -59.60
CA THR DA 32 -18.91 81.72 -58.16
C THR DA 32 -17.59 82.35 -57.76
N ASN DA 33 -17.65 83.27 -56.80
CA ASN DA 33 -16.50 84.05 -56.34
C ASN DA 33 -15.79 84.78 -57.47
N GLY DA 34 -16.48 84.98 -58.60
CA GLY DA 34 -15.78 85.44 -59.77
C GLY DA 34 -16.60 86.31 -60.69
N LEU DA 35 -15.98 86.62 -61.82
CA LEU DA 35 -16.46 87.60 -62.78
C LEU DA 35 -16.17 87.07 -64.17
N ASN DA 36 -17.04 87.40 -65.12
CA ASN DA 36 -16.78 87.09 -66.52
C ASN DA 36 -16.89 88.39 -67.32
N VAL DA 37 -15.82 88.75 -68.01
CA VAL DA 37 -15.83 89.87 -68.94
C VAL DA 37 -15.43 89.34 -70.31
N SER DA 38 -16.23 89.62 -71.32
CA SER DA 38 -15.88 89.16 -72.66
C SER DA 38 -15.52 90.36 -73.53
N VAL DA 39 -15.06 90.03 -74.74
CA VAL DA 39 -14.58 91.02 -75.67
C VAL DA 39 -15.77 91.69 -76.38
N SER DA 40 -15.94 92.97 -76.14
CA SER DA 40 -16.99 93.74 -76.80
C SER DA 40 -16.68 94.01 -78.26
N GLU DA 41 -15.57 93.50 -78.78
CA GLU DA 41 -15.09 93.85 -80.10
C GLU DA 41 -15.16 92.71 -81.10
N ASP DA 42 -15.20 91.46 -80.61
CA ASP DA 42 -15.50 90.33 -81.46
C ASP DA 42 -17.02 90.22 -81.62
N THR DA 43 -17.46 89.99 -82.86
CA THR DA 43 -18.85 90.19 -83.22
C THR DA 43 -19.72 88.94 -83.05
N ASP DA 44 -19.12 87.75 -83.01
CA ASP DA 44 -19.88 86.50 -82.91
C ASP DA 44 -19.57 85.87 -81.56
N TYR DA 45 -20.59 85.76 -80.70
CA TYR DA 45 -20.41 85.15 -79.39
C TYR DA 45 -19.76 83.79 -79.49
N ARG DA 46 -20.16 83.01 -80.50
CA ARG DA 46 -19.61 81.67 -80.73
C ARG DA 46 -18.10 81.66 -80.66
N THR DA 47 -17.45 82.77 -81.07
CA THR DA 47 -16.00 82.90 -81.03
C THR DA 47 -15.52 84.14 -80.27
N ARG DA 48 -16.32 84.67 -79.34
CA ARG DA 48 -15.86 85.81 -78.54
C ARG DA 48 -14.90 85.36 -77.44
N ARG DA 49 -13.66 85.82 -77.55
CA ARG DA 49 -12.68 85.68 -76.49
C ARG DA 49 -13.28 86.21 -75.18
N ASN DA 50 -13.09 85.46 -74.10
CA ASN DA 50 -13.55 85.98 -72.81
C ASN DA 50 -12.61 85.57 -71.69
N ALA DA 51 -12.62 86.37 -70.62
CA ALA DA 51 -11.77 86.15 -69.47
C ALA DA 51 -12.63 86.05 -68.22
N THR DA 52 -12.20 85.19 -67.30
CA THR DA 52 -12.89 84.95 -66.05
C THR DA 52 -11.93 85.14 -64.89
N PHE DA 53 -12.35 85.93 -63.92
CA PHE DA 53 -11.55 86.36 -62.79
C PHE DA 53 -12.11 85.76 -61.51
N LYS DA 54 -11.35 84.91 -60.85
CA LYS DA 54 -11.74 84.38 -59.56
C LYS DA 54 -10.80 84.88 -58.47
N SER DA 55 -11.34 85.00 -57.26
CA SER DA 55 -10.60 85.59 -56.16
C SER DA 55 -10.99 84.95 -54.84
N ARG DA 56 -10.01 84.50 -54.08
CA ARG DA 56 -10.19 84.09 -52.70
C ARG DA 56 -9.15 84.77 -51.82
N VAL DA 57 -9.64 85.42 -50.76
CA VAL DA 57 -8.89 86.25 -49.82
C VAL DA 57 -8.26 85.34 -48.76
N PRO DA 58 -7.15 85.72 -48.14
CA PRO DA 58 -6.57 84.90 -47.07
C PRO DA 58 -7.54 84.65 -45.93
N THR DA 59 -7.63 83.39 -45.52
CA THR DA 59 -8.48 82.96 -44.42
C THR DA 59 -7.64 82.73 -43.18
N VAL DA 60 -8.16 83.15 -42.02
CA VAL DA 60 -7.44 83.11 -40.75
C VAL DA 60 -7.99 81.98 -39.88
N VAL DA 61 -7.10 81.11 -39.42
CA VAL DA 61 -7.42 80.03 -38.48
C VAL DA 61 -6.66 80.33 -37.18
N ASN DA 62 -7.40 80.86 -36.19
CA ASN DA 62 -6.89 81.13 -34.84
C ASN DA 62 -5.54 81.85 -34.89
N GLY DA 63 -5.47 82.89 -35.71
CA GLY DA 63 -4.31 83.74 -35.81
C GLY DA 63 -3.36 83.43 -36.96
N ASN DA 64 -3.50 82.27 -37.60
CA ASN DA 64 -2.61 81.88 -38.69
C ASN DA 64 -3.29 82.12 -40.04
N TYR DA 65 -2.61 82.84 -40.93
CA TYR DA 65 -3.19 83.19 -42.21
C TYR DA 65 -2.84 82.16 -43.28
N SER DA 66 -3.77 81.98 -44.23
CA SER DA 66 -3.59 81.08 -45.37
C SER DA 66 -3.34 81.90 -46.62
N LYS DA 67 -2.40 81.44 -47.44
CA LYS DA 67 -2.13 82.09 -48.71
C LYS DA 67 -3.39 82.12 -49.58
N GLY DA 68 -3.73 83.31 -50.07
CA GLY DA 68 -4.88 83.48 -50.93
C GLY DA 68 -4.55 83.31 -52.39
N LYS DA 69 -5.60 83.28 -53.21
CA LYS DA 69 -5.50 82.81 -54.59
C LYS DA 69 -6.28 83.71 -55.53
N ASN DA 70 -5.61 84.27 -56.54
CA ASN DA 70 -6.26 85.09 -57.55
C ASN DA 70 -6.04 84.45 -58.91
N GLU DA 71 -7.11 83.89 -59.50
CA GLU DA 71 -7.03 83.23 -60.80
C GLU DA 71 -7.60 84.12 -61.90
N VAL DA 72 -7.02 83.97 -63.09
CA VAL DA 72 -7.58 84.51 -64.32
C VAL DA 72 -7.49 83.41 -65.37
N VAL DA 73 -8.52 83.28 -66.18
CA VAL DA 73 -8.50 82.38 -67.32
C VAL DA 73 -9.00 83.13 -68.54
N PHE DA 74 -8.25 83.05 -69.63
CA PHE DA 74 -8.56 83.74 -70.87
C PHE DA 74 -8.74 82.69 -71.95
N VAL DA 75 -9.80 82.83 -72.74
CA VAL DA 75 -10.26 81.75 -73.61
C VAL DA 75 -10.50 82.30 -75.02
N ILE DA 76 -9.90 81.64 -76.00
CA ILE DA 76 -10.24 81.75 -77.41
C ILE DA 76 -11.08 80.53 -77.79
N PRO DA 77 -12.38 80.67 -78.01
CA PRO DA 77 -13.16 79.52 -78.49
C PRO DA 77 -13.00 79.35 -79.99
N MET DA 78 -12.87 78.10 -80.43
CA MET DA 78 -12.83 77.81 -81.85
C MET DA 78 -13.62 76.54 -82.11
N SER DA 79 -14.37 76.53 -83.21
CA SER DA 79 -15.08 75.34 -83.64
C SER DA 79 -14.16 74.49 -84.51
N LEU DA 80 -14.14 73.19 -84.24
CA LEU DA 80 -13.28 72.26 -84.97
C LEU DA 80 -13.97 71.78 -86.24
N ASP DA 81 -13.18 71.11 -87.09
CA ASP DA 81 -13.75 70.41 -88.22
C ASP DA 81 -14.74 69.35 -87.76
N SER DA 82 -14.62 68.89 -86.51
CA SER DA 82 -15.56 67.97 -85.89
C SER DA 82 -16.92 68.62 -85.62
N GLY DA 83 -17.02 69.93 -85.75
CA GLY DA 83 -18.23 70.64 -85.32
C GLY DA 83 -18.16 71.00 -83.86
N GLU DA 84 -17.61 70.08 -83.06
CA GLU DA 84 -17.32 70.34 -81.65
C GLU DA 84 -16.53 71.64 -81.50
N THR DA 85 -16.94 72.46 -80.53
CA THR DA 85 -16.26 73.72 -80.24
C THR DA 85 -15.42 73.54 -78.98
N VAL DA 86 -14.13 73.86 -79.09
CA VAL DA 86 -13.17 73.69 -78.01
C VAL DA 86 -12.65 75.06 -77.58
N PHE DA 87 -12.27 75.15 -76.30
CA PHE DA 87 -11.81 76.40 -75.71
C PHE DA 87 -10.29 76.36 -75.56
N ASN DA 88 -9.60 77.38 -76.08
CA ASN DA 88 -8.16 77.50 -76.00
C ASN DA 88 -7.79 78.44 -74.85
N SER DA 89 -7.04 77.92 -73.89
CA SER DA 89 -6.97 78.51 -72.55
C SER DA 89 -5.56 78.99 -72.23
N VAL DA 90 -5.50 80.14 -71.56
CA VAL DA 90 -4.33 80.54 -70.78
C VAL DA 90 -4.81 80.91 -69.38
N ARG DA 91 -4.22 80.30 -68.35
CA ARG DA 91 -4.68 80.46 -66.98
C ARG DA 91 -3.51 80.89 -66.11
N ILE DA 92 -3.70 81.98 -65.38
CA ILE DA 92 -2.66 82.54 -64.51
C ILE DA 92 -3.24 82.68 -63.11
N ALA DA 93 -2.63 81.97 -62.17
CA ALA DA 93 -3.08 81.93 -60.78
C ALA DA 93 -1.93 82.38 -59.89
N LEU DA 94 -2.18 83.41 -59.08
CA LEU DA 94 -1.18 83.96 -58.18
C LEU DA 94 -1.61 83.76 -56.74
N GLU DA 95 -0.81 82.99 -56.00
CA GLU DA 95 -1.12 82.60 -54.62
C GLU DA 95 -0.10 83.27 -53.70
N ILE DA 96 -0.59 84.15 -52.84
CA ILE DA 96 0.27 85.01 -52.01
C ILE DA 96 -0.13 84.87 -50.55
N HIS DA 97 0.87 84.73 -49.68
CA HIS DA 97 0.65 84.84 -48.26
C HIS DA 97 0.71 86.31 -47.85
N PRO DA 98 -0.15 86.74 -46.91
CA PRO DA 98 -0.20 88.19 -46.57
C PRO DA 98 1.13 88.75 -46.09
N ALA DA 99 2.02 87.93 -45.58
CA ALA DA 99 3.27 88.43 -45.03
C ALA DA 99 4.31 88.79 -46.08
N LEU DA 100 4.06 88.48 -47.35
CA LEU DA 100 5.05 88.73 -48.39
C LEU DA 100 5.21 90.23 -48.64
N ALA DA 101 6.41 90.61 -49.07
CA ALA DA 101 6.69 92.01 -49.37
C ALA DA 101 5.80 92.51 -50.50
N SER DA 102 5.25 93.72 -50.30
CA SER DA 102 4.42 94.36 -51.31
C SER DA 102 5.11 94.40 -52.66
N ALA DA 103 6.41 94.68 -52.68
CA ALA DA 103 7.15 94.74 -53.94
C ALA DA 103 7.45 93.36 -54.50
N SER DA 104 7.63 92.35 -53.63
CA SER DA 104 7.81 90.99 -54.12
C SER DA 104 6.54 90.49 -54.80
N VAL DA 105 5.37 90.97 -54.39
CA VAL DA 105 4.13 90.60 -55.09
C VAL DA 105 4.20 91.01 -56.55
N LYS DA 106 4.49 92.30 -56.80
CA LYS DA 106 4.57 92.76 -58.17
C LYS DA 106 5.78 92.17 -58.91
N ASP DA 107 6.86 91.85 -58.19
CA ASP DA 107 7.95 91.15 -58.84
C ASP DA 107 7.51 89.76 -59.33
N LEU DA 108 6.65 89.09 -58.56
CA LEU DA 108 6.09 87.81 -59.04
C LEU DA 108 5.25 88.00 -60.28
N ARG DA 109 4.39 89.02 -60.29
CA ARG DA 109 3.61 89.30 -61.50
C ARG DA 109 4.52 89.47 -62.72
N LEU DA 110 5.56 90.30 -62.56
CA LEU DA 110 6.43 90.61 -63.70
C LEU DA 110 7.29 89.41 -64.10
N ILE DA 111 7.73 88.61 -63.14
CA ILE DA 111 8.59 87.47 -63.48
C ILE DA 111 7.76 86.38 -64.14
N GLY DA 112 6.50 86.20 -63.70
CA GLY DA 112 5.60 85.32 -64.40
C GLY DA 112 5.38 85.76 -65.83
N ALA DA 113 5.15 87.06 -66.03
CA ALA DA 113 4.94 87.55 -67.40
C ALA DA 113 6.16 87.31 -68.27
N GLN DA 114 7.37 87.51 -67.72
CA GLN DA 114 8.57 87.25 -68.50
C GLN DA 114 8.66 85.77 -68.86
N LEU DA 115 8.24 84.89 -67.95
CA LEU DA 115 8.27 83.45 -68.25
C LEU DA 115 7.36 83.10 -69.43
N LEU DA 116 6.29 83.87 -69.67
CA LEU DA 116 5.51 83.69 -70.89
C LEU DA 116 6.16 84.33 -72.11
N THR DA 117 6.68 85.54 -71.98
CA THR DA 117 6.97 86.33 -73.17
C THR DA 117 8.45 86.50 -73.49
N ASP DA 118 9.33 85.75 -72.84
CA ASP DA 118 10.73 85.78 -73.27
C ASP DA 118 10.98 84.74 -74.34
N ALA DA 119 11.95 85.04 -75.22
CA ALA DA 119 12.26 84.15 -76.32
C ALA DA 119 12.82 82.82 -75.83
N ASP DA 120 13.57 82.85 -74.72
CA ASP DA 120 14.18 81.64 -74.17
C ASP DA 120 13.17 80.51 -74.00
N TYR DA 121 11.89 80.85 -73.81
CA TYR DA 121 10.88 79.86 -73.50
C TYR DA 121 9.99 79.53 -74.69
N ASP DA 122 10.19 80.21 -75.83
CA ASP DA 122 9.36 79.98 -77.01
C ASP DA 122 9.23 78.50 -77.31
N SER DA 123 10.35 77.77 -77.30
CA SER DA 123 10.31 76.35 -77.61
C SER DA 123 9.42 75.60 -76.63
N PHE DA 124 9.59 75.88 -75.33
CA PHE DA 124 8.76 75.27 -74.30
C PHE DA 124 7.28 75.50 -74.56
N TRP DA 125 6.88 76.78 -74.63
CA TRP DA 125 5.45 77.08 -74.73
C TRP DA 125 4.85 76.51 -76.01
N THR DA 126 5.45 76.79 -77.17
CA THR DA 126 4.85 76.38 -78.42
C THR DA 126 4.83 74.86 -78.55
N LEU DA 127 6.01 74.22 -78.44
CA LEU DA 127 6.10 72.80 -78.73
C LEU DA 127 5.89 71.92 -77.51
N GLY DA 128 6.37 72.34 -76.35
CA GLY DA 128 6.37 71.51 -75.16
C GLY DA 128 7.74 71.00 -74.75
N ALA DA 129 8.80 71.60 -75.27
CA ALA DA 129 10.17 71.20 -75.01
C ALA DA 129 10.53 71.37 -73.53
N LEU DA 130 11.32 70.43 -73.03
CA LEU DA 130 11.64 70.36 -71.61
C LEU DA 130 13.11 70.61 -71.30
N ALA DA 131 13.89 71.13 -72.24
CA ALA DA 131 15.30 71.44 -71.98
C ALA DA 131 15.49 72.92 -71.65
N SER EA 1 -34.19 -82.87 94.16
CA SER EA 1 -34.40 -82.66 95.59
C SER EA 1 -34.42 -81.17 95.94
N ILE EA 2 -34.93 -80.35 95.02
CA ILE EA 2 -34.98 -78.91 95.23
C ILE EA 2 -36.12 -78.55 96.18
N ILE EA 3 -37.33 -79.02 95.88
CA ILE EA 3 -38.50 -78.72 96.71
C ILE EA 3 -38.32 -79.38 98.06
N GLY EA 4 -38.24 -78.56 99.12
CA GLY EA 4 -38.06 -79.08 100.46
C GLY EA 4 -36.63 -79.13 100.93
N SER EA 5 -35.67 -78.69 100.12
CA SER EA 5 -34.28 -78.67 100.58
C SER EA 5 -34.12 -77.71 101.76
N SER EA 6 -33.11 -77.96 102.57
CA SER EA 6 -32.84 -77.19 103.78
C SER EA 6 -31.39 -76.73 103.77
N ILE EA 7 -31.17 -75.44 104.01
CA ILE EA 7 -29.84 -74.85 104.10
C ILE EA 7 -29.80 -73.87 105.27
N LYS EA 8 -28.61 -73.37 105.56
CA LYS EA 8 -28.34 -72.60 106.77
C LYS EA 8 -28.23 -71.11 106.44
N THR EA 9 -28.99 -70.28 107.16
CA THR EA 9 -28.83 -68.84 107.09
C THR EA 9 -28.14 -68.34 108.36
N GLY EA 10 -27.45 -67.21 108.23
CA GLY EA 10 -26.64 -66.71 109.33
C GLY EA 10 -25.61 -67.70 109.81
N ALA EA 11 -24.94 -68.37 108.88
CA ALA EA 11 -23.88 -69.30 109.26
C ALA EA 11 -22.66 -68.52 109.75
N THR EA 12 -22.01 -69.06 110.77
CA THR EA 12 -20.78 -68.44 111.27
C THR EA 12 -19.72 -68.40 110.18
N SER EA 13 -19.45 -69.53 109.52
CA SER EA 13 -18.52 -69.55 108.39
C SER EA 13 -18.74 -70.82 107.58
N ALA EA 14 -18.04 -70.90 106.45
CA ALA EA 14 -18.02 -72.10 105.62
C ALA EA 14 -16.58 -72.52 105.41
N SER EA 15 -16.39 -73.82 105.19
CA SER EA 15 -15.05 -74.39 105.12
C SER EA 15 -15.07 -75.55 104.15
N ILE EA 16 -13.89 -76.11 103.88
CA ILE EA 16 -13.76 -77.14 102.84
C ILE EA 16 -12.73 -78.17 103.26
N THR EA 17 -13.13 -79.45 103.23
CA THR EA 17 -12.23 -80.58 103.45
C THR EA 17 -11.81 -81.09 102.09
N GLY EA 18 -10.57 -80.80 101.70
CA GLY EA 18 -10.19 -81.06 100.33
C GLY EA 18 -8.70 -81.14 100.11
N GLY EA 19 -8.34 -81.38 98.85
CA GLY EA 19 -6.99 -81.76 98.46
C GLY EA 19 -6.00 -80.64 98.20
N SER EA 20 -5.41 -80.64 97.01
CA SER EA 20 -4.22 -79.82 96.75
C SER EA 20 -4.58 -78.35 96.58
N ASP EA 21 -3.59 -77.49 96.88
CA ASP EA 21 -3.74 -76.06 96.70
C ASP EA 21 -3.62 -75.67 95.24
N ILE EA 22 -4.21 -74.54 94.91
CA ILE EA 22 -3.98 -73.86 93.64
C ILE EA 22 -3.78 -72.39 93.95
N THR EA 23 -2.81 -71.79 93.27
CA THR EA 23 -2.38 -70.42 93.54
C THR EA 23 -2.61 -69.57 92.31
N PHE EA 24 -3.10 -68.35 92.53
CA PHE EA 24 -3.42 -67.38 91.48
C PHE EA 24 -2.30 -66.38 91.30
N ALA EA 25 -2.25 -65.78 90.12
CA ALA EA 25 -1.32 -64.70 89.81
C ALA EA 25 -1.93 -63.90 88.67
N LEU EA 26 -1.55 -62.63 88.60
CA LEU EA 26 -2.20 -61.72 87.67
C LEU EA 26 -1.81 -62.04 86.23
N THR EA 27 -2.79 -61.97 85.33
CA THR EA 27 -2.65 -62.36 83.93
C THR EA 27 -2.35 -61.19 83.00
N GLY EA 28 -3.03 -60.07 83.16
CA GLY EA 28 -2.88 -58.99 82.22
C GLY EA 28 -3.74 -59.08 80.98
N GLN EA 29 -4.58 -60.11 80.88
CA GLN EA 29 -5.65 -60.06 79.89
C GLN EA 29 -6.58 -58.90 80.22
N THR EA 30 -6.75 -58.01 79.25
CA THR EA 30 -7.49 -56.79 79.47
C THR EA 30 -8.96 -57.10 79.78
N VAL EA 31 -9.42 -56.62 80.94
CA VAL EA 31 -10.78 -56.84 81.41
C VAL EA 31 -11.31 -55.53 81.97
N THR EA 32 -12.42 -55.04 81.41
CA THR EA 32 -12.95 -53.74 81.77
C THR EA 32 -13.58 -53.76 83.16
N ASN EA 33 -13.14 -52.84 84.01
CA ASN EA 33 -13.54 -52.79 85.43
C ASN EA 33 -13.25 -54.11 86.13
N GLY EA 34 -12.23 -54.83 85.65
CA GLY EA 34 -11.98 -56.17 86.15
C GLY EA 34 -10.54 -56.60 86.19
N LEU EA 35 -10.34 -57.91 86.28
CA LEU EA 35 -9.04 -58.46 86.64
C LEU EA 35 -9.01 -59.94 86.25
N ASN EA 36 -7.98 -60.34 85.51
CA ASN EA 36 -7.77 -61.74 85.17
C ASN EA 36 -6.62 -62.30 85.99
N VAL EA 37 -6.88 -63.33 86.80
CA VAL EA 37 -5.82 -64.08 87.47
C VAL EA 37 -5.90 -65.52 87.01
N SER EA 38 -4.79 -66.07 86.54
CA SER EA 38 -4.75 -67.48 86.20
C SER EA 38 -3.89 -68.21 87.22
N VAL EA 39 -3.91 -69.53 87.13
CA VAL EA 39 -3.12 -70.32 88.05
C VAL EA 39 -1.68 -70.37 87.52
N SER EA 40 -0.73 -70.23 88.42
CA SER EA 40 0.65 -70.47 88.02
C SER EA 40 1.02 -71.93 88.17
N GLU EA 41 0.06 -72.78 88.51
CA GLU EA 41 0.34 -74.17 88.80
C GLU EA 41 0.01 -75.09 87.65
N ASP EA 42 -0.89 -74.69 86.76
CA ASP EA 42 -1.04 -75.38 85.50
C ASP EA 42 -0.02 -74.83 84.50
N THR EA 43 0.50 -75.72 83.66
CA THR EA 43 1.64 -75.38 82.83
C THR EA 43 1.28 -75.07 81.38
N ASP EA 44 0.28 -75.75 80.81
CA ASP EA 44 -0.10 -75.56 79.41
C ASP EA 44 -1.03 -74.37 79.28
N TYR EA 45 -0.66 -73.42 78.41
CA TYR EA 45 -1.46 -72.20 78.29
C TYR EA 45 -2.84 -72.50 77.72
N ARG EA 46 -2.93 -73.44 76.78
CA ARG EA 46 -4.21 -73.90 76.25
C ARG EA 46 -5.18 -74.24 77.37
N THR EA 47 -4.79 -75.15 78.27
CA THR EA 47 -5.70 -75.70 79.26
C THR EA 47 -5.49 -75.11 80.64
N ARG EA 48 -4.90 -73.91 80.74
CA ARG EA 48 -4.59 -73.35 82.05
C ARG EA 48 -5.82 -72.63 82.60
N ARG EA 49 -6.26 -73.08 83.78
CA ARG EA 49 -7.47 -72.58 84.41
C ARG EA 49 -7.30 -71.11 84.79
N ASN EA 50 -8.33 -70.30 84.52
CA ASN EA 50 -8.22 -68.89 84.89
C ASN EA 50 -9.55 -68.32 85.34
N ALA EA 51 -9.47 -67.31 86.20
CA ALA EA 51 -10.64 -66.64 86.73
C ALA EA 51 -10.57 -65.15 86.41
N THR EA 52 -11.75 -64.55 86.39
CA THR EA 52 -11.92 -63.15 86.03
C THR EA 52 -12.92 -62.50 86.97
N PHE EA 53 -12.50 -61.41 87.59
CA PHE EA 53 -13.25 -60.68 88.61
C PHE EA 53 -13.65 -59.34 88.01
N LYS EA 54 -14.96 -59.12 87.86
CA LYS EA 54 -15.46 -57.81 87.47
C LYS EA 54 -16.20 -57.19 88.66
N SER EA 55 -16.13 -55.86 88.75
CA SER EA 55 -16.63 -55.14 89.91
C SER EA 55 -17.25 -53.82 89.46
N ARG EA 56 -18.50 -53.59 89.85
CA ARG EA 56 -19.20 -52.33 89.60
C ARG EA 56 -19.85 -51.87 90.90
N VAL EA 57 -19.50 -50.66 91.32
CA VAL EA 57 -19.91 -50.11 92.61
C VAL EA 57 -21.31 -49.50 92.52
N PRO EA 58 -22.03 -49.42 93.62
CA PRO EA 58 -23.28 -48.64 93.63
C PRO EA 58 -23.01 -47.20 93.26
N THR EA 59 -23.75 -46.70 92.27
CA THR EA 59 -23.60 -45.34 91.78
C THR EA 59 -24.88 -44.58 92.07
N VAL EA 60 -24.73 -43.38 92.62
CA VAL EA 60 -25.88 -42.53 92.93
C VAL EA 60 -26.33 -41.83 91.67
N VAL EA 61 -27.65 -41.83 91.45
CA VAL EA 61 -28.24 -41.11 90.33
C VAL EA 61 -29.55 -40.51 90.81
N ASN EA 62 -29.68 -39.18 90.67
CA ASN EA 62 -30.90 -38.46 91.04
C ASN EA 62 -31.21 -38.65 92.53
N GLY EA 63 -30.17 -38.61 93.36
CA GLY EA 63 -30.33 -38.56 94.79
C GLY EA 63 -30.41 -39.90 95.50
N ASN EA 64 -30.35 -41.02 94.77
CA ASN EA 64 -30.39 -42.31 95.45
C ASN EA 64 -29.58 -43.33 94.67
N TYR EA 65 -29.27 -44.43 95.35
CA TYR EA 65 -28.26 -45.38 94.91
C TYR EA 65 -28.85 -46.44 93.98
N SER EA 66 -27.97 -47.02 93.16
CA SER EA 66 -28.27 -48.17 92.34
C SER EA 66 -27.50 -49.37 92.87
N LYS EA 67 -28.14 -50.54 92.87
CA LYS EA 67 -27.48 -51.73 93.41
C LYS EA 67 -26.20 -52.04 92.62
N GLY EA 68 -25.17 -52.46 93.33
CA GLY EA 68 -23.90 -52.79 92.71
C GLY EA 68 -23.77 -54.27 92.42
N LYS EA 69 -22.79 -54.60 91.58
CA LYS EA 69 -22.68 -55.94 91.00
C LYS EA 69 -21.22 -56.39 90.98
N ASN EA 70 -20.95 -57.56 91.56
CA ASN EA 70 -19.61 -58.12 91.60
C ASN EA 70 -19.65 -59.52 91.00
N GLU EA 71 -19.06 -59.69 89.82
CA GLU EA 71 -19.04 -60.96 89.12
C GLU EA 71 -17.67 -61.64 89.29
N VAL EA 72 -17.70 -62.96 89.27
CA VAL EA 72 -16.52 -63.79 89.10
C VAL EA 72 -16.87 -64.84 88.07
N VAL EA 73 -15.89 -65.22 87.25
CA VAL EA 73 -16.05 -66.35 86.35
C VAL EA 73 -14.76 -67.17 86.37
N PHE EA 74 -14.88 -68.44 86.71
CA PHE EA 74 -13.77 -69.38 86.75
C PHE EA 74 -13.94 -70.33 85.58
N VAL EA 75 -12.85 -70.55 84.84
CA VAL EA 75 -12.91 -71.24 83.55
C VAL EA 75 -11.87 -72.34 83.53
N ILE EA 76 -12.33 -73.54 83.14
CA ILE EA 76 -11.50 -74.68 82.78
C ILE EA 76 -11.54 -74.82 81.26
N PRO EA 77 -10.48 -74.46 80.54
CA PRO EA 77 -10.47 -74.72 79.10
C PRO EA 77 -10.23 -76.20 78.83
N MET EA 78 -10.84 -76.71 77.76
CA MET EA 78 -10.52 -78.04 77.28
C MET EA 78 -10.61 -78.06 75.77
N SER EA 79 -9.65 -78.73 75.14
CA SER EA 79 -9.70 -78.92 73.70
C SER EA 79 -10.62 -80.08 73.38
N LEU EA 80 -11.53 -79.87 72.43
CA LEU EA 80 -12.43 -80.93 72.01
C LEU EA 80 -11.78 -81.78 70.92
N ASP EA 81 -12.39 -82.94 70.67
CA ASP EA 81 -11.89 -83.82 69.62
C ASP EA 81 -11.95 -83.14 68.26
N SER EA 82 -12.90 -82.21 68.07
CA SER EA 82 -13.06 -81.49 66.81
C SER EA 82 -12.00 -80.43 66.58
N GLY EA 83 -11.19 -80.12 67.59
CA GLY EA 83 -10.14 -79.14 67.43
C GLY EA 83 -10.40 -77.84 68.18
N GLU EA 84 -11.63 -77.34 68.10
CA GLU EA 84 -11.97 -76.12 68.81
C GLU EA 84 -11.77 -76.31 70.31
N THR EA 85 -11.11 -75.35 70.93
CA THR EA 85 -11.00 -75.31 72.37
C THR EA 85 -12.23 -74.61 72.94
N VAL EA 86 -12.87 -75.24 73.92
CA VAL EA 86 -14.09 -74.70 74.52
C VAL EA 86 -13.84 -74.48 76.02
N PHE EA 87 -14.51 -73.47 76.56
CA PHE EA 87 -14.35 -73.09 77.95
C PHE EA 87 -15.47 -73.68 78.79
N ASN EA 88 -15.14 -74.13 80.00
CA ASN EA 88 -16.12 -74.59 80.97
C ASN EA 88 -16.20 -73.55 82.09
N SER EA 89 -17.40 -73.05 82.34
CA SER EA 89 -17.59 -71.84 83.10
C SER EA 89 -18.37 -72.11 84.39
N VAL EA 90 -17.91 -71.52 85.48
CA VAL EA 90 -18.77 -71.28 86.63
C VAL EA 90 -18.72 -69.78 86.88
N ARG EA 91 -19.89 -69.16 86.91
CA ARG EA 91 -20.01 -67.71 87.00
C ARG EA 91 -20.87 -67.40 88.22
N ILE EA 92 -20.34 -66.56 89.11
CA ILE EA 92 -21.04 -66.17 90.33
C ILE EA 92 -21.07 -64.65 90.37
N ALA EA 93 -22.27 -64.10 90.17
CA ALA EA 93 -22.49 -62.67 90.30
C ALA EA 93 -23.26 -62.40 91.59
N LEU EA 94 -22.98 -61.25 92.20
CA LEU EA 94 -23.60 -60.90 93.47
C LEU EA 94 -23.92 -59.41 93.45
N GLU EA 95 -25.21 -59.09 93.46
CA GLU EA 95 -25.72 -57.73 93.34
C GLU EA 95 -26.33 -57.34 94.68
N ILE EA 96 -25.77 -56.30 95.29
CA ILE EA 96 -26.19 -55.84 96.61
C ILE EA 96 -26.66 -54.40 96.52
N HIS EA 97 -27.78 -54.11 97.16
CA HIS EA 97 -28.16 -52.72 97.34
C HIS EA 97 -27.48 -52.17 98.60
N PRO EA 98 -27.00 -50.93 98.57
CA PRO EA 98 -26.25 -50.39 99.72
C PRO EA 98 -27.00 -50.48 101.04
N ALA EA 99 -28.33 -50.58 101.01
CA ALA EA 99 -29.11 -50.63 102.23
C ALA EA 99 -29.10 -52.00 102.90
N LEU EA 100 -28.58 -53.03 102.26
CA LEU EA 100 -28.57 -54.35 102.89
C LEU EA 100 -27.61 -54.36 104.06
N ALA EA 101 -27.96 -55.16 105.08
CA ALA EA 101 -27.12 -55.29 106.25
C ALA EA 101 -25.78 -55.93 105.89
N SER EA 102 -24.71 -55.41 106.52
CA SER EA 102 -23.38 -55.99 106.36
C SER EA 102 -23.42 -57.49 106.61
N ALA EA 103 -24.17 -57.92 107.63
CA ALA EA 103 -24.26 -59.34 107.95
C ALA EA 103 -25.04 -60.11 106.89
N SER EA 104 -26.10 -59.51 106.34
CA SER EA 104 -26.87 -60.19 105.30
C SER EA 104 -26.09 -60.30 104.00
N VAL EA 105 -25.07 -59.46 103.79
CA VAL EA 105 -24.20 -59.63 102.63
C VAL EA 105 -23.45 -60.96 102.72
N LYS EA 106 -22.78 -61.20 103.85
CA LYS EA 106 -22.14 -62.49 104.04
C LYS EA 106 -23.14 -63.64 104.10
N ASP EA 107 -24.35 -63.40 104.62
CA ASP EA 107 -25.35 -64.47 104.57
C ASP EA 107 -25.67 -64.84 103.13
N LEU EA 108 -25.73 -63.86 102.22
CA LEU EA 108 -25.94 -64.16 100.81
C LEU EA 108 -24.78 -64.95 100.22
N ARG EA 109 -23.54 -64.54 100.53
CA ARG EA 109 -22.39 -65.26 100.01
C ARG EA 109 -22.43 -66.73 100.44
N LEU EA 110 -22.73 -66.99 101.71
CA LEU EA 110 -22.71 -68.35 102.22
C LEU EA 110 -23.93 -69.16 101.76
N ILE EA 111 -25.10 -68.52 101.67
CA ILE EA 111 -26.27 -69.24 101.22
C ILE EA 111 -26.17 -69.55 99.73
N GLY EA 112 -25.46 -68.71 98.97
CA GLY EA 112 -25.22 -69.03 97.57
C GLY EA 112 -24.24 -70.16 97.43
N ALA EA 113 -23.08 -70.04 98.09
CA ALA EA 113 -22.10 -71.13 98.02
C ALA EA 113 -22.67 -72.44 98.51
N GLN EA 114 -23.64 -72.38 99.43
CA GLN EA 114 -24.27 -73.57 99.94
C GLN EA 114 -25.23 -74.19 98.94
N LEU EA 115 -25.72 -73.41 97.97
CA LEU EA 115 -26.54 -73.95 96.91
C LEU EA 115 -25.72 -74.69 95.86
N LEU EA 116 -24.42 -74.39 95.71
CA LEU EA 116 -23.56 -75.21 94.86
C LEU EA 116 -23.24 -76.56 95.49
N THR EA 117 -22.85 -76.57 96.76
CA THR EA 117 -22.20 -77.74 97.32
C THR EA 117 -23.15 -78.71 98.02
N ASP EA 118 -24.28 -78.23 98.55
CA ASP EA 118 -25.12 -79.08 99.38
C ASP EA 118 -25.72 -80.21 98.55
N ALA EA 119 -25.60 -81.44 99.08
CA ALA EA 119 -25.95 -82.64 98.33
C ALA EA 119 -27.40 -82.64 97.84
N ASP EA 120 -28.29 -81.91 98.52
CA ASP EA 120 -29.67 -81.79 98.05
C ASP EA 120 -29.73 -81.34 96.60
N TYR EA 121 -28.92 -80.35 96.23
CA TYR EA 121 -28.92 -79.87 94.87
C TYR EA 121 -27.96 -80.66 93.98
N ASP EA 122 -27.30 -81.66 94.56
CA ASP EA 122 -26.26 -82.39 93.87
C ASP EA 122 -26.80 -83.02 92.58
N SER EA 123 -28.07 -83.44 92.59
CA SER EA 123 -28.67 -83.99 91.39
C SER EA 123 -29.00 -82.89 90.37
N PHE EA 124 -29.26 -81.67 90.85
CA PHE EA 124 -29.60 -80.57 89.95
C PHE EA 124 -28.41 -80.15 89.09
N TRP EA 125 -27.29 -79.85 89.73
CA TRP EA 125 -26.14 -79.32 89.01
C TRP EA 125 -25.58 -80.34 88.05
N THR EA 126 -25.40 -81.58 88.51
CA THR EA 126 -24.77 -82.61 87.68
C THR EA 126 -25.68 -83.00 86.52
N LEU EA 127 -26.91 -83.38 86.83
CA LEU EA 127 -27.80 -83.96 85.84
C LEU EA 127 -28.68 -82.93 85.15
N GLY EA 128 -28.64 -81.68 85.58
CA GLY EA 128 -29.61 -80.71 85.08
C GLY EA 128 -31.03 -81.10 85.44
N ALA EA 129 -31.23 -81.67 86.62
CA ALA EA 129 -32.50 -82.30 87.00
C ALA EA 129 -33.37 -81.33 87.77
N LEU EA 130 -34.56 -81.04 87.24
CA LEU EA 130 -35.54 -80.20 87.92
C LEU EA 130 -36.50 -81.09 88.69
N ALA EA 131 -36.40 -81.05 90.01
CA ALA EA 131 -37.27 -81.82 90.88
C ALA EA 131 -37.06 -81.35 92.32
N SER FA 1 -5.68 -58.90 97.62
CA SER FA 1 -5.94 -60.20 98.24
C SER FA 1 -6.51 -61.16 97.20
N ILE FA 2 -6.99 -60.64 96.08
CA ILE FA 2 -7.38 -61.50 94.97
C ILE FA 2 -6.16 -62.05 94.27
N ILE FA 3 -5.16 -61.21 94.03
CA ILE FA 3 -3.93 -61.65 93.40
C ILE FA 3 -3.15 -62.51 94.39
N GLY FA 4 -2.70 -63.67 93.94
CA GLY FA 4 -1.94 -64.53 94.81
C GLY FA 4 -2.74 -65.17 95.92
N SER FA 5 -4.03 -65.38 95.70
CA SER FA 5 -4.85 -66.14 96.63
C SER FA 5 -4.75 -67.63 96.34
N SER FA 6 -5.05 -68.44 97.35
CA SER FA 6 -4.91 -69.89 97.27
C SER FA 6 -6.23 -70.55 97.62
N ILE FA 7 -6.64 -71.54 96.80
CA ILE FA 7 -7.90 -72.26 96.99
C ILE FA 7 -7.71 -73.73 96.64
N LYS FA 8 -8.53 -74.59 97.25
CA LYS FA 8 -8.35 -76.04 97.08
C LYS FA 8 -9.02 -76.52 95.81
N THR FA 9 -8.27 -77.27 94.99
CA THR FA 9 -8.86 -77.99 93.87
C THR FA 9 -9.01 -79.46 94.22
N GLY FA 10 -9.92 -80.13 93.51
CA GLY FA 10 -10.20 -81.53 93.76
C GLY FA 10 -10.47 -81.76 95.22
N ALA FA 11 -11.29 -80.90 95.82
CA ALA FA 11 -11.62 -81.08 97.22
C ALA FA 11 -12.62 -82.24 97.37
N THR FA 12 -12.48 -82.97 98.48
CA THR FA 12 -13.38 -84.09 98.74
C THR FA 12 -14.80 -83.62 98.99
N SER FA 13 -14.98 -82.60 99.83
CA SER FA 13 -16.28 -81.98 100.02
C SER FA 13 -16.11 -80.66 100.75
N ALA FA 14 -17.18 -79.87 100.78
CA ALA FA 14 -17.22 -78.62 101.50
C ALA FA 14 -18.42 -78.62 102.41
N SER FA 15 -18.39 -77.79 103.45
CA SER FA 15 -19.43 -77.77 104.46
C SER FA 15 -19.51 -76.39 105.07
N ILE FA 16 -20.39 -76.25 106.06
CA ILE FA 16 -20.71 -74.93 106.60
C ILE FA 16 -20.97 -75.03 108.09
N THR FA 17 -20.14 -74.35 108.88
CA THR FA 17 -20.35 -74.23 110.32
C THR FA 17 -21.35 -73.10 110.52
N GLY FA 18 -22.60 -73.47 110.76
CA GLY FA 18 -23.72 -72.60 110.47
C GLY FA 18 -24.72 -72.46 111.61
N GLY FA 19 -25.72 -71.62 111.37
CA GLY FA 19 -26.77 -71.33 112.33
C GLY FA 19 -28.08 -72.05 112.02
N SER FA 20 -29.17 -71.31 111.88
CA SER FA 20 -30.51 -71.89 111.82
C SER FA 20 -30.85 -72.40 110.41
N ASP FA 21 -31.80 -73.33 110.37
CA ASP FA 21 -32.27 -73.91 109.11
C ASP FA 21 -33.16 -72.95 108.35
N ILE FA 22 -33.30 -73.21 107.05
CA ILE FA 22 -34.26 -72.53 106.20
C ILE FA 22 -34.73 -73.53 105.16
N THR FA 23 -36.04 -73.53 104.87
CA THR FA 23 -36.66 -74.59 104.08
C THR FA 23 -37.42 -74.02 102.89
N PHE FA 24 -37.24 -74.65 101.73
CA PHE FA 24 -37.83 -74.21 100.48
C PHE FA 24 -39.14 -74.95 100.20
N ALA FA 25 -40.10 -74.23 99.62
CA ALA FA 25 -41.34 -74.83 99.17
C ALA FA 25 -41.70 -74.23 97.81
N LEU FA 26 -42.56 -74.93 97.08
CA LEU FA 26 -42.86 -74.58 95.70
C LEU FA 26 -43.69 -73.29 95.63
N THR FA 27 -43.25 -72.33 94.80
CA THR FA 27 -43.85 -71.00 94.74
C THR FA 27 -44.94 -70.87 93.70
N GLY FA 28 -44.90 -71.69 92.64
CA GLY FA 28 -45.84 -71.49 91.56
C GLY FA 28 -45.71 -70.13 90.89
N GLN FA 29 -44.51 -69.58 90.79
CA GLN FA 29 -44.23 -68.47 89.89
C GLN FA 29 -43.76 -69.05 88.58
N THR FA 30 -44.52 -68.83 87.51
CA THR FA 30 -44.21 -69.44 86.23
C THR FA 30 -42.80 -69.04 85.79
N VAL FA 31 -41.94 -70.04 85.65
CA VAL FA 31 -40.54 -69.83 85.29
C VAL FA 31 -40.18 -70.82 84.19
N THR FA 32 -39.78 -70.31 83.03
CA THR FA 32 -39.46 -71.17 81.90
C THR FA 32 -38.22 -71.99 82.21
N ASN FA 33 -38.31 -73.30 81.95
CA ASN FA 33 -37.20 -74.22 82.10
C ASN FA 33 -36.72 -74.31 83.55
N GLY FA 34 -37.61 -74.11 84.51
CA GLY FA 34 -37.15 -74.10 85.88
C GLY FA 34 -38.26 -73.95 86.88
N LEU FA 35 -37.84 -73.75 88.13
CA LEU FA 35 -38.72 -73.71 89.29
C LEU FA 35 -38.49 -72.43 90.07
N ASN FA 36 -39.48 -72.05 90.87
CA ASN FA 36 -39.33 -71.04 91.92
C ASN FA 36 -39.73 -71.68 93.23
N VAL FA 37 -38.83 -71.64 94.22
CA VAL FA 37 -39.12 -72.10 95.57
C VAL FA 37 -38.76 -70.96 96.52
N SER FA 38 -39.70 -70.59 97.39
CA SER FA 38 -39.40 -69.57 98.38
C SER FA 38 -39.34 -70.21 99.76
N VAL FA 39 -38.77 -69.46 100.70
CA VAL FA 39 -38.62 -69.97 102.05
C VAL FA 39 -39.95 -69.74 102.79
N SER FA 40 -40.60 -70.83 103.17
CA SER FA 40 -41.84 -70.73 103.90
C SER FA 40 -41.62 -70.35 105.35
N GLU FA 41 -40.39 -70.04 105.72
CA GLU FA 41 -40.03 -69.71 107.09
C GLU FA 41 -39.97 -68.22 107.35
N ASP FA 42 -39.97 -67.39 106.31
CA ASP FA 42 -40.18 -65.96 106.44
C ASP FA 42 -41.68 -65.69 106.38
N THR FA 43 -42.16 -64.77 107.21
CA THR FA 43 -43.59 -64.63 107.43
C THR FA 43 -44.28 -63.63 106.50
N ASP FA 44 -43.53 -62.68 105.92
CA ASP FA 44 -44.09 -61.59 105.14
C ASP FA 44 -43.71 -61.75 103.68
N TYR FA 45 -44.70 -62.04 102.82
CA TYR FA 45 -44.42 -62.32 101.41
C TYR FA 45 -43.59 -61.21 100.79
N ARG FA 46 -43.95 -59.96 101.07
CA ARG FA 46 -43.27 -58.79 100.51
C ARG FA 46 -41.76 -58.87 100.66
N THR FA 47 -41.25 -59.66 101.62
CA THR FA 47 -39.81 -59.85 101.82
C THR FA 47 -39.45 -61.31 102.07
N ARG FA 48 -40.06 -62.27 101.35
CA ARG FA 48 -39.64 -63.66 101.47
C ARG FA 48 -38.52 -63.99 100.50
N ARG FA 49 -37.38 -64.38 101.06
CA ARG FA 49 -36.24 -64.87 100.29
C ARG FA 49 -36.70 -66.01 99.41
N ASN FA 50 -36.43 -65.91 98.11
CA ASN FA 50 -36.81 -66.98 97.20
C ASN FA 50 -35.63 -67.35 96.32
N ALA FA 51 -35.80 -68.41 95.54
CA ALA FA 51 -34.73 -68.90 94.68
C ALA FA 51 -35.36 -69.49 93.45
N THR FA 52 -34.68 -69.32 92.33
CA THR FA 52 -35.16 -69.76 91.02
C THR FA 52 -34.09 -70.61 90.38
N PHE FA 53 -34.49 -71.78 89.91
CA PHE FA 53 -33.62 -72.77 89.30
C PHE FA 53 -33.95 -72.89 87.83
N LYS FA 54 -32.94 -72.75 86.98
CA LYS FA 54 -33.11 -72.91 85.54
C LYS FA 54 -32.12 -73.94 85.01
N SER FA 55 -32.52 -74.61 83.92
CA SER FA 55 -31.70 -75.66 83.30
C SER FA 55 -31.91 -75.63 81.80
N ARG FA 56 -30.99 -75.02 81.07
CA ARG FA 56 -30.95 -75.10 79.62
C ARG FA 56 -30.03 -76.24 79.21
N VAL FA 57 -30.51 -77.07 78.29
CA VAL FA 57 -29.84 -78.31 77.91
C VAL FA 57 -28.86 -78.05 76.78
N PRO FA 58 -27.87 -78.92 76.57
CA PRO FA 58 -26.98 -78.76 75.43
C PRO FA 58 -27.73 -78.95 74.12
N THR FA 59 -27.28 -78.23 73.10
CA THR FA 59 -27.91 -78.25 71.79
C THR FA 59 -27.14 -79.18 70.87
N VAL FA 60 -27.87 -80.01 70.13
CA VAL FA 60 -27.27 -80.96 69.19
C VAL FA 60 -27.27 -80.30 67.81
N VAL FA 61 -26.09 -79.93 67.33
CA VAL FA 61 -25.94 -79.28 66.03
C VAL FA 61 -24.99 -80.14 65.22
N ASN FA 62 -25.55 -81.06 64.44
CA ASN FA 62 -24.80 -81.84 63.45
C ASN FA 62 -23.61 -82.55 64.10
N GLY FA 63 -23.90 -83.34 65.13
CA GLY FA 63 -22.88 -84.08 65.84
C GLY FA 63 -22.05 -83.27 66.83
N ASN FA 64 -22.22 -81.96 66.90
CA ASN FA 64 -21.49 -81.12 67.85
C ASN FA 64 -22.43 -80.63 68.94
N TYR FA 65 -21.98 -80.63 70.18
CA TYR FA 65 -22.82 -80.25 71.32
C TYR FA 65 -22.30 -78.96 71.94
N SER FA 66 -23.21 -78.02 72.18
CA SER FA 66 -22.92 -76.81 72.94
C SER FA 66 -22.94 -77.12 74.43
N LYS FA 67 -22.26 -76.28 75.20
CA LYS FA 67 -22.33 -76.42 76.64
C LYS FA 67 -23.75 -76.12 77.12
N GLY FA 68 -24.18 -76.83 78.16
CA GLY FA 68 -25.43 -76.53 78.83
C GLY FA 68 -25.22 -75.60 80.00
N LYS FA 69 -26.34 -75.13 80.56
CA LYS FA 69 -26.29 -74.04 81.54
C LYS FA 69 -27.30 -74.31 82.65
N ASN FA 70 -26.83 -74.35 83.89
CA ASN FA 70 -27.71 -74.53 85.04
C ASN FA 70 -27.56 -73.33 85.96
N GLU FA 71 -28.63 -72.53 86.09
CA GLU FA 71 -28.59 -71.32 86.90
C GLU FA 71 -29.38 -71.51 88.19
N VAL FA 72 -28.94 -70.78 89.22
CA VAL FA 72 -29.73 -70.53 90.41
C VAL FA 72 -29.65 -69.05 90.72
N VAL FA 73 -30.77 -68.48 91.14
CA VAL FA 73 -30.86 -67.07 91.52
C VAL FA 73 -31.53 -67.02 92.88
N PHE FA 74 -30.77 -66.65 93.91
CA PHE FA 74 -31.31 -66.49 95.25
C PHE FA 74 -31.49 -65.00 95.51
N VAL FA 75 -32.63 -64.64 96.09
CA VAL FA 75 -33.06 -63.25 96.17
C VAL FA 75 -33.55 -62.94 97.58
N ILE FA 76 -32.98 -61.90 98.18
CA ILE FA 76 -33.47 -61.26 99.38
C ILE FA 76 -34.17 -59.97 98.97
N PRO FA 77 -35.50 -59.92 98.95
CA PRO FA 77 -36.16 -58.63 98.74
C PRO FA 77 -36.18 -57.81 100.02
N MET FA 78 -35.93 -56.51 99.88
CA MET FA 78 -35.92 -55.61 101.03
C MET FA 78 -36.70 -54.35 100.69
N SER FA 79 -37.43 -53.85 101.68
CA SER FA 79 -38.24 -52.65 101.54
C SER FA 79 -37.38 -51.44 101.92
N LEU FA 80 -37.20 -50.53 100.97
CA LEU FA 80 -36.40 -49.35 101.24
C LEU FA 80 -37.16 -48.36 102.10
N ASP FA 81 -36.42 -47.39 102.63
CA ASP FA 81 -37.03 -46.26 103.32
C ASP FA 81 -37.98 -45.51 102.39
N SER FA 82 -37.63 -45.46 101.09
CA SER FA 82 -38.43 -44.80 100.07
C SER FA 82 -39.79 -45.48 99.83
N GLY FA 83 -40.02 -46.66 100.38
CA GLY FA 83 -41.18 -47.46 100.08
C GLY FA 83 -40.99 -48.42 98.91
N GLU FA 84 -40.13 -48.05 97.95
CA GLU FA 84 -39.83 -48.95 96.85
C GLU FA 84 -39.01 -50.14 97.35
N THR FA 85 -39.49 -51.35 97.07
CA THR FA 85 -38.81 -52.57 97.48
C THR FA 85 -37.95 -53.07 96.33
N VAL FA 86 -36.73 -53.49 96.64
CA VAL FA 86 -35.75 -53.93 95.64
C VAL FA 86 -35.21 -55.29 96.05
N PHE FA 87 -34.33 -55.84 95.21
CA PHE FA 87 -33.89 -57.23 95.32
C PHE FA 87 -32.37 -57.33 95.41
N ASN FA 88 -31.89 -58.05 96.43
CA ASN FA 88 -30.49 -58.41 96.57
C ASN FA 88 -30.31 -59.81 96.01
N SER FA 89 -29.43 -59.97 95.04
CA SER FA 89 -29.43 -61.14 94.17
C SER FA 89 -28.04 -61.78 94.15
N VAL FA 90 -27.96 -63.02 94.62
CA VAL FA 90 -26.79 -63.85 94.32
C VAL FA 90 -27.19 -64.83 93.22
N ARG FA 91 -26.45 -64.81 92.12
CA ARG FA 91 -26.72 -65.66 90.96
C ARG FA 91 -25.51 -66.53 90.68
N ILE FA 92 -25.74 -67.83 90.51
CA ILE FA 92 -24.68 -68.79 90.23
C ILE FA 92 -25.10 -69.62 89.03
N ALA FA 93 -24.35 -69.49 87.94
CA ALA FA 93 -24.62 -70.18 86.69
C ALA FA 93 -23.44 -71.07 86.37
N LEU FA 94 -23.72 -72.33 86.04
CA LEU FA 94 -22.67 -73.29 85.76
C LEU FA 94 -22.88 -73.84 84.36
N GLU FA 95 -21.95 -73.51 83.46
CA GLU FA 95 -22.01 -73.88 82.06
C GLU FA 95 -20.97 -74.96 81.79
N ILE FA 96 -21.44 -76.13 81.37
CA ILE FA 96 -20.59 -77.30 81.22
C ILE FA 96 -20.86 -77.96 79.89
N HIS FA 97 -19.78 -78.31 79.18
CA HIS FA 97 -19.88 -79.20 78.02
C HIS FA 97 -19.91 -80.65 78.49
N PRO FA 98 -20.74 -81.50 77.87
CA PRO FA 98 -20.94 -82.86 78.41
C PRO FA 98 -19.69 -83.70 78.46
N ALA FA 99 -18.66 -83.34 77.68
CA ALA FA 99 -17.44 -84.15 77.62
C ALA FA 99 -16.49 -83.89 78.78
N LEU FA 100 -16.81 -82.95 79.68
CA LEU FA 100 -15.96 -82.73 80.84
C LEU FA 100 -16.13 -83.86 81.84
N ALA FA 101 -15.07 -84.16 82.58
CA ALA FA 101 -15.09 -85.25 83.54
C ALA FA 101 -16.08 -84.95 84.67
N SER FA 102 -16.81 -86.00 85.07
CA SER FA 102 -17.76 -85.89 86.17
C SER FA 102 -17.10 -85.34 87.42
N ALA FA 103 -15.81 -85.65 87.61
CA ALA FA 103 -15.08 -85.15 88.77
C ALA FA 103 -14.73 -83.68 88.63
N SER FA 104 -14.37 -83.24 87.42
CA SER FA 104 -14.07 -81.83 87.22
C SER FA 104 -15.31 -80.96 87.36
N VAL FA 105 -16.49 -81.50 87.05
CA VAL FA 105 -17.71 -80.73 87.26
C VAL FA 105 -17.88 -80.39 88.74
N LYS FA 106 -17.73 -81.38 89.62
CA LYS FA 106 -17.86 -81.12 91.05
C LYS FA 106 -16.70 -80.31 91.59
N ASP FA 107 -15.47 -80.51 91.07
CA ASP FA 107 -14.39 -79.60 91.43
C ASP FA 107 -14.76 -78.16 91.09
N LEU FA 108 -15.47 -77.96 89.98
CA LEU FA 108 -15.83 -76.61 89.56
C LEU FA 108 -16.88 -76.00 90.49
N ARG FA 109 -17.87 -76.81 90.89
CA ARG FA 109 -18.83 -76.37 91.92
C ARG FA 109 -18.14 -75.93 93.19
N LEU FA 110 -17.22 -76.76 93.68
CA LEU FA 110 -16.56 -76.45 94.96
C LEU FA 110 -15.62 -75.27 94.84
N ILE FA 111 -14.97 -75.10 93.69
CA ILE FA 111 -14.03 -74.00 93.54
C ILE FA 111 -14.79 -72.67 93.45
N GLY FA 112 -15.97 -72.69 92.82
CA GLY FA 112 -16.83 -71.51 92.87
C GLY FA 112 -17.29 -71.19 94.27
N ALA FA 113 -17.69 -72.22 95.02
CA ALA FA 113 -18.10 -72.00 96.41
C ALA FA 113 -16.96 -71.37 97.22
N GLN FA 114 -15.73 -71.83 97.02
CA GLN FA 114 -14.62 -71.24 97.75
C GLN FA 114 -14.44 -69.78 97.34
N LEU FA 115 -14.52 -69.50 96.03
CA LEU FA 115 -14.42 -68.12 95.57
C LEU FA 115 -15.45 -67.22 96.27
N LEU FA 116 -16.65 -67.75 96.52
CA LEU FA 116 -17.61 -66.97 97.32
C LEU FA 116 -17.17 -66.80 98.77
N THR FA 117 -16.82 -67.89 99.45
CA THR FA 117 -16.79 -67.84 100.91
C THR FA 117 -15.42 -67.62 101.54
N ASP FA 118 -14.33 -67.70 100.77
CA ASP FA 118 -13.02 -67.56 101.37
C ASP FA 118 -12.76 -66.13 101.83
N ALA FA 119 -11.89 -65.99 102.83
CA ALA FA 119 -11.63 -64.68 103.41
C ALA FA 119 -10.79 -63.81 102.48
N ASP FA 120 -9.92 -64.43 101.67
CA ASP FA 120 -9.11 -63.70 100.70
C ASP FA 120 -9.96 -62.79 99.82
N TYR FA 121 -11.22 -63.16 99.59
CA TYR FA 121 -12.07 -62.43 98.66
C TYR FA 121 -13.06 -61.51 99.37
N ASP FA 122 -13.01 -61.44 100.71
CA ASP FA 122 -13.90 -60.57 101.46
C ASP FA 122 -13.87 -59.14 100.92
N SER FA 123 -12.67 -58.60 100.74
CA SER FA 123 -12.55 -57.22 100.26
C SER FA 123 -13.23 -57.07 98.91
N PHE FA 124 -12.96 -57.97 97.97
CA PHE FA 124 -13.59 -57.92 96.65
C PHE FA 124 -15.11 -57.90 96.75
N TRP FA 125 -15.68 -58.95 97.34
CA TRP FA 125 -17.13 -59.07 97.35
C TRP FA 125 -17.78 -57.89 98.07
N THR FA 126 -17.34 -57.60 99.29
CA THR FA 126 -18.04 -56.60 100.09
C THR FA 126 -17.82 -55.18 99.54
N LEU FA 127 -16.57 -54.77 99.42
CA LEU FA 127 -16.23 -53.39 99.08
C LEU FA 127 -16.21 -53.13 97.57
N GLY FA 128 -16.09 -54.19 96.77
CA GLY FA 128 -15.87 -54.04 95.34
C GLY FA 128 -14.41 -53.86 94.96
N ALA FA 129 -13.47 -54.13 95.87
CA ALA FA 129 -12.09 -53.78 95.64
C ALA FA 129 -11.45 -54.74 94.64
N LEU FA 130 -10.89 -54.19 93.58
CA LEU FA 130 -10.11 -54.99 92.65
C LEU FA 130 -8.71 -55.23 93.20
N ALA FA 131 -7.98 -56.13 92.55
CA ALA FA 131 -6.60 -56.47 92.91
C ALA FA 131 -6.45 -57.02 94.33
N SER GA 1 34.08 -58.07 68.02
CA SER GA 1 33.67 -58.31 69.39
C SER GA 1 32.25 -58.89 69.45
N ILE GA 2 31.36 -58.45 68.55
CA ILE GA 2 30.06 -59.10 68.43
C ILE GA 2 30.23 -60.48 67.79
N ILE GA 3 31.01 -60.54 66.71
CA ILE GA 3 31.28 -61.81 66.06
C ILE GA 3 32.24 -62.60 66.94
N GLY GA 4 31.82 -63.79 67.35
CA GLY GA 4 32.62 -64.62 68.21
C GLY GA 4 32.34 -64.46 69.69
N SER GA 5 31.47 -63.55 70.07
CA SER GA 5 31.14 -63.37 71.48
C SER GA 5 30.50 -64.63 72.05
N SER GA 6 30.70 -64.84 73.34
CA SER GA 6 30.17 -66.00 74.05
C SER GA 6 29.32 -65.53 75.21
N ILE GA 7 28.14 -66.13 75.38
CA ILE GA 7 27.20 -65.76 76.42
C ILE GA 7 26.53 -67.02 76.95
N LYS GA 8 26.16 -67.00 78.23
CA LYS GA 8 25.64 -68.19 78.90
C LYS GA 8 24.16 -68.39 78.55
N THR GA 9 23.80 -69.62 78.15
CA THR GA 9 22.40 -70.01 78.07
C THR GA 9 22.10 -71.02 79.16
N GLY GA 10 20.80 -71.19 79.43
CA GLY GA 10 20.40 -72.02 80.54
C GLY GA 10 20.98 -71.56 81.87
N ALA GA 11 21.09 -70.25 82.06
CA ALA GA 11 21.65 -69.74 83.29
C ALA GA 11 20.65 -69.84 84.43
N THR GA 12 21.17 -70.08 85.64
CA THR GA 12 20.31 -70.16 86.82
C THR GA 12 19.70 -68.81 87.13
N SER GA 13 20.53 -67.78 87.32
CA SER GA 13 20.02 -66.44 87.58
C SER GA 13 21.10 -65.41 87.32
N ALA GA 14 20.68 -64.17 87.13
CA ALA GA 14 21.57 -63.05 86.90
C ALA GA 14 21.53 -62.11 88.08
N SER GA 15 22.65 -61.42 88.32
CA SER GA 15 22.75 -60.51 89.45
C SER GA 15 23.58 -59.31 89.02
N ILE GA 16 23.67 -58.31 89.91
CA ILE GA 16 24.35 -57.09 89.57
C ILE GA 16 25.07 -56.53 90.79
N THR GA 17 26.40 -56.44 90.70
CA THR GA 17 27.20 -55.81 91.74
C THR GA 17 27.16 -54.30 91.51
N GLY GA 18 26.41 -53.60 92.35
CA GLY GA 18 26.12 -52.22 92.07
C GLY GA 18 25.96 -51.26 93.23
N GLY GA 19 25.55 -50.03 92.93
CA GLY GA 19 25.50 -48.97 93.91
C GLY GA 19 24.16 -48.78 94.58
N SER GA 20 23.61 -47.57 94.48
CA SER GA 20 22.46 -47.17 95.28
C SER GA 20 21.16 -47.74 94.72
N ASP GA 21 20.15 -47.81 95.59
CA ASP GA 21 18.82 -48.26 95.22
C ASP GA 21 18.05 -47.16 94.51
N ILE GA 22 16.99 -47.58 93.81
CA ILE GA 22 16.02 -46.67 93.24
C ILE GA 22 14.67 -47.36 93.30
N THR GA 23 13.62 -46.59 93.60
CA THR GA 23 12.30 -47.18 93.81
C THR GA 23 11.28 -46.53 92.90
N PHE GA 24 10.32 -47.35 92.47
CA PHE GA 24 9.25 -46.92 91.56
C PHE GA 24 7.95 -46.72 92.32
N ALA GA 25 7.18 -45.74 91.88
CA ALA GA 25 5.82 -45.58 92.36
C ALA GA 25 4.93 -45.24 91.17
N LEU GA 26 3.64 -45.58 91.30
CA LEU GA 26 2.72 -45.44 90.18
C LEU GA 26 2.49 -43.97 89.84
N THR GA 27 2.67 -43.64 88.54
CA THR GA 27 2.67 -42.25 88.12
C THR GA 27 1.26 -41.67 88.11
N GLY GA 28 0.30 -42.42 87.60
CA GLY GA 28 -0.99 -41.85 87.29
C GLY GA 28 -1.05 -41.17 85.94
N GLN GA 29 -0.04 -41.36 85.11
CA GLN GA 29 -0.16 -41.02 83.69
C GLN GA 29 -0.95 -42.14 83.01
N THR GA 30 -2.03 -41.77 82.33
CA THR GA 30 -2.86 -42.77 81.68
C THR GA 30 -2.10 -43.34 80.49
N VAL GA 31 -1.94 -44.67 80.47
CA VAL GA 31 -1.24 -45.36 79.39
C VAL GA 31 -2.11 -46.51 78.91
N THR GA 32 -2.36 -46.55 77.60
CA THR GA 32 -3.20 -47.60 77.01
C THR GA 32 -2.52 -48.95 77.12
N ASN GA 33 -3.27 -49.93 77.66
CA ASN GA 33 -2.78 -51.29 77.92
C ASN GA 33 -1.53 -51.28 78.79
N GLY GA 34 -1.29 -50.20 79.53
CA GLY GA 34 0.00 -50.06 80.17
C GLY GA 34 -0.02 -49.30 81.47
N LEU GA 35 1.17 -49.09 81.99
CA LEU GA 35 1.41 -48.55 83.32
C LEU GA 35 2.59 -47.60 83.24
N ASN GA 36 2.58 -46.57 84.07
CA ASN GA 36 3.74 -45.69 84.20
C ASN GA 36 4.12 -45.63 85.68
N VAL GA 37 5.36 -46.01 85.98
CA VAL GA 37 5.92 -45.86 87.32
C VAL GA 37 7.17 -45.00 87.20
N SER GA 38 7.24 -43.94 87.99
CA SER GA 38 8.43 -43.10 87.94
C SER GA 38 9.22 -43.25 89.23
N VAL GA 39 10.39 -42.61 89.23
CA VAL GA 39 11.33 -42.71 90.34
C VAL GA 39 10.90 -41.78 91.46
N SER GA 40 10.53 -42.37 92.60
CA SER GA 40 10.17 -41.59 93.78
C SER GA 40 11.37 -40.93 94.44
N GLU GA 41 12.56 -41.09 93.89
CA GLU GA 41 13.79 -40.66 94.54
C GLU GA 41 14.47 -39.49 93.84
N ASP GA 42 14.18 -39.27 92.56
CA ASP GA 42 14.59 -38.05 91.89
C ASP GA 42 13.60 -36.95 92.23
N THR GA 43 14.12 -35.76 92.53
CA THR GA 43 13.32 -34.73 93.18
C THR GA 43 12.64 -33.77 92.20
N ASP GA 44 13.11 -33.69 90.96
CA ASP GA 44 12.57 -32.76 89.98
C ASP GA 44 11.91 -33.58 88.87
N TYR GA 45 10.58 -33.45 88.73
CA TYR GA 45 9.86 -34.17 87.69
C TYR GA 45 10.48 -33.95 86.32
N ARG GA 46 10.91 -32.70 86.05
CA ARG GA 46 11.53 -32.35 84.79
C ARG GA 46 12.61 -33.35 84.39
N THR GA 47 13.31 -33.95 85.36
CA THR GA 47 14.34 -34.94 85.12
C THR GA 47 14.10 -36.26 85.87
N ARG GA 48 12.85 -36.59 86.24
CA ARG GA 48 12.60 -37.88 86.88
C ARG GA 48 12.59 -39.01 85.87
N ARG GA 49 13.55 -39.91 86.03
CA ARG GA 49 13.55 -41.17 85.31
C ARG GA 49 12.22 -41.87 85.48
N ASN GA 50 11.65 -42.38 84.38
CA ASN GA 50 10.42 -43.15 84.54
C ASN GA 50 10.37 -44.31 83.55
N ALA GA 51 9.60 -45.33 83.91
CA ALA GA 51 9.46 -46.54 83.12
C ALA GA 51 7.99 -46.77 82.82
N THR GA 52 7.73 -47.29 81.62
CA THR GA 52 6.39 -47.57 81.14
C THR GA 52 6.31 -49.02 80.69
N PHE GA 53 5.30 -49.71 81.18
CA PHE GA 53 5.11 -51.15 81.00
C PHE GA 53 3.86 -51.37 80.16
N LYS GA 54 4.02 -51.94 78.97
CA LYS GA 54 2.89 -52.31 78.15
C LYS GA 54 2.81 -53.83 78.00
N SER GA 55 1.59 -54.34 77.84
CA SER GA 55 1.36 -55.77 77.82
C SER GA 55 0.21 -56.11 76.88
N ARG GA 56 0.45 -57.05 75.97
CA ARG GA 56 -0.60 -57.66 75.17
C ARG GA 56 -0.47 -59.18 75.25
N VAL GA 57 -1.58 -59.83 75.59
CA VAL GA 57 -1.70 -61.26 75.85
C VAL GA 57 -1.91 -61.97 74.51
N PRO GA 58 -1.53 -63.25 74.38
CA PRO GA 58 -1.78 -63.97 73.13
C PRO GA 58 -3.25 -64.00 72.75
N THR GA 59 -3.53 -63.70 71.48
CA THR GA 59 -4.87 -63.70 70.93
C THR GA 59 -5.08 -64.95 70.10
N VAL GA 60 -6.27 -65.55 70.22
CA VAL GA 60 -6.60 -66.82 69.57
C VAL GA 60 -7.52 -66.58 68.38
N VAL GA 61 -7.12 -67.08 67.22
CA VAL GA 61 -7.94 -67.06 66.00
C VAL GA 61 -8.29 -68.50 65.65
N ASN GA 62 -9.52 -68.90 65.97
CA ASN GA 62 -10.07 -70.21 65.62
C ASN GA 62 -9.08 -71.34 65.97
N GLY GA 63 -8.53 -71.28 67.18
CA GLY GA 63 -7.66 -72.30 67.70
C GLY GA 63 -6.17 -72.01 67.57
N ASN GA 64 -5.77 -71.01 66.78
CA ASN GA 64 -4.36 -70.71 66.57
C ASN GA 64 -3.96 -69.50 67.41
N TYR GA 65 -2.91 -69.65 68.21
CA TYR GA 65 -2.48 -68.58 69.10
C TYR GA 65 -1.45 -67.67 68.44
N SER GA 66 -1.48 -66.40 68.83
CA SER GA 66 -0.53 -65.40 68.35
C SER GA 66 0.45 -65.07 69.45
N LYS GA 67 1.72 -64.93 69.09
CA LYS GA 67 2.74 -64.54 70.04
C LYS GA 67 2.41 -63.19 70.67
N GLY GA 68 2.42 -63.15 72.00
CA GLY GA 68 2.14 -61.93 72.73
C GLY GA 68 3.39 -61.10 72.98
N LYS GA 69 3.18 -59.89 73.50
CA LYS GA 69 4.20 -58.86 73.51
C LYS GA 69 4.21 -58.12 74.84
N ASN GA 70 5.36 -58.12 75.52
CA ASN GA 70 5.52 -57.39 76.77
C ASN GA 70 6.64 -56.36 76.59
N GLU GA 71 6.28 -55.07 76.55
CA GLU GA 71 7.25 -54.00 76.38
C GLU GA 71 7.52 -53.29 77.69
N VAL GA 72 8.76 -52.81 77.82
CA VAL GA 72 9.16 -51.87 78.86
C VAL GA 72 9.99 -50.80 78.20
N VAL GA 73 9.78 -49.55 78.60
CA VAL GA 73 10.62 -48.45 78.17
C VAL GA 73 11.04 -47.64 79.39
N PHE GA 74 12.33 -47.37 79.50
CA PHE GA 74 12.90 -46.65 80.62
C PHE GA 74 13.55 -45.40 80.07
N VAL GA 75 13.30 -44.26 80.73
CA VAL GA 75 13.61 -42.96 80.16
C VAL GA 75 14.35 -42.11 81.20
N ILE GA 76 15.49 -41.57 80.78
CA ILE GA 76 16.18 -40.48 81.44
C ILE GA 76 15.89 -39.19 80.66
N PRO GA 77 15.08 -38.28 81.18
CA PRO GA 77 14.90 -37.00 80.50
C PRO GA 77 16.04 -36.05 80.81
N MET GA 78 16.49 -35.33 79.79
CA MET GA 78 17.50 -34.29 79.99
C MET GA 78 17.16 -33.10 79.12
N SER GA 79 17.35 -31.92 79.67
CA SER GA 79 17.18 -30.69 78.91
C SER GA 79 18.50 -30.34 78.21
N LEU GA 80 18.39 -30.00 76.93
CA LEU GA 80 19.56 -29.67 76.13
C LEU GA 80 19.95 -28.21 76.29
N ASP GA 81 21.14 -27.88 75.78
CA ASP GA 81 21.52 -26.48 75.65
C ASP GA 81 20.54 -25.71 74.78
N SER GA 82 19.81 -26.43 73.90
CA SER GA 82 18.74 -25.85 73.09
C SER GA 82 17.53 -25.45 73.92
N GLY GA 83 17.47 -25.84 75.19
CA GLY GA 83 16.26 -25.65 75.97
C GLY GA 83 15.29 -26.80 75.80
N GLU GA 84 15.22 -27.29 74.56
CA GLU GA 84 14.47 -28.50 74.25
C GLU GA 84 14.87 -29.64 75.18
N THR GA 85 13.87 -30.35 75.70
CA THR GA 85 14.10 -31.49 76.57
C THR GA 85 13.88 -32.78 75.78
N VAL GA 86 14.88 -33.66 75.79
CA VAL GA 86 14.87 -34.90 75.04
C VAL GA 86 14.90 -36.07 76.00
N PHE GA 87 14.30 -37.18 75.57
CA PHE GA 87 14.18 -38.38 76.39
C PHE GA 87 15.19 -39.42 75.93
N ASN GA 88 15.99 -39.94 76.86
CA ASN GA 88 17.00 -40.96 76.59
C ASN GA 88 16.44 -42.33 76.97
N SER GA 89 16.37 -43.23 75.99
CA SER GA 89 15.49 -44.39 76.05
C SER GA 89 16.27 -45.69 76.04
N VAL GA 90 15.81 -46.64 76.83
CA VAL GA 90 16.12 -48.05 76.65
C VAL GA 90 14.80 -48.82 76.63
N ARG GA 91 14.58 -49.61 75.58
CA ARG GA 91 13.30 -50.29 75.37
C ARG GA 91 13.55 -51.77 75.18
N ILE GA 92 12.85 -52.59 75.97
CA ILE GA 92 13.00 -54.04 75.94
C ILE GA 92 11.62 -54.65 75.72
N ALA GA 93 11.48 -55.37 74.61
CA ALA GA 93 10.21 -55.97 74.22
C ALA GA 93 10.42 -57.47 74.04
N LEU GA 94 9.64 -58.25 74.76
CA LEU GA 94 9.75 -59.71 74.71
C LEU GA 94 8.47 -60.30 74.14
N GLU GA 95 8.59 -60.97 73.01
CA GLU GA 95 7.45 -61.52 72.26
C GLU GA 95 7.55 -63.04 72.31
N ILE GA 96 6.56 -63.67 72.93
CA ILE GA 96 6.59 -65.09 73.22
C ILE GA 96 5.31 -65.75 72.71
N HIS GA 97 5.47 -66.90 72.03
CA HIS GA 97 4.33 -67.75 71.71
C HIS GA 97 4.02 -68.65 72.89
N PRO GA 98 2.74 -68.91 73.17
CA PRO GA 98 2.39 -69.69 74.38
C PRO GA 98 3.01 -71.07 74.42
N ALA GA 99 3.37 -71.64 73.26
CA ALA GA 99 3.89 -73.00 73.23
C ALA GA 99 5.34 -73.11 73.67
N LEU GA 100 6.04 -71.99 73.87
CA LEU GA 100 7.46 -72.04 74.20
C LEU GA 100 7.66 -72.59 75.61
N ALA GA 101 8.81 -73.24 75.82
CA ALA GA 101 9.15 -73.79 77.12
C ALA GA 101 9.22 -72.69 78.18
N SER GA 102 8.62 -72.99 79.33
CA SER GA 102 8.65 -72.06 80.46
C SER GA 102 10.08 -71.63 80.79
N ALA GA 103 11.03 -72.56 80.74
CA ALA GA 103 12.42 -72.22 81.04
C ALA GA 103 13.10 -71.48 79.90
N SER GA 104 12.69 -71.75 78.64
CA SER GA 104 13.22 -70.97 77.53
C SER GA 104 12.79 -69.50 77.60
N VAL GA 105 11.62 -69.24 78.19
CA VAL GA 105 11.21 -67.84 78.39
C VAL GA 105 12.22 -67.10 79.26
N LYS GA 106 12.53 -67.65 80.43
CA LYS GA 106 13.50 -67.00 81.30
C LYS GA 106 14.91 -67.04 80.71
N ASP GA 107 15.24 -68.06 79.92
CA ASP GA 107 16.52 -68.03 79.23
C ASP GA 107 16.60 -66.86 78.26
N LEU GA 108 15.48 -66.53 77.59
CA LEU GA 108 15.46 -65.35 76.72
C LEU GA 108 15.67 -64.08 77.52
N ARG GA 109 15.00 -63.94 78.66
CA ARG GA 109 15.22 -62.78 79.51
C ARG GA 109 16.70 -62.63 79.87
N LEU GA 110 17.32 -63.73 80.31
CA LEU GA 110 18.70 -63.67 80.76
C LEU GA 110 19.68 -63.44 79.60
N ILE GA 111 19.40 -64.03 78.44
CA ILE GA 111 20.32 -63.86 77.32
C ILE GA 111 20.21 -62.46 76.74
N GLY GA 112 19.00 -61.89 76.73
CA GLY GA 112 18.86 -60.49 76.39
C GLY GA 112 19.64 -59.59 77.34
N ALA GA 113 19.55 -59.86 78.64
CA ALA GA 113 20.28 -59.04 79.60
C ALA GA 113 21.78 -59.14 79.38
N GLN GA 114 22.27 -60.34 79.08
CA GLN GA 114 23.71 -60.48 78.81
C GLN GA 114 24.09 -59.69 77.57
N LEU GA 115 23.21 -59.65 76.55
CA LEU GA 115 23.53 -58.88 75.35
C LEU GA 115 23.66 -57.39 75.65
N LEU GA 116 23.00 -56.88 76.69
CA LEU GA 116 23.26 -55.51 77.14
C LEU GA 116 24.53 -55.38 77.96
N THR GA 117 24.76 -56.30 78.90
CA THR GA 117 25.74 -56.04 79.96
C THR GA 117 27.02 -56.83 79.86
N ASP GA 118 27.29 -57.50 78.74
CA ASP GA 118 28.60 -58.12 78.57
C ASP GA 118 29.56 -57.15 77.91
N ALA GA 119 30.85 -57.30 78.25
CA ALA GA 119 31.87 -56.40 77.74
C ALA GA 119 32.01 -56.53 76.23
N ASP GA 120 31.81 -57.73 75.70
CA ASP GA 120 31.97 -57.98 74.27
C ASP GA 120 31.17 -56.99 73.43
N TYR GA 121 30.09 -56.45 73.98
CA TYR GA 121 29.18 -55.60 73.22
C TYR GA 121 29.34 -54.13 73.54
N ASP GA 122 30.24 -53.79 74.49
CA ASP GA 122 30.42 -52.39 74.90
C ASP GA 122 30.61 -51.49 73.68
N SER GA 123 31.46 -51.91 72.75
CA SER GA 123 31.73 -51.10 71.58
C SER GA 123 30.45 -50.87 70.77
N PHE GA 124 29.69 -51.94 70.55
CA PHE GA 124 28.40 -51.83 69.85
C PHE GA 124 27.47 -50.83 70.52
N TRP GA 125 27.17 -51.05 71.80
CA TRP GA 125 26.17 -50.21 72.45
C TRP GA 125 26.62 -48.76 72.51
N THR GA 126 27.82 -48.50 73.01
CA THR GA 126 28.26 -47.12 73.20
C THR GA 126 28.41 -46.40 71.87
N LEU GA 127 29.24 -46.95 70.97
CA LEU GA 127 29.58 -46.22 69.75
C LEU GA 127 28.64 -46.53 68.60
N GLY GA 128 28.20 -47.78 68.47
CA GLY GA 128 27.43 -48.21 67.31
C GLY GA 128 28.19 -49.12 66.38
N ALA GA 129 29.29 -49.72 66.84
CA ALA GA 129 30.14 -50.58 66.04
C ALA GA 129 29.40 -51.84 65.61
N LEU GA 130 29.70 -52.28 64.39
CA LEU GA 130 28.97 -53.39 63.76
C LEU GA 130 29.84 -54.62 63.53
N ALA GA 131 31.02 -54.71 64.12
CA ALA GA 131 31.86 -55.91 63.98
C ALA GA 131 31.70 -56.85 65.17
N SER HA 1 -137.62 26.54 80.01
CA SER HA 1 -138.07 27.84 80.50
C SER HA 1 -137.07 28.94 80.14
N ILE HA 2 -136.41 28.81 78.98
CA ILE HA 2 -135.43 29.79 78.54
C ILE HA 2 -136.12 31.05 78.00
N ILE HA 3 -137.05 30.86 77.07
CA ILE HA 3 -137.76 31.99 76.47
C ILE HA 3 -138.63 32.65 77.53
N GLY HA 4 -138.33 33.91 77.84
CA GLY HA 4 -139.07 34.63 78.84
C GLY HA 4 -138.48 34.61 80.22
N SER HA 5 -137.33 33.96 80.42
CA SER HA 5 -136.70 33.96 81.73
C SER HA 5 -136.28 35.38 82.12
N SER HA 6 -136.20 35.61 83.42
CA SER HA 6 -135.86 36.93 83.97
C SER HA 6 -134.72 36.79 84.95
N ILE HA 7 -133.70 37.64 84.79
CA ILE HA 7 -132.53 37.68 85.67
C ILE HA 7 -132.17 39.14 85.96
N LYS HA 8 -131.23 39.33 86.87
CA LYS HA 8 -130.91 40.64 87.42
C LYS HA 8 -129.62 41.18 86.82
N THR HA 9 -129.66 42.41 86.30
CA THR HA 9 -128.46 43.11 85.89
C THR HA 9 -128.13 44.21 86.90
N GLY HA 10 -126.85 44.54 86.98
CA GLY HA 10 -126.40 45.48 88.00
C GLY HA 10 -126.73 45.03 89.40
N ALA HA 11 -126.54 43.74 89.69
CA ALA HA 11 -126.78 43.25 91.04
C ALA HA 11 -125.68 43.75 91.97
N THR HA 12 -126.07 44.09 93.20
CA THR HA 12 -125.09 44.50 94.19
C THR HA 12 -124.09 43.38 94.47
N SER HA 13 -124.57 42.17 94.74
CA SER HA 13 -123.68 41.02 94.89
C SER HA 13 -124.48 39.73 94.76
N ALA HA 14 -123.77 38.61 94.76
CA ALA HA 14 -124.38 37.29 94.78
C ALA HA 14 -123.82 36.51 95.95
N SER HA 15 -124.61 35.56 96.45
CA SER HA 15 -124.27 34.84 97.67
C SER HA 15 -124.83 33.43 97.56
N ILE HA 16 -124.51 32.60 98.54
CA ILE HA 16 -124.85 31.18 98.47
C ILE HA 16 -125.20 30.67 99.87
N THR HA 17 -126.36 30.04 99.98
CA THR HA 17 -126.80 29.35 101.20
C THR HA 17 -126.47 27.87 101.02
N GLY HA 18 -125.43 27.40 101.70
CA GLY HA 18 -124.95 26.08 101.39
C GLY HA 18 -124.10 25.46 102.47
N GLY HA 19 -123.64 24.24 102.20
CA GLY HA 19 -123.06 23.37 103.19
C GLY HA 19 -121.57 23.52 103.45
N SER HA 20 -120.82 22.43 103.30
CA SER HA 20 -119.46 22.37 103.82
C SER HA 20 -118.49 23.13 102.93
N ASP HA 21 -117.40 23.59 103.56
CA ASP HA 21 -116.33 24.29 102.86
C ASP HA 21 -115.47 23.30 102.07
N ILE HA 22 -114.82 23.83 101.04
CA ILE HA 22 -113.76 23.14 100.33
C ILE HA 22 -112.64 24.15 100.12
N THR HA 23 -111.41 23.69 100.34
CA THR HA 23 -110.23 24.54 100.34
C THR HA 23 -109.29 24.11 99.23
N PHE HA 24 -108.72 25.08 98.53
CA PHE HA 24 -107.81 24.88 97.41
C PHE HA 24 -106.36 25.00 97.86
N ALA HA 25 -105.48 24.37 97.07
CA ALA HA 25 -104.05 24.47 97.26
C ALA HA 25 -103.38 24.19 95.93
N LEU HA 26 -102.19 24.74 95.75
CA LEU HA 26 -101.54 24.68 94.43
C LEU HA 26 -101.07 23.27 94.13
N THR HA 27 -101.26 22.85 92.87
CA THR HA 27 -101.00 21.49 92.40
C THR HA 27 -99.63 21.31 91.76
N GLY HA 28 -99.22 22.25 90.91
CA GLY HA 28 -97.99 22.07 90.17
C GLY HA 28 -98.12 21.26 88.90
N GLN HA 29 -99.34 20.83 88.55
CA GLN HA 29 -99.56 20.37 87.18
C GLN HA 29 -99.31 21.51 86.22
N THR HA 30 -98.40 21.28 85.28
CA THR HA 30 -97.97 22.33 84.37
C THR HA 30 -99.13 22.80 83.49
N VAL HA 31 -99.42 24.09 83.55
CA VAL HA 31 -100.51 24.70 82.79
C VAL HA 31 -100.01 26.01 82.20
N THR HA 32 -100.07 26.13 80.87
CA THR HA 32 -99.50 27.28 80.19
C THR HA 32 -100.35 28.53 80.41
N ASN HA 33 -99.70 29.60 80.86
CA ASN HA 33 -100.37 30.85 81.24
C ASN HA 33 -101.44 30.59 82.31
N GLY HA 34 -101.26 29.55 83.10
CA GLY HA 34 -102.30 29.14 84.02
C GLY HA 34 -101.83 28.55 85.34
N LEU HA 35 -102.75 27.84 86.01
CA LEU HA 35 -102.55 27.48 87.40
C LEU HA 35 -103.51 26.35 87.74
N ASN HA 36 -103.00 25.27 88.31
CA ASN HA 36 -103.83 24.16 88.79
C ASN HA 36 -103.88 24.20 90.32
N VAL HA 37 -105.07 24.33 90.88
CA VAL HA 37 -105.28 24.16 92.32
C VAL HA 37 -106.27 23.03 92.52
N SER HA 38 -105.89 22.06 93.36
CA SER HA 38 -106.81 21.00 93.71
C SER HA 38 -107.24 21.17 95.16
N VAL HA 39 -108.21 20.38 95.56
CA VAL HA 39 -108.68 20.45 96.93
C VAL HA 39 -107.74 19.64 97.81
N SER HA 40 -107.41 20.17 98.97
CA SER HA 40 -106.67 19.36 99.93
C SER HA 40 -107.62 18.57 100.80
N GLU HA 41 -108.92 18.62 100.52
CA GLU HA 41 -109.92 18.01 101.37
C GLU HA 41 -110.40 16.67 100.86
N ASP HA 42 -110.30 16.44 99.55
CA ASP HA 42 -110.47 15.09 99.03
C ASP HA 42 -109.14 14.35 99.14
N THR HA 43 -109.23 13.05 99.43
CA THR HA 43 -108.05 12.27 99.78
C THR HA 43 -107.53 11.40 98.66
N ASP HA 44 -108.41 10.84 97.82
CA ASP HA 44 -107.99 9.93 96.75
C ASP HA 44 -107.57 10.73 95.53
N TYR HA 45 -106.34 10.48 95.05
CA TYR HA 45 -105.82 11.26 93.93
C TYR HA 45 -106.63 11.02 92.66
N ARG HA 46 -107.07 9.78 92.44
CA ARG HA 46 -107.96 9.45 91.32
C ARG HA 46 -109.14 10.41 91.25
N THR HA 47 -109.92 10.50 92.34
CA THR HA 47 -111.18 11.21 92.32
C THR HA 47 -111.09 12.59 92.97
N ARG HA 48 -109.89 13.17 93.07
CA ARG HA 48 -109.74 14.44 93.78
C ARG HA 48 -110.07 15.59 92.84
N ARG HA 49 -111.06 16.38 93.26
CA ARG HA 49 -111.56 17.48 92.44
C ARG HA 49 -110.50 18.55 92.25
N ASN HA 50 -110.38 19.06 91.02
CA ASN HA 50 -109.37 20.10 90.81
C ASN HA 50 -109.84 21.13 89.79
N ALA HA 51 -109.32 22.34 89.94
CA ALA HA 51 -109.65 23.45 89.05
C ALA HA 51 -108.39 23.99 88.41
N THR HA 52 -108.58 24.63 87.27
CA THR HA 52 -107.49 25.16 86.47
C THR HA 52 -107.89 26.52 85.92
N PHE HA 53 -107.04 27.51 86.20
CA PHE HA 53 -107.26 28.91 85.87
C PHE HA 53 -106.27 29.28 84.77
N LYS HA 54 -106.78 29.64 83.60
CA LYS HA 54 -105.94 30.19 82.54
C LYS HA 54 -106.28 31.66 82.35
N SER HA 55 -105.28 32.44 81.98
CA SER HA 55 -105.41 33.90 81.92
C SER HA 55 -104.61 34.44 80.74
N ARG HA 56 -105.26 35.21 79.88
CA ARG HA 56 -104.62 35.88 78.76
C ARG HA 56 -105.07 37.34 78.75
N VAL HA 57 -104.11 38.26 78.82
CA VAL HA 57 -104.37 39.68 78.96
C VAL HA 57 -104.65 40.31 77.60
N PRO HA 58 -105.37 41.43 77.56
CA PRO HA 58 -105.49 42.19 76.31
C PRO HA 58 -104.12 42.62 75.83
N THR HA 59 -103.82 42.31 74.57
CA THR HA 59 -102.54 42.64 73.96
C THR HA 59 -102.78 43.63 72.83
N VAL HA 60 -101.98 44.69 72.81
CA VAL HA 60 -102.09 45.71 71.78
C VAL HA 60 -101.37 45.22 70.52
N VAL HA 61 -102.03 45.39 69.37
CA VAL HA 61 -101.45 45.06 68.08
C VAL HA 61 -101.88 46.12 67.09
N ASN HA 62 -100.91 46.78 66.45
CA ASN HA 62 -101.17 47.80 65.44
C ASN HA 62 -101.99 48.95 66.01
N GLY HA 63 -101.66 49.35 67.24
CA GLY HA 63 -102.22 50.56 67.82
C GLY HA 63 -103.51 50.39 68.60
N ASN HA 64 -104.08 49.19 68.66
CA ASN HA 64 -105.31 49.01 69.42
C ASN HA 64 -105.36 47.61 70.03
N TYR HA 65 -106.25 47.47 71.01
CA TYR HA 65 -106.25 46.32 71.90
C TYR HA 65 -107.06 45.16 71.34
N SER HA 66 -106.72 43.96 71.82
CA SER HA 66 -107.49 42.75 71.57
C SER HA 66 -108.14 42.30 72.87
N LYS HA 67 -109.37 41.82 72.78
CA LYS HA 67 -110.09 41.42 73.98
C LYS HA 67 -109.34 40.29 74.69
N GLY HA 68 -109.32 40.34 76.03
CA GLY HA 68 -108.66 39.33 76.81
C GLY HA 68 -109.60 38.25 77.28
N LYS HA 69 -109.02 37.15 77.74
CA LYS HA 69 -109.76 35.92 78.01
C LYS HA 69 -109.28 35.27 79.29
N ASN HA 70 -110.22 35.00 80.22
CA ASN HA 70 -109.90 34.37 81.49
C ASN HA 70 -110.77 33.14 81.64
N GLU HA 71 -110.17 31.95 81.56
CA GLU HA 71 -110.87 30.69 81.68
C GLU HA 71 -110.68 30.09 83.06
N VAL HA 72 -111.70 29.35 83.50
CA VAL HA 72 -111.60 28.44 84.63
C VAL HA 72 -112.24 27.13 84.20
N VAL HA 73 -111.69 26.02 84.68
CA VAL HA 73 -112.34 24.73 84.50
C VAL HA 73 -112.23 23.96 85.81
N PHE HA 74 -113.38 23.55 86.34
CA PHE HA 74 -113.47 22.76 87.56
C PHE HA 74 -113.88 21.36 87.17
N VAL HA 75 -113.19 20.36 87.72
CA VAL HA 75 -113.32 18.99 87.27
C VAL HA 75 -113.55 18.07 88.46
N ILE HA 76 -114.57 17.23 88.32
CA ILE HA 76 -114.85 16.09 89.18
C ILE HA 76 -114.46 14.83 88.43
N PRO HA 77 -113.35 14.18 88.77
CA PRO HA 77 -113.05 12.89 88.15
C PRO HA 77 -113.94 11.80 88.71
N MET HA 78 -114.30 10.83 87.87
CA MET HA 78 -114.97 9.64 88.33
C MET HA 78 -114.50 8.45 87.51
N SER HA 79 -114.27 7.33 88.17
CA SER HA 79 -113.93 6.10 87.47
C SER HA 79 -115.23 5.45 86.99
N LEU HA 80 -115.24 5.05 85.72
CA LEU HA 80 -116.41 4.38 85.17
C LEU HA 80 -116.31 2.87 85.43
N ASP HA 81 -117.44 2.19 85.22
CA ASP HA 81 -117.46 0.75 85.39
C ASP HA 81 -116.51 0.06 84.41
N SER HA 82 -116.28 0.68 83.25
CA SER HA 82 -115.40 0.13 82.22
C SER HA 82 -113.93 0.25 82.56
N GLY HA 83 -113.59 1.01 83.61
CA GLY HA 83 -112.20 1.15 84.01
C GLY HA 83 -111.63 2.51 83.73
N GLU HA 84 -111.90 3.06 82.55
CA GLU HA 84 -111.42 4.39 82.21
C GLU HA 84 -111.96 5.41 83.20
N THR HA 85 -111.08 6.26 83.69
CA THR HA 85 -111.48 7.40 84.51
C THR HA 85 -111.83 8.55 83.58
N VAL HA 86 -113.01 9.15 83.79
CA VAL HA 86 -113.48 10.24 82.96
C VAL HA 86 -113.70 11.48 83.83
N PHE HA 87 -113.48 12.65 83.23
CA PHE HA 87 -113.59 13.92 83.93
C PHE HA 87 -114.96 14.55 83.68
N ASN HA 88 -115.52 15.17 84.72
CA ASN HA 88 -116.75 15.94 84.60
C ASN HA 88 -116.39 17.41 84.74
N SER HA 89 -116.78 18.21 83.75
CA SER HA 89 -116.22 19.54 83.57
C SER HA 89 -117.29 20.59 83.71
N VAL HA 90 -116.97 21.66 84.42
CA VAL HA 90 -117.66 22.93 84.24
C VAL HA 90 -116.60 23.96 83.87
N ARG HA 91 -116.79 24.64 82.75
CA ARG HA 91 -115.79 25.55 82.20
C ARG HA 91 -116.45 26.91 82.03
N ILE HA 92 -115.83 27.93 82.61
CA ILE HA 92 -116.34 29.29 82.55
C ILE HA 92 -115.24 30.17 82.00
N ALA HA 93 -115.41 30.64 80.77
CA ALA HA 93 -114.51 31.59 80.15
C ALA HA 93 -115.17 32.95 80.12
N LEU HA 94 -114.35 34.00 80.24
CA LEU HA 94 -114.88 35.36 80.27
C LEU HA 94 -113.92 36.26 79.50
N GLU HA 95 -114.40 36.79 78.37
CA GLU HA 95 -113.63 37.58 77.44
C GLU HA 95 -114.12 39.01 77.49
N ILE HA 96 -113.23 39.93 77.87
CA ILE HA 96 -113.58 41.33 78.07
C ILE HA 96 -112.72 42.18 77.14
N HIS HA 97 -113.34 43.15 76.49
CA HIS HA 97 -112.57 44.16 75.80
C HIS HA 97 -112.20 45.27 76.78
N PRO HA 98 -110.99 45.80 76.70
CA PRO HA 98 -110.56 46.82 77.69
C PRO HA 98 -111.50 48.01 77.80
N ALA HA 99 -112.30 48.28 76.78
CA ALA HA 99 -113.20 49.42 76.80
C ALA HA 99 -114.46 49.20 77.63
N LEU HA 100 -114.72 47.97 78.08
CA LEU HA 100 -115.93 47.75 78.86
C LEU HA 100 -115.81 48.41 80.23
N ALA HA 101 -116.95 48.87 80.75
CA ALA HA 101 -116.98 49.49 82.05
C ALA HA 101 -116.58 48.50 83.14
N SER HA 102 -115.81 49.01 84.12
CA SER HA 102 -115.46 48.21 85.29
C SER HA 102 -116.69 47.59 85.91
N ALA HA 103 -117.79 48.35 85.99
CA ALA HA 103 -119.02 47.84 86.58
C ALA HA 103 -119.67 46.78 85.70
N SER HA 104 -119.63 46.96 84.38
CA SER HA 104 -120.22 45.96 83.49
C SER HA 104 -119.42 44.67 83.47
N VAL HA 105 -118.14 44.71 83.86
CA VAL HA 105 -117.39 43.46 84.03
C VAL HA 105 -118.00 42.60 85.13
N LYS HA 106 -118.19 43.18 86.32
CA LYS HA 106 -118.87 42.45 87.37
C LYS HA 106 -120.32 42.12 87.01
N ASP HA 107 -121.01 42.99 86.24
CA ASP HA 107 -122.34 42.62 85.80
C ASP HA 107 -122.31 41.35 84.96
N LEU HA 108 -121.29 41.20 84.10
CA LEU HA 108 -121.16 39.97 83.32
C LEU HA 108 -120.91 38.77 84.21
N ARG HA 109 -120.01 38.92 85.19
CA ARG HA 109 -119.73 37.79 86.09
C ARG HA 109 -121.01 37.33 86.79
N LEU HA 110 -121.80 38.28 87.29
CA LEU HA 110 -123.01 37.92 88.05
C LEU HA 110 -124.13 37.43 87.14
N ILE HA 111 -124.27 38.02 85.95
CA ILE HA 111 -125.32 37.57 85.05
C ILE HA 111 -124.98 36.20 84.48
N GLY HA 112 -123.70 35.88 84.36
CA GLY HA 112 -123.32 34.54 83.94
C GLY HA 112 -123.58 33.53 85.04
N ALA HA 113 -123.08 33.81 86.25
CA ALA HA 113 -123.31 32.89 87.36
C ALA HA 113 -124.80 32.72 87.63
N GLN HA 114 -125.60 33.73 87.31
CA GLN HA 114 -127.03 33.64 87.50
C GLN HA 114 -127.69 32.76 86.44
N LEU HA 115 -127.03 32.55 85.29
CA LEU HA 115 -127.54 31.63 84.29
C LEU HA 115 -127.29 30.17 84.67
N LEU HA 116 -126.29 29.89 85.51
CA LEU HA 116 -126.13 28.53 86.04
C LEU HA 116 -127.19 28.19 87.08
N THR HA 117 -127.42 29.09 88.04
CA THR HA 117 -128.13 28.71 89.25
C THR HA 117 -129.63 28.98 89.20
N ASP HA 118 -130.07 29.95 88.41
CA ASP HA 118 -131.47 30.36 88.47
C ASP HA 118 -132.38 29.25 87.97
N ALA HA 119 -133.42 28.95 88.76
CA ALA HA 119 -134.27 27.79 88.53
C ALA HA 119 -134.92 27.78 87.15
N ASP HA 120 -135.10 28.95 86.54
CA ASP HA 120 -135.61 29.02 85.17
C ASP HA 120 -134.80 28.14 84.23
N TYR HA 121 -133.47 28.18 84.33
CA TYR HA 121 -132.64 27.37 83.45
C TYR HA 121 -132.40 25.99 84.04
N ASP HA 122 -133.00 25.72 85.20
CA ASP HA 122 -132.73 24.48 85.93
C ASP HA 122 -133.06 23.27 85.07
N SER HA 123 -134.10 23.37 84.23
CA SER HA 123 -134.43 22.27 83.32
C SER HA 123 -133.44 22.18 82.18
N PHE HA 124 -132.82 23.30 81.79
CA PHE HA 124 -131.88 23.28 80.67
C PHE HA 124 -130.60 22.53 81.01
N TRP HA 125 -129.96 22.90 82.12
CA TRP HA 125 -128.67 22.32 82.47
C TRP HA 125 -128.80 20.83 82.78
N THR HA 126 -129.80 20.47 83.60
CA THR HA 126 -129.94 19.08 84.02
C THR HA 126 -130.34 18.19 82.87
N LEU HA 127 -131.42 18.54 82.19
CA LEU HA 127 -132.02 17.68 81.18
C LEU HA 127 -131.50 17.94 79.78
N GLY HA 128 -130.67 18.96 79.59
CA GLY HA 128 -130.31 19.36 78.24
C GLY HA 128 -131.52 19.79 77.43
N ALA HA 129 -132.47 20.47 78.08
CA ALA HA 129 -133.79 20.75 77.50
C ALA HA 129 -133.81 22.14 76.87
N LEU HA 130 -134.07 22.19 75.56
CA LEU HA 130 -134.21 23.44 74.83
C LEU HA 130 -135.69 23.82 74.80
N ALA HA 131 -136.05 24.85 75.53
CA ALA HA 131 -137.43 25.35 75.55
C ALA HA 131 -137.44 26.69 76.29
N SER IA 1 -104.76 35.01 95.78
CA SER IA 1 -106.11 34.85 96.34
C SER IA 1 -106.80 33.66 95.71
N ILE IA 2 -106.29 33.19 94.57
CA ILE IA 2 -106.77 31.94 93.99
C ILE IA 2 -106.27 30.76 94.80
N ILE IA 3 -104.99 30.77 95.16
CA ILE IA 3 -104.42 29.70 95.98
C ILE IA 3 -104.97 29.80 97.38
N GLY IA 4 -105.44 28.69 97.92
CA GLY IA 4 -105.97 28.70 99.27
C GLY IA 4 -107.28 29.42 99.43
N SER IA 5 -108.09 29.48 98.36
CA SER IA 5 -109.43 30.02 98.47
C SER IA 5 -110.40 28.92 98.91
N SER IA 6 -111.53 29.35 99.48
CA SER IA 6 -112.53 28.46 100.06
C SER IA 6 -113.88 28.71 99.43
N ILE IA 7 -114.58 27.63 99.05
CA ILE IA 7 -115.88 27.71 98.39
C ILE IA 7 -116.77 26.57 98.88
N LYS IA 8 -118.09 26.79 98.86
CA LYS IA 8 -119.02 25.81 99.42
C LYS IA 8 -119.32 24.71 98.41
N THR IA 9 -119.19 23.45 98.84
CA THR IA 9 -119.68 22.32 98.06
C THR IA 9 -120.99 21.83 98.65
N GLY IA 10 -121.76 21.13 97.80
CA GLY IA 10 -123.06 20.63 98.19
C GLY IA 10 -123.89 21.73 98.82
N ALA IA 11 -123.90 22.89 98.17
CA ALA IA 11 -124.71 23.98 98.69
C ALA IA 11 -126.19 23.74 98.38
N THR IA 12 -127.04 24.17 99.31
CA THR IA 12 -128.48 23.99 99.14
C THR IA 12 -129.00 24.82 97.98
N SER IA 13 -128.62 26.10 97.91
CA SER IA 13 -128.95 26.93 96.76
C SER IA 13 -128.11 28.20 96.81
N ALA IA 14 -128.11 28.93 95.70
CA ALA IA 14 -127.44 30.21 95.60
C ALA IA 14 -128.43 31.25 95.11
N SER IA 15 -128.13 32.51 95.39
CA SER IA 15 -129.05 33.59 95.07
C SER IA 15 -128.26 34.88 94.84
N ILE IA 16 -128.98 35.96 94.60
CA ILE IA 16 -128.35 37.19 94.15
C ILE IA 16 -129.08 38.39 94.75
N THR IA 17 -128.37 39.18 95.56
CA THR IA 17 -128.89 40.43 96.09
C THR IA 17 -128.66 41.48 95.00
N GLY IA 18 -129.73 41.81 94.27
CA GLY IA 18 -129.60 42.34 92.94
C GLY IA 18 -130.44 43.59 92.68
N GLY IA 19 -130.28 44.12 91.48
CA GLY IA 19 -130.98 45.32 91.03
C GLY IA 19 -132.15 45.02 90.11
N SER IA 20 -132.15 45.62 88.92
CA SER IA 20 -133.32 45.59 88.04
C SER IA 20 -133.42 44.29 87.24
N ASP IA 21 -134.64 43.99 86.79
CA ASP IA 21 -134.90 42.80 85.99
C ASP IA 21 -134.41 42.97 84.56
N ILE IA 22 -134.24 41.83 83.89
CA ILE IA 22 -133.98 41.79 82.46
C ILE IA 22 -134.64 40.54 81.90
N THR IA 23 -135.27 40.65 80.73
CA THR IA 23 -136.15 39.62 80.22
C THR IA 23 -135.73 39.19 78.82
N PHE IA 24 -135.71 37.88 78.59
CA PHE IA 24 -135.27 37.29 77.32
C PHE IA 24 -136.47 37.00 76.42
N ALA IA 25 -136.26 37.19 75.12
CA ALA IA 25 -137.26 36.83 74.12
C ALA IA 25 -136.53 36.18 72.94
N LEU IA 26 -137.30 35.45 72.13
CA LEU IA 26 -136.72 34.64 71.06
C LEU IA 26 -136.20 35.51 69.93
N THR IA 27 -134.94 35.27 69.52
CA THR IA 27 -134.24 36.12 68.55
C THR IA 27 -134.40 35.65 67.11
N GLY IA 28 -134.63 34.37 66.90
CA GLY IA 28 -134.64 33.87 65.55
C GLY IA 28 -133.31 34.05 64.82
N GLN IA 29 -132.19 33.97 65.52
CA GLN IA 29 -130.89 33.80 64.90
C GLN IA 29 -130.62 32.31 64.81
N THR IA 30 -130.51 31.79 63.59
CA THR IA 30 -130.35 30.36 63.39
C THR IA 30 -129.11 29.86 64.13
N VAL IA 31 -129.34 28.97 65.10
CA VAL IA 31 -128.28 28.42 65.93
C VAL IA 31 -128.45 26.92 66.01
N THR IA 32 -127.44 26.19 65.55
CA THR IA 32 -127.52 24.73 65.53
C THR IA 32 -127.56 24.19 66.95
N ASN IA 33 -128.51 23.29 67.20
CA ASN IA 33 -128.64 22.60 68.49
C ASN IA 33 -128.92 23.57 69.63
N GLY IA 34 -129.60 24.67 69.34
CA GLY IA 34 -129.81 25.63 70.39
C GLY IA 34 -130.67 26.80 69.97
N LEU IA 35 -130.71 27.80 70.87
CA LEU IA 35 -131.56 28.96 70.76
C LEU IA 35 -130.73 30.22 70.90
N ASN IA 36 -131.27 31.33 70.38
CA ASN IA 36 -130.79 32.68 70.68
C ASN IA 36 -131.95 33.47 71.26
N VAL IA 37 -131.76 34.03 72.46
CA VAL IA 37 -132.72 34.92 73.07
C VAL IA 37 -131.99 36.21 73.44
N SER IA 38 -132.53 37.35 73.02
CA SER IA 38 -131.93 38.61 73.40
C SER IA 38 -132.85 39.34 74.37
N VAL IA 39 -132.30 40.34 75.03
CA VAL IA 39 -133.06 41.09 76.02
C VAL IA 39 -133.87 42.14 75.27
N SER IA 40 -135.19 42.02 75.34
CA SER IA 40 -136.07 42.98 74.70
C SER IA 40 -136.15 44.28 75.47
N GLU IA 41 -135.34 44.41 76.52
CA GLU IA 41 -135.38 45.58 77.37
C GLU IA 41 -134.30 46.60 77.04
N ASP IA 42 -133.32 46.23 76.22
CA ASP IA 42 -132.40 47.19 75.62
C ASP IA 42 -133.01 47.68 74.31
N THR IA 43 -132.87 48.98 74.04
CA THR IA 43 -133.64 49.61 72.98
C THR IA 43 -132.95 49.60 71.61
N ASP IA 44 -131.62 49.47 71.57
CA ASP IA 44 -130.84 49.62 70.34
C ASP IA 44 -130.25 48.27 69.96
N TYR IA 45 -130.73 47.68 68.85
CA TYR IA 45 -130.30 46.35 68.44
C TYR IA 45 -128.78 46.25 68.40
N ARG IA 46 -128.13 47.26 67.82
CA ARG IA 46 -126.69 47.29 67.66
C ARG IA 46 -125.94 46.97 68.95
N THR IA 47 -126.58 47.15 70.11
CA THR IA 47 -125.99 46.82 71.41
C THR IA 47 -126.99 46.11 72.34
N ARG IA 48 -127.80 45.18 71.83
CA ARG IA 48 -128.67 44.39 72.71
C ARG IA 48 -127.95 43.15 73.21
N ARG IA 49 -127.79 43.07 74.53
CA ARG IA 49 -127.27 41.90 75.19
C ARG IA 49 -128.09 40.67 74.79
N ASN IA 50 -127.42 39.64 74.31
CA ASN IA 50 -128.12 38.43 73.93
C ASN IA 50 -127.44 37.21 74.53
N ALA IA 51 -128.07 36.07 74.38
CA ALA IA 51 -127.54 34.84 74.96
C ALA IA 51 -127.93 33.69 74.04
N THR IA 52 -127.03 32.72 73.94
CA THR IA 52 -127.18 31.58 73.06
C THR IA 52 -127.00 30.31 73.87
N PHE IA 53 -127.96 29.40 73.72
CA PHE IA 53 -128.01 28.15 74.46
C PHE IA 53 -127.78 27.00 73.48
N LYS IA 54 -126.81 26.14 73.79
CA LYS IA 54 -126.53 24.96 72.97
C LYS IA 54 -126.58 23.71 73.85
N SER IA 55 -126.94 22.58 73.22
CA SER IA 55 -127.05 21.30 73.92
C SER IA 55 -126.65 20.18 72.97
N ARG IA 56 -125.42 19.70 73.11
CA ARG IA 56 -124.96 18.50 72.43
C ARG IA 56 -125.16 17.30 73.34
N VAL IA 57 -125.74 16.25 72.80
CA VAL IA 57 -126.17 15.09 73.57
C VAL IA 57 -125.04 14.08 73.67
N PRO IA 58 -125.08 13.18 74.65
CA PRO IA 58 -124.07 12.12 74.71
C PRO IA 58 -124.18 11.18 73.51
N THR IA 59 -123.04 10.66 73.10
CA THR IA 59 -122.95 9.78 71.94
C THR IA 59 -122.90 8.33 72.41
N VAL IA 60 -123.69 7.47 71.75
CA VAL IA 60 -123.76 6.05 72.07
C VAL IA 60 -122.78 5.32 71.14
N VAL IA 61 -121.68 4.84 71.69
CA VAL IA 61 -120.66 4.14 70.93
C VAL IA 61 -120.49 2.77 71.56
N ASN IA 62 -121.23 1.79 71.04
CA ASN IA 62 -121.07 0.39 71.41
C ASN IA 62 -121.17 0.19 72.92
N GLY IA 63 -122.28 0.64 73.49
CA GLY IA 63 -122.50 0.52 74.92
C GLY IA 63 -121.78 1.53 75.79
N ASN IA 64 -120.89 2.36 75.23
CA ASN IA 64 -120.18 3.37 76.00
C ASN IA 64 -120.71 4.75 75.64
N TYR IA 65 -120.89 5.62 76.63
CA TYR IA 65 -121.45 6.95 76.41
C TYR IA 65 -120.41 8.02 76.68
N SER IA 66 -120.29 8.97 75.76
CA SER IA 66 -119.47 10.16 75.96
C SER IA 66 -120.24 11.17 76.80
N LYS IA 67 -119.48 12.06 77.43
CA LYS IA 67 -120.11 13.14 78.16
C LYS IA 67 -120.85 14.06 77.18
N GLY IA 68 -121.98 14.60 77.63
CA GLY IA 68 -122.68 15.62 76.88
C GLY IA 68 -122.26 17.01 77.31
N LYS IA 69 -122.72 18.01 76.55
CA LYS IA 69 -122.21 19.37 76.70
C LYS IA 69 -123.35 20.37 76.56
N ASN IA 70 -123.55 21.20 77.58
CA ASN IA 70 -124.57 22.25 77.53
C ASN IA 70 -123.90 23.60 77.70
N GLU IA 71 -123.93 24.42 76.66
CA GLU IA 71 -123.28 25.73 76.67
C GLU IA 71 -124.30 26.84 76.78
N VAL IA 72 -123.86 27.95 77.38
CA VAL IA 72 -124.53 29.24 77.28
C VAL IA 72 -123.46 30.27 76.98
N VAL IA 73 -123.80 31.22 76.11
CA VAL IA 73 -122.92 32.32 75.74
C VAL IA 73 -123.72 33.60 75.90
N PHE IA 74 -123.37 34.43 76.88
CA PHE IA 74 -124.01 35.72 77.08
C PHE IA 74 -123.08 36.79 76.56
N VAL IA 75 -123.64 37.75 75.83
CA VAL IA 75 -122.85 38.69 75.05
C VAL IA 75 -123.38 40.10 75.27
N ILE IA 76 -122.48 41.00 75.66
CA ILE IA 76 -122.69 42.45 75.65
C ILE IA 76 -121.96 43.02 74.44
N PRO IA 77 -122.65 43.38 73.37
CA PRO IA 77 -121.98 44.10 72.29
C PRO IA 77 -121.81 45.57 72.64
N MET IA 78 -120.65 46.12 72.31
CA MET IA 78 -120.35 47.52 72.58
C MET IA 78 -119.71 48.15 71.35
N SER IA 79 -120.09 49.40 71.11
CA SER IA 79 -119.58 50.18 69.98
C SER IA 79 -118.33 50.91 70.43
N LEU IA 80 -117.21 50.63 69.77
CA LEU IA 80 -115.96 51.27 70.12
C LEU IA 80 -115.94 52.70 69.60
N ASP IA 81 -114.96 53.47 70.13
CA ASP IA 81 -114.71 54.80 69.60
C ASP IA 81 -114.34 54.73 68.12
N SER IA 82 -113.66 53.64 67.71
CA SER IA 82 -113.26 53.40 66.33
C SER IA 82 -114.45 53.21 65.38
N GLY IA 83 -115.67 53.04 65.90
CA GLY IA 83 -116.80 52.66 65.10
C GLY IA 83 -117.02 51.17 65.00
N GLU IA 84 -115.95 50.38 65.05
CA GLU IA 84 -116.08 48.93 65.05
C GLU IA 84 -116.69 48.45 66.36
N THR IA 85 -117.78 47.70 66.26
CA THR IA 85 -118.46 47.16 67.44
C THR IA 85 -117.96 45.74 67.70
N VAL IA 86 -117.70 45.44 68.97
CA VAL IA 86 -117.14 44.14 69.39
C VAL IA 86 -118.01 43.57 70.51
N PHE IA 87 -117.64 42.37 70.95
CA PHE IA 87 -118.48 41.57 71.84
C PHE IA 87 -117.74 41.19 73.11
N ASN IA 88 -118.36 41.47 74.26
CA ASN IA 88 -117.91 41.02 75.57
C ASN IA 88 -118.67 39.74 75.91
N SER IA 89 -117.96 38.66 76.16
CA SER IA 89 -118.55 37.32 76.14
C SER IA 89 -118.26 36.59 77.44
N VAL IA 90 -119.30 36.25 78.19
CA VAL IA 90 -119.18 35.25 79.23
C VAL IA 90 -119.76 33.94 78.70
N ARG IA 91 -118.95 32.88 78.72
CA ARG IA 91 -119.35 31.57 78.21
C ARG IA 91 -119.24 30.55 79.34
N ILE IA 92 -120.30 29.75 79.52
CA ILE IA 92 -120.32 28.72 80.55
C ILE IA 92 -120.77 27.43 79.90
N ALA IA 93 -119.88 26.44 79.88
CA ALA IA 93 -120.13 25.15 79.28
C ALA IA 93 -120.03 24.08 80.36
N LEU IA 94 -121.02 23.20 80.42
CA LEU IA 94 -121.08 22.17 81.44
C LEU IA 94 -121.12 20.81 80.75
N GLU IA 95 -120.05 20.05 80.91
CA GLU IA 95 -119.86 18.74 80.27
C GLU IA 95 -120.01 17.66 81.34
N ILE IA 96 -121.02 16.81 81.16
CA ILE IA 96 -121.38 15.82 82.17
C ILE IA 96 -121.58 14.46 81.51
N HIS IA 97 -120.99 13.42 82.11
CA HIS IA 97 -121.31 12.05 81.76
C HIS IA 97 -122.59 11.63 82.49
N PRO IA 98 -123.48 10.88 81.82
CA PRO IA 98 -124.81 10.61 82.41
C PRO IA 98 -124.76 9.85 83.71
N ALA IA 99 -123.66 9.15 84.01
CA ALA IA 99 -123.55 8.35 85.21
C ALA IA 99 -123.23 9.16 86.45
N LEU IA 100 -123.00 10.46 86.34
CA LEU IA 100 -122.76 11.28 87.53
C LEU IA 100 -124.06 11.50 88.29
N ALA IA 101 -123.93 11.63 89.60
CA ALA IA 101 -125.10 11.80 90.45
C ALA IA 101 -125.82 13.11 90.16
N SER IA 102 -127.15 13.03 90.16
CA SER IA 102 -127.98 14.22 89.92
C SER IA 102 -127.62 15.33 90.89
N ALA IA 103 -127.20 14.98 92.11
CA ALA IA 103 -126.81 15.98 93.10
C ALA IA 103 -125.46 16.59 92.78
N SER IA 104 -124.51 15.78 92.29
CA SER IA 104 -123.20 16.32 91.94
C SER IA 104 -123.30 17.24 90.72
N VAL IA 105 -124.25 17.01 89.84
CA VAL IA 105 -124.44 17.93 88.70
C VAL IA 105 -124.77 19.34 89.21
N LYS IA 106 -125.74 19.43 90.13
CA LYS IA 106 -126.11 20.74 90.65
C LYS IA 106 -125.02 21.31 91.55
N ASP IA 107 -124.32 20.47 92.32
CA ASP IA 107 -123.15 20.97 93.04
C ASP IA 107 -122.15 21.59 92.08
N LEU IA 108 -122.01 21.01 90.87
CA LEU IA 108 -121.05 21.52 89.90
C LEU IA 108 -121.51 22.88 89.35
N ARG IA 109 -122.80 23.01 89.06
CA ARG IA 109 -123.36 24.31 88.66
C ARG IA 109 -123.07 25.38 89.71
N LEU IA 110 -123.36 25.07 90.97
CA LEU IA 110 -123.20 26.07 92.03
C LEU IA 110 -121.73 26.38 92.29
N ILE IA 111 -120.85 25.39 92.16
CA ILE IA 111 -119.45 25.65 92.43
C ILE IA 111 -118.84 26.50 91.32
N GLY IA 112 -119.29 26.31 90.07
CA GLY IA 112 -118.89 27.22 89.02
C GLY IA 112 -119.39 28.63 89.26
N ALA IA 113 -120.66 28.76 89.69
CA ALA IA 113 -121.18 30.09 90.00
C ALA IA 113 -120.35 30.77 91.08
N GLN IA 114 -119.95 30.04 92.10
CA GLN IA 114 -119.12 30.65 93.14
C GLN IA 114 -117.78 31.08 92.56
N LEU IA 115 -117.17 30.22 91.75
CA LEU IA 115 -115.91 30.60 91.10
C LEU IA 115 -116.05 31.91 90.33
N LEU IA 116 -117.21 32.15 89.70
CA LEU IA 116 -117.44 33.46 89.07
C LEU IA 116 -117.54 34.59 90.10
N THR IA 117 -118.41 34.43 91.11
CA THR IA 117 -118.86 35.60 91.85
C THR IA 117 -118.15 35.86 93.17
N ASP IA 118 -117.32 34.92 93.66
CA ASP IA 118 -116.69 35.12 94.95
C ASP IA 118 -115.63 36.21 94.88
N ALA IA 119 -115.38 36.84 96.03
CA ALA IA 119 -114.45 37.96 96.07
C ALA IA 119 -113.01 37.48 95.95
N ASP IA 120 -112.71 36.27 96.45
CA ASP IA 120 -111.38 35.70 96.33
C ASP IA 120 -110.85 35.74 94.89
N TYR IA 121 -111.75 35.68 93.91
CA TYR IA 121 -111.37 35.57 92.52
C TYR IA 121 -111.46 36.89 91.78
N ASP IA 122 -111.84 37.98 92.48
CA ASP IA 122 -111.94 39.29 91.85
C ASP IA 122 -110.66 39.65 91.11
N SER IA 123 -109.51 39.50 91.77
CA SER IA 123 -108.24 39.84 91.13
C SER IA 123 -108.05 39.05 89.85
N PHE IA 124 -108.25 37.72 89.91
CA PHE IA 124 -108.12 36.89 88.73
C PHE IA 124 -108.99 37.37 87.58
N TRP IA 125 -110.31 37.41 87.79
CA TRP IA 125 -111.21 37.73 86.70
C TRP IA 125 -110.93 39.12 86.14
N THR IA 126 -110.88 40.14 87.00
CA THR IA 126 -110.77 41.52 86.51
C THR IA 126 -109.41 41.80 85.91
N LEU IA 127 -108.34 41.60 86.68
CA LEU IA 127 -107.01 42.00 86.29
C LEU IA 127 -106.29 40.96 85.45
N GLY IA 128 -106.73 39.71 85.50
CA GLY IA 128 -106.00 38.60 84.91
C GLY IA 128 -104.93 38.01 85.79
N ALA IA 129 -104.93 38.34 87.09
CA ALA IA 129 -103.80 37.97 87.94
C ALA IA 129 -103.83 36.49 88.27
N LEU IA 130 -102.73 35.81 87.98
CA LEU IA 130 -102.59 34.43 88.39
C LEU IA 130 -102.18 34.36 89.86
N ALA IA 131 -102.22 33.15 90.42
CA ALA IA 131 -101.83 32.88 91.81
C ALA IA 131 -102.66 33.66 92.84
N SER JA 1 -71.78 1.60 111.68
CA SER JA 1 -72.66 2.66 112.14
C SER JA 1 -73.91 2.76 111.26
N ILE JA 2 -73.77 2.53 109.94
CA ILE JA 2 -74.95 2.41 109.08
C ILE JA 2 -75.67 1.10 109.37
N ILE JA 3 -74.91 0.01 109.47
CA ILE JA 3 -75.50 -1.28 109.80
C ILE JA 3 -75.86 -1.28 111.28
N GLY JA 4 -77.13 -1.50 111.57
CA GLY JA 4 -77.60 -1.49 112.94
C GLY JA 4 -78.15 -0.16 113.41
N SER JA 5 -78.09 0.89 112.59
CA SER JA 5 -78.61 2.17 112.99
C SER JA 5 -80.12 2.10 113.22
N SER JA 6 -80.61 2.95 114.11
CA SER JA 6 -82.03 3.00 114.45
C SER JA 6 -82.54 4.42 114.22
N ILE JA 7 -83.70 4.51 113.59
CA ILE JA 7 -84.32 5.80 113.24
C ILE JA 7 -85.82 5.69 113.44
N LYS JA 8 -86.45 6.81 113.79
CA LYS JA 8 -87.88 6.82 114.14
C LYS JA 8 -88.73 6.83 112.87
N THR JA 9 -89.71 5.92 112.81
CA THR JA 9 -90.77 6.01 111.80
C THR JA 9 -92.07 6.39 112.47
N GLY JA 10 -93.02 6.85 111.65
CA GLY JA 10 -94.26 7.38 112.19
C GLY JA 10 -94.04 8.52 113.15
N ALA JA 11 -93.06 9.38 112.89
CA ALA JA 11 -92.77 10.48 113.77
C ALA JA 11 -93.80 11.59 113.61
N THR JA 12 -94.11 12.27 114.71
CA THR JA 12 -95.05 13.39 114.66
C THR JA 12 -94.47 14.55 113.86
N SER JA 13 -93.30 15.05 114.26
CA SER JA 13 -92.66 16.14 113.52
C SER JA 13 -91.19 16.21 113.87
N ALA JA 14 -90.43 16.86 113.00
CA ALA JA 14 -89.01 17.06 113.20
C ALA JA 14 -88.71 18.53 113.43
N SER JA 15 -87.65 18.80 114.19
CA SER JA 15 -87.30 20.16 114.54
C SER JA 15 -85.78 20.27 114.54
N ILE JA 16 -85.29 21.50 114.71
CA ILE JA 16 -83.86 21.72 114.65
C ILE JA 16 -83.46 22.81 115.65
N THR JA 17 -82.61 22.44 116.61
CA THR JA 17 -82.05 23.40 117.56
C THR JA 17 -80.85 24.06 116.88
N GLY JA 18 -81.03 25.32 116.47
CA GLY JA 18 -80.04 25.93 115.61
C GLY JA 18 -79.82 27.42 115.75
N GLY JA 19 -79.01 27.97 114.84
CA GLY JA 19 -78.58 29.35 114.92
C GLY JA 19 -79.41 30.35 114.13
N SER JA 20 -78.77 31.08 113.23
CA SER JA 20 -79.38 32.23 112.59
C SER JA 20 -80.35 31.82 111.48
N ASP JA 21 -81.26 32.73 111.16
CA ASP JA 21 -82.22 32.55 110.09
C ASP JA 21 -81.58 32.79 108.73
N ILE JA 22 -82.25 32.28 107.69
CA ILE JA 22 -81.90 32.60 106.32
C ILE JA 22 -83.20 32.63 105.53
N THR JA 23 -83.32 33.55 104.58
CA THR JA 23 -84.56 33.75 103.87
C THR JA 23 -84.34 33.67 102.37
N PHE JA 24 -85.34 33.12 101.67
CA PHE JA 24 -85.30 32.92 100.23
C PHE JA 24 -86.14 33.97 99.52
N ALA JA 25 -85.68 34.38 98.35
CA ALA JA 25 -86.49 35.20 97.46
C ALA JA 25 -86.32 34.68 96.05
N LEU JA 26 -87.34 34.94 95.22
CA LEU JA 26 -87.36 34.37 93.87
C LEU JA 26 -86.26 34.97 92.99
N THR JA 27 -85.47 34.09 92.37
CA THR JA 27 -84.28 34.53 91.66
C THR JA 27 -84.62 35.21 90.35
N GLY JA 28 -85.55 34.65 89.60
CA GLY JA 28 -85.74 35.06 88.22
C GLY JA 28 -84.80 34.39 87.25
N GLN JA 29 -84.08 33.35 87.69
CA GLN JA 29 -83.41 32.45 86.75
C GLN JA 29 -84.45 31.51 86.19
N THR JA 30 -84.55 31.46 84.86
CA THR JA 30 -85.54 30.61 84.22
C THR JA 30 -85.15 29.16 84.41
N VAL JA 31 -86.06 28.36 84.99
CA VAL JA 31 -85.82 26.95 85.25
C VAL JA 31 -87.01 26.15 84.71
N THR JA 32 -86.73 25.17 83.87
CA THR JA 32 -87.77 24.35 83.28
C THR JA 32 -88.47 23.51 84.35
N ASN JA 33 -89.80 23.58 84.37
CA ASN JA 33 -90.64 22.91 85.36
C ASN JA 33 -90.25 23.27 86.79
N GLY JA 34 -89.54 24.38 86.97
CA GLY JA 34 -88.94 24.63 88.26
C GLY JA 34 -88.82 26.10 88.64
N LEU JA 35 -88.17 26.29 89.77
CA LEU JA 35 -88.09 27.57 90.45
C LEU JA 35 -86.68 27.73 91.00
N ASN JA 36 -86.19 28.97 91.05
CA ASN JA 36 -84.93 29.25 91.72
C ASN JA 36 -85.19 30.34 92.75
N VAL JA 37 -84.88 30.05 94.02
CA VAL JA 37 -84.91 31.04 95.08
C VAL JA 37 -83.52 31.09 95.70
N SER JA 38 -82.95 32.28 95.79
CA SER JA 38 -81.63 32.39 96.40
C SER JA 38 -81.74 33.12 97.73
N VAL JA 39 -80.62 33.17 98.42
CA VAL JA 39 -80.55 33.74 99.76
C VAL JA 39 -80.47 35.25 99.67
N SER JA 40 -81.50 35.93 100.17
CA SER JA 40 -81.53 37.38 100.21
C SER JA 40 -80.59 37.95 101.26
N GLU JA 41 -79.84 37.11 101.97
CA GLU JA 41 -79.06 37.53 103.12
C GLU JA 41 -77.56 37.46 102.89
N ASP JA 42 -77.12 36.64 101.94
CA ASP JA 42 -75.73 36.68 101.48
C ASP JA 42 -75.57 37.82 100.48
N THR JA 43 -74.48 38.58 100.64
CA THR JA 43 -74.37 39.87 99.98
C THR JA 43 -73.70 39.81 98.61
N ASP JA 44 -72.95 38.76 98.32
CA ASP JA 44 -72.21 38.63 97.06
C ASP JA 44 -72.82 37.48 96.27
N TYR JA 45 -73.41 37.80 95.11
CA TYR JA 45 -74.00 36.76 94.26
C TYR JA 45 -73.02 35.65 93.98
N ARG JA 46 -71.75 36.00 93.75
CA ARG JA 46 -70.70 35.04 93.47
C ARG JA 46 -70.72 33.88 94.46
N THR JA 47 -71.13 34.14 95.71
CA THR JA 47 -71.21 33.12 96.76
C THR JA 47 -72.59 33.06 97.40
N ARG JA 48 -73.66 33.49 96.73
CA ARG JA 48 -75.00 33.36 97.30
C ARG JA 48 -75.51 31.93 97.18
N ARG JA 49 -75.72 31.30 98.33
CA ARG JA 49 -76.41 30.02 98.41
C ARG JA 49 -77.75 30.14 97.70
N ASN JA 50 -78.08 29.13 96.87
CA ASN JA 50 -79.40 29.15 96.25
C ASN JA 50 -79.96 27.74 96.11
N ALA JA 51 -81.28 27.67 96.05
CA ALA JA 51 -82.00 26.41 95.96
C ALA JA 51 -82.90 26.43 94.74
N THR JA 52 -83.02 25.27 94.11
CA THR JA 52 -83.82 25.09 92.90
C THR JA 52 -84.80 23.95 93.13
N PHE JA 53 -86.06 24.22 92.81
CA PHE JA 53 -87.19 23.33 93.08
C PHE JA 53 -87.77 22.88 91.75
N LYS JA 54 -87.70 21.59 91.47
CA LYS JA 54 -88.33 21.02 90.28
C LYS JA 54 -89.47 20.09 90.69
N SER JA 55 -90.47 20.00 89.82
CA SER JA 55 -91.69 19.25 90.14
C SER JA 55 -92.26 18.63 88.89
N ARG JA 56 -92.53 17.33 88.93
CA ARG JA 56 -93.30 16.63 87.92
C ARG JA 56 -94.40 15.81 88.58
N VAL JA 57 -95.63 16.03 88.12
CA VAL JA 57 -96.87 15.46 88.66
C VAL JA 57 -97.07 14.07 88.06
N PRO JA 58 -97.77 13.16 88.74
CA PRO JA 58 -98.02 11.84 88.16
C PRO JA 58 -98.75 11.91 86.82
N THR JA 59 -98.23 11.15 85.86
CA THR JA 59 -98.80 11.07 84.52
C THR JA 59 -99.58 9.78 84.36
N VAL JA 60 -100.73 9.84 83.70
CA VAL JA 60 -101.65 8.72 83.57
C VAL JA 60 -101.58 8.17 82.14
N VAL JA 61 -101.34 6.86 82.04
CA VAL JA 61 -101.36 6.13 80.77
C VAL JA 61 -102.52 5.14 80.82
N ASN JA 62 -103.63 5.49 80.16
CA ASN JA 62 -104.80 4.64 80.02
C ASN JA 62 -105.22 4.03 81.36
N GLY JA 63 -105.29 4.88 82.38
CA GLY JA 63 -105.74 4.49 83.70
C GLY JA 63 -104.65 4.15 84.70
N ASN JA 64 -103.41 3.97 84.26
CA ASN JA 64 -102.31 3.61 85.15
C ASN JA 64 -101.47 4.83 85.48
N TYR JA 65 -101.26 5.10 86.77
CA TYR JA 65 -100.52 6.29 87.18
C TYR JA 65 -99.03 6.00 87.33
N SER JA 66 -98.22 7.02 87.06
CA SER JA 66 -96.77 6.95 87.20
C SER JA 66 -96.35 7.74 88.43
N LYS JA 67 -95.41 7.19 89.19
CA LYS JA 67 -94.87 7.88 90.35
C LYS JA 67 -94.25 9.22 89.93
N GLY JA 68 -94.68 10.29 90.60
CA GLY JA 68 -94.16 11.62 90.32
C GLY JA 68 -92.93 11.94 91.15
N LYS JA 69 -92.31 13.08 90.81
CA LYS JA 69 -90.96 13.39 91.27
C LYS JA 69 -90.85 14.84 91.68
N ASN JA 70 -90.44 15.08 92.93
CA ASN JA 70 -90.23 16.44 93.44
C ASN JA 70 -88.76 16.56 93.87
N GLU JA 71 -87.98 17.34 93.11
CA GLU JA 71 -86.57 17.54 93.41
C GLU JA 71 -86.32 18.90 94.05
N VAL JA 72 -85.31 18.94 94.91
CA VAL JA 72 -84.74 20.17 95.43
C VAL JA 72 -83.24 20.03 95.37
N VAL JA 73 -82.56 21.09 94.98
CA VAL JA 73 -81.11 21.13 95.04
C VAL JA 73 -80.68 22.44 95.69
N PHE JA 74 -79.79 22.33 96.68
CA PHE JA 74 -79.31 23.47 97.43
C PHE JA 74 -77.81 23.56 97.24
N VAL JA 75 -77.32 24.77 96.96
CA VAL JA 75 -75.97 24.96 96.47
C VAL JA 75 -75.27 26.05 97.28
N ILE JA 76 -74.08 25.72 97.77
CA ILE JA 76 -73.11 26.67 98.27
C ILE JA 76 -72.03 26.84 97.19
N PRO JA 77 -71.96 27.97 96.50
CA PRO JA 77 -70.87 28.18 95.55
C PRO JA 77 -69.62 28.67 96.28
N MET JA 78 -68.47 28.13 95.87
CA MET JA 78 -67.20 28.60 96.40
C MET JA 78 -66.19 28.66 95.28
N SER JA 79 -65.37 29.70 95.28
CA SER JA 79 -64.28 29.82 94.33
C SER JA 79 -63.05 29.12 94.89
N LEU JA 80 -62.39 28.32 94.04
CA LEU JA 80 -61.22 27.56 94.44
C LEU JA 80 -59.96 28.40 94.30
N ASP JA 81 -58.87 27.86 94.86
CA ASP JA 81 -57.56 28.43 94.61
C ASP JA 81 -57.23 28.43 93.13
N SER JA 82 -57.88 27.54 92.36
CA SER JA 82 -57.76 27.50 90.90
C SER JA 82 -58.41 28.69 90.22
N GLY JA 83 -59.18 29.50 90.96
CA GLY JA 83 -59.98 30.54 90.35
C GLY JA 83 -61.32 30.02 89.89
N GLU JA 84 -61.31 28.79 89.39
CA GLU JA 84 -62.54 28.08 89.05
C GLU JA 84 -63.50 28.07 90.24
N THR JA 85 -64.77 28.35 89.98
CA THR JA 85 -65.80 28.35 91.00
C THR JA 85 -66.63 27.07 90.88
N VAL JA 86 -66.73 26.33 91.98
CA VAL JA 86 -67.42 25.04 92.02
C VAL JA 86 -68.63 25.16 92.95
N PHE JA 87 -69.65 24.35 92.65
CA PHE JA 87 -70.90 24.36 93.39
C PHE JA 87 -70.96 23.15 94.32
N ASN JA 88 -71.24 23.39 95.60
CA ASN JA 88 -71.34 22.35 96.61
C ASN JA 88 -72.82 22.03 96.85
N SER JA 89 -73.20 20.79 96.60
CA SER JA 89 -74.59 20.42 96.35
C SER JA 89 -75.13 19.48 97.42
N VAL JA 90 -76.38 19.71 97.80
CA VAL JA 90 -77.20 18.69 98.44
C VAL JA 90 -78.51 18.62 97.65
N ARG JA 91 -78.88 17.41 97.23
CA ARG JA 91 -80.04 17.20 96.36
C ARG JA 91 -80.96 16.17 96.98
N ILE JA 92 -82.24 16.52 97.12
CA ILE JA 92 -83.23 15.65 97.72
C ILE JA 92 -84.39 15.50 96.75
N ALA JA 93 -84.63 14.27 96.32
CA ALA JA 93 -85.66 13.95 95.33
C ALA JA 93 -86.61 12.93 95.93
N LEU JA 94 -87.90 13.28 95.97
CA LEU JA 94 -88.91 12.41 96.54
C LEU JA 94 -89.88 11.97 95.44
N GLU JA 95 -89.92 10.66 95.19
CA GLU JA 95 -90.72 10.07 94.12
C GLU JA 95 -91.83 9.24 94.74
N ILE JA 96 -93.08 9.65 94.51
CA ILE JA 96 -94.24 9.07 95.18
C ILE JA 96 -95.27 8.64 94.14
N HIS JA 97 -95.81 7.44 94.32
CA HIS JA 97 -96.97 7.02 93.56
C HIS JA 97 -98.24 7.53 94.24
N PRO JA 98 -99.24 7.95 93.47
CA PRO JA 98 -100.44 8.56 94.09
C PRO JA 98 -101.16 7.66 95.07
N ALA JA 99 -100.99 6.34 94.97
CA ALA JA 99 -101.71 5.42 95.84
C ALA JA 99 -101.13 5.32 97.24
N LEU JA 100 -99.96 5.92 97.50
CA LEU JA 100 -99.34 5.78 98.80
C LEU JA 100 -100.13 6.53 99.87
N ALA JA 101 -100.02 6.04 101.10
CA ALA JA 101 -100.70 6.66 102.22
C ALA JA 101 -100.21 8.09 102.44
N SER JA 102 -101.15 9.00 102.66
CA SER JA 102 -100.82 10.39 102.93
C SER JA 102 -99.81 10.53 104.07
N ALA JA 103 -99.96 9.71 105.11
CA ALA JA 103 -99.04 9.76 106.24
C ALA JA 103 -97.70 9.10 105.93
N SER JA 104 -97.70 8.07 105.07
CA SER JA 104 -96.44 7.48 104.65
C SER JA 104 -95.60 8.46 103.83
N VAL JA 105 -96.25 9.38 103.12
CA VAL JA 105 -95.51 10.42 102.40
C VAL JA 105 -94.67 11.25 103.38
N LYS JA 106 -95.31 11.78 104.42
CA LYS JA 106 -94.58 12.58 105.39
C LYS JA 106 -93.62 11.72 106.22
N ASP JA 107 -93.93 10.44 106.42
CA ASP JA 107 -92.96 9.57 107.08
C ASP JA 107 -91.70 9.44 106.22
N LEU JA 108 -91.85 9.39 104.90
CA LEU JA 108 -90.67 9.36 104.03
C LEU JA 108 -89.86 10.64 104.16
N ARG JA 109 -90.53 11.80 104.16
CA ARG JA 109 -89.81 13.05 104.36
C ARG JA 109 -89.00 13.02 105.64
N LEU JA 110 -89.63 12.59 106.74
CA LEU JA 110 -88.97 12.62 108.04
C LEU JA 110 -87.87 11.58 108.14
N ILE JA 111 -88.05 10.41 107.53
CA ILE JA 111 -87.04 9.37 107.62
C ILE JA 111 -85.84 9.72 106.75
N GLY JA 112 -86.08 10.35 105.60
CA GLY JA 112 -84.98 10.90 104.82
C GLY JA 112 -84.20 11.93 105.60
N ALA JA 113 -84.90 12.83 106.28
CA ALA JA 113 -84.19 13.86 107.06
C ALA JA 113 -83.35 13.24 108.16
N GLN JA 114 -83.88 12.20 108.83
CA GLN JA 114 -83.09 11.53 109.86
C GLN JA 114 -81.86 10.88 109.25
N LEU JA 115 -81.97 10.34 108.04
CA LEU JA 115 -80.81 9.73 107.40
C LEU JA 115 -79.70 10.76 107.14
N LEU JA 116 -80.05 12.04 106.97
CA LEU JA 116 -79.03 13.08 106.92
C LEU JA 116 -78.50 13.47 108.29
N THR JA 117 -79.39 13.64 109.27
CA THR JA 117 -79.00 14.37 110.48
C THR JA 117 -78.84 13.50 111.72
N ASP JA 118 -78.81 12.18 111.60
CA ASP JA 118 -78.49 11.35 112.75
C ASP JA 118 -77.00 11.13 112.84
N ALA JA 119 -76.52 10.96 114.07
CA ALA JA 119 -75.09 10.78 114.30
C ALA JA 119 -74.59 9.49 113.69
N ASP JA 120 -75.43 8.45 113.69
CA ASP JA 120 -75.04 7.14 113.17
C ASP JA 120 -74.45 7.24 111.76
N TYR JA 121 -74.84 8.26 111.01
CA TYR JA 121 -74.44 8.37 109.61
C TYR JA 121 -73.35 9.39 109.39
N ASP JA 122 -72.91 10.11 110.45
CA ASP JA 122 -71.89 11.14 110.32
C ASP JA 122 -70.70 10.63 109.53
N SER JA 123 -70.21 9.43 109.87
CA SER JA 123 -69.05 8.89 109.20
C SER JA 123 -69.32 8.72 107.70
N PHE JA 124 -70.48 8.15 107.36
CA PHE JA 124 -70.86 7.99 105.96
C PHE JA 124 -70.86 9.33 105.22
N TRP JA 125 -71.64 10.29 105.70
CA TRP JA 125 -71.78 11.54 104.95
C TRP JA 125 -70.45 12.27 104.83
N THR JA 126 -69.76 12.50 105.95
CA THR JA 126 -68.54 13.30 105.91
C THR JA 126 -67.45 12.60 105.10
N LEU JA 127 -67.10 11.38 105.47
CA LEU JA 127 -65.95 10.72 104.87
C LEU JA 127 -66.30 9.88 103.65
N GLY JA 128 -67.45 9.20 103.67
CA GLY JA 128 -67.81 8.26 102.64
C GLY JA 128 -67.75 6.81 103.08
N ALA JA 129 -67.75 6.56 104.39
CA ALA JA 129 -67.65 5.23 104.96
C ALA JA 129 -68.86 4.38 104.60
N LEU JA 130 -68.62 3.09 104.35
CA LEU JA 130 -69.63 2.19 103.86
C LEU JA 130 -70.01 1.08 104.84
N ALA JA 131 -69.62 1.19 106.12
CA ALA JA 131 -70.00 0.19 107.12
C ALA JA 131 -71.22 0.66 107.93
N SER KA 1 -90.70 43.03 97.74
CA SER KA 1 -91.78 43.92 98.18
C SER KA 1 -92.35 44.73 97.00
N ILE KA 2 -92.37 44.12 95.82
CA ILE KA 2 -92.87 44.79 94.62
C ILE KA 2 -94.40 44.82 94.63
N ILE KA 3 -95.03 43.66 94.82
CA ILE KA 3 -96.49 43.58 94.81
C ILE KA 3 -97.02 44.32 96.02
N GLY KA 4 -97.79 45.38 95.78
CA GLY KA 4 -98.34 46.16 96.84
C GLY KA 4 -97.54 47.38 97.23
N SER KA 5 -96.42 47.65 96.56
CA SER KA 5 -95.64 48.84 96.87
C SER KA 5 -96.46 50.09 96.56
N SER KA 6 -96.12 51.18 97.25
CA SER KA 6 -96.82 52.45 97.11
C SER KA 6 -95.83 53.56 96.84
N ILE KA 7 -96.10 54.37 95.80
CA ILE KA 7 -95.28 55.52 95.44
C ILE KA 7 -96.19 56.69 95.09
N LYS KA 8 -95.57 57.86 94.89
CA LYS KA 8 -96.28 59.13 94.76
C LYS KA 8 -96.35 59.56 93.30
N THR KA 9 -97.55 59.88 92.83
CA THR KA 9 -97.72 60.51 91.52
C THR KA 9 -98.07 61.98 91.71
N GLY KA 10 -97.74 62.78 90.71
CA GLY KA 10 -97.91 64.22 90.82
C GLY KA 10 -97.18 64.80 92.01
N ALA KA 11 -95.95 64.36 92.25
CA ALA KA 11 -95.16 64.92 93.33
C ALA KA 11 -94.72 66.34 92.97
N THR KA 12 -94.71 67.22 93.97
CA THR KA 12 -94.23 68.57 93.75
C THR KA 12 -92.76 68.57 93.31
N SER KA 13 -91.91 67.86 94.06
CA SER KA 13 -90.51 67.70 93.64
C SER KA 13 -89.89 66.53 94.39
N ALA KA 14 -88.64 66.21 94.02
CA ALA KA 14 -87.85 65.20 94.72
C ALA KA 14 -86.54 65.83 95.12
N SER KA 15 -85.96 65.30 96.20
CA SER KA 15 -84.77 65.89 96.80
C SER KA 15 -83.92 64.77 97.39
N ILE KA 16 -82.74 65.14 97.88
CA ILE KA 16 -81.77 64.14 98.33
C ILE KA 16 -81.00 64.67 99.54
N THR KA 17 -80.99 63.88 100.61
CA THR KA 17 -80.19 64.17 101.80
C THR KA 17 -78.91 63.34 101.68
N GLY KA 18 -77.80 64.01 101.36
CA GLY KA 18 -76.63 63.24 101.01
C GLY KA 18 -75.33 64.03 101.11
N GLY KA 19 -74.25 63.34 100.79
CA GLY KA 19 -72.90 63.81 101.08
C GLY KA 19 -72.25 64.71 100.06
N SER KA 20 -71.08 64.31 99.57
CA SER KA 20 -70.21 65.22 98.84
C SER KA 20 -70.71 65.46 97.41
N ASP KA 21 -70.34 66.63 96.87
CA ASP KA 21 -70.67 66.99 95.51
C ASP KA 21 -69.78 66.25 94.53
N ILE KA 22 -70.29 66.11 93.31
CA ILE KA 22 -69.50 65.68 92.16
C ILE KA 22 -69.88 66.59 91.01
N THR KA 23 -68.87 67.02 90.25
CA THR KA 23 -69.01 68.01 89.20
C THR KA 23 -68.63 67.40 87.86
N PHE KA 24 -69.43 67.70 86.84
CA PHE KA 24 -69.25 67.19 85.48
C PHE KA 24 -68.52 68.20 84.61
N ALA KA 25 -67.91 67.67 83.55
CA ALA KA 25 -67.25 68.49 82.53
C ALA KA 25 -67.22 67.68 81.25
N LEU KA 26 -67.18 68.37 80.12
CA LEU KA 26 -67.32 67.70 78.85
C LEU KA 26 -66.07 66.88 78.52
N THR KA 27 -66.29 65.68 77.96
CA THR KA 27 -65.23 64.70 77.70
C THR KA 27 -64.71 64.74 76.27
N GLY KA 28 -65.59 64.86 75.28
CA GLY KA 28 -65.15 64.76 73.91
C GLY KA 28 -65.03 63.36 73.37
N GLN KA 29 -65.37 62.34 74.16
CA GLN KA 29 -65.60 61.03 73.58
C GLN KA 29 -66.76 61.10 72.62
N THR KA 30 -66.51 60.71 71.37
CA THR KA 30 -67.50 60.86 70.31
C THR KA 30 -68.72 60.00 70.60
N VAL KA 31 -69.89 60.65 70.65
CA VAL KA 31 -71.16 60.00 70.94
C VAL KA 31 -72.20 60.54 69.97
N THR KA 32 -72.82 59.64 69.19
CA THR KA 32 -73.74 60.05 68.14
C THR KA 32 -75.06 60.55 68.73
N ASN KA 33 -75.46 61.76 68.34
CA ASN KA 33 -76.63 62.45 68.90
C ASN KA 33 -76.53 62.58 70.40
N GLY KA 34 -75.30 62.63 70.92
CA GLY KA 34 -75.11 62.60 72.36
C GLY KA 34 -73.94 63.39 72.89
N LEU KA 35 -73.54 63.05 74.12
CA LEU KA 35 -72.64 63.91 74.87
C LEU KA 35 -72.04 63.10 76.01
N ASN KA 36 -70.71 63.11 76.14
CA ASN KA 36 -70.03 62.46 77.26
C ASN KA 36 -69.52 63.53 78.21
N VAL KA 37 -69.97 63.48 79.47
CA VAL KA 37 -69.39 64.31 80.53
C VAL KA 37 -68.85 63.39 81.61
N SER KA 38 -67.59 63.58 81.97
CA SER KA 38 -67.04 62.82 83.08
C SER KA 38 -66.83 63.76 84.26
N VAL KA 39 -66.48 63.17 85.40
CA VAL KA 39 -66.26 63.96 86.59
C VAL KA 39 -64.85 64.53 86.52
N SER KA 40 -64.69 65.79 86.88
CA SER KA 40 -63.35 66.32 87.03
C SER KA 40 -62.82 66.08 88.43
N GLU KA 41 -63.56 65.35 89.25
CA GLU KA 41 -63.22 65.17 90.65
C GLU KA 41 -62.54 63.84 90.93
N ASP KA 42 -62.78 62.84 90.09
CA ASP KA 42 -61.97 61.63 90.13
C ASP KA 42 -60.72 61.86 89.28
N THR KA 43 -59.61 61.29 89.73
CA THR KA 43 -58.30 61.61 89.16
C THR KA 43 -57.76 60.55 88.21
N ASP KA 44 -58.03 59.26 88.47
CA ASP KA 44 -57.51 58.18 87.65
C ASP KA 44 -58.41 57.97 86.43
N TYR KA 45 -57.83 58.02 85.23
CA TYR KA 45 -58.63 57.89 84.03
C TYR KA 45 -59.27 56.51 83.93
N ARG KA 46 -58.55 55.47 84.34
CA ARG KA 46 -59.11 54.12 84.39
C ARG KA 46 -60.44 54.10 85.11
N THR KA 47 -60.47 54.57 86.36
CA THR KA 47 -61.65 54.42 87.21
C THR KA 47 -62.46 55.70 87.32
N ARG KA 48 -62.35 56.62 86.36
CA ARG KA 48 -63.04 57.89 86.46
C ARG KA 48 -64.47 57.75 85.96
N ARG KA 49 -65.42 58.06 86.84
CA ARG KA 49 -66.84 57.90 86.58
C ARG KA 49 -67.28 58.82 85.45
N ASN KA 50 -68.09 58.30 84.52
CA ASN KA 50 -68.55 59.18 83.45
C ASN KA 50 -69.97 58.84 83.02
N ALA KA 51 -70.66 59.86 82.51
CA ALA KA 51 -72.03 59.72 82.06
C ALA KA 51 -72.12 60.12 80.59
N THR KA 52 -73.15 59.60 79.94
CA THR KA 52 -73.38 59.82 78.52
C THR KA 52 -74.87 60.03 78.28
N PHE KA 53 -75.17 61.14 77.63
CA PHE KA 53 -76.52 61.62 77.36
C PHE KA 53 -76.78 61.49 75.87
N LYS KA 54 -77.73 60.64 75.49
CA LYS KA 54 -78.18 60.58 74.11
C LYS KA 54 -79.60 61.12 74.02
N SER KA 55 -79.91 61.75 72.88
CA SER KA 55 -81.16 62.48 72.71
C SER KA 55 -81.66 62.30 71.29
N ARG KA 56 -82.91 61.84 71.14
CA ARG KA 56 -83.58 61.73 69.85
C ARG KA 56 -84.96 62.33 69.97
N VAL KA 57 -85.23 63.33 69.11
CA VAL KA 57 -86.46 64.12 69.16
C VAL KA 57 -87.59 63.40 68.45
N PRO KA 58 -88.85 63.69 68.81
CA PRO KA 58 -89.97 63.19 68.01
C PRO KA 58 -89.88 63.70 66.58
N THR KA 59 -89.94 62.77 65.63
CA THR KA 59 -89.86 63.08 64.22
C THR KA 59 -91.18 62.75 63.55
N VAL KA 60 -91.67 63.67 62.74
CA VAL KA 60 -92.92 63.48 62.03
C VAL KA 60 -92.67 62.62 60.80
N VAL KA 61 -93.53 61.64 60.58
CA VAL KA 61 -93.47 60.80 59.40
C VAL KA 61 -94.90 60.52 58.95
N ASN KA 62 -95.21 60.86 57.70
CA ASN KA 62 -96.54 60.61 57.13
C ASN KA 62 -97.63 61.31 57.93
N GLY KA 63 -97.35 62.54 58.36
CA GLY KA 63 -98.36 63.39 58.94
C GLY KA 63 -98.54 63.28 60.44
N ASN KA 64 -97.80 62.40 61.12
CA ASN KA 64 -97.94 62.31 62.56
C ASN KA 64 -96.61 61.92 63.20
N TYR KA 65 -96.53 62.14 64.51
CA TYR KA 65 -95.29 62.12 65.24
C TYR KA 65 -94.92 60.71 65.72
N SER KA 66 -93.63 60.52 65.95
CA SER KA 66 -93.10 59.32 66.58
C SER KA 66 -92.56 59.70 67.95
N LYS KA 67 -92.76 58.83 68.94
CA LYS KA 67 -92.31 59.14 70.28
C LYS KA 67 -90.80 59.31 70.32
N GLY KA 68 -90.35 60.29 71.11
CA GLY KA 68 -88.93 60.57 71.24
C GLY KA 68 -88.31 59.87 72.43
N LYS KA 69 -86.98 59.82 72.44
CA LYS KA 69 -86.25 58.99 73.38
C LYS KA 69 -85.02 59.73 73.91
N ASN KA 70 -84.89 59.82 75.23
CA ASN KA 70 -83.76 60.49 75.86
C ASN KA 70 -83.11 59.52 76.83
N GLU KA 71 -81.90 59.06 76.50
CA GLU KA 71 -81.16 58.12 77.33
C GLU KA 71 -80.09 58.83 78.12
N VAL KA 72 -79.79 58.28 79.29
CA VAL KA 72 -78.59 58.60 80.05
C VAL KA 72 -77.99 57.29 80.51
N VAL KA 73 -76.66 57.24 80.56
CA VAL KA 73 -75.98 56.10 81.16
C VAL KA 73 -74.82 56.62 81.99
N PHE KA 74 -74.82 56.27 83.28
CA PHE KA 74 -73.78 56.64 84.21
C PHE KA 74 -72.98 55.38 84.53
N VAL KA 75 -71.65 55.50 84.49
CA VAL KA 75 -70.77 54.35 84.52
C VAL KA 75 -69.70 54.57 85.58
N ILE KA 76 -69.53 53.56 86.43
CA ILE KA 76 -68.43 53.40 87.35
C ILE KA 76 -67.50 52.33 86.79
N PRO KA 77 -66.34 52.67 86.25
CA PRO KA 77 -65.40 51.63 85.85
C PRO KA 77 -64.72 51.03 87.06
N MET KA 78 -64.42 49.74 86.97
CA MET KA 78 -63.57 49.10 87.98
C MET KA 78 -62.71 48.04 87.30
N SER KA 79 -61.45 47.98 87.71
CA SER KA 79 -60.56 46.93 87.23
C SER KA 79 -60.81 45.67 88.04
N LEU KA 80 -60.97 44.54 87.35
CA LEU KA 80 -61.15 43.27 88.02
C LEU KA 80 -59.81 42.65 88.34
N ASP KA 81 -59.85 41.63 89.21
CA ASP KA 81 -58.62 40.92 89.56
C ASP KA 81 -58.00 40.24 88.34
N SER KA 82 -58.82 39.89 87.35
CA SER KA 82 -58.35 39.23 86.14
C SER KA 82 -57.65 40.18 85.17
N GLY KA 83 -57.72 41.49 85.43
CA GLY KA 83 -57.04 42.45 84.57
C GLY KA 83 -57.98 43.28 83.73
N GLU KA 84 -59.00 42.64 83.14
CA GLU KA 84 -59.97 43.37 82.34
C GLU KA 84 -60.68 44.40 83.20
N THR KA 85 -60.78 45.61 82.68
CA THR KA 85 -61.58 46.66 83.30
C THR KA 85 -63.02 46.50 82.83
N VAL KA 86 -63.97 46.49 83.77
CA VAL KA 86 -65.38 46.31 83.45
C VAL KA 86 -66.14 47.53 83.94
N PHE KA 87 -67.21 47.86 83.23
CA PHE KA 87 -68.03 49.02 83.53
C PHE KA 87 -69.26 48.62 84.34
N ASN KA 88 -69.63 49.46 85.30
CA ASN KA 88 -70.87 49.28 86.07
C ASN KA 88 -71.84 50.36 85.63
N SER KA 89 -73.02 49.95 85.20
CA SER KA 89 -73.91 50.82 84.44
C SER KA 89 -75.21 51.05 85.19
N VAL KA 90 -75.66 52.29 85.19
CA VAL KA 90 -77.07 52.59 85.42
C VAL KA 90 -77.54 53.37 84.20
N ARG KA 91 -78.59 52.88 83.55
CA ARG KA 91 -79.08 53.44 82.30
C ARG KA 91 -80.54 53.81 82.49
N ILE KA 92 -80.87 55.06 82.19
CA ILE KA 92 -82.22 55.57 82.33
C ILE KA 92 -82.63 56.16 80.99
N ALA KA 93 -83.54 55.49 80.31
CA ALA KA 93 -84.12 55.98 79.07
C ALA KA 93 -85.54 56.45 79.34
N LEU KA 94 -85.97 57.48 78.61
CA LEU KA 94 -87.30 58.05 78.82
C LEU KA 94 -87.87 58.43 77.45
N GLU KA 95 -88.93 57.73 77.06
CA GLU KA 95 -89.57 57.85 75.76
C GLU KA 95 -90.93 58.50 75.95
N ILE KA 96 -91.12 59.66 75.34
CA ILE KA 96 -92.33 60.44 75.49
C ILE KA 96 -92.97 60.65 74.13
N HIS KA 97 -94.28 60.46 74.06
CA HIS KA 97 -95.00 60.90 72.87
C HIS KA 97 -95.38 62.36 73.01
N PRO KA 98 -95.27 63.14 71.93
CA PRO KA 98 -95.52 64.59 72.04
C PRO KA 98 -96.88 64.94 72.64
N ALA KA 99 -97.84 64.02 72.60
CA ALA KA 99 -99.17 64.30 73.12
C ALA KA 99 -99.27 64.21 74.64
N LEU KA 100 -98.23 63.71 75.32
CA LEU KA 100 -98.30 63.62 76.77
C LEU KA 100 -98.28 65.00 77.40
N ALA KA 101 -98.99 65.13 78.52
CA ALA KA 101 -99.02 66.39 79.25
C ALA KA 101 -97.64 66.77 79.77
N SER KA 102 -97.33 68.07 79.68
CA SER KA 102 -96.10 68.58 80.24
C SER KA 102 -95.92 68.14 81.68
N ALA KA 103 -97.01 68.15 82.46
CA ALA KA 103 -96.95 67.75 83.86
C ALA KA 103 -96.73 66.25 84.00
N SER KA 104 -97.33 65.44 83.13
CA SER KA 104 -97.13 64.00 83.20
C SER KA 104 -95.72 63.60 82.78
N VAL KA 105 -95.02 64.44 82.02
CA VAL KA 105 -93.61 64.18 81.74
C VAL KA 105 -92.79 64.20 83.03
N LYS KA 106 -92.91 65.28 83.81
CA LYS KA 106 -92.23 65.31 85.10
C LYS KA 106 -92.77 64.25 86.05
N ASP KA 107 -94.07 63.91 85.98
CA ASP KA 107 -94.55 62.81 86.80
C ASP KA 107 -93.81 61.51 86.47
N LEU KA 108 -93.55 61.26 85.18
CA LEU KA 108 -92.78 60.08 84.80
C LEU KA 108 -91.36 60.13 85.34
N ARG KA 109 -90.71 61.29 85.23
CA ARG KA 109 -89.34 61.41 85.75
C ARG KA 109 -89.30 61.08 87.23
N LEU KA 110 -90.24 61.62 88.00
CA LEU KA 110 -90.22 61.44 89.46
C LEU KA 110 -90.68 60.03 89.85
N ILE KA 111 -91.66 59.48 89.14
CA ILE KA 111 -92.11 58.13 89.47
C ILE KA 111 -91.06 57.10 89.09
N GLY KA 112 -90.25 57.39 88.07
CA GLY KA 112 -89.16 56.51 87.74
C GLY KA 112 -88.05 56.59 88.77
N ALA KA 113 -87.60 57.82 89.07
CA ALA KA 113 -86.56 57.98 90.09
C ALA KA 113 -86.99 57.42 91.43
N GLN KA 114 -88.30 57.43 91.70
CA GLN KA 114 -88.82 56.88 92.94
C GLN KA 114 -88.80 55.36 92.95
N LEU KA 115 -88.76 54.72 91.77
CA LEU KA 115 -88.61 53.28 91.71
C LEU KA 115 -87.17 52.82 91.98
N LEU KA 116 -86.18 53.68 91.75
CA LEU KA 116 -84.81 53.35 92.18
C LEU KA 116 -84.64 53.44 93.68
N THR KA 117 -85.12 54.52 94.30
CA THR KA 117 -84.69 54.85 95.65
C THR KA 117 -85.62 54.32 96.74
N ASP KA 118 -86.90 54.12 96.45
CA ASP KA 118 -87.85 53.79 97.51
C ASP KA 118 -87.55 52.41 98.09
N ALA KA 119 -87.49 52.35 99.42
CA ALA KA 119 -87.02 51.16 100.13
C ALA KA 119 -87.83 49.91 99.79
N ASP KA 120 -89.09 50.07 99.37
CA ASP KA 120 -89.88 48.93 98.93
C ASP KA 120 -89.14 48.11 97.87
N TYR KA 121 -88.54 48.78 96.89
CA TYR KA 121 -87.81 48.08 95.85
C TYR KA 121 -86.38 47.80 96.24
N ASP KA 122 -85.99 48.21 97.45
CA ASP KA 122 -84.61 48.14 97.89
C ASP KA 122 -84.10 46.70 97.82
N SER KA 123 -84.98 45.72 98.10
CA SER KA 123 -84.56 44.32 97.98
C SER KA 123 -84.46 43.89 96.52
N PHE KA 124 -85.22 44.51 95.62
CA PHE KA 124 -85.19 44.13 94.21
C PHE KA 124 -83.87 44.50 93.56
N TRP KA 125 -83.47 45.76 93.68
CA TRP KA 125 -82.27 46.23 92.98
C TRP KA 125 -81.02 45.56 93.52
N THR KA 126 -80.88 45.50 94.84
CA THR KA 126 -79.67 44.95 95.44
C THR KA 126 -79.56 43.45 95.19
N LEU KA 127 -80.60 42.71 95.56
CA LEU KA 127 -80.54 41.26 95.55
C LEU KA 127 -81.03 40.64 94.25
N GLY KA 128 -81.54 41.45 93.33
CA GLY KA 128 -82.21 40.89 92.16
C GLY KA 128 -83.41 40.04 92.54
N ALA KA 129 -84.16 40.46 93.56
CA ALA KA 129 -85.20 39.65 94.18
C ALA KA 129 -86.56 39.98 93.59
N LEU KA 130 -87.20 38.98 92.98
CA LEU KA 130 -88.55 39.12 92.45
C LEU KA 130 -89.54 38.66 93.51
N ALA KA 131 -90.29 39.61 94.07
CA ALA KA 131 -91.30 39.31 95.07
C ALA KA 131 -92.12 40.58 95.31
N SER LA 1 -76.65 73.10 80.48
CA SER LA 1 -76.93 72.82 81.88
C SER LA 1 -76.51 71.40 82.25
N ILE LA 2 -76.31 70.56 81.22
CA ILE LA 2 -75.75 69.24 81.45
C ILE LA 2 -74.26 69.35 81.75
N ILE LA 3 -73.55 70.17 80.96
CA ILE LA 3 -72.13 70.38 81.20
C ILE LA 3 -71.94 71.19 82.47
N GLY LA 4 -71.05 70.73 83.34
CA GLY LA 4 -70.81 71.46 84.57
C GLY LA 4 -71.94 71.41 85.56
N SER LA 5 -72.74 70.35 85.53
CA SER LA 5 -73.76 70.14 86.55
C SER LA 5 -73.15 69.42 87.75
N SER LA 6 -73.81 69.56 88.91
CA SER LA 6 -73.33 69.03 90.18
C SER LA 6 -74.39 68.15 90.79
N ILE LA 7 -73.98 66.97 91.28
CA ILE LA 7 -74.88 66.00 91.88
C ILE LA 7 -74.19 65.30 93.06
N LYS LA 8 -74.98 64.84 94.03
CA LYS LA 8 -74.41 64.29 95.26
C LYS LA 8 -74.03 62.82 95.06
N THR LA 9 -72.80 62.46 95.41
CA THR LA 9 -72.41 61.07 95.51
C THR LA 9 -72.38 60.63 96.96
N GLY LA 10 -72.49 59.32 97.16
CA GLY LA 10 -72.54 58.74 98.48
C GLY LA 10 -73.57 59.44 99.33
N ALA LA 11 -74.76 59.64 98.76
CA ALA LA 11 -75.82 60.27 99.52
C ALA LA 11 -76.40 59.28 100.53
N THR LA 12 -76.80 59.81 101.68
CA THR LA 12 -77.38 58.96 102.72
C THR LA 12 -78.73 58.39 102.28
N SER LA 13 -79.61 59.24 101.74
CA SER LA 13 -80.86 58.76 101.16
C SER LA 13 -81.48 59.87 100.33
N ALA LA 14 -82.48 59.51 99.54
CA ALA LA 14 -83.24 60.46 98.75
C ALA LA 14 -84.72 60.27 99.05
N SER LA 15 -85.50 61.31 98.78
CA SER LA 15 -86.92 61.30 99.12
C SER LA 15 -87.67 62.21 98.16
N ILE LA 16 -88.97 62.33 98.40
CA ILE LA 16 -89.84 63.00 97.44
C ILE LA 16 -90.91 63.77 98.17
N THR LA 17 -90.93 65.10 97.99
CA THR LA 17 -91.99 65.95 98.51
C THR LA 17 -93.13 65.89 97.50
N GLY LA 18 -94.16 65.09 97.83
CA GLY LA 18 -95.03 64.52 96.83
C GLY LA 18 -96.50 64.68 97.13
N GLY LA 19 -97.31 64.21 96.18
CA GLY LA 19 -98.76 64.28 96.26
C GLY LA 19 -99.40 62.95 96.65
N SER LA 20 -100.32 62.45 95.83
CA SER LA 20 -101.16 61.32 96.20
C SER LA 20 -100.45 59.98 96.00
N ASP LA 21 -100.93 58.97 96.73
CA ASP LA 21 -100.38 57.62 96.64
C ASP LA 21 -100.83 56.91 95.36
N ILE LA 22 -100.09 55.88 95.01
CA ILE LA 22 -100.46 54.96 93.92
C ILE LA 22 -99.95 53.58 94.31
N THR LA 23 -100.76 52.55 94.07
CA THR LA 23 -100.52 51.22 94.60
C THR LA 23 -100.50 50.18 93.50
N PHE LA 24 -99.51 49.28 93.55
CA PHE LA 24 -99.31 48.25 92.54
C PHE LA 24 -99.96 46.93 92.96
N ALA LA 25 -100.50 46.22 91.98
CA ALA LA 25 -101.03 44.88 92.19
C ALA LA 25 -100.61 44.00 91.03
N LEU LA 26 -100.67 42.69 91.25
CA LEU LA 26 -100.14 41.73 90.27
C LEU LA 26 -101.02 41.66 89.03
N THR LA 27 -100.41 41.78 87.85
CA THR LA 27 -101.13 41.88 86.58
C THR LA 27 -101.36 40.53 85.91
N GLY LA 28 -100.50 39.56 86.16
CA GLY LA 28 -100.60 38.32 85.41
C GLY LA 28 -100.41 38.49 83.92
N GLN LA 29 -99.57 39.42 83.50
CA GLN LA 29 -99.07 39.44 82.13
C GLN LA 29 -97.76 38.66 82.10
N THR LA 30 -97.75 37.57 81.36
CA THR LA 30 -96.60 36.68 81.35
C THR LA 30 -95.35 37.45 80.93
N VAL LA 31 -94.37 37.53 81.83
CA VAL LA 31 -93.14 38.26 81.60
C VAL LA 31 -91.97 37.39 82.03
N THR LA 32 -91.08 37.08 81.09
CA THR LA 32 -89.95 36.21 81.37
C THR LA 32 -89.01 36.89 82.36
N ASN LA 33 -88.63 36.14 83.39
CA ASN LA 33 -87.66 36.60 84.39
C ASN LA 33 -88.16 37.82 85.15
N GLY LA 34 -89.46 37.96 85.32
CA GLY LA 34 -89.95 39.15 85.96
C GLY LA 34 -91.43 39.15 86.18
N LEU LA 35 -91.92 40.32 86.60
CA LEU LA 35 -93.31 40.53 87.00
C LEU LA 35 -93.88 41.71 86.24
N ASN LA 36 -95.22 41.73 86.17
CA ASN LA 36 -95.97 42.92 85.76
C ASN LA 36 -96.93 43.26 86.89
N VAL LA 37 -96.86 44.51 87.37
CA VAL LA 37 -97.79 45.03 88.36
C VAL LA 37 -98.36 46.32 87.80
N SER LA 38 -99.68 46.44 87.78
CA SER LA 38 -100.29 47.70 87.34
C SER LA 38 -100.94 48.39 88.53
N VAL LA 39 -101.25 49.66 88.34
CA VAL LA 39 -101.84 50.44 89.41
C VAL LA 39 -103.34 50.17 89.41
N SER LA 40 -103.82 49.57 90.50
CA SER LA 40 -105.23 49.28 90.63
C SER LA 40 -106.04 50.52 90.96
N GLU LA 41 -105.40 51.68 90.95
CA GLU LA 41 -106.04 52.93 91.31
C GLU LA 41 -106.49 53.74 90.10
N ASP LA 42 -106.05 53.39 88.90
CA ASP LA 42 -106.62 53.90 87.66
C ASP LA 42 -107.77 53.00 87.26
N THR LA 43 -108.86 53.61 86.77
CA THR LA 43 -110.12 52.88 86.62
C THR LA 43 -110.29 52.22 85.26
N ASP LA 44 -109.60 52.69 84.22
CA ASP LA 44 -109.81 52.25 82.84
C ASP LA 44 -108.59 51.47 82.37
N TYR LA 45 -108.75 50.15 82.16
CA TYR LA 45 -107.62 49.30 81.79
C TYR LA 45 -106.87 49.87 80.60
N ARG LA 46 -107.60 50.31 79.59
CA ARG LA 46 -107.02 50.84 78.36
C ARG LA 46 -105.94 51.90 78.63
N THR LA 47 -105.94 52.53 79.81
CA THR LA 47 -104.93 53.51 80.19
C THR LA 47 -104.48 53.34 81.65
N ARG LA 48 -104.28 52.09 82.11
CA ARG LA 48 -103.71 51.89 83.44
C ARG LA 48 -102.20 51.84 83.40
N ARG LA 49 -101.58 52.80 84.09
CA ARG LA 49 -100.14 52.82 84.28
C ARG LA 49 -99.68 51.51 84.87
N ASN LA 50 -98.72 50.86 84.22
CA ASN LA 50 -98.20 49.61 84.74
C ASN LA 50 -96.68 49.64 84.77
N ALA LA 51 -96.09 48.61 85.36
CA ALA LA 51 -94.66 48.53 85.50
C ALA LA 51 -94.24 47.08 85.42
N THR LA 52 -93.08 46.86 84.82
CA THR LA 52 -92.56 45.53 84.59
C THR LA 52 -91.15 45.45 85.14
N PHE LA 53 -90.91 44.42 85.95
CA PHE LA 53 -89.64 44.20 86.64
C PHE LA 53 -88.97 42.97 86.04
N LYS LA 54 -87.71 43.12 85.63
CA LYS LA 54 -86.93 42.00 85.11
C LYS LA 54 -85.63 41.88 85.88
N SER LA 55 -85.12 40.65 85.96
CA SER LA 55 -83.87 40.36 86.68
C SER LA 55 -83.13 39.23 85.96
N ARG LA 56 -82.13 39.60 85.18
CA ARG LA 56 -81.20 38.64 84.60
C ARG LA 56 -79.99 38.51 85.52
N VAL LA 57 -79.60 37.28 85.80
CA VAL LA 57 -78.58 36.98 86.79
C VAL LA 57 -77.20 36.97 86.13
N PRO LA 58 -76.13 37.12 86.91
CA PRO LA 58 -74.79 37.00 86.34
C PRO LA 58 -74.52 35.59 85.85
N THR LA 59 -73.72 35.50 84.79
CA THR LA 59 -73.41 34.22 84.17
C THR LA 59 -72.04 33.74 84.65
N VAL LA 60 -71.96 32.46 84.99
CA VAL LA 60 -70.73 31.85 85.47
C VAL LA 60 -70.03 31.21 84.27
N VAL LA 61 -68.93 31.80 83.83
CA VAL LA 61 -68.17 31.31 82.68
C VAL LA 61 -66.75 31.05 83.16
N ASN LA 62 -66.50 29.81 83.58
CA ASN LA 62 -65.15 29.34 83.90
C ASN LA 62 -64.48 30.25 84.93
N GLY LA 63 -65.14 30.43 86.07
CA GLY LA 63 -64.63 31.26 87.13
C GLY LA 63 -64.79 32.75 86.94
N ASN LA 64 -65.26 33.21 85.78
CA ASN LA 64 -65.47 34.64 85.52
C ASN LA 64 -66.96 34.93 85.49
N TYR LA 65 -67.36 36.06 86.09
CA TYR LA 65 -68.78 36.40 86.18
C TYR LA 65 -69.07 37.65 85.36
N SER LA 66 -70.12 37.59 84.55
CA SER LA 66 -70.64 38.75 83.85
C SER LA 66 -71.49 39.59 84.79
N LYS LA 67 -71.63 40.87 84.45
CA LYS LA 67 -72.53 41.71 85.21
C LYS LA 67 -73.97 41.23 85.03
N GLY LA 68 -74.76 41.36 86.09
CA GLY LA 68 -76.19 41.12 86.01
C GLY LA 68 -76.96 42.38 85.72
N LYS LA 69 -78.25 42.22 85.46
CA LYS LA 69 -79.06 43.31 84.93
C LYS LA 69 -80.44 43.28 85.58
N ASN LA 70 -80.83 44.39 86.21
CA ASN LA 70 -82.16 44.51 86.80
C ASN LA 70 -82.89 45.68 86.16
N GLU LA 71 -83.96 45.40 85.41
CA GLU LA 71 -84.70 46.43 84.71
C GLU LA 71 -86.03 46.70 85.38
N VAL LA 72 -86.50 47.94 85.23
CA VAL LA 72 -87.88 48.32 85.48
C VAL LA 72 -88.35 49.14 84.30
N VAL LA 73 -89.58 48.93 83.89
CA VAL LA 73 -90.21 49.67 82.80
C VAL LA 73 -91.56 50.16 83.31
N PHE LA 74 -91.69 51.46 83.49
CA PHE LA 74 -92.95 52.06 83.91
C PHE LA 74 -93.59 52.70 82.69
N VAL LA 75 -94.89 52.49 82.52
CA VAL LA 75 -95.58 52.82 81.28
C VAL LA 75 -96.88 53.54 81.60
N ILE LA 76 -97.05 54.72 80.99
CA ILE LA 76 -98.32 55.44 80.92
C ILE LA 76 -98.89 55.23 79.52
N PRO LA 77 -99.90 54.39 79.35
CA PRO LA 77 -100.57 54.32 78.05
C PRO LA 77 -101.56 55.47 77.90
N MET LA 78 -101.58 56.06 76.69
CA MET LA 78 -102.47 57.16 76.41
C MET LA 78 -103.15 56.94 75.07
N SER LA 79 -104.42 57.31 75.00
CA SER LA 79 -105.23 57.18 73.80
C SER LA 79 -105.08 58.45 72.97
N LEU LA 80 -104.58 58.32 71.75
CA LEU LA 80 -104.40 59.47 70.89
C LEU LA 80 -105.74 59.93 70.33
N ASP LA 81 -105.71 61.14 69.76
CA ASP LA 81 -106.86 61.64 69.03
C ASP LA 81 -107.18 60.72 67.85
N SER LA 82 -106.15 60.11 67.26
CA SER LA 82 -106.29 59.18 66.14
C SER LA 82 -107.02 57.89 66.51
N GLY LA 83 -107.25 57.64 67.80
CA GLY LA 83 -107.77 56.37 68.26
C GLY LA 83 -106.70 55.36 68.61
N GLU LA 84 -105.54 55.41 67.94
CA GLU LA 84 -104.43 54.53 68.27
C GLU LA 84 -103.85 54.92 69.62
N THR LA 85 -103.77 53.95 70.53
CA THR LA 85 -103.21 54.18 71.86
C THR LA 85 -101.74 53.78 71.86
N VAL LA 86 -100.90 54.60 72.49
CA VAL LA 86 -99.46 54.40 72.52
C VAL LA 86 -98.98 54.49 73.96
N PHE LA 87 -97.67 54.29 74.14
CA PHE LA 87 -97.08 54.09 75.47
C PHE LA 87 -95.97 55.09 75.73
N ASN LA 88 -96.06 55.78 76.88
CA ASN LA 88 -94.99 56.63 77.39
C ASN LA 88 -94.19 55.82 78.40
N SER LA 89 -92.88 55.70 78.17
CA SER LA 89 -92.09 54.67 78.83
C SER LA 89 -90.88 55.30 79.52
N VAL LA 90 -90.82 55.17 80.83
CA VAL LA 90 -89.56 55.39 81.55
C VAL LA 90 -88.97 54.03 81.88
N ARG LA 91 -87.74 53.78 81.44
CA ARG LA 91 -87.05 52.52 81.66
C ARG LA 91 -85.75 52.77 82.41
N ILE LA 92 -85.53 52.01 83.47
CA ILE LA 92 -84.33 52.13 84.29
C ILE LA 92 -83.72 50.75 84.46
N ALA LA 93 -82.52 50.56 83.92
CA ALA LA 93 -81.81 49.30 83.95
C ALA LA 93 -80.51 49.49 84.71
N LEU LA 94 -80.24 48.61 85.64
CA LEU LA 94 -79.05 48.72 86.49
C LEU LA 94 -78.23 47.44 86.32
N GLU LA 95 -77.06 47.59 85.71
CA GLU LA 95 -76.16 46.48 85.39
C GLU LA 95 -74.96 46.55 86.32
N ILE LA 96 -74.80 45.51 87.13
CA ILE LA 96 -73.79 45.50 88.19
C ILE LA 96 -73.03 44.18 88.16
N HIS LA 97 -71.70 44.27 88.24
CA HIS LA 97 -70.86 43.12 88.51
C HIS LA 97 -70.85 42.82 90.01
N PRO LA 98 -70.90 41.54 90.42
CA PRO LA 98 -71.07 41.23 91.84
C PRO LA 98 -69.94 41.74 92.72
N ALA LA 99 -68.78 42.03 92.16
CA ALA LA 99 -67.63 42.46 92.95
C ALA LA 99 -67.67 43.93 93.32
N LEU LA 100 -68.67 44.69 92.86
CA LEU LA 100 -68.78 46.09 93.27
C LEU LA 100 -69.27 46.18 94.71
N ALA LA 101 -68.83 47.24 95.39
CA ALA LA 101 -69.19 47.43 96.79
C ALA LA 101 -70.69 47.65 96.95
N SER LA 102 -71.24 47.03 97.99
CA SER LA 102 -72.66 47.17 98.30
C SER LA 102 -73.04 48.64 98.43
N ALA LA 103 -72.12 49.47 98.90
CA ALA LA 103 -72.37 50.90 99.05
C ALA LA 103 -72.36 51.61 97.70
N SER LA 104 -71.45 51.23 96.80
CA SER LA 104 -71.43 51.84 95.48
C SER LA 104 -72.66 51.48 94.66
N VAL LA 105 -73.24 50.30 94.90
CA VAL LA 105 -74.48 49.96 94.21
C VAL LA 105 -75.59 50.96 94.55
N LYS LA 106 -75.77 51.24 95.83
CA LYS LA 106 -76.80 52.18 96.23
C LYS LA 106 -76.44 53.62 95.85
N ASP LA 107 -75.15 53.98 95.91
CA ASP LA 107 -74.75 55.28 95.36
C ASP LA 107 -75.15 55.39 93.89
N LEU LA 108 -75.06 54.27 93.15
CA LEU LA 108 -75.39 54.30 91.73
C LEU LA 108 -76.90 54.48 91.52
N ARG LA 109 -77.72 53.79 92.33
CA ARG LA 109 -79.17 54.00 92.31
C ARG LA 109 -79.51 55.47 92.55
N LEU LA 110 -78.92 56.05 93.60
CA LEU LA 110 -79.28 57.43 93.95
C LEU LA 110 -78.75 58.43 92.92
N ILE LA 111 -77.59 58.15 92.32
CA ILE LA 111 -77.05 59.10 91.35
C ILE LA 111 -77.87 59.07 90.07
N GLY LA 112 -78.38 57.89 89.69
CA GLY LA 112 -79.33 57.84 88.59
C GLY LA 112 -80.61 58.59 88.90
N ALA LA 113 -81.14 58.41 90.12
CA ALA LA 113 -82.33 59.15 90.49
C ALA LA 113 -82.12 60.66 90.40
N GLN LA 114 -80.95 61.14 90.83
CA GLN LA 114 -80.69 62.57 90.72
C GLN LA 114 -80.64 62.99 89.26
N LEU LA 115 -79.96 62.19 88.42
CA LEU LA 115 -79.93 62.50 86.99
C LEU LA 115 -81.34 62.64 86.42
N LEU LA 116 -82.30 61.84 86.89
CA LEU LA 116 -83.68 62.05 86.48
C LEU LA 116 -84.27 63.35 87.01
N THR LA 117 -84.17 63.59 88.31
CA THR LA 117 -85.04 64.58 88.93
C THR LA 117 -84.42 65.96 89.13
N ASP LA 118 -83.12 66.13 88.95
CA ASP LA 118 -82.51 67.43 89.22
C ASP LA 118 -82.94 68.45 88.18
N ALA LA 119 -82.90 69.73 88.58
CA ALA LA 119 -83.36 70.79 87.69
C ALA LA 119 -82.36 71.05 86.57
N ASP LA 120 -81.07 70.85 86.85
CA ASP LA 120 -80.04 71.02 85.83
C ASP LA 120 -80.35 70.26 84.55
N TYR LA 121 -81.08 69.15 84.66
CA TYR LA 121 -81.34 68.27 83.52
C TYR LA 121 -82.72 68.46 82.93
N ASP LA 122 -83.51 69.40 83.48
CA ASP LA 122 -84.85 69.66 82.96
C ASP LA 122 -84.84 69.90 81.46
N SER LA 123 -83.94 70.78 80.99
CA SER LA 123 -83.87 71.07 79.56
C SER LA 123 -83.60 69.80 78.75
N PHE LA 124 -82.61 69.01 79.17
CA PHE LA 124 -82.30 67.76 78.48
C PHE LA 124 -83.52 66.86 78.37
N TRP LA 125 -84.08 66.47 79.52
CA TRP LA 125 -85.15 65.49 79.51
C TRP LA 125 -86.36 66.00 78.71
N THR LA 126 -86.84 67.20 79.03
CA THR LA 126 -88.08 67.69 78.45
C THR LA 126 -87.91 68.02 76.96
N LEU LA 127 -86.97 68.91 76.65
CA LEU LA 127 -86.83 69.43 75.30
C LEU LA 127 -85.96 68.56 74.40
N GLY LA 128 -85.14 67.70 74.98
CA GLY LA 128 -84.13 66.97 74.23
C GLY LA 128 -82.83 67.72 74.03
N ALA LA 129 -82.62 68.81 74.77
CA ALA LA 129 -81.50 69.70 74.48
C ALA LA 129 -80.19 69.08 74.94
N LEU LA 130 -79.24 68.96 74.02
CA LEU LA 130 -77.90 68.53 74.38
C LEU LA 130 -77.11 69.70 74.97
N ALA LA 131 -75.96 69.38 75.54
CA ALA LA 131 -75.05 70.38 76.13
C ALA LA 131 -75.67 71.19 77.27
N SER MA 1 -28.63 79.60 69.99
CA SER MA 1 -29.72 80.14 70.79
C SER MA 1 -30.71 79.04 71.20
N ILE MA 2 -30.94 78.05 70.33
CA ILE MA 2 -31.71 76.87 70.74
C ILE MA 2 -30.87 76.02 71.69
N ILE MA 3 -29.60 75.80 71.34
CA ILE MA 3 -28.71 75.04 72.20
C ILE MA 3 -28.33 75.93 73.38
N GLY MA 4 -28.64 75.45 74.58
CA GLY MA 4 -28.35 76.21 75.79
C GLY MA 4 -29.50 77.06 76.28
N SER MA 5 -30.62 77.11 75.56
CA SER MA 5 -31.76 77.90 76.00
C SER MA 5 -32.30 77.36 77.32
N SER MA 6 -32.88 78.25 78.11
CA SER MA 6 -33.44 77.91 79.40
C SER MA 6 -34.91 78.32 79.43
N ILE MA 7 -35.76 77.42 79.94
CA ILE MA 7 -37.20 77.65 79.99
C ILE MA 7 -37.73 77.08 81.30
N LYS MA 8 -38.80 77.68 81.82
CA LYS MA 8 -39.33 77.31 83.13
C LYS MA 8 -40.20 76.06 83.03
N THR MA 9 -39.95 75.08 83.90
CA THR MA 9 -40.87 73.97 84.09
C THR MA 9 -41.53 74.09 85.45
N GLY MA 10 -42.63 73.37 85.61
CA GLY MA 10 -43.43 73.51 86.81
C GLY MA 10 -43.90 74.93 87.05
N ALA MA 11 -44.24 75.65 85.98
CA ALA MA 11 -44.67 77.03 86.12
C ALA MA 11 -46.11 77.09 86.63
N THR MA 12 -46.38 78.11 87.44
CA THR MA 12 -47.74 78.30 87.95
C THR MA 12 -48.71 78.65 86.83
N SER MA 13 -48.43 79.72 86.09
CA SER MA 13 -49.29 80.09 84.97
C SER MA 13 -48.54 81.02 84.03
N ALA MA 14 -49.04 81.11 82.79
CA ALA MA 14 -48.47 81.97 81.77
C ALA MA 14 -49.44 83.09 81.46
N SER MA 15 -48.90 84.24 81.05
CA SER MA 15 -49.70 85.41 80.77
C SER MA 15 -49.09 86.13 79.58
N ILE MA 16 -49.79 87.16 79.11
CA ILE MA 16 -49.35 87.86 77.91
C ILE MA 16 -49.67 89.35 78.03
N THR MA 17 -48.63 90.18 78.02
CA THR MA 17 -48.79 91.63 78.00
C THR MA 17 -49.03 92.05 76.56
N GLY MA 18 -50.28 92.40 76.24
CA GLY MA 18 -50.64 92.57 74.85
C GLY MA 18 -51.69 93.60 74.52
N GLY MA 19 -52.10 93.62 73.25
CA GLY MA 19 -52.98 94.65 72.74
C GLY MA 19 -54.45 94.30 72.75
N SER MA 20 -55.10 94.37 71.58
CA SER MA 20 -56.54 94.30 71.48
C SER MA 20 -57.06 92.87 71.62
N ASP MA 21 -58.34 92.77 71.99
CA ASP MA 21 -59.02 91.49 72.11
C ASP MA 21 -59.43 90.95 70.74
N ILE MA 22 -59.70 89.66 70.71
CA ILE MA 22 -60.31 89.01 69.55
C ILE MA 22 -61.22 87.92 70.08
N THR MA 23 -62.37 87.73 69.43
CA THR MA 23 -63.37 86.80 69.94
C THR MA 23 -63.74 85.79 68.87
N PHE MA 24 -64.02 84.56 69.31
CA PHE MA 24 -64.37 83.46 68.43
C PHE MA 24 -65.87 83.20 68.48
N ALA MA 25 -66.43 82.80 67.34
CA ALA MA 25 -67.79 82.30 67.30
C ALA MA 25 -67.82 81.08 66.38
N LEU MA 26 -68.80 80.21 66.63
CA LEU MA 26 -68.85 78.94 65.91
C LEU MA 26 -69.15 79.13 64.43
N THR MA 27 -68.30 78.54 63.59
CA THR MA 27 -68.37 78.80 62.15
C THR MA 27 -69.57 78.12 61.51
N GLY MA 28 -69.82 76.87 61.86
CA GLY MA 28 -70.74 76.06 61.10
C GLY MA 28 -70.12 75.41 59.89
N GLN MA 29 -68.80 75.43 59.77
CA GLN MA 29 -68.11 74.56 58.83
C GLN MA 29 -68.04 73.17 59.44
N THR MA 30 -68.54 72.17 58.72
CA THR MA 30 -68.54 70.81 59.23
C THR MA 30 -67.11 70.30 59.28
N VAL MA 31 -66.67 69.87 60.46
CA VAL MA 31 -65.33 69.33 60.67
C VAL MA 31 -65.42 68.00 61.40
N THR MA 32 -64.81 66.97 60.82
CA THR MA 32 -64.85 65.64 61.41
C THR MA 32 -64.09 65.61 62.74
N ASN MA 33 -64.76 65.09 63.77
CA ASN MA 33 -64.23 65.05 65.14
C ASN MA 33 -63.82 66.43 65.64
N GLY MA 34 -64.32 67.49 65.02
CA GLY MA 34 -63.78 68.79 65.30
C GLY MA 34 -64.76 69.93 65.20
N LEU MA 35 -64.20 71.13 65.36
CA LEU MA 35 -64.95 72.36 65.49
C LEU MA 35 -64.23 73.45 64.72
N ASN MA 36 -64.98 74.39 64.17
CA ASN MA 36 -64.39 75.57 63.55
C ASN MA 36 -65.00 76.80 64.20
N VAL MA 37 -64.15 77.65 64.78
CA VAL MA 37 -64.58 78.95 65.29
C VAL MA 37 -63.75 80.01 64.58
N SER MA 38 -64.42 81.00 63.99
CA SER MA 38 -63.68 82.06 63.33
C SER MA 38 -63.84 83.36 64.11
N VAL MA 39 -63.10 84.36 63.65
CA VAL MA 39 -63.04 85.65 64.32
C VAL MA 39 -64.26 86.47 63.95
N SER MA 40 -65.09 86.76 64.95
CA SER MA 40 -66.26 87.60 64.76
C SER MA 40 -65.91 89.07 64.57
N GLU MA 41 -64.62 89.41 64.56
CA GLU MA 41 -64.18 90.80 64.59
C GLU MA 41 -63.51 91.24 63.31
N ASP MA 42 -63.01 90.30 62.51
CA ASP MA 42 -62.57 90.60 61.16
C ASP MA 42 -63.77 90.62 60.23
N THR MA 43 -63.84 91.63 59.36
CA THR MA 43 -65.08 91.94 58.67
C THR MA 43 -65.22 91.25 57.31
N ASP MA 44 -64.13 90.76 56.72
CA ASP MA 44 -64.16 90.13 55.41
C ASP MA 44 -63.80 88.66 55.59
N TYR MA 45 -64.75 87.77 55.28
CA TYR MA 45 -64.51 86.33 55.39
C TYR MA 45 -63.25 85.93 54.65
N ARG MA 46 -63.05 86.52 53.46
CA ARG MA 46 -61.89 86.22 52.63
C ARG MA 46 -60.59 86.26 53.43
N THR MA 47 -60.53 87.12 54.48
CA THR MA 47 -59.36 87.22 55.33
C THR MA 47 -59.69 87.05 56.82
N ARG MA 48 -60.78 86.36 57.17
CA ARG MA 48 -61.08 86.10 58.58
C ARG MA 48 -60.21 84.99 59.13
N ARG MA 49 -59.36 85.35 60.09
CA ARG MA 49 -58.63 84.38 60.89
C ARG MA 49 -59.59 83.37 61.47
N ASN MA 50 -59.24 82.09 61.39
CA ASN MA 50 -60.09 81.09 62.03
C ASN MA 50 -59.27 79.95 62.61
N ALA MA 51 -59.84 79.28 63.62
CA ALA MA 51 -59.18 78.20 64.33
C ALA MA 51 -60.06 76.96 64.27
N THR MA 52 -59.42 75.81 64.17
CA THR MA 52 -60.08 74.52 64.08
C THR MA 52 -59.53 73.61 65.16
N PHE MA 53 -60.44 73.00 65.91
CA PHE MA 53 -60.14 72.19 67.08
C PHE MA 53 -60.54 70.75 66.80
N LYS MA 54 -59.55 69.85 66.79
CA LYS MA 54 -59.83 68.44 66.65
C LYS MA 54 -59.45 67.70 67.93
N SER MA 55 -60.16 66.60 68.20
CA SER MA 55 -59.99 65.88 69.45
C SER MA 55 -60.22 64.39 69.23
N ARG MA 56 -59.27 63.57 69.68
CA ARG MA 56 -59.44 62.13 69.78
C ARG MA 56 -59.04 61.67 71.17
N VAL MA 57 -59.94 60.93 71.81
CA VAL MA 57 -59.86 60.45 73.18
C VAL MA 57 -59.04 59.16 73.20
N PRO MA 58 -58.38 58.81 74.31
CA PRO MA 58 -57.64 57.54 74.37
C PRO MA 58 -58.52 56.34 74.10
N THR MA 59 -58.03 55.46 73.24
CA THR MA 59 -58.72 54.23 72.87
C THR MA 59 -58.08 53.04 73.60
N VAL MA 60 -58.92 52.12 74.07
CA VAL MA 60 -58.49 50.99 74.89
C VAL MA 60 -58.53 49.71 74.06
N VAL MA 61 -57.40 49.00 74.02
CA VAL MA 61 -57.29 47.69 73.38
C VAL MA 61 -57.00 46.66 74.48
N ASN MA 62 -58.03 45.92 74.87
CA ASN MA 62 -57.95 44.83 75.84
C ASN MA 62 -57.15 45.24 77.08
N GLY MA 63 -57.49 46.41 77.61
CA GLY MA 63 -56.90 46.91 78.83
C GLY MA 63 -55.75 47.90 78.65
N ASN MA 64 -55.19 48.03 77.45
CA ASN MA 64 -54.07 48.92 77.20
C ASN MA 64 -54.55 50.21 76.54
N TYR MA 65 -54.20 51.36 77.12
CA TYR MA 65 -54.67 52.64 76.60
C TYR MA 65 -53.70 53.22 75.59
N SER MA 66 -54.24 53.96 74.63
CA SER MA 66 -53.46 54.65 73.61
C SER MA 66 -53.46 56.14 73.91
N LYS MA 67 -52.30 56.76 73.73
CA LYS MA 67 -52.19 58.20 73.89
C LYS MA 67 -53.14 58.94 72.94
N GLY MA 68 -53.95 59.83 73.51
CA GLY MA 68 -54.89 60.61 72.72
C GLY MA 68 -54.29 61.91 72.21
N LYS MA 69 -55.05 62.58 71.34
CA LYS MA 69 -54.50 63.66 70.51
C LYS MA 69 -55.48 64.83 70.46
N ASN MA 70 -55.02 66.02 70.87
CA ASN MA 70 -55.82 67.23 70.79
C ASN MA 70 -55.10 68.23 69.89
N GLU MA 71 -55.64 68.49 68.71
CA GLU MA 71 -55.05 69.42 67.75
C GLU MA 71 -55.80 70.73 67.73
N VAL MA 72 -55.05 71.81 67.48
CA VAL MA 72 -55.59 73.12 67.15
C VAL MA 72 -54.81 73.63 65.96
N VAL MA 73 -55.51 74.26 65.02
CA VAL MA 73 -54.85 74.96 63.92
C VAL MA 73 -55.46 76.34 63.78
N PHE MA 74 -54.61 77.35 63.70
CA PHE MA 74 -55.03 78.73 63.61
C PHE MA 74 -54.48 79.29 62.30
N VAL MA 75 -55.33 80.00 61.56
CA VAL MA 75 -55.05 80.35 60.18
C VAL MA 75 -55.32 81.83 59.96
N ILE MA 76 -54.32 82.51 59.39
CA ILE MA 76 -54.45 83.82 58.78
C ILE MA 76 -54.49 83.62 57.26
N PRO MA 77 -55.63 83.80 56.61
CA PRO MA 77 -55.65 83.74 55.14
C PRO MA 77 -55.20 85.06 54.54
N MET MA 78 -54.40 84.96 53.48
CA MET MA 78 -54.00 86.15 52.75
C MET MA 78 -53.99 85.83 51.26
N SER MA 79 -54.46 86.79 50.47
CA SER MA 79 -54.41 86.66 49.02
C SER MA 79 -53.06 87.18 48.51
N LEU MA 80 -52.43 86.41 47.62
CA LEU MA 80 -51.14 86.76 47.08
C LEU MA 80 -51.28 87.69 45.89
N ASP MA 81 -50.14 88.26 45.46
CA ASP MA 81 -50.10 88.98 44.20
C ASP MA 81 -50.48 88.06 43.03
N SER MA 82 -50.34 86.75 43.21
CA SER MA 82 -50.80 85.75 42.25
C SER MA 82 -52.31 85.67 42.15
N GLY MA 83 -53.05 86.31 43.06
CA GLY MA 83 -54.48 86.13 43.13
C GLY MA 83 -54.85 84.93 44.00
N GLU MA 84 -54.04 83.88 43.88
CA GLU MA 84 -54.15 82.71 44.74
C GLU MA 84 -54.14 83.13 46.20
N THR MA 85 -55.06 82.56 46.99
CA THR MA 85 -55.14 82.83 48.41
C THR MA 85 -54.53 81.66 49.19
N VAL MA 86 -53.58 81.97 50.06
CA VAL MA 86 -52.84 80.97 50.83
C VAL MA 86 -53.14 81.16 52.31
N PHE MA 87 -53.08 80.06 53.05
CA PHE MA 87 -53.38 80.04 54.48
C PHE MA 87 -52.09 79.98 55.28
N ASN MA 88 -51.93 80.90 56.24
CA ASN MA 88 -50.76 80.97 57.11
C ASN MA 88 -51.10 80.32 58.44
N SER MA 89 -50.36 79.27 58.79
CA SER MA 89 -50.79 78.29 59.78
C SER MA 89 -49.89 78.27 61.00
N VAL MA 90 -50.51 78.12 62.16
CA VAL MA 90 -49.83 77.65 63.36
C VAL MA 90 -50.65 76.49 63.91
N ARG MA 91 -50.01 75.34 64.13
CA ARG MA 91 -50.69 74.12 64.53
C ARG MA 91 -50.04 73.57 65.79
N ILE MA 92 -50.87 73.32 66.81
CA ILE MA 92 -50.40 72.82 68.10
C ILE MA 92 -51.17 71.55 68.43
N ALA MA 93 -50.45 70.44 68.55
CA ALA MA 93 -51.03 69.13 68.79
C ALA MA 93 -50.42 68.56 70.07
N LEU MA 94 -51.27 68.22 71.03
CA LEU MA 94 -50.82 67.68 72.31
C LEU MA 94 -51.32 66.25 72.46
N GLU MA 95 -50.38 65.31 72.56
CA GLU MA 95 -50.66 63.89 72.61
C GLU MA 95 -50.27 63.38 74.00
N ILE MA 96 -51.26 62.90 74.74
CA ILE MA 96 -51.08 62.54 76.15
C ILE MA 96 -51.58 61.13 76.39
N HIS MA 97 -50.79 60.34 77.12
CA HIS MA 97 -51.27 59.06 77.63
C HIS MA 97 -52.01 59.28 78.94
N PRO MA 98 -53.10 58.54 79.18
CA PRO MA 98 -53.92 58.79 80.39
C PRO MA 98 -53.14 58.67 81.69
N ALA MA 99 -52.04 57.93 81.71
CA ALA MA 99 -51.31 57.70 82.95
C ALA MA 99 -50.45 58.89 83.37
N LEU MA 100 -50.30 59.91 82.52
CA LEU MA 100 -49.42 61.02 82.85
C LEU MA 100 -49.99 61.85 83.99
N ALA MA 101 -49.09 62.48 84.75
CA ALA MA 101 -49.51 63.33 85.86
C ALA MA 101 -50.33 64.50 85.37
N SER MA 102 -51.43 64.76 86.09
CA SER MA 102 -52.30 65.88 85.78
C SER MA 102 -51.52 67.19 85.66
N ALA MA 103 -50.55 67.40 86.55
CA ALA MA 103 -49.76 68.62 86.51
C ALA MA 103 -48.71 68.60 85.39
N SER MA 104 -48.20 67.42 85.04
CA SER MA 104 -47.30 67.34 83.89
C SER MA 104 -48.02 67.67 82.59
N VAL MA 105 -49.32 67.42 82.50
CA VAL MA 105 -50.07 67.83 81.32
C VAL MA 105 -50.00 69.35 81.14
N LYS MA 106 -50.35 70.09 82.18
CA LYS MA 106 -50.30 71.54 82.07
C LYS MA 106 -48.86 72.05 81.97
N ASP MA 107 -47.88 71.34 82.55
CA ASP MA 107 -46.50 71.72 82.33
C ASP MA 107 -46.13 71.60 80.86
N LEU MA 108 -46.64 70.57 80.17
CA LEU MA 108 -46.40 70.47 78.73
C LEU MA 108 -47.02 71.63 77.98
N ARG MA 109 -48.26 71.99 78.31
CA ARG MA 109 -48.87 73.15 77.66
C ARG MA 109 -48.00 74.38 77.83
N LEU MA 110 -47.54 74.64 79.06
CA LEU MA 110 -46.78 75.85 79.33
C LEU MA 110 -45.39 75.81 78.69
N ILE MA 111 -44.76 74.64 78.66
CA ILE MA 111 -43.42 74.55 78.10
C ILE MA 111 -43.47 74.66 76.58
N GLY MA 112 -44.52 74.11 75.97
CA GLY MA 112 -44.74 74.34 74.55
C GLY MA 112 -44.93 75.81 74.25
N ALA MA 113 -45.73 76.51 75.06
CA ALA MA 113 -45.95 77.93 74.82
C ALA MA 113 -44.64 78.72 74.95
N GLN MA 114 -43.80 78.37 75.93
CA GLN MA 114 -42.53 79.05 76.05
C GLN MA 114 -41.66 78.79 74.82
N LEU MA 115 -41.72 77.58 74.27
CA LEU MA 115 -40.94 77.30 73.07
C LEU MA 115 -41.35 78.17 71.89
N LEU MA 116 -42.61 78.63 71.85
CA LEU MA 116 -43.00 79.63 70.85
C LEU MA 116 -42.56 81.04 71.22
N THR MA 117 -42.73 81.44 72.48
CA THR MA 117 -42.71 82.87 72.79
C THR MA 117 -41.48 83.31 73.57
N ASP MA 118 -40.44 82.48 73.69
CA ASP MA 118 -39.20 82.97 74.28
C ASP MA 118 -38.30 83.55 73.20
N ALA MA 119 -37.49 84.54 73.61
CA ALA MA 119 -36.61 85.21 72.67
C ALA MA 119 -35.55 84.26 72.12
N ASP MA 120 -35.10 83.32 72.94
CA ASP MA 120 -34.06 82.37 72.53
C ASP MA 120 -34.38 81.70 71.21
N TYR MA 121 -35.67 81.58 70.87
CA TYR MA 121 -36.10 80.83 69.71
C TYR MA 121 -36.50 81.73 68.55
N ASP MA 122 -36.48 83.06 68.75
CA ASP MA 122 -36.90 84.00 67.71
C ASP MA 122 -36.22 83.68 66.37
N SER MA 123 -34.92 83.45 66.41
CA SER MA 123 -34.19 83.17 65.18
C SER MA 123 -34.73 81.92 64.50
N PHE MA 124 -34.93 80.85 65.28
CA PHE MA 124 -35.49 79.61 64.76
C PHE MA 124 -36.84 79.84 64.09
N TRP MA 125 -37.81 80.39 64.83
CA TRP MA 125 -39.15 80.51 64.29
C TRP MA 125 -39.18 81.41 63.06
N THR MA 126 -38.63 82.63 63.18
CA THR MA 126 -38.73 83.58 62.07
C THR MA 126 -37.97 83.08 60.84
N LEU MA 127 -36.67 82.80 61.00
CA LEU MA 127 -35.83 82.51 59.84
C LEU MA 127 -35.78 81.02 59.51
N GLY MA 128 -35.75 80.16 60.52
CA GLY MA 128 -35.53 78.75 60.32
C GLY MA 128 -34.17 78.26 60.78
N ALA MA 129 -33.48 79.04 61.61
CA ALA MA 129 -32.16 78.72 62.10
C ALA MA 129 -32.17 77.47 62.96
N LEU MA 130 -31.10 76.68 62.83
CA LEU MA 130 -31.02 75.37 63.47
C LEU MA 130 -29.93 75.28 64.54
N ALA MA 131 -29.38 76.40 64.99
CA ALA MA 131 -28.37 76.38 66.06
C ALA MA 131 -28.99 76.68 67.42
N SER NA 1 -73.69 116.76 -3.98
CA SER NA 1 -73.74 117.88 -4.92
C SER NA 1 -73.00 117.55 -6.23
N ILE NA 2 -73.06 116.27 -6.63
CA ILE NA 2 -72.39 115.83 -7.86
C ILE NA 2 -73.18 116.25 -9.08
N ILE NA 3 -74.47 115.94 -9.12
CA ILE NA 3 -75.30 116.27 -10.26
C ILE NA 3 -75.45 117.77 -10.34
N GLY NA 4 -74.96 118.36 -11.42
CA GLY NA 4 -75.03 119.79 -11.60
C GLY NA 4 -73.80 120.56 -11.16
N SER NA 5 -72.77 119.89 -10.67
CA SER NA 5 -71.55 120.58 -10.28
C SER NA 5 -70.90 121.23 -11.50
N SER NA 6 -70.13 122.29 -11.25
CA SER NA 6 -69.49 123.06 -12.30
C SER NA 6 -68.01 123.19 -11.99
N ILE NA 7 -67.16 122.90 -12.98
CA ILE NA 7 -65.71 123.02 -12.88
C ILE NA 7 -65.16 123.64 -14.17
N LYS NA 8 -63.88 123.95 -14.15
CA LYS NA 8 -63.24 124.74 -15.20
C LYS NA 8 -62.40 123.84 -16.12
N THR NA 9 -62.64 123.95 -17.42
CA THR NA 9 -61.78 123.30 -18.41
C THR NA 9 -60.90 124.36 -19.09
N GLY NA 10 -59.75 123.92 -19.58
CA GLY NA 10 -58.78 124.85 -20.12
C GLY NA 10 -58.36 125.92 -19.13
N ALA NA 11 -58.14 125.54 -17.88
CA ALA NA 11 -57.67 126.50 -16.90
C ALA NA 11 -56.22 126.86 -17.18
N THR NA 12 -55.90 128.15 -16.97
CA THR NA 12 -54.52 128.59 -17.13
C THR NA 12 -53.59 127.85 -16.16
N SER NA 13 -53.94 127.82 -14.88
CA SER NA 13 -53.17 127.04 -13.90
C SER NA 13 -54.01 126.82 -12.65
N ALA NA 14 -53.47 126.02 -11.73
CA ALA NA 14 -54.06 125.82 -10.43
C ALA NA 14 -53.03 126.13 -9.36
N SER NA 15 -53.51 126.53 -8.19
CA SER NA 15 -52.64 127.02 -7.14
C SER NA 15 -53.26 126.65 -5.79
N ILE NA 16 -52.52 126.93 -4.71
CA ILE NA 16 -52.94 126.48 -3.39
C ILE NA 16 -52.55 127.52 -2.35
N THR NA 17 -53.53 127.95 -1.55
CA THR NA 17 -53.31 128.82 -0.41
C THR NA 17 -53.23 127.93 0.83
N GLY NA 18 -52.02 127.75 1.35
CA GLY NA 18 -51.85 126.74 2.38
C GLY NA 18 -50.60 126.92 3.20
N GLY NA 19 -50.43 125.99 4.15
CA GLY NA 19 -49.47 126.12 5.23
C GLY NA 19 -48.05 125.63 4.94
N SER NA 20 -47.57 124.71 5.78
CA SER NA 20 -46.14 124.41 5.81
C SER NA 20 -45.71 123.55 4.63
N ASP NA 21 -44.43 123.67 4.28
CA ASP NA 21 -43.85 122.87 3.21
C ASP NA 21 -43.59 121.44 3.68
N ILE NA 22 -43.53 120.54 2.72
CA ILE NA 22 -43.04 119.19 2.92
C ILE NA 22 -42.12 118.88 1.75
N THR NA 23 -40.99 118.25 2.05
CA THR NA 23 -39.93 118.00 1.09
C THR NA 23 -39.73 116.49 0.93
N PHE NA 24 -39.55 116.07 -0.31
CA PHE NA 24 -39.36 114.66 -0.68
C PHE NA 24 -37.89 114.33 -0.85
N ALA NA 25 -37.59 113.04 -0.71
CA ALA NA 25 -36.25 112.51 -0.96
C ALA NA 25 -36.40 111.05 -1.29
N LEU NA 26 -35.44 110.52 -2.06
CA LEU NA 26 -35.57 109.18 -2.59
C LEU NA 26 -35.43 108.14 -1.48
N THR NA 27 -36.26 107.09 -1.53
CA THR NA 27 -36.37 106.06 -0.50
C THR NA 27 -35.54 104.83 -0.80
N GLY NA 28 -35.57 104.33 -2.03
CA GLY NA 28 -34.92 103.08 -2.33
C GLY NA 28 -35.75 101.85 -2.05
N GLN NA 29 -36.99 102.01 -1.60
CA GLN NA 29 -37.92 100.88 -1.63
C GLN NA 29 -38.13 100.47 -3.08
N THR NA 30 -37.86 99.20 -3.36
CA THR NA 30 -37.89 98.71 -4.72
C THR NA 30 -39.30 98.78 -5.30
N VAL NA 31 -39.45 99.50 -6.41
CA VAL NA 31 -40.73 99.70 -7.08
C VAL NA 31 -40.52 99.51 -8.58
N THR NA 32 -41.26 98.56 -9.17
CA THR NA 32 -41.05 98.20 -10.56
C THR NA 32 -41.58 99.28 -11.49
N ASN NA 33 -40.72 99.75 -12.41
CA ASN NA 33 -41.02 100.88 -13.30
C ASN NA 33 -41.40 102.12 -12.52
N GLY NA 34 -40.88 102.23 -11.28
CA GLY NA 34 -41.33 103.29 -10.41
C GLY NA 34 -40.29 103.84 -9.45
N LEU NA 35 -40.76 104.53 -8.42
CA LEU NA 35 -39.90 105.36 -7.60
C LEU NA 35 -40.61 105.66 -6.28
N ASN NA 36 -39.95 105.42 -5.16
CA ASN NA 36 -40.48 105.76 -3.84
C ASN NA 36 -39.73 106.97 -3.31
N VAL NA 37 -40.45 108.06 -3.03
CA VAL NA 37 -39.88 109.19 -2.31
C VAL NA 37 -40.70 109.40 -1.04
N SER NA 38 -40.01 109.47 0.09
CA SER NA 38 -40.69 109.78 1.34
C SER NA 38 -40.28 111.17 1.78
N VAL NA 39 -40.95 111.65 2.81
CA VAL NA 39 -40.64 112.98 3.32
C VAL NA 39 -39.43 112.85 4.24
N SER NA 40 -38.52 113.80 4.14
CA SER NA 40 -37.45 113.85 5.13
C SER NA 40 -37.84 114.69 6.32
N GLU NA 41 -39.10 115.14 6.36
CA GLU NA 41 -39.55 116.05 7.40
C GLU NA 41 -40.32 115.36 8.52
N ASP NA 42 -40.91 114.20 8.23
CA ASP NA 42 -41.42 113.35 9.30
C ASP NA 42 -40.28 112.47 9.81
N THR NA 43 -40.29 112.23 11.11
CA THR NA 43 -39.15 111.61 11.77
C THR NA 43 -39.34 110.13 12.09
N ASP NA 44 -40.55 109.70 12.42
CA ASP NA 44 -40.82 108.32 12.78
C ASP NA 44 -41.03 107.47 11.53
N TYR NA 45 -40.26 106.40 11.39
CA TYR NA 45 -40.35 105.58 10.17
C TYR NA 45 -41.71 104.91 10.06
N ARG NA 46 -42.27 104.47 11.19
CA ARG NA 46 -43.63 103.92 11.21
C ARG NA 46 -44.62 104.83 10.49
N THR NA 47 -44.71 106.08 10.93
CA THR NA 47 -45.75 106.99 10.47
C THR NA 47 -45.24 108.00 9.43
N ARG NA 48 -44.14 107.70 8.76
CA ARG NA 48 -43.56 108.68 7.84
C ARG NA 48 -44.25 108.58 6.49
N ARG NA 49 -44.83 109.70 6.06
CA ARG NA 49 -45.61 109.78 4.84
C ARG NA 49 -44.73 109.52 3.62
N ASN NA 50 -45.23 108.70 2.68
CA ASN NA 50 -44.42 108.45 1.49
C ASN NA 50 -45.28 108.32 0.24
N ALA NA 51 -44.69 108.65 -0.90
CA ALA NA 51 -45.36 108.57 -2.18
C ALA NA 51 -44.57 107.67 -3.11
N THR NA 52 -45.29 107.14 -4.09
CA THR NA 52 -44.74 106.19 -5.05
C THR NA 52 -45.28 106.51 -6.43
N PHE NA 53 -44.35 106.69 -7.37
CA PHE NA 53 -44.61 107.10 -8.73
C PHE NA 53 -44.32 105.91 -9.65
N LYS NA 54 -45.34 105.39 -10.32
CA LYS NA 54 -45.14 104.39 -11.35
C LYS NA 54 -45.44 104.99 -12.72
N SER NA 55 -44.71 104.52 -13.73
CA SER NA 55 -44.77 105.11 -15.06
C SER NA 55 -44.65 104.01 -16.11
N ARG NA 56 -45.62 103.99 -17.04
CA ARG NA 56 -45.60 103.07 -18.17
C ARG NA 56 -45.91 103.86 -19.43
N VAL NA 57 -44.99 103.81 -20.40
CA VAL NA 57 -45.05 104.61 -21.62
C VAL NA 57 -45.96 103.95 -22.65
N PRO NA 58 -46.52 104.73 -23.58
CA PRO NA 58 -47.22 104.12 -24.72
C PRO NA 58 -46.26 103.25 -25.51
N THR NA 59 -46.68 102.00 -25.73
CA THR NA 59 -45.89 101.02 -26.46
C THR NA 59 -46.61 100.66 -27.75
N VAL NA 60 -45.88 100.67 -28.85
CA VAL NA 60 -46.44 100.33 -30.15
C VAL NA 60 -46.52 98.81 -30.28
N VAL NA 61 -47.66 98.33 -30.76
CA VAL NA 61 -47.84 96.91 -31.02
C VAL NA 61 -48.67 96.78 -32.30
N ASN NA 62 -48.12 96.06 -33.28
CA ASN NA 62 -48.81 95.82 -34.55
C ASN NA 62 -49.14 97.13 -35.27
N GLY NA 63 -48.19 98.07 -35.23
CA GLY NA 63 -48.29 99.27 -36.03
C GLY NA 63 -49.01 100.44 -35.39
N ASN NA 64 -49.54 100.30 -34.18
CA ASN NA 64 -50.19 101.43 -33.54
C ASN NA 64 -50.01 101.37 -32.03
N TYR NA 65 -50.27 102.51 -31.39
CA TYR NA 65 -49.88 102.74 -30.01
C TYR NA 65 -50.94 102.25 -29.03
N SER NA 66 -50.48 101.97 -27.81
CA SER NA 66 -51.34 101.68 -26.67
C SER NA 66 -51.25 102.83 -25.68
N LYS NA 67 -52.38 103.19 -25.08
CA LYS NA 67 -52.39 104.31 -24.16
C LYS NA 67 -51.46 104.04 -22.98
N GLY NA 68 -50.75 105.07 -22.53
CA GLY NA 68 -49.83 104.95 -21.42
C GLY NA 68 -50.47 105.35 -20.11
N LYS NA 69 -49.80 104.98 -19.02
CA LYS NA 69 -50.38 105.07 -17.67
C LYS NA 69 -49.34 105.57 -16.68
N ASN NA 70 -49.68 106.64 -15.95
CA ASN NA 70 -48.78 107.20 -14.95
C ASN NA 70 -49.53 107.27 -13.61
N GLU NA 71 -49.14 106.44 -12.66
CA GLU NA 71 -49.76 106.37 -11.35
C GLU NA 71 -48.92 107.11 -10.32
N VAL NA 72 -49.60 107.65 -9.33
CA VAL NA 72 -48.99 108.11 -8.09
C VAL NA 72 -49.83 107.59 -6.95
N VAL NA 73 -49.20 107.25 -5.84
CA VAL NA 73 -49.92 106.92 -4.62
C VAL NA 73 -49.20 107.56 -3.44
N PHE NA 74 -49.93 108.39 -2.70
CA PHE NA 74 -49.42 109.05 -1.51
C PHE NA 74 -50.07 108.40 -0.30
N VAL NA 75 -49.27 108.08 0.71
CA VAL NA 75 -49.70 107.25 1.81
C VAL NA 75 -49.34 107.92 3.13
N ILE NA 76 -50.33 107.99 4.00
CA ILE NA 76 -50.19 108.34 5.42
C ILE NA 76 -50.33 107.06 6.23
N PRO NA 77 -49.24 106.52 6.78
CA PRO NA 77 -49.41 105.38 7.67
C PRO NA 77 -49.94 105.83 9.03
N MET NA 78 -50.74 104.96 9.65
CA MET NA 78 -51.14 105.19 11.03
C MET NA 78 -51.25 103.84 11.74
N SER NA 79 -50.77 103.79 12.97
CA SER NA 79 -50.94 102.60 13.79
C SER NA 79 -52.33 102.61 14.40
N LEU NA 80 -53.04 101.49 14.30
CA LEU NA 80 -54.35 101.37 14.90
C LEU NA 80 -54.23 100.92 16.35
N ASP NA 81 -55.34 101.05 17.07
CA ASP NA 81 -55.36 100.62 18.46
C ASP NA 81 -55.12 99.13 18.58
N SER NA 82 -55.47 98.35 17.55
CA SER NA 82 -55.29 96.92 17.53
C SER NA 82 -53.85 96.49 17.32
N GLY NA 83 -52.96 97.42 16.96
CA GLY NA 83 -51.57 97.09 16.76
C GLY NA 83 -51.14 97.13 15.32
N GLU NA 84 -51.95 96.58 14.42
CA GLU NA 84 -51.63 96.61 13.00
C GLU NA 84 -51.51 98.05 12.52
N THR NA 85 -50.45 98.33 11.78
CA THR NA 85 -50.30 99.61 11.12
C THR NA 85 -51.00 99.53 9.77
N VAL NA 86 -51.86 100.52 9.48
CA VAL NA 86 -52.62 100.54 8.25
C VAL NA 86 -52.27 101.81 7.47
N PHE NA 87 -52.33 101.70 6.15
CA PHE NA 87 -51.98 102.80 5.26
C PHE NA 87 -53.24 103.54 4.80
N ASN NA 88 -53.14 104.87 4.71
CA ASN NA 88 -54.20 105.69 4.15
C ASN NA 88 -53.73 106.21 2.80
N SER NA 89 -54.51 105.96 1.77
CA SER NA 89 -54.05 106.06 0.40
C SER NA 89 -54.82 107.12 -0.36
N VAL NA 90 -54.12 107.94 -1.12
CA VAL NA 90 -54.72 108.65 -2.25
C VAL NA 90 -53.93 108.24 -3.48
N ARG NA 91 -54.63 107.74 -4.49
CA ARG NA 91 -54.02 107.19 -5.67
C ARG NA 91 -54.58 107.92 -6.88
N ILE NA 92 -53.68 108.46 -7.71
CA ILE NA 92 -54.07 109.21 -8.89
C ILE NA 92 -53.34 108.58 -10.07
N ALA NA 93 -54.10 107.92 -10.93
CA ALA NA 93 -53.59 107.37 -12.17
C ALA NA 93 -54.08 108.21 -13.33
N LEU NA 94 -53.26 108.32 -14.37
CA LEU NA 94 -53.60 109.14 -15.53
C LEU NA 94 -53.13 108.42 -16.78
N GLU NA 95 -54.09 108.00 -17.61
CA GLU NA 95 -53.87 107.21 -18.80
C GLU NA 95 -54.16 108.08 -20.02
N ILE NA 96 -53.15 108.29 -20.85
CA ILE NA 96 -53.25 109.16 -22.01
C ILE NA 96 -52.94 108.37 -23.26
N HIS NA 97 -53.76 108.55 -24.29
CA HIS NA 97 -53.39 108.03 -25.60
C HIS NA 97 -52.50 109.06 -26.32
N PRO NA 98 -51.47 108.60 -27.02
CA PRO NA 98 -50.53 109.55 -27.65
C PRO NA 98 -51.19 110.57 -28.55
N ALA NA 99 -52.39 110.30 -29.04
CA ALA NA 99 -53.07 111.21 -29.94
C ALA NA 99 -53.74 112.39 -29.23
N LEU NA 100 -53.81 112.38 -27.91
CA LEU NA 100 -54.45 113.50 -27.22
C LEU NA 100 -53.59 114.75 -27.34
N ALA NA 101 -54.27 115.90 -27.38
CA ALA NA 101 -53.57 117.17 -27.47
C ALA NA 101 -52.73 117.43 -26.22
N SER NA 102 -51.54 117.98 -26.44
CA SER NA 102 -50.68 118.39 -25.33
C SER NA 102 -51.45 119.25 -24.34
N ALA NA 103 -52.30 120.16 -24.84
CA ALA NA 103 -53.07 121.03 -23.96
C ALA NA 103 -54.16 120.25 -23.22
N SER NA 104 -54.79 119.28 -23.88
CA SER NA 104 -55.82 118.49 -23.20
C SER NA 104 -55.23 117.56 -22.14
N VAL NA 105 -53.93 117.24 -22.24
CA VAL NA 105 -53.29 116.49 -21.15
C VAL NA 105 -53.29 117.31 -19.86
N LYS NA 106 -52.80 118.55 -19.92
CA LYS NA 106 -52.88 119.41 -18.76
C LYS NA 106 -54.33 119.72 -18.37
N ASP NA 107 -55.25 119.82 -19.33
CA ASP NA 107 -56.64 120.00 -18.95
C ASP NA 107 -57.13 118.83 -18.11
N LEU NA 108 -56.72 117.60 -18.45
CA LEU NA 108 -57.09 116.44 -17.63
C LEU NA 108 -56.48 116.53 -16.23
N ARG NA 109 -55.21 116.90 -16.15
CA ARG NA 109 -54.57 117.01 -14.84
C ARG NA 109 -55.34 118.00 -13.95
N LEU NA 110 -55.69 119.16 -14.51
CA LEU NA 110 -56.34 120.20 -13.71
C LEU NA 110 -57.80 119.86 -13.42
N ILE NA 111 -58.51 119.25 -14.38
CA ILE NA 111 -59.89 118.91 -14.14
C ILE NA 111 -60.00 117.75 -13.15
N GLY NA 112 -58.98 116.89 -13.10
CA GLY NA 112 -58.96 115.85 -12.09
C GLY NA 112 -58.67 116.42 -10.72
N ALA NA 113 -57.60 117.21 -10.61
CA ALA NA 113 -57.28 117.82 -9.33
C ALA NA 113 -58.42 118.70 -8.83
N GLN NA 114 -59.21 119.25 -9.74
CA GLN NA 114 -60.34 120.08 -9.37
C GLN NA 114 -61.50 119.25 -8.85
N LEU NA 115 -61.55 117.96 -9.19
CA LEU NA 115 -62.56 117.07 -8.64
C LEU NA 115 -62.24 116.65 -7.20
N LEU NA 116 -60.97 116.68 -6.78
CA LEU NA 116 -60.65 116.48 -5.37
C LEU NA 116 -61.03 117.68 -4.51
N THR NA 117 -60.67 118.87 -4.94
CA THR NA 117 -60.68 120.01 -4.03
C THR NA 117 -61.96 120.83 -4.06
N ASP NA 118 -62.69 120.83 -5.18
CA ASP NA 118 -63.82 121.74 -5.31
C ASP NA 118 -64.94 121.37 -4.33
N ALA NA 119 -65.43 122.38 -3.61
CA ALA NA 119 -66.35 122.16 -2.49
C ALA NA 119 -67.62 121.41 -2.90
N ASP NA 120 -68.01 121.49 -4.17
CA ASP NA 120 -69.15 120.72 -4.65
C ASP NA 120 -69.01 119.25 -4.32
N TYR NA 121 -67.82 118.68 -4.54
CA TYR NA 121 -67.61 117.27 -4.24
C TYR NA 121 -67.20 117.05 -2.81
N ASP NA 122 -67.11 118.13 -2.02
CA ASP NA 122 -66.59 118.07 -0.67
C ASP NA 122 -67.40 117.09 0.17
N SER NA 123 -68.71 117.00 -0.07
CA SER NA 123 -69.53 116.02 0.66
C SER NA 123 -69.29 114.61 0.16
N PHE NA 124 -68.90 114.45 -1.11
CA PHE NA 124 -68.66 113.11 -1.65
C PHE NA 124 -67.45 112.45 -1.03
N TRP NA 125 -66.30 113.13 -1.07
CA TRP NA 125 -65.06 112.53 -0.60
C TRP NA 125 -65.10 112.24 0.89
N THR NA 126 -65.55 113.22 1.68
CA THR NA 126 -65.54 113.07 3.13
C THR NA 126 -66.54 112.02 3.59
N LEU NA 127 -67.80 112.17 3.17
CA LEU NA 127 -68.88 111.36 3.69
C LEU NA 127 -69.14 110.11 2.84
N GLY NA 128 -68.47 109.97 1.71
CA GLY NA 128 -68.84 108.91 0.79
C GLY NA 128 -70.26 109.06 0.28
N ALA NA 129 -70.70 110.30 0.05
CA ALA NA 129 -72.10 110.61 -0.21
C ALA NA 129 -72.36 110.69 -1.71
N LEU NA 130 -73.25 109.83 -2.20
CA LEU NA 130 -73.68 109.84 -3.60
C LEU NA 130 -74.94 110.69 -3.73
N ALA NA 131 -74.79 111.86 -4.34
CA ALA NA 131 -75.92 112.75 -4.58
C ALA NA 131 -75.47 113.86 -5.53
N SER OA 1 -36.97 115.92 -11.04
CA SER OA 1 -37.83 116.95 -10.48
C SER OA 1 -38.83 116.34 -9.50
N ILE OA 2 -39.00 115.02 -9.58
CA ILE OA 2 -39.80 114.32 -8.57
C ILE OA 2 -39.02 114.22 -7.27
N ILE OA 3 -37.75 113.87 -7.35
CA ILE OA 3 -36.91 113.78 -6.16
C ILE OA 3 -36.65 115.19 -5.64
N GLY OA 4 -36.84 115.39 -4.34
CA GLY OA 4 -36.58 116.70 -3.78
C GLY OA 4 -37.58 117.76 -4.18
N SER OA 5 -38.81 117.36 -4.50
CA SER OA 5 -39.87 118.33 -4.74
C SER OA 5 -40.54 118.72 -3.43
N SER OA 6 -41.18 119.89 -3.43
CA SER OA 6 -41.78 120.48 -2.24
C SER OA 6 -43.25 120.76 -2.50
N ILE OA 7 -44.11 120.39 -1.54
CA ILE OA 7 -45.56 120.57 -1.65
C ILE OA 7 -46.14 120.93 -0.28
N LYS OA 8 -47.26 121.66 -0.28
CA LYS OA 8 -47.82 122.17 0.96
C LYS OA 8 -48.68 121.11 1.65
N THR OA 9 -48.42 120.87 2.93
CA THR OA 9 -49.32 120.06 3.75
C THR OA 9 -50.16 120.97 4.64
N GLY OA 10 -51.29 120.43 5.08
CA GLY OA 10 -52.23 121.18 5.88
C GLY OA 10 -52.56 122.51 5.24
N ALA OA 11 -52.82 122.49 3.94
CA ALA OA 11 -53.18 123.71 3.26
C ALA OA 11 -54.60 124.12 3.60
N THR OA 12 -54.82 125.43 3.69
CA THR OA 12 -56.16 125.94 4.01
C THR OA 12 -57.15 125.64 2.89
N SER OA 13 -56.78 125.91 1.65
CA SER OA 13 -57.60 125.51 0.51
C SER OA 13 -56.78 125.63 -0.77
N ALA OA 14 -57.31 125.08 -1.84
CA ALA OA 14 -56.70 125.16 -3.16
C ALA OA 14 -57.74 125.69 -4.14
N SER OA 15 -57.26 126.27 -5.25
CA SER OA 15 -58.14 126.90 -6.21
C SER OA 15 -57.50 126.84 -7.59
N ILE OA 16 -58.17 127.44 -8.56
CA ILE OA 16 -57.79 127.28 -9.95
C ILE OA 16 -58.02 128.58 -10.70
N THR OA 17 -56.95 129.16 -11.24
CA THR OA 17 -57.04 130.33 -12.11
C THR OA 17 -57.34 129.79 -13.51
N GLY OA 18 -58.61 129.89 -13.91
CA GLY OA 18 -59.16 129.00 -14.92
C GLY OA 18 -59.92 129.73 -16.02
N GLY OA 19 -60.37 128.93 -16.99
CA GLY OA 19 -61.13 129.40 -18.13
C GLY OA 19 -62.62 129.17 -18.02
N SER OA 20 -63.20 128.47 -19.01
CA SER OA 20 -64.65 128.38 -19.13
C SER OA 20 -65.23 127.29 -18.22
N ASP OA 21 -66.52 127.44 -17.91
CA ASP OA 21 -67.24 126.48 -17.08
C ASP OA 21 -67.56 125.19 -17.84
N ILE OA 22 -67.84 124.15 -17.09
CA ILE OA 22 -68.35 122.89 -17.62
C ILE OA 22 -69.28 122.29 -16.57
N THR OA 23 -70.41 121.76 -17.01
CA THR OA 23 -71.50 121.38 -16.10
C THR OA 23 -71.90 119.93 -16.30
N PHE OA 24 -72.08 119.21 -15.19
CA PHE OA 24 -72.41 117.79 -15.19
C PHE OA 24 -73.92 117.57 -15.07
N ALA OA 25 -74.40 116.55 -15.76
CA ALA OA 25 -75.78 116.13 -15.64
C ALA OA 25 -75.82 114.60 -15.60
N LEU OA 26 -76.94 114.06 -15.10
CA LEU OA 26 -77.06 112.64 -14.85
C LEU OA 26 -77.14 111.85 -16.16
N THR OA 27 -76.29 110.81 -16.29
CA THR OA 27 -76.14 110.05 -17.54
C THR OA 27 -77.06 108.84 -17.62
N GLY OA 28 -77.45 108.27 -16.48
CA GLY OA 28 -78.18 107.03 -16.52
C GLY OA 28 -77.42 105.89 -17.16
N GLN OA 29 -76.11 105.84 -16.99
CA GLN OA 29 -75.33 104.64 -17.28
C GLN OA 29 -75.23 103.84 -16.00
N THR OA 30 -75.81 102.64 -15.99
CA THR OA 30 -75.87 101.85 -14.78
C THR OA 30 -74.47 101.60 -14.24
N VAL OA 31 -74.21 102.11 -13.03
CA VAL OA 31 -72.90 102.00 -12.38
C VAL OA 31 -73.11 101.55 -10.96
N THR OA 32 -72.53 100.40 -10.61
CA THR OA 32 -72.70 99.85 -9.27
C THR OA 32 -72.03 100.75 -8.24
N ASN OA 33 -72.78 101.06 -7.18
CA ASN OA 33 -72.26 101.83 -6.06
C ASN OA 33 -71.86 103.25 -6.48
N GLY OA 34 -72.51 103.80 -7.48
CA GLY OA 34 -72.08 105.10 -7.95
C GLY OA 34 -72.95 105.67 -9.04
N LEU OA 35 -72.46 106.77 -9.60
CA LEU OA 35 -73.17 107.57 -10.58
C LEU OA 35 -72.31 107.76 -11.82
N ASN OA 36 -72.97 108.09 -12.93
CA ASN OA 36 -72.31 108.61 -14.12
C ASN OA 36 -72.95 109.94 -14.45
N VAL OA 37 -72.14 110.99 -14.55
CA VAL OA 37 -72.58 112.30 -14.99
C VAL OA 37 -71.69 112.73 -16.15
N SER OA 38 -72.30 113.13 -17.26
CA SER OA 38 -71.50 113.63 -18.38
C SER OA 38 -71.74 115.13 -18.53
N VAL OA 39 -70.86 115.75 -19.29
CA VAL OA 39 -70.95 117.19 -19.50
C VAL OA 39 -71.96 117.44 -20.61
N SER OA 40 -73.05 118.10 -20.27
CA SER OA 40 -74.08 118.41 -21.24
C SER OA 40 -73.67 119.57 -22.14
N GLU OA 41 -72.43 120.03 -22.00
CA GLU OA 41 -71.93 121.18 -22.74
C GLU OA 41 -71.13 120.78 -23.97
N ASP OA 42 -70.73 119.51 -24.09
CA ASP OA 42 -70.21 118.98 -25.33
C ASP OA 42 -71.38 118.47 -26.17
N THR OA 43 -71.31 118.70 -27.48
CA THR OA 43 -72.48 118.52 -28.33
C THR OA 43 -72.60 117.12 -28.94
N ASP OA 44 -71.49 116.37 -29.04
CA ASP OA 44 -71.46 115.10 -29.75
C ASP OA 44 -71.23 113.97 -28.75
N TYR OA 45 -72.26 113.13 -28.56
CA TYR OA 45 -72.18 112.07 -27.55
C TYR OA 45 -70.92 111.24 -27.72
N ARG OA 46 -70.61 110.87 -28.96
CA ARG OA 46 -69.45 110.04 -29.27
C ARG OA 46 -68.17 110.54 -28.61
N THR OA 47 -68.10 111.82 -28.24
CA THR OA 47 -66.94 112.40 -27.55
C THR OA 47 -67.35 113.33 -26.41
N ARG OA 48 -68.37 112.97 -25.62
CA ARG OA 48 -68.70 113.76 -24.43
C ARG OA 48 -67.92 113.30 -23.22
N ARG OA 49 -67.10 114.21 -22.69
CA ARG OA 49 -66.39 113.99 -21.45
C ARG OA 49 -67.37 113.61 -20.35
N ASN OA 50 -67.12 112.49 -19.69
CA ASN OA 50 -68.00 112.06 -18.61
C ASN OA 50 -67.17 111.71 -17.37
N ALA OA 51 -67.86 111.44 -16.28
CA ALA OA 51 -67.20 111.15 -15.03
C ALA OA 51 -68.07 110.17 -14.26
N THR OA 52 -67.41 109.26 -13.56
CA THR OA 52 -68.07 108.20 -12.81
C THR OA 52 -67.59 108.24 -11.38
N PHE OA 53 -68.54 108.24 -10.44
CA PHE OA 53 -68.28 108.33 -9.02
C PHE OA 53 -68.66 107.01 -8.37
N LYS OA 54 -67.73 106.42 -7.61
CA LYS OA 54 -67.99 105.19 -6.88
C LYS OA 54 -67.66 105.38 -5.40
N SER OA 55 -68.37 104.64 -4.55
CA SER OA 55 -68.18 104.73 -3.10
C SER OA 55 -68.39 103.35 -2.49
N ARG OA 56 -67.30 102.65 -2.19
CA ARG OA 56 -67.33 101.42 -1.41
C ARG OA 56 -67.12 101.76 0.05
N VAL OA 57 -67.97 101.19 0.90
CA VAL OA 57 -68.00 101.55 2.32
C VAL OA 57 -67.05 100.65 3.11
N PRO OA 58 -66.64 101.07 4.30
CA PRO OA 58 -65.81 100.19 5.14
C PRO OA 58 -66.59 98.96 5.57
N THR OA 59 -65.86 97.86 5.72
CA THR OA 59 -66.44 96.57 6.07
C THR OA 59 -66.25 96.33 7.57
N VAL OA 60 -67.32 95.89 8.24
CA VAL OA 60 -67.30 95.60 9.66
C VAL OA 60 -66.99 94.11 9.83
N VAL OA 61 -65.80 93.79 10.30
CA VAL OA 61 -65.37 92.41 10.50
C VAL OA 61 -64.99 92.28 11.97
N ASN OA 62 -65.96 91.86 12.78
CA ASN OA 62 -65.71 91.50 14.18
C ASN OA 62 -65.02 92.63 14.94
N GLY OA 63 -65.65 93.81 14.91
CA GLY OA 63 -65.10 94.97 15.58
C GLY OA 63 -63.97 95.68 14.87
N ASN OA 64 -63.46 95.14 13.76
CA ASN OA 64 -62.39 95.78 13.01
C ASN OA 64 -62.94 96.32 11.69
N TYR OA 65 -62.51 97.51 11.29
CA TYR OA 65 -63.03 98.15 10.09
C TYR OA 65 -61.93 98.27 9.05
N SER OA 66 -62.25 97.87 7.81
CA SER OA 66 -61.37 98.08 6.67
C SER OA 66 -61.51 99.52 6.18
N LYS OA 67 -60.48 99.98 5.48
CA LYS OA 67 -60.58 101.30 4.85
C LYS OA 67 -61.65 101.27 3.76
N GLY OA 68 -62.36 102.39 3.61
CA GLY OA 68 -63.28 102.57 2.50
C GLY OA 68 -62.61 103.25 1.33
N LYS OA 69 -63.33 103.29 0.21
CA LYS OA 69 -62.73 103.69 -1.06
C LYS OA 69 -63.71 104.55 -1.84
N ASN OA 70 -63.30 105.76 -2.20
CA ASN OA 70 -64.13 106.65 -3.01
C ASN OA 70 -63.37 106.98 -4.30
N GLU OA 71 -63.90 106.51 -5.43
CA GLU OA 71 -63.25 106.72 -6.72
C GLU OA 71 -64.00 107.76 -7.55
N VAL OA 72 -63.23 108.44 -8.40
CA VAL OA 72 -63.77 109.21 -9.51
C VAL OA 72 -62.95 108.85 -10.75
N VAL OA 73 -63.63 108.74 -11.88
CA VAL OA 73 -63.00 108.45 -13.16
C VAL OA 73 -63.53 109.47 -14.15
N PHE OA 74 -62.66 110.38 -14.60
CA PHE OA 74 -63.02 111.37 -15.60
C PHE OA 74 -62.43 110.92 -16.93
N VAL OA 75 -63.23 111.02 -17.98
CA VAL OA 75 -62.90 110.41 -19.27
C VAL OA 75 -63.15 111.41 -20.38
N ILE OA 76 -62.12 111.61 -21.21
CA ILE OA 76 -62.21 112.28 -22.50
C ILE OA 76 -62.17 111.22 -23.58
N PRO OA 77 -63.30 110.88 -24.20
CA PRO OA 77 -63.24 109.99 -25.37
C PRO OA 77 -62.83 110.76 -26.62
N MET OA 78 -61.96 110.15 -27.42
CA MET OA 78 -61.47 110.76 -28.65
C MET OA 78 -61.54 109.75 -29.78
N SER OA 79 -61.90 110.25 -30.95
CA SER OA 79 -62.01 109.44 -32.16
C SER OA 79 -60.66 109.45 -32.86
N LEU OA 80 -60.06 108.26 -33.02
CA LEU OA 80 -58.78 108.17 -33.68
C LEU OA 80 -58.92 108.33 -35.19
N ASP OA 81 -57.79 108.56 -35.84
CA ASP OA 81 -57.75 108.55 -37.30
C ASP OA 81 -58.20 107.19 -37.84
N SER OA 82 -57.91 106.11 -37.10
CA SER OA 82 -58.31 104.76 -37.46
C SER OA 82 -59.82 104.53 -37.44
N GLY OA 83 -60.59 105.48 -36.91
CA GLY OA 83 -62.01 105.28 -36.69
C GLY OA 83 -62.34 104.72 -35.31
N GLU OA 84 -61.44 103.90 -34.75
CA GLU OA 84 -61.64 103.39 -33.40
C GLU OA 84 -61.52 104.52 -32.38
N THR OA 85 -62.55 104.68 -31.55
CA THR OA 85 -62.55 105.71 -30.52
C THR OA 85 -62.08 105.11 -29.21
N VAL OA 86 -61.22 105.83 -28.49
CA VAL OA 86 -60.62 105.37 -27.25
C VAL OA 86 -60.81 106.43 -26.17
N PHE OA 87 -60.34 106.12 -24.96
CA PHE OA 87 -60.66 106.90 -23.77
C PHE OA 87 -59.38 107.36 -23.06
N ASN OA 88 -59.31 108.67 -22.80
CA ASN OA 88 -58.27 109.27 -21.97
C ASN OA 88 -58.82 109.40 -20.55
N SER OA 89 -58.14 108.81 -19.58
CA SER OA 89 -58.75 108.55 -18.28
C SER OA 89 -57.88 109.13 -17.16
N VAL OA 90 -58.40 110.09 -16.42
CA VAL OA 90 -57.81 110.44 -15.13
C VAL OA 90 -58.67 109.79 -14.04
N ARG OA 91 -58.04 108.99 -13.19
CA ARG OA 91 -58.73 108.27 -12.11
C ARG OA 91 -58.11 108.68 -10.78
N ILE OA 92 -58.97 109.02 -9.82
CA ILE OA 92 -58.53 109.43 -8.49
C ILE OA 92 -59.33 108.64 -7.47
N ALA OA 93 -58.64 107.79 -6.72
CA ALA OA 93 -59.24 106.93 -5.71
C ALA OA 93 -58.67 107.29 -4.36
N LEU OA 94 -59.54 107.48 -3.37
CA LEU OA 94 -59.12 107.89 -2.04
C LEU OA 94 -59.61 106.84 -1.04
N GLU OA 95 -58.66 106.12 -0.45
CA GLU OA 95 -58.92 105.03 0.47
C GLU OA 95 -58.56 105.48 1.88
N ILE OA 96 -59.56 105.51 2.75
CA ILE OA 96 -59.42 106.08 4.09
C ILE OA 96 -60.01 105.13 5.12
N HIS OA 97 -59.26 104.89 6.20
CA HIS OA 97 -59.81 104.24 7.38
C HIS OA 97 -60.55 105.26 8.23
N PRO OA 98 -61.71 104.89 8.81
CA PRO OA 98 -62.55 105.90 9.47
C PRO OA 98 -61.88 106.57 10.65
N ALA OA 99 -60.83 105.98 11.22
CA ALA OA 99 -60.17 106.53 12.39
C ALA OA 99 -59.19 107.65 12.06
N LEU OA 100 -58.98 107.98 10.79
CA LEU OA 100 -58.10 109.09 10.45
C LEU OA 100 -58.80 110.41 10.73
N ALA OA 101 -58.01 111.42 11.08
CA ALA OA 101 -58.55 112.73 11.42
C ALA OA 101 -59.23 113.37 10.22
N SER OA 102 -60.38 114.01 10.50
CA SER OA 102 -61.13 114.69 9.46
C SER OA 102 -60.26 115.72 8.74
N ALA OA 103 -59.28 116.30 9.45
CA ALA OA 103 -58.38 117.27 8.85
C ALA OA 103 -57.34 116.59 7.95
N SER OA 104 -56.84 115.43 8.36
CA SER OA 104 -55.88 114.71 7.54
C SER OA 104 -56.53 114.19 6.26
N VAL OA 105 -57.82 113.89 6.28
CA VAL OA 105 -58.50 113.48 5.06
C VAL OA 105 -58.43 114.59 4.02
N LYS OA 106 -58.78 115.81 4.41
CA LYS OA 106 -58.74 116.92 3.47
C LYS OA 106 -57.31 117.31 3.10
N ASP OA 107 -56.36 117.22 4.05
CA ASP OA 107 -54.96 117.38 3.68
C ASP OA 107 -54.58 116.39 2.59
N LEU OA 108 -55.11 115.17 2.66
CA LEU OA 108 -54.76 114.15 1.68
C LEU OA 108 -55.35 114.48 0.30
N ARG OA 109 -56.60 114.96 0.28
CA ARG OA 109 -57.20 115.44 -0.96
C ARG OA 109 -56.35 116.53 -1.61
N LEU OA 110 -55.95 117.53 -0.81
CA LEU OA 110 -55.21 118.65 -1.37
C LEU OA 110 -53.79 118.24 -1.78
N ILE OA 111 -53.17 117.31 -1.06
CA ILE OA 111 -51.82 116.93 -1.40
C ILE OA 111 -51.82 116.11 -2.70
N GLY OA 112 -52.87 115.29 -2.91
CA GLY OA 112 -53.02 114.65 -4.20
C GLY OA 112 -53.23 115.64 -5.32
N ALA OA 113 -54.08 116.65 -5.09
CA ALA OA 113 -54.28 117.67 -6.10
C ALA OA 113 -52.97 118.38 -6.46
N GLN OA 114 -52.13 118.68 -5.47
CA GLN OA 114 -50.85 119.31 -5.78
C GLN OA 114 -49.99 118.36 -6.59
N LEU OA 115 -49.94 117.07 -6.21
CA LEU OA 115 -49.18 116.11 -7.00
C LEU OA 115 -49.62 116.10 -8.46
N LEU OA 116 -50.92 116.29 -8.73
CA LEU OA 116 -51.34 116.44 -10.13
C LEU OA 116 -50.84 117.74 -10.76
N THR OA 117 -51.06 118.88 -10.11
CA THR OA 117 -50.99 120.14 -10.82
C THR OA 117 -49.67 120.90 -10.68
N ASP OA 118 -48.79 120.50 -9.78
CA ASP OA 118 -47.56 121.26 -9.57
C ASP OA 118 -46.62 121.12 -10.77
N ALA OA 119 -45.77 122.13 -10.96
CA ALA OA 119 -44.89 122.14 -12.11
C ALA OA 119 -43.75 121.13 -11.95
N ASP OA 120 -43.32 120.89 -10.71
CA ASP OA 120 -42.27 119.91 -10.44
C ASP OA 120 -42.57 118.55 -11.07
N TYR OA 121 -43.85 118.22 -11.25
CA TYR OA 121 -44.25 116.91 -11.73
C TYR OA 121 -44.63 116.92 -13.20
N ASP OA 122 -44.53 118.07 -13.88
CA ASP OA 122 -44.85 118.16 -15.30
C ASP OA 122 -44.12 117.10 -16.10
N SER OA 123 -42.81 116.97 -15.89
CA SER OA 123 -42.04 115.98 -16.64
C SER OA 123 -42.59 114.58 -16.42
N PHE OA 124 -42.81 114.21 -15.15
CA PHE OA 124 -43.36 112.90 -14.84
C PHE OA 124 -44.67 112.63 -15.58
N TRP OA 125 -45.67 113.48 -15.33
CA TRP OA 125 -46.99 113.21 -15.89
C TRP OA 125 -46.95 113.18 -17.41
N THR OA 126 -46.39 114.23 -18.03
CA THR OA 126 -46.48 114.35 -19.48
C THR OA 126 -45.61 113.32 -20.19
N LEU OA 127 -44.31 113.31 -19.88
CA LEU OA 127 -43.35 112.50 -20.61
C LEU OA 127 -43.23 111.07 -20.07
N GLY OA 128 -43.67 110.84 -18.84
CA GLY OA 128 -43.43 109.59 -18.16
C GLY OA 128 -42.09 109.49 -17.46
N ALA OA 129 -41.39 110.61 -17.28
CA ALA OA 129 -40.02 110.58 -16.81
C ALA OA 129 -39.97 110.26 -15.33
N LEU OA 130 -39.22 109.21 -14.98
CA LEU OA 130 -38.97 108.91 -13.59
C LEU OA 130 -37.86 109.81 -13.04
N ALA OA 131 -37.70 109.78 -11.72
CA ALA OA 131 -36.67 110.55 -11.02
C ALA OA 131 -36.77 112.07 -11.23
N SER PA 1 -2.72 98.47 20.28
CA SER PA 1 -3.18 99.69 19.61
C SER PA 1 -4.69 99.67 19.39
N ILE PA 2 -5.26 98.50 19.09
CA ILE PA 2 -6.72 98.38 19.07
C ILE PA 2 -7.27 98.44 20.48
N ILE PA 3 -6.64 97.70 21.39
CA ILE PA 3 -7.05 97.73 22.80
C ILE PA 3 -6.60 99.05 23.40
N GLY PA 4 -7.55 99.83 23.91
CA GLY PA 4 -7.25 101.11 24.48
C GLY PA 4 -7.38 102.28 23.52
N SER PA 5 -7.68 102.03 22.25
CA SER PA 5 -7.84 103.11 21.29
C SER PA 5 -9.01 104.01 21.70
N SER PA 6 -8.91 105.28 21.33
CA SER PA 6 -9.94 106.27 21.62
C SER PA 6 -10.41 106.91 20.33
N ILE PA 7 -11.73 107.04 20.18
CA ILE PA 7 -12.34 107.59 18.97
C ILE PA 7 -13.53 108.44 19.38
N LYS PA 8 -13.81 109.47 18.59
CA LYS PA 8 -14.85 110.45 18.93
C LYS PA 8 -16.24 109.91 18.59
N THR PA 9 -17.17 110.00 19.55
CA THR PA 9 -18.58 109.77 19.26
C THR PA 9 -19.32 111.10 19.36
N GLY PA 10 -20.52 111.12 18.79
CA GLY PA 10 -21.27 112.35 18.69
C GLY PA 10 -20.50 113.45 17.97
N ALA PA 11 -19.76 113.09 16.93
CA ALA PA 11 -18.98 114.07 16.20
C ALA PA 11 -19.88 114.90 15.29
N THR PA 12 -19.52 116.17 15.13
CA THR PA 12 -20.27 117.04 14.24
C THR PA 12 -20.12 116.60 12.78
N SER PA 13 -18.89 116.52 12.30
CA SER PA 13 -18.66 116.07 10.92
C SER PA 13 -17.21 115.64 10.75
N ALA PA 14 -16.97 114.84 9.72
CA ALA PA 14 -15.64 114.36 9.39
C ALA PA 14 -15.18 114.99 8.08
N SER PA 15 -13.86 115.14 7.95
CA SER PA 15 -13.29 115.78 6.77
C SER PA 15 -11.99 115.07 6.43
N ILE PA 16 -11.41 115.45 5.30
CA ILE PA 16 -10.20 114.78 4.84
C ILE PA 16 -9.28 115.78 4.15
N THR PA 17 -8.08 115.95 4.72
CA THR PA 17 -7.04 116.77 4.10
C THR PA 17 -6.34 115.92 3.06
N GLY PA 18 -6.61 116.19 1.78
CA GLY PA 18 -6.18 115.28 0.74
C GLY PA 18 -5.83 115.87 -0.60
N GLY PA 19 -5.57 114.99 -1.56
CA GLY PA 19 -5.08 115.38 -2.87
C GLY PA 19 -6.13 115.58 -3.93
N SER PA 20 -6.00 114.86 -5.05
CA SER PA 20 -6.78 115.13 -6.24
C SER PA 20 -8.21 114.60 -6.12
N ASP PA 21 -9.10 115.17 -6.94
CA ASP PA 21 -10.48 114.74 -7.01
C ASP PA 21 -10.62 113.46 -7.84
N ILE PA 22 -11.76 112.81 -7.66
CA ILE PA 22 -12.16 111.69 -8.51
C ILE PA 22 -13.68 111.75 -8.63
N THR PA 23 -14.20 111.44 -9.80
CA THR PA 23 -15.63 111.59 -10.05
C THR PA 23 -16.22 110.29 -10.56
N PHE PA 24 -17.46 110.04 -10.17
CA PHE PA 24 -18.19 108.82 -10.52
C PHE PA 24 -19.21 109.12 -11.62
N ALA PA 25 -19.40 108.14 -12.50
CA ALA PA 25 -20.49 108.19 -13.45
C ALA PA 25 -21.11 106.81 -13.54
N LEU PA 26 -22.40 106.77 -13.91
CA LEU PA 26 -23.16 105.53 -13.89
C LEU PA 26 -22.63 104.55 -14.93
N THR PA 27 -22.33 103.32 -14.48
CA THR PA 27 -21.65 102.35 -15.33
C THR PA 27 -22.58 101.77 -16.39
N GLY PA 28 -23.81 101.44 -16.01
CA GLY PA 28 -24.64 100.64 -16.87
C GLY PA 28 -24.39 99.16 -16.75
N GLN PA 29 -23.63 98.72 -15.75
CA GLN PA 29 -23.60 97.31 -15.39
C GLN PA 29 -24.84 97.02 -14.57
N THR PA 30 -25.61 96.03 -15.00
CA THR PA 30 -26.84 95.69 -14.31
C THR PA 30 -26.51 95.06 -12.96
N VAL PA 31 -27.02 95.65 -11.89
CA VAL PA 31 -26.79 95.16 -10.52
C VAL PA 31 -28.13 95.03 -9.82
N THR PA 32 -28.39 93.84 -9.26
CA THR PA 32 -29.63 93.58 -8.57
C THR PA 32 -29.73 94.42 -7.30
N ASN PA 33 -30.85 95.13 -7.15
CA ASN PA 33 -31.09 96.05 -6.03
C ASN PA 33 -29.99 97.09 -5.90
N GLY PA 34 -29.22 97.33 -6.96
CA GLY PA 34 -28.03 98.11 -6.80
C GLY PA 34 -27.65 98.93 -8.02
N LEU PA 35 -26.48 99.56 -7.88
CA LEU PA 35 -25.98 100.55 -8.82
C LEU PA 35 -24.49 100.34 -8.98
N ASN PA 36 -23.96 100.62 -10.17
CA ASN PA 36 -22.53 100.63 -10.38
C ASN PA 36 -22.14 101.98 -10.95
N VAL PA 37 -21.24 102.68 -10.26
CA VAL PA 37 -20.65 103.91 -10.78
C VAL PA 37 -19.14 103.71 -10.81
N SER PA 38 -18.52 103.97 -11.95
CA SER PA 38 -17.08 103.84 -12.04
C SER PA 38 -16.45 105.21 -12.20
N VAL PA 39 -15.12 105.20 -12.15
CA VAL PA 39 -14.32 106.42 -12.19
C VAL PA 39 -14.22 106.91 -13.63
N SER PA 40 -14.79 108.08 -13.90
CA SER PA 40 -14.70 108.70 -15.21
C SER PA 40 -13.32 109.26 -15.49
N GLU PA 41 -12.37 109.11 -14.57
CA GLU PA 41 -11.08 109.77 -14.66
C GLU PA 41 -9.93 108.82 -14.91
N ASP PA 42 -10.09 107.54 -14.58
CA ASP PA 42 -9.14 106.52 -15.00
C ASP PA 42 -9.45 106.12 -16.44
N THR PA 43 -8.39 106.01 -17.25
CA THR PA 43 -8.56 105.95 -18.70
C THR PA 43 -8.70 104.53 -19.25
N ASP PA 44 -8.28 103.51 -18.51
CA ASP PA 44 -8.31 102.14 -18.98
C ASP PA 44 -9.31 101.36 -18.12
N TYR PA 45 -10.39 100.89 -18.75
CA TYR PA 45 -11.41 100.11 -18.02
C TYR PA 45 -10.78 98.97 -17.26
N ARG PA 46 -9.80 98.30 -17.88
CA ARG PA 46 -9.11 97.18 -17.25
C ARG PA 46 -8.68 97.49 -15.82
N THR PA 47 -8.36 98.76 -15.54
CA THR PA 47 -7.96 99.20 -14.20
C THR PA 47 -8.80 100.37 -13.68
N ARG PA 48 -10.05 100.55 -14.16
CA ARG PA 48 -10.90 101.61 -13.61
C ARG PA 48 -11.49 101.20 -12.28
N ARG PA 49 -11.10 101.94 -11.25
CA ARG PA 49 -11.73 101.84 -9.95
C ARG PA 49 -13.24 102.00 -10.10
N ASN PA 50 -14.01 101.14 -9.43
CA ASN PA 50 -15.46 101.32 -9.48
C ASN PA 50 -16.09 100.93 -8.15
N ALA PA 51 -17.27 101.52 -7.89
CA ALA PA 51 -18.01 101.31 -6.67
C ALA PA 51 -19.41 100.82 -7.00
N THR PA 52 -19.91 99.94 -6.15
CA THR PA 52 -21.22 99.33 -6.30
C THR PA 52 -22.02 99.54 -5.02
N PHE PA 53 -23.24 100.03 -5.19
CA PHE PA 53 -24.12 100.44 -4.10
C PHE PA 53 -25.34 99.53 -4.09
N LYS PA 54 -25.51 98.77 -3.01
CA LYS PA 54 -26.69 97.95 -2.84
C LYS PA 54 -27.51 98.45 -1.66
N SER PA 55 -28.83 98.25 -1.74
CA SER PA 55 -29.74 98.80 -0.75
C SER PA 55 -30.93 97.87 -0.55
N ARG PA 56 -31.21 97.52 0.70
CA ARG PA 56 -32.45 96.85 1.08
C ARG PA 56 -33.07 97.59 2.25
N VAL PA 57 -34.35 97.92 2.07
CA VAL PA 57 -35.17 98.73 2.98
C VAL PA 57 -35.73 97.82 4.07
N PRO PA 58 -36.03 98.33 5.27
CA PRO PA 58 -36.65 97.48 6.31
C PRO PA 58 -37.95 96.84 5.86
N THR PA 59 -38.06 95.54 6.10
CA THR PA 59 -39.24 94.76 5.77
C THR PA 59 -40.06 94.51 7.03
N VAL PA 60 -41.39 94.60 6.89
CA VAL PA 60 -42.32 94.51 8.01
C VAL PA 60 -43.02 93.16 7.99
N VAL PA 61 -42.96 92.43 9.11
CA VAL PA 61 -43.68 91.18 9.30
C VAL PA 61 -44.71 91.41 10.41
N ASN PA 62 -45.97 91.58 10.02
CA ASN PA 62 -47.11 91.73 10.93
C ASN PA 62 -46.80 92.73 12.05
N GLY PA 63 -46.27 93.88 11.66
CA GLY PA 63 -46.01 94.97 12.58
C GLY PA 63 -44.58 95.07 13.08
N ASN PA 64 -43.76 94.03 12.89
CA ASN PA 64 -42.38 94.03 13.39
C ASN PA 64 -41.41 94.34 12.25
N TYR PA 65 -40.56 95.34 12.45
CA TYR PA 65 -39.64 95.76 11.40
C TYR PA 65 -38.31 95.03 11.49
N SER PA 66 -37.69 94.81 10.33
CA SER PA 66 -36.38 94.19 10.22
C SER PA 66 -35.34 95.23 9.89
N LYS PA 67 -34.18 95.13 10.53
CA LYS PA 67 -33.07 96.02 10.23
C LYS PA 67 -32.68 95.93 8.76
N GLY PA 68 -32.63 97.08 8.09
CA GLY PA 68 -32.24 97.14 6.69
C GLY PA 68 -30.74 97.29 6.51
N LYS PA 69 -30.32 97.18 5.24
CA LYS PA 69 -28.91 96.97 4.92
C LYS PA 69 -28.51 97.82 3.72
N ASN PA 70 -27.50 98.68 3.91
CA ASN PA 70 -26.96 99.50 2.82
C ASN PA 70 -25.48 99.15 2.63
N GLU PA 71 -25.16 98.48 1.53
CA GLU PA 71 -23.79 98.09 1.23
C GLU PA 71 -23.17 99.00 0.19
N VAL PA 72 -21.85 99.18 0.31
CA VAL PA 72 -21.02 99.78 -0.72
C VAL PA 72 -19.78 98.93 -0.85
N VAL PA 73 -19.33 98.71 -2.07
CA VAL PA 73 -18.05 98.05 -2.32
C VAL PA 73 -17.27 98.86 -3.33
N PHE PA 74 -16.02 99.13 -3.02
CA PHE PA 74 -15.13 99.93 -3.85
C PHE PA 74 -13.96 99.06 -4.25
N VAL PA 75 -13.60 99.09 -5.53
CA VAL PA 75 -12.69 98.12 -6.09
C VAL PA 75 -11.61 98.82 -6.90
N ILE PA 76 -10.36 98.48 -6.60
CA ILE PA 76 -9.20 98.76 -7.44
C ILE PA 76 -8.83 97.46 -8.16
N PRO PA 77 -9.07 97.34 -9.46
CA PRO PA 77 -8.61 96.15 -10.18
C PRO PA 77 -7.14 96.28 -10.55
N MET PA 78 -6.40 95.18 -10.40
CA MET PA 78 -5.02 95.14 -10.82
C MET PA 78 -4.74 93.79 -11.45
N SER PA 79 -3.96 93.80 -12.53
CA SER PA 79 -3.51 92.57 -13.17
C SER PA 79 -2.22 92.11 -12.52
N LEU PA 80 -2.16 90.82 -12.20
CA LEU PA 80 -1.00 90.24 -11.54
C LEU PA 80 0.07 89.84 -12.55
N ASP PA 81 1.25 89.52 -12.03
CA ASP PA 81 2.27 88.89 -12.85
C ASP PA 81 1.78 87.58 -13.44
N SER PA 82 0.78 86.96 -12.81
CA SER PA 82 0.11 85.76 -13.33
C SER PA 82 -0.72 86.04 -14.57
N GLY PA 83 -0.94 87.30 -14.92
CA GLY PA 83 -1.87 87.65 -15.98
C GLY PA 83 -3.29 87.76 -15.46
N GLU PA 84 -3.62 86.88 -14.51
CA GLU PA 84 -4.89 86.95 -13.80
C GLU PA 84 -5.08 88.34 -13.20
N THR PA 85 -6.29 88.88 -13.36
CA THR PA 85 -6.64 90.18 -12.81
C THR PA 85 -7.49 89.99 -11.57
N VAL PA 86 -7.06 90.59 -10.46
CA VAL PA 86 -7.70 90.46 -9.16
C VAL PA 86 -8.24 91.82 -8.73
N PHE PA 87 -9.32 91.78 -7.94
CA PHE PA 87 -10.01 92.98 -7.48
C PHE PA 87 -9.65 93.24 -6.02
N ASN PA 88 -9.20 94.46 -5.73
CA ASN PA 88 -8.84 94.88 -4.38
C ASN PA 88 -9.99 95.67 -3.77
N SER PA 89 -10.53 95.17 -2.65
CA SER PA 89 -11.86 95.54 -2.20
C SER PA 89 -11.83 96.26 -0.86
N VAL PA 90 -12.69 97.26 -0.74
CA VAL PA 90 -13.13 97.76 0.57
C VAL PA 90 -14.65 97.78 0.55
N ARG PA 91 -15.27 97.15 1.56
CA ARG PA 91 -16.71 96.98 1.60
C ARG PA 91 -17.24 97.50 2.93
N ILE PA 92 -18.24 98.38 2.86
CA ILE PA 92 -18.82 99.00 4.03
C ILE PA 92 -20.32 98.77 3.99
N ALA PA 93 -20.84 98.07 4.99
CA ALA PA 93 -22.25 97.69 5.08
C ALA PA 93 -22.81 98.22 6.38
N LEU PA 94 -23.86 99.02 6.28
CA LEU PA 94 -24.50 99.63 7.45
C LEU PA 94 -25.92 99.09 7.60
N GLU PA 95 -26.17 98.41 8.71
CA GLU PA 95 -27.44 97.74 8.98
C GLU PA 95 -28.11 98.44 10.14
N ILE PA 96 -29.28 99.04 9.88
CA ILE PA 96 -29.95 99.91 10.83
C ILE PA 96 -31.39 99.45 11.00
N HIS PA 97 -31.84 99.39 12.26
CA HIS PA 97 -33.26 99.21 12.55
C HIS PA 97 -33.96 100.57 12.54
N PRO PA 98 -35.19 100.64 12.02
CA PRO PA 98 -35.85 101.94 11.87
C PRO PA 98 -36.00 102.71 13.18
N ALA PA 99 -35.99 102.03 14.32
CA ALA PA 99 -36.22 102.68 15.60
C ALA PA 99 -35.00 103.44 16.11
N LEU PA 100 -33.84 103.29 15.49
CA LEU PA 100 -32.63 103.93 15.98
C LEU PA 100 -32.71 105.45 15.83
N ALA PA 101 -32.01 106.15 16.72
CA ALA PA 101 -31.97 107.60 16.66
C ALA PA 101 -31.34 108.09 15.36
N SER PA 102 -31.98 109.09 14.76
CA SER PA 102 -31.47 109.68 13.53
C SER PA 102 -30.01 110.10 13.68
N ALA PA 103 -29.65 110.67 14.84
CA ALA PA 103 -28.27 111.11 15.05
C ALA PA 103 -27.34 109.93 15.34
N SER PA 104 -27.85 108.86 15.96
CA SER PA 104 -27.02 107.67 16.14
C SER PA 104 -26.68 107.02 14.82
N VAL PA 105 -27.54 107.15 13.81
CA VAL PA 105 -27.20 106.64 12.47
C VAL PA 105 -25.93 107.31 11.95
N LYS PA 106 -25.91 108.65 11.95
CA LYS PA 106 -24.73 109.34 11.46
C LYS PA 106 -23.54 109.16 12.40
N ASP PA 107 -23.78 108.97 13.71
CA ASP PA 107 -22.66 108.64 14.58
C ASP PA 107 -22.03 107.31 14.20
N LEU PA 108 -22.86 106.33 13.78
CA LEU PA 108 -22.30 105.06 13.29
C LEU PA 108 -21.47 105.27 12.04
N ARG PA 109 -21.97 106.07 11.09
CA ARG PA 109 -21.17 106.36 9.89
C ARG PA 109 -19.81 106.93 10.28
N LEU PA 110 -19.81 107.93 11.18
CA LEU PA 110 -18.57 108.61 11.53
C LEU PA 110 -17.64 107.72 12.34
N ILE PA 111 -18.19 106.88 13.22
CA ILE PA 111 -17.35 106.03 14.05
C ILE PA 111 -16.75 104.90 13.22
N GLY PA 112 -17.52 104.39 12.25
CA GLY PA 112 -16.95 103.45 11.29
C GLY PA 112 -15.81 104.08 10.51
N ALA PA 113 -16.00 105.31 10.04
CA ALA PA 113 -14.92 105.97 9.28
C ALA PA 113 -13.68 106.15 10.13
N GLN PA 114 -13.86 106.51 11.41
CA GLN PA 114 -12.69 106.65 12.29
C GLN PA 114 -11.99 105.31 12.46
N LEU PA 115 -12.75 104.22 12.52
CA LEU PA 115 -12.13 102.90 12.66
C LEU PA 115 -11.26 102.55 11.45
N LEU PA 116 -11.56 103.11 10.27
CA LEU PA 116 -10.64 102.97 9.14
C LEU PA 116 -9.46 103.92 9.20
N THR PA 117 -9.69 105.18 9.55
CA THR PA 117 -8.69 106.21 9.27
C THR PA 117 -7.97 106.75 10.50
N ASP PA 118 -8.10 106.11 11.66
CA ASP PA 118 -7.28 106.52 12.80
C ASP PA 118 -5.96 105.76 12.80
N ALA PA 119 -4.93 106.40 13.33
CA ALA PA 119 -3.60 105.79 13.35
C ALA PA 119 -3.58 104.56 14.25
N ASP PA 120 -4.36 104.56 15.32
CA ASP PA 120 -4.38 103.45 16.26
C ASP PA 120 -4.60 102.11 15.56
N TYR PA 121 -5.25 102.12 14.40
CA TYR PA 121 -5.64 100.90 13.73
C TYR PA 121 -4.75 100.58 12.54
N ASP PA 122 -3.79 101.47 12.21
CA ASP PA 122 -2.92 101.27 11.05
C ASP PA 122 -2.34 99.87 11.04
N SER PA 123 -1.83 99.42 12.18
CA SER PA 123 -1.22 98.10 12.25
C SER PA 123 -2.24 97.01 11.89
N PHE PA 124 -3.44 97.10 12.48
CA PHE PA 124 -4.50 96.15 12.16
C PHE PA 124 -4.79 96.11 10.66
N TRP PA 125 -5.14 97.25 10.08
CA TRP PA 125 -5.58 97.24 8.68
C TRP PA 125 -4.46 96.77 7.76
N THR PA 126 -3.28 97.38 7.86
CA THR PA 126 -2.22 97.05 6.92
C THR PA 126 -1.75 95.62 7.09
N LEU PA 127 -1.33 95.24 8.29
CA LEU PA 127 -0.70 93.94 8.49
C LEU PA 127 -1.69 92.85 8.86
N GLY PA 128 -2.70 93.16 9.67
CA GLY PA 128 -3.60 92.17 10.21
C GLY PA 128 -3.42 91.91 11.69
N ALA PA 129 -2.75 92.81 12.40
CA ALA PA 129 -2.45 92.68 13.82
C ALA PA 129 -3.74 92.66 14.64
N LEU PA 130 -3.73 91.85 15.70
CA LEU PA 130 -4.91 91.61 16.50
C LEU PA 130 -4.79 92.12 17.93
N ALA PA 131 -3.79 92.96 18.25
CA ALA PA 131 -3.67 93.51 19.59
C ALA PA 131 -4.25 94.93 19.66
N SER QA 1 -81.96 -63.28 104.21
CA SER QA 1 -81.40 -63.07 105.54
C SER QA 1 -79.97 -62.53 105.46
N ILE QA 2 -79.70 -61.71 104.44
CA ILE QA 2 -78.36 -61.14 104.26
C ILE QA 2 -78.13 -59.99 105.24
N ILE QA 3 -79.06 -59.03 105.27
CA ILE QA 3 -78.92 -57.88 106.14
C ILE QA 3 -79.02 -58.34 107.59
N GLY QA 4 -77.96 -58.16 108.36
CA GLY QA 4 -77.94 -58.57 109.73
C GLY QA 4 -77.36 -59.94 109.99
N SER QA 5 -76.89 -60.63 108.96
CA SER QA 5 -76.27 -61.94 109.18
C SER QA 5 -74.99 -61.79 110.01
N SER QA 6 -74.64 -62.87 110.70
CA SER QA 6 -73.48 -62.88 111.60
C SER QA 6 -72.59 -64.07 111.25
N ILE QA 7 -71.29 -63.81 111.09
CA ILE QA 7 -70.30 -64.84 110.82
C ILE QA 7 -69.04 -64.56 111.65
N LYS QA 8 -68.11 -65.50 111.61
CA LYS QA 8 -66.96 -65.52 112.51
C LYS QA 8 -65.70 -65.06 111.77
N THR QA 9 -65.00 -64.10 112.35
CA THR QA 9 -63.67 -63.71 111.87
C THR QA 9 -62.62 -64.23 112.83
N GLY QA 10 -61.42 -64.45 112.30
CA GLY QA 10 -60.36 -65.06 113.09
C GLY QA 10 -60.76 -66.41 113.65
N ALA QA 11 -61.41 -67.23 112.84
CA ALA QA 11 -61.77 -68.58 113.30
C ALA QA 11 -60.52 -69.45 113.37
N THR QA 12 -60.46 -70.30 114.39
CA THR QA 12 -59.34 -71.23 114.51
C THR QA 12 -59.29 -72.17 113.30
N SER QA 13 -60.41 -72.79 112.95
CA SER QA 13 -60.46 -73.61 111.73
C SER QA 13 -61.91 -73.83 111.34
N ALA QA 14 -62.11 -74.47 110.19
CA ALA QA 14 -63.42 -74.88 109.73
C ALA QA 14 -63.38 -76.37 109.42
N SER QA 15 -64.54 -77.02 109.53
CA SER QA 15 -64.61 -78.46 109.42
C SER QA 15 -65.96 -78.83 108.81
N ILE QA 16 -66.15 -80.11 108.54
CA ILE QA 16 -67.33 -80.56 107.81
C ILE QA 16 -67.79 -81.92 108.33
N THR QA 17 -69.06 -82.01 108.71
CA THR QA 17 -69.69 -83.27 109.09
C THR QA 17 -70.43 -83.79 107.86
N GLY QA 18 -69.88 -84.83 107.24
CA GLY QA 18 -70.40 -85.21 105.95
C GLY QA 18 -70.04 -86.62 105.54
N GLY QA 19 -70.52 -86.99 104.34
CA GLY QA 19 -70.54 -88.36 103.88
C GLY QA 19 -69.29 -88.86 103.18
N SER QA 20 -69.45 -89.36 101.95
CA SER QA 20 -68.41 -90.15 101.31
C SER QA 20 -67.27 -89.27 100.80
N ASP QA 21 -66.08 -89.89 100.70
CA ASP QA 21 -64.91 -89.22 100.17
C ASP QA 21 -64.98 -89.14 98.66
N ILE QA 22 -64.26 -88.16 98.12
CA ILE QA 22 -63.99 -88.06 96.69
C ILE QA 22 -62.51 -87.73 96.56
N THR QA 23 -61.85 -88.38 95.61
CA THR QA 23 -60.42 -88.30 95.42
C THR QA 23 -60.11 -87.72 94.05
N PHE QA 24 -59.12 -86.83 94.01
CA PHE QA 24 -58.69 -86.14 92.80
C PHE QA 24 -57.46 -86.80 92.19
N ALA QA 25 -57.29 -86.57 90.89
CA ALA QA 25 -56.12 -87.04 90.15
C ALA QA 25 -55.96 -86.13 88.95
N LEU QA 26 -54.72 -86.02 88.48
CA LEU QA 26 -54.42 -85.03 87.45
C LEU QA 26 -55.01 -85.45 86.11
N THR QA 27 -55.56 -84.47 85.38
CA THR QA 27 -56.29 -84.69 84.13
C THR QA 27 -55.44 -84.50 82.88
N GLY QA 28 -54.61 -83.47 82.83
CA GLY QA 28 -53.88 -83.17 81.62
C GLY QA 28 -54.64 -82.35 80.60
N GLN QA 29 -55.87 -81.94 80.91
CA GLN QA 29 -56.50 -80.88 80.12
C GLN QA 29 -55.68 -79.61 80.26
N THR QA 30 -55.23 -79.09 79.12
CA THR QA 30 -54.32 -77.96 79.11
C THR QA 30 -54.99 -76.72 79.71
N VAL QA 31 -54.38 -76.17 80.75
CA VAL QA 31 -54.88 -74.99 81.46
C VAL QA 31 -53.71 -74.06 81.72
N THR QA 32 -53.83 -72.83 81.22
CA THR QA 32 -52.73 -71.87 81.28
C THR QA 32 -52.53 -71.35 82.70
N ASN QA 33 -51.29 -71.46 83.21
CA ASN QA 33 -50.96 -71.13 84.60
C ASN QA 33 -51.81 -71.91 85.58
N GLY QA 34 -52.26 -73.10 85.17
CA GLY QA 34 -53.22 -73.84 85.96
C GLY QA 34 -53.10 -75.35 85.91
N LEU QA 35 -54.18 -76.01 86.32
CA LEU QA 35 -54.12 -77.44 86.61
C LEU QA 35 -55.54 -77.99 86.65
N ASN QA 36 -55.79 -79.07 85.90
CA ASN QA 36 -57.08 -79.75 85.92
C ASN QA 36 -56.93 -81.07 86.68
N VAL QA 37 -57.68 -81.23 87.76
CA VAL QA 37 -57.79 -82.52 88.44
C VAL QA 37 -59.25 -82.95 88.42
N SER QA 38 -59.50 -84.17 87.95
CA SER QA 38 -60.85 -84.70 88.01
C SER QA 38 -60.90 -85.81 89.04
N VAL QA 39 -62.11 -86.27 89.31
CA VAL QA 39 -62.27 -87.34 90.29
C VAL QA 39 -61.99 -88.66 89.59
N SER QA 40 -61.27 -89.55 90.25
CA SER QA 40 -61.14 -90.90 89.73
C SER QA 40 -62.27 -91.78 90.21
N GLU QA 41 -63.25 -91.20 90.91
CA GLU QA 41 -64.30 -91.99 91.53
C GLU QA 41 -65.60 -91.96 90.73
N ASP QA 42 -65.80 -90.94 89.91
CA ASP QA 42 -66.86 -91.00 88.92
C ASP QA 42 -66.34 -91.70 87.68
N THR QA 43 -67.21 -92.47 87.04
CA THR QA 43 -66.79 -93.38 85.98
C THR QA 43 -67.08 -92.87 84.57
N ASP QA 44 -68.19 -92.16 84.37
CA ASP QA 44 -68.59 -91.68 83.04
C ASP QA 44 -67.87 -90.37 82.74
N TYR QA 45 -67.17 -90.33 81.60
CA TYR QA 45 -66.39 -89.14 81.26
C TYR QA 45 -67.30 -87.94 81.02
N ARG QA 46 -68.46 -88.17 80.39
CA ARG QA 46 -69.45 -87.11 80.22
C ARG QA 46 -69.74 -86.38 81.53
N THR QA 47 -70.14 -87.12 82.56
CA THR QA 47 -70.63 -86.52 83.79
C THR QA 47 -69.60 -86.55 84.91
N ARG QA 48 -68.32 -86.67 84.59
CA ARG QA 48 -67.30 -86.81 85.63
C ARG QA 48 -66.90 -85.43 86.15
N ARG QA 49 -67.09 -85.24 87.45
CA ARG QA 49 -66.84 -83.96 88.10
C ARG QA 49 -65.37 -83.59 88.03
N ASN QA 50 -65.08 -82.32 87.71
CA ASN QA 50 -63.68 -81.94 87.66
C ASN QA 50 -63.47 -80.50 88.14
N ALA QA 51 -62.28 -80.25 88.67
CA ALA QA 51 -61.91 -78.94 89.17
C ALA QA 51 -60.66 -78.44 88.44
N THR QA 52 -60.52 -77.12 88.45
CA THR QA 52 -59.44 -76.45 87.75
C THR QA 52 -58.92 -75.31 88.61
N PHE QA 53 -57.61 -75.34 88.84
CA PHE QA 53 -56.90 -74.42 89.72
C PHE QA 53 -56.03 -73.53 88.85
N LYS QA 54 -56.31 -72.23 88.85
CA LYS QA 54 -55.43 -71.26 88.20
C LYS QA 54 -54.76 -70.41 89.27
N SER QA 55 -53.54 -69.98 88.98
CA SER QA 55 -52.70 -69.30 89.96
C SER QA 55 -51.87 -68.24 89.27
N ARG QA 56 -51.97 -67.00 89.77
CA ARG QA 56 -51.15 -65.87 89.29
C ARG QA 56 -50.57 -65.17 90.49
N VAL QA 57 -49.23 -65.07 90.52
CA VAL QA 57 -48.48 -64.54 91.66
C VAL QA 57 -48.45 -63.02 91.61
N PRO QA 58 -48.26 -62.35 92.75
CA PRO QA 58 -47.99 -60.92 92.73
C PRO QA 58 -46.73 -60.63 91.94
N THR QA 59 -46.84 -59.72 90.98
CA THR QA 59 -45.73 -59.33 90.12
C THR QA 59 -45.39 -57.87 90.39
N VAL QA 60 -44.10 -57.60 90.56
CA VAL QA 60 -43.63 -56.25 90.80
C VAL QA 60 -43.56 -55.50 89.48
N VAL QA 61 -44.05 -54.27 89.46
CA VAL QA 61 -43.98 -53.40 88.29
C VAL QA 61 -43.71 -51.99 88.79
N ASN QA 62 -42.63 -51.39 88.31
CA ASN QA 62 -42.28 -50.00 88.66
C ASN QA 62 -42.09 -49.85 90.17
N GLY QA 63 -41.44 -50.84 90.79
CA GLY QA 63 -41.02 -50.73 92.16
C GLY QA 63 -42.02 -51.18 93.20
N ASN QA 64 -43.22 -51.60 92.82
CA ASN QA 64 -44.17 -52.07 93.81
C ASN QA 64 -45.06 -53.17 93.24
N TYR QA 65 -45.72 -53.89 94.13
CA TYR QA 65 -46.37 -55.15 93.82
C TYR QA 65 -47.78 -54.95 93.30
N SER QA 66 -48.26 -55.94 92.56
CA SER QA 66 -49.65 -56.04 92.14
C SER QA 66 -50.29 -57.22 92.85
N LYS QA 67 -51.54 -57.06 93.26
CA LYS QA 67 -52.21 -58.13 94.00
C LYS QA 67 -52.31 -59.39 93.14
N GLY QA 68 -52.11 -60.55 93.78
CA GLY QA 68 -52.17 -61.81 93.09
C GLY QA 68 -53.54 -62.46 93.19
N LYS QA 69 -53.77 -63.46 92.34
CA LYS QA 69 -55.10 -64.02 92.13
C LYS QA 69 -55.02 -65.53 92.02
N ASN QA 70 -55.79 -66.25 92.85
CA ASN QA 70 -55.82 -67.70 92.83
C ASN QA 70 -57.27 -68.15 92.65
N GLU QA 71 -57.59 -68.71 91.48
CA GLU QA 71 -58.94 -69.17 91.17
C GLU QA 71 -59.02 -70.68 91.30
N VAL QA 72 -60.22 -71.14 91.64
CA VAL QA 72 -60.61 -72.53 91.53
C VAL QA 72 -61.98 -72.55 90.89
N VAL QA 73 -62.24 -73.56 90.06
CA VAL QA 73 -63.58 -73.78 89.55
C VAL QA 73 -63.88 -75.28 89.60
N PHE QA 74 -64.94 -75.66 90.28
CA PHE QA 74 -65.38 -77.03 90.40
C PHE QA 74 -66.66 -77.17 89.57
N VAL QA 75 -66.72 -78.22 88.77
CA VAL QA 75 -67.75 -78.37 87.76
C VAL QA 75 -68.39 -79.74 87.86
N ILE QA 76 -69.72 -79.73 87.88
CA ILE QA 76 -70.58 -80.91 87.72
C ILE QA 76 -71.17 -80.86 86.33
N PRO QA 77 -70.74 -81.68 85.39
CA PRO QA 77 -71.41 -81.72 84.10
C PRO QA 77 -72.72 -82.47 84.20
N MET QA 78 -73.70 -82.04 83.42
CA MET QA 78 -74.94 -82.80 83.28
C MET QA 78 -75.45 -82.67 81.85
N SER QA 79 -75.92 -83.77 81.30
CA SER QA 79 -76.55 -83.73 79.99
C SER QA 79 -78.00 -83.28 80.14
N LEU QA 80 -78.40 -82.32 79.31
CA LEU QA 80 -79.78 -81.85 79.34
C LEU QA 80 -80.65 -82.72 78.45
N ASP QA 81 -81.96 -82.56 78.61
CA ASP QA 81 -82.90 -83.30 77.77
C ASP QA 81 -82.73 -82.94 76.30
N SER QA 82 -82.28 -81.71 76.01
CA SER QA 82 -82.08 -81.24 74.65
C SER QA 82 -80.86 -81.83 73.98
N GLY QA 83 -80.00 -82.51 74.73
CA GLY QA 83 -78.82 -83.12 74.15
C GLY QA 83 -77.53 -82.45 74.54
N GLU QA 84 -77.51 -81.11 74.52
CA GLU QA 84 -76.32 -80.38 74.92
C GLU QA 84 -75.96 -80.71 76.35
N THR QA 85 -74.69 -81.00 76.59
CA THR QA 85 -74.18 -81.16 77.94
C THR QA 85 -73.79 -79.77 78.47
N VAL QA 86 -74.27 -79.44 79.68
CA VAL QA 86 -74.00 -78.15 80.28
C VAL QA 86 -73.27 -78.35 81.61
N PHE QA 87 -72.42 -77.40 81.94
CA PHE QA 87 -71.60 -77.46 83.15
C PHE QA 87 -72.24 -76.67 84.27
N ASN QA 88 -72.16 -77.19 85.49
CA ASN QA 88 -72.60 -76.49 86.69
C ASN QA 88 -71.37 -76.09 87.48
N SER QA 89 -71.24 -74.80 87.77
CA SER QA 89 -69.98 -74.22 88.18
C SER QA 89 -70.09 -73.65 89.59
N VAL QA 90 -69.08 -73.91 90.41
CA VAL QA 90 -68.80 -73.07 91.56
C VAL QA 90 -67.37 -72.57 91.39
N ARG QA 91 -67.20 -71.26 91.42
CA ARG QA 91 -65.92 -70.63 91.14
C ARG QA 91 -65.55 -69.76 92.34
N ILE QA 92 -64.36 -69.99 92.87
CA ILE QA 92 -63.86 -69.26 94.03
C ILE QA 92 -62.52 -68.67 93.66
N ALA QA 93 -62.48 -67.35 93.51
CA ALA QA 93 -61.25 -66.62 93.27
C ALA QA 93 -60.86 -65.87 94.54
N LEU QA 94 -59.56 -65.73 94.76
CA LEU QA 94 -59.06 -65.08 95.96
C LEU QA 94 -57.84 -64.24 95.59
N GLU QA 95 -57.99 -62.92 95.72
CA GLU QA 95 -56.99 -61.95 95.31
C GLU QA 95 -56.43 -61.30 96.56
N ILE QA 96 -55.13 -61.46 96.77
CA ILE QA 96 -54.45 -60.97 97.97
C ILE QA 96 -53.36 -60.00 97.56
N HIS QA 97 -53.27 -58.88 98.25
CA HIS QA 97 -52.11 -58.03 98.11
C HIS QA 97 -51.01 -58.52 99.06
N PRO QA 98 -49.74 -58.51 98.61
CA PRO QA 98 -48.66 -59.05 99.45
C PRO QA 98 -48.59 -58.45 100.83
N ALA QA 99 -49.13 -57.26 101.04
CA ALA QA 99 -49.06 -56.59 102.33
C ALA QA 99 -50.08 -57.13 103.34
N LEU QA 100 -51.02 -57.96 102.93
CA LEU QA 100 -52.00 -58.47 103.89
C LEU QA 100 -51.32 -59.43 104.86
N ALA QA 101 -51.83 -59.44 106.09
CA ALA QA 101 -51.31 -60.33 107.12
C ALA QA 101 -51.53 -61.79 106.75
N SER QA 102 -50.52 -62.62 107.04
CA SER QA 102 -50.65 -64.05 106.85
C SER QA 102 -51.92 -64.58 107.50
N ALA QA 103 -52.24 -64.08 108.70
CA ALA QA 103 -53.43 -64.53 109.41
C ALA QA 103 -54.71 -64.04 108.73
N SER QA 104 -54.69 -62.81 108.20
CA SER QA 104 -55.87 -62.30 107.52
C SER QA 104 -56.11 -63.01 106.18
N VAL QA 105 -55.08 -63.63 105.61
CA VAL QA 105 -55.31 -64.47 104.42
C VAL QA 105 -56.21 -65.65 104.76
N LYS QA 106 -55.85 -66.41 105.79
CA LYS QA 106 -56.73 -67.49 106.23
C LYS QA 106 -58.07 -66.97 106.74
N ASP QA 107 -58.10 -65.79 107.36
CA ASP QA 107 -59.40 -65.24 107.75
C ASP QA 107 -60.29 -65.03 106.53
N LEU QA 108 -59.71 -64.56 105.41
CA LEU QA 108 -60.50 -64.42 104.18
C LEU QA 108 -60.98 -65.76 103.67
N ARG QA 109 -60.11 -66.77 103.66
CA ARG QA 109 -60.53 -68.09 103.19
C ARG QA 109 -61.72 -68.60 104.00
N LEU QA 110 -61.65 -68.47 105.33
CA LEU QA 110 -62.71 -69.01 106.18
C LEU QA 110 -63.97 -68.16 106.15
N ILE QA 111 -63.82 -66.84 106.07
CA ILE QA 111 -65.00 -65.98 106.01
C ILE QA 111 -65.69 -66.12 104.66
N GLY QA 112 -64.94 -66.45 103.60
CA GLY QA 112 -65.57 -66.72 102.33
C GLY QA 112 -66.30 -68.05 102.34
N ALA QA 113 -65.61 -69.11 102.77
CA ALA QA 113 -66.26 -70.41 102.84
C ALA QA 113 -67.47 -70.38 103.77
N GLN QA 114 -67.45 -69.50 104.76
CA GLN QA 114 -68.57 -69.36 105.68
C GLN QA 114 -69.76 -68.64 105.04
N LEU QA 115 -69.51 -67.88 103.97
CA LEU QA 115 -70.61 -67.27 103.23
C LEU QA 115 -71.32 -68.25 102.31
N LEU QA 116 -70.66 -69.34 101.90
CA LEU QA 116 -71.36 -70.40 101.18
C LEU QA 116 -72.26 -71.21 102.09
N THR QA 117 -71.74 -71.64 103.25
CA THR QA 117 -72.41 -72.70 104.00
C THR QA 117 -73.35 -72.21 105.08
N ASP QA 118 -73.15 -71.00 105.61
CA ASP QA 118 -73.93 -70.57 106.76
C ASP QA 118 -75.40 -70.38 106.38
N ALA QA 119 -76.30 -70.95 107.19
CA ALA QA 119 -77.71 -71.04 106.86
C ALA QA 119 -78.35 -69.68 106.61
N ASP QA 120 -77.79 -68.61 107.20
CA ASP QA 120 -78.29 -67.27 106.93
C ASP QA 120 -78.35 -66.99 105.43
N TYR QA 121 -77.31 -67.35 104.69
CA TYR QA 121 -77.30 -67.12 103.25
C TYR QA 121 -77.94 -68.26 102.50
N ASP QA 122 -78.44 -69.26 103.22
CA ASP QA 122 -78.97 -70.47 102.60
C ASP QA 122 -80.10 -70.13 101.64
N SER QA 123 -80.90 -69.12 101.96
CA SER QA 123 -81.96 -68.69 101.04
C SER QA 123 -81.40 -67.94 99.83
N PHE QA 124 -80.26 -67.28 100.00
CA PHE QA 124 -79.67 -66.52 98.89
C PHE QA 124 -79.17 -67.44 97.79
N TRP QA 125 -78.32 -68.41 98.13
CA TRP QA 125 -77.69 -69.25 97.13
C TRP QA 125 -78.71 -70.10 96.40
N THR QA 126 -79.61 -70.74 97.16
CA THR QA 126 -80.56 -71.67 96.55
C THR QA 126 -81.58 -70.91 95.70
N LEU QA 127 -82.24 -69.92 96.28
CA LEU QA 127 -83.36 -69.26 95.63
C LEU QA 127 -82.95 -68.03 94.83
N GLY QA 128 -81.68 -67.63 94.89
CA GLY QA 128 -81.29 -66.36 94.30
C GLY QA 128 -82.01 -65.19 94.95
N ALA QA 129 -82.22 -65.27 96.27
CA ALA QA 129 -83.09 -64.34 96.99
C ALA QA 129 -82.28 -63.20 97.60
N LEU QA 130 -82.59 -61.98 97.19
CA LEU QA 130 -81.95 -60.78 97.74
C LEU QA 130 -82.83 -60.25 98.87
N ALA QA 131 -82.36 -60.38 100.11
CA ALA QA 131 -83.07 -59.89 101.27
C ALA QA 131 -82.14 -59.98 102.47
N SER RA 1 -50.00 -81.21 96.66
CA SER RA 1 -51.05 -81.46 97.63
C SER RA 1 -52.43 -81.24 97.01
N ILE RA 2 -52.46 -80.55 95.87
CA ILE RA 2 -53.70 -80.44 95.11
C ILE RA 2 -54.00 -81.76 94.41
N ILE RA 3 -52.99 -82.37 93.79
CA ILE RA 3 -53.16 -83.66 93.13
C ILE RA 3 -53.36 -84.73 94.19
N GLY RA 4 -54.38 -85.56 94.01
CA GLY RA 4 -54.62 -86.62 94.96
C GLY RA 4 -55.13 -86.15 96.31
N SER RA 5 -55.82 -85.01 96.36
CA SER RA 5 -56.46 -84.57 97.57
C SER RA 5 -57.85 -85.20 97.68
N SER RA 6 -58.37 -85.25 98.90
CA SER RA 6 -59.64 -85.92 99.20
C SER RA 6 -60.56 -84.93 99.92
N ILE RA 7 -61.83 -84.89 99.47
CA ILE RA 7 -62.83 -83.98 100.03
C ILE RA 7 -64.19 -84.68 100.07
N LYS RA 8 -65.04 -84.26 101.01
CA LYS RA 8 -66.32 -84.95 101.23
C LYS RA 8 -67.37 -84.45 100.24
N THR RA 9 -68.04 -85.38 99.55
CA THR RA 9 -69.22 -85.04 98.77
C THR RA 9 -70.47 -85.47 99.53
N GLY RA 10 -71.58 -84.83 99.17
CA GLY RA 10 -72.85 -85.09 99.83
C GLY RA 10 -72.70 -84.99 101.33
N ALA RA 11 -72.03 -83.95 101.79
CA ALA RA 11 -71.88 -83.75 103.22
C ALA RA 11 -73.18 -83.25 103.82
N THR RA 12 -73.44 -83.70 105.06
CA THR RA 12 -74.66 -83.29 105.75
C THR RA 12 -74.64 -81.80 106.06
N SER RA 13 -73.53 -81.30 106.62
CA SER RA 13 -73.37 -79.86 106.82
C SER RA 13 -71.91 -79.58 107.14
N ALA RA 14 -71.55 -78.30 107.11
CA ALA RA 14 -70.22 -77.84 107.46
C ALA RA 14 -70.35 -76.75 108.51
N SER RA 15 -69.28 -76.53 109.26
CA SER RA 15 -69.31 -75.60 110.38
C SER RA 15 -67.90 -75.05 110.60
N ILE RA 16 -67.77 -74.21 111.63
CA ILE RA 16 -66.54 -73.46 111.82
C ILE RA 16 -66.25 -73.33 113.32
N THR RA 17 -65.12 -73.88 113.75
CA THR RA 17 -64.64 -73.70 115.12
C THR RA 17 -63.91 -72.37 115.15
N GLY RA 18 -64.58 -71.34 115.67
CA GLY RA 18 -64.28 -69.97 115.32
C GLY RA 18 -64.14 -69.05 116.52
N GLY RA 19 -63.79 -67.80 116.22
CA GLY RA 19 -63.60 -66.75 117.20
C GLY RA 19 -64.77 -65.80 117.32
N SER RA 20 -64.52 -64.50 117.14
CA SER RA 20 -65.51 -63.47 117.45
C SER RA 20 -66.50 -63.27 116.30
N ASP RA 21 -67.67 -62.73 116.65
CA ASP RA 21 -68.73 -62.46 115.68
C ASP RA 21 -68.40 -61.23 114.84
N ILE RA 22 -69.08 -61.14 113.69
CA ILE RA 22 -69.06 -59.96 112.84
C ILE RA 22 -70.44 -59.85 112.19
N THR RA 23 -70.96 -58.62 112.13
CA THR RA 23 -72.35 -58.39 111.76
C THR RA 23 -72.47 -57.43 110.58
N PHE RA 24 -73.33 -57.78 109.62
CA PHE RA 24 -73.52 -57.00 108.40
C PHE RA 24 -74.70 -56.06 108.54
N ALA RA 25 -74.56 -54.87 107.94
CA ALA RA 25 -75.65 -53.91 107.85
C ALA RA 25 -75.66 -53.32 106.46
N LEU RA 26 -76.80 -52.72 106.08
CA LEU RA 26 -77.00 -52.25 104.72
C LEU RA 26 -76.16 -51.01 104.43
N THR RA 27 -75.42 -51.04 103.31
CA THR RA 27 -74.43 -49.99 102.98
C THR RA 27 -75.02 -48.88 102.13
N GLY RA 28 -76.05 -49.17 101.34
CA GLY RA 28 -76.52 -48.19 100.40
C GLY RA 28 -75.49 -47.78 99.38
N GLN RA 29 -74.62 -48.69 98.95
CA GLN RA 29 -73.81 -48.50 97.75
C GLN RA 29 -74.58 -49.10 96.59
N THR RA 30 -74.97 -48.26 95.63
CA THR RA 30 -75.80 -48.72 94.53
C THR RA 30 -75.11 -49.86 93.79
N VAL RA 31 -75.75 -51.03 93.80
CA VAL RA 31 -75.22 -52.23 93.18
C VAL RA 31 -76.31 -52.89 92.36
N THR RA 32 -76.08 -53.01 91.06
CA THR RA 32 -77.08 -53.59 90.16
C THR RA 32 -77.31 -55.05 90.50
N ASN RA 33 -78.58 -55.42 90.62
CA ASN RA 33 -78.98 -56.81 90.85
C ASN RA 33 -78.45 -57.35 92.17
N GLY RA 34 -78.28 -56.49 93.17
CA GLY RA 34 -77.69 -56.97 94.39
C GLY RA 34 -77.63 -55.92 95.48
N LEU RA 35 -76.92 -56.28 96.54
CA LEU RA 35 -76.82 -55.51 97.77
C LEU RA 35 -75.36 -55.30 98.12
N ASN RA 36 -75.11 -54.27 98.94
CA ASN RA 36 -73.84 -54.09 99.62
C ASN RA 36 -74.15 -54.00 101.11
N VAL RA 37 -73.50 -54.87 101.90
CA VAL RA 37 -73.58 -54.83 103.35
C VAL RA 37 -72.16 -54.78 103.90
N SER RA 38 -71.88 -53.82 104.77
CA SER RA 38 -70.56 -53.77 105.39
C SER RA 38 -70.68 -54.12 106.86
N VAL RA 39 -69.54 -54.41 107.46
CA VAL RA 39 -69.52 -54.79 108.87
C VAL RA 39 -69.53 -53.51 109.70
N SER RA 40 -70.60 -53.32 110.46
CA SER RA 40 -70.71 -52.16 111.31
C SER RA 40 -69.85 -52.28 112.56
N GLU RA 41 -69.04 -53.33 112.63
CA GLU RA 41 -68.21 -53.60 113.79
C GLU RA 41 -66.78 -53.13 113.63
N ASP RA 42 -66.36 -52.79 112.41
CA ASP RA 42 -65.12 -52.07 112.18
C ASP RA 42 -65.40 -50.57 112.27
N THR RA 43 -64.48 -49.83 112.89
CA THR RA 43 -64.77 -48.45 113.27
C THR RA 43 -64.40 -47.42 112.21
N ASP RA 44 -63.49 -47.74 111.30
CA ASP RA 44 -62.94 -46.77 110.34
C ASP RA 44 -63.41 -47.13 108.94
N TYR RA 45 -64.27 -46.28 108.35
CA TYR RA 45 -64.85 -46.58 107.04
C TYR RA 45 -63.77 -46.93 106.03
N ARG RA 46 -62.70 -46.15 106.01
CA ARG RA 46 -61.60 -46.32 105.06
C ARG RA 46 -61.11 -47.77 104.99
N THR RA 47 -61.36 -48.57 106.04
CA THR RA 47 -60.98 -50.00 106.07
C THR RA 47 -62.08 -50.87 106.64
N ARG RA 48 -63.36 -50.62 106.32
CA ARG RA 48 -64.43 -51.52 106.75
C ARG RA 48 -64.64 -52.64 105.74
N ARG RA 49 -64.43 -53.87 106.21
CA ARG RA 49 -64.73 -55.06 105.44
C ARG RA 49 -66.17 -55.03 104.98
N ASN RA 50 -66.39 -55.18 103.68
CA ASN RA 50 -67.76 -55.18 103.17
C ASN RA 50 -67.95 -56.38 102.25
N ALA RA 51 -69.20 -56.57 101.82
CA ALA RA 51 -69.54 -57.70 100.98
C ALA RA 51 -70.66 -57.28 100.06
N THR RA 52 -70.62 -57.81 98.85
CA THR RA 52 -71.57 -57.46 97.80
C THR RA 52 -72.18 -58.74 97.26
N PHE RA 53 -73.50 -58.77 97.20
CA PHE RA 53 -74.28 -59.93 96.76
C PHE RA 53 -74.93 -59.59 95.43
N LYS RA 54 -74.75 -60.44 94.44
CA LYS RA 54 -75.38 -60.28 93.13
C LYS RA 54 -76.13 -61.55 92.76
N SER RA 55 -77.21 -61.38 91.97
CA SER RA 55 -78.04 -62.50 91.55
C SER RA 55 -78.56 -62.22 90.14
N ARG RA 56 -77.94 -62.83 89.14
CA ARG RA 56 -78.44 -62.83 87.79
C ARG RA 56 -79.27 -64.08 87.57
N VAL RA 57 -80.46 -63.89 86.99
CA VAL RA 57 -81.45 -64.96 86.86
C VAL RA 57 -81.23 -65.73 85.57
N PRO RA 58 -81.74 -66.96 85.46
CA PRO RA 58 -81.67 -67.67 84.19
C PRO RA 58 -82.49 -66.99 83.12
N THR RA 59 -82.01 -67.10 81.88
CA THR RA 59 -82.64 -66.46 80.74
C THR RA 59 -83.49 -67.48 80.00
N VAL RA 60 -84.71 -67.08 79.63
CA VAL RA 60 -85.65 -67.93 78.91
C VAL RA 60 -85.48 -67.64 77.42
N VAL RA 61 -84.90 -68.57 76.68
CA VAL RA 61 -84.67 -68.42 75.26
C VAL RA 61 -85.37 -69.59 74.58
N ASN RA 62 -86.62 -69.36 74.16
CA ASN RA 62 -87.37 -70.30 73.32
C ASN RA 62 -87.39 -71.70 73.96
N GLY RA 63 -87.89 -71.76 75.19
CA GLY RA 63 -87.98 -73.02 75.91
C GLY RA 63 -86.69 -73.53 76.52
N ASN RA 64 -85.54 -72.90 76.24
CA ASN RA 64 -84.26 -73.31 76.81
C ASN RA 64 -83.80 -72.30 77.85
N TYR RA 65 -83.27 -72.79 78.97
CA TYR RA 65 -82.86 -71.91 80.06
C TYR RA 65 -81.34 -71.95 80.22
N SER RA 66 -80.74 -70.77 80.34
CA SER RA 66 -79.33 -70.63 80.69
C SER RA 66 -79.16 -70.79 82.19
N LYS RA 67 -77.94 -71.15 82.59
CA LYS RA 67 -77.64 -71.19 84.01
C LYS RA 67 -77.71 -69.79 84.60
N GLY RA 68 -78.17 -69.70 85.85
CA GLY RA 68 -78.11 -68.46 86.58
C GLY RA 68 -76.84 -68.36 87.41
N LYS RA 69 -76.63 -67.17 87.99
CA LYS RA 69 -75.35 -66.85 88.61
C LYS RA 69 -75.58 -66.07 89.89
N ASN RA 70 -75.08 -66.57 91.01
CA ASN RA 70 -75.18 -65.86 92.28
C ASN RA 70 -73.76 -65.61 92.81
N GLU RA 71 -73.37 -64.33 92.88
CA GLU RA 71 -72.04 -63.96 93.32
C GLU RA 71 -72.07 -63.36 94.72
N VAL RA 72 -70.96 -63.54 95.43
CA VAL RA 72 -70.63 -62.77 96.61
C VAL RA 72 -69.19 -62.32 96.48
N VAL RA 73 -68.93 -61.08 96.90
CA VAL RA 73 -67.59 -60.50 96.89
C VAL RA 73 -67.35 -59.92 98.28
N PHE RA 74 -66.45 -60.52 99.03
CA PHE RA 74 -66.07 -60.03 100.34
C PHE RA 74 -64.73 -59.33 100.22
N VAL RA 75 -64.61 -58.16 100.85
CA VAL RA 75 -63.49 -57.27 100.61
C VAL RA 75 -62.95 -56.76 101.93
N ILE RA 76 -61.65 -56.93 102.13
CA ILE RA 76 -60.87 -56.29 103.18
C ILE RA 76 -60.07 -55.16 102.55
N PRO RA 77 -60.47 -53.90 102.71
CA PRO RA 77 -59.63 -52.80 102.25
C PRO RA 77 -58.50 -52.54 103.26
N MET RA 78 -57.30 -52.30 102.73
CA MET RA 78 -56.14 -52.03 103.57
C MET RA 78 -55.39 -50.82 103.02
N SER RA 79 -54.89 -50.00 103.94
CA SER RA 79 -54.13 -48.81 103.61
C SER RA 79 -52.66 -49.18 103.50
N LEU RA 80 -52.07 -48.98 102.33
CA LEU RA 80 -50.67 -49.30 102.14
C LEU RA 80 -49.78 -48.27 102.81
N ASP RA 81 -48.50 -48.63 102.93
CA ASP RA 81 -47.49 -47.68 103.38
C ASP RA 81 -47.42 -46.49 102.43
N SER RA 82 -47.67 -46.73 101.14
CA SER RA 82 -47.67 -45.70 100.10
C SER RA 82 -48.79 -44.68 100.26
N GLY RA 83 -49.75 -44.93 101.14
CA GLY RA 83 -50.94 -44.11 101.24
C GLY RA 83 -52.09 -44.60 100.37
N GLU RA 84 -51.78 -45.21 99.23
CA GLU RA 84 -52.83 -45.78 98.38
C GLU RA 84 -53.45 -46.99 99.05
N THR RA 85 -54.77 -46.98 99.20
CA THR RA 85 -55.50 -48.07 99.81
C THR RA 85 -56.02 -49.01 98.72
N VAL RA 86 -55.89 -50.31 98.95
CA VAL RA 86 -56.26 -51.34 97.98
C VAL RA 86 -57.16 -52.36 98.65
N PHE RA 87 -57.62 -53.33 97.86
CA PHE RA 87 -58.67 -54.25 98.28
C PHE RA 87 -58.23 -55.70 98.16
N ASN RA 88 -58.39 -56.46 99.25
CA ASN RA 88 -58.20 -57.89 99.28
C ASN RA 88 -59.57 -58.56 99.10
N SER RA 89 -59.70 -59.39 98.08
CA SER RA 89 -61.01 -59.78 97.58
C SER RA 89 -61.13 -61.30 97.53
N VAL RA 90 -62.05 -61.86 98.29
CA VAL RA 90 -62.49 -63.23 98.06
C VAL RA 90 -63.84 -63.17 97.34
N ARG RA 91 -63.91 -63.81 96.18
CA ARG RA 91 -65.12 -63.81 95.36
C ARG RA 91 -65.58 -65.24 95.14
N ILE RA 92 -66.87 -65.49 95.36
CA ILE RA 92 -67.45 -66.81 95.20
C ILE RA 92 -68.69 -66.69 94.35
N ALA RA 93 -68.66 -67.27 93.16
CA ALA RA 93 -69.75 -67.22 92.21
C ALA RA 93 -70.25 -68.64 91.97
N LEU RA 94 -71.57 -68.83 92.03
CA LEU RA 94 -72.17 -70.14 91.88
C LEU RA 94 -73.16 -70.08 90.72
N GLU RA 95 -72.83 -70.78 89.65
CA GLU RA 95 -73.60 -70.81 88.41
C GLU RA 95 -74.29 -72.15 88.29
N ILE RA 96 -75.62 -72.13 88.29
CA ILE RA 96 -76.44 -73.34 88.34
C ILE RA 96 -77.53 -73.28 87.29
N HIS RA 97 -77.69 -74.37 86.55
CA HIS RA 97 -78.86 -74.55 85.70
C HIS RA 97 -80.03 -75.07 86.55
N PRO RA 98 -81.25 -74.58 86.32
CA PRO RA 98 -82.37 -74.91 87.23
C PRO RA 98 -82.69 -76.39 87.32
N ALA RA 99 -82.27 -77.18 86.33
CA ALA RA 99 -82.58 -78.60 86.30
C ALA RA 99 -81.68 -79.44 87.19
N LEU RA 100 -80.67 -78.85 87.83
CA LEU RA 100 -79.84 -79.61 88.75
C LEU RA 100 -80.59 -79.90 90.05
N ALA RA 101 -80.27 -81.04 90.66
CA ALA RA 101 -80.95 -81.45 91.88
C ALA RA 101 -80.67 -80.48 93.02
N SER RA 102 -81.73 -80.20 93.79
CA SER RA 102 -81.61 -79.32 94.94
C SER RA 102 -80.51 -79.79 95.89
N ALA RA 103 -80.30 -81.11 95.96
CA ALA RA 103 -79.25 -81.66 96.82
C ALA RA 103 -77.87 -81.43 96.22
N SER RA 104 -77.72 -81.56 94.90
CA SER RA 104 -76.43 -81.31 94.28
C SER RA 104 -76.03 -79.84 94.36
N VAL RA 105 -77.00 -78.93 94.40
CA VAL RA 105 -76.66 -77.52 94.59
C VAL RA 105 -75.95 -77.30 95.92
N LYS RA 106 -76.52 -77.86 97.00
CA LYS RA 106 -75.90 -77.69 98.31
C LYS RA 106 -74.61 -78.51 98.41
N ASP RA 107 -74.54 -79.69 97.80
CA ASP RA 107 -73.26 -80.39 97.74
C ASP RA 107 -72.21 -79.50 97.07
N LEU RA 108 -72.60 -78.72 96.06
CA LEU RA 108 -71.66 -77.87 95.35
C LEU RA 108 -71.17 -76.71 96.24
N ARG RA 109 -72.10 -76.11 96.99
CA ARG RA 109 -71.73 -75.09 97.98
C ARG RA 109 -70.70 -75.64 98.97
N LEU RA 110 -70.98 -76.82 99.53
CA LEU RA 110 -70.09 -77.37 100.56
C LEU RA 110 -68.76 -77.81 99.98
N ILE RA 111 -68.76 -78.30 98.73
CA ILE RA 111 -67.50 -78.76 98.16
C ILE RA 111 -66.61 -77.57 97.82
N GLY RA 112 -67.21 -76.45 97.41
CA GLY RA 112 -66.43 -75.23 97.26
C GLY RA 112 -65.87 -74.75 98.58
N ALA RA 113 -66.69 -74.78 99.63
CA ALA RA 113 -66.19 -74.39 100.95
C ALA RA 113 -65.01 -75.24 101.38
N GLN RA 114 -65.07 -76.55 101.13
CA GLN RA 114 -63.93 -77.40 101.49
C GLN RA 114 -62.71 -77.01 100.68
N LEU RA 115 -62.89 -76.79 99.37
CA LEU RA 115 -61.77 -76.35 98.54
C LEU RA 115 -61.10 -75.09 99.11
N LEU RA 116 -61.89 -74.18 99.69
CA LEU RA 116 -61.28 -73.03 100.38
C LEU RA 116 -60.52 -73.44 101.64
N THR RA 117 -61.17 -74.20 102.53
CA THR RA 117 -60.67 -74.27 103.90
C THR RA 117 -59.82 -75.49 104.22
N ASP RA 118 -59.76 -76.50 103.35
CA ASP RA 118 -59.00 -77.70 103.69
C ASP RA 118 -57.51 -77.43 103.70
N ALA RA 119 -56.79 -78.24 104.48
CA ALA RA 119 -55.36 -78.02 104.63
C ALA RA 119 -54.59 -78.45 103.39
N ASP RA 120 -55.10 -79.45 102.66
CA ASP RA 120 -54.48 -79.89 101.41
C ASP RA 120 -54.22 -78.73 100.46
N TYR RA 121 -55.04 -77.69 100.52
CA TYR RA 121 -54.96 -76.58 99.58
C TYR RA 121 -54.26 -75.37 100.14
N ASP RA 122 -53.76 -75.44 101.38
CA ASP RA 122 -53.06 -74.33 102.00
C ASP RA 122 -51.94 -73.81 101.11
N SER RA 123 -51.11 -74.73 100.59
CA SER RA 123 -49.99 -74.32 99.75
C SER RA 123 -50.50 -73.56 98.52
N PHE RA 124 -51.51 -74.11 97.84
CA PHE RA 124 -52.07 -73.45 96.67
C PHE RA 124 -52.54 -72.03 96.99
N TRP RA 125 -53.48 -71.91 97.92
CA TRP RA 125 -54.07 -70.60 98.19
C TRP RA 125 -53.02 -69.60 98.63
N THR RA 126 -52.23 -69.95 99.65
CA THR RA 126 -51.32 -68.97 100.25
C THR RA 126 -50.17 -68.64 99.31
N LEU RA 127 -49.42 -69.65 98.89
CA LEU RA 127 -48.18 -69.43 98.14
C LEU RA 127 -48.41 -69.30 96.64
N GLY RA 128 -49.55 -69.76 96.14
CA GLY RA 128 -49.78 -69.86 94.71
C GLY RA 128 -49.26 -71.12 94.08
N ALA RA 129 -48.91 -72.13 94.87
CA ALA RA 129 -48.20 -73.29 94.36
C ALA RA 129 -49.14 -74.19 93.58
N LEU RA 130 -48.79 -74.46 92.32
CA LEU RA 130 -49.53 -75.43 91.54
C LEU RA 130 -49.11 -76.85 91.93
N ALA RA 131 -49.87 -77.83 91.42
CA ALA RA 131 -49.60 -79.25 91.66
C ALA RA 131 -49.60 -79.66 93.14
N SER SA 1 -45.07 -116.60 62.29
CA SER SA 1 -45.01 -116.36 63.72
C SER SA 1 -45.97 -115.25 64.15
N ILE SA 2 -46.16 -114.22 63.32
CA ILE SA 2 -47.22 -113.24 63.57
C ILE SA 2 -48.57 -113.87 63.31
N ILE SA 3 -48.70 -114.58 62.19
CA ILE SA 3 -49.95 -115.27 61.88
C ILE SA 3 -50.06 -116.49 62.77
N GLY SA 4 -51.13 -116.55 63.56
CA GLY SA 4 -51.33 -117.64 64.49
C GLY SA 4 -50.83 -117.38 65.88
N SER SA 5 -50.19 -116.25 66.13
CA SER SA 5 -49.70 -115.94 67.47
C SER SA 5 -50.88 -115.83 68.45
N SER SA 6 -50.59 -116.15 69.71
CA SER SA 6 -51.59 -116.11 70.77
C SER SA 6 -51.09 -115.20 71.89
N ILE SA 7 -51.97 -114.34 72.38
CA ILE SA 7 -51.63 -113.37 73.41
C ILE SA 7 -52.82 -113.23 74.36
N LYS SA 8 -52.53 -112.94 75.62
CA LYS SA 8 -53.55 -112.91 76.66
C LYS SA 8 -54.34 -111.59 76.62
N THR SA 9 -55.67 -111.69 76.62
CA THR SA 9 -56.52 -110.52 76.86
C THR SA 9 -57.18 -110.66 78.22
N GLY SA 10 -57.69 -109.54 78.71
CA GLY SA 10 -58.21 -109.49 80.07
C GLY SA 10 -57.21 -109.93 81.10
N ALA SA 11 -55.94 -109.56 80.92
CA ALA SA 11 -54.92 -109.96 81.86
C ALA SA 11 -55.00 -109.11 83.12
N THR SA 12 -54.66 -109.73 84.26
CA THR SA 12 -54.66 -109.01 85.53
C THR SA 12 -53.55 -107.96 85.55
N SER SA 13 -52.30 -108.38 85.32
CA SER SA 13 -51.20 -107.41 85.30
C SER SA 13 -50.00 -108.04 84.60
N ALA SA 14 -49.11 -107.17 84.15
CA ALA SA 14 -47.88 -107.60 83.48
C ALA SA 14 -46.68 -107.26 84.36
N SER SA 15 -45.62 -108.06 84.22
CA SER SA 15 -44.44 -107.89 85.04
C SER SA 15 -43.22 -108.19 84.17
N ILE SA 16 -42.03 -107.95 84.74
CA ILE SA 16 -40.82 -108.13 83.97
C ILE SA 16 -39.70 -108.65 84.87
N THR SA 17 -39.19 -109.84 84.56
CA THR SA 17 -38.05 -110.41 85.26
C THR SA 17 -36.79 -109.80 84.64
N GLY SA 18 -36.16 -108.89 85.36
CA GLY SA 18 -35.11 -108.10 84.75
C GLY SA 18 -33.96 -107.65 85.63
N GLY SA 19 -33.10 -106.81 85.07
CA GLY SA 19 -31.86 -106.42 85.72
C GLY SA 19 -31.93 -105.13 86.51
N SER SA 20 -31.07 -104.17 86.17
CA SER SA 20 -30.85 -102.99 86.99
C SER SA 20 -31.97 -101.96 86.81
N ASP SA 21 -32.09 -101.09 87.81
CA ASP SA 21 -33.06 -100.01 87.78
C ASP SA 21 -32.56 -98.86 86.92
N ILE SA 22 -33.50 -97.99 86.54
CA ILE SA 22 -33.20 -96.74 85.88
C ILE SA 22 -34.24 -95.73 86.34
N THR SA 23 -33.82 -94.48 86.56
CA THR SA 23 -34.71 -93.49 87.13
C THR SA 23 -34.76 -92.25 86.24
N PHE SA 24 -35.95 -91.64 86.20
CA PHE SA 24 -36.20 -90.46 85.39
C PHE SA 24 -36.23 -89.21 86.25
N ALA SA 25 -35.75 -88.11 85.68
CA ALA SA 25 -35.92 -86.81 86.30
C ALA SA 25 -36.28 -85.81 85.21
N LEU SA 26 -36.97 -84.74 85.61
CA LEU SA 26 -37.50 -83.78 84.65
C LEU SA 26 -36.37 -83.02 83.96
N THR SA 27 -36.42 -83.01 82.62
CA THR SA 27 -35.30 -82.48 81.84
C THR SA 27 -35.27 -80.95 81.89
N GLY SA 28 -36.41 -80.31 81.75
CA GLY SA 28 -36.44 -78.89 81.49
C GLY SA 28 -36.27 -78.53 80.03
N GLN SA 29 -36.36 -79.50 79.14
CA GLN SA 29 -36.54 -79.20 77.73
C GLN SA 29 -37.99 -78.86 77.50
N THR SA 30 -38.24 -77.69 76.92
CA THR SA 30 -39.61 -77.24 76.69
C THR SA 30 -40.23 -78.11 75.60
N VAL SA 31 -41.36 -78.74 75.93
CA VAL SA 31 -42.08 -79.59 74.98
C VAL SA 31 -43.55 -79.18 74.97
N THR SA 32 -44.07 -78.92 73.77
CA THR SA 32 -45.45 -78.50 73.62
C THR SA 32 -46.41 -79.62 74.00
N ASN SA 33 -47.36 -79.31 74.88
CA ASN SA 33 -48.33 -80.27 75.42
C ASN SA 33 -47.64 -81.47 76.07
N GLY SA 34 -46.36 -81.33 76.43
CA GLY SA 34 -45.61 -82.50 76.81
C GLY SA 34 -44.53 -82.25 77.85
N LEU SA 35 -43.78 -83.32 78.10
CA LEU SA 35 -42.82 -83.41 79.18
C LEU SA 35 -41.60 -84.15 78.66
N ASN SA 36 -40.43 -83.80 79.17
CA ASN SA 36 -39.22 -84.56 78.89
C ASN SA 36 -38.59 -84.96 80.21
N VAL SA 37 -38.42 -86.26 80.43
CA VAL SA 37 -37.67 -86.79 81.57
C VAL SA 37 -36.54 -87.63 81.03
N SER SA 38 -35.32 -87.35 81.47
CA SER SA 38 -34.18 -88.14 81.02
C SER SA 38 -33.66 -88.99 82.17
N VAL SA 39 -32.71 -89.84 81.83
CA VAL SA 39 -32.14 -90.80 82.76
C VAL SA 39 -31.10 -90.10 83.64
N SER SA 40 -31.39 -90.02 84.94
CA SER SA 40 -30.47 -89.46 85.90
C SER SA 40 -29.27 -90.37 86.17
N GLU SA 41 -29.18 -91.51 85.50
CA GLU SA 41 -28.20 -92.52 85.82
C GLU SA 41 -27.14 -92.69 84.75
N ASP SA 42 -27.44 -92.29 83.51
CA ASP SA 42 -26.42 -92.20 82.47
C ASP SA 42 -25.66 -90.89 82.64
N THR SA 43 -24.34 -90.96 82.54
CA THR SA 43 -23.49 -89.87 82.98
C THR SA 43 -23.16 -88.84 81.90
N ASP SA 44 -23.31 -89.20 80.63
CA ASP SA 44 -22.98 -88.30 79.52
C ASP SA 44 -24.26 -87.94 78.79
N TYR SA 45 -24.63 -86.65 78.82
CA TYR SA 45 -25.83 -86.19 78.13
C TYR SA 45 -25.85 -86.64 76.69
N ARG SA 46 -24.69 -86.57 76.04
CA ARG SA 46 -24.56 -86.97 74.64
C ARG SA 46 -25.21 -88.32 74.36
N THR SA 47 -25.21 -89.23 75.36
CA THR SA 47 -25.82 -90.54 75.23
C THR SA 47 -26.83 -90.83 76.34
N ARG SA 48 -27.44 -89.81 76.96
CA ARG SA 48 -28.47 -90.07 77.97
C ARG SA 48 -29.79 -90.42 77.32
N ARG SA 49 -30.23 -91.65 77.57
CA ARG SA 49 -31.57 -92.08 77.22
C ARG SA 49 -32.59 -91.11 77.79
N ASN SA 50 -33.57 -90.72 76.97
CA ASN SA 50 -34.62 -89.86 77.50
C ASN SA 50 -35.97 -90.19 76.89
N ALA SA 51 -37.03 -89.87 77.63
CA ALA SA 51 -38.40 -90.14 77.23
C ALA SA 51 -39.19 -88.85 77.23
N THR SA 52 -40.11 -88.74 76.28
CA THR SA 52 -40.94 -87.57 76.09
C THR SA 52 -42.40 -88.01 76.07
N PHE SA 53 -43.22 -87.34 76.87
CA PHE SA 53 -44.61 -87.68 77.12
C PHE SA 53 -45.49 -86.57 76.58
N LYS SA 54 -46.30 -86.88 75.58
CA LYS SA 54 -47.27 -85.91 75.06
C LYS SA 54 -48.69 -86.40 75.35
N SER SA 55 -49.60 -85.43 75.52
CA SER SA 55 -50.96 -85.75 75.93
C SER SA 55 -51.94 -84.76 75.31
N ARG SA 56 -52.98 -85.29 74.66
CA ARG SA 56 -54.13 -84.50 74.23
C ARG SA 56 -55.40 -85.19 74.69
N VAL SA 57 -56.24 -84.41 75.36
CA VAL SA 57 -57.48 -84.82 76.02
C VAL SA 57 -58.60 -84.82 74.96
N PRO SA 58 -59.64 -85.65 75.14
CA PRO SA 58 -60.76 -85.62 74.17
C PRO SA 58 -61.40 -84.24 74.05
N THR SA 59 -61.61 -83.83 72.81
CA THR SA 59 -62.23 -82.55 72.48
C THR SA 59 -63.68 -82.77 72.06
N VAL SA 60 -64.57 -81.89 72.51
CA VAL SA 60 -66.01 -82.02 72.30
C VAL SA 60 -66.47 -81.02 71.24
N VAL SA 61 -67.14 -81.52 70.21
CA VAL SA 61 -67.77 -80.70 69.18
C VAL SA 61 -69.28 -80.89 69.29
N ASN SA 62 -69.96 -79.91 69.89
CA ASN SA 62 -71.41 -79.86 70.00
C ASN SA 62 -71.97 -81.20 70.48
N GLY SA 63 -71.36 -81.73 71.54
CA GLY SA 63 -71.83 -82.95 72.17
C GLY SA 63 -71.11 -84.22 71.75
N ASN SA 64 -70.33 -84.20 70.66
CA ASN SA 64 -69.65 -85.39 70.17
C ASN SA 64 -68.18 -85.36 70.58
N TYR SA 65 -67.71 -86.43 71.22
CA TYR SA 65 -66.34 -86.47 71.71
C TYR SA 65 -65.39 -87.06 70.68
N SER SA 66 -64.15 -86.60 70.71
CA SER SA 66 -63.09 -87.09 69.83
C SER SA 66 -62.12 -87.93 70.65
N LYS SA 67 -61.69 -89.05 70.06
CA LYS SA 67 -60.70 -89.90 70.71
C LYS SA 67 -59.42 -89.12 70.99
N GLY SA 68 -58.97 -89.18 72.25
CA GLY SA 68 -57.75 -88.50 72.65
C GLY SA 68 -56.52 -89.37 72.47
N LYS SA 69 -55.36 -88.75 72.67
CA LYS SA 69 -54.09 -89.33 72.24
C LYS SA 69 -53.02 -89.13 73.30
N ASN SA 70 -52.43 -90.22 73.78
CA ASN SA 70 -51.33 -90.16 74.74
C ASN SA 70 -50.10 -90.82 74.13
N GLU SA 71 -49.09 -90.02 73.79
CA GLU SA 71 -47.86 -90.52 73.19
C GLU SA 71 -46.73 -90.57 74.19
N VAL SA 72 -45.85 -91.55 74.00
CA VAL SA 72 -44.56 -91.63 74.68
C VAL SA 72 -43.53 -91.97 73.63
N VAL SA 73 -42.36 -91.34 73.71
CA VAL SA 73 -41.23 -91.71 72.87
C VAL SA 73 -40.00 -91.85 73.74
N PHE SA 74 -39.29 -92.96 73.58
CA PHE SA 74 -38.11 -93.27 74.37
C PHE SA 74 -36.94 -93.40 73.40
N VAL SA 75 -35.82 -92.78 73.75
CA VAL SA 75 -34.73 -92.57 72.81
C VAL SA 75 -33.42 -92.99 73.45
N ILE SA 76 -32.68 -93.84 72.73
CA ILE SA 76 -31.27 -94.11 72.96
C ILE SA 76 -30.46 -93.34 71.92
N PRO SA 77 -29.76 -92.27 72.29
CA PRO SA 77 -28.90 -91.61 71.31
C PRO SA 77 -27.57 -92.33 71.18
N MET SA 78 -27.09 -92.45 69.96
CA MET SA 78 -25.77 -93.01 69.71
C MET SA 78 -25.09 -92.23 68.61
N SER SA 79 -23.79 -92.00 68.77
CA SER SA 79 -22.99 -91.35 67.74
C SER SA 79 -22.46 -92.42 66.79
N LEU SA 80 -22.58 -92.15 65.49
CA LEU SA 80 -22.15 -93.09 64.46
C LEU SA 80 -20.67 -92.91 64.16
N ASP SA 81 -20.13 -93.88 63.40
CA ASP SA 81 -18.80 -93.72 62.84
C ASP SA 81 -18.72 -92.49 61.95
N SER SA 82 -19.86 -92.03 61.43
CA SER SA 82 -19.96 -90.79 60.66
C SER SA 82 -19.75 -89.56 61.52
N GLY SA 83 -19.73 -89.69 62.84
CA GLY SA 83 -19.71 -88.53 63.72
C GLY SA 83 -21.12 -88.04 64.02
N GLU SA 84 -21.96 -88.11 62.98
CA GLU SA 84 -23.39 -87.83 63.13
C GLU SA 84 -23.99 -88.66 64.26
N THR SA 85 -24.79 -88.01 65.10
CA THR SA 85 -25.46 -88.68 66.21
C THR SA 85 -26.93 -88.91 65.84
N VAL SA 86 -27.36 -90.16 65.94
CA VAL SA 86 -28.71 -90.57 65.56
C VAL SA 86 -29.45 -91.07 66.80
N PHE SA 87 -30.77 -90.91 66.78
CA PHE SA 87 -31.63 -91.26 67.90
C PHE SA 87 -32.36 -92.57 67.58
N ASN SA 88 -32.27 -93.54 68.50
CA ASN SA 88 -32.92 -94.84 68.36
C ASN SA 88 -34.21 -94.83 69.18
N SER SA 89 -35.33 -95.05 68.50
CA SER SA 89 -36.64 -94.66 69.01
C SER SA 89 -37.54 -95.87 69.23
N VAL SA 90 -38.30 -95.81 70.32
CA VAL SA 90 -39.51 -96.61 70.47
C VAL SA 90 -40.64 -95.66 70.87
N ARG SA 91 -41.74 -95.69 70.13
CA ARG SA 91 -42.84 -94.75 70.30
C ARG SA 91 -44.14 -95.52 70.50
N ILE SA 92 -44.86 -95.20 71.57
CA ILE SA 92 -46.11 -95.87 71.91
C ILE SA 92 -47.17 -94.80 72.08
N ALA SA 93 -48.21 -94.87 71.24
CA ALA SA 93 -49.29 -93.90 71.21
C ALA SA 93 -50.60 -94.63 71.43
N LEU SA 94 -51.35 -94.22 72.45
CA LEU SA 94 -52.62 -94.85 72.78
C LEU SA 94 -53.75 -93.85 72.60
N GLU SA 95 -54.66 -94.16 71.67
CA GLU SA 95 -55.76 -93.27 71.29
C GLU SA 95 -57.06 -93.91 71.73
N ILE SA 96 -57.76 -93.25 72.65
CA ILE SA 96 -58.94 -93.80 73.30
C ILE SA 96 -60.11 -92.84 73.19
N HIS SA 97 -61.28 -93.38 72.84
CA HIS SA 97 -62.51 -92.61 72.93
C HIS SA 97 -63.06 -92.70 74.35
N PRO SA 98 -63.62 -91.62 74.88
CA PRO SA 98 -64.07 -91.64 76.29
C PRO SA 98 -65.08 -92.72 76.61
N ALA SA 99 -65.82 -93.22 75.62
CA ALA SA 99 -66.87 -94.19 75.87
C ALA SA 99 -66.34 -95.60 76.10
N LEU SA 100 -65.05 -95.85 75.88
CA LEU SA 100 -64.52 -97.21 76.01
C LEU SA 100 -64.52 -97.65 77.46
N ALA SA 101 -64.64 -98.96 77.65
CA ALA SA 101 -64.62 -99.53 78.99
C ALA SA 101 -63.30 -99.25 79.69
N SER SA 102 -63.39 -98.85 80.95
CA SER SA 102 -62.21 -98.59 81.77
C SER SA 102 -61.25 -99.77 81.75
N ALA SA 103 -61.77 -101.00 81.81
CA ALA SA 103 -60.92 -102.18 81.79
C ALA SA 103 -60.38 -102.49 80.39
N SER SA 104 -61.14 -102.15 79.34
CA SER SA 104 -60.61 -102.31 78.00
C SER SA 104 -59.44 -101.38 77.74
N VAL SA 105 -59.41 -100.21 78.40
CA VAL SA 105 -58.24 -99.33 78.27
C VAL SA 105 -56.97 -100.04 78.73
N LYS SA 106 -57.00 -100.59 79.95
CA LYS SA 106 -55.83 -101.29 80.46
C LYS SA 106 -55.57 -102.59 79.70
N ASP SA 107 -56.61 -103.22 79.17
CA ASP SA 107 -56.37 -104.39 78.31
C ASP SA 107 -55.60 -103.98 77.06
N LEU SA 108 -55.88 -102.80 76.50
CA LEU SA 108 -55.10 -102.31 75.36
C LEU SA 108 -53.65 -102.07 75.75
N ARG SA 109 -53.42 -101.44 76.89
CA ARG SA 109 -52.03 -101.27 77.35
C ARG SA 109 -51.30 -102.60 77.42
N LEU SA 110 -51.93 -103.60 78.04
CA LEU SA 110 -51.28 -104.89 78.25
C LEU SA 110 -51.11 -105.66 76.95
N ILE SA 111 -52.08 -105.56 76.03
CA ILE SA 111 -51.98 -106.30 74.78
C ILE SA 111 -50.94 -105.67 73.88
N GLY SA 112 -50.83 -104.33 73.90
CA GLY SA 112 -49.74 -103.68 73.21
C GLY SA 112 -48.39 -104.12 73.75
N ALA SA 113 -48.26 -104.18 75.08
CA ALA SA 113 -46.99 -104.61 75.65
C ALA SA 113 -46.64 -106.04 75.24
N GLN SA 114 -47.64 -106.92 75.21
CA GLN SA 114 -47.37 -108.29 74.77
C GLN SA 114 -46.91 -108.31 73.32
N LEU SA 115 -47.49 -107.43 72.48
CA LEU SA 115 -47.07 -107.38 71.08
C LEU SA 115 -45.61 -106.98 70.93
N LEU SA 116 -45.05 -106.23 71.89
CA LEU SA 116 -43.61 -105.99 71.91
C LEU SA 116 -42.82 -107.16 72.46
N THR SA 117 -43.27 -107.76 73.56
CA THR SA 117 -42.37 -108.61 74.34
C THR SA 117 -42.68 -110.09 74.27
N ASP SA 118 -43.54 -110.53 73.35
CA ASP SA 118 -43.70 -111.96 73.16
C ASP SA 118 -42.70 -112.48 72.13
N ALA SA 119 -42.32 -113.75 72.30
CA ALA SA 119 -41.33 -114.35 71.41
C ALA SA 119 -41.86 -114.47 69.99
N ASP SA 120 -43.17 -114.70 69.85
CA ASP SA 120 -43.78 -114.87 68.53
C ASP SA 120 -43.42 -113.72 67.58
N TYR SA 121 -43.13 -112.55 68.13
CA TYR SA 121 -42.91 -111.36 67.32
C TYR SA 121 -41.45 -110.99 67.19
N ASP SA 122 -40.55 -111.73 67.87
CA ASP SA 122 -39.12 -111.42 67.84
C ASP SA 122 -38.63 -111.21 66.42
N SER SA 123 -39.00 -112.12 65.51
CA SER SA 123 -38.55 -112.02 64.13
C SER SA 123 -39.03 -110.71 63.50
N PHE SA 124 -40.31 -110.38 63.69
CA PHE SA 124 -40.86 -109.12 63.19
C PHE SA 124 -40.06 -107.92 63.69
N TRP SA 125 -39.97 -107.76 65.02
CA TRP SA 125 -39.35 -106.56 65.56
C TRP SA 125 -37.89 -106.45 65.14
N THR SA 126 -37.11 -107.51 65.39
CA THR SA 126 -35.67 -107.41 65.13
C THR SA 126 -35.40 -107.24 63.63
N LEU SA 127 -35.88 -108.16 62.81
CA LEU SA 127 -35.51 -108.16 61.40
C LEU SA 127 -36.45 -107.35 60.52
N GLY SA 128 -37.74 -107.39 60.80
CA GLY SA 128 -38.73 -106.78 59.94
C GLY SA 128 -39.59 -107.78 59.19
N ALA SA 129 -39.60 -109.04 59.62
CA ALA SA 129 -40.33 -110.12 58.98
C ALA SA 129 -41.84 -109.87 59.02
N LEU SA 130 -42.51 -110.25 57.93
CA LEU SA 130 -43.92 -109.95 57.75
C LEU SA 130 -44.81 -111.20 57.73
N ALA SA 131 -44.31 -112.35 58.15
CA ALA SA 131 -45.14 -113.56 58.20
C ALA SA 131 -45.66 -113.81 59.62
N SER TA 1 -19.28 71.82 77.80
CA SER TA 1 -18.13 72.68 78.02
C SER TA 1 -16.88 72.13 77.30
N ILE TA 2 -17.09 71.51 76.15
CA ILE TA 2 -15.98 70.95 75.38
C ILE TA 2 -15.21 72.04 74.65
N ILE TA 3 -15.92 72.87 73.90
CA ILE TA 3 -15.28 73.94 73.14
C ILE TA 3 -14.69 74.95 74.11
N GLY TA 4 -13.37 75.10 74.08
CA GLY TA 4 -12.70 76.02 74.97
C GLY TA 4 -12.18 75.42 76.25
N SER TA 5 -12.34 74.11 76.46
CA SER TA 5 -11.80 73.50 77.66
C SER TA 5 -10.28 73.59 77.66
N SER TA 6 -9.71 73.55 78.85
CA SER TA 6 -8.26 73.68 79.05
C SER TA 6 -7.75 72.53 79.90
N ILE TA 7 -6.69 71.87 79.43
CA ILE TA 7 -6.04 70.78 80.16
C ILE TA 7 -4.52 70.94 80.04
N LYS TA 8 -3.81 70.10 80.78
CA LYS TA 8 -2.36 70.24 80.98
C LYS TA 8 -1.61 69.23 80.13
N THR TA 9 -0.64 69.71 79.35
CA THR TA 9 0.29 68.84 78.65
C THR TA 9 1.65 68.88 79.35
N GLY TA 10 2.41 67.80 79.20
CA GLY TA 10 3.66 67.68 79.91
C GLY TA 10 3.50 67.79 81.41
N ALA TA 11 2.47 67.17 81.97
CA ALA TA 11 2.28 67.18 83.41
C ALA TA 11 3.33 66.30 84.07
N THR TA 12 3.83 66.75 85.24
CA THR TA 12 4.78 65.94 85.99
C THR TA 12 4.16 64.61 86.40
N SER TA 13 2.96 64.63 86.99
CA SER TA 13 2.26 63.39 87.31
C SER TA 13 0.78 63.70 87.56
N ALA TA 14 0.00 62.64 87.74
CA ALA TA 14 -1.39 62.76 88.12
C ALA TA 14 -1.63 61.93 89.37
N SER TA 15 -2.63 62.33 90.15
CA SER TA 15 -2.86 61.73 91.46
C SER TA 15 -4.35 61.76 91.74
N ILE TA 16 -4.75 61.14 92.85
CA ILE TA 16 -6.17 60.97 93.15
C ILE TA 16 -6.40 61.08 94.66
N THR TA 17 -7.33 61.96 95.03
CA THR TA 17 -7.78 62.09 96.41
C THR TA 17 -9.06 61.28 96.55
N GLY TA 18 -8.98 60.12 97.19
CA GLY TA 18 -10.11 59.22 97.14
C GLY TA 18 -10.10 58.18 98.24
N GLY TA 19 -11.13 57.33 98.20
CA GLY TA 19 -11.48 56.44 99.30
C GLY TA 19 -10.78 55.10 99.33
N SER TA 20 -11.57 54.03 99.36
CA SER TA 20 -11.05 52.72 99.73
C SER TA 20 -10.25 52.08 98.59
N ASP TA 21 -9.32 51.21 98.96
CA ASP TA 21 -8.52 50.47 98.00
C ASP TA 21 -9.32 49.35 97.37
N ILE TA 22 -8.89 48.95 96.18
CA ILE TA 22 -9.35 47.73 95.53
C ILE TA 22 -8.11 47.04 94.98
N THR TA 23 -8.06 45.72 95.16
CA THR TA 23 -6.90 44.91 94.82
C THR TA 23 -7.27 43.91 93.74
N PHE TA 24 -6.37 43.74 92.78
CA PHE TA 24 -6.54 42.84 91.65
C PHE TA 24 -5.85 41.51 91.88
N ALA TA 25 -6.31 40.49 91.16
CA ALA TA 25 -5.70 39.18 91.17
C ALA TA 25 -6.08 38.49 89.87
N LEU TA 26 -5.23 37.56 89.43
CA LEU TA 26 -5.41 36.98 88.11
C LEU TA 26 -6.62 36.05 88.08
N THR TA 27 -7.37 36.12 86.98
CA THR TA 27 -8.64 35.41 86.81
C THR TA 27 -8.51 34.09 86.07
N GLY TA 28 -7.74 34.05 84.99
CA GLY TA 28 -7.69 32.85 84.18
C GLY TA 28 -8.79 32.74 83.15
N GLN TA 29 -9.66 33.73 83.04
CA GLN TA 29 -10.52 33.81 81.86
C GLN TA 29 -9.63 34.01 80.64
N THR TA 30 -9.78 33.10 79.68
CA THR TA 30 -8.90 33.08 78.52
C THR TA 30 -9.10 34.35 77.68
N VAL TA 31 -8.00 35.07 77.48
CA VAL TA 31 -8.00 36.33 76.73
C VAL TA 31 -6.79 36.33 75.81
N THR TA 32 -7.04 36.47 74.50
CA THR TA 32 -5.99 36.34 73.50
C THR TA 32 -5.07 37.57 73.52
N ASN TA 33 -3.77 37.32 73.65
CA ASN TA 33 -2.76 38.38 73.81
C ASN TA 33 -3.07 39.27 75.01
N GLY TA 34 -3.76 38.71 76.01
CA GLY TA 34 -4.25 39.51 77.10
C GLY TA 34 -4.29 38.84 78.45
N LEU TA 35 -5.06 39.43 79.37
CA LEU TA 35 -4.98 39.08 80.77
C LEU TA 35 -6.24 39.58 81.48
N ASN TA 36 -6.90 38.71 82.22
CA ASN TA 36 -8.07 39.09 83.03
C ASN TA 36 -7.66 39.10 84.49
N VAL TA 37 -7.79 40.27 85.15
CA VAL TA 37 -7.64 40.35 86.59
C VAL TA 37 -8.95 40.87 87.18
N SER TA 38 -9.50 40.17 88.15
CA SER TA 38 -10.68 40.66 88.84
C SER TA 38 -10.29 41.08 90.25
N VAL TA 39 -11.23 41.69 90.93
CA VAL TA 39 -10.98 42.13 92.29
C VAL TA 39 -11.18 40.94 93.21
N SER TA 40 -10.30 40.79 94.18
CA SER TA 40 -10.55 39.79 95.21
C SER TA 40 -11.36 40.38 96.35
N GLU TA 41 -11.80 41.62 96.21
CA GLU TA 41 -12.47 42.32 97.29
C GLU TA 41 -13.99 42.32 97.15
N ASP TA 42 -14.50 42.18 95.93
CA ASP TA 42 -15.91 41.89 95.75
C ASP TA 42 -16.13 40.38 95.88
N THR TA 43 -17.25 40.00 96.46
CA THR TA 43 -17.48 38.62 96.84
C THR TA 43 -18.39 37.85 95.90
N ASP TA 44 -19.40 38.50 95.32
CA ASP TA 44 -20.36 37.83 94.44
C ASP TA 44 -19.80 37.74 93.03
N TYR TA 45 -19.74 36.52 92.48
CA TYR TA 45 -19.15 36.34 91.16
C TYR TA 45 -19.96 37.04 90.08
N ARG TA 46 -21.29 37.03 90.21
CA ARG TA 46 -22.16 37.77 89.30
C ARG TA 46 -21.70 39.22 89.15
N THR TA 47 -21.60 39.95 90.26
CA THR TA 47 -21.37 41.38 90.22
C THR TA 47 -19.92 41.76 90.53
N ARG TA 48 -18.98 40.83 90.36
CA ARG TA 48 -17.60 41.11 90.74
C ARG TA 48 -16.88 41.84 89.61
N ARG TA 49 -16.39 43.04 89.93
CA ARG TA 49 -15.76 43.92 88.96
C ARG TA 49 -14.49 43.30 88.41
N ASN TA 50 -14.30 43.39 87.09
CA ASN TA 50 -13.08 42.81 86.53
C ASN TA 50 -12.55 43.64 85.37
N ALA TA 51 -11.24 43.57 85.16
CA ALA TA 51 -10.57 44.29 84.10
C ALA TA 51 -9.83 43.31 83.21
N THR TA 52 -9.59 43.75 81.98
CA THR TA 52 -8.95 42.93 80.97
C THR TA 52 -7.99 43.79 80.17
N PHE TA 53 -6.74 43.34 80.11
CA PHE TA 53 -5.62 44.03 79.50
C PHE TA 53 -5.23 43.27 78.24
N LYS TA 54 -5.37 43.90 77.09
CA LYS TA 54 -4.86 43.33 75.84
C LYS TA 54 -3.69 44.17 75.36
N SER TA 55 -2.73 43.51 74.71
CA SER TA 55 -1.47 44.14 74.33
C SER TA 55 -1.02 43.60 72.98
N ARG TA 56 -0.75 44.51 72.05
CA ARG TA 56 -0.21 44.18 70.73
C ARG TA 56 0.96 45.11 70.44
N VAL TA 57 2.12 44.52 70.19
CA VAL TA 57 3.38 45.26 70.03
C VAL TA 57 3.51 45.79 68.60
N PRO TA 58 4.27 46.85 68.39
CA PRO TA 58 4.61 47.25 67.02
C PRO TA 58 5.34 46.13 66.30
N THR TA 59 4.83 45.77 65.12
CA THR TA 59 5.40 44.71 64.31
C THR TA 59 5.95 45.30 63.02
N VAL TA 60 7.16 44.92 62.66
CA VAL TA 60 7.79 45.41 61.44
C VAL TA 60 7.26 44.60 60.26
N VAL TA 61 6.91 45.31 59.19
CA VAL TA 61 6.47 44.69 57.95
C VAL TA 61 7.05 45.48 56.80
N ASN TA 62 7.80 44.82 55.92
CA ASN TA 62 8.38 45.44 54.74
C ASN TA 62 9.30 46.61 55.12
N GLY TA 63 10.09 46.40 56.18
CA GLY TA 63 11.15 47.32 56.52
C GLY TA 63 10.77 48.46 57.46
N ASN TA 64 9.51 48.57 57.86
CA ASN TA 64 9.13 49.64 58.78
C ASN TA 64 8.00 49.19 59.69
N TYR TA 65 7.82 49.94 60.78
CA TYR TA 65 7.00 49.51 61.89
C TYR TA 65 5.53 49.89 61.71
N SER TA 66 4.68 49.14 62.41
CA SER TA 66 3.26 49.45 62.53
C SER TA 66 2.98 49.87 63.96
N LYS TA 67 2.11 50.86 64.12
CA LYS TA 67 1.81 51.35 65.46
C LYS TA 67 1.20 50.24 66.32
N GLY TA 68 1.60 50.21 67.59
CA GLY TA 68 1.10 49.21 68.51
C GLY TA 68 -0.08 49.71 69.33
N LYS TA 69 -0.77 48.76 69.96
CA LYS TA 69 -2.07 49.03 70.57
C LYS TA 69 -2.17 48.32 71.91
N ASN TA 70 -2.48 49.08 72.97
CA ASN TA 70 -2.64 48.52 74.31
C ASN TA 70 -4.01 48.91 74.85
N GLU TA 71 -4.91 47.93 74.97
CA GLU TA 71 -6.26 48.15 75.45
C GLU TA 71 -6.39 47.73 76.90
N VAL TA 72 -7.28 48.41 77.61
CA VAL TA 72 -7.80 47.97 78.90
C VAL TA 72 -9.30 48.12 78.85
N VAL TA 73 -10.01 47.21 79.52
CA VAL TA 73 -11.44 47.37 79.71
C VAL TA 73 -11.78 46.97 81.14
N PHE TA 74 -12.39 47.90 81.87
CA PHE TA 74 -12.83 47.67 83.24
C PHE TA 74 -14.35 47.58 83.22
N VAL TA 75 -14.88 46.57 83.91
CA VAL TA 75 -16.28 46.23 83.80
C VAL TA 75 -16.89 46.09 85.19
N ILE TA 76 -18.03 46.76 85.37
CA ILE TA 76 -18.94 46.60 86.49
C ILE TA 76 -20.15 45.81 86.01
N PRO TA 77 -20.29 44.54 86.36
CA PRO TA 77 -21.52 43.83 86.01
C PRO TA 77 -22.66 44.27 86.92
N MET TA 78 -23.86 44.28 86.36
CA MET TA 78 -25.07 44.48 87.16
C MET TA 78 -26.20 43.66 86.58
N SER TA 79 -26.97 43.03 87.46
CA SER TA 79 -28.16 42.32 87.02
C SER TA 79 -29.30 43.32 86.84
N LEU TA 80 -29.99 43.23 85.71
CA LEU TA 80 -31.13 44.09 85.46
C LEU TA 80 -32.39 43.47 86.05
N ASP TA 81 -33.44 44.30 86.14
CA ASP TA 81 -34.72 43.81 86.62
C ASP TA 81 -35.28 42.71 85.73
N SER TA 82 -34.93 42.74 84.43
CA SER TA 82 -35.40 41.75 83.48
C SER TA 82 -34.71 40.40 83.61
N GLY TA 83 -33.65 40.32 84.41
CA GLY TA 83 -32.97 39.06 84.61
C GLY TA 83 -31.60 39.00 83.95
N GLU TA 84 -31.49 39.48 82.72
CA GLU TA 84 -30.21 39.50 82.04
C GLU TA 84 -29.21 40.33 82.82
N THR TA 85 -28.02 39.79 83.01
CA THR TA 85 -26.92 40.54 83.58
C THR TA 85 -26.22 41.30 82.46
N VAL TA 86 -26.01 42.60 82.66
CA VAL TA 86 -25.38 43.46 81.66
C VAL TA 86 -24.11 44.05 82.24
N PHE TA 87 -23.13 44.29 81.37
CA PHE TA 87 -21.84 44.80 81.77
C PHE TA 87 -21.77 46.31 81.53
N ASN TA 88 -21.13 47.03 82.45
CA ASN TA 88 -20.87 48.46 82.31
C ASN TA 88 -19.38 48.63 82.07
N SER TA 89 -19.03 49.29 80.98
CA SER TA 89 -17.69 49.23 80.43
C SER TA 89 -17.04 50.61 80.44
N VAL TA 90 -15.78 50.65 80.84
CA VAL TA 90 -14.90 51.74 80.46
C VAL TA 90 -13.71 51.12 79.75
N ARG TA 91 -13.45 51.56 78.53
CA ARG TA 91 -12.43 50.97 77.68
C ARG TA 91 -11.45 52.05 77.28
N ILE TA 92 -10.17 51.82 77.53
CA ILE TA 92 -9.12 52.76 77.22
C ILE TA 92 -8.08 52.05 76.37
N ALA TA 93 -8.03 52.41 75.10
CA ALA TA 93 -7.03 51.91 74.18
C ALA TA 93 -6.01 53.01 73.90
N LEU TA 94 -4.76 52.61 73.69
CA LEU TA 94 -3.68 53.56 73.47
C LEU TA 94 -2.75 53.00 72.40
N GLU TA 95 -2.72 53.67 71.25
CA GLU TA 95 -1.98 53.25 70.07
C GLU TA 95 -0.82 54.21 69.87
N ILE TA 96 0.40 53.68 69.92
CA ILE TA 96 1.61 54.48 69.83
C ILE TA 96 2.43 53.99 68.65
N HIS TA 97 2.93 54.93 67.86
CA HIS TA 97 3.94 54.58 66.87
C HIS TA 97 5.32 54.61 67.53
N PRO TA 98 6.19 53.65 67.19
CA PRO TA 98 7.49 53.57 67.86
C PRO TA 98 8.31 54.86 67.81
N ALA TA 99 8.02 55.74 66.85
CA ALA TA 99 8.77 56.98 66.71
C ALA TA 99 8.36 58.06 67.70
N LEU TA 100 7.27 57.88 68.44
CA LEU TA 100 6.86 58.90 69.39
C LEU TA 100 7.85 58.98 70.54
N ALA TA 101 8.02 60.19 71.07
CA ALA TA 101 8.91 60.41 72.20
C ALA TA 101 8.43 59.66 73.43
N SER TA 102 9.38 59.09 74.17
CA SER TA 102 9.07 58.44 75.44
C SER TA 102 8.25 59.37 76.34
N ALA TA 103 8.60 60.66 76.35
CA ALA TA 103 7.89 61.62 77.18
C ALA TA 103 6.49 61.90 76.65
N SER TA 104 6.32 61.95 75.32
CA SER TA 104 5.00 62.17 74.75
C SER TA 104 4.08 60.97 74.94
N VAL TA 105 4.64 59.78 75.17
CA VAL TA 105 3.79 58.64 75.53
C VAL TA 105 3.09 58.89 76.86
N LYS TA 106 3.86 59.23 77.89
CA LYS TA 106 3.23 59.58 79.17
C LYS TA 106 2.36 60.84 79.05
N ASP TA 107 2.73 61.80 78.18
CA ASP TA 107 1.85 62.95 78.00
C ASP TA 107 0.49 62.49 77.46
N LEU TA 108 0.47 61.51 76.55
CA LEU TA 108 -0.80 60.97 76.06
C LEU TA 108 -1.58 60.29 77.17
N ARG TA 109 -0.90 59.48 77.99
CA ARG TA 109 -1.60 58.81 79.09
C ARG TA 109 -2.28 59.82 80.01
N LEU TA 110 -1.55 60.89 80.37
CA LEU TA 110 -2.08 61.86 81.32
C LEU TA 110 -3.13 62.77 80.68
N ILE TA 111 -2.94 63.14 79.41
CA ILE TA 111 -3.92 63.99 78.76
C ILE TA 111 -5.20 63.22 78.48
N GLY TA 112 -5.10 61.90 78.30
CA GLY TA 112 -6.29 61.10 78.16
C GLY TA 112 -7.02 60.96 79.48
N ALA TA 113 -6.29 60.55 80.52
CA ALA TA 113 -6.92 60.43 81.83
C ALA TA 113 -7.51 61.74 82.30
N GLN TA 114 -6.93 62.86 81.86
CA GLN TA 114 -7.44 64.17 82.22
C GLN TA 114 -8.73 64.51 81.47
N LEU TA 115 -8.98 63.86 80.34
CA LEU TA 115 -10.25 64.03 79.64
C LEU TA 115 -11.40 63.28 80.30
N LEU TA 116 -11.11 62.22 81.06
CA LEU TA 116 -12.15 61.58 81.87
C LEU TA 116 -12.55 62.43 83.08
N THR TA 117 -11.56 62.92 83.81
CA THR TA 117 -11.84 63.44 85.16
C THR TA 117 -12.10 64.93 85.22
N ASP TA 118 -11.57 65.71 84.28
CA ASP TA 118 -11.63 67.16 84.41
C ASP TA 118 -13.08 67.64 84.29
N ALA TA 119 -13.49 68.49 85.23
CA ALA TA 119 -14.89 68.88 85.37
C ALA TA 119 -15.45 69.53 84.10
N ASP TA 120 -14.60 70.12 83.26
CA ASP TA 120 -15.06 70.66 81.99
C ASP TA 120 -15.84 69.62 81.19
N TYR TA 121 -15.33 68.39 81.12
CA TYR TA 121 -16.01 67.35 80.38
C TYR TA 121 -17.04 66.63 81.23
N ASP TA 122 -17.19 67.06 82.49
CA ASP TA 122 -18.04 66.36 83.43
C ASP TA 122 -19.48 66.28 82.92
N SER TA 123 -19.94 67.30 82.20
CA SER TA 123 -21.27 67.25 81.62
C SER TA 123 -21.33 66.32 80.41
N PHE TA 124 -20.20 66.15 79.71
CA PHE TA 124 -20.19 65.28 78.53
C PHE TA 124 -20.36 63.82 78.90
N TRP TA 125 -19.53 63.31 79.81
CA TRP TA 125 -19.55 61.90 80.14
C TRP TA 125 -20.86 61.50 80.79
N THR TA 126 -21.31 62.28 81.77
CA THR TA 126 -22.51 61.91 82.52
C THR TA 126 -23.75 62.02 81.64
N LEU TA 127 -23.96 63.17 81.03
CA LEU TA 127 -25.20 63.46 80.33
C LEU TA 127 -25.14 63.10 78.84
N GLY TA 128 -23.99 62.68 78.34
CA GLY TA 128 -23.85 62.53 76.90
C GLY TA 128 -24.06 63.83 76.15
N ALA TA 129 -23.60 64.94 76.73
CA ALA TA 129 -23.92 66.28 76.25
C ALA TA 129 -22.83 66.79 75.33
N LEU TA 130 -23.20 67.10 74.08
CA LEU TA 130 -22.29 67.69 73.11
C LEU TA 130 -22.45 69.20 73.16
N ALA TA 131 -21.44 69.88 73.67
CA ALA TA 131 -21.44 71.34 73.73
C ALA TA 131 -20.04 71.80 74.13
N SER UA 1 3.27 43.55 87.41
CA SER UA 1 2.83 44.74 88.13
C SER UA 1 1.34 44.99 87.88
N ILE UA 2 0.80 44.37 86.83
CA ILE UA 2 -0.65 44.42 86.61
C ILE UA 2 -1.35 43.51 87.61
N ILE UA 3 -0.83 42.30 87.81
CA ILE UA 3 -1.40 41.37 88.77
C ILE UA 3 -1.13 41.90 90.18
N GLY UA 4 -2.17 41.93 91.00
CA GLY UA 4 -1.99 42.39 92.36
C GLY UA 4 -1.72 43.87 92.49
N SER UA 5 -2.20 44.68 91.54
CA SER UA 5 -2.14 46.12 91.68
C SER UA 5 -3.34 46.64 92.47
N SER UA 6 -3.18 47.83 93.04
CA SER UA 6 -4.18 48.43 93.91
C SER UA 6 -4.56 49.80 93.40
N ILE UA 7 -5.86 50.09 93.36
CA ILE UA 7 -6.38 51.36 92.86
C ILE UA 7 -7.59 51.78 93.68
N LYS UA 8 -7.84 53.10 93.76
CA LYS UA 8 -8.88 53.61 94.63
C LYS UA 8 -10.25 53.54 93.95
N THR UA 9 -11.23 52.97 94.64
CA THR UA 9 -12.62 53.06 94.19
C THR UA 9 -13.36 54.10 95.02
N GLY UA 10 -14.45 54.60 94.45
CA GLY UA 10 -15.24 55.63 95.09
C GLY UA 10 -14.36 56.78 95.53
N ALA UA 11 -13.47 57.21 94.65
CA ALA UA 11 -12.62 58.33 94.97
C ALA UA 11 -13.41 59.64 94.91
N THR UA 12 -13.06 60.56 95.81
CA THR UA 12 -13.74 61.86 95.85
C THR UA 12 -13.45 62.67 94.59
N SER UA 13 -12.18 62.75 94.19
CA SER UA 13 -11.82 63.38 92.92
C SER UA 13 -10.38 63.03 92.59
N ALA UA 14 -9.99 63.33 91.35
CA ALA UA 14 -8.63 63.14 90.88
C ALA UA 14 -8.14 64.44 90.28
N SER UA 15 -6.82 64.60 90.22
CA SER UA 15 -6.23 65.84 89.77
C SER UA 15 -4.86 65.54 89.17
N ILE UA 16 -4.17 66.61 88.76
CA ILE UA 16 -2.96 66.46 87.98
C ILE UA 16 -1.96 67.54 88.38
N THR UA 17 -0.80 67.13 88.90
CA THR UA 17 0.31 68.04 89.18
C THR UA 17 1.06 68.23 87.86
N GLY UA 18 0.81 69.36 87.20
CA GLY UA 18 1.01 69.46 85.77
C GLY UA 18 1.80 70.68 85.34
N GLY UA 19 2.03 70.75 84.03
CA GLY UA 19 2.77 71.84 83.41
C GLY UA 19 1.89 72.86 82.72
N SER UA 20 2.12 73.09 81.43
CA SER UA 20 1.50 74.20 80.72
C SER UA 20 0.08 73.86 80.24
N ASP UA 21 -0.71 74.91 80.02
CA ASP UA 21 -2.09 74.77 79.55
C ASP UA 21 -2.13 74.42 78.07
N ILE UA 22 -3.28 73.87 77.66
CA ILE UA 22 -3.60 73.64 76.25
C ILE UA 22 -5.09 73.84 76.08
N THR UA 23 -5.49 74.51 75.00
CA THR UA 23 -6.86 74.98 74.84
C THR UA 23 -7.47 74.48 73.53
N PHE UA 24 -8.71 74.01 73.61
CA PHE UA 24 -9.42 73.44 72.46
C PHE UA 24 -10.31 74.48 71.79
N ALA UA 25 -10.39 74.39 70.46
CA ALA UA 25 -11.30 75.22 69.69
C ALA UA 25 -11.96 74.35 68.63
N LEU UA 26 -13.08 74.83 68.10
CA LEU UA 26 -13.89 74.03 67.19
C LEU UA 26 -13.21 73.88 65.83
N THR UA 27 -13.12 72.63 65.35
CA THR UA 27 -12.36 72.29 64.14
C THR UA 27 -13.21 72.32 62.87
N GLY UA 28 -14.51 72.09 62.99
CA GLY UA 28 -15.31 71.95 61.79
C GLY UA 28 -14.89 70.80 60.90
N GLN UA 29 -14.42 69.71 61.47
CA GLN UA 29 -14.30 68.43 60.76
C GLN UA 29 -15.58 67.66 60.98
N THR UA 30 -16.32 67.43 59.91
CA THR UA 30 -17.63 66.78 60.03
C THR UA 30 -17.49 65.43 60.72
N VAL UA 31 -18.13 65.30 61.88
CA VAL UA 31 -18.05 64.09 62.70
C VAL UA 31 -19.46 63.73 63.13
N THR UA 32 -19.92 62.55 62.74
CA THR UA 32 -21.27 62.11 63.07
C THR UA 32 -21.41 61.92 64.57
N ASN UA 33 -22.48 62.48 65.13
CA ASN UA 33 -22.82 62.33 66.53
C ASN UA 33 -21.75 62.91 67.45
N GLY UA 34 -21.04 63.95 66.99
CA GLY UA 34 -19.96 64.44 67.82
C GLY UA 34 -19.29 65.66 67.24
N LEU UA 35 -18.19 66.02 67.88
CA LEU UA 35 -17.42 67.23 67.61
C LEU UA 35 -15.97 66.89 67.35
N ASN UA 36 -15.28 67.80 66.67
CA ASN UA 36 -13.82 67.80 66.60
C ASN UA 36 -13.33 69.15 67.11
N VAL UA 37 -12.46 69.13 68.12
CA VAL UA 37 -11.81 70.32 68.61
C VAL UA 37 -10.30 70.08 68.59
N SER UA 38 -9.56 71.00 67.99
CA SER UA 38 -8.11 70.87 68.00
C SER UA 38 -7.51 71.95 68.88
N VAL UA 39 -6.24 71.77 69.23
CA VAL UA 39 -5.56 72.72 70.09
C VAL UA 39 -5.07 73.86 69.22
N SER UA 40 -5.59 75.06 69.46
CA SER UA 40 -5.18 76.22 68.71
C SER UA 40 -3.82 76.73 69.18
N GLU UA 41 -3.17 76.00 70.07
CA GLU UA 41 -1.90 76.41 70.64
C GLU UA 41 -0.71 75.77 69.96
N ASP UA 42 -0.92 74.74 69.13
CA ASP UA 42 0.09 74.23 68.23
C ASP UA 42 0.01 75.01 66.92
N THR UA 43 1.16 75.33 66.35
CA THR UA 43 1.22 76.30 65.26
C THR UA 43 1.10 75.68 63.87
N ASP UA 44 1.40 74.40 63.71
CA ASP UA 44 1.48 73.76 62.40
C ASP UA 44 0.35 72.74 62.27
N TYR UA 45 -0.62 73.02 61.38
CA TYR UA 45 -1.79 72.15 61.25
C TYR UA 45 -1.38 70.70 61.06
N ARG UA 46 -0.41 70.47 60.19
CA ARG UA 46 0.06 69.12 59.87
C ARG UA 46 0.34 68.28 61.12
N THR UA 47 0.59 68.91 62.27
CA THR UA 47 0.81 68.21 63.54
C THR UA 47 0.07 68.87 64.70
N ARG UA 48 -1.17 69.32 64.51
CA ARG UA 48 -1.96 69.83 65.65
C ARG UA 48 -2.72 68.71 66.33
N ARG UA 49 -2.40 68.51 67.60
CA ARG UA 49 -3.13 67.59 68.46
C ARG UA 49 -4.61 67.94 68.44
N ASN UA 50 -5.45 66.97 68.13
CA ASN UA 50 -6.89 67.22 68.13
C ASN UA 50 -7.60 66.14 68.91
N ALA UA 51 -8.91 66.33 69.09
CA ALA UA 51 -9.70 65.41 69.87
C ALA UA 51 -11.10 65.38 69.29
N THR UA 52 -11.70 64.20 69.32
CA THR UA 52 -13.02 63.97 68.75
C THR UA 52 -13.91 63.35 69.80
N PHE UA 53 -15.09 63.93 69.96
CA PHE UA 53 -16.06 63.52 70.97
C PHE UA 53 -17.27 62.93 70.26
N LYS UA 54 -17.66 61.71 70.65
CA LYS UA 54 -18.84 61.07 70.11
C LYS UA 54 -19.77 60.65 71.24
N SER UA 55 -21.08 60.62 70.93
CA SER UA 55 -22.10 60.26 71.91
C SER UA 55 -23.23 59.52 71.21
N ARG UA 56 -23.22 58.19 71.31
CA ARG UA 56 -24.33 57.36 70.88
C ARG UA 56 -25.27 57.12 72.06
N VAL UA 57 -26.56 57.30 71.83
CA VAL UA 57 -27.55 57.27 72.90
C VAL UA 57 -28.07 55.86 73.10
N PRO UA 58 -28.66 55.56 74.25
CA PRO UA 58 -29.27 54.25 74.44
C PRO UA 58 -30.46 54.06 73.52
N THR UA 59 -30.67 52.81 73.10
CA THR UA 59 -31.73 52.45 72.17
C THR UA 59 -32.92 51.90 72.95
N VAL UA 60 -34.12 52.36 72.60
CA VAL UA 60 -35.35 51.92 73.24
C VAL UA 60 -35.92 50.78 72.41
N VAL UA 61 -35.86 49.56 72.92
CA VAL UA 61 -36.35 48.37 72.22
C VAL UA 61 -37.39 47.73 73.14
N ASN UA 62 -38.65 48.09 72.94
CA ASN UA 62 -39.78 47.45 73.60
C ASN UA 62 -39.61 47.42 75.11
N GLY UA 63 -39.42 48.60 75.69
CA GLY UA 63 -39.24 48.73 77.12
C GLY UA 63 -37.86 48.39 77.66
N ASN UA 64 -36.96 47.86 76.82
CA ASN UA 64 -35.61 47.53 77.25
C ASN UA 64 -34.61 48.51 76.64
N TYR UA 65 -33.64 48.95 77.43
CA TYR UA 65 -32.68 49.95 76.97
C TYR UA 65 -31.28 49.33 76.87
N SER UA 66 -30.62 49.58 75.75
CA SER UA 66 -29.22 49.22 75.57
C SER UA 66 -28.33 50.26 76.25
N LYS UA 67 -27.11 49.85 76.57
CA LYS UA 67 -26.15 50.81 77.09
C LYS UA 67 -25.81 51.84 76.02
N GLY UA 68 -25.57 53.07 76.46
CA GLY UA 68 -25.07 54.10 75.57
C GLY UA 68 -23.56 54.18 75.63
N LYS UA 69 -22.99 54.98 74.72
CA LYS UA 69 -21.56 54.97 74.50
C LYS UA 69 -21.06 56.40 74.27
N ASN UA 70 -20.11 56.85 75.08
CA ASN UA 70 -19.52 58.17 74.91
C ASN UA 70 -18.01 58.00 74.69
N GLU UA 71 -17.54 58.34 73.49
CA GLU UA 71 -16.14 58.19 73.13
C GLU UA 71 -15.43 59.54 73.10
N VAL UA 72 -14.13 59.48 73.39
CA VAL UA 72 -13.21 60.56 73.07
C VAL UA 72 -11.98 59.93 72.42
N VAL UA 73 -11.46 60.60 71.40
CA VAL UA 73 -10.25 60.16 70.69
C VAL UA 73 -9.32 61.36 70.63
N PHE UA 74 -8.21 61.29 71.36
CA PHE UA 74 -7.19 62.34 71.33
C PHE UA 74 -6.04 61.85 70.47
N VAL UA 75 -5.54 62.73 69.61
CA VAL UA 75 -4.62 62.35 68.55
C VAL UA 75 -3.46 63.33 68.50
N ILE UA 76 -2.24 62.78 68.57
CA ILE UA 76 -1.00 63.48 68.25
C ILE UA 76 -0.55 63.03 66.88
N PRO UA 77 -0.72 63.83 65.83
CA PRO UA 77 -0.11 63.48 64.54
C PRO UA 77 1.37 63.82 64.53
N MET UA 78 2.17 62.93 63.96
CA MET UA 78 3.60 63.13 63.86
C MET UA 78 4.07 62.79 62.46
N SER UA 79 5.03 63.59 61.98
CA SER UA 79 5.61 63.40 60.66
C SER UA 79 6.81 62.47 60.77
N LEU UA 80 6.75 61.35 60.08
CA LEU UA 80 7.84 60.39 60.13
C LEU UA 80 9.03 60.88 59.31
N ASP UA 81 10.18 60.22 59.53
CA ASP UA 81 11.33 60.45 58.67
C ASP UA 81 11.02 60.12 57.22
N SER UA 82 10.15 59.13 57.00
CA SER UA 82 9.71 58.70 55.68
C SER UA 82 8.90 59.76 54.93
N GLY UA 83 8.48 60.84 55.62
CA GLY UA 83 7.56 61.80 55.06
C GLY UA 83 6.11 61.48 55.33
N GLU UA 84 5.76 60.20 55.43
CA GLU UA 84 4.39 59.82 55.78
C GLU UA 84 4.08 60.19 57.23
N THR UA 85 3.01 60.95 57.43
CA THR UA 85 2.60 61.37 58.77
C THR UA 85 1.56 60.40 59.29
N VAL UA 86 1.67 60.01 60.56
CA VAL UA 86 0.79 59.03 61.19
C VAL UA 86 0.27 59.62 62.49
N PHE UA 87 -0.59 58.85 63.17
CA PHE UA 87 -1.37 59.33 64.30
C PHE UA 87 -1.15 58.47 65.53
N ASN UA 88 -0.82 59.12 66.65
CA ASN UA 88 -0.75 58.50 67.97
C ASN UA 88 -2.06 58.76 68.68
N SER UA 89 -2.76 57.70 69.09
CA SER UA 89 -4.17 57.80 69.43
C SER UA 89 -4.41 57.23 70.82
N VAL UA 90 -4.87 58.07 71.74
CA VAL UA 90 -5.48 57.58 72.97
C VAL UA 90 -6.99 57.69 72.82
N ARG UA 91 -7.69 56.56 73.00
CA ARG UA 91 -9.14 56.50 72.85
C ARG UA 91 -9.75 56.00 74.15
N ILE UA 92 -10.76 56.71 74.63
CA ILE UA 92 -11.45 56.35 75.87
C ILE UA 92 -12.94 56.34 75.60
N ALA UA 93 -13.56 55.17 75.69
CA ALA UA 93 -14.96 54.96 75.44
C ALA UA 93 -15.63 54.47 76.72
N LEU UA 94 -16.73 55.08 77.08
CA LEU UA 94 -17.44 54.75 78.31
C LEU UA 94 -18.86 54.34 77.97
N GLU UA 95 -19.16 53.07 78.17
CA GLU UA 95 -20.45 52.46 77.83
C GLU UA 95 -21.21 52.19 79.12
N ILE UA 96 -22.36 52.85 79.26
CA ILE UA 96 -23.12 52.82 80.50
C ILE UA 96 -24.59 52.53 80.20
N HIS UA 97 -25.19 51.61 80.95
CA HIS UA 97 -26.63 51.45 80.97
C HIS UA 97 -27.26 52.48 81.91
N PRO UA 98 -28.40 53.07 81.53
CA PRO UA 98 -28.93 54.20 82.31
C PRO UA 98 -29.28 53.86 83.74
N ALA UA 99 -29.47 52.58 84.06
CA ALA UA 99 -29.86 52.17 85.39
C ALA UA 99 -28.70 52.11 86.38
N LEU UA 100 -27.47 52.36 85.94
CA LEU UA 100 -26.35 52.38 86.88
C LEU UA 100 -26.39 53.65 87.71
N ALA UA 101 -25.89 53.55 88.94
CA ALA UA 101 -25.91 54.68 89.86
C ALA UA 101 -25.03 55.81 89.35
N SER UA 102 -25.53 57.04 89.52
CA SER UA 102 -24.79 58.23 89.11
C SER UA 102 -23.41 58.26 89.75
N ALA UA 103 -23.29 57.71 90.95
CA ALA UA 103 -22.01 57.66 91.65
C ALA UA 103 -21.08 56.61 91.05
N SER UA 104 -21.63 55.46 90.65
CA SER UA 104 -20.79 54.43 90.04
C SER UA 104 -20.29 54.87 88.67
N VAL UA 105 -21.05 55.71 87.96
CA VAL UA 105 -20.56 56.23 86.68
C VAL UA 105 -19.26 57.02 86.89
N LYS UA 106 -19.26 57.94 87.86
CA LYS UA 106 -18.07 58.73 88.11
C LYS UA 106 -16.95 57.88 88.73
N ASP UA 107 -17.29 56.91 89.58
CA ASP UA 107 -16.27 55.97 90.04
C ASP UA 107 -15.62 55.28 88.84
N LEU UA 108 -16.40 54.98 87.81
CA LEU UA 108 -15.86 54.29 86.64
C LEU UA 108 -14.92 55.19 85.85
N ARG UA 109 -15.31 56.47 85.68
CA ARG UA 109 -14.42 57.45 85.06
C ARG UA 109 -13.08 57.52 85.80
N LEU UA 110 -13.14 57.64 87.12
CA LEU UA 110 -11.90 57.83 87.89
C LEU UA 110 -11.07 56.54 87.92
N ILE UA 111 -11.72 55.38 87.91
CA ILE UA 111 -10.95 54.14 87.96
C ILE UA 111 -10.26 53.90 86.63
N GLY UA 112 -10.89 54.30 85.52
CA GLY UA 112 -10.20 54.27 84.24
C GLY UA 112 -9.02 55.22 84.20
N ALA UA 113 -9.21 56.43 84.73
CA ALA UA 113 -8.11 57.38 84.79
C ALA UA 113 -6.93 56.82 85.58
N GLN UA 114 -7.21 56.15 86.70
CA GLN UA 114 -6.11 55.57 87.47
C GLN UA 114 -5.43 54.47 86.65
N LEU UA 115 -6.21 53.62 86.00
CA LEU UA 115 -5.61 52.59 85.14
C LEU UA 115 -4.67 53.19 84.11
N LEU UA 116 -4.99 54.38 83.58
CA LEU UA 116 -4.02 55.06 82.70
C LEU UA 116 -2.78 55.54 83.45
N THR UA 117 -2.96 56.26 84.56
CA THR UA 117 -1.86 57.08 85.06
C THR UA 117 -1.05 56.46 86.20
N ASP UA 118 -1.50 55.35 86.79
CA ASP UA 118 -0.79 54.79 87.93
C ASP UA 118 0.54 54.18 87.49
N ALA UA 119 1.49 54.14 88.43
CA ALA UA 119 2.82 53.64 88.11
C ALA UA 119 2.83 52.14 87.93
N ASP UA 120 1.96 51.42 88.66
CA ASP UA 120 1.85 49.97 88.52
C ASP UA 120 1.67 49.54 87.07
N TYR UA 121 1.08 50.38 86.23
CA TYR UA 121 0.76 50.02 84.86
C TYR UA 121 1.75 50.60 83.86
N ASP UA 122 2.79 51.31 84.33
CA ASP UA 122 3.79 51.88 83.43
C ASP UA 122 4.36 50.82 82.48
N SER UA 123 4.76 49.68 83.03
CA SER UA 123 5.33 48.62 82.20
C SER UA 123 4.34 48.19 81.12
N PHE UA 124 3.09 47.93 81.50
CA PHE UA 124 2.07 47.54 80.54
C PHE UA 124 1.94 48.55 79.41
N TRP UA 125 1.60 49.80 79.76
CA TRP UA 125 1.31 50.78 78.73
C TRP UA 125 2.53 51.01 77.83
N THR UA 126 3.68 51.30 78.43
CA THR UA 126 4.84 51.70 77.64
C THR UA 126 5.40 50.54 76.83
N LEU UA 127 5.76 49.44 77.51
CA LEU UA 127 6.47 48.34 76.88
C LEU UA 127 5.55 47.32 76.23
N GLY UA 128 4.27 47.30 76.62
CA GLY UA 128 3.37 46.26 76.21
C GLY UA 128 3.40 45.02 77.08
N ALA UA 129 4.03 45.09 78.26
CA ALA UA 129 4.29 43.90 79.04
C ALA UA 129 3.01 43.40 79.70
N LEU UA 130 2.68 42.13 79.45
CA LEU UA 130 1.58 41.51 80.15
C LEU UA 130 2.03 41.05 81.54
N ALA UA 131 1.05 40.67 82.35
CA ALA UA 131 1.29 40.17 83.72
C ALA UA 131 1.99 41.19 84.64
N SER VA 1 -12.19 0.59 106.71
CA SER VA 1 -11.41 1.77 107.01
C SER VA 1 -11.95 3.01 106.28
N ILE VA 2 -12.44 2.83 105.05
CA ILE VA 2 -13.16 3.91 104.38
C ILE VA 2 -14.51 4.13 105.04
N ILE VA 3 -15.22 3.04 105.28
CA ILE VA 3 -16.51 3.12 105.97
C ILE VA 3 -16.26 3.42 107.44
N GLY VA 4 -16.81 4.53 107.91
CA GLY VA 4 -16.60 4.94 109.29
C GLY VA 4 -15.46 5.90 109.51
N SER VA 5 -14.69 6.23 108.47
CA SER VA 5 -13.59 7.16 108.62
C SER VA 5 -14.10 8.54 109.02
N SER VA 6 -13.26 9.27 109.75
CA SER VA 6 -13.59 10.61 110.23
C SER VA 6 -12.54 11.59 109.73
N ILE VA 7 -12.99 12.74 109.23
CA ILE VA 7 -12.11 13.76 108.68
C ILE VA 7 -12.67 15.13 109.06
N LYS VA 8 -11.76 16.10 109.21
CA LYS VA 8 -12.14 17.42 109.70
C LYS VA 8 -12.74 18.27 108.57
N THR VA 9 -13.89 18.88 108.83
CA THR VA 9 -14.42 19.92 107.96
C THR VA 9 -14.34 21.26 108.67
N GLY VA 10 -14.44 22.32 107.88
CA GLY VA 10 -14.23 23.66 108.42
C GLY VA 10 -12.87 23.82 109.06
N ALA VA 11 -11.84 23.21 108.49
CA ALA VA 11 -10.51 23.30 109.07
C ALA VA 11 -9.89 24.65 108.77
N THR VA 12 -9.09 25.15 109.71
CA THR VA 12 -8.41 26.42 109.52
C THR VA 12 -7.36 26.31 108.42
N SER VA 13 -6.42 25.36 108.55
CA SER VA 13 -5.40 25.18 107.51
C SER VA 13 -4.76 23.81 107.68
N ALA VA 14 -4.14 23.35 106.60
CA ALA VA 14 -3.43 22.08 106.59
C ALA VA 14 -1.94 22.31 106.45
N SER VA 15 -1.16 21.39 106.99
CA SER VA 15 0.29 21.52 106.99
C SER VA 15 0.90 20.13 106.78
N ILE VA 16 2.21 20.10 106.63
CA ILE VA 16 2.88 18.83 106.34
C ILE VA 16 4.25 18.81 107.01
N THR VA 17 4.44 17.86 107.93
CA THR VA 17 5.73 17.64 108.56
C THR VA 17 6.56 16.77 107.62
N GLY VA 18 7.54 17.38 106.96
CA GLY VA 18 8.20 16.69 105.88
C GLY VA 18 9.66 17.01 105.64
N GLY VA 19 10.19 16.46 104.55
CA GLY VA 19 11.62 16.53 104.26
C GLY VA 19 12.04 17.68 103.37
N SER VA 20 12.70 17.36 102.26
CA SER VA 20 13.39 18.35 101.44
C SER VA 20 12.41 19.15 100.58
N ASP VA 21 12.86 20.33 100.16
CA ASP VA 21 12.10 21.19 99.27
C ASP VA 21 12.19 20.71 97.83
N ILE VA 22 11.25 21.19 97.02
CA ILE VA 22 11.29 21.01 95.58
C ILE VA 22 10.69 22.26 94.95
N THR VA 23 11.26 22.71 93.83
CA THR VA 23 10.84 23.97 93.24
C THR VA 23 10.45 23.76 91.78
N PHE VA 24 9.45 24.53 91.36
CA PHE VA 24 8.92 24.48 90.00
C PHE VA 24 9.42 25.65 89.17
N ALA VA 25 9.65 25.38 87.89
CA ALA VA 25 9.90 26.45 86.93
C ALA VA 25 9.12 26.15 85.67
N LEU VA 26 8.81 27.21 84.92
CA LEU VA 26 7.95 27.08 83.75
C LEU VA 26 8.63 26.28 82.65
N THR VA 27 7.93 25.25 82.16
CA THR VA 27 8.55 24.29 81.23
C THR VA 27 8.73 24.89 79.85
N GLY VA 28 7.72 25.59 79.35
CA GLY VA 28 7.68 25.94 77.95
C GLY VA 28 7.12 24.85 77.06
N GLN VA 29 6.53 23.82 77.63
CA GLN VA 29 5.71 22.90 76.87
C GLN VA 29 4.36 23.56 76.65
N THR VA 30 3.94 23.67 75.39
CA THR VA 30 2.68 24.32 75.08
C THR VA 30 1.54 23.44 75.54
N VAL VA 31 0.66 23.99 76.39
CA VAL VA 31 -0.49 23.27 76.93
C VAL VA 31 -1.73 24.13 76.74
N THR VA 32 -2.75 23.54 76.11
CA THR VA 32 -3.99 24.26 75.85
C THR VA 32 -4.71 24.59 77.15
N ASN VA 33 -5.08 25.86 77.31
CA ASN VA 33 -5.72 26.39 78.51
C ASN VA 33 -4.90 26.10 79.76
N GLY VA 34 -3.60 25.82 79.61
CA GLY VA 34 -2.85 25.32 80.73
C GLY VA 34 -1.39 25.71 80.74
N LEU VA 35 -0.70 25.13 81.72
CA LEU VA 35 0.66 25.48 82.07
C LEU VA 35 1.41 24.20 82.41
N ASN VA 36 2.70 24.18 82.13
CA ASN VA 36 3.55 23.08 82.57
C ASN VA 36 4.71 23.65 83.34
N VAL VA 37 4.87 23.24 84.60
CA VAL VA 37 6.03 23.58 85.40
C VAL VA 37 6.69 22.28 85.84
N SER VA 38 7.98 22.16 85.58
CA SER VA 38 8.69 20.95 86.01
C SER VA 38 9.65 21.27 87.13
N VAL VA 39 10.23 20.21 87.67
CA VAL VA 39 11.12 20.31 88.82
C VAL VA 39 12.49 20.76 88.38
N SER VA 40 12.90 21.96 88.82
CA SER VA 40 14.21 22.49 88.53
C SER VA 40 15.31 21.77 89.31
N GLU VA 41 14.98 20.76 90.10
CA GLU VA 41 15.91 20.15 91.03
C GLU VA 41 16.28 18.73 90.66
N ASP VA 42 15.44 18.05 89.88
CA ASP VA 42 15.82 16.78 89.27
C ASP VA 42 16.65 17.04 88.03
N THR VA 43 17.74 16.29 87.89
CA THR VA 43 18.78 16.65 86.93
C THR VA 43 18.60 16.04 85.55
N ASP VA 44 17.82 14.97 85.42
CA ASP VA 44 17.64 14.27 84.15
C ASP VA 44 16.18 14.47 83.72
N TYR VA 45 15.98 15.16 82.59
CA TYR VA 45 14.64 15.38 82.08
C TYR VA 45 13.86 14.07 81.95
N ARG VA 46 14.55 13.02 81.50
CA ARG VA 46 13.95 11.70 81.33
C ARG VA 46 13.15 11.29 82.56
N THR VA 47 13.56 11.73 83.75
CA THR VA 47 12.88 11.42 85.00
C THR VA 47 12.52 12.67 85.81
N ARG VA 48 12.39 13.85 85.17
CA ARG VA 48 11.97 15.04 85.91
C ARG VA 48 10.48 15.03 86.17
N ARG VA 49 10.13 14.97 87.45
CA ARG VA 49 8.77 15.18 87.89
C ARG VA 49 8.24 16.49 87.33
N ASN VA 50 7.02 16.47 86.81
CA ASN VA 50 6.43 17.73 86.34
C ASN VA 50 4.93 17.77 86.60
N ALA VA 51 4.41 18.99 86.71
CA ALA VA 51 3.00 19.23 86.99
C ALA VA 51 2.42 20.11 85.90
N THR VA 52 1.16 19.84 85.57
CA THR VA 52 0.43 20.54 84.54
C THR VA 52 -0.87 21.07 85.13
N PHE VA 53 -1.12 22.35 84.91
CA PHE VA 53 -2.23 23.09 85.48
C PHE VA 53 -3.18 23.52 84.37
N LYS VA 54 -4.40 23.01 84.40
CA LYS VA 54 -5.43 23.44 83.44
C LYS VA 54 -6.54 24.16 84.18
N SER VA 55 -7.17 25.11 83.48
CA SER VA 55 -8.18 25.97 84.08
C SER VA 55 -9.25 26.33 83.07
N ARG VA 56 -10.51 26.12 83.45
CA ARG VA 56 -11.66 26.63 82.72
C ARG VA 56 -12.59 27.36 83.68
N VAL VA 57 -12.92 28.59 83.32
CA VAL VA 57 -13.70 29.55 84.10
C VAL VA 57 -15.19 29.26 83.87
N PRO VA 58 -16.07 29.58 84.82
CA PRO VA 58 -17.52 29.38 84.59
C PRO VA 58 -18.03 30.12 83.36
N THR VA 59 -18.79 29.40 82.53
CA THR VA 59 -19.38 29.93 81.32
C THR VA 59 -20.86 30.22 81.56
N VAL VA 60 -21.34 31.34 81.03
CA VAL VA 60 -22.71 31.81 81.26
C VAL VA 60 -23.54 31.59 80.00
N VAL VA 61 -24.68 30.91 80.18
CA VAL VA 61 -25.67 30.72 79.12
C VAL VA 61 -26.95 31.46 79.53
N ASN VA 62 -27.16 32.63 78.92
CA ASN VA 62 -28.36 33.45 79.12
C ASN VA 62 -28.70 33.59 80.61
N GLY VA 63 -27.69 33.92 81.41
CA GLY VA 63 -27.87 34.18 82.82
C GLY VA 63 -27.57 33.01 83.73
N ASN VA 64 -27.42 31.79 83.21
CA ASN VA 64 -27.17 30.62 84.04
C ASN VA 64 -25.69 30.24 83.97
N TYR VA 65 -25.06 30.10 85.13
CA TYR VA 65 -23.62 29.82 85.17
C TYR VA 65 -23.36 28.32 85.23
N SER VA 66 -22.24 27.92 84.64
CA SER VA 66 -21.79 26.53 84.63
C SER VA 66 -20.62 26.38 85.59
N LYS VA 67 -20.61 25.29 86.34
CA LYS VA 67 -19.50 24.99 87.25
C LYS VA 67 -18.19 24.89 86.47
N GLY VA 68 -17.19 25.64 86.92
CA GLY VA 68 -15.88 25.62 86.29
C GLY VA 68 -14.98 24.56 86.87
N LYS VA 69 -13.82 24.39 86.22
CA LYS VA 69 -12.98 23.21 86.43
C LYS VA 69 -11.51 23.60 86.49
N ASN VA 70 -10.85 23.28 87.61
CA ASN VA 70 -9.42 23.53 87.76
C ASN VA 70 -8.72 22.19 87.99
N GLU VA 71 -7.94 21.75 86.98
CA GLU VA 71 -7.21 20.49 87.07
C GLU VA 71 -5.73 20.71 87.34
N VAL VA 72 -5.14 19.76 88.07
CA VAL VA 72 -3.70 19.64 88.21
C VAL VA 72 -3.35 18.17 88.02
N VAL VA 73 -2.25 17.93 87.31
CA VAL VA 73 -1.73 16.57 87.20
C VAL VA 73 -0.23 16.61 87.49
N PHE VA 74 0.21 15.72 88.37
CA PHE VA 74 1.60 15.64 88.78
C PHE VA 74 2.12 14.26 88.39
N VAL VA 75 3.31 14.24 87.80
CA VAL VA 75 3.81 13.05 87.13
C VAL VA 75 5.23 12.76 87.58
N ILE VA 76 5.45 11.51 88.00
CA ILE VA 76 6.76 10.91 88.17
C ILE VA 76 7.01 10.00 86.96
N PRO VA 77 7.87 10.35 86.02
CA PRO VA 77 8.19 9.42 84.93
C PRO VA 77 9.23 8.40 85.39
N MET VA 78 9.02 7.15 84.98
CA MET VA 78 10.00 6.11 85.24
C MET VA 78 10.10 5.20 84.02
N SER VA 79 11.32 4.80 83.71
CA SER VA 79 11.55 3.85 82.64
C SER VA 79 11.46 2.43 83.19
N LEU VA 80 10.73 1.57 82.49
CA LEU VA 80 10.53 0.20 82.91
C LEU VA 80 11.67 -0.70 82.45
N ASP VA 81 11.69 -1.92 82.99
CA ASP VA 81 12.58 -2.94 82.47
C ASP VA 81 12.30 -3.21 80.99
N SER VA 82 11.09 -2.90 80.53
CA SER VA 82 10.71 -2.98 79.12
C SER VA 82 11.42 -1.93 78.27
N GLY VA 83 12.09 -0.95 78.87
CA GLY VA 83 12.62 0.17 78.13
C GLY VA 83 11.58 1.27 77.97
N GLU VA 84 10.34 0.85 77.76
CA GLU VA 84 9.20 1.75 77.74
C GLU VA 84 9.18 2.61 79.00
N THR VA 85 8.95 3.91 78.82
CA THR VA 85 8.86 4.85 79.93
C THR VA 85 7.40 5.18 80.19
N VAL VA 86 6.96 5.00 81.44
CA VAL VA 86 5.59 5.20 81.85
C VAL VA 86 5.52 6.34 82.86
N PHE VA 87 4.38 7.02 82.87
CA PHE VA 87 4.16 8.18 83.72
C PHE VA 87 3.28 7.79 84.90
N ASN VA 88 3.74 8.10 86.11
CA ASN VA 88 3.01 7.80 87.34
C ASN VA 88 2.29 9.08 87.81
N SER VA 89 0.96 9.01 87.90
CA SER VA 89 0.12 10.18 87.90
C SER VA 89 -0.64 10.34 89.21
N VAL VA 90 -0.76 11.58 89.66
CA VAL VA 90 -1.80 11.99 90.60
C VAL VA 90 -2.50 13.20 90.01
N ARG VA 91 -3.83 13.13 89.93
CA ARG VA 91 -4.61 14.16 89.25
C ARG VA 91 -5.70 14.66 90.20
N ILE VA 92 -5.77 15.97 90.40
CA ILE VA 92 -6.74 16.59 91.29
C ILE VA 92 -7.50 17.65 90.52
N ALA VA 93 -8.81 17.45 90.41
CA ALA VA 93 -9.68 18.34 89.64
C ALA VA 93 -10.77 18.86 90.56
N LEU VA 94 -10.88 20.18 90.66
CA LEU VA 94 -11.87 20.81 91.53
C LEU VA 94 -12.85 21.59 90.68
N GLU VA 95 -14.12 21.20 90.74
CA GLU VA 95 -15.20 21.75 89.92
C GLU VA 95 -16.16 22.50 90.85
N ILE VA 96 -16.26 23.81 90.66
CA ILE VA 96 -16.99 24.68 91.57
C ILE VA 96 -17.99 25.52 90.79
N HIS VA 97 -19.22 25.61 91.31
CA HIS VA 97 -20.18 26.58 90.80
C HIS VA 97 -19.96 27.92 91.48
N PRO VA 98 -20.10 29.03 90.74
CA PRO VA 98 -19.79 30.34 91.34
C PRO VA 98 -20.60 30.67 92.58
N ALA VA 99 -21.76 30.06 92.76
CA ALA VA 99 -22.62 30.40 93.89
C ALA VA 99 -22.16 29.78 95.21
N LEU VA 100 -21.17 28.89 95.19
CA LEU VA 100 -20.75 28.21 96.41
C LEU VA 100 -20.07 29.19 97.35
N ALA VA 101 -20.17 28.89 98.65
CA ALA VA 101 -19.54 29.71 99.67
C ALA VA 101 -18.02 29.74 99.50
N SER VA 102 -17.45 30.94 99.61
CA SER VA 102 -16.00 31.10 99.52
C SER VA 102 -15.26 30.17 100.46
N ALA VA 103 -15.79 30.00 101.68
CA ALA VA 103 -15.14 29.12 102.66
C ALA VA 103 -15.40 27.65 102.36
N SER VA 104 -16.55 27.31 101.76
CA SER VA 104 -16.76 25.93 101.35
C SER VA 104 -15.81 25.52 100.24
N VAL VA 105 -15.37 26.47 99.40
CA VAL VA 105 -14.35 26.15 98.39
C VAL VA 105 -13.09 25.62 99.06
N LYS VA 106 -12.54 26.39 100.01
CA LYS VA 106 -11.33 25.95 100.68
C LYS VA 106 -11.58 24.73 101.57
N ASP VA 107 -12.80 24.57 102.10
CA ASP VA 107 -13.11 23.34 102.83
C ASP VA 107 -13.03 22.13 101.89
N LEU VA 108 -13.45 22.29 100.63
CA LEU VA 108 -13.31 21.20 99.67
C LEU VA 108 -11.84 20.88 99.41
N ARG VA 109 -11.02 21.92 99.21
CA ARG VA 109 -9.59 21.67 99.03
C ARG VA 109 -9.02 20.86 100.20
N LEU VA 110 -9.34 21.28 101.43
CA LEU VA 110 -8.77 20.63 102.60
C LEU VA 110 -9.32 19.23 102.81
N ILE VA 111 -10.60 19.02 102.51
CA ILE VA 111 -11.20 17.70 102.73
C ILE VA 111 -10.69 16.73 101.67
N GLY VA 112 -10.50 17.21 100.44
CA GLY VA 112 -9.84 16.38 99.45
C GLY VA 112 -8.44 15.99 99.87
N ALA VA 113 -7.67 16.95 100.40
CA ALA VA 113 -6.32 16.61 100.84
C ALA VA 113 -6.32 15.58 101.96
N GLN VA 114 -7.27 15.70 102.89
CA GLN VA 114 -7.36 14.71 103.95
C GLN VA 114 -7.69 13.33 103.37
N LEU VA 115 -8.54 13.29 102.34
CA LEU VA 115 -8.86 12.00 101.73
C LEU VA 115 -7.63 11.33 101.11
N LEU VA 116 -6.62 12.10 100.70
CA LEU VA 116 -5.35 11.50 100.29
C LEU VA 116 -4.48 11.11 101.48
N THR VA 117 -4.37 11.97 102.49
CA THR VA 117 -3.27 11.83 103.44
C THR VA 117 -3.69 11.35 104.83
N ASP VA 118 -4.92 10.87 105.01
CA ASP VA 118 -5.27 10.26 106.28
C ASP VA 118 -4.95 8.77 106.24
N ALA VA 119 -4.64 8.23 107.42
CA ALA VA 119 -4.26 6.82 107.52
C ALA VA 119 -5.43 5.92 107.18
N ASP VA 120 -6.66 6.34 107.50
CA ASP VA 120 -7.85 5.53 107.26
C ASP VA 120 -7.92 5.05 105.81
N TYR VA 121 -7.31 5.79 104.88
CA TYR VA 121 -7.44 5.51 103.46
C TYR VA 121 -6.20 4.84 102.90
N ASP VA 122 -5.15 4.65 103.71
CA ASP VA 122 -3.90 4.06 103.22
C ASP VA 122 -4.16 2.78 102.45
N SER VA 123 -5.00 1.90 103.00
CA SER VA 123 -5.29 0.64 102.34
C SER VA 123 -5.90 0.87 100.97
N PHE VA 124 -6.89 1.77 100.89
CA PHE VA 124 -7.52 2.12 99.62
C PHE VA 124 -6.50 2.59 98.59
N TRP VA 125 -5.75 3.64 98.93
CA TRP VA 125 -4.86 4.24 97.94
C TRP VA 125 -3.79 3.24 97.50
N THR VA 126 -3.07 2.65 98.46
CA THR VA 126 -1.95 1.78 98.09
C THR VA 126 -2.43 0.54 97.35
N LEU VA 127 -3.33 -0.22 97.95
CA LEU VA 127 -3.70 -1.52 97.39
C LEU VA 127 -4.89 -1.45 96.44
N GLY VA 128 -5.87 -0.61 96.75
CA GLY VA 128 -7.12 -0.58 96.00
C GLY VA 128 -8.31 -1.14 96.75
N ALA VA 129 -8.19 -1.26 98.08
CA ALA VA 129 -9.23 -1.83 98.93
C ALA VA 129 -10.49 -0.98 98.89
N LEU VA 130 -11.64 -1.66 98.93
CA LEU VA 130 -12.94 -1.00 98.78
C LEU VA 130 -13.81 -1.06 100.03
N ALA VA 131 -13.25 -1.41 101.18
CA ALA VA 131 -14.04 -1.44 102.42
C ALA VA 131 -13.81 -0.17 103.24
N SER WA 1 60.49 46.77 -32.73
CA SER WA 1 61.24 47.26 -33.88
C SER WA 1 60.82 46.51 -35.16
N ILE WA 2 59.55 46.13 -35.25
CA ILE WA 2 59.05 45.41 -36.41
C ILE WA 2 58.85 46.36 -37.59
N ILE WA 3 58.12 47.45 -37.37
CA ILE WA 3 57.85 48.40 -38.44
C ILE WA 3 59.16 49.07 -38.84
N GLY WA 4 59.56 48.87 -40.09
CA GLY WA 4 60.80 49.44 -40.58
C GLY WA 4 62.01 48.54 -40.50
N SER WA 5 61.85 47.31 -40.02
CA SER WA 5 62.98 46.40 -39.97
C SER WA 5 63.47 46.08 -41.38
N SER WA 6 64.74 45.71 -41.48
CA SER WA 6 65.38 45.43 -42.77
C SER WA 6 66.07 44.08 -42.70
N ILE WA 7 65.80 43.23 -43.70
CA ILE WA 7 66.42 41.91 -43.82
C ILE WA 7 66.81 41.68 -45.28
N LYS WA 8 67.52 40.58 -45.52
CA LYS WA 8 68.17 40.30 -46.79
C LYS WA 8 67.38 39.26 -47.58
N THR WA 9 67.07 39.57 -48.84
CA THR WA 9 66.50 38.60 -49.75
C THR WA 9 67.56 38.18 -50.77
N GLY WA 10 67.41 36.96 -51.29
CA GLY WA 10 68.42 36.41 -52.17
C GLY WA 10 69.79 36.35 -51.52
N ALA WA 11 69.85 35.94 -50.26
CA ALA WA 11 71.14 35.79 -49.60
C ALA WA 11 71.87 34.58 -50.15
N THR WA 12 73.18 34.71 -50.28
CA THR WA 12 74.00 33.58 -50.73
C THR WA 12 73.88 32.41 -49.75
N SER WA 13 74.07 32.67 -48.46
CA SER WA 13 73.88 31.63 -47.45
C SER WA 13 73.74 32.27 -46.07
N ALA WA 14 73.44 31.45 -45.08
CA ALA WA 14 73.40 31.88 -43.68
C ALA WA 14 74.29 30.97 -42.87
N SER WA 15 74.81 31.51 -41.78
CA SER WA 15 75.82 30.80 -40.98
C SER WA 15 75.64 31.18 -39.52
N ILE WA 16 76.41 30.54 -38.65
CA ILE WA 16 76.22 30.71 -37.22
C ILE WA 16 77.56 30.66 -36.50
N THR WA 17 77.85 31.70 -35.70
CA THR WA 17 79.01 31.74 -34.84
C THR WA 17 78.57 31.30 -33.45
N GLY WA 18 78.93 30.08 -33.06
CA GLY WA 18 78.34 29.52 -31.87
C GLY WA 18 79.13 28.36 -31.28
N GLY WA 19 78.59 27.84 -30.18
CA GLY WA 19 79.30 26.93 -29.31
C GLY WA 19 79.24 25.45 -29.65
N SER WA 20 78.79 24.64 -28.71
CA SER WA 20 78.99 23.19 -28.79
C SER WA 20 78.04 22.55 -29.79
N ASP WA 21 78.47 21.41 -30.33
CA ASP WA 21 77.65 20.64 -31.26
C ASP WA 21 76.57 19.87 -30.50
N ILE WA 22 75.51 19.54 -31.23
CA ILE WA 22 74.50 18.61 -30.79
C ILE WA 22 74.20 17.70 -31.97
N THR WA 23 74.08 16.40 -31.68
CA THR WA 23 73.94 15.37 -32.70
C THR WA 23 72.61 14.66 -32.53
N PHE WA 24 71.95 14.40 -33.65
CA PHE WA 24 70.63 13.75 -33.71
C PHE WA 24 70.77 12.27 -34.00
N ALA WA 25 69.72 11.53 -33.61
CA ALA WA 25 69.62 10.11 -33.91
C ALA WA 25 68.15 9.75 -33.86
N LEU WA 26 67.79 8.70 -34.61
CA LEU WA 26 66.38 8.38 -34.78
C LEU WA 26 65.78 7.83 -33.50
N THR WA 27 64.55 8.25 -33.20
CA THR WA 27 63.86 7.94 -31.95
C THR WA 27 62.91 6.75 -32.06
N GLY WA 28 62.13 6.65 -33.13
CA GLY WA 28 61.13 5.63 -33.21
C GLY WA 28 59.81 5.95 -32.54
N GLN WA 29 59.67 7.15 -31.97
CA GLN WA 29 58.34 7.63 -31.62
C GLN WA 29 57.51 7.76 -32.89
N THR WA 30 56.38 7.06 -32.91
CA THR WA 30 55.56 6.99 -34.10
C THR WA 30 55.02 8.37 -34.48
N VAL WA 31 55.32 8.81 -35.71
CA VAL WA 31 54.91 10.10 -36.22
C VAL WA 31 54.41 9.91 -37.65
N THR WA 32 53.16 10.29 -37.90
CA THR WA 32 52.52 10.05 -39.19
C THR WA 32 53.10 10.97 -40.26
N ASN WA 33 53.55 10.36 -41.37
CA ASN WA 33 54.24 11.08 -42.45
C ASN WA 33 55.45 11.84 -41.92
N GLY WA 34 56.04 11.34 -40.83
CA GLY WA 34 57.10 12.08 -40.18
C GLY WA 34 58.19 11.26 -39.53
N LEU WA 35 58.93 11.90 -38.62
CA LEU WA 35 60.18 11.34 -38.14
C LEU WA 35 60.57 12.05 -36.85
N ASN WA 36 60.86 11.28 -35.80
CA ASN WA 36 61.35 11.84 -34.54
C ASN WA 36 62.83 11.53 -34.41
N VAL WA 37 63.65 12.58 -34.30
CA VAL WA 37 65.07 12.41 -33.94
C VAL WA 37 65.33 13.18 -32.65
N SER WA 38 65.91 12.50 -31.67
CA SER WA 38 66.30 13.19 -30.45
C SER WA 38 67.81 13.28 -30.39
N VAL WA 39 68.31 14.02 -29.43
CA VAL WA 39 69.74 14.18 -29.28
C VAL WA 39 70.27 12.96 -28.54
N SER WA 40 71.39 12.43 -28.97
CA SER WA 40 72.05 11.40 -28.18
C SER WA 40 72.99 12.01 -27.17
N GLU WA 41 73.00 13.34 -27.06
CA GLU WA 41 73.96 14.03 -26.22
C GLU WA 41 73.38 14.45 -24.88
N ASP WA 42 72.07 14.62 -24.80
CA ASP WA 42 71.41 14.74 -23.51
C ASP WA 42 71.12 13.36 -22.97
N THR WA 43 71.24 13.22 -21.66
CA THR WA 43 71.22 11.90 -21.03
C THR WA 43 69.90 11.54 -20.37
N ASP WA 44 69.20 12.51 -19.79
CA ASP WA 44 67.95 12.26 -19.07
C ASP WA 44 66.78 12.23 -20.05
N TYR WA 45 66.02 11.14 -20.05
CA TYR WA 45 64.94 10.99 -21.01
C TYR WA 45 63.85 12.04 -20.78
N ARG WA 46 63.56 12.35 -19.52
CA ARG WA 46 62.63 13.43 -19.19
C ARG WA 46 62.95 14.71 -19.95
N THR WA 47 64.17 15.21 -19.80
CA THR WA 47 64.53 16.53 -20.33
C THR WA 47 65.34 16.45 -21.62
N ARG WA 48 65.25 15.34 -22.36
CA ARG WA 48 66.08 15.18 -23.55
C ARG WA 48 65.42 15.86 -24.74
N ARG WA 49 66.13 16.82 -25.32
CA ARG WA 49 65.61 17.63 -26.42
C ARG WA 49 65.35 16.78 -27.65
N ASN WA 50 64.20 17.01 -28.29
CA ASN WA 50 63.92 16.22 -29.49
C ASN WA 50 63.18 17.03 -30.55
N ALA WA 51 63.38 16.65 -31.80
CA ALA WA 51 62.75 17.31 -32.93
C ALA WA 51 61.94 16.30 -33.72
N THR WA 52 60.97 16.83 -34.45
CA THR WA 52 60.03 16.03 -35.23
C THR WA 52 59.77 16.72 -36.56
N PHE WA 53 60.00 15.95 -37.62
CA PHE WA 53 59.92 16.41 -39.00
C PHE WA 53 58.70 15.76 -39.64
N LYS WA 54 57.73 16.57 -40.04
CA LYS WA 54 56.60 16.07 -40.82
C LYS WA 54 56.70 16.63 -42.24
N SER WA 55 56.23 15.83 -43.20
CA SER WA 55 56.40 16.15 -44.61
C SER WA 55 55.16 15.72 -45.39
N ARG WA 56 54.59 16.65 -46.14
CA ARG WA 56 53.45 16.38 -47.03
C ARG WA 56 53.75 17.00 -48.39
N VAL WA 57 53.73 16.16 -49.42
CA VAL WA 57 54.12 16.55 -50.77
C VAL WA 57 52.96 17.23 -51.50
N PRO WA 58 53.23 18.07 -52.49
CA PRO WA 58 52.15 18.56 -53.35
C PRO WA 58 51.46 17.40 -54.04
N THR WA 59 50.13 17.37 -53.92
CA THR WA 59 49.31 16.32 -54.50
C THR WA 59 48.41 16.93 -55.55
N VAL WA 60 48.37 16.29 -56.72
CA VAL WA 60 47.53 16.77 -57.82
C VAL WA 60 46.09 16.32 -57.58
N VAL WA 61 45.15 17.23 -57.77
CA VAL WA 61 43.74 16.93 -57.67
C VAL WA 61 43.02 17.71 -58.77
N ASN WA 62 42.28 17.00 -59.62
CA ASN WA 62 41.50 17.62 -60.70
C ASN WA 62 42.39 18.42 -61.64
N GLY WA 63 43.57 17.86 -61.95
CA GLY WA 63 44.41 18.41 -62.99
C GLY WA 63 45.41 19.46 -62.55
N ASN WA 64 45.43 19.84 -61.28
CA ASN WA 64 46.42 20.83 -60.82
C ASN WA 64 46.82 20.56 -59.39
N TYR WA 65 47.94 21.17 -59.00
CA TYR WA 65 48.64 20.83 -57.78
C TYR WA 65 48.10 21.59 -56.57
N SER WA 66 48.32 21.02 -55.40
CA SER WA 66 48.08 21.66 -54.12
C SER WA 66 49.41 21.93 -53.44
N LYS WA 67 49.53 23.09 -52.79
CA LYS WA 67 50.80 23.44 -52.15
C LYS WA 67 51.15 22.43 -51.08
N GLY WA 68 52.45 22.10 -50.99
CA GLY WA 68 52.93 21.14 -50.02
C GLY WA 68 53.44 21.82 -48.76
N LYS WA 69 53.60 21.00 -47.71
CA LYS WA 69 53.84 21.52 -46.37
C LYS WA 69 54.90 20.68 -45.65
N ASN WA 70 55.95 21.33 -45.16
CA ASN WA 70 57.02 20.64 -44.45
C ASN WA 70 57.19 21.30 -43.08
N GLU WA 71 56.82 20.60 -42.02
CA GLU WA 71 56.90 21.09 -40.66
C GLU WA 71 58.12 20.51 -39.95
N VAL WA 72 58.65 21.30 -39.03
CA VAL WA 72 59.59 20.83 -38.02
C VAL WA 72 59.14 21.38 -36.69
N VAL WA 73 59.34 20.61 -35.63
CA VAL WA 73 59.12 21.11 -34.28
C VAL WA 73 60.26 20.61 -33.39
N PHE WA 74 60.96 21.55 -32.76
CA PHE WA 74 62.04 21.25 -31.84
C PHE WA 74 61.56 21.57 -30.44
N VAL WA 75 61.80 20.66 -29.51
CA VAL WA 75 61.19 20.71 -28.18
C VAL WA 75 62.27 20.56 -27.12
N ILE WA 76 62.24 21.46 -26.16
CA ILE WA 76 62.98 21.39 -24.91
C ILE WA 76 61.99 21.04 -23.81
N PRO WA 77 61.98 19.80 -23.29
CA PRO WA 77 61.14 19.50 -22.14
C PRO WA 77 61.72 20.10 -20.88
N MET WA 78 60.85 20.52 -19.97
CA MET WA 78 61.28 20.91 -18.63
C MET WA 78 60.21 20.51 -17.63
N SER WA 79 60.65 19.99 -16.49
CA SER WA 79 59.72 19.69 -15.41
C SER WA 79 59.45 20.96 -14.63
N LEU WA 80 58.17 21.23 -14.37
CA LEU WA 80 57.79 22.39 -13.59
C LEU WA 80 57.81 22.06 -12.10
N ASP WA 81 57.77 23.11 -11.29
CA ASP WA 81 57.73 22.92 -9.84
C ASP WA 81 56.48 22.14 -9.42
N SER WA 82 55.40 22.27 -10.18
CA SER WA 82 54.13 21.59 -9.89
C SER WA 82 54.17 20.10 -10.20
N GLY WA 83 55.21 19.62 -10.88
CA GLY WA 83 55.32 18.21 -11.18
C GLY WA 83 55.11 17.89 -12.64
N GLU WA 84 54.10 18.50 -13.27
CA GLU WA 84 53.86 18.26 -14.69
C GLU WA 84 55.08 18.68 -15.49
N THR WA 85 55.49 17.83 -16.42
CA THR WA 85 56.52 18.16 -17.37
C THR WA 85 55.86 18.86 -18.56
N VAL WA 86 56.41 20.02 -18.94
CA VAL WA 86 55.85 20.81 -20.05
C VAL WA 86 56.91 20.96 -21.13
N PHE WA 87 56.45 21.04 -22.37
CA PHE WA 87 57.32 21.13 -23.53
C PHE WA 87 57.47 22.59 -23.97
N ASN WA 88 58.67 22.97 -24.38
CA ASN WA 88 58.94 24.28 -24.96
C ASN WA 88 59.20 24.08 -26.44
N SER WA 89 58.44 24.77 -27.28
CA SER WA 89 58.32 24.44 -28.69
C SER WA 89 58.84 25.57 -29.55
N VAL WA 90 59.60 25.23 -30.58
CA VAL WA 90 59.76 26.10 -31.75
C VAL WA 90 59.32 25.27 -32.94
N ARG WA 91 58.37 25.80 -33.69
CA ARG WA 91 57.75 25.09 -34.81
C ARG WA 91 57.91 25.93 -36.06
N ILE WA 92 58.48 25.32 -37.10
CA ILE WA 92 58.72 25.99 -38.36
C ILE WA 92 58.08 25.16 -39.46
N ALA WA 93 57.00 25.67 -40.02
CA ALA WA 93 56.33 25.06 -41.16
C ALA WA 93 56.64 25.87 -42.41
N LEU WA 94 56.73 25.19 -43.54
CA LEU WA 94 57.06 25.85 -44.80
C LEU WA 94 56.22 25.22 -45.91
N GLU WA 95 55.32 26.02 -46.48
CA GLU WA 95 54.36 25.58 -47.48
C GLU WA 95 54.72 26.22 -48.81
N ILE WA 96 55.02 25.38 -49.79
CA ILE WA 96 55.48 25.84 -51.11
C ILE WA 96 54.52 25.33 -52.16
N HIS WA 97 54.16 26.21 -53.08
CA HIS WA 97 53.46 25.74 -54.28
C HIS WA 97 54.49 25.31 -55.32
N PRO WA 98 54.23 24.22 -56.04
CA PRO WA 98 55.23 23.70 -56.99
C PRO WA 98 55.71 24.72 -58.00
N ALA WA 99 54.93 25.77 -58.25
CA ALA WA 99 55.31 26.77 -59.24
C ALA WA 99 56.34 27.77 -58.74
N LEU WA 100 56.66 27.77 -57.46
CA LEU WA 100 57.65 28.72 -56.95
C LEU WA 100 59.03 28.37 -57.48
N ALA WA 101 59.85 29.40 -57.70
CA ALA WA 101 61.21 29.21 -58.17
C ALA WA 101 62.04 28.45 -57.15
N SER WA 102 62.88 27.54 -57.65
CA SER WA 102 63.82 26.82 -56.78
C SER WA 102 64.61 27.79 -55.92
N ALA WA 103 65.03 28.92 -56.50
CA ALA WA 103 65.80 29.91 -55.75
C ALA WA 103 64.94 30.62 -54.71
N SER WA 104 63.68 30.91 -55.04
CA SER WA 104 62.79 31.55 -54.06
C SER WA 104 62.43 30.63 -52.91
N VAL WA 105 62.54 29.31 -53.10
CA VAL WA 105 62.36 28.39 -51.97
C VAL WA 105 63.44 28.63 -50.92
N LYS WA 106 64.71 28.61 -51.32
CA LYS WA 106 65.78 28.92 -50.39
C LYS WA 106 65.69 30.37 -49.88
N ASP WA 107 65.22 31.31 -50.72
CA ASP WA 107 65.02 32.66 -50.21
C ASP WA 107 64.02 32.67 -49.06
N LEU WA 108 62.95 31.88 -49.16
CA LEU WA 108 62.00 31.77 -48.04
C LEU WA 108 62.64 31.16 -46.81
N ARG WA 109 63.42 30.10 -46.98
CA ARG WA 109 64.07 29.49 -45.83
C ARG WA 109 64.95 30.49 -45.10
N LEU WA 110 65.75 31.26 -45.85
CA LEU WA 110 66.68 32.20 -45.24
C LEU WA 110 65.98 33.43 -44.69
N ILE WA 111 64.95 33.92 -45.37
CA ILE WA 111 64.24 35.09 -44.87
C ILE WA 111 63.42 34.73 -43.64
N GLY WA 112 62.99 33.48 -43.54
CA GLY WA 112 62.31 33.05 -42.32
C GLY WA 112 63.29 32.91 -41.16
N ALA WA 113 64.39 32.18 -41.39
CA ALA WA 113 65.39 32.04 -40.33
C ALA WA 113 65.94 33.38 -39.90
N GLN WA 114 65.95 34.36 -40.81
CA GLN WA 114 66.42 35.69 -40.49
C GLN WA 114 65.43 36.47 -39.65
N LEU WA 115 64.15 36.07 -39.66
CA LEU WA 115 63.16 36.68 -38.78
C LEU WA 115 63.26 36.17 -37.34
N LEU WA 116 63.81 34.97 -37.13
CA LEU WA 116 64.11 34.53 -35.76
C LEU WA 116 65.29 35.26 -35.16
N THR WA 117 66.39 35.37 -35.90
CA THR WA 117 67.67 35.73 -35.29
C THR WA 117 67.99 37.22 -35.33
N ASP WA 118 67.45 37.96 -36.30
CA ASP WA 118 67.87 39.34 -36.49
C ASP WA 118 67.43 40.20 -35.31
N ALA WA 119 68.36 40.98 -34.78
CA ALA WA 119 68.16 41.71 -33.53
C ALA WA 119 66.98 42.65 -33.58
N ASP WA 120 66.59 43.11 -34.78
CA ASP WA 120 65.38 43.94 -34.90
C ASP WA 120 64.17 43.26 -34.26
N TYR WA 121 63.99 41.98 -34.49
CA TYR WA 121 62.85 41.27 -33.92
C TYR WA 121 63.17 40.74 -32.53
N ASP WA 122 64.39 41.00 -32.06
CA ASP WA 122 64.87 40.43 -30.80
C ASP WA 122 63.94 40.80 -29.65
N SER WA 123 63.36 42.01 -29.69
CA SER WA 123 62.40 42.40 -28.66
C SER WA 123 61.06 41.70 -28.83
N PHE WA 124 60.71 41.34 -30.07
CA PHE WA 124 59.42 40.68 -30.32
C PHE WA 124 59.38 39.28 -29.73
N TRP WA 125 60.36 38.45 -30.07
CA TRP WA 125 60.34 37.05 -29.66
C TRP WA 125 60.46 36.92 -28.15
N THR WA 126 61.41 37.65 -27.55
CA THR WA 126 61.67 37.51 -26.13
C THR WA 126 60.51 38.07 -25.31
N LEU WA 127 60.13 39.31 -25.57
CA LEU WA 127 59.18 40.01 -24.73
C LEU WA 127 57.73 39.87 -25.23
N GLY WA 128 57.52 39.24 -26.37
CA GLY WA 128 56.20 39.26 -26.97
C GLY WA 128 55.73 40.67 -27.30
N ALA WA 129 56.66 41.53 -27.74
CA ALA WA 129 56.43 42.95 -27.89
C ALA WA 129 56.01 43.29 -29.31
N LEU WA 130 54.81 43.85 -29.46
CA LEU WA 130 54.31 44.31 -30.75
C LEU WA 130 54.64 45.80 -30.90
N ALA WA 131 55.58 46.10 -31.79
CA ALA WA 131 55.96 47.48 -32.07
C ALA WA 131 56.86 47.49 -33.30
N SER XA 1 69.82 12.44 -44.31
CA SER XA 1 70.62 13.58 -43.89
C SER XA 1 70.00 14.25 -42.66
N ILE XA 2 68.72 13.96 -42.41
CA ILE XA 2 68.09 14.42 -41.17
C ILE XA 2 68.61 13.60 -40.00
N ILE XA 3 68.67 12.28 -40.16
CA ILE XA 3 69.19 11.41 -39.12
C ILE XA 3 70.68 11.63 -38.98
N GLY XA 4 71.15 11.82 -37.75
CA GLY XA 4 72.56 12.01 -37.54
C GLY XA 4 73.10 13.33 -38.04
N SER XA 5 72.26 14.37 -38.08
CA SER XA 5 72.72 15.71 -38.40
C SER XA 5 73.21 16.40 -37.13
N SER XA 6 74.06 17.41 -37.32
CA SER XA 6 74.71 18.12 -36.23
C SER XA 6 74.42 19.61 -36.34
N ILE XA 7 74.06 20.23 -35.22
CA ILE XA 7 73.72 21.65 -35.17
C ILE XA 7 74.23 22.26 -33.86
N LYS XA 8 74.51 23.57 -33.88
CA LYS XA 8 75.13 24.22 -32.72
C LYS XA 8 74.06 24.62 -31.70
N THR XA 9 74.27 24.23 -30.43
CA THR XA 9 73.47 24.75 -29.34
C THR XA 9 74.25 25.80 -28.58
N GLY XA 10 73.50 26.66 -27.88
CA GLY XA 10 74.09 27.76 -27.15
C GLY XA 10 75.03 28.55 -28.03
N ALA XA 11 74.57 28.86 -29.25
CA ALA XA 11 75.38 29.65 -30.14
C ALA XA 11 75.38 31.12 -29.71
N THR XA 12 76.52 31.78 -29.90
CA THR XA 12 76.65 33.19 -29.53
C THR XA 12 75.74 34.06 -30.40
N SER XA 13 75.78 33.87 -31.72
CA SER XA 13 74.85 34.55 -32.61
C SER XA 13 74.90 33.88 -33.98
N ALA XA 14 73.94 34.24 -34.81
CA ALA XA 14 73.87 33.76 -36.18
C ALA XA 14 73.75 34.97 -37.11
N SER XA 15 74.13 34.77 -38.37
CA SER XA 15 74.17 35.87 -39.32
C SER XA 15 73.95 35.31 -40.73
N ILE XA 16 74.03 36.19 -41.71
CA ILE XA 16 73.64 35.84 -43.06
C ILE XA 16 74.54 36.55 -44.07
N THR XA 17 75.27 35.78 -44.85
CA THR XA 17 76.07 36.31 -45.96
C THR XA 17 75.13 36.47 -47.13
N GLY XA 18 74.69 37.71 -47.37
CA GLY XA 18 73.44 37.96 -48.07
C GLY XA 18 73.56 38.98 -49.19
N GLY XA 19 72.44 39.17 -49.87
CA GLY XA 19 72.32 40.10 -50.99
C GLY XA 19 71.65 41.42 -50.62
N SER XA 20 70.58 41.76 -51.33
CA SER XA 20 69.98 43.08 -51.23
C SER XA 20 69.03 43.20 -50.03
N ASP XA 21 68.83 44.45 -49.59
CA ASP XA 21 67.95 44.74 -48.47
C ASP XA 21 66.48 44.63 -48.87
N ILE XA 22 65.63 44.49 -47.85
CA ILE XA 22 64.18 44.56 -48.00
C ILE XA 22 63.62 45.17 -46.72
N THR XA 23 62.65 46.07 -46.87
CA THR XA 23 62.20 46.90 -45.77
C THR XA 23 60.69 46.78 -45.57
N PHE XA 24 60.28 46.65 -44.30
CA PHE XA 24 58.88 46.46 -43.93
C PHE XA 24 58.23 47.78 -43.56
N ALA XA 25 56.95 47.91 -43.93
CA ALA XA 25 56.14 49.06 -43.53
C ALA XA 25 54.76 48.56 -43.13
N LEU XA 26 54.05 49.40 -42.38
CA LEU XA 26 52.77 48.99 -41.78
C LEU XA 26 51.69 48.86 -42.85
N THR XA 27 50.98 47.71 -42.84
CA THR XA 27 50.02 47.36 -43.90
C THR XA 27 48.59 47.80 -43.57
N GLY XA 28 48.26 47.91 -42.29
CA GLY XA 28 46.88 48.16 -41.94
C GLY XA 28 45.92 47.08 -42.40
N GLN XA 29 46.35 45.83 -42.40
CA GLN XA 29 45.44 44.70 -42.51
C GLN XA 29 45.09 44.26 -41.09
N THR XA 30 43.82 44.38 -40.74
CA THR XA 30 43.39 44.11 -39.37
C THR XA 30 43.76 42.68 -38.99
N VAL XA 31 44.62 42.56 -37.98
CA VAL XA 31 45.12 41.27 -37.51
C VAL XA 31 45.02 41.23 -35.99
N THR XA 32 44.26 40.29 -35.47
CA THR XA 32 44.06 40.19 -34.04
C THR XA 32 45.36 39.82 -33.35
N ASN XA 33 45.69 40.57 -32.29
CA ASN XA 33 46.85 40.30 -31.45
C ASN XA 33 48.15 40.44 -32.25
N GLY XA 34 48.18 41.30 -33.26
CA GLY XA 34 49.38 41.37 -34.06
C GLY XA 34 49.32 42.44 -35.12
N LEU XA 35 50.33 42.40 -35.99
CA LEU XA 35 50.57 43.38 -37.02
C LEU XA 35 50.70 42.70 -38.37
N ASN XA 36 50.48 43.48 -39.44
CA ASN XA 36 50.84 43.11 -40.79
C ASN XA 36 51.77 44.19 -41.33
N VAL XA 37 52.96 43.80 -41.78
CA VAL XA 37 53.89 44.70 -42.45
C VAL XA 37 54.26 44.06 -43.78
N SER XA 38 54.14 44.83 -44.86
CA SER XA 38 54.55 44.31 -46.16
C SER XA 38 55.79 45.05 -46.62
N VAL XA 39 56.46 44.49 -47.63
CA VAL XA 39 57.67 45.10 -48.14
C VAL XA 39 57.28 46.18 -49.13
N SER XA 40 57.61 47.41 -48.81
CA SER XA 40 57.30 48.53 -49.68
C SER XA 40 58.26 48.59 -50.86
N GLU XA 41 59.11 47.59 -51.01
CA GLU XA 41 60.11 47.56 -52.06
C GLU XA 41 59.70 46.72 -53.26
N ASP XA 42 58.64 45.92 -53.14
CA ASP XA 42 57.99 45.30 -54.28
C ASP XA 42 56.93 46.24 -54.81
N THR XA 43 56.82 46.34 -56.13
CA THR XA 43 56.04 47.41 -56.75
C THR XA 43 54.58 47.05 -57.00
N ASP XA 44 54.23 45.76 -57.08
CA ASP XA 44 52.90 45.31 -57.46
C ASP XA 44 52.21 44.67 -56.27
N TYR XA 45 51.15 45.33 -55.75
CA TYR XA 45 50.49 44.83 -54.54
C TYR XA 45 50.11 43.36 -54.69
N ARG XA 46 49.54 43.01 -55.83
CA ARG XA 46 49.08 41.65 -56.10
C ARG XA 46 50.13 40.60 -55.76
N THR XA 47 51.42 40.96 -55.71
CA THR XA 47 52.50 40.05 -55.33
C THR XA 47 53.52 40.70 -54.39
N ARG XA 48 53.06 41.50 -53.41
CA ARG XA 48 53.99 42.03 -52.40
C ARG XA 48 54.14 41.07 -51.24
N ARG XA 49 55.38 40.60 -51.04
CA ARG XA 49 55.74 39.80 -49.90
C ARG XA 49 55.36 40.54 -48.62
N ASN XA 50 54.59 39.87 -47.76
CA ASN XA 50 54.22 40.50 -46.49
C ASN XA 50 54.49 39.54 -45.34
N ALA XA 51 54.31 40.04 -44.13
CA ALA XA 51 54.58 39.26 -42.94
C ALA XA 51 53.61 39.69 -41.86
N THR XA 52 53.20 38.73 -41.06
CA THR XA 52 52.21 38.95 -40.01
C THR XA 52 52.78 38.43 -38.70
N PHE XA 53 52.72 39.28 -37.67
CA PHE XA 53 53.26 38.99 -36.36
C PHE XA 53 52.11 38.86 -35.37
N LYS XA 54 52.09 37.75 -34.63
CA LYS XA 54 51.08 37.52 -33.60
C LYS XA 54 51.75 37.21 -32.28
N SER XA 55 51.06 37.58 -31.18
CA SER XA 55 51.59 37.37 -29.84
C SER XA 55 50.42 37.05 -28.90
N ARG XA 56 50.23 35.77 -28.59
CA ARG XA 56 49.31 35.34 -27.56
C ARG XA 56 50.07 35.18 -26.25
N VAL XA 57 49.51 35.74 -25.18
CA VAL XA 57 50.19 35.82 -23.90
C VAL XA 57 49.90 34.58 -23.07
N PRO XA 58 50.72 34.28 -22.06
CA PRO XA 58 50.42 33.17 -21.17
C PRO XA 58 49.16 33.44 -20.36
N THR XA 59 48.44 32.37 -20.06
CA THR XA 59 47.18 32.45 -19.34
C THR XA 59 47.41 32.12 -17.87
N VAL XA 60 46.84 32.93 -16.99
CA VAL XA 60 46.96 32.74 -15.55
C VAL XA 60 45.75 31.93 -15.08
N VAL XA 61 45.98 30.68 -14.72
CA VAL XA 61 44.91 29.78 -14.26
C VAL XA 61 45.31 29.31 -12.87
N ASN XA 62 44.83 30.03 -11.85
CA ASN XA 62 44.95 29.61 -10.45
C ASN XA 62 46.40 29.32 -10.08
N GLY XA 63 47.26 30.32 -10.30
CA GLY XA 63 48.67 30.19 -10.00
C GLY XA 63 49.49 29.41 -11.00
N ASN XA 64 48.88 28.80 -12.00
CA ASN XA 64 49.61 28.06 -13.03
C ASN XA 64 49.56 28.82 -14.35
N TYR XA 65 50.68 28.86 -15.06
CA TYR XA 65 50.78 29.61 -16.30
C TYR XA 65 50.97 28.67 -17.49
N SER XA 66 50.18 28.89 -18.53
CA SER XA 66 50.36 28.21 -19.80
C SER XA 66 51.48 28.86 -20.59
N LYS XA 67 52.06 28.10 -21.51
CA LYS XA 67 53.05 28.68 -22.41
C LYS XA 67 52.39 29.73 -23.30
N GLY XA 68 53.14 30.78 -23.62
CA GLY XA 68 52.71 31.75 -24.59
C GLY XA 68 53.23 31.43 -25.98
N LYS XA 69 52.73 32.16 -26.97
CA LYS XA 69 52.96 31.81 -28.36
C LYS XA 69 53.22 33.06 -29.19
N ASN XA 70 54.36 33.12 -29.86
CA ASN XA 70 54.68 34.24 -30.75
C ASN XA 70 54.87 33.71 -32.16
N GLU XA 71 53.99 34.09 -33.07
CA GLU XA 71 54.04 33.63 -34.46
C GLU XA 71 54.53 34.72 -35.39
N VAL XA 72 55.17 34.28 -36.46
CA VAL XA 72 55.40 35.11 -37.65
C VAL XA 72 55.02 34.28 -38.86
N VAL XA 73 54.39 34.93 -39.83
CA VAL XA 73 53.99 34.29 -41.09
C VAL XA 73 54.49 35.20 -42.20
N PHE XA 74 55.48 34.72 -42.96
CA PHE XA 74 56.00 35.45 -44.11
C PHE XA 74 55.43 34.80 -45.36
N VAL XA 75 54.98 35.64 -46.30
CA VAL XA 75 54.20 35.19 -47.44
C VAL XA 75 54.72 35.82 -48.71
N ILE XA 76 55.03 34.96 -49.69
CA ILE XA 76 55.27 35.34 -51.09
C ILE XA 76 54.03 34.99 -51.88
N PRO XA 77 53.19 35.94 -52.25
CA PRO XA 77 52.09 35.64 -53.18
C PRO XA 77 52.61 35.58 -54.61
N MET XA 78 52.11 34.60 -55.36
CA MET XA 78 52.50 34.41 -56.75
C MET XA 78 51.26 34.17 -57.60
N SER XA 79 51.29 34.74 -58.79
CA SER XA 79 50.20 34.61 -59.75
C SER XA 79 50.46 33.39 -60.63
N LEU XA 80 49.54 32.43 -60.58
CA LEU XA 80 49.70 31.22 -61.37
C LEU XA 80 49.41 31.48 -62.84
N ASP XA 81 49.80 30.52 -63.67
CA ASP XA 81 49.42 30.56 -65.08
C ASP XA 81 47.90 30.54 -65.22
N SER XA 82 47.20 29.86 -64.30
CA SER XA 82 45.75 29.76 -64.28
C SER XA 82 45.07 31.10 -64.01
N GLY XA 83 45.81 32.13 -63.61
CA GLY XA 83 45.22 33.37 -63.15
C GLY XA 83 44.97 33.42 -61.66
N GLU XA 84 44.68 32.28 -61.04
CA GLU XA 84 44.50 32.23 -59.59
C GLU XA 84 45.83 32.46 -58.90
N THR XA 85 45.87 33.43 -57.99
CA THR XA 85 47.08 33.75 -57.24
C THR XA 85 47.03 33.03 -55.90
N VAL XA 86 48.16 32.45 -55.50
CA VAL XA 86 48.25 31.66 -54.27
C VAL XA 86 49.44 32.16 -53.46
N PHE XA 87 49.62 31.56 -52.28
CA PHE XA 87 50.55 32.06 -51.27
C PHE XA 87 51.57 31.00 -50.86
N ASN XA 88 52.85 31.38 -50.93
CA ASN XA 88 53.95 30.57 -50.40
C ASN XA 88 54.28 31.07 -49.01
N SER XA 89 54.21 30.19 -48.02
CA SER XA 89 54.13 30.60 -46.62
C SER XA 89 55.22 29.92 -45.80
N VAL XA 90 56.12 30.71 -45.23
CA VAL XA 90 56.97 30.23 -44.15
C VAL XA 90 56.40 30.75 -42.84
N ARG XA 91 56.09 29.85 -41.90
CA ARG XA 91 55.51 30.19 -40.62
C ARG XA 91 56.42 29.69 -39.51
N ILE XA 92 56.71 30.57 -38.56
CA ILE XA 92 57.58 30.22 -37.42
C ILE XA 92 56.86 30.66 -36.15
N ALA XA 93 56.52 29.68 -35.32
CA ALA XA 93 55.81 29.89 -34.07
C ALA XA 93 56.69 29.43 -32.93
N LEU XA 94 56.83 30.25 -31.91
CA LEU XA 94 57.68 29.95 -30.77
C LEU XA 94 56.84 29.99 -29.51
N GLU XA 95 56.65 28.82 -28.89
CA GLU XA 95 55.82 28.63 -27.72
C GLU XA 95 56.72 28.38 -26.52
N ILE XA 96 56.66 29.30 -25.54
CA ILE XA 96 57.57 29.29 -24.41
C ILE XA 96 56.78 29.46 -23.12
N HIS XA 97 57.10 28.63 -22.12
CA HIS XA 97 56.64 28.85 -20.76
C HIS XA 97 57.55 29.87 -20.07
N PRO XA 98 56.98 30.80 -19.28
CA PRO XA 98 57.81 31.90 -18.75
C PRO XA 98 58.95 31.46 -17.86
N ALA XA 99 58.90 30.24 -17.32
CA ALA XA 99 59.93 29.76 -16.41
C ALA XA 99 61.18 29.26 -17.12
N LEU XA 100 61.20 29.23 -18.46
CA LEU XA 100 62.41 28.82 -19.17
C LEU XA 100 63.45 29.92 -19.10
N ALA XA 101 64.73 29.51 -19.10
CA ALA XA 101 65.82 30.46 -19.00
C ALA XA 101 65.87 31.38 -20.22
N SER XA 102 66.14 32.66 -19.93
CA SER XA 102 66.26 33.65 -21.00
C SER XA 102 67.27 33.22 -22.04
N ALA XA 103 68.31 32.48 -21.62
CA ALA XA 103 69.32 32.01 -22.55
C ALA XA 103 68.81 30.85 -23.40
N SER XA 104 68.02 29.94 -22.80
CA SER XA 104 67.47 28.84 -23.57
C SER XA 104 66.45 29.32 -24.59
N VAL XA 105 65.76 30.42 -24.32
CA VAL XA 105 64.84 30.97 -25.31
C VAL XA 105 65.59 31.35 -26.58
N LYS XA 106 66.69 32.08 -26.43
CA LYS XA 106 67.47 32.48 -27.61
C LYS XA 106 68.19 31.29 -28.24
N ASP XA 107 68.66 30.33 -27.43
CA ASP XA 107 69.18 29.09 -28.02
C ASP XA 107 68.12 28.44 -28.89
N LEU XA 108 66.84 28.51 -28.47
CA LEU XA 108 65.77 27.87 -29.22
C LEU XA 108 65.51 28.60 -30.55
N ARG XA 109 65.53 29.94 -30.52
CA ARG XA 109 65.46 30.73 -31.75
C ARG XA 109 66.55 30.34 -32.73
N LEU XA 110 67.80 30.28 -32.25
CA LEU XA 110 68.91 30.00 -33.15
C LEU XA 110 68.89 28.56 -33.64
N ILE XA 111 68.44 27.63 -32.81
CA ILE XA 111 68.44 26.23 -33.24
C ILE XA 111 67.36 26.01 -34.29
N GLY XA 112 66.22 26.72 -34.17
CA GLY XA 112 65.25 26.70 -35.24
C GLY XA 112 65.78 27.29 -36.53
N ALA XA 113 66.48 28.42 -36.42
CA ALA XA 113 67.08 29.02 -37.61
C ALA XA 113 68.04 28.06 -38.30
N GLN XA 114 68.85 27.33 -37.52
CA GLN XA 114 69.75 26.38 -38.14
C GLN XA 114 68.97 25.27 -38.82
N LEU XA 115 67.92 24.76 -38.16
CA LEU XA 115 67.07 23.75 -38.79
C LEU XA 115 66.55 24.22 -40.14
N LEU XA 116 66.22 25.51 -40.27
CA LEU XA 116 65.85 26.03 -41.59
C LEU XA 116 67.03 26.04 -42.57
N THR XA 117 68.16 26.62 -42.18
CA THR XA 117 69.14 27.02 -43.18
C THR XA 117 70.30 26.06 -43.39
N ASP XA 118 70.47 25.04 -42.54
CA ASP XA 118 71.60 24.15 -42.70
C ASP XA 118 71.46 23.28 -43.94
N ALA XA 119 72.62 22.85 -44.47
CA ALA XA 119 72.60 22.07 -45.70
C ALA XA 119 72.10 20.66 -45.47
N ASP XA 120 72.35 20.10 -44.27
CA ASP XA 120 71.87 18.77 -43.92
C ASP XA 120 70.37 18.61 -44.19
N TYR XA 121 69.61 19.70 -44.10
CA TYR XA 121 68.16 19.64 -44.21
C TYR XA 121 67.65 20.07 -45.58
N ASP XA 122 68.56 20.40 -46.51
CA ASP XA 122 68.16 20.80 -47.86
C ASP XA 122 67.21 19.79 -48.49
N SER XA 123 67.58 18.50 -48.43
CA SER XA 123 66.75 17.48 -49.03
C SER XA 123 65.35 17.49 -48.41
N PHE XA 124 65.28 17.51 -47.07
CA PHE XA 124 63.99 17.55 -46.40
C PHE XA 124 63.13 18.71 -46.87
N TRP XA 125 63.63 19.94 -46.69
CA TRP XA 125 62.81 21.11 -46.99
C TRP XA 125 62.40 21.13 -48.45
N THR XA 126 63.37 21.01 -49.37
CA THR XA 126 63.06 21.20 -50.78
C THR XA 126 62.23 20.05 -51.34
N LEU XA 127 62.72 18.82 -51.21
CA LEU XA 127 62.10 17.67 -51.86
C LEU XA 127 60.99 17.04 -51.03
N GLY XA 128 60.97 17.31 -49.73
CA GLY XA 128 60.07 16.61 -48.82
C GLY XA 128 60.61 15.29 -48.31
N ALA XA 129 61.91 15.03 -48.48
CA ALA XA 129 62.44 13.71 -48.21
C ALA XA 129 62.56 13.47 -46.71
N LEU XA 130 61.95 12.40 -46.24
CA LEU XA 130 62.12 11.99 -44.86
C LEU XA 130 63.45 11.25 -44.70
N ALA XA 131 63.82 11.01 -43.44
CA ALA XA 131 65.04 10.29 -43.09
C ALA XA 131 66.33 10.93 -43.62
N SER YA 1 73.39 -27.18 -14.73
CA SER YA 1 74.18 -26.31 -15.58
C SER YA 1 73.61 -24.88 -15.60
N ILE YA 2 72.28 -24.74 -15.54
CA ILE YA 2 71.69 -23.42 -15.33
C ILE YA 2 71.94 -22.95 -13.91
N ILE YA 3 71.71 -23.84 -12.94
CA ILE YA 3 71.98 -23.51 -11.55
C ILE YA 3 73.48 -23.51 -11.33
N GLY YA 4 74.01 -22.37 -10.89
CA GLY YA 4 75.43 -22.22 -10.68
C GLY YA 4 76.20 -21.65 -11.85
N SER YA 5 75.54 -21.40 -12.98
CA SER YA 5 76.22 -20.82 -14.13
C SER YA 5 76.75 -19.43 -13.80
N SER YA 6 77.84 -19.06 -14.47
CA SER YA 6 78.49 -17.77 -14.26
C SER YA 6 78.56 -17.05 -15.59
N ILE YA 7 78.21 -15.76 -15.59
CA ILE YA 7 78.20 -14.94 -16.79
C ILE YA 7 78.69 -13.54 -16.44
N LYS YA 8 79.33 -12.88 -17.41
CA LYS YA 8 79.97 -11.59 -17.16
C LYS YA 8 78.93 -10.46 -17.18
N THR YA 9 78.96 -9.61 -16.15
CA THR YA 9 78.22 -8.35 -16.19
C THR YA 9 79.22 -7.20 -16.29
N GLY YA 10 78.68 -6.04 -16.68
CA GLY YA 10 79.54 -4.91 -16.97
C GLY YA 10 80.60 -5.20 -18.01
N ALA YA 11 80.24 -5.98 -19.03
CA ALA YA 11 81.19 -6.33 -20.06
C ALA YA 11 81.40 -5.16 -21.02
N THR YA 12 82.63 -5.04 -21.51
CA THR YA 12 82.95 -3.98 -22.47
C THR YA 12 82.21 -4.21 -23.79
N SER YA 13 82.41 -5.38 -24.41
CA SER YA 13 81.71 -5.68 -25.66
C SER YA 13 81.75 -7.17 -25.92
N ALA YA 14 80.83 -7.63 -26.76
CA ALA YA 14 80.74 -9.03 -27.15
C ALA YA 14 81.12 -9.17 -28.62
N SER YA 15 81.65 -10.34 -28.97
CA SER YA 15 82.10 -10.60 -30.32
C SER YA 15 81.79 -12.05 -30.66
N ILE YA 16 82.02 -12.42 -31.92
CA ILE YA 16 81.69 -13.76 -32.37
C ILE YA 16 82.71 -14.25 -33.38
N THR YA 17 83.40 -15.33 -33.05
CA THR YA 17 84.33 -15.98 -33.97
C THR YA 17 83.51 -16.89 -34.87
N GLY YA 18 83.33 -16.47 -36.12
CA GLY YA 18 82.37 -17.15 -36.97
C GLY YA 18 82.66 -17.21 -38.45
N GLY YA 19 81.69 -17.71 -39.20
CA GLY YA 19 81.86 -17.98 -40.62
C GLY YA 19 81.43 -16.87 -41.56
N SER YA 20 80.52 -17.19 -42.47
CA SER YA 20 80.19 -16.30 -43.59
C SER YA 20 79.28 -15.16 -43.15
N ASP YA 21 79.29 -14.10 -43.95
CA ASP YA 21 78.43 -12.94 -43.74
C ASP YA 21 77.02 -13.22 -44.22
N ILE YA 22 76.09 -12.39 -43.73
CA ILE YA 22 74.72 -12.36 -44.25
C ILE YA 22 74.25 -10.93 -44.16
N THR YA 23 73.49 -10.49 -45.16
CA THR YA 23 73.10 -9.08 -45.23
C THR YA 23 71.59 -8.97 -45.34
N PHE YA 24 71.06 -7.90 -44.73
CA PHE YA 24 69.63 -7.63 -44.71
C PHE YA 24 69.27 -6.53 -45.69
N ALA YA 25 68.09 -6.65 -46.29
CA ALA YA 25 67.52 -5.56 -47.07
C ALA YA 25 66.04 -5.45 -46.73
N LEU YA 26 65.50 -4.25 -46.92
CA LEU YA 26 64.13 -3.99 -46.51
C LEU YA 26 63.13 -4.77 -47.35
N THR YA 27 62.23 -5.49 -46.68
CA THR YA 27 61.35 -6.42 -47.37
C THR YA 27 60.25 -5.70 -48.13
N GLY YA 28 59.64 -4.70 -47.52
CA GLY YA 28 58.41 -4.15 -48.05
C GLY YA 28 57.18 -4.91 -47.63
N GLN YA 29 57.30 -5.83 -46.67
CA GLN YA 29 56.13 -6.36 -45.99
C GLN YA 29 55.67 -5.34 -44.97
N THR YA 30 54.40 -4.95 -45.05
CA THR YA 30 53.88 -3.94 -44.14
C THR YA 30 53.77 -4.54 -42.74
N VAL YA 31 54.42 -3.91 -41.77
CA VAL YA 31 54.42 -4.36 -40.38
C VAL YA 31 54.05 -3.19 -39.47
N THR YA 32 53.04 -3.39 -38.64
CA THR YA 32 52.58 -2.34 -37.74
C THR YA 32 53.64 -2.02 -36.69
N ASN YA 33 53.96 -0.73 -36.57
CA ASN YA 33 55.01 -0.24 -35.67
C ASN YA 33 56.35 -0.90 -35.93
N GLY YA 34 56.54 -1.49 -37.12
CA GLY YA 34 57.68 -2.34 -37.30
C GLY YA 34 58.23 -2.36 -38.71
N LEU YA 35 59.20 -3.24 -38.89
CA LEU YA 35 60.02 -3.31 -40.09
C LEU YA 35 60.28 -4.78 -40.40
N ASN YA 36 60.39 -5.11 -41.68
CA ASN YA 36 60.80 -6.45 -42.07
C ASN YA 36 62.01 -6.32 -43.00
N VAL YA 37 63.13 -6.94 -42.62
CA VAL YA 37 64.29 -7.04 -43.47
C VAL YA 37 64.61 -8.51 -43.66
N SER YA 38 64.73 -8.94 -44.91
CA SER YA 38 65.06 -10.34 -45.16
C SER YA 38 66.47 -10.45 -45.71
N VAL YA 39 66.90 -11.70 -45.85
CA VAL YA 39 68.26 -12.00 -46.28
C VAL YA 39 68.36 -11.87 -47.79
N SER YA 40 69.16 -10.91 -48.24
CA SER YA 40 69.41 -10.72 -49.66
C SER YA 40 70.30 -11.80 -50.26
N GLU YA 41 70.71 -12.79 -49.45
CA GLU YA 41 71.71 -13.75 -49.87
C GLU YA 41 71.15 -15.16 -50.05
N ASP YA 42 70.03 -15.46 -49.42
CA ASP YA 42 69.29 -16.69 -49.71
C ASP YA 42 68.45 -16.48 -50.96
N THR YA 43 68.47 -17.47 -51.86
CA THR YA 43 67.99 -17.26 -53.21
C THR YA 43 66.52 -17.60 -53.41
N ASP YA 44 65.92 -18.38 -52.51
CA ASP YA 44 64.54 -18.82 -52.64
C ASP YA 44 63.74 -18.19 -51.50
N TYR YA 45 62.79 -17.31 -51.85
CA TYR YA 45 61.95 -16.67 -50.83
C TYR YA 45 61.31 -17.69 -49.91
N ARG YA 46 60.86 -18.81 -50.48
CA ARG YA 46 60.23 -19.87 -49.72
C ARG YA 46 61.03 -20.23 -48.47
N THR YA 47 62.36 -20.10 -48.53
CA THR YA 47 63.24 -20.38 -47.41
C THR YA 47 64.16 -19.22 -47.06
N ARG YA 48 63.80 -17.97 -47.39
CA ARG YA 48 64.63 -16.83 -47.01
C ARG YA 48 64.42 -16.48 -45.54
N ARG YA 49 65.50 -16.63 -44.76
CA ARG YA 49 65.54 -16.14 -43.40
C ARG YA 49 65.15 -14.66 -43.38
N ASN YA 50 64.29 -14.28 -42.44
CA ASN YA 50 63.98 -12.86 -42.32
C ASN YA 50 63.77 -12.46 -40.88
N ALA YA 51 63.98 -11.18 -40.60
CA ALA YA 51 63.87 -10.61 -39.27
C ALA YA 51 62.89 -9.46 -39.29
N THR YA 52 62.14 -9.34 -38.19
CA THR YA 52 61.13 -8.31 -38.03
C THR YA 52 61.40 -7.56 -36.74
N PHE YA 53 61.40 -6.23 -36.84
CA PHE YA 53 61.78 -5.31 -35.77
C PHE YA 53 60.55 -4.50 -35.38
N LYS YA 54 60.10 -4.66 -34.15
CA LYS YA 54 59.01 -3.85 -33.63
C LYS YA 54 59.51 -2.95 -32.50
N SER YA 55 58.88 -1.79 -32.35
CA SER YA 55 59.34 -0.79 -31.40
C SER YA 55 58.16 -0.01 -30.84
N ARG YA 56 58.09 0.06 -29.51
CA ARG YA 56 57.18 0.97 -28.82
C ARG YA 56 57.95 1.76 -27.78
N VAL YA 57 57.79 3.08 -27.86
CA VAL YA 57 58.50 4.09 -27.06
C VAL YA 57 57.77 4.25 -25.73
N PRO YA 58 58.45 4.66 -24.65
CA PRO YA 58 57.76 4.87 -23.37
C PRO YA 58 56.64 5.90 -23.48
N THR YA 59 55.48 5.53 -22.92
CA THR YA 59 54.30 6.37 -22.89
C THR YA 59 54.14 7.00 -21.52
N VAL YA 60 53.76 8.28 -21.50
CA VAL YA 60 53.67 9.06 -20.26
C VAL YA 60 52.20 9.25 -19.88
N VAL YA 61 51.87 8.89 -18.64
CA VAL YA 61 50.54 9.11 -18.06
C VAL YA 61 50.71 10.10 -16.91
N ASN YA 62 50.36 11.37 -17.16
CA ASN YA 62 50.35 12.43 -16.16
C ASN YA 62 51.66 12.45 -15.36
N GLY YA 63 52.78 12.38 -16.07
CA GLY YA 63 54.09 12.46 -15.47
C GLY YA 63 54.77 11.14 -15.20
N ASN YA 64 54.05 10.01 -15.26
CA ASN YA 64 54.64 8.71 -14.96
C ASN YA 64 54.93 7.97 -16.27
N TYR YA 65 56.17 7.49 -16.42
CA TYR YA 65 56.58 6.84 -17.66
C TYR YA 65 56.36 5.33 -17.57
N SER YA 66 56.07 4.73 -18.73
CA SER YA 66 55.88 3.29 -18.86
C SER YA 66 57.09 2.70 -19.57
N LYS YA 67 57.54 1.54 -19.09
CA LYS YA 67 58.64 0.84 -19.74
C LYS YA 67 58.29 0.51 -21.18
N GLY YA 68 59.19 0.88 -22.10
CA GLY YA 68 58.99 0.61 -23.51
C GLY YA 68 59.56 -0.73 -23.93
N LYS YA 69 59.26 -1.10 -25.18
CA LYS YA 69 59.45 -2.48 -25.63
C LYS YA 69 60.04 -2.49 -27.03
N ASN YA 70 61.19 -3.15 -27.19
CA ASN YA 70 61.83 -3.31 -28.49
C ASN YA 70 61.94 -4.81 -28.80
N GLU YA 71 61.16 -5.30 -29.75
CA GLU YA 71 61.16 -6.70 -30.14
C GLU YA 71 61.91 -6.92 -31.44
N VAL YA 72 62.54 -8.09 -31.53
CA VAL YA 72 63.09 -8.61 -32.78
C VAL YA 72 62.68 -10.07 -32.87
N VAL YA 73 62.30 -10.50 -34.07
CA VAL YA 73 62.05 -11.92 -34.32
C VAL YA 73 62.78 -12.31 -35.59
N PHE YA 74 63.52 -13.41 -35.52
CA PHE YA 74 64.31 -13.92 -36.63
C PHE YA 74 63.80 -15.30 -36.96
N VAL YA 75 63.60 -15.56 -38.25
CA VAL YA 75 62.86 -16.73 -38.71
C VAL YA 75 63.64 -17.45 -39.78
N ILE YA 76 63.82 -18.76 -39.58
CA ILE YA 76 64.23 -19.71 -40.62
C ILE YA 76 62.97 -20.48 -41.07
N PRO YA 77 62.45 -20.23 -42.25
CA PRO YA 77 61.33 -21.04 -42.74
C PRO YA 77 61.83 -22.35 -43.32
N MET YA 78 61.11 -23.43 -43.02
CA MET YA 78 61.41 -24.73 -43.60
C MET YA 78 60.11 -25.44 -43.94
N SER YA 79 60.09 -26.10 -45.09
CA SER YA 79 58.95 -26.91 -45.48
C SER YA 79 59.12 -28.32 -44.91
N LEU YA 80 58.05 -28.84 -44.32
CA LEU YA 80 58.07 -30.16 -43.70
C LEU YA 80 57.80 -31.25 -44.73
N ASP YA 81 58.02 -32.49 -44.31
CA ASP YA 81 57.58 -33.64 -45.09
C ASP YA 81 56.07 -33.61 -45.29
N SER YA 82 55.34 -32.91 -44.41
CA SER YA 82 53.90 -32.69 -44.54
C SER YA 82 53.56 -31.75 -45.70
N GLY YA 83 54.54 -31.08 -46.29
CA GLY YA 83 54.27 -30.05 -47.26
C GLY YA 83 54.06 -28.70 -46.60
N GLU YA 84 53.38 -28.74 -45.44
CA GLU YA 84 53.23 -27.57 -44.59
C GLU YA 84 54.59 -26.92 -44.31
N THR YA 85 54.64 -25.60 -44.43
CA THR YA 85 55.85 -24.85 -44.15
C THR YA 85 55.74 -24.18 -42.79
N VAL YA 86 56.72 -24.43 -41.92
CA VAL YA 86 56.73 -23.93 -40.55
C VAL YA 86 57.90 -22.97 -40.38
N PHE YA 87 57.72 -22.01 -39.47
CA PHE YA 87 58.71 -20.97 -39.21
C PHE YA 87 59.45 -21.28 -37.92
N ASN YA 88 60.78 -21.29 -37.97
CA ASN YA 88 61.63 -21.54 -36.82
C ASN YA 88 62.14 -20.21 -36.27
N SER YA 89 61.81 -19.95 -35.00
CA SER YA 89 61.81 -18.60 -34.47
C SER YA 89 62.84 -18.43 -33.35
N VAL YA 90 63.49 -17.28 -33.33
CA VAL YA 90 64.16 -16.77 -32.14
C VAL YA 90 63.68 -15.33 -31.95
N ARG YA 91 63.17 -15.02 -30.76
CA ARG YA 91 62.55 -13.73 -30.47
C ARG YA 91 63.20 -13.11 -29.25
N ILE YA 92 63.66 -11.87 -29.39
CA ILE YA 92 64.35 -11.16 -28.32
C ILE YA 92 63.63 -9.83 -28.11
N ALA YA 93 63.09 -9.64 -26.91
CA ALA YA 93 62.32 -8.47 -26.54
C ALA YA 93 62.96 -7.82 -25.33
N LEU YA 94 63.32 -6.54 -25.47
CA LEU YA 94 63.97 -5.80 -24.40
C LEU YA 94 63.06 -4.66 -23.95
N GLU YA 95 62.64 -4.72 -22.68
CA GLU YA 95 61.69 -3.78 -22.10
C GLU YA 95 62.43 -2.95 -21.04
N ILE YA 96 62.52 -1.65 -21.29
CA ILE YA 96 63.33 -0.75 -20.48
C ILE YA 96 62.50 0.43 -20.01
N HIS YA 97 62.63 0.76 -18.71
CA HIS YA 97 62.09 2.01 -18.21
C HIS YA 97 63.08 3.14 -18.45
N PRO YA 98 62.62 4.34 -18.79
CA PRO YA 98 63.55 5.43 -19.14
C PRO YA 98 64.53 5.77 -18.04
N ALA YA 99 64.22 5.47 -16.78
CA ALA YA 99 65.08 5.86 -15.68
C ALA YA 99 66.30 4.96 -15.51
N LEU YA 100 66.38 3.85 -16.25
CA LEU YA 100 67.48 2.91 -16.07
C LEU YA 100 68.79 3.52 -16.58
N ALA YA 101 69.89 3.07 -15.97
CA ALA YA 101 71.21 3.55 -16.36
C ALA YA 101 71.51 3.19 -17.81
N SER YA 102 72.05 4.17 -18.54
CA SER YA 102 72.43 3.96 -19.93
C SER YA 102 73.33 2.73 -20.09
N ALA YA 103 74.27 2.53 -19.15
CA ALA YA 103 75.16 1.38 -19.23
C ALA YA 103 74.48 0.09 -18.81
N SER YA 104 73.51 0.16 -17.89
CA SER YA 104 72.74 -1.04 -17.55
C SER YA 104 71.91 -1.53 -18.72
N VAL YA 105 71.49 -0.62 -19.61
CA VAL YA 105 70.78 -1.05 -20.82
C VAL YA 105 71.66 -1.98 -21.65
N LYS YA 106 72.88 -1.54 -21.97
CA LYS YA 106 73.77 -2.38 -22.76
C LYS YA 106 74.24 -3.60 -21.97
N ASP YA 107 74.33 -3.50 -20.64
CA ASP YA 107 74.64 -4.70 -19.87
C ASP YA 107 73.52 -5.73 -20.01
N LEU YA 108 72.26 -5.28 -20.09
CA LEU YA 108 71.17 -6.23 -20.33
C LEU YA 108 71.29 -6.88 -21.70
N ARG YA 109 71.60 -6.08 -22.73
CA ARG YA 109 71.80 -6.67 -24.06
C ARG YA 109 72.87 -7.76 -24.01
N LEU YA 110 74.01 -7.46 -23.37
CA LEU YA 110 75.13 -8.40 -23.36
C LEU YA 110 74.84 -9.62 -22.49
N ILE YA 111 74.13 -9.43 -21.38
CA ILE YA 111 73.85 -10.56 -20.50
C ILE YA 111 72.80 -11.48 -21.12
N GLY YA 112 71.83 -10.89 -21.83
CA GLY YA 112 70.92 -11.71 -22.61
C GLY YA 112 71.64 -12.52 -23.67
N ALA YA 113 72.59 -11.89 -24.38
CA ALA YA 113 73.32 -12.63 -25.40
C ALA YA 113 74.13 -13.77 -24.80
N GLN YA 114 74.73 -13.54 -23.63
CA GLN YA 114 75.46 -14.62 -22.98
C GLN YA 114 74.52 -15.75 -22.59
N LEU YA 115 73.30 -15.42 -22.18
CA LEU YA 115 72.34 -16.47 -21.83
C LEU YA 115 71.99 -17.35 -23.02
N LEU YA 116 72.09 -16.82 -24.25
CA LEU YA 116 71.96 -17.68 -25.44
C LEU YA 116 73.23 -18.46 -25.74
N THR YA 117 74.39 -17.81 -25.67
CA THR YA 117 75.57 -18.37 -26.31
C THR YA 117 76.62 -18.92 -25.35
N ASP YA 118 76.31 -19.07 -24.07
CA ASP YA 118 77.24 -19.75 -23.18
C ASP YA 118 76.98 -21.25 -23.18
N ALA YA 119 78.05 -22.01 -22.96
CA ALA YA 119 77.93 -23.47 -22.97
C ALA YA 119 77.05 -23.97 -21.84
N ASP YA 120 77.08 -23.29 -20.69
CA ASP YA 120 76.31 -23.70 -19.52
C ASP YA 120 74.84 -23.93 -19.86
N TYR YA 121 74.33 -23.26 -20.88
CA TYR YA 121 72.92 -23.30 -21.21
C TYR YA 121 72.61 -24.18 -22.40
N ASP YA 122 73.64 -24.76 -23.05
CA ASP YA 122 73.43 -25.58 -24.23
C ASP YA 122 72.35 -26.62 -24.01
N SER YA 123 72.41 -27.31 -22.87
CA SER YA 123 71.43 -28.35 -22.58
C SER YA 123 70.01 -27.76 -22.54
N PHE YA 124 69.86 -26.63 -21.84
CA PHE YA 124 68.57 -25.94 -21.77
C PHE YA 124 68.04 -25.62 -23.16
N TRP YA 125 68.80 -24.86 -23.94
CA TRP YA 125 68.29 -24.39 -25.23
C TRP YA 125 67.98 -25.55 -26.15
N THR YA 126 68.95 -26.45 -26.36
CA THR YA 126 68.75 -27.53 -27.33
C THR YA 126 67.64 -28.47 -26.91
N LEU YA 127 67.75 -29.06 -25.71
CA LEU YA 127 66.83 -30.10 -25.31
C LEU YA 127 65.61 -29.58 -24.57
N GLY YA 128 65.78 -28.56 -23.73
CA GLY YA 128 64.73 -28.09 -22.85
C GLY YA 128 64.94 -28.42 -21.39
N ALA YA 129 66.17 -28.76 -21.00
CA ALA YA 129 66.51 -29.15 -19.65
C ALA YA 129 66.31 -28.00 -18.68
N LEU YA 130 65.85 -28.35 -17.47
CA LEU YA 130 65.46 -27.35 -16.48
C LEU YA 130 66.34 -27.36 -15.23
N ALA YA 131 67.50 -28.01 -15.26
CA ALA YA 131 68.41 -28.00 -14.12
C ALA YA 131 69.52 -26.97 -14.29
N SER ZA 1 -4.48 -59.77 -127.45
CA SER ZA 1 -3.97 -61.06 -127.89
C SER ZA 1 -3.48 -61.90 -126.69
N ILE ZA 2 -4.17 -61.75 -125.54
CA ILE ZA 2 -3.80 -62.49 -124.35
C ILE ZA 2 -4.26 -63.94 -124.43
N ILE ZA 3 -5.55 -64.14 -124.73
CA ILE ZA 3 -6.10 -65.48 -124.82
C ILE ZA 3 -5.48 -66.20 -126.00
N GLY ZA 4 -4.75 -67.28 -125.73
CA GLY ZA 4 -4.11 -68.03 -126.77
C GLY ZA 4 -2.66 -67.67 -127.02
N SER ZA 5 -2.10 -66.72 -126.29
CA SER ZA 5 -0.71 -66.38 -126.47
C SER ZA 5 0.18 -67.56 -126.11
N SER ZA 6 1.38 -67.59 -126.71
CA SER ZA 6 2.32 -68.68 -126.53
C SER ZA 6 3.67 -68.12 -126.12
N ILE ZA 7 4.26 -68.67 -125.06
CA ILE ZA 7 5.59 -68.29 -124.57
C ILE ZA 7 6.37 -69.55 -124.19
N LYS ZA 8 7.64 -69.36 -123.88
CA LYS ZA 8 8.59 -70.46 -123.71
C LYS ZA 8 8.86 -70.70 -122.23
N THR ZA 9 8.73 -71.95 -121.80
CA THR ZA 9 9.16 -72.37 -120.47
C THR ZA 9 10.44 -73.18 -120.57
N GLY ZA 10 11.22 -73.16 -119.50
CA GLY ZA 10 12.52 -73.79 -119.53
C GLY ZA 10 13.41 -73.26 -120.63
N ALA ZA 11 13.42 -71.95 -120.84
CA ALA ZA 11 14.30 -71.37 -121.83
C ALA ZA 11 15.75 -71.42 -121.35
N THR ZA 12 16.66 -71.67 -122.28
CA THR ZA 12 18.08 -71.68 -121.94
C THR ZA 12 18.51 -70.31 -121.43
N SER ZA 13 18.19 -69.24 -122.17
CA SER ZA 13 18.47 -67.88 -121.69
C SER ZA 13 17.63 -66.88 -122.47
N ALA ZA 14 17.70 -65.62 -122.07
CA ALA ZA 14 17.07 -64.52 -122.78
C ALA ZA 14 18.13 -63.47 -123.07
N SER ZA 15 17.91 -62.72 -124.14
CA SER ZA 15 18.90 -61.78 -124.62
C SER ZA 15 18.18 -60.59 -125.25
N ILE ZA 16 18.95 -59.57 -125.64
CA ILE ZA 16 18.36 -58.33 -126.11
C ILE ZA 16 19.22 -57.74 -127.23
N THR ZA 17 18.57 -57.44 -128.36
CA THR ZA 17 19.20 -56.74 -129.47
C THR ZA 17 18.83 -55.26 -129.34
N GLY ZA 18 19.79 -54.44 -128.92
CA GLY ZA 18 19.43 -53.08 -128.55
C GLY ZA 18 20.60 -52.13 -128.53
N GLY ZA 19 20.28 -50.88 -128.19
CA GLY ZA 19 21.18 -49.76 -128.38
C GLY ZA 19 22.17 -49.47 -127.26
N SER ZA 20 22.14 -48.26 -126.72
CA SER ZA 20 23.22 -47.76 -125.89
C SER ZA 20 23.16 -48.35 -124.48
N ASP ZA 21 24.34 -48.41 -123.85
CA ASP ZA 21 24.45 -48.88 -122.48
C ASP ZA 21 23.97 -47.83 -121.50
N ILE ZA 22 23.58 -48.30 -120.33
CA ILE ZA 22 23.33 -47.45 -119.17
C ILE ZA 22 23.97 -48.14 -117.98
N THR ZA 23 24.64 -47.35 -117.15
CA THR ZA 23 25.44 -47.85 -116.03
C THR ZA 23 24.87 -47.33 -114.72
N PHE ZA 24 24.82 -48.21 -113.73
CA PHE ZA 24 24.29 -47.92 -112.40
C PHE ZA 24 25.40 -47.59 -111.42
N ALA ZA 25 25.02 -46.86 -110.37
CA ALA ZA 25 25.93 -46.56 -109.26
C ALA ZA 25 25.06 -46.29 -108.04
N LEU ZA 26 25.64 -46.52 -106.87
CA LEU ZA 26 24.86 -46.46 -105.64
C LEU ZA 26 24.47 -45.03 -105.30
N THR ZA 27 23.22 -44.86 -104.84
CA THR ZA 27 22.62 -43.55 -104.58
C THR ZA 27 22.71 -43.10 -103.14
N GLY ZA 28 22.46 -44.00 -102.19
CA GLY ZA 28 22.40 -43.60 -100.80
C GLY ZA 28 21.07 -43.04 -100.35
N GLN ZA 29 20.07 -43.00 -101.23
CA GLN ZA 29 18.71 -42.80 -100.76
C GLN ZA 29 18.31 -43.95 -99.85
N THR ZA 30 17.93 -43.61 -98.63
CA THR ZA 30 17.66 -44.63 -97.62
C THR ZA 30 16.47 -45.50 -98.03
N VAL ZA 31 16.70 -46.80 -98.11
CA VAL ZA 31 15.69 -47.77 -98.51
C VAL ZA 31 15.78 -48.97 -97.57
N THR ZA 32 14.68 -49.28 -96.88
CA THR ZA 32 14.67 -50.32 -95.87
C THR ZA 32 14.76 -51.70 -96.49
N ASN ZA 33 15.73 -52.50 -96.03
CA ASN ZA 33 16.03 -53.81 -96.61
C ASN ZA 33 16.32 -53.71 -98.10
N GLY ZA 34 16.81 -52.56 -98.54
CA GLY ZA 34 16.95 -52.32 -99.96
C GLY ZA 34 18.13 -51.46 -100.37
N LEU ZA 35 18.06 -50.94 -101.59
CA LEU ZA 35 19.22 -50.35 -102.24
C LEU ZA 35 18.74 -49.48 -103.41
N ASN ZA 36 19.20 -48.23 -103.46
CA ASN ZA 36 18.90 -47.34 -104.57
C ASN ZA 36 20.16 -47.18 -105.43
N VAL ZA 37 20.07 -47.55 -106.70
CA VAL ZA 37 21.11 -47.25 -107.67
C VAL ZA 37 20.51 -46.40 -108.78
N SER ZA 38 21.14 -45.27 -109.06
CA SER ZA 38 20.70 -44.45 -110.19
C SER ZA 38 21.75 -44.53 -111.29
N VAL ZA 39 21.40 -43.97 -112.43
CA VAL ZA 39 22.33 -43.99 -113.55
C VAL ZA 39 23.32 -42.86 -113.36
N SER ZA 40 24.58 -43.11 -113.64
CA SER ZA 40 25.53 -42.01 -113.68
C SER ZA 40 25.59 -41.39 -115.05
N GLU ZA 41 24.73 -41.83 -115.97
CA GLU ZA 41 24.80 -41.40 -117.35
C GLU ZA 41 23.78 -40.32 -117.68
N ASP ZA 42 22.69 -40.23 -116.92
CA ASP ZA 42 21.83 -39.06 -116.99
C ASP ZA 42 22.38 -37.99 -116.07
N THR ZA 43 22.25 -36.74 -116.49
CA THR ZA 43 22.92 -35.63 -115.83
C THR ZA 43 22.03 -34.80 -114.93
N ASP ZA 44 20.76 -34.62 -115.28
CA ASP ZA 44 19.84 -33.79 -114.51
C ASP ZA 44 19.24 -34.61 -113.37
N TYR ZA 45 19.37 -34.11 -112.14
CA TYR ZA 45 18.90 -34.87 -110.98
C TYR ZA 45 17.38 -35.02 -111.01
N ARG ZA 46 16.67 -33.98 -111.46
CA ARG ZA 46 15.22 -34.05 -111.63
C ARG ZA 46 14.82 -35.29 -112.43
N THR ZA 47 15.35 -35.43 -113.64
CA THR ZA 47 14.90 -36.45 -114.56
C THR ZA 47 15.85 -37.66 -114.62
N ARG ZA 48 16.67 -37.88 -113.60
CA ARG ZA 48 17.66 -38.95 -113.65
C ARG ZA 48 17.01 -40.27 -113.25
N ARG ZA 49 17.06 -41.23 -114.17
CA ARG ZA 49 16.43 -42.53 -113.98
C ARG ZA 49 17.06 -43.29 -112.83
N ASN ZA 50 16.22 -43.90 -111.98
CA ASN ZA 50 16.80 -44.66 -110.88
C ASN ZA 50 15.99 -45.90 -110.55
N ALA ZA 51 16.68 -46.91 -110.02
CA ALA ZA 51 16.06 -48.17 -109.65
C ALA ZA 51 16.30 -48.43 -108.17
N THR ZA 52 15.41 -49.25 -107.61
CA THR ZA 52 15.41 -49.58 -106.20
C THR ZA 52 15.12 -51.06 -106.03
N PHE ZA 53 16.01 -51.74 -105.31
CA PHE ZA 53 15.99 -53.17 -105.09
C PHE ZA 53 15.65 -53.42 -103.63
N LYS ZA 54 14.52 -54.05 -103.37
CA LYS ZA 54 14.20 -54.50 -102.02
C LYS ZA 54 14.24 -56.02 -101.97
N SER ZA 55 14.63 -56.55 -100.81
CA SER ZA 55 14.89 -57.98 -100.67
C SER ZA 55 14.44 -58.43 -99.28
N ARG ZA 56 13.59 -59.46 -99.25
CA ARG ZA 56 13.15 -60.09 -98.01
C ARG ZA 56 13.29 -61.60 -98.15
N VAL ZA 57 14.05 -62.20 -97.26
CA VAL ZA 57 14.41 -63.63 -97.32
C VAL ZA 57 13.30 -64.48 -96.73
N PRO ZA 58 13.19 -65.75 -97.13
CA PRO ZA 58 12.28 -66.67 -96.43
C PRO ZA 58 12.68 -66.78 -94.96
N THR ZA 59 11.70 -66.57 -94.10
CA THR ZA 59 11.90 -66.63 -92.65
C THR ZA 59 11.10 -67.79 -92.09
N VAL ZA 60 11.75 -68.59 -91.25
CA VAL ZA 60 11.10 -69.73 -90.62
C VAL ZA 60 10.27 -69.25 -89.44
N VAL ZA 61 9.04 -69.74 -89.34
CA VAL ZA 61 8.18 -69.44 -88.20
C VAL ZA 61 7.41 -70.70 -87.87
N ASN ZA 62 7.52 -71.15 -86.62
CA ASN ZA 62 6.81 -72.33 -86.13
C ASN ZA 62 7.17 -73.58 -86.94
N GLY ZA 63 8.46 -73.71 -87.27
CA GLY ZA 63 8.98 -74.92 -87.86
C GLY ZA 63 8.93 -75.01 -89.37
N ASN ZA 64 8.40 -74.00 -90.06
CA ASN ZA 64 8.39 -74.06 -91.52
C ASN ZA 64 8.51 -72.65 -92.10
N TYR ZA 65 8.85 -72.62 -93.39
CA TYR ZA 65 9.30 -71.40 -94.05
C TYR ZA 65 8.14 -70.59 -94.59
N SER ZA 66 8.39 -69.29 -94.76
CA SER ZA 66 7.50 -68.38 -95.45
C SER ZA 66 8.15 -67.95 -96.75
N LYS ZA 67 7.34 -67.83 -97.80
CA LYS ZA 67 7.89 -67.46 -99.10
C LYS ZA 67 8.56 -66.10 -99.04
N GLY ZA 68 9.69 -65.97 -99.73
CA GLY ZA 68 10.41 -64.71 -99.76
C GLY ZA 68 10.07 -63.86 -100.97
N LYS ZA 69 10.45 -62.59 -100.90
CA LYS ZA 69 10.00 -61.59 -101.85
C LYS ZA 69 11.14 -60.67 -102.25
N ASN ZA 70 11.37 -60.55 -103.56
CA ASN ZA 70 12.43 -59.68 -104.08
C ASN ZA 70 11.81 -58.71 -105.08
N GLU ZA 71 11.74 -57.43 -104.72
CA GLU ZA 71 11.17 -56.39 -105.56
C GLU ZA 71 12.27 -55.59 -106.24
N VAL ZA 72 11.93 -55.10 -107.43
CA VAL ZA 72 12.69 -54.05 -108.10
C VAL ZA 72 11.69 -53.02 -108.60
N VAL ZA 73 12.08 -51.76 -108.58
CA VAL ZA 73 11.28 -50.72 -109.22
C VAL ZA 73 12.22 -49.78 -109.96
N PHE ZA 74 12.00 -49.62 -111.25
CA PHE ZA 74 12.76 -48.73 -112.10
C PHE ZA 74 11.87 -47.55 -112.46
N VAL ZA 75 12.41 -46.34 -112.33
CA VAL ZA 75 11.63 -45.12 -112.40
C VAL ZA 75 12.27 -44.15 -113.38
N ILE ZA 76 11.44 -43.64 -114.28
CA ILE ZA 76 11.73 -42.51 -115.15
C ILE ZA 76 10.98 -41.31 -114.62
N PRO ZA 77 11.64 -40.34 -113.99
CA PRO ZA 77 10.94 -39.12 -113.59
C PRO ZA 77 10.70 -38.24 -114.81
N MET ZA 78 9.58 -37.52 -114.80
CA MET ZA 78 9.32 -36.49 -115.80
C MET ZA 78 8.57 -35.35 -115.14
N SER ZA 79 8.96 -34.13 -115.48
CA SER ZA 79 8.21 -32.96 -115.03
C SER ZA 79 7.01 -32.75 -115.93
N LEU ZA 80 5.84 -32.54 -115.32
CA LEU ZA 80 4.64 -32.28 -116.09
C LEU ZA 80 4.52 -30.79 -116.39
N ASP ZA 81 3.62 -30.46 -117.31
CA ASP ZA 81 3.38 -29.06 -117.65
C ASP ZA 81 2.86 -28.29 -116.45
N SER ZA 82 2.17 -28.97 -115.52
CA SER ZA 82 1.60 -28.35 -114.33
C SER ZA 82 2.65 -28.03 -113.28
N GLY ZA 83 3.88 -28.53 -113.44
CA GLY ZA 83 4.93 -28.23 -112.48
C GLY ZA 83 5.33 -29.43 -111.65
N GLU ZA 84 4.35 -30.18 -111.15
CA GLU ZA 84 4.65 -31.36 -110.36
C GLU ZA 84 5.47 -32.35 -111.19
N THR ZA 85 6.53 -32.86 -110.59
CA THR ZA 85 7.30 -33.94 -111.20
C THR ZA 85 6.64 -35.27 -110.81
N VAL ZA 86 6.39 -36.12 -111.80
CA VAL ZA 86 5.74 -37.41 -111.57
C VAL ZA 86 6.67 -38.52 -112.03
N PHE ZA 87 6.58 -39.66 -111.35
CA PHE ZA 87 7.43 -40.80 -111.62
C PHE ZA 87 6.71 -41.80 -112.51
N ASN ZA 88 7.45 -42.41 -113.45
CA ASN ZA 88 6.94 -43.48 -114.29
C ASN ZA 88 7.61 -44.78 -113.84
N SER ZA 89 6.80 -45.77 -113.50
CA SER ZA 89 7.27 -46.92 -112.73
C SER ZA 89 7.12 -48.20 -113.53
N VAL ZA 90 8.14 -49.04 -113.48
CA VAL ZA 90 7.97 -50.46 -113.76
C VAL ZA 90 8.45 -51.20 -112.52
N ARG ZA 91 7.60 -52.04 -111.97
CA ARG ZA 91 7.87 -52.73 -110.71
C ARG ZA 91 7.74 -54.22 -110.95
N ILE ZA 92 8.78 -54.96 -110.60
CA ILE ZA 92 8.83 -56.40 -110.77
C ILE ZA 92 9.15 -57.02 -109.43
N ALA ZA 93 8.17 -57.67 -108.83
CA ALA ZA 93 8.33 -58.42 -107.60
C ALA ZA 93 8.33 -59.92 -107.92
N LEU ZA 94 9.10 -60.68 -107.15
CA LEU ZA 94 9.22 -62.11 -107.39
C LEU ZA 94 9.26 -62.82 -106.04
N GLU ZA 95 8.24 -63.60 -105.76
CA GLU ZA 95 8.04 -64.28 -104.49
C GLU ZA 95 8.20 -65.77 -104.71
N ILE ZA 96 9.19 -66.35 -104.04
CA ILE ZA 96 9.55 -67.75 -104.21
C ILE ZA 96 9.41 -68.47 -102.87
N HIS ZA 97 8.81 -69.64 -102.88
CA HIS ZA 97 8.87 -70.50 -101.71
C HIS ZA 97 10.15 -71.34 -101.77
N PRO ZA 98 10.82 -71.54 -100.63
CA PRO ZA 98 12.11 -72.25 -100.66
C PRO ZA 98 12.05 -73.62 -101.31
N ALA ZA 99 10.87 -74.22 -101.39
CA ALA ZA 99 10.73 -75.55 -101.96
C ALA ZA 99 10.74 -75.56 -103.48
N LEU ZA 100 10.67 -74.41 -104.14
CA LEU ZA 100 10.67 -74.40 -105.60
C LEU ZA 100 12.03 -74.82 -106.13
N ALA ZA 101 12.02 -75.48 -107.28
CA ALA ZA 101 13.25 -75.91 -107.91
C ALA ZA 101 14.11 -74.72 -108.33
N SER ZA 102 15.42 -74.87 -108.14
CA SER ZA 102 16.36 -73.85 -108.59
C SER ZA 102 16.12 -73.49 -110.05
N ALA ZA 103 15.83 -74.51 -110.88
CA ALA ZA 103 15.59 -74.28 -112.29
C ALA ZA 103 14.26 -73.56 -112.53
N SER ZA 104 13.23 -73.90 -111.75
CA SER ZA 104 11.95 -73.22 -111.90
C SER ZA 104 12.00 -71.77 -111.44
N VAL ZA 105 12.96 -71.41 -110.59
CA VAL ZA 105 13.16 -70.00 -110.24
C VAL ZA 105 13.55 -69.20 -111.48
N LYS ZA 106 14.59 -69.65 -112.19
CA LYS ZA 106 14.95 -68.98 -113.44
C LYS ZA 106 13.84 -69.10 -114.49
N ASP ZA 107 13.09 -70.22 -114.50
CA ASP ZA 107 11.97 -70.29 -115.43
C ASP ZA 107 10.96 -69.17 -115.14
N LEU ZA 108 10.71 -68.87 -113.86
CA LEU ZA 108 9.81 -67.77 -113.53
C LEU ZA 108 10.38 -66.43 -113.98
N ARG ZA 109 11.68 -66.20 -113.75
CA ARG ZA 109 12.28 -64.94 -114.18
C ARG ZA 109 12.10 -64.74 -115.68
N LEU ZA 110 12.37 -65.79 -116.47
CA LEU ZA 110 12.32 -65.66 -117.92
C LEU ZA 110 10.88 -65.62 -118.44
N ILE ZA 111 9.98 -66.37 -117.83
CA ILE ZA 111 8.59 -66.35 -118.28
C ILE ZA 111 7.94 -65.03 -117.90
N GLY ZA 112 8.39 -64.39 -116.82
CA GLY ZA 112 7.89 -63.08 -116.49
C GLY ZA 112 8.42 -62.03 -117.45
N ALA ZA 113 9.74 -62.00 -117.64
CA ALA ZA 113 10.31 -61.04 -118.58
C ALA ZA 113 9.76 -61.24 -119.98
N GLN ZA 114 9.36 -62.46 -120.32
CA GLN ZA 114 8.78 -62.73 -121.62
C GLN ZA 114 7.36 -62.20 -121.74
N LEU ZA 115 6.67 -61.99 -120.61
CA LEU ZA 115 5.36 -61.37 -120.63
C LEU ZA 115 5.41 -59.87 -120.85
N LEU ZA 116 6.53 -59.21 -120.51
CA LEU ZA 116 6.71 -57.80 -120.87
C LEU ZA 116 6.98 -57.62 -122.37
N THR ZA 117 7.88 -58.41 -122.93
CA THR ZA 117 8.44 -58.07 -124.23
C THR ZA 117 7.73 -58.74 -125.41
N ASP ZA 118 7.10 -59.89 -125.21
CA ASP ZA 118 6.57 -60.64 -126.33
C ASP ZA 118 5.42 -59.89 -126.99
N ALA ZA 119 5.48 -59.78 -128.32
CA ALA ZA 119 4.57 -58.92 -129.08
C ALA ZA 119 3.11 -59.27 -128.86
N ASP ZA 120 2.81 -60.53 -128.50
CA ASP ZA 120 1.43 -60.91 -128.19
C ASP ZA 120 0.83 -59.97 -127.14
N TYR ZA 121 1.58 -59.66 -126.09
CA TYR ZA 121 1.06 -58.77 -125.06
C TYR ZA 121 1.31 -57.31 -125.39
N ASP ZA 122 1.92 -57.05 -126.54
CA ASP ZA 122 2.34 -55.71 -126.91
C ASP ZA 122 1.14 -54.76 -126.91
N SER ZA 123 -0.04 -55.24 -127.30
CA SER ZA 123 -1.23 -54.39 -127.26
C SER ZA 123 -1.72 -54.20 -125.83
N PHE ZA 124 -1.46 -55.16 -124.93
CA PHE ZA 124 -1.93 -55.04 -123.56
C PHE ZA 124 -1.20 -53.93 -122.81
N TRP ZA 125 0.14 -53.97 -122.82
CA TRP ZA 125 0.92 -53.02 -122.03
C TRP ZA 125 0.73 -51.61 -122.52
N THR ZA 126 0.82 -51.42 -123.85
CA THR ZA 126 0.76 -50.07 -124.40
C THR ZA 126 -0.63 -49.48 -124.26
N LEU ZA 127 -1.65 -50.20 -124.72
CA LEU ZA 127 -2.99 -49.67 -124.81
C LEU ZA 127 -3.84 -49.97 -123.58
N GLY ZA 128 -3.32 -50.74 -122.65
CA GLY ZA 128 -4.18 -51.22 -121.56
C GLY ZA 128 -5.32 -52.06 -122.06
N ALA ZA 129 -5.09 -52.87 -123.09
CA ALA ZA 129 -6.14 -53.56 -123.82
C ALA ZA 129 -6.33 -54.98 -123.29
N LEU ZA 130 -7.53 -55.26 -122.79
CA LEU ZA 130 -7.89 -56.60 -122.32
C LEU ZA 130 -8.56 -57.35 -123.46
N ALA ZA 131 -7.86 -58.35 -124.00
CA ALA ZA 131 -8.40 -59.18 -125.07
C ALA ZA 131 -7.45 -60.37 -125.27
N SER AB 1 27.01 -57.00 -107.44
CA SER AB 1 26.77 -57.13 -108.87
C SER AB 1 25.60 -56.26 -109.30
N ILE AB 2 24.79 -55.82 -108.32
CA ILE AB 2 23.75 -54.84 -108.61
C ILE AB 2 24.37 -53.47 -108.82
N ILE AB 3 25.31 -53.09 -107.94
CA ILE AB 3 26.00 -51.81 -108.07
C ILE AB 3 26.92 -51.87 -109.28
N GLY AB 4 26.85 -50.85 -110.13
CA GLY AB 4 27.71 -50.82 -111.29
C GLY AB 4 27.38 -51.85 -112.35
N SER AB 5 26.11 -52.26 -112.44
CA SER AB 5 25.68 -53.12 -113.52
C SER AB 5 25.28 -52.27 -114.73
N SER AB 6 25.31 -52.91 -115.91
CA SER AB 6 25.07 -52.23 -117.18
C SER AB 6 23.94 -52.92 -117.92
N ILE AB 7 23.01 -52.12 -118.46
CA ILE AB 7 21.84 -52.64 -119.18
C ILE AB 7 21.52 -51.72 -120.36
N LYS AB 8 20.90 -52.28 -121.40
CA LYS AB 8 20.66 -51.52 -122.63
C LYS AB 8 19.39 -50.69 -122.51
N THR AB 9 19.49 -49.39 -122.81
CA THR AB 9 18.31 -48.55 -122.98
C THR AB 9 18.03 -48.34 -124.46
N GLY AB 10 16.77 -48.00 -124.75
CA GLY AB 10 16.33 -47.82 -126.10
C GLY AB 10 16.72 -49.00 -126.97
N ALA AB 11 16.47 -50.20 -126.44
CA ALA AB 11 16.77 -51.39 -127.22
C ALA AB 11 15.73 -51.58 -128.32
N THR AB 12 16.19 -52.09 -129.46
CA THR AB 12 15.30 -52.33 -130.59
C THR AB 12 14.28 -53.42 -130.26
N SER AB 13 14.74 -54.54 -129.72
CA SER AB 13 13.82 -55.59 -129.23
C SER AB 13 14.61 -56.57 -128.37
N ALA AB 14 13.88 -57.42 -127.67
CA ALA AB 14 14.46 -58.48 -126.85
C ALA AB 14 13.82 -59.79 -127.25
N SER AB 15 14.51 -60.89 -126.96
CA SER AB 15 14.07 -62.20 -127.38
C SER AB 15 14.59 -63.24 -126.40
N ILE AB 16 14.31 -64.50 -126.69
CA ILE AB 16 14.56 -65.58 -125.75
C ILE AB 16 15.01 -66.83 -126.50
N THR AB 17 16.23 -67.28 -126.22
CA THR AB 17 16.74 -68.55 -126.74
C THR AB 17 16.22 -69.63 -125.81
N GLY AB 18 15.16 -70.33 -126.24
CA GLY AB 18 14.25 -70.99 -125.33
C GLY AB 18 13.94 -72.43 -125.71
N GLY AB 19 13.16 -73.06 -124.83
CA GLY AB 19 12.75 -74.45 -125.00
C GLY AB 19 11.33 -74.60 -125.51
N SER AB 20 10.48 -75.33 -124.77
CA SER AB 20 9.17 -75.73 -125.27
C SER AB 20 8.13 -74.63 -125.12
N ASP AB 21 7.08 -74.73 -125.93
CA ASP AB 21 5.98 -73.77 -125.90
C ASP AB 21 5.07 -73.99 -124.71
N ILE AB 22 4.31 -72.95 -124.38
CA ILE AB 22 3.23 -73.04 -123.39
C ILE AB 22 2.14 -72.09 -123.84
N THR AB 23 0.88 -72.52 -123.72
CA THR AB 23 -0.25 -71.83 -124.32
C THR AB 23 -1.32 -71.50 -123.29
N PHE AB 24 -1.84 -70.27 -123.34
CA PHE AB 24 -2.82 -69.78 -122.40
C PHE AB 24 -4.23 -69.93 -122.94
N ALA AB 25 -5.17 -70.24 -122.05
CA ALA AB 25 -6.58 -70.29 -122.38
C ALA AB 25 -7.37 -69.63 -121.25
N LEU AB 26 -8.60 -69.25 -121.57
CA LEU AB 26 -9.41 -68.47 -120.64
C LEU AB 26 -9.88 -69.32 -119.45
N THR AB 27 -9.66 -68.80 -118.22
CA THR AB 27 -9.90 -69.56 -116.99
C THR AB 27 -11.30 -69.35 -116.43
N GLY AB 28 -11.92 -68.21 -116.70
CA GLY AB 28 -13.17 -67.91 -116.05
C GLY AB 28 -13.08 -67.84 -114.54
N GLN AB 29 -11.96 -67.36 -114.00
CA GLN AB 29 -11.88 -66.94 -112.60
C GLN AB 29 -12.19 -65.46 -112.57
N THR AB 30 -13.28 -65.10 -111.89
CA THR AB 30 -13.74 -63.72 -111.88
C THR AB 30 -12.64 -62.81 -111.34
N VAL AB 31 -12.17 -61.89 -112.18
CA VAL AB 31 -11.09 -60.97 -111.83
C VAL AB 31 -11.50 -59.57 -112.25
N THR AB 32 -11.57 -58.67 -111.28
CA THR AB 32 -11.99 -57.30 -111.57
C THR AB 32 -10.97 -56.61 -112.45
N ASN AB 33 -11.46 -55.96 -113.50
CA ASN AB 33 -10.63 -55.17 -114.41
C ASN AB 33 -9.58 -56.02 -115.11
N GLY AB 34 -9.87 -57.29 -115.35
CA GLY AB 34 -8.84 -58.13 -115.94
C GLY AB 34 -9.33 -59.52 -116.24
N LEU AB 35 -8.35 -60.36 -116.61
CA LEU AB 35 -8.57 -61.72 -117.07
C LEU AB 35 -7.72 -62.68 -116.26
N ASN AB 36 -8.13 -63.95 -116.27
CA ASN AB 36 -7.31 -65.06 -115.81
C ASN AB 36 -7.20 -66.04 -116.97
N VAL AB 37 -5.96 -66.37 -117.36
CA VAL AB 37 -5.69 -67.41 -118.36
C VAL AB 37 -4.70 -68.38 -117.75
N SER AB 38 -5.03 -69.68 -117.80
CA SER AB 38 -4.09 -70.67 -117.31
C SER AB 38 -3.56 -71.47 -118.48
N VAL AB 39 -2.48 -72.19 -118.22
CA VAL AB 39 -1.85 -72.98 -119.28
C VAL AB 39 -2.59 -74.31 -119.38
N SER AB 40 -3.23 -74.52 -120.53
CA SER AB 40 -3.95 -75.76 -120.75
C SER AB 40 -3.01 -76.92 -121.04
N GLU AB 41 -1.72 -76.69 -120.92
CA GLU AB 41 -0.71 -77.71 -121.23
C GLU AB 41 -0.21 -78.44 -120.00
N ASP AB 42 -0.49 -77.93 -118.80
CA ASP AB 42 -0.30 -78.68 -117.57
C ASP AB 42 -1.56 -79.49 -117.29
N THR AB 43 -1.39 -80.73 -116.83
CA THR AB 43 -2.49 -81.67 -116.79
C THR AB 43 -3.29 -81.67 -115.48
N ASP AB 44 -2.70 -81.20 -114.39
CA ASP AB 44 -3.30 -81.29 -113.06
C ASP AB 44 -3.67 -79.89 -112.57
N TYR AB 45 -4.97 -79.63 -112.46
CA TYR AB 45 -5.45 -78.28 -112.09
C TYR AB 45 -4.75 -77.80 -110.83
N ARG AB 46 -4.66 -78.67 -109.82
CA ARG AB 46 -4.07 -78.33 -108.53
C ARG AB 46 -2.71 -77.65 -108.66
N THR AB 47 -2.01 -77.84 -109.80
CA THR AB 47 -0.72 -77.19 -110.06
C THR AB 47 -0.62 -76.65 -111.49
N ARG AB 48 -1.69 -76.06 -112.03
CA ARG AB 48 -1.58 -75.40 -113.34
C ARG AB 48 -1.13 -73.96 -113.21
N ARG AB 49 0.02 -73.68 -113.81
CA ARG AB 49 0.54 -72.32 -113.92
C ARG AB 49 -0.51 -71.44 -114.56
N ASN AB 50 -0.85 -70.33 -113.90
CA ASN AB 50 -1.83 -69.42 -114.47
C ASN AB 50 -1.28 -67.99 -114.42
N ALA AB 51 -2.03 -67.07 -115.04
CA ALA AB 51 -1.60 -65.69 -115.10
C ALA AB 51 -2.84 -64.82 -115.10
N THR AB 52 -2.72 -63.67 -114.45
CA THR AB 52 -3.82 -62.74 -114.28
C THR AB 52 -3.39 -61.37 -114.76
N PHE AB 53 -4.21 -60.78 -115.62
CA PHE AB 53 -3.94 -59.50 -116.25
C PHE AB 53 -4.93 -58.47 -115.70
N LYS AB 54 -4.42 -57.34 -115.21
CA LYS AB 54 -5.25 -56.25 -114.73
C LYS AB 54 -4.88 -54.96 -115.42
N SER AB 55 -5.86 -54.07 -115.56
CA SER AB 55 -5.66 -52.78 -116.23
C SER AB 55 -6.53 -51.73 -115.56
N ARG AB 56 -5.93 -50.92 -114.69
CA ARG AB 56 -6.57 -49.75 -114.12
C ARG AB 56 -6.22 -48.53 -114.97
N VAL AB 57 -7.24 -47.76 -115.32
CA VAL AB 57 -7.10 -46.66 -116.27
C VAL AB 57 -6.71 -45.37 -115.54
N PRO AB 58 -6.15 -44.40 -116.24
CA PRO AB 58 -5.87 -43.11 -115.60
C PRO AB 58 -7.16 -42.40 -115.20
N THR AB 59 -7.07 -41.66 -114.11
CA THR AB 59 -8.21 -40.96 -113.55
C THR AB 59 -8.17 -39.49 -113.98
N VAL AB 60 -9.33 -38.98 -114.41
CA VAL AB 60 -9.46 -37.59 -114.87
C VAL AB 60 -9.93 -36.77 -113.67
N VAL AB 61 -9.05 -35.94 -113.13
CA VAL AB 61 -9.36 -35.10 -111.97
C VAL AB 61 -9.10 -33.66 -112.40
N ASN AB 62 -10.15 -32.99 -112.88
CA ASN AB 62 -10.12 -31.56 -113.16
C ASN AB 62 -8.96 -31.19 -114.08
N GLY AB 63 -8.92 -31.85 -115.24
CA GLY AB 63 -7.87 -31.60 -116.22
C GLY AB 63 -6.53 -32.25 -115.93
N ASN AB 64 -6.35 -32.88 -114.77
CA ASN AB 64 -5.11 -33.56 -114.43
C ASN AB 64 -5.32 -35.07 -114.46
N TYR AB 65 -4.35 -35.80 -115.02
CA TYR AB 65 -4.48 -37.25 -115.15
C TYR AB 65 -3.46 -37.95 -114.27
N SER AB 66 -3.93 -38.96 -113.52
CA SER AB 66 -3.06 -39.85 -112.77
C SER AB 66 -2.48 -40.90 -113.70
N LYS AB 67 -1.35 -41.48 -113.28
CA LYS AB 67 -0.79 -42.58 -114.04
C LYS AB 67 -1.73 -43.78 -113.97
N GLY AB 68 -1.78 -44.54 -115.06
CA GLY AB 68 -2.49 -45.80 -115.09
C GLY AB 68 -1.57 -46.95 -114.75
N LYS AB 69 -2.17 -48.13 -114.57
CA LYS AB 69 -1.46 -49.27 -114.02
C LYS AB 69 -1.87 -50.54 -114.74
N ASN AB 70 -0.91 -51.27 -115.32
CA ASN AB 70 -1.19 -52.54 -115.98
C ASN AB 70 -0.37 -53.62 -115.30
N GLU AB 71 -1.05 -54.56 -114.63
CA GLU AB 71 -0.39 -55.63 -113.90
C GLU AB 71 -0.51 -56.96 -114.63
N VAL AB 72 0.49 -57.80 -114.42
CA VAL AB 72 0.41 -59.23 -114.72
C VAL AB 72 0.95 -59.98 -113.52
N VAL AB 73 0.30 -61.09 -113.18
CA VAL AB 73 0.70 -61.96 -112.09
C VAL AB 73 0.76 -63.37 -112.64
N PHE AB 74 1.96 -63.93 -112.75
CA PHE AB 74 2.14 -65.30 -113.19
C PHE AB 74 2.43 -66.15 -111.96
N VAL AB 75 1.79 -67.32 -111.89
CA VAL AB 75 1.77 -68.12 -110.67
C VAL AB 75 2.06 -69.57 -111.01
N ILE AB 76 3.06 -70.13 -110.33
CA ILE AB 76 3.32 -71.57 -110.28
C ILE AB 76 2.82 -72.09 -108.93
N PRO AB 77 1.67 -72.76 -108.88
CA PRO AB 77 1.28 -73.41 -107.62
C PRO AB 77 2.04 -74.73 -107.45
N MET AB 78 2.48 -74.98 -106.22
CA MET AB 78 3.21 -76.20 -105.90
C MET AB 78 2.66 -76.81 -104.62
N SER AB 79 2.59 -78.13 -104.60
CA SER AB 79 2.10 -78.89 -103.46
C SER AB 79 3.27 -79.19 -102.54
N LEU AB 80 3.21 -78.71 -101.31
CA LEU AB 80 4.28 -78.95 -100.36
C LEU AB 80 4.24 -80.38 -99.84
N ASP AB 81 5.34 -80.78 -99.21
CA ASP AB 81 5.37 -82.05 -98.50
C ASP AB 81 4.30 -82.09 -97.40
N SER AB 82 4.01 -80.93 -96.80
CA SER AB 82 3.00 -80.78 -95.76
C SER AB 82 1.59 -81.03 -96.26
N GLY AB 83 1.37 -81.13 -97.56
CA GLY AB 83 0.05 -81.18 -98.13
C GLY AB 83 -0.52 -79.82 -98.49
N GLU AB 84 -0.14 -78.78 -97.76
CA GLU AB 84 -0.59 -77.43 -98.09
C GLU AB 84 0.08 -76.96 -99.38
N THR AB 85 -0.73 -76.54 -100.34
CA THR AB 85 -0.22 -76.05 -101.62
C THR AB 85 -0.12 -74.53 -101.57
N VAL AB 86 0.99 -73.99 -102.09
CA VAL AB 86 1.28 -72.56 -102.05
C VAL AB 86 1.63 -72.09 -103.46
N PHE AB 87 1.88 -70.79 -103.58
CA PHE AB 87 2.00 -70.14 -104.87
C PHE AB 87 3.32 -69.40 -105.01
N ASN AB 88 4.05 -69.68 -106.10
CA ASN AB 88 5.23 -68.94 -106.50
C ASN AB 88 4.82 -67.89 -107.51
N SER AB 89 5.11 -66.63 -107.22
CA SER AB 89 4.46 -65.51 -107.90
C SER AB 89 5.50 -64.56 -108.47
N VAL AB 90 5.52 -64.41 -109.79
CA VAL AB 90 6.20 -63.28 -110.42
C VAL AB 90 5.13 -62.26 -110.81
N ARG AB 91 5.28 -61.03 -110.32
CA ARG AB 91 4.33 -59.95 -110.58
C ARG AB 91 5.05 -58.80 -111.25
N ILE AB 92 4.49 -58.29 -112.34
CA ILE AB 92 5.07 -57.18 -113.08
C ILE AB 92 3.97 -56.15 -113.30
N ALA AB 93 4.15 -54.97 -112.71
CA ALA AB 93 3.20 -53.89 -112.79
C ALA AB 93 3.88 -52.70 -113.45
N LEU AB 94 3.21 -52.12 -114.44
CA LEU AB 94 3.77 -51.00 -115.19
C LEU AB 94 2.82 -49.82 -115.07
N GLU AB 95 3.29 -48.78 -114.39
CA GLU AB 95 2.52 -47.58 -114.10
C GLU AB 95 3.05 -46.43 -114.95
N ILE AB 96 2.20 -45.92 -115.83
CA ILE AB 96 2.61 -44.93 -116.83
C ILE AB 96 1.62 -43.78 -116.84
N HIS AB 97 2.15 -42.55 -116.84
CA HIS AB 97 1.34 -41.36 -117.13
C HIS AB 97 1.20 -41.21 -118.65
N PRO AB 98 0.01 -40.82 -119.13
CA PRO AB 98 -0.22 -40.84 -120.60
C PRO AB 98 0.70 -39.92 -121.38
N ALA AB 99 1.31 -38.92 -120.72
CA ALA AB 99 2.16 -37.96 -121.41
C ALA AB 99 3.57 -38.48 -121.69
N LEU AB 100 3.91 -39.69 -121.24
CA LEU AB 100 5.22 -40.24 -121.55
C LEU AB 100 5.27 -40.70 -123.01
N ALA AB 101 6.46 -40.61 -123.59
CA ALA AB 101 6.64 -40.97 -125.00
C ALA AB 101 6.37 -42.44 -125.23
N SER AB 102 5.69 -42.73 -126.34
CA SER AB 102 5.38 -44.11 -126.71
C SER AB 102 6.65 -44.96 -126.77
N ALA AB 103 7.78 -44.34 -127.13
CA ALA AB 103 9.05 -45.05 -127.19
C ALA AB 103 9.61 -45.32 -125.80
N SER AB 104 9.47 -44.36 -124.88
CA SER AB 104 9.95 -44.58 -123.52
C SER AB 104 9.14 -45.64 -122.79
N VAL AB 105 7.87 -45.80 -123.16
CA VAL AB 105 7.07 -46.87 -122.55
C VAL AB 105 7.68 -48.24 -122.88
N LYS AB 106 7.98 -48.47 -124.16
CA LYS AB 106 8.57 -49.73 -124.55
C LYS AB 106 10.01 -49.87 -124.05
N ASP AB 107 10.78 -48.78 -124.02
CA ASP AB 107 12.08 -48.85 -123.35
C ASP AB 107 11.93 -49.32 -121.92
N LEU AB 108 10.86 -48.88 -121.24
CA LEU AB 108 10.65 -49.25 -119.84
C LEU AB 108 10.31 -50.74 -119.70
N ARG AB 109 9.46 -51.24 -120.60
CA ARG AB 109 9.18 -52.69 -120.65
C ARG AB 109 10.47 -53.49 -120.81
N LEU AB 110 11.30 -53.10 -121.77
CA LEU AB 110 12.51 -53.87 -122.05
C LEU AB 110 13.54 -53.75 -120.93
N ILE AB 111 13.60 -52.58 -120.29
CA ILE AB 111 14.59 -52.41 -119.23
C ILE AB 111 14.19 -53.22 -118.00
N GLY AB 112 12.88 -53.33 -117.73
CA GLY AB 112 12.44 -54.23 -116.69
C GLY AB 112 12.75 -55.68 -117.02
N ALA AB 113 12.51 -56.07 -118.27
CA ALA AB 113 12.84 -57.45 -118.67
C ALA AB 113 14.33 -57.73 -118.46
N GLN AB 114 15.19 -56.78 -118.79
CA GLN AB 114 16.62 -57.01 -118.58
C GLN AB 114 16.91 -57.14 -117.08
N LEU AB 115 16.32 -56.27 -116.27
CA LEU AB 115 16.49 -56.39 -114.82
C LEU AB 115 16.11 -57.78 -114.31
N LEU AB 116 15.08 -58.40 -114.90
CA LEU AB 116 14.80 -59.80 -114.55
C LEU AB 116 15.87 -60.76 -115.02
N THR AB 117 16.24 -60.70 -116.30
CA THR AB 117 16.93 -61.84 -116.89
C THR AB 117 18.45 -61.71 -116.97
N ASP AB 118 19.02 -60.54 -116.70
CA ASP AB 118 20.47 -60.39 -116.85
C ASP AB 118 21.21 -61.16 -115.76
N ALA AB 119 22.45 -61.55 -116.08
CA ALA AB 119 23.22 -62.35 -115.15
C ALA AB 119 23.72 -61.53 -113.97
N ASP AB 120 23.97 -60.23 -114.17
CA ASP AB 120 24.38 -59.34 -113.09
C ASP AB 120 23.45 -59.43 -111.89
N TYR AB 121 22.17 -59.75 -112.11
CA TYR AB 121 21.18 -59.73 -111.06
C TYR AB 121 20.85 -61.12 -110.53
N ASP AB 122 21.52 -62.17 -111.05
CA ASP AB 122 21.29 -63.53 -110.59
C ASP AB 122 21.39 -63.63 -109.08
N SER AB 123 22.47 -63.09 -108.50
CA SER AB 123 22.65 -63.16 -107.06
C SER AB 123 21.48 -62.53 -106.33
N PHE AB 124 21.10 -61.31 -106.75
CA PHE AB 124 19.97 -60.63 -106.12
C PHE AB 124 18.71 -61.48 -106.15
N TRP AB 125 18.25 -61.84 -107.34
CA TRP AB 125 16.97 -62.53 -107.46
C TRP AB 125 16.99 -63.86 -106.71
N THR AB 126 18.00 -64.70 -106.97
CA THR AB 126 18.00 -66.05 -106.41
C THR AB 126 18.23 -66.04 -104.91
N LEU AB 127 19.36 -65.46 -104.48
CA LEU AB 127 19.80 -65.55 -103.09
C LEU AB 127 19.18 -64.47 -102.21
N GLY AB 128 18.69 -63.39 -102.80
CA GLY AB 128 18.27 -62.22 -102.04
C GLY AB 128 19.38 -61.26 -101.72
N ALA AB 129 20.54 -61.39 -102.37
CA ALA AB 129 21.72 -60.63 -101.96
C ALA AB 129 21.60 -59.18 -102.39
N LEU AB 130 21.73 -58.28 -101.42
CA LEU AB 130 21.79 -56.86 -101.73
C LEU AB 130 23.20 -56.49 -102.20
N ALA AB 131 23.33 -55.28 -102.73
CA ALA AB 131 24.61 -54.73 -103.20
C ALA AB 131 25.27 -55.55 -104.31
N SER BB 1 48.01 -14.20 -93.86
CA SER BB 1 48.23 -15.39 -94.67
C SER BB 1 46.90 -15.94 -95.21
N ILE BB 2 45.82 -15.85 -94.43
CA ILE BB 2 44.50 -16.17 -94.96
C ILE BB 2 44.05 -15.08 -95.92
N ILE BB 3 44.22 -13.82 -95.50
CA ILE BB 3 43.89 -12.70 -96.36
C ILE BB 3 44.93 -12.59 -97.46
N GLY BB 4 44.49 -12.69 -98.71
CA GLY BB 4 45.39 -12.64 -99.84
C GLY BB 4 45.85 -13.98 -100.34
N SER BB 5 45.48 -15.08 -99.68
CA SER BB 5 45.88 -16.40 -100.13
C SER BB 5 45.30 -16.69 -101.52
N SER BB 6 46.02 -17.51 -102.27
CA SER BB 6 45.62 -17.90 -103.62
C SER BB 6 45.52 -19.41 -103.70
N ILE BB 7 44.45 -19.90 -104.31
CA ILE BB 7 44.19 -21.33 -104.42
C ILE BB 7 43.58 -21.60 -105.79
N LYS BB 8 43.85 -22.79 -106.33
CA LYS BB 8 43.43 -23.14 -107.69
C LYS BB 8 41.96 -23.54 -107.72
N THR BB 9 41.20 -22.95 -108.65
CA THR BB 9 39.87 -23.45 -108.96
C THR BB 9 39.87 -24.06 -110.35
N GLY BB 10 38.84 -24.86 -110.62
CA GLY BB 10 38.81 -25.63 -111.85
C GLY BB 10 40.02 -26.53 -112.01
N ALA BB 11 40.49 -27.11 -110.93
CA ALA BB 11 41.65 -27.99 -110.99
C ALA BB 11 41.29 -29.34 -111.58
N THR BB 12 42.23 -29.92 -112.33
CA THR BB 12 42.01 -31.24 -112.91
C THR BB 12 41.93 -32.30 -111.82
N SER BB 13 42.96 -32.41 -110.99
CA SER BB 13 42.93 -33.38 -109.90
C SER BB 13 43.97 -33.02 -108.86
N ALA BB 14 43.79 -33.55 -107.66
CA ALA BB 14 44.71 -33.33 -106.55
C ALA BB 14 45.42 -34.63 -106.21
N SER BB 15 46.64 -34.50 -105.69
CA SER BB 15 47.46 -35.66 -105.38
C SER BB 15 48.23 -35.37 -104.11
N ILE BB 16 48.93 -36.38 -103.61
CA ILE BB 16 49.65 -36.23 -102.34
C ILE BB 16 50.95 -37.02 -102.39
N THR BB 17 52.07 -36.32 -102.25
CA THR BB 17 53.38 -36.95 -102.14
C THR BB 17 53.58 -37.36 -100.70
N GLY BB 18 53.46 -38.66 -100.42
CA GLY BB 18 53.39 -39.10 -99.05
C GLY BB 18 54.00 -40.45 -98.71
N GLY BB 19 53.77 -40.87 -97.46
CA GLY BB 19 54.41 -42.07 -96.94
C GLY BB 19 53.60 -43.34 -97.06
N SER BB 20 53.35 -44.00 -95.92
CA SER BB 20 52.81 -45.34 -95.91
C SER BB 20 51.32 -45.36 -96.17
N ASP BB 21 50.83 -46.52 -96.61
CA ASP BB 21 49.41 -46.74 -96.86
C ASP BB 21 48.66 -46.98 -95.56
N ILE BB 22 47.34 -46.81 -95.63
CA ILE BB 22 46.45 -47.21 -94.55
C ILE BB 22 45.16 -47.69 -95.20
N THR BB 23 44.55 -48.73 -94.64
CA THR BB 23 43.38 -49.34 -95.26
C THR BB 23 42.22 -49.40 -94.28
N PHE BB 24 41.02 -49.24 -94.82
CA PHE BB 24 39.79 -49.24 -94.04
C PHE BB 24 39.05 -50.56 -94.19
N ALA BB 25 38.41 -50.98 -93.11
CA ALA BB 25 37.49 -52.11 -93.17
C ALA BB 25 36.25 -51.76 -92.36
N LEU BB 26 35.13 -52.37 -92.71
CA LEU BB 26 33.85 -52.02 -92.10
C LEU BB 26 33.82 -52.42 -90.62
N THR BB 27 33.47 -51.45 -89.77
CA THR BB 27 33.58 -51.65 -88.33
C THR BB 27 32.50 -52.58 -87.80
N GLY BB 28 31.26 -52.38 -88.25
CA GLY BB 28 30.13 -53.01 -87.59
C GLY BB 28 29.62 -52.24 -86.40
N GLN BB 29 30.07 -51.01 -86.21
CA GLN BB 29 29.40 -50.11 -85.29
C GLN BB 29 28.17 -49.55 -85.99
N THR BB 30 27.01 -49.71 -85.36
CA THR BB 30 25.77 -49.26 -85.97
C THR BB 30 25.75 -47.73 -85.97
N VAL BB 31 25.59 -47.14 -87.16
CA VAL BB 31 25.54 -45.68 -87.32
C VAL BB 31 24.32 -45.32 -88.15
N THR BB 32 23.50 -44.41 -87.61
CA THR BB 32 22.29 -43.99 -88.28
C THR BB 32 22.62 -43.23 -89.56
N ASN BB 33 21.99 -43.65 -90.66
CA ASN BB 33 22.24 -43.10 -92.00
C ASN BB 33 23.72 -43.15 -92.38
N GLY BB 34 24.50 -43.99 -91.73
CA GLY BB 34 25.93 -43.89 -91.89
C GLY BB 34 26.66 -45.21 -91.77
N LEU BB 35 27.99 -45.08 -91.80
CA LEU BB 35 28.92 -46.19 -91.91
C LEU BB 35 30.12 -45.89 -91.02
N ASN BB 36 30.70 -46.94 -90.44
CA ASN BB 36 31.95 -46.78 -89.72
C ASN BB 36 32.97 -47.74 -90.31
N VAL BB 37 34.10 -47.22 -90.79
CA VAL BB 37 35.22 -48.03 -91.22
C VAL BB 37 36.43 -47.62 -90.41
N SER BB 38 37.09 -48.60 -89.80
CA SER BB 38 38.28 -48.27 -89.02
C SER BB 38 39.52 -48.83 -89.71
N VAL BB 39 40.67 -48.47 -89.15
CA VAL BB 39 41.95 -48.82 -89.72
C VAL BB 39 42.30 -50.25 -89.37
N SER BB 40 42.37 -51.11 -90.40
CA SER BB 40 42.76 -52.50 -90.21
C SER BB 40 44.25 -52.66 -89.91
N GLU BB 41 44.99 -51.55 -89.80
CA GLU BB 41 46.45 -51.60 -89.72
C GLU BB 41 46.97 -51.16 -88.36
N ASP BB 42 46.19 -50.39 -87.60
CA ASP BB 42 46.51 -50.12 -86.22
C ASP BB 42 46.05 -51.29 -85.36
N THR BB 43 46.91 -51.71 -84.43
CA THR BB 43 46.74 -53.00 -83.78
C THR BB 43 45.92 -52.95 -82.49
N ASP BB 44 45.78 -51.78 -81.88
CA ASP BB 44 45.07 -51.64 -80.61
C ASP BB 44 43.81 -50.80 -80.86
N TYR BB 45 42.64 -51.42 -80.68
CA TYR BB 45 41.38 -50.71 -80.88
C TYR BB 45 41.35 -49.42 -80.08
N ARG BB 46 41.87 -49.45 -78.85
CA ARG BB 46 41.91 -48.29 -77.98
C ARG BB 46 42.43 -47.05 -78.70
N THR BB 47 43.34 -47.24 -79.67
CA THR BB 47 43.90 -46.15 -80.46
C THR BB 47 43.75 -46.37 -81.97
N ARG BB 48 42.77 -47.15 -82.42
CA ARG BB 48 42.55 -47.30 -83.87
C ARG BB 48 41.83 -46.10 -84.44
N ARG BB 49 42.53 -45.40 -85.33
CA ARG BB 49 41.93 -44.36 -86.14
C ARG BB 49 40.69 -44.91 -86.85
N ASN BB 50 39.60 -44.15 -86.83
CA ASN BB 50 38.44 -44.60 -87.58
C ASN BB 50 37.68 -43.43 -88.19
N ALA BB 51 36.96 -43.72 -89.27
CA ALA BB 51 36.21 -42.72 -90.02
C ALA BB 51 34.75 -43.14 -90.10
N THR BB 52 33.87 -42.15 -90.04
CA THR BB 52 32.44 -42.35 -90.07
C THR BB 52 31.84 -41.49 -91.18
N PHE BB 53 31.02 -42.13 -92.02
CA PHE BB 53 30.46 -41.55 -93.23
C PHE BB 53 28.96 -41.45 -93.07
N LYS BB 54 28.44 -40.22 -93.06
CA LYS BB 54 26.99 -40.02 -93.03
C LYS BB 54 26.53 -39.38 -94.34
N SER BB 55 25.29 -39.67 -94.72
CA SER BB 55 24.76 -39.24 -96.00
C SER BB 55 23.28 -38.97 -95.90
N ARG BB 56 22.86 -37.79 -96.35
CA ARG BB 56 21.44 -37.47 -96.55
C ARG BB 56 21.26 -36.89 -97.95
N VAL BB 57 20.32 -37.48 -98.68
CA VAL BB 57 20.00 -37.20 -100.08
C VAL BB 57 19.07 -36.00 -100.14
N PRO BB 58 19.05 -35.23 -101.23
CA PRO BB 58 18.10 -34.11 -101.33
C PRO BB 58 16.66 -34.55 -101.19
N THR BB 59 15.91 -33.82 -100.37
CA THR BB 59 14.50 -34.08 -100.12
C THR BB 59 13.66 -33.07 -100.89
N VAL BB 60 12.55 -33.53 -101.47
CA VAL BB 60 11.70 -32.73 -102.33
C VAL BB 60 10.42 -32.36 -101.60
N VAL BB 61 10.11 -31.06 -101.54
CA VAL BB 61 8.86 -30.54 -100.99
C VAL BB 61 8.08 -29.90 -102.13
N ASN BB 62 7.08 -30.63 -102.63
CA ASN BB 62 6.16 -30.14 -103.67
C ASN BB 62 6.91 -29.49 -104.83
N GLY BB 63 7.95 -30.18 -105.31
CA GLY BB 63 8.71 -29.74 -106.46
C GLY BB 63 10.00 -29.00 -106.14
N ASN BB 64 10.21 -28.56 -104.90
CA ASN BB 64 11.40 -27.80 -104.53
C ASN BB 64 12.39 -28.70 -103.82
N TYR BB 65 13.63 -28.73 -104.29
CA TYR BB 65 14.64 -29.62 -103.72
C TYR BB 65 15.43 -28.92 -102.62
N SER BB 66 15.87 -29.72 -101.64
CA SER BB 66 16.68 -29.23 -100.54
C SER BB 66 18.11 -29.72 -100.72
N LYS BB 67 19.07 -28.84 -100.44
CA LYS BB 67 20.47 -29.21 -100.51
C LYS BB 67 20.77 -30.37 -99.56
N GLY BB 68 21.39 -31.43 -100.11
CA GLY BB 68 21.76 -32.59 -99.33
C GLY BB 68 23.13 -32.45 -98.69
N LYS BB 69 23.45 -33.42 -97.83
CA LYS BB 69 24.56 -33.30 -96.91
C LYS BB 69 25.34 -34.60 -96.83
N ASN BB 70 26.64 -34.55 -97.12
CA ASN BB 70 27.52 -35.73 -97.01
C ASN BB 70 28.63 -35.39 -96.00
N GLU BB 71 28.58 -36.03 -94.84
CA GLU BB 71 29.58 -35.81 -93.79
C GLU BB 71 30.57 -36.95 -93.73
N VAL BB 72 31.81 -36.61 -93.35
CA VAL BB 72 32.83 -37.56 -92.97
C VAL BB 72 33.48 -37.03 -91.71
N VAL BB 73 33.77 -37.92 -90.76
CA VAL BB 73 34.54 -37.57 -89.58
C VAL BB 73 35.63 -38.61 -89.39
N PHE BB 74 36.86 -38.15 -89.19
CA PHE BB 74 38.02 -39.00 -89.03
C PHE BB 74 38.61 -38.71 -87.66
N VAL BB 75 38.93 -39.78 -86.93
CA VAL BB 75 39.24 -39.67 -85.51
C VAL BB 75 40.53 -40.41 -85.20
N ILE BB 76 41.44 -39.71 -84.53
CA ILE BB 76 42.59 -40.28 -83.85
C ILE BB 76 42.27 -40.31 -82.35
N PRO BB 77 42.00 -41.47 -81.75
CA PRO BB 77 41.82 -41.51 -80.30
C PRO BB 77 43.16 -41.54 -79.58
N MET BB 78 43.25 -40.78 -78.50
CA MET BB 78 44.43 -40.82 -77.66
C MET BB 78 44.02 -40.76 -76.20
N SER BB 79 44.70 -41.53 -75.37
CA SER BB 79 44.47 -41.49 -73.93
C SER BB 79 45.37 -40.41 -73.32
N LEU BB 80 44.77 -39.60 -72.45
CA LEU BB 80 45.48 -38.50 -71.80
C LEU BB 80 46.22 -38.98 -70.56
N ASP BB 81 47.09 -38.11 -70.04
CA ASP BB 81 47.67 -38.34 -68.73
C ASP BB 81 46.59 -38.44 -67.66
N SER BB 82 45.41 -37.87 -67.91
CA SER BB 82 44.25 -37.99 -67.05
C SER BB 82 43.67 -39.40 -67.03
N GLY BB 83 44.10 -40.28 -67.94
CA GLY BB 83 43.46 -41.57 -68.11
C GLY BB 83 42.29 -41.49 -69.06
N GLU BB 84 41.56 -40.38 -68.98
CA GLU BB 84 40.50 -40.06 -69.92
C GLU BB 84 41.01 -40.15 -71.35
N THR BB 85 40.24 -40.80 -72.21
CA THR BB 85 40.57 -40.93 -73.63
C THR BB 85 39.74 -39.95 -74.44
N VAL BB 86 40.41 -39.12 -75.24
CA VAL BB 86 39.78 -38.08 -76.03
C VAL BB 86 39.99 -38.37 -77.51
N PHE BB 87 39.03 -37.91 -78.32
CA PHE BB 87 39.03 -38.16 -79.75
C PHE BB 87 39.46 -36.90 -80.49
N ASN BB 88 40.45 -37.03 -81.37
CA ASN BB 88 40.98 -35.92 -82.17
C ASN BB 88 40.37 -35.98 -83.56
N SER BB 89 39.66 -34.93 -83.94
CA SER BB 89 38.68 -34.99 -85.01
C SER BB 89 39.05 -34.08 -86.18
N VAL BB 90 38.80 -34.59 -87.38
CA VAL BB 90 38.67 -33.75 -88.57
C VAL BB 90 37.35 -34.12 -89.25
N ARG BB 91 36.51 -33.13 -89.50
CA ARG BB 91 35.17 -33.35 -90.02
C ARG BB 91 34.97 -32.53 -91.28
N ILE BB 92 34.54 -33.18 -92.36
CA ILE BB 92 34.34 -32.54 -93.64
C ILE BB 92 32.91 -32.84 -94.10
N ALA BB 93 32.12 -31.78 -94.26
CA ALA BB 93 30.71 -31.89 -94.63
C ALA BB 93 30.48 -31.09 -95.90
N LEU BB 94 29.96 -31.74 -96.93
CA LEU BB 94 29.71 -31.11 -98.21
C LEU BB 94 28.21 -31.09 -98.49
N GLU BB 95 27.65 -29.89 -98.60
CA GLU BB 95 26.21 -29.68 -98.77
C GLU BB 95 25.98 -29.10 -100.15
N ILE BB 96 25.27 -29.86 -100.99
CA ILE BB 96 25.10 -29.53 -102.40
C ILE BB 96 23.63 -29.52 -102.76
N HIS BB 97 23.20 -28.49 -103.50
CA HIS BB 97 21.89 -28.51 -104.12
C HIS BB 97 21.96 -29.24 -105.46
N PRO BB 98 20.92 -30.02 -105.80
CA PRO BB 98 20.99 -30.83 -107.04
C PRO BB 98 21.25 -30.02 -108.29
N ALA BB 99 20.91 -28.73 -108.30
CA ALA BB 99 21.03 -27.94 -109.51
C ALA BB 99 22.47 -27.50 -109.81
N LEU BB 100 23.40 -27.72 -108.89
CA LEU BB 100 24.77 -27.25 -109.08
C LEU BB 100 25.45 -28.03 -110.20
N ALA BB 101 26.40 -27.37 -110.85
CA ALA BB 101 27.15 -28.00 -111.93
C ALA BB 101 27.95 -29.19 -111.41
N SER BB 102 27.90 -30.29 -112.17
CA SER BB 102 28.64 -31.49 -111.83
C SER BB 102 30.12 -31.19 -111.59
N ALA BB 103 30.71 -30.31 -112.40
CA ALA BB 103 32.11 -29.97 -112.23
C ALA BB 103 32.34 -29.03 -111.06
N SER BB 104 31.36 -28.16 -110.76
CA SER BB 104 31.49 -27.32 -109.57
C SER BB 104 31.47 -28.14 -108.30
N VAL BB 105 30.79 -29.29 -108.30
CA VAL BB 105 30.83 -30.17 -107.13
C VAL BB 105 32.27 -30.61 -106.84
N LYS BB 106 32.95 -31.16 -107.85
CA LYS BB 106 34.32 -31.59 -107.65
C LYS BB 106 35.26 -30.40 -107.44
N ASP BB 107 34.95 -29.24 -108.00
CA ASP BB 107 35.76 -28.06 -107.68
C ASP BB 107 35.64 -27.71 -106.20
N LEU BB 108 34.45 -27.88 -105.61
CA LEU BB 108 34.31 -27.66 -104.17
C LEU BB 108 35.13 -28.66 -103.37
N ARG BB 109 35.09 -29.93 -103.76
CA ARG BB 109 35.93 -30.92 -103.07
C ARG BB 109 37.40 -30.49 -103.09
N LEU BB 110 37.90 -30.11 -104.27
CA LEU BB 110 39.31 -29.78 -104.43
C LEU BB 110 39.66 -28.48 -103.72
N ILE BB 111 38.77 -27.50 -103.73
CA ILE BB 111 39.09 -26.23 -103.10
C ILE BB 111 39.04 -26.35 -101.59
N GLY BB 112 38.12 -27.18 -101.06
CA GLY BB 112 38.16 -27.51 -99.66
C GLY BB 112 39.46 -28.18 -99.26
N ALA BB 113 39.90 -29.14 -100.08
CA ALA BB 113 41.16 -29.82 -99.75
C ALA BB 113 42.34 -28.86 -99.75
N GLN BB 114 42.36 -27.93 -100.70
CA GLN BB 114 43.44 -26.93 -100.71
C GLN BB 114 43.38 -26.06 -99.46
N LEU BB 115 42.18 -25.75 -98.99
CA LEU BB 115 42.06 -24.95 -97.77
C LEU BB 115 42.65 -25.66 -96.55
N LEU BB 116 42.67 -27.00 -96.56
CA LEU BB 116 43.40 -27.73 -95.51
C LEU BB 116 44.90 -27.77 -95.76
N THR BB 117 45.32 -28.04 -96.99
CA THR BB 117 46.70 -28.47 -97.21
C THR BB 117 47.59 -27.43 -97.89
N ASP BB 118 47.16 -26.18 -98.00
CA ASP BB 118 48.07 -25.16 -98.49
C ASP BB 118 48.82 -24.53 -97.33
N ALA BB 119 50.05 -24.08 -97.63
CA ALA BB 119 50.90 -23.50 -96.59
C ALA BB 119 50.30 -22.20 -96.05
N ASP BB 120 49.62 -21.44 -96.90
CA ASP BB 120 49.05 -20.16 -96.50
C ASP BB 120 48.20 -20.28 -95.25
N TYR BB 121 47.64 -21.47 -94.99
CA TYR BB 121 46.70 -21.66 -93.90
C TYR BB 121 47.32 -22.37 -92.71
N ASP BB 122 48.59 -22.79 -92.82
CA ASP BB 122 49.25 -23.53 -91.74
C ASP BB 122 49.06 -22.83 -90.40
N SER BB 123 49.27 -21.51 -90.37
CA SER BB 123 49.15 -20.77 -89.13
C SER BB 123 47.73 -20.88 -88.57
N PHE BB 124 46.73 -20.69 -89.44
CA PHE BB 124 45.34 -20.83 -89.03
C PHE BB 124 45.06 -22.20 -88.42
N TRP BB 125 45.32 -23.27 -89.17
CA TRP BB 125 44.95 -24.59 -88.70
C TRP BB 125 45.69 -24.96 -87.41
N THR BB 126 47.02 -24.83 -87.42
CA THR BB 126 47.79 -25.29 -86.26
C THR BB 126 47.48 -24.44 -85.02
N LEU BB 127 47.65 -23.12 -85.13
CA LEU BB 127 47.56 -22.27 -83.94
C LEU BB 127 46.15 -21.74 -83.71
N GLY BB 128 45.43 -21.39 -84.78
CA GLY BB 128 44.14 -20.72 -84.66
C GLY BB 128 44.17 -19.26 -85.08
N ALA BB 129 45.19 -18.85 -85.82
CA ALA BB 129 45.38 -17.48 -86.26
C ALA BB 129 44.26 -17.04 -87.19
N LEU BB 130 43.86 -15.78 -87.06
CA LEU BB 130 42.71 -15.24 -87.78
C LEU BB 130 43.07 -14.16 -88.79
N ALA BB 131 44.35 -14.00 -89.13
CA ALA BB 131 44.73 -13.00 -90.14
C ALA BB 131 44.94 -13.65 -91.51
N SER CB 1 39.45 -100.01 17.43
CA SER CB 1 40.76 -99.91 18.05
C SER CB 1 41.34 -98.49 17.90
N ILE CB 2 40.47 -97.48 17.91
CA ILE CB 2 40.91 -96.10 17.76
C ILE CB 2 41.52 -95.59 19.06
N ILE CB 3 40.79 -95.73 20.17
CA ILE CB 3 41.27 -95.24 21.46
C ILE CB 3 42.48 -96.07 21.87
N GLY CB 4 43.63 -95.42 22.00
CA GLY CB 4 44.85 -96.10 22.37
C GLY CB 4 45.72 -96.53 21.22
N SER CB 5 45.33 -96.26 19.98
CA SER CB 5 46.18 -96.61 18.86
C SER CB 5 47.50 -95.84 18.91
N SER CB 6 48.53 -96.43 18.29
CA SER CB 6 49.87 -95.86 18.31
C SER CB 6 50.39 -95.77 16.88
N ILE CB 7 50.91 -94.60 16.51
CA ILE CB 7 51.50 -94.35 15.20
C ILE CB 7 52.77 -93.53 15.37
N LYS CB 8 53.50 -93.38 14.27
CA LYS CB 8 54.85 -92.82 14.28
C LYS CB 8 54.84 -91.37 13.79
N THR CB 9 55.43 -90.47 14.57
CA THR CB 9 55.68 -89.10 14.13
C THR CB 9 57.16 -88.92 13.81
N GLY CB 10 57.44 -87.98 12.91
CA GLY CB 10 58.80 -87.81 12.45
C GLY CB 10 59.38 -89.06 11.84
N ALA CB 11 58.60 -89.76 11.04
CA ALA CB 11 59.11 -90.95 10.36
C ALA CB 11 60.07 -90.54 9.26
N THR CB 12 61.14 -91.33 9.09
CA THR CB 12 62.08 -91.07 8.00
C THR CB 12 61.39 -91.17 6.65
N SER CB 13 60.65 -92.25 6.41
CA SER CB 13 59.88 -92.37 5.18
C SER CB 13 58.81 -93.45 5.34
N ALA CB 14 57.96 -93.59 4.34
CA ALA CB 14 56.98 -94.66 4.28
C ALA CB 14 57.14 -95.39 2.95
N SER CB 15 56.76 -96.66 2.95
CA SER CB 15 57.01 -97.52 1.79
C SER CB 15 55.87 -98.53 1.71
N ILE CB 16 55.88 -99.33 0.64
CA ILE CB 16 54.77 -100.23 0.37
C ILE CB 16 55.29 -101.52 -0.25
N THR CB 17 54.91 -102.65 0.35
CA THR CB 17 55.20 -103.98 -0.19
C THR CB 17 53.94 -104.43 -0.94
N GLY CB 18 54.01 -104.41 -2.27
CA GLY CB 18 52.79 -104.60 -3.03
C GLY CB 18 53.03 -105.01 -4.46
N GLY CB 19 51.90 -105.18 -5.18
CA GLY CB 19 51.89 -105.83 -6.47
C GLY CB 19 52.15 -104.96 -7.68
N SER CB 20 51.20 -104.97 -8.63
CA SER CB 20 51.47 -104.44 -9.96
C SER CB 20 51.46 -102.91 -9.97
N ASP CB 21 52.19 -102.34 -10.93
CA ASP CB 21 52.23 -100.91 -11.14
C ASP CB 21 50.97 -100.41 -11.81
N ILE CB 22 50.68 -99.14 -11.60
CA ILE CB 22 49.68 -98.41 -12.35
C ILE CB 22 50.28 -97.07 -12.71
N THR CB 23 50.06 -96.64 -13.96
CA THR CB 23 50.68 -95.46 -14.52
C THR CB 23 49.61 -94.45 -14.89
N PHE CB 24 49.89 -93.17 -14.59
CA PHE CB 24 48.99 -92.06 -14.83
C PHE CB 24 49.33 -91.33 -16.12
N ALA CB 25 48.33 -90.64 -16.66
CA ALA CB 25 48.51 -89.78 -17.83
C ALA CB 25 47.42 -88.75 -17.81
N LEU CB 26 47.68 -87.60 -18.42
CA LEU CB 26 46.78 -86.46 -18.29
C LEU CB 26 45.49 -86.71 -19.07
N THR CB 27 44.36 -86.32 -18.49
CA THR CB 27 43.02 -86.58 -19.01
C THR CB 27 42.45 -85.43 -19.82
N GLY CB 28 42.60 -84.19 -19.35
CA GLY CB 28 41.96 -83.09 -20.01
C GLY CB 28 40.52 -82.85 -19.60
N GLN CB 29 39.98 -83.63 -18.66
CA GLN CB 29 38.75 -83.22 -18.01
C GLN CB 29 38.97 -81.92 -17.27
N THR CB 30 38.18 -80.92 -17.62
CA THR CB 30 38.38 -79.58 -17.08
C THR CB 30 38.18 -79.57 -15.57
N VAL CB 31 39.20 -79.12 -14.84
CA VAL CB 31 39.19 -79.06 -13.38
C VAL CB 31 39.78 -77.73 -12.96
N THR CB 32 39.01 -76.93 -12.22
CA THR CB 32 39.42 -75.58 -11.86
C THR CB 32 40.52 -75.60 -10.81
N ASN CB 33 41.63 -74.91 -11.10
CA ASN CB 33 42.83 -74.92 -10.26
C ASN CB 33 43.35 -76.34 -10.05
N GLY CB 34 43.08 -77.22 -11.01
CA GLY CB 34 43.38 -78.62 -10.82
C GLY CB 34 43.79 -79.39 -12.06
N LEU CB 35 43.71 -80.72 -11.97
CA LEU CB 35 44.33 -81.59 -12.95
C LEU CB 35 43.72 -82.98 -12.82
N ASN CB 36 43.26 -83.54 -13.93
CA ASN CB 36 42.75 -84.91 -13.98
C ASN CB 36 43.77 -85.81 -14.67
N VAL CB 37 44.26 -86.82 -13.96
CA VAL CB 37 45.07 -87.87 -14.58
C VAL CB 37 44.36 -89.20 -14.37
N SER CB 38 44.17 -89.94 -15.45
CA SER CB 38 43.61 -91.27 -15.33
C SER CB 38 44.69 -92.29 -15.66
N VAL CB 39 44.37 -93.54 -15.42
CA VAL CB 39 45.33 -94.60 -15.69
C VAL CB 39 45.27 -94.93 -17.18
N SER CB 40 46.42 -95.12 -17.79
CA SER CB 40 46.42 -95.63 -19.15
C SER CB 40 46.40 -97.14 -19.17
N GLU CB 41 46.29 -97.76 -18.00
CA GLU CB 41 46.40 -99.21 -17.90
C GLU CB 41 45.06 -99.91 -17.80
N ASP CB 42 44.02 -99.21 -17.35
CA ASP CB 42 42.67 -99.70 -17.49
C ASP CB 42 42.14 -99.31 -18.87
N THR CB 43 41.36 -100.20 -19.47
CA THR CB 43 40.98 -100.05 -20.87
C THR CB 43 39.57 -99.52 -21.08
N ASP CB 44 38.61 -99.87 -20.22
CA ASP CB 44 37.22 -99.46 -20.37
C ASP CB 44 37.03 -98.07 -19.78
N TYR CB 45 36.50 -97.14 -20.59
CA TYR CB 45 36.35 -95.77 -20.13
C TYR CB 45 35.36 -95.67 -18.99
N ARG CB 46 34.28 -96.47 -19.04
CA ARG CB 46 33.32 -96.54 -17.93
C ARG CB 46 34.02 -96.76 -16.60
N THR CB 47 34.81 -97.82 -16.49
CA THR CB 47 35.37 -98.26 -15.22
C THR CB 47 36.83 -97.87 -15.06
N ARG CB 48 37.31 -96.87 -15.80
CA ARG CB 48 38.73 -96.53 -15.75
C ARG CB 48 39.01 -95.61 -14.58
N ARG CB 49 39.89 -96.06 -13.70
CA ARG CB 49 40.21 -95.35 -12.47
C ARG CB 49 40.88 -94.02 -12.76
N ASN CB 50 40.45 -92.97 -12.06
CA ASN CB 50 41.08 -91.68 -12.30
C ASN CB 50 41.21 -90.86 -11.03
N ALA CB 51 42.22 -89.98 -11.02
CA ALA CB 51 42.48 -89.12 -9.88
C ALA CB 51 42.46 -87.67 -10.33
N THR CB 52 42.20 -86.80 -9.36
CA THR CB 52 42.07 -85.37 -9.60
C THR CB 52 42.75 -84.61 -8.48
N PHE CB 53 43.65 -83.73 -8.87
CA PHE CB 53 44.51 -82.95 -7.98
C PHE CB 53 44.06 -81.50 -8.05
N LYS CB 54 43.57 -80.96 -6.94
CA LYS CB 54 43.29 -79.53 -6.85
C LYS CB 54 44.28 -78.88 -5.90
N SER CB 55 44.62 -77.63 -6.18
CA SER CB 55 45.68 -76.93 -5.47
C SER CB 55 45.30 -75.46 -5.30
N ARG CB 56 45.34 -74.99 -4.06
CA ARG CB 56 45.12 -73.58 -3.73
C ARG CB 56 46.21 -73.12 -2.79
N VAL CB 57 46.93 -72.09 -3.20
CA VAL CB 57 48.12 -71.59 -2.50
C VAL CB 57 47.72 -70.66 -1.36
N PRO CB 58 48.55 -70.52 -0.32
CA PRO CB 58 48.32 -69.48 0.68
C PRO CB 58 48.31 -68.10 0.02
N THR CB 59 47.24 -67.35 0.28
CA THR CB 59 47.07 -66.02 -0.27
C THR CB 59 47.09 -65.01 0.86
N VAL CB 60 47.86 -63.94 0.68
CA VAL CB 60 47.96 -62.89 1.68
C VAL CB 60 46.76 -61.97 1.55
N VAL CB 61 46.15 -61.64 2.69
CA VAL CB 61 45.05 -60.68 2.73
C VAL CB 61 45.22 -59.83 3.98
N ASN CB 62 45.28 -58.51 3.80
CA ASN CB 62 45.40 -57.58 4.91
C ASN CB 62 46.67 -57.83 5.73
N GLY CB 63 47.76 -58.13 5.04
CA GLY CB 63 49.07 -58.20 5.67
C GLY CB 63 49.46 -59.55 6.23
N ASN CB 64 48.60 -60.57 6.15
CA ASN CB 64 49.00 -61.88 6.64
C ASN CB 64 48.33 -62.98 5.83
N TYR CB 65 48.88 -64.18 5.98
CA TYR CB 65 48.59 -65.29 5.08
C TYR CB 65 47.35 -66.07 5.51
N SER CB 66 46.75 -66.75 4.55
CA SER CB 66 45.68 -67.71 4.77
C SER CB 66 46.21 -69.10 4.45
N LYS CB 67 45.81 -70.08 5.27
CA LYS CB 67 46.29 -71.44 5.06
C LYS CB 67 45.88 -71.95 3.69
N GLY CB 68 46.80 -72.68 3.04
CA GLY CB 68 46.53 -73.24 1.73
C GLY CB 68 46.03 -74.67 1.79
N LYS CB 69 45.49 -75.13 0.67
CA LYS CB 69 44.75 -76.39 0.63
C LYS CB 69 45.08 -77.17 -0.63
N ASN CB 70 45.50 -78.42 -0.46
CA ASN CB 70 45.84 -79.29 -1.59
C ASN CB 70 45.02 -80.56 -1.49
N GLU CB 71 44.06 -80.74 -2.39
CA GLU CB 71 43.19 -81.91 -2.42
C GLU CB 71 43.63 -82.89 -3.48
N VAL CB 72 43.37 -84.17 -3.21
CA VAL CB 72 43.42 -85.22 -4.21
C VAL CB 72 42.17 -86.06 -4.02
N VAL CB 73 41.63 -86.56 -5.13
CA VAL CB 73 40.54 -87.53 -5.07
C VAL CB 73 40.81 -88.62 -6.10
N PHE CB 74 40.86 -89.85 -5.63
CA PHE CB 74 41.06 -91.02 -6.47
C PHE CB 74 39.74 -91.78 -6.53
N VAL CB 75 39.34 -92.17 -7.73
CA VAL CB 75 38.00 -92.69 -7.97
C VAL CB 75 38.09 -94.00 -8.73
N ILE CB 76 37.39 -94.99 -8.22
CA ILE CB 76 37.09 -96.26 -8.89
C ILE CB 76 35.64 -96.23 -9.33
N PRO CB 77 35.34 -96.05 -10.62
CA PRO CB 77 33.95 -96.16 -11.05
C PRO CB 77 33.51 -97.61 -11.08
N MET CB 78 32.24 -97.84 -10.78
CA MET CB 78 31.64 -99.16 -10.98
C MET CB 78 30.19 -98.98 -11.41
N SER CB 79 29.77 -99.80 -12.37
CA SER CB 79 28.38 -99.82 -12.77
C SER CB 79 27.59 -100.68 -11.80
N LEU CB 80 26.46 -100.17 -11.33
CA LEU CB 80 25.61 -100.93 -10.43
C LEU CB 80 24.64 -101.79 -11.23
N ASP CB 81 24.02 -102.73 -10.53
CA ASP CB 81 23.03 -103.59 -11.18
C ASP CB 81 21.85 -102.78 -11.70
N SER CB 82 21.55 -101.64 -11.08
CA SER CB 82 20.46 -100.77 -11.47
C SER CB 82 20.75 -99.97 -12.73
N GLY CB 83 21.99 -99.97 -13.20
CA GLY CB 83 22.33 -99.25 -14.41
C GLY CB 83 23.18 -98.03 -14.17
N GLU CB 84 22.82 -97.23 -13.16
CA GLU CB 84 23.61 -96.04 -12.84
C GLU CB 84 25.03 -96.44 -12.49
N THR CB 85 25.99 -95.74 -13.07
CA THR CB 85 27.38 -95.88 -12.70
C THR CB 85 27.67 -94.98 -11.50
N VAL CB 86 28.28 -95.54 -10.46
CA VAL CB 86 28.58 -94.79 -9.25
C VAL CB 86 30.08 -94.79 -9.01
N PHE CB 87 30.57 -93.71 -8.41
CA PHE CB 87 31.99 -93.53 -8.17
C PHE CB 87 32.33 -93.93 -6.73
N ASN CB 88 33.48 -94.57 -6.55
CA ASN CB 88 34.02 -94.89 -5.23
C ASN CB 88 35.22 -93.99 -4.98
N SER CB 89 35.19 -93.25 -3.88
CA SER CB 89 36.06 -92.11 -3.69
C SER CB 89 36.98 -92.33 -2.50
N VAL CB 90 38.25 -91.98 -2.66
CA VAL CB 90 39.10 -91.66 -1.53
C VAL CB 90 39.62 -90.25 -1.77
N ARG CB 91 39.40 -89.38 -0.80
CA ARG CB 91 39.72 -87.97 -0.93
C ARG CB 91 40.65 -87.58 0.20
N ILE CB 92 41.79 -87.00 -0.15
CA ILE CB 92 42.79 -86.59 0.83
C ILE CB 92 43.09 -85.12 0.59
N ALA CB 93 42.65 -84.28 1.51
CA ALA CB 93 42.94 -82.86 1.51
C ALA CB 93 43.97 -82.56 2.58
N LEU CB 94 44.83 -81.58 2.31
CA LEU CB 94 45.89 -81.22 3.24
C LEU CB 94 46.05 -79.71 3.25
N GLU CB 95 45.72 -79.09 4.39
CA GLU CB 95 45.70 -77.65 4.56
C GLU CB 95 46.84 -77.26 5.50
N ILE CB 96 47.75 -76.45 4.99
CA ILE CB 96 48.96 -76.07 5.73
C ILE CB 96 48.98 -74.55 5.85
N HIS CB 97 49.29 -74.07 7.05
CA HIS CB 97 49.60 -72.66 7.19
C HIS CB 97 51.08 -72.43 6.88
N PRO CB 98 51.42 -71.33 6.19
CA PRO CB 98 52.82 -71.12 5.78
C PRO CB 98 53.80 -71.17 6.93
N ALA CB 99 53.36 -70.95 8.16
CA ALA CB 99 54.25 -70.94 9.30
C ALA CB 99 54.65 -72.32 9.79
N LEU CB 100 54.02 -73.38 9.29
CA LEU CB 100 54.37 -74.72 9.74
C LEU CB 100 55.77 -75.09 9.24
N ALA CB 101 56.47 -75.88 10.06
CA ALA CB 101 57.80 -76.34 9.69
C ALA CB 101 57.76 -77.23 8.45
N SER CB 102 58.76 -77.05 7.58
CA SER CB 102 58.91 -77.91 6.41
C SER CB 102 58.87 -79.38 6.81
N ALA CB 103 59.52 -79.72 7.92
CA ALA CB 103 59.54 -81.10 8.38
C ALA CB 103 58.18 -81.55 8.90
N SER CB 104 57.44 -80.66 9.59
CA SER CB 104 56.12 -81.03 10.07
C SER CB 104 55.11 -81.18 8.94
N VAL CB 105 55.37 -80.58 7.77
CA VAL CB 105 54.52 -80.83 6.61
C VAL CB 105 54.60 -82.31 6.21
N LYS CB 106 55.82 -82.81 6.01
CA LYS CB 106 55.96 -84.24 5.71
C LYS CB 106 55.50 -85.11 6.89
N ASP CB 107 55.68 -84.65 8.14
CA ASP CB 107 55.14 -85.43 9.24
C ASP CB 107 53.62 -85.58 9.12
N LEU CB 108 52.92 -84.51 8.70
CA LEU CB 108 51.47 -84.61 8.47
C LEU CB 108 51.15 -85.58 7.35
N ARG CB 109 51.88 -85.51 6.25
CA ARG CB 109 51.62 -86.42 5.13
C ARG CB 109 51.74 -87.87 5.60
N LEU CB 110 52.81 -88.19 6.35
CA LEU CB 110 53.04 -89.57 6.76
C LEU CB 110 52.10 -90.01 7.88
N ILE CB 111 51.78 -89.10 8.80
CA ILE CB 111 50.87 -89.48 9.88
C ILE CB 111 49.45 -89.63 9.35
N GLY CB 112 49.11 -88.92 8.27
CA GLY CB 112 47.82 -89.12 7.66
C GLY CB 112 47.77 -90.44 6.91
N ALA CB 113 48.75 -90.67 6.04
CA ALA CB 113 48.79 -91.93 5.31
C ALA CB 113 48.86 -93.12 6.26
N GLN CB 114 49.44 -92.93 7.44
CA GLN CB 114 49.52 -94.00 8.42
C GLN CB 114 48.18 -94.25 9.10
N LEU CB 115 47.26 -93.28 9.07
CA LEU CB 115 45.91 -93.50 9.58
C LEU CB 115 45.04 -94.30 8.61
N LEU CB 116 45.35 -94.30 7.31
CA LEU CB 116 44.67 -95.20 6.38
C LEU CB 116 45.11 -96.65 6.55
N THR CB 117 46.43 -96.88 6.63
CA THR CB 117 46.94 -98.23 6.44
C THR CB 117 47.14 -99.01 7.72
N ASP CB 118 47.37 -98.34 8.85
CA ASP CB 118 47.76 -99.06 10.06
C ASP CB 118 46.59 -99.91 10.56
N ALA CB 119 46.90 -101.17 10.87
CA ALA CB 119 45.88 -102.18 11.16
C ALA CB 119 44.99 -101.79 12.33
N ASP CB 120 45.49 -100.95 13.24
CA ASP CB 120 44.65 -100.46 14.34
C ASP CB 120 43.35 -99.85 13.82
N TYR CB 121 43.43 -99.04 12.77
CA TYR CB 121 42.23 -98.42 12.21
C TYR CB 121 41.56 -99.32 11.20
N ASP CB 122 42.12 -100.51 10.97
CA ASP CB 122 41.65 -101.40 9.91
C ASP CB 122 40.18 -101.74 10.11
N SER CB 123 39.73 -101.85 11.36
CA SER CB 123 38.32 -102.10 11.61
C SER CB 123 37.47 -100.85 11.37
N PHE CB 124 38.06 -99.66 11.54
CA PHE CB 124 37.30 -98.43 11.34
C PHE CB 124 36.93 -98.21 9.89
N TRP CB 125 37.92 -98.25 9.00
CA TRP CB 125 37.69 -97.93 7.60
C TRP CB 125 36.76 -98.96 6.95
N THR CB 126 37.04 -100.25 7.17
CA THR CB 126 36.27 -101.29 6.51
C THR CB 126 34.84 -101.34 7.04
N LEU CB 127 34.68 -101.44 8.35
CA LEU CB 127 33.39 -101.69 8.95
C LEU CB 127 32.66 -100.41 9.34
N GLY CB 128 33.30 -99.25 9.21
CA GLY CB 128 32.71 -98.04 9.75
C GLY CB 128 32.55 -98.12 11.26
N ALA CB 129 33.49 -98.75 11.95
CA ALA CB 129 33.35 -99.10 13.35
C ALA CB 129 33.99 -98.04 14.24
N LEU CB 130 33.18 -97.41 15.10
CA LEU CB 130 33.67 -96.44 16.08
C LEU CB 130 33.95 -97.17 17.39
N ALA CB 131 35.22 -97.29 17.73
CA ALA CB 131 35.63 -97.91 18.98
C ALA CB 131 37.13 -97.66 19.17
N SER DB 1 55.55 -83.99 -12.31
CA SER DB 1 55.82 -85.23 -11.61
C SER DB 1 54.51 -85.93 -11.24
N ILE DB 2 53.40 -85.19 -11.27
CA ILE DB 2 52.09 -85.80 -11.12
C ILE DB 2 51.72 -86.56 -12.38
N ILE DB 3 51.93 -85.94 -13.54
CA ILE DB 3 51.64 -86.60 -14.81
C ILE DB 3 52.65 -87.72 -15.02
N GLY DB 4 52.16 -88.90 -15.38
CA GLY DB 4 53.06 -90.00 -15.63
C GLY DB 4 53.74 -90.55 -14.39
N SER DB 5 53.10 -90.43 -13.23
CA SER DB 5 53.60 -91.06 -12.02
C SER DB 5 53.08 -92.49 -11.93
N SER DB 6 53.79 -93.32 -11.16
CA SER DB 6 53.50 -94.74 -11.04
C SER DB 6 53.31 -95.10 -9.57
N ILE DB 7 52.26 -95.88 -9.29
CA ILE DB 7 51.93 -96.29 -7.92
C ILE DB 7 51.39 -97.72 -7.93
N LYS DB 8 51.56 -98.42 -6.81
CA LYS DB 8 51.21 -99.84 -6.76
C LYS DB 8 49.71 -100.02 -6.47
N THR DB 9 49.04 -100.82 -7.30
CA THR DB 9 47.69 -101.26 -6.98
C THR DB 9 47.72 -102.69 -6.46
N GLY DB 10 46.65 -103.04 -5.74
CA GLY DB 10 46.56 -104.34 -5.13
C GLY DB 10 47.81 -104.68 -4.34
N ALA DB 11 48.27 -103.71 -3.55
CA ALA DB 11 49.45 -103.96 -2.73
C ALA DB 11 49.09 -104.85 -1.55
N THR DB 12 50.04 -105.71 -1.17
CA THR DB 12 49.81 -106.60 -0.04
C THR DB 12 49.69 -105.84 1.27
N SER DB 13 50.62 -104.90 1.52
CA SER DB 13 50.50 -104.01 2.67
C SER DB 13 51.48 -102.86 2.51
N ALA DB 14 51.32 -101.85 3.35
CA ALA DB 14 52.21 -100.70 3.39
C ALA DB 14 52.69 -100.52 4.81
N SER DB 15 53.83 -99.83 4.96
CA SER DB 15 54.45 -99.68 6.26
C SER DB 15 55.26 -98.38 6.28
N ILE DB 16 55.94 -98.14 7.39
CA ILE DB 16 56.57 -96.86 7.61
C ILE DB 16 57.88 -97.05 8.37
N THR DB 17 58.99 -96.67 7.74
CA THR DB 17 60.30 -96.66 8.39
C THR DB 17 60.39 -95.35 9.17
N GLY DB 18 60.17 -95.44 10.49
CA GLY DB 18 59.71 -94.30 11.25
C GLY DB 18 60.50 -94.05 12.53
N GLY DB 19 60.12 -92.97 13.21
CA GLY DB 19 60.74 -92.55 14.44
C GLY DB 19 59.95 -92.92 15.69
N SER DB 20 59.61 -91.92 16.51
CA SER DB 20 59.05 -92.15 17.83
C SER DB 20 57.54 -92.42 17.77
N ASP DB 21 57.04 -93.09 18.81
CA ASP DB 21 55.62 -93.40 18.93
C ASP DB 21 54.81 -92.18 19.33
N ILE DB 22 53.51 -92.27 19.07
CA ILE DB 22 52.54 -91.29 19.55
C ILE DB 22 51.24 -92.03 19.82
N THR DB 23 50.58 -91.69 20.93
CA THR DB 23 49.47 -92.49 21.44
C THR DB 23 48.22 -91.63 21.64
N PHE DB 24 47.08 -92.16 21.20
CA PHE DB 24 45.81 -91.45 21.25
C PHE DB 24 45.01 -91.83 22.50
N ALA DB 25 44.31 -90.85 23.06
CA ALA DB 25 43.40 -91.08 24.16
C ALA DB 25 42.13 -90.28 23.93
N LEU DB 26 41.06 -90.67 24.62
CA LEU DB 26 39.74 -90.11 24.36
C LEU DB 26 39.65 -88.66 24.87
N THR DB 27 39.18 -87.75 24.00
CA THR DB 27 39.17 -86.31 24.28
C THR DB 27 37.89 -85.83 24.92
N GLY DB 28 36.78 -86.50 24.68
CA GLY DB 28 35.52 -85.97 25.14
C GLY DB 28 35.16 -84.63 24.56
N GLN DB 29 35.54 -84.37 23.31
CA GLN DB 29 34.98 -83.26 22.54
C GLN DB 29 33.78 -83.81 21.77
N THR DB 30 32.60 -83.29 22.08
CA THR DB 30 31.38 -83.82 21.48
C THR DB 30 31.46 -83.72 19.97
N VAL DB 31 31.41 -84.87 19.29
CA VAL DB 31 31.53 -84.97 17.85
C VAL DB 31 30.43 -85.89 17.34
N THR DB 32 29.56 -85.37 16.49
CA THR DB 32 28.45 -86.16 15.97
C THR DB 32 28.97 -87.28 15.09
N ASN DB 33 28.47 -88.49 15.33
CA ASN DB 33 28.79 -89.66 14.53
C ASN DB 33 30.27 -90.01 14.59
N GLY DB 34 30.92 -89.71 15.70
CA GLY DB 34 32.35 -89.95 15.73
C GLY DB 34 32.98 -89.65 17.06
N LEU DB 35 34.31 -89.69 17.06
CA LEU DB 35 35.14 -89.57 18.25
C LEU DB 35 36.17 -88.46 18.04
N ASN DB 36 36.69 -87.95 19.15
CA ASN DB 36 37.89 -87.13 19.17
C ASN DB 36 38.89 -87.80 20.10
N VAL DB 37 40.09 -88.07 19.60
CA VAL DB 37 41.19 -88.58 20.40
C VAL DB 37 42.39 -87.67 20.18
N SER DB 38 42.99 -87.19 21.26
CA SER DB 38 44.19 -86.38 21.11
C SER DB 38 45.39 -87.16 21.65
N VAL DB 39 46.57 -86.67 21.29
CA VAL DB 39 47.79 -87.34 21.71
C VAL DB 39 48.12 -86.89 23.12
N SER DB 40 48.09 -87.82 24.05
CA SER DB 40 48.41 -87.51 25.43
C SER DB 40 49.91 -87.35 25.64
N GLU DB 41 50.68 -87.38 24.57
CA GLU DB 41 52.12 -87.29 24.64
C GLU DB 41 52.66 -85.89 24.38
N ASP DB 42 51.83 -84.99 23.87
CA ASP DB 42 52.15 -83.56 23.85
C ASP DB 42 51.67 -82.94 25.15
N THR DB 43 52.48 -82.03 25.70
CA THR DB 43 52.27 -81.58 27.07
C THR DB 43 51.38 -80.35 27.19
N ASP DB 44 51.22 -79.55 26.14
CA ASP DB 44 50.51 -78.27 26.20
C ASP DB 44 49.23 -78.37 25.39
N TYR DB 45 48.08 -78.33 26.06
CA TYR DB 45 46.79 -78.51 25.39
C TYR DB 45 46.67 -77.57 24.20
N ARG DB 46 47.03 -76.30 24.39
CA ARG DB 46 46.93 -75.28 23.36
C ARG DB 46 47.51 -75.73 22.03
N THR DB 47 48.42 -76.72 22.02
CA THR DB 47 49.01 -77.26 20.80
C THR DB 47 49.10 -78.79 20.83
N ARG DB 48 48.07 -79.49 21.33
CA ARG DB 48 48.05 -80.95 21.25
C ARG DB 48 47.43 -81.42 19.95
N ARG DB 49 48.23 -82.13 19.16
CA ARG DB 49 47.77 -82.79 17.95
C ARG DB 49 46.59 -83.70 18.30
N ASN DB 50 45.48 -83.51 17.59
CA ASN DB 50 44.32 -84.37 17.84
C ASN DB 50 43.79 -84.91 16.52
N ALA DB 51 42.82 -85.81 16.62
CA ALA DB 51 42.26 -86.44 15.44
C ALA DB 51 40.79 -86.74 15.72
N THR DB 52 39.99 -86.61 14.69
CA THR DB 52 38.54 -86.78 14.78
C THR DB 52 38.11 -87.80 13.74
N PHE DB 53 37.34 -88.78 14.18
CA PHE DB 53 36.87 -89.88 13.36
C PHE DB 53 35.37 -89.75 13.19
N LYS DB 54 34.88 -89.76 11.95
CA LYS DB 54 33.46 -89.72 11.65
C LYS DB 54 33.08 -90.90 10.76
N SER DB 55 31.83 -91.35 10.90
CA SER DB 55 31.31 -92.47 10.12
C SER DB 55 29.84 -92.24 9.82
N ARG DB 56 29.55 -91.79 8.60
CA ARG DB 56 28.18 -91.73 8.11
C ARG DB 56 27.87 -93.00 7.33
N VAL DB 57 26.72 -93.59 7.63
CA VAL DB 57 26.36 -94.90 7.11
C VAL DB 57 25.63 -94.76 5.78
N PRO DB 58 25.58 -95.81 4.97
CA PRO DB 58 24.80 -95.76 3.74
C PRO DB 58 23.33 -95.62 4.03
N THR DB 59 22.63 -94.93 3.14
CA THR DB 59 21.21 -94.64 3.28
C THR DB 59 20.41 -95.63 2.44
N VAL DB 60 19.36 -96.19 3.02
CA VAL DB 60 18.49 -97.14 2.35
C VAL DB 60 17.31 -96.37 1.76
N VAL DB 61 17.28 -96.22 0.44
CA VAL DB 61 16.23 -95.49 -0.26
C VAL DB 61 15.61 -96.47 -1.25
N ASN DB 62 14.54 -97.14 -0.81
CA ASN DB 62 13.70 -97.96 -1.69
C ASN DB 62 14.55 -99.00 -2.44
N GLY DB 63 15.28 -99.81 -1.67
CA GLY DB 63 16.13 -100.84 -2.25
C GLY DB 63 17.44 -100.37 -2.83
N ASN DB 64 17.69 -99.06 -2.91
CA ASN DB 64 18.95 -98.52 -3.42
C ASN DB 64 19.77 -97.94 -2.27
N TYR DB 65 21.08 -98.19 -2.29
CA TYR DB 65 21.94 -97.74 -1.21
C TYR DB 65 22.91 -96.69 -1.71
N SER DB 66 23.04 -95.58 -0.97
CA SER DB 66 24.05 -94.57 -1.21
C SER DB 66 25.38 -95.02 -0.64
N LYS DB 67 26.45 -94.45 -1.17
CA LYS DB 67 27.76 -94.73 -0.59
C LYS DB 67 27.84 -94.15 0.81
N GLY DB 68 28.56 -94.84 1.69
CA GLY DB 68 28.86 -94.33 3.01
C GLY DB 68 30.18 -93.60 3.03
N LYS DB 69 30.45 -92.95 4.17
CA LYS DB 69 31.57 -92.01 4.24
C LYS DB 69 32.25 -92.14 5.59
N ASN DB 70 33.56 -92.43 5.58
CA ASN DB 70 34.34 -92.51 6.81
C ASN DB 70 35.46 -91.49 6.75
N GLU DB 71 35.40 -90.48 7.63
CA GLU DB 71 36.39 -89.41 7.64
C GLU DB 71 37.33 -89.55 8.83
N VAL DB 72 38.55 -89.05 8.63
CA VAL DB 72 39.48 -88.75 9.71
C VAL DB 72 40.05 -87.37 9.45
N VAL DB 73 40.20 -86.60 10.53
CA VAL DB 73 40.78 -85.26 10.47
C VAL DB 73 41.87 -85.20 11.53
N PHE DB 74 43.12 -85.13 11.11
CA PHE DB 74 44.25 -84.98 12.02
C PHE DB 74 44.69 -83.53 11.99
N VAL DB 75 44.96 -82.98 13.16
CA VAL DB 75 45.16 -81.54 13.32
C VAL DB 75 46.38 -81.28 14.19
N ILE DB 76 47.30 -80.48 13.67
CA ILE DB 76 48.40 -79.87 14.41
C ILE DB 76 48.03 -78.41 14.66
N PRO DB 77 47.61 -78.03 15.87
CA PRO DB 77 47.44 -76.62 16.17
C PRO DB 77 48.79 -75.96 16.46
N MET DB 78 48.96 -74.75 15.94
CA MET DB 78 50.19 -74.00 16.14
C MET DB 78 49.86 -72.57 16.50
N SER DB 79 50.66 -72.01 17.42
CA SER DB 79 50.50 -70.65 17.89
C SER DB 79 51.33 -69.73 17.00
N LEU DB 80 50.66 -68.78 16.34
CA LEU DB 80 51.36 -67.86 15.46
C LEU DB 80 52.11 -66.82 16.27
N ASP DB 81 53.01 -66.12 15.57
CA ASP DB 81 53.66 -64.97 16.16
C ASP DB 81 52.63 -63.91 16.57
N SER DB 82 51.53 -63.80 15.82
CA SER DB 82 50.45 -62.87 16.09
C SER DB 82 49.70 -63.18 17.38
N GLY DB 83 49.95 -64.32 18.01
CA GLY DB 83 49.15 -64.77 19.13
C GLY DB 83 47.96 -65.63 18.75
N GLU DB 84 47.38 -65.38 17.57
CA GLU DB 84 46.28 -66.21 17.09
C GLU DB 84 46.78 -67.60 16.73
N THR DB 85 46.16 -68.63 17.32
CA THR DB 85 46.54 -70.00 17.04
C THR DB 85 45.63 -70.57 15.96
N VAL DB 86 46.22 -71.30 15.02
CA VAL DB 86 45.50 -71.85 13.87
C VAL DB 86 45.81 -73.34 13.76
N PHE DB 87 45.18 -73.99 12.77
CA PHE DB 87 45.17 -75.43 12.67
C PHE DB 87 45.70 -75.91 11.32
N ASN DB 88 46.67 -76.81 11.36
CA ASN DB 88 47.15 -77.52 10.17
C ASN DB 88 46.43 -78.86 10.09
N SER DB 89 45.76 -79.11 8.96
CA SER DB 89 44.75 -80.15 8.90
C SER DB 89 45.04 -81.10 7.74
N VAL DB 90 45.28 -82.36 8.05
CA VAL DB 90 45.21 -83.41 7.04
C VAL DB 90 43.88 -84.14 7.22
N ARG DB 91 43.07 -84.18 6.16
CA ARG DB 91 41.75 -84.82 6.19
C ARG DB 91 41.70 -85.92 5.15
N ILE DB 92 41.24 -87.10 5.55
CA ILE DB 92 41.14 -88.23 4.65
C ILE DB 92 39.74 -88.82 4.80
N ALA DB 93 38.97 -88.75 3.72
CA ALA DB 93 37.59 -89.23 3.69
C ALA DB 93 37.50 -90.34 2.65
N LEU DB 94 36.88 -91.44 3.03
CA LEU DB 94 36.76 -92.60 2.17
C LEU DB 94 35.28 -92.93 1.99
N GLU DB 95 34.78 -92.73 0.78
CA GLU DB 95 33.38 -92.91 0.42
C GLU DB 95 33.26 -94.18 -0.42
N ILE DB 96 32.51 -95.15 0.10
CA ILE DB 96 32.43 -96.47 -0.51
C ILE DB 96 30.98 -96.91 -0.59
N HIS DB 97 30.57 -97.43 -1.75
CA HIS DB 97 29.31 -98.13 -1.88
C HIS DB 97 29.47 -99.58 -1.42
N PRO DB 98 28.49 -100.13 -0.70
CA PRO DB 98 28.70 -101.45 -0.07
C PRO DB 98 28.96 -102.57 -1.05
N ALA DB 99 28.62 -102.39 -2.33
CA ALA DB 99 28.79 -103.44 -3.33
C ALA DB 99 30.20 -103.55 -3.86
N LEU DB 100 31.11 -102.67 -3.44
CA LEU DB 100 32.50 -102.78 -3.89
C LEU DB 100 33.19 -103.93 -3.17
N ALA DB 101 34.14 -104.55 -3.86
CA ALA DB 101 34.85 -105.69 -3.30
C ALA DB 101 35.67 -105.31 -2.08
N SER DB 102 35.63 -106.19 -1.08
CA SER DB 102 36.39 -105.96 0.15
C SER DB 102 37.86 -105.73 -0.14
N ALA DB 103 38.37 -106.34 -1.21
CA ALA DB 103 39.77 -106.16 -1.59
C ALA DB 103 40.00 -104.80 -2.24
N SER DB 104 39.05 -104.34 -3.06
CA SER DB 104 39.21 -103.02 -3.67
C SER DB 104 39.12 -101.91 -2.64
N VAL DB 105 38.38 -102.11 -1.56
CA VAL DB 105 38.34 -101.11 -0.50
C VAL DB 105 39.74 -100.89 0.08
N LYS DB 106 40.43 -101.99 0.42
CA LYS DB 106 41.77 -101.86 0.98
C LYS DB 106 42.78 -101.40 -0.08
N ASP DB 107 42.62 -101.84 -1.33
CA ASP DB 107 43.45 -101.25 -2.39
C ASP DB 107 43.28 -99.74 -2.44
N LEU DB 108 42.05 -99.25 -2.20
CA LEU DB 108 41.79 -97.81 -2.25
C LEU DB 108 42.46 -97.09 -1.09
N ARG DB 109 42.39 -97.67 0.12
CA ARG DB 109 43.13 -97.13 1.26
C ARG DB 109 44.62 -97.01 0.96
N LEU DB 110 45.21 -98.08 0.43
CA LEU DB 110 46.65 -98.08 0.20
C LEU DB 110 47.04 -97.13 -0.95
N ILE DB 111 46.18 -97.01 -1.96
CA ILE DB 111 46.53 -96.15 -3.08
C ILE DB 111 46.44 -94.68 -2.66
N GLY DB 112 45.50 -94.34 -1.78
CA GLY DB 112 45.49 -93.01 -1.20
C GLY DB 112 46.73 -92.75 -0.36
N ALA DB 113 47.12 -93.72 0.45
CA ALA DB 113 48.34 -93.56 1.24
C ALA DB 113 49.55 -93.31 0.35
N GLN DB 114 49.65 -94.03 -0.76
CA GLN DB 114 50.78 -93.79 -1.66
C GLN DB 114 50.71 -92.38 -2.24
N LEU DB 115 49.52 -91.96 -2.66
CA LEU DB 115 49.36 -90.59 -3.16
C LEU DB 115 49.84 -89.56 -2.15
N LEU DB 116 49.64 -89.81 -0.86
CA LEU DB 116 50.24 -88.92 0.15
C LEU DB 116 51.75 -89.01 0.19
N THR DB 117 52.30 -90.22 0.30
CA THR DB 117 53.68 -90.33 0.76
C THR DB 117 54.73 -90.51 -0.34
N ASP DB 118 54.33 -90.76 -1.59
CA ASP DB 118 55.31 -91.00 -2.64
C ASP DB 118 56.07 -89.73 -2.98
N ALA DB 119 57.30 -89.92 -3.48
CA ALA DB 119 58.14 -88.78 -3.78
C ALA DB 119 57.68 -88.03 -5.02
N ASP DB 120 57.08 -88.76 -5.98
CA ASP DB 120 56.54 -88.13 -7.18
C ASP DB 120 55.62 -86.96 -6.87
N TYR DB 121 54.96 -86.99 -5.72
CA TYR DB 121 53.97 -85.99 -5.38
C TYR DB 121 54.49 -84.94 -4.41
N ASP DB 122 55.78 -85.02 -4.02
CA ASP DB 122 56.37 -84.05 -3.10
C ASP DB 122 56.13 -82.62 -3.59
N SER DB 123 56.42 -82.36 -4.86
CA SER DB 123 56.24 -81.01 -5.39
C SER DB 123 54.80 -80.55 -5.23
N PHE DB 124 53.84 -81.40 -5.64
CA PHE DB 124 52.43 -81.06 -5.50
C PHE DB 124 52.07 -80.70 -4.07
N TRP DB 125 52.26 -81.63 -3.15
CA TRP DB 125 51.81 -81.41 -1.78
C TRP DB 125 52.49 -80.19 -1.16
N THR DB 126 53.83 -80.14 -1.22
CA THR DB 126 54.55 -79.09 -0.50
C THR DB 126 54.34 -77.72 -1.15
N LEU DB 127 54.67 -77.60 -2.44
CA LEU DB 127 54.70 -76.31 -3.11
C LEU DB 127 53.35 -75.91 -3.68
N GLY DB 128 52.44 -76.87 -3.86
CA GLY DB 128 51.21 -76.63 -4.58
C GLY DB 128 51.31 -76.76 -6.08
N ALA DB 129 52.40 -77.34 -6.58
CA ALA DB 129 52.67 -77.32 -8.02
C ALA DB 129 51.76 -78.28 -8.76
N LEU DB 130 51.03 -77.77 -9.74
CA LEU DB 130 50.25 -78.62 -10.61
C LEU DB 130 51.15 -79.25 -11.67
N ALA DB 131 50.59 -80.22 -12.39
CA ALA DB 131 51.28 -80.92 -13.48
C ALA DB 131 52.58 -81.64 -13.04
N SER EB 1 39.97 -89.44 -59.05
CA SER EB 1 41.09 -89.73 -58.16
C SER EB 1 40.62 -89.95 -56.72
N ILE EB 2 39.59 -89.22 -56.29
CA ILE EB 2 38.96 -89.53 -55.00
C ILE EB 2 38.17 -90.83 -55.11
N ILE EB 3 37.39 -90.96 -56.18
CA ILE EB 3 36.63 -92.18 -56.42
C ILE EB 3 37.61 -93.27 -56.85
N GLY EB 4 37.65 -94.37 -56.10
CA GLY EB 4 38.56 -95.45 -56.39
C GLY EB 4 39.88 -95.39 -55.67
N SER EB 5 40.14 -94.33 -54.90
CA SER EB 5 41.39 -94.23 -54.17
C SER EB 5 41.50 -95.36 -53.15
N SER EB 6 42.75 -95.75 -52.86
CA SER EB 6 43.03 -96.82 -51.92
C SER EB 6 43.96 -96.29 -50.84
N ILE EB 7 43.64 -96.61 -49.58
CA ILE EB 7 44.40 -96.13 -48.43
C ILE EB 7 44.47 -97.25 -47.40
N LYS EB 8 45.57 -97.28 -46.63
CA LYS EB 8 45.82 -98.38 -45.70
C LYS EB 8 45.02 -98.19 -44.41
N THR EB 9 44.32 -99.24 -43.99
CA THR EB 9 43.74 -99.28 -42.65
C THR EB 9 44.49 -100.30 -41.81
N GLY EB 10 44.33 -100.19 -40.50
CA GLY EB 10 45.10 -101.00 -39.59
C GLY EB 10 46.59 -100.85 -39.77
N ALA EB 11 47.04 -99.63 -40.05
CA ALA EB 11 48.46 -99.40 -40.27
C ALA EB 11 49.20 -99.38 -38.94
N THR EB 12 50.45 -99.86 -38.97
CA THR EB 12 51.28 -99.87 -37.77
C THR EB 12 51.63 -98.43 -37.35
N SER EB 13 52.24 -97.66 -38.26
CA SER EB 13 52.58 -96.27 -37.94
C SER EB 13 52.84 -95.51 -39.23
N ALA EB 14 52.75 -94.19 -39.13
CA ALA EB 14 53.00 -93.30 -40.25
C ALA EB 14 54.27 -92.50 -39.99
N SER EB 15 54.94 -92.13 -41.07
CA SER EB 15 56.19 -91.40 -40.98
C SER EB 15 56.26 -90.38 -42.11
N ILE EB 16 57.29 -89.55 -42.08
CA ILE EB 16 57.39 -88.48 -43.07
C ILE EB 16 58.85 -88.25 -43.43
N THR EB 17 59.19 -88.46 -44.70
CA THR EB 17 60.52 -88.16 -45.22
C THR EB 17 60.56 -86.67 -45.54
N GLY EB 18 61.25 -85.91 -44.69
CA GLY EB 18 61.14 -84.46 -44.80
C GLY EB 18 62.35 -83.63 -44.43
N GLY EB 19 62.16 -82.32 -44.39
CA GLY EB 19 63.25 -81.38 -44.21
C GLY EB 19 63.51 -80.94 -42.79
N SER EB 20 63.46 -79.64 -42.55
CA SER EB 20 63.93 -79.07 -41.29
C SER EB 20 62.92 -79.25 -40.16
N ASP EB 21 63.42 -79.17 -38.93
CA ASP EB 21 62.59 -79.25 -37.75
C ASP EB 21 61.87 -77.94 -37.48
N ILE EB 22 60.83 -78.02 -36.66
CA ILE EB 22 60.16 -76.84 -36.12
C ILE EB 22 59.70 -77.19 -34.72
N THR EB 23 59.79 -76.24 -33.80
CA THR EB 23 59.49 -76.52 -32.40
C THR EB 23 58.44 -75.55 -31.87
N PHE EB 24 57.61 -76.06 -30.98
CA PHE EB 24 56.51 -75.31 -30.39
C PHE EB 24 56.86 -74.89 -28.96
N ALA EB 25 56.40 -73.71 -28.59
CA ALA EB 25 56.46 -73.28 -27.19
C ALA EB 25 55.14 -72.62 -26.84
N LEU EB 26 54.81 -72.66 -25.55
CA LEU EB 26 53.50 -72.18 -25.09
C LEU EB 26 53.36 -70.67 -25.27
N THR EB 27 52.27 -70.26 -25.93
CA THR EB 27 52.12 -68.86 -26.34
C THR EB 27 51.79 -67.97 -25.15
N GLY EB 28 50.89 -68.41 -24.28
CA GLY EB 28 50.31 -67.53 -23.30
C GLY EB 28 49.15 -66.72 -23.83
N GLN EB 29 48.64 -67.05 -25.01
CA GLN EB 29 47.34 -66.54 -25.43
C GLN EB 29 46.26 -67.36 -24.73
N THR EB 30 45.38 -66.67 -24.03
CA THR EB 30 44.33 -67.37 -23.28
C THR EB 30 43.33 -67.98 -24.27
N VAL EB 31 43.14 -69.30 -24.17
CA VAL EB 31 42.21 -70.02 -25.04
C VAL EB 31 41.30 -70.88 -24.19
N THR EB 32 39.99 -70.71 -24.39
CA THR EB 32 39.01 -71.45 -23.62
C THR EB 32 39.07 -72.94 -23.94
N ASN EB 33 39.17 -73.76 -22.89
CA ASN EB 33 39.32 -75.21 -23.00
C ASN EB 33 40.52 -75.61 -23.86
N GLY EB 34 41.47 -74.69 -24.05
CA GLY EB 34 42.49 -74.94 -25.04
C GLY EB 34 43.83 -74.32 -24.73
N LEU EB 35 44.72 -74.46 -25.71
CA LEU EB 35 46.13 -74.15 -25.59
C LEU EB 35 46.59 -73.49 -26.89
N ASN EB 36 47.55 -72.58 -26.79
CA ASN EB 36 48.17 -72.02 -27.97
C ASN EB 36 49.67 -72.23 -27.85
N VAL EB 37 50.27 -72.91 -28.82
CA VAL EB 37 51.72 -73.04 -28.93
C VAL EB 37 52.12 -72.49 -30.28
N SER EB 38 53.08 -71.57 -30.29
CA SER EB 38 53.55 -71.03 -31.56
C SER EB 38 54.97 -71.50 -31.82
N VAL EB 39 55.43 -71.16 -33.02
CA VAL EB 39 56.74 -71.59 -33.50
C VAL EB 39 57.82 -70.72 -32.90
N SER EB 40 58.68 -71.32 -32.09
CA SER EB 40 59.81 -70.61 -31.50
C SER EB 40 60.91 -70.33 -32.51
N GLU EB 41 60.72 -70.70 -33.78
CA GLU EB 41 61.77 -70.65 -34.76
C GLU EB 41 61.54 -69.62 -35.84
N ASP EB 42 60.29 -69.20 -36.05
CA ASP EB 42 60.00 -68.04 -36.89
C ASP EB 42 60.21 -66.77 -36.07
N THR EB 43 60.87 -65.79 -36.68
CA THR EB 43 61.41 -64.66 -35.91
C THR EB 43 60.47 -63.48 -35.80
N ASP EB 44 59.46 -63.37 -36.66
CA ASP EB 44 58.53 -62.24 -36.66
C ASP EB 44 57.15 -62.76 -36.27
N TYR EB 45 56.65 -62.31 -35.12
CA TYR EB 45 55.32 -62.72 -34.65
C TYR EB 45 54.27 -62.51 -35.72
N ARG EB 46 54.37 -61.39 -36.44
CA ARG EB 46 53.44 -61.06 -37.52
C ARG EB 46 53.21 -62.23 -38.46
N THR EB 47 54.23 -63.08 -38.65
CA THR EB 47 54.13 -64.26 -39.50
C THR EB 47 54.53 -65.55 -38.78
N ARG EB 48 54.44 -65.62 -37.45
CA ARG EB 48 54.74 -66.86 -36.74
C ARG EB 48 53.59 -67.84 -36.86
N ARG EB 49 53.86 -68.97 -37.52
CA ARG EB 49 52.96 -70.10 -37.53
C ARG EB 49 52.60 -70.48 -36.10
N ASN EB 50 51.32 -70.73 -35.85
CA ASN EB 50 50.94 -71.19 -34.52
C ASN EB 50 49.81 -72.19 -34.58
N ALA EB 51 49.72 -73.03 -33.55
CA ALA EB 51 48.73 -74.09 -33.46
C ALA EB 51 47.96 -73.93 -32.16
N THR EB 52 46.67 -74.24 -32.22
CA THR EB 52 45.77 -74.13 -31.10
C THR EB 52 45.07 -75.48 -30.90
N PHE EB 53 45.09 -75.95 -29.66
CA PHE EB 53 44.61 -77.27 -29.28
C PHE EB 53 43.41 -77.11 -28.36
N LYS EB 54 42.25 -77.57 -28.80
CA LYS EB 54 41.05 -77.57 -27.96
C LYS EB 54 40.64 -79.00 -27.65
N SER EB 55 40.02 -79.19 -26.48
CA SER EB 55 39.68 -80.52 -26.00
C SER EB 55 38.40 -80.48 -25.18
N ARG EB 56 37.45 -81.34 -25.53
CA ARG EB 56 36.28 -81.60 -24.71
C ARG EB 56 36.11 -83.11 -24.52
N VAL EB 57 36.00 -83.50 -23.26
CA VAL EB 57 35.94 -84.89 -22.79
C VAL EB 57 34.50 -85.38 -22.91
N PRO EB 58 34.27 -86.69 -23.07
CA PRO EB 58 32.88 -87.20 -23.12
C PRO EB 58 32.09 -86.84 -21.87
N THR EB 59 30.87 -86.34 -22.09
CA THR EB 59 29.94 -85.96 -21.04
C THR EB 59 28.88 -87.04 -20.88
N VAL EB 60 28.52 -87.35 -19.64
CA VAL EB 60 27.60 -88.43 -19.31
C VAL EB 60 26.25 -87.84 -18.89
N VAL EB 61 25.18 -88.30 -19.56
CA VAL EB 61 23.80 -87.95 -19.21
C VAL EB 61 23.11 -89.23 -18.74
N ASN EB 62 22.97 -89.36 -17.41
CA ASN EB 62 22.25 -90.46 -16.78
C ASN EB 62 22.67 -91.82 -17.35
N GLY EB 63 23.98 -92.01 -17.47
CA GLY EB 63 24.54 -93.27 -17.92
C GLY EB 63 24.92 -93.33 -19.38
N ASN EB 64 24.48 -92.38 -20.20
CA ASN EB 64 24.76 -92.39 -21.63
C ASN EB 64 25.89 -91.41 -21.95
N TYR EB 65 26.94 -91.88 -22.63
CA TYR EB 65 28.09 -91.04 -22.92
C TYR EB 65 27.94 -90.34 -24.27
N SER EB 66 28.52 -89.15 -24.36
CA SER EB 66 28.53 -88.35 -25.58
C SER EB 66 29.93 -88.39 -26.18
N LYS EB 67 29.98 -88.52 -27.51
CA LYS EB 67 31.26 -88.49 -28.22
C LYS EB 67 31.99 -87.17 -27.94
N GLY EB 68 33.24 -87.27 -27.52
CA GLY EB 68 34.06 -86.11 -27.25
C GLY EB 68 34.82 -85.63 -28.47
N LYS EB 69 35.45 -84.47 -28.33
CA LYS EB 69 35.96 -83.71 -29.48
C LYS EB 69 37.34 -83.14 -29.18
N ASN EB 70 38.32 -83.49 -30.01
CA ASN EB 70 39.67 -82.95 -29.88
C ASN EB 70 40.02 -82.21 -31.17
N GLU EB 71 40.10 -80.88 -31.10
CA GLU EB 71 40.42 -80.05 -32.25
C GLU EB 71 41.87 -79.57 -32.21
N VAL EB 72 42.44 -79.42 -33.39
CA VAL EB 72 43.70 -78.71 -33.59
C VAL EB 72 43.52 -77.80 -34.79
N VAL EB 73 44.06 -76.58 -34.69
CA VAL EB 73 44.10 -75.68 -35.83
C VAL EB 73 45.52 -75.13 -35.95
N PHE EB 74 46.06 -75.18 -37.16
CA PHE EB 74 47.41 -74.74 -37.45
C PHE EB 74 47.32 -73.62 -38.47
N VAL EB 75 48.05 -72.53 -38.24
CA VAL EB 75 47.85 -71.29 -38.96
C VAL EB 75 49.18 -70.76 -39.46
N ILE EB 76 49.24 -70.47 -40.76
CA ILE EB 76 50.27 -69.65 -41.38
C ILE EB 76 49.67 -68.26 -41.61
N PRO EB 77 50.07 -67.24 -40.87
CA PRO EB 77 49.61 -65.89 -41.16
C PRO EB 77 50.42 -65.27 -42.29
N MET EB 78 49.72 -64.58 -43.18
CA MET EB 78 50.40 -63.83 -44.25
C MET EB 78 49.69 -62.51 -44.45
N SER EB 79 50.48 -61.46 -44.68
CA SER EB 79 49.93 -60.16 -45.00
C SER EB 79 49.73 -60.06 -46.51
N LEU EB 80 48.57 -59.57 -46.92
CA LEU EB 80 48.22 -59.45 -48.33
C LEU EB 80 48.75 -58.14 -48.91
N ASP EB 81 48.69 -58.05 -50.23
CA ASP EB 81 48.93 -56.78 -50.90
C ASP EB 81 47.95 -55.71 -50.42
N SER EB 82 46.79 -56.13 -49.91
CA SER EB 82 45.81 -55.23 -49.30
C SER EB 82 46.28 -54.65 -47.99
N GLY EB 83 47.39 -55.14 -47.42
CA GLY EB 83 47.80 -54.76 -46.08
C GLY EB 83 47.13 -55.62 -45.04
N GLU EB 84 45.87 -55.95 -45.29
CA GLU EB 84 45.13 -56.91 -44.46
C GLU EB 84 45.92 -58.19 -44.31
N THR EB 85 45.98 -58.70 -43.08
CA THR EB 85 46.67 -59.96 -42.79
C THR EB 85 45.63 -61.06 -42.60
N VAL EB 86 45.79 -62.15 -43.36
CA VAL EB 86 44.86 -63.26 -43.36
C VAL EB 86 45.57 -64.51 -42.83
N PHE EB 87 44.78 -65.40 -42.23
CA PHE EB 87 45.29 -66.61 -41.61
C PHE EB 87 44.99 -67.81 -42.51
N ASN EB 88 46.01 -68.60 -42.83
CA ASN EB 88 45.88 -69.79 -43.66
C ASN EB 88 45.82 -71.02 -42.76
N SER EB 89 44.72 -71.76 -42.85
CA SER EB 89 44.30 -72.68 -41.80
C SER EB 89 44.31 -74.12 -42.28
N VAL EB 90 44.74 -75.03 -41.41
CA VAL EB 90 44.40 -76.44 -41.49
C VAL EB 90 43.86 -76.86 -40.13
N ARG EB 91 42.67 -77.46 -40.12
CA ARG EB 91 41.97 -77.79 -38.89
C ARG EB 91 41.60 -79.27 -38.89
N ILE EB 92 41.98 -79.97 -37.83
CA ILE EB 92 41.74 -81.41 -37.71
C ILE EB 92 41.01 -81.65 -36.39
N ALA EB 93 39.80 -82.19 -36.49
CA ALA EB 93 38.94 -82.43 -35.34
C ALA EB 93 38.57 -83.90 -35.31
N LEU EB 94 38.88 -84.56 -34.19
CA LEU EB 94 38.61 -85.98 -34.03
C LEU EB 94 37.59 -86.18 -32.93
N GLU EB 95 36.43 -86.74 -33.29
CA GLU EB 95 35.30 -86.92 -32.40
C GLU EB 95 35.09 -88.41 -32.17
N ILE EB 96 35.28 -88.85 -30.93
CA ILE EB 96 35.30 -90.27 -30.58
C ILE EB 96 34.32 -90.55 -29.46
N HIS EB 97 33.54 -91.62 -29.61
CA HIS EB 97 32.74 -92.13 -28.51
C HIS EB 97 33.59 -93.07 -27.66
N PRO EB 98 33.42 -93.03 -26.33
CA PRO EB 98 34.30 -93.84 -25.46
C PRO EB 98 34.28 -95.33 -25.76
N ALA EB 99 33.21 -95.83 -26.37
CA ALA EB 99 33.09 -97.27 -26.60
C ALA EB 99 33.92 -97.76 -27.78
N LEU EB 100 34.52 -96.87 -28.56
CA LEU EB 100 35.25 -97.29 -29.75
C LEU EB 100 36.53 -98.02 -29.35
N ALA EB 101 36.96 -98.93 -30.24
CA ALA EB 101 38.18 -99.68 -30.00
C ALA EB 101 39.39 -98.76 -29.93
N SER EB 102 40.24 -99.03 -28.94
CA SER EB 102 41.47 -98.26 -28.76
C SER EB 102 42.28 -98.21 -30.05
N ALA EB 103 42.36 -99.33 -30.78
CA ALA EB 103 43.12 -99.36 -32.02
C ALA EB 103 42.38 -98.69 -33.16
N SER EB 104 41.04 -98.72 -33.16
CA SER EB 104 40.30 -97.98 -34.17
C SER EB 104 40.50 -96.47 -34.02
N VAL EB 105 40.74 -95.99 -32.79
CA VAL EB 105 41.05 -94.57 -32.61
C VAL EB 105 42.30 -94.18 -33.40
N LYS EB 106 43.40 -94.92 -33.19
CA LYS EB 106 44.61 -94.61 -33.91
C LYS EB 106 44.48 -94.92 -35.41
N ASP EB 107 43.65 -95.89 -35.78
CA ASP EB 107 43.41 -96.10 -37.20
C ASP EB 107 42.72 -94.88 -37.82
N LEU EB 108 41.82 -94.23 -37.08
CA LEU EB 108 41.22 -92.99 -37.58
C LEU EB 108 42.25 -91.89 -37.74
N ARG EB 109 43.14 -91.73 -36.75
CA ARG EB 109 44.21 -90.74 -36.90
C ARG EB 109 45.01 -90.99 -38.18
N LEU EB 110 45.42 -92.25 -38.40
CA LEU EB 110 46.27 -92.57 -39.53
C LEU EB 110 45.52 -92.46 -40.86
N ILE EB 111 44.25 -92.83 -40.89
CA ILE EB 111 43.50 -92.77 -42.14
C ILE EB 111 43.18 -91.32 -42.49
N GLY EB 112 42.91 -90.48 -41.49
CA GLY EB 112 42.79 -89.06 -41.74
C GLY EB 112 44.07 -88.49 -42.31
N ALA EB 113 45.22 -88.86 -41.74
CA ALA EB 113 46.48 -88.35 -42.26
C ALA EB 113 46.72 -88.77 -43.69
N GLN EB 114 46.37 -90.02 -44.03
CA GLN EB 114 46.52 -90.46 -45.41
C GLN EB 114 45.61 -89.65 -46.34
N LEU EB 115 44.41 -89.30 -45.86
CA LEU EB 115 43.51 -88.51 -46.69
C LEU EB 115 44.09 -87.13 -47.00
N LEU EB 116 44.97 -86.59 -46.14
CA LEU EB 116 45.70 -85.38 -46.50
C LEU EB 116 46.88 -85.64 -47.42
N THR EB 117 47.67 -86.69 -47.15
CA THR EB 117 49.00 -86.77 -47.75
C THR EB 117 49.15 -87.84 -48.82
N ASP EB 118 48.06 -88.42 -49.31
CA ASP EB 118 48.19 -89.31 -50.45
C ASP EB 118 48.05 -88.53 -51.75
N ALA EB 119 48.73 -89.03 -52.79
CA ALA EB 119 48.71 -88.34 -54.08
C ALA EB 119 47.32 -88.34 -54.69
N ASP EB 120 46.54 -89.40 -54.46
CA ASP EB 120 45.20 -89.53 -55.03
C ASP EB 120 44.36 -88.29 -54.75
N TYR EB 121 44.64 -87.57 -53.67
CA TYR EB 121 43.81 -86.46 -53.25
C TYR EB 121 44.42 -85.11 -53.58
N ASP EB 122 45.64 -85.09 -54.14
CA ASP EB 122 46.33 -83.83 -54.45
C ASP EB 122 45.40 -82.88 -55.20
N SER EB 123 44.71 -83.39 -56.22
CA SER EB 123 43.83 -82.53 -57.01
C SER EB 123 42.74 -81.92 -56.14
N PHE EB 124 42.11 -82.75 -55.30
CA PHE EB 124 41.08 -82.27 -54.39
C PHE EB 124 41.60 -81.15 -53.49
N TRP EB 125 42.67 -81.43 -52.74
CA TRP EB 125 43.13 -80.44 -51.76
C TRP EB 125 43.58 -79.16 -52.44
N THR EB 126 44.47 -79.26 -53.42
CA THR EB 126 45.02 -78.05 -54.02
C THR EB 126 43.94 -77.25 -54.75
N LEU EB 127 43.25 -77.87 -55.70
CA LEU EB 127 42.34 -77.13 -56.56
C LEU EB 127 40.92 -77.07 -56.02
N GLY EB 128 40.44 -78.15 -55.42
CA GLY EB 128 39.05 -78.27 -55.02
C GLY EB 128 38.24 -79.24 -55.86
N ALA EB 129 38.91 -80.12 -56.60
CA ALA EB 129 38.27 -81.07 -57.49
C ALA EB 129 37.41 -82.06 -56.72
N LEU EB 130 36.28 -82.43 -57.30
CA LEU EB 130 35.28 -83.26 -56.65
C LEU EB 130 35.10 -84.63 -57.28
N ALA EB 131 36.00 -85.06 -58.16
CA ALA EB 131 35.91 -86.40 -58.75
C ALA EB 131 36.80 -87.40 -58.03
N SER FB 1 -36.85 -99.06 -112.97
CA SER FB 1 -35.76 -99.90 -113.44
C SER FB 1 -34.40 -99.34 -113.00
N ILE FB 2 -34.37 -98.73 -111.81
CA ILE FB 2 -33.13 -98.15 -111.29
C ILE FB 2 -32.20 -99.24 -110.75
N ILE FB 3 -32.73 -100.09 -109.87
CA ILE FB 3 -31.92 -101.15 -109.27
C ILE FB 3 -31.55 -102.15 -110.36
N GLY FB 4 -30.25 -102.28 -110.61
CA GLY FB 4 -29.77 -103.19 -111.63
C GLY FB 4 -29.53 -102.56 -112.98
N SER FB 5 -29.75 -101.26 -113.13
CA SER FB 5 -29.48 -100.62 -114.41
C SER FB 5 -27.99 -100.68 -114.73
N SER FB 6 -27.68 -100.62 -116.03
CA SER FB 6 -26.31 -100.74 -116.51
C SER FB 6 -26.01 -99.57 -117.44
N ILE FB 7 -24.88 -98.90 -117.20
CA ILE FB 7 -24.41 -97.78 -118.02
C ILE FB 7 -22.90 -97.92 -118.23
N LYS FB 8 -22.36 -97.06 -119.10
CA LYS FB 8 -20.99 -97.18 -119.59
C LYS FB 8 -20.09 -96.17 -118.90
N THR FB 9 -18.98 -96.64 -118.35
CA THR FB 9 -17.93 -95.76 -117.86
C THR FB 9 -16.74 -95.77 -118.82
N GLY FB 10 -16.00 -94.68 -118.83
CA GLY FB 10 -14.91 -94.52 -119.78
C GLY FB 10 -15.38 -94.63 -121.22
N ALA FB 11 -16.51 -94.02 -121.53
CA ALA FB 11 -16.99 -94.03 -122.91
C ALA FB 11 -16.12 -93.12 -123.76
N THR FB 12 -15.88 -93.55 -125.01
CA THR FB 12 -15.12 -92.73 -125.94
C THR FB 12 -15.82 -91.40 -126.19
N SER FB 13 -17.11 -91.44 -126.52
CA SER FB 13 -17.90 -90.22 -126.67
C SER FB 13 -19.38 -90.55 -126.61
N ALA FB 14 -20.20 -89.49 -126.61
CA ALA FB 14 -21.64 -89.63 -126.70
C ALA FB 14 -22.15 -88.80 -127.87
N SER FB 15 -23.28 -89.21 -128.43
CA SER FB 15 -23.78 -88.60 -129.65
C SER FB 15 -25.31 -88.65 -129.61
N ILE FB 16 -25.93 -88.03 -130.62
CA ILE FB 16 -27.39 -87.89 -130.61
C ILE FB 16 -27.92 -87.99 -132.02
N THR FB 17 -28.90 -88.88 -132.21
CA THR FB 17 -29.62 -89.01 -133.48
C THR FB 17 -30.93 -88.21 -133.32
N GLY FB 18 -30.99 -87.06 -133.96
CA GLY FB 18 -32.10 -86.16 -133.66
C GLY FB 18 -32.33 -85.11 -134.73
N GLY FB 19 -33.35 -84.29 -134.46
CA GLY FB 19 -33.93 -83.40 -135.46
C GLY FB 19 -33.27 -82.05 -135.63
N SER FB 20 -34.06 -80.98 -135.48
CA SER FB 20 -33.65 -79.66 -135.93
C SER FB 20 -32.64 -79.03 -134.97
N ASP FB 21 -31.81 -78.14 -135.53
CA ASP FB 21 -30.85 -77.39 -134.75
C ASP FB 21 -31.52 -76.28 -133.95
N ILE FB 22 -30.85 -75.88 -132.87
CA ILE FB 22 -31.18 -74.69 -132.13
C ILE FB 22 -29.87 -73.97 -131.84
N THR FB 23 -29.87 -72.66 -132.01
CA THR FB 23 -28.68 -71.83 -131.91
C THR FB 23 -28.84 -70.84 -130.77
N PHE FB 24 -27.75 -70.66 -130.02
CA PHE FB 24 -27.70 -69.78 -128.86
C PHE FB 24 -27.08 -68.43 -129.22
N ALA FB 25 -27.41 -67.42 -128.41
CA ALA FB 25 -26.83 -66.09 -128.52
C ALA FB 25 -26.94 -65.43 -127.18
N LEU FB 26 -26.03 -64.50 -126.91
CA LEU FB 26 -25.94 -63.93 -125.57
C LEU FB 26 -27.13 -63.01 -125.28
N THR FB 27 -27.64 -63.11 -124.04
CA THR FB 27 -28.85 -62.42 -123.61
C THR FB 27 -28.59 -61.10 -122.91
N GLY FB 28 -27.61 -61.05 -122.02
CA GLY FB 28 -27.41 -59.87 -121.21
C GLY FB 28 -28.27 -59.77 -119.98
N GLN FB 29 -29.10 -60.78 -119.69
CA GLN FB 29 -29.67 -60.89 -118.36
C GLN FB 29 -28.56 -61.07 -117.35
N THR FB 30 -28.52 -60.18 -116.37
CA THR FB 30 -27.42 -60.15 -115.41
C THR FB 30 -27.41 -61.43 -114.58
N VAL FB 31 -26.28 -62.15 -114.62
CA VAL FB 31 -26.11 -63.40 -113.90
C VAL FB 31 -24.73 -63.39 -113.24
N THR FB 32 -24.70 -63.54 -111.92
CA THR FB 32 -23.46 -63.40 -111.17
C THR FB 32 -22.56 -64.62 -111.39
N ASN FB 33 -21.31 -64.34 -111.77
CA ASN FB 33 -20.35 -65.38 -112.16
C ASN FB 33 -20.89 -66.27 -113.28
N GLY FB 34 -21.78 -65.71 -114.10
CA GLY FB 34 -22.47 -66.52 -115.08
C GLY FB 34 -22.81 -65.83 -116.39
N LEU FB 35 -23.74 -66.43 -117.11
CA LEU FB 35 -23.96 -66.07 -118.51
C LEU FB 35 -25.33 -66.60 -118.94
N ASN FB 36 -26.15 -65.72 -119.52
CA ASN FB 36 -27.45 -66.12 -120.07
C ASN FB 36 -27.35 -66.11 -121.60
N VAL FB 37 -27.60 -67.27 -122.21
CA VAL FB 37 -27.76 -67.34 -123.67
C VAL FB 37 -29.15 -67.89 -123.96
N SER FB 38 -29.90 -67.19 -124.80
CA SER FB 38 -31.19 -67.69 -125.22
C SER FB 38 -31.11 -68.08 -126.69
N VAL FB 39 -32.16 -68.71 -127.17
CA VAL FB 39 -32.18 -69.13 -128.55
C VAL FB 39 -32.59 -67.94 -129.41
N SER FB 40 -31.93 -67.76 -130.53
CA SER FB 40 -32.40 -66.76 -131.48
C SER FB 40 -33.43 -67.36 -132.43
N GLU FB 41 -33.82 -68.61 -132.20
CA GLU FB 41 -34.69 -69.32 -133.14
C GLU FB 41 -36.14 -69.35 -132.68
N ASP FB 42 -36.38 -69.21 -131.39
CA ASP FB 42 -37.73 -68.94 -130.91
C ASP FB 42 -37.99 -67.44 -130.97
N THR FB 43 -39.22 -67.09 -131.30
CA THR FB 43 -39.54 -65.69 -131.62
C THR FB 43 -40.25 -64.95 -130.50
N ASP FB 44 -41.10 -65.62 -129.72
CA ASP FB 44 -41.87 -64.97 -128.66
C ASP FB 44 -41.02 -64.89 -127.39
N TYR FB 45 -40.87 -63.67 -126.85
CA TYR FB 45 -40.02 -63.48 -125.69
C TYR FB 45 -40.58 -64.21 -124.47
N ARG FB 46 -41.91 -64.22 -124.32
CA ARG FB 46 -42.56 -64.98 -123.26
C ARG FB 46 -42.06 -66.42 -123.22
N THR FB 47 -42.18 -67.14 -124.34
CA THR FB 47 -41.92 -68.57 -124.36
C THR FB 47 -40.57 -68.92 -124.97
N ARG FB 48 -39.62 -67.98 -124.99
CA ARG FB 48 -38.34 -68.23 -125.65
C ARG FB 48 -37.41 -68.96 -124.70
N ARG FB 49 -36.97 -70.15 -125.13
CA ARG FB 49 -36.14 -71.03 -124.33
C ARG FB 49 -34.79 -70.38 -124.04
N ASN FB 50 -34.33 -70.48 -122.79
CA ASN FB 50 -33.02 -69.90 -122.49
C ASN FB 50 -32.26 -70.72 -121.46
N ALA FB 51 -30.93 -70.63 -121.55
CA ALA FB 51 -30.04 -71.35 -120.65
C ALA FB 51 -29.15 -70.36 -119.93
N THR FB 52 -28.65 -70.80 -118.78
CA THR FB 52 -27.83 -69.99 -117.91
C THR FB 52 -26.70 -70.84 -117.35
N PHE FB 53 -25.48 -70.35 -117.54
CA PHE FB 53 -24.24 -71.04 -117.18
C PHE FB 53 -23.61 -70.29 -116.03
N LYS FB 54 -23.51 -70.92 -114.87
CA LYS FB 54 -22.75 -70.35 -113.76
C LYS FB 54 -21.50 -71.19 -113.53
N SER FB 55 -20.44 -70.51 -113.09
CA SER FB 55 -19.11 -71.12 -112.99
C SER FB 55 -18.39 -70.59 -111.77
N ARG FB 56 -17.93 -71.50 -110.91
CA ARG FB 56 -17.12 -71.17 -109.74
C ARG FB 56 -15.91 -72.08 -109.71
N VAL FB 57 -14.72 -71.48 -109.70
CA VAL FB 57 -13.45 -72.20 -109.81
C VAL FB 57 -13.02 -72.72 -108.44
N PRO FB 58 -12.21 -73.78 -108.41
CA PRO FB 58 -11.59 -74.19 -107.14
C PRO FB 58 -10.74 -73.05 -106.58
N THR FB 59 -11.00 -72.72 -105.32
CA THR FB 59 -10.29 -71.65 -104.64
C THR FB 59 -9.49 -72.25 -103.49
N VAL FB 60 -8.23 -71.85 -103.39
CA VAL FB 60 -7.35 -72.33 -102.34
C VAL FB 60 -7.63 -71.55 -101.06
N VAL FB 61 -7.75 -72.27 -99.95
CA VAL FB 61 -7.92 -71.66 -98.64
C VAL FB 61 -7.10 -72.46 -97.64
N ASN FB 62 -6.20 -71.78 -96.93
CA ASN FB 62 -5.37 -72.42 -95.90
C ASN FB 62 -4.53 -73.56 -96.48
N GLY FB 63 -3.98 -73.33 -97.68
CA GLY FB 63 -3.01 -74.23 -98.25
C GLY FB 63 -3.56 -75.36 -99.09
N ASN FB 64 -4.88 -75.49 -99.22
CA ASN FB 64 -5.42 -76.56 -100.06
C ASN FB 64 -6.72 -76.12 -100.71
N TYR FB 65 -7.12 -76.87 -101.74
CA TYR FB 65 -8.15 -76.45 -102.66
C TYR FB 65 -9.55 -76.85 -102.17
N SER FB 66 -10.54 -76.11 -102.67
CA SER FB 66 -11.94 -76.44 -102.49
C SER FB 66 -12.52 -76.85 -103.84
N LYS FB 67 -13.39 -77.86 -103.83
CA LYS FB 67 -13.95 -78.35 -105.08
C LYS FB 67 -14.74 -77.24 -105.78
N GLY FB 68 -14.62 -77.19 -107.11
CA GLY FB 68 -15.30 -76.20 -107.89
C GLY FB 68 -16.62 -76.71 -108.45
N LYS FB 69 -17.45 -75.77 -108.91
CA LYS FB 69 -18.84 -76.05 -109.25
C LYS FB 69 -19.23 -75.34 -110.53
N ASN FB 70 -19.74 -76.09 -111.51
CA ASN FB 70 -20.19 -75.52 -112.78
C ASN FB 70 -21.64 -75.93 -113.01
N GLU FB 71 -22.55 -74.97 -112.94
CA GLU FB 71 -23.97 -75.21 -113.14
C GLU FB 71 -24.40 -74.77 -114.53
N VAL FB 72 -25.42 -75.46 -115.03
CA VAL FB 72 -26.19 -75.02 -116.18
C VAL FB 72 -27.66 -75.20 -115.83
N VAL FB 73 -28.49 -74.30 -116.32
CA VAL FB 73 -29.94 -74.48 -116.21
C VAL FB 73 -30.57 -74.08 -117.53
N PHE FB 74 -31.32 -74.99 -118.14
CA PHE FB 74 -32.03 -74.77 -119.37
C PHE FB 74 -33.51 -74.70 -119.05
N VAL FB 75 -34.19 -73.70 -119.60
CA VAL FB 75 -35.54 -73.38 -119.19
C VAL FB 75 -36.43 -73.24 -120.41
N ILE FB 76 -37.57 -73.93 -120.36
CA ILE FB 76 -38.70 -73.78 -121.27
C ILE FB 76 -39.79 -73.01 -120.54
N PRO FB 77 -40.02 -71.74 -120.85
CA PRO FB 77 -41.16 -71.05 -120.24
C PRO FB 77 -42.45 -71.51 -120.89
N MET FB 78 -43.52 -71.54 -120.09
CA MET FB 78 -44.86 -71.76 -120.63
C MET FB 78 -45.86 -70.96 -119.82
N SER FB 79 -46.80 -70.33 -120.50
CA SER FB 79 -47.88 -69.64 -119.82
C SER FB 79 -48.94 -70.65 -119.43
N LEU FB 80 -49.38 -70.59 -118.17
CA LEU FB 80 -50.44 -71.47 -117.70
C LEU FB 80 -51.80 -70.87 -118.00
N ASP FB 81 -52.83 -71.72 -117.88
CA ASP FB 81 -54.19 -71.25 -118.09
C ASP FB 81 -54.56 -70.16 -117.08
N SER FB 82 -53.96 -70.20 -115.89
CA SER FB 82 -54.23 -69.22 -114.84
C SER FB 82 -53.61 -67.86 -115.11
N GLY FB 83 -52.74 -67.75 -116.11
CA GLY FB 83 -52.12 -66.48 -116.43
C GLY FB 83 -50.65 -66.40 -116.07
N GLU FB 84 -50.29 -66.89 -114.89
CA GLU FB 84 -48.89 -66.89 -114.49
C GLU FB 84 -48.06 -67.71 -115.48
N THR FB 85 -46.95 -67.14 -115.91
CA THR FB 85 -45.98 -67.87 -116.71
C THR FB 85 -45.05 -68.63 -115.76
N VAL FB 86 -44.87 -69.93 -116.01
CA VAL FB 86 -44.02 -70.77 -115.17
C VAL FB 86 -42.90 -71.36 -116.01
N PHE FB 87 -41.76 -71.56 -115.36
CA PHE FB 87 -40.56 -72.07 -116.04
C PHE FB 87 -40.44 -73.57 -115.83
N ASN FB 88 -39.99 -74.27 -116.88
CA ASN FB 88 -39.68 -75.69 -116.80
C ASN FB 88 -38.18 -75.84 -116.88
N SER FB 89 -37.60 -76.51 -115.88
CA SER FB 89 -36.17 -76.44 -115.63
C SER FB 89 -35.51 -77.79 -115.79
N VAL FB 90 -34.37 -77.82 -116.46
CA VAL FB 90 -33.41 -78.90 -116.27
C VAL FB 90 -32.12 -78.25 -115.82
N ARG FB 91 -31.59 -78.70 -114.69
CA ARG FB 91 -30.43 -78.10 -114.06
C ARG FB 91 -29.38 -79.18 -113.89
N ILE FB 92 -28.17 -78.91 -114.40
CA ILE FB 92 -27.07 -79.85 -114.32
C ILE FB 92 -25.89 -79.12 -113.69
N ALA FB 93 -25.56 -79.49 -112.47
CA ALA FB 93 -24.40 -78.99 -111.77
C ALA FB 93 -23.33 -80.07 -111.72
N LEU FB 94 -22.07 -79.64 -111.77
CA LEU FB 94 -20.95 -80.58 -111.79
C LEU FB 94 -19.83 -80.02 -110.94
N GLU FB 95 -19.55 -80.69 -109.83
CA GLU FB 95 -18.59 -80.27 -108.82
C GLU FB 95 -17.40 -81.22 -108.87
N ILE FB 96 -16.23 -80.67 -109.18
CA ILE FB 96 -15.01 -81.45 -109.35
C ILE FB 96 -13.97 -80.96 -108.35
N HIS FB 97 -13.30 -81.89 -107.69
CA HIS FB 97 -12.12 -81.53 -106.94
C HIS FB 97 -10.90 -81.53 -107.86
N PRO FB 98 -9.99 -80.55 -107.71
CA PRO FB 98 -8.85 -80.45 -108.64
C PRO FB 98 -8.04 -81.73 -108.76
N ALA FB 99 -8.11 -82.62 -107.79
CA ALA FB 99 -7.32 -83.85 -107.81
C ALA FB 99 -7.92 -84.93 -108.70
N LEU FB 100 -9.13 -84.75 -109.21
CA LEU FB 100 -9.72 -85.78 -110.06
C LEU FB 100 -8.98 -85.84 -111.40
N ALA FB 101 -8.92 -87.04 -111.95
CA ALA FB 101 -8.28 -87.23 -113.24
C ALA FB 101 -9.02 -86.49 -114.35
N SER FB 102 -8.25 -85.89 -115.26
CA SER FB 102 -8.83 -85.25 -116.43
C SER FB 102 -9.80 -86.18 -117.14
N ALA FB 103 -9.44 -87.46 -117.25
CA ALA FB 103 -10.30 -88.43 -117.92
C ALA FB 103 -11.56 -88.73 -117.11
N SER FB 104 -11.43 -88.79 -115.78
CA SER FB 104 -12.60 -89.04 -114.95
C SER FB 104 -13.56 -87.85 -114.94
N VAL FB 105 -13.09 -86.66 -115.26
CA VAL FB 105 -14.00 -85.52 -115.42
C VAL FB 105 -14.97 -85.78 -116.58
N LYS FB 106 -14.43 -86.10 -117.75
CA LYS FB 106 -15.29 -86.45 -118.86
C LYS FB 106 -16.09 -87.73 -118.59
N ASP FB 107 -15.55 -88.68 -117.83
CA ASP FB 107 -16.35 -89.84 -117.47
C ASP FB 107 -17.58 -89.41 -116.66
N LEU FB 108 -17.42 -88.44 -115.76
CA LEU FB 108 -18.58 -87.93 -115.01
C LEU FB 108 -19.59 -87.25 -115.93
N ARG FB 109 -19.10 -86.43 -116.86
CA ARG FB 109 -20.03 -85.76 -117.78
C ARG FB 109 -20.85 -86.77 -118.55
N LEU FB 110 -20.20 -87.82 -119.07
CA LEU FB 110 -20.91 -88.81 -119.89
C LEU FB 110 -21.78 -89.73 -119.06
N ILE FB 111 -21.33 -90.11 -117.87
CA ILE FB 111 -22.14 -90.98 -117.03
C ILE FB 111 -23.34 -90.22 -116.49
N GLY FB 112 -23.23 -88.90 -116.31
CA GLY FB 112 -24.38 -88.12 -115.91
C GLY FB 112 -25.36 -87.99 -117.06
N ALA FB 113 -24.88 -87.56 -118.22
CA ALA FB 113 -25.77 -87.44 -119.37
C ALA FB 113 -26.42 -88.77 -119.72
N GLN FB 114 -25.75 -89.87 -119.42
CA GLN FB 114 -26.30 -91.18 -119.68
C GLN FB 114 -27.40 -91.56 -118.69
N LEU FB 115 -27.42 -90.91 -117.52
CA LEU FB 115 -28.51 -91.12 -116.58
C LEU FB 115 -29.78 -90.37 -116.97
N LEU FB 116 -29.68 -89.30 -117.77
CA LEU FB 116 -30.88 -88.68 -118.34
C LEU FB 116 -31.50 -89.52 -119.44
N THR FB 117 -30.69 -90.00 -120.38
CA THR FB 117 -31.23 -90.51 -121.63
C THR FB 117 -31.47 -92.00 -121.66
N ASP FB 118 -30.75 -92.78 -120.85
CA ASP FB 118 -30.82 -94.23 -120.99
C ASP FB 118 -32.19 -94.73 -120.56
N ALA FB 119 -32.79 -95.59 -121.41
CA ALA FB 119 -34.17 -96.00 -121.26
C ALA FB 119 -34.46 -96.66 -119.92
N ASP FB 120 -33.44 -97.25 -119.28
CA ASP FB 120 -33.61 -97.80 -117.94
C ASP FB 120 -34.23 -96.78 -116.99
N TYR FB 121 -33.73 -95.55 -117.01
CA TYR FB 121 -34.26 -94.52 -116.13
C TYR FB 121 -35.45 -93.81 -116.74
N ASP FB 122 -35.85 -94.23 -117.94
CA ASP FB 122 -36.90 -93.54 -118.68
C ASP FB 122 -38.19 -93.49 -117.89
N SER FB 123 -38.47 -94.53 -117.10
CA SER FB 123 -39.66 -94.50 -116.24
C SER FB 123 -39.47 -93.58 -115.04
N PHE FB 124 -38.23 -93.39 -114.59
CA PHE FB 124 -37.98 -92.54 -113.43
C PHE FB 124 -38.25 -91.07 -113.73
N TRP FB 125 -37.64 -90.55 -114.80
CA TRP FB 125 -37.74 -89.13 -115.09
C TRP FB 125 -39.17 -88.74 -115.46
N THR FB 126 -39.81 -89.52 -116.33
CA THR FB 126 -41.14 -89.18 -116.81
C THR FB 126 -42.18 -89.31 -115.70
N LEU FB 127 -42.22 -90.47 -115.06
CA LEU FB 127 -43.29 -90.78 -114.12
C LEU FB 127 -42.93 -90.43 -112.68
N GLY FB 128 -41.70 -90.00 -112.43
CA GLY FB 128 -41.27 -89.86 -111.04
C GLY FB 128 -41.29 -91.16 -110.28
N ALA FB 129 -40.95 -92.27 -110.96
CA ALA FB 129 -41.15 -93.62 -110.45
C ALA FB 129 -39.87 -94.12 -109.77
N LEU FB 130 -39.97 -94.43 -108.47
CA LEU FB 130 -38.88 -95.02 -107.72
C LEU FB 130 -39.02 -96.54 -107.74
N ALA FB 131 -38.12 -97.19 -108.46
CA ALA FB 131 -38.11 -98.65 -108.54
C ALA FB 131 -36.83 -99.09 -109.24
N SER GB 1 -17.21 -70.36 -126.76
CA SER GB 1 -17.78 -71.54 -127.40
C SER GB 1 -19.18 -71.83 -126.84
N ILE GB 2 -19.50 -71.22 -125.70
CA ILE GB 2 -20.86 -71.29 -125.18
C ILE GB 2 -21.78 -70.39 -126.00
N ILE GB 3 -21.32 -69.18 -126.29
CA ILE GB 3 -22.10 -68.25 -127.11
C ILE GB 3 -22.12 -68.76 -128.54
N GLY GB 4 -23.31 -68.80 -129.13
CA GLY GB 4 -23.40 -69.24 -130.50
C GLY GB 4 -23.15 -70.72 -130.70
N SER GB 5 -23.42 -71.53 -129.68
CA SER GB 5 -23.35 -72.99 -129.84
C SER GB 5 -24.68 -73.51 -130.37
N SER GB 6 -24.63 -74.70 -130.98
CA SER GB 6 -25.78 -75.30 -131.63
C SER GB 6 -26.02 -76.70 -131.07
N ILE GB 7 -27.28 -77.00 -130.76
CA ILE GB 7 -27.67 -78.29 -130.17
C ILE GB 7 -29.02 -78.72 -130.73
N LYS GB 8 -29.26 -80.04 -130.77
CA LYS GB 8 -30.46 -80.56 -131.41
C LYS GB 8 -31.64 -80.52 -130.46
N THR GB 9 -32.76 -79.96 -130.91
CA THR GB 9 -34.03 -80.07 -130.19
C THR GB 9 -34.91 -81.12 -130.86
N GLY GB 10 -35.85 -81.63 -130.08
CA GLY GB 10 -36.74 -82.68 -130.55
C GLY GB 10 -35.95 -83.81 -131.18
N ALA GB 11 -34.89 -84.23 -130.50
CA ALA GB 11 -34.10 -85.34 -131.02
C ALA GB 11 -34.84 -86.66 -130.81
N THR GB 12 -34.69 -87.57 -131.77
CA THR GB 12 -35.34 -88.88 -131.67
C THR GB 12 -34.78 -89.68 -130.51
N SER GB 13 -33.45 -89.76 -130.39
CA SER GB 13 -32.82 -90.39 -129.22
C SER GB 13 -31.36 -90.01 -129.20
N ALA GB 14 -30.71 -90.32 -128.08
CA ALA GB 14 -29.28 -90.11 -127.90
C ALA GB 14 -28.66 -91.41 -127.42
N SER GB 15 -27.36 -91.54 -127.64
CA SER GB 15 -26.66 -92.78 -127.34
C SER GB 15 -25.21 -92.47 -127.03
N ILE GB 16 -24.43 -93.53 -126.79
CA ILE GB 16 -23.08 -93.36 -126.28
C ILE GB 16 -22.17 -94.42 -126.88
N THR GB 17 -21.16 -93.98 -127.63
CA THR GB 17 -20.13 -94.88 -128.14
C THR GB 17 -19.11 -95.05 -127.02
N GLY GB 18 -19.19 -96.19 -126.33
CA GLY GB 18 -18.70 -96.31 -124.97
C GLY GB 18 -17.83 -97.53 -124.73
N GLY GB 19 -17.32 -97.60 -123.50
CA GLY GB 19 -16.45 -98.67 -123.06
C GLY GB 19 -17.16 -99.72 -122.21
N SER GB 20 -16.66 -99.96 -120.99
CA SER GB 20 -17.11 -101.09 -120.18
C SER GB 20 -18.40 -100.76 -119.42
N ASP GB 21 -19.12 -101.83 -119.05
CA ASP GB 21 -20.35 -101.71 -118.31
C ASP GB 21 -20.10 -101.37 -116.84
N ILE GB 22 -21.14 -100.86 -116.20
CA ILE GB 22 -21.16 -100.64 -114.75
C ILE GB 22 -22.59 -100.86 -114.28
N THR GB 23 -22.74 -101.54 -113.13
CA THR GB 23 -24.04 -102.05 -112.70
C THR GB 23 -24.37 -101.56 -111.30
N PHE GB 24 -25.60 -101.11 -111.10
CA PHE GB 24 -26.07 -100.56 -109.84
C PHE GB 24 -26.78 -101.61 -109.00
N ALA GB 25 -26.60 -101.54 -107.69
CA ALA GB 25 -27.30 -102.39 -106.75
C ALA GB 25 -27.74 -101.54 -105.56
N LEU GB 26 -28.72 -102.05 -104.81
CA LEU GB 26 -29.33 -101.27 -103.75
C LEU GB 26 -28.39 -101.11 -102.56
N THR GB 27 -28.22 -99.86 -102.09
CA THR GB 27 -27.23 -99.52 -101.06
C THR GB 27 -27.79 -99.58 -99.65
N GLY GB 28 -29.09 -99.38 -99.48
CA GLY GB 28 -29.62 -99.26 -98.15
C GLY GB 28 -29.04 -98.11 -97.35
N GLN GB 29 -28.72 -97.00 -98.00
CA GLN GB 29 -28.47 -95.73 -97.31
C GLN GB 29 -29.79 -94.98 -97.25
N THR GB 30 -30.29 -94.75 -96.04
CA THR GB 30 -31.59 -94.13 -95.89
C THR GB 30 -31.63 -92.78 -96.57
N VAL GB 31 -32.49 -92.65 -97.58
CA VAL GB 31 -32.62 -91.43 -98.38
C VAL GB 31 -34.09 -91.09 -98.51
N THR GB 32 -34.47 -89.92 -98.02
CA THR GB 32 -35.86 -89.51 -98.04
C THR GB 32 -36.32 -89.30 -99.49
N ASN GB 33 -37.47 -89.88 -99.82
CA ASN GB 33 -38.10 -89.72 -101.12
C ASN GB 33 -37.24 -90.29 -102.24
N GLY GB 34 -36.44 -91.30 -101.95
CA GLY GB 34 -35.54 -91.78 -103.00
C GLY GB 34 -34.75 -92.99 -102.58
N LEU GB 35 -33.79 -93.32 -103.45
CA LEU GB 35 -32.98 -94.53 -103.34
C LEU GB 35 -31.50 -94.15 -103.39
N ASN GB 36 -30.67 -95.06 -102.88
CA ASN GB 36 -29.23 -95.04 -103.11
C ASN GB 36 -28.85 -96.38 -103.73
N VAL GB 37 -28.20 -96.33 -104.89
CA VAL GB 37 -27.65 -97.51 -105.53
C VAL GB 37 -26.17 -97.25 -105.82
N SER GB 38 -25.31 -98.16 -105.40
CA SER GB 38 -23.89 -98.00 -105.72
C SER GB 38 -23.48 -99.07 -106.70
N VAL GB 39 -22.32 -98.86 -107.31
CA VAL GB 39 -21.81 -99.79 -108.31
C VAL GB 39 -21.13 -100.94 -107.57
N SER GB 40 -21.69 -102.13 -107.71
CA SER GB 40 -21.10 -103.31 -107.08
C SER GB 40 -19.86 -103.79 -107.82
N GLU GB 41 -19.43 -103.03 -108.82
CA GLU GB 41 -18.30 -103.43 -109.64
C GLU GB 41 -16.99 -102.77 -109.22
N ASP GB 42 -17.05 -101.75 -108.37
CA ASP GB 42 -15.87 -101.23 -107.69
C ASP GB 42 -15.67 -102.02 -106.40
N THR GB 43 -14.41 -102.33 -106.07
CA THR GB 43 -14.13 -103.30 -105.03
C THR GB 43 -13.96 -102.70 -103.64
N ASP GB 44 -13.65 -101.41 -103.54
CA ASP GB 44 -13.31 -100.77 -102.27
C ASP GB 44 -14.40 -99.78 -101.89
N TYR GB 45 -15.16 -100.08 -100.82
CA TYR GB 45 -16.29 -99.24 -100.44
C TYR GB 45 -15.87 -97.78 -100.33
N ARG GB 46 -14.74 -97.53 -99.68
CA ARG GB 46 -14.24 -96.18 -99.44
C ARG GB 46 -14.24 -95.33 -100.71
N THR GB 47 -14.23 -95.94 -101.90
CA THR GB 47 -14.28 -95.23 -103.17
C THR GB 47 -15.23 -95.89 -104.17
N ARG GB 48 -16.40 -96.37 -103.72
CA ARG GB 48 -17.40 -96.88 -104.68
C ARG GB 48 -18.31 -95.77 -105.17
N ARG GB 49 -18.26 -95.56 -106.48
CA ARG GB 49 -19.17 -94.64 -107.16
C ARG GB 49 -20.60 -95.02 -106.84
N ASN GB 50 -21.38 -94.06 -106.35
CA ASN GB 50 -22.78 -94.33 -106.04
C ASN GB 50 -23.67 -93.25 -106.65
N ALA GB 51 -24.97 -93.47 -106.57
CA ALA GB 51 -25.93 -92.55 -107.15
C ALA GB 51 -27.17 -92.56 -106.29
N THR GB 52 -27.78 -91.39 -106.18
CA THR GB 52 -28.95 -91.19 -105.33
C THR GB 52 -30.06 -90.57 -106.17
N PHE GB 53 -31.23 -91.17 -106.10
CA PHE GB 53 -32.40 -90.76 -106.88
C PHE GB 53 -33.44 -90.20 -105.92
N LYS GB 54 -33.92 -88.99 -106.21
CA LYS GB 54 -34.98 -88.36 -105.43
C LYS GB 54 -36.13 -87.95 -106.33
N SER GB 55 -37.34 -87.94 -105.76
CA SER GB 55 -38.55 -87.60 -106.50
C SER GB 55 -39.52 -86.88 -105.57
N ARG GB 56 -39.55 -85.54 -105.67
CA ARG GB 56 -40.55 -84.74 -105.00
C ARG GB 56 -41.71 -84.50 -105.96
N VAL GB 57 -42.93 -84.72 -105.46
CA VAL GB 57 -44.13 -84.70 -106.30
C VAL GB 57 -44.69 -83.28 -106.37
N PRO GB 58 -45.52 -82.98 -107.37
CA PRO GB 58 -46.18 -81.68 -107.42
C PRO GB 58 -47.15 -81.52 -106.26
N THR GB 59 -47.28 -80.28 -105.81
CA THR GB 59 -48.13 -79.95 -104.68
C THR GB 59 -49.46 -79.40 -105.17
N VAL GB 60 -50.56 -79.89 -104.59
CA VAL GB 60 -51.91 -79.47 -104.95
C VAL GB 60 -52.30 -78.34 -104.00
N VAL GB 61 -52.37 -77.11 -104.51
CA VAL GB 61 -52.72 -75.95 -103.71
C VAL GB 61 -53.93 -75.30 -104.38
N ASN GB 62 -55.13 -75.70 -103.93
CA ASN GB 62 -56.38 -75.05 -104.32
C ASN GB 62 -56.53 -75.02 -105.84
N GLY GB 63 -56.44 -76.20 -106.46
CA GLY GB 63 -56.57 -76.32 -107.90
C GLY GB 63 -55.33 -75.94 -108.71
N ASN GB 64 -54.29 -75.41 -108.07
CA ASN GB 64 -53.06 -75.05 -108.77
C ASN GB 64 -51.94 -76.02 -108.39
N TYR GB 65 -51.14 -76.44 -109.37
CA TYR GB 65 -50.09 -77.42 -109.14
C TYR GB 65 -48.72 -76.78 -109.32
N SER GB 66 -47.83 -77.03 -108.37
CA SER GB 66 -46.43 -76.65 -108.48
C SER GB 66 -45.69 -77.66 -109.34
N LYS GB 67 -44.57 -77.24 -109.90
CA LYS GB 67 -43.73 -78.17 -110.63
C LYS GB 67 -43.15 -79.21 -109.66
N GLY GB 68 -43.00 -80.43 -110.14
CA GLY GB 68 -42.31 -81.47 -109.40
C GLY GB 68 -40.84 -81.52 -109.76
N LYS GB 69 -40.08 -82.32 -109.01
CA LYS GB 69 -38.63 -82.29 -109.09
C LYS GB 69 -38.08 -83.70 -108.98
N ASN GB 70 -37.31 -84.12 -109.98
CA ASN GB 70 -36.67 -85.43 -109.95
C ASN GB 70 -35.16 -85.25 -110.05
N GLU GB 71 -34.44 -85.59 -108.98
CA GLU GB 71 -33.00 -85.42 -108.92
C GLU GB 71 -32.28 -86.75 -109.05
N VAL GB 72 -31.07 -86.67 -109.59
CA VAL GB 72 -30.08 -87.74 -109.49
C VAL GB 72 -28.76 -87.09 -109.10
N VAL GB 73 -28.02 -87.77 -108.23
CA VAL GB 73 -26.71 -87.32 -107.78
C VAL GB 73 -25.76 -88.50 -107.93
N PHE GB 74 -24.83 -88.41 -108.87
CA PHE GB 74 -23.82 -89.43 -109.07
C PHE GB 74 -22.52 -88.94 -108.45
N VAL GB 75 -21.84 -89.81 -107.73
CA VAL GB 75 -20.72 -89.42 -106.88
C VAL GB 75 -19.55 -90.38 -107.09
N ILE GB 76 -18.40 -89.82 -107.40
CA ILE GB 76 -17.11 -90.49 -107.37
C ILE GB 76 -16.38 -90.05 -106.10
N PRO GB 77 -16.32 -90.86 -105.06
CA PRO GB 77 -15.46 -90.51 -103.92
C PRO GB 77 -14.01 -90.83 -104.21
N MET GB 78 -13.12 -89.92 -103.81
CA MET GB 78 -11.69 -90.10 -104.02
C MET GB 78 -10.94 -89.76 -102.74
N SER GB 79 -9.89 -90.55 -102.48
CA SER GB 79 -9.06 -90.37 -101.31
C SER GB 79 -7.92 -89.42 -101.66
N LEU GB 80 -7.85 -88.30 -100.96
CA LEU GB 80 -6.80 -87.31 -101.23
C LEU GB 80 -5.47 -87.79 -100.68
N ASP GB 81 -4.41 -87.12 -101.12
CA ASP GB 81 -3.10 -87.34 -100.54
C ASP GB 81 -3.10 -87.02 -99.04
N SER GB 82 -3.92 -86.05 -98.63
CA SER GB 82 -4.08 -85.65 -97.23
C SER GB 82 -4.70 -86.73 -96.36
N GLY GB 83 -5.23 -87.80 -96.95
CA GLY GB 83 -6.01 -88.77 -96.21
C GLY GB 83 -7.49 -88.48 -96.18
N GLU GB 84 -7.87 -87.21 -96.20
CA GLU GB 84 -9.28 -86.85 -96.25
C GLU GB 84 -9.88 -87.22 -97.60
N THR GB 85 -10.96 -87.99 -97.59
CA THR GB 85 -11.63 -88.39 -98.81
C THR GB 85 -12.78 -87.44 -99.09
N VAL GB 86 -12.93 -87.05 -100.35
CA VAL GB 86 -13.94 -86.08 -100.77
C VAL GB 86 -14.72 -86.66 -101.95
N PHE GB 87 -15.71 -85.89 -102.41
CA PHE GB 87 -16.70 -86.39 -103.37
C PHE GB 87 -16.76 -85.51 -104.61
N ASN GB 88 -16.65 -86.15 -105.78
CA ASN GB 88 -16.87 -85.51 -107.08
C ASN GB 88 -18.30 -85.80 -107.50
N SER GB 89 -19.08 -84.75 -107.74
CA SER GB 89 -20.53 -84.85 -107.80
C SER GB 89 -21.06 -84.29 -109.10
N VAL GB 90 -21.70 -85.13 -109.91
CA VAL GB 90 -22.55 -84.64 -110.98
C VAL GB 90 -24.00 -84.77 -110.52
N ARG GB 91 -24.73 -83.66 -110.53
CA ARG GB 91 -26.12 -83.61 -110.08
C ARG GB 91 -26.99 -83.12 -111.22
N ILE GB 92 -28.08 -83.84 -111.49
CA ILE GB 92 -29.02 -83.48 -112.55
C ILE GB 92 -30.41 -83.50 -111.97
N ALA GB 93 -31.05 -82.33 -111.94
CA ALA GB 93 -32.38 -82.15 -111.38
C ALA GB 93 -33.30 -81.66 -112.49
N LEU GB 94 -34.45 -82.30 -112.63
CA LEU GB 94 -35.40 -81.96 -113.68
C LEU GB 94 -36.73 -81.58 -113.03
N GLU GB 95 -37.08 -80.31 -113.16
CA GLU GB 95 -38.28 -79.73 -112.55
C GLU GB 95 -39.29 -79.46 -113.65
N ILE GB 96 -40.44 -80.13 -113.56
CA ILE GB 96 -41.44 -80.10 -114.62
C ILE GB 96 -42.83 -79.86 -114.01
N HIS GB 97 -43.58 -78.93 -114.62
CA HIS GB 97 -44.99 -78.79 -114.33
C HIS GB 97 -45.79 -79.83 -115.12
N PRO GB 98 -46.81 -80.45 -114.52
CA PRO GB 98 -47.48 -81.57 -115.18
C PRO GB 98 -48.13 -81.22 -116.51
N ALA GB 99 -48.39 -79.95 -116.77
CA ALA GB 99 -49.06 -79.53 -117.99
C ALA GB 99 -48.14 -79.45 -119.19
N LEU GB 100 -46.84 -79.68 -119.02
CA LEU GB 100 -45.94 -79.68 -120.16
C LEU GB 100 -46.13 -80.94 -121.00
N ALA GB 101 -45.91 -80.83 -122.30
CA ALA GB 101 -46.09 -81.94 -123.20
C ALA GB 101 -45.12 -83.07 -122.90
N SER GB 102 -45.62 -84.30 -122.97
CA SER GB 102 -44.80 -85.48 -122.73
C SER GB 102 -43.58 -85.48 -123.66
N ALA GB 103 -43.73 -84.93 -124.86
CA ALA GB 103 -42.61 -84.85 -125.79
C ALA GB 103 -41.59 -83.79 -125.39
N SER GB 104 -42.06 -82.65 -124.88
CA SER GB 104 -41.13 -81.62 -124.44
C SER GB 104 -40.35 -82.05 -123.21
N VAL GB 105 -40.93 -82.91 -122.38
CA VAL GB 105 -40.18 -83.43 -121.24
C VAL GB 105 -38.94 -84.20 -121.71
N LYS GB 106 -39.14 -85.11 -122.67
CA LYS GB 106 -38.00 -85.88 -123.17
C LYS GB 106 -37.06 -85.01 -124.00
N ASP GB 107 -37.58 -84.04 -124.75
CA ASP GB 107 -36.69 -83.08 -125.41
C ASP GB 107 -35.81 -82.39 -124.37
N LEU GB 108 -36.37 -82.11 -123.18
CA LEU GB 108 -35.61 -81.40 -122.14
C LEU GB 108 -34.51 -82.31 -121.57
N ARG GB 109 -34.83 -83.59 -121.34
CA ARG GB 109 -33.81 -84.56 -120.94
C ARG GB 109 -32.66 -84.61 -121.94
N LEU GB 110 -32.99 -84.72 -123.22
CA LEU GB 110 -31.94 -84.86 -124.23
C LEU GB 110 -31.14 -83.58 -124.42
N ILE GB 111 -31.80 -82.42 -124.26
CA ILE GB 111 -31.08 -81.17 -124.46
C ILE GB 111 -30.12 -80.93 -123.30
N GLY GB 112 -30.51 -81.35 -122.08
CA GLY GB 112 -29.56 -81.31 -120.98
C GLY GB 112 -28.39 -82.25 -121.20
N ALA GB 113 -28.67 -83.46 -121.69
CA ALA GB 113 -27.59 -84.39 -121.98
C ALA GB 113 -26.61 -83.80 -122.99
N GLN GB 114 -27.13 -83.13 -124.03
CA GLN GB 114 -26.22 -82.52 -124.99
C GLN GB 114 -25.40 -81.43 -124.34
N LEU GB 115 -26.04 -80.59 -123.51
CA LEU GB 115 -25.30 -79.56 -122.80
C LEU GB 115 -24.14 -80.16 -121.99
N LEU GB 116 -24.33 -81.35 -121.41
CA LEU GB 116 -23.20 -82.02 -120.77
C LEU GB 116 -22.13 -82.47 -121.76
N THR GB 117 -22.52 -83.19 -122.82
CA THR GB 117 -21.54 -83.98 -123.55
C THR GB 117 -21.00 -83.34 -124.82
N ASP GB 118 -21.57 -82.24 -125.29
CA ASP GB 118 -21.12 -81.66 -126.55
C ASP GB 118 -19.74 -81.03 -126.39
N ALA GB 119 -19.02 -80.96 -127.51
CA ALA GB 119 -17.66 -80.45 -127.46
C ALA GB 119 -17.62 -78.94 -127.28
N ASP GB 120 -18.63 -78.24 -127.80
CA ASP GB 120 -18.75 -76.79 -127.62
C ASP GB 120 -18.61 -76.37 -126.17
N TYR GB 121 -19.00 -77.24 -125.24
CA TYR GB 121 -19.04 -76.88 -123.83
C TYR GB 121 -17.85 -77.45 -123.05
N ASP GB 122 -16.93 -78.14 -123.73
CA ASP GB 122 -15.75 -78.70 -123.08
C ASP GB 122 -15.01 -77.64 -122.26
N SER GB 123 -14.76 -76.48 -122.87
CA SER GB 123 -14.04 -75.43 -122.15
C SER GB 123 -14.78 -75.02 -120.88
N PHE GB 124 -16.10 -74.78 -121.00
CA PHE GB 124 -16.90 -74.41 -119.84
C PHE GB 124 -16.78 -75.44 -118.73
N TRP GB 125 -17.16 -76.68 -119.00
CA TRP GB 125 -17.22 -77.69 -117.95
C TRP GB 125 -15.83 -77.91 -117.33
N THR GB 126 -14.83 -78.16 -118.15
CA THR GB 126 -13.52 -78.55 -117.62
C THR GB 126 -12.82 -77.38 -116.94
N LEU GB 127 -12.63 -76.28 -117.67
CA LEU GB 127 -11.81 -75.17 -117.19
C LEU GB 127 -12.60 -74.18 -116.35
N GLY GB 128 -13.92 -74.17 -116.47
CA GLY GB 128 -14.75 -73.14 -115.86
C GLY GB 128 -14.91 -71.90 -116.71
N ALA GB 129 -14.54 -71.96 -117.98
CA ALA GB 129 -14.46 -70.75 -118.80
C ALA GB 129 -15.85 -70.26 -119.18
N LEU GB 130 -16.15 -69.01 -118.84
CA LEU GB 130 -17.38 -68.39 -119.29
C LEU GB 130 -17.23 -67.93 -120.74
N ALA GB 131 -18.37 -67.55 -121.34
CA ALA GB 131 -18.43 -67.04 -122.71
C ALA GB 131 -17.91 -68.04 -123.77
N SER HB 1 -36.98 -27.51 -141.95
CA SER HB 1 -36.26 -28.68 -142.43
C SER HB 1 -36.62 -29.93 -141.61
N ILE HB 2 -36.84 -29.76 -140.30
CA ILE HB 2 -37.39 -30.87 -139.51
C ILE HB 2 -38.85 -31.10 -139.88
N ILE HB 3 -39.62 -30.02 -139.95
CA ILE HB 3 -41.01 -30.12 -140.36
C ILE HB 3 -41.07 -30.40 -141.85
N GLY HB 4 -41.69 -31.53 -142.22
CA GLY HB 4 -41.76 -31.93 -143.60
C GLY HB 4 -40.68 -32.86 -144.07
N SER HB 5 -39.71 -33.18 -143.22
CA SER HB 5 -38.64 -34.09 -143.60
C SER HB 5 -39.22 -35.47 -143.91
N SER HB 6 -38.54 -36.18 -144.80
CA SER HB 6 -38.93 -37.52 -145.21
C SER HB 6 -37.79 -38.48 -144.96
N ILE HB 7 -38.11 -39.65 -144.39
CA ILE HB 7 -37.12 -40.66 -144.04
C ILE HB 7 -37.72 -42.04 -144.30
N LYS HB 8 -36.86 -42.99 -144.66
CA LYS HB 8 -37.31 -44.32 -145.08
C LYS HB 8 -37.65 -45.18 -143.86
N THR HB 9 -38.83 -45.81 -143.87
CA THR HB 9 -39.14 -46.86 -142.92
C THR HB 9 -39.18 -48.19 -143.64
N GLY HB 10 -39.10 -49.27 -142.86
CA GLY HB 10 -38.99 -50.59 -143.44
C GLY HB 10 -37.80 -50.73 -144.36
N ALA HB 11 -36.68 -50.10 -144.02
CA ALA HB 11 -35.50 -50.17 -144.86
C ALA HB 11 -34.80 -51.52 -144.71
N THR HB 12 -34.22 -51.99 -145.81
CA THR HB 12 -33.49 -53.25 -145.77
C THR HB 12 -32.23 -53.13 -144.91
N SER HB 13 -31.36 -52.17 -145.23
CA SER HB 13 -30.15 -51.98 -144.43
C SER HB 13 -29.58 -50.60 -144.70
N ALA HB 14 -28.76 -50.13 -143.77
CA ALA HB 14 -28.09 -48.85 -143.89
C ALA HB 14 -26.58 -49.06 -144.07
N SER HB 15 -25.95 -48.11 -144.76
CA SER HB 15 -24.54 -48.22 -145.05
C SER HB 15 -23.91 -46.83 -144.97
N ILE HB 16 -22.59 -46.78 -145.08
CA ILE HB 16 -21.90 -45.51 -144.93
C ILE HB 16 -20.71 -45.45 -145.87
N THR HB 17 -20.73 -44.50 -146.80
CA THR HB 17 -19.59 -44.25 -147.69
C THR HB 17 -18.60 -43.37 -146.93
N GLY HB 18 -17.50 -43.97 -146.49
CA GLY HB 18 -16.62 -43.29 -145.56
C GLY HB 18 -15.15 -43.57 -145.64
N GLY HB 19 -14.40 -43.02 -144.68
CA GLY HB 19 -12.96 -43.07 -144.70
C GLY HB 19 -12.34 -44.22 -143.92
N SER HB 20 -11.47 -43.90 -142.97
CA SER HB 20 -10.62 -44.89 -142.33
C SER HB 20 -11.37 -45.70 -141.29
N ASP HB 21 -10.83 -46.88 -140.98
CA ASP HB 21 -11.38 -47.76 -139.96
C ASP HB 21 -11.00 -47.29 -138.56
N ILE HB 22 -11.74 -47.80 -137.59
CA ILE HB 22 -11.39 -47.62 -136.18
C ILE HB 22 -11.84 -48.89 -135.47
N THR HB 23 -11.05 -49.33 -134.49
CA THR HB 23 -11.31 -50.61 -133.84
C THR HB 23 -11.39 -50.42 -132.33
N PHE HB 24 -12.27 -51.21 -131.71
CA PHE HB 24 -12.51 -51.16 -130.28
C PHE HB 24 -11.82 -52.33 -129.58
N ALA HB 25 -11.34 -52.08 -128.37
CA ALA HB 25 -10.88 -53.15 -127.50
C ALA HB 25 -11.37 -52.88 -126.10
N LEU HB 26 -11.51 -53.94 -125.31
CA LEU HB 26 -12.12 -53.83 -123.99
C LEU HB 26 -11.22 -53.04 -123.04
N THR HB 27 -11.82 -52.01 -122.40
CA THR HB 27 -11.04 -51.06 -121.61
C THR HB 27 -10.57 -51.67 -120.31
N GLY HB 28 -11.45 -52.38 -119.62
CA GLY HB 28 -11.18 -52.75 -118.25
C GLY HB 28 -11.55 -51.68 -117.25
N GLN HB 29 -12.27 -50.64 -117.67
CA GLN HB 29 -12.93 -49.75 -116.74
C GLN HB 29 -14.19 -50.43 -116.24
N THR HB 30 -14.33 -50.56 -114.93
CA THR HB 30 -15.49 -51.24 -114.37
C THR HB 30 -16.72 -50.37 -114.58
N VAL HB 31 -17.74 -50.93 -115.24
CA VAL HB 31 -19.00 -50.23 -115.52
C VAL HB 31 -20.16 -51.10 -115.07
N THR HB 32 -21.03 -50.54 -114.25
CA THR HB 32 -22.18 -51.28 -113.73
C THR HB 32 -23.15 -51.61 -114.87
N ASN HB 33 -23.52 -52.88 -114.95
CA ASN HB 33 -24.39 -53.41 -116.01
C ASN HB 33 -23.85 -53.11 -117.40
N GLY HB 34 -22.57 -52.81 -117.51
CA GLY HB 34 -22.07 -52.27 -118.77
C GLY HB 34 -20.64 -52.64 -119.08
N LEU HB 35 -20.18 -52.05 -120.18
CA LEU HB 35 -18.92 -52.37 -120.82
C LEU HB 35 -18.27 -51.08 -121.29
N ASN HB 36 -16.95 -51.03 -121.27
CA ASN HB 36 -16.23 -49.92 -121.86
C ASN HB 36 -15.24 -50.48 -122.87
N VAL HB 37 -15.36 -50.05 -124.13
CA VAL HB 37 -14.38 -50.36 -125.16
C VAL HB 37 -13.85 -49.05 -125.71
N SER HB 38 -12.53 -48.90 -125.74
CA SER HB 38 -11.95 -47.68 -126.28
C SER HB 38 -11.24 -47.98 -127.59
N VAL HB 39 -10.79 -46.91 -128.23
CA VAL HB 39 -10.17 -46.98 -129.54
C VAL HB 39 -8.72 -47.42 -129.39
N SER HB 40 -8.41 -48.60 -129.92
CA SER HB 40 -7.05 -49.10 -129.92
C SER HB 40 -6.14 -48.37 -130.90
N GLU HB 41 -6.66 -47.36 -131.59
CA GLU HB 41 -5.94 -46.72 -132.69
C GLU HB 41 -5.53 -45.30 -132.39
N ASP HB 42 -6.19 -44.63 -131.44
CA ASP HB 42 -5.72 -43.37 -130.91
C ASP HB 42 -4.63 -43.63 -129.88
N THR HB 43 -3.56 -42.86 -129.95
CA THR HB 43 -2.33 -43.21 -129.24
C THR HB 43 -2.22 -42.61 -127.84
N ASP HB 44 -2.98 -41.56 -127.54
CA ASP HB 44 -2.91 -40.88 -126.26
C ASP HB 44 -4.23 -41.08 -125.53
N TYR HB 45 -4.19 -41.80 -124.40
CA TYR HB 45 -5.40 -42.04 -123.61
C TYR HB 45 -6.14 -40.75 -123.32
N ARG HB 46 -5.39 -39.69 -123.01
CA ARG HB 46 -5.96 -38.38 -122.71
C ARG HB 46 -7.02 -37.97 -123.73
N THR HB 47 -6.84 -38.39 -124.99
CA THR HB 47 -7.78 -38.09 -126.07
C THR HB 47 -8.28 -39.34 -126.79
N ARG HB 48 -8.26 -40.52 -126.16
CA ARG HB 48 -8.80 -41.72 -126.81
C ARG HB 48 -10.32 -41.73 -126.76
N ARG HB 49 -10.93 -41.67 -127.94
CA ARG HB 49 -12.36 -41.89 -128.08
C ARG HB 49 -12.73 -43.21 -127.43
N ASN HB 50 -13.83 -43.22 -126.67
CA ASN HB 50 -14.28 -44.50 -126.11
C ASN HB 50 -15.79 -44.56 -126.05
N ALA HB 51 -16.30 -45.79 -126.05
CA ALA HB 51 -17.73 -46.05 -126.04
C ALA HB 51 -18.06 -46.95 -124.86
N THR HB 52 -19.24 -46.69 -124.28
CA THR HB 52 -19.72 -47.43 -123.12
C THR HB 52 -21.11 -47.96 -123.43
N PHE HB 53 -21.29 -49.25 -123.17
CA PHE HB 53 -22.49 -50.01 -123.52
C PHE HB 53 -23.17 -50.45 -122.24
N LYS HB 54 -24.38 -49.96 -121.99
CA LYS HB 54 -25.18 -50.42 -120.86
C LYS HB 54 -26.41 -51.16 -121.36
N SER HB 55 -26.87 -52.11 -120.54
CA SER HB 55 -27.96 -52.99 -120.95
C SER HB 55 -28.80 -53.37 -119.74
N ARG HB 56 -30.12 -53.18 -119.84
CA ARG HB 56 -31.08 -53.73 -118.88
C ARG HB 56 -32.18 -54.45 -119.64
N VAL HB 57 -32.41 -55.70 -119.23
CA VAL HB 57 -33.33 -56.66 -119.84
C VAL HB 57 -34.74 -56.39 -119.30
N PRO HB 58 -35.79 -56.73 -120.05
CA PRO HB 58 -37.16 -56.55 -119.53
C PRO HB 58 -37.39 -57.30 -118.22
N THR HB 59 -37.97 -56.61 -117.25
CA THR HB 59 -38.30 -57.16 -115.94
C THR HB 59 -39.79 -57.46 -115.87
N VAL HB 60 -40.13 -58.60 -115.27
CA VAL HB 60 -41.50 -59.10 -115.21
C VAL HB 60 -42.06 -58.90 -113.81
N VAL HB 61 -43.22 -58.24 -113.74
CA VAL HB 61 -43.98 -58.06 -112.48
C VAL HB 61 -45.29 -58.82 -112.63
N ASN HB 62 -45.36 -60.00 -112.01
CA ASN HB 62 -46.56 -60.84 -111.96
C ASN HB 62 -47.21 -60.98 -113.34
N GLY HB 63 -46.38 -61.28 -114.34
CA GLY HB 63 -46.85 -61.53 -115.68
C GLY HB 63 -46.76 -60.35 -116.64
N ASN HB 64 -46.53 -59.14 -116.14
CA ASN HB 64 -46.46 -57.94 -116.99
C ASN HB 64 -45.01 -57.55 -117.22
N TYR HB 65 -44.63 -57.40 -118.49
CA TYR HB 65 -43.25 -57.09 -118.83
C TYR HB 65 -43.02 -55.57 -118.92
N SER HB 66 -41.81 -55.16 -118.57
CA SER HB 66 -41.38 -53.77 -118.64
C SER HB 66 -40.44 -53.59 -119.83
N LYS HB 67 -40.61 -52.49 -120.55
CA LYS HB 67 -39.72 -52.17 -121.66
C LYS HB 67 -38.28 -52.05 -121.17
N GLY HB 68 -37.37 -52.78 -121.83
CA GLY HB 68 -35.97 -52.75 -121.48
C GLY HB 68 -35.22 -51.68 -122.23
N LYS HB 69 -33.95 -51.49 -121.83
CA LYS HB 69 -33.19 -50.29 -122.20
C LYS HB 69 -31.76 -50.66 -122.58
N ASN HB 70 -31.35 -50.31 -123.80
CA ASN HB 70 -29.98 -50.54 -124.25
C ASN HB 70 -29.36 -49.20 -124.60
N GLU HB 71 -28.40 -48.74 -123.78
CA GLU HB 71 -27.72 -47.46 -124.00
C GLU HB 71 -26.33 -47.67 -124.58
N VAL HB 72 -25.93 -46.70 -125.39
CA VAL HB 72 -24.55 -46.56 -125.84
C VAL HB 72 -24.18 -45.09 -125.70
N VAL HB 73 -22.97 -44.82 -125.25
CA VAL HB 73 -22.44 -43.46 -125.23
C VAL HB 73 -21.04 -43.48 -125.83
N PHE HB 74 -20.80 -42.57 -126.76
CA PHE HB 74 -19.53 -42.46 -127.46
C PHE HB 74 -18.97 -41.09 -127.18
N VAL HB 75 -17.67 -41.05 -126.84
CA VAL HB 75 -17.06 -39.85 -126.28
C VAL HB 75 -15.78 -39.54 -127.01
N ILE HB 76 -15.66 -38.29 -127.45
CA ILE HB 76 -14.42 -37.65 -127.88
C ILE HB 76 -13.95 -36.74 -126.74
N PRO HB 77 -12.91 -37.09 -126.02
CA PRO HB 77 -12.38 -36.16 -125.01
C PRO HB 77 -11.48 -35.13 -125.65
N MET HB 78 -11.62 -33.88 -125.20
CA MET HB 78 -10.73 -32.82 -125.65
C MET HB 78 -10.39 -31.92 -124.47
N SER HB 79 -9.13 -31.50 -124.40
CA SER HB 79 -8.69 -30.56 -123.40
C SER HB 79 -8.92 -29.14 -123.91
N LEU HB 80 -9.49 -28.30 -123.05
CA LEU HB 80 -9.81 -26.92 -123.40
C LEU HB 80 -8.60 -26.01 -123.19
N ASP HB 81 -8.71 -24.79 -123.71
CA ASP HB 81 -7.75 -23.75 -123.37
C ASP HB 81 -7.72 -23.50 -121.87
N SER HB 82 -8.81 -23.83 -121.16
CA SER HB 82 -8.87 -23.77 -119.71
C SER HB 82 -8.00 -24.81 -119.03
N GLY HB 83 -7.46 -25.78 -119.78
CA GLY HB 83 -6.76 -26.90 -119.18
C GLY HB 83 -7.73 -28.02 -118.82
N GLU HB 84 -8.91 -27.61 -118.34
CA GLU HB 84 -10.00 -28.54 -118.10
C GLU HB 84 -10.28 -29.39 -119.33
N THR HB 85 -10.44 -30.69 -119.12
CA THR HB 85 -10.74 -31.63 -120.20
C THR HB 85 -12.22 -31.98 -120.15
N VAL HB 86 -12.92 -31.78 -121.28
CA VAL HB 86 -14.34 -32.01 -121.39
C VAL HB 86 -14.61 -33.14 -122.38
N PHE HB 87 -15.71 -33.85 -122.16
CA PHE HB 87 -16.09 -35.01 -122.95
C PHE HB 87 -17.20 -34.62 -123.93
N ASN HB 88 -17.00 -34.91 -125.21
CA ASN HB 88 -17.98 -34.62 -126.27
C ASN HB 88 -18.75 -35.90 -126.58
N SER HB 89 -20.07 -35.84 -126.39
CA SER HB 89 -20.88 -37.04 -126.23
C SER HB 89 -21.90 -37.19 -127.35
N VAL HB 90 -22.09 -38.44 -127.78
CA VAL HB 90 -23.29 -38.85 -128.50
C VAL HB 90 -23.84 -40.08 -127.79
N ARG HB 91 -25.12 -40.05 -127.42
CA ARG HB 91 -25.73 -41.09 -126.62
C ARG HB 91 -26.99 -41.59 -127.32
N ILE HB 92 -27.07 -42.91 -127.51
CA ILE HB 92 -28.20 -43.53 -128.19
C ILE HB 92 -28.76 -44.61 -127.29
N ALA HB 93 -30.03 -44.44 -126.90
CA ALA HB 93 -30.71 -45.33 -125.98
C ALA HB 93 -31.96 -45.88 -126.66
N LEU HB 94 -32.06 -47.20 -126.75
CA LEU HB 94 -33.20 -47.84 -127.39
C LEU HB 94 -33.98 -48.64 -126.36
N GLU HB 95 -35.24 -48.27 -126.16
CA GLU HB 95 -36.11 -48.85 -125.15
C GLU HB 95 -37.24 -49.60 -125.86
N ILE HB 96 -37.26 -50.92 -125.66
CA ILE HB 96 -38.16 -51.79 -126.40
C ILE HB 96 -38.97 -52.66 -125.45
N HIS HB 97 -40.27 -52.75 -125.70
CA HIS HB 97 -41.10 -53.74 -125.01
C HIS HB 97 -41.01 -55.08 -125.73
N PRO HB 98 -40.97 -56.20 -124.99
CA PRO HB 98 -40.77 -57.50 -125.65
C PRO HB 98 -41.82 -57.83 -126.71
N ALA HB 99 -43.01 -57.24 -126.64
CA ALA HB 99 -44.07 -57.59 -127.56
C ALA HB 99 -43.90 -56.95 -128.94
N LEU HB 100 -42.94 -56.04 -129.12
CA LEU HB 100 -42.80 -55.35 -130.40
C LEU HB 100 -42.31 -56.31 -131.48
N ALA HB 101 -42.68 -56.00 -132.71
CA ALA HB 101 -42.27 -56.81 -133.85
C ALA HB 101 -40.75 -56.80 -134.00
N SER HB 102 -40.20 -57.99 -134.24
CA SER HB 102 -38.76 -58.14 -134.45
C SER HB 102 -38.26 -57.18 -135.52
N ALA HB 103 -39.02 -57.02 -136.60
CA ALA HB 103 -38.61 -56.12 -137.68
C ALA HB 103 -38.81 -54.65 -137.32
N SER HB 104 -39.82 -54.34 -136.50
CA SER HB 104 -39.97 -52.96 -136.03
C SER HB 104 -38.81 -52.54 -135.14
N VAL HB 105 -38.19 -53.49 -134.42
CA VAL HB 105 -37.00 -53.16 -133.65
C VAL HB 105 -35.89 -52.61 -134.56
N LYS HB 106 -35.56 -53.36 -135.61
CA LYS HB 106 -34.52 -52.89 -136.51
C LYS HB 106 -34.97 -51.68 -137.33
N ASP HB 107 -36.27 -51.54 -137.58
CA ASP HB 107 -36.73 -50.29 -138.21
C ASP HB 107 -36.48 -49.10 -137.30
N LEU HB 108 -36.64 -49.27 -135.98
CA LEU HB 108 -36.30 -48.18 -135.05
C LEU HB 108 -34.82 -47.85 -135.10
N ARG HB 109 -33.96 -48.87 -135.10
CA ARG HB 109 -32.53 -48.61 -135.22
C ARG HB 109 -32.23 -47.78 -136.47
N LEU HB 110 -32.78 -48.20 -137.61
CA LEU HB 110 -32.49 -47.52 -138.87
C LEU HB 110 -33.10 -46.13 -138.95
N ILE HB 111 -34.28 -45.95 -138.38
CA ILE HB 111 -34.93 -44.63 -138.46
C ILE HB 111 -34.23 -43.65 -137.51
N GLY HB 112 -33.77 -44.14 -136.35
CA GLY HB 112 -32.93 -43.32 -135.51
C GLY HB 112 -31.66 -42.89 -136.21
N ALA HB 113 -31.01 -43.84 -136.91
CA ALA HB 113 -29.78 -43.48 -137.61
C ALA HB 113 -30.04 -42.44 -138.70
N GLN HB 114 -31.16 -42.57 -139.41
CA GLN HB 114 -31.48 -41.56 -140.42
C GLN HB 114 -31.70 -40.20 -139.77
N LEU HB 115 -32.31 -40.18 -138.57
CA LEU HB 115 -32.52 -38.90 -137.90
C LEU HB 115 -31.20 -38.21 -137.54
N LEU HB 116 -30.12 -38.98 -137.36
CA LEU HB 116 -28.79 -38.36 -137.23
C LEU HB 116 -28.19 -37.94 -138.56
N THR HB 117 -28.29 -38.79 -139.58
CA THR HB 117 -27.42 -38.62 -140.74
C THR HB 117 -28.12 -38.14 -142.00
N ASP HB 118 -29.37 -37.68 -141.91
CA ASP HB 118 -29.98 -37.06 -143.08
C ASP HB 118 -29.69 -35.58 -143.09
N ALA HB 119 -29.62 -35.02 -144.31
CA ALA HB 119 -29.30 -33.61 -144.46
C ALA HB 119 -30.39 -32.72 -143.88
N ASP HB 120 -31.65 -33.16 -143.95
CA ASP HB 120 -32.77 -32.37 -143.44
C ASP HB 120 -32.55 -31.92 -142.02
N TYR HB 121 -31.75 -32.64 -141.24
CA TYR HB 121 -31.59 -32.37 -139.83
C TYR HB 121 -30.26 -31.68 -139.51
N ASP HB 122 -29.41 -31.48 -140.53
CA ASP HB 122 -28.09 -30.87 -140.31
C ASP HB 122 -28.21 -29.59 -139.49
N SER HB 123 -29.16 -28.73 -139.84
CA SER HB 123 -29.32 -27.47 -139.11
C SER HB 123 -29.63 -27.72 -137.65
N PHE HB 124 -30.57 -28.64 -137.38
CA PHE HB 124 -30.91 -29.01 -136.01
C PHE HB 124 -29.69 -29.48 -135.23
N TRP HB 125 -29.01 -30.51 -135.73
CA TRP HB 125 -27.92 -31.10 -134.95
C TRP HB 125 -26.80 -30.10 -134.73
N THR HB 126 -26.31 -29.47 -135.81
CA THR HB 126 -25.15 -28.60 -135.67
C THR HB 126 -25.48 -27.37 -134.83
N LEU HB 127 -26.50 -26.62 -135.23
CA LEU HB 127 -26.76 -25.33 -134.58
C LEU HB 127 -27.73 -25.44 -133.41
N GLY HB 128 -28.74 -26.29 -133.51
CA GLY HB 128 -29.80 -26.35 -132.52
C GLY HB 128 -31.12 -25.80 -133.01
N ALA HB 129 -31.30 -25.65 -134.32
CA ALA HB 129 -32.50 -25.09 -134.93
C ALA HB 129 -33.72 -25.97 -134.65
N LEU HB 130 -34.85 -25.31 -134.44
CA LEU HB 130 -36.08 -26.00 -134.02
C LEU HB 130 -37.19 -25.94 -135.07
N ALA HB 131 -36.89 -25.57 -136.31
CA ALA HB 131 -37.92 -25.55 -137.35
C ALA HB 131 -37.85 -26.81 -138.22
N SER IB 1 36.87 -69.85 60.60
CA SER IB 1 38.32 -69.98 60.56
C SER IB 1 38.85 -69.85 59.13
N ILE IB 2 38.19 -69.01 58.32
CA ILE IB 2 38.60 -68.81 56.93
C ILE IB 2 39.84 -67.91 56.86
N ILE IB 3 39.77 -66.74 57.51
CA ILE IB 3 40.88 -65.80 57.47
C ILE IB 3 42.06 -66.41 58.22
N GLY IB 4 43.16 -66.63 57.50
CA GLY IB 4 44.33 -67.22 58.09
C GLY IB 4 44.46 -68.72 57.95
N SER IB 5 43.50 -69.36 57.29
CA SER IB 5 43.62 -70.80 57.08
C SER IB 5 44.84 -71.13 56.21
N SER IB 6 45.34 -72.34 56.36
CA SER IB 6 46.54 -72.79 55.67
C SER IB 6 46.25 -74.11 54.98
N ILE IB 7 46.60 -74.20 53.69
CA ILE IB 7 46.45 -75.41 52.89
C ILE IB 7 47.69 -75.61 52.03
N LYS IB 8 47.75 -76.76 51.37
CA LYS IB 8 48.96 -77.21 50.67
C LYS IB 8 48.80 -77.03 49.17
N THR IB 9 49.78 -76.37 48.54
CA THR IB 9 49.86 -76.30 47.09
C THR IB 9 50.98 -77.22 46.61
N GLY IB 10 50.85 -77.68 45.37
CA GLY IB 10 51.78 -78.67 44.84
C GLY IB 10 51.86 -79.92 45.68
N ALA IB 11 50.71 -80.41 46.14
CA ALA IB 11 50.71 -81.65 46.90
C ALA IB 11 51.00 -82.83 45.98
N THR IB 12 51.75 -83.80 46.50
CA THR IB 12 52.03 -85.01 45.73
C THR IB 12 50.74 -85.75 45.40
N SER IB 13 49.89 -85.99 46.42
CA SER IB 13 48.58 -86.59 46.17
C SER IB 13 47.68 -86.35 47.39
N ALA IB 14 46.42 -86.75 47.25
CA ALA IB 14 45.47 -86.72 48.34
C ALA IB 14 44.86 -88.11 48.50
N SER IB 15 44.44 -88.43 49.72
CA SER IB 15 43.98 -89.77 50.05
C SER IB 15 42.89 -89.66 51.11
N ILE IB 16 42.29 -90.80 51.44
CA ILE IB 16 41.13 -90.80 52.32
C ILE IB 16 41.15 -92.04 53.21
N THR IB 17 41.04 -91.83 54.52
CA THR IB 17 40.91 -92.90 55.50
C THR IB 17 39.42 -93.03 55.81
N GLY IB 18 38.79 -94.09 55.28
CA GLY IB 18 37.35 -94.14 55.35
C GLY IB 18 36.78 -95.51 55.16
N GLY IB 19 35.44 -95.57 55.21
CA GLY IB 19 34.70 -96.81 55.33
C GLY IB 19 34.37 -97.54 54.04
N SER IB 20 33.08 -97.80 53.82
CA SER IB 20 32.66 -98.75 52.80
C SER IB 20 32.76 -98.17 51.40
N ASP IB 21 32.93 -99.06 50.43
CA ASP IB 21 32.99 -98.68 49.02
C ASP IB 21 31.59 -98.36 48.49
N ILE IB 22 31.56 -97.56 47.45
CA ILE IB 22 30.36 -97.35 46.64
C ILE IB 22 30.81 -97.41 45.18
N THR IB 23 30.01 -98.09 44.36
CA THR IB 23 30.34 -98.38 42.98
C THR IB 23 29.32 -97.73 42.06
N PHE IB 24 29.80 -97.15 40.97
CA PHE IB 24 29.00 -96.44 39.98
C PHE IB 24 28.69 -97.33 38.79
N ALA IB 25 27.61 -96.99 38.10
CA ALA IB 25 27.23 -97.64 36.85
C ALA IB 25 26.39 -96.66 36.06
N LEU IB 26 26.40 -96.83 34.75
CA LEU IB 26 25.77 -95.84 33.88
C LEU IB 26 24.25 -95.89 33.99
N THR IB 27 23.63 -94.71 34.01
CA THR IB 27 22.19 -94.55 34.24
C THR IB 27 21.37 -94.44 32.96
N GLY IB 28 21.84 -93.66 31.98
CA GLY IB 28 21.04 -93.42 30.81
C GLY IB 28 20.04 -92.30 30.95
N GLN IB 29 20.00 -91.60 32.08
CA GLN IB 29 19.31 -90.32 32.13
C GLN IB 29 19.99 -89.36 31.17
N THR IB 30 19.22 -88.83 30.23
CA THR IB 30 19.76 -88.00 29.18
C THR IB 30 20.37 -86.72 29.76
N VAL IB 31 21.66 -86.50 29.48
CA VAL IB 31 22.41 -85.35 29.96
C VAL IB 31 23.24 -84.80 28.81
N THR IB 32 23.03 -83.53 28.47
CA THR IB 32 23.67 -82.93 27.31
C THR IB 32 25.14 -82.68 27.57
N ASN IB 33 25.99 -83.20 26.67
CA ASN IB 33 27.45 -83.16 26.82
C ASN IB 33 27.89 -83.81 28.12
N GLY IB 34 27.10 -84.76 28.62
CA GLY IB 34 27.34 -85.30 29.93
C GLY IB 34 26.99 -86.77 30.12
N LEU IB 35 26.86 -87.17 31.38
CA LEU IB 35 26.82 -88.58 31.73
C LEU IB 35 26.25 -88.71 33.14
N ASN IB 36 25.24 -89.57 33.30
CA ASN IB 36 24.68 -89.87 34.61
C ASN IB 36 25.13 -91.27 35.04
N VAL IB 37 25.83 -91.36 36.17
CA VAL IB 37 26.12 -92.65 36.78
C VAL IB 37 25.53 -92.67 38.18
N SER IB 38 24.73 -93.69 38.47
CA SER IB 38 24.21 -93.84 39.83
C SER IB 38 24.89 -95.02 40.49
N VAL IB 39 24.64 -95.16 41.77
CA VAL IB 39 25.24 -96.26 42.51
C VAL IB 39 24.40 -97.51 42.26
N SER IB 40 25.05 -98.64 42.05
CA SER IB 40 24.30 -99.89 42.01
C SER IB 40 24.17 -100.48 43.40
N GLU IB 41 24.61 -99.76 44.42
CA GLU IB 41 24.65 -100.30 45.77
C GLU IB 41 23.50 -99.83 46.63
N ASP IB 42 22.90 -98.68 46.30
CA ASP IB 42 21.63 -98.31 46.89
C ASP IB 42 20.51 -98.95 46.09
N THR IB 43 19.46 -99.36 46.80
CA THR IB 43 18.42 -100.19 46.21
C THR IB 43 17.15 -99.45 45.83
N ASP IB 44 16.76 -98.43 46.61
CA ASP IB 44 15.53 -97.70 46.37
C ASP IB 44 15.78 -96.60 45.34
N TYR IB 45 14.97 -96.60 44.26
CA TYR IB 45 15.20 -95.63 43.19
C TYR IB 45 14.95 -94.21 43.66
N ARG IB 46 13.93 -94.02 44.52
CA ARG IB 46 13.69 -92.72 45.14
C ARG IB 46 14.95 -92.12 45.74
N THR IB 47 15.59 -92.85 46.65
CA THR IB 47 16.69 -92.31 47.43
C THR IB 47 18.06 -92.78 46.93
N ARG IB 48 18.16 -93.21 45.67
CA ARG IB 48 19.42 -93.75 45.18
C ARG IB 48 20.34 -92.62 44.73
N ARG IB 49 21.51 -92.56 45.36
CA ARG IB 49 22.48 -91.50 45.11
C ARG IB 49 22.99 -91.54 43.69
N ASN IB 50 23.08 -90.36 43.04
CA ASN IB 50 23.59 -90.38 41.68
C ASN IB 50 24.42 -89.14 41.38
N ALA IB 51 25.36 -89.29 40.45
CA ALA IB 51 26.23 -88.22 40.03
C ALA IB 51 26.09 -87.99 38.54
N THR IB 52 26.44 -86.77 38.14
CA THR IB 52 26.31 -86.33 36.76
C THR IB 52 27.54 -85.51 36.38
N PHE IB 53 28.18 -85.92 35.29
CA PHE IB 53 29.42 -85.36 34.80
C PHE IB 53 29.12 -84.63 33.50
N LYS IB 54 29.32 -83.31 33.49
CA LYS IB 54 29.24 -82.56 32.25
C LYS IB 54 30.62 -82.06 31.88
N SER IB 55 30.87 -81.96 30.57
CA SER IB 55 32.19 -81.68 30.05
C SER IB 55 32.08 -80.79 28.81
N ARG IB 56 32.79 -79.66 28.83
CA ARG IB 56 32.87 -78.74 27.69
C ARG IB 56 34.33 -78.39 27.47
N VAL IB 57 34.82 -78.66 26.25
CA VAL IB 57 36.23 -78.52 25.90
C VAL IB 57 36.54 -77.07 25.53
N PRO IB 58 37.80 -76.64 25.67
CA PRO IB 58 38.19 -75.35 25.12
C PRO IB 58 37.96 -75.32 23.61
N THR IB 59 37.24 -74.29 23.17
CA THR IB 59 36.92 -74.11 21.77
C THR IB 59 37.60 -72.85 21.26
N VAL IB 60 38.24 -72.96 20.10
CA VAL IB 60 38.93 -71.83 19.49
C VAL IB 60 37.91 -70.97 18.77
N VAL IB 61 38.01 -69.66 18.96
CA VAL IB 61 37.16 -68.70 18.27
C VAL IB 61 38.02 -67.48 17.93
N ASN IB 62 38.09 -67.14 16.65
CA ASN IB 62 38.83 -65.97 16.18
C ASN IB 62 40.30 -66.08 16.54
N GLY IB 63 40.86 -67.28 16.40
CA GLY IB 63 42.29 -67.48 16.51
C GLY IB 63 42.81 -67.78 17.90
N ASN IB 64 41.96 -67.80 18.93
CA ASN IB 64 42.45 -68.12 20.26
C ASN IB 64 41.37 -68.85 21.06
N TYR IB 65 41.82 -69.48 22.16
CA TYR IB 65 41.02 -70.45 22.87
C TYR IB 65 40.14 -69.80 23.92
N SER IB 66 39.07 -70.51 24.27
CA SER IB 66 38.20 -70.17 25.38
C SER IB 66 38.37 -71.23 26.47
N LYS IB 67 38.38 -70.78 27.73
CA LYS IB 67 38.58 -71.71 28.84
C LYS IB 67 37.48 -72.77 28.85
N GLY IB 68 37.87 -74.01 29.16
CA GLY IB 68 36.93 -75.10 29.22
C GLY IB 68 36.42 -75.37 30.62
N LYS IB 69 35.33 -76.14 30.70
CA LYS IB 69 34.58 -76.28 31.94
C LYS IB 69 34.15 -77.73 32.14
N ASN IB 70 34.50 -78.30 33.30
CA ASN IB 70 34.14 -79.68 33.62
C ASN IB 70 33.40 -79.68 34.95
N GLU IB 71 32.10 -79.97 34.90
CA GLU IB 71 31.25 -80.00 36.09
C GLU IB 71 31.01 -81.42 36.54
N VAL IB 72 30.82 -81.58 37.85
CA VAL IB 72 30.27 -82.79 38.44
C VAL IB 72 29.22 -82.34 39.44
N VAL IB 73 28.16 -83.12 39.57
CA VAL IB 73 27.18 -82.90 40.64
C VAL IB 73 26.79 -84.25 41.21
N PHE IB 74 26.99 -84.41 42.52
CA PHE IB 74 26.63 -85.61 43.24
C PHE IB 74 25.42 -85.29 44.11
N VAL IB 75 24.42 -86.16 44.08
CA VAL IB 75 23.12 -85.88 44.65
C VAL IB 75 22.69 -87.02 45.56
N ILE IB 76 22.28 -86.65 46.76
CA ILE IB 76 21.59 -87.51 47.71
C ILE IB 76 20.12 -87.11 47.72
N PRO IB 77 19.22 -87.89 47.13
CA PRO IB 77 17.80 -87.57 47.26
C PRO IB 77 17.30 -87.95 48.64
N MET IB 78 16.34 -87.16 49.14
CA MET IB 78 15.63 -87.52 50.36
C MET IB 78 14.18 -87.06 50.25
N SER IB 79 13.27 -87.91 50.70
CA SER IB 79 11.87 -87.52 50.75
C SER IB 79 11.64 -86.72 52.03
N LEU IB 80 10.96 -85.58 51.88
CA LEU IB 80 10.63 -84.76 53.04
C LEU IB 80 9.32 -85.23 53.66
N ASP IB 81 9.07 -84.74 54.89
CA ASP IB 81 7.83 -85.07 55.57
C ASP IB 81 6.62 -84.57 54.79
N SER IB 82 6.78 -83.49 54.01
CA SER IB 82 5.70 -82.91 53.22
C SER IB 82 5.37 -83.72 51.98
N GLY IB 83 6.19 -84.71 51.63
CA GLY IB 83 5.91 -85.53 50.48
C GLY IB 83 6.85 -85.29 49.32
N GLU IB 84 7.14 -84.02 49.02
CA GLU IB 84 8.06 -83.71 47.94
C GLU IB 84 9.43 -84.31 48.23
N THR IB 85 10.00 -84.97 47.23
CA THR IB 85 11.37 -85.44 47.31
C THR IB 85 12.30 -84.31 46.89
N VAL IB 86 13.31 -84.02 47.70
CA VAL IB 86 14.25 -82.94 47.42
C VAL IB 86 15.66 -83.52 47.31
N PHE IB 87 16.46 -82.89 46.47
CA PHE IB 87 17.82 -83.34 46.19
C PHE IB 87 18.82 -82.56 47.05
N ASN IB 88 19.85 -83.24 47.54
CA ASN IB 88 20.96 -82.62 48.24
C ASN IB 88 22.18 -82.68 47.34
N SER IB 89 22.77 -81.53 47.08
CA SER IB 89 23.72 -81.37 45.98
C SER IB 89 25.09 -81.00 46.49
N VAL IB 90 26.11 -81.63 45.94
CA VAL IB 90 27.46 -81.06 45.95
C VAL IB 90 27.89 -80.95 44.49
N ARG IB 91 28.27 -79.76 44.08
CA ARG IB 91 28.59 -79.47 42.69
C ARG IB 91 30.00 -78.91 42.63
N ILE IB 92 30.83 -79.52 41.80
CA ILE IB 92 32.22 -79.12 41.65
C ILE IB 92 32.47 -78.87 40.17
N ALA IB 93 32.63 -77.61 39.81
CA ALA IB 93 32.99 -77.22 38.45
C ALA IB 93 34.44 -76.79 38.43
N LEU IB 94 35.11 -77.04 37.31
CA LEU IB 94 36.53 -76.71 37.19
C LEU IB 94 36.78 -76.20 35.78
N GLU IB 95 37.14 -74.93 35.68
CA GLU IB 95 37.33 -74.21 34.43
C GLU IB 95 38.81 -73.92 34.26
N ILE IB 96 39.40 -74.46 33.20
CA ILE IB 96 40.83 -74.33 32.94
C ILE IB 96 41.03 -73.66 31.60
N HIS IB 97 41.95 -72.71 31.56
CA HIS IB 97 42.40 -72.20 30.27
C HIS IB 97 43.52 -73.09 29.73
N PRO IB 98 43.54 -73.36 28.44
CA PRO IB 98 44.54 -74.30 27.88
C PRO IB 98 45.97 -73.93 28.21
N ALA IB 99 46.24 -72.68 28.54
CA ALA IB 99 47.60 -72.24 28.83
C ALA IB 99 48.07 -72.61 30.23
N LEU IB 100 47.19 -73.09 31.11
CA LEU IB 100 47.63 -73.44 32.45
C LEU IB 100 48.53 -74.66 32.41
N ALA IB 101 49.49 -74.69 33.33
CA ALA IB 101 50.39 -75.83 33.44
C ALA IB 101 49.66 -77.11 33.80
N SER IB 102 50.08 -78.21 33.17
CA SER IB 102 49.53 -79.52 33.50
C SER IB 102 49.58 -79.77 35.00
N ALA IB 103 50.69 -79.36 35.64
CA ALA IB 103 50.83 -79.57 37.08
C ALA IB 103 49.90 -78.65 37.87
N SER IB 104 49.70 -77.41 37.41
CA SER IB 104 48.79 -76.51 38.11
C SER IB 104 47.33 -76.94 37.98
N VAL IB 105 47.01 -77.74 36.95
CA VAL IB 105 45.66 -78.30 36.87
C VAL IB 105 45.40 -79.22 38.06
N LYS IB 106 46.30 -80.19 38.29
CA LYS IB 106 46.16 -81.04 39.46
C LYS IB 106 46.30 -80.25 40.76
N ASP IB 107 47.13 -79.19 40.78
CA ASP IB 107 47.18 -78.38 41.99
C ASP IB 107 45.81 -77.77 42.28
N LEU IB 108 45.08 -77.33 41.24
CA LEU IB 108 43.73 -76.80 41.45
C LEU IB 108 42.79 -77.88 41.97
N ARG IB 109 42.86 -79.09 41.39
CA ARG IB 109 41.99 -80.16 41.86
C ARG IB 109 42.21 -80.43 43.35
N LEU IB 110 43.48 -80.51 43.76
CA LEU IB 110 43.78 -80.85 45.15
C LEU IB 110 43.53 -79.67 46.10
N ILE IB 111 43.80 -78.45 45.67
CA ILE IB 111 43.55 -77.31 46.53
C ILE IB 111 42.05 -77.07 46.68
N GLY IB 112 41.26 -77.44 45.66
CA GLY IB 112 39.82 -77.36 45.81
C GLY IB 112 39.30 -78.42 46.74
N ALA IB 113 39.68 -79.68 46.50
CA ALA IB 113 39.23 -80.75 47.39
C ALA IB 113 39.68 -80.51 48.82
N GLN IB 114 40.80 -79.82 49.00
CA GLN IB 114 41.29 -79.51 50.33
C GLN IB 114 40.47 -78.42 51.00
N LEU IB 115 39.76 -77.60 50.23
CA LEU IB 115 38.85 -76.61 50.80
C LEU IB 115 37.55 -77.24 51.31
N LEU IB 116 37.15 -78.40 50.77
CA LEU IB 116 36.01 -79.13 51.36
C LEU IB 116 36.37 -79.77 52.68
N THR IB 117 37.49 -80.48 52.75
CA THR IB 117 37.73 -81.41 53.84
C THR IB 117 38.51 -80.81 55.00
N ASP IB 118 39.33 -79.80 54.77
CA ASP IB 118 40.23 -79.33 55.82
C ASP IB 118 39.43 -78.70 56.97
N ALA IB 119 39.75 -79.11 58.19
CA ALA IB 119 38.96 -78.76 59.36
C ALA IB 119 38.83 -77.26 59.58
N ASP IB 120 39.79 -76.48 59.07
CA ASP IB 120 39.68 -75.02 59.13
C ASP IB 120 38.35 -74.53 58.57
N TYR IB 121 37.95 -75.07 57.43
CA TYR IB 121 36.68 -74.66 56.82
C TYR IB 121 35.52 -75.46 57.36
N ASP IB 122 35.78 -76.37 58.29
CA ASP IB 122 34.77 -77.29 58.77
C ASP IB 122 33.58 -76.54 59.36
N SER IB 123 33.84 -75.38 60.00
CA SER IB 123 32.74 -74.58 60.52
C SER IB 123 31.99 -73.85 59.40
N PHE IB 124 32.67 -73.56 58.29
CA PHE IB 124 32.02 -72.85 57.19
C PHE IB 124 30.98 -73.70 56.51
N TRP IB 125 31.36 -74.90 56.07
CA TRP IB 125 30.46 -75.74 55.29
C TRP IB 125 29.27 -76.18 56.12
N THR IB 126 29.51 -76.65 57.34
CA THR IB 126 28.44 -77.18 58.18
C THR IB 126 27.48 -76.07 58.61
N LEU IB 127 28.02 -75.02 59.22
CA LEU IB 127 27.20 -74.00 59.84
C LEU IB 127 26.87 -72.83 58.91
N GLY IB 128 27.45 -72.81 57.71
CA GLY IB 128 27.33 -71.63 56.89
C GLY IB 128 27.94 -70.41 57.54
N ALA IB 129 29.06 -70.59 58.25
CA ALA IB 129 29.64 -69.56 59.11
C ALA IB 129 30.73 -68.79 58.37
N LEU IB 130 30.53 -67.48 58.24
CA LEU IB 130 31.52 -66.59 57.63
C LEU IB 130 32.38 -66.00 58.75
N ALA IB 131 33.63 -66.42 58.81
CA ALA IB 131 34.58 -65.92 59.79
C ALA IB 131 35.97 -66.42 59.43
N SER JB 1 36.54 -94.66 32.59
CA SER JB 1 37.03 -94.74 33.96
C SER JB 1 36.05 -94.06 34.92
N ILE JB 2 35.14 -93.25 34.38
CA ILE JB 2 34.05 -92.70 35.19
C ILE JB 2 33.02 -93.78 35.47
N ILE JB 3 32.66 -94.54 34.44
CA ILE JB 3 31.71 -95.64 34.61
C ILE JB 3 32.36 -96.75 35.41
N GLY JB 4 31.67 -97.23 36.44
CA GLY JB 4 32.23 -98.31 37.23
C GLY JB 4 33.39 -97.91 38.10
N SER JB 5 33.46 -96.63 38.50
CA SER JB 5 34.47 -96.21 39.47
C SER JB 5 33.95 -96.43 40.89
N SER JB 6 34.90 -96.51 41.82
CA SER JB 6 34.60 -96.84 43.22
C SER JB 6 35.16 -95.75 44.13
N ILE JB 7 34.34 -95.30 45.08
CA ILE JB 7 34.74 -94.24 46.02
C ILE JB 7 34.16 -94.53 47.41
N LYS JB 8 34.82 -94.03 48.44
CA LYS JB 8 34.45 -94.37 49.82
C LYS JB 8 33.31 -93.46 50.29
N THR JB 9 32.25 -94.07 50.81
CA THR JB 9 31.21 -93.32 51.53
C THR JB 9 31.39 -93.49 53.02
N GLY JB 10 30.85 -92.53 53.77
CA GLY JB 10 30.96 -92.51 55.20
C GLY JB 10 32.41 -92.67 55.63
N ALA JB 11 33.29 -91.92 54.98
CA ALA JB 11 34.70 -91.97 55.34
C ALA JB 11 34.93 -91.22 56.64
N THR JB 12 35.87 -91.73 57.44
CA THR JB 12 36.19 -91.11 58.71
C THR JB 12 36.83 -89.74 58.51
N SER JB 13 37.81 -89.64 57.62
CA SER JB 13 38.38 -88.35 57.24
C SER JB 13 39.22 -88.52 55.99
N ALA JB 14 39.59 -87.39 55.40
CA ALA JB 14 40.47 -87.37 54.24
C ALA JB 14 41.63 -86.43 54.52
N SER JB 15 42.73 -86.63 53.79
CA SER JB 15 43.94 -85.87 54.06
C SER JB 15 44.74 -85.77 52.76
N ILE JB 16 45.91 -85.15 52.85
CA ILE JB 16 46.67 -84.80 51.67
C ILE JB 16 48.16 -84.95 51.94
N THR JB 17 48.81 -85.85 51.20
CA THR JB 17 50.26 -85.99 51.25
C THR JB 17 50.84 -84.93 50.32
N GLY JB 18 51.33 -83.84 50.92
CA GLY JB 18 51.42 -82.57 50.23
C GLY JB 18 52.77 -81.90 50.37
N GLY JB 19 52.89 -80.76 49.68
CA GLY JB 19 54.09 -79.94 49.66
C GLY JB 19 54.02 -78.73 50.56
N SER JB 20 54.23 -77.53 50.00
CA SER JB 20 54.41 -76.33 50.81
C SER JB 20 53.09 -75.71 51.22
N ASP JB 21 53.14 -74.92 52.30
CA ASP JB 21 51.96 -74.24 52.84
C ASP JB 21 51.58 -73.05 51.97
N ILE JB 22 50.32 -72.63 52.14
CA ILE JB 22 49.81 -71.39 51.55
C ILE JB 22 48.79 -70.82 52.51
N THR JB 23 48.83 -69.49 52.71
CA THR JB 23 48.08 -68.85 53.79
C THR JB 23 47.19 -67.75 53.24
N PHE JB 24 45.94 -67.71 53.73
CA PHE JB 24 44.94 -66.75 53.28
C PHE JB 24 44.87 -65.55 54.21
N ALA JB 25 44.64 -64.38 53.60
CA ALA JB 25 44.42 -63.15 54.36
C ALA JB 25 43.27 -62.39 53.71
N LEU JB 26 42.68 -61.47 54.49
CA LEU JB 26 41.48 -60.78 54.05
C LEU JB 26 41.78 -59.79 52.93
N THR JB 27 40.99 -59.86 51.83
CA THR JB 27 41.25 -59.09 50.61
C THR JB 27 40.52 -57.76 50.59
N GLY JB 28 39.40 -57.65 51.28
CA GLY JB 28 38.60 -56.46 51.14
C GLY JB 28 38.10 -56.20 49.74
N GLN JB 29 37.80 -57.25 48.99
CA GLN JB 29 37.00 -57.13 47.76
C GLN JB 29 35.55 -57.34 48.14
N THR JB 30 34.74 -56.31 47.95
CA THR JB 30 33.35 -56.36 48.38
C THR JB 30 32.64 -57.53 47.71
N VAL JB 31 32.18 -58.48 48.53
CA VAL JB 31 31.51 -59.69 48.07
C VAL JB 31 30.25 -59.90 48.88
N THR JB 32 29.10 -59.90 48.21
CA THR JB 32 27.82 -60.05 48.89
C THR JB 32 27.72 -61.43 49.52
N ASN JB 33 27.33 -61.45 50.79
CA ASN JB 33 27.09 -62.70 51.53
C ASN JB 33 28.35 -63.53 51.66
N GLY JB 34 29.52 -62.89 51.70
CA GLY JB 34 30.73 -63.68 51.74
C GLY JB 34 31.98 -62.85 51.88
N LEU JB 35 33.11 -63.54 51.72
CA LEU JB 35 34.43 -62.99 51.93
C LEU JB 35 35.30 -63.23 50.69
N ASN JB 36 36.36 -62.43 50.57
CA ASN JB 36 37.46 -62.70 49.65
C ASN JB 36 38.73 -62.74 50.47
N VAL JB 37 39.47 -63.84 50.37
CA VAL JB 37 40.79 -63.97 50.98
C VAL JB 37 41.76 -64.40 49.89
N SER JB 38 42.88 -63.68 49.77
CA SER JB 38 43.89 -64.07 48.80
C SER JB 38 45.12 -64.58 49.54
N VAL JB 39 45.98 -65.25 48.80
CA VAL JB 39 47.19 -65.81 49.40
C VAL JB 39 48.24 -64.70 49.46
N SER JB 40 48.62 -64.33 50.67
CA SER JB 40 49.63 -63.31 50.86
C SER JB 40 51.03 -63.82 50.57
N GLU JB 41 51.13 -65.06 50.08
CA GLU JB 41 52.40 -65.70 49.83
C GLU JB 41 52.84 -65.62 48.38
N ASP JB 42 51.93 -65.24 47.47
CA ASP JB 42 52.30 -64.86 46.12
C ASP JB 42 52.63 -63.38 46.10
N THR JB 43 53.67 -63.00 45.35
CA THR JB 43 54.24 -61.66 45.47
C THR JB 43 53.63 -60.65 44.52
N ASP JB 44 53.01 -61.07 43.42
CA ASP JB 44 52.54 -60.17 42.36
C ASP JB 44 51.01 -60.20 42.33
N TYR JB 45 50.40 -59.07 42.71
CA TYR JB 45 48.93 -59.01 42.80
C TYR JB 45 48.29 -59.51 41.51
N ARG JB 46 48.80 -59.05 40.37
CA ARG JB 46 48.25 -59.39 39.07
C ARG JB 46 48.04 -60.90 38.90
N THR JB 47 48.72 -61.74 39.68
CA THR JB 47 48.55 -63.19 39.64
C THR JB 47 48.52 -63.81 41.04
N ARG JB 48 47.85 -63.18 42.00
CA ARG JB 48 47.68 -63.80 43.32
C ARG JB 48 46.44 -64.67 43.36
N ARG JB 49 46.66 -65.96 43.60
CA ARG JB 49 45.59 -66.91 43.82
C ARG JB 49 44.69 -66.42 44.95
N ASN JB 50 43.39 -66.33 44.68
CA ASN JB 50 42.47 -65.89 45.72
C ASN JB 50 41.29 -66.84 45.80
N ALA JB 51 40.44 -66.63 46.80
CA ALA JB 51 39.31 -67.50 47.02
C ALA JB 51 38.18 -66.67 47.60
N THR JB 52 36.97 -67.02 47.21
CA THR JB 52 35.78 -66.29 47.61
C THR JB 52 34.78 -67.27 48.20
N PHE JB 53 34.28 -66.92 49.39
CA PHE JB 53 33.36 -67.75 50.15
C PHE JB 53 32.00 -67.07 50.18
N LYS JB 54 30.96 -67.80 49.81
CA LYS JB 54 29.59 -67.29 49.86
C LYS JB 54 28.72 -68.24 50.66
N SER JB 55 27.69 -67.69 51.29
CA SER JB 55 26.76 -68.46 52.12
C SER JB 55 25.36 -67.87 52.00
N ARG JB 56 24.52 -68.48 51.17
CA ARG JB 56 23.10 -68.16 51.11
C ARG JB 56 22.34 -69.09 52.04
N VAL JB 57 21.46 -68.51 52.86
CA VAL JB 57 20.78 -69.25 53.92
C VAL JB 57 19.49 -69.85 53.40
N PRO JB 58 18.95 -70.86 54.07
CA PRO JB 58 17.65 -71.41 53.67
C PRO JB 58 16.54 -70.38 53.86
N THR JB 59 15.55 -70.45 52.98
CA THR JB 59 14.43 -69.52 52.99
C THR JB 59 13.24 -70.15 53.69
N VAL JB 60 12.60 -69.38 54.56
CA VAL JB 60 11.43 -69.84 55.31
C VAL JB 60 10.19 -69.40 54.54
N VAL JB 61 9.50 -70.36 53.93
CA VAL JB 61 8.29 -70.08 53.14
C VAL JB 61 7.18 -70.91 53.76
N ASN JB 62 6.44 -70.30 54.68
CA ASN JB 62 5.21 -70.87 55.24
C ASN JB 62 5.46 -72.28 55.79
N GLY JB 63 6.42 -72.37 56.71
CA GLY JB 63 6.77 -73.64 57.32
C GLY JB 63 7.63 -74.57 56.49
N ASN JB 64 7.90 -74.24 55.23
CA ASN JB 64 8.75 -75.06 54.37
C ASN JB 64 10.09 -74.37 54.14
N TYR JB 65 11.18 -75.13 54.18
CA TYR JB 65 12.51 -74.56 54.05
C TYR JB 65 13.16 -75.03 52.75
N SER JB 66 13.72 -74.08 52.01
CA SER JB 66 14.54 -74.38 50.84
C SER JB 66 15.94 -74.78 51.28
N LYS JB 67 16.64 -75.52 50.41
CA LYS JB 67 18.02 -75.83 50.70
C LYS JB 67 18.86 -74.56 50.68
N GLY JB 68 19.87 -74.51 51.54
CA GLY JB 68 20.85 -73.44 51.52
C GLY JB 68 22.04 -73.81 50.67
N LYS JB 69 22.91 -72.82 50.45
CA LYS JB 69 23.98 -72.95 49.47
C LYS JB 69 25.25 -72.31 50.00
N ASN JB 70 26.33 -73.08 50.07
CA ASN JB 70 27.62 -72.55 50.50
C ASN JB 70 28.64 -72.76 49.37
N GLU JB 71 29.12 -71.67 48.78
CA GLU JB 71 30.05 -71.74 47.67
C GLU JB 71 31.45 -71.34 48.10
N VAL JB 72 32.43 -71.92 47.40
CA VAL JB 72 33.80 -71.43 47.40
C VAL JB 72 34.26 -71.38 45.96
N VAL JB 73 35.01 -70.34 45.62
CA VAL JB 73 35.58 -70.15 44.29
C VAL JB 73 37.06 -69.85 44.48
N PHE JB 74 37.91 -70.78 44.08
CA PHE JB 74 39.35 -70.59 44.14
C PHE JB 74 39.84 -70.27 42.73
N VAL JB 75 40.72 -69.27 42.62
CA VAL JB 75 41.08 -68.69 41.33
C VAL JB 75 42.59 -68.53 41.24
N ILE JB 76 43.17 -69.09 40.18
CA ILE JB 76 44.53 -68.84 39.74
C ILE JB 76 44.46 -67.88 38.55
N PRO JB 77 44.76 -66.59 38.72
CA PRO JB 77 44.88 -65.72 37.55
C PRO JB 77 46.23 -65.92 36.87
N MET JB 78 46.20 -65.95 35.54
CA MET JB 78 47.42 -66.11 34.75
C MET JB 78 47.43 -65.10 33.62
N SER JB 79 48.62 -64.58 33.34
CA SER JB 79 48.85 -63.61 32.28
C SER JB 79 49.16 -64.35 31.00
N LEU JB 80 48.32 -64.16 29.97
CA LEU JB 80 48.54 -64.84 28.70
C LEU JB 80 49.68 -64.18 27.94
N ASP JB 81 50.14 -64.90 26.91
CA ASP JB 81 51.09 -64.33 25.97
C ASP JB 81 50.52 -63.08 25.30
N SER JB 82 49.20 -63.07 25.08
CA SER JB 82 48.48 -61.95 24.49
C SER JB 82 48.49 -60.69 25.34
N GLY JB 83 48.92 -60.77 26.60
CA GLY JB 83 48.80 -59.69 27.55
C GLY JB 83 47.51 -59.72 28.35
N GLU JB 84 46.43 -60.24 27.77
CA GLU JB 84 45.17 -60.38 28.50
C GLU JB 84 45.31 -61.45 29.58
N THR JB 85 45.01 -61.09 30.82
CA THR JB 85 45.08 -62.02 31.94
C THR JB 85 43.70 -62.62 32.17
N VAL JB 86 43.66 -63.93 32.41
CA VAL JB 86 42.41 -64.68 32.59
C VAL JB 86 42.50 -65.49 33.87
N PHE JB 87 41.40 -66.18 34.18
CA PHE JB 87 41.23 -66.83 35.48
C PHE JB 87 40.95 -68.32 35.34
N ASN JB 88 41.71 -69.14 36.06
CA ASN JB 88 41.47 -70.57 36.18
C ASN JB 88 40.71 -70.79 37.49
N SER JB 89 39.54 -71.41 37.39
CA SER JB 89 38.55 -71.36 38.46
C SER JB 89 38.13 -72.77 38.87
N VAL JB 90 38.40 -73.15 40.11
CA VAL JB 90 37.73 -74.31 40.70
C VAL JB 90 36.63 -73.78 41.62
N ARG JB 91 35.39 -74.20 41.39
CA ARG JB 91 34.24 -73.76 42.16
C ARG JB 91 33.57 -74.98 42.79
N ILE JB 92 33.29 -74.89 44.09
CA ILE JB 92 32.65 -75.98 44.81
C ILE JB 92 31.49 -75.38 45.60
N ALA JB 93 30.27 -75.80 45.24
CA ALA JB 93 29.05 -75.32 45.86
C ALA JB 93 28.35 -76.50 46.50
N LEU JB 94 27.93 -76.33 47.75
CA LEU JB 94 27.29 -77.39 48.50
C LEU JB 94 25.92 -76.91 48.96
N GLU JB 95 24.88 -77.52 48.39
CA GLU JB 95 23.49 -77.17 48.63
C GLU JB 95 22.84 -78.24 49.48
N ILE JB 96 22.40 -77.85 50.68
CA ILE JB 96 21.91 -78.79 51.68
C ILE JB 96 20.60 -78.29 52.25
N HIS JB 97 19.61 -79.18 52.35
CA HIS JB 97 18.40 -78.93 53.13
C HIS JB 97 18.69 -79.21 54.61
N PRO JB 98 18.17 -78.38 55.52
CA PRO JB 98 18.56 -78.51 56.94
C PRO JB 98 18.20 -79.84 57.56
N ALA JB 99 17.26 -80.58 56.97
CA ALA JB 99 16.80 -81.84 57.53
C ALA JB 99 17.74 -83.01 57.23
N LEU JB 100 18.79 -82.81 56.45
CA LEU JB 100 19.73 -83.89 56.20
C LEU JB 100 20.60 -84.13 57.43
N ALA JB 101 21.01 -85.39 57.60
CA ALA JB 101 21.81 -85.76 58.77
C ALA JB 101 23.17 -85.06 58.74
N SER JB 102 23.59 -84.61 59.93
CA SER JB 102 24.88 -83.96 60.08
C SER JB 102 26.01 -84.83 59.54
N ALA JB 103 25.84 -86.16 59.65
CA ALA JB 103 26.85 -87.09 59.14
C ALA JB 103 26.83 -87.18 57.62
N SER JB 104 25.63 -87.15 57.02
CA SER JB 104 25.55 -87.19 55.56
C SER JB 104 26.09 -85.92 54.93
N VAL JB 105 26.01 -84.79 55.63
CA VAL JB 105 26.60 -83.56 55.11
C VAL JB 105 28.11 -83.74 54.93
N LYS JB 106 28.78 -84.24 55.96
CA LYS JB 106 30.22 -84.44 55.86
C LYS JB 106 30.58 -85.57 54.90
N ASP JB 107 29.76 -86.64 54.86
CA ASP JB 107 29.96 -87.64 53.81
C ASP JB 107 29.92 -87.00 52.44
N LEU JB 108 29.04 -86.00 52.25
CA LEU JB 108 28.90 -85.37 50.95
C LEU JB 108 30.12 -84.52 50.62
N ARG JB 109 30.64 -83.78 51.61
CA ARG JB 109 31.90 -83.06 51.44
C ARG JB 109 33.03 -83.99 51.00
N LEU JB 110 33.18 -85.11 51.71
CA LEU JB 110 34.30 -86.02 51.41
C LEU JB 110 34.10 -86.73 50.07
N ILE JB 111 32.85 -87.03 49.70
CA ILE JB 111 32.64 -87.74 48.45
C ILE JB 111 32.90 -86.80 47.27
N GLY JB 112 32.57 -85.50 47.43
CA GLY JB 112 32.97 -84.54 46.41
C GLY JB 112 34.48 -84.41 46.30
N ALA JB 113 35.16 -84.37 47.45
CA ALA JB 113 36.62 -84.30 47.42
C ALA JB 113 37.21 -85.49 46.69
N GLN JB 114 36.67 -86.70 46.92
CA GLN JB 114 37.18 -87.85 46.21
C GLN JB 114 36.94 -87.72 44.72
N LEU JB 115 35.73 -87.28 44.34
CA LEU JB 115 35.44 -87.05 42.92
C LEU JB 115 36.47 -86.12 42.28
N LEU JB 116 36.94 -85.11 43.02
CA LEU JB 116 38.04 -84.29 42.49
C LEU JB 116 39.35 -85.05 42.38
N THR JB 117 39.79 -85.72 43.45
CA THR JB 117 41.18 -86.10 43.53
C THR JB 117 41.49 -87.55 43.14
N ASP JB 118 40.49 -88.40 42.96
CA ASP JB 118 40.77 -89.79 42.66
C ASP JB 118 41.34 -89.95 41.26
N ALA JB 119 42.11 -91.03 41.07
CA ALA JB 119 42.78 -91.24 39.79
C ALA JB 119 41.79 -91.67 38.72
N ASP JB 120 40.73 -92.40 39.10
CA ASP JB 120 39.70 -92.82 38.16
C ASP JB 120 39.17 -91.65 37.33
N TYR JB 121 39.20 -90.43 37.87
CA TYR JB 121 38.60 -89.29 37.22
C TYR JB 121 39.63 -88.39 36.56
N ASP JB 122 40.91 -88.77 36.60
CA ASP JB 122 41.96 -87.99 35.96
C ASP JB 122 41.63 -87.68 34.51
N SER JB 123 41.24 -88.71 33.75
CA SER JB 123 40.93 -88.51 32.33
C SER JB 123 39.80 -87.48 32.17
N PHE JB 124 38.72 -87.64 32.94
CA PHE JB 124 37.61 -86.70 32.87
C PHE JB 124 38.06 -85.27 33.12
N TRP JB 125 38.64 -85.02 34.30
CA TRP JB 125 38.97 -83.64 34.66
C TRP JB 125 39.97 -83.04 33.68
N THR JB 126 41.08 -83.73 33.42
CA THR JB 126 42.15 -83.12 32.62
C THR JB 126 41.75 -82.99 31.16
N LEU JB 127 41.38 -84.11 30.53
CA LEU JB 127 41.15 -84.14 29.09
C LEU JB 127 39.74 -83.75 28.70
N GLY JB 128 38.80 -83.81 29.63
CA GLY JB 128 37.39 -83.64 29.33
C GLY JB 128 36.70 -84.90 28.87
N ALA JB 129 37.32 -86.07 29.06
CA ALA JB 129 36.81 -87.30 28.47
C ALA JB 129 35.58 -87.79 29.21
N LEU JB 130 34.49 -87.98 28.48
CA LEU JB 130 33.31 -88.59 29.04
C LEU JB 130 33.48 -90.11 29.10
N ALA JB 131 32.55 -90.77 29.80
CA ALA JB 131 32.53 -92.22 29.93
C ALA JB 131 33.80 -92.81 30.58
N SER KB 1 -1.29 -125.04 22.41
CA SER KB 1 0.10 -125.03 22.85
C SER KB 1 0.42 -123.76 23.66
N ILE KB 2 -0.17 -122.63 23.29
CA ILE KB 2 -0.07 -121.44 24.15
C ILE KB 2 -0.90 -121.63 25.40
N ILE KB 3 -2.13 -122.12 25.24
CA ILE KB 3 -2.99 -122.39 26.38
C ILE KB 3 -2.48 -123.64 27.07
N GLY KB 4 -2.14 -123.50 28.35
CA GLY KB 4 -1.60 -124.61 29.11
C GLY KB 4 -0.09 -124.70 29.14
N SER KB 5 0.61 -123.83 28.42
CA SER KB 5 2.06 -123.85 28.43
C SER KB 5 2.60 -123.57 29.83
N SER KB 6 3.78 -124.11 30.12
CA SER KB 6 4.42 -123.94 31.40
C SER KB 6 5.81 -123.36 31.19
N ILE KB 7 6.16 -122.36 32.00
CA ILE KB 7 7.44 -121.67 31.88
C ILE KB 7 7.94 -121.35 33.28
N LYS KB 8 9.27 -121.31 33.44
CA LYS KB 8 9.88 -121.16 34.75
C LYS KB 8 9.88 -119.69 35.17
N THR KB 9 9.42 -119.41 36.40
CA THR KB 9 9.62 -118.09 37.01
C THR KB 9 10.61 -118.23 38.15
N GLY KB 10 11.15 -117.09 38.57
CA GLY KB 10 12.22 -117.09 39.54
C GLY KB 10 13.41 -117.92 39.12
N ALA KB 11 13.74 -117.88 37.83
CA ALA KB 11 14.86 -118.68 37.34
C ALA KB 11 16.19 -118.02 37.71
N THR KB 12 17.19 -118.86 37.97
CA THR KB 12 18.52 -118.35 38.30
C THR KB 12 19.14 -117.65 37.09
N SER KB 13 19.25 -118.35 35.97
CA SER KB 13 19.81 -117.74 34.77
C SER KB 13 19.44 -118.56 33.54
N ALA KB 14 19.50 -117.93 32.38
CA ALA KB 14 19.22 -118.58 31.12
C ALA KB 14 20.49 -118.71 30.30
N SER KB 15 20.53 -119.73 29.46
CA SER KB 15 21.71 -120.01 28.66
C SER KB 15 21.27 -120.51 27.30
N ILE KB 16 22.23 -120.68 26.39
CA ILE KB 16 21.89 -121.08 25.04
C ILE KB 16 22.97 -122.00 24.48
N THR KB 17 22.59 -123.24 24.15
CA THR KB 17 23.47 -124.18 23.50
C THR KB 17 23.47 -123.87 22.00
N GLY KB 18 24.54 -123.26 21.52
CA GLY KB 18 24.51 -122.72 20.18
C GLY KB 18 25.79 -122.74 19.39
N GLY KB 19 25.76 -122.10 18.22
CA GLY KB 19 26.85 -122.15 17.27
C GLY KB 19 27.84 -121.00 17.37
N SER KB 20 28.03 -120.28 16.26
CA SER KB 20 29.13 -119.33 16.14
C SER KB 20 28.83 -118.02 16.86
N ASP KB 21 29.90 -117.29 17.17
CA ASP KB 21 29.79 -115.99 17.81
C ASP KB 21 29.43 -114.91 16.81
N ILE KB 22 28.96 -113.78 17.33
CA ILE KB 22 28.75 -112.57 16.54
C ILE KB 22 29.05 -111.40 17.45
N THR KB 23 29.68 -110.36 16.90
CA THR KB 23 30.12 -109.24 17.72
C THR KB 23 29.57 -107.93 17.17
N PHE KB 24 29.27 -107.02 18.10
CA PHE KB 24 28.72 -105.71 17.78
C PHE KB 24 29.78 -104.63 17.87
N ALA KB 25 29.67 -103.64 16.99
CA ALA KB 25 30.47 -102.43 17.11
C ALA KB 25 29.59 -101.24 16.82
N LEU KB 26 29.96 -100.09 17.38
CA LEU KB 26 29.12 -98.90 17.29
C LEU KB 26 29.03 -98.38 15.87
N THR KB 27 27.80 -98.18 15.39
CA THR KB 27 27.57 -97.87 13.98
C THR KB 27 27.96 -96.45 13.65
N GLY KB 28 27.60 -95.50 14.51
CA GLY KB 28 27.68 -94.10 14.13
C GLY KB 28 26.49 -93.61 13.36
N GLN KB 29 25.41 -94.39 13.29
CA GLN KB 29 24.13 -93.87 12.86
C GLN KB 29 23.51 -93.10 14.02
N THR KB 30 23.16 -91.85 13.78
CA THR KB 30 22.61 -91.02 14.83
C THR KB 30 21.20 -91.52 15.17
N VAL KB 31 20.98 -91.86 16.44
CA VAL KB 31 19.69 -92.35 16.91
C VAL KB 31 19.27 -91.56 18.14
N THR KB 32 18.07 -91.00 18.11
CA THR KB 32 17.56 -90.19 19.21
C THR KB 32 17.35 -91.05 20.45
N ASN KB 33 17.91 -90.61 21.57
CA ASN KB 33 17.87 -91.35 22.84
C ASN KB 33 18.42 -92.76 22.72
N GLY KB 34 19.20 -93.02 21.68
CA GLY KB 34 19.54 -94.40 21.38
C GLY KB 34 20.89 -94.60 20.76
N LEU KB 35 21.13 -95.85 20.39
CA LEU KB 35 22.42 -96.35 19.95
C LEU KB 35 22.19 -97.32 18.80
N ASN KB 36 23.13 -97.37 17.87
CA ASN KB 36 23.10 -98.39 16.83
C ASN KB 36 24.43 -99.12 16.84
N VAL KB 37 24.38 -100.44 17.04
CA VAL KB 37 25.56 -101.29 16.90
C VAL KB 37 25.25 -102.34 15.84
N SER KB 38 26.13 -102.46 14.87
CA SER KB 38 25.91 -103.47 13.83
C SER KB 38 26.95 -104.58 13.96
N VAL KB 39 26.76 -105.60 13.14
CA VAL KB 39 27.59 -106.79 13.19
C VAL KB 39 28.89 -106.53 12.45
N SER KB 40 29.99 -106.56 13.18
CA SER KB 40 31.31 -106.41 12.59
C SER KB 40 31.76 -107.62 11.80
N GLU KB 41 30.91 -108.65 11.70
CA GLU KB 41 31.31 -109.93 11.14
C GLU KB 41 30.63 -110.24 9.82
N ASP KB 42 29.50 -109.61 9.53
CA ASP KB 42 28.91 -109.65 8.21
C ASP KB 42 29.60 -108.64 7.31
N THR KB 43 29.93 -109.05 6.10
CA THR KB 43 30.88 -108.30 5.27
C THR KB 43 30.23 -107.27 4.36
N ASP KB 44 28.93 -107.39 4.08
CA ASP KB 44 28.23 -106.49 3.17
C ASP KB 44 27.21 -105.70 3.98
N TYR KB 45 27.42 -104.37 4.07
CA TYR KB 45 26.48 -103.51 4.80
C TYR KB 45 25.05 -103.73 4.36
N ARG KB 46 24.85 -103.90 3.05
CA ARG KB 46 23.54 -104.13 2.48
C ARG KB 46 22.76 -105.19 3.24
N THR KB 47 23.46 -106.19 3.80
CA THR KB 47 22.85 -107.26 4.58
C THR KB 47 23.46 -107.41 5.98
N ARG KB 48 24.07 -106.35 6.54
CA ARG KB 48 24.58 -106.45 7.91
C ARG KB 48 23.47 -106.34 8.93
N ARG KB 49 23.27 -107.43 9.68
CA ARG KB 49 22.40 -107.42 10.84
C ARG KB 49 22.81 -106.28 11.77
N ASN KB 50 21.82 -105.54 12.28
CA ASN KB 50 22.15 -104.51 13.24
C ASN KB 50 21.07 -104.37 14.30
N ALA KB 51 21.47 -103.86 15.47
CA ALA KB 51 20.58 -103.70 16.60
C ALA KB 51 20.61 -102.25 17.05
N THR KB 52 19.46 -101.78 17.49
CA THR KB 52 19.27 -100.41 17.95
C THR KB 52 18.67 -100.43 19.34
N PHE KB 53 19.29 -99.67 20.24
CA PHE KB 53 18.98 -99.64 21.66
C PHE KB 53 18.44 -98.26 22.02
N LYS KB 54 17.18 -98.21 22.45
CA LYS KB 54 16.60 -96.95 22.92
C LYS KB 54 16.29 -97.07 24.41
N SER KB 55 16.35 -95.93 25.10
CA SER KB 55 16.20 -95.91 26.54
C SER KB 55 15.54 -94.62 27.00
N ARG KB 56 14.48 -94.75 27.79
CA ARG KB 56 13.88 -93.63 28.50
C ARG KB 56 13.72 -93.98 29.97
N VAL KB 57 14.24 -93.10 30.82
CA VAL KB 57 14.33 -93.24 32.28
C VAL KB 57 13.00 -92.81 32.89
N PRO KB 58 12.62 -93.31 34.07
CA PRO KB 58 11.38 -92.86 34.70
C PRO KB 58 11.36 -91.36 34.95
N THR KB 59 10.24 -90.74 34.58
CA THR KB 59 10.03 -89.31 34.75
C THR KB 59 9.12 -89.07 35.95
N VAL KB 60 9.43 -88.04 36.74
CA VAL KB 60 8.72 -87.74 37.98
C VAL KB 60 7.84 -86.52 37.79
N VAL KB 61 6.55 -86.67 38.11
CA VAL KB 61 5.58 -85.57 38.12
C VAL KB 61 5.13 -85.36 39.56
N ASN KB 62 5.67 -84.32 40.19
CA ASN KB 62 5.31 -83.90 41.55
C ASN KB 62 5.27 -85.08 42.52
N GLY KB 63 6.31 -85.91 42.47
CA GLY KB 63 6.47 -87.02 43.38
C GLY KB 63 6.02 -88.37 42.83
N ASN KB 64 5.30 -88.41 41.71
CA ASN KB 64 4.80 -89.67 41.15
C ASN KB 64 5.67 -90.09 39.98
N TYR KB 65 6.17 -91.33 40.02
CA TYR KB 65 7.07 -91.80 38.98
C TYR KB 65 6.31 -92.49 37.85
N SER KB 66 6.85 -92.39 36.64
CA SER KB 66 6.29 -93.03 35.46
C SER KB 66 7.17 -94.21 35.07
N LYS KB 67 6.52 -95.31 34.69
CA LYS KB 67 7.25 -96.48 34.21
C LYS KB 67 8.11 -96.13 33.01
N GLY KB 68 9.40 -96.47 33.09
CA GLY KB 68 10.32 -96.22 32.00
C GLY KB 68 10.38 -97.37 31.00
N LYS KB 69 11.09 -97.12 29.90
CA LYS KB 69 10.98 -97.96 28.71
C LYS KB 69 12.36 -98.20 28.11
N ASN KB 70 12.75 -99.47 27.98
CA ASN KB 70 14.01 -99.85 27.34
C ASN KB 70 13.70 -100.72 26.13
N GLU KB 71 13.91 -100.19 24.92
CA GLU KB 71 13.65 -100.92 23.69
C GLU KB 71 14.94 -101.42 23.06
N VAL KB 72 14.83 -102.58 22.40
CA VAL KB 72 15.86 -103.08 21.51
C VAL KB 72 15.17 -103.56 20.25
N VAL KB 73 15.77 -103.28 19.10
CA VAL KB 73 15.29 -103.83 17.84
C VAL KB 73 16.48 -104.42 17.09
N PHE KB 74 16.31 -105.65 16.61
CA PHE KB 74 17.35 -106.38 15.90
C PHE KB 74 16.83 -106.69 14.51
N VAL KB 75 17.66 -106.45 13.50
CA VAL KB 75 17.21 -106.42 12.12
C VAL KB 75 18.14 -107.27 11.26
N ILE KB 76 17.54 -108.18 10.50
CA ILE KB 76 18.15 -108.86 9.38
C ILE KB 76 17.64 -108.21 8.09
N PRO KB 77 18.45 -107.43 7.38
CA PRO KB 77 18.00 -106.90 6.10
C PRO KB 77 18.17 -107.93 5.00
N MET KB 78 17.16 -108.01 4.12
CA MET KB 78 17.25 -108.88 2.96
C MET KB 78 16.64 -108.17 1.76
N SER KB 79 17.28 -108.33 0.60
CA SER KB 79 16.75 -107.80 -0.64
C SER KB 79 15.81 -108.82 -1.26
N LEU KB 80 14.65 -108.36 -1.70
CA LEU KB 80 13.63 -109.23 -2.29
C LEU KB 80 13.89 -109.43 -3.77
N ASP KB 81 13.16 -110.39 -4.34
CA ASP KB 81 13.12 -110.53 -5.80
C ASP KB 81 12.62 -109.26 -6.45
N SER KB 82 11.86 -108.44 -5.71
CA SER KB 82 11.40 -107.13 -6.17
C SER KB 82 12.54 -106.12 -6.30
N GLY KB 83 13.73 -106.44 -5.78
CA GLY KB 83 14.79 -105.46 -5.70
C GLY KB 83 14.70 -104.65 -4.42
N GLU KB 84 13.47 -104.34 -4.04
CA GLU KB 84 13.18 -103.71 -2.75
C GLU KB 84 13.84 -104.48 -1.62
N THR KB 85 14.49 -103.77 -0.71
CA THR KB 85 15.12 -104.37 0.46
C THR KB 85 14.25 -104.13 1.69
N VAL KB 86 13.91 -105.23 2.37
CA VAL KB 86 13.02 -105.19 3.54
C VAL KB 86 13.80 -105.63 4.77
N PHE KB 87 13.39 -105.11 5.92
CA PHE KB 87 14.03 -105.36 7.19
C PHE KB 87 13.21 -106.37 8.00
N ASN KB 88 13.86 -107.43 8.47
CA ASN KB 88 13.23 -108.47 9.27
C ASN KB 88 13.55 -108.23 10.74
N SER KB 89 12.50 -108.03 11.54
CA SER KB 89 12.62 -107.37 12.84
C SER KB 89 12.26 -108.30 13.98
N VAL KB 90 13.01 -108.20 15.07
CA VAL KB 90 12.57 -108.65 16.38
C VAL KB 90 12.77 -107.49 17.35
N ARG KB 91 11.71 -107.11 18.07
CA ARG KB 91 11.73 -105.94 18.94
C ARG KB 91 11.30 -106.33 20.34
N ILE KB 92 12.11 -105.99 21.32
CA ILE KB 92 11.86 -106.32 22.72
C ILE KB 92 11.90 -105.03 23.53
N ALA KB 93 10.77 -104.71 24.16
CA ALA KB 93 10.61 -103.49 24.93
C ALA KB 93 10.20 -103.85 26.35
N LEU KB 94 10.98 -103.40 27.32
CA LEU KB 94 10.72 -103.69 28.73
C LEU KB 94 10.40 -102.40 29.46
N GLU KB 95 9.18 -102.32 30.00
CA GLU KB 95 8.66 -101.13 30.66
C GLU KB 95 8.49 -101.43 32.14
N ILE KB 96 9.25 -100.74 32.98
CA ILE KB 96 9.33 -101.04 34.40
C ILE KB 96 9.06 -99.78 35.22
N HIS KB 97 8.22 -99.93 36.25
CA HIS KB 97 8.07 -98.88 37.24
C HIS KB 97 9.17 -99.01 38.30
N PRO KB 98 9.72 -97.88 38.79
CA PRO KB 98 10.85 -97.97 39.72
C PRO KB 98 10.56 -98.77 40.99
N ALA KB 99 9.29 -98.90 41.37
CA ALA KB 99 8.96 -99.58 42.62
C ALA KB 99 9.02 -101.10 42.52
N LEU KB 100 9.19 -101.66 41.32
CA LEU KB 100 9.18 -103.10 41.17
C LEU KB 100 10.42 -103.73 41.81
N ALA KB 101 10.25 -104.98 42.26
CA ALA KB 101 11.36 -105.70 42.86
C ALA KB 101 12.50 -105.90 41.87
N SER KB 102 13.72 -105.65 42.37
CA SER KB 102 14.92 -105.84 41.55
C SER KB 102 14.96 -107.22 40.92
N ALA KB 103 14.55 -108.26 41.66
CA ALA KB 103 14.56 -109.62 41.13
C ALA KB 103 13.39 -109.86 40.18
N SER KB 104 12.25 -109.20 40.40
CA SER KB 104 11.16 -109.31 39.44
C SER KB 104 11.52 -108.71 38.09
N VAL KB 105 12.39 -107.70 38.08
CA VAL KB 105 12.86 -107.16 36.80
C VAL KB 105 13.56 -108.25 35.97
N LYS KB 106 14.54 -108.92 36.57
CA LYS KB 106 15.23 -109.98 35.85
C LYS KB 106 14.32 -111.19 35.60
N ASP KB 107 13.35 -111.44 36.47
CA ASP KB 107 12.38 -112.49 36.17
C ASP KB 107 11.58 -112.15 34.91
N LEU KB 108 11.25 -110.87 34.72
CA LEU KB 108 10.57 -110.47 33.48
C LEU KB 108 11.46 -110.69 32.26
N ARG KB 109 12.73 -110.31 32.36
CA ARG KB 109 13.64 -110.58 31.25
C ARG KB 109 13.65 -112.06 30.88
N LEU KB 110 13.79 -112.92 31.90
CA LEU KB 110 13.91 -114.36 31.65
C LEU KB 110 12.59 -114.96 31.16
N ILE KB 111 11.46 -114.48 31.67
CA ILE KB 111 10.19 -115.04 31.26
C ILE KB 111 9.83 -114.60 29.84
N GLY KB 112 10.19 -113.36 29.49
CA GLY KB 112 10.07 -112.95 28.10
C GLY KB 112 10.92 -113.80 27.19
N ALA KB 113 12.16 -114.09 27.58
CA ALA KB 113 13.01 -114.91 26.73
C ALA KB 113 12.44 -116.31 26.56
N GLN KB 114 11.87 -116.88 27.63
CA GLN KB 114 11.25 -118.19 27.50
C GLN KB 114 10.07 -118.14 26.55
N LEU KB 115 9.31 -117.04 26.57
CA LEU KB 115 8.17 -116.91 25.65
C LEU KB 115 8.62 -116.92 24.19
N LEU KB 116 9.85 -116.47 23.90
CA LEU KB 116 10.40 -116.65 22.55
C LEU KB 116 10.90 -118.05 22.29
N THR KB 117 11.63 -118.65 23.23
CA THR KB 117 12.45 -119.80 22.89
C THR KB 117 11.94 -121.12 23.45
N ASP KB 118 10.72 -121.19 23.97
CA ASP KB 118 10.17 -122.48 24.34
C ASP KB 118 9.44 -123.11 23.16
N ALA KB 119 9.43 -124.44 23.13
CA ALA KB 119 8.82 -125.16 22.04
C ALA KB 119 7.31 -124.93 22.00
N ASP KB 120 6.69 -124.78 23.16
CA ASP KB 120 5.24 -124.59 23.25
C ASP KB 120 4.75 -123.48 22.34
N TYR KB 121 5.61 -122.51 22.04
CA TYR KB 121 5.21 -121.33 21.29
C TYR KB 121 5.67 -121.37 19.85
N ASP KB 122 6.42 -122.41 19.44
CA ASP KB 122 6.94 -122.50 18.08
C ASP KB 122 5.84 -122.24 17.05
N SER KB 123 4.68 -122.88 17.24
CA SER KB 123 3.59 -122.71 16.29
C SER KB 123 3.16 -121.26 16.21
N PHE KB 124 2.98 -120.61 17.37
CA PHE KB 124 2.63 -119.20 17.41
C PHE KB 124 3.62 -118.35 16.64
N TRP KB 125 4.90 -118.40 17.03
CA TRP KB 125 5.88 -117.49 16.43
C TRP KB 125 6.01 -117.73 14.93
N THR KB 126 6.25 -118.99 14.53
CA THR KB 126 6.51 -119.25 13.12
C THR KB 126 5.28 -118.97 12.27
N LEU KB 127 4.15 -119.60 12.58
CA LEU KB 127 2.98 -119.51 11.70
C LEU KB 127 2.05 -118.36 12.06
N GLY KB 128 1.86 -118.08 13.35
CA GLY KB 128 0.88 -117.11 13.79
C GLY KB 128 -0.32 -117.73 14.48
N ALA KB 129 -0.20 -118.98 14.92
CA ALA KB 129 -1.28 -119.72 15.55
C ALA KB 129 -1.69 -119.08 16.87
N LEU KB 130 -2.99 -119.11 17.15
CA LEU KB 130 -3.56 -118.41 18.29
C LEU KB 130 -4.15 -119.35 19.34
N ALA KB 131 -3.87 -120.65 19.28
CA ALA KB 131 -4.37 -121.58 20.30
C ALA KB 131 -3.31 -121.87 21.36
N SER LB 1 28.80 73.87 -65.12
CA SER LB 1 29.97 73.82 -66.00
C SER LB 1 30.63 72.43 -65.97
N ILE LB 2 29.81 71.38 -65.82
CA ILE LB 2 30.33 70.03 -65.77
C ILE LB 2 30.69 69.53 -67.16
N ILE LB 3 29.75 69.64 -68.10
CA ILE LB 3 29.97 69.18 -69.46
C ILE LB 3 31.03 70.05 -70.11
N GLY LB 4 32.17 69.43 -70.46
CA GLY LB 4 33.25 70.16 -71.07
C GLY LB 4 34.32 70.63 -70.12
N SER LB 5 34.20 70.34 -68.83
CA SER LB 5 35.23 70.74 -67.89
C SER LB 5 36.55 70.03 -68.21
N SER LB 6 37.66 70.65 -67.81
CA SER LB 6 38.99 70.13 -68.09
C SER LB 6 39.78 70.06 -66.80
N ILE LB 7 40.42 68.91 -66.54
CA ILE LB 7 41.27 68.70 -65.38
C ILE LB 7 42.51 67.92 -65.81
N LYS LB 8 43.45 67.79 -64.87
CA LYS LB 8 44.80 67.29 -65.16
C LYS LB 8 44.94 65.85 -64.69
N THR LB 9 45.39 64.96 -65.57
CA THR LB 9 45.78 63.61 -65.20
C THR LB 9 47.29 63.50 -65.19
N GLY LB 10 47.79 62.57 -64.37
CA GLY LB 10 49.22 62.44 -64.19
C GLY LB 10 49.86 63.73 -63.70
N ALA LB 11 49.22 64.40 -62.75
CA ALA LB 11 49.82 65.60 -62.18
C ALA LB 11 51.00 65.24 -61.29
N THR LB 12 52.05 66.07 -61.34
CA THR LB 12 53.19 65.84 -60.47
C THR LB 12 52.78 65.91 -59.01
N SER LB 13 52.07 66.98 -58.61
CA SER LB 13 51.54 67.06 -57.25
C SER LB 13 50.44 68.11 -57.19
N ALA LB 14 49.79 68.20 -56.03
CA ALA LB 14 48.81 69.24 -55.77
C ALA LB 14 49.20 69.97 -54.51
N SER LB 15 48.78 71.23 -54.42
CA SER LB 15 49.22 72.10 -53.33
C SER LB 15 48.08 73.07 -53.02
N ILE LB 16 48.28 73.87 -51.97
CA ILE LB 16 47.21 74.73 -51.47
C ILE LB 16 47.79 76.05 -50.96
N THR LB 17 47.26 77.16 -51.47
CA THR LB 17 47.59 78.50 -51.00
C THR LB 17 46.50 78.90 -50.00
N GLY LB 18 46.83 78.88 -48.71
CA GLY LB 18 45.78 79.03 -47.73
C GLY LB 18 46.29 79.44 -46.36
N GLY LB 19 45.32 79.58 -45.44
CA GLY LB 19 45.54 80.23 -44.16
C GLY LB 19 46.06 79.37 -43.04
N SER LB 20 45.34 79.34 -41.92
CA SER LB 20 45.88 78.83 -40.67
C SER LB 20 45.94 77.30 -40.67
N ASP LB 21 46.86 76.77 -39.87
CA ASP LB 21 47.00 75.33 -39.69
C ASP LB 21 45.92 74.79 -38.78
N ILE LB 22 45.64 73.50 -38.94
CA ILE LB 22 44.83 72.74 -38.00
C ILE LB 22 45.56 71.42 -37.78
N THR LB 23 45.61 70.99 -36.52
CA THR LB 23 46.38 69.84 -36.09
C THR LB 23 45.43 68.78 -35.53
N PHE LB 24 45.69 67.52 -35.88
CA PHE LB 24 44.91 66.37 -35.48
C PHE LB 24 45.53 65.65 -34.28
N ALA LB 25 44.69 64.93 -33.56
CA ALA LB 25 45.13 64.09 -32.45
C ALA LB 25 44.09 63.01 -32.26
N LEU LB 26 44.53 61.87 -31.72
CA LEU LB 26 43.65 60.70 -31.67
C LEU LB 26 42.55 60.90 -30.65
N THR LB 27 41.34 60.46 -31.01
CA THR LB 27 40.12 60.67 -30.22
C THR LB 27 39.76 59.51 -29.32
N GLY LB 28 39.87 58.28 -29.81
CA GLY LB 28 39.41 57.14 -29.04
C GLY LB 28 37.93 56.85 -29.15
N GLN LB 29 37.18 57.60 -29.96
CA GLN LB 29 35.86 57.14 -30.35
C GLN LB 29 35.99 55.86 -31.13
N THR LB 30 35.32 54.82 -30.64
CA THR LB 30 35.45 53.49 -31.22
C THR LB 30 34.95 53.47 -32.65
N VAL LB 31 35.83 53.06 -33.58
CA VAL LB 31 35.53 52.99 -35.01
C VAL LB 31 36.08 51.69 -35.55
N THR LB 32 35.21 50.87 -36.13
CA THR LB 32 35.58 49.52 -36.56
C THR LB 32 36.45 49.59 -37.82
N ASN LB 33 37.62 48.94 -37.75
CA ASN LB 33 38.63 48.99 -38.81
C ASN LB 33 39.04 50.43 -39.11
N GLY LB 34 38.93 51.30 -38.11
CA GLY LB 34 39.14 52.71 -38.35
C GLY LB 34 39.76 53.50 -37.21
N LEU LB 35 39.60 54.83 -37.29
CA LEU LB 35 40.37 55.73 -36.45
C LEU LB 35 39.70 57.09 -36.44
N ASN LB 36 39.45 57.64 -35.25
CA ASN LB 36 38.91 58.98 -35.10
C ASN LB 36 40.01 59.92 -34.63
N VAL LB 37 40.31 60.95 -35.41
CA VAL LB 37 41.19 62.03 -34.96
C VAL LB 37 40.40 63.34 -35.01
N SER LB 38 40.40 64.06 -33.90
CA SER LB 38 39.77 65.37 -33.91
C SER LB 38 40.86 66.43 -33.80
N VAL LB 39 40.45 67.68 -33.96
CA VAL LB 39 41.40 68.77 -33.88
C VAL LB 39 41.62 69.09 -32.41
N SER LB 40 42.87 69.33 -32.04
CA SER LB 40 43.11 69.84 -30.70
C SER LB 40 43.06 71.36 -30.67
N GLU LB 41 42.68 71.97 -31.79
CA GLU LB 41 42.71 73.43 -31.91
C GLU LB 41 41.35 74.07 -31.73
N ASP LB 42 40.27 73.32 -31.97
CA ASP LB 42 38.96 73.77 -31.56
C ASP LB 42 38.74 73.35 -30.10
N THR LB 43 38.05 74.22 -29.35
CA THR LB 43 37.96 74.06 -27.91
C THR LB 43 36.64 73.47 -27.42
N ASP LB 44 35.52 73.79 -28.07
CA ASP LB 44 34.21 73.32 -27.65
C ASP LB 44 33.96 71.92 -28.20
N TYR LB 45 33.64 70.98 -27.30
CA TYR LB 45 33.46 69.59 -27.73
C TYR LB 45 32.25 69.46 -28.65
N ARG LB 46 31.18 70.21 -28.39
CA ARG LB 46 30.01 70.24 -29.27
C ARG LB 46 30.42 70.48 -30.72
N THR LB 47 31.14 71.58 -30.98
CA THR LB 47 31.41 72.02 -32.34
C THR LB 47 32.82 71.71 -32.79
N ARG LB 48 33.49 70.73 -32.16
CA ARG LB 48 34.88 70.44 -32.49
C ARG LB 48 34.95 69.53 -33.70
N ARG LB 49 35.62 70.02 -34.74
CA ARG LB 49 35.71 69.32 -36.02
C ARG LB 49 36.48 68.00 -35.86
N ASN LB 50 35.96 66.94 -36.48
CA ASN LB 50 36.68 65.67 -36.37
C ASN LB 50 36.58 64.85 -37.64
N ALA LB 51 37.60 64.02 -37.87
CA ALA LB 51 37.66 63.17 -39.04
C ALA LB 51 37.78 61.72 -38.60
N THR LB 52 37.37 60.84 -39.50
CA THR LB 52 37.35 59.40 -39.25
C THR LB 52 37.82 58.67 -40.49
N PHE LB 53 38.82 57.82 -40.29
CA PHE LB 53 39.50 57.08 -41.33
C PHE LB 53 39.14 55.62 -41.18
N LYS LB 54 38.45 55.05 -42.18
CA LYS LB 54 38.22 53.61 -42.21
C LYS LB 54 39.02 53.00 -43.35
N SER LB 55 39.46 51.76 -43.15
CA SER LB 55 40.39 51.11 -44.07
C SER LB 55 40.04 49.63 -44.17
N ARG LB 56 39.84 49.15 -45.40
CA ARG LB 56 39.61 47.73 -45.67
C ARG LB 56 40.51 47.31 -46.82
N VAL LB 57 41.35 46.31 -46.57
CA VAL LB 57 42.39 45.85 -47.50
C VAL LB 57 41.79 44.91 -48.54
N PRO LB 58 42.41 44.81 -49.72
CA PRO LB 58 42.01 43.75 -50.66
C PRO LB 58 42.20 42.38 -50.03
N THR LB 59 41.13 41.58 -50.07
CA THR LB 59 41.13 40.25 -49.50
C THR LB 59 40.96 39.23 -50.62
N VAL LB 60 41.80 38.20 -50.60
CA VAL LB 60 41.73 37.15 -51.61
C VAL LB 60 40.62 36.18 -51.25
N VAL LB 61 39.82 35.82 -52.24
CA VAL LB 61 38.76 34.83 -52.07
C VAL LB 61 38.70 33.98 -53.33
N ASN LB 62 38.85 32.66 -53.18
CA ASN LB 62 38.78 31.73 -54.30
C ASN LB 62 39.84 32.04 -55.35
N GLY LB 63 41.04 32.37 -54.89
CA GLY LB 63 42.19 32.50 -55.76
C GLY LB 63 42.42 33.86 -56.38
N ASN LB 64 41.56 34.84 -56.13
CA ASN LB 64 41.79 36.16 -56.69
C ASN LB 64 41.26 37.24 -55.75
N TYR LB 65 41.71 38.47 -55.99
CA TYR LB 65 41.57 39.56 -55.05
C TYR LB 65 40.25 40.29 -55.22
N SER LB 66 39.82 40.95 -54.15
CA SER LB 66 38.70 41.87 -54.15
C SER LB 66 39.21 43.29 -53.94
N LYS LB 67 38.62 44.25 -54.65
CA LYS LB 67 39.09 45.62 -54.54
C LYS LB 67 38.95 46.12 -53.10
N GLY LB 68 39.94 46.89 -52.66
CA GLY LB 68 39.92 47.44 -51.31
C GLY LB 68 39.37 48.84 -51.27
N LYS LB 69 39.03 49.29 -50.05
CA LYS LB 69 38.27 50.51 -49.86
C LYS LB 69 38.82 51.31 -48.68
N ASN LB 70 39.15 52.58 -48.92
CA ASN LB 70 39.67 53.45 -47.88
C ASN LB 70 38.80 54.70 -47.81
N GLU LB 71 38.04 54.84 -46.73
CA GLU LB 71 37.14 55.98 -46.54
C GLU LB 71 37.75 56.98 -45.57
N VAL LB 72 37.39 58.24 -45.78
CA VAL LB 72 37.60 59.29 -44.81
C VAL LB 72 36.30 60.08 -44.73
N VAL LB 73 35.98 60.56 -43.54
CA VAL LB 73 34.86 61.49 -43.37
C VAL LB 73 35.28 62.59 -42.41
N PHE LB 74 35.20 63.83 -42.88
CA PHE LB 74 35.52 65.00 -42.07
C PHE LB 74 34.21 65.71 -41.76
N VAL LB 75 34.04 66.08 -40.49
CA VAL LB 75 32.76 66.55 -40.00
C VAL LB 75 32.94 67.87 -39.25
N ILE LB 76 32.11 68.84 -39.62
CA ILE LB 76 31.90 70.08 -38.89
C ILE LB 76 30.56 70.00 -38.16
N PRO LB 77 30.55 69.82 -36.85
CA PRO LB 77 29.27 69.86 -36.14
C PRO LB 77 28.79 71.31 -36.01
N MET LB 78 27.47 71.48 -36.05
CA MET LB 78 26.88 72.78 -35.74
C MET LB 78 25.56 72.55 -35.03
N SER LB 79 25.31 73.35 -33.99
CA SER LB 79 24.01 73.31 -33.32
C SER LB 79 23.02 74.15 -34.11
N LEU LB 80 21.84 73.59 -34.36
CA LEU LB 80 20.80 74.31 -35.06
C LEU LB 80 19.97 75.13 -34.07
N ASP LB 81 19.19 76.05 -34.63
CA ASP LB 81 18.31 76.87 -33.79
C ASP LB 81 17.30 76.01 -33.04
N SER LB 82 16.93 74.86 -33.61
CA SER LB 82 15.97 73.95 -33.01
C SER LB 82 16.53 73.16 -31.83
N GLY LB 83 17.85 73.21 -31.62
CA GLY LB 83 18.45 72.51 -30.51
C GLY LB 83 19.28 71.32 -30.92
N GLU LB 84 18.76 70.51 -31.85
CA GLU LB 84 19.51 69.36 -32.33
C GLU LB 84 20.83 69.81 -32.95
N THR LB 85 21.90 69.14 -32.58
CA THR LB 85 23.19 69.34 -33.21
C THR LB 85 23.25 68.45 -34.44
N VAL LB 86 23.63 69.03 -35.59
CA VAL LB 86 23.69 68.28 -36.85
C VAL LB 86 25.12 68.36 -37.37
N PHE LB 87 25.53 67.29 -38.06
CA PHE LB 87 26.87 67.16 -38.59
C PHE LB 87 26.91 67.57 -40.06
N ASN LB 88 27.98 68.26 -40.47
CA ASN LB 88 28.22 68.59 -41.87
C ASN LB 88 29.39 67.74 -42.35
N SER LB 89 29.16 66.99 -43.43
CA SER LB 89 30.02 65.89 -43.80
C SER LB 89 30.67 66.14 -45.15
N VAL LB 90 31.96 65.84 -45.24
CA VAL LB 90 32.59 65.56 -46.52
C VAL LB 90 33.20 64.17 -46.40
N ARG LB 91 32.82 63.28 -47.32
CA ARG LB 91 33.21 61.88 -47.26
C ARG LB 91 33.91 61.54 -48.56
N ILE LB 92 35.12 61.00 -48.45
CA ILE LB 92 35.92 60.63 -49.60
C ILE LB 92 36.31 59.17 -49.44
N ALA LB 93 35.73 58.32 -50.26
CA ALA LB 93 36.08 56.91 -50.31
C ALA LB 93 36.88 56.64 -51.58
N LEU LB 94 37.81 55.70 -51.50
CA LEU LB 94 38.68 55.38 -52.63
C LEU LB 94 38.89 53.88 -52.66
N GLU LB 95 38.38 53.24 -53.72
CA GLU LB 95 38.37 51.81 -53.90
C GLU LB 95 39.31 51.46 -55.04
N ILE LB 96 40.35 50.68 -54.73
CA ILE LB 96 41.38 50.34 -55.70
C ILE LB 96 41.44 48.83 -55.84
N HIS LB 97 41.53 48.36 -57.07
CA HIS LB 97 41.85 46.96 -57.29
C HIS LB 97 43.37 46.79 -57.28
N PRO LB 98 43.88 45.71 -56.67
CA PRO LB 98 45.33 45.55 -56.56
C PRO LB 98 46.08 45.63 -57.87
N ALA LB 99 45.40 45.40 -59.00
CA ALA LB 99 46.06 45.41 -60.29
C ALA LB 99 46.29 46.83 -60.83
N LEU LB 100 45.73 47.86 -60.21
CA LEU LB 100 45.94 49.21 -60.72
C LEU LB 100 47.38 49.63 -60.51
N ALA LB 101 47.88 50.45 -61.44
CA ALA LB 101 49.24 50.96 -61.34
C ALA LB 101 49.41 51.85 -60.12
N SER LB 102 50.57 51.70 -59.47
CA SER LB 102 50.92 52.57 -58.35
C SER LB 102 50.74 54.04 -58.72
N ALA LB 103 51.14 54.40 -59.95
CA ALA LB 103 51.02 55.78 -60.39
C ALA LB 103 49.56 56.18 -60.62
N SER LB 104 48.74 55.26 -61.15
CA SER LB 104 47.33 55.58 -61.36
C SER LB 104 46.56 55.69 -60.05
N VAL LB 105 47.08 55.10 -58.96
CA VAL LB 105 46.47 55.33 -57.65
C VAL LB 105 46.57 56.80 -57.26
N LYS LB 106 47.78 57.36 -57.31
CA LYS LB 106 47.93 58.79 -57.04
C LYS LB 106 47.22 59.63 -58.09
N ASP LB 107 47.15 59.18 -59.35
CA ASP LB 107 46.36 59.94 -60.33
C ASP LB 107 44.90 60.02 -59.90
N LEU LB 108 44.34 58.93 -59.35
CA LEU LB 108 42.97 58.96 -58.85
C LEU LB 108 42.83 59.93 -57.67
N ARG LB 109 43.78 59.89 -56.73
CA ARG LB 109 43.71 60.80 -55.59
C ARG LB 109 43.67 62.26 -56.06
N LEU LB 110 44.55 62.61 -57.00
CA LEU LB 110 44.65 63.99 -57.45
C LEU LB 110 43.50 64.39 -58.35
N ILE LB 111 43.03 63.48 -59.20
CA ILE LB 111 41.91 63.81 -60.07
C ILE LB 111 40.62 63.91 -59.27
N GLY LB 112 40.52 63.19 -58.15
CA GLY LB 112 39.37 63.34 -57.28
C GLY LB 112 39.43 64.65 -56.53
N ALA LB 113 40.56 64.93 -55.88
CA ALA LB 113 40.69 66.20 -55.17
C ALA LB 113 40.51 67.39 -56.10
N GLN LB 114 40.86 67.22 -57.38
CA GLN LB 114 40.69 68.27 -58.35
C GLN LB 114 39.24 68.47 -58.74
N LEU LB 115 38.38 67.47 -58.54
CA LEU LB 115 36.95 67.64 -58.76
C LEU LB 115 36.26 68.40 -57.64
N LEU LB 116 36.83 68.42 -56.42
CA LEU LB 116 36.32 69.29 -55.38
C LEU LB 116 36.66 70.75 -55.63
N THR LB 117 37.91 71.04 -55.95
CA THR LB 117 38.40 72.42 -55.86
C THR LB 117 38.32 73.20 -57.16
N ASP LB 118 38.34 72.54 -58.31
CA ASP LB 118 38.44 73.26 -59.58
C ASP LB 118 37.18 74.07 -59.83
N ALA LB 119 37.36 75.34 -60.18
CA ALA LB 119 36.27 76.31 -60.26
C ALA LB 119 35.18 75.87 -61.23
N ASP LB 120 35.51 75.06 -62.23
CA ASP LB 120 34.50 74.53 -63.14
C ASP LB 120 33.36 73.87 -62.37
N TYR LB 121 33.67 73.07 -61.36
CA TYR LB 121 32.63 72.41 -60.59
C TYR LB 121 32.15 73.28 -59.44
N ASP LB 122 32.70 74.49 -59.33
CA ASP LB 122 32.41 75.36 -58.20
C ASP LB 122 30.91 75.64 -58.08
N SER LB 123 30.22 75.73 -59.22
CA SER LB 123 28.77 75.92 -59.19
C SER LB 123 28.04 74.64 -58.79
N PHE LB 124 28.63 73.48 -59.08
CA PHE LB 124 27.98 72.21 -58.74
C PHE LB 124 27.91 71.99 -57.24
N TRP LB 125 29.06 72.07 -56.57
CA TRP LB 125 29.12 71.75 -55.15
C TRP LB 125 28.31 72.73 -54.33
N THR LB 126 28.49 74.04 -54.59
CA THR LB 126 27.82 75.05 -53.79
C THR LB 126 26.32 75.04 -54.01
N LEU LB 127 25.90 75.14 -55.27
CA LEU LB 127 24.50 75.33 -55.59
C LEU LB 127 23.76 74.02 -55.84
N GLY LB 128 24.46 72.89 -55.84
CA GLY LB 128 23.82 71.65 -56.27
C GLY LB 128 23.35 71.72 -57.70
N ALA LB 129 24.12 72.39 -58.57
CA ALA LB 129 23.68 72.73 -59.92
C ALA LB 129 24.17 71.69 -60.93
N LEU LB 130 23.24 71.03 -61.60
CA LEU LB 130 23.55 70.08 -62.66
C LEU LB 130 23.53 70.81 -64.00
N ALA LB 131 24.70 70.98 -64.59
CA ALA LB 131 24.84 71.62 -65.89
C ALA LB 131 26.28 71.43 -66.38
N SER MB 1 51.14 58.55 -39.31
CA SER MB 1 51.22 59.81 -40.04
C SER MB 1 49.83 60.46 -40.13
N ILE MB 2 48.78 59.66 -39.87
CA ILE MB 2 47.45 60.23 -39.77
C ILE MB 2 47.30 60.97 -38.45
N ILE MB 3 47.77 60.37 -37.36
CA ILE MB 3 47.72 61.02 -36.06
C ILE MB 3 48.70 62.18 -36.04
N GLY MB 4 48.24 63.34 -35.58
CA GLY MB 4 49.13 64.48 -35.51
C GLY MB 4 49.53 65.05 -36.86
N SER MB 5 48.68 64.90 -37.87
CA SER MB 5 48.90 65.55 -39.15
C SER MB 5 48.31 66.95 -39.13
N SER MB 6 48.82 67.81 -40.02
CA SER MB 6 48.46 69.22 -40.07
C SER MB 6 47.97 69.57 -41.46
N ILE MB 7 46.85 70.30 -41.54
CA ILE MB 7 46.23 70.69 -42.80
C ILE MB 7 45.66 72.10 -42.68
N LYS MB 8 45.57 72.81 -43.81
CA LYS MB 8 45.16 74.22 -43.77
C LYS MB 8 43.64 74.34 -43.76
N THR MB 9 43.11 75.11 -42.81
CA THR MB 9 41.71 75.50 -42.85
C THR MB 9 41.58 76.92 -43.35
N GLY MB 10 40.38 77.24 -43.85
CA GLY MB 10 40.10 78.53 -44.43
C GLY MB 10 41.16 78.90 -45.44
N ALA MB 11 41.50 77.97 -46.31
CA ALA MB 11 42.47 78.25 -47.35
C ALA MB 11 41.85 79.12 -48.44
N THR MB 12 42.67 80.02 -48.99
CA THR MB 12 42.20 80.91 -50.04
C THR MB 12 41.84 80.13 -51.31
N SER MB 13 42.73 79.23 -51.75
CA SER MB 13 42.42 78.33 -52.86
C SER MB 13 43.45 77.22 -52.90
N ALA MB 14 43.17 76.20 -53.70
CA ALA MB 14 44.08 75.09 -53.92
C ALA MB 14 44.28 74.92 -55.41
N SER MB 15 45.38 74.28 -55.79
CA SER MB 15 45.74 74.16 -57.19
C SER MB 15 46.58 72.89 -57.36
N ILE MB 16 47.02 72.68 -58.60
CA ILE MB 16 47.66 71.41 -58.95
C ILE MB 16 48.78 71.66 -59.95
N THR MB 17 50.00 71.32 -59.55
CA THR MB 17 51.15 71.36 -60.46
C THR MB 17 51.14 70.05 -61.24
N GLY MB 18 50.65 70.12 -62.49
CA GLY MB 18 50.10 68.98 -63.16
C GLY MB 18 50.62 68.76 -64.57
N GLY MB 19 50.16 67.66 -65.16
CA GLY MB 19 50.54 67.26 -66.51
C GLY MB 19 49.50 67.58 -67.56
N SER MB 20 49.05 66.57 -68.30
CA SER MB 20 48.22 66.79 -69.48
C SER MB 20 46.74 66.99 -69.12
N ASP MB 21 46.02 67.64 -70.04
CA ASP MB 21 44.60 67.90 -69.87
C ASP MB 21 43.77 66.64 -70.11
N ILE MB 22 42.54 66.68 -69.59
CA ILE MB 22 41.53 65.66 -69.87
C ILE MB 22 40.17 66.36 -69.87
N THR MB 23 39.32 65.99 -70.83
CA THR MB 23 38.10 66.74 -71.10
C THR MB 23 36.88 65.83 -71.05
N PHE MB 24 35.82 66.31 -70.40
CA PHE MB 24 34.59 65.55 -70.19
C PHE MB 24 33.55 65.91 -71.25
N ALA MB 25 32.80 64.89 -71.66
CA ALA MB 25 31.67 65.09 -72.57
C ALA MB 25 30.51 64.24 -72.08
N LEU MB 26 29.30 64.59 -72.55
CA LEU MB 26 28.08 63.97 -72.04
C LEU MB 26 27.96 62.53 -72.52
N THR MB 27 27.70 61.59 -71.58
CA THR MB 27 27.70 60.16 -71.86
C THR MB 27 26.33 59.61 -72.24
N GLY MB 28 25.26 60.26 -71.78
CA GLY MB 28 23.95 59.68 -71.98
C GLY MB 28 23.78 58.32 -71.33
N GLN MB 29 24.40 58.08 -70.19
CA GLN MB 29 24.05 56.95 -69.33
C GLN MB 29 23.02 57.45 -68.34
N THR MB 30 21.82 56.89 -68.41
CA THR MB 30 20.72 57.36 -67.57
C THR MB 30 21.11 57.28 -66.09
N VAL MB 31 21.15 58.43 -65.43
CA VAL MB 31 21.55 58.53 -64.04
C VAL MB 31 20.55 59.41 -63.32
N THR MB 32 19.88 58.86 -62.31
CA THR MB 32 18.87 59.60 -61.57
C THR MB 32 19.51 60.74 -60.80
N ASN MB 33 18.91 61.93 -60.94
CA ASN MB 33 19.35 63.12 -60.21
C ASN MB 33 20.77 63.52 -60.56
N GLY MB 34 21.21 63.25 -61.79
CA GLY MB 34 22.59 63.55 -62.09
C GLY MB 34 22.95 63.27 -63.53
N LEU MB 35 24.25 63.35 -63.79
CA LEU MB 35 24.83 63.26 -65.12
C LEU MB 35 25.92 62.21 -65.14
N ASN MB 36 26.22 61.71 -66.33
CA ASN MB 36 27.43 60.93 -66.59
C ASN MB 36 28.20 61.63 -67.70
N VAL MB 37 29.46 61.97 -67.45
CA VAL MB 37 30.36 62.51 -68.45
C VAL MB 37 31.61 61.66 -68.47
N SER MB 38 32.00 61.19 -69.65
CA SER MB 38 33.23 60.43 -69.76
C SER MB 38 34.27 61.25 -70.51
N VAL MB 39 35.52 60.82 -70.41
CA VAL MB 39 36.60 61.52 -71.06
C VAL MB 39 36.66 61.08 -72.51
N SER MB 40 36.42 62.01 -73.42
CA SER MB 40 36.46 61.71 -74.84
C SER MB 40 37.89 61.61 -75.34
N GLU MB 41 38.86 61.67 -74.43
CA GLU MB 41 40.26 61.64 -74.79
C GLU MB 41 40.90 60.26 -74.66
N ASP MB 42 40.22 59.33 -73.99
CA ASP MB 42 40.59 57.92 -74.04
C ASP MB 42 39.89 57.28 -75.23
N THR MB 43 40.60 56.39 -75.94
CA THR MB 43 40.15 55.93 -77.25
C THR MB 43 39.29 54.67 -77.19
N ASP MB 44 39.38 53.87 -76.12
CA ASP MB 44 38.73 52.57 -76.05
C ASP MB 44 37.63 52.62 -75.00
N TYR MB 45 36.36 52.52 -75.43
CA TYR MB 45 35.23 52.65 -74.51
C TYR MB 45 35.39 51.71 -73.33
N ARG MB 46 35.75 50.46 -73.60
CA ARG MB 46 35.89 49.44 -72.57
C ARG MB 46 36.72 49.91 -71.37
N THR MB 47 37.57 50.93 -71.55
CA THR MB 47 38.36 51.51 -70.47
C THR MB 47 38.39 53.04 -70.50
N ARG MB 48 37.26 53.69 -70.79
CA ARG MB 48 37.21 55.15 -70.70
C ARG MB 48 36.83 55.60 -69.29
N ARG MB 49 37.75 56.34 -68.67
CA ARG MB 49 37.51 56.98 -67.40
C ARG MB 49 36.26 57.85 -67.49
N ASN MB 50 35.31 57.63 -66.58
CA ASN MB 50 34.10 58.43 -66.59
C ASN MB 50 33.81 58.96 -65.19
N ALA MB 51 32.81 59.82 -65.09
CA ALA MB 51 32.47 60.43 -63.82
C ALA MB 51 30.98 60.67 -63.80
N THR MB 52 30.39 60.51 -62.62
CA THR MB 52 28.96 60.63 -62.43
C THR MB 52 28.71 61.61 -61.31
N PHE MB 53 27.82 62.57 -61.59
CA PHE MB 53 27.49 63.66 -60.68
C PHE MB 53 26.05 63.47 -60.21
N LYS MB 54 25.83 63.47 -58.90
CA LYS MB 54 24.49 63.37 -58.33
C LYS MB 54 24.26 64.53 -57.37
N SER MB 55 22.99 64.92 -57.25
CA SER MB 55 22.60 66.04 -56.39
C SER MB 55 21.22 65.75 -55.79
N ARG MB 56 21.20 65.29 -54.54
CA ARG MB 56 19.96 65.16 -53.78
C ARG MB 56 19.77 66.44 -52.96
N VAL MB 57 18.55 66.98 -53.01
CA VAL MB 57 18.25 68.28 -52.43
C VAL MB 57 17.81 68.11 -50.97
N PRO MB 58 17.89 69.16 -50.17
CA PRO MB 58 17.37 69.08 -48.80
C PRO MB 58 15.86 68.88 -48.80
N THR MB 59 15.39 68.16 -47.78
CA THR MB 59 13.98 67.83 -47.65
C THR MB 59 13.33 68.78 -46.65
N VAL MB 60 12.16 69.30 -47.02
CA VAL MB 60 11.41 70.21 -46.17
C VAL MB 60 10.41 69.40 -45.36
N VAL MB 61 10.65 69.26 -44.07
CA VAL MB 61 9.79 68.49 -43.17
C VAL MB 61 9.34 69.44 -42.07
N ASN MB 62 8.17 70.07 -42.28
CA ASN MB 62 7.51 70.86 -41.26
C ASN MB 62 8.44 71.93 -40.69
N GLY MB 63 8.97 72.76 -41.58
CA GLY MB 63 9.87 73.82 -41.18
C GLY MB 63 11.30 73.41 -40.87
N ASN MB 64 11.61 72.12 -40.86
CA ASN MB 64 12.96 71.64 -40.60
C ASN MB 64 13.56 71.07 -41.90
N TYR MB 65 14.83 71.37 -42.15
CA TYR MB 65 15.48 70.95 -43.38
C TYR MB 65 16.58 69.94 -43.08
N SER MB 66 16.59 68.84 -43.84
CA SER MB 66 17.67 67.87 -43.81
C SER MB 66 18.84 68.38 -44.63
N LYS MB 67 20.03 67.85 -44.33
CA LYS MB 67 21.18 68.17 -45.16
C LYS MB 67 20.99 67.60 -46.56
N GLY MB 68 21.49 68.31 -47.56
CA GLY MB 68 21.53 67.82 -48.91
C GLY MB 68 22.86 67.14 -49.21
N LYS MB 69 22.92 66.49 -50.37
CA LYS MB 69 24.04 65.60 -50.68
C LYS MB 69 24.44 65.76 -52.14
N ASN MB 70 25.70 66.10 -52.39
CA ASN MB 70 26.22 66.20 -53.75
C ASN MB 70 27.37 65.22 -53.92
N GLU MB 71 27.17 64.21 -54.77
CA GLU MB 71 28.18 63.18 -54.99
C GLU MB 71 28.85 63.35 -56.33
N VAL MB 72 30.11 62.90 -56.39
CA VAL MB 72 30.81 62.64 -57.63
C VAL MB 72 31.48 61.28 -57.51
N VAL MB 73 31.45 60.51 -58.59
CA VAL MB 73 32.08 59.20 -58.65
C VAL MB 73 32.93 59.18 -59.91
N PHE MB 74 34.24 59.15 -59.75
CA PHE MB 74 35.16 59.06 -60.87
C PHE MB 74 35.67 57.62 -60.94
N VAL MB 75 35.71 57.08 -62.15
CA VAL MB 75 35.93 55.65 -62.35
C VAL MB 75 36.96 55.44 -63.44
N ILE MB 76 38.00 54.66 -63.12
CA ILE MB 76 38.95 54.09 -64.07
C ILE MB 76 38.60 52.62 -64.25
N PRO MB 77 37.96 52.24 -65.36
CA PRO MB 77 37.79 50.81 -65.63
C PRO MB 77 39.07 50.20 -66.18
N MET MB 78 39.40 49.00 -65.71
CA MET MB 78 40.59 48.31 -66.16
C MET MB 78 40.25 46.86 -66.46
N SER MB 79 40.86 46.34 -67.52
CA SER MB 79 40.67 44.96 -67.95
C SER MB 79 41.70 44.08 -67.25
N LEU MB 80 41.20 43.11 -66.48
CA LEU MB 80 42.10 42.23 -65.76
C LEU MB 80 42.72 41.21 -66.71
N ASP MB 81 43.76 40.54 -66.20
CA ASP MB 81 44.33 39.40 -66.93
C ASP MB 81 43.29 38.31 -67.13
N SER MB 82 42.36 38.17 -66.17
CA SER MB 82 41.28 37.20 -66.22
C SER MB 82 40.29 37.46 -67.34
N GLY MB 83 40.34 38.63 -67.99
CA GLY MB 83 39.34 39.05 -68.93
C GLY MB 83 38.21 39.85 -68.31
N GLU MB 84 37.88 39.58 -67.05
CA GLU MB 84 36.87 40.36 -66.36
C GLU MB 84 37.38 41.78 -66.10
N THR MB 85 36.62 42.77 -66.54
CA THR MB 85 36.98 44.16 -66.34
C THR MB 85 36.29 44.70 -65.09
N VAL MB 86 37.03 45.45 -64.28
CA VAL MB 86 36.53 45.98 -63.00
C VAL MB 86 36.80 47.48 -62.96
N PHE MB 87 36.35 48.09 -61.86
CA PHE MB 87 36.31 49.55 -61.74
C PHE MB 87 37.08 50.04 -60.52
N ASN MB 88 37.99 51.00 -60.75
CA ASN MB 88 38.67 51.72 -59.68
C ASN MB 88 37.93 53.03 -59.45
N SER MB 89 37.49 53.25 -58.22
CA SER MB 89 36.47 54.25 -57.94
C SER MB 89 36.95 55.21 -56.86
N VAL MB 90 37.07 56.48 -57.20
CA VAL MB 90 37.16 57.53 -56.19
C VAL MB 90 35.80 58.21 -56.10
N ARG MB 91 35.22 58.23 -54.90
CA ARG MB 91 33.90 58.80 -54.67
C ARG MB 91 34.02 59.91 -53.62
N ILE MB 92 33.44 61.06 -53.92
CA ILE MB 92 33.46 62.20 -53.02
C ILE MB 92 32.05 62.73 -52.87
N ALA MB 93 31.51 62.63 -51.67
CA ALA MB 93 30.16 63.05 -51.34
C ALA MB 93 30.22 64.16 -50.31
N LEU MB 94 29.50 65.24 -50.56
CA LEU MB 94 29.52 66.39 -49.67
C LEU MB 94 28.09 66.67 -49.21
N GLU MB 95 27.85 66.45 -47.91
CA GLU MB 95 26.54 66.59 -47.29
C GLU MB 95 26.54 67.84 -46.43
N ILE MB 96 25.67 68.78 -46.78
CA ILE MB 96 25.66 70.10 -46.16
C ILE MB 96 24.23 70.48 -45.79
N HIS MB 97 24.05 70.98 -44.57
CA HIS MB 97 22.81 71.64 -44.19
C HIS MB 97 22.82 73.09 -44.67
N PRO MB 98 21.70 73.60 -45.17
CA PRO MB 98 21.73 74.93 -45.83
C PRO MB 98 22.14 76.06 -44.91
N ALA MB 99 22.06 75.88 -43.58
CA ALA MB 99 22.38 76.93 -42.64
C ALA MB 99 23.87 77.09 -42.40
N LEU MB 100 24.72 76.24 -42.99
CA LEU MB 100 26.16 76.41 -42.84
C LEU MB 100 26.65 77.59 -43.67
N ALA MB 101 27.70 78.25 -43.18
CA ALA MB 101 28.23 79.42 -43.86
C ALA MB 101 28.80 79.06 -45.22
N SER MB 102 28.52 79.93 -46.19
CA SER MB 102 29.03 79.74 -47.55
C SER MB 102 30.54 79.56 -47.56
N ALA MB 103 31.23 80.20 -46.61
CA ALA MB 103 32.69 80.08 -46.51
C ALA MB 103 33.09 78.73 -45.94
N SER MB 104 32.35 78.23 -44.94
CA SER MB 104 32.67 76.92 -44.38
C SER MB 104 32.42 75.80 -45.38
N VAL MB 105 31.48 75.98 -46.30
CA VAL MB 105 31.27 74.97 -47.33
C VAL MB 105 32.53 74.81 -48.18
N LYS MB 106 33.09 75.92 -48.64
CA LYS MB 106 34.29 75.85 -49.46
C LYS MB 106 35.51 75.43 -48.63
N ASP MB 107 35.60 75.86 -47.36
CA ASP MB 107 36.64 75.31 -46.50
C ASP MB 107 36.54 73.79 -46.43
N LEU MB 108 35.31 73.25 -46.42
CA LEU MB 108 35.12 71.82 -46.32
C LEU MB 108 35.58 71.11 -47.60
N ARG MB 109 35.24 71.69 -48.76
CA ARG MB 109 35.75 71.17 -50.04
C ARG MB 109 37.28 71.10 -50.04
N LEU MB 110 37.92 72.20 -49.64
CA LEU MB 110 39.39 72.25 -49.69
C LEU MB 110 40.02 71.33 -48.66
N ILE MB 111 39.40 71.18 -47.49
CA ILE MB 111 39.99 70.33 -46.47
C ILE MB 111 39.88 68.86 -46.87
N GLY MB 112 38.79 68.49 -47.55
CA GLY MB 112 38.72 67.16 -48.12
C GLY MB 112 39.77 66.94 -49.19
N ALA MB 113 39.96 67.93 -50.06
CA ALA MB 113 41.00 67.81 -51.08
C ALA MB 113 42.37 67.60 -50.45
N GLN MB 114 42.67 68.34 -49.37
CA GLN MB 114 43.96 68.14 -48.72
C GLN MB 114 44.06 66.73 -48.15
N LEU MB 115 42.99 66.26 -47.50
CA LEU MB 115 42.99 64.90 -46.98
C LEU MB 115 43.31 63.89 -48.09
N LEU MB 116 42.83 64.12 -49.31
CA LEU MB 116 43.26 63.25 -50.42
C LEU MB 116 44.73 63.40 -50.76
N THR MB 117 45.20 64.62 -50.98
CA THR MB 117 46.45 64.80 -51.70
C THR MB 117 47.68 65.02 -50.83
N ASP MB 118 47.54 65.25 -49.53
CA ASP MB 118 48.70 65.54 -48.69
C ASP MB 118 49.57 64.29 -48.51
N ALA MB 119 50.85 64.53 -48.27
CA ALA MB 119 51.80 63.42 -48.16
C ALA MB 119 51.61 62.66 -46.84
N ASP MB 120 51.19 63.37 -45.79
CA ASP MB 120 50.93 62.73 -44.50
C ASP MB 120 50.01 61.52 -44.63
N TYR MB 121 49.13 61.52 -45.62
CA TYR MB 121 48.13 60.47 -45.76
C TYR MB 121 48.48 59.45 -46.83
N ASP MB 122 49.66 59.59 -47.46
CA ASP MB 122 50.10 58.64 -48.48
C ASP MB 122 50.01 57.20 -47.97
N SER MB 123 50.56 56.95 -46.77
CA SER MB 123 50.55 55.60 -46.23
C SER MB 123 49.12 55.08 -46.09
N PHE MB 124 48.23 55.89 -45.51
CA PHE MB 124 46.84 55.50 -45.36
C PHE MB 124 46.21 55.11 -46.69
N TRP MB 125 46.18 56.05 -47.64
CA TRP MB 125 45.48 55.81 -48.88
C TRP MB 125 46.06 54.62 -49.63
N THR MB 126 47.37 54.62 -49.84
CA THR MB 126 47.99 53.60 -50.70
C THR MB 126 47.96 52.23 -50.03
N LEU MB 127 48.56 52.12 -48.83
CA LEU MB 127 48.77 50.84 -48.19
C LEU MB 127 47.57 50.38 -47.36
N GLY MB 128 46.68 51.30 -46.99
CA GLY MB 128 45.63 51.02 -46.04
C GLY MB 128 46.02 51.16 -44.60
N ALA MB 129 47.16 51.79 -44.32
CA ALA MB 129 47.72 51.77 -42.97
C ALA MB 129 46.94 52.70 -42.05
N LEU MB 130 46.44 52.16 -40.95
CA LEU MB 130 45.82 52.99 -39.94
C LEU MB 130 46.89 53.64 -39.07
N ALA MB 131 46.45 54.60 -38.24
CA ALA MB 131 47.32 55.33 -37.32
C ALA MB 131 48.47 56.10 -38.00
N SER NB 1 45.03 63.50 9.64
CA SER NB 1 45.94 63.83 8.55
C SER NB 1 45.18 64.04 7.24
N ILE NB 2 44.11 63.27 7.01
CA ILE NB 2 43.22 63.54 5.88
C ILE NB 2 42.43 64.81 6.15
N ILE NB 3 41.86 64.91 7.36
CA ILE NB 3 41.13 66.11 7.74
C ILE NB 3 42.13 67.23 7.99
N GLY NB 4 41.98 68.32 7.24
CA GLY NB 4 42.88 69.44 7.36
C GLY NB 4 44.03 69.43 6.39
N SER NB 5 44.18 68.39 5.58
CA SER NB 5 45.26 68.33 4.60
C SER NB 5 45.12 69.46 3.58
N SER NB 6 46.26 69.90 3.06
CA SER NB 6 46.31 70.98 2.08
C SER NB 6 47.03 70.48 0.84
N ILE NB 7 46.45 70.78 -0.33
CA ILE NB 7 46.99 70.34 -1.61
C ILE NB 7 46.80 71.45 -2.63
N LYS NB 8 47.72 71.53 -3.60
CA LYS NB 8 47.75 72.63 -4.56
C LYS NB 8 46.70 72.41 -5.66
N THR NB 9 45.89 73.43 -5.93
CA THR NB 9 45.06 73.44 -7.13
C THR NB 9 45.59 74.49 -8.09
N GLY NB 10 45.16 74.37 -9.35
CA GLY NB 10 45.71 75.21 -10.39
C GLY NB 10 47.21 75.11 -10.51
N ALA NB 11 47.76 73.91 -10.33
CA ALA NB 11 49.20 73.74 -10.41
C ALA NB 11 49.66 73.75 -11.85
N THR NB 12 50.86 74.29 -12.07
CA THR NB 12 51.44 74.32 -13.41
C THR NB 12 51.75 72.90 -13.90
N SER NB 13 52.57 72.15 -13.13
CA SER NB 13 52.87 70.78 -13.52
C SER NB 13 53.43 70.03 -12.31
N ALA NB 14 53.37 68.71 -12.40
CA ALA NB 14 53.88 67.83 -11.36
C ALA NB 14 55.09 67.08 -11.87
N SER NB 15 55.99 66.73 -10.94
CA SER NB 15 57.23 66.06 -11.29
C SER NB 15 57.55 65.05 -10.21
N ILE NB 16 58.59 64.26 -10.45
CA ILE NB 16 58.93 63.19 -9.51
C ILE NB 16 60.44 63.02 -9.45
N THR NB 17 61.01 63.25 -8.27
CA THR NB 17 62.43 62.99 -8.03
C THR NB 17 62.59 61.51 -7.73
N GLY NB 18 63.13 60.77 -8.70
CA GLY NB 18 63.09 59.33 -8.59
C GLY NB 18 64.23 58.55 -9.19
N GLY NB 19 64.10 57.22 -9.20
CA GLY NB 19 65.16 56.33 -9.60
C GLY NB 19 65.14 55.89 -11.05
N SER NB 20 65.11 54.59 -11.28
CA SER NB 20 65.34 54.04 -12.61
C SER NB 20 64.11 54.17 -13.50
N ASP NB 21 64.36 54.12 -14.81
CA ASP NB 21 63.31 54.16 -15.81
C ASP NB 21 62.61 52.81 -15.95
N ILE NB 22 61.42 52.86 -16.54
CA ILE NB 22 60.70 51.65 -16.93
C ILE NB 22 59.96 51.98 -18.21
N THR NB 23 59.89 51.03 -19.14
CA THR NB 23 59.31 51.30 -20.44
C THR NB 23 58.21 50.29 -20.75
N PHE NB 24 57.19 50.76 -21.46
CA PHE NB 24 56.03 49.97 -21.83
C PHE NB 24 56.11 49.55 -23.29
N ALA NB 25 55.62 48.35 -23.58
CA ALA NB 25 55.42 47.93 -24.95
C ALA NB 25 54.08 47.22 -25.05
N LEU NB 26 53.50 47.23 -26.25
CA LEU NB 26 52.16 46.71 -26.43
C LEU NB 26 52.11 45.19 -26.24
N THR NB 27 51.20 44.75 -25.38
CA THR NB 27 51.18 43.34 -24.96
C THR NB 27 50.65 42.44 -26.06
N GLY NB 28 49.59 42.84 -26.72
CA GLY NB 28 48.85 41.93 -27.56
C GLY NB 28 47.85 41.08 -26.83
N GLN NB 29 47.57 41.39 -25.57
CA GLN NB 29 46.40 40.83 -24.90
C GLN NB 29 45.18 41.61 -25.37
N THR NB 30 44.19 40.89 -25.89
CA THR NB 30 42.99 41.54 -26.40
C THR NB 30 42.20 42.12 -25.24
N VAL NB 31 41.93 43.42 -25.28
CA VAL NB 31 41.18 44.11 -24.23
C VAL NB 31 40.08 44.92 -24.89
N THR NB 32 38.84 44.71 -24.43
CA THR NB 32 37.69 45.41 -24.98
C THR NB 32 37.77 46.90 -24.68
N ASN NB 33 37.61 47.72 -25.72
CA ASN NB 33 37.73 49.18 -25.63
C ASN NB 33 39.06 49.62 -25.03
N GLY NB 34 40.07 48.75 -25.04
CA GLY NB 34 41.25 49.03 -24.26
C GLY NB 34 42.54 48.48 -24.85
N LEU NB 35 43.59 48.65 -24.06
CA LEU NB 35 44.95 48.39 -24.46
C LEU NB 35 45.69 47.76 -23.28
N ASN NB 36 46.64 46.88 -23.57
CA ASN NB 36 47.51 46.35 -22.54
C ASN NB 36 48.95 46.61 -22.96
N VAL NB 37 49.70 47.32 -22.13
CA VAL NB 37 51.13 47.50 -22.32
C VAL NB 37 51.83 46.98 -21.08
N SER NB 38 52.80 46.09 -21.27
CA SER NB 38 53.54 45.58 -20.11
C SER NB 38 54.96 46.10 -20.13
N VAL NB 39 55.67 45.78 -19.06
CA VAL NB 39 57.02 46.27 -18.84
C VAL NB 39 58.00 45.43 -19.65
N SER NB 40 58.64 46.06 -20.63
CA SER NB 40 59.66 45.40 -21.42
C SER NB 40 60.96 45.16 -20.66
N GLU NB 41 61.00 45.54 -19.38
CA GLU NB 41 62.25 45.53 -18.62
C GLU NB 41 62.27 44.48 -17.52
N ASP NB 42 61.11 44.02 -17.07
CA ASP NB 42 61.03 42.86 -16.20
C ASP NB 42 61.12 41.59 -17.06
N THR NB 43 61.93 40.63 -16.60
CA THR NB 43 62.35 39.53 -17.46
C THR NB 43 61.44 38.31 -17.39
N ASP NB 44 60.64 38.17 -16.34
CA ASP NB 44 59.78 37.00 -16.17
C ASP NB 44 58.33 37.47 -16.27
N TYR NB 45 57.62 36.98 -17.30
CA TYR NB 45 56.22 37.35 -17.48
C TYR NB 45 55.41 37.09 -16.22
N ARG NB 46 55.70 35.98 -15.54
CA ARG NB 46 55.01 35.62 -14.31
C ARG NB 46 54.92 36.79 -13.34
N THR NB 47 55.93 37.67 -13.34
CA THR NB 47 55.96 38.85 -12.49
C THR NB 47 56.15 40.15 -13.26
N ARG NB 48 55.80 40.21 -14.56
CA ARG NB 48 55.90 41.47 -15.29
C ARG NB 48 54.76 42.41 -14.95
N ARG NB 49 55.12 43.54 -14.34
CA ARG NB 49 54.19 44.64 -14.14
C ARG NB 49 53.54 45.00 -15.48
N ASN NB 50 52.22 45.20 -15.46
CA ASN NB 50 51.57 45.64 -16.69
C ASN NB 50 50.43 46.60 -16.39
N ALA NB 51 50.11 47.43 -17.38
CA ALA NB 51 49.08 48.45 -17.27
C ALA NB 51 48.08 48.25 -18.39
N THR NB 52 46.82 48.52 -18.07
CA THR NB 52 45.70 48.38 -19.00
C THR NB 52 44.93 49.69 -19.04
N PHE NB 53 44.68 50.16 -20.25
CA PHE NB 53 44.09 51.46 -20.52
C PHE NB 53 42.73 51.25 -21.18
N LYS NB 54 41.67 51.67 -20.52
CA LYS NB 54 40.33 51.61 -21.11
C LYS NB 54 39.80 53.03 -21.32
N SER NB 55 38.96 53.19 -22.33
CA SER NB 55 38.48 54.50 -22.73
C SER NB 55 37.06 54.40 -23.28
N ARG NB 56 36.17 55.23 -22.73
CA ARG NB 56 34.84 55.45 -23.30
C ARG NB 56 34.59 56.95 -23.45
N VAL NB 57 34.21 57.33 -24.66
CA VAL NB 57 34.01 58.71 -25.11
C VAL NB 57 32.60 59.15 -24.70
N PRO NB 58 32.35 60.45 -24.49
CA PRO NB 58 30.99 60.91 -24.16
C PRO NB 58 29.97 60.51 -25.23
N THR NB 59 28.85 59.97 -24.76
CA THR NB 59 27.74 59.55 -25.62
C THR NB 59 26.62 60.58 -25.55
N VAL NB 60 26.02 60.87 -26.70
CA VAL NB 60 25.00 61.92 -26.83
C VAL NB 60 23.62 61.28 -26.96
N VAL NB 61 22.70 61.70 -26.10
CA VAL NB 61 21.29 61.29 -26.16
C VAL NB 61 20.47 62.54 -26.48
N ASN NB 62 20.06 62.66 -27.75
CA ASN NB 62 19.18 63.74 -28.23
C ASN NB 62 19.65 65.11 -27.74
N GLY NB 63 20.96 65.36 -27.88
CA GLY NB 63 21.55 66.63 -27.55
C GLY NB 63 22.22 66.71 -26.20
N ASN NB 64 21.98 65.74 -25.31
CA ASN NB 64 22.55 65.77 -23.96
C ASN NB 64 23.74 64.83 -23.88
N TYR NB 65 24.88 65.35 -23.41
CA TYR NB 65 26.10 64.55 -23.36
C TYR NB 65 26.25 63.86 -22.02
N SER NB 66 26.89 62.69 -22.05
CA SER NB 66 27.18 61.90 -20.87
C SER NB 66 28.66 61.99 -20.55
N LYS NB 67 28.98 62.12 -19.27
CA LYS NB 67 30.36 62.14 -18.84
C LYS NB 67 31.08 60.85 -19.24
N GLY NB 68 32.22 61.00 -19.92
CA GLY NB 68 33.01 59.87 -20.35
C GLY NB 68 34.02 59.42 -19.30
N LYS NB 69 34.66 58.29 -19.59
CA LYS NB 69 35.40 57.55 -18.57
C LYS NB 69 36.72 57.04 -19.14
N ASN NB 70 37.83 57.43 -18.52
CA ASN NB 70 39.16 56.94 -18.91
C ASN NB 70 39.78 56.21 -17.73
N GLU NB 71 39.89 54.89 -17.82
CA GLU NB 71 40.48 54.08 -16.75
C GLU NB 71 41.90 53.65 -17.09
N VAL NB 72 42.71 53.52 -16.05
CA VAL NB 72 44.00 52.87 -16.11
C VAL NB 72 44.10 51.96 -14.91
N VAL NB 73 44.67 50.76 -15.11
CA VAL NB 73 44.97 49.86 -14.01
C VAL NB 73 46.40 49.37 -14.17
N PHE NB 74 47.17 49.45 -13.11
CA PHE NB 74 48.56 49.05 -13.09
C PHE NB 74 48.72 47.93 -12.07
N VAL NB 75 49.43 46.89 -12.47
CA VAL NB 75 49.43 45.63 -11.72
C VAL NB 75 50.85 45.16 -11.50
N ILE NB 76 51.18 44.87 -10.24
CA ILE NB 76 52.35 44.09 -9.84
C ILE NB 76 51.86 42.67 -9.51
N PRO NB 77 52.15 41.67 -10.32
CA PRO NB 77 51.79 40.31 -9.95
C PRO NB 77 52.85 39.72 -9.01
N MET NB 78 52.37 38.99 -7.99
CA MET NB 78 53.27 38.29 -7.09
C MET NB 78 52.67 36.94 -6.75
N SER NB 79 53.53 35.92 -6.70
CA SER NB 79 53.10 34.60 -6.28
C SER NB 79 53.22 34.49 -4.76
N LEU NB 80 52.18 33.96 -4.13
CA LEU NB 80 52.13 33.83 -2.69
C LEU NB 80 52.82 32.55 -2.23
N ASP NB 81 53.03 32.46 -0.91
CA ASP NB 81 53.45 31.19 -0.32
C ASP NB 81 52.43 30.09 -0.59
N SER NB 82 51.17 30.46 -0.87
CA SER NB 82 50.13 29.54 -1.27
C SER NB 82 50.35 28.96 -2.66
N GLY NB 83 51.30 29.50 -3.42
CA GLY NB 83 51.45 29.12 -4.82
C GLY NB 83 50.56 29.96 -5.71
N GLU NB 84 49.35 30.24 -5.21
CA GLU NB 84 48.43 31.16 -5.87
C GLU NB 84 49.12 32.48 -6.17
N THR NB 85 48.91 32.99 -7.38
CA THR NB 85 49.47 34.27 -7.80
C THR NB 85 48.38 35.33 -7.77
N VAL NB 86 48.65 36.42 -7.05
CA VAL NB 86 47.69 37.50 -6.86
C VAL NB 86 48.23 38.77 -7.50
N PHE NB 87 47.31 39.63 -7.94
CA PHE NB 87 47.63 40.86 -8.64
C PHE NB 87 47.47 42.05 -7.69
N ASN NB 88 48.51 42.88 -7.58
CA ASN NB 88 48.50 44.06 -6.72
C ASN NB 88 48.22 45.28 -7.60
N SER NB 89 47.12 45.99 -7.28
CA SER NB 89 46.47 46.89 -8.22
C SER NB 89 46.51 48.33 -7.75
N VAL NB 90 46.73 49.24 -8.68
CA VAL NB 90 46.36 50.64 -8.52
C VAL NB 90 45.54 51.03 -9.75
N ARG NB 91 44.35 51.60 -9.52
CA ARG NB 91 43.40 51.90 -10.58
C ARG NB 91 42.99 53.35 -10.50
N ILE NB 92 43.12 54.07 -11.60
CA ILE NB 92 42.80 55.50 -11.67
C ILE NB 92 41.82 55.71 -12.81
N ALA NB 93 40.64 56.19 -12.47
CA ALA NB 93 39.56 56.40 -13.42
C ALA NB 93 39.13 57.86 -13.37
N LEU NB 94 39.18 58.53 -14.52
CA LEU NB 94 38.83 59.94 -14.61
C LEU NB 94 37.59 60.09 -15.50
N GLU NB 95 36.52 60.61 -14.90
CA GLU NB 95 35.22 60.75 -15.56
C GLU NB 95 34.92 62.22 -15.72
N ILE NB 96 34.83 62.66 -16.98
CA ILE NB 96 34.73 64.09 -17.30
C ILE NB 96 33.52 64.33 -18.21
N HIS NB 97 32.75 65.36 -17.89
CA HIS NB 97 31.73 65.83 -18.82
C HIS NB 97 32.35 66.81 -19.82
N PRO NB 98 31.93 66.76 -21.09
CA PRO NB 98 32.59 67.60 -22.11
C PRO NB 98 32.57 69.08 -21.80
N ALA NB 99 31.63 69.56 -20.99
CA ALA NB 99 31.50 70.98 -20.73
C ALA NB 99 32.53 71.51 -19.74
N LEU NB 100 33.30 70.64 -19.10
CA LEU NB 100 34.25 71.09 -18.08
C LEU NB 100 35.39 71.88 -18.71
N ALA NB 101 35.95 72.80 -17.93
CA ALA NB 101 37.07 73.61 -18.40
C ALA NB 101 38.28 72.73 -18.72
N SER NB 102 38.90 73.02 -19.87
CA SER NB 102 40.10 72.30 -20.28
C SER NB 102 41.16 72.29 -19.19
N ALA NB 103 41.32 73.41 -18.49
CA ALA NB 103 42.32 73.49 -17.42
C ALA NB 103 41.86 72.78 -16.15
N SER NB 104 40.54 72.76 -15.89
CA SER NB 104 40.04 71.98 -14.75
C SER NB 104 40.27 70.49 -14.95
N VAL NB 105 40.27 70.01 -16.20
CA VAL NB 105 40.59 68.61 -16.46
C VAL NB 105 41.99 68.27 -15.92
N LYS NB 106 43.00 69.05 -16.35
CA LYS NB 106 44.35 68.79 -15.88
C LYS NB 106 44.51 69.10 -14.40
N ASP NB 107 43.74 70.04 -13.85
CA ASP NB 107 43.76 70.25 -12.41
C ASP NB 107 43.27 69.00 -11.68
N LEU NB 108 42.26 68.31 -12.23
CA LEU NB 108 41.82 67.05 -11.63
C LEU NB 108 42.91 66.00 -11.68
N ARG NB 109 43.58 65.87 -12.83
CA ARG NB 109 44.70 64.92 -12.90
C ARG NB 109 45.73 65.20 -11.81
N LEU NB 110 46.13 66.48 -11.66
CA LEU NB 110 47.17 66.82 -10.72
C LEU NB 110 46.71 66.69 -9.27
N ILE NB 111 45.45 67.01 -8.99
CA ILE NB 111 44.97 66.93 -7.62
C ILE NB 111 44.79 65.47 -7.20
N GLY NB 112 44.35 64.62 -8.15
CA GLY NB 112 44.34 63.20 -7.89
C GLY NB 112 45.73 62.67 -7.58
N ALA NB 113 46.72 63.09 -8.37
CA ALA NB 113 48.09 62.62 -8.13
C ALA NB 113 48.59 63.07 -6.76
N GLN NB 114 48.26 64.30 -6.35
CA GLN NB 114 48.68 64.74 -5.03
C GLN NB 114 48.00 63.91 -3.94
N LEU NB 115 46.74 63.51 -4.17
CA LEU NB 115 46.07 62.68 -3.17
C LEU NB 115 46.75 61.32 -2.99
N LEU NB 116 47.45 60.82 -4.02
CA LEU NB 116 48.29 59.64 -3.83
C LEU NB 116 49.62 59.95 -3.16
N THR NB 117 50.29 61.03 -3.58
CA THR NB 117 51.71 61.16 -3.26
C THR NB 117 52.04 62.23 -2.23
N ASP NB 118 51.05 62.78 -1.53
CA ASP NB 118 51.36 63.68 -0.43
C ASP NB 118 51.51 62.90 0.87
N ALA NB 119 52.36 63.42 1.75
CA ALA NB 119 52.63 62.74 3.02
C ALA NB 119 51.40 62.68 3.90
N ASP NB 120 50.55 63.71 3.83
CA ASP NB 120 49.35 63.78 4.65
C ASP NB 120 48.51 62.52 4.55
N TYR NB 121 48.59 61.80 3.43
CA TYR NB 121 47.74 60.66 3.18
C TYR NB 121 48.46 59.33 3.37
N ASP NB 122 49.77 59.36 3.68
CA ASP NB 122 50.55 58.14 3.84
C ASP NB 122 49.83 57.15 4.75
N SER NB 123 49.34 57.63 5.89
CA SER NB 123 48.67 56.75 6.83
C SER NB 123 47.45 56.10 6.20
N PHE NB 124 46.63 56.89 5.51
CA PHE NB 124 45.47 56.37 4.81
C PHE NB 124 45.84 55.27 3.82
N TRP NB 125 46.72 55.58 2.87
CA TRP NB 125 47.01 54.63 1.82
C TRP NB 125 47.63 53.36 2.38
N THR NB 126 48.70 53.49 3.18
CA THR NB 126 49.41 52.30 3.64
C THR NB 126 48.53 51.47 4.56
N LEU NB 127 48.02 52.07 5.64
CA LEU NB 127 47.33 51.29 6.66
C LEU NB 127 45.83 51.18 6.41
N GLY NB 128 45.20 52.23 5.92
CA GLY NB 128 43.76 52.30 5.81
C GLY NB 128 43.10 53.23 6.80
N ALA NB 129 43.86 54.13 7.41
CA ALA NB 129 43.38 55.07 8.41
C ALA NB 129 42.34 56.02 7.82
N LEU NB 130 41.34 56.35 8.63
CA LEU NB 130 40.19 57.13 8.18
C LEU NB 130 40.09 58.50 8.86
N ALA NB 131 41.14 58.97 9.54
CA ALA NB 131 41.11 60.30 10.14
C ALA NB 131 41.81 61.33 9.27
N SER OB 1 31.47 -100.83 -62.11
CA SER OB 1 31.84 -101.29 -63.44
C SER OB 1 30.69 -101.10 -64.43
N ILE OB 2 29.90 -100.04 -64.25
CA ILE OB 2 28.77 -99.77 -65.13
C ILE OB 2 29.24 -99.19 -66.45
N ILE OB 3 30.05 -98.13 -66.39
CA ILE OB 3 30.54 -97.46 -67.59
C ILE OB 3 31.47 -98.42 -68.32
N GLY OB 4 31.09 -98.81 -69.54
CA GLY OB 4 31.89 -99.71 -70.32
C GLY OB 4 31.51 -101.17 -70.22
N SER OB 5 30.47 -101.50 -69.44
CA SER OB 5 30.04 -102.88 -69.36
C SER OB 5 29.54 -103.37 -70.72
N SER OB 6 29.61 -104.68 -70.92
CA SER OB 6 29.23 -105.30 -72.18
C SER OB 6 28.25 -106.43 -71.91
N ILE OB 7 27.14 -106.44 -72.64
CA ILE OB 7 26.11 -107.48 -72.56
C ILE OB 7 25.64 -107.86 -73.96
N LYS OB 8 24.83 -108.90 -74.04
CA LYS OB 8 24.46 -109.53 -75.31
C LYS OB 8 23.04 -109.13 -75.71
N THR OB 9 22.89 -108.65 -76.94
CA THR OB 9 21.57 -108.42 -77.52
C THR OB 9 21.28 -109.51 -78.55
N GLY OB 10 19.99 -109.77 -78.76
CA GLY OB 10 19.59 -110.87 -79.61
C GLY OB 10 20.17 -112.20 -79.19
N ALA OB 11 20.16 -112.47 -77.89
CA ALA OB 11 20.63 -113.76 -77.40
C ALA OB 11 19.63 -114.85 -77.77
N THR OB 12 20.16 -116.02 -78.12
CA THR OB 12 19.29 -117.16 -78.41
C THR OB 12 18.46 -117.54 -77.19
N SER OB 13 19.10 -117.70 -76.03
CA SER OB 13 18.37 -117.94 -74.79
C SER OB 13 19.26 -117.66 -73.59
N ALA OB 14 18.68 -117.73 -72.41
CA ALA OB 14 19.42 -117.62 -71.16
C ALA OB 14 19.12 -118.83 -70.30
N SER OB 15 20.06 -119.19 -69.44
CA SER OB 15 19.98 -120.41 -68.67
C SER OB 15 20.66 -120.19 -67.32
N ILE OB 16 20.56 -121.19 -66.45
CA ILE OB 16 21.04 -121.03 -65.08
C ILE OB 16 21.64 -122.34 -64.58
N THR OB 17 22.86 -122.27 -64.08
CA THR OB 17 23.54 -123.39 -63.43
C THR OB 17 23.34 -123.22 -61.92
N GLY OB 18 22.47 -124.03 -61.33
CA GLY OB 18 22.08 -123.74 -59.97
C GLY OB 18 21.46 -124.91 -59.26
N GLY OB 19 21.09 -124.67 -58.00
CA GLY OB 19 20.75 -125.72 -57.06
C GLY OB 19 19.31 -126.18 -57.04
N SER OB 20 18.66 -126.10 -55.88
CA SER OB 20 17.40 -126.81 -55.67
C SER OB 20 16.23 -126.09 -56.34
N ASP OB 21 15.20 -126.87 -56.66
CA ASP OB 21 13.98 -126.34 -57.25
C ASP OB 21 13.12 -125.66 -56.20
N ILE OB 22 12.29 -124.75 -56.67
CA ILE OB 22 11.21 -124.17 -55.88
C ILE OB 22 9.98 -124.16 -56.77
N THR OB 23 8.85 -124.53 -56.18
CA THR OB 23 7.60 -124.72 -56.91
C THR OB 23 6.56 -123.74 -56.39
N PHE OB 24 5.79 -123.16 -57.31
CA PHE OB 24 4.77 -122.16 -57.02
C PHE OB 24 3.38 -122.81 -56.98
N ALA OB 25 2.47 -122.14 -56.28
CA ALA OB 25 1.07 -122.53 -56.23
C ALA OB 25 0.27 -121.30 -55.89
N LEU OB 26 -1.00 -121.30 -56.31
CA LEU OB 26 -1.81 -120.09 -56.20
C LEU OB 26 -2.17 -119.81 -54.75
N THR OB 27 -2.12 -118.52 -54.37
CA THR OB 27 -2.31 -118.06 -53.00
C THR OB 27 -3.73 -117.61 -52.70
N GLY OB 28 -4.35 -116.86 -53.59
CA GLY OB 28 -5.64 -116.29 -53.29
C GLY OB 28 -5.61 -114.99 -52.53
N GLN OB 29 -4.42 -114.45 -52.23
CA GLN OB 29 -4.35 -113.06 -51.82
C GLN OB 29 -4.85 -112.17 -52.94
N THR OB 30 -5.85 -111.36 -52.63
CA THR OB 30 -6.52 -110.57 -53.65
C THR OB 30 -5.56 -109.55 -54.24
N VAL OB 31 -5.39 -109.60 -55.57
CA VAL OB 31 -4.48 -108.72 -56.29
C VAL OB 31 -5.20 -108.24 -57.55
N THR OB 32 -5.34 -106.92 -57.69
CA THR OB 32 -6.12 -106.35 -58.79
C THR OB 32 -5.38 -106.48 -60.11
N ASN OB 33 -6.06 -107.06 -61.11
CA ASN OB 33 -5.47 -107.39 -62.41
C ASN OB 33 -4.25 -108.28 -62.26
N GLY OB 34 -4.20 -109.06 -61.18
CA GLY OB 34 -3.00 -109.81 -60.87
C GLY OB 34 -3.22 -111.16 -60.23
N LEU OB 35 -2.15 -111.67 -59.61
CA LEU OB 35 -2.11 -113.07 -59.20
C LEU OB 35 -1.00 -113.24 -58.17
N ASN OB 36 -1.31 -113.85 -57.04
CA ASN OB 36 -0.31 -114.17 -56.02
C ASN OB 36 -0.05 -115.67 -56.04
N VAL OB 37 1.20 -116.07 -56.29
CA VAL OB 37 1.62 -117.46 -56.12
C VAL OB 37 2.74 -117.50 -55.09
N SER OB 38 2.58 -118.33 -54.08
CA SER OB 38 3.66 -118.52 -53.12
C SER OB 38 4.26 -119.90 -53.31
N VAL OB 39 5.36 -120.14 -52.62
CA VAL OB 39 6.01 -121.43 -52.72
C VAL OB 39 5.29 -122.41 -51.81
N SER OB 40 5.08 -123.62 -52.27
CA SER OB 40 4.57 -124.65 -51.38
C SER OB 40 5.71 -125.37 -50.68
N GLU OB 41 6.94 -124.90 -50.88
CA GLU OB 41 8.11 -125.59 -50.36
C GLU OB 41 8.65 -124.96 -49.09
N ASP OB 42 8.38 -123.69 -48.85
CA ASP OB 42 8.62 -123.10 -47.55
C ASP OB 42 7.41 -123.37 -46.66
N THR OB 43 7.66 -123.61 -45.38
CA THR OB 43 6.63 -124.10 -44.48
C THR OB 43 6.04 -123.03 -43.56
N ASP OB 44 6.84 -122.06 -43.12
CA ASP OB 44 6.39 -121.04 -42.19
C ASP OB 44 5.70 -119.91 -42.97
N TYR OB 45 4.46 -119.59 -42.59
CA TYR OB 45 3.71 -118.58 -43.34
C TYR OB 45 4.35 -117.21 -43.19
N ARG OB 46 4.89 -116.89 -42.00
CA ARG OB 46 5.62 -115.65 -41.80
C ARG OB 46 6.69 -115.45 -42.87
N THR OB 47 7.60 -116.41 -43.03
CA THR OB 47 8.76 -116.24 -43.87
C THR OB 47 8.63 -116.95 -45.22
N ARG OB 48 7.40 -117.23 -45.66
CA ARG OB 48 7.22 -117.98 -46.90
C ARG OB 48 7.29 -117.05 -48.09
N ARG OB 49 8.24 -117.34 -48.98
CA ARG OB 49 8.52 -116.51 -50.14
C ARG OB 49 7.33 -116.49 -51.09
N ASN OB 50 6.98 -115.31 -51.61
CA ASN OB 50 5.85 -115.27 -52.54
C ASN OB 50 6.06 -114.23 -53.62
N ALA OB 51 5.45 -114.49 -54.77
CA ALA OB 51 5.54 -113.60 -55.92
C ALA OB 51 4.14 -113.16 -56.33
N THR OB 52 4.10 -112.01 -57.01
CA THR OB 52 2.86 -111.40 -57.44
C THR OB 52 3.03 -110.84 -58.84
N PHE OB 53 2.14 -111.25 -59.73
CA PHE OB 53 2.15 -110.94 -61.14
C PHE OB 53 1.00 -110.01 -61.44
N LYS OB 54 1.29 -108.78 -61.86
CA LYS OB 54 0.26 -107.87 -62.33
C LYS OB 54 0.42 -107.68 -63.84
N SER OB 55 -0.71 -107.48 -64.52
CA SER OB 55 -0.74 -107.45 -65.98
C SER OB 55 -1.75 -106.40 -66.44
N ARG OB 56 -1.30 -105.48 -67.29
CA ARG OB 56 -2.17 -104.48 -67.91
C ARG OB 56 -1.87 -104.45 -69.40
N VAL OB 57 -2.90 -104.68 -70.21
CA VAL OB 57 -2.78 -104.83 -71.66
C VAL OB 57 -2.75 -103.46 -72.33
N PRO OB 58 -2.16 -103.36 -73.52
CA PRO OB 58 -2.30 -102.13 -74.31
C PRO OB 58 -3.77 -101.86 -74.61
N THR OB 59 -4.21 -100.64 -74.28
CA THR OB 59 -5.59 -100.22 -74.49
C THR OB 59 -5.62 -99.11 -75.52
N VAL OB 60 -6.52 -99.22 -76.47
CA VAL OB 60 -6.67 -98.22 -77.51
C VAL OB 60 -7.48 -97.06 -76.98
N VAL OB 61 -7.02 -95.84 -77.24
CA VAL OB 61 -7.75 -94.64 -76.86
C VAL OB 61 -7.58 -93.62 -77.98
N ASN OB 62 -8.69 -93.15 -78.54
CA ASN OB 62 -8.67 -92.14 -79.60
C ASN OB 62 -7.90 -92.62 -80.82
N GLY OB 63 -8.09 -93.89 -81.17
CA GLY OB 63 -7.59 -94.44 -82.41
C GLY OB 63 -6.20 -95.01 -82.37
N ASN OB 64 -5.50 -94.97 -81.24
CA ASN OB 64 -4.16 -95.55 -81.17
C ASN OB 64 -3.89 -96.10 -79.79
N TYR OB 65 -2.86 -96.94 -79.72
CA TYR OB 65 -2.61 -97.79 -78.57
C TYR OB 65 -1.78 -97.07 -77.50
N SER OB 66 -1.91 -97.56 -76.27
CA SER OB 66 -1.07 -97.17 -75.15
C SER OB 66 -0.20 -98.35 -74.76
N LYS OB 67 1.05 -98.08 -74.42
CA LYS OB 67 1.97 -99.16 -74.06
C LYS OB 67 1.45 -99.93 -72.85
N GLY OB 68 1.62 -101.25 -72.89
CA GLY OB 68 1.18 -102.09 -71.81
C GLY OB 68 2.29 -102.40 -70.81
N LYS OB 69 1.89 -102.89 -69.65
CA LYS OB 69 2.79 -103.02 -68.51
C LYS OB 69 2.57 -104.34 -67.78
N ASN OB 70 3.65 -105.12 -67.61
CA ASN OB 70 3.57 -106.41 -66.93
C ASN OB 70 4.59 -106.40 -65.78
N GLU OB 71 4.10 -106.36 -64.55
CA GLU OB 71 4.95 -106.34 -63.36
C GLU OB 71 5.02 -107.72 -62.72
N VAL OB 72 6.15 -107.98 -62.09
CA VAL OB 72 6.31 -109.09 -61.16
C VAL OB 72 7.01 -108.54 -59.94
N VAL OB 73 6.66 -109.06 -58.77
CA VAL OB 73 7.39 -108.76 -57.55
C VAL OB 73 7.56 -110.04 -56.75
N PHE OB 74 8.80 -110.39 -56.46
CA PHE OB 74 9.15 -111.56 -55.67
C PHE OB 74 9.65 -111.07 -54.32
N VAL OB 75 9.15 -111.68 -53.26
CA VAL OB 75 9.35 -111.18 -51.91
C VAL OB 75 9.84 -112.30 -51.01
N ILE OB 76 10.91 -111.99 -50.28
CA ILE OB 76 11.42 -112.78 -49.16
C ILE OB 76 11.07 -112.05 -47.88
N PRO OB 77 10.09 -112.52 -47.10
CA PRO OB 77 9.84 -111.90 -45.80
C PRO OB 77 10.91 -112.31 -44.81
N MET OB 78 11.23 -111.39 -43.90
CA MET OB 78 12.08 -111.72 -42.76
C MET OB 78 11.63 -110.93 -41.55
N SER OB 79 11.61 -111.60 -40.40
CA SER OB 79 11.31 -110.90 -39.16
C SER OB 79 12.58 -110.22 -38.65
N LEU OB 80 12.46 -108.96 -38.28
CA LEU OB 80 13.59 -108.23 -37.74
C LEU OB 80 13.70 -108.45 -36.23
N ASP OB 81 14.84 -108.07 -35.68
CA ASP OB 81 15.04 -108.19 -34.24
C ASP OB 81 14.04 -107.33 -33.47
N SER OB 82 13.58 -106.24 -34.07
CA SER OB 82 12.63 -105.33 -33.45
C SER OB 82 11.20 -105.88 -33.42
N GLY OB 83 10.94 -106.97 -34.11
CA GLY OB 83 9.62 -107.58 -34.09
C GLY OB 83 8.87 -107.42 -35.40
N GLU OB 84 8.92 -106.22 -35.99
CA GLU OB 84 8.25 -106.00 -37.27
C GLU OB 84 8.82 -106.93 -38.33
N THR OB 85 7.94 -107.58 -39.07
CA THR OB 85 8.33 -108.36 -40.22
C THR OB 85 8.44 -107.43 -41.43
N VAL OB 86 9.57 -107.49 -42.14
CA VAL OB 86 9.80 -106.63 -43.30
C VAL OB 86 10.01 -107.50 -44.53
N PHE OB 87 9.59 -106.97 -45.68
CA PHE OB 87 9.66 -107.69 -46.95
C PHE OB 87 10.91 -107.27 -47.72
N ASN OB 88 11.55 -108.23 -48.38
CA ASN OB 88 12.66 -107.97 -49.28
C ASN OB 88 12.18 -108.20 -50.70
N SER OB 89 12.33 -107.20 -51.55
CA SER OB 89 11.63 -107.13 -52.81
C SER OB 89 12.59 -107.14 -53.98
N VAL OB 90 12.26 -107.92 -55.00
CA VAL OB 90 12.78 -107.69 -56.33
C VAL OB 90 11.58 -107.51 -57.24
N ARG OB 91 11.54 -106.40 -57.95
CA ARG OB 91 10.39 -106.01 -58.77
C ARG OB 91 10.88 -105.80 -60.19
N ILE OB 92 10.24 -106.48 -61.13
CA ILE OB 92 10.59 -106.39 -62.54
C ILE OB 92 9.33 -106.04 -63.31
N ALA OB 93 9.28 -104.82 -63.81
CA ALA OB 93 8.21 -104.35 -64.66
C ALA OB 93 8.71 -104.27 -66.10
N LEU OB 94 7.82 -104.54 -67.05
CA LEU OB 94 8.19 -104.53 -68.46
C LEU OB 94 7.05 -103.93 -69.26
N GLU OB 95 7.31 -102.76 -69.85
CA GLU OB 95 6.34 -101.97 -70.58
C GLU OB 95 6.69 -102.00 -72.06
N ILE OB 96 5.77 -102.53 -72.85
CA ILE OB 96 6.00 -102.71 -74.28
C ILE OB 96 4.93 -101.94 -75.05
N HIS OB 97 5.35 -101.24 -76.08
CA HIS OB 97 4.38 -100.69 -77.03
C HIS OB 97 4.06 -101.74 -78.08
N PRO OB 98 2.78 -101.85 -78.49
CA PRO OB 98 2.41 -102.93 -79.42
C PRO OB 98 3.22 -102.94 -80.71
N ALA OB 99 3.84 -101.82 -81.08
CA ALA OB 99 4.61 -101.75 -82.31
C ALA OB 99 5.99 -102.38 -82.21
N LEU OB 100 6.44 -102.77 -81.01
CA LEU OB 100 7.77 -103.36 -80.90
C LEU OB 100 7.77 -104.75 -81.53
N ALA OB 101 8.92 -105.11 -82.10
CA ALA OB 101 9.07 -106.42 -82.70
C ALA OB 101 8.94 -107.54 -81.66
N SER OB 102 8.27 -108.62 -82.06
CA SER OB 102 8.16 -109.80 -81.21
C SER OB 102 9.54 -110.23 -80.71
N ALA OB 103 10.54 -110.17 -81.59
CA ALA OB 103 11.89 -110.58 -81.20
C ALA OB 103 12.52 -109.57 -80.23
N SER OB 104 12.27 -108.27 -80.43
CA SER OB 104 12.82 -107.28 -79.51
C SER OB 104 12.17 -107.34 -78.14
N VAL OB 105 10.96 -107.91 -78.04
CA VAL OB 105 10.37 -108.14 -76.72
C VAL OB 105 11.23 -109.12 -75.91
N LYS OB 106 11.53 -110.28 -76.49
CA LYS OB 106 12.41 -111.21 -75.82
C LYS OB 106 13.83 -110.64 -75.66
N ASP OB 107 14.30 -109.81 -76.59
CA ASP OB 107 15.59 -109.18 -76.38
C ASP OB 107 15.57 -108.31 -75.13
N LEU OB 108 14.46 -107.60 -74.89
CA LEU OB 108 14.34 -106.81 -73.66
C LEU OB 108 14.34 -107.69 -72.41
N ARG OB 109 13.59 -108.79 -72.45
CA ARG OB 109 13.56 -109.69 -71.31
C ARG OB 109 14.96 -110.18 -70.96
N LEU OB 110 15.72 -110.60 -71.98
CA LEU OB 110 17.04 -111.16 -71.74
C LEU OB 110 18.07 -110.10 -71.39
N ILE OB 111 17.99 -108.91 -72.01
CA ILE OB 111 18.93 -107.87 -71.69
C ILE OB 111 18.66 -107.30 -70.30
N GLY OB 112 17.41 -107.37 -69.85
CA GLY OB 112 17.12 -106.96 -68.48
C GLY OB 112 17.64 -107.98 -67.48
N ALA OB 113 17.28 -109.25 -67.70
CA ALA OB 113 17.76 -110.30 -66.80
C ALA OB 113 19.29 -110.34 -66.77
N GLN OB 114 19.92 -109.95 -67.86
CA GLN OB 114 21.38 -109.93 -67.93
C GLN OB 114 21.96 -108.76 -67.14
N LEU OB 115 21.18 -107.72 -66.89
CA LEU OB 115 21.63 -106.63 -66.03
C LEU OB 115 21.58 -106.99 -64.54
N LEU OB 116 20.74 -107.95 -64.14
CA LEU OB 116 20.81 -108.46 -62.77
C LEU OB 116 22.02 -109.33 -62.53
N THR OB 117 22.29 -110.27 -63.43
CA THR OB 117 23.21 -111.36 -63.11
C THR OB 117 24.65 -111.12 -63.54
N ASP OB 118 24.88 -110.30 -64.57
CA ASP OB 118 26.22 -110.18 -65.13
C ASP OB 118 27.16 -109.52 -64.11
N ALA OB 119 28.33 -110.14 -63.92
CA ALA OB 119 29.25 -109.76 -62.86
C ALA OB 119 29.68 -108.31 -62.94
N ASP OB 120 29.66 -107.71 -64.13
CA ASP OB 120 29.97 -106.29 -64.28
C ASP OB 120 29.12 -105.45 -63.32
N TYR OB 121 27.83 -105.73 -63.23
CA TYR OB 121 26.96 -104.96 -62.34
C TYR OB 121 26.95 -105.53 -60.94
N ASP OB 122 27.73 -106.60 -60.71
CA ASP OB 122 27.70 -107.31 -59.45
C ASP OB 122 28.04 -106.37 -58.29
N SER OB 123 28.92 -105.40 -58.52
CA SER OB 123 29.23 -104.42 -57.47
C SER OB 123 28.10 -103.42 -57.28
N PHE OB 124 27.32 -103.15 -58.35
CA PHE OB 124 26.23 -102.19 -58.24
C PHE OB 124 25.11 -102.69 -57.35
N TRP OB 125 24.60 -103.88 -57.64
CA TRP OB 125 23.44 -104.39 -56.92
C TRP OB 125 23.76 -104.63 -55.45
N THR OB 126 24.89 -105.29 -55.18
CA THR OB 126 25.24 -105.65 -53.82
C THR OB 126 25.57 -104.42 -52.99
N LEU OB 127 26.49 -103.60 -53.46
CA LEU OB 127 27.03 -102.50 -52.68
C LEU OB 127 26.28 -101.19 -52.91
N GLY OB 128 25.34 -101.15 -53.84
CA GLY OB 128 24.76 -99.88 -54.22
C GLY OB 128 25.78 -98.92 -54.79
N ALA OB 129 26.75 -99.45 -55.55
CA ALA OB 129 27.93 -98.70 -55.98
C ALA OB 129 27.72 -98.12 -57.37
N LEU OB 130 27.78 -96.79 -57.47
CA LEU OB 130 27.69 -96.09 -58.75
C LEU OB 130 29.10 -95.85 -59.27
N ALA OB 131 29.46 -96.56 -60.33
CA ALA OB 131 30.76 -96.40 -60.97
C ALA OB 131 30.74 -97.16 -62.29
N SER PB 1 0.49 -121.28 -66.80
CA SER PB 1 1.90 -121.65 -66.77
C SER PB 1 2.63 -120.88 -65.66
N ILE PB 2 1.99 -119.82 -65.16
CA ILE PB 2 2.53 -119.15 -63.98
C ILE PB 2 2.28 -119.98 -62.74
N ILE PB 3 1.06 -120.51 -62.61
CA ILE PB 3 0.73 -121.37 -61.47
C ILE PB 3 1.46 -122.69 -61.61
N GLY PB 4 2.11 -123.11 -60.54
CA GLY PB 4 2.81 -124.38 -60.59
C GLY PB 4 4.05 -124.37 -61.45
N SER PB 5 4.70 -123.21 -61.61
CA SER PB 5 5.98 -123.14 -62.29
C SER PB 5 7.11 -123.41 -61.29
N SER PB 6 8.25 -123.83 -61.84
CA SER PB 6 9.40 -124.24 -61.03
C SER PB 6 10.63 -123.42 -61.45
N ILE PB 7 11.36 -122.92 -60.44
CA ILE PB 7 12.55 -122.10 -60.68
C ILE PB 7 13.62 -122.42 -59.63
N LYS PB 8 14.89 -122.22 -59.99
CA LYS PB 8 15.99 -122.61 -59.11
C LYS PB 8 16.25 -121.54 -58.06
N THR PB 9 16.31 -121.95 -56.79
CA THR PB 9 16.81 -121.07 -55.73
C THR PB 9 18.23 -121.46 -55.36
N GLY PB 10 18.93 -120.49 -54.78
CA GLY PB 10 20.32 -120.68 -54.41
C GLY PB 10 21.11 -121.22 -55.58
N ALA PB 11 20.92 -120.61 -56.75
CA ALA PB 11 21.67 -121.04 -57.90
C ALA PB 11 23.10 -120.52 -57.82
N THR PB 12 24.03 -121.34 -58.32
CA THR PB 12 25.45 -120.96 -58.30
C THR PB 12 25.71 -119.76 -59.21
N SER PB 13 25.20 -119.79 -60.44
CA SER PB 13 25.27 -118.62 -61.32
C SER PB 13 24.31 -118.84 -62.49
N ALA PB 14 24.09 -117.77 -63.23
CA ALA PB 14 23.27 -117.79 -64.44
C ALA PB 14 24.08 -117.20 -65.58
N SER PB 15 23.69 -117.55 -66.81
CA SER PB 15 24.44 -117.14 -67.98
C SER PB 15 23.49 -117.06 -69.17
N ILE PB 16 24.07 -116.75 -70.33
CA ILE PB 16 23.25 -116.43 -71.50
C ILE PB 16 23.93 -116.97 -72.75
N THR PB 17 23.27 -117.89 -73.44
CA THR PB 17 23.73 -118.37 -74.74
C THR PB 17 23.24 -117.37 -75.79
N GLY PB 18 24.15 -116.50 -76.22
CA GLY PB 18 23.78 -115.21 -76.78
C GLY PB 18 24.44 -114.89 -78.09
N GLY PB 19 24.06 -113.73 -78.64
CA GLY PB 19 24.56 -113.23 -79.90
C GLY PB 19 25.62 -112.14 -79.75
N SER PB 20 25.38 -110.98 -80.36
CA SER PB 20 26.41 -109.95 -80.46
C SER PB 20 26.52 -109.11 -79.20
N ASP PB 21 27.69 -108.48 -79.03
CA ASP PB 21 27.96 -107.63 -77.89
C ASP PB 21 27.26 -106.28 -78.03
N ILE PB 22 27.12 -105.60 -76.90
CA ILE PB 22 26.65 -104.21 -76.85
C ILE PB 22 27.35 -103.54 -75.68
N THR PB 23 27.79 -102.30 -75.88
CA THR PB 23 28.70 -101.64 -74.95
C THR PB 23 28.13 -100.29 -74.50
N PHE PB 24 28.21 -100.03 -73.19
CA PHE PB 24 27.67 -98.81 -72.59
C PHE PB 24 28.74 -97.75 -72.44
N ALA PB 25 28.33 -96.49 -72.63
CA ALA PB 25 29.21 -95.36 -72.39
C ALA PB 25 28.40 -94.27 -71.68
N LEU PB 26 29.11 -93.35 -71.05
CA LEU PB 26 28.47 -92.34 -70.20
C LEU PB 26 27.71 -91.32 -71.03
N THR PB 27 26.44 -91.08 -70.66
CA THR PB 27 25.52 -90.25 -71.44
C THR PB 27 25.52 -88.78 -71.03
N GLY PB 28 25.85 -88.51 -69.77
CA GLY PB 28 25.72 -87.15 -69.30
C GLY PB 28 24.29 -86.62 -69.35
N GLN PB 29 23.30 -87.48 -69.14
CA GLN PB 29 21.94 -87.03 -68.84
C GLN PB 29 21.82 -86.94 -67.33
N THR PB 30 21.59 -85.72 -66.82
CA THR PB 30 21.55 -85.51 -65.39
C THR PB 30 20.49 -86.39 -64.74
N VAL PB 31 20.94 -87.30 -63.87
CA VAL PB 31 20.07 -88.26 -63.20
C VAL PB 31 20.40 -88.26 -61.72
N THR PB 32 19.42 -87.92 -60.89
CA THR PB 32 19.65 -87.85 -59.46
C THR PB 32 19.94 -89.24 -58.90
N ASN PB 33 21.00 -89.32 -58.10
CA ASN PB 33 21.38 -90.55 -57.41
C ASN PB 33 21.74 -91.67 -58.39
N GLY PB 34 22.25 -91.33 -59.56
CA GLY PB 34 22.49 -92.37 -60.52
C GLY PB 34 23.17 -91.87 -61.79
N LEU PB 35 23.23 -92.78 -62.76
CA LEU PB 35 23.94 -92.59 -64.02
C LEU PB 35 23.00 -92.88 -65.18
N ASN PB 36 23.36 -92.33 -66.34
CA ASN PB 36 22.78 -92.73 -67.62
C ASN PB 36 23.92 -93.17 -68.52
N VAL PB 37 23.84 -94.39 -69.03
CA VAL PB 37 24.79 -94.89 -70.02
C VAL PB 37 24.00 -95.40 -71.22
N SER PB 38 24.35 -94.94 -72.42
CA SER PB 38 23.67 -95.45 -73.60
C SER PB 38 24.65 -96.30 -74.41
N VAL PB 39 24.10 -97.06 -75.34
CA VAL PB 39 24.91 -97.95 -76.15
C VAL PB 39 25.49 -97.13 -77.29
N SER PB 40 26.82 -97.02 -77.30
CA SER PB 40 27.48 -96.28 -78.36
C SER PB 40 27.55 -97.08 -79.66
N GLU PB 41 26.89 -98.23 -79.69
CA GLU PB 41 26.92 -99.11 -80.84
C GLU PB 41 25.71 -98.95 -81.74
N ASP PB 42 24.66 -98.27 -81.29
CA ASP PB 42 23.57 -97.83 -82.15
C ASP PB 42 23.94 -96.47 -82.72
N THR PB 43 23.63 -96.26 -84.00
CA THR PB 43 24.17 -95.11 -84.72
C THR PB 43 23.30 -93.87 -84.67
N ASP PB 44 22.00 -94.01 -84.39
CA ASP PB 44 21.04 -92.90 -84.47
C ASP PB 44 20.55 -92.57 -83.08
N TYR PB 45 20.92 -91.38 -82.57
CA TYR PB 45 20.57 -91.00 -81.20
C TYR PB 45 19.08 -91.17 -80.94
N ARG PB 46 18.25 -90.71 -81.88
CA ARG PB 46 16.81 -90.76 -81.76
C ARG PB 46 16.30 -92.13 -81.35
N THR PB 47 17.07 -93.20 -81.58
CA THR PB 47 16.71 -94.56 -81.17
C THR PB 47 17.89 -95.32 -80.55
N ARG PB 48 18.71 -94.67 -79.72
CA ARG PB 48 19.77 -95.39 -79.01
C ARG PB 48 19.27 -95.95 -77.69
N ARG PB 49 19.30 -97.27 -77.58
CA ARG PB 49 19.01 -97.97 -76.34
C ARG PB 49 19.88 -97.42 -75.22
N ASN PB 50 19.26 -97.00 -74.13
CA ASN PB 50 20.03 -96.49 -73.01
C ASN PB 50 19.56 -97.15 -71.72
N ALA PB 51 20.28 -96.88 -70.64
CA ALA PB 51 19.98 -97.48 -69.36
C ALA PB 51 20.33 -96.49 -68.28
N THR PB 52 19.54 -96.49 -67.23
CA THR PB 52 19.68 -95.55 -66.12
C THR PB 52 19.75 -96.34 -64.82
N PHE PB 53 20.76 -96.04 -64.02
CA PHE PB 53 21.05 -96.72 -62.76
C PHE PB 53 20.79 -95.75 -61.62
N LYS PB 54 19.98 -96.17 -60.66
CA LYS PB 54 19.72 -95.37 -59.46
C LYS PB 54 20.01 -96.18 -58.21
N SER PB 55 20.39 -95.48 -57.14
CA SER PB 55 20.74 -96.12 -55.87
C SER PB 55 20.31 -95.20 -54.72
N ARG PB 56 19.17 -95.50 -54.11
CA ARG PB 56 18.74 -94.86 -52.88
C ARG PB 56 19.21 -95.70 -51.70
N VAL PB 57 19.81 -95.03 -50.72
CA VAL PB 57 20.46 -95.71 -49.60
C VAL PB 57 19.46 -95.94 -48.47
N PRO PB 58 19.73 -96.86 -47.57
CA PRO PB 58 18.85 -97.04 -46.40
C PRO PB 58 18.89 -95.82 -45.50
N THR PB 59 17.76 -95.55 -44.86
CA THR PB 59 17.60 -94.39 -44.00
C THR PB 59 17.77 -94.81 -42.55
N VAL PB 60 18.54 -94.03 -41.80
CA VAL PB 60 18.80 -94.29 -40.38
C VAL PB 60 17.78 -93.48 -39.58
N VAL PB 61 16.82 -94.17 -38.97
CA VAL PB 61 15.77 -93.53 -38.17
C VAL PB 61 15.85 -94.15 -36.78
N ASN PB 62 16.61 -93.50 -35.90
CA ASN PB 62 16.64 -93.84 -34.47
C ASN PB 62 16.97 -95.32 -34.26
N GLY PB 63 18.09 -95.74 -34.83
CA GLY PB 63 18.54 -97.12 -34.71
C GLY PB 63 17.84 -98.11 -35.61
N ASN PB 64 16.81 -97.71 -36.36
CA ASN PB 64 16.11 -98.59 -37.28
C ASN PB 64 16.44 -98.20 -38.72
N TYR PB 65 16.67 -99.20 -39.58
CA TYR PB 65 17.05 -98.93 -40.96
C TYR PB 65 15.95 -99.38 -41.91
N SER PB 66 15.61 -98.51 -42.86
CA SER PB 66 14.71 -98.85 -43.95
C SER PB 66 15.47 -99.62 -45.02
N LYS PB 67 14.73 -100.38 -45.82
CA LYS PB 67 15.35 -101.03 -46.96
C LYS PB 67 15.83 -99.99 -47.96
N GLY PB 68 16.96 -100.30 -48.61
CA GLY PB 68 17.44 -99.49 -49.72
C GLY PB 68 16.94 -100.01 -51.04
N LYS PB 69 17.18 -99.23 -52.09
CA LYS PB 69 16.56 -99.48 -53.39
C LYS PB 69 17.56 -99.23 -54.50
N ASN PB 70 17.82 -100.23 -55.34
CA ASN PB 70 18.71 -100.07 -56.49
C ASN PB 70 17.92 -100.37 -57.76
N GLU PB 71 17.73 -99.35 -58.60
CA GLU PB 71 16.95 -99.50 -59.83
C GLU PB 71 17.86 -99.50 -61.05
N VAL PB 72 17.39 -100.20 -62.08
CA VAL PB 72 17.91 -100.05 -63.44
C VAL PB 72 16.71 -99.92 -64.36
N VAL PB 73 16.82 -99.05 -65.36
CA VAL PB 73 15.79 -98.84 -66.36
C VAL PB 73 16.47 -98.91 -67.72
N PHE PB 74 16.18 -99.95 -68.48
CA PHE PB 74 16.70 -100.11 -69.82
C PHE PB 74 15.60 -99.74 -70.81
N VAL PB 75 15.95 -98.98 -71.83
CA VAL PB 75 14.97 -98.35 -72.70
C VAL PB 75 15.38 -98.53 -74.15
N ILE PB 76 14.45 -99.06 -74.95
CA ILE PB 76 14.51 -99.08 -76.40
C ILE PB 76 13.55 -98.00 -76.91
N PRO PB 77 14.05 -96.86 -77.36
CA PRO PB 77 13.16 -95.90 -78.02
C PRO PB 77 12.89 -96.31 -79.46
N MET PB 78 11.64 -96.18 -79.88
CA MET PB 78 11.25 -96.52 -81.24
C MET PB 78 10.38 -95.41 -81.82
N SER PB 79 10.58 -95.15 -83.11
CA SER PB 79 9.85 -94.13 -83.84
C SER PB 79 8.60 -94.77 -84.44
N LEU PB 80 7.44 -94.27 -84.04
CA LEU PB 80 6.19 -94.81 -84.54
C LEU PB 80 5.94 -94.36 -85.98
N ASP PB 81 4.99 -95.02 -86.62
CA ASP PB 81 4.52 -94.57 -87.92
C ASP PB 81 3.95 -93.16 -87.83
N SER PB 82 3.35 -92.82 -86.70
CA SER PB 82 2.78 -91.50 -86.43
C SER PB 82 3.82 -90.39 -86.37
N GLY PB 83 5.12 -90.73 -86.34
CA GLY PB 83 6.16 -89.76 -86.10
C GLY PB 83 6.52 -89.60 -84.63
N GLU PB 84 5.54 -89.78 -83.74
CA GLU PB 84 5.82 -89.70 -82.31
C GLU PB 84 6.66 -90.90 -81.88
N THR PB 85 7.80 -90.63 -81.25
CA THR PB 85 8.69 -91.69 -80.76
C THR PB 85 8.38 -91.98 -79.30
N VAL PB 86 8.34 -93.26 -78.95
CA VAL PB 86 7.98 -93.70 -77.59
C VAL PB 86 9.05 -94.67 -77.10
N PHE PB 87 8.88 -95.14 -75.86
CA PHE PB 87 9.92 -95.87 -75.14
C PHE PB 87 9.41 -97.22 -74.66
N ASN PB 88 10.15 -98.27 -74.99
CA ASN PB 88 9.93 -99.62 -74.47
C ASN PB 88 10.87 -99.81 -73.28
N SER PB 89 10.31 -100.13 -72.12
CA SER PB 89 11.03 -99.99 -70.86
C SER PB 89 10.99 -101.30 -70.08
N VAL PB 90 12.17 -101.88 -69.84
CA VAL PB 90 12.30 -102.90 -68.82
C VAL PB 90 12.94 -102.25 -67.58
N ARG PB 91 12.25 -102.35 -66.44
CA ARG PB 91 12.71 -101.76 -65.19
C ARG PB 91 12.86 -102.85 -64.15
N ILE PB 92 14.01 -102.86 -63.46
CA ILE PB 92 14.28 -103.84 -62.43
C ILE PB 92 14.77 -103.11 -61.20
N ALA PB 93 13.99 -103.18 -60.12
CA ALA PB 93 14.29 -102.51 -58.86
C ALA PB 93 14.44 -103.56 -57.78
N LEU PB 94 15.52 -103.45 -57.01
CA LEU PB 94 15.83 -104.43 -55.97
C LEU PB 94 15.91 -103.70 -54.64
N GLU PB 95 14.96 -103.98 -53.77
CA GLU PB 95 14.82 -103.33 -52.46
C GLU PB 95 15.22 -104.33 -51.38
N ILE PB 96 16.28 -104.00 -50.65
CA ILE PB 96 16.88 -104.91 -49.69
C ILE PB 96 17.12 -104.19 -48.37
N HIS PB 97 16.74 -104.84 -47.27
CA HIS PB 97 17.14 -104.41 -45.94
C HIS PB 97 18.56 -104.92 -45.65
N PRO PB 98 19.41 -104.12 -45.01
CA PRO PB 98 20.83 -104.51 -44.88
C PRO PB 98 21.04 -105.78 -44.09
N ALA PB 99 20.08 -106.21 -43.28
CA ALA PB 99 20.22 -107.39 -42.44
C ALA PB 99 20.00 -108.70 -43.19
N LEU PB 100 19.62 -108.65 -44.47
CA LEU PB 100 19.47 -109.87 -45.24
C LEU PB 100 20.84 -110.46 -45.58
N ALA PB 101 20.89 -111.79 -45.68
CA ALA PB 101 22.14 -112.48 -45.95
C ALA PB 101 22.67 -112.12 -47.34
N SER PB 102 23.99 -111.93 -47.42
CA SER PB 102 24.64 -111.61 -48.67
C SER PB 102 24.32 -112.65 -49.74
N ALA PB 103 24.12 -113.90 -49.31
CA ALA PB 103 23.77 -114.97 -50.24
C ALA PB 103 22.33 -114.87 -50.72
N SER PB 104 21.41 -114.49 -49.82
CA SER PB 104 20.01 -114.33 -50.24
C SER PB 104 19.84 -113.16 -51.18
N VAL PB 105 20.68 -112.12 -51.06
CA VAL PB 105 20.61 -111.02 -52.00
C VAL PB 105 20.86 -111.51 -53.44
N LYS PB 106 21.94 -112.28 -53.61
CA LYS PB 106 22.24 -112.79 -54.95
C LYS PB 106 21.25 -113.85 -55.39
N ASP PB 107 20.75 -114.69 -54.47
CA ASP PB 107 19.64 -115.58 -54.83
C ASP PB 107 18.46 -114.78 -55.36
N LEU PB 108 18.21 -113.60 -54.79
CA LEU PB 108 17.07 -112.78 -55.20
C LEU PB 108 17.30 -112.21 -56.61
N ARG PB 109 18.52 -111.74 -56.88
CA ARG PB 109 18.89 -111.32 -58.24
C ARG PB 109 18.64 -112.42 -59.26
N LEU PB 110 19.13 -113.63 -58.96
CA LEU PB 110 19.02 -114.72 -59.93
C LEU PB 110 17.58 -115.20 -60.07
N ILE PB 111 16.80 -115.16 -59.00
CA ILE PB 111 15.42 -115.63 -59.09
C ILE PB 111 14.58 -114.65 -59.90
N GLY PB 112 14.88 -113.34 -59.77
CA GLY PB 112 14.23 -112.38 -60.66
C GLY PB 112 14.62 -112.59 -62.11
N ALA PB 113 15.91 -112.84 -62.36
CA ALA PB 113 16.33 -113.11 -63.73
C ALA PB 113 15.60 -114.32 -64.31
N GLN PB 114 15.43 -115.38 -63.52
CA GLN PB 114 14.70 -116.53 -64.03
C GLN PB 114 13.25 -116.16 -64.32
N LEU PB 115 12.62 -115.41 -63.42
CA LEU PB 115 11.25 -114.96 -63.67
C LEU PB 115 11.14 -114.21 -65.00
N LEU PB 116 12.16 -113.44 -65.36
CA LEU PB 116 12.16 -112.83 -66.71
C LEU PB 116 12.31 -113.86 -67.82
N THR PB 117 13.31 -114.73 -67.73
CA THR PB 117 13.74 -115.44 -68.94
C THR PB 117 13.20 -116.85 -69.10
N ASP PB 118 12.56 -117.42 -68.07
CA ASP PB 118 12.10 -118.81 -68.19
C ASP PB 118 10.94 -118.91 -69.16
N ALA PB 119 10.79 -120.11 -69.75
CA ALA PB 119 9.76 -120.31 -70.75
C ALA PB 119 8.37 -120.37 -70.13
N ASP PB 120 8.28 -120.87 -68.89
CA ASP PB 120 7.00 -120.92 -68.17
C ASP PB 120 6.28 -119.57 -68.18
N TYR PB 121 7.03 -118.48 -68.23
CA TYR PB 121 6.46 -117.15 -68.11
C TYR PB 121 6.32 -116.44 -69.44
N ASP PB 122 6.67 -117.11 -70.55
CA ASP PB 122 6.55 -116.52 -71.88
C ASP PB 122 5.15 -115.98 -72.12
N SER PB 123 4.13 -116.78 -71.82
CA SER PB 123 2.76 -116.34 -72.04
C SER PB 123 2.46 -115.08 -71.24
N PHE PB 124 2.81 -115.07 -69.96
CA PHE PB 124 2.60 -113.89 -69.13
C PHE PB 124 3.24 -112.65 -69.72
N TRP PB 125 4.56 -112.68 -69.89
CA TRP PB 125 5.26 -111.48 -70.33
C TRP PB 125 4.76 -111.00 -71.68
N THR PB 126 4.72 -111.89 -72.67
CA THR PB 126 4.42 -111.46 -74.04
C THR PB 126 2.96 -111.06 -74.19
N LEU PB 127 2.04 -111.98 -73.87
CA LEU PB 127 0.63 -111.78 -74.14
C LEU PB 127 -0.10 -111.03 -73.03
N GLY PB 128 0.48 -110.97 -71.83
CA GLY PB 128 -0.21 -110.46 -70.67
C GLY PB 128 -1.08 -111.46 -69.95
N ALA PB 129 -0.93 -112.75 -70.25
CA ALA PB 129 -1.88 -113.75 -69.76
C ALA PB 129 -1.65 -114.03 -68.29
N LEU PB 130 -2.71 -113.86 -67.49
CA LEU PB 130 -2.65 -114.26 -66.10
C LEU PB 130 -2.84 -115.77 -65.97
N ALA PB 131 -2.59 -116.27 -64.77
CA ALA PB 131 -2.75 -117.69 -64.43
C ALA PB 131 -1.86 -118.63 -65.28
N SER QB 1 -26.29 -140.62 -29.83
CA SER QB 1 -25.47 -140.99 -30.98
C SER QB 1 -24.37 -139.95 -31.22
N ILE QB 2 -24.67 -138.65 -31.00
CA ILE QB 2 -23.61 -137.64 -31.02
C ILE QB 2 -22.74 -137.78 -29.79
N ILE QB 3 -23.35 -137.95 -28.62
CA ILE QB 3 -22.60 -138.16 -27.40
C ILE QB 3 -22.03 -139.57 -27.41
N GLY QB 4 -20.71 -139.67 -27.33
CA GLY QB 4 -20.05 -140.95 -27.36
C GLY QB 4 -19.58 -141.39 -28.73
N SER QB 5 -19.88 -140.63 -29.78
CA SER QB 5 -19.44 -140.98 -31.12
C SER QB 5 -17.91 -140.99 -31.19
N SER QB 6 -17.39 -141.83 -32.07
CA SER QB 6 -15.95 -141.98 -32.28
C SER QB 6 -15.62 -141.71 -33.73
N ILE QB 7 -14.57 -140.93 -33.97
CA ILE QB 7 -14.15 -140.54 -35.31
C ILE QB 7 -12.63 -140.52 -35.36
N LYS QB 8 -12.08 -140.81 -36.54
CA LYS QB 8 -10.64 -140.95 -36.69
C LYS QB 8 -9.97 -139.59 -36.81
N THR QB 9 -8.91 -139.36 -36.02
CA THR QB 9 -8.04 -138.23 -36.24
C THR QB 9 -6.68 -138.71 -36.74
N GLY QB 10 -5.92 -137.79 -37.30
CA GLY QB 10 -4.68 -138.16 -37.96
C GLY QB 10 -4.87 -139.18 -39.05
N ALA QB 11 -5.97 -139.07 -39.81
CA ALA QB 11 -6.24 -140.03 -40.87
C ALA QB 11 -5.36 -139.75 -42.08
N THR QB 12 -4.97 -140.83 -42.77
CA THR QB 12 -4.17 -140.68 -43.98
C THR QB 12 -4.97 -140.00 -45.08
N SER QB 13 -6.12 -140.57 -45.44
CA SER QB 13 -6.95 -139.96 -46.48
C SER QB 13 -8.37 -140.52 -46.38
N ALA QB 14 -9.31 -139.78 -46.96
CA ALA QB 14 -10.70 -140.19 -47.01
C ALA QB 14 -11.10 -140.51 -48.44
N SER QB 15 -12.07 -141.41 -48.58
CA SER QB 15 -12.52 -141.85 -49.89
C SER QB 15 -14.02 -142.06 -49.84
N ILE QB 16 -14.60 -142.34 -51.01
CA ILE QB 16 -16.05 -142.48 -51.08
C ILE QB 16 -16.41 -143.55 -52.11
N THR QB 17 -17.07 -144.62 -51.64
CA THR QB 17 -17.59 -145.66 -52.51
C THR QB 17 -18.93 -145.17 -53.06
N GLY QB 18 -18.94 -144.78 -54.32
CA GLY QB 18 -20.10 -144.09 -54.84
C GLY QB 18 -20.45 -144.30 -56.30
N GLY QB 19 -21.43 -143.53 -56.77
CA GLY QB 19 -22.00 -143.72 -58.09
C GLY QB 19 -21.38 -142.86 -59.18
N SER QB 20 -22.22 -142.07 -59.86
CA SER QB 20 -21.83 -141.39 -61.08
C SER QB 20 -20.98 -140.14 -60.79
N ASP QB 21 -20.23 -139.73 -61.81
CA ASP QB 21 -19.42 -138.52 -61.74
C ASP QB 21 -20.27 -137.27 -61.93
N ILE QB 22 -19.70 -136.14 -61.52
CA ILE QB 22 -20.28 -134.83 -61.81
C ILE QB 22 -19.11 -133.87 -61.99
N THR QB 23 -19.23 -132.95 -62.94
CA THR QB 23 -18.12 -132.08 -63.28
C THR QB 23 -18.55 -130.61 -63.19
N PHE QB 24 -17.60 -129.78 -62.77
CA PHE QB 24 -17.82 -128.35 -62.59
C PHE QB 24 -17.21 -127.56 -63.73
N ALA QB 25 -17.88 -126.48 -64.10
CA ALA QB 25 -17.28 -125.51 -65.03
C ALA QB 25 -17.60 -124.11 -64.51
N LEU QB 26 -16.74 -123.16 -64.88
CA LEU QB 26 -16.86 -121.81 -64.34
C LEU QB 26 -18.12 -121.11 -64.84
N THR QB 27 -18.90 -120.58 -63.88
CA THR QB 27 -20.22 -120.05 -64.21
C THR QB 27 -20.14 -118.73 -64.95
N GLY QB 28 -19.27 -117.84 -64.50
CA GLY QB 28 -19.33 -116.47 -64.94
C GLY QB 28 -20.32 -115.62 -64.19
N GLN QB 29 -20.85 -116.11 -63.07
CA GLN QB 29 -21.55 -115.26 -62.13
C GLN QB 29 -20.51 -114.52 -61.30
N THR QB 30 -20.60 -113.20 -61.29
CA THR QB 30 -19.63 -112.40 -60.56
C THR QB 30 -19.83 -112.59 -59.06
N VAL QB 31 -18.78 -113.02 -58.37
CA VAL QB 31 -18.83 -113.26 -56.93
C VAL QB 31 -17.65 -112.55 -56.28
N THR QB 32 -17.95 -111.72 -55.28
CA THR QB 32 -16.91 -110.96 -54.58
C THR QB 32 -16.00 -111.90 -53.80
N ASN QB 33 -14.68 -111.73 -54.02
CA ASN QB 33 -13.65 -112.59 -53.42
C ASN QB 33 -13.87 -114.06 -53.72
N GLY QB 34 -14.65 -114.37 -54.75
CA GLY QB 34 -15.09 -115.74 -54.92
C GLY QB 34 -15.30 -116.17 -56.35
N LEU QB 35 -15.80 -117.39 -56.46
CA LEU QB 35 -15.92 -118.11 -57.72
C LEU QB 35 -17.25 -118.86 -57.71
N ASN QB 36 -17.85 -119.02 -58.89
CA ASN QB 36 -19.02 -119.87 -59.03
C ASN QB 36 -18.74 -120.87 -60.12
N VAL QB 37 -18.83 -122.17 -59.78
CA VAL QB 37 -18.75 -123.24 -60.76
C VAL QB 37 -20.03 -124.05 -60.64
N SER QB 38 -20.71 -124.26 -61.76
CA SER QB 38 -21.93 -125.06 -61.73
C SER QB 38 -21.70 -126.37 -62.45
N VAL QB 39 -22.71 -127.22 -62.36
CA VAL QB 39 -22.66 -128.57 -62.90
C VAL QB 39 -22.90 -128.53 -64.40
N SER QB 40 -21.88 -128.91 -65.17
CA SER QB 40 -22.01 -128.98 -66.62
C SER QB 40 -22.84 -130.18 -67.07
N GLU QB 41 -23.39 -130.95 -66.14
CA GLU QB 41 -24.04 -132.21 -66.47
C GLU QB 41 -25.54 -132.19 -66.24
N ASP QB 42 -26.03 -131.29 -65.39
CA ASP QB 42 -27.45 -131.03 -65.29
C ASP QB 42 -27.87 -130.11 -66.42
N THR QB 43 -28.99 -130.44 -67.06
CA THR QB 43 -29.34 -129.82 -68.34
C THR QB 43 -30.19 -128.57 -68.23
N ASP QB 44 -30.86 -128.36 -67.11
CA ASP QB 44 -31.74 -127.21 -66.92
C ASP QB 44 -31.15 -126.31 -65.85
N TYR QB 45 -30.76 -125.08 -66.25
CA TYR QB 45 -30.20 -124.13 -65.30
C TYR QB 45 -31.08 -123.96 -64.09
N ARG QB 46 -32.40 -123.91 -64.32
CA ARG QB 46 -33.38 -123.76 -63.24
C ARG QB 46 -33.10 -124.70 -62.08
N THR QB 47 -32.55 -125.89 -62.36
CA THR QB 47 -32.22 -126.88 -61.34
C THR QB 47 -30.76 -127.34 -61.41
N ARG QB 48 -29.85 -126.52 -61.97
CA ARG QB 48 -28.43 -126.90 -61.96
C ARG QB 48 -27.80 -126.66 -60.60
N ARG QB 49 -27.37 -127.76 -59.98
CA ARG QB 49 -26.54 -127.70 -58.79
C ARG QB 49 -25.34 -126.80 -59.05
N ASN QB 50 -25.02 -125.92 -58.10
CA ASN QB 50 -23.82 -125.12 -58.27
C ASN QB 50 -23.14 -124.86 -56.94
N ALA QB 51 -21.83 -124.61 -57.00
CA ALA QB 51 -21.01 -124.39 -55.83
C ALA QB 51 -20.30 -123.05 -55.96
N THR QB 52 -20.14 -122.38 -54.83
CA THR QB 52 -19.52 -121.06 -54.76
C THR QB 52 -18.41 -121.11 -53.72
N PHE QB 53 -17.23 -120.63 -54.13
CA PHE QB 53 -15.99 -120.71 -53.36
C PHE QB 53 -15.56 -119.30 -52.99
N LYS QB 54 -15.54 -118.99 -51.70
CA LYS QB 54 -15.02 -117.72 -51.23
C LYS QB 54 -13.76 -117.94 -50.42
N SER QB 55 -12.88 -116.93 -50.44
CA SER QB 55 -11.57 -117.05 -49.83
C SER QB 55 -11.11 -115.71 -49.29
N ARG QB 56 -10.72 -115.68 -48.02
CA ARG QB 56 -10.02 -114.55 -47.43
C ARG QB 56 -8.76 -115.04 -46.72
N VAL QB 57 -7.64 -114.41 -47.07
CA VAL QB 57 -6.29 -114.75 -46.63
C VAL QB 57 -6.04 -114.09 -45.28
N PRO QB 58 -5.15 -114.63 -44.43
CA PRO QB 58 -4.84 -113.99 -43.16
C PRO QB 58 -4.33 -112.56 -43.33
N THR QB 59 -4.90 -111.66 -42.54
CA THR QB 59 -4.53 -110.25 -42.54
C THR QB 59 -3.65 -109.95 -41.32
N VAL QB 60 -2.61 -109.14 -41.53
CA VAL QB 60 -1.61 -108.83 -40.52
C VAL QB 60 -1.82 -107.43 -39.98
N VAL QB 61 -1.94 -107.31 -38.65
CA VAL QB 61 -2.02 -106.04 -37.96
C VAL QB 61 -0.77 -105.90 -37.09
N ASN QB 62 0.18 -105.09 -37.57
CA ASN QB 62 1.42 -104.77 -36.85
C ASN QB 62 2.08 -106.02 -36.26
N GLY QB 63 2.19 -107.04 -37.10
CA GLY QB 63 2.87 -108.27 -36.74
C GLY QB 63 1.98 -109.41 -36.27
N ASN QB 64 0.71 -109.14 -35.97
CA ASN QB 64 -0.20 -110.17 -35.48
C ASN QB 64 -1.12 -110.63 -36.60
N TYR QB 65 -1.17 -111.95 -36.83
CA TYR QB 65 -1.96 -112.49 -37.93
C TYR QB 65 -3.37 -112.84 -37.47
N SER QB 66 -4.32 -112.72 -38.40
CA SER QB 66 -5.71 -113.07 -38.18
C SER QB 66 -6.03 -114.36 -38.90
N LYS QB 67 -6.79 -115.23 -38.24
CA LYS QB 67 -7.24 -116.47 -38.87
C LYS QB 67 -8.04 -116.18 -40.12
N GLY QB 68 -7.64 -116.82 -41.23
CA GLY QB 68 -8.32 -116.66 -42.49
C GLY QB 68 -9.45 -117.65 -42.68
N LYS QB 69 -10.22 -117.45 -43.75
CA LYS QB 69 -11.53 -118.09 -43.91
C LYS QB 69 -11.71 -118.57 -45.33
N ASN QB 70 -11.97 -119.87 -45.51
CA ASN QB 70 -12.24 -120.45 -46.82
C ASN QB 70 -13.64 -121.08 -46.79
N GLU QB 71 -14.60 -120.47 -47.48
CA GLU QB 71 -15.97 -120.96 -47.53
C GLU QB 71 -16.26 -121.66 -48.84
N VAL QB 72 -17.13 -122.66 -48.76
CA VAL QB 72 -17.74 -123.29 -49.92
C VAL QB 72 -19.22 -123.43 -49.62
N VAL QB 73 -20.06 -123.17 -50.61
CA VAL QB 73 -21.49 -123.43 -50.50
C VAL QB 73 -21.94 -124.18 -51.74
N PHE QB 74 -22.66 -125.28 -51.53
CA PHE QB 74 -23.15 -126.14 -52.60
C PHE QB 74 -24.67 -126.14 -52.53
N VAL QB 75 -25.31 -125.98 -53.69
CA VAL QB 75 -26.73 -125.68 -53.74
C VAL QB 75 -27.41 -126.61 -54.74
N ILE QB 76 -28.48 -127.25 -54.27
CA ILE QB 76 -29.47 -127.93 -55.10
C ILE QB 76 -30.70 -127.02 -55.18
N PRO QB 77 -30.97 -126.37 -56.30
CA PRO QB 77 -32.21 -125.59 -56.41
C PRO QB 77 -33.39 -126.50 -56.75
N MET QB 78 -34.52 -126.24 -56.11
CA MET QB 78 -35.74 -126.95 -56.42
C MET QB 78 -36.91 -125.98 -56.40
N SER QB 79 -37.82 -126.13 -57.34
CA SER QB 79 -39.04 -125.35 -57.37
C SER QB 79 -40.10 -126.05 -56.52
N LEU QB 80 -40.79 -125.28 -55.67
CA LEU QB 80 -41.80 -125.81 -54.79
C LEU QB 80 -43.15 -125.89 -55.48
N ASP QB 81 -44.09 -126.57 -54.83
CA ASP QB 81 -45.48 -126.52 -55.26
C ASP QB 81 -46.01 -125.10 -55.24
N SER QB 82 -45.40 -124.22 -54.44
CA SER QB 82 -45.71 -122.80 -54.41
C SER QB 82 -45.28 -122.07 -55.68
N GLY QB 83 -44.50 -122.72 -56.55
CA GLY QB 83 -43.92 -122.03 -57.69
C GLY QB 83 -42.60 -121.38 -57.31
N GLU QB 84 -42.55 -120.84 -56.10
CA GLU QB 84 -41.32 -120.32 -55.52
C GLU QB 84 -40.21 -121.35 -55.60
N THR QB 85 -39.02 -120.92 -56.02
CA THR QB 85 -37.86 -121.80 -56.11
C THR QB 85 -36.94 -121.52 -54.94
N VAL QB 86 -36.61 -122.57 -54.19
CA VAL QB 86 -35.78 -122.48 -52.99
C VAL QB 86 -34.48 -123.23 -53.20
N PHE QB 87 -33.43 -122.77 -52.52
CA PHE QB 87 -32.10 -123.32 -52.65
C PHE QB 87 -31.78 -124.21 -51.44
N ASN QB 88 -31.36 -125.44 -51.70
CA ASN QB 88 -30.99 -126.40 -50.65
C ASN QB 88 -29.48 -126.41 -50.49
N SER QB 89 -29.01 -126.08 -49.29
CA SER QB 89 -27.64 -125.63 -49.09
C SER QB 89 -26.86 -126.58 -48.19
N VAL QB 90 -25.59 -126.77 -48.54
CA VAL QB 90 -24.59 -127.27 -47.61
C VAL QB 90 -23.40 -126.32 -47.68
N ARG QB 91 -22.97 -125.80 -46.53
CA ARG QB 91 -21.94 -124.77 -46.46
C ARG QB 91 -20.84 -125.23 -45.52
N ILE QB 92 -19.60 -125.20 -46.00
CA ILE QB 92 -18.44 -125.63 -45.24
C ILE QB 92 -17.42 -124.51 -45.23
N ALA QB 93 -17.13 -124.01 -44.04
CA ALA QB 93 -16.22 -122.87 -43.84
C ALA QB 93 -15.09 -123.30 -42.92
N LEU QB 94 -13.86 -123.17 -43.39
CA LEU QB 94 -12.68 -123.57 -42.62
C LEU QB 94 -11.84 -122.34 -42.32
N GLU QB 95 -11.70 -122.04 -41.02
CA GLU QB 95 -11.01 -120.85 -40.53
C GLU QB 95 -9.74 -121.28 -39.82
N ILE QB 96 -8.60 -120.89 -40.36
CA ILE QB 96 -7.29 -121.37 -39.90
C ILE QB 96 -6.38 -120.20 -39.60
N HIS QB 97 -5.70 -120.27 -38.45
CA HIS QB 97 -4.61 -119.34 -38.17
C HIS QB 97 -3.32 -119.85 -38.80
N PRO QB 98 -2.49 -118.94 -39.35
CA PRO QB 98 -1.29 -119.41 -40.06
C PRO QB 98 -0.35 -120.27 -39.23
N ALA QB 99 -0.39 -120.15 -37.90
CA ALA QB 99 0.54 -120.87 -37.05
C ALA QB 99 0.18 -122.34 -36.87
N LEU QB 100 -1.00 -122.78 -37.33
CA LEU QB 100 -1.42 -124.15 -37.11
C LEU QB 100 -0.57 -125.12 -37.93
N ALA QB 101 -0.44 -126.34 -37.40
CA ALA QB 101 0.33 -127.37 -38.09
C ALA QB 101 -0.28 -127.71 -39.44
N SER QB 102 0.59 -127.81 -40.45
CA SER QB 102 0.15 -128.17 -41.79
C SER QB 102 -0.69 -129.44 -41.79
N ALA QB 103 -0.31 -130.44 -40.98
CA ALA QB 103 -1.06 -131.68 -40.93
C ALA QB 103 -2.35 -131.54 -40.13
N SER QB 104 -2.37 -130.66 -39.12
CA SER QB 104 -3.62 -130.40 -38.41
C SER QB 104 -4.65 -129.74 -39.31
N VAL QB 105 -4.21 -128.96 -40.30
CA VAL QB 105 -5.16 -128.39 -41.26
C VAL QB 105 -5.93 -129.51 -41.98
N LYS QB 106 -5.20 -130.45 -42.56
CA LYS QB 106 -5.86 -131.54 -43.27
C LYS QB 106 -6.60 -132.47 -42.30
N ASP QB 107 -6.13 -132.59 -41.05
CA ASP QB 107 -6.91 -133.35 -40.08
C ASP QB 107 -8.26 -132.68 -39.82
N LEU QB 108 -8.30 -131.34 -39.81
CA LEU QB 108 -9.58 -130.64 -39.67
C LEU QB 108 -10.49 -130.92 -40.86
N ARG QB 109 -9.94 -130.86 -42.08
CA ARG QB 109 -10.75 -131.19 -43.25
C ARG QB 109 -11.37 -132.59 -43.11
N LEU QB 110 -10.55 -133.57 -42.74
CA LEU QB 110 -11.02 -134.95 -42.67
C LEU QB 110 -11.98 -135.17 -41.52
N ILE QB 111 -11.76 -134.50 -40.38
CA ILE QB 111 -12.64 -134.70 -39.24
C ILE QB 111 -13.99 -134.02 -39.48
N GLY QB 112 -13.98 -132.88 -40.15
CA GLY QB 112 -15.22 -132.27 -40.58
C GLY QB 112 -15.99 -133.19 -41.51
N ALA QB 113 -15.29 -133.79 -42.49
CA ALA QB 113 -15.98 -134.69 -43.41
C ALA QB 113 -16.58 -135.88 -42.69
N GLN QB 114 -15.87 -136.43 -41.70
CA GLN QB 114 -16.43 -137.54 -40.93
C GLN QB 114 -17.67 -137.09 -40.17
N LEU QB 115 -17.66 -135.85 -39.66
CA LEU QB 115 -18.84 -135.37 -38.95
C LEU QB 115 -20.08 -135.29 -39.85
N LEU QB 116 -19.89 -135.11 -41.16
CA LEU QB 116 -21.01 -135.24 -42.09
C LEU QB 116 -21.37 -136.68 -42.39
N THR QB 117 -20.38 -137.55 -42.64
CA THR QB 117 -20.67 -138.81 -43.30
C THR QB 117 -20.56 -140.03 -42.41
N ASP QB 118 -20.46 -139.87 -41.09
CA ASP QB 118 -20.52 -141.03 -40.23
C ASP QB 118 -21.97 -141.33 -39.85
N ALA QB 119 -22.24 -142.62 -39.61
CA ALA QB 119 -23.60 -143.03 -39.27
C ALA QB 119 -24.05 -142.46 -37.94
N ASP QB 120 -23.11 -142.31 -37.00
CA ASP QB 120 -23.44 -141.81 -35.67
C ASP QB 120 -24.22 -140.50 -35.73
N TYR QB 121 -24.05 -139.73 -36.79
CA TYR QB 121 -24.65 -138.41 -36.88
C TYR QB 121 -25.88 -138.37 -37.79
N ASP QB 122 -26.21 -139.50 -38.43
CA ASP QB 122 -27.35 -139.54 -39.36
C ASP QB 122 -28.59 -138.92 -38.74
N SER QB 123 -28.89 -139.30 -37.48
CA SER QB 123 -30.08 -138.76 -36.83
C SER QB 123 -30.01 -137.25 -36.71
N PHE QB 124 -28.86 -136.73 -36.28
CA PHE QB 124 -28.66 -135.28 -36.19
C PHE QB 124 -28.91 -134.59 -37.52
N TRP QB 125 -28.17 -134.99 -38.55
CA TRP QB 125 -28.26 -134.27 -39.83
C TRP QB 125 -29.67 -134.35 -40.41
N THR QB 126 -30.20 -135.57 -40.54
CA THR QB 126 -31.49 -135.72 -41.21
C THR QB 126 -32.61 -135.04 -40.41
N LEU QB 127 -32.78 -135.43 -39.14
CA LEU QB 127 -33.94 -134.98 -38.38
C LEU QB 127 -33.67 -133.69 -37.61
N GLY QB 128 -32.48 -133.53 -37.06
CA GLY QB 128 -32.18 -132.43 -36.16
C GLY QB 128 -32.01 -132.83 -34.71
N ALA QB 129 -31.80 -134.11 -34.45
CA ALA QB 129 -31.68 -134.66 -33.11
C ALA QB 129 -30.45 -134.10 -32.40
N LEU QB 130 -30.59 -133.86 -31.10
CA LEU QB 130 -29.57 -133.20 -30.30
C LEU QB 130 -28.94 -134.10 -29.24
N ALA QB 131 -29.16 -135.41 -29.29
CA ALA QB 131 -28.54 -136.31 -28.32
C ALA QB 131 -27.28 -136.96 -28.89
N SER RB 1 75.28 -25.02 -0.70
CA SER RB 1 76.18 -26.05 -0.21
C SER RB 1 75.46 -26.99 0.78
N ILE RB 2 74.18 -27.23 0.54
CA ILE RB 2 73.39 -28.11 1.41
C ILE RB 2 73.71 -29.57 1.13
N ILE RB 3 73.62 -29.97 -0.13
CA ILE RB 3 73.87 -31.36 -0.51
C ILE RB 3 75.35 -31.67 -0.27
N GLY RB 4 75.62 -32.60 0.64
CA GLY RB 4 76.97 -32.97 0.96
C GLY RB 4 77.56 -32.26 2.15
N SER RB 5 76.81 -31.38 2.82
CA SER RB 5 77.33 -30.72 4.00
C SER RB 5 77.61 -31.74 5.11
N SER RB 6 78.53 -31.38 6.00
CA SER RB 6 78.96 -32.26 7.08
C SER RB 6 78.87 -31.52 8.40
N ILE RB 7 78.23 -32.14 9.40
CA ILE RB 7 78.10 -31.59 10.75
C ILE RB 7 78.34 -32.70 11.76
N LYS RB 8 78.42 -32.31 13.03
CA LYS RB 8 78.85 -33.19 14.11
C LYS RB 8 77.65 -33.67 14.93
N THR RB 9 77.55 -34.98 15.12
CA THR RB 9 76.58 -35.56 16.05
C THR RB 9 77.30 -36.03 17.30
N GLY RB 10 76.57 -36.07 18.40
CA GLY RB 10 77.18 -36.39 19.68
C GLY RB 10 78.32 -35.46 20.04
N ALA RB 11 78.16 -34.17 19.80
CA ALA RB 11 79.18 -33.22 20.18
C ALA RB 11 79.22 -33.06 21.69
N THR RB 12 80.43 -32.92 22.24
CA THR RB 12 80.57 -32.69 23.67
C THR RB 12 79.88 -31.39 24.08
N SER RB 13 80.16 -30.29 23.37
CA SER RB 13 79.46 -29.04 23.63
C SER RB 13 79.65 -28.09 22.44
N ALA RB 14 78.96 -26.96 22.50
CA ALA RB 14 79.12 -25.90 21.52
C ALA RB 14 79.44 -24.61 22.25
N SER RB 15 80.14 -23.72 21.56
CA SER RB 15 80.65 -22.50 22.18
C SER RB 15 80.67 -21.39 21.13
N ILE RB 16 81.01 -20.18 21.58
CA ILE RB 16 80.91 -19.02 20.70
C ILE RB 16 82.05 -18.05 21.01
N THR RB 17 82.79 -17.66 19.97
CA THR RB 17 83.82 -16.64 20.06
C THR RB 17 83.19 -15.33 19.57
N GLY RB 18 82.90 -14.43 20.51
CA GLY RB 18 82.09 -13.29 20.13
C GLY RB 18 82.18 -12.13 21.09
N GLY RB 19 81.44 -11.07 20.76
CA GLY RB 19 81.59 -9.77 21.38
C GLY RB 19 80.82 -9.52 22.66
N SER RB 20 80.00 -8.47 22.65
CA SER RB 20 79.45 -7.94 23.90
C SER RB 20 78.31 -8.80 24.43
N ASP RB 21 78.13 -8.73 25.75
CA ASP RB 21 77.04 -9.44 26.41
C ASP RB 21 75.71 -8.73 26.18
N ILE RB 22 74.64 -9.50 26.29
CA ILE RB 22 73.29 -8.98 26.37
C ILE RB 22 72.59 -9.75 27.48
N THR RB 23 71.83 -9.03 28.30
CA THR RB 23 71.20 -9.56 29.50
C THR RB 23 69.69 -9.45 29.38
N PHE RB 24 69.00 -10.50 29.80
CA PHE RB 24 67.55 -10.61 29.75
C PHE RB 24 66.92 -10.26 31.09
N ALA RB 25 65.65 -9.86 31.02
CA ALA RB 25 64.85 -9.60 32.21
C ALA RB 25 63.39 -9.78 31.82
N LEU RB 26 62.57 -10.11 32.80
CA LEU RB 26 61.19 -10.48 32.51
C LEU RB 26 60.38 -9.26 32.09
N THR RB 27 59.52 -9.45 31.09
CA THR RB 27 58.75 -8.38 30.45
C THR RB 27 57.34 -8.24 31.01
N GLY RB 28 56.63 -9.34 31.22
CA GLY RB 28 55.25 -9.25 31.62
C GLY RB 28 54.26 -9.09 30.47
N GLN RB 29 54.73 -9.10 29.23
CA GLN RB 29 53.82 -9.28 28.11
C GLN RB 29 53.17 -10.65 28.23
N THR RB 30 51.85 -10.67 28.27
CA THR RB 30 51.11 -11.90 28.51
C THR RB 30 51.35 -12.89 27.38
N VAL RB 31 51.83 -14.09 27.73
CA VAL RB 31 52.13 -15.15 26.78
C VAL RB 31 51.63 -16.46 27.36
N THR RB 32 50.74 -17.13 26.62
CA THR RB 32 50.08 -18.33 27.13
C THR RB 32 51.04 -19.51 27.15
N ASN RB 33 51.15 -20.15 28.33
CA ASN RB 33 52.12 -21.23 28.57
C ASN RB 33 53.54 -20.77 28.28
N GLY RB 34 53.79 -19.47 28.44
CA GLY RB 34 55.06 -18.92 28.02
C GLY RB 34 55.58 -17.76 28.84
N LEU RB 35 56.54 -17.03 28.27
CA LEU RB 35 57.34 -16.09 29.03
C LEU RB 35 58.01 -15.12 28.06
N ASN RB 36 57.87 -13.82 28.30
CA ASN RB 36 58.56 -12.80 27.52
C ASN RB 36 59.69 -12.21 28.34
N VAL RB 37 60.92 -12.32 27.85
CA VAL RB 37 62.06 -11.62 28.44
C VAL RB 37 62.66 -10.70 27.37
N SER RB 38 62.81 -9.43 27.70
CA SER RB 38 63.48 -8.51 26.79
C SER RB 38 64.83 -8.15 27.36
N VAL RB 39 65.62 -7.46 26.56
CA VAL RB 39 66.93 -7.04 27.02
C VAL RB 39 66.77 -5.78 27.84
N SER RB 40 67.50 -5.70 28.95
CA SER RB 40 67.53 -4.44 29.68
C SER RB 40 68.64 -3.55 29.16
N GLU RB 41 69.32 -3.97 28.09
CA GLU RB 41 70.49 -3.26 27.59
C GLU RB 41 70.18 -2.38 26.39
N ASP RB 42 69.13 -2.69 25.65
CA ASP RB 42 68.61 -1.75 24.68
C ASP RB 42 67.64 -0.78 25.38
N THR RB 43 67.67 0.47 24.93
CA THR RB 43 66.98 1.53 25.66
C THR RB 43 65.65 1.95 25.05
N ASP RB 44 65.52 1.93 23.73
CA ASP RB 44 64.31 2.37 23.05
C ASP RB 44 63.30 1.22 23.00
N TYR RB 45 62.09 1.48 23.51
CA TYR RB 45 61.09 0.41 23.58
C TYR RB 45 60.67 -0.04 22.19
N ARG RB 46 60.57 0.89 21.24
CA ARG RB 46 60.29 0.54 19.85
C ARG RB 46 61.22 -0.57 19.35
N THR RB 47 62.53 -0.34 19.43
CA THR RB 47 63.50 -1.23 18.81
C THR RB 47 64.17 -2.15 19.81
N ARG RB 48 63.56 -2.40 20.97
CA ARG RB 48 64.21 -3.21 22.00
C ARG RB 48 63.98 -4.68 21.73
N ARG RB 49 65.09 -5.41 21.57
CA ARG RB 49 65.06 -6.82 21.21
C ARG RB 49 64.42 -7.65 22.31
N ASN RB 50 63.55 -8.58 21.92
CA ASN RB 50 62.92 -9.40 22.96
C ASN RB 50 62.71 -10.83 22.49
N ALA RB 51 62.70 -11.76 23.45
CA ALA RB 51 62.50 -13.17 23.18
C ALA RB 51 61.30 -13.67 23.95
N THR RB 52 60.73 -14.75 23.44
CA THR RB 52 59.53 -15.36 24.00
C THR RB 52 59.66 -16.87 23.98
N PHE RB 53 59.48 -17.47 25.14
CA PHE RB 53 59.66 -18.89 25.39
C PHE RB 53 58.29 -19.50 25.64
N LYS RB 54 57.85 -20.40 24.77
CA LYS RB 54 56.65 -21.17 25.02
C LYS RB 54 57.02 -22.62 25.26
N SER RB 55 56.23 -23.29 26.11
CA SER RB 55 56.55 -24.62 26.59
C SER RB 55 55.28 -25.43 26.74
N ARG RB 56 55.24 -26.61 26.10
CA ARG RB 56 54.14 -27.56 26.23
C ARG RB 56 54.72 -28.94 26.49
N VAL RB 57 54.30 -29.54 27.60
CA VAL RB 57 54.85 -30.80 28.09
C VAL RB 57 54.18 -31.98 27.39
N PRO RB 58 54.85 -33.13 27.30
CA PRO RB 58 54.18 -34.34 26.85
C PRO RB 58 53.00 -34.67 27.75
N THR RB 59 51.83 -34.85 27.13
CA THR RB 59 50.62 -35.17 27.85
C THR RB 59 50.14 -36.56 27.46
N VAL RB 60 49.80 -37.35 28.46
CA VAL RB 60 49.33 -38.71 28.23
C VAL RB 60 47.85 -38.66 27.84
N VAL RB 61 47.50 -39.42 26.80
CA VAL RB 61 46.12 -39.55 26.36
C VAL RB 61 45.90 -41.00 25.94
N ASN RB 62 44.92 -41.65 26.56
CA ASN RB 62 44.56 -43.03 26.22
C ASN RB 62 45.75 -43.97 26.43
N GLY RB 63 46.50 -43.76 27.51
CA GLY RB 63 47.51 -44.69 27.94
C GLY RB 63 48.90 -44.47 27.37
N ASN RB 64 49.09 -43.48 26.51
CA ASN RB 64 50.43 -43.24 25.97
C ASN RB 64 50.63 -41.76 25.70
N TYR RB 65 51.90 -41.39 25.54
CA TYR RB 65 52.32 -40.00 25.56
C TYR RB 65 52.23 -39.35 24.18
N SER RB 66 52.12 -38.03 24.19
CA SER RB 66 52.22 -37.20 23.00
C SER RB 66 53.50 -36.39 23.07
N LYS RB 67 54.17 -36.23 21.93
CA LYS RB 67 55.43 -35.50 21.93
C LYS RB 67 55.22 -34.06 22.38
N GLY RB 68 56.18 -33.55 23.17
CA GLY RB 68 56.11 -32.20 23.67
C GLY RB 68 56.87 -31.22 22.79
N LYS RB 69 56.58 -29.93 23.01
CA LYS RB 69 57.04 -28.88 22.12
C LYS RB 69 57.53 -27.67 22.91
N ASN RB 70 58.75 -27.24 22.64
CA ASN RB 70 59.34 -26.08 23.32
C ASN RB 70 59.79 -25.08 22.26
N GLU RB 71 59.10 -23.95 22.16
CA GLU RB 71 59.41 -22.90 21.19
C GLU RB 71 60.17 -21.77 21.85
N VAL RB 72 61.01 -21.12 21.06
CA VAL RB 72 61.59 -19.82 21.38
C VAL RB 72 61.45 -18.96 20.14
N VAL RB 73 61.22 -17.67 20.35
CA VAL RB 73 61.27 -16.71 19.24
C VAL RB 73 61.99 -15.46 19.72
N PHE RB 74 63.06 -15.10 19.03
CA PHE RB 74 63.85 -13.91 19.32
C PHE RB 74 63.56 -12.91 18.21
N VAL RB 75 63.31 -11.66 18.60
CA VAL RB 75 62.79 -10.65 17.70
C VAL RB 75 63.63 -9.38 17.80
N ILE RB 76 64.05 -8.89 16.65
CA ILE RB 76 64.64 -7.57 16.45
C ILE RB 76 63.60 -6.68 15.79
N PRO RB 77 62.97 -5.75 16.51
CA PRO RB 77 62.07 -4.81 15.85
C PRO RB 77 62.86 -3.78 15.07
N MET RB 78 62.31 -3.34 13.94
CA MET RB 78 62.87 -2.20 13.22
C MET RB 78 61.73 -1.40 12.60
N SER RB 79 61.83 -0.08 12.68
CA SER RB 79 60.87 0.78 12.02
C SER RB 79 61.26 0.91 10.54
N LEU RB 80 60.28 0.73 9.66
CA LEU RB 80 60.52 0.88 8.23
C LEU RB 80 60.37 2.34 7.83
N ASP RB 81 60.84 2.65 6.62
CA ASP RB 81 60.69 4.00 6.10
C ASP RB 81 59.22 4.38 5.94
N SER RB 82 58.35 3.40 5.72
CA SER RB 82 56.92 3.62 5.56
C SER RB 82 56.21 3.94 6.86
N GLY RB 83 56.88 3.76 8.00
CA GLY RB 83 56.27 4.07 9.28
C GLY RB 83 55.94 2.85 10.10
N GLU RB 84 55.39 1.82 9.47
CA GLU RB 84 55.07 0.59 10.19
C GLU RB 84 56.34 -0.01 10.77
N THR RB 85 56.28 -0.39 12.04
CA THR RB 85 57.35 -1.13 12.67
C THR RB 85 57.15 -2.62 12.37
N VAL RB 86 58.20 -3.29 11.90
CA VAL RB 86 58.12 -4.71 11.54
C VAL RB 86 59.13 -5.48 12.38
N PHE RB 87 58.78 -6.73 12.69
CA PHE RB 87 59.60 -7.58 13.54
C PHE RB 87 60.46 -8.51 12.68
N ASN RB 88 61.70 -8.73 13.10
CA ASN RB 88 62.59 -9.70 12.47
C ASN RB 88 62.73 -10.89 13.41
N SER RB 89 62.43 -12.07 12.92
CA SER RB 89 62.18 -13.23 13.77
C SER RB 89 63.21 -14.32 13.52
N VAL RB 90 63.71 -14.91 14.59
CA VAL RB 90 64.29 -16.25 14.51
C VAL RB 90 63.51 -17.10 15.51
N ARG RB 91 62.96 -18.21 15.02
CA ARG RB 91 62.08 -19.06 15.81
C ARG RB 91 62.66 -20.46 15.80
N ILE RB 92 62.86 -21.01 17.00
CA ILE RB 92 63.42 -22.35 17.17
C ILE RB 92 62.46 -23.15 18.02
N ALA RB 93 61.78 -24.11 17.41
CA ALA RB 93 60.91 -25.04 18.10
C ALA RB 93 61.60 -26.39 18.18
N LEU RB 94 61.34 -27.11 19.27
CA LEU RB 94 61.98 -28.41 19.47
C LEU RB 94 60.95 -29.35 20.09
N GLU RB 95 60.57 -30.38 19.34
CA GLU RB 95 59.53 -31.33 19.71
C GLU RB 95 60.19 -32.67 19.98
N ILE RB 96 60.04 -33.15 21.21
CA ILE RB 96 60.68 -34.39 21.66
C ILE RB 96 59.60 -35.36 22.11
N HIS RB 97 59.74 -36.61 21.69
CA HIS RB 97 58.92 -37.66 22.29
C HIS RB 97 59.60 -38.17 23.55
N PRO RB 98 58.84 -38.44 24.62
CA PRO RB 98 59.45 -38.85 25.89
C PRO RB 98 60.38 -40.04 25.78
N ALA RB 99 60.25 -40.86 24.74
CA ALA RB 99 61.07 -42.03 24.58
C ALA RB 99 62.47 -41.73 24.04
N LEU RB 100 62.73 -40.52 23.58
CA LEU RB 100 64.06 -40.21 23.07
C LEU RB 100 65.09 -40.21 24.19
N ALA RB 101 66.31 -40.61 23.84
CA ALA RB 101 67.39 -40.64 24.81
C ALA RB 101 67.72 -39.23 25.29
N SER RB 102 68.00 -39.12 26.60
CA SER RB 102 68.45 -37.86 27.18
C SER RB 102 69.61 -37.27 26.37
N ALA RB 103 70.54 -38.13 25.95
CA ALA RB 103 71.69 -37.66 25.18
C ALA RB 103 71.30 -37.22 23.77
N SER RB 104 70.34 -37.92 23.15
CA SER RB 104 69.90 -37.51 21.81
C SER RB 104 69.10 -36.22 21.85
N VAL RB 105 68.55 -35.85 23.00
CA VAL RB 105 67.92 -34.53 23.11
C VAL RB 105 68.95 -33.42 22.92
N LYS RB 106 70.04 -33.48 23.69
CA LYS RB 106 71.13 -32.52 23.49
C LYS RB 106 71.77 -32.66 22.10
N ASP RB 107 71.83 -33.88 21.56
CA ASP RB 107 72.34 -34.00 20.19
C ASP RB 107 71.47 -33.20 19.22
N LEU RB 108 70.14 -33.24 19.41
CA LEU RB 108 69.25 -32.44 18.55
C LEU RB 108 69.49 -30.94 18.74
N ARG RB 109 69.63 -30.50 19.99
CA ARG RB 109 69.87 -29.08 20.23
C ARG RB 109 71.14 -28.62 19.51
N LEU RB 110 72.22 -29.40 19.61
CA LEU RB 110 73.49 -28.99 19.01
C LEU RB 110 73.49 -29.15 17.49
N ILE RB 111 72.85 -30.20 16.98
CA ILE RB 111 72.81 -30.38 15.54
C ILE RB 111 71.91 -29.34 14.88
N GLY RB 112 70.90 -28.85 15.61
CA GLY RB 112 70.10 -27.77 15.10
C GLY RB 112 70.86 -26.46 15.10
N ALA RB 113 71.44 -26.11 16.26
CA ALA RB 113 72.23 -24.88 16.32
C ALA RB 113 73.38 -24.89 15.33
N GLN RB 114 73.88 -26.08 15.00
CA GLN RB 114 74.95 -26.19 14.03
C GLN RB 114 74.48 -25.98 12.61
N LEU RB 115 73.17 -26.15 12.35
CA LEU RB 115 72.62 -25.83 11.04
C LEU RB 115 72.43 -24.33 10.83
N LEU RB 116 72.30 -23.54 11.91
CA LEU RB 116 72.32 -22.08 11.75
C LEU RB 116 73.71 -21.55 11.43
N THR RB 117 74.72 -22.00 12.17
CA THR RB 117 76.00 -21.28 12.17
C THR RB 117 77.02 -21.83 11.19
N ASP RB 118 76.93 -23.11 10.82
CA ASP RB 118 78.00 -23.72 10.03
C ASP RB 118 78.02 -23.10 8.63
N ALA RB 119 79.23 -22.71 8.20
CA ALA RB 119 79.40 -21.93 6.97
C ALA RB 119 78.84 -22.63 5.74
N ASP RB 120 78.75 -23.96 5.75
CA ASP RB 120 78.13 -24.68 4.65
C ASP RB 120 76.73 -24.13 4.34
N TYR RB 121 75.93 -23.88 5.37
CA TYR RB 121 74.59 -23.37 5.15
C TYR RB 121 74.58 -21.86 5.07
N ASP RB 122 75.76 -21.23 5.18
CA ASP RB 122 75.86 -19.79 5.27
C ASP RB 122 75.24 -19.13 4.04
N SER RB 123 75.35 -19.77 2.87
CA SER RB 123 74.70 -19.22 1.68
C SER RB 123 73.20 -19.44 1.71
N PHE RB 124 72.72 -20.47 2.40
CA PHE RB 124 71.28 -20.74 2.45
C PHE RB 124 70.53 -19.68 3.24
N TRP RB 125 70.98 -19.44 4.48
CA TRP RB 125 70.26 -18.52 5.36
C TRP RB 125 70.28 -17.10 4.82
N THR RB 126 71.46 -16.63 4.41
CA THR RB 126 71.59 -15.25 3.97
C THR RB 126 70.86 -15.01 2.66
N LEU RB 127 71.15 -15.82 1.66
CA LEU RB 127 70.67 -15.57 0.31
C LEU RB 127 69.36 -16.30 0.00
N GLY RB 128 68.87 -17.13 0.92
CA GLY RB 128 67.74 -17.98 0.59
C GLY RB 128 68.05 -18.93 -0.55
N ALA RB 129 69.28 -19.44 -0.60
CA ALA RB 129 69.79 -20.18 -1.74
C ALA RB 129 69.62 -21.68 -1.53
N LEU RB 130 68.87 -22.31 -2.42
CA LEU RB 130 68.68 -23.77 -2.41
C LEU RB 130 69.71 -24.39 -3.35
N ALA RB 131 70.69 -25.09 -2.77
CA ALA RB 131 71.71 -25.78 -3.54
C ALA RB 131 72.52 -26.66 -2.58
N SER SB 1 66.31 -19.72 35.24
CA SER SB 1 67.56 -19.60 34.52
C SER SB 1 67.35 -18.93 33.17
N ILE SB 2 66.09 -18.88 32.72
CA ILE SB 2 65.76 -18.12 31.52
C ILE SB 2 65.78 -16.62 31.84
N ILE SB 3 65.19 -16.25 32.97
CA ILE SB 3 65.18 -14.85 33.39
C ILE SB 3 66.60 -14.46 33.82
N GLY SB 4 67.07 -13.33 33.31
CA GLY SB 4 68.40 -12.88 33.70
C GLY SB 4 69.52 -13.72 33.14
N SER SB 5 69.31 -14.35 31.99
CA SER SB 5 70.39 -15.05 31.30
C SER SB 5 71.14 -14.08 30.40
N SER SB 6 72.38 -14.44 30.08
CA SER SB 6 73.29 -13.58 29.32
C SER SB 6 73.79 -14.33 28.09
N ILE SB 7 73.77 -13.67 26.93
CA ILE SB 7 74.20 -14.26 25.67
C ILE SB 7 74.92 -13.21 24.82
N LYS SB 8 75.82 -13.66 23.95
CA LYS SB 8 76.66 -12.74 23.20
C LYS SB 8 75.92 -12.23 21.96
N THR SB 9 75.90 -10.92 21.77
CA THR SB 9 75.45 -10.34 20.51
C THR SB 9 76.66 -9.89 19.68
N GLY SB 10 76.43 -9.78 18.38
CA GLY SB 10 77.48 -9.42 17.46
C GLY SB 10 78.69 -10.30 17.66
N ALA SB 11 78.47 -11.60 17.77
CA ALA SB 11 79.58 -12.51 17.92
C ALA SB 11 80.30 -12.69 16.60
N THR SB 12 81.63 -12.86 16.68
CA THR SB 12 82.42 -13.04 15.47
C THR SB 12 82.10 -14.37 14.80
N SER SB 13 82.05 -15.45 15.57
CA SER SB 13 81.60 -16.74 15.03
C SER SB 13 81.32 -17.68 16.19
N ALA SB 14 80.67 -18.79 15.88
CA ALA SB 14 80.39 -19.85 16.84
C ALA SB 14 80.90 -21.16 16.28
N SER SB 15 81.14 -22.12 17.17
CA SER SB 15 81.73 -23.39 16.78
C SER SB 15 81.29 -24.47 17.76
N ILE SB 16 81.81 -25.67 17.54
CA ILE SB 16 81.30 -26.84 18.27
C ILE SB 16 82.45 -27.79 18.57
N THR SB 17 82.72 -28.01 19.87
CA THR SB 17 83.68 -29.01 20.30
C THR SB 17 82.95 -30.35 20.30
N GLY SB 18 83.20 -31.15 19.25
CA GLY SB 18 82.27 -32.17 18.83
C GLY SB 18 82.89 -33.53 18.60
N GLY SB 19 82.01 -34.48 18.27
CA GLY SB 19 82.39 -35.85 18.01
C GLY SB 19 82.46 -36.20 16.53
N SER SB 20 81.72 -37.22 16.12
CA SER SB 20 81.86 -37.79 14.78
C SER SB 20 81.10 -36.99 13.73
N ASP SB 21 81.53 -37.13 12.47
CA ASP SB 21 80.90 -36.47 11.34
C ASP SB 21 79.58 -37.12 10.96
N ILE SB 22 78.76 -36.36 10.24
CA ILE SB 22 77.55 -36.87 9.61
C ILE SB 22 77.35 -36.10 8.31
N THR SB 23 76.95 -36.82 7.26
CA THR SB 23 76.97 -36.26 5.91
C THR SB 23 75.61 -36.40 5.24
N PHE SB 24 75.17 -35.32 4.59
CA PHE SB 24 73.86 -35.25 3.95
C PHE SB 24 73.95 -35.58 2.47
N ALA SB 25 72.92 -36.27 1.97
CA ALA SB 25 72.78 -36.54 0.55
C ALA SB 25 71.34 -36.32 0.14
N LEU SB 26 71.13 -36.15 -1.16
CA LEU SB 26 69.82 -35.76 -1.68
C LEU SB 26 68.82 -36.92 -1.57
N THR SB 27 67.63 -36.63 -0.99
CA THR SB 27 66.64 -37.66 -0.67
C THR SB 27 65.62 -37.88 -1.79
N GLY SB 28 65.37 -36.87 -2.61
CA GLY SB 28 64.30 -36.98 -3.57
C GLY SB 28 62.94 -37.20 -2.95
N GLN SB 29 62.68 -36.61 -1.78
CA GLN SB 29 61.32 -36.48 -1.26
C GLN SB 29 60.79 -35.14 -1.74
N THR SB 30 59.74 -35.17 -2.55
CA THR SB 30 59.22 -33.94 -3.14
C THR SB 30 58.83 -32.96 -2.06
N VAL SB 31 59.49 -31.80 -2.04
CA VAL SB 31 59.29 -30.77 -1.03
C VAL SB 31 59.17 -29.43 -1.75
N THR SB 32 58.02 -28.77 -1.58
CA THR SB 32 57.78 -27.50 -2.25
C THR SB 32 58.71 -26.44 -1.72
N ASN SB 33 59.36 -25.71 -2.63
CA ASN SB 33 60.23 -24.59 -2.29
C ASN SB 33 61.43 -25.04 -1.46
N GLY SB 34 61.90 -26.27 -1.65
CA GLY SB 34 62.97 -26.73 -0.81
C GLY SB 34 63.47 -28.11 -1.18
N LEU SB 35 64.33 -28.61 -0.29
CA LEU SB 35 65.05 -29.87 -0.49
C LEU SB 35 64.84 -30.78 0.71
N ASN SB 36 65.04 -32.07 0.49
CA ASN SB 36 65.19 -33.05 1.57
C ASN SB 36 66.54 -33.73 1.38
N VAL SB 37 67.38 -33.70 2.42
CA VAL SB 37 68.64 -34.42 2.44
C VAL SB 37 68.66 -35.27 3.70
N SER SB 38 68.95 -36.56 3.54
CA SER SB 38 69.07 -37.42 4.72
C SER SB 38 70.52 -37.83 4.90
N VAL SB 39 70.82 -38.34 6.08
CA VAL SB 39 72.18 -38.75 6.39
C VAL SB 39 72.39 -40.14 5.84
N SER SB 40 73.29 -40.25 4.87
CA SER SB 40 73.60 -41.54 4.27
C SER SB 40 74.47 -42.40 5.18
N GLU SB 41 74.70 -41.93 6.41
CA GLU SB 41 75.57 -42.61 7.35
C GLU SB 41 74.80 -43.45 8.36
N ASP SB 42 73.48 -43.28 8.46
CA ASP SB 42 72.63 -44.21 9.18
C ASP SB 42 72.19 -45.30 8.22
N THR SB 43 72.15 -46.54 8.70
CA THR SB 43 72.02 -47.70 7.82
C THR SB 43 70.58 -48.12 7.56
N ASP SB 44 69.64 -47.77 8.43
CA ASP SB 44 68.26 -48.27 8.37
C ASP SB 44 67.33 -47.11 8.02
N TYR SB 45 66.74 -47.14 6.82
CA TYR SB 45 65.90 -46.04 6.34
C TYR SB 45 64.83 -45.68 7.38
N ARG SB 46 64.19 -46.70 7.94
CA ARG SB 46 63.11 -46.52 8.90
C ARG SB 46 63.48 -45.55 10.02
N THR SB 47 64.78 -45.35 10.28
CA THR SB 47 65.26 -44.40 11.29
C THR SB 47 66.45 -43.57 10.80
N ARG SB 48 66.45 -43.12 9.54
CA ARG SB 48 67.50 -42.21 9.09
C ARG SB 48 67.14 -40.77 9.36
N ARG SB 49 67.97 -40.12 10.17
CA ARG SB 49 67.88 -38.69 10.44
C ARG SB 49 67.89 -37.94 9.12
N ASN SB 50 66.89 -37.09 8.91
CA ASN SB 50 66.87 -36.31 7.68
C ASN SB 50 66.60 -34.84 8.01
N ALA SB 51 66.69 -34.00 6.99
CA ALA SB 51 66.52 -32.57 7.17
C ALA SB 51 65.89 -32.01 5.92
N THR SB 52 65.03 -31.01 6.11
CA THR SB 52 64.28 -30.40 5.03
C THR SB 52 64.50 -28.90 5.08
N PHE SB 53 64.85 -28.33 3.94
CA PHE SB 53 65.18 -26.93 3.78
C PHE SB 53 64.10 -26.27 2.94
N LYS SB 54 63.51 -25.18 3.44
CA LYS SB 54 62.51 -24.42 2.70
C LYS SB 54 62.92 -22.96 2.64
N SER SB 55 62.50 -22.29 1.56
CA SER SB 55 62.83 -20.88 1.34
C SER SB 55 61.66 -20.20 0.64
N ARG SB 56 60.85 -19.48 1.41
CA ARG SB 56 59.82 -18.60 0.86
C ARG SB 56 60.38 -17.20 0.71
N VAL SB 57 60.17 -16.61 -0.45
CA VAL SB 57 60.78 -15.33 -0.81
C VAL SB 57 59.91 -14.18 -0.35
N PRO SB 58 60.47 -12.98 -0.21
CA PRO SB 58 59.63 -11.81 0.10
C PRO SB 58 58.67 -11.50 -1.03
N THR SB 59 57.50 -10.99 -0.65
CA THR SB 59 56.44 -10.67 -1.60
C THR SB 59 56.46 -9.18 -1.91
N VAL SB 60 56.35 -8.85 -3.19
CA VAL SB 60 56.35 -7.46 -3.66
C VAL SB 60 54.90 -7.02 -3.77
N VAL SB 61 54.46 -6.15 -2.87
CA VAL SB 61 53.09 -5.65 -2.85
C VAL SB 61 53.18 -4.13 -2.95
N ASN SB 62 53.11 -3.62 -4.18
CA ASN SB 62 52.99 -2.19 -4.45
C ASN SB 62 54.10 -1.40 -3.75
N GLY SB 63 55.34 -1.78 -4.04
CA GLY SB 63 56.49 -1.12 -3.46
C GLY SB 63 56.83 -1.51 -2.03
N ASN SB 64 56.00 -2.31 -1.37
CA ASN SB 64 56.27 -2.77 0.00
C ASN SB 64 56.63 -4.24 -0.01
N TYR SB 65 57.63 -4.63 0.78
CA TYR SB 65 58.10 -6.00 0.79
C TYR SB 65 57.80 -6.65 2.14
N SER SB 66 57.24 -7.86 2.10
CA SER SB 66 57.08 -8.68 3.30
C SER SB 66 58.39 -9.36 3.64
N LYS SB 67 58.51 -9.76 4.90
CA LYS SB 67 59.67 -10.54 5.30
C LYS SB 67 59.63 -11.91 4.61
N GLY SB 68 60.81 -12.42 4.27
CA GLY SB 68 60.94 -13.77 3.77
C GLY SB 68 61.23 -14.75 4.89
N LYS SB 69 61.19 -16.03 4.55
CA LYS SB 69 61.22 -17.08 5.56
C LYS SB 69 62.08 -18.24 5.08
N ASN SB 70 63.11 -18.60 5.85
CA ASN SB 70 63.95 -19.74 5.52
C ASN SB 70 63.88 -20.75 6.67
N GLU SB 71 63.31 -21.92 6.40
CA GLU SB 71 63.15 -22.95 7.42
C GLU SB 71 64.12 -24.10 7.21
N VAL SB 72 64.47 -24.73 8.33
CA VAL SB 72 65.10 -26.05 8.32
C VAL SB 72 64.36 -26.89 9.35
N VAL SB 73 64.15 -28.16 9.02
CA VAL SB 73 63.51 -29.13 9.91
C VAL SB 73 64.40 -30.35 9.93
N PHE SB 74 65.03 -30.61 11.08
CA PHE SB 74 65.86 -31.80 11.27
C PHE SB 74 65.06 -32.79 12.09
N VAL SB 75 65.10 -34.06 11.68
CA VAL SB 75 64.20 -35.07 12.20
C VAL SB 75 64.98 -36.34 12.53
N ILE SB 76 64.83 -36.79 13.77
CA ILE SB 76 65.24 -38.13 14.22
C ILE SB 76 64.00 -39.00 14.30
N PRO SB 77 63.76 -39.90 13.36
CA PRO SB 77 62.67 -40.86 13.54
C PRO SB 77 63.10 -41.99 14.46
N MET SB 78 62.19 -42.39 15.34
CA MET SB 78 62.46 -43.46 16.30
C MET SB 78 61.27 -44.41 16.33
N SER SB 79 61.59 -45.71 16.44
CA SER SB 79 60.59 -46.76 16.50
C SER SB 79 60.22 -46.99 17.95
N LEU SB 80 58.94 -46.79 18.28
CA LEU SB 80 58.48 -46.99 19.64
C LEU SB 80 58.37 -48.47 19.97
N ASP SB 81 58.25 -48.75 21.27
CA ASP SB 81 57.95 -50.10 21.71
C ASP SB 81 56.63 -50.59 21.13
N SER SB 82 55.68 -49.66 20.93
CA SER SB 82 54.37 -49.95 20.35
C SER SB 82 54.44 -50.39 18.89
N GLY SB 83 55.59 -50.27 18.24
CA GLY SB 83 55.71 -50.48 16.81
C GLY SB 83 55.49 -49.23 15.98
N GLU SB 84 54.66 -48.31 16.46
CA GLU SB 84 54.46 -47.04 15.76
C GLU SB 84 55.72 -46.19 15.84
N THR SB 85 56.23 -45.76 14.70
CA THR SB 85 57.43 -44.93 14.65
C THR SB 85 57.01 -43.46 14.56
N VAL SB 86 57.69 -42.61 15.33
CA VAL SB 86 57.37 -41.19 15.42
C VAL SB 86 58.64 -40.38 15.18
N PHE SB 87 58.48 -39.05 15.20
CA PHE SB 87 59.52 -38.13 14.75
C PHE SB 87 59.88 -37.12 15.84
N ASN SB 88 61.17 -37.01 16.15
CA ASN SB 88 61.71 -35.97 17.01
C ASN SB 88 62.23 -34.84 16.12
N SER SB 89 61.72 -33.63 16.33
CA SER SB 89 61.83 -32.58 15.34
C SER SB 89 62.43 -31.32 15.97
N VAL SB 90 63.60 -30.91 15.49
CA VAL SB 90 64.09 -29.56 15.75
C VAL SB 90 63.84 -28.73 14.50
N ARG SB 91 63.11 -27.63 14.64
CA ARG SB 91 62.75 -26.75 13.53
C ARG SB 91 63.29 -25.36 13.81
N ILE SB 92 63.96 -24.77 12.82
CA ILE SB 92 64.52 -23.44 12.95
C ILE SB 92 64.12 -22.63 11.73
N ALA SB 93 63.32 -21.60 11.95
CA ALA SB 93 62.79 -20.74 10.90
C ALA SB 93 63.30 -19.32 11.13
N LEU SB 94 63.84 -18.71 10.08
CA LEU SB 94 64.41 -17.38 10.19
C LEU SB 94 63.68 -16.47 9.20
N GLU SB 95 62.93 -15.51 9.75
CA GLU SB 95 62.10 -14.59 8.98
C GLU SB 95 62.75 -13.21 9.02
N ILE SB 96 63.13 -12.72 7.85
CA ILE SB 96 63.91 -11.49 7.74
C ILE SB 96 63.30 -10.59 6.67
N HIS SB 97 63.14 -9.30 7.00
CA HIS SB 97 62.85 -8.29 5.99
C HIS SB 97 64.13 -7.86 5.30
N PRO SB 98 64.11 -7.64 3.98
CA PRO SB 98 65.36 -7.41 3.24
C PRO SB 98 66.12 -6.18 3.68
N ALA SB 99 65.46 -5.24 4.35
CA ALA SB 99 66.10 -3.99 4.77
C ALA SB 99 66.94 -4.13 6.03
N LEU SB 100 66.95 -5.30 6.67
CA LEU SB 100 67.80 -5.48 7.84
C LEU SB 100 69.26 -5.61 7.43
N ALA SB 101 70.15 -5.16 8.30
CA ALA SB 101 71.58 -5.17 8.01
C ALA SB 101 72.09 -6.60 7.87
N SER SB 102 72.97 -6.79 6.88
CA SER SB 102 73.57 -8.09 6.64
C SER SB 102 74.25 -8.62 7.90
N ALA SB 103 74.77 -7.72 8.74
CA ALA SB 103 75.42 -8.11 9.98
C ALA SB 103 74.40 -8.53 11.03
N SER SB 104 73.27 -7.84 11.11
CA SER SB 104 72.24 -8.22 12.07
C SER SB 104 71.61 -9.55 11.72
N VAL SB 105 71.57 -9.90 10.43
CA VAL SB 105 71.05 -11.23 10.05
C VAL SB 105 71.91 -12.33 10.68
N LYS SB 106 73.24 -12.21 10.53
CA LYS SB 106 74.11 -13.23 11.09
C LYS SB 106 74.15 -13.16 12.62
N ASP SB 107 74.07 -11.96 13.21
CA ASP SB 107 73.91 -11.88 14.66
C ASP SB 107 72.66 -12.65 15.10
N LEU SB 108 71.60 -12.60 14.29
CA LEU SB 108 70.35 -13.28 14.65
C LEU SB 108 70.51 -14.80 14.58
N ARG SB 109 71.20 -15.28 13.54
CA ARG SB 109 71.54 -16.71 13.45
C ARG SB 109 72.31 -17.17 14.68
N LEU SB 110 73.34 -16.43 15.06
CA LEU SB 110 74.19 -16.84 16.17
C LEU SB 110 73.46 -16.74 17.51
N ILE SB 111 72.58 -15.74 17.65
CA ILE SB 111 71.89 -15.58 18.92
C ILE SB 111 70.85 -16.69 19.10
N GLY SB 112 70.23 -17.12 18.00
CA GLY SB 112 69.37 -18.30 18.07
C GLY SB 112 70.15 -19.55 18.43
N ALA SB 113 71.33 -19.72 17.82
CA ALA SB 113 72.16 -20.87 18.16
C ALA SB 113 72.52 -20.88 19.64
N GLN SB 114 72.85 -19.72 20.21
CA GLN SB 114 73.16 -19.67 21.63
C GLN SB 114 71.93 -20.04 22.45
N LEU SB 115 70.75 -19.51 22.08
CA LEU SB 115 69.53 -19.87 22.78
C LEU SB 115 69.32 -21.39 22.79
N LEU SB 116 69.69 -22.08 21.72
CA LEU SB 116 69.65 -23.55 21.75
C LEU SB 116 70.67 -24.15 22.70
N THR SB 117 71.94 -23.75 22.57
CA THR SB 117 73.01 -24.56 23.15
C THR SB 117 73.52 -24.10 24.51
N ASP SB 118 73.15 -22.91 24.98
CA ASP SB 118 73.69 -22.43 26.25
C ASP SB 118 73.16 -23.23 27.42
N ALA SB 119 73.93 -23.26 28.50
CA ALA SB 119 73.54 -24.06 29.66
C ALA SB 119 72.40 -23.41 30.44
N ASP SB 120 72.33 -22.08 30.42
CA ASP SB 120 71.25 -21.36 31.07
C ASP SB 120 69.87 -21.88 30.66
N TYR SB 121 69.75 -22.42 29.45
CA TYR SB 121 68.47 -22.83 28.90
C TYR SB 121 68.26 -24.34 28.97
N ASP SB 122 69.22 -25.08 29.54
CA ASP SB 122 69.10 -26.53 29.66
C ASP SB 122 67.78 -26.92 30.32
N SER SB 123 67.45 -26.28 31.44
CA SER SB 123 66.22 -26.61 32.15
C SER SB 123 65.00 -26.40 31.25
N PHE SB 124 64.94 -25.24 30.58
CA PHE SB 124 63.83 -24.95 29.67
C PHE SB 124 63.68 -26.03 28.61
N TRP SB 125 64.72 -26.23 27.80
CA TRP SB 125 64.61 -27.15 26.67
C TRP SB 125 64.28 -28.56 27.14
N THR SB 126 65.06 -29.10 28.09
CA THR SB 126 64.91 -30.50 28.45
C THR SB 126 63.62 -30.75 29.21
N LEU SB 127 63.43 -30.05 30.32
CA LEU SB 127 62.32 -30.32 31.24
C LEU SB 127 61.04 -29.60 30.86
N GLY SB 128 61.13 -28.54 30.04
CA GLY SB 128 60.01 -27.67 29.78
C GLY SB 128 59.81 -26.57 30.79
N ALA SB 129 60.80 -26.32 31.65
CA ALA SB 129 60.60 -25.44 32.79
C ALA SB 129 60.57 -23.99 32.34
N LEU SB 130 59.49 -23.28 32.68
CA LEU SB 130 59.42 -21.86 32.45
C LEU SB 130 60.20 -21.11 33.53
N ALA SB 131 60.39 -19.81 33.31
CA ALA SB 131 61.08 -18.92 34.25
C ALA SB 131 62.53 -19.35 34.56
N SER TB 1 49.23 22.89 53.96
CA SER TB 1 50.36 21.98 54.01
C SER TB 1 50.58 21.27 52.67
N ILE TB 2 49.50 20.96 51.94
CA ILE TB 2 49.64 20.49 50.56
C ILE TB 2 50.08 21.63 49.66
N ILE TB 3 49.43 22.78 49.80
CA ILE TB 3 49.81 23.96 49.04
C ILE TB 3 51.12 24.51 49.60
N GLY TB 4 52.14 24.58 48.75
CA GLY TB 4 53.44 25.04 49.18
C GLY TB 4 54.40 23.96 49.60
N SER TB 5 53.96 22.70 49.63
CA SER TB 5 54.85 21.62 50.01
C SER TB 5 56.01 21.50 49.02
N SER TB 6 57.14 21.02 49.52
CA SER TB 6 58.34 20.85 48.71
C SER TB 6 58.79 19.40 48.79
N ILE TB 7 59.13 18.83 47.64
CA ILE TB 7 59.55 17.43 47.55
C ILE TB 7 60.67 17.31 46.52
N LYS TB 8 61.56 16.34 46.74
CA LYS TB 8 62.75 16.20 45.91
C LYS TB 8 62.42 15.51 44.59
N THR TB 9 62.86 16.09 43.48
CA THR TB 9 62.86 15.40 42.19
C THR TB 9 64.29 15.09 41.79
N GLY TB 10 64.42 14.16 40.84
CA GLY TB 10 65.74 13.68 40.47
C GLY TB 10 66.50 13.11 41.64
N ALA TB 11 65.82 12.42 42.55
CA ALA TB 11 66.48 11.87 43.71
C ALA TB 11 67.26 10.62 43.34
N THR TB 12 68.39 10.41 44.00
CA THR TB 12 69.20 9.22 43.77
C THR TB 12 68.46 7.96 44.22
N SER TB 13 68.06 7.91 45.49
CA SER TB 13 67.32 6.75 45.99
C SER TB 13 66.61 7.11 47.28
N ALA TB 14 65.60 6.32 47.61
CA ALA TB 14 64.82 6.50 48.82
C ALA TB 14 65.08 5.34 49.77
N SER TB 15 64.97 5.62 51.07
CA SER TB 15 65.25 4.63 52.09
C SER TB 15 64.26 4.81 53.23
N ILE TB 16 64.29 3.89 54.18
CA ILE TB 16 63.33 3.93 55.27
C ILE TB 16 63.99 3.46 56.56
N THR TB 17 64.04 4.34 57.56
CA THR TB 17 64.53 4.00 58.90
C THR TB 17 63.37 3.36 59.65
N GLY TB 18 63.44 2.03 59.82
CA GLY TB 18 62.28 1.32 60.30
C GLY TB 18 62.52 0.09 61.15
N GLY TB 19 61.43 -0.61 61.45
CA GLY TB 19 61.47 -1.72 62.39
C GLY TB 19 61.65 -3.09 61.76
N SER TB 20 60.72 -4.00 62.03
CA SER TB 20 60.89 -5.41 61.71
C SER TB 20 60.66 -5.69 60.23
N ASP TB 21 61.22 -6.82 59.77
CA ASP TB 21 61.05 -7.27 58.41
C ASP TB 21 59.69 -7.94 58.21
N ILE TB 22 59.30 -8.05 56.94
CA ILE TB 22 58.14 -8.83 56.55
C ILE TB 22 58.44 -9.43 55.19
N THR TB 23 58.02 -10.67 54.97
CA THR TB 23 58.38 -11.39 53.75
C THR TB 23 57.13 -11.88 53.04
N PHE TB 24 57.20 -11.88 51.70
CA PHE TB 24 56.10 -12.29 50.85
C PHE TB 24 56.35 -13.69 50.29
N ALA TB 25 55.28 -14.45 50.14
CA ALA TB 25 55.34 -15.71 49.40
C ALA TB 25 54.11 -15.80 48.51
N LEU TB 26 54.24 -16.57 47.43
CA LEU TB 26 53.18 -16.63 46.43
C LEU TB 26 51.94 -17.32 46.98
N THR TB 27 50.79 -16.64 46.83
CA THR TB 27 49.56 -17.10 47.48
C THR TB 27 48.98 -18.32 46.79
N GLY TB 28 48.95 -18.31 45.46
CA GLY TB 28 48.17 -19.28 44.74
C GLY TB 28 46.71 -18.91 44.59
N GLN TB 29 46.35 -17.67 44.91
CA GLN TB 29 45.06 -17.14 44.51
C GLN TB 29 45.16 -16.73 43.04
N THR TB 30 44.27 -17.26 42.22
CA THR TB 30 44.30 -16.96 40.80
C THR TB 30 43.90 -15.51 40.58
N VAL TB 31 44.77 -14.73 39.93
CA VAL TB 31 44.51 -13.33 39.64
C VAL TB 31 44.78 -13.07 38.17
N THR TB 32 43.79 -12.49 37.49
CA THR TB 32 43.91 -12.20 36.07
C THR TB 32 44.97 -11.15 35.81
N ASN TB 33 45.89 -11.46 34.90
CA ASN TB 33 47.04 -10.61 34.57
C ASN TB 33 47.88 -10.26 35.80
N GLY TB 34 47.74 -11.03 36.87
CA GLY TB 34 48.32 -10.60 38.12
C GLY TB 34 48.80 -11.72 39.02
N LEU TB 35 49.21 -11.31 40.21
CA LEU TB 35 49.90 -12.15 41.17
C LEU TB 35 49.38 -11.79 42.57
N ASN TB 36 49.33 -12.77 43.45
CA ASN TB 36 49.02 -12.51 44.85
C ASN TB 36 50.14 -13.10 45.69
N VAL TB 37 50.79 -12.25 46.50
CA VAL TB 37 51.76 -12.69 47.48
C VAL TB 37 51.30 -12.21 48.84
N SER TB 38 51.20 -13.13 49.80
CA SER TB 38 50.79 -12.72 51.14
C SER TB 38 51.96 -12.85 52.10
N VAL TB 39 51.72 -12.38 53.32
CA VAL TB 39 52.74 -12.31 54.35
C VAL TB 39 52.91 -13.69 54.98
N SER TB 40 54.09 -14.27 54.80
CA SER TB 40 54.42 -15.56 55.40
C SER TB 40 54.66 -15.45 56.90
N GLU TB 41 54.50 -14.26 57.48
CA GLU TB 41 54.90 -14.01 58.85
C GLU TB 41 53.71 -13.75 59.78
N ASP TB 42 52.57 -13.34 59.23
CA ASP TB 42 51.33 -13.30 59.99
C ASP TB 42 50.72 -14.69 60.03
N THR TB 43 50.26 -15.10 61.21
CA THR TB 43 49.95 -16.50 61.46
C THR TB 43 48.51 -16.89 61.15
N ASP TB 44 47.59 -15.93 61.09
CA ASP TB 44 46.18 -16.21 60.86
C ASP TB 44 45.79 -15.63 59.51
N TYR TB 45 45.41 -16.49 58.57
CA TYR TB 45 45.00 -16.04 57.25
C TYR TB 45 43.93 -14.98 57.33
N ARG TB 46 42.98 -15.15 58.26
CA ARG TB 46 41.90 -14.21 58.46
C ARG TB 46 42.38 -12.78 58.52
N THR TB 47 43.61 -12.56 59.04
CA THR TB 47 44.22 -11.24 59.14
C THR TB 47 45.60 -11.17 58.48
N ARG TB 48 45.91 -12.04 57.51
CA ARG TB 48 47.19 -11.93 56.81
C ARG TB 48 47.17 -10.82 55.77
N ARG TB 49 48.01 -9.82 56.02
CA ARG TB 49 48.29 -8.79 55.03
C ARG TB 49 48.68 -9.44 53.71
N ASN TB 50 48.13 -8.95 52.61
CA ASN TB 50 48.56 -9.48 51.32
C ASN TB 50 48.56 -8.39 50.25
N ALA TB 51 49.39 -8.60 49.23
CA ALA TB 51 49.57 -7.66 48.14
C ALA TB 51 49.29 -8.36 46.81
N THR TB 52 48.70 -7.61 45.90
CA THR TB 52 48.32 -8.10 44.59
C THR TB 52 48.93 -7.19 43.53
N PHE TB 53 49.60 -7.80 42.56
CA PHE TB 53 50.36 -7.11 41.53
C PHE TB 53 49.71 -7.37 40.18
N LYS TB 54 49.21 -6.32 39.53
CA LYS TB 54 48.67 -6.44 38.19
C LYS TB 54 49.55 -5.66 37.21
N SER TB 55 49.57 -6.13 35.97
CA SER TB 55 50.47 -5.57 34.97
C SER TB 55 49.83 -5.65 33.58
N ARG TB 56 49.79 -4.52 32.88
CA ARG TB 56 49.44 -4.47 31.47
C ARG TB 56 50.50 -3.67 30.72
N VAL TB 57 51.02 -4.28 29.67
CA VAL TB 57 52.13 -3.80 28.83
C VAL TB 57 51.56 -2.85 27.79
N PRO TB 58 52.35 -1.88 27.28
CA PRO TB 58 51.85 -1.00 26.22
C PRO TB 58 51.38 -1.76 24.99
N THR TB 59 50.20 -1.39 24.51
CA THR TB 59 49.59 -1.98 23.32
C THR TB 59 49.75 -1.04 22.14
N VAL TB 60 50.06 -1.60 20.97
CA VAL TB 60 50.37 -0.84 19.76
C VAL TB 60 49.18 -0.92 18.79
N VAL TB 61 48.70 0.24 18.36
CA VAL TB 61 47.66 0.36 17.34
C VAL TB 61 48.29 1.04 16.12
N ASN TB 62 48.61 0.24 15.11
CA ASN TB 62 49.14 0.71 13.83
C ASN TB 62 50.26 1.74 14.02
N GLY TB 63 51.20 1.40 14.89
CA GLY TB 63 52.37 2.20 15.13
C GLY TB 63 52.30 3.13 16.34
N ASN TB 64 51.12 3.34 16.92
CA ASN TB 64 50.96 4.24 18.04
C ASN TB 64 50.86 3.45 19.35
N TYR TB 65 51.70 3.78 20.32
CA TYR TB 65 51.73 3.04 21.58
C TYR TB 65 50.79 3.65 22.61
N SER TB 66 50.25 2.78 23.47
CA SER TB 66 49.38 3.19 24.56
C SER TB 66 50.14 3.07 25.87
N LYS TB 67 49.94 4.06 26.74
CA LYS TB 67 50.54 4.02 28.07
C LYS TB 67 50.09 2.78 28.83
N GLY TB 68 51.07 2.02 29.35
CA GLY TB 68 50.77 0.83 30.11
C GLY TB 68 50.60 1.11 31.59
N LYS TB 69 50.18 0.08 32.33
CA LYS TB 69 49.65 0.25 33.68
C LYS TB 69 50.16 -0.84 34.59
N ASN TB 70 50.83 -0.46 35.69
CA ASN TB 70 51.32 -1.41 36.69
C ASN TB 70 50.67 -1.06 38.03
N GLU TB 71 49.76 -1.92 38.49
CA GLU TB 71 49.07 -1.70 39.76
C GLU TB 71 49.63 -2.60 40.85
N VAL TB 72 49.58 -2.09 42.08
CA VAL TB 72 49.81 -2.86 43.28
C VAL TB 72 48.74 -2.47 44.27
N VAL TB 73 48.20 -3.45 44.99
CA VAL TB 73 47.28 -3.18 46.08
C VAL TB 73 47.72 -3.98 47.29
N PHE TB 74 47.81 -3.32 48.44
CA PHE TB 74 48.25 -3.92 49.68
C PHE TB 74 47.12 -3.80 50.68
N VAL TB 75 46.84 -4.89 51.39
CA VAL TB 75 45.62 -5.01 52.16
C VAL TB 75 45.93 -5.51 53.56
N ILE TB 76 45.44 -4.78 54.56
CA ILE TB 76 45.32 -5.23 55.94
C ILE TB 76 43.87 -5.63 56.18
N PRO TB 77 43.55 -6.90 56.30
CA PRO TB 77 42.18 -7.28 56.66
C PRO TB 77 41.95 -7.17 58.16
N MET TB 78 40.79 -6.65 58.54
CA MET TB 78 40.42 -6.60 59.94
C MET TB 78 38.94 -6.93 60.07
N SER TB 79 38.60 -7.69 61.09
CA SER TB 79 37.21 -8.00 61.41
C SER TB 79 36.65 -6.90 62.30
N LEU TB 80 35.46 -6.42 61.96
CA LEU TB 80 34.81 -5.35 62.71
C LEU TB 80 34.03 -5.91 63.90
N ASP TB 81 33.60 -5.00 64.77
CA ASP TB 81 32.65 -5.36 65.81
C ASP TB 81 31.36 -5.91 65.22
N SER TB 82 31.07 -5.56 63.96
CA SER TB 82 29.95 -6.11 63.21
C SER TB 82 30.12 -7.58 62.86
N GLY TB 83 31.32 -8.14 63.05
CA GLY TB 83 31.62 -9.47 62.57
C GLY TB 83 32.09 -9.46 61.14
N GLU TB 84 31.48 -8.57 60.34
CA GLU TB 84 31.92 -8.30 58.98
C GLU TB 84 33.41 -7.99 58.95
N THR TB 85 34.13 -8.59 58.00
CA THR TB 85 35.56 -8.36 57.84
C THR TB 85 35.76 -7.43 56.64
N VAL TB 86 36.48 -6.34 56.87
CA VAL TB 86 36.73 -5.31 55.86
C VAL TB 86 38.22 -5.25 55.57
N PHE TB 87 38.54 -4.86 54.32
CA PHE TB 87 39.90 -4.79 53.83
C PHE TB 87 40.37 -3.35 53.81
N ASN TB 88 41.53 -3.07 54.44
CA ASN TB 88 42.13 -1.75 54.48
C ASN TB 88 43.21 -1.66 53.43
N SER TB 89 43.06 -0.71 52.49
CA SER TB 89 43.73 -0.76 51.21
C SER TB 89 44.69 0.41 51.02
N VAL TB 90 45.84 0.13 50.42
CA VAL TB 90 46.64 1.15 49.77
C VAL TB 90 46.94 0.64 48.36
N ARG TB 91 46.65 1.47 47.35
CA ARG TB 91 46.76 1.07 45.95
C ARG TB 91 47.62 2.07 45.21
N ILE TB 92 48.64 1.58 44.52
CA ILE TB 92 49.58 2.41 43.78
C ILE TB 92 49.62 1.91 42.34
N ALA TB 93 49.23 2.78 41.41
CA ALA TB 93 49.14 2.45 39.99
C ALA TB 93 50.02 3.43 39.22
N LEU TB 94 50.97 2.90 38.45
CA LEU TB 94 51.89 3.72 37.68
C LEU TB 94 51.66 3.46 36.19
N GLU TB 95 51.26 4.51 35.48
CA GLU TB 95 50.90 4.44 34.06
C GLU TB 95 51.94 5.22 33.27
N ILE TB 96 52.68 4.52 32.41
CA ILE TB 96 53.82 5.10 31.71
C ILE TB 96 53.68 4.86 30.21
N HIS TB 97 53.95 5.90 29.42
CA HIS TB 97 54.10 5.73 27.99
C HIS TB 97 55.52 5.32 27.67
N PRO TB 98 55.73 4.43 26.68
CA PRO TB 98 57.08 3.92 26.41
C PRO TB 98 58.09 5.00 26.09
N ALA TB 99 57.66 6.16 25.61
CA ALA TB 99 58.59 7.20 25.18
C ALA TB 99 59.19 7.99 26.34
N LEU TB 100 58.71 7.78 27.57
CA LEU TB 100 59.19 8.56 28.70
C LEU TB 100 60.64 8.19 29.04
N ALA TB 101 61.36 9.16 29.59
CA ALA TB 101 62.74 8.94 29.98
C ALA TB 101 62.84 7.86 31.05
N SER TB 102 63.80 6.96 30.87
CA SER TB 102 64.05 5.90 31.84
C SER TB 102 64.21 6.45 33.25
N ALA TB 103 64.91 7.58 33.39
CA ALA TB 103 65.11 8.17 34.71
C ALA TB 103 63.86 8.89 35.21
N SER TB 104 63.06 9.45 34.31
CA SER TB 104 61.80 10.04 34.74
C SER TB 104 60.84 8.99 35.29
N VAL TB 105 60.93 7.75 34.81
CA VAL TB 105 60.12 6.66 35.38
C VAL TB 105 60.42 6.50 36.88
N LYS TB 106 61.71 6.33 37.20
CA LYS TB 106 62.07 6.16 38.61
C LYS TB 106 61.86 7.45 39.40
N ASP TB 107 61.97 8.62 38.76
CA ASP TB 107 61.62 9.85 39.47
C ASP TB 107 60.14 9.86 39.84
N LEU TB 108 59.27 9.32 38.98
CA LEU TB 108 57.85 9.21 39.33
C LEU TB 108 57.65 8.27 40.51
N ARG TB 109 58.33 7.12 40.50
CA ARG TB 109 58.24 6.22 41.65
C ARG TB 109 58.61 6.94 42.94
N LEU TB 110 59.74 7.66 42.92
CA LEU TB 110 60.23 8.30 44.14
C LEU TB 110 59.37 9.48 44.55
N ILE TB 111 58.83 10.23 43.59
CA ILE TB 111 58.02 11.38 43.94
C ILE TB 111 56.65 10.94 44.47
N GLY TB 112 56.11 9.85 43.91
CA GLY TB 112 54.92 9.26 44.49
C GLY TB 112 55.16 8.81 45.93
N ALA TB 113 56.29 8.15 46.18
CA ALA TB 113 56.58 7.71 47.54
C ALA TB 113 56.69 8.88 48.50
N GLN TB 114 57.31 9.97 48.05
CA GLN TB 114 57.41 11.15 48.92
C GLN TB 114 56.02 11.71 49.21
N LEU TB 115 55.11 11.67 48.22
CA LEU TB 115 53.76 12.16 48.45
C LEU TB 115 53.03 11.35 49.52
N LEU TB 116 53.40 10.07 49.71
CA LEU TB 116 52.87 9.32 50.86
C LEU TB 116 53.59 9.66 52.15
N THR TB 117 54.91 9.74 52.14
CA THR TB 117 55.66 9.67 53.39
C THR TB 117 56.28 10.99 53.83
N ASP TB 118 55.92 12.11 53.23
CA ASP TB 118 56.38 13.39 53.76
C ASP TB 118 55.40 13.92 54.80
N ALA TB 119 55.93 14.66 55.77
CA ALA TB 119 55.10 15.19 56.84
C ALA TB 119 54.08 16.19 56.33
N ASP TB 120 54.45 16.94 55.29
CA ASP TB 120 53.55 17.96 54.74
C ASP TB 120 52.17 17.40 54.43
N TYR TB 121 52.08 16.10 54.14
CA TYR TB 121 50.84 15.51 53.69
C TYR TB 121 50.15 14.70 54.79
N ASP TB 122 50.75 14.60 55.98
CA ASP TB 122 50.18 13.82 57.07
C ASP TB 122 48.71 14.18 57.29
N SER TB 123 48.40 15.47 57.33
CA SER TB 123 47.04 15.89 57.56
C SER TB 123 46.11 15.37 56.47
N PHE TB 124 46.52 15.51 55.20
CA PHE TB 124 45.75 14.99 54.08
C PHE TB 124 45.48 13.51 54.22
N TRP TB 125 46.52 12.71 54.33
CA TRP TB 125 46.33 11.25 54.33
C TRP TB 125 45.49 10.81 55.53
N THR TB 126 45.88 11.21 56.73
CA THR TB 126 45.19 10.71 57.92
C THR TB 126 43.75 11.19 57.96
N LEU TB 127 43.54 12.51 57.92
CA LEU TB 127 42.21 13.06 58.14
C LEU TB 127 41.41 13.23 56.86
N GLY TB 128 42.05 13.62 55.76
CA GLY TB 128 41.37 13.97 54.54
C GLY TB 128 41.37 15.44 54.22
N ALA TB 129 42.26 16.22 54.86
CA ALA TB 129 42.36 17.65 54.68
C ALA TB 129 42.73 18.02 53.26
N LEU TB 130 42.15 19.11 52.77
CA LEU TB 130 42.30 19.52 51.37
C LEU TB 130 43.04 20.84 51.21
N ALA TB 131 43.71 21.35 52.24
CA ALA TB 131 44.49 22.58 52.10
C ALA TB 131 45.98 22.27 51.88
N SER UB 1 44.39 -2.17 -100.60
CA SER UB 1 45.58 -1.33 -100.67
C SER UB 1 45.38 -0.02 -99.88
N ILE UB 2 44.65 -0.11 -98.77
CA ILE UB 2 44.39 1.07 -97.95
C ILE UB 2 45.61 1.42 -97.11
N ILE UB 3 46.13 0.44 -96.38
CA ILE UB 3 47.29 0.66 -95.50
C ILE UB 3 48.50 0.97 -96.37
N GLY UB 4 49.04 2.17 -96.23
CA GLY UB 4 50.19 2.57 -97.02
C GLY UB 4 49.87 3.34 -98.27
N SER UB 5 48.59 3.61 -98.55
CA SER UB 5 48.26 4.40 -99.73
C SER UB 5 48.82 5.81 -99.60
N SER UB 6 49.04 6.45 -100.75
CA SER UB 6 49.63 7.78 -100.81
C SER UB 6 48.75 8.68 -101.67
N ILE UB 7 48.42 9.86 -101.15
CA ILE UB 7 47.64 10.86 -101.86
C ILE UB 7 48.23 12.25 -101.62
N LYS UB 8 47.72 13.23 -102.33
CA LYS UB 8 48.31 14.57 -102.40
C LYS UB 8 47.52 15.55 -101.53
N THR UB 9 48.22 16.26 -100.66
CA THR UB 9 47.62 17.38 -99.92
C THR UB 9 48.13 18.69 -100.50
N GLY UB 10 47.33 19.73 -100.34
CA GLY UB 10 47.64 21.02 -100.96
C GLY UB 10 47.82 20.92 -102.45
N ALA UB 11 46.94 20.18 -103.12
CA ALA UB 11 47.00 20.10 -104.57
C ALA UB 11 46.54 21.40 -105.18
N THR UB 12 47.21 21.80 -106.28
CA THR UB 12 46.79 23.01 -106.98
C THR UB 12 45.37 22.86 -107.51
N SER UB 13 45.07 21.76 -108.20
CA SER UB 13 43.70 21.50 -108.64
C SER UB 13 43.56 20.02 -109.00
N ALA UB 14 42.32 19.62 -109.31
CA ALA UB 14 42.03 18.28 -109.79
C ALA UB 14 41.27 18.41 -111.10
N SER UB 15 41.40 17.39 -111.94
CA SER UB 15 40.86 17.45 -113.29
C SER UB 15 40.45 16.03 -113.70
N ILE UB 16 39.82 15.92 -114.87
CA ILE UB 16 39.25 14.65 -115.30
C ILE UB 16 39.40 14.49 -116.80
N THR UB 17 39.97 13.36 -117.23
CA THR UB 17 40.06 12.98 -118.63
C THR UB 17 38.91 12.02 -118.91
N GLY UB 18 37.88 12.51 -119.60
CA GLY UB 18 36.67 11.71 -119.69
C GLY UB 18 35.77 12.12 -120.83
N GLY UB 19 34.64 11.40 -120.92
CA GLY UB 19 33.78 11.42 -122.09
C GLY UB 19 32.72 12.51 -122.14
N SER UB 20 31.47 12.10 -122.29
CA SER UB 20 30.40 13.02 -122.67
C SER UB 20 29.97 13.90 -121.49
N ASP UB 21 29.45 15.09 -121.83
CA ASP UB 21 28.92 16.01 -120.85
C ASP UB 21 27.56 15.55 -120.34
N ILE UB 22 27.23 16.01 -119.15
CA ILE UB 22 25.89 15.91 -118.60
C ILE UB 22 25.57 17.26 -117.98
N THR UB 23 24.34 17.72 -118.22
CA THR UB 23 23.91 19.06 -117.83
C THR UB 23 22.76 18.95 -116.84
N PHE UB 24 22.80 19.80 -115.81
CA PHE UB 24 21.82 19.84 -114.74
C PHE UB 24 20.78 20.93 -114.98
N ALA UB 25 19.62 20.76 -114.36
CA ALA UB 25 18.56 21.75 -114.37
C ALA UB 25 17.70 21.51 -113.14
N LEU UB 26 17.04 22.57 -112.69
CA LEU UB 26 16.34 22.51 -111.42
C LEU UB 26 15.09 21.65 -111.54
N THR UB 27 14.84 20.83 -110.50
CA THR UB 27 13.76 19.84 -110.48
C THR UB 27 12.49 20.32 -109.80
N GLY UB 28 12.61 21.00 -108.66
CA GLY UB 28 11.43 21.37 -107.91
C GLY UB 28 10.91 20.29 -106.98
N GLN UB 29 11.57 19.15 -106.90
CA GLN UB 29 11.31 18.24 -105.79
C GLN UB 29 11.66 18.93 -104.49
N THR UB 30 10.69 19.01 -103.59
CA THR UB 30 10.86 19.77 -102.37
C THR UB 30 11.94 19.14 -101.49
N VAL UB 31 12.95 19.94 -101.16
CA VAL UB 31 14.09 19.51 -100.35
C VAL UB 31 14.39 20.59 -99.32
N THR UB 32 14.34 20.22 -98.04
CA THR UB 32 14.48 21.20 -96.96
C THR UB 32 15.92 21.68 -96.84
N ASN UB 33 16.10 23.00 -96.87
CA ASN UB 33 17.42 23.64 -96.89
C ASN UB 33 18.26 23.14 -98.07
N GLY UB 34 17.59 22.74 -99.14
CA GLY UB 34 18.29 22.09 -100.24
C GLY UB 34 17.73 22.35 -101.62
N LEU UB 35 18.12 21.49 -102.56
CA LEU UB 35 17.93 21.77 -103.97
C LEU UB 35 18.07 20.47 -104.76
N ASN UB 36 17.08 20.16 -105.59
CA ASN UB 36 17.15 19.00 -106.48
C ASN UB 36 17.40 19.47 -107.90
N VAL UB 37 18.51 19.03 -108.51
CA VAL UB 37 18.75 19.23 -109.94
C VAL UB 37 18.89 17.87 -110.59
N SER UB 38 18.12 17.64 -111.65
CA SER UB 38 18.28 16.41 -112.41
C SER UB 38 18.89 16.74 -113.75
N VAL UB 39 19.24 15.70 -114.49
CA VAL UB 39 19.84 15.89 -115.79
C VAL UB 39 18.71 16.14 -116.79
N SER UB 40 18.91 17.08 -117.68
CA SER UB 40 17.96 17.22 -118.78
C SER UB 40 18.36 16.35 -119.95
N GLU UB 41 19.39 15.52 -119.79
CA GLU UB 41 19.92 14.75 -120.88
C GLU UB 41 19.46 13.30 -120.87
N ASP UB 42 19.06 12.79 -119.71
CA ASP UB 42 18.35 11.53 -119.67
C ASP UB 42 16.86 11.80 -119.89
N THR UB 43 16.20 10.88 -120.59
CA THR UB 43 14.84 11.12 -121.05
C THR UB 43 13.76 10.44 -120.24
N ASP UB 44 14.03 9.24 -119.70
CA ASP UB 44 13.04 8.48 -118.95
C ASP UB 44 13.02 8.95 -117.50
N TYR UB 45 11.84 9.35 -117.02
CA TYR UB 45 11.75 9.88 -115.65
C TYR UB 45 12.09 8.81 -114.62
N ARG UB 46 11.68 7.56 -114.86
CA ARG UB 46 12.05 6.45 -114.00
C ARG UB 46 13.55 6.42 -113.73
N THR UB 47 14.35 6.36 -114.79
CA THR UB 47 15.78 6.14 -114.66
C THR UB 47 16.60 7.42 -114.83
N ARG UB 48 16.01 8.59 -114.62
CA ARG UB 48 16.72 9.84 -114.86
C ARG UB 48 17.56 10.21 -113.65
N ARG UB 49 18.86 10.32 -113.86
CA ARG UB 49 19.82 10.59 -112.80
C ARG UB 49 19.57 11.95 -112.17
N ASN UB 50 19.62 12.01 -110.83
CA ASN UB 50 19.41 13.31 -110.20
C ASN UB 50 20.27 13.48 -108.96
N ALA UB 51 20.60 14.73 -108.66
CA ALA UB 51 21.41 15.07 -107.50
C ALA UB 51 20.63 16.03 -106.60
N THR UB 52 21.02 16.03 -105.34
CA THR UB 52 20.38 16.82 -104.31
C THR UB 52 21.43 17.42 -103.39
N PHE UB 53 21.37 18.74 -103.25
CA PHE UB 53 22.33 19.54 -102.51
C PHE UB 53 21.63 20.06 -101.26
N LYS UB 54 22.10 19.66 -100.09
CA LYS UB 54 21.63 20.25 -98.85
C LYS UB 54 22.75 21.06 -98.22
N SER UB 55 22.37 22.13 -97.53
CA SER UB 55 23.32 23.10 -97.01
C SER UB 55 22.85 23.61 -95.65
N ARG UB 56 23.72 23.51 -94.66
CA ARG UB 56 23.48 24.05 -93.32
C ARG UB 56 24.70 24.85 -92.89
N VAL UB 57 24.48 26.12 -92.56
CA VAL UB 57 25.55 27.07 -92.25
C VAL UB 57 25.98 26.94 -90.79
N PRO UB 58 27.21 27.32 -90.47
CA PRO UB 58 27.60 27.42 -89.06
C PRO UB 58 26.70 28.42 -88.33
N THR UB 59 26.12 27.97 -87.23
CA THR UB 59 25.23 28.79 -86.42
C THR UB 59 25.86 29.03 -85.06
N VAL UB 60 25.85 30.28 -84.62
CA VAL UB 60 26.41 30.64 -83.34
C VAL UB 60 25.40 30.31 -82.24
N VAL UB 61 25.88 29.69 -81.17
CA VAL UB 61 25.06 29.40 -80.01
C VAL UB 61 25.91 29.61 -78.76
N ASN UB 62 25.44 30.47 -77.87
CA ASN UB 62 26.13 30.75 -76.61
C ASN UB 62 27.54 31.29 -76.86
N GLY UB 63 27.67 32.17 -77.85
CA GLY UB 63 28.89 32.91 -78.05
C GLY UB 63 29.92 32.26 -78.95
N ASN UB 64 29.66 31.05 -79.46
CA ASN UB 64 30.63 30.42 -80.36
C ASN UB 64 29.93 29.56 -81.38
N TYR UB 65 30.67 29.22 -82.44
CA TYR UB 65 30.10 28.65 -83.65
C TYR UB 65 29.98 27.13 -83.56
N SER UB 66 29.08 26.60 -84.37
CA SER UB 66 28.93 25.16 -84.59
C SER UB 66 29.35 24.86 -86.02
N LYS UB 67 30.04 23.73 -86.22
CA LYS UB 67 30.52 23.39 -87.55
C LYS UB 67 29.34 23.22 -88.50
N GLY UB 68 29.52 23.69 -89.74
CA GLY UB 68 28.50 23.59 -90.75
C GLY UB 68 28.66 22.36 -91.63
N LYS UB 69 27.60 22.04 -92.36
CA LYS UB 69 27.51 20.77 -93.08
C LYS UB 69 26.90 20.97 -94.46
N ASN UB 70 27.59 20.52 -95.49
CA ASN UB 70 27.12 20.64 -96.88
C ASN UB 70 27.11 19.25 -97.50
N GLU UB 71 25.92 18.71 -97.75
CA GLU UB 71 25.74 17.39 -98.34
C GLU UB 71 25.41 17.49 -99.81
N VAL UB 72 25.83 16.48 -100.54
CA VAL UB 72 25.36 16.22 -101.90
C VAL UB 72 25.04 14.74 -101.98
N VAL UB 73 24.01 14.40 -102.74
CA VAL UB 73 23.74 13.00 -103.05
C VAL UB 73 23.36 12.89 -104.52
N PHE UB 74 24.09 12.07 -105.26
CA PHE UB 74 23.85 11.82 -106.67
C PHE UB 74 23.30 10.41 -106.79
N VAL UB 75 22.23 10.26 -107.56
CA VAL UB 75 21.46 9.03 -107.59
C VAL UB 75 21.25 8.58 -109.03
N ILE UB 76 21.55 7.31 -109.27
CA ILE UB 76 21.21 6.57 -110.47
C ILE UB 76 20.05 5.64 -110.14
N PRO UB 77 18.82 5.93 -110.57
CA PRO UB 77 17.75 4.96 -110.36
C PRO UB 77 17.89 3.80 -111.33
N MET UB 78 17.49 2.61 -110.88
CA MET UB 78 17.37 1.47 -111.78
C MET UB 78 16.20 0.61 -111.33
N SER UB 79 15.43 0.13 -112.30
CA SER UB 79 14.36 -0.79 -112.00
C SER UB 79 14.93 -2.19 -111.88
N LEU UB 80 14.56 -2.90 -110.81
CA LEU UB 80 15.02 -4.27 -110.62
C LEU UB 80 14.08 -5.24 -111.34
N ASP UB 81 14.55 -6.48 -111.47
CA ASP UB 81 13.74 -7.50 -112.09
C ASP UB 81 12.45 -7.76 -111.31
N SER UB 82 12.49 -7.53 -109.99
CA SER UB 82 11.33 -7.73 -109.12
C SER UB 82 10.27 -6.63 -109.27
N GLY UB 83 10.58 -5.56 -109.97
CA GLY UB 83 9.61 -4.50 -110.18
C GLY UB 83 9.92 -3.23 -109.42
N GLU UB 84 10.32 -3.37 -108.15
CA GLU UB 84 10.68 -2.19 -107.36
C GLU UB 84 11.84 -1.46 -108.02
N THR UB 85 11.70 -0.14 -108.13
CA THR UB 85 12.79 0.71 -108.57
C THR UB 85 13.65 1.05 -107.36
N VAL UB 86 14.97 0.87 -107.47
CA VAL UB 86 15.88 1.13 -106.37
C VAL UB 86 16.89 2.18 -106.81
N PHE UB 87 17.33 2.99 -105.86
CA PHE UB 87 18.27 4.08 -106.11
C PHE UB 87 19.70 3.66 -105.80
N ASN UB 88 20.64 4.10 -106.63
CA ASN UB 88 22.06 3.90 -106.39
C ASN UB 88 22.67 5.24 -106.01
N SER UB 89 23.32 5.29 -104.86
CA SER UB 89 23.64 6.54 -104.20
C SER UB 89 25.14 6.73 -104.09
N VAL UB 90 25.60 7.93 -104.39
CA VAL UB 90 26.88 8.41 -103.87
C VAL UB 90 26.59 9.69 -103.09
N ARG UB 91 27.00 9.72 -101.84
CA ARG UB 91 26.68 10.81 -100.94
C ARG UB 91 27.99 11.37 -100.40
N ILE UB 92 28.17 12.68 -100.55
CA ILE UB 92 29.38 13.36 -100.11
C ILE UB 92 28.95 14.50 -99.21
N ALA UB 93 29.22 14.36 -97.92
CA ALA UB 93 28.98 15.41 -96.94
C ALA UB 93 30.32 16.02 -96.53
N LEU UB 94 30.29 17.30 -96.23
CA LEU UB 94 31.52 18.02 -95.86
C LEU UB 94 31.20 19.00 -94.75
N GLU UB 95 31.75 18.76 -93.58
CA GLU UB 95 31.49 19.51 -92.36
C GLU UB 95 32.74 20.29 -92.01
N ILE UB 96 32.62 21.62 -91.99
CA ILE UB 96 33.74 22.51 -91.75
C ILE UB 96 33.45 23.36 -90.52
N HIS UB 97 34.44 23.49 -89.65
CA HIS UB 97 34.34 24.49 -88.60
C HIS UB 97 34.83 25.84 -89.13
N PRO UB 98 34.17 26.94 -88.77
CA PRO UB 98 34.54 28.24 -89.34
C PRO UB 98 36.01 28.60 -89.15
N ALA UB 99 36.69 28.00 -88.17
CA ALA UB 99 38.08 28.31 -87.91
C ALA UB 99 39.05 27.65 -88.87
N LEU UB 100 38.60 26.73 -89.71
CA LEU UB 100 39.52 26.09 -90.64
C LEU UB 100 39.98 27.07 -91.70
N ALA UB 101 41.22 26.89 -92.15
CA ALA UB 101 41.78 27.74 -93.19
C ALA UB 101 41.01 27.60 -94.49
N SER UB 102 40.82 28.73 -95.18
CA SER UB 102 40.21 28.72 -96.50
C SER UB 102 40.91 27.71 -97.41
N ALA UB 103 42.24 27.65 -97.34
CA ALA UB 103 42.99 26.72 -98.17
C ALA UB 103 42.78 25.27 -97.74
N SER UB 104 42.69 25.02 -96.44
CA SER UB 104 42.45 23.66 -95.97
C SER UB 104 41.04 23.17 -96.30
N VAL UB 105 40.10 24.08 -96.54
CA VAL UB 105 38.79 23.66 -97.02
C VAL UB 105 38.90 23.00 -98.40
N LYS UB 106 39.54 23.69 -99.34
CA LYS UB 106 39.79 23.07 -100.65
C LYS UB 106 40.70 21.86 -100.54
N ASP UB 107 41.66 21.85 -99.60
CA ASP UB 107 42.46 20.64 -99.43
C ASP UB 107 41.57 19.46 -99.04
N LEU UB 108 40.57 19.69 -98.18
CA LEU UB 108 39.63 18.61 -97.83
C LEU UB 108 38.82 18.16 -99.04
N ARG UB 109 38.33 19.11 -99.84
CA ARG UB 109 37.55 18.72 -101.02
C ARG UB 109 38.38 17.84 -101.94
N LEU UB 110 39.64 18.21 -102.18
CA LEU UB 110 40.47 17.47 -103.13
C LEU UB 110 40.97 16.15 -102.53
N ILE UB 111 41.29 16.13 -101.24
CA ILE UB 111 41.75 14.89 -100.63
C ILE UB 111 40.59 13.91 -100.50
N GLY UB 112 39.36 14.40 -100.37
CA GLY UB 112 38.22 13.51 -100.38
C GLY UB 112 37.96 12.95 -101.76
N ALA UB 113 37.87 13.84 -102.76
CA ALA UB 113 37.67 13.36 -104.13
C ALA UB 113 38.77 12.43 -104.58
N GLN UB 114 39.98 12.60 -104.03
CA GLN UB 114 41.08 11.73 -104.36
C GLN UB 114 40.96 10.36 -103.71
N LEU UB 115 40.18 10.24 -102.64
CA LEU UB 115 39.91 8.94 -102.05
C LEU UB 115 38.89 8.13 -102.84
N LEU UB 116 38.02 8.78 -103.63
CA LEU UB 116 37.16 8.04 -104.55
C LEU UB 116 37.93 7.49 -105.74
N THR UB 117 38.76 8.32 -106.38
CA THR UB 117 39.26 7.98 -107.70
C THR UB 117 40.60 7.28 -107.71
N ASP UB 118 41.44 7.47 -106.70
CA ASP UB 118 42.80 6.97 -106.76
C ASP UB 118 42.80 5.44 -106.73
N ALA UB 119 43.56 4.84 -107.66
CA ALA UB 119 43.51 3.40 -107.90
C ALA UB 119 43.85 2.58 -106.66
N ASP UB 120 44.62 3.15 -105.72
CA ASP UB 120 44.90 2.47 -104.47
C ASP UB 120 43.60 2.01 -103.79
N TYR UB 121 42.60 2.86 -103.74
CA TYR UB 121 41.34 2.49 -103.11
C TYR UB 121 40.40 1.80 -104.08
N ASP UB 122 40.86 1.61 -105.31
CA ASP UB 122 40.01 1.08 -106.37
C ASP UB 122 39.45 -0.29 -105.99
N SER UB 123 40.23 -1.09 -105.26
CA SER UB 123 39.73 -2.39 -104.79
C SER UB 123 38.74 -2.23 -103.64
N PHE UB 124 38.86 -1.15 -102.86
CA PHE UB 124 37.97 -0.95 -101.73
C PHE UB 124 36.55 -0.64 -102.18
N TRP UB 125 36.40 0.37 -103.04
CA TRP UB 125 35.07 0.82 -103.44
C TRP UB 125 34.33 -0.26 -104.22
N THR UB 126 35.01 -0.86 -105.20
CA THR UB 126 34.35 -1.84 -106.06
C THR UB 126 34.00 -3.10 -105.30
N LEU UB 127 34.99 -3.70 -104.64
CA LEU UB 127 34.83 -5.01 -104.04
C LEU UB 127 34.39 -4.95 -102.58
N GLY UB 128 34.32 -3.76 -101.99
CA GLY UB 128 34.11 -3.67 -100.55
C GLY UB 128 35.22 -4.32 -99.77
N ALA UB 129 36.46 -4.19 -100.25
CA ALA UB 129 37.60 -4.94 -99.74
C ALA UB 129 38.36 -4.13 -98.69
N LEU UB 130 38.43 -4.65 -97.47
CA LEU UB 130 39.20 -4.04 -96.39
C LEU UB 130 40.59 -4.67 -96.38
N ALA UB 131 41.59 -3.88 -96.77
CA ALA UB 131 42.97 -4.33 -96.75
C ALA UB 131 43.87 -3.12 -97.02
N SER VB 1 25.19 28.64 -109.65
CA SER VB 1 26.22 27.89 -110.34
C SER VB 1 25.99 26.39 -110.21
N ILE VB 2 25.16 26.00 -109.24
CA ILE VB 2 24.75 24.60 -109.15
C ILE VB 2 23.75 24.28 -110.24
N ILE VB 3 22.77 25.17 -110.45
CA ILE VB 3 21.79 24.98 -111.51
C ILE VB 3 22.47 25.16 -112.86
N GLY VB 4 22.25 24.23 -113.77
CA GLY VB 4 22.84 24.35 -115.08
C GLY VB 4 24.33 24.14 -115.11
N SER VB 5 24.88 23.37 -114.18
CA SER VB 5 26.28 23.00 -114.23
C SER VB 5 26.46 21.75 -115.08
N SER VB 6 27.68 21.57 -115.58
CA SER VB 6 28.01 20.49 -116.51
C SER VB 6 29.17 19.67 -115.96
N ILE VB 7 29.03 18.34 -116.02
CA ILE VB 7 30.04 17.42 -115.51
C ILE VB 7 30.13 16.19 -116.41
N LYS VB 8 31.31 15.56 -116.44
CA LYS VB 8 31.55 14.46 -117.37
C LYS VB 8 31.01 13.15 -116.81
N THR VB 9 30.22 12.43 -117.60
CA THR VB 9 29.84 11.06 -117.27
C THR VB 9 30.66 10.09 -118.12
N GLY VB 10 30.76 8.86 -117.62
CA GLY VB 10 31.54 7.84 -118.26
C GLY VB 10 32.93 8.35 -118.58
N ALA VB 11 33.56 8.99 -117.60
CA ALA VB 11 34.90 9.47 -117.79
C ALA VB 11 35.90 8.32 -117.74
N THR VB 12 36.94 8.42 -118.55
CA THR VB 12 37.97 7.37 -118.58
C THR VB 12 38.73 7.32 -117.26
N SER VB 13 39.18 8.47 -116.75
CA SER VB 13 39.79 8.52 -115.42
C SER VB 13 39.87 9.97 -114.99
N ALA VB 14 40.18 10.17 -113.72
CA ALA VB 14 40.39 11.49 -113.15
C ALA VB 14 41.72 11.52 -112.44
N SER VB 15 42.27 12.71 -112.25
CA SER VB 15 43.61 12.86 -111.69
C SER VB 15 43.70 14.21 -111.00
N ILE VB 16 44.89 14.50 -110.48
CA ILE VB 16 45.06 15.65 -109.60
C ILE VB 16 46.43 16.29 -109.86
N THR VB 17 46.42 17.54 -110.30
CA THR VB 17 47.65 18.33 -110.43
C THR VB 17 47.96 18.90 -109.05
N GLY VB 18 48.90 18.27 -108.35
CA GLY VB 18 48.96 18.32 -106.91
C GLY VB 18 50.33 18.67 -106.36
N GLY VB 19 50.37 18.78 -105.03
CA GLY VB 19 51.58 19.10 -104.29
C GLY VB 19 52.23 17.90 -103.63
N SER VB 20 52.42 17.97 -102.32
CA SER VB 20 53.23 16.98 -101.61
C SER VB 20 52.44 15.71 -101.28
N ASP VB 21 53.17 14.62 -101.07
CA ASP VB 21 52.59 13.33 -100.72
C ASP VB 21 52.12 13.30 -99.27
N ILE VB 22 51.23 12.36 -99.00
CA ILE VB 22 50.81 12.04 -97.63
C ILE VB 22 50.53 10.54 -97.58
N THR VB 23 50.96 9.89 -96.50
CA THR VB 23 50.98 8.43 -96.43
C THR VB 23 50.22 7.92 -95.21
N PHE VB 24 49.39 6.90 -95.41
CA PHE VB 24 48.55 6.33 -94.37
C PHE VB 24 49.22 5.12 -93.72
N ALA VB 25 49.01 4.98 -92.42
CA ALA VB 25 49.46 3.80 -91.68
C ALA VB 25 48.35 3.39 -90.72
N LEU VB 26 48.43 2.13 -90.26
CA LEU VB 26 47.35 1.56 -89.47
C LEU VB 26 47.32 2.16 -88.06
N THR VB 27 46.13 2.60 -87.64
CA THR VB 27 45.95 3.35 -86.39
C THR VB 27 45.63 2.46 -85.20
N GLY VB 28 45.03 1.30 -85.43
CA GLY VB 28 44.55 0.51 -84.32
C GLY VB 28 43.52 1.20 -83.46
N GLN VB 29 42.67 2.03 -84.04
CA GLN VB 29 41.45 2.49 -83.38
C GLN VB 29 40.34 1.53 -83.76
N THR VB 30 39.80 0.83 -82.76
CA THR VB 30 38.81 -0.20 -83.02
C THR VB 30 37.61 0.40 -83.77
N VAL VB 31 37.38 -0.09 -84.98
CA VAL VB 31 36.31 0.41 -85.85
C VAL VB 31 35.57 -0.79 -86.43
N THR VB 32 34.28 -0.88 -86.13
CA THR VB 32 33.48 -2.00 -86.59
C THR VB 32 33.36 -1.98 -88.11
N ASN VB 33 33.62 -3.13 -88.73
CA ASN VB 33 33.47 -3.31 -90.16
C ASN VB 33 34.41 -2.42 -90.95
N GLY VB 34 35.58 -2.10 -90.39
CA GLY VB 34 36.44 -1.17 -91.09
C GLY VB 34 37.77 -0.95 -90.40
N LEU VB 35 38.49 0.03 -90.93
CA LEU VB 35 39.85 0.34 -90.53
C LEU VB 35 39.95 1.82 -90.17
N ASN VB 36 40.98 2.16 -89.39
CA ASN VB 36 41.42 3.52 -89.19
C ASN VB 36 42.88 3.60 -89.59
N VAL VB 37 43.21 4.50 -90.51
CA VAL VB 37 44.59 4.78 -90.89
C VAL VB 37 44.81 6.28 -90.76
N SER VB 38 45.87 6.67 -90.04
CA SER VB 38 46.19 8.08 -89.94
C SER VB 38 47.46 8.37 -90.71
N VAL VB 39 47.70 9.64 -90.96
CA VAL VB 39 48.87 10.05 -91.71
C VAL VB 39 50.05 10.12 -90.74
N SER VB 40 51.03 9.25 -90.97
CA SER VB 40 52.22 9.23 -90.13
C SER VB 40 53.15 10.39 -90.45
N GLU VB 41 52.72 11.29 -91.33
CA GLU VB 41 53.55 12.41 -91.75
C GLU VB 41 53.24 13.70 -91.00
N ASP VB 42 52.14 13.76 -90.27
CA ASP VB 42 51.91 14.83 -89.31
C ASP VB 42 52.52 14.41 -87.97
N THR VB 43 53.15 15.37 -87.28
CA THR VB 43 53.99 15.04 -86.14
C THR VB 43 53.27 15.04 -84.80
N ASP VB 44 52.13 15.71 -84.69
CA ASP VB 44 51.44 15.90 -83.40
C ASP VB 44 50.13 15.14 -83.43
N TYR VB 45 50.04 14.07 -82.61
CA TYR VB 45 48.84 13.22 -82.62
C TYR VB 45 47.57 14.05 -82.47
N ARG VB 46 47.58 14.99 -81.53
CA ARG VB 46 46.42 15.83 -81.24
C ARG VB 46 45.81 16.44 -82.50
N THR VB 47 46.56 16.55 -83.59
CA THR VB 47 46.06 17.07 -84.86
C THR VB 47 46.55 16.24 -86.06
N ARG VB 48 46.59 14.91 -85.95
CA ARG VB 48 46.91 14.08 -87.12
C ARG VB 48 45.67 13.75 -87.93
N ARG VB 49 45.67 14.20 -89.18
CA ARG VB 49 44.63 13.85 -90.13
C ARG VB 49 44.52 12.34 -90.22
N ASN VB 50 43.30 11.82 -90.03
CA ASN VB 50 43.10 10.38 -90.14
C ASN VB 50 41.91 10.09 -91.04
N ALA VB 51 41.71 8.81 -91.33
CA ALA VB 51 40.65 8.40 -92.21
C ALA VB 51 40.15 7.03 -91.76
N THR VB 52 38.86 6.83 -91.89
CA THR VB 52 38.20 5.62 -91.45
C THR VB 52 37.40 5.03 -92.60
N PHE VB 53 37.60 3.74 -92.84
CA PHE VB 53 37.00 3.02 -93.94
C PHE VB 53 36.01 2.01 -93.37
N LYS VB 54 34.77 2.04 -93.85
CA LYS VB 54 33.75 1.08 -93.44
C LYS VB 54 33.15 0.41 -94.67
N SER VB 55 32.71 -0.84 -94.47
CA SER VB 55 32.12 -1.63 -95.55
C SER VB 55 31.01 -2.51 -94.99
N ARG VB 56 29.77 -2.09 -95.16
CA ARG VB 56 28.61 -2.91 -94.87
C ARG VB 56 28.18 -3.64 -96.13
N VAL VB 57 27.94 -4.93 -96.01
CA VAL VB 57 27.69 -5.81 -97.15
C VAL VB 57 26.20 -5.85 -97.47
N PRO VB 58 25.83 -6.23 -98.68
CA PRO VB 58 24.40 -6.39 -98.99
C PRO VB 58 23.79 -7.53 -98.17
N THR VB 59 22.51 -7.36 -97.85
CA THR VB 59 21.78 -8.31 -97.04
C THR VB 59 20.95 -9.21 -97.93
N VAL VB 60 20.99 -10.52 -97.66
CA VAL VB 60 20.24 -11.51 -98.42
C VAL VB 60 18.92 -11.76 -97.70
N VAL VB 61 17.82 -11.27 -98.27
CA VAL VB 61 16.49 -11.42 -97.68
C VAL VB 61 15.63 -12.15 -98.71
N ASN VB 62 15.58 -13.46 -98.60
CA ASN VB 62 14.67 -14.30 -99.39
C ASN VB 62 14.81 -14.03 -100.88
N GLY VB 63 16.03 -14.18 -101.38
CA GLY VB 63 16.32 -13.95 -102.78
C GLY VB 63 16.45 -12.50 -103.21
N ASN VB 64 16.16 -11.54 -102.34
CA ASN VB 64 16.30 -10.12 -102.65
C ASN VB 64 17.50 -9.53 -101.92
N TYR VB 65 18.26 -8.68 -102.60
CA TYR VB 65 19.47 -8.11 -102.01
C TYR VB 65 19.30 -6.61 -101.83
N SER VB 66 19.65 -6.13 -100.64
CA SER VB 66 19.73 -4.70 -100.36
C SER VB 66 21.04 -4.15 -100.90
N LYS VB 67 21.05 -2.84 -101.15
CA LYS VB 67 22.29 -2.19 -101.53
C LYS VB 67 23.29 -2.26 -100.39
N GLY VB 68 24.57 -2.40 -100.74
CA GLY VB 68 25.64 -2.29 -99.77
C GLY VB 68 26.18 -0.88 -99.69
N LYS VB 69 27.05 -0.66 -98.69
CA LYS VB 69 27.46 0.70 -98.35
C LYS VB 69 28.94 0.71 -98.01
N ASN VB 70 29.72 1.52 -98.71
CA ASN VB 70 31.15 1.67 -98.42
C ASN VB 70 31.43 3.13 -98.08
N GLU VB 71 31.81 3.39 -96.83
CA GLU VB 71 32.07 4.74 -96.36
C GLU VB 71 33.57 5.00 -96.21
N VAL VB 72 33.94 6.26 -96.38
CA VAL VB 72 35.22 6.79 -95.93
C VAL VB 72 34.95 8.10 -95.21
N VAL VB 73 35.67 8.33 -94.12
CA VAL VB 73 35.58 9.55 -93.34
C VAL VB 73 36.99 10.06 -93.14
N PHE VB 74 37.31 11.18 -93.76
CA PHE VB 74 38.61 11.82 -93.60
C PHE VB 74 38.44 13.01 -92.67
N VAL VB 75 39.36 13.15 -91.73
CA VAL VB 75 39.21 14.08 -90.61
C VAL VB 75 40.49 14.87 -90.42
N ILE VB 76 40.34 16.19 -90.40
CA ILE VB 76 41.37 17.13 -89.96
C ILE VB 76 40.98 17.62 -88.57
N PRO VB 77 41.61 17.14 -87.51
CA PRO VB 77 41.37 17.73 -86.19
C PRO VB 77 42.15 19.02 -86.03
N MET VB 78 41.50 20.02 -85.44
CA MET VB 78 42.12 21.32 -85.22
C MET VB 78 41.84 21.78 -83.79
N SER VB 79 42.85 22.40 -83.19
CA SER VB 79 42.77 22.93 -81.83
C SER VB 79 42.26 24.36 -81.90
N LEU VB 80 41.11 24.61 -81.27
CA LEU VB 80 40.55 25.95 -81.28
C LEU VB 80 41.31 26.87 -80.33
N ASP VB 81 41.06 28.16 -80.48
CA ASP VB 81 41.57 29.13 -79.53
C ASP VB 81 41.05 28.85 -78.12
N SER VB 82 39.83 28.31 -78.02
CA SER VB 82 39.19 27.94 -76.76
C SER VB 82 39.89 26.80 -76.04
N GLY VB 83 40.84 26.11 -76.69
CA GLY VB 83 41.42 24.91 -76.17
C GLY VB 83 40.69 23.64 -76.59
N GLU VB 84 39.38 23.71 -76.79
CA GLU VB 84 38.63 22.56 -77.26
C GLU VB 84 38.99 22.26 -78.71
N THR VB 85 39.39 21.02 -78.97
CA THR VB 85 39.77 20.59 -80.31
C THR VB 85 38.56 19.92 -80.97
N VAL VB 86 38.34 20.24 -82.24
CA VAL VB 86 37.18 19.75 -83.00
C VAL VB 86 37.66 19.16 -84.30
N PHE VB 87 36.72 18.63 -85.09
CA PHE VB 87 37.03 17.81 -86.25
C PHE VB 87 36.37 18.37 -87.52
N ASN VB 88 37.18 18.56 -88.56
CA ASN VB 88 36.70 18.90 -89.89
C ASN VB 88 36.60 17.61 -90.70
N SER VB 89 35.42 17.32 -91.22
CA SER VB 89 35.09 15.97 -91.68
C SER VB 89 34.59 16.01 -93.12
N VAL VB 90 35.31 15.37 -94.03
CA VAL VB 90 34.75 15.03 -95.33
C VAL VB 90 34.38 13.55 -95.30
N ARG VB 91 33.11 13.25 -95.59
CA ARG VB 91 32.59 11.89 -95.58
C ARG VB 91 32.03 11.55 -96.95
N ILE VB 92 32.43 10.40 -97.47
CA ILE VB 92 31.96 9.94 -98.78
C ILE VB 92 31.48 8.51 -98.63
N ALA VB 93 30.18 8.31 -98.85
CA ALA VB 93 29.54 7.02 -98.73
C ALA VB 93 28.96 6.62 -100.08
N LEU VB 94 29.24 5.40 -100.50
CA LEU VB 94 28.80 4.93 -101.81
C LEU VB 94 27.95 3.68 -101.60
N GLU VB 95 26.66 3.80 -101.89
CA GLU VB 95 25.66 2.75 -101.70
C GLU VB 95 25.27 2.20 -103.06
N ILE VB 96 25.54 0.92 -103.27
CA ILE VB 96 25.38 0.28 -104.57
C ILE VB 96 24.64 -1.04 -104.41
N HIS VB 97 23.64 -1.27 -105.25
CA HIS VB 97 23.04 -2.59 -105.39
C HIS VB 97 23.90 -3.44 -106.33
N PRO VB 98 24.09 -4.73 -106.03
CA PRO VB 98 25.05 -5.54 -106.79
C PRO VB 98 24.72 -5.67 -108.27
N ALA VB 99 23.47 -5.42 -108.66
CA ALA VB 99 23.06 -5.59 -110.04
C ALA VB 99 23.43 -4.40 -110.92
N LEU VB 100 24.02 -3.34 -110.37
CA LEU VB 100 24.45 -2.22 -111.20
C LEU VB 100 25.71 -2.60 -111.97
N ALA VB 101 25.85 -2.02 -113.17
CA ALA VB 101 26.99 -2.32 -114.02
C ALA VB 101 28.30 -1.88 -113.38
N SER VB 102 29.31 -2.73 -113.53
CA SER VB 102 30.64 -2.42 -113.00
C SER VB 102 31.14 -1.08 -113.51
N ALA VB 103 30.74 -0.72 -114.74
CA ALA VB 103 31.15 0.56 -115.32
C ALA VB 103 30.39 1.73 -114.70
N SER VB 104 29.10 1.54 -114.41
CA SER VB 104 28.34 2.61 -113.77
C SER VB 104 28.80 2.86 -112.34
N VAL VB 105 29.32 1.83 -111.67
CA VAL VB 105 29.87 2.06 -110.33
C VAL VB 105 31.03 3.05 -110.39
N LYS VB 106 31.96 2.83 -111.30
CA LYS VB 106 33.10 3.74 -111.41
C LYS VB 106 32.69 5.09 -111.97
N ASP VB 107 31.73 5.13 -112.91
CA ASP VB 107 31.18 6.42 -113.32
C ASP VB 107 30.63 7.18 -112.11
N LEU VB 108 30.03 6.46 -111.15
CA LEU VB 108 29.45 7.11 -109.98
C LEU VB 108 30.54 7.66 -109.06
N ARG VB 109 31.61 6.90 -108.86
CA ARG VB 109 32.78 7.40 -108.13
C ARG VB 109 33.31 8.68 -108.74
N LEU VB 110 33.52 8.68 -110.06
CA LEU VB 110 34.11 9.85 -110.71
C LEU VB 110 33.16 11.03 -110.73
N ILE VB 111 31.85 10.78 -110.84
CA ILE VB 111 30.91 11.90 -110.88
C ILE VB 111 30.80 12.55 -109.50
N GLY VB 112 30.90 11.74 -108.44
CA GLY VB 112 30.99 12.33 -107.11
C GLY VB 112 32.25 13.15 -106.93
N ALA VB 113 33.39 12.62 -107.41
CA ALA VB 113 34.62 13.38 -107.31
C ALA VB 113 34.51 14.72 -108.04
N GLN VB 114 33.87 14.74 -109.21
CA GLN VB 114 33.72 16.01 -109.91
C GLN VB 114 32.83 16.95 -109.10
N LEU VB 115 31.73 16.43 -108.54
CA LEU VB 115 30.88 17.25 -107.70
C LEU VB 115 31.66 17.90 -106.56
N LEU VB 116 32.65 17.19 -106.00
CA LEU VB 116 33.53 17.83 -105.02
C LEU VB 116 34.41 18.91 -105.62
N THR VB 117 35.13 18.59 -106.70
CA THR VB 117 36.27 19.42 -107.07
C THR VB 117 36.01 20.45 -108.16
N ASP VB 118 34.88 20.40 -108.85
CA ASP VB 118 34.65 21.34 -109.94
C ASP VB 118 34.44 22.75 -109.42
N ALA VB 119 34.76 23.72 -110.29
CA ALA VB 119 34.67 25.12 -109.87
C ALA VB 119 33.23 25.59 -109.77
N ASP VB 120 32.35 25.03 -110.60
CA ASP VB 120 30.92 25.37 -110.55
C ASP VB 120 30.36 25.25 -109.14
N TYR VB 121 30.91 24.37 -108.33
CA TYR VB 121 30.37 24.08 -107.00
C TYR VB 121 31.15 24.78 -105.89
N ASP VB 122 32.16 25.57 -106.24
CA ASP VB 122 32.95 26.28 -105.24
C ASP VB 122 32.05 27.09 -104.30
N SER VB 123 31.12 27.86 -104.86
CA SER VB 123 30.24 28.67 -104.03
C SER VB 123 29.45 27.80 -103.07
N PHE VB 124 28.84 26.72 -103.57
CA PHE VB 124 28.09 25.81 -102.71
C PHE VB 124 28.93 25.30 -101.56
N TRP VB 125 30.03 24.61 -101.87
CA TRP VB 125 30.81 23.97 -100.82
C TRP VB 125 31.33 24.98 -99.81
N THR VB 126 32.00 26.03 -100.30
CA THR VB 126 32.67 26.95 -99.38
C THR VB 126 31.68 27.79 -98.58
N LEU VB 127 30.80 28.52 -99.29
CA LEU VB 127 29.94 29.49 -98.66
C LEU VB 127 28.64 28.89 -98.14
N GLY VB 128 28.26 27.72 -98.63
CA GLY VB 128 26.96 27.15 -98.36
C GLY VB 128 25.85 27.63 -99.28
N ALA VB 129 26.20 28.27 -100.40
CA ALA VB 129 25.20 28.95 -101.22
C ALA VB 129 24.39 27.94 -102.01
N LEU VB 130 23.07 28.00 -101.85
CA LEU VB 130 22.19 27.20 -102.68
C LEU VB 130 22.01 27.85 -104.04
N ALA VB 131 21.40 27.10 -104.95
CA ALA VB 131 21.10 27.57 -106.32
C ALA VB 131 22.34 27.98 -107.11
N SER WB 1 -18.89 28.62 -132.33
CA SER WB 1 -17.51 29.01 -132.50
C SER WB 1 -16.56 28.07 -131.75
N ILE WB 2 -16.97 27.58 -130.58
CA ILE WB 2 -16.21 26.51 -129.92
C ILE WB 2 -16.37 25.21 -130.68
N ILE WB 3 -17.61 24.89 -131.05
CA ILE WB 3 -17.87 23.68 -131.83
C ILE WB 3 -17.39 23.93 -133.26
N GLY WB 4 -16.47 23.09 -133.72
CA GLY WB 4 -15.93 23.25 -135.05
C GLY WB 4 -14.64 24.06 -135.12
N SER WB 5 -14.18 24.62 -134.01
CA SER WB 5 -12.94 25.38 -134.01
C SER WB 5 -11.77 24.48 -134.39
N SER WB 6 -10.75 25.10 -135.01
CA SER WB 6 -9.56 24.40 -135.44
C SER WB 6 -8.34 25.06 -134.82
N ILE WB 7 -7.43 24.24 -134.29
CA ILE WB 7 -6.23 24.73 -133.61
C ILE WB 7 -5.07 23.79 -133.97
N LYS WB 8 -3.86 24.36 -134.00
CA LYS WB 8 -2.68 23.63 -134.46
C LYS WB 8 -2.15 22.72 -133.34
N THR WB 9 -1.90 21.45 -133.67
CA THR WB 9 -1.15 20.58 -132.79
C THR WB 9 0.21 20.28 -133.42
N GLY WB 10 1.13 19.80 -132.59
CA GLY WB 10 2.49 19.62 -133.04
C GLY WB 10 3.12 20.90 -133.56
N ALA WB 11 2.81 22.02 -132.93
CA ALA WB 11 3.34 23.29 -133.39
C ALA WB 11 4.80 23.45 -132.97
N THR WB 12 5.58 24.11 -133.82
CA THR WB 12 6.98 24.36 -133.50
C THR WB 12 7.12 25.31 -132.32
N SER WB 13 6.52 26.50 -132.43
CA SER WB 13 6.58 27.45 -131.31
C SER WB 13 5.49 28.50 -131.49
N ALA WB 14 5.15 29.17 -130.38
CA ALA WB 14 4.16 30.22 -130.38
C ALA WB 14 4.84 31.55 -130.10
N SER WB 15 4.24 32.63 -130.63
CA SER WB 15 4.81 33.95 -130.48
C SER WB 15 3.67 34.94 -130.30
N ILE WB 16 4.02 36.20 -130.03
CA ILE WB 16 3.00 37.21 -129.75
C ILE WB 16 3.45 38.55 -130.31
N THR WB 17 2.68 39.09 -131.25
CA THR WB 17 2.91 40.43 -131.78
C THR WB 17 2.27 41.42 -130.82
N GLY WB 18 3.10 42.11 -130.04
CA GLY WB 18 2.57 42.89 -128.95
C GLY WB 18 3.30 44.16 -128.57
N GLY WB 19 2.87 44.76 -127.47
CA GLY WB 19 3.34 46.07 -127.06
C GLY WB 19 4.50 46.06 -126.08
N SER WB 20 4.31 46.70 -124.93
CA SER WB 20 5.41 46.99 -124.01
C SER WB 20 5.79 45.76 -123.19
N ASP WB 21 7.02 45.80 -122.68
CA ASP WB 21 7.54 44.75 -121.82
C ASP WB 21 7.00 44.89 -120.40
N ILE WB 22 7.11 43.79 -119.65
CA ILE WB 22 6.84 43.80 -118.22
C ILE WB 22 7.81 42.80 -117.59
N THR WB 23 8.33 43.12 -116.41
CA THR WB 23 9.36 42.29 -115.78
C THR WB 23 8.93 41.90 -114.38
N PHE WB 24 9.33 40.68 -114.00
CA PHE WB 24 9.00 40.10 -112.70
C PHE WB 24 10.20 40.16 -111.78
N ALA WB 25 9.93 40.37 -110.49
CA ALA WB 25 10.95 40.22 -109.47
C ALA WB 25 10.33 39.49 -108.28
N LEU WB 26 11.18 38.81 -107.52
CA LEU WB 26 10.71 37.96 -106.43
C LEU WB 26 10.08 38.79 -105.32
N THR WB 27 8.85 38.42 -104.93
CA THR WB 27 8.07 39.23 -104.02
C THR WB 27 8.58 39.12 -102.59
N GLY WB 28 8.90 37.91 -102.14
CA GLY WB 28 9.12 37.68 -100.74
C GLY WB 28 7.86 37.44 -99.95
N GLN WB 29 6.72 37.24 -100.63
CA GLN WB 29 5.55 36.68 -99.98
C GLN WB 29 5.75 35.18 -99.85
N THR WB 30 5.63 34.68 -98.62
CA THR WB 30 5.85 33.26 -98.38
C THR WB 30 4.69 32.48 -99.00
N VAL WB 31 5.01 31.53 -99.89
CA VAL WB 31 4.02 30.70 -100.56
C VAL WB 31 4.43 29.25 -100.43
N THR WB 32 3.52 28.42 -99.92
CA THR WB 32 3.79 27.00 -99.73
C THR WB 32 3.98 26.30 -101.06
N ASN WB 33 5.09 25.57 -101.19
CA ASN WB 33 5.48 24.88 -102.42
C ASN WB 33 5.56 25.83 -103.61
N GLY WB 34 5.68 27.13 -103.35
CA GLY WB 34 5.51 28.07 -104.43
C GLY WB 34 6.33 29.33 -104.32
N LEU WB 35 6.07 30.24 -105.25
CA LEU WB 35 6.84 31.44 -105.47
C LEU WB 35 5.88 32.57 -105.81
N ASN WB 36 6.23 33.78 -105.41
CA ASN WB 36 5.47 34.96 -105.83
C ASN WB 36 6.44 35.94 -106.48
N VAL WB 37 6.19 36.29 -107.73
CA VAL WB 37 6.93 37.35 -108.41
C VAL WB 37 5.93 38.40 -108.85
N SER WB 38 6.19 39.65 -108.50
CA SER WB 38 5.29 40.72 -108.92
C SER WB 38 5.98 41.61 -109.95
N VAL WB 39 5.18 42.52 -110.49
CA VAL WB 39 5.63 43.41 -111.55
C VAL WB 39 6.46 44.54 -110.96
N SER WB 40 7.74 44.58 -111.32
CA SER WB 40 8.63 45.65 -110.88
C SER WB 40 8.35 46.96 -111.60
N GLU WB 41 7.34 47.01 -112.47
CA GLU WB 41 7.11 48.15 -113.35
C GLU WB 41 5.85 48.91 -113.01
N ASP WB 42 4.89 48.27 -112.34
CA ASP WB 42 3.76 48.99 -111.78
C ASP WB 42 4.17 49.62 -110.45
N THR WB 43 3.78 50.87 -110.25
CA THR WB 43 4.38 51.69 -109.19
C THR WB 43 3.63 51.62 -107.86
N ASP WB 44 2.37 51.20 -107.87
CA ASP WB 44 1.57 51.15 -106.65
C ASP WB 44 1.26 49.69 -106.34
N TYR WB 45 1.77 49.21 -105.20
CA TYR WB 45 1.53 47.83 -104.78
C TYR WB 45 0.05 47.50 -104.79
N ARG WB 46 -0.77 48.45 -104.33
CA ARG WB 46 -2.22 48.28 -104.29
C ARG WB 46 -2.77 47.72 -105.59
N THR WB 47 -2.14 48.06 -106.73
CA THR WB 47 -2.54 47.58 -108.04
C THR WB 47 -1.40 46.91 -108.81
N ARG WB 48 -0.38 46.39 -108.13
CA ARG WB 48 0.68 45.67 -108.85
C ARG WB 48 0.23 44.27 -109.23
N ARG WB 49 0.16 44.05 -110.54
CA ARG WB 49 -0.03 42.71 -111.08
C ARG WB 49 1.02 41.76 -110.50
N ASN WB 50 0.59 40.57 -110.09
CA ASN WB 50 1.57 39.61 -109.61
C ASN WB 50 1.16 38.19 -109.99
N ALA WB 51 2.17 37.32 -110.08
CA ALA WB 51 1.99 35.93 -110.47
C ALA WB 51 2.56 35.03 -109.40
N THR WB 52 1.90 33.89 -109.19
CA THR WB 52 2.27 32.92 -108.18
C THR WB 52 2.41 31.56 -108.85
N PHE WB 53 3.54 30.90 -108.59
CA PHE WB 53 3.94 29.66 -109.23
C PHE WB 53 3.97 28.56 -108.18
N LYS WB 54 3.11 27.56 -108.33
CA LYS WB 54 3.14 26.39 -107.45
C LYS WB 54 3.54 25.15 -108.24
N SER WB 55 4.19 24.22 -107.54
CA SER WB 55 4.75 23.04 -108.20
C SER WB 55 4.68 21.84 -107.26
N ARG WB 56 4.12 20.74 -107.76
CA ARG WB 56 4.21 19.45 -107.10
C ARG WB 56 4.67 18.40 -108.10
N VAL WB 57 5.72 17.68 -107.71
CA VAL WB 57 6.45 16.69 -108.51
C VAL WB 57 5.70 15.35 -108.42
N PRO WB 58 5.81 14.47 -109.41
CA PRO WB 58 5.15 13.16 -109.32
C PRO WB 58 5.61 12.36 -108.10
N THR WB 59 4.63 11.82 -107.39
CA THR WB 59 4.87 11.00 -106.21
C THR WB 59 4.70 9.52 -106.56
N VAL WB 60 5.58 8.68 -106.01
CA VAL WB 60 5.63 7.26 -106.34
C VAL WB 60 5.07 6.45 -105.17
N VAL WB 61 4.08 5.60 -105.47
CA VAL WB 61 3.52 4.65 -104.51
C VAL WB 61 3.86 3.23 -104.99
N ASN WB 62 4.87 2.63 -104.36
CA ASN WB 62 5.29 1.25 -104.61
C ASN WB 62 5.44 0.97 -106.10
N GLY WB 63 6.11 1.88 -106.80
CA GLY WB 63 6.41 1.73 -108.21
C GLY WB 63 5.46 2.44 -109.15
N ASN WB 64 4.31 2.92 -108.68
CA ASN WB 64 3.34 3.58 -109.55
C ASN WB 64 3.42 5.10 -109.37
N TYR WB 65 3.58 5.82 -110.48
CA TYR WB 65 3.74 7.27 -110.41
C TYR WB 65 2.41 7.99 -110.51
N SER WB 66 2.32 9.14 -109.85
CA SER WB 66 1.15 9.99 -109.88
C SER WB 66 1.43 11.22 -110.74
N LYS WB 67 0.45 11.61 -111.55
CA LYS WB 67 0.57 12.81 -112.36
C LYS WB 67 0.82 14.03 -111.48
N GLY WB 68 1.88 14.78 -111.80
CA GLY WB 68 2.22 15.98 -111.07
C GLY WB 68 1.53 17.21 -111.61
N LYS WB 69 1.67 18.32 -110.89
CA LYS WB 69 0.83 19.50 -111.08
C LYS WB 69 1.66 20.78 -111.00
N ASN WB 70 1.64 21.57 -112.06
CA ASN WB 70 2.32 22.87 -112.08
C ASN WB 70 1.29 23.97 -112.31
N GLU WB 71 1.03 24.77 -111.28
CA GLU WB 71 0.05 25.86 -111.36
C GLU WB 71 0.75 27.21 -111.50
N VAL WB 72 0.08 28.11 -112.21
CA VAL WB 72 0.41 29.52 -112.24
C VAL WB 72 -0.89 30.30 -112.09
N VAL WB 73 -0.84 31.37 -111.31
CA VAL WB 73 -1.97 32.29 -111.22
C VAL WB 73 -1.45 33.70 -111.38
N PHE WB 74 -2.10 34.46 -112.25
CA PHE WB 74 -1.72 35.83 -112.56
C PHE WB 74 -2.89 36.73 -112.19
N VAL WB 75 -2.59 37.83 -111.51
CA VAL WB 75 -3.61 38.63 -110.85
C VAL WB 75 -3.43 40.10 -111.19
N ILE WB 76 -4.51 40.72 -111.65
CA ILE WB 76 -4.67 42.17 -111.74
C ILE WB 76 -5.55 42.60 -110.56
N PRO WB 77 -5.02 43.24 -109.54
CA PRO WB 77 -5.89 43.77 -108.48
C PRO WB 77 -6.50 45.10 -108.89
N MET WB 78 -7.78 45.26 -108.56
CA MET WB 78 -8.45 46.53 -108.80
C MET WB 78 -9.37 46.83 -107.61
N SER WB 79 -9.40 48.09 -107.22
CA SER WB 79 -10.31 48.54 -106.17
C SER WB 79 -11.65 48.93 -106.81
N LEU WB 80 -12.74 48.46 -106.21
CA LEU WB 80 -14.08 48.72 -106.72
C LEU WB 80 -14.60 50.05 -106.21
N ASP WB 81 -15.71 50.48 -106.81
CA ASP WB 81 -16.45 51.61 -106.26
C ASP WB 81 -16.91 51.33 -104.84
N SER WB 82 -17.02 50.06 -104.46
CA SER WB 82 -17.31 49.64 -103.10
C SER WB 82 -16.16 49.92 -102.13
N GLY WB 83 -14.98 50.29 -102.63
CA GLY WB 83 -13.81 50.39 -101.79
C GLY WB 83 -13.09 49.06 -101.67
N GLU WB 84 -13.89 47.99 -101.58
CA GLU WB 84 -13.38 46.63 -101.61
C GLU WB 84 -12.49 46.43 -102.82
N THR WB 85 -11.33 45.79 -102.60
CA THR WB 85 -10.39 45.49 -103.66
C THR WB 85 -10.50 44.02 -104.03
N VAL WB 86 -10.72 43.75 -105.32
CA VAL WB 86 -10.93 42.40 -105.84
C VAL WB 86 -9.78 42.06 -106.78
N PHE WB 87 -9.48 40.76 -106.86
CA PHE WB 87 -8.38 40.25 -107.67
C PHE WB 87 -8.94 39.61 -108.94
N ASN WB 88 -8.42 40.02 -110.10
CA ASN WB 88 -8.83 39.51 -111.40
C ASN WB 88 -7.81 38.47 -111.85
N SER WB 89 -8.28 37.24 -112.07
CA SER WB 89 -7.41 36.07 -112.08
C SER WB 89 -7.41 35.38 -113.43
N VAL WB 90 -6.23 34.92 -113.83
CA VAL WB 90 -6.09 33.87 -114.84
C VAL WB 90 -5.20 32.78 -114.26
N ARG WB 91 -5.67 31.55 -114.28
CA ARG WB 91 -4.98 30.43 -113.63
C ARG WB 91 -4.78 29.31 -114.64
N ILE WB 92 -3.54 28.85 -114.77
CA ILE WB 92 -3.19 27.80 -115.72
C ILE WB 92 -2.47 26.70 -114.95
N ALA WB 93 -3.06 25.51 -114.97
CA ALA WB 93 -2.55 24.35 -114.24
C ALA WB 93 -2.32 23.22 -115.22
N LEU WB 94 -1.09 22.71 -115.26
CA LEU WB 94 -0.72 21.64 -116.18
C LEU WB 94 -0.35 20.40 -115.38
N GLU WB 95 -1.12 19.32 -115.56
CA GLU WB 95 -0.97 18.08 -114.82
C GLU WB 95 -0.50 17.00 -115.78
N ILE WB 96 0.71 16.49 -115.54
CA ILE WB 96 1.38 15.58 -116.46
C ILE WB 96 1.82 14.32 -115.73
N HIS WB 97 1.55 13.16 -116.34
CA HIS WB 97 2.14 11.91 -115.86
C HIS WB 97 3.54 11.75 -116.46
N PRO WB 98 4.49 11.22 -115.68
CA PRO WB 98 5.88 11.14 -116.18
C PRO WB 98 6.03 10.36 -117.47
N ALA WB 99 5.11 9.45 -117.78
CA ALA WB 99 5.25 8.61 -118.96
C ALA WB 99 4.90 9.33 -120.26
N LEU WB 100 4.35 10.54 -120.21
CA LEU WB 100 3.94 11.23 -121.42
C LEU WB 100 5.14 11.64 -122.25
N ALA WB 101 4.92 11.72 -123.56
CA ALA WB 101 5.98 12.13 -124.48
C ALA WB 101 6.44 13.55 -124.18
N SER WB 102 7.76 13.73 -124.18
CA SER WB 102 8.36 15.04 -123.96
C SER WB 102 7.77 16.09 -124.89
N ALA WB 103 7.54 15.73 -126.16
CA ALA WB 103 6.98 16.67 -127.12
C ALA WB 103 5.48 16.88 -126.91
N SER WB 104 4.76 15.85 -126.44
CA SER WB 104 3.36 16.05 -126.11
C SER WB 104 3.17 17.00 -124.95
N VAL WB 105 4.14 17.07 -124.03
CA VAL WB 105 4.07 18.07 -122.96
C VAL WB 105 4.02 19.49 -123.53
N LYS WB 106 4.98 19.82 -124.39
CA LYS WB 106 4.99 21.15 -124.98
C LYS WB 106 3.82 21.34 -125.96
N ASP WB 107 3.33 20.27 -126.59
CA ASP WB 107 2.12 20.42 -127.39
C ASP WB 107 0.94 20.80 -126.52
N LEU WB 108 0.85 20.27 -125.30
CA LEU WB 108 -0.20 20.69 -124.37
C LEU WB 108 -0.08 22.15 -124.01
N ARG WB 109 1.15 22.59 -123.70
CA ARG WB 109 1.34 24.02 -123.41
C ARG WB 109 0.83 24.89 -124.56
N LEU WB 110 1.23 24.54 -125.79
CA LEU WB 110 0.87 25.36 -126.95
C LEU WB 110 -0.62 25.28 -127.28
N ILE WB 111 -1.23 24.11 -127.10
CA ILE WB 111 -2.64 23.97 -127.42
C ILE WB 111 -3.50 24.68 -126.37
N GLY WB 112 -3.08 24.65 -125.11
CA GLY WB 112 -3.73 25.46 -124.10
C GLY WB 112 -3.64 26.93 -124.43
N ALA WB 113 -2.45 27.39 -124.84
CA ALA WB 113 -2.33 28.82 -125.18
C ALA WB 113 -3.22 29.20 -126.34
N GLN WB 114 -3.33 28.33 -127.35
CA GLN WB 114 -4.23 28.62 -128.47
C GLN WB 114 -5.68 28.70 -127.99
N LEU WB 115 -6.05 27.85 -127.03
CA LEU WB 115 -7.41 27.89 -126.51
C LEU WB 115 -7.73 29.23 -125.83
N LEU WB 116 -6.71 29.92 -125.29
CA LEU WB 116 -6.92 31.29 -124.81
C LEU WB 116 -6.94 32.31 -125.93
N THR WB 117 -6.01 32.22 -126.89
CA THR WB 117 -5.74 33.36 -127.75
C THR WB 117 -6.23 33.20 -129.19
N ASP WB 118 -7.04 32.20 -129.49
CA ASP WB 118 -7.64 32.15 -130.82
C ASP WB 118 -8.96 32.90 -130.84
N ALA WB 119 -9.28 33.45 -132.01
CA ALA WB 119 -10.50 34.25 -132.14
C ALA WB 119 -11.74 33.40 -131.94
N ASP WB 120 -11.69 32.13 -132.35
CA ASP WB 120 -12.83 31.24 -132.25
C ASP WB 120 -13.41 31.21 -130.84
N TYR WB 121 -12.60 31.50 -129.83
CA TYR WB 121 -13.02 31.39 -128.44
C TYR WB 121 -13.32 32.73 -127.80
N ASP WB 122 -13.11 33.83 -128.53
CA ASP WB 122 -13.32 35.18 -127.97
C ASP WB 122 -14.68 35.27 -127.29
N SER WB 123 -15.72 34.78 -127.95
CA SER WB 123 -17.06 34.86 -127.38
C SER WB 123 -17.13 34.11 -126.05
N PHE WB 124 -16.59 32.89 -126.02
CA PHE WB 124 -16.54 32.10 -124.79
C PHE WB 124 -15.86 32.86 -123.67
N TRP WB 125 -14.60 33.26 -123.88
CA TRP WB 125 -13.84 33.86 -122.79
C TRP WB 125 -14.49 35.15 -122.31
N THR WB 126 -14.76 36.08 -123.23
CA THR WB 126 -15.27 37.39 -122.81
C THR WB 126 -16.64 37.28 -122.18
N LEU WB 127 -17.61 36.69 -122.89
CA LEU WB 127 -18.98 36.72 -122.42
C LEU WB 127 -19.35 35.50 -121.58
N GLY WB 128 -18.84 34.33 -121.92
CA GLY WB 128 -19.24 33.09 -121.28
C GLY WB 128 -20.08 32.19 -122.17
N ALA WB 129 -20.07 32.42 -123.48
CA ALA WB 129 -20.86 31.66 -124.45
C ALA WB 129 -20.45 30.21 -124.48
N LEU WB 130 -21.43 29.33 -124.65
CA LEU WB 130 -21.22 27.89 -124.57
C LEU WB 130 -21.46 27.16 -125.90
N ALA WB 131 -21.54 27.87 -127.02
CA ALA WB 131 -21.71 27.21 -128.31
C ALA WB 131 -20.37 27.08 -129.05
N SER XB 1 19.25 43.72 -107.32
CA SER XB 1 20.68 43.87 -107.54
C SER XB 1 21.46 43.75 -106.22
N ILE XB 2 20.97 42.90 -105.31
CA ILE XB 2 21.63 42.70 -104.02
C ILE XB 2 22.85 41.83 -104.17
N ILE XB 3 22.69 40.66 -104.80
CA ILE XB 3 23.81 39.73 -104.96
C ILE XB 3 24.83 40.36 -105.91
N GLY XB 4 26.03 40.59 -105.39
CA GLY XB 4 27.07 41.19 -106.19
C GLY XB 4 27.20 42.69 -106.06
N SER XB 5 26.37 43.33 -105.24
CA SER XB 5 26.50 44.77 -105.06
C SER XB 5 27.85 45.11 -104.43
N SER XB 6 28.31 46.34 -104.67
CA SER XB 6 29.60 46.80 -104.19
C SER XB 6 29.42 48.12 -103.47
N ILE XB 7 29.99 48.22 -102.26
CA ILE XB 7 29.97 49.44 -101.45
C ILE XB 7 31.34 49.64 -100.82
N LYS XB 8 31.51 50.80 -100.18
CA LYS XB 8 32.81 51.27 -99.71
C LYS XB 8 32.94 51.08 -98.21
N THR XB 9 34.02 50.44 -97.77
CA THR XB 9 34.36 50.38 -96.35
C THR XB 9 35.54 51.31 -96.08
N GLY XB 10 35.61 51.78 -94.83
CA GLY XB 10 36.61 52.77 -94.48
C GLY XB 10 36.53 54.02 -95.33
N ALA XB 11 35.31 54.51 -95.58
CA ALA XB 11 35.15 55.74 -96.32
C ALA XB 11 35.59 56.92 -95.47
N THR XB 12 36.23 57.91 -96.11
CA THR XB 12 36.61 59.11 -95.40
C THR XB 12 35.38 59.84 -94.85
N SER XB 13 34.37 60.07 -95.69
CA SER XB 13 33.12 60.65 -95.22
C SER XB 13 32.02 60.40 -96.25
N ALA XB 14 30.80 60.78 -95.89
CA ALA XB 14 29.67 60.74 -96.80
C ALA XB 14 29.02 62.12 -96.85
N SER XB 15 28.38 62.42 -97.97
CA SER XB 15 27.87 63.75 -98.21
C SER XB 15 26.60 63.63 -99.06
N ILE XB 16 25.94 64.76 -99.28
CA ILE XB 16 24.63 64.75 -99.94
C ILE XB 16 24.48 65.98 -100.81
N THR XB 17 24.15 65.77 -102.08
CA THR XB 17 23.82 66.83 -103.02
C THR XB 17 22.29 66.95 -103.06
N GLY XB 18 21.76 67.99 -102.43
CA GLY XB 18 20.33 68.01 -102.24
C GLY XB 18 19.78 69.39 -101.94
N GLY XB 19 18.45 69.43 -101.76
CA GLY XB 19 17.69 70.67 -101.75
C GLY XB 19 17.58 71.39 -100.42
N SER XB 20 16.35 71.63 -99.98
CA SER XB 20 16.11 72.58 -98.90
C SER XB 20 16.47 72.01 -97.54
N ASP XB 21 16.80 72.90 -96.61
CA ASP XB 21 17.10 72.52 -95.24
C ASP XB 21 15.83 72.19 -94.47
N ILE XB 22 16.00 71.39 -93.43
CA ILE XB 22 14.97 71.17 -92.42
C ILE XB 22 15.66 71.23 -91.07
N THR XB 23 15.02 71.91 -90.12
CA THR XB 23 15.58 72.21 -88.82
C THR XB 23 14.75 71.54 -87.74
N PHE XB 24 15.43 70.97 -86.75
CA PHE XB 24 14.83 70.25 -85.63
C PHE XB 24 14.73 71.15 -84.40
N ALA XB 25 13.79 70.78 -83.52
CA ALA XB 25 13.63 71.44 -82.23
C ALA XB 25 12.96 70.45 -81.30
N LEU XB 26 13.20 70.62 -80.01
CA LEU XB 26 12.75 69.62 -79.04
C LEU XB 26 11.23 69.65 -78.88
N THR XB 27 10.64 68.47 -78.79
CA THR XB 27 9.18 68.28 -78.76
C THR XB 27 8.61 68.16 -77.36
N GLY XB 28 9.25 67.41 -76.48
CA GLY XB 28 8.67 67.15 -75.18
C GLY XB 28 7.68 66.01 -75.13
N GLN XB 29 7.46 65.32 -76.25
CA GLN XB 29 6.79 64.02 -76.16
C GLN XB 29 7.64 63.08 -75.35
N THR XB 30 7.05 62.54 -74.30
CA THR XB 30 7.79 61.71 -73.35
C THR XB 30 8.31 60.44 -74.03
N VAL XB 31 9.62 60.25 -73.98
CA VAL XB 31 10.29 59.10 -74.59
C VAL XB 31 11.32 58.56 -73.61
N THR XB 32 11.19 57.29 -73.24
CA THR XB 32 12.03 56.71 -72.20
C THR XB 32 13.45 56.47 -72.72
N ASN XB 33 14.43 57.00 -71.98
CA ASN XB 33 15.84 56.99 -72.40
C ASN XB 33 16.03 57.64 -73.77
N GLY XB 34 15.15 58.57 -74.10
CA GLY XB 34 15.15 59.13 -75.44
C GLY XB 34 14.75 60.57 -75.56
N LEU XB 35 14.39 60.97 -76.79
CA LEU XB 35 14.27 62.38 -77.12
C LEU XB 35 13.46 62.52 -78.40
N ASN XB 36 12.43 63.35 -78.38
CA ASN XB 36 11.63 63.64 -79.57
C ASN XB 36 11.97 65.04 -80.06
N VAL XB 37 12.46 65.15 -81.30
CA VAL XB 37 12.62 66.44 -81.97
C VAL XB 37 11.78 66.43 -83.23
N SER XB 38 10.94 67.44 -83.39
CA SER XB 38 10.18 67.58 -84.62
C SER XB 38 10.72 68.77 -85.39
N VAL XB 39 10.23 68.91 -86.61
CA VAL XB 39 10.68 70.02 -87.44
C VAL XB 39 9.87 71.25 -87.05
N SER XB 40 10.54 72.39 -86.96
CA SER XB 40 9.79 73.63 -86.79
C SER XB 40 9.41 74.22 -88.13
N GLU XB 41 9.68 73.51 -89.21
CA GLU XB 41 9.47 74.04 -90.55
C GLU XB 41 8.18 73.55 -91.19
N ASP XB 42 7.68 72.39 -90.76
CA ASP XB 42 6.32 72.00 -91.11
C ASP XB 42 5.35 72.64 -90.12
N THR XB 43 4.19 73.03 -90.63
CA THR XB 43 3.27 73.85 -89.85
C THR XB 43 2.09 73.09 -89.26
N ASP XB 44 1.58 72.07 -89.96
CA ASP XB 44 0.41 71.31 -89.50
C ASP XB 44 0.86 70.23 -88.52
N TYR XB 45 0.27 70.21 -87.33
CA TYR XB 45 0.69 69.25 -86.32
C TYR XB 45 0.38 67.82 -86.74
N ARG XB 46 -0.77 67.62 -87.41
CA ARG XB 46 -1.11 66.31 -87.96
C ARG XB 46 0.03 65.73 -88.78
N THR XB 47 0.49 66.47 -89.79
CA THR XB 47 1.44 65.94 -90.75
C THR XB 47 2.88 66.43 -90.51
N ARG XB 48 3.19 66.86 -89.28
CA ARG XB 48 4.51 67.42 -89.03
C ARG XB 48 5.51 66.31 -88.75
N ARG XB 49 6.55 66.26 -89.58
CA ARG XB 49 7.55 65.21 -89.51
C ARG XB 49 8.32 65.26 -88.20
N ASN XB 50 8.54 64.10 -87.59
CA ASN XB 50 9.29 64.12 -86.33
C ASN XB 50 10.18 62.89 -86.18
N ALA XB 51 11.26 63.06 -85.43
CA ALA XB 51 12.21 61.99 -85.19
C ALA XB 51 12.34 61.77 -83.69
N THR XB 52 12.77 60.56 -83.35
CA THR XB 52 12.90 60.11 -81.98
C THR XB 52 14.19 59.31 -81.82
N PHE XB 53 15.00 59.73 -80.87
CA PHE XB 53 16.32 59.19 -80.60
C PHE XB 53 16.27 58.46 -79.27
N LYS XB 54 16.49 57.16 -79.30
CA LYS XB 54 16.63 56.39 -78.07
C LYS XB 54 18.08 55.92 -77.94
N SER XB 55 18.55 55.83 -76.70
CA SER XB 55 19.95 55.56 -76.42
C SER XB 55 20.06 54.67 -75.18
N ARG XB 56 20.78 53.54 -75.33
CA ARG XB 56 21.08 52.64 -74.23
C ARG XB 56 22.56 52.30 -74.27
N VAL XB 57 23.25 52.59 -73.17
CA VAL XB 57 24.70 52.46 -73.07
C VAL XB 57 25.10 51.03 -72.75
N PRO XB 58 26.31 50.62 -73.12
CA PRO XB 58 26.82 49.32 -72.65
C PRO XB 58 26.86 49.29 -71.13
N THR XB 59 26.25 48.26 -70.56
CA THR XB 59 26.18 48.08 -69.12
C THR XB 59 26.96 46.83 -68.74
N VAL XB 60 27.80 46.95 -67.72
CA VAL XB 60 28.59 45.83 -67.24
C VAL XB 60 27.73 44.95 -66.35
N VAL XB 61 27.81 43.65 -66.55
CA VAL XB 61 27.13 42.68 -65.72
C VAL XB 61 28.04 41.48 -65.54
N ASN XB 62 28.34 41.14 -64.29
CA ASN XB 62 29.18 39.98 -63.96
C ASN XB 62 30.56 40.11 -64.59
N GLY XB 63 31.12 41.31 -64.55
CA GLY XB 63 32.50 41.53 -64.91
C GLY XB 63 32.76 41.83 -66.37
N ASN XB 64 31.74 41.84 -67.23
CA ASN XB 64 31.98 42.17 -68.63
C ASN XB 64 30.77 42.87 -69.23
N TYR XB 65 31.00 43.50 -70.38
CA TYR XB 65 30.07 44.47 -70.94
C TYR XB 65 29.02 43.80 -71.82
N SER XB 66 27.90 44.51 -71.97
CA SER XB 66 26.85 44.15 -72.91
C SER XB 66 26.81 45.19 -74.02
N LYS XB 67 26.60 44.75 -75.24
CA LYS XB 67 26.59 45.68 -76.37
C LYS XB 67 25.48 46.73 -76.19
N GLY XB 68 25.80 47.97 -76.57
CA GLY XB 68 24.84 49.06 -76.44
C GLY XB 68 24.09 49.31 -77.74
N LYS XB 69 23.00 50.06 -77.63
CA LYS XB 69 22.04 50.19 -78.71
C LYS XB 69 21.56 51.63 -78.83
N ASN XB 70 21.69 52.21 -80.03
CA ASN XB 70 21.26 53.58 -80.28
C ASN XB 70 20.28 53.56 -81.47
N GLU XB 71 19.01 53.83 -81.19
CA GLU XB 71 17.97 53.85 -82.21
C GLU XB 71 17.63 55.28 -82.60
N VAL XB 72 17.22 55.42 -83.85
CA VAL XB 72 16.54 56.63 -84.33
C VAL XB 72 15.34 56.16 -85.14
N VAL XB 73 14.26 56.92 -85.08
CA VAL XB 73 13.11 56.69 -85.94
C VAL XB 73 12.61 58.03 -86.45
N PHE XB 74 12.56 58.19 -87.77
CA PHE XB 74 12.06 59.39 -88.42
C PHE XB 74 10.73 59.04 -89.04
N VAL XB 75 9.73 59.90 -88.84
CA VAL XB 75 8.36 59.60 -89.17
C VAL XB 75 7.76 60.74 -89.98
N ILE XB 76 7.14 60.36 -91.09
CA ILE XB 76 6.28 61.21 -91.91
C ILE XB 76 4.83 60.79 -91.65
N PRO XB 77 4.04 61.56 -90.91
CA PRO XB 77 2.63 61.22 -90.78
C PRO XB 77 1.88 61.58 -92.05
N MET XB 78 0.86 60.77 -92.38
CA MET XB 78 -0.06 61.13 -93.45
C MET XB 78 -1.45 60.65 -93.07
N SER XB 79 -2.44 61.48 -93.36
CA SER XB 79 -3.83 61.08 -93.17
C SER XB 79 -4.27 60.27 -94.37
N LEU XB 80 -4.90 59.12 -94.11
CA LEU XB 80 -5.42 58.29 -95.18
C LEU XB 80 -6.82 58.74 -95.57
N ASP XB 81 -7.28 58.25 -96.72
CA ASP XB 81 -8.63 58.57 -97.17
C ASP XB 81 -9.68 58.06 -96.19
N SER XB 82 -9.36 56.97 -95.46
CA SER XB 82 -10.27 56.38 -94.49
C SER XB 82 -10.38 57.19 -93.20
N GLY XB 83 -9.54 58.19 -93.01
CA GLY XB 83 -9.61 59.01 -91.82
C GLY XB 83 -8.48 58.79 -90.85
N GLU XB 84 -8.13 57.52 -90.61
CA GLU XB 84 -7.02 57.22 -89.71
C GLU XB 84 -5.73 57.84 -90.25
N THR XB 85 -5.00 58.51 -89.36
CA THR XB 85 -3.68 59.01 -89.68
C THR XB 85 -2.67 57.88 -89.43
N VAL XB 86 -1.81 57.61 -90.42
CA VAL XB 86 -0.83 56.54 -90.31
C VAL XB 86 0.57 57.14 -90.44
N PHE XB 87 1.53 56.52 -89.76
CA PHE XB 87 2.90 56.99 -89.74
C PHE XB 87 3.74 56.21 -90.75
N ASN XB 88 4.66 56.91 -91.42
CA ASN XB 88 5.63 56.31 -92.32
C ASN XB 88 6.99 56.38 -91.65
N SER XB 89 7.64 55.24 -91.49
CA SER XB 89 8.76 55.10 -90.58
C SER XB 89 10.03 54.74 -91.34
N VAL XB 90 11.13 55.39 -90.97
CA VAL XB 90 12.45 54.84 -91.22
C VAL XB 90 13.14 54.74 -89.86
N ARG XB 91 13.60 53.55 -89.52
CA ARG XB 91 14.16 53.26 -88.21
C ARG XB 91 15.57 52.73 -88.41
N ILE XB 92 16.54 53.36 -87.75
CA ILE XB 92 17.94 52.98 -87.84
C ILE XB 92 18.44 52.73 -86.43
N ALA XB 93 18.69 51.48 -86.11
CA ALA XB 93 19.29 51.09 -84.84
C ALA XB 93 20.74 50.68 -85.08
N LEU XB 94 21.58 50.94 -84.10
CA LEU XB 94 23.01 50.64 -84.23
C LEU XB 94 23.51 50.13 -82.88
N GLU XB 95 23.91 48.86 -82.85
CA GLU XB 95 24.32 48.16 -81.65
C GLU XB 95 25.81 47.87 -81.76
N ILE XB 96 26.57 48.43 -80.81
CA ILE XB 96 28.02 48.33 -80.81
C ILE XB 96 28.47 47.65 -79.53
N HIS XB 97 29.40 46.72 -79.65
CA HIS XB 97 30.08 46.22 -78.48
C HIS XB 97 31.27 47.13 -78.15
N PRO XB 98 31.52 47.41 -76.87
CA PRO XB 98 32.58 48.35 -76.51
C PRO XB 98 33.94 48.00 -77.09
N ALA XB 99 34.16 46.75 -77.45
CA ALA XB 99 35.45 46.33 -77.98
C ALA XB 99 35.66 46.70 -79.45
N LEU XB 100 34.63 47.17 -80.15
CA LEU XB 100 34.81 47.53 -81.55
C LEU XB 100 35.70 48.76 -81.67
N ALA XB 101 36.47 48.80 -82.75
CA ALA XB 101 37.33 49.95 -83.02
C ALA XB 101 36.52 51.22 -83.23
N SER XB 102 37.03 52.33 -82.69
CA SER XB 102 36.42 53.63 -82.92
C SER XB 102 36.19 53.87 -84.41
N ALA XB 103 37.17 53.48 -85.24
CA ALA XB 103 37.06 53.68 -86.68
C ALA XB 103 36.01 52.75 -87.29
N SER XB 104 35.92 51.51 -86.80
CA SER XB 104 34.90 50.60 -87.33
C SER XB 104 33.49 51.01 -86.93
N VAL XB 105 33.35 51.80 -85.86
CA VAL XB 105 32.02 52.34 -85.55
C VAL XB 105 31.54 53.27 -86.67
N LYS XB 106 32.37 54.25 -87.05
CA LYS XB 106 32.02 55.09 -88.18
C LYS XB 106 31.93 54.30 -89.49
N ASP XB 107 32.76 53.26 -89.66
CA ASP XB 107 32.60 52.43 -90.85
C ASP XB 107 31.21 51.80 -90.89
N LEU XB 108 30.69 51.35 -89.75
CA LEU XB 108 29.32 50.82 -89.70
C LEU XB 108 28.29 51.88 -90.06
N ARG XB 109 28.44 53.08 -89.50
CA ARG XB 109 27.49 54.15 -89.80
C ARG XB 109 27.44 54.42 -91.31
N LEU XB 110 28.61 54.51 -91.94
CA LEU XB 110 28.66 54.85 -93.36
C LEU XB 110 28.25 53.68 -94.24
N ILE XB 111 28.63 52.45 -93.86
CA ILE XB 111 28.23 51.31 -94.68
C ILE XB 111 26.74 51.04 -94.55
N GLY XB 112 26.14 51.41 -93.42
CA GLY XB 112 24.70 51.30 -93.29
C GLY XB 112 24.00 52.36 -94.12
N ALA XB 113 24.40 53.62 -93.95
CA ALA XB 113 23.79 54.69 -94.74
C ALA XB 113 23.98 54.46 -96.23
N GLN XB 114 25.05 53.77 -96.61
CA GLN XB 114 25.30 53.47 -98.01
C GLN XB 114 24.39 52.36 -98.52
N LEU XB 115 23.83 51.53 -97.63
CA LEU XB 115 22.86 50.54 -98.03
C LEU XB 115 21.48 51.14 -98.29
N LEU XB 116 21.16 52.30 -97.70
CA LEU XB 116 19.93 53.00 -98.07
C LEU XB 116 20.04 53.66 -99.44
N THR XB 117 21.12 54.37 -99.70
CA THR XB 117 21.14 55.30 -100.82
C THR XB 117 21.71 54.72 -102.11
N ASP XB 118 22.57 53.71 -102.03
CA ASP XB 118 23.28 53.26 -103.22
C ASP XB 118 22.29 52.61 -104.20
N ALA XB 119 22.38 53.03 -105.47
CA ALA XB 119 21.40 52.66 -106.48
C ALA XB 119 21.26 51.15 -106.66
N ASP XB 120 22.30 50.38 -106.33
CA ASP XB 120 22.21 48.92 -106.38
C ASP XB 120 21.00 48.42 -105.58
N TYR XB 121 20.80 48.96 -104.39
CA TYR XB 121 19.68 48.53 -103.57
C TYR XB 121 18.41 49.31 -103.88
N ASP XB 122 18.51 50.23 -104.85
CA ASP XB 122 17.41 51.14 -105.15
C ASP XB 122 16.14 50.36 -105.52
N SER XB 123 16.29 49.22 -106.18
CA SER XB 123 15.13 48.39 -106.50
C SER XB 123 14.61 47.66 -105.26
N PHE XB 124 15.49 47.37 -104.30
CA PHE XB 124 15.05 46.66 -103.09
C PHE XB 124 14.13 47.50 -102.23
N TRP XB 125 14.57 48.71 -101.88
CA TRP XB 125 13.81 49.54 -100.95
C TRP XB 125 12.48 49.96 -101.55
N THR XB 126 12.50 50.42 -102.80
CA THR XB 126 11.28 50.94 -103.42
C THR XB 126 10.28 49.82 -103.68
N LEU XB 127 10.72 48.78 -104.37
CA LEU XB 127 9.81 47.74 -104.85
C LEU XB 127 9.68 46.57 -103.88
N GLY XB 128 10.45 46.56 -102.79
CA GLY XB 128 10.50 45.37 -101.96
C GLY XB 128 11.01 44.16 -102.72
N ALA XB 129 11.98 44.36 -103.61
CA ALA XB 129 12.41 43.34 -104.56
C ALA XB 129 13.62 42.59 -104.02
N LEU XB 130 13.47 41.27 -103.86
CA LEU XB 130 14.55 40.39 -103.45
C LEU XB 130 15.21 39.82 -104.69
N ALA XB 131 16.43 40.26 -104.98
CA ALA XB 131 17.19 39.76 -106.11
C ALA XB 131 18.62 40.28 -106.00
N SER YB 1 23.59 68.59 -79.71
CA SER YB 1 23.83 68.67 -81.14
C SER YB 1 22.70 67.98 -81.91
N ILE YB 2 21.92 67.16 -81.21
CA ILE YB 2 20.71 66.60 -81.82
C ILE YB 2 19.63 67.65 -81.90
N ILE YB 3 19.44 68.43 -80.83
CA ILE YB 3 18.46 69.51 -80.83
C ILE YB 3 18.95 70.61 -81.74
N GLY YB 4 18.08 71.10 -82.61
CA GLY YB 4 18.47 72.18 -83.50
C GLY YB 4 19.47 71.78 -84.56
N SER YB 5 19.48 70.52 -84.97
CA SER YB 5 20.30 70.09 -86.10
C SER YB 5 19.54 70.31 -87.40
N SER YB 6 20.29 70.40 -88.50
CA SER YB 6 19.75 70.72 -89.81
C SER YB 6 20.16 69.63 -90.81
N ILE YB 7 19.20 69.18 -91.60
CA ILE YB 7 19.41 68.11 -92.59
C ILE YB 7 18.60 68.40 -93.85
N LYS YB 8 19.09 67.90 -95.00
CA LYS YB 8 18.46 68.22 -96.28
C LYS YB 8 17.26 67.31 -96.54
N THR YB 9 16.11 67.90 -96.87
CA THR YB 9 14.99 67.13 -97.38
C THR YB 9 14.89 67.30 -98.90
N GLY YB 10 14.22 66.33 -99.52
CA GLY YB 10 14.09 66.32 -100.96
C GLY YB 10 15.44 66.48 -101.63
N ALA YB 11 16.43 65.75 -101.14
CA ALA YB 11 17.75 65.82 -101.75
C ALA YB 11 17.75 65.08 -103.08
N THR YB 12 18.53 65.60 -104.03
CA THR YB 12 18.62 64.97 -105.35
C THR YB 12 19.31 63.61 -105.26
N SER YB 13 20.44 63.53 -104.55
CA SER YB 13 21.08 62.25 -104.29
C SER YB 13 22.13 62.43 -103.21
N ALA YB 14 22.62 61.31 -102.70
CA ALA YB 14 23.68 61.30 -101.70
C ALA YB 14 24.79 60.38 -102.20
N SER YB 15 26.00 60.59 -101.67
CA SER YB 15 27.16 59.86 -102.14
C SER YB 15 28.17 59.76 -101.01
N ILE YB 16 29.32 59.16 -101.32
CA ILE YB 16 30.28 58.82 -100.29
C ILE YB 16 31.70 58.99 -100.82
N THR YB 17 32.46 59.91 -100.21
CA THR YB 17 33.87 60.06 -100.52
C THR YB 17 34.63 59.01 -99.71
N GLY YB 18 35.01 57.93 -100.38
CA GLY YB 18 35.24 56.66 -99.73
C GLY YB 18 36.56 56.00 -100.10
N GLY YB 19 36.81 54.86 -99.45
CA GLY YB 19 38.00 54.07 -99.65
C GLY YB 19 37.79 52.85 -100.52
N SER YB 20 38.12 51.66 -100.00
CA SER YB 20 38.18 50.46 -100.82
C SER YB 20 36.79 49.82 -101.00
N ASP YB 21 36.67 49.04 -102.06
CA ASP YB 21 35.43 48.34 -102.38
C ASP YB 21 35.22 47.14 -101.46
N ILE YB 22 33.96 46.70 -101.40
CA ILE YB 22 33.58 45.46 -100.73
C ILE YB 22 32.41 44.87 -101.50
N THR YB 23 32.43 43.55 -101.70
CA THR YB 23 31.50 42.88 -102.62
C THR YB 23 30.74 41.77 -101.93
N PHE YB 24 29.43 41.72 -102.18
CA PHE YB 24 28.54 40.75 -101.56
C PHE YB 24 28.33 39.53 -102.46
N ALA YB 25 28.22 38.37 -101.83
CA ALA YB 25 27.89 37.14 -102.53
C ALA YB 25 26.89 36.36 -101.69
N LEU YB 26 26.18 35.43 -102.34
CA LEU YB 26 25.07 34.72 -101.70
C LEU YB 26 25.58 33.75 -100.64
N THR YB 27 25.00 33.81 -99.43
CA THR YB 27 25.49 33.05 -98.28
C THR YB 27 24.80 31.70 -98.12
N GLY YB 28 23.57 31.57 -98.60
CA GLY YB 28 22.82 30.37 -98.33
C GLY YB 28 22.58 30.11 -96.85
N GLN YB 29 22.40 31.16 -96.06
CA GLN YB 29 21.85 31.04 -94.71
C GLN YB 29 20.34 31.23 -94.82
N THR YB 30 19.60 30.18 -94.49
CA THR YB 30 18.15 30.21 -94.67
C THR YB 30 17.56 31.38 -93.88
N VAL YB 31 16.93 32.32 -94.61
CA VAL YB 31 16.35 33.52 -94.03
C VAL YB 31 14.97 33.71 -94.60
N THR YB 32 13.96 33.70 -93.73
CA THR YB 32 12.58 33.82 -94.17
C THR YB 32 12.35 35.20 -94.78
N ASN YB 33 11.73 35.22 -95.97
CA ASN YB 33 11.35 36.45 -96.64
C ASN YB 33 12.56 37.31 -97.00
N GLY YB 34 13.70 36.68 -97.25
CA GLY YB 34 14.88 37.49 -97.50
C GLY YB 34 16.10 36.67 -97.86
N LEU YB 35 17.22 37.37 -97.90
CA LEU YB 35 18.50 36.85 -98.35
C LEU YB 35 19.56 37.11 -97.29
N ASN YB 36 20.64 36.32 -97.36
CA ASN YB 36 21.88 36.61 -96.65
C ASN YB 36 22.99 36.66 -97.68
N VAL YB 37 23.72 37.78 -97.72
CA VAL YB 37 24.90 37.92 -98.55
C VAL YB 37 26.05 38.36 -97.66
N SER YB 38 27.17 37.65 -97.74
CA SER YB 38 28.35 38.07 -96.97
C SER YB 38 29.42 38.58 -97.92
N VAL YB 39 30.39 39.27 -97.35
CA VAL YB 39 31.46 39.84 -98.14
C VAL YB 39 32.49 38.75 -98.39
N SER YB 40 32.66 38.38 -99.65
CA SER YB 40 33.63 37.36 -100.01
C SER YB 40 35.06 37.91 -99.98
N GLU YB 41 35.22 39.15 -99.52
CA GLU YB 41 36.51 39.80 -99.50
C GLU YB 41 37.20 39.73 -98.15
N ASP YB 42 36.48 39.35 -97.10
CA ASP YB 42 37.09 38.98 -95.82
C ASP YB 42 37.43 37.50 -95.86
N THR YB 43 38.60 37.14 -95.31
CA THR YB 43 39.15 35.81 -95.54
C THR YB 43 38.73 34.78 -94.49
N ASP YB 44 38.32 35.20 -93.30
CA ASP YB 44 38.06 34.30 -92.18
C ASP YB 44 36.56 34.30 -91.87
N TYR YB 45 35.89 33.17 -92.13
CA TYR YB 45 34.44 33.09 -91.96
C TYR YB 45 34.03 33.58 -90.58
N ARG YB 46 34.74 33.13 -89.55
CA ARG YB 46 34.44 33.48 -88.17
C ARG YB 46 34.23 34.98 -87.96
N THR YB 47 34.77 35.82 -88.85
CA THR YB 47 34.58 37.27 -88.78
C THR YB 47 34.29 37.88 -90.16
N ARG YB 48 33.47 37.23 -90.99
CA ARG YB 48 33.05 37.86 -92.25
C ARG YB 48 31.82 38.71 -92.07
N ARG YB 49 31.97 40.00 -92.35
CA ARG YB 49 30.87 40.94 -92.37
C ARG YB 49 29.79 40.43 -93.32
N ASN YB 50 28.56 40.32 -92.83
CA ASN YB 50 27.47 39.87 -93.68
C ASN YB 50 26.29 40.81 -93.56
N ALA YB 51 25.27 40.58 -94.38
CA ALA YB 51 24.11 41.45 -94.40
C ALA YB 51 22.91 40.59 -94.76
N THR YB 52 21.77 40.92 -94.17
CA THR YB 52 20.54 40.18 -94.34
C THR YB 52 19.45 41.14 -94.75
N PHE YB 53 18.74 40.78 -95.82
CA PHE YB 53 17.70 41.60 -96.41
C PHE YB 53 16.36 40.90 -96.20
N LYS YB 54 15.39 41.62 -95.65
CA LYS YB 54 14.04 41.09 -95.44
C LYS YB 54 13.03 42.03 -96.07
N SER YB 55 11.91 41.45 -96.51
CA SER YB 55 10.84 42.22 -97.17
C SER YB 55 9.49 41.60 -96.80
N ARG YB 56 8.80 42.20 -95.83
CA ARG YB 56 7.42 41.87 -95.52
C ARG YB 56 6.50 42.79 -96.30
N VAL YB 57 5.49 42.20 -96.94
CA VAL YB 57 4.62 42.91 -97.87
C VAL YB 57 3.43 43.50 -97.12
N PRO YB 58 2.77 44.51 -97.68
CA PRO YB 58 1.55 45.03 -97.06
C PRO YB 58 0.45 43.99 -97.05
N THR YB 59 -0.37 44.06 -96.01
CA THR YB 59 -1.46 43.11 -95.81
C THR YB 59 -2.77 43.71 -96.28
N VAL YB 60 -3.55 42.94 -97.03
CA VAL YB 60 -4.84 43.38 -97.56
C VAL YB 60 -5.91 42.93 -96.58
N VAL YB 61 -6.50 43.87 -95.86
CA VAL YB 61 -7.53 43.59 -94.87
C VAL YB 61 -8.76 44.40 -95.28
N ASN YB 62 -9.64 43.77 -96.05
CA ASN YB 62 -10.96 44.33 -96.38
C ASN YB 62 -10.82 45.74 -96.97
N GLY YB 63 -10.05 45.84 -98.05
CA GLY YB 63 -9.84 47.10 -98.71
C GLY YB 63 -8.85 48.06 -98.05
N ASN YB 64 -8.35 47.73 -96.85
CA ASN YB 64 -7.37 48.56 -96.16
C ASN YB 64 -6.01 47.89 -96.18
N TYR YB 65 -4.96 48.67 -96.41
CA TYR YB 65 -3.61 48.11 -96.51
C TYR YB 65 -2.75 48.59 -95.36
N SER YB 66 -2.04 47.66 -94.73
CA SER YB 66 -1.03 47.98 -93.73
C SER YB 66 0.26 48.40 -94.41
N LYS YB 67 1.08 49.14 -93.68
CA LYS YB 67 2.40 49.48 -94.20
C LYS YB 67 3.24 48.21 -94.34
N GLY YB 68 4.08 48.18 -95.37
CA GLY YB 68 5.05 47.12 -95.52
C GLY YB 68 6.38 47.50 -94.90
N LYS YB 69 7.29 46.52 -94.84
CA LYS YB 69 8.51 46.68 -94.07
C LYS YB 69 9.68 46.05 -94.81
N ASN YB 70 10.72 46.83 -95.08
CA ASN YB 70 11.92 46.32 -95.73
C ASN YB 70 13.12 46.55 -94.80
N GLU YB 71 13.71 45.47 -94.31
CA GLU YB 71 14.83 45.55 -93.37
C GLU YB 71 16.14 45.17 -94.05
N VAL YB 72 17.21 45.77 -93.54
CA VAL YB 72 18.56 45.30 -93.78
C VAL YB 72 19.28 45.26 -92.45
N VAL YB 73 20.09 44.21 -92.24
CA VAL YB 73 20.89 44.04 -91.05
C VAL YB 73 22.31 43.76 -91.50
N PHE YB 74 23.22 44.70 -91.25
CA PHE YB 74 24.63 44.53 -91.57
C PHE YB 74 25.36 44.22 -90.27
N VAL YB 75 26.25 43.25 -90.32
CA VAL YB 75 26.84 42.67 -89.12
C VAL YB 75 28.35 42.53 -89.30
N ILE YB 76 29.10 43.09 -88.35
CA ILE YB 76 30.53 42.86 -88.16
C ILE YB 76 30.69 41.91 -86.98
N PRO YB 77 30.97 40.63 -87.21
CA PRO YB 77 31.30 39.76 -86.07
C PRO YB 77 32.75 39.98 -85.64
N MET YB 78 32.97 40.00 -84.32
CA MET YB 78 34.30 40.19 -83.77
C MET YB 78 34.53 39.19 -82.66
N SER YB 79 35.76 38.68 -82.61
CA SER YB 79 36.17 37.72 -81.59
C SER YB 79 36.71 38.47 -80.39
N LEU YB 80 36.07 38.27 -79.24
CA LEU YB 80 36.50 38.94 -78.02
C LEU YB 80 37.77 38.30 -77.47
N ASP YB 81 38.39 39.03 -76.54
CA ASP YB 81 39.51 38.47 -75.80
C ASP YB 81 39.08 37.23 -75.03
N SER YB 82 37.82 37.19 -74.58
CA SER YB 82 37.24 36.06 -73.86
C SER YB 82 37.11 34.81 -74.70
N GLY YB 83 37.31 34.90 -76.03
CA GLY YB 83 37.03 33.81 -76.93
C GLY YB 83 35.62 33.82 -77.49
N GLU YB 84 34.65 34.32 -76.72
CA GLU YB 84 33.29 34.44 -77.22
C GLU YB 84 33.22 35.51 -78.30
N THR YB 85 32.70 35.14 -79.47
CA THR YB 85 32.56 36.07 -80.59
C THR YB 85 31.15 36.66 -80.57
N VAL YB 86 31.04 37.96 -80.80
CA VAL YB 86 29.77 38.69 -80.75
C VAL YB 86 29.63 39.50 -82.03
N PHE YB 87 28.48 40.19 -82.14
CA PHE YB 87 28.07 40.82 -83.38
C PHE YB 87 27.79 42.31 -83.19
N ASN YB 88 28.42 43.13 -84.03
CA ASN YB 88 28.13 44.56 -84.13
C ASN YB 88 27.14 44.77 -85.27
N SER YB 89 26.01 45.37 -84.97
CA SER YB 89 24.85 45.31 -85.85
C SER YB 89 24.34 46.70 -86.16
N VAL YB 90 24.37 47.09 -87.42
CA VAL YB 90 23.59 48.23 -87.89
C VAL YB 90 22.36 47.69 -88.61
N ARG YB 91 21.18 48.10 -88.16
CA ARG YB 91 19.90 47.64 -88.71
C ARG YB 91 19.12 48.84 -89.21
N ILE YB 92 18.61 48.75 -90.44
CA ILE YB 92 17.83 49.83 -91.04
C ILE YB 92 16.56 49.23 -91.59
N ALA YB 93 15.42 49.62 -91.04
CA ALA YB 93 14.11 49.13 -91.41
C ALA YB 93 13.29 50.30 -91.93
N LEU YB 94 12.66 50.11 -93.08
CA LEU YB 94 11.88 51.17 -93.71
C LEU YB 94 10.46 50.66 -93.90
N GLU YB 95 9.52 51.27 -93.16
CA GLU YB 95 8.13 50.88 -93.14
C GLU YB 95 7.32 51.95 -93.88
N ILE YB 96 6.68 51.54 -94.97
CA ILE YB 96 6.00 52.48 -95.86
C ILE YB 96 4.61 51.96 -96.19
N HIS YB 97 3.62 52.85 -96.11
CA HIS YB 97 2.29 52.56 -96.67
C HIS YB 97 2.30 52.85 -98.16
N PRO YB 98 1.64 52.01 -98.97
CA PRO YB 98 1.78 52.14 -100.44
C PRO YB 98 1.29 53.46 -100.99
N ALA YB 99 0.46 54.20 -100.24
CA ALA YB 99 -0.11 55.45 -100.71
C ALA YB 99 0.85 56.63 -100.58
N LEU YB 100 2.03 56.45 -100.00
CA LEU YB 100 2.99 57.54 -99.92
C LEU YB 100 3.61 57.78 -101.29
N ALA YB 101 3.97 59.05 -101.54
CA ALA YB 101 4.54 59.43 -102.82
C ALA YB 101 5.89 58.75 -103.05
N SER YB 102 6.10 58.30 -104.29
CA SER YB 102 7.35 57.66 -104.66
C SER YB 102 8.54 58.56 -104.34
N ALA YB 103 8.35 59.89 -104.41
CA ALA YB 103 9.42 60.83 -104.09
C ALA YB 103 9.66 60.92 -102.59
N SER YB 104 8.59 60.88 -101.79
CA SER YB 104 8.77 60.92 -100.34
C SER YB 104 9.44 59.65 -99.82
N VAL YB 105 9.24 58.52 -100.49
CA VAL YB 105 9.94 57.31 -100.08
C VAL YB 105 11.45 57.49 -100.17
N LYS YB 106 11.93 58.01 -101.31
CA LYS YB 106 13.35 58.23 -101.47
C LYS YB 106 13.86 59.37 -100.59
N ASP YB 107 13.06 60.42 -100.40
CA ASP YB 107 13.43 61.44 -99.41
C ASP YB 107 13.64 60.79 -98.04
N LEU YB 108 12.82 59.80 -97.71
CA LEU YB 108 12.91 59.15 -96.40
C LEU YB 108 14.19 58.32 -96.29
N ARG YB 109 14.54 57.60 -97.37
CA ARG YB 109 15.82 56.89 -97.42
C ARG YB 109 16.99 57.83 -97.19
N LEU YB 110 17.00 58.95 -97.91
CA LEU YB 110 18.13 59.87 -97.82
C LEU YB 110 18.17 60.58 -96.47
N ILE YB 111 17.01 60.87 -95.88
CA ILE YB 111 17.01 61.57 -94.60
C ILE YB 111 17.49 60.64 -93.50
N GLY YB 112 17.17 59.35 -93.58
CA GLY YB 112 17.75 58.40 -92.66
C GLY YB 112 19.25 58.28 -92.83
N ALA YB 113 19.71 58.24 -94.08
CA ALA YB 113 21.16 58.20 -94.31
C ALA YB 113 21.86 59.40 -93.70
N GLN YB 114 21.26 60.59 -93.82
CA GLN YB 114 21.89 61.77 -93.22
C GLN YB 114 21.90 61.63 -91.71
N LEU YB 115 20.80 61.17 -91.12
CA LEU YB 115 20.77 60.95 -89.68
C LEU YB 115 21.91 60.02 -89.23
N LEU YB 116 22.25 59.02 -90.04
CA LEU YB 116 23.44 58.22 -89.72
C LEU YB 116 24.74 59.00 -89.84
N THR YB 117 24.96 59.67 -90.97
CA THR YB 117 26.32 60.07 -91.30
C THR YB 117 26.68 61.52 -90.97
N ASP YB 118 25.71 62.36 -90.61
CA ASP YB 118 26.01 63.76 -90.36
C ASP YB 118 26.83 63.92 -89.09
N ALA YB 119 27.61 65.01 -89.05
CA ALA YB 119 28.49 65.24 -87.90
C ALA YB 119 27.71 65.67 -86.67
N ASP YB 120 26.59 66.37 -86.86
CA ASP YB 120 25.73 66.78 -85.75
C ASP YB 120 25.37 65.60 -84.84
N TYR YB 121 25.32 64.40 -85.38
CA TYR YB 121 24.86 63.24 -84.63
C TYR YB 121 26.01 62.35 -84.15
N ASP YB 122 27.26 62.76 -84.43
CA ASP YB 122 28.42 61.99 -83.99
C ASP YB 122 28.35 61.69 -82.50
N SER YB 123 28.10 62.71 -81.68
CA SER YB 123 28.04 62.51 -80.24
C SER YB 123 26.98 61.46 -79.88
N PHE YB 124 25.78 61.60 -80.44
CA PHE YB 124 24.70 60.64 -80.18
C PHE YB 124 25.13 59.22 -80.50
N TRP YB 125 25.48 58.97 -81.76
CA TRP YB 125 25.77 57.61 -82.18
C TRP YB 125 26.93 57.02 -81.38
N THR YB 126 28.06 57.72 -81.33
CA THR YB 126 29.26 57.14 -80.74
C THR YB 126 29.14 57.00 -79.22
N LEU YB 127 28.87 58.11 -78.54
CA LEU YB 127 28.91 58.15 -77.09
C LEU YB 127 27.59 57.74 -76.45
N GLY YB 128 26.49 57.78 -77.19
CA GLY YB 128 25.17 57.59 -76.64
C GLY YB 128 24.55 58.85 -76.07
N ALA YB 129 25.10 60.02 -76.38
CA ALA YB 129 24.70 61.24 -75.70
C ALA YB 129 23.35 61.72 -76.20
N LEU YB 130 22.41 61.90 -75.29
CA LEU YB 130 21.13 62.49 -75.64
C LEU YB 130 21.27 64.01 -75.72
N ALA YB 131 20.22 64.65 -76.24
CA ALA YB 131 20.16 66.11 -76.37
C ALA YB 131 21.28 66.71 -77.23
N SER ZB 1 -12.21 98.49 -62.93
CA SER ZB 1 -10.93 98.50 -63.60
C SER ZB 1 -10.74 97.24 -64.46
N ILE ZB 2 -11.24 96.09 -64.00
CA ILE ZB 2 -11.28 94.90 -64.85
C ILE ZB 2 -12.32 95.08 -65.93
N ILE ZB 3 -13.51 95.54 -65.56
CA ILE ZB 3 -14.56 95.81 -66.53
C ILE ZB 3 -14.20 97.07 -67.30
N GLY ZB 4 -14.09 96.93 -68.62
CA GLY ZB 4 -13.72 98.05 -69.46
C GLY ZB 4 -12.23 98.15 -69.76
N SER ZB 5 -11.41 97.29 -69.17
CA SER ZB 5 -9.97 97.33 -69.44
C SER ZB 5 -9.69 97.04 -70.91
N SER ZB 6 -8.60 97.61 -71.41
CA SER ZB 6 -8.19 97.45 -72.80
C SER ZB 6 -6.77 96.89 -72.83
N ILE ZB 7 -6.56 95.89 -73.69
CA ILE ZB 7 -5.27 95.22 -73.80
C ILE ZB 7 -5.02 94.89 -75.27
N LYS ZB 8 -3.75 94.88 -75.67
CA LYS ZB 8 -3.38 94.72 -77.07
C LYS ZB 8 -3.44 93.25 -77.48
N THR ZB 9 -4.10 92.96 -78.59
CA THR ZB 9 -4.00 91.66 -79.24
C THR ZB 9 -3.23 91.80 -80.54
N GLY ZB 10 -2.76 90.66 -81.04
CA GLY ZB 10 -1.89 90.68 -82.19
C GLY ZB 10 -0.65 91.53 -81.99
N ALA ZB 11 -0.09 91.50 -80.78
CA ALA ZB 11 1.09 92.30 -80.51
C ALA ZB 11 2.33 91.67 -81.11
N THR ZB 12 3.26 92.52 -81.54
CA THR ZB 12 4.51 92.02 -82.10
C THR ZB 12 5.35 91.33 -81.03
N SER ZB 13 5.66 92.04 -79.94
CA SER ZB 13 6.43 91.43 -78.86
C SER ZB 13 6.27 92.26 -77.59
N ALA ZB 14 6.56 91.63 -76.46
CA ALA ZB 14 6.49 92.28 -75.15
C ALA ZB 14 7.89 92.43 -74.59
N SER ZB 15 8.07 93.45 -73.76
CA SER ZB 15 9.37 93.75 -73.19
C SER ZB 15 9.16 94.24 -71.76
N ILE ZB 16 10.27 94.44 -71.04
CA ILE ZB 16 10.17 94.83 -69.65
C ILE ZB 16 11.33 95.77 -69.30
N THR ZB 17 10.99 96.99 -68.91
CA THR ZB 17 11.97 97.97 -68.43
C THR ZB 17 12.22 97.65 -66.95
N GLY ZB 18 13.38 97.07 -66.66
CA GLY ZB 18 13.60 96.53 -65.34
C GLY ZB 18 15.00 96.56 -64.80
N GLY ZB 19 15.18 95.91 -63.64
CA GLY ZB 19 16.43 95.98 -62.90
C GLY ZB 19 17.41 94.85 -63.18
N SER ZB 20 17.80 94.14 -62.12
CA SER ZB 20 18.91 93.20 -62.19
C SER ZB 20 18.50 91.89 -62.85
N ASP ZB 21 19.51 91.17 -63.36
CA ASP ZB 21 19.31 89.87 -63.96
C ASP ZB 21 19.15 88.78 -62.90
N ILE ZB 22 18.60 87.65 -63.34
CA ILE ZB 22 18.56 86.45 -62.52
C ILE ZB 22 18.71 85.26 -63.47
N THR ZB 23 19.43 84.23 -63.04
CA THR ZB 23 19.74 83.12 -63.93
C THR ZB 23 19.31 81.81 -63.30
N PHE ZB 24 18.88 80.89 -64.15
CA PHE ZB 24 18.39 79.58 -63.73
C PHE ZB 24 19.44 78.51 -64.01
N ALA ZB 25 19.51 77.52 -63.13
CA ALA ZB 25 20.29 76.32 -63.39
C ALA ZB 25 19.48 75.12 -62.95
N LEU ZB 26 19.77 73.98 -63.57
CA LEU ZB 26 18.98 72.78 -63.33
C LEU ZB 26 19.15 72.26 -61.91
N THR ZB 27 18.02 72.05 -61.22
CA THR ZB 27 18.05 71.73 -59.80
C THR ZB 27 18.52 70.32 -59.53
N GLY ZB 28 18.02 69.36 -60.31
CA GLY ZB 28 18.20 67.97 -59.96
C GLY ZB 28 17.16 67.46 -58.99
N GLN ZB 29 16.10 68.23 -58.73
CA GLN ZB 29 14.93 67.68 -58.07
C GLN ZB 29 14.12 66.92 -59.10
N THR ZB 30 13.84 65.65 -58.81
CA THR ZB 30 13.11 64.81 -59.74
C THR ZB 30 11.67 65.30 -59.83
N VAL ZB 31 11.22 65.63 -61.04
CA VAL ZB 31 9.85 66.10 -61.26
C VAL ZB 31 9.24 65.30 -62.40
N THR ZB 32 8.06 64.72 -62.15
CA THR ZB 32 7.39 63.90 -63.15
C THR ZB 32 6.94 64.77 -64.32
N ASN ZB 33 7.29 64.32 -65.53
CA ASN ZB 33 7.01 65.05 -66.78
C ASN ZB 33 7.55 66.47 -66.74
N GLY ZB 34 8.51 66.75 -65.86
CA GLY ZB 34 8.87 68.14 -65.63
C GLY ZB 34 10.32 68.35 -65.26
N LEU ZB 35 10.60 69.61 -64.94
CA LEU ZB 35 11.94 70.12 -64.74
C LEU ZB 35 11.91 71.10 -63.57
N ASN ZB 36 13.00 71.16 -62.82
CA ASN ZB 36 13.14 72.18 -61.79
C ASN ZB 36 14.43 72.93 -62.05
N VAL ZB 37 14.34 74.25 -62.22
CA VAL ZB 37 15.50 75.12 -62.30
C VAL ZB 37 15.38 76.17 -61.21
N SER ZB 38 16.42 76.30 -60.40
CA SER ZB 38 16.38 77.30 -59.35
C SER ZB 38 17.36 78.42 -59.67
N VAL ZB 39 17.30 79.45 -58.82
CA VAL ZB 39 18.09 80.65 -59.01
C VAL ZB 39 19.51 80.41 -58.52
N SER ZB 40 20.47 80.45 -59.43
CA SER ZB 40 21.88 80.31 -59.09
C SER ZB 40 22.44 81.55 -58.39
N GLU ZB 41 21.60 82.56 -58.15
CA GLU ZB 41 22.08 83.84 -57.67
C GLU ZB 41 21.65 84.15 -56.24
N ASP ZB 42 20.59 83.51 -55.76
CA ASP ZB 42 20.24 83.55 -54.35
C ASP ZB 42 21.11 82.54 -53.60
N THR ZB 43 21.64 82.96 -52.45
CA THR ZB 43 22.72 82.23 -51.82
C THR ZB 43 22.26 81.19 -50.80
N ASP ZB 44 21.03 81.30 -50.30
CA ASP ZB 44 20.52 80.38 -49.28
C ASP ZB 44 19.39 79.58 -49.90
N TYR ZB 45 19.58 78.25 -50.01
CA TYR ZB 45 18.56 77.38 -50.57
C TYR ZB 45 17.22 77.58 -49.87
N ARG ZB 46 17.26 77.75 -48.55
CA ARG ZB 46 16.06 77.97 -47.75
C ARG ZB 46 15.14 79.02 -48.36
N THR ZB 47 15.72 80.02 -49.04
CA THR ZB 47 14.97 81.08 -49.70
C THR ZB 47 15.32 81.23 -51.18
N ARG ZB 48 15.82 80.18 -51.84
CA ARG ZB 48 16.08 80.29 -53.29
C ARG ZB 48 14.80 80.16 -54.09
N ARG ZB 49 14.47 81.24 -54.78
CA ARG ZB 49 13.41 81.22 -55.77
C ARG ZB 49 13.65 80.09 -56.77
N ASN ZB 50 12.60 79.33 -57.08
CA ASN ZB 50 12.78 78.29 -58.10
C ASN ZB 50 11.51 78.14 -58.94
N ALA ZB 51 11.70 77.65 -60.15
CA ALA ZB 51 10.64 77.46 -61.12
C ALA ZB 51 10.60 76.01 -61.57
N THR ZB 52 9.40 75.52 -61.80
CA THR ZB 52 9.15 74.15 -62.21
C THR ZB 52 8.31 74.15 -63.48
N PHE ZB 53 8.76 73.40 -64.47
CA PHE ZB 53 8.21 73.38 -65.81
C PHE ZB 53 7.63 71.98 -66.07
N LYS ZB 54 6.32 71.90 -66.26
CA LYS ZB 54 5.68 70.65 -66.62
C LYS ZB 54 5.10 70.75 -68.03
N SER ZB 55 5.06 69.61 -68.72
CA SER ZB 55 4.66 69.58 -70.12
C SER ZB 55 3.94 68.28 -70.44
N ARG ZB 56 2.75 68.39 -71.03
CA ARG ZB 56 2.05 67.25 -71.62
C ARG ZB 56 1.62 67.62 -73.05
N VAL ZB 57 1.99 66.74 -73.97
CA VAL ZB 57 1.82 66.87 -75.42
C VAL ZB 57 0.41 66.42 -75.78
N PRO ZB 58 -0.19 66.93 -76.87
CA PRO ZB 58 -1.52 66.45 -77.28
C PRO ZB 58 -1.56 64.94 -77.52
N THR ZB 59 -2.57 64.30 -76.95
CA THR ZB 59 -2.80 62.87 -77.09
C THR ZB 59 -3.91 62.62 -78.10
N VAL ZB 60 -3.72 61.60 -78.94
CA VAL ZB 60 -4.64 61.29 -80.03
C VAL ZB 60 -5.47 60.05 -79.68
N VAL ZB 61 -6.80 60.19 -79.77
CA VAL ZB 61 -7.73 59.08 -79.60
C VAL ZB 61 -8.43 58.86 -80.94
N ASN ZB 62 -7.99 57.82 -81.66
CA ASN ZB 62 -8.58 57.39 -82.93
C ASN ZB 62 -8.82 58.56 -83.87
N GLY ZB 63 -7.79 59.41 -84.02
CA GLY ZB 63 -7.82 60.52 -84.93
C GLY ZB 63 -8.17 61.86 -84.32
N ASN ZB 64 -8.68 61.90 -83.09
CA ASN ZB 64 -9.09 63.15 -82.46
C ASN ZB 64 -8.03 63.60 -81.45
N TYR ZB 65 -7.56 64.83 -81.58
CA TYR ZB 65 -6.50 65.33 -80.72
C TYR ZB 65 -7.06 66.01 -79.47
N SER ZB 66 -6.31 65.92 -78.38
CA SER ZB 66 -6.65 66.55 -77.11
C SER ZB 66 -5.74 67.74 -76.89
N LYS ZB 67 -6.32 68.84 -76.40
CA LYS ZB 67 -5.53 70.02 -76.06
C LYS ZB 67 -4.47 69.68 -75.02
N GLY ZB 68 -3.22 70.04 -75.34
CA GLY ZB 68 -2.12 69.80 -74.44
C GLY ZB 68 -1.90 70.95 -73.47
N LYS ZB 69 -0.99 70.71 -72.51
CA LYS ZB 69 -0.90 71.56 -71.31
C LYS ZB 69 0.56 71.82 -70.96
N ASN ZB 70 0.95 73.10 -70.91
CA ASN ZB 70 2.29 73.49 -70.50
C ASN ZB 70 2.20 74.37 -69.26
N GLU ZB 71 2.63 73.84 -68.12
CA GLU ZB 71 2.59 74.57 -66.85
C GLU ZB 71 3.96 75.09 -66.47
N VAL ZB 72 3.95 76.23 -65.80
CA VAL ZB 72 5.12 76.77 -65.10
C VAL ZB 72 4.65 77.23 -63.73
N VAL ZB 73 5.46 76.98 -62.71
CA VAL ZB 73 5.21 77.51 -61.39
C VAL ZB 73 6.49 78.13 -60.86
N PHE ZB 74 6.41 79.35 -60.37
CA PHE ZB 74 7.55 80.09 -59.86
C PHE ZB 74 7.27 80.40 -58.39
N VAL ZB 75 8.28 80.18 -57.55
CA VAL ZB 75 8.09 80.15 -56.11
C VAL ZB 75 9.14 81.02 -55.43
N ILE ZB 76 8.67 81.91 -54.58
CA ILE ZB 76 9.47 82.61 -53.57
C ILE ZB 76 9.20 81.94 -52.21
N PRO ZB 77 10.13 81.19 -51.67
CA PRO ZB 77 9.93 80.65 -50.32
C PRO ZB 77 10.27 81.69 -49.27
N MET ZB 78 9.44 81.75 -48.23
CA MET ZB 78 9.72 82.63 -47.10
C MET ZB 78 9.36 81.92 -45.81
N SER ZB 79 10.19 82.09 -44.79
CA SER ZB 79 9.89 81.54 -43.47
C SER ZB 79 9.06 82.56 -42.69
N LEU ZB 80 8.00 82.09 -42.05
CA LEU ZB 80 7.10 82.94 -41.29
C LEU ZB 80 7.61 83.15 -39.88
N ASP ZB 81 6.98 84.10 -39.19
CA ASP ZB 81 7.21 84.24 -37.75
C ASP ZB 81 6.84 82.97 -37.01
N SER ZB 82 5.98 82.14 -37.60
CA SER ZB 82 5.63 80.82 -37.07
C SER ZB 82 6.78 79.83 -37.16
N GLY ZB 83 7.85 80.16 -37.87
CA GLY ZB 83 8.90 79.20 -38.14
C GLY ZB 83 8.60 78.39 -39.39
N GLU ZB 84 7.32 78.06 -39.54
CA GLU ZB 84 6.82 77.41 -40.76
C GLU ZB 84 7.24 78.19 -41.99
N THR ZB 85 7.73 77.48 -43.00
CA THR ZB 85 8.15 78.09 -44.26
C THR ZB 85 7.07 77.85 -45.31
N VAL ZB 86 6.60 78.92 -45.93
CA VAL ZB 86 5.51 78.88 -46.91
C VAL ZB 86 6.05 79.32 -48.27
N PHE ZB 87 5.43 78.80 -49.33
CA PHE ZB 87 5.85 79.06 -50.70
C PHE ZB 87 4.89 80.05 -51.34
N ASN ZB 88 5.42 81.12 -51.92
CA ASN ZB 88 4.65 82.15 -52.59
C ASN ZB 88 4.69 81.91 -54.10
N SER ZB 89 3.53 81.70 -54.70
CA SER ZB 89 3.43 81.04 -55.99
C SER ZB 89 2.85 81.96 -57.06
N VAL ZB 90 3.39 81.86 -58.26
CA VAL ZB 90 2.72 82.30 -59.47
C VAL ZB 90 2.76 81.14 -60.46
N ARG ZB 91 1.60 80.75 -60.99
CA ARG ZB 91 1.48 79.57 -61.84
C ARG ZB 91 0.80 79.96 -63.14
N ILE ZB 92 1.42 79.62 -64.26
CA ILE ZB 92 0.92 79.94 -65.58
C ILE ZB 92 0.83 78.66 -66.39
N ALA ZB 93 -0.38 78.32 -66.80
CA ALA ZB 93 -0.67 77.08 -67.53
C ALA ZB 93 -1.33 77.44 -68.85
N LEU ZB 94 -0.72 77.00 -69.95
CA LEU ZB 94 -1.24 77.29 -71.29
C LEU ZB 94 -1.67 75.99 -71.95
N GLU ZB 95 -2.95 75.89 -72.27
CA GLU ZB 95 -3.57 74.70 -72.82
C GLU ZB 95 -4.01 75.00 -74.25
N ILE ZB 96 -3.40 74.30 -75.21
CA ILE ZB 96 -3.58 74.60 -76.63
C ILE ZB 96 -3.98 73.34 -77.38
N HIS ZB 97 -4.98 73.47 -78.24
CA HIS ZB 97 -5.30 72.42 -79.19
C HIS ZB 97 -4.42 72.56 -80.43
N PRO ZB 98 -3.94 71.44 -81.00
CA PRO ZB 98 -3.01 71.54 -82.13
C PRO ZB 98 -3.52 72.33 -83.31
N ALA ZB 99 -4.83 72.44 -83.47
CA ALA ZB 99 -5.40 73.11 -84.64
C ALA ZB 99 -5.34 74.63 -84.55
N LEU ZB 100 -4.97 75.20 -83.41
CA LEU ZB 100 -4.97 76.65 -83.25
C LEU ZB 100 -3.88 77.29 -84.10
N ALA ZB 101 -4.13 78.53 -84.51
CA ALA ZB 101 -3.17 79.27 -85.31
C ALA ZB 101 -1.87 79.48 -84.54
N SER ZB 102 -0.75 79.26 -85.24
CA SER ZB 102 0.56 79.46 -84.65
C SER ZB 102 0.70 80.85 -84.03
N ALA ZB 103 0.15 81.87 -84.70
CA ALA ZB 103 0.24 83.23 -84.17
C ALA ZB 103 -0.74 83.46 -83.03
N SER ZB 104 -1.90 82.79 -83.04
CA SER ZB 104 -2.81 82.89 -81.91
C SER ZB 104 -2.20 82.30 -80.64
N VAL ZB 105 -1.32 81.30 -80.79
CA VAL ZB 105 -0.62 80.76 -79.61
C VAL ZB 105 0.19 81.87 -78.92
N LYS ZB 106 1.04 82.55 -79.68
CA LYS ZB 106 1.84 83.61 -79.10
C LYS ZB 106 0.97 84.81 -78.69
N ASP ZB 107 -0.14 85.05 -79.38
CA ASP ZB 107 -1.05 86.09 -78.90
C ASP ZB 107 -1.62 85.74 -77.52
N LEU ZB 108 -1.89 84.45 -77.27
CA LEU ZB 108 -2.33 84.05 -75.93
C LEU ZB 108 -1.25 84.29 -74.89
N ARG ZB 109 0.00 83.93 -75.21
CA ARG ZB 109 1.10 84.21 -74.29
C ARG ZB 109 1.15 85.69 -73.94
N LEU ZB 110 1.09 86.56 -74.96
CA LEU ZB 110 1.23 87.99 -74.73
C LEU ZB 110 0.02 88.58 -74.02
N ILE ZB 111 -1.18 88.07 -74.31
CA ILE ZB 111 -2.38 88.62 -73.68
C ILE ZB 111 -2.46 88.18 -72.23
N GLY ZB 112 -2.03 86.95 -71.94
CA GLY ZB 112 -1.89 86.53 -70.56
C GLY ZB 112 -0.91 87.41 -69.81
N ALA ZB 113 0.24 87.70 -70.42
CA ALA ZB 113 1.22 88.55 -69.74
C ALA ZB 113 0.67 89.93 -69.46
N GLN ZB 114 -0.09 90.49 -70.42
CA GLN ZB 114 -0.69 91.80 -70.17
C GLN ZB 114 -1.69 91.73 -69.02
N LEU ZB 115 -2.42 90.62 -68.91
CA LEU ZB 115 -3.37 90.49 -67.81
C LEU ZB 115 -2.67 90.49 -66.44
N LEU ZB 116 -1.40 90.07 -66.38
CA LEU ZB 116 -0.63 90.26 -65.15
C LEU ZB 116 -0.10 91.67 -64.99
N THR ZB 117 0.43 92.27 -66.04
CA THR ZB 117 1.29 93.44 -65.86
C THR ZB 117 0.67 94.74 -66.32
N ASP ZB 118 -0.63 94.79 -66.60
CA ASP ZB 118 -1.26 96.08 -66.87
C ASP ZB 118 -1.77 96.70 -65.59
N ALA ZB 119 -1.78 98.03 -65.55
CA ALA ZB 119 -2.21 98.75 -64.35
C ALA ZB 119 -3.68 98.51 -64.06
N ASP ZB 120 -4.50 98.33 -65.09
CA ASP ZB 120 -5.93 98.13 -64.92
C ASP ZB 120 -6.24 97.01 -63.93
N TYR ZB 121 -5.32 96.04 -63.80
CA TYR ZB 121 -5.57 94.87 -62.99
C TYR ZB 121 -4.86 94.92 -61.65
N ASP ZB 122 -4.07 95.96 -61.39
CA ASP ZB 122 -3.31 96.06 -60.14
C ASP ZB 122 -4.20 95.80 -58.94
N SER ZB 123 -5.38 96.42 -58.91
CA SER ZB 123 -6.28 96.24 -57.78
C SER ZB 123 -6.67 94.78 -57.62
N PHE ZB 124 -7.05 94.13 -58.73
CA PHE ZB 124 -7.39 92.72 -58.71
C PHE ZB 124 -6.26 91.87 -58.13
N TRP ZB 125 -5.07 91.95 -58.73
CA TRP ZB 125 -4.00 91.05 -58.32
C TRP ZB 125 -3.61 91.30 -56.87
N THR ZB 126 -3.31 92.56 -56.52
CA THR ZB 126 -2.80 92.83 -55.18
C THR ZB 126 -3.86 92.53 -54.12
N LEU ZB 127 -5.03 93.14 -54.23
CA LEU ZB 127 -6.02 93.05 -53.16
C LEU ZB 127 -6.98 91.88 -53.34
N GLY ZB 128 -7.39 91.59 -54.57
CA GLY ZB 128 -8.42 90.61 -54.83
C GLY ZB 128 -9.74 91.22 -55.29
N ALA ZB 129 -9.72 92.47 -55.74
CA ALA ZB 129 -10.91 93.19 -56.18
C ALA ZB 129 -11.54 92.54 -57.40
N LEU ZB 130 -12.86 92.54 -57.43
CA LEU ZB 130 -13.63 91.84 -58.47
C LEU ZB 130 -14.40 92.77 -59.39
N ALA ZB 131 -14.13 94.07 -59.38
CA ALA ZB 131 -14.82 94.99 -60.30
C ALA ZB 131 -13.97 95.29 -61.53
N SER AC 1 59.74 -23.66 49.66
CA SER AC 1 60.94 -24.48 49.51
C SER AC 1 60.63 -25.78 48.76
N ILE AC 2 59.69 -25.71 47.81
CA ILE AC 2 59.32 -26.89 47.04
C ILE AC 2 60.36 -27.21 45.98
N ILE AC 3 60.72 -26.22 45.17
CA ILE AC 3 61.69 -26.42 44.10
C ILE AC 3 63.05 -26.70 44.72
N GLY AC 4 63.58 -27.89 44.47
CA GLY AC 4 64.86 -28.28 45.01
C GLY AC 4 64.79 -29.06 46.31
N SER AC 5 63.61 -29.35 46.83
CA SER AC 5 63.51 -30.14 48.04
C SER AC 5 64.06 -31.55 47.80
N SER AC 6 64.51 -32.18 48.88
CA SER AC 6 65.12 -33.50 48.81
C SER AC 6 64.44 -34.41 49.82
N ILE AC 7 64.04 -35.61 49.36
CA ILE AC 7 63.42 -36.63 50.21
C ILE AC 7 63.99 -38.00 49.85
N LYS AC 8 63.64 -39.00 50.64
CA LYS AC 8 64.26 -40.32 50.58
C LYS AC 8 63.33 -41.32 49.88
N THR AC 9 63.87 -42.02 48.88
CA THR AC 9 63.17 -43.14 48.26
C THR AC 9 63.80 -44.44 48.72
N GLY AC 10 63.00 -45.50 48.71
CA GLY AC 10 63.45 -46.78 49.25
C GLY AC 10 63.91 -46.68 50.69
N ALA AC 11 63.16 -45.95 51.51
CA ALA AC 11 63.49 -45.88 52.93
C ALA AC 11 63.18 -47.20 53.62
N THR AC 12 64.04 -47.59 54.55
CA THR AC 12 63.79 -48.80 55.33
C THR AC 12 62.48 -48.69 56.11
N SER AC 13 62.30 -47.59 56.85
CA SER AC 13 61.03 -47.35 57.54
C SER AC 13 60.93 -45.89 57.93
N ALA AC 14 59.77 -45.51 58.46
CA ALA AC 14 59.55 -44.19 59.00
C ALA AC 14 59.05 -44.32 60.43
N SER AC 15 59.32 -43.30 61.24
CA SER AC 15 59.04 -43.37 62.67
C SER AC 15 58.69 -41.97 63.16
N ILE AC 16 58.30 -41.88 64.42
CA ILE AC 16 57.79 -40.61 64.95
C ILE AC 16 58.21 -40.47 66.41
N THR AC 17 58.83 -39.32 66.73
CA THR AC 17 59.17 -38.95 68.09
C THR AC 17 58.08 -38.01 68.58
N GLY AC 18 57.21 -38.52 69.46
CA GLY AC 18 56.02 -37.75 69.78
C GLY AC 18 55.37 -38.17 71.06
N GLY AC 19 54.26 -37.47 71.37
CA GLY AC 19 53.64 -37.53 72.67
C GLY AC 19 52.63 -38.62 72.92
N SER AC 20 51.41 -38.24 73.31
CA SER AC 20 50.46 -39.19 73.87
C SER AC 20 49.83 -40.07 72.80
N ASP AC 21 49.40 -41.27 73.22
CA ASP AC 21 48.72 -42.20 72.34
C ASP AC 21 47.28 -41.77 72.11
N ILE AC 22 46.73 -42.22 70.99
CA ILE AC 22 45.31 -42.16 70.71
C ILE AC 22 44.90 -43.51 70.15
N THR AC 23 43.76 -44.00 70.60
CA THR AC 23 43.28 -45.34 70.29
C THR AC 23 41.97 -45.25 69.54
N PHE AC 24 41.83 -46.09 68.52
CA PHE AC 24 40.66 -46.15 67.65
C PHE AC 24 39.71 -47.27 68.07
N ALA AC 25 38.45 -47.11 67.69
CA ALA AC 25 37.43 -48.12 67.89
C ALA AC 25 36.35 -47.90 66.85
N LEU AC 26 35.64 -48.98 66.51
CA LEU AC 26 34.71 -48.92 65.40
C LEU AC 26 33.49 -48.08 65.76
N THR AC 27 33.03 -47.27 64.80
CA THR AC 27 31.95 -46.30 64.99
C THR AC 27 30.59 -46.81 64.55
N GLY AC 28 30.50 -47.49 63.41
CA GLY AC 28 29.21 -47.88 62.89
C GLY AC 28 28.51 -46.81 62.08
N GLN AC 29 29.12 -45.64 61.88
CA GLN AC 29 28.63 -44.74 60.85
C GLN AC 29 28.75 -45.41 59.50
N THR AC 30 27.62 -45.52 58.80
CA THR AC 30 27.57 -46.26 57.56
C THR AC 30 28.45 -45.62 56.50
N VAL AC 31 29.40 -46.39 55.98
CA VAL AC 31 30.36 -45.93 54.97
C VAL AC 31 30.48 -47.00 53.90
N THR AC 32 30.19 -46.64 52.65
CA THR AC 32 30.14 -47.61 51.57
C THR AC 32 31.54 -48.06 51.18
N ASN AC 33 31.74 -49.38 51.16
CA ASN AC 33 33.06 -50.00 50.93
C ASN AC 33 34.09 -49.48 51.93
N GLY AC 34 33.64 -49.10 53.11
CA GLY AC 34 34.51 -48.44 54.06
C GLY AC 34 34.23 -48.71 55.52
N LEU AC 35 34.78 -47.84 56.38
CA LEU AC 35 34.85 -48.13 57.80
C LEU AC 35 35.11 -46.84 58.55
N ASN AC 36 34.30 -46.54 59.56
CA ASN AC 36 34.51 -45.38 60.42
C ASN AC 36 35.03 -45.86 61.78
N VAL AC 37 36.22 -45.40 62.16
CA VAL AC 37 36.73 -45.60 63.51
C VAL AC 37 36.97 -44.23 64.15
N SER AC 38 36.41 -44.02 65.32
CA SER AC 38 36.68 -42.79 66.05
C SER AC 38 37.54 -43.10 67.26
N VAL AC 39 38.00 -42.06 67.91
CA VAL AC 39 38.84 -42.25 69.09
C VAL AC 39 37.93 -42.52 70.28
N SER AC 40 38.31 -43.47 71.11
CA SER AC 40 37.58 -43.63 72.37
C SER AC 40 38.17 -42.75 73.44
N GLU AC 41 39.14 -41.91 73.09
CA GLU AC 41 39.87 -41.11 74.07
C GLU AC 41 39.37 -39.68 74.16
N ASP AC 42 38.76 -39.17 73.10
CA ASP AC 42 38.02 -37.92 73.20
C ASP AC 42 36.61 -38.22 73.69
N THR AC 43 36.08 -37.32 74.51
CA THR AC 43 34.84 -37.59 75.23
C THR AC 43 33.61 -36.92 74.62
N ASP AC 44 33.75 -35.73 74.06
CA ASP AC 44 32.62 -34.98 73.51
C ASP AC 44 32.34 -35.45 72.09
N TYR AC 45 31.09 -35.86 71.83
CA TYR AC 45 30.76 -36.40 70.51
C TYR AC 45 30.87 -35.33 69.43
N ARG AC 46 30.50 -34.08 69.76
CA ARG AC 46 30.67 -32.96 68.84
C ARG AC 46 32.10 -32.91 68.30
N THR AC 47 33.09 -32.84 69.19
CA THR AC 47 34.46 -32.58 68.80
C THR AC 47 35.32 -33.84 68.80
N ARG AC 48 34.72 -35.02 68.70
CA ARG AC 48 35.49 -36.25 68.79
C ARG AC 48 36.08 -36.60 67.44
N ARG AC 49 37.41 -36.69 67.41
CA ARG AC 49 38.15 -36.93 66.18
C ARG AC 49 37.82 -38.31 65.60
N ASN AC 50 37.62 -38.36 64.28
CA ASN AC 50 37.32 -39.66 63.69
C ASN AC 50 37.93 -39.81 62.31
N ALA AC 51 38.22 -41.05 61.94
CA ALA AC 51 38.80 -41.37 60.65
C ALA AC 51 37.90 -42.34 59.91
N THR AC 52 38.04 -42.33 58.60
CA THR AC 52 37.23 -43.13 57.70
C THR AC 52 38.10 -43.71 56.60
N PHE AC 53 38.04 -45.03 56.46
CA PHE AC 53 38.85 -45.82 55.55
C PHE AC 53 37.95 -46.35 54.45
N LYS AC 54 38.19 -45.92 53.22
CA LYS AC 54 37.50 -46.51 52.08
C LYS AC 54 38.49 -47.30 51.24
N SER AC 55 38.01 -48.38 50.62
CA SER AC 55 38.87 -49.34 49.93
C SER AC 55 38.16 -49.86 48.69
N ARG AC 56 38.83 -49.74 47.54
CA ARG AC 56 38.34 -50.27 46.28
C ARG AC 56 39.47 -51.05 45.61
N VAL AC 57 39.23 -52.32 45.33
CA VAL AC 57 40.24 -53.25 44.82
C VAL AC 57 40.39 -53.11 43.31
N PRO AC 58 41.54 -53.46 42.75
CA PRO AC 58 41.65 -53.55 41.30
C PRO AC 58 40.65 -54.57 40.75
N THR AC 59 39.87 -54.13 39.77
CA THR AC 59 38.86 -54.96 39.14
C THR AC 59 39.23 -55.17 37.69
N VAL AC 60 39.15 -56.43 37.25
CA VAL AC 60 39.47 -56.78 35.88
C VAL AC 60 38.26 -56.47 34.99
N VAL AC 61 38.53 -55.83 33.85
CA VAL AC 61 37.49 -55.54 32.87
C VAL AC 61 38.10 -55.75 31.49
N ASN AC 62 37.49 -56.62 30.69
CA ASN AC 62 37.94 -56.87 29.32
C ASN AC 62 39.37 -57.39 29.29
N GLY AC 63 39.71 -58.27 30.24
CA GLY AC 63 40.95 -58.98 30.21
C GLY AC 63 42.13 -58.30 30.91
N ASN AC 64 41.95 -57.11 31.45
CA ASN AC 64 43.05 -56.46 32.16
C ASN AC 64 42.54 -55.61 33.30
N TYR AC 65 43.45 -55.26 34.20
CA TYR AC 65 43.12 -54.71 35.50
C TYR AC 65 42.96 -53.20 35.45
N SER AC 66 42.20 -52.68 36.42
CA SER AC 66 42.08 -51.26 36.67
C SER AC 66 42.76 -50.93 38.00
N LYS AC 67 43.44 -49.80 38.06
CA LYS AC 67 44.16 -49.45 39.29
C LYS AC 67 43.18 -49.31 40.45
N GLY AC 68 43.60 -49.77 41.63
CA GLY AC 68 42.77 -49.70 42.82
C GLY AC 68 43.09 -48.48 43.66
N LYS AC 69 42.17 -48.17 44.57
CA LYS AC 69 42.19 -46.91 45.30
C LYS AC 69 41.86 -47.13 46.78
N ASN AC 70 42.73 -46.66 47.66
CA ASN AC 70 42.53 -46.79 49.10
C ASN AC 70 42.60 -45.41 49.73
N GLU AC 71 41.47 -44.90 50.20
CA GLU AC 71 41.39 -43.58 50.82
C GLU AC 71 41.33 -43.69 52.33
N VAL AC 72 41.87 -42.67 52.99
CA VAL AC 72 41.65 -42.43 54.40
C VAL AC 72 41.33 -40.95 54.55
N VAL AC 73 40.46 -40.64 55.49
CA VAL AC 73 40.21 -39.24 55.86
C VAL AC 73 40.12 -39.15 57.37
N PHE AC 74 40.97 -38.32 57.96
CA PHE AC 74 40.99 -38.08 59.39
C PHE AC 74 40.44 -36.68 59.63
N VAL AC 75 39.54 -36.55 60.59
CA VAL AC 75 38.76 -35.34 60.77
C VAL AC 75 38.82 -34.90 62.23
N ILE AC 76 39.14 -33.62 62.41
CA ILE AC 76 39.00 -32.89 63.67
C ILE AC 76 37.79 -31.98 63.55
N PRO AC 77 36.68 -32.29 64.21
CA PRO AC 77 35.56 -31.34 64.21
C PRO AC 77 35.85 -30.19 65.15
N MET AC 78 35.36 -29.00 64.78
CA MET AC 78 35.39 -27.87 65.69
C MET AC 78 34.14 -27.03 65.49
N SER AC 79 33.55 -26.58 66.58
CA SER AC 79 32.43 -25.67 66.50
C SER AC 79 32.94 -24.25 66.28
N LEU AC 80 32.37 -23.55 65.31
CA LEU AC 80 32.74 -22.17 65.04
C LEU AC 80 31.95 -21.23 65.93
N ASP AC 81 32.41 -19.98 65.98
CA ASP AC 81 31.70 -18.96 66.75
C ASP AC 81 30.30 -18.74 66.22
N SER AC 82 30.09 -18.97 64.92
CA SER AC 82 28.79 -18.80 64.29
C SER AC 82 27.80 -19.90 64.62
N GLY AC 83 28.25 -20.97 65.25
CA GLY AC 83 27.35 -22.05 65.63
C GLY AC 83 27.54 -23.31 64.81
N GLU AC 84 27.69 -23.17 63.50
CA GLU AC 84 27.92 -24.33 62.64
C GLU AC 84 29.19 -25.04 63.06
N THR AC 85 29.11 -26.35 63.20
CA THR AC 85 30.28 -27.19 63.41
C THR AC 85 30.89 -27.52 62.05
N VAL AC 86 32.20 -27.30 61.92
CA VAL AC 86 32.91 -27.55 60.67
C VAL AC 86 34.00 -28.57 60.91
N PHE AC 87 34.28 -29.37 59.88
CA PHE AC 87 35.25 -30.45 59.95
C PHE AC 87 36.59 -29.99 59.38
N ASN AC 88 37.68 -30.42 60.01
CA ASN AC 88 39.02 -30.18 59.51
C ASN AC 88 39.57 -31.51 59.02
N SER AC 89 40.00 -31.55 57.76
CA SER AC 89 40.22 -32.80 57.05
C SER AC 89 41.68 -32.95 56.65
N VAL AC 90 42.20 -34.15 56.85
CA VAL AC 90 43.37 -34.59 56.10
C VAL AC 90 42.97 -35.87 55.39
N ARG AC 91 43.13 -35.89 54.08
CA ARG AC 91 42.68 -36.99 53.24
C ARG AC 91 43.87 -37.52 52.46
N ILE AC 92 44.10 -38.83 52.57
CA ILE AC 92 45.21 -39.48 51.90
C ILE AC 92 44.65 -40.63 51.09
N ALA AC 93 44.66 -40.48 49.77
CA ALA AC 93 44.27 -41.53 48.85
C ALA AC 93 45.51 -42.11 48.20
N LEU AC 94 45.46 -43.40 47.89
CA LEU AC 94 46.60 -44.09 47.31
C LEU AC 94 46.10 -45.08 46.26
N GLU AC 95 46.42 -44.81 45.01
CA GLU AC 95 45.94 -45.57 43.86
C GLU AC 95 47.12 -46.33 43.26
N ILE AC 96 47.03 -47.65 43.26
CA ILE AC 96 48.10 -48.52 42.81
C ILE AC 96 47.60 -49.38 41.66
N HIS AC 97 48.41 -49.48 40.61
CA HIS AC 97 48.13 -50.48 39.60
C HIS AC 97 48.74 -51.82 40.02
N PRO AC 98 48.04 -52.93 39.78
CA PRO AC 98 48.54 -54.23 40.26
C PRO AC 98 49.95 -54.56 39.80
N ALA AC 99 50.42 -53.94 38.72
CA ALA AC 99 51.74 -54.23 38.19
C ALA AC 99 52.87 -53.55 38.96
N LEU AC 100 52.57 -52.64 39.88
CA LEU AC 100 53.63 -51.98 40.62
C LEU AC 100 54.30 -52.96 41.57
N ALA AC 101 55.61 -52.76 41.78
CA ALA AC 101 56.36 -53.60 42.68
C ALA AC 101 55.86 -53.47 44.12
N SER AC 102 55.81 -54.61 44.81
CA SER AC 102 55.46 -54.61 46.23
C SER AC 102 56.30 -53.60 47.00
N ALA AC 103 57.59 -53.50 46.68
CA ALA AC 103 58.47 -52.57 47.36
C ALA AC 103 58.16 -51.12 46.99
N SER AC 104 57.81 -50.87 45.72
CA SER AC 104 57.47 -49.51 45.32
C SER AC 104 56.13 -49.05 45.91
N VAL AC 105 55.27 -49.98 46.32
CA VAL AC 105 54.06 -49.59 47.04
C VAL AC 105 54.43 -48.93 48.38
N LYS AC 106 55.24 -49.61 49.17
CA LYS AC 106 55.72 -48.98 50.41
C LYS AC 106 56.56 -47.75 50.15
N ASP AC 107 57.33 -47.72 49.04
CA ASP AC 107 58.07 -46.50 48.73
C ASP AC 107 57.10 -45.33 48.53
N LEU AC 108 55.95 -45.58 47.87
CA LEU AC 108 54.96 -44.52 47.71
C LEU AC 108 54.38 -44.08 49.06
N ARG AC 109 54.05 -45.05 49.92
CA ARG AC 109 53.52 -44.69 51.23
C ARG AC 109 54.48 -43.78 51.98
N LEU AC 110 55.77 -44.13 51.98
CA LEU AC 110 56.76 -43.38 52.76
C LEU AC 110 57.10 -42.05 52.09
N ILE AC 111 57.17 -42.03 50.76
CA ILE AC 111 57.48 -40.78 50.09
C ILE AC 111 56.31 -39.80 50.17
N GLY AC 112 55.09 -40.32 50.28
CA GLY AC 112 53.95 -39.46 50.51
C GLY AC 112 53.94 -38.91 51.92
N ALA AC 113 54.06 -39.80 52.91
CA ALA AC 113 54.10 -39.33 54.29
C ALA AC 113 55.26 -38.37 54.53
N GLN AC 114 56.33 -38.52 53.77
CA GLN AC 114 57.47 -37.63 53.89
C GLN AC 114 57.21 -36.26 53.29
N LEU AC 115 56.23 -36.16 52.38
CA LEU AC 115 55.82 -34.86 51.85
C LEU AC 115 54.95 -34.07 52.83
N LEU AC 116 54.27 -34.74 53.76
CA LEU AC 116 53.58 -34.02 54.84
C LEU AC 116 54.55 -33.46 55.86
N THR AC 117 55.50 -34.26 56.33
CA THR AC 117 56.24 -33.93 57.54
C THR AC 117 57.55 -33.20 57.31
N ASP AC 118 58.18 -33.38 56.14
CA ASP AC 118 59.52 -32.85 55.95
C ASP AC 118 59.49 -31.31 55.93
N ALA AC 119 60.39 -30.71 56.70
CA ALA AC 119 60.36 -29.27 56.96
C ALA AC 119 60.45 -28.44 55.68
N ASP AC 120 61.04 -28.99 54.62
CA ASP AC 120 61.06 -28.30 53.34
C ASP AC 120 59.67 -27.86 52.92
N TYR AC 121 58.67 -28.73 53.05
CA TYR AC 121 57.31 -28.39 52.67
C TYR AC 121 56.57 -27.70 53.80
N ASP AC 122 57.24 -27.52 54.94
CA ASP AC 122 56.59 -27.01 56.13
C ASP AC 122 55.95 -25.65 55.87
N SER AC 123 56.56 -24.83 55.01
CA SER AC 123 55.96 -23.55 54.65
C SER AC 123 54.78 -23.72 53.71
N PHE AC 124 54.76 -24.80 52.92
CA PHE AC 124 53.67 -25.02 51.97
C PHE AC 124 52.38 -25.36 52.68
N TRP AC 125 52.40 -26.37 53.55
CA TRP AC 125 51.19 -26.84 54.18
C TRP AC 125 50.59 -25.78 55.10
N THR AC 126 51.42 -25.16 55.93
CA THR AC 126 50.92 -24.21 56.91
C THR AC 126 50.41 -22.94 56.24
N LEU AC 127 51.25 -22.33 55.41
CA LEU AC 127 50.96 -21.02 54.85
C LEU AC 127 50.25 -21.09 53.50
N GLY AC 128 50.09 -22.28 52.94
CA GLY AC 128 49.61 -22.37 51.57
C GLY AC 128 50.55 -21.69 50.59
N ALA AC 129 51.86 -21.80 50.82
CA ALA AC 129 52.86 -21.02 50.11
C ALA AC 129 53.43 -21.82 48.93
N LEU AC 130 53.26 -21.28 47.73
CA LEU AC 130 53.82 -21.87 46.52
C LEU AC 130 55.18 -21.23 46.25
N ALA AC 131 56.24 -21.99 46.43
CA ALA AC 131 57.59 -21.52 46.16
C ALA AC 131 58.55 -22.71 46.25
N SER BC 1 43.18 -54.87 61.97
CA SER BC 1 44.32 -54.11 62.46
C SER BC 1 44.04 -52.61 62.38
N ILE BC 2 43.02 -52.23 61.59
CA ILE BC 2 42.57 -50.85 61.57
C ILE BC 2 41.80 -50.54 62.85
N ILE BC 3 40.90 -51.45 63.24
CA ILE BC 3 40.13 -51.29 64.46
C ILE BC 3 41.05 -51.45 65.65
N GLY BC 4 40.98 -50.52 66.59
CA GLY BC 4 41.81 -50.63 67.77
C GLY BC 4 43.29 -50.41 67.52
N SER BC 5 43.63 -49.62 66.51
CA SER BC 5 45.01 -49.22 66.29
C SER BC 5 45.32 -47.97 67.11
N SER BC 6 46.61 -47.77 67.37
CA SER BC 6 47.09 -46.69 68.23
C SER BC 6 48.10 -45.85 67.47
N ILE BC 7 47.96 -44.51 67.56
CA ILE BC 7 48.84 -43.57 66.88
C ILE BC 7 49.08 -42.34 67.75
N LYS BC 8 50.22 -41.69 67.56
CA LYS BC 8 50.60 -40.59 68.44
C LYS BC 8 49.95 -39.28 68.01
N THR BC 9 49.30 -38.59 68.94
CA THR BC 9 48.85 -37.22 68.70
C THR BC 9 49.80 -36.24 69.37
N GLY BC 10 49.78 -35.01 68.87
CA GLY BC 10 50.65 -33.97 69.37
C GLY BC 10 52.08 -34.45 69.40
N ALA BC 11 52.52 -35.09 68.32
CA ALA BC 11 53.89 -35.54 68.26
C ALA BC 11 54.83 -34.37 68.03
N THR BC 12 56.02 -34.45 68.63
CA THR BC 12 57.00 -33.38 68.46
C THR BC 12 57.51 -33.30 67.02
N SER BC 13 57.87 -34.44 66.44
CA SER BC 13 58.22 -34.49 65.02
C SER BC 13 58.26 -35.94 64.57
N ALA BC 14 58.31 -36.12 63.25
CA ALA BC 14 58.44 -37.43 62.65
C ALA BC 14 59.62 -37.43 61.70
N SER BC 15 60.15 -38.61 61.42
CA SER BC 15 61.35 -38.73 60.61
C SER BC 15 61.34 -40.07 59.90
N ILE BC 16 62.41 -40.34 59.17
CA ILE BC 16 62.44 -41.49 58.27
C ILE BC 16 63.84 -42.10 58.25
N THR BC 17 63.95 -43.35 58.68
CA THR BC 17 65.19 -44.11 58.57
C THR BC 17 65.24 -44.67 57.16
N GLY BC 18 66.03 -44.02 56.30
CA GLY BC 18 65.81 -44.08 54.87
C GLY BC 18 67.06 -44.38 54.07
N GLY BC 19 66.86 -44.50 52.76
CA GLY BC 19 67.91 -44.79 51.80
C GLY BC 19 68.39 -43.58 51.04
N SER BC 20 68.35 -43.63 49.71
CA SER BC 20 68.99 -42.63 48.86
C SER BC 20 68.12 -41.39 48.70
N ASP BC 21 68.78 -40.27 48.37
CA ASP BC 21 68.11 -39.00 48.14
C ASP BC 21 67.39 -38.97 46.81
N ILE BC 22 66.44 -38.04 46.70
CA ILE BC 22 65.77 -37.73 45.45
C ILE BC 22 65.45 -36.24 45.46
N THR BC 23 65.65 -35.57 44.32
CA THR BC 23 65.64 -34.11 44.26
C THR BC 23 64.65 -33.62 43.21
N PHE BC 24 63.86 -32.61 43.57
CA PHE BC 24 62.82 -32.06 42.71
C PHE BC 24 63.33 -30.83 41.96
N ALA BC 25 62.88 -30.69 40.71
CA ALA BC 25 63.16 -29.51 39.92
C ALA BC 25 61.89 -29.11 39.18
N LEU BC 26 61.85 -27.86 38.72
CA LEU BC 26 60.64 -27.29 38.15
C LEU BC 26 60.34 -27.89 36.77
N THR BC 27 59.10 -28.36 36.57
CA THR BC 27 58.71 -29.11 35.38
C THR BC 27 58.16 -28.22 34.28
N GLY BC 28 57.58 -27.07 34.63
CA GLY BC 28 56.90 -26.29 33.62
C GLY BC 28 55.73 -27.00 32.97
N GLN BC 29 55.02 -27.85 33.70
CA GLN BC 29 53.71 -28.33 33.28
C GLN BC 29 52.67 -27.39 33.86
N THR BC 30 51.94 -26.70 32.99
CA THR BC 30 51.00 -25.69 33.44
C THR BC 30 49.98 -26.31 34.39
N VAL BC 31 49.97 -25.84 35.63
CA VAL BC 31 49.09 -26.35 36.68
C VAL BC 31 48.45 -25.18 37.39
N THR BC 32 47.13 -25.12 37.35
CA THR BC 32 46.40 -24.00 37.95
C THR BC 32 46.57 -24.04 39.47
N ASN BC 33 46.92 -22.88 40.03
CA ASN BC 33 47.04 -22.71 41.47
C ASN BC 33 48.14 -23.58 42.06
N GLY BC 34 49.18 -23.88 41.29
CA GLY BC 34 50.18 -24.79 41.81
C GLY BC 34 51.35 -24.98 40.88
N LEU BC 35 52.18 -25.95 41.26
CA LEU BC 35 53.45 -26.24 40.61
C LEU BC 35 53.50 -27.71 40.23
N ASN BC 36 54.37 -28.02 39.26
CA ASN BC 36 54.79 -29.39 38.97
C ASN BC 36 56.31 -29.42 39.09
N VAL BC 37 56.81 -30.33 39.94
CA VAL BC 37 58.24 -30.58 40.05
C VAL BC 37 58.47 -32.07 39.86
N SER BC 38 59.38 -32.43 38.96
CA SER BC 38 59.70 -33.84 38.79
C SER BC 38 61.11 -34.10 39.30
N VAL BC 39 61.41 -35.38 39.49
CA VAL BC 39 62.71 -35.77 40.01
C VAL BC 39 63.69 -35.79 38.84
N SER BC 40 64.68 -34.93 38.88
CA SER BC 40 65.69 -34.88 37.83
C SER BC 40 66.68 -36.02 37.96
N GLU BC 41 66.45 -36.93 38.89
CA GLU BC 41 67.35 -38.03 39.16
C GLU BC 41 66.95 -39.32 38.47
N ASP BC 42 65.72 -39.40 37.95
CA ASP BC 42 65.33 -40.48 37.05
C ASP BC 42 65.68 -40.05 35.62
N THR BC 43 66.18 -40.99 34.82
CA THR BC 43 66.80 -40.64 33.55
C THR BC 43 65.83 -40.64 32.37
N ASP BC 44 64.70 -41.34 32.46
CA ASP BC 44 63.79 -41.54 31.33
C ASP BC 44 62.49 -40.80 31.61
N TYR BC 45 62.22 -39.74 30.83
CA TYR BC 45 61.03 -38.91 31.07
C TYR BC 45 59.77 -39.76 31.16
N ARG BC 46 59.62 -40.70 30.23
CA ARG BC 46 58.45 -41.57 30.15
C ARG BC 46 58.09 -42.18 31.50
N THR BC 47 59.05 -42.28 32.43
CA THR BC 47 58.80 -42.82 33.78
C THR BC 47 59.49 -41.99 34.86
N ARG BC 48 59.48 -40.66 34.76
CA ARG BC 48 60.00 -39.82 35.84
C ARG BC 48 58.92 -39.52 36.87
N ARG BC 49 59.16 -39.97 38.10
CA ARG BC 49 58.33 -39.65 39.23
C ARG BC 49 58.19 -38.13 39.36
N ASN BC 50 56.96 -37.64 39.40
CA ASN BC 50 56.76 -36.20 39.55
C ASN BC 50 55.76 -35.94 40.66
N ALA BC 51 55.59 -34.66 40.98
CA ALA BC 51 54.70 -34.27 42.06
C ALA BC 51 54.10 -32.92 41.71
N THR BC 52 52.85 -32.75 42.09
CA THR BC 52 52.10 -31.54 41.78
C THR BC 52 51.52 -30.98 43.07
N PHE BC 53 51.74 -29.69 43.28
CA PHE BC 53 51.34 -28.98 44.49
C PHE BC 53 50.24 -27.99 44.11
N LYS BC 54 49.11 -28.04 44.81
CA LYS BC 54 48.02 -27.10 44.61
C LYS BC 54 47.65 -26.44 45.93
N SER BC 55 47.15 -25.20 45.83
CA SER BC 55 46.76 -24.43 47.01
C SER BC 55 45.55 -23.56 46.67
N ARG BC 56 44.37 -24.02 47.07
CA ARG BC 56 43.16 -23.22 47.00
C ARG BC 56 42.96 -22.50 48.33
N VAL BC 57 42.68 -21.20 48.26
CA VAL BC 57 42.64 -20.35 49.44
C VAL BC 57 41.23 -20.34 50.03
N PRO BC 58 41.08 -19.96 51.30
CA PRO BC 58 39.73 -19.84 51.86
C PRO BC 58 38.97 -18.71 51.18
N THR BC 59 37.65 -18.90 51.10
CA THR BC 59 36.76 -17.96 50.45
C THR BC 59 36.09 -17.08 51.50
N VAL BC 60 36.05 -15.77 51.23
CA VAL BC 60 35.45 -14.80 52.13
C VAL BC 60 34.01 -14.58 51.66
N VAL BC 61 33.05 -15.07 52.43
CA VAL BC 61 31.63 -14.96 52.09
C VAL BC 61 30.97 -14.26 53.27
N ASN BC 62 30.87 -12.93 53.19
CA ASN BC 62 30.10 -12.13 54.14
C ASN BC 62 30.53 -12.40 55.58
N GLY BC 63 31.82 -12.22 55.84
CA GLY BC 63 32.37 -12.44 57.16
C GLY BC 63 32.60 -13.89 57.55
N ASN BC 64 32.18 -14.86 56.73
CA ASN BC 64 32.40 -16.27 57.02
C ASN BC 64 33.45 -16.84 56.06
N TYR BC 65 34.34 -17.66 56.58
CA TYR BC 65 35.43 -18.22 55.78
C TYR BC 65 35.26 -19.72 55.61
N SER BC 66 35.40 -20.20 54.38
CA SER BC 66 35.45 -21.62 54.08
C SER BC 66 36.84 -22.15 54.36
N LYS BC 67 36.92 -23.45 54.59
CA LYS BC 67 38.22 -24.08 54.73
C LYS BC 67 38.99 -24.00 53.42
N GLY BC 68 40.31 -23.84 53.52
CA GLY BC 68 41.18 -23.91 52.37
C GLY BC 68 41.72 -25.31 52.17
N LYS BC 69 42.39 -25.52 51.04
CA LYS BC 69 42.76 -26.86 50.61
C LYS BC 69 44.15 -26.84 50.00
N ASN BC 70 45.06 -27.64 50.55
CA ASN BC 70 46.41 -27.76 49.99
C ASN BC 70 46.65 -29.22 49.60
N GLU BC 71 46.80 -29.46 48.29
CA GLU BC 71 46.99 -30.81 47.78
C GLU BC 71 48.43 -31.03 47.33
N VAL BC 72 48.85 -32.29 47.43
CA VAL BC 72 50.03 -32.79 46.75
C VAL BC 72 49.65 -34.10 46.09
N VAL BC 73 50.16 -34.31 44.87
CA VAL BC 73 49.95 -35.54 44.11
C VAL BC 73 51.32 -36.01 43.65
N PHE BC 74 51.77 -37.14 44.20
CA PHE BC 74 53.03 -37.74 43.79
C PHE BC 74 52.71 -38.93 42.90
N VAL BC 75 53.44 -39.05 41.79
CA VAL BC 75 53.09 -39.97 40.72
C VAL BC 75 54.33 -40.74 40.28
N ILE BC 76 54.21 -42.08 40.29
CA ILE BC 76 55.15 -43.00 39.66
C ILE BC 76 54.51 -43.48 38.36
N PRO BC 77 54.93 -42.98 37.20
CA PRO BC 77 54.46 -43.57 35.96
C PRO BC 77 55.21 -44.86 35.63
N MET BC 78 54.48 -45.87 35.18
CA MET BC 78 55.08 -47.15 34.83
C MET BC 78 54.55 -47.61 33.48
N SER BC 79 55.44 -48.21 32.70
CA SER BC 79 55.10 -48.74 31.38
C SER BC 79 54.64 -50.18 31.53
N LEU BC 80 53.40 -50.45 31.12
CA LEU BC 80 52.87 -51.79 31.23
C LEU BC 80 53.47 -52.69 30.14
N ASP BC 81 53.27 -54.00 30.34
CA ASP BC 81 53.60 -54.96 29.30
C ASP BC 81 52.83 -54.67 28.02
N SER BC 82 51.60 -54.17 28.15
CA SER BC 82 50.74 -53.81 27.03
C SER BC 82 51.27 -52.64 26.21
N GLY BC 83 52.30 -51.94 26.68
CA GLY BC 83 52.76 -50.72 26.06
C GLY BC 83 52.10 -49.48 26.61
N GLU BC 84 50.85 -49.58 27.05
CA GLU BC 84 50.17 -48.44 27.67
C GLU BC 84 50.79 -48.13 29.02
N THR BC 85 51.22 -46.88 29.21
CA THR BC 85 51.83 -46.45 30.46
C THR BC 85 50.76 -45.82 31.34
N VAL BC 86 50.78 -46.13 32.63
CA VAL BC 86 49.78 -45.67 33.59
C VAL BC 86 50.49 -45.07 34.79
N PHE BC 87 49.70 -44.56 35.73
CA PHE BC 87 50.20 -43.75 36.84
C PHE BC 87 49.81 -44.32 38.19
N ASN BC 88 50.80 -44.49 39.07
CA ASN BC 88 50.59 -44.86 40.46
C ASN BC 88 50.62 -43.58 41.28
N SER BC 89 49.55 -43.30 42.01
CA SER BC 89 49.29 -41.96 42.54
C SER BC 89 49.07 -42.01 44.04
N VAL BC 90 49.93 -41.36 44.80
CA VAL BC 90 49.62 -41.04 46.19
C VAL BC 90 49.22 -39.57 46.25
N ARG BC 91 48.02 -39.30 46.76
CA ARG BC 91 47.49 -37.94 46.85
C ARG BC 91 47.19 -37.62 48.30
N ILE BC 92 47.65 -36.45 48.76
CA ILE BC 92 47.44 -36.01 50.13
C ILE BC 92 46.90 -34.59 50.09
N ALA BC 93 45.67 -34.42 50.55
CA ALA BC 93 44.98 -33.13 50.55
C ALA BC 93 44.67 -32.76 51.99
N LEU BC 94 45.00 -31.53 52.37
CA LEU BC 94 44.80 -31.07 53.74
C LEU BC 94 43.90 -29.83 53.70
N GLU BC 95 42.69 -29.99 54.23
CA GLU BC 95 41.67 -28.96 54.23
C GLU BC 95 41.51 -28.41 55.64
N ILE BC 96 41.81 -27.13 55.81
CA ILE BC 96 41.87 -26.50 57.12
C ILE BC 96 41.09 -25.19 57.11
N HIS BC 97 40.26 -24.99 58.13
CA HIS BC 97 39.68 -23.68 58.39
C HIS BC 97 40.68 -22.81 59.15
N PRO BC 98 40.78 -21.52 58.82
CA PRO BC 98 41.86 -20.69 59.40
C PRO BC 98 41.81 -20.58 60.91
N ALA BC 99 40.66 -20.84 61.52
CA ALA BC 99 40.51 -20.69 62.97
C ALA BC 99 41.08 -21.88 63.76
N LEU BC 100 41.56 -22.92 63.10
CA LEU BC 100 42.17 -24.03 63.82
C LEU BC 100 43.54 -23.63 64.35
N ALA BC 101 43.91 -24.22 65.49
CA ALA BC 101 45.18 -23.88 66.12
C ALA BC 101 46.36 -24.31 65.24
N SER BC 102 47.37 -23.43 65.19
CA SER BC 102 48.57 -23.72 64.43
C SER BC 102 49.19 -25.04 64.84
N ALA BC 103 49.04 -25.42 66.10
CA ALA BC 103 49.57 -26.69 66.59
C ALA BC 103 48.73 -27.87 66.12
N SER BC 104 47.40 -27.72 66.07
CA SER BC 104 46.55 -28.80 65.59
C SER BC 104 46.74 -29.03 64.09
N VAL BC 105 47.11 -28.00 63.34
CA VAL BC 105 47.39 -28.20 61.93
C VAL BC 105 48.57 -29.17 61.75
N LYS BC 106 49.66 -28.93 62.48
CA LYS BC 106 50.81 -29.82 62.37
C LYS BC 106 50.53 -31.18 62.99
N ASP BC 107 49.77 -31.24 64.09
CA ASP BC 107 49.33 -32.54 64.58
C ASP BC 107 48.58 -33.31 63.49
N LEU BC 108 47.80 -32.60 62.68
CA LEU BC 108 47.02 -33.26 61.63
C LEU BC 108 47.93 -33.79 60.52
N ARG BC 109 48.93 -33.00 60.13
CA ARG BC 109 49.94 -33.47 59.18
C ARG BC 109 50.61 -34.75 59.67
N LEU BC 110 51.06 -34.75 60.93
CA LEU BC 110 51.79 -35.90 61.45
C LEU BC 110 50.88 -37.12 61.63
N ILE BC 111 49.61 -36.89 61.99
CA ILE BC 111 48.72 -38.03 62.20
C ILE BC 111 48.36 -38.67 60.87
N GLY BC 112 48.24 -37.86 59.81
CA GLY BC 112 48.09 -38.44 58.48
C GLY BC 112 49.31 -39.23 58.06
N ALA BC 113 50.50 -38.68 58.32
CA ALA BC 113 51.73 -39.42 57.99
C ALA BC 113 51.77 -40.76 58.72
N GLN BC 114 51.37 -40.80 59.99
CA GLN BC 114 51.36 -42.07 60.70
C GLN BC 114 50.36 -43.03 60.06
N LEU BC 115 49.17 -42.53 59.73
CA LEU BC 115 48.18 -43.37 59.05
C LEU BC 115 48.76 -44.00 57.78
N LEU BC 116 49.61 -43.26 57.05
CA LEU BC 116 50.29 -43.88 55.91
C LEU BC 116 51.30 -44.95 56.34
N THR BC 117 52.20 -44.62 57.26
CA THR BC 117 53.40 -45.43 57.41
C THR BC 117 53.38 -46.46 58.52
N ASP BC 118 52.38 -46.44 59.41
CA ASP BC 118 52.39 -47.38 60.52
C ASP BC 118 52.11 -48.79 60.05
N ALA BC 119 52.61 -49.77 60.82
CA ALA BC 119 52.47 -51.16 60.42
C ALA BC 119 51.05 -51.66 60.60
N ASP BC 120 50.32 -51.13 61.59
CA ASP BC 120 48.92 -51.49 61.80
C ASP BC 120 48.09 -51.37 60.52
N TYR BC 121 48.47 -50.48 59.61
CA TYR BC 121 47.69 -50.21 58.42
C TYR BC 121 48.25 -50.88 57.17
N ASP BC 122 49.34 -51.65 57.32
CA ASP BC 122 49.93 -52.34 56.18
C ASP BC 122 48.89 -53.16 55.43
N SER BC 123 48.09 -53.95 56.15
CA SER BC 123 47.09 -54.78 55.50
C SER BC 123 46.12 -53.93 54.70
N PHE BC 124 45.60 -52.86 55.32
CA PHE BC 124 44.68 -51.97 54.62
C PHE BC 124 45.26 -51.43 53.33
N TRP BC 125 46.39 -50.72 53.44
CA TRP BC 125 46.94 -50.05 52.26
C TRP BC 125 47.29 -51.06 51.17
N THR BC 126 48.05 -52.10 51.51
CA THR BC 126 48.57 -53.00 50.48
C THR BC 126 47.46 -53.86 49.89
N LEU BC 127 46.75 -54.61 50.73
CA LEU BC 127 45.79 -55.60 50.27
C LEU BC 127 44.40 -55.02 50.01
N GLY BC 128 44.10 -53.86 50.57
CA GLY BC 128 42.76 -53.32 50.56
C GLY BC 128 41.87 -53.82 51.67
N ALA BC 129 42.44 -54.46 52.69
CA ALA BC 129 41.62 -55.16 53.68
C ALA BC 129 40.95 -54.17 54.61
N LEU BC 130 39.63 -54.26 54.71
CA LEU BC 130 38.90 -53.47 55.68
C LEU BC 130 38.98 -54.14 57.06
N ALA BC 131 38.54 -53.40 58.07
CA ALA BC 131 38.52 -53.88 59.46
C ALA BC 131 39.90 -54.26 60.01
N SER CC 1 4.16 -55.79 92.53
CA SER CC 1 5.56 -56.16 92.44
C SER CC 1 6.34 -55.19 91.52
N ILE CC 2 5.70 -54.71 90.45
CA ILE CC 2 6.30 -53.63 89.67
C ILE CC 2 6.26 -52.32 90.46
N ILE CC 3 5.11 -52.02 91.05
CA ILE CC 3 4.98 -50.84 91.88
C ILE CC 3 5.72 -51.08 93.19
N GLY CC 4 6.69 -50.22 93.48
CA GLY CC 4 7.48 -50.37 94.67
C GLY CC 4 8.77 -51.14 94.50
N SER CC 5 9.03 -51.69 93.31
CA SER CC 5 10.25 -52.43 93.08
C SER CC 5 11.48 -51.52 93.24
N SER CC 6 12.59 -52.11 93.64
CA SER CC 6 13.83 -51.40 93.86
C SER CC 6 14.92 -52.03 93.01
N ILE CC 7 15.70 -51.19 92.33
CA ILE CC 7 16.76 -51.64 91.44
C ILE CC 7 17.95 -50.70 91.57
N LYS CC 8 19.16 -51.24 91.37
CA LYS CC 8 20.39 -50.47 91.60
C LYS CC 8 20.68 -49.56 90.41
N THR CC 9 20.96 -48.29 90.69
CA THR CC 9 21.53 -47.39 89.69
C THR CC 9 22.96 -47.08 90.06
N GLY CC 10 23.70 -46.57 89.08
CA GLY CC 10 25.13 -46.37 89.26
C GLY CC 10 25.86 -47.63 89.65
N ALA CC 11 25.45 -48.77 89.08
CA ALA CC 11 26.09 -50.03 89.43
C ALA CC 11 27.45 -50.14 88.73
N THR CC 12 28.39 -50.79 89.42
CA THR CC 12 29.72 -51.02 88.84
C THR CC 12 29.64 -51.96 87.64
N SER CC 13 29.10 -53.16 87.86
CA SER CC 13 28.96 -54.12 86.75
C SER CC 13 27.94 -55.18 87.12
N ALA CC 14 27.42 -55.85 86.10
CA ALA CC 14 26.47 -56.92 86.27
C ALA CC 14 27.11 -58.25 85.86
N SER CC 15 26.64 -59.33 86.48
CA SER CC 15 27.18 -60.64 86.22
C SER CC 15 26.05 -61.66 86.26
N ILE CC 16 26.37 -62.90 85.92
CA ILE CC 16 25.34 -63.92 85.83
C ILE CC 16 25.92 -65.27 86.27
N THR CC 17 25.35 -65.83 87.35
CA THR CC 17 25.69 -67.16 87.82
C THR CC 17 24.91 -68.17 86.99
N GLY CC 18 25.59 -68.84 86.06
CA GLY CC 18 24.88 -69.62 85.08
C GLY CC 18 25.54 -70.87 84.57
N GLY CC 19 24.92 -71.48 83.56
CA GLY CC 19 25.34 -72.77 83.06
C GLY CC 19 26.29 -72.74 81.88
N SER CC 20 25.91 -73.39 80.78
CA SER CC 20 26.81 -73.65 79.68
C SER CC 20 27.01 -72.42 78.81
N ASP CC 21 28.12 -72.42 78.07
CA ASP CC 21 28.45 -71.36 77.13
C ASP CC 21 27.66 -71.50 75.84
N ILE CC 22 27.60 -70.41 75.09
CA ILE CC 22 27.07 -70.41 73.73
C ILE CC 22 27.87 -69.40 72.94
N THR CC 23 28.17 -69.71 71.68
CA THR CC 23 29.05 -68.86 70.88
C THR CC 23 28.36 -68.46 69.58
N PHE CC 24 28.65 -67.23 69.15
CA PHE CC 24 28.08 -66.67 67.93
C PHE CC 24 29.09 -66.70 66.80
N ALA CC 25 28.58 -66.91 65.58
CA ALA CC 25 29.38 -66.73 64.39
C ALA CC 25 28.54 -66.01 63.34
N LEU CC 26 29.23 -65.32 62.44
CA LEU CC 26 28.54 -64.47 61.47
C LEU CC 26 27.72 -65.31 60.48
N THR CC 27 26.45 -64.96 60.34
CA THR CC 27 25.51 -65.79 59.58
C THR CC 27 25.75 -65.66 58.09
N GLY CC 28 25.95 -64.45 57.59
CA GLY CC 28 25.90 -64.20 56.17
C GLY CC 28 24.50 -63.98 55.65
N GLN CC 29 23.52 -63.80 56.53
CA GLN CC 29 22.24 -63.27 56.11
C GLN CC 29 22.37 -61.77 55.95
N THR CC 30 22.02 -61.27 54.78
CA THR CC 30 22.15 -59.84 54.51
C THR CC 30 21.13 -59.08 55.33
N VAL CC 31 21.59 -58.14 56.15
CA VAL CC 31 20.72 -57.33 57.00
C VAL CC 31 21.07 -55.86 56.81
N THR CC 32 20.07 -55.05 56.48
CA THR CC 32 20.28 -53.63 56.25
C THR CC 32 20.71 -52.93 57.54
N ASN CC 33 21.79 -52.17 57.45
CA ASN CC 33 22.40 -51.48 58.59
C ASN CC 33 22.72 -52.43 59.74
N GLY CC 34 22.82 -53.73 59.46
CA GLY CC 34 22.86 -54.68 60.55
C GLY CC 34 23.67 -55.93 60.26
N LEU CC 35 23.60 -56.83 61.23
CA LEU CC 35 24.43 -58.03 61.29
C LEU CC 35 23.58 -59.17 61.80
N ASN CC 36 23.87 -60.38 61.33
CA ASN CC 36 23.23 -61.57 61.87
C ASN CC 36 24.32 -62.52 62.32
N VAL CC 37 24.31 -62.89 63.61
CA VAL CC 37 25.19 -63.93 64.13
C VAL CC 37 24.31 -65.01 64.74
N SER CC 38 24.52 -66.26 64.33
CA SER CC 38 23.73 -67.34 64.92
C SER CC 38 24.63 -68.21 65.79
N VAL CC 39 23.96 -69.15 66.46
CA VAL CC 39 24.62 -70.02 67.41
C VAL CC 39 25.34 -71.15 66.67
N SER CC 40 26.67 -71.16 66.77
CA SER CC 40 27.48 -72.21 66.19
C SER CC 40 27.36 -73.53 66.94
N GLU CC 41 26.53 -73.59 67.98
CA GLU CC 41 26.50 -74.74 68.87
C GLU CC 41 25.21 -75.53 68.78
N ASP CC 42 24.13 -74.92 68.30
CA ASP CC 42 22.92 -75.65 67.95
C ASP CC 42 23.10 -76.26 66.56
N THR CC 43 22.70 -77.53 66.44
CA THR CC 43 23.09 -78.33 65.29
C THR CC 43 22.11 -78.27 64.12
N ASP CC 44 20.87 -77.88 64.35
CA ASP CC 44 19.84 -77.85 63.31
C ASP CC 44 19.46 -76.39 63.07
N TYR CC 45 19.75 -75.89 61.86
CA TYR CC 45 19.40 -74.51 61.50
C TYR CC 45 17.94 -74.22 61.79
N ARG CC 46 17.07 -75.18 61.50
CA ARG CC 46 15.63 -75.04 61.72
C ARG CC 46 15.33 -74.49 63.11
N THR CC 47 16.17 -74.83 64.11
CA THR CC 47 16.01 -74.36 65.48
C THR CC 47 17.26 -73.67 66.03
N ARG CC 48 18.13 -73.12 65.16
CA ARG CC 48 19.29 -72.37 65.67
C ARG CC 48 18.89 -70.99 66.14
N ARG CC 49 19.07 -70.78 67.45
CA ARG CC 49 18.96 -69.45 68.03
C ARG CC 49 19.86 -68.48 67.27
N ASN CC 50 19.33 -67.29 66.94
CA ASN CC 50 20.20 -66.31 66.31
C ASN CC 50 19.84 -64.90 66.75
N ALA CC 51 20.83 -64.01 66.66
CA ALA CC 51 20.69 -62.63 67.09
C ALA CC 51 21.04 -61.71 65.93
N THR CC 52 20.33 -60.59 65.86
CA THR CC 52 20.48 -59.60 64.80
C THR CC 52 20.72 -58.24 65.45
N PHE CC 53 21.76 -57.57 64.98
CA PHE CC 53 22.26 -56.31 65.54
C PHE CC 53 22.07 -55.21 64.52
N LYS CC 54 21.24 -54.23 64.82
CA LYS CC 54 21.08 -53.06 63.96
C LYS CC 54 21.59 -51.82 64.67
N SER CC 55 22.08 -50.86 63.88
CA SER CC 55 22.73 -49.67 64.42
C SER CC 55 22.47 -48.48 63.53
N ARG CC 56 21.99 -47.39 64.12
CA ARG CC 56 21.93 -46.09 63.47
C ARG CC 56 22.56 -45.04 64.37
N VAL CC 57 23.49 -44.29 63.79
CA VAL CC 57 24.33 -43.29 64.44
C VAL CC 57 23.56 -41.97 64.50
N PRO CC 58 23.84 -41.09 65.47
CA PRO CC 58 23.16 -39.79 65.51
C PRO CC 58 23.35 -38.98 64.23
N THR CC 59 22.26 -38.45 63.71
CA THR CC 59 22.24 -37.63 62.52
C THR CC 59 22.12 -36.16 62.90
N VAL CC 60 22.87 -35.30 62.21
CA VAL CC 60 22.95 -33.88 62.52
C VAL CC 60 22.16 -33.07 61.49
N VAL CC 61 21.24 -32.23 61.97
CA VAL CC 61 20.48 -31.30 61.15
C VAL CC 61 20.89 -29.89 61.56
N ASN CC 62 21.74 -29.26 60.75
CA ASN CC 62 22.18 -27.87 60.92
C ASN CC 62 22.59 -27.59 62.37
N GLY CC 63 23.40 -28.49 62.92
CA GLY CC 63 23.95 -28.34 64.25
C GLY CC 63 23.22 -29.07 65.35
N ASN CC 64 22.01 -29.57 65.11
CA ASN CC 64 21.22 -30.25 66.13
C ASN CC 64 21.31 -31.76 65.94
N TYR CC 65 21.68 -32.49 66.99
CA TYR CC 65 21.86 -33.94 66.88
C TYR CC 65 20.57 -34.68 67.23
N SER CC 66 20.40 -35.84 66.59
CA SER CC 66 19.26 -36.72 66.83
C SER CC 66 19.73 -37.93 67.62
N LYS CC 67 18.93 -38.34 68.59
CA LYS CC 67 19.22 -39.54 69.35
C LYS CC 67 19.32 -40.76 68.43
N GLY CC 68 20.43 -41.49 68.55
CA GLY CC 68 20.65 -42.68 67.75
C GLY CC 68 20.10 -43.93 68.42
N LYS CC 69 20.12 -45.03 67.67
CA LYS CC 69 19.36 -46.22 68.00
C LYS CC 69 20.19 -47.47 67.76
N ASN CC 70 20.37 -48.28 68.81
CA ASN CC 70 21.08 -49.56 68.70
C ASN CC 70 20.12 -50.68 69.10
N GLU CC 71 19.69 -51.48 68.13
CA GLU CC 71 18.77 -52.60 68.38
C GLU CC 71 19.51 -53.93 68.39
N VAL CC 72 19.00 -54.84 69.20
CA VAL CC 72 19.36 -56.25 69.16
C VAL CC 72 18.07 -57.06 69.24
N VAL CC 73 17.98 -58.12 68.46
CA VAL CC 73 16.88 -59.07 68.58
C VAL CC 73 17.45 -60.47 68.63
N PHE CC 74 16.98 -61.24 69.61
CA PHE CC 74 17.44 -62.61 69.83
C PHE CC 74 16.24 -63.52 69.69
N VAL CC 75 16.43 -64.62 68.95
CA VAL CC 75 15.32 -65.43 68.49
C VAL CC 75 15.60 -66.89 68.79
N ILE CC 76 14.63 -67.54 69.45
CA ILE CC 76 14.52 -68.99 69.54
C ILE CC 76 13.43 -69.44 68.55
N PRO CC 77 13.78 -70.08 67.44
CA PRO CC 77 12.74 -70.61 66.56
C PRO CC 77 12.23 -71.95 67.07
N MET CC 78 10.92 -72.14 66.99
CA MET CC 78 10.33 -73.42 67.33
C MET CC 78 9.22 -73.74 66.35
N SER CC 79 9.13 -75.00 65.96
CA SER CC 79 8.05 -75.46 65.10
C SER CC 79 6.87 -75.88 65.97
N LEU CC 80 5.68 -75.43 65.59
CA LEU CC 80 4.46 -75.72 66.34
C LEU CC 80 3.88 -77.07 65.93
N ASP CC 81 2.90 -77.51 66.73
CA ASP CC 81 2.09 -78.65 66.32
C ASP CC 81 1.37 -78.38 65.01
N SER CC 82 1.18 -77.11 64.66
CA SER CC 82 0.62 -76.69 63.38
C SER CC 82 1.56 -76.95 62.22
N GLY CC 83 2.83 -77.29 62.49
CA GLY CC 83 3.83 -77.38 61.44
C GLY CC 83 4.48 -76.03 61.19
N GLU CC 84 3.66 -74.98 61.26
CA GLU CC 84 4.14 -73.60 61.20
C GLU CC 84 5.25 -73.38 62.23
N THR CC 85 6.33 -72.73 61.79
CA THR CC 85 7.45 -72.41 62.67
C THR CC 85 7.38 -70.94 63.06
N VAL CC 86 7.40 -70.68 64.36
CA VAL CC 86 7.27 -69.34 64.92
C VAL CC 86 8.56 -68.97 65.64
N PHE CC 87 8.85 -67.67 65.66
CA PHE CC 87 10.07 -67.14 66.26
C PHE CC 87 9.75 -66.52 67.62
N ASN CC 88 10.48 -66.93 68.65
CA ASN CC 88 10.32 -66.42 70.01
C ASN CC 88 11.38 -65.36 70.27
N SER CC 89 10.95 -64.14 70.58
CA SER CC 89 11.76 -62.95 70.43
C SER CC 89 12.02 -62.27 71.77
N VAL CC 90 13.24 -61.78 71.94
CA VAL CC 90 13.54 -60.74 72.91
C VAL CC 90 14.29 -59.63 72.18
N ARG CC 91 13.81 -58.40 72.29
CA ARG CC 91 14.34 -57.27 71.53
C ARG CC 91 14.71 -56.15 72.49
N ILE CC 92 15.94 -55.67 72.40
CA ILE CC 92 16.45 -54.61 73.27
C ILE CC 92 16.99 -53.50 72.39
N ALA CC 93 16.39 -52.32 72.52
CA ALA CC 93 16.72 -51.16 71.72
C ALA CC 93 17.12 -50.01 72.64
N LEU CC 94 18.32 -49.48 72.46
CA LEU CC 94 18.83 -48.40 73.29
C LEU CC 94 19.03 -47.15 72.44
N GLU CC 95 18.29 -46.09 72.78
CA GLU CC 95 18.26 -44.85 72.02
C GLU CC 95 18.89 -43.76 72.89
N ILE CC 96 20.02 -43.22 72.43
CA ILE CC 96 20.83 -42.30 73.22
C ILE CC 96 21.09 -41.03 72.42
N HIS CC 97 20.94 -39.89 73.08
CA HIS CC 97 21.39 -38.62 72.51
C HIS CC 97 22.89 -38.43 72.83
N PRO CC 98 23.67 -37.88 71.90
CA PRO CC 98 25.11 -37.78 72.13
C PRO CC 98 25.49 -37.00 73.37
N ALA CC 99 24.63 -36.11 73.86
CA ALA CC 99 24.97 -35.27 74.99
C ALA CC 99 24.89 -36.00 76.33
N LEU CC 100 24.36 -37.22 76.37
CA LEU CC 100 24.20 -37.92 77.63
C LEU CC 100 25.54 -38.31 78.22
N ALA CC 101 25.57 -38.39 79.55
CA ALA CC 101 26.79 -38.78 80.25
C ALA CC 101 27.22 -40.20 79.86
N SER CC 102 28.53 -40.34 79.61
CA SER CC 102 29.09 -41.64 79.27
C SER CC 102 28.71 -42.71 80.29
N ALA CC 103 28.71 -42.35 81.58
CA ALA CC 103 28.35 -43.31 82.61
C ALA CC 103 26.86 -43.55 82.70
N SER CC 104 26.04 -42.54 82.37
CA SER CC 104 24.60 -42.75 82.32
C SER CC 104 24.22 -43.72 81.20
N VAL CC 105 25.01 -43.76 80.11
CA VAL CC 105 24.75 -44.76 79.07
C VAL CC 105 24.83 -46.18 79.64
N LYS CC 106 25.95 -46.49 80.31
CA LYS CC 106 26.09 -47.82 80.87
C LYS CC 106 25.13 -48.04 82.04
N ASP CC 107 24.76 -46.99 82.77
CA ASP CC 107 23.71 -47.16 83.78
C ASP CC 107 22.39 -47.57 83.15
N LEU CC 108 22.07 -47.02 81.96
CA LEU CC 108 20.87 -47.46 81.26
C LEU CC 108 20.96 -48.93 80.86
N ARG CC 109 22.10 -49.35 80.32
CA ARG CC 109 22.27 -50.76 80.00
C ARG CC 109 22.00 -51.64 81.22
N LEU CC 110 22.61 -51.29 82.35
CA LEU CC 110 22.50 -52.12 83.55
C LEU CC 110 21.10 -52.06 84.14
N ILE CC 111 20.43 -50.91 84.09
CA ILE CC 111 19.11 -50.81 84.68
C ILE CC 111 18.08 -51.53 83.81
N GLY CC 112 18.26 -51.48 82.49
CA GLY CC 112 17.45 -52.31 81.61
C GLY CC 112 17.63 -53.78 81.90
N ALA CC 113 18.87 -54.22 82.09
CA ALA CC 113 19.09 -55.64 82.39
C ALA CC 113 18.43 -56.05 83.70
N GLN CC 114 18.50 -55.17 84.72
CA GLN CC 114 17.83 -55.49 85.97
C GLN CC 114 16.33 -55.59 85.77
N LEU CC 115 15.76 -54.75 84.91
CA LEU CC 115 14.32 -54.82 84.66
C LEU CC 115 13.92 -56.16 84.04
N LEU CC 116 14.83 -56.83 83.31
CA LEU CC 116 14.56 -58.20 82.88
C LEU CC 116 14.77 -59.23 83.97
N THR CC 117 15.86 -59.11 84.74
CA THR CC 117 16.31 -60.26 85.52
C THR CC 117 16.10 -60.11 87.03
N ASP CC 118 15.34 -59.13 87.49
CA ASP CC 118 15.00 -59.08 88.90
C ASP CC 118 13.73 -59.87 89.16
N ALA CC 119 13.63 -60.43 90.37
CA ALA CC 119 12.48 -61.25 90.73
C ALA CC 119 11.20 -60.42 90.78
N ASP CC 120 11.31 -59.15 91.17
CA ASP CC 120 10.15 -58.28 91.29
C ASP CC 120 9.31 -58.27 90.01
N TYR CC 121 9.93 -58.53 88.87
CA TYR CC 121 9.26 -58.43 87.59
C TYR CC 121 8.87 -59.78 87.01
N ASP CC 122 9.23 -60.88 87.68
CA ASP CC 122 8.94 -62.22 87.16
C ASP CC 122 7.47 -62.34 86.75
N SER CC 123 6.56 -61.87 87.59
CA SER CC 123 5.15 -61.98 87.28
C SER CC 123 4.82 -61.22 86.00
N PHE CC 124 5.32 -59.99 85.87
CA PHE CC 124 5.12 -59.20 84.66
C PHE CC 124 5.60 -59.95 83.42
N TRP CC 125 6.88 -60.33 83.39
CA TRP CC 125 7.43 -60.90 82.17
C TRP CC 125 6.73 -62.20 81.82
N THR CC 126 6.65 -63.15 82.76
CA THR CC 126 6.11 -64.46 82.44
C THR CC 126 4.63 -64.37 82.07
N LEU CC 127 3.81 -63.81 82.97
CA LEU CC 127 2.37 -63.86 82.77
C LEU CC 127 1.83 -62.65 82.01
N GLY CC 128 2.37 -61.46 82.26
CA GLY CC 128 1.83 -60.23 81.72
C GLY CC 128 1.15 -59.35 82.75
N ALA CC 129 1.41 -59.59 84.03
CA ALA CC 129 0.80 -58.85 85.13
C ALA CC 129 1.19 -57.38 85.11
N LEU CC 130 0.23 -56.52 85.46
CA LEU CC 130 0.40 -55.08 85.35
C LEU CC 130 0.41 -54.37 86.70
N ALA CC 131 0.55 -55.08 87.81
CA ALA CC 131 0.62 -54.44 89.12
C ALA CC 131 2.07 -54.28 89.59
N SER DC 1 -24.95 0.06 111.53
CA SER DC 1 -24.87 -0.82 112.69
C SER DC 1 -25.75 -2.06 112.51
N ILE DC 2 -25.86 -2.54 111.26
CA ILE DC 2 -26.69 -3.72 110.97
C ILE DC 2 -25.96 -4.99 111.38
N ILE DC 3 -24.73 -5.16 110.92
CA ILE DC 3 -23.96 -6.36 111.23
C ILE DC 3 -23.65 -6.37 112.72
N GLY DC 4 -24.17 -7.38 113.42
CA GLY DC 4 -23.96 -7.48 114.84
C GLY DC 4 -25.04 -6.89 115.70
N SER DC 5 -26.11 -6.35 115.11
CA SER DC 5 -27.19 -5.82 115.91
C SER DC 5 -27.88 -6.95 116.69
N SER DC 6 -28.49 -6.57 117.81
CA SER DC 6 -29.14 -7.52 118.71
C SER DC 6 -30.56 -7.07 118.98
N ILE DC 7 -31.51 -8.00 118.84
CA ILE DC 7 -32.93 -7.75 119.10
C ILE DC 7 -33.51 -8.96 119.84
N LYS DC 8 -34.75 -8.81 120.29
CA LYS DC 8 -35.40 -9.75 121.20
C LYS DC 8 -36.39 -10.64 120.45
N THR DC 9 -36.26 -11.95 120.61
CA THR DC 9 -37.27 -12.88 120.13
C THR DC 9 -38.07 -13.42 121.30
N GLY DC 10 -39.31 -13.82 121.01
CA GLY DC 10 -40.21 -14.23 122.07
C GLY DC 10 -40.43 -13.17 123.12
N ALA DC 11 -40.58 -11.91 122.70
CA ALA DC 11 -40.86 -10.85 123.64
C ALA DC 11 -42.27 -10.98 124.18
N THR DC 12 -42.43 -10.68 125.47
CA THR DC 12 -43.77 -10.69 126.06
C THR DC 12 -44.68 -9.68 125.38
N SER DC 13 -44.22 -8.43 125.24
CA SER DC 13 -44.99 -7.44 124.49
C SER DC 13 -44.08 -6.27 124.11
N ALA DC 14 -44.62 -5.35 123.32
CA ALA DC 14 -43.94 -4.11 122.97
C ALA DC 14 -44.84 -2.94 123.33
N SER DC 15 -44.22 -1.80 123.62
CA SER DC 15 -44.94 -0.65 124.12
C SER DC 15 -44.25 0.61 123.61
N ILE DC 16 -44.86 1.77 123.91
CA ILE DC 16 -44.38 3.02 123.34
C ILE DC 16 -44.56 4.15 124.36
N THR DC 17 -43.48 4.87 124.62
CA THR DC 17 -43.49 6.07 125.46
C THR DC 17 -43.58 7.26 124.52
N GLY DC 18 -44.74 7.89 124.43
CA GLY DC 18 -44.93 8.87 123.39
C GLY DC 18 -46.09 9.82 123.65
N GLY DC 19 -46.27 10.72 122.68
CA GLY DC 19 -47.12 11.89 122.86
C GLY DC 19 -48.60 11.72 122.54
N SER DC 20 -49.11 12.55 121.64
CA SER DC 20 -50.55 12.70 121.48
C SER DC 20 -51.17 11.52 120.74
N ASP DC 21 -52.46 11.28 121.02
CA ASP DC 21 -53.22 10.25 120.34
C ASP DC 21 -53.59 10.67 118.93
N ILE DC 22 -53.83 9.68 118.10
CA ILE DC 22 -54.45 9.86 116.79
C ILE DC 22 -55.49 8.76 116.64
N THR DC 23 -56.66 9.14 116.13
CA THR DC 23 -57.82 8.25 116.05
C THR DC 23 -58.19 8.05 114.59
N PHE DC 24 -58.53 6.80 114.25
CA PHE DC 24 -58.90 6.39 112.90
C PHE DC 24 -60.41 6.33 112.73
N ALA DC 25 -60.84 6.44 111.48
CA ALA DC 25 -62.24 6.29 111.12
C ALA DC 25 -62.28 5.88 109.65
N LEU DC 26 -63.36 5.18 109.28
CA LEU DC 26 -63.42 4.58 107.97
C LEU DC 26 -63.60 5.65 106.88
N THR DC 27 -62.88 5.46 105.76
CA THR DC 27 -62.80 6.43 104.68
C THR DC 27 -63.78 6.16 103.54
N GLY DC 28 -63.92 4.90 103.12
CA GLY DC 28 -64.72 4.60 101.97
C GLY DC 28 -64.02 4.75 100.64
N GLN DC 29 -62.73 5.09 100.63
CA GLN DC 29 -61.94 4.91 99.42
C GLN DC 29 -61.90 3.43 99.08
N THR DC 30 -62.34 3.12 97.86
CA THR DC 30 -62.47 1.73 97.45
C THR DC 30 -61.11 1.05 97.41
N VAL DC 31 -60.99 -0.05 98.16
CA VAL DC 31 -59.76 -0.82 98.26
C VAL DC 31 -60.11 -2.29 98.19
N THR DC 32 -59.54 -3.00 97.21
CA THR DC 32 -59.91 -4.39 96.94
C THR DC 32 -59.34 -5.31 98.02
N ASN DC 33 -60.21 -6.12 98.62
CA ASN DC 33 -59.87 -6.97 99.77
C ASN DC 33 -59.29 -6.17 100.91
N GLY DC 34 -59.67 -4.90 101.00
CA GLY DC 34 -59.05 -4.01 101.96
C GLY DC 34 -59.94 -2.95 102.57
N LEU DC 35 -59.29 -1.92 103.14
CA LEU DC 35 -59.99 -0.98 104.00
C LEU DC 35 -59.14 0.27 104.15
N ASN DC 36 -59.73 1.43 103.92
CA ASN DC 36 -59.06 2.71 104.12
C ASN DC 36 -59.62 3.37 105.37
N VAL DC 37 -58.76 3.64 106.36
CA VAL DC 37 -59.13 4.46 107.51
C VAL DC 37 -58.19 5.66 107.55
N SER DC 38 -58.77 6.85 107.63
CA SER DC 38 -57.95 8.04 107.79
C SER DC 38 -58.17 8.59 109.20
N VAL DC 39 -57.36 9.58 109.54
CA VAL DC 39 -57.47 10.18 110.86
C VAL DC 39 -58.60 11.20 110.81
N SER DC 40 -59.42 11.22 111.85
CA SER DC 40 -60.39 12.30 111.96
C SER DC 40 -59.80 13.50 112.67
N GLU DC 41 -58.50 13.45 112.99
CA GLU DC 41 -57.87 14.47 113.79
C GLU DC 41 -57.09 15.48 112.96
N ASP DC 42 -56.65 15.09 111.76
CA ASP DC 42 -56.15 16.07 110.80
C ASP DC 42 -57.33 16.64 110.03
N THR DC 43 -57.24 17.93 109.70
CA THR DC 43 -58.38 18.65 109.17
C THR DC 43 -58.33 18.87 107.66
N ASP DC 44 -57.15 19.07 107.09
CA ASP DC 44 -57.01 19.34 105.66
C ASP DC 44 -56.99 18.03 104.88
N TYR DC 45 -57.90 17.91 103.89
CA TYR DC 45 -58.00 16.66 103.15
C TYR DC 45 -56.73 16.39 102.34
N ARG DC 46 -56.12 17.44 101.79
CA ARG DC 46 -54.84 17.31 101.09
C ARG DC 46 -53.82 16.55 101.94
N THR DC 47 -53.56 17.04 103.15
CA THR DC 47 -52.46 16.52 103.96
C THR DC 47 -52.95 15.60 105.07
N ARG DC 48 -54.14 15.00 104.94
CA ARG DC 48 -54.68 14.19 106.02
C ARG DC 48 -54.12 12.77 105.93
N ARG DC 49 -53.45 12.36 107.01
CA ARG DC 49 -52.79 11.07 107.06
C ARG DC 49 -53.78 9.93 106.98
N ASN DC 50 -53.46 8.91 106.17
CA ASN DC 50 -54.39 7.79 106.07
C ASN DC 50 -53.67 6.46 105.91
N ALA DC 51 -54.31 5.40 106.38
CA ALA DC 51 -53.77 4.06 106.30
C ALA DC 51 -54.72 3.16 105.54
N THR DC 52 -54.15 2.09 104.99
CA THR DC 52 -54.88 1.15 104.17
C THR DC 52 -54.44 -0.27 104.51
N PHE DC 53 -55.42 -1.10 104.84
CA PHE DC 53 -55.23 -2.47 105.29
C PHE DC 53 -55.73 -3.40 104.20
N LYS DC 54 -54.84 -4.19 103.63
CA LYS DC 54 -55.24 -5.24 102.70
C LYS DC 54 -54.99 -6.60 103.34
N SER DC 55 -55.85 -7.57 103.02
CA SER DC 55 -55.84 -8.87 103.68
C SER DC 55 -56.16 -9.96 102.66
N ARG DC 56 -55.30 -10.96 102.58
CA ARG DC 56 -55.50 -12.14 101.74
C ARG DC 56 -55.22 -13.38 102.57
N VAL DC 57 -56.23 -14.25 102.67
CA VAL DC 57 -56.19 -15.44 103.53
C VAL DC 57 -55.45 -16.59 102.84
N PRO DC 58 -54.88 -17.51 103.59
CA PRO DC 58 -54.36 -18.75 102.99
C PRO DC 58 -55.47 -19.48 102.26
N THR DC 59 -55.21 -19.80 100.99
CA THR DC 59 -56.16 -20.51 100.16
C THR DC 59 -55.60 -21.87 99.79
N VAL DC 60 -56.42 -22.90 99.94
CA VAL DC 60 -56.01 -24.26 99.62
C VAL DC 60 -56.11 -24.47 98.12
N VAL DC 61 -55.07 -25.07 97.54
CA VAL DC 61 -55.06 -25.42 96.12
C VAL DC 61 -54.39 -26.77 95.99
N ASN DC 62 -55.08 -27.74 95.39
CA ASN DC 62 -54.54 -29.07 95.15
C ASN DC 62 -54.13 -29.75 96.45
N GLY DC 63 -54.95 -29.59 97.49
CA GLY DC 63 -54.80 -30.33 98.71
C GLY DC 63 -53.91 -29.71 99.76
N ASN DC 64 -53.30 -28.55 99.50
CA ASN DC 64 -52.46 -27.92 100.51
C ASN DC 64 -52.53 -26.40 100.38
N TYR DC 65 -52.09 -25.74 101.46
CA TYR DC 65 -52.33 -24.32 101.64
C TYR DC 65 -51.25 -23.47 100.98
N SER DC 66 -51.62 -22.22 100.69
CA SER DC 66 -50.71 -21.18 100.25
C SER DC 66 -50.58 -20.13 101.34
N LYS DC 67 -49.38 -19.62 101.54
CA LYS DC 67 -49.17 -18.64 102.59
C LYS DC 67 -50.01 -17.41 102.35
N GLY DC 68 -50.56 -16.85 103.44
CA GLY DC 68 -51.39 -15.66 103.35
C GLY DC 68 -50.60 -14.39 103.60
N LYS DC 69 -51.22 -13.26 103.24
CA LYS DC 69 -50.52 -11.99 103.18
C LYS DC 69 -51.40 -10.87 103.74
N ASN DC 70 -50.89 -10.13 104.72
CA ASN DC 70 -51.61 -9.02 105.31
C ASN DC 70 -50.75 -7.76 105.23
N GLU DC 71 -51.16 -6.82 104.39
CA GLU DC 71 -50.44 -5.58 104.19
C GLU DC 71 -51.10 -4.43 104.94
N VAL DC 72 -50.28 -3.49 105.35
CA VAL DC 72 -50.73 -2.18 105.80
C VAL DC 72 -49.85 -1.14 105.12
N VAL DC 73 -50.43 0.00 104.79
CA VAL DC 73 -49.65 1.14 104.32
C VAL DC 73 -50.18 2.40 104.97
N PHE DC 74 -49.30 3.11 105.66
CA PHE DC 74 -49.63 4.37 106.31
C PHE DC 74 -48.95 5.48 105.52
N VAL DC 75 -49.71 6.55 105.23
CA VAL DC 75 -49.28 7.57 104.30
C VAL DC 75 -49.45 8.94 104.93
N ILE DC 76 -48.38 9.73 104.84
CA ILE DC 76 -48.36 11.15 105.12
C ILE DC 76 -48.29 11.90 103.80
N PRO DC 77 -49.38 12.52 103.33
CA PRO DC 77 -49.27 13.33 102.13
C PRO DC 77 -48.58 14.65 102.44
N MET DC 78 -47.82 15.16 101.46
CA MET DC 78 -47.28 16.50 101.56
C MET DC 78 -47.26 17.13 100.17
N SER DC 79 -47.64 18.40 100.10
CA SER DC 79 -47.53 19.14 98.86
C SER DC 79 -46.10 19.63 98.69
N LEU DC 80 -45.54 19.41 97.50
CA LEU DC 80 -44.20 19.87 97.21
C LEU DC 80 -44.24 21.31 96.70
N ASP DC 81 -43.06 21.93 96.67
CA ASP DC 81 -42.96 23.29 96.15
C ASP DC 81 -43.37 23.36 94.69
N SER DC 82 -43.19 22.26 93.95
CA SER DC 82 -43.54 22.20 92.53
C SER DC 82 -45.03 22.09 92.28
N GLY DC 83 -45.82 21.87 93.33
CA GLY DC 83 -47.26 21.78 93.16
C GLY DC 83 -47.82 20.38 93.33
N GLU DC 84 -47.14 19.39 92.74
CA GLU DC 84 -47.58 18.01 92.88
C GLU DC 84 -47.58 17.61 94.35
N THR DC 85 -48.67 16.99 94.79
CA THR DC 85 -48.73 16.40 96.11
C THR DC 85 -48.15 14.99 96.04
N VAL DC 86 -47.23 14.67 96.95
CA VAL DC 86 -46.57 13.37 96.96
C VAL DC 86 -46.84 12.70 98.29
N PHE DC 87 -46.91 11.38 98.27
CA PHE DC 87 -47.21 10.57 99.44
C PHE DC 87 -45.93 10.04 100.07
N ASN DC 88 -45.88 10.02 101.40
CA ASN DC 88 -44.79 9.41 102.14
C ASN DC 88 -45.31 8.14 102.78
N SER DC 89 -44.66 7.02 102.50
CA SER DC 89 -45.22 5.71 102.74
C SER DC 89 -44.40 4.94 103.76
N VAL DC 90 -45.08 4.27 104.68
CA VAL DC 90 -44.50 3.14 105.39
C VAL DC 90 -45.42 1.96 105.14
N ARG DC 91 -44.88 0.87 104.63
CA ARG DC 91 -45.65 -0.28 104.21
C ARG DC 91 -45.12 -1.50 104.95
N ILE DC 92 -46.01 -2.21 105.63
CA ILE DC 92 -45.65 -3.39 106.40
C ILE DC 92 -46.53 -4.52 105.93
N ALA DC 93 -45.94 -5.48 105.22
CA ALA DC 93 -46.60 -6.69 104.81
C ALA DC 93 -46.13 -7.86 105.67
N LEU DC 94 -47.02 -8.80 105.91
CA LEU DC 94 -46.69 -9.94 106.76
C LEU DC 94 -47.34 -11.19 106.17
N GLU DC 95 -46.51 -12.11 105.70
CA GLU DC 95 -46.92 -13.32 105.00
C GLU DC 95 -46.63 -14.52 105.91
N ILE DC 96 -47.69 -15.24 106.27
CA ILE DC 96 -47.59 -16.36 107.20
C ILE DC 96 -48.09 -17.62 106.50
N HIS DC 97 -47.35 -18.71 106.66
CA HIS DC 97 -47.88 -20.00 106.27
C HIS DC 97 -48.72 -20.57 107.41
N PRO DC 98 -49.85 -21.21 107.12
CA PRO DC 98 -50.73 -21.70 108.19
C PRO DC 98 -50.03 -22.61 109.20
N ALA DC 99 -48.92 -23.22 108.82
CA ALA DC 99 -48.22 -24.13 109.70
C ALA DC 99 -47.38 -23.44 110.77
N LEU DC 100 -47.19 -22.12 110.68
CA LEU DC 100 -46.38 -21.44 111.67
C LEU DC 100 -47.09 -21.43 113.02
N ALA DC 101 -46.30 -21.48 114.09
CA ALA DC 101 -46.85 -21.44 115.43
C ALA DC 101 -47.55 -20.11 115.70
N SER DC 102 -48.69 -20.19 116.40
CA SER DC 102 -49.39 -18.99 116.83
C SER DC 102 -48.46 -18.02 117.53
N ALA DC 103 -47.56 -18.56 118.37
CA ALA DC 103 -46.62 -17.71 119.11
C ALA DC 103 -45.56 -17.11 118.18
N SER DC 104 -45.11 -17.87 117.18
CA SER DC 104 -44.12 -17.33 116.25
C SER DC 104 -44.72 -16.27 115.33
N VAL DC 105 -46.04 -16.26 115.16
CA VAL DC 105 -46.67 -15.16 114.43
C VAL DC 105 -46.46 -13.84 115.15
N LYS DC 106 -46.81 -13.79 116.45
CA LYS DC 106 -46.54 -12.59 117.23
C LYS DC 106 -45.04 -12.33 117.36
N ASP DC 107 -44.20 -13.37 117.41
CA ASP DC 107 -42.77 -13.11 117.43
C ASP DC 107 -42.34 -12.37 116.15
N LEU DC 108 -42.91 -12.73 114.99
CA LEU DC 108 -42.60 -12.00 113.76
C LEU DC 108 -43.08 -10.56 113.83
N ARG DC 109 -44.29 -10.34 114.33
CA ARG DC 109 -44.79 -8.96 114.44
C ARG DC 109 -43.86 -8.11 115.28
N LEU DC 110 -43.43 -8.64 116.43
CA LEU DC 110 -42.59 -7.85 117.34
C LEU DC 110 -41.16 -7.72 116.83
N ILE DC 111 -40.62 -8.77 116.21
CA ILE DC 111 -39.26 -8.67 115.70
C ILE DC 111 -39.20 -7.75 114.49
N GLY DC 112 -40.30 -7.65 113.74
CA GLY DC 112 -40.35 -6.70 112.66
C GLY DC 112 -40.46 -5.28 113.17
N ALA DC 113 -41.42 -5.03 114.06
CA ALA DC 113 -41.55 -3.70 114.63
C ALA DC 113 -40.28 -3.26 115.35
N GLN DC 114 -39.52 -4.22 115.88
CA GLN DC 114 -38.28 -3.92 116.55
C GLN DC 114 -37.17 -3.54 115.57
N LEU DC 115 -37.29 -3.94 114.30
CA LEU DC 115 -36.35 -3.52 113.29
C LEU DC 115 -36.58 -2.09 112.82
N LEU DC 116 -37.80 -1.56 112.96
CA LEU DC 116 -38.03 -0.14 112.71
C LEU DC 116 -37.44 0.74 113.81
N THR DC 117 -37.70 0.40 115.06
CA THR DC 117 -37.49 1.36 116.14
C THR DC 117 -36.13 1.25 116.82
N ASP DC 118 -35.50 0.08 116.80
CA ASP DC 118 -34.29 -0.11 117.59
C ASP DC 118 -33.15 0.75 117.05
N ALA DC 119 -32.48 1.46 117.95
CA ALA DC 119 -31.51 2.48 117.58
C ALA DC 119 -30.37 1.93 116.72
N ASP DC 120 -30.08 0.62 116.84
CA ASP DC 120 -29.07 0.00 115.98
C ASP DC 120 -29.35 0.28 114.50
N TYR DC 121 -30.60 0.14 114.09
CA TYR DC 121 -30.95 0.38 112.70
C TYR DC 121 -31.26 1.85 112.44
N ASP DC 122 -31.15 2.68 113.47
CA ASP DC 122 -31.56 4.07 113.39
C ASP DC 122 -30.80 4.79 112.29
N SER DC 123 -29.53 4.42 112.07
CA SER DC 123 -28.77 5.02 110.98
C SER DC 123 -29.21 4.48 109.62
N PHE DC 124 -29.72 3.25 109.57
CA PHE DC 124 -30.15 2.67 108.31
C PHE DC 124 -31.37 3.36 107.74
N TRP DC 125 -32.43 3.46 108.54
CA TRP DC 125 -33.69 4.01 108.04
C TRP DC 125 -33.55 5.47 107.67
N THR DC 126 -32.93 6.27 108.55
CA THR DC 126 -32.83 7.71 108.31
C THR DC 126 -31.92 8.02 107.15
N LEU DC 127 -30.70 7.49 107.19
CA LEU DC 127 -29.67 7.87 106.23
C LEU DC 127 -29.61 6.95 105.02
N GLY DC 128 -30.39 5.88 105.01
CA GLY DC 128 -30.22 4.87 103.97
C GLY DC 128 -28.84 4.25 104.00
N ALA DC 129 -28.30 4.04 105.20
CA ALA DC 129 -26.90 3.66 105.38
C ALA DC 129 -26.76 2.15 105.51
N LEU DC 130 -26.01 1.54 104.60
CA LEU DC 130 -25.71 0.11 104.64
C LEU DC 130 -24.38 -0.08 105.36
N ALA DC 131 -24.45 -0.64 106.56
CA ALA DC 131 -23.25 -0.92 107.35
C ALA DC 131 -23.66 -1.78 108.55
N SER EC 1 -62.03 -3.63 115.00
CA SER EC 1 -61.01 -3.10 115.90
C SER EC 1 -60.00 -2.26 115.13
N ILE EC 2 -59.98 -2.41 113.81
CA ILE EC 2 -59.18 -1.52 112.97
C ILE EC 2 -59.85 -0.15 112.87
N ILE EC 3 -61.16 -0.13 112.66
CA ILE EC 3 -61.90 1.12 112.61
C ILE EC 3 -61.96 1.72 114.00
N GLY EC 4 -61.64 3.01 114.10
CA GLY EC 4 -61.70 3.66 115.39
C GLY EC 4 -60.62 3.21 116.37
N SER EC 5 -59.47 2.77 115.86
CA SER EC 5 -58.34 2.48 116.73
C SER EC 5 -57.52 3.75 116.96
N SER EC 6 -56.76 3.74 118.05
CA SER EC 6 -55.99 4.90 118.49
C SER EC 6 -54.52 4.52 118.65
N ILE EC 7 -53.64 5.38 118.13
CA ILE EC 7 -52.20 5.14 118.16
C ILE EC 7 -51.46 6.47 118.38
N LYS EC 8 -50.27 6.40 118.99
CA LYS EC 8 -49.55 7.61 119.36
C LYS EC 8 -48.77 8.16 118.17
N THR EC 9 -48.94 9.45 117.89
CA THR EC 9 -48.06 10.15 116.94
C THR EC 9 -47.05 10.99 117.71
N GLY EC 10 -45.95 11.30 117.03
CA GLY EC 10 -44.87 12.05 117.62
C GLY EC 10 -44.46 11.45 118.94
N ALA EC 11 -44.32 10.13 118.97
CA ALA EC 11 -43.88 9.48 120.18
C ALA EC 11 -42.39 9.71 120.42
N THR EC 12 -42.03 9.83 121.69
CA THR EC 12 -40.62 10.06 122.04
C THR EC 12 -39.77 8.85 121.70
N SER EC 13 -40.21 7.65 122.08
CA SER EC 13 -39.54 6.42 121.66
C SER EC 13 -40.45 5.24 121.94
N ALA EC 14 -40.08 4.09 121.39
CA ALA EC 14 -40.79 2.84 121.63
C ALA EC 14 -39.79 1.80 122.10
N SER EC 15 -40.29 0.77 122.77
CA SER EC 15 -39.42 -0.24 123.37
C SER EC 15 -40.18 -1.55 123.46
N ILE EC 16 -39.53 -2.55 124.04
CA ILE EC 16 -40.06 -3.91 124.00
C ILE EC 16 -39.75 -4.62 125.31
N THR EC 17 -40.80 -5.02 126.03
CA THR EC 17 -40.64 -5.85 127.23
C THR EC 17 -40.53 -7.29 126.75
N GLY EC 18 -39.29 -7.80 126.73
CA GLY EC 18 -38.94 -8.90 125.86
C GLY EC 18 -38.20 -10.02 126.55
N GLY EC 19 -37.92 -11.06 125.77
CA GLY EC 19 -37.21 -12.25 126.23
C GLY EC 19 -35.75 -12.28 125.83
N SER EC 20 -35.34 -13.35 125.14
CA SER EC 20 -33.92 -13.61 124.90
C SER EC 20 -33.39 -12.82 123.71
N ASP EC 21 -32.07 -12.63 123.69
CA ASP EC 21 -31.40 -11.90 122.62
C ASP EC 21 -31.29 -12.76 121.36
N ILE EC 22 -31.06 -12.07 120.24
CA ILE EC 22 -30.73 -12.72 118.97
C ILE EC 22 -29.79 -11.78 118.22
N THR EC 23 -28.77 -12.35 117.59
CA THR EC 23 -27.66 -11.57 117.05
C THR EC 23 -27.44 -11.87 115.57
N PHE EC 24 -27.25 -10.82 114.79
CA PHE EC 24 -27.08 -10.92 113.34
C PHE EC 24 -25.61 -10.94 112.95
N ALA EC 25 -25.30 -11.73 111.93
CA ALA EC 25 -23.96 -11.76 111.35
C ALA EC 25 -24.09 -11.80 109.84
N LEU EC 26 -23.00 -11.43 109.15
CA LEU EC 26 -23.02 -11.25 107.70
C LEU EC 26 -23.14 -12.60 106.99
N THR EC 27 -24.10 -12.70 106.05
CA THR EC 27 -24.44 -13.96 105.39
C THR EC 27 -23.67 -14.18 104.10
N GLY EC 28 -23.25 -13.12 103.43
CA GLY EC 28 -22.67 -13.29 102.12
C GLY EC 28 -23.60 -13.91 101.11
N GLN EC 29 -24.90 -13.63 101.19
CA GLN EC 29 -25.83 -13.90 100.09
C GLN EC 29 -25.90 -12.64 99.24
N THR EC 30 -25.47 -12.76 97.99
CA THR EC 30 -25.38 -11.60 97.12
C THR EC 30 -26.76 -10.94 96.99
N VAL EC 31 -26.84 -9.69 97.45
CA VAL EC 31 -28.10 -8.93 97.45
C VAL EC 31 -27.82 -7.55 96.90
N THR EC 32 -28.49 -7.21 95.79
CA THR EC 32 -28.26 -5.92 95.15
C THR EC 32 -28.75 -4.80 96.06
N ASN EC 33 -27.89 -3.79 96.23
CA ASN EC 33 -28.21 -2.58 96.98
C ASN EC 33 -28.48 -2.90 98.45
N GLY EC 34 -27.86 -3.93 98.99
CA GLY EC 34 -28.19 -4.30 100.36
C GLY EC 34 -27.35 -5.42 100.89
N LEU EC 35 -27.77 -5.90 102.06
CA LEU EC 35 -27.06 -6.90 102.85
C LEU EC 35 -28.00 -8.04 103.20
N ASN EC 36 -27.40 -9.19 103.51
CA ASN EC 36 -28.10 -10.29 104.16
C ASN EC 36 -27.34 -10.61 105.44
N VAL EC 37 -28.05 -10.58 106.57
CA VAL EC 37 -27.50 -11.00 107.86
C VAL EC 37 -28.44 -12.04 108.44
N SER EC 38 -27.89 -13.19 108.85
CA SER EC 38 -28.71 -14.20 109.49
C SER EC 38 -28.33 -14.31 110.95
N VAL EC 39 -29.19 -14.96 111.71
CA VAL EC 39 -28.96 -15.10 113.14
C VAL EC 39 -28.02 -16.29 113.35
N SER EC 40 -26.84 -16.00 113.86
CA SER EC 40 -25.88 -17.06 114.13
C SER EC 40 -26.23 -17.85 115.37
N GLU EC 41 -27.39 -17.58 115.95
CA GLU EC 41 -27.82 -18.22 117.19
C GLU EC 41 -28.77 -19.39 116.95
N ASP EC 42 -29.31 -19.54 115.74
CA ASP EC 42 -30.00 -20.75 115.34
C ASP EC 42 -28.97 -21.71 114.76
N THR EC 43 -29.12 -23.00 115.07
CA THR EC 43 -28.06 -23.97 114.81
C THR EC 43 -28.15 -24.65 113.44
N ASP EC 44 -29.34 -24.68 112.83
CA ASP EC 44 -29.57 -25.45 111.61
C ASP EC 44 -29.83 -24.48 110.46
N TYR EC 45 -28.89 -24.43 109.49
CA TYR EC 45 -29.00 -23.46 108.38
C TYR EC 45 -30.36 -23.56 107.72
N ARG EC 46 -30.81 -24.78 107.45
CA ARG EC 46 -32.07 -25.03 106.77
C ARG EC 46 -33.23 -24.22 107.36
N THR EC 47 -33.13 -23.79 108.62
CA THR EC 47 -34.15 -22.98 109.28
C THR EC 47 -33.54 -21.83 110.09
N ARG EC 48 -32.50 -21.15 109.58
CA ARG EC 48 -31.98 -19.96 110.26
C ARG EC 48 -32.71 -18.71 109.81
N ARG EC 49 -33.37 -18.06 110.78
CA ARG EC 49 -34.00 -16.77 110.56
C ARG EC 49 -32.98 -15.79 110.01
N ASN EC 50 -33.30 -15.16 108.89
CA ASN EC 50 -32.38 -14.19 108.32
C ASN EC 50 -33.13 -12.91 107.98
N ALA EC 51 -32.38 -11.89 107.58
CA ALA EC 51 -32.96 -10.60 107.27
C ALA EC 51 -32.14 -9.96 106.18
N THR EC 52 -32.83 -9.24 105.30
CA THR EC 52 -32.23 -8.62 104.15
C THR EC 52 -32.58 -7.14 104.15
N PHE EC 53 -31.56 -6.30 103.99
CA PHE EC 53 -31.69 -4.86 104.03
C PHE EC 53 -31.40 -4.31 102.63
N LYS EC 54 -32.32 -3.50 102.11
CA LYS EC 54 -32.14 -2.85 100.82
C LYS EC 54 -32.32 -1.34 100.95
N SER EC 55 -31.63 -0.60 100.10
CA SER EC 55 -31.68 0.87 100.12
C SER EC 55 -31.56 1.39 98.68
N ARG EC 56 -32.70 1.76 98.10
CA ARG EC 56 -32.74 2.47 96.82
C ARG EC 56 -32.78 3.96 97.09
N VAL EC 57 -31.93 4.70 96.40
CA VAL EC 57 -31.74 6.12 96.66
C VAL EC 57 -32.72 6.94 95.84
N PRO EC 58 -32.97 8.20 96.22
CA PRO EC 58 -33.81 9.06 95.39
C PRO EC 58 -33.15 9.36 94.07
N THR EC 59 -33.98 9.52 93.04
CA THR EC 59 -33.51 9.76 91.68
C THR EC 59 -33.60 11.26 91.37
N VAL EC 60 -32.54 11.79 90.78
CA VAL EC 60 -32.47 13.20 90.41
C VAL EC 60 -32.91 13.33 88.96
N VAL EC 61 -34.09 13.89 88.75
CA VAL EC 61 -34.66 14.05 87.41
C VAL EC 61 -34.92 15.55 87.23
N ASN EC 62 -33.94 16.25 86.66
CA ASN EC 62 -34.10 17.64 86.25
C ASN EC 62 -34.60 18.51 87.41
N GLY EC 63 -33.85 18.49 88.51
CA GLY EC 63 -34.20 19.26 89.68
C GLY EC 63 -35.30 18.70 90.55
N ASN EC 64 -35.96 17.62 90.13
CA ASN EC 64 -37.02 16.99 90.92
C ASN EC 64 -36.53 15.65 91.47
N TYR EC 65 -36.85 15.36 92.73
CA TYR EC 65 -36.37 14.14 93.37
C TYR EC 65 -37.54 13.21 93.66
N SER EC 66 -37.38 11.94 93.31
CA SER EC 66 -38.31 10.89 93.68
C SER EC 66 -38.06 10.45 95.11
N LYS EC 67 -39.08 9.87 95.73
CA LYS EC 67 -38.89 9.31 97.06
C LYS EC 67 -37.93 8.12 96.98
N GLY EC 68 -37.12 7.96 98.03
CA GLY EC 68 -36.29 6.79 98.17
C GLY EC 68 -36.98 5.71 98.99
N LYS EC 69 -36.35 4.54 99.01
CA LYS EC 69 -37.01 3.35 99.55
C LYS EC 69 -36.01 2.52 100.34
N ASN EC 70 -36.31 2.26 101.61
CA ASN EC 70 -35.47 1.42 102.45
C ASN EC 70 -36.29 0.22 102.93
N GLU EC 71 -35.92 -0.97 102.48
CA GLU EC 71 -36.64 -2.19 102.83
C GLU EC 71 -35.86 -3.03 103.83
N VAL EC 72 -36.61 -3.77 104.64
CA VAL EC 72 -36.09 -4.89 105.40
C VAL EC 72 -37.05 -6.06 105.21
N VAL EC 73 -36.49 -7.25 105.09
CA VAL EC 73 -37.25 -8.49 104.94
C VAL EC 73 -36.70 -9.47 105.96
N PHE EC 74 -37.49 -9.79 106.98
CA PHE EC 74 -37.12 -10.77 107.98
C PHE EC 74 -37.87 -12.06 107.68
N VAL EC 75 -37.16 -13.18 107.76
CA VAL EC 75 -37.65 -14.45 107.25
C VAL EC 75 -37.40 -15.55 108.27
N ILE EC 76 -38.47 -16.26 108.64
CA ILE EC 76 -38.42 -17.51 109.38
C ILE EC 76 -38.66 -18.65 108.38
N PRO EC 77 -37.63 -19.38 107.97
CA PRO EC 77 -37.89 -20.58 107.16
C PRO EC 77 -38.33 -21.74 108.04
N MET EC 78 -39.32 -22.49 107.56
CA MET EC 78 -39.84 -23.64 108.30
C MET EC 78 -39.99 -24.82 107.35
N SER EC 79 -39.67 -26.00 107.87
CA SER EC 79 -39.76 -27.25 107.13
C SER EC 79 -41.16 -27.83 107.31
N LEU EC 80 -41.89 -27.98 106.22
CA LEU EC 80 -43.23 -28.52 106.30
C LEU EC 80 -43.20 -30.03 106.54
N ASP EC 81 -44.36 -30.56 106.91
CA ASP EC 81 -44.52 -32.01 106.99
C ASP EC 81 -44.26 -32.65 105.63
N SER EC 82 -44.61 -31.95 104.55
CA SER EC 82 -44.39 -32.41 103.18
C SER EC 82 -42.93 -32.54 102.80
N GLY EC 83 -42.01 -32.03 103.62
CA GLY EC 83 -40.61 -31.95 103.26
C GLY EC 83 -40.23 -30.64 102.59
N GLU EC 84 -41.15 -30.03 101.85
CA GLU EC 84 -40.89 -28.73 101.24
C GLU EC 84 -40.80 -27.66 102.31
N THR EC 85 -39.70 -26.92 102.32
CA THR EC 85 -39.50 -25.84 103.28
C THR EC 85 -39.92 -24.52 102.66
N VAL EC 86 -40.62 -23.70 103.43
CA VAL EC 86 -41.16 -22.43 102.95
C VAL EC 86 -40.77 -21.33 103.93
N PHE EC 87 -41.16 -20.09 103.59
CA PHE EC 87 -40.67 -18.91 104.27
C PHE EC 87 -41.81 -18.06 104.82
N ASN EC 88 -41.72 -17.73 106.11
CA ASN EC 88 -42.61 -16.77 106.76
C ASN EC 88 -41.92 -15.41 106.77
N SER EC 89 -42.57 -14.41 106.19
CA SER EC 89 -41.89 -13.18 105.80
C SER EC 89 -42.60 -11.97 106.39
N VAL EC 90 -41.91 -11.23 107.24
CA VAL EC 90 -42.34 -9.88 107.58
C VAL EC 90 -41.47 -8.90 106.79
N ARG EC 91 -42.11 -8.03 106.00
CA ARG EC 91 -41.41 -7.06 105.17
C ARG EC 91 -41.86 -5.66 105.55
N ILE EC 92 -40.90 -4.77 105.75
CA ILE EC 92 -41.18 -3.39 106.12
C ILE EC 92 -40.39 -2.48 105.19
N ALA EC 93 -41.09 -1.72 104.38
CA ALA EC 93 -40.51 -0.81 103.41
C ALA EC 93 -40.92 0.61 103.76
N LEU EC 94 -39.95 1.51 103.78
CA LEU EC 94 -40.21 2.90 104.16
C LEU EC 94 -39.75 3.80 103.01
N GLU EC 95 -40.72 4.44 102.35
CA GLU EC 95 -40.51 5.28 101.19
C GLU EC 95 -40.69 6.74 101.59
N ILE EC 96 -39.62 7.51 101.47
CA ILE EC 96 -39.59 8.89 101.97
C ILE EC 96 -39.02 9.81 100.91
N HIS EC 97 -39.69 10.95 100.69
CA HIS EC 97 -39.12 12.04 99.91
C HIS EC 97 -38.20 12.87 100.80
N PRO EC 98 -37.05 13.31 100.28
CA PRO EC 98 -36.04 13.95 101.15
C PRO EC 98 -36.53 15.22 101.83
N ALA EC 99 -37.58 15.85 101.31
CA ALA EC 99 -38.07 17.10 101.87
C ALA EC 99 -38.95 16.92 103.10
N LEU EC 100 -39.23 15.68 103.51
CA LEU EC 100 -40.00 15.48 104.73
C LEU EC 100 -39.15 15.76 105.96
N ALA EC 101 -39.79 16.23 107.02
CA ALA EC 101 -39.07 16.58 108.24
C ALA EC 101 -38.44 15.36 108.88
N SER EC 102 -37.21 15.56 109.37
CA SER EC 102 -36.48 14.49 110.04
C SER EC 102 -37.29 13.90 111.18
N ALA EC 103 -38.12 14.72 111.83
CA ALA EC 103 -38.97 14.25 112.91
C ALA EC 103 -40.14 13.43 112.40
N SER EC 104 -40.74 13.82 111.28
CA SER EC 104 -41.84 13.05 110.72
C SER EC 104 -41.37 11.70 110.21
N VAL EC 105 -40.12 11.60 109.77
CA VAL EC 105 -39.59 10.29 109.36
C VAL EC 105 -39.63 9.30 110.53
N LYS EC 106 -39.10 9.73 111.69
CA LYS EC 106 -39.11 8.86 112.85
C LYS EC 106 -40.52 8.64 113.40
N ASP EC 107 -41.38 9.67 113.35
CA ASP EC 107 -42.78 9.43 113.70
C ASP EC 107 -43.37 8.34 112.82
N LEU EC 108 -42.96 8.29 111.54
CA LEU EC 108 -43.51 7.30 110.61
C LEU EC 108 -43.01 5.90 110.96
N ARG EC 109 -41.72 5.78 111.30
CA ARG EC 109 -41.18 4.51 111.80
C ARG EC 109 -41.95 4.00 113.01
N LEU EC 110 -42.17 4.88 113.99
CA LEU EC 110 -42.83 4.45 115.21
C LEU EC 110 -44.31 4.15 114.99
N ILE EC 111 -44.96 4.88 114.08
CA ILE EC 111 -46.38 4.63 113.87
C ILE EC 111 -46.58 3.31 113.13
N GLY EC 112 -45.65 2.97 112.22
CA GLY EC 112 -45.69 1.64 111.64
C GLY EC 112 -45.46 0.55 112.67
N ALA EC 113 -44.50 0.76 113.56
CA ALA EC 113 -44.26 -0.22 114.62
C ALA EC 113 -45.51 -0.43 115.47
N GLN EC 114 -46.22 0.66 115.79
CA GLN EC 114 -47.44 0.49 116.58
C GLN EC 114 -48.48 -0.29 115.79
N LEU EC 115 -48.64 0.04 114.49
CA LEU EC 115 -49.56 -0.72 113.65
C LEU EC 115 -49.26 -2.22 113.69
N LEU EC 116 -47.97 -2.60 113.75
CA LEU EC 116 -47.65 -4.01 113.94
C LEU EC 116 -48.06 -4.53 115.31
N THR EC 117 -47.66 -3.85 116.39
CA THR EC 117 -47.66 -4.50 117.69
C THR EC 117 -48.86 -4.20 118.58
N ASP EC 118 -49.71 -3.24 118.22
CA ASP EC 118 -50.82 -2.89 119.10
C ASP EC 118 -51.86 -4.00 119.11
N ALA EC 119 -52.61 -4.06 120.23
CA ALA EC 119 -53.58 -5.13 120.39
C ALA EC 119 -54.81 -4.91 119.50
N ASP EC 120 -55.16 -3.64 119.24
CA ASP EC 120 -56.27 -3.32 118.36
C ASP EC 120 -56.17 -4.05 117.02
N TYR EC 121 -54.97 -4.36 116.57
CA TYR EC 121 -54.76 -4.94 115.25
C TYR EC 121 -54.51 -6.44 115.31
N ASP EC 122 -54.55 -7.04 116.50
CA ASP EC 122 -54.33 -8.48 116.64
C ASP EC 122 -55.25 -9.27 115.70
N SER EC 123 -56.54 -8.94 115.70
CA SER EC 123 -57.48 -9.66 114.85
C SER EC 123 -57.07 -9.56 113.39
N PHE EC 124 -56.78 -8.35 112.92
CA PHE EC 124 -56.35 -8.15 111.54
C PHE EC 124 -55.15 -9.01 111.19
N TRP EC 125 -54.05 -8.81 111.90
CA TRP EC 125 -52.82 -9.50 111.52
C TRP EC 125 -52.98 -11.02 111.59
N THR EC 126 -53.47 -11.54 112.72
CA THR EC 126 -53.50 -12.98 112.93
C THR EC 126 -54.54 -13.65 112.03
N LEU EC 127 -55.79 -13.22 112.14
CA LEU EC 127 -56.91 -13.90 111.47
C LEU EC 127 -57.13 -13.43 110.04
N GLY EC 128 -56.62 -12.25 109.69
CA GLY EC 128 -56.94 -11.61 108.44
C GLY EC 128 -58.21 -10.79 108.45
N ALA EC 129 -58.76 -10.50 109.62
CA ALA EC 129 -60.08 -9.91 109.70
C ALA EC 129 -60.05 -8.45 109.31
N LEU EC 130 -60.87 -8.09 108.32
CA LEU EC 130 -61.04 -6.69 107.97
C LEU EC 130 -61.98 -6.01 108.95
N ALA EC 131 -62.04 -4.68 108.86
CA ALA EC 131 -62.91 -3.85 109.69
C ALA EC 131 -62.66 -3.98 111.20
N SER FC 1 -95.17 29.82 99.50
CA SER FC 1 -94.65 29.18 100.70
C SER FC 1 -93.16 28.81 100.54
N ILE FC 2 -92.76 28.40 99.33
CA ILE FC 2 -91.33 28.24 99.05
C ILE FC 2 -90.66 29.60 98.97
N ILE FC 3 -91.28 30.53 98.25
CA ILE FC 3 -90.75 31.89 98.16
C ILE FC 3 -91.01 32.59 99.48
N GLY FC 4 -89.94 33.05 100.12
CA GLY FC 4 -90.05 33.70 101.41
C GLY FC 4 -89.87 32.80 102.61
N SER FC 5 -89.71 31.50 102.40
CA SER FC 5 -89.51 30.58 103.51
C SER FC 5 -88.21 30.91 104.25
N SER FC 6 -88.20 30.61 105.54
CA SER FC 6 -87.05 30.86 106.40
C SER FC 6 -86.62 29.56 107.05
N ILE FC 7 -85.32 29.31 107.05
CA ILE FC 7 -84.76 28.08 107.61
C ILE FC 7 -83.44 28.41 108.30
N LYS FC 8 -83.11 27.64 109.34
CA LYS FC 8 -81.95 27.94 110.19
C LYS FC 8 -80.67 27.45 109.52
N THR FC 9 -79.66 28.31 109.45
CA THR FC 9 -78.32 27.89 109.10
C THR FC 9 -77.42 27.99 110.32
N GLY FC 10 -76.28 27.30 110.25
CA GLY FC 10 -75.42 27.20 111.41
C GLY FC 10 -76.11 26.61 112.61
N ALA FC 11 -76.98 25.64 112.39
CA ALA FC 11 -77.71 25.03 113.50
C ALA FC 11 -76.80 24.07 114.27
N THR FC 12 -77.02 24.01 115.59
CA THR FC 12 -76.26 23.09 116.42
C THR FC 12 -76.58 21.64 116.08
N SER FC 13 -77.86 21.26 116.16
CA SER FC 13 -78.25 19.90 115.82
C SER FC 13 -79.74 19.84 115.55
N ALA FC 14 -80.15 18.79 114.85
CA ALA FC 14 -81.56 18.56 114.53
C ALA FC 14 -82.06 17.34 115.29
N SER FC 15 -83.35 17.33 115.59
CA SER FC 15 -83.95 16.25 116.34
C SER FC 15 -85.34 15.99 115.80
N ILE FC 16 -85.98 14.94 116.30
CA ILE FC 16 -87.29 14.56 115.78
C ILE FC 16 -88.15 14.01 116.91
N THR FC 17 -89.27 14.68 117.18
CA THR FC 17 -90.25 14.20 118.14
C THR FC 17 -91.14 13.19 117.43
N GLY FC 18 -90.94 11.91 117.75
CA GLY FC 18 -91.56 10.88 116.95
C GLY FC 18 -91.96 9.60 117.65
N GLY FC 19 -92.39 8.63 116.85
CA GLY FC 19 -92.96 7.40 117.37
C GLY FC 19 -91.99 6.24 117.53
N SER FC 20 -92.29 5.11 116.89
CA SER FC 20 -91.58 3.87 117.14
C SER FC 20 -90.22 3.83 116.45
N ASP FC 21 -89.36 2.96 116.97
CA ASP FC 21 -88.03 2.74 116.40
C ASP FC 21 -88.10 1.85 115.18
N ILE FC 22 -87.04 1.89 114.38
CA ILE FC 22 -86.84 0.96 113.29
C ILE FC 22 -85.33 0.70 113.19
N THR FC 23 -84.96 -0.54 112.89
CA THR FC 23 -83.55 -0.90 112.91
C THR FC 23 -83.15 -1.53 111.58
N PHE FC 24 -81.91 -1.26 111.18
CA PHE FC 24 -81.35 -1.74 109.93
C PHE FC 24 -80.41 -2.91 110.16
N ALA FC 25 -80.41 -3.85 109.22
CA ALA FC 25 -79.40 -4.90 109.21
C ALA FC 25 -78.94 -5.10 107.78
N LEU FC 26 -77.71 -5.59 107.63
CA LEU FC 26 -77.10 -5.70 106.31
C LEU FC 26 -77.81 -6.74 105.45
N THR FC 27 -78.20 -6.33 104.24
CA THR FC 27 -79.06 -7.16 103.40
C THR FC 27 -78.29 -8.32 102.80
N GLY FC 28 -77.09 -8.08 102.31
CA GLY FC 28 -76.42 -9.04 101.47
C GLY FC 28 -76.82 -8.97 100.02
N GLN FC 29 -77.54 -7.93 99.62
CA GLN FC 29 -77.70 -7.63 98.20
C GLN FC 29 -76.42 -6.95 97.72
N THR FC 30 -75.81 -7.49 96.68
CA THR FC 30 -74.56 -6.93 96.18
C THR FC 30 -74.86 -5.59 95.52
N VAL FC 31 -74.19 -4.54 95.98
CA VAL FC 31 -74.36 -3.20 95.44
C VAL FC 31 -72.99 -2.60 95.12
N THR FC 32 -72.81 -2.15 93.89
CA THR FC 32 -71.55 -1.58 93.46
C THR FC 32 -71.25 -0.29 94.21
N ASN FC 33 -70.05 -0.20 94.79
CA ASN FC 33 -69.61 0.94 95.60
C ASN FC 33 -70.57 1.21 96.76
N GLY FC 34 -71.40 0.24 97.13
CA GLY FC 34 -72.48 0.55 98.03
C GLY FC 34 -72.88 -0.59 98.95
N LEU FC 35 -73.95 -0.33 99.69
CA LEU FC 35 -74.42 -1.16 100.78
C LEU FC 35 -75.94 -1.19 100.73
N ASN FC 36 -76.51 -2.31 101.15
CA ASN FC 36 -77.97 -2.39 101.30
C ASN FC 36 -78.24 -2.86 102.72
N VAL FC 37 -78.99 -2.06 103.48
CA VAL FC 37 -79.49 -2.45 104.79
C VAL FC 37 -81.00 -2.36 104.76
N SER FC 38 -81.68 -3.43 105.15
CA SER FC 38 -83.13 -3.38 105.18
C SER FC 38 -83.63 -3.42 106.61
N VAL FC 39 -84.95 -3.26 106.74
CA VAL FC 39 -85.59 -3.16 108.04
C VAL FC 39 -85.77 -4.56 108.62
N SER FC 40 -85.09 -4.82 109.73
CA SER FC 40 -85.23 -6.09 110.43
C SER FC 40 -86.55 -6.21 111.16
N GLU FC 41 -87.43 -5.22 111.05
CA GLU FC 41 -88.65 -5.16 111.85
C GLU FC 41 -89.91 -5.35 111.04
N ASP FC 42 -89.87 -5.10 109.74
CA ASP FC 42 -90.95 -5.48 108.84
C ASP FC 42 -90.82 -6.96 108.50
N THR FC 43 -91.95 -7.67 108.54
CA THR FC 43 -91.91 -9.12 108.55
C THR FC 43 -91.98 -9.76 107.17
N ASP FC 44 -92.45 -9.04 106.15
CA ASP FC 44 -92.60 -9.57 104.82
C ASP FC 44 -91.63 -8.84 103.89
N TYR FC 45 -90.66 -9.59 103.35
CA TYR FC 45 -89.68 -9.00 102.43
C TYR FC 45 -90.35 -8.24 101.31
N ARG FC 46 -91.46 -8.79 100.79
CA ARG FC 46 -92.22 -8.17 99.71
C ARG FC 46 -92.48 -6.69 99.99
N THR FC 47 -92.63 -6.31 101.26
CA THR FC 47 -92.87 -4.93 101.66
C THR FC 47 -91.86 -4.43 102.70
N ARG FC 48 -90.66 -5.01 102.78
CA ARG FC 48 -89.65 -4.50 103.71
C ARG FC 48 -88.99 -3.24 103.17
N ARG FC 49 -89.21 -2.14 103.87
CA ARG FC 49 -88.47 -0.92 103.63
C ARG FC 49 -86.97 -1.20 103.64
N ASN FC 50 -86.25 -0.64 102.67
CA ASN FC 50 -84.80 -0.81 102.70
C ASN FC 50 -84.10 0.43 102.17
N ALA FC 51 -82.85 0.60 102.60
CA ALA FC 51 -82.04 1.76 102.25
C ALA FC 51 -80.73 1.27 101.63
N THR FC 52 -80.26 2.02 100.66
CA THR FC 52 -79.04 1.72 99.93
C THR FC 52 -78.12 2.93 99.98
N PHE FC 53 -76.87 2.68 100.35
CA PHE FC 53 -75.87 3.70 100.59
C PHE FC 53 -74.76 3.56 99.56
N LYS FC 54 -74.58 4.57 98.72
CA LYS FC 54 -73.48 4.60 97.77
C LYS FC 54 -72.51 5.72 98.11
N SER FC 55 -71.24 5.51 97.78
CA SER FC 55 -70.19 6.44 98.17
C SER FC 55 -69.11 6.47 97.11
N ARG FC 56 -68.76 7.68 96.67
CA ARG FC 56 -67.58 7.92 95.85
C ARG FC 56 -66.76 9.06 96.44
N VAL FC 57 -65.48 8.79 96.66
CA VAL FC 57 -64.51 9.65 97.31
C VAL FC 57 -63.95 10.64 96.28
N PRO FC 58 -63.49 11.82 96.69
CA PRO FC 58 -62.90 12.76 95.73
C PRO FC 58 -61.71 12.16 94.98
N THR FC 59 -61.73 12.34 93.66
CA THR FC 59 -60.68 11.86 92.77
C THR FC 59 -59.77 13.02 92.38
N VAL FC 60 -58.47 12.77 92.34
CA VAL FC 60 -57.46 13.80 92.08
C VAL FC 60 -56.91 13.64 90.65
N VAL FC 61 -56.96 14.73 89.88
CA VAL FC 61 -56.37 14.80 88.55
C VAL FC 61 -55.24 15.82 88.61
N ASN FC 62 -54.00 15.31 88.67
CA ASN FC 62 -52.77 16.12 88.64
C ASN FC 62 -52.87 17.31 89.59
N GLY FC 63 -53.31 17.04 90.83
CA GLY FC 63 -53.37 18.03 91.88
C GLY FC 63 -54.73 18.67 92.10
N ASN FC 64 -55.67 18.50 91.17
CA ASN FC 64 -56.99 19.12 91.29
C ASN FC 64 -58.01 18.09 91.76
N TYR FC 65 -58.73 18.41 92.83
CA TYR FC 65 -59.69 17.47 93.41
C TYR FC 65 -61.07 17.65 92.82
N SER FC 66 -61.82 16.54 92.73
CA SER FC 66 -63.18 16.53 92.25
C SER FC 66 -64.13 16.33 93.42
N LYS FC 67 -65.24 17.07 93.41
CA LYS FC 67 -66.25 16.92 94.43
C LYS FC 67 -66.78 15.49 94.46
N GLY FC 68 -66.77 14.88 95.65
CA GLY FC 68 -67.26 13.53 95.83
C GLY FC 68 -68.74 13.49 96.15
N LYS FC 69 -69.28 12.27 96.16
CA LYS FC 69 -70.73 12.07 96.12
C LYS FC 69 -71.14 10.96 97.08
N ASN FC 70 -72.03 11.27 98.02
CA ASN FC 70 -72.55 10.28 98.95
C ASN FC 70 -74.07 10.22 98.78
N GLU FC 71 -74.57 9.11 98.22
CA GLU FC 71 -75.99 8.91 97.99
C GLU FC 71 -76.60 7.98 99.02
N VAL FC 72 -77.87 8.23 99.33
CA VAL FC 72 -78.71 7.32 100.08
C VAL FC 72 -80.06 7.26 99.36
N VAL FC 73 -80.62 6.07 99.26
CA VAL FC 73 -81.98 5.91 98.75
C VAL FC 73 -82.75 5.02 99.71
N PHE FC 74 -83.94 5.47 100.09
CA PHE FC 74 -84.79 4.75 101.03
C PHE FC 74 -86.09 4.43 100.31
N VAL FC 75 -86.55 3.18 100.45
CA VAL FC 75 -87.61 2.65 99.61
C VAL FC 75 -88.67 1.98 100.47
N ILE FC 76 -89.92 2.38 100.25
CA ILE FC 76 -91.11 1.67 100.69
C ILE FC 76 -91.68 0.92 99.49
N PRO FC 77 -91.56 -0.40 99.42
CA PRO FC 77 -92.22 -1.13 98.33
C PRO FC 77 -93.69 -1.36 98.63
N MET FC 78 -94.52 -1.20 97.61
CA MET FC 78 -95.94 -1.49 97.74
C MET FC 78 -96.43 -2.16 96.47
N SER FC 79 -97.28 -3.17 96.63
CA SER FC 79 -97.92 -3.82 95.49
C SER FC 79 -99.19 -3.07 95.13
N LEU FC 80 -99.37 -2.81 93.84
CA LEU FC 80 -100.52 -2.07 93.34
C LEU FC 80 -101.70 -3.00 93.12
N ASP FC 81 -102.87 -2.38 92.90
CA ASP FC 81 -104.02 -3.14 92.43
C ASP FC 81 -103.73 -3.84 91.11
N SER FC 82 -102.76 -3.33 90.35
CA SER FC 82 -102.28 -3.96 89.13
C SER FC 82 -101.53 -5.27 89.38
N GLY FC 83 -101.20 -5.56 90.64
CA GLY FC 83 -100.34 -6.69 90.94
C GLY FC 83 -98.87 -6.30 90.88
N GLU FC 84 -98.56 -5.44 89.91
CA GLU FC 84 -97.24 -4.82 89.80
C GLU FC 84 -96.83 -4.19 91.12
N THR FC 85 -95.59 -4.43 91.55
CA THR FC 85 -95.05 -3.86 92.77
C THR FC 85 -94.13 -2.70 92.42
N VAL FC 86 -94.40 -1.53 93.00
CA VAL FC 86 -93.66 -0.31 92.73
C VAL FC 86 -92.94 0.14 93.99
N PHE FC 87 -91.81 0.82 93.80
CA PHE FC 87 -90.95 1.27 94.88
C PHE FC 87 -91.15 2.76 95.10
N ASN FC 88 -91.43 3.16 96.33
CA ASN FC 88 -91.63 4.56 96.71
C ASN FC 88 -90.34 5.09 97.34
N SER FC 89 -89.78 6.13 96.73
CA SER FC 89 -88.38 6.48 96.92
C SER FC 89 -88.21 7.85 97.56
N VAL FC 90 -87.24 7.94 98.45
CA VAL FC 90 -86.65 9.22 98.83
C VAL FC 90 -85.13 9.08 98.69
N ARG FC 91 -84.51 9.98 97.94
CA ARG FC 91 -83.09 9.88 97.61
C ARG FC 91 -82.40 11.18 98.00
N ILE FC 92 -81.32 11.06 98.78
CA ILE FC 92 -80.56 12.21 99.26
C ILE FC 92 -79.11 12.01 98.87
N ALA FC 93 -78.59 12.93 98.06
CA ALA FC 93 -77.24 12.87 97.54
C ALA FC 93 -76.50 14.14 97.93
N LEU FC 94 -75.38 13.98 98.61
CA LEU FC 94 -74.59 15.13 99.08
C LEU FC 94 -73.23 15.11 98.39
N GLU FC 95 -72.96 16.16 97.61
CA GLU FC 95 -71.75 16.28 96.80
C GLU FC 95 -70.90 17.41 97.36
N ILE FC 96 -69.71 17.05 97.85
CA ILE FC 96 -68.86 17.99 98.58
C ILE FC 96 -67.47 18.02 97.97
N HIS FC 97 -66.93 19.22 97.78
CA HIS FC 97 -65.53 19.37 97.44
C HIS FC 97 -64.68 19.35 98.72
N PRO FC 98 -63.50 18.72 98.69
CA PRO FC 98 -62.71 18.59 99.92
C PRO FC 98 -62.37 19.91 100.59
N ALA FC 99 -62.35 21.01 99.84
CA ALA FC 99 -61.94 22.29 100.41
C ALA FC 99 -63.02 22.96 101.26
N LEU FC 100 -64.24 22.42 101.27
CA LEU FC 100 -65.33 23.07 102.00
C LEU FC 100 -65.10 22.97 103.50
N ALA FC 101 -65.62 23.96 104.22
CA ALA FC 101 -65.51 23.97 105.67
C ALA FC 101 -66.19 22.77 106.29
N SER FC 102 -65.50 22.15 107.26
CA SER FC 102 -66.05 21.01 107.98
C SER FC 102 -67.44 21.31 108.54
N ALA FC 103 -67.63 22.52 109.07
CA ALA FC 103 -68.93 22.89 109.63
C ALA FC 103 -69.96 23.20 108.55
N SER FC 104 -69.51 23.72 107.40
CA SER FC 104 -70.45 23.93 106.30
C SER FC 104 -70.98 22.60 105.76
N VAL FC 105 -70.19 21.52 105.85
CA VAL FC 105 -70.69 20.20 105.46
C VAL FC 105 -71.93 19.84 106.29
N LYS FC 106 -71.80 19.89 107.62
CA LYS FC 106 -72.94 19.55 108.46
C LYS FC 106 -74.05 20.59 108.36
N ASP FC 107 -73.73 21.85 108.07
CA ASP FC 107 -74.78 22.81 107.81
C ASP FC 107 -75.60 22.42 106.57
N LEU FC 108 -74.92 21.88 105.55
CA LEU FC 108 -75.66 21.39 104.37
C LEU FC 108 -76.57 20.23 104.73
N ARG FC 109 -76.06 19.28 105.52
CA ARG FC 109 -76.93 18.18 105.97
C ARG FC 109 -78.17 18.71 106.67
N LEU FC 110 -77.99 19.64 107.60
CA LEU FC 110 -79.11 20.15 108.39
C LEU FC 110 -80.06 21.00 107.55
N ILE FC 111 -79.53 21.78 106.62
CA ILE FC 111 -80.40 22.64 105.81
C ILE FC 111 -81.18 21.81 104.80
N GLY FC 112 -80.56 20.76 104.27
CA GLY FC 112 -81.31 19.81 103.46
C GLY FC 112 -82.44 19.17 104.24
N ALA FC 113 -82.15 18.75 105.48
CA ALA FC 113 -83.20 18.12 106.28
C ALA FC 113 -84.35 19.09 106.55
N GLN FC 114 -84.03 20.36 106.81
CA GLN FC 114 -85.09 21.33 107.03
C GLN FC 114 -85.92 21.52 105.76
N LEU FC 115 -85.27 21.46 104.59
CA LEU FC 115 -86.03 21.58 103.34
C LEU FC 115 -87.03 20.44 103.15
N LEU FC 116 -86.77 19.27 103.74
CA LEU FC 116 -87.79 18.22 103.77
C LEU FC 116 -88.85 18.45 104.84
N THR FC 117 -88.46 18.84 106.04
CA THR FC 117 -89.35 18.70 107.19
C THR FC 117 -89.91 20.01 107.72
N ASP FC 118 -89.74 21.12 107.02
CA ASP FC 118 -90.41 22.34 107.44
C ASP FC 118 -91.80 22.43 106.81
N ALA FC 119 -92.70 23.08 107.54
CA ALA FC 119 -94.08 23.20 107.08
C ALA FC 119 -94.18 24.02 105.81
N ASP FC 120 -93.30 25.02 105.66
CA ASP FC 120 -93.33 25.91 104.49
C ASP FC 120 -93.32 25.12 103.19
N TYR FC 121 -92.76 23.92 103.20
CA TYR FC 121 -92.58 23.15 101.98
C TYR FC 121 -93.60 22.02 101.83
N ASP FC 122 -94.47 21.84 102.83
CA ASP FC 122 -95.46 20.75 102.79
C ASP FC 122 -96.19 20.72 101.46
N SER FC 123 -96.65 21.89 100.99
CA SER FC 123 -97.39 21.94 99.75
C SER FC 123 -96.54 21.45 98.59
N PHE FC 124 -95.29 21.91 98.51
CA PHE FC 124 -94.36 21.46 97.48
C PHE FC 124 -94.21 19.95 97.48
N TRP FC 125 -93.78 19.39 98.62
CA TRP FC 125 -93.48 17.96 98.65
C TRP FC 125 -94.72 17.12 98.35
N THR FC 126 -95.81 17.36 99.09
CA THR FC 126 -96.98 16.51 98.92
C THR FC 126 -97.59 16.64 97.53
N LEU FC 127 -97.94 17.87 97.13
CA LEU FC 127 -98.69 18.06 95.90
C LEU FC 127 -97.80 18.28 94.69
N GLY FC 128 -96.70 19.01 94.85
CA GLY FC 128 -95.87 19.41 93.73
C GLY FC 128 -95.95 20.89 93.40
N ALA FC 129 -96.45 21.70 94.33
CA ALA FC 129 -96.64 23.13 94.16
C ALA FC 129 -95.30 23.84 93.95
N LEU FC 130 -95.31 24.84 93.08
CA LEU FC 130 -94.09 25.53 92.67
C LEU FC 130 -94.03 26.99 93.11
N ALA FC 131 -94.90 27.42 94.02
CA ALA FC 131 -94.85 28.81 94.52
C ALA FC 131 -94.11 28.89 95.86
N SER GC 1 -5.67 97.46 33.98
CA SER GC 1 -4.49 97.82 34.76
C SER GC 1 -3.97 96.60 35.56
N ILE GC 2 -4.12 95.40 34.99
CA ILE GC 2 -3.67 94.19 35.65
C ILE GC 2 -2.16 94.04 35.56
N ILE GC 3 -1.62 94.13 34.35
CA ILE GC 3 -0.18 93.99 34.14
C ILE GC 3 0.53 95.15 34.80
N GLY GC 4 1.36 94.85 35.80
CA GLY GC 4 2.08 95.89 36.50
C GLY GC 4 1.43 96.39 37.77
N SER GC 5 0.28 95.84 38.15
CA SER GC 5 -0.36 96.26 39.39
C SER GC 5 0.52 95.90 40.57
N SER GC 6 0.35 96.65 41.67
CA SER GC 6 1.15 96.47 42.87
C SER GC 6 0.22 96.34 44.07
N ILE GC 7 0.46 95.30 44.90
CA ILE GC 7 -0.30 95.05 46.12
C ILE GC 7 0.67 94.64 47.22
N LYS GC 8 0.15 94.54 48.44
CA LYS GC 8 0.95 94.38 49.66
C LYS GC 8 0.91 92.93 50.14
N THR GC 9 2.08 92.34 50.36
CA THR GC 9 2.18 91.05 51.02
C THR GC 9 2.66 91.24 52.45
N GLY GC 10 2.30 90.30 53.32
CA GLY GC 10 2.61 90.43 54.73
C GLY GC 10 2.05 91.70 55.33
N ALA GC 11 0.82 92.05 54.98
CA ALA GC 11 0.19 93.23 55.56
C ALA GC 11 -0.17 92.95 57.02
N THR GC 12 0.00 93.97 57.87
CA THR GC 12 -0.38 93.83 59.27
C THR GC 12 -1.88 93.55 59.40
N SER GC 13 -2.71 94.35 58.73
CA SER GC 13 -4.15 94.07 58.71
C SER GC 13 -4.80 94.86 57.57
N ALA GC 14 -6.08 94.60 57.35
CA ALA GC 14 -6.89 95.35 56.40
C ALA GC 14 -8.11 95.90 57.12
N SER GC 15 -8.63 97.01 56.60
CA SER GC 15 -9.69 97.74 57.26
C SER GC 15 -10.58 98.39 56.20
N ILE GC 16 -11.67 99.00 56.65
CA ILE GC 16 -12.66 99.53 55.72
C ILE GC 16 -13.26 100.81 56.27
N THR GC 17 -13.24 101.87 55.45
CA THR GC 17 -13.89 103.13 55.76
C THR GC 17 -15.24 103.12 55.04
N GLY GC 18 -16.32 102.93 55.80
CA GLY GC 18 -17.58 102.69 55.15
C GLY GC 18 -18.78 102.93 56.03
N GLY GC 19 -19.96 102.70 55.45
CA GLY GC 19 -21.22 103.14 56.01
C GLY GC 19 -21.89 102.21 57.00
N SER GC 20 -23.13 101.83 56.73
CA SER GC 20 -23.99 101.21 57.73
C SER GC 20 -23.62 99.76 57.98
N ASP GC 21 -23.93 99.29 59.19
CA ASP GC 21 -23.70 97.91 59.56
C ASP GC 21 -24.75 96.99 58.94
N ILE GC 22 -24.38 95.73 58.81
CA ILE GC 22 -25.30 94.66 58.48
C ILE GC 22 -24.97 93.49 59.40
N THR GC 23 -26.00 92.86 59.93
CA THR GC 23 -25.88 91.83 60.94
C THR GC 23 -26.44 90.52 60.41
N PHE GC 24 -25.73 89.43 60.69
CA PHE GC 24 -26.07 88.09 60.24
C PHE GC 24 -26.79 87.31 61.34
N ALA GC 25 -27.56 86.31 60.90
CA ALA GC 25 -28.23 85.38 61.81
C ALA GC 25 -28.47 84.09 61.04
N LEU GC 26 -28.56 82.99 61.78
CA LEU GC 26 -28.60 81.68 61.14
C LEU GC 26 -29.93 81.46 60.45
N THR GC 27 -29.88 80.86 59.26
CA THR GC 27 -31.04 80.68 58.37
C THR GC 27 -31.68 79.31 58.51
N GLY GC 28 -30.91 78.25 58.59
CA GLY GC 28 -31.48 76.92 58.58
C GLY GC 28 -31.77 76.35 57.21
N GLN GC 29 -31.45 77.08 56.14
CA GLN GC 29 -31.39 76.45 54.82
C GLN GC 29 -30.32 75.37 54.84
N THR GC 30 -30.73 74.15 54.52
CA THR GC 30 -29.84 73.01 54.62
C THR GC 30 -28.67 73.14 53.66
N VAL GC 31 -27.46 73.09 54.20
CA VAL GC 31 -26.22 73.23 53.43
C VAL GC 31 -25.23 72.18 53.92
N THR GC 32 -24.78 71.33 53.01
CA THR GC 32 -23.94 70.19 53.39
C THR GC 32 -22.53 70.66 53.74
N ASN GC 33 -22.06 70.26 54.94
CA ASN GC 33 -20.79 70.72 55.49
C ASN GC 33 -20.73 72.24 55.59
N GLY GC 34 -21.89 72.87 55.72
CA GLY GC 34 -21.95 74.31 55.64
C GLY GC 34 -22.98 74.98 56.52
N LEU GC 35 -23.29 76.24 56.17
CA LEU GC 35 -24.04 77.11 57.07
C LEU GC 35 -24.59 78.28 56.27
N ASN GC 36 -25.89 78.53 56.39
CA ASN GC 36 -26.51 79.70 55.76
C ASN GC 36 -26.84 80.73 56.83
N VAL GC 37 -26.27 81.93 56.70
CA VAL GC 37 -26.66 83.06 57.53
C VAL GC 37 -27.18 84.17 56.63
N SER GC 38 -28.36 84.67 56.91
CA SER GC 38 -28.88 85.80 56.16
C SER GC 38 -28.89 87.02 57.06
N VAL GC 39 -29.17 88.17 56.48
CA VAL GC 39 -29.21 89.40 57.24
C VAL GC 39 -30.57 89.48 57.92
N SER GC 40 -30.58 89.90 59.17
CA SER GC 40 -31.86 90.20 59.81
C SER GC 40 -32.26 91.64 59.56
N GLU GC 41 -31.50 92.36 58.75
CA GLU GC 41 -31.73 93.78 58.55
C GLU GC 41 -32.48 94.08 57.26
N ASP GC 42 -32.41 93.21 56.27
CA ASP GC 42 -33.32 93.28 55.15
C ASP GC 42 -34.62 92.57 55.50
N THR GC 43 -35.73 93.13 55.01
CA THR GC 43 -37.04 92.69 55.46
C THR GC 43 -37.77 91.78 54.48
N ASP GC 44 -37.58 91.97 53.17
CA ASP GC 44 -38.28 91.18 52.16
C ASP GC 44 -37.52 89.87 51.91
N TYR GC 45 -38.21 88.74 52.06
CA TYR GC 45 -37.54 87.45 51.91
C TYR GC 45 -37.04 87.25 50.48
N ARG GC 46 -37.80 87.70 49.50
CA ARG GC 46 -37.36 87.66 48.09
C ARG GC 46 -35.96 88.24 47.94
N THR GC 47 -35.77 89.49 48.36
CA THR GC 47 -34.54 90.22 48.09
C THR GC 47 -33.60 90.28 49.29
N ARG GC 48 -33.73 89.35 50.25
CA ARG GC 48 -32.93 89.42 51.46
C ARG GC 48 -31.58 88.78 51.22
N ARG GC 49 -30.52 89.58 51.42
CA ARG GC 49 -29.16 89.16 51.14
C ARG GC 49 -28.75 88.03 52.08
N ASN GC 50 -28.08 87.01 51.53
CA ASN GC 50 -27.66 85.91 52.39
C ASN GC 50 -26.32 85.34 51.96
N ALA GC 51 -25.60 84.79 52.93
CA ALA GC 51 -24.30 84.19 52.69
C ALA GC 51 -24.31 82.74 53.15
N THR GC 52 -23.40 81.98 52.56
CA THR GC 52 -23.30 80.55 52.80
C THR GC 52 -21.83 80.16 52.91
N PHE GC 53 -21.50 79.51 54.02
CA PHE GC 53 -20.14 79.12 54.38
C PHE GC 53 -20.04 77.62 54.28
N LYS GC 54 -19.21 77.12 53.37
CA LYS GC 54 -18.90 75.69 53.33
C LYS GC 54 -17.45 75.48 53.75
N SER GC 55 -17.21 74.34 54.39
CA SER GC 55 -15.92 74.05 55.01
C SER GC 55 -15.58 72.58 54.85
N ARG GC 56 -14.39 72.31 54.30
CA ARG GC 56 -13.87 70.95 54.17
C ARG GC 56 -12.44 70.94 54.67
N VAL GC 57 -12.16 70.09 55.65
CA VAL GC 57 -10.88 70.03 56.35
C VAL GC 57 -9.88 69.20 55.56
N PRO GC 58 -8.58 69.44 55.73
CA PRO GC 58 -7.59 68.51 55.17
C PRO GC 58 -7.78 67.11 55.73
N THR GC 59 -7.88 66.15 54.84
CA THR GC 59 -8.08 64.75 55.20
C THR GC 59 -6.87 63.95 54.79
N VAL GC 60 -6.37 63.12 55.70
CA VAL GC 60 -5.21 62.28 55.42
C VAL GC 60 -5.66 61.06 54.64
N VAL GC 61 -4.91 60.73 53.60
CA VAL GC 61 -5.16 59.53 52.80
C VAL GC 61 -3.81 58.94 52.42
N ASN GC 62 -3.59 57.68 52.78
CA ASN GC 62 -2.36 56.96 52.44
C ASN GC 62 -1.13 57.67 53.02
N GLY GC 63 -1.26 58.15 54.26
CA GLY GC 63 -0.13 58.66 55.00
C GLY GC 63 0.18 60.12 54.82
N ASN GC 64 -0.56 60.85 53.99
CA ASN GC 64 -0.29 62.28 53.83
C ASN GC 64 -1.57 63.03 53.53
N TYR GC 65 -1.50 64.35 53.70
CA TYR GC 65 -2.68 65.20 53.76
C TYR GC 65 -3.11 65.67 52.37
N SER GC 66 -4.38 66.02 52.28
CA SER GC 66 -4.96 66.68 51.11
C SER GC 66 -5.33 68.10 51.49
N LYS GC 67 -5.10 69.03 50.56
CA LYS GC 67 -5.38 70.44 50.86
C LYS GC 67 -6.86 70.62 51.16
N GLY GC 68 -7.16 71.48 52.14
CA GLY GC 68 -8.52 71.76 52.53
C GLY GC 68 -9.08 73.00 51.84
N LYS GC 69 -10.40 73.13 51.90
CA LYS GC 69 -11.12 74.12 51.10
C LYS GC 69 -12.22 74.78 51.92
N ASN GC 70 -12.20 76.11 51.98
CA ASN GC 70 -13.20 76.88 52.72
C ASN GC 70 -13.84 77.88 51.77
N GLU GC 71 -15.10 77.66 51.42
CA GLU GC 71 -15.84 78.54 50.51
C GLU GC 71 -16.77 79.45 51.29
N VAL GC 72 -17.00 80.63 50.72
CA VAL GC 72 -18.08 81.51 51.11
C VAL GC 72 -18.75 81.98 49.84
N VAL GC 73 -20.06 82.17 49.89
CA VAL GC 73 -20.78 82.80 48.80
C VAL GC 73 -21.80 83.77 49.37
N PHE GC 74 -21.70 85.03 48.98
CA PHE GC 74 -22.61 86.08 49.40
C PHE GC 74 -23.48 86.44 48.21
N VAL GC 75 -24.78 86.53 48.44
CA VAL GC 75 -25.76 86.63 47.37
C VAL GC 75 -26.70 87.80 47.63
N ILE GC 76 -26.87 88.62 46.61
CA ILE GC 76 -27.89 89.66 46.51
C ILE GC 76 -28.95 89.17 45.53
N PRO GC 77 -30.13 88.75 45.99
CA PRO GC 77 -31.19 88.41 45.05
C PRO GC 77 -31.80 89.67 44.47
N MET GC 78 -32.22 89.59 43.21
CA MET GC 78 -33.01 90.65 42.61
C MET GC 78 -34.02 90.04 41.65
N SER GC 79 -35.24 90.57 41.67
CA SER GC 79 -36.25 90.15 40.72
C SER GC 79 -36.04 90.89 39.41
N LEU GC 80 -36.05 90.15 38.30
CA LEU GC 80 -35.91 90.77 36.99
C LEU GC 80 -37.26 91.22 36.47
N ASP GC 81 -37.23 92.04 35.43
CA ASP GC 81 -38.45 92.49 34.80
C ASP GC 81 -39.26 91.33 34.23
N SER GC 82 -38.58 90.25 33.84
CA SER GC 82 -39.21 89.07 33.28
C SER GC 82 -39.92 88.21 34.32
N GLY GC 83 -39.72 88.50 35.61
CA GLY GC 83 -40.38 87.74 36.64
C GLY GC 83 -39.46 86.83 37.42
N GLU GC 84 -38.58 86.12 36.72
CA GLU GC 84 -37.63 85.24 37.39
C GLU GC 84 -36.74 86.05 38.33
N THR GC 85 -36.60 85.57 39.56
CA THR GC 85 -35.66 86.14 40.51
C THR GC 85 -34.29 85.51 40.25
N VAL GC 86 -33.26 86.36 40.12
CA VAL GC 86 -31.90 85.89 39.84
C VAL GC 86 -30.99 86.34 40.97
N PHE GC 87 -29.97 85.52 41.24
CA PHE GC 87 -29.03 85.78 42.33
C PHE GC 87 -27.77 86.44 41.78
N ASN GC 88 -27.23 87.39 42.54
CA ASN GC 88 -25.95 88.02 42.24
C ASN GC 88 -24.93 87.52 43.26
N SER GC 89 -23.83 86.96 42.78
CA SER GC 89 -22.97 86.13 43.59
C SER GC 89 -21.57 86.75 43.69
N VAL GC 90 -21.01 86.75 44.89
CA VAL GC 90 -19.58 86.83 45.05
C VAL GC 90 -19.17 85.60 45.84
N ARG GC 91 -18.23 84.84 45.29
CA ARG GC 91 -17.82 83.55 45.85
C ARG GC 91 -16.32 83.61 46.09
N ILE GC 92 -15.92 83.31 47.32
CA ILE GC 92 -14.51 83.33 47.71
C ILE GC 92 -14.19 81.97 48.32
N ALA GC 93 -13.42 81.18 47.60
CA ALA GC 93 -12.92 79.91 48.09
C ALA GC 93 -11.44 80.05 48.42
N LEU GC 94 -11.01 79.31 49.44
CA LEU GC 94 -9.62 79.38 49.89
C LEU GC 94 -9.16 77.99 50.26
N GLU GC 95 -8.20 77.48 49.49
CA GLU GC 95 -7.68 76.11 49.61
C GLU GC 95 -6.25 76.19 50.14
N ILE GC 96 -6.03 75.59 51.31
CA ILE GC 96 -4.74 75.65 51.98
C ILE GC 96 -4.23 74.23 52.18
N HIS GC 97 -2.96 74.02 51.88
CA HIS GC 97 -2.32 72.79 52.29
C HIS GC 97 -1.81 72.93 53.73
N PRO GC 98 -1.95 71.87 54.55
CA PRO GC 98 -1.56 72.00 55.97
C PRO GC 98 -0.13 72.47 56.18
N ALA GC 99 0.74 72.32 55.19
CA ALA GC 99 2.13 72.70 55.34
C ALA GC 99 2.37 74.20 55.19
N LEU GC 100 1.37 74.97 54.76
CA LEU GC 100 1.58 76.40 54.59
C LEU GC 100 1.73 77.07 55.96
N ALA GC 101 2.55 78.12 55.99
CA ALA GC 101 2.77 78.86 57.21
C ALA GC 101 1.48 79.53 57.68
N SER GC 102 1.28 79.51 59.01
CA SER GC 102 0.14 80.21 59.60
C SER GC 102 0.08 81.65 59.13
N ALA GC 103 1.24 82.31 59.02
CA ALA GC 103 1.29 83.69 58.58
C ALA GC 103 0.94 83.83 57.09
N SER GC 104 1.39 82.87 56.27
CA SER GC 104 1.07 82.92 54.85
C SER GC 104 -0.41 82.64 54.58
N VAL GC 105 -1.10 81.98 55.50
CA VAL GC 105 -2.55 81.83 55.37
C VAL GC 105 -3.24 83.20 55.41
N LYS GC 106 -2.95 83.98 56.45
CA LYS GC 106 -3.48 85.34 56.49
C LYS GC 106 -2.95 86.21 55.35
N ASP GC 107 -1.70 85.99 54.91
CA ASP GC 107 -1.24 86.73 53.74
C ASP GC 107 -2.11 86.44 52.53
N LEU GC 108 -2.52 85.18 52.35
CA LEU GC 108 -3.42 84.85 51.24
C LEU GC 108 -4.77 85.53 51.40
N ARG GC 109 -5.33 85.51 52.60
CA ARG GC 109 -6.62 86.16 52.82
C ARG GC 109 -6.55 87.64 52.45
N LEU GC 110 -5.49 88.33 52.88
CA LEU GC 110 -5.39 89.77 52.64
C LEU GC 110 -5.02 90.08 51.20
N ILE GC 111 -4.16 89.26 50.58
CA ILE GC 111 -3.80 89.52 49.20
C ILE GC 111 -4.96 89.20 48.27
N GLY GC 112 -5.84 88.28 48.66
CA GLY GC 112 -7.04 88.04 47.88
C GLY GC 112 -8.02 89.18 48.02
N ALA GC 113 -8.34 89.55 49.27
CA ALA GC 113 -9.25 90.68 49.47
C ALA GC 113 -8.73 91.95 48.83
N GLN GC 114 -7.41 92.08 48.72
CA GLN GC 114 -6.83 93.25 48.10
C GLN GC 114 -6.97 93.22 46.58
N LEU GC 115 -7.18 92.04 46.00
CA LEU GC 115 -7.46 91.96 44.56
C LEU GC 115 -8.90 92.35 44.22
N LEU GC 116 -9.84 92.25 45.17
CA LEU GC 116 -11.17 92.81 44.94
C LEU GC 116 -11.19 94.33 44.98
N THR GC 117 -10.57 94.91 46.00
CA THR GC 117 -10.83 96.31 46.31
C THR GC 117 -9.85 97.29 45.67
N ASP GC 118 -8.62 96.86 45.38
CA ASP GC 118 -7.61 97.81 44.94
C ASP GC 118 -7.97 98.38 43.57
N ALA GC 119 -7.89 99.71 43.45
CA ALA GC 119 -8.39 100.43 42.29
C ALA GC 119 -7.73 99.98 41.00
N ASP GC 120 -6.51 99.44 41.07
CA ASP GC 120 -5.87 98.88 39.87
C ASP GC 120 -6.78 97.89 39.16
N TYR GC 121 -7.41 97.00 39.92
CA TYR GC 121 -8.29 96.00 39.30
C TYR GC 121 -9.70 96.53 39.14
N ASP GC 122 -9.92 97.79 39.53
CA ASP GC 122 -11.26 98.37 39.55
C ASP GC 122 -11.89 98.31 38.17
N SER GC 123 -11.08 98.47 37.11
CA SER GC 123 -11.62 98.35 35.76
C SER GC 123 -11.91 96.90 35.38
N PHE GC 124 -11.19 95.95 35.98
CA PHE GC 124 -11.39 94.54 35.65
C PHE GC 124 -12.73 94.03 36.15
N TRP GC 125 -13.01 94.22 37.44
CA TRP GC 125 -14.22 93.66 38.03
C TRP GC 125 -15.46 94.31 37.45
N THR GC 126 -15.48 95.63 37.35
CA THR GC 126 -16.67 96.33 36.88
C THR GC 126 -16.93 96.07 35.40
N LEU GC 127 -15.93 96.30 34.57
CA LEU GC 127 -16.11 96.26 33.12
C LEU GC 127 -15.81 94.89 32.52
N GLY GC 128 -15.32 93.95 33.31
CA GLY GC 128 -14.82 92.71 32.73
C GLY GC 128 -13.67 92.94 31.78
N ALA GC 129 -12.79 93.90 32.10
CA ALA GC 129 -11.77 94.38 31.19
C ALA GC 129 -10.45 93.66 31.43
N LEU GC 130 -9.96 92.96 30.40
CA LEU GC 130 -8.66 92.30 30.45
C LEU GC 130 -7.60 93.25 29.87
N ALA GC 131 -6.74 93.76 30.73
CA ALA GC 131 -5.66 94.64 30.31
C ALA GC 131 -4.72 94.83 31.50
N SER HC 1 -18.72 82.53 65.70
CA SER HC 1 -18.33 83.89 65.35
C SER HC 1 -18.83 84.25 63.96
N ILE HC 2 -19.20 83.23 63.17
CA ILE HC 2 -19.86 83.48 61.89
C ILE HC 2 -21.29 83.93 62.12
N ILE HC 3 -22.01 83.24 63.01
CA ILE HC 3 -23.38 83.62 63.34
C ILE HC 3 -23.36 84.93 64.11
N GLY HC 4 -24.20 85.87 63.69
CA GLY HC 4 -24.26 87.13 64.40
C GLY HC 4 -23.04 88.01 64.22
N SER HC 5 -22.33 87.87 63.10
CA SER HC 5 -21.25 88.78 62.77
C SER HC 5 -21.79 90.01 62.05
N SER HC 6 -21.01 91.09 62.11
CA SER HC 6 -21.41 92.39 61.58
C SER HC 6 -20.37 92.88 60.58
N ILE HC 7 -20.84 93.37 59.43
CA ILE HC 7 -19.97 93.86 58.36
C ILE HC 7 -20.60 95.07 57.68
N LYS HC 8 -19.76 95.94 57.12
CA LYS HC 8 -20.25 97.21 56.58
C LYS HC 8 -20.77 97.01 55.15
N THR HC 9 -21.99 97.48 54.89
CA THR HC 9 -22.49 97.57 53.52
C THR HC 9 -22.41 99.01 53.04
N GLY HC 10 -22.39 99.16 51.71
CA GLY HC 10 -22.27 100.45 51.09
C GLY HC 10 -21.10 101.21 51.67
N ALA HC 11 -19.97 100.53 51.80
CA ALA HC 11 -18.78 101.19 52.30
C ALA HC 11 -18.19 102.10 51.24
N THR HC 12 -17.63 103.24 51.69
CA THR HC 12 -17.02 104.19 50.76
C THR HC 12 -15.78 103.60 50.09
N SER HC 13 -14.89 102.99 50.88
CA SER HC 13 -13.76 102.28 50.32
C SER HC 13 -13.13 101.42 51.42
N ALA HC 14 -12.24 100.53 51.00
CA ALA HC 14 -11.48 99.68 51.91
C ALA HC 14 -10.01 99.84 51.59
N SER HC 15 -9.16 99.52 52.57
CA SER HC 15 -7.73 99.72 52.44
C SER HC 15 -7.00 98.71 53.31
N ILE HC 16 -5.68 98.81 53.32
CA ILE HC 16 -4.85 97.79 53.95
C ILE HC 16 -3.65 98.43 54.60
N THR HC 17 -3.54 98.28 55.93
CA THR HC 17 -2.36 98.73 56.67
C THR HC 17 -1.33 97.61 56.55
N GLY HC 18 -0.35 97.80 55.66
CA GLY HC 18 0.36 96.70 55.05
C GLY HC 18 1.88 96.86 55.08
N GLY HC 19 2.55 95.82 54.58
CA GLY HC 19 3.99 95.75 54.52
C GLY HC 19 4.55 96.05 53.14
N SER HC 20 5.34 95.12 52.58
CA SER HC 20 6.11 95.38 51.38
C SER HC 20 5.28 95.21 50.11
N ASP HC 21 5.73 95.86 49.04
CA ASP HC 21 5.07 95.78 47.75
C ASP HC 21 5.33 94.45 47.06
N ILE HC 22 4.46 94.14 46.10
CA ILE HC 22 4.65 93.02 45.20
C ILE HC 22 4.06 93.41 43.84
N THR HC 23 4.76 93.06 42.76
CA THR HC 23 4.45 93.58 41.43
C THR HC 23 4.23 92.45 40.43
N PHE HC 24 3.18 92.58 39.62
CA PHE HC 24 2.80 91.57 38.64
C PHE HC 24 3.37 91.89 37.27
N ALA HC 25 3.75 90.83 36.54
CA ALA HC 25 4.18 90.96 35.17
C ALA HC 25 3.58 89.81 34.36
N LEU HC 26 3.54 89.99 33.05
CA LEU HC 26 2.84 89.06 32.17
C LEU HC 26 3.59 87.73 32.07
N THR HC 27 2.88 86.61 32.27
CA THR HC 27 3.48 85.28 32.36
C THR HC 27 3.52 84.55 31.03
N GLY HC 28 2.62 84.87 30.12
CA GLY HC 28 2.53 84.09 28.91
C GLY HC 28 2.21 82.62 29.14
N GLN HC 29 1.41 82.31 30.16
CA GLN HC 29 0.78 80.99 30.27
C GLN HC 29 -0.58 81.08 29.60
N THR HC 30 -0.75 80.31 28.53
CA THR HC 30 -1.98 80.41 27.74
C THR HC 30 -3.18 80.12 28.63
N VAL HC 31 -4.06 81.12 28.76
CA VAL HC 31 -5.25 81.04 29.60
C VAL HC 31 -6.43 81.56 28.81
N THR HC 32 -7.43 80.69 28.62
CA THR HC 32 -8.60 81.08 27.83
C THR HC 32 -9.38 82.16 28.54
N ASN HC 33 -9.72 83.22 27.80
CA ASN HC 33 -10.56 84.30 28.30
C ASN HC 33 -9.88 85.05 29.44
N GLY HC 34 -8.56 85.10 29.46
CA GLY HC 34 -7.91 85.72 30.60
C GLY HC 34 -6.41 85.80 30.46
N LEU HC 35 -5.79 86.19 31.57
CA LEU HC 35 -4.36 86.46 31.65
C LEU HC 35 -3.75 85.66 32.80
N ASN HC 36 -2.43 85.47 32.73
CA ASN HC 36 -1.63 85.02 33.85
C ASN HC 36 -0.54 86.05 34.08
N VAL HC 37 -0.47 86.57 35.31
CA VAL HC 37 0.61 87.46 35.72
C VAL HC 37 1.23 86.90 36.98
N SER HC 38 2.55 86.75 36.99
CA SER HC 38 3.22 86.28 38.20
C SER HC 38 4.03 87.42 38.79
N VAL HC 39 4.43 87.23 40.05
CA VAL HC 39 5.20 88.26 40.73
C VAL HC 39 6.66 88.10 40.34
N SER HC 40 7.18 89.12 39.66
CA SER HC 40 8.57 89.10 39.26
C SER HC 40 9.51 89.38 40.42
N GLU HC 41 8.97 89.47 41.63
CA GLU HC 41 9.75 89.79 42.81
C GLU HC 41 10.15 88.56 43.61
N ASP HC 42 9.56 87.41 43.33
CA ASP HC 42 10.05 86.14 43.85
C ASP HC 42 11.08 85.59 42.87
N THR HC 43 12.16 85.02 43.40
CA THR HC 43 13.33 84.72 42.57
C THR HC 43 13.31 83.32 41.95
N ASP HC 44 12.57 82.38 42.51
CA ASP HC 44 12.60 80.98 42.11
C ASP HC 44 11.28 80.61 41.45
N TYR HC 45 11.31 80.35 40.13
CA TYR HC 45 10.07 80.07 39.39
C TYR HC 45 9.26 78.98 40.07
N ARG HC 46 9.93 77.91 40.48
CA ARG HC 46 9.27 76.76 41.10
C ARG HC 46 8.32 77.17 42.23
N THR HC 47 8.50 78.35 42.82
CA THR HC 47 7.62 78.86 43.86
C THR HC 47 7.28 80.35 43.67
N ARG HC 48 7.04 80.80 42.44
CA ARG HC 48 6.59 82.18 42.24
C ARG HC 48 5.07 82.28 42.32
N ARG HC 49 4.61 83.06 43.29
CA ARG HC 49 3.21 83.40 43.43
C ARG HC 49 2.70 83.99 42.13
N ASN HC 50 1.62 83.43 41.60
CA ASN HC 50 1.06 83.95 40.36
C ASN HC 50 -0.45 84.14 40.52
N ALA HC 51 -1.06 84.75 39.52
CA ALA HC 51 -2.49 85.04 39.57
C ALA HC 51 -3.03 84.96 38.16
N THR HC 52 -4.25 84.47 38.05
CA THR HC 52 -4.91 84.26 36.77
C THR HC 52 -6.26 84.95 36.79
N PHE HC 53 -6.51 85.75 35.76
CA PHE HC 53 -7.70 86.56 35.62
C PHE HC 53 -8.54 86.00 34.48
N LYS HC 54 -9.81 85.72 34.73
CA LYS HC 54 -10.73 85.26 33.71
C LYS HC 54 -11.97 86.14 33.67
N SER HC 55 -12.57 86.24 32.48
CA SER HC 55 -13.75 87.08 32.27
C SER HC 55 -14.65 86.41 31.24
N ARG HC 56 -15.70 85.74 31.71
CA ARG HC 56 -16.77 85.23 30.85
C ARG HC 56 -17.89 86.26 30.79
N VAL HC 57 -18.34 86.55 29.59
CA VAL HC 57 -19.29 87.62 29.33
C VAL HC 57 -20.72 87.11 29.46
N PRO HC 58 -21.69 88.00 29.68
CA PRO HC 58 -23.08 87.56 29.69
C PRO HC 58 -23.52 87.06 28.31
N THR HC 59 -24.41 86.09 28.33
CA THR HC 59 -24.90 85.46 27.11
C THR HC 59 -26.25 86.07 26.73
N VAL HC 60 -26.41 86.38 25.45
CA VAL HC 60 -27.64 86.97 24.93
C VAL HC 60 -28.49 85.82 24.39
N VAL HC 61 -29.58 85.51 25.08
CA VAL HC 61 -30.49 84.43 24.69
C VAL HC 61 -31.87 85.05 24.53
N ASN HC 62 -32.19 85.45 23.30
CA ASN HC 62 -33.54 85.90 22.93
C ASN HC 62 -34.02 87.01 23.87
N GLY HC 63 -33.24 88.08 23.95
CA GLY HC 63 -33.57 89.21 24.78
C GLY HC 63 -33.31 89.05 26.27
N ASN HC 64 -32.92 87.86 26.72
CA ASN HC 64 -32.61 87.63 28.13
C ASN HC 64 -31.11 87.45 28.30
N TYR HC 65 -30.55 88.03 29.36
CA TYR HC 65 -29.11 87.99 29.59
C TYR HC 65 -28.80 87.18 30.84
N SER HC 66 -27.83 86.27 30.73
CA SER HC 66 -27.29 85.54 31.87
C SER HC 66 -26.29 86.41 32.60
N LYS HC 67 -26.07 86.10 33.87
CA LYS HC 67 -25.03 86.79 34.61
C LYS HC 67 -23.66 86.45 34.02
N GLY HC 68 -22.76 87.43 34.04
CA GLY HC 68 -21.38 87.20 33.68
C GLY HC 68 -20.53 86.88 34.89
N LYS HC 69 -19.28 86.48 34.63
CA LYS HC 69 -18.44 85.91 35.66
C LYS HC 69 -17.02 86.40 35.51
N ASN HC 70 -16.47 87.03 36.56
CA ASN HC 70 -15.08 87.49 36.53
C ASN HC 70 -14.33 86.81 37.67
N GLU HC 71 -13.37 85.95 37.33
CA GLU HC 71 -12.61 85.20 38.31
C GLU HC 71 -11.20 85.75 38.46
N VAL HC 72 -10.65 85.58 39.65
CA VAL HC 72 -9.22 85.69 39.91
C VAL HC 72 -8.80 84.50 40.74
N VAL HC 73 -7.64 83.95 40.43
CA VAL HC 73 -7.06 82.83 41.17
C VAL HC 73 -5.63 83.21 41.51
N PHE HC 74 -5.36 83.42 42.80
CA PHE HC 74 -4.03 83.73 43.27
C PHE HC 74 -3.45 82.46 43.90
N VAL HC 75 -2.20 82.16 43.59
CA VAL HC 75 -1.61 80.87 43.90
C VAL HC 75 -0.22 81.08 44.51
N ILE HC 76 -0.02 80.49 45.68
CA ILE HC 76 1.29 80.30 46.30
C ILE HC 76 1.70 78.85 46.10
N PRO HC 77 2.61 78.55 45.18
CA PRO HC 77 3.15 77.19 45.11
C PRO HC 77 4.21 76.97 46.18
N MET HC 78 4.17 75.80 46.80
CA MET HC 78 5.12 75.45 47.84
C MET HC 78 5.64 74.03 47.61
N SER HC 79 6.93 73.86 47.88
CA SER HC 79 7.60 72.57 47.72
C SER HC 79 7.49 71.81 49.03
N LEU HC 80 6.86 70.64 48.98
CA LEU HC 80 6.68 69.83 50.17
C LEU HC 80 8.00 69.14 50.54
N ASP HC 81 8.03 68.63 51.77
CA ASP HC 81 9.13 67.78 52.20
C ASP HC 81 9.26 66.56 51.30
N SER HC 82 8.12 66.05 50.80
CA SER HC 82 8.07 64.91 49.89
C SER HC 82 8.71 65.17 48.54
N GLY HC 83 9.06 66.42 48.22
CA GLY HC 83 9.50 66.78 46.90
C GLY HC 83 8.39 67.22 45.97
N GLU HC 84 7.18 66.66 46.14
CA GLU HC 84 6.04 67.09 45.34
C GLU HC 84 5.62 68.50 45.73
N THR HC 85 5.56 69.39 44.74
CA THR HC 85 5.15 70.76 44.96
C THR HC 85 3.65 70.91 44.69
N VAL HC 86 2.97 71.64 45.56
CA VAL HC 86 1.51 71.81 45.48
C VAL HC 86 1.18 73.30 45.55
N PHE HC 87 -0.11 73.60 45.45
CA PHE HC 87 -0.57 74.97 45.26
C PHE HC 87 -1.58 75.38 46.33
N ASN HC 88 -1.32 76.52 46.97
CA ASN HC 88 -2.25 77.16 47.89
C ASN HC 88 -3.01 78.22 47.12
N SER HC 89 -4.33 78.12 47.11
CA SER HC 89 -5.14 78.83 46.13
C SER HC 89 -6.23 79.65 46.82
N VAL HC 90 -6.17 80.97 46.66
CA VAL HC 90 -7.34 81.80 46.96
C VAL HC 90 -8.00 82.16 45.64
N ARG HC 91 -9.29 81.84 45.51
CA ARG HC 91 -10.06 82.08 44.30
C ARG HC 91 -11.24 82.98 44.63
N ILE HC 92 -11.43 84.04 43.85
CA ILE HC 92 -12.53 84.97 44.04
C ILE HC 92 -13.23 85.16 42.71
N ALA HC 93 -14.48 84.74 42.63
CA ALA HC 93 -15.30 84.81 41.44
C ALA HC 93 -16.50 85.70 41.72
N LEU HC 94 -16.76 86.64 40.82
CA LEU HC 94 -17.84 87.60 41.00
C LEU HC 94 -18.78 87.48 39.81
N GLU HC 95 -19.99 86.99 40.06
CA GLU HC 95 -21.00 86.74 39.05
C GLU HC 95 -22.10 87.79 39.18
N ILE HC 96 -22.27 88.58 38.13
CA ILE HC 96 -23.16 89.74 38.17
C ILE HC 96 -24.04 89.74 36.92
N HIS HC 97 -25.34 89.97 37.12
CA HIS HC 97 -26.24 90.28 36.02
C HIS HC 97 -26.14 91.77 35.68
N PRO HC 98 -26.16 92.12 34.39
CA PRO HC 98 -25.87 93.53 34.01
C PRO HC 98 -26.86 94.52 34.58
N ALA HC 99 -28.04 94.09 34.98
CA ALA HC 99 -29.07 94.99 35.48
C ALA HC 99 -28.86 95.40 36.94
N LEU HC 100 -27.86 94.88 37.62
CA LEU HC 100 -27.59 95.30 38.98
C LEU HC 100 -26.95 96.69 39.00
N ALA HC 101 -27.22 97.44 40.06
CA ALA HC 101 -26.72 98.80 40.16
C ALA HC 101 -25.20 98.81 40.25
N SER HC 102 -24.60 99.78 39.55
CA SER HC 102 -23.16 99.93 39.57
C SER HC 102 -22.63 100.08 40.99
N ALA HC 103 -23.44 100.66 41.88
CA ALA HC 103 -23.04 100.82 43.28
C ALA HC 103 -23.13 99.50 44.04
N SER HC 104 -24.15 98.68 43.75
CA SER HC 104 -24.25 97.39 44.42
C SER HC 104 -23.14 96.44 43.99
N VAL HC 105 -22.64 96.60 42.76
CA VAL HC 105 -21.51 95.77 42.34
C VAL HC 105 -20.29 96.02 43.23
N LYS HC 106 -19.97 97.30 43.44
CA LYS HC 106 -18.82 97.61 44.29
C LYS HC 106 -19.09 97.31 45.76
N ASP HC 107 -20.34 97.50 46.23
CA ASP HC 107 -20.67 97.03 47.57
C ASP HC 107 -20.40 95.53 47.70
N LEU HC 108 -20.66 94.78 46.63
CA LEU HC 108 -20.47 93.33 46.67
C LEU HC 108 -18.99 92.98 46.74
N ARG HC 109 -18.16 93.68 45.96
CA ARG HC 109 -16.71 93.52 46.05
C ARG HC 109 -16.21 93.76 47.47
N LEU HC 110 -16.64 94.88 48.07
CA LEU HC 110 -16.15 95.23 49.39
C LEU HC 110 -16.68 94.28 50.47
N ILE HC 111 -17.91 93.80 50.31
CA ILE HC 111 -18.46 92.91 51.33
C ILE HC 111 -17.77 91.56 51.28
N GLY HC 112 -17.40 91.10 50.08
CA GLY HC 112 -16.58 89.90 49.99
C GLY HC 112 -15.22 90.10 50.62
N ALA HC 113 -14.59 91.26 50.36
CA ALA HC 113 -13.30 91.54 50.98
C ALA HC 113 -13.40 91.50 52.50
N GLN HC 114 -14.47 92.06 53.06
CA GLN HC 114 -14.61 92.02 54.51
C GLN HC 114 -14.77 90.58 54.99
N LEU HC 115 -15.60 89.80 54.28
CA LEU HC 115 -15.74 88.39 54.64
C LEU HC 115 -14.39 87.68 54.68
N LEU HC 116 -13.46 88.03 53.78
CA LEU HC 116 -12.11 87.48 53.89
C LEU HC 116 -11.36 87.99 55.13
N THR HC 117 -11.32 89.31 55.33
CA THR HC 117 -10.30 89.85 56.22
C THR HC 117 -10.77 90.16 57.64
N ASP HC 118 -12.07 90.11 57.92
CA ASP HC 118 -12.54 90.47 59.25
C ASP HC 118 -12.13 89.42 60.28
N ALA HC 119 -12.02 89.86 61.53
CA ALA HC 119 -11.56 88.96 62.58
C ALA HC 119 -12.63 87.96 62.97
N ASP HC 120 -13.91 88.35 62.86
CA ASP HC 120 -15.02 87.45 63.15
C ASP HC 120 -14.90 86.12 62.41
N TYR HC 121 -14.26 86.13 61.25
CA TYR HC 121 -14.19 84.95 60.40
C TYR HC 121 -12.86 84.24 60.49
N ASP HC 122 -11.95 84.71 61.35
CA ASP HC 122 -10.64 84.07 61.51
C ASP HC 122 -10.78 82.58 61.80
N SER HC 123 -11.65 82.24 62.76
CA SER HC 123 -11.84 80.84 63.11
C SER HC 123 -12.28 80.02 61.91
N PHE HC 124 -13.29 80.52 61.18
CA PHE HC 124 -13.77 79.83 59.98
C PHE HC 124 -12.65 79.57 58.99
N TRP HC 125 -12.02 80.65 58.52
CA TRP HC 125 -11.03 80.50 57.45
C TRP HC 125 -9.88 79.60 57.89
N THR HC 126 -9.27 79.91 59.04
CA THR HC 126 -8.05 79.21 59.43
C THR HC 126 -8.34 77.76 59.82
N LEU HC 127 -9.22 77.56 60.80
CA LEU HC 127 -9.45 76.25 61.39
C LEU HC 127 -10.47 75.42 60.63
N GLY HC 128 -11.31 76.06 59.81
CA GLY HC 128 -12.44 75.40 59.19
C GLY HC 128 -13.68 75.35 60.06
N ALA HC 129 -13.73 76.12 61.14
CA ALA HC 129 -14.80 75.98 62.12
C ALA HC 129 -16.10 76.55 61.59
N LEU HC 130 -17.14 75.72 61.59
CA LEU HC 130 -18.47 76.21 61.26
C LEU HC 130 -19.09 76.91 62.47
N ALA HC 131 -20.21 77.58 62.22
CA ALA HC 131 -20.97 78.28 63.27
C ALA HC 131 -20.17 79.38 63.99
N SER IC 1 -66.80 77.10 76.50
CA SER IC 1 -65.59 77.80 76.92
C SER IC 1 -64.67 78.08 75.73
N ILE IC 2 -64.61 77.16 74.76
CA ILE IC 2 -63.92 77.46 73.51
C ILE IC 2 -64.73 78.47 72.70
N ILE IC 3 -66.03 78.23 72.58
CA ILE IC 3 -66.90 79.16 71.88
C ILE IC 3 -67.09 80.40 72.75
N GLY IC 4 -66.71 81.56 72.20
CA GLY IC 4 -66.80 82.79 72.95
C GLY IC 4 -65.54 83.19 73.68
N SER IC 5 -64.51 82.36 73.66
CA SER IC 5 -63.26 82.72 74.33
C SER IC 5 -62.64 83.96 73.70
N SER IC 6 -61.91 84.71 74.51
CA SER IC 6 -61.26 85.93 74.09
C SER IC 6 -59.76 85.83 74.38
N ILE IC 7 -58.95 86.21 73.40
CA ILE IC 7 -57.50 86.14 73.50
C ILE IC 7 -56.88 87.36 72.83
N LYS IC 8 -55.72 87.78 73.34
CA LYS IC 8 -55.10 89.03 72.88
C LYS IC 8 -54.36 88.81 71.56
N THR IC 9 -54.61 89.68 70.58
CA THR IC 9 -53.78 89.74 69.39
C THR IC 9 -52.98 91.03 69.40
N GLY IC 10 -51.93 91.05 68.59
CA GLY IC 10 -50.99 92.17 68.62
C GLY IC 10 -50.40 92.40 69.98
N ALA IC 11 -50.11 91.33 70.71
CA ALA IC 11 -49.54 91.46 72.04
C ALA IC 11 -48.06 91.83 71.97
N THR IC 12 -47.62 92.62 72.93
CA THR IC 12 -46.21 93.01 73.00
C THR IC 12 -45.33 91.81 73.30
N SER IC 13 -45.60 91.11 74.41
CA SER IC 13 -44.81 89.92 74.75
C SER IC 13 -45.57 89.09 75.77
N ALA IC 14 -45.19 87.82 75.86
CA ALA IC 14 -45.78 86.90 76.81
C ALA IC 14 -44.75 86.51 77.86
N SER IC 15 -45.24 86.19 79.06
CA SER IC 15 -44.36 85.86 80.16
C SER IC 15 -45.02 84.75 80.97
N ILE IC 16 -44.28 84.23 81.96
CA ILE IC 16 -44.78 83.12 82.75
C ILE IC 16 -44.33 83.24 84.19
N THR IC 17 -45.29 83.36 85.11
CA THR IC 17 -45.00 83.36 86.53
C THR IC 17 -44.86 81.91 86.98
N GLY IC 18 -43.63 81.49 87.24
CA GLY IC 18 -43.39 80.07 87.43
C GLY IC 18 -42.30 79.66 88.37
N GLY IC 19 -42.02 78.36 88.41
CA GLY IC 19 -41.11 77.79 89.38
C GLY IC 19 -39.67 77.64 88.91
N SER IC 20 -39.15 76.42 88.96
CA SER IC 20 -37.73 76.17 88.79
C SER IC 20 -37.33 76.22 87.32
N ASP IC 21 -36.03 76.46 87.10
CA ASP IC 21 -35.44 76.47 85.77
C ASP IC 21 -35.22 75.05 85.25
N ILE IC 22 -35.06 74.96 83.93
CA ILE IC 22 -34.63 73.73 83.28
C ILE IC 22 -33.77 74.13 82.10
N THR IC 23 -32.71 73.37 81.83
CA THR IC 23 -31.75 73.75 80.81
C THR IC 23 -31.57 72.61 79.81
N PHE IC 24 -31.36 73.00 78.55
CA PHE IC 24 -31.18 72.06 77.45
C PHE IC 24 -29.72 71.95 77.06
N ALA IC 25 -29.32 70.75 76.67
CA ALA IC 25 -28.01 70.55 76.06
C ALA IC 25 -28.18 69.61 74.87
N LEU IC 26 -27.27 69.72 73.91
CA LEU IC 26 -27.39 68.98 72.66
C LEU IC 26 -27.21 67.48 72.89
N THR IC 27 -28.18 66.71 72.40
CA THR IC 27 -28.23 65.28 72.71
C THR IC 27 -27.17 64.50 71.96
N GLY IC 28 -26.99 64.79 70.67
CA GLY IC 28 -26.23 63.92 69.82
C GLY IC 28 -27.01 62.77 69.26
N GLN IC 29 -28.33 62.78 69.40
CA GLN IC 29 -29.18 61.88 68.62
C GLN IC 29 -29.32 62.46 67.22
N THR IC 30 -28.98 61.67 66.22
CA THR IC 30 -29.04 62.14 64.84
C THR IC 30 -30.49 62.33 64.44
N VAL IC 31 -30.85 63.53 64.01
CA VAL IC 31 -32.21 63.85 63.58
C VAL IC 31 -32.16 64.54 62.22
N THR IC 32 -32.91 64.01 61.26
CA THR IC 32 -32.93 64.54 59.91
C THR IC 32 -33.55 65.93 59.90
N ASN IC 33 -32.83 66.89 59.30
CA ASN IC 33 -33.22 68.30 59.25
C ASN IC 33 -33.47 68.87 60.63
N GLY IC 34 -32.93 68.24 61.67
CA GLY IC 34 -33.34 68.61 63.01
C GLY IC 34 -32.28 68.44 64.06
N LEU IC 35 -32.71 68.68 65.30
CA LEU IC 35 -31.85 68.78 66.46
C LEU IC 35 -32.55 68.10 67.63
N ASN IC 36 -31.77 67.51 68.52
CA ASN IC 36 -32.33 66.99 69.77
C ASN IC 36 -31.55 67.60 70.92
N VAL IC 37 -32.26 68.29 71.81
CA VAL IC 37 -31.68 68.79 73.06
C VAL IC 37 -32.47 68.20 74.20
N SER IC 38 -31.79 67.57 75.16
CA SER IC 38 -32.49 67.02 76.30
C SER IC 38 -32.15 67.81 77.55
N VAL IC 39 -32.85 67.46 78.62
CA VAL IC 39 -32.73 68.16 79.90
C VAL IC 39 -31.48 67.70 80.63
N SER IC 40 -30.54 68.61 80.80
CA SER IC 40 -29.32 68.33 81.56
C SER IC 40 -29.56 68.22 83.06
N GLU IC 41 -30.82 68.35 83.50
CA GLU IC 41 -31.13 68.46 84.91
C GLU IC 41 -31.88 67.25 85.45
N ASP IC 42 -32.54 66.49 84.59
CA ASP IC 42 -33.08 65.20 84.98
C ASP IC 42 -31.97 64.16 84.93
N THR IC 43 -31.91 63.31 85.96
CA THR IC 43 -30.73 62.50 86.19
C THR IC 43 -30.77 61.13 85.52
N ASP IC 44 -31.95 60.64 85.16
CA ASP IC 44 -32.10 59.31 84.57
C ASP IC 44 -32.58 59.48 83.14
N TYR IC 45 -31.73 59.06 82.18
CA TYR IC 45 -32.09 59.16 80.77
C TYR IC 45 -33.44 58.53 80.49
N ARG IC 46 -33.71 57.39 81.14
CA ARG IC 46 -34.97 56.67 80.98
C ARG IC 46 -36.17 57.60 81.09
N THR IC 47 -36.06 58.66 81.90
CA THR IC 47 -37.13 59.64 82.09
C THR IC 47 -36.65 61.08 81.83
N ARG IC 48 -35.60 61.29 81.04
CA ARG IC 48 -35.19 62.66 80.71
C ARG IC 48 -36.10 63.27 79.65
N ARG IC 49 -36.81 64.32 80.05
CA ARG IC 49 -37.54 65.15 79.11
C ARG IC 49 -36.61 65.62 78.01
N ASN IC 50 -37.09 65.53 76.75
CA ASN IC 50 -36.26 66.06 75.67
C ASN IC 50 -37.12 66.69 74.58
N ALA IC 51 -36.51 67.61 73.85
CA ALA IC 51 -37.19 68.35 72.80
C ALA IC 51 -36.43 68.18 71.49
N THR IC 52 -37.18 68.11 70.40
CA THR IC 52 -36.64 67.92 69.07
C THR IC 52 -37.16 69.03 68.16
N PHE IC 53 -36.23 69.67 67.45
CA PHE IC 53 -36.48 70.84 66.63
C PHE IC 53 -36.25 70.48 65.17
N LYS IC 54 -37.29 70.55 64.36
CA LYS IC 54 -37.15 70.34 62.93
C LYS IC 54 -37.47 71.63 62.18
N SER IC 55 -36.83 71.79 61.02
CA SER IC 55 -36.94 73.04 60.27
C SER IC 55 -36.86 72.76 58.77
N ARG IC 56 -37.83 73.27 58.02
CA ARG IC 56 -37.77 73.32 56.57
C ARG IC 56 -38.08 74.72 56.09
N VAL IC 57 -37.18 75.24 55.26
CA VAL IC 57 -37.17 76.61 54.74
C VAL IC 57 -38.09 76.68 53.52
N PRO IC 58 -38.67 77.84 53.19
CA PRO IC 58 -39.50 77.94 51.99
C PRO IC 58 -38.76 77.55 50.72
N THR IC 59 -39.41 76.72 49.91
CA THR IC 59 -38.86 76.25 48.65
C THR IC 59 -39.52 77.00 47.49
N VAL IC 60 -38.72 77.36 46.49
CA VAL IC 60 -39.18 78.19 45.37
C VAL IC 60 -39.32 77.32 44.12
N VAL IC 61 -40.51 77.38 43.51
CA VAL IC 61 -40.79 76.72 42.24
C VAL IC 61 -41.06 77.80 41.20
N ASN IC 62 -40.05 78.08 40.36
CA ASN IC 62 -40.14 79.02 39.24
C ASN IC 62 -40.77 80.35 39.68
N GLY IC 63 -40.29 80.87 40.80
CA GLY IC 63 -40.71 82.16 41.31
C GLY IC 63 -41.78 82.12 42.39
N ASN IC 64 -42.44 80.98 42.60
CA ASN IC 64 -43.50 80.88 43.59
C ASN IC 64 -42.98 80.20 44.86
N TYR IC 65 -43.18 80.85 46.01
CA TYR IC 65 -42.65 80.33 47.26
C TYR IC 65 -43.67 79.43 47.96
N SER IC 66 -43.15 78.43 48.69
CA SER IC 66 -43.96 77.52 49.48
C SER IC 66 -43.81 77.85 50.95
N LYS IC 67 -44.92 77.81 51.68
CA LYS IC 67 -44.89 78.03 53.11
C LYS IC 67 -43.98 77.01 53.79
N GLY IC 68 -43.04 77.51 54.60
CA GLY IC 68 -42.13 76.65 55.33
C GLY IC 68 -42.67 76.24 56.69
N LYS IC 69 -41.93 75.33 57.33
CA LYS IC 69 -42.47 74.59 58.47
C LYS IC 69 -41.41 74.46 59.55
N ASN IC 70 -41.72 74.94 60.77
CA ASN IC 70 -40.83 74.82 61.91
C ASN IC 70 -41.54 74.04 63.00
N GLU IC 71 -41.10 72.80 63.25
CA GLU IC 71 -41.70 71.94 64.26
C GLU IC 71 -40.85 71.88 65.52
N VAL IC 72 -41.52 71.72 66.64
CA VAL IC 72 -40.90 71.38 67.91
C VAL IC 72 -41.75 70.29 68.55
N VAL IC 73 -41.10 69.30 69.15
CA VAL IC 73 -41.81 68.29 69.93
C VAL IC 73 -41.09 68.13 71.27
N PHE IC 74 -41.86 68.17 72.34
CA PHE IC 74 -41.33 68.07 73.70
C PHE IC 74 -41.95 66.84 74.34
N VAL IC 75 -41.12 66.04 75.00
CA VAL IC 75 -41.50 64.71 75.42
C VAL IC 75 -41.14 64.49 76.88
N ILE IC 76 -42.12 64.05 77.65
CA ILE IC 76 -41.95 63.47 78.97
C ILE IC 76 -42.07 61.94 78.83
N PRO IC 77 -40.98 61.18 78.94
CA PRO IC 77 -41.11 59.73 78.93
C PRO IC 77 -41.51 59.21 80.29
N MET IC 78 -42.41 58.24 80.31
CA MET IC 78 -42.79 57.57 81.55
C MET IC 78 -42.96 56.09 81.28
N SER IC 79 -42.50 55.27 82.22
CA SER IC 79 -42.70 53.84 82.15
C SER IC 79 -44.03 53.49 82.81
N LEU IC 80 -44.81 52.64 82.12
CA LEU IC 80 -46.12 52.24 82.59
C LEU IC 80 -46.01 51.06 83.56
N ASP IC 81 -47.14 50.77 84.23
CA ASP IC 81 -47.25 49.54 84.98
C ASP IC 81 -47.06 48.33 84.09
N SER IC 82 -47.28 48.47 82.78
CA SER IC 82 -47.01 47.45 81.79
C SER IC 82 -45.53 47.19 81.59
N GLY IC 83 -44.66 48.04 82.13
CA GLY IC 83 -43.24 47.96 81.83
C GLY IC 83 -42.90 48.75 80.58
N GLU IC 84 -43.80 48.69 79.60
CA GLU IC 84 -43.72 49.50 78.40
C GLU IC 84 -43.54 50.98 78.77
N THR IC 85 -42.60 51.64 78.09
CA THR IC 85 -42.35 53.06 78.30
C THR IC 85 -42.98 53.85 77.16
N VAL IC 86 -43.82 54.83 77.51
CA VAL IC 86 -44.55 55.64 76.55
C VAL IC 86 -44.10 57.09 76.66
N PHE IC 87 -44.19 57.81 75.54
CA PHE IC 87 -43.75 59.19 75.44
C PHE IC 87 -44.96 60.12 75.47
N ASN IC 88 -44.93 61.10 76.36
CA ASN IC 88 -46.00 62.10 76.50
C ASN IC 88 -45.59 63.37 75.78
N SER IC 89 -46.39 63.76 74.79
CA SER IC 89 -45.94 64.68 73.74
C SER IC 89 -46.71 65.98 73.75
N VAL IC 90 -46.00 67.07 73.50
CA VAL IC 90 -46.60 68.32 73.04
C VAL IC 90 -45.83 68.75 71.80
N ARG IC 91 -46.55 69.01 70.70
CA ARG IC 91 -45.93 69.30 69.42
C ARG IC 91 -46.50 70.60 68.87
N ILE IC 92 -45.60 71.53 68.52
CA ILE IC 92 -45.99 72.84 68.02
C ILE IC 92 -45.30 73.06 66.68
N ALA IC 93 -46.10 73.22 65.63
CA ALA IC 93 -45.61 73.37 64.27
C ALA IC 93 -46.14 74.68 63.71
N LEU IC 94 -45.23 75.54 63.27
CA LEU IC 94 -45.60 76.84 62.73
C LEU IC 94 -45.21 76.91 61.25
N GLU IC 95 -46.21 77.08 60.39
CA GLU IC 95 -46.05 77.07 58.94
C GLU IC 95 -46.35 78.46 58.42
N ILE IC 96 -45.34 79.10 57.83
CA ILE IC 96 -45.40 80.50 57.45
C ILE IC 96 -45.01 80.65 55.99
N HIS IC 97 -45.78 81.44 55.24
CA HIS IC 97 -45.37 81.86 53.91
C HIS IC 97 -44.48 83.11 54.01
N PRO IC 98 -43.44 83.21 53.18
CA PRO IC 98 -42.51 84.33 53.33
C PRO IC 98 -43.14 85.70 53.22
N ALA IC 99 -44.30 85.82 52.57
CA ALA IC 99 -44.92 87.11 52.36
C ALA IC 99 -45.63 87.65 53.60
N LEU IC 100 -45.78 86.85 54.65
CA LEU IC 100 -46.53 87.30 55.82
C LEU IC 100 -45.78 88.39 56.56
N ALA IC 101 -46.54 89.25 57.24
CA ALA IC 101 -45.96 90.33 58.01
C ALA IC 101 -45.07 89.80 59.13
N SER IC 102 -43.90 90.42 59.27
CA SER IC 102 -42.97 90.04 60.33
C SER IC 102 -43.64 90.04 61.69
N ALA IC 103 -44.50 91.03 61.95
CA ALA IC 103 -45.19 91.10 63.24
C ALA IC 103 -46.33 90.09 63.34
N SER IC 104 -46.97 89.76 62.22
CA SER IC 104 -47.99 88.71 62.25
C SER IC 104 -47.37 87.36 62.58
N VAL IC 105 -46.11 87.13 62.21
CA VAL IC 105 -45.44 85.89 62.60
C VAL IC 105 -45.41 85.75 64.13
N LYS IC 106 -44.89 86.78 64.81
CA LYS IC 106 -44.84 86.72 66.27
C LYS IC 106 -46.22 86.77 66.90
N ASP IC 107 -47.19 87.43 66.23
CA ASP IC 107 -48.56 87.37 66.74
C ASP IC 107 -49.08 85.93 66.71
N LEU IC 108 -48.73 85.16 65.67
CA LEU IC 108 -49.11 83.76 65.63
C LEU IC 108 -48.47 82.98 66.76
N ARG IC 109 -47.18 83.19 67.00
CA ARG IC 109 -46.53 82.52 68.13
C ARG IC 109 -47.28 82.80 69.44
N LEU IC 110 -47.59 84.08 69.68
CA LEU IC 110 -48.22 84.46 70.95
C LEU IC 110 -49.66 83.97 71.04
N ILE IC 111 -50.39 83.97 69.93
CA ILE IC 111 -51.79 83.54 69.97
C ILE IC 111 -51.87 82.03 70.13
N GLY IC 112 -50.94 81.30 69.51
CA GLY IC 112 -50.83 79.87 69.77
C GLY IC 112 -50.55 79.59 71.24
N ALA IC 113 -49.61 80.35 71.83
CA ALA IC 113 -49.30 80.12 73.24
C ALA IC 113 -50.51 80.39 74.13
N GLN IC 114 -51.28 81.45 73.81
CA GLN IC 114 -52.48 81.72 74.59
C GLN IC 114 -53.48 80.58 74.45
N LEU IC 115 -53.58 79.98 73.26
CA LEU IC 115 -54.50 78.86 73.08
C LEU IC 115 -54.13 77.66 73.96
N LEU IC 116 -52.84 77.51 74.31
CA LEU IC 116 -52.48 76.51 75.32
C LEU IC 116 -52.75 76.96 76.75
N THR IC 117 -52.41 78.20 77.08
CA THR IC 117 -52.30 78.56 78.49
C THR IC 117 -53.40 79.47 79.01
N ASP IC 118 -54.49 79.66 78.27
CA ASP IC 118 -55.62 80.39 78.83
C ASP IC 118 -56.57 79.43 79.53
N ALA IC 119 -57.24 79.94 80.55
CA ALA IC 119 -58.15 79.12 81.33
C ALA IC 119 -59.34 78.65 80.50
N ASP IC 120 -59.79 79.48 79.56
CA ASP IC 120 -60.94 79.15 78.72
C ASP IC 120 -60.80 77.78 78.07
N TYR IC 121 -59.57 77.32 77.85
CA TYR IC 121 -59.33 76.09 77.12
C TYR IC 121 -58.96 74.93 78.03
N ASP IC 122 -58.85 75.16 79.34
CA ASP IC 122 -58.45 74.11 80.28
C ASP IC 122 -59.28 72.84 80.07
N SER IC 123 -60.59 73.00 79.94
CA SER IC 123 -61.46 71.85 79.77
C SER IC 123 -61.10 71.09 78.50
N PHE IC 124 -60.92 71.82 77.39
CA PHE IC 124 -60.51 71.21 76.13
C PHE IC 124 -59.22 70.41 76.28
N TRP IC 125 -58.15 71.07 76.72
CA TRP IC 125 -56.85 70.39 76.75
C TRP IC 125 -56.87 69.19 77.69
N THR IC 126 -57.30 69.39 78.93
CA THR IC 126 -57.22 68.31 79.91
C THR IC 126 -58.14 67.16 79.53
N LEU IC 127 -59.44 67.43 79.34
CA LEU IC 127 -60.41 66.36 79.16
C LEU IC 127 -60.62 65.99 77.70
N GLY IC 128 -60.63 66.98 76.81
CA GLY IC 128 -60.98 66.76 75.42
C GLY IC 128 -62.32 67.34 75.03
N ALA IC 129 -62.87 68.26 75.84
CA ALA IC 129 -64.16 68.88 75.62
C ALA IC 129 -64.18 69.69 74.34
N LEU IC 130 -65.31 69.65 73.64
CA LEU IC 130 -65.44 70.26 72.33
C LEU IC 130 -66.42 71.43 72.28
N ALA IC 131 -66.83 71.97 73.43
CA ALA IC 131 -67.73 73.14 73.45
C ALA IC 131 -66.94 74.43 73.65
N SER JC 1 -104.64 104.68 -45.24
CA SER JC 1 -104.10 105.92 -45.79
C SER JC 1 -102.60 106.03 -45.49
N ILE JC 2 -101.90 104.89 -45.50
CA ILE JC 2 -100.46 104.87 -45.23
C ILE JC 2 -99.69 105.35 -46.45
N ILE JC 3 -99.95 104.74 -47.61
CA ILE JC 3 -99.24 105.10 -48.83
C ILE JC 3 -99.62 106.51 -49.23
N GLY JC 4 -98.65 107.40 -49.24
CA GLY JC 4 -98.89 108.78 -49.58
C GLY JC 4 -99.13 109.71 -48.42
N SER JC 5 -99.08 109.21 -47.19
CA SER JC 5 -99.26 110.08 -46.04
C SER JC 5 -98.13 111.11 -45.96
N SER JC 6 -98.42 112.24 -45.31
CA SER JC 6 -97.47 113.33 -45.21
C SER JC 6 -97.35 113.75 -43.75
N ILE JC 7 -96.10 113.86 -43.27
CA ILE JC 7 -95.79 114.31 -41.91
C ILE JC 7 -94.61 115.27 -41.95
N LYS JC 8 -94.33 115.87 -40.80
CA LYS JC 8 -93.39 116.99 -40.69
C LYS JC 8 -92.06 116.51 -40.10
N THR JC 9 -90.97 116.83 -40.79
CA THR JC 9 -89.63 116.62 -40.24
C THR JC 9 -89.03 117.96 -39.82
N GLY JC 10 -88.13 117.91 -38.86
CA GLY JC 10 -87.58 119.13 -38.29
C GLY JC 10 -88.65 120.05 -37.74
N ALA JC 11 -89.63 119.49 -37.03
CA ALA JC 11 -90.64 120.31 -36.40
C ALA JC 11 -90.05 121.06 -35.23
N THR JC 12 -90.50 122.30 -35.04
CA THR JC 12 -90.05 123.09 -33.89
C THR JC 12 -90.46 122.41 -32.58
N SER JC 13 -91.74 122.04 -32.46
CA SER JC 13 -92.18 121.27 -31.29
C SER JC 13 -93.53 120.61 -31.59
N ALA JC 14 -93.99 119.80 -30.65
CA ALA JC 14 -95.31 119.20 -30.72
C ALA JC 14 -96.06 119.52 -29.44
N SER JC 15 -97.38 119.55 -29.54
CA SER JC 15 -98.22 120.00 -28.44
C SER JC 15 -99.53 119.23 -28.48
N ILE JC 16 -100.37 119.45 -27.47
CA ILE JC 16 -101.59 118.66 -27.34
C ILE JC 16 -102.71 119.54 -26.77
N THR JC 17 -103.85 119.54 -27.47
CA THR JC 17 -105.07 120.19 -27.00
C THR JC 17 -105.93 119.12 -26.35
N GLY JC 18 -106.00 119.13 -25.02
CA GLY JC 18 -106.62 118.00 -24.36
C GLY JC 18 -107.04 118.29 -22.94
N GLY JC 19 -107.61 117.25 -22.32
CA GLY JC 19 -108.34 117.38 -21.07
C GLY JC 19 -107.54 117.31 -19.79
N SER JC 20 -107.90 116.38 -18.90
CA SER JC 20 -107.42 116.42 -17.53
C SER JC 20 -105.99 115.95 -17.41
N ASP JC 21 -105.31 116.43 -16.36
CA ASP JC 21 -103.94 116.02 -16.08
C ASP JC 21 -103.91 114.64 -15.45
N ILE JC 22 -102.77 113.98 -15.58
CA ILE JC 22 -102.45 112.77 -14.85
C ILE JC 22 -101.01 112.92 -14.37
N THR JC 23 -100.78 112.53 -13.12
CA THR JC 23 -99.52 112.74 -12.43
C THR JC 23 -98.90 111.39 -12.08
N PHE JC 24 -97.60 111.28 -12.27
CA PHE JC 24 -96.82 110.07 -12.02
C PHE JC 24 -96.13 110.13 -10.66
N ALA JC 25 -95.83 108.94 -10.14
CA ALA JC 25 -95.06 108.81 -8.90
C ALA JC 25 -94.41 107.44 -8.92
N LEU JC 26 -93.28 107.33 -8.23
CA LEU JC 26 -92.47 106.12 -8.32
C LEU JC 26 -93.16 104.94 -7.65
N THR JC 27 -93.08 103.78 -8.28
CA THR JC 27 -93.79 102.56 -7.85
C THR JC 27 -92.93 101.62 -7.01
N GLY JC 28 -91.67 101.41 -7.39
CA GLY JC 28 -90.87 100.42 -6.69
C GLY JC 28 -91.05 99.01 -7.17
N GLN JC 29 -91.88 98.77 -8.18
CA GLN JC 29 -91.82 97.50 -8.88
C GLN JC 29 -90.45 97.34 -9.52
N THR JC 30 -89.77 96.26 -9.17
CA THR JC 30 -88.39 96.07 -9.60
C THR JC 30 -88.32 95.92 -11.11
N VAL JC 31 -87.52 96.79 -11.74
CA VAL JC 31 -87.35 96.81 -13.20
C VAL JC 31 -85.87 96.99 -13.49
N THR JC 32 -85.29 96.03 -14.23
CA THR JC 32 -83.86 96.02 -14.47
C THR JC 32 -83.45 97.12 -15.45
N ASN JC 33 -82.48 97.94 -15.04
CA ASN JC 33 -82.06 99.12 -15.80
C ASN JC 33 -83.23 100.06 -16.07
N GLY JC 34 -84.23 100.04 -15.19
CA GLY JC 34 -85.45 100.76 -15.46
C GLY JC 34 -86.16 101.33 -14.25
N LEU JC 35 -87.43 101.66 -14.44
CA LEU JC 35 -88.16 102.50 -13.48
C LEU JC 35 -89.65 102.35 -13.73
N ASN JC 36 -90.41 102.04 -12.69
CA ASN JC 36 -91.87 101.97 -12.77
C ASN JC 36 -92.46 103.19 -12.08
N VAL JC 37 -93.22 104.01 -12.82
CA VAL JC 37 -94.02 105.07 -12.22
C VAL JC 37 -95.48 104.82 -12.56
N SER JC 38 -96.33 104.82 -11.54
CA SER JC 38 -97.76 104.70 -11.78
C SER JC 38 -98.42 106.03 -11.46
N VAL JC 39 -99.69 106.11 -11.81
CA VAL JC 39 -100.42 107.35 -11.54
C VAL JC 39 -100.88 107.33 -10.09
N SER JC 40 -100.76 108.46 -9.41
CA SER JC 40 -101.35 108.56 -8.10
C SER JC 40 -102.80 109.02 -8.18
N GLU JC 41 -103.33 109.15 -9.39
CA GLU JC 41 -104.66 109.70 -9.58
C GLU JC 41 -105.72 108.64 -9.81
N ASP JC 42 -105.32 107.45 -10.27
CA ASP JC 42 -106.22 106.31 -10.24
C ASP JC 42 -106.12 105.65 -8.88
N THR JC 43 -107.25 105.14 -8.39
CA THR JC 43 -107.34 104.68 -7.02
C THR JC 43 -107.29 103.17 -6.86
N ASP JC 44 -107.84 102.41 -7.80
CA ASP JC 44 -107.88 100.95 -7.70
C ASP JC 44 -106.57 100.35 -8.20
N TYR JC 45 -105.92 99.54 -7.37
CA TYR JC 45 -104.62 99.00 -7.75
C TYR JC 45 -104.74 98.06 -8.94
N ARG JC 46 -105.82 97.29 -9.00
CA ARG JC 46 -106.09 96.43 -10.17
C ARG JC 46 -105.99 97.22 -11.47
N THR JC 47 -106.75 98.30 -11.60
CA THR JC 47 -106.88 99.01 -12.87
C THR JC 47 -106.06 100.30 -12.91
N ARG JC 48 -105.02 100.41 -12.08
CA ARG JC 48 -104.26 101.66 -12.01
C ARG JC 48 -103.21 101.68 -13.10
N ARG JC 49 -103.30 102.70 -13.96
CA ARG JC 49 -102.43 102.83 -15.12
C ARG JC 49 -100.99 103.05 -14.70
N ASN JC 50 -100.06 102.34 -15.36
CA ASN JC 50 -98.66 102.54 -14.98
C ASN JC 50 -97.74 102.45 -16.18
N ALA JC 51 -96.60 103.14 -16.09
CA ALA JC 51 -95.61 103.17 -17.14
C ALA JC 51 -94.28 102.68 -16.59
N THR JC 52 -93.46 102.21 -17.52
CA THR JC 52 -92.15 101.63 -17.21
C THR JC 52 -91.14 102.08 -18.23
N PHE JC 53 -90.05 102.66 -17.72
CA PHE JC 53 -88.99 103.28 -18.51
C PHE JC 53 -87.75 102.40 -18.36
N LYS JC 54 -87.30 101.80 -19.46
CA LYS JC 54 -86.02 101.10 -19.48
C LYS JC 54 -85.03 101.88 -20.32
N SER JC 55 -83.76 101.81 -19.94
CA SER JC 55 -82.71 102.63 -20.54
C SER JC 55 -81.42 101.83 -20.63
N ARG JC 56 -80.85 101.77 -21.83
CA ARG JC 56 -79.56 101.13 -22.08
C ARG JC 56 -78.71 102.07 -22.92
N VAL JC 57 -77.54 102.42 -22.40
CA VAL JC 57 -76.66 103.42 -22.99
C VAL JC 57 -75.80 102.79 -24.09
N PRO JC 58 -75.34 103.58 -25.06
CA PRO JC 58 -74.34 103.07 -26.01
C PRO JC 58 -73.09 102.61 -25.26
N THR JC 59 -72.67 101.39 -25.53
CA THR JC 59 -71.51 100.79 -24.91
C THR JC 59 -70.45 100.54 -25.97
N VAL JC 60 -69.22 100.94 -25.67
CA VAL JC 60 -68.11 100.76 -26.58
C VAL JC 60 -67.60 99.32 -26.48
N VAL JC 61 -67.37 98.68 -27.62
CA VAL JC 61 -66.81 97.34 -27.67
C VAL JC 61 -65.85 97.30 -28.85
N ASN JC 62 -64.60 96.94 -28.58
CA ASN JC 62 -63.57 96.81 -29.63
C ASN JC 62 -63.38 98.11 -30.37
N GLY JC 63 -63.37 99.22 -29.64
CA GLY JC 63 -63.00 100.51 -30.19
C GLY JC 63 -64.11 101.32 -30.81
N ASN JC 64 -65.34 100.82 -30.85
CA ASN JC 64 -66.43 101.61 -31.41
C ASN JC 64 -67.74 101.29 -30.70
N TYR JC 65 -68.71 102.18 -30.91
CA TYR JC 65 -69.92 102.21 -30.09
C TYR JC 65 -70.99 101.30 -30.66
N SER JC 66 -71.91 100.90 -29.78
CA SER JC 66 -73.12 100.19 -30.12
C SER JC 66 -74.31 101.10 -29.88
N LYS JC 67 -75.29 101.05 -30.77
CA LYS JC 67 -76.45 101.93 -30.63
C LYS JC 67 -77.18 101.64 -29.31
N GLY JC 68 -77.65 102.71 -28.66
CA GLY JC 68 -78.36 102.58 -27.41
C GLY JC 68 -79.87 102.55 -27.60
N LYS JC 69 -80.56 102.13 -26.54
CA LYS JC 69 -81.98 101.81 -26.64
C LYS JC 69 -82.72 102.31 -25.40
N ASN JC 70 -83.77 103.11 -25.63
CA ASN JC 70 -84.59 103.65 -24.53
C ASN JC 70 -86.04 103.27 -24.78
N GLU JC 71 -86.57 102.38 -23.95
CA GLU JC 71 -87.94 101.91 -24.07
C GLU JC 71 -88.83 102.60 -23.04
N VAL JC 72 -90.09 102.75 -23.41
CA VAL JC 72 -91.17 103.08 -22.49
C VAL JC 72 -92.32 102.15 -22.79
N VAL JC 73 -93.05 101.75 -21.76
CA VAL JC 73 -94.30 101.02 -21.95
C VAL JC 73 -95.34 101.57 -20.97
N PHE JC 74 -96.45 102.03 -21.52
CA PHE JC 74 -97.57 102.53 -20.75
C PHE JC 74 -98.69 101.51 -20.83
N VAL JC 75 -99.29 101.20 -19.68
CA VAL JC 75 -100.20 100.09 -19.55
C VAL JC 75 -101.48 100.54 -18.88
N ILE JC 76 -102.60 100.19 -19.50
CA ILE JC 76 -103.95 100.28 -18.93
C ILE JC 76 -104.39 98.87 -18.58
N PRO JC 77 -104.42 98.48 -17.31
CA PRO JC 77 -104.98 97.18 -16.96
C PRO JC 77 -106.50 97.21 -17.05
N MET JC 78 -107.08 96.08 -17.44
CA MET JC 78 -108.53 95.91 -17.37
C MET JC 78 -108.84 94.47 -17.02
N SER JC 79 -109.81 94.28 -16.15
CA SER JC 79 -110.28 92.95 -15.84
C SER JC 79 -111.27 92.50 -16.91
N LEU JC 80 -111.08 91.29 -17.41
CA LEU JC 80 -111.99 90.75 -18.41
C LEU JC 80 -113.17 90.06 -17.72
N ASP JC 81 -114.20 89.78 -18.52
CA ASP JC 81 -115.37 89.07 -18.00
C ASP JC 81 -114.99 87.69 -17.49
N SER JC 82 -113.95 87.08 -18.06
CA SER JC 82 -113.49 85.75 -17.67
C SER JC 82 -112.74 85.73 -16.35
N GLY JC 83 -112.41 86.90 -15.80
CA GLY JC 83 -111.72 86.96 -14.53
C GLY JC 83 -110.28 87.39 -14.64
N GLU JC 84 -109.55 86.86 -15.62
CA GLU JC 84 -108.16 87.24 -15.81
C GLU JC 84 -108.07 88.73 -16.10
N THR JC 85 -107.16 89.41 -15.41
CA THR JC 85 -106.84 90.79 -15.70
C THR JC 85 -105.81 90.82 -16.82
N VAL JC 86 -106.06 91.62 -17.86
CA VAL JC 86 -105.17 91.72 -19.00
C VAL JC 86 -104.69 93.16 -19.14
N PHE JC 87 -103.47 93.32 -19.64
CA PHE JC 87 -102.85 94.62 -19.78
C PHE JC 87 -103.00 95.12 -21.22
N ASN JC 88 -103.25 96.43 -21.37
CA ASN JC 88 -103.28 97.08 -22.67
C ASN JC 88 -102.04 97.95 -22.79
N SER JC 89 -101.26 97.74 -23.84
CA SER JC 89 -99.89 98.22 -23.89
C SER JC 89 -99.72 99.20 -25.04
N VAL JC 90 -99.02 100.30 -24.77
CA VAL JC 90 -98.37 101.06 -25.83
C VAL JC 90 -96.90 101.10 -25.47
N ARG JC 91 -96.05 100.67 -26.39
CA ARG JC 91 -94.62 100.53 -26.15
C ARG JC 91 -93.88 101.34 -27.20
N ILE JC 92 -93.01 102.23 -26.74
CA ILE JC 92 -92.24 103.10 -27.62
C ILE JC 92 -90.78 102.92 -27.27
N ALA JC 93 -90.04 102.27 -28.16
CA ALA JC 93 -88.60 102.11 -28.04
C ALA JC 93 -87.92 103.04 -29.03
N LEU JC 94 -86.74 103.54 -28.65
CA LEU JC 94 -86.01 104.48 -29.49
C LEU JC 94 -84.52 104.16 -29.38
N GLU JC 95 -83.95 103.71 -30.50
CA GLU JC 95 -82.57 103.25 -30.57
C GLU JC 95 -81.79 104.25 -31.41
N ILE JC 96 -80.78 104.85 -30.80
CA ILE JC 96 -79.98 105.91 -31.43
C ILE JC 96 -78.52 105.46 -31.46
N HIS JC 97 -77.87 105.66 -32.59
CA HIS JC 97 -76.43 105.52 -32.62
C HIS JC 97 -75.78 106.85 -32.21
N PRO JC 98 -74.70 106.80 -31.43
CA PRO JC 98 -74.10 108.05 -30.92
C PRO JC 98 -73.75 109.06 -32.01
N ALA JC 99 -73.59 108.61 -33.24
CA ALA JC 99 -73.21 109.50 -34.33
C ALA JC 99 -74.37 110.32 -34.88
N LEU JC 100 -75.61 110.03 -34.49
CA LEU JC 100 -76.74 110.80 -35.01
C LEU JC 100 -76.70 112.21 -34.45
N ALA JC 101 -77.17 113.15 -35.27
CA ALA JC 101 -77.23 114.55 -34.85
C ALA JC 101 -78.19 114.74 -33.68
N SER JC 102 -77.79 115.59 -32.74
CA SER JC 102 -78.65 115.95 -31.63
C SER JC 102 -80.03 116.38 -32.12
N ALA JC 103 -80.06 117.15 -33.21
CA ALA JC 103 -81.33 117.62 -33.77
C ALA JC 103 -82.13 116.48 -34.39
N SER JC 104 -81.45 115.54 -35.06
CA SER JC 104 -82.17 114.41 -35.65
C SER JC 104 -82.71 113.45 -34.59
N VAL JC 105 -82.15 113.47 -33.38
CA VAL JC 105 -82.74 112.70 -32.29
C VAL JC 105 -84.15 113.20 -31.97
N LYS JC 106 -84.28 114.51 -31.73
CA LYS JC 106 -85.61 115.08 -31.53
C LYS JC 106 -86.48 114.96 -32.78
N ASP JC 107 -85.89 115.03 -33.98
CA ASP JC 107 -86.71 114.80 -35.18
C ASP JC 107 -87.31 113.39 -35.15
N LEU JC 108 -86.54 112.39 -34.70
CA LEU JC 108 -87.10 111.03 -34.58
C LEU JC 108 -88.21 110.98 -33.54
N ARG JC 109 -88.01 111.62 -32.39
CA ARG JC 109 -89.05 111.60 -31.37
C ARG JC 109 -90.36 112.18 -31.91
N LEU JC 110 -90.26 113.31 -32.61
CA LEU JC 110 -91.48 113.97 -33.10
C LEU JC 110 -92.08 113.26 -34.30
N ILE JC 111 -91.25 112.72 -35.18
CA ILE JC 111 -91.79 112.01 -36.33
C ILE JC 111 -92.42 110.68 -35.90
N GLY JC 112 -91.92 110.09 -34.81
CA GLY JC 112 -92.57 108.91 -34.28
C GLY JC 112 -93.89 109.24 -33.63
N ALA JC 113 -93.88 110.22 -32.72
CA ALA JC 113 -95.13 110.62 -32.08
C ALA JC 113 -96.16 111.08 -33.10
N GLN JC 114 -95.71 111.61 -34.22
CA GLN JC 114 -96.60 112.05 -35.27
C GLN JC 114 -97.21 110.89 -36.04
N LEU JC 115 -96.56 109.71 -36.00
CA LEU JC 115 -97.14 108.51 -36.61
C LEU JC 115 -98.24 107.90 -35.75
N LEU JC 116 -98.25 108.15 -34.43
CA LEU JC 116 -99.39 107.75 -33.60
C LEU JC 116 -100.62 108.61 -33.85
N THR JC 117 -100.44 109.94 -33.85
CA THR JC 117 -101.58 110.83 -33.72
C THR JC 117 -102.16 111.31 -35.04
N ASP JC 118 -101.36 111.36 -36.11
CA ASP JC 118 -101.82 111.99 -37.34
C ASP JC 118 -102.94 111.17 -37.96
N ALA JC 119 -104.02 111.87 -38.33
CA ALA JC 119 -105.26 111.22 -38.76
C ALA JC 119 -105.07 110.30 -39.95
N ASP JC 120 -104.04 110.54 -40.77
CA ASP JC 120 -103.74 109.64 -41.88
C ASP JC 120 -103.60 108.19 -41.40
N TYR JC 121 -102.90 107.98 -40.29
CA TYR JC 121 -102.72 106.63 -39.78
C TYR JC 121 -103.85 106.23 -38.86
N ASP JC 122 -104.84 107.12 -38.68
CA ASP JC 122 -105.90 106.91 -37.71
C ASP JC 122 -106.66 105.62 -38.02
N SER JC 123 -106.80 105.28 -39.31
CA SER JC 123 -107.45 104.02 -39.65
C SER JC 123 -106.53 102.82 -39.39
N PHE JC 124 -105.21 103.02 -39.44
CA PHE JC 124 -104.29 101.92 -39.22
C PHE JC 124 -104.32 101.44 -37.77
N TRP JC 125 -104.12 102.36 -36.82
CA TRP JC 125 -104.01 101.98 -35.42
C TRP JC 125 -105.32 101.40 -34.90
N THR JC 126 -106.43 102.06 -35.20
CA THR JC 126 -107.72 101.63 -34.65
C THR JC 126 -108.16 100.31 -35.26
N LEU JC 127 -108.19 100.24 -36.59
CA LEU JC 127 -108.77 99.10 -37.28
C LEU JC 127 -107.75 98.03 -37.63
N GLY JC 128 -106.46 98.28 -37.38
CA GLY JC 128 -105.45 97.38 -37.89
C GLY JC 128 -105.45 97.29 -39.39
N ALA JC 129 -105.71 98.41 -40.07
CA ALA JC 129 -105.96 98.44 -41.51
C ALA JC 129 -104.69 98.76 -42.27
N LEU JC 130 -104.28 97.82 -43.14
CA LEU JC 130 -103.12 98.02 -44.02
C LEU JC 130 -103.62 98.57 -45.35
N ALA JC 131 -103.32 99.82 -45.63
CA ALA JC 131 -103.68 100.45 -46.88
C ALA JC 131 -102.98 101.81 -46.97
N SER KC 1 -86.96 113.92 -13.59
CA SER KC 1 -88.01 114.59 -14.35
C SER KC 1 -89.04 113.57 -14.84
N ILE KC 2 -88.67 112.29 -14.83
CA ILE KC 2 -89.64 111.24 -15.11
C ILE KC 2 -90.58 111.06 -13.93
N ILE KC 3 -90.03 111.03 -12.71
CA ILE KC 3 -90.84 110.92 -11.51
C ILE KC 3 -91.62 112.21 -11.31
N GLY KC 4 -92.91 112.09 -11.06
CA GLY KC 4 -93.70 113.28 -10.83
C GLY KC 4 -93.92 114.13 -12.06
N SER KC 5 -93.89 113.54 -13.25
CA SER KC 5 -94.25 114.25 -14.46
C SER KC 5 -95.76 114.20 -14.68
N SER KC 6 -96.26 115.17 -15.46
CA SER KC 6 -97.69 115.33 -15.69
C SER KC 6 -97.97 115.32 -17.18
N ILE KC 7 -99.01 114.57 -17.58
CA ILE KC 7 -99.39 114.42 -18.99
C ILE KC 7 -100.90 114.35 -19.10
N LYS KC 8 -101.44 114.78 -20.26
CA LYS KC 8 -102.88 114.88 -20.43
C LYS KC 8 -103.49 113.53 -20.81
N THR KC 9 -104.52 113.11 -20.09
CA THR KC 9 -105.32 111.96 -20.51
C THR KC 9 -106.63 112.45 -21.12
N GLY KC 10 -107.22 111.58 -21.94
CA GLY KC 10 -108.44 111.91 -22.64
C GLY KC 10 -108.31 113.23 -23.36
N ALA KC 11 -107.19 113.41 -24.06
CA ALA KC 11 -106.99 114.62 -24.82
C ALA KC 11 -107.85 114.61 -26.08
N THR KC 12 -108.35 115.79 -26.45
CA THR KC 12 -109.18 115.90 -27.65
C THR KC 12 -108.38 115.59 -28.90
N SER KC 13 -107.19 116.19 -29.04
CA SER KC 13 -106.29 115.85 -30.14
C SER KC 13 -104.91 116.42 -29.84
N ALA KC 14 -103.93 116.00 -30.62
CA ALA KC 14 -102.57 116.49 -30.53
C ALA KC 14 -102.12 116.94 -31.91
N SER KC 15 -101.12 117.82 -31.94
CA SER KC 15 -100.68 118.42 -33.18
C SER KC 15 -99.21 118.78 -33.06
N ILE KC 16 -98.68 119.39 -34.11
CA ILE KC 16 -97.25 119.61 -34.21
C ILE KC 16 -96.98 120.94 -34.90
N THR KC 17 -96.33 121.86 -34.18
CA THR KC 17 -95.86 123.12 -34.75
C THR KC 17 -94.54 122.83 -35.43
N GLY KC 18 -94.57 122.70 -36.76
CA GLY KC 18 -93.57 121.94 -37.48
C GLY KC 18 -93.00 122.67 -38.68
N GLY KC 19 -92.02 122.00 -39.31
CA GLY KC 19 -91.34 122.51 -40.47
C GLY KC 19 -91.82 121.91 -41.79
N SER KC 20 -90.91 121.32 -42.56
CA SER KC 20 -91.20 120.91 -43.92
C SER KC 20 -91.91 119.55 -43.98
N ASP KC 21 -92.61 119.32 -45.10
CA ASP KC 21 -93.33 118.08 -45.31
C ASP KC 21 -92.39 116.94 -45.68
N ILE KC 22 -92.88 115.72 -45.51
CA ILE KC 22 -92.22 114.52 -45.97
C ILE KC 22 -93.30 113.52 -46.38
N THR KC 23 -93.09 112.83 -47.50
CA THR KC 23 -94.13 112.04 -48.13
C THR KC 23 -93.68 110.60 -48.35
N PHE KC 24 -94.56 109.66 -48.02
CA PHE KC 24 -94.27 108.23 -48.10
C PHE KC 24 -94.78 107.64 -49.42
N ALA KC 25 -94.01 106.69 -49.95
CA ALA KC 25 -94.42 105.94 -51.13
C ALA KC 25 -94.06 104.48 -50.91
N LEU KC 26 -94.71 103.60 -51.69
CA LEU KC 26 -94.59 102.17 -51.49
C LEU KC 26 -93.21 101.66 -51.89
N THR KC 27 -92.55 100.89 -51.00
CA THR KC 27 -91.17 100.46 -51.18
C THR KC 27 -91.04 99.11 -51.86
N GLY KC 28 -92.05 98.26 -51.75
CA GLY KC 28 -91.89 96.91 -52.24
C GLY KC 28 -90.77 96.14 -51.59
N GLN KC 29 -90.51 96.36 -50.31
CA GLN KC 29 -89.70 95.46 -49.50
C GLN KC 29 -90.63 94.47 -48.85
N THR KC 30 -90.48 93.20 -49.19
CA THR KC 30 -91.40 92.17 -48.70
C THR KC 30 -91.41 92.16 -47.18
N VAL KC 31 -92.56 92.45 -46.60
CA VAL KC 31 -92.74 92.53 -45.16
C VAL KC 31 -93.99 91.76 -44.77
N THR KC 32 -93.82 90.73 -43.95
CA THR KC 32 -94.96 89.90 -43.55
C THR KC 32 -95.93 90.71 -42.72
N ASN KC 33 -97.22 90.61 -43.08
CA ASN KC 33 -98.30 91.24 -42.33
C ASN KC 33 -98.17 92.76 -42.32
N GLY KC 34 -97.60 93.34 -43.37
CA GLY KC 34 -97.40 94.77 -43.32
C GLY KC 34 -96.81 95.33 -44.60
N LEU KC 35 -96.44 96.60 -44.51
CA LEU KC 35 -95.97 97.40 -45.63
C LEU KC 35 -94.63 98.03 -45.29
N ASN KC 36 -93.90 98.40 -46.34
CA ASN KC 36 -92.75 99.30 -46.23
C ASN KC 36 -93.00 100.49 -47.14
N VAL KC 37 -92.94 101.70 -46.58
CA VAL KC 37 -93.03 102.93 -47.35
C VAL KC 37 -91.82 103.78 -46.99
N SER KC 38 -91.09 104.25 -47.99
CA SER KC 38 -89.97 105.13 -47.72
C SER KC 38 -90.30 106.53 -48.23
N VAL KC 39 -89.51 107.49 -47.78
CA VAL KC 39 -89.73 108.87 -48.16
C VAL KC 39 -89.09 109.10 -49.52
N SER KC 40 -89.91 109.40 -50.51
CA SER KC 40 -89.40 109.66 -51.85
C SER KC 40 -88.78 111.04 -51.96
N GLU KC 41 -88.66 111.73 -50.83
CA GLU KC 41 -88.13 113.09 -50.81
C GLU KC 41 -86.66 113.15 -50.44
N ASP KC 42 -86.10 112.06 -49.91
CA ASP KC 42 -84.65 111.93 -49.77
C ASP KC 42 -84.10 111.34 -51.07
N THR KC 43 -82.94 111.85 -51.50
CA THR KC 43 -82.46 111.56 -52.85
C THR KC 43 -81.56 110.33 -52.95
N ASP KC 44 -80.94 109.90 -51.85
CA ASP KC 44 -79.93 108.85 -51.87
C ASP KC 44 -80.49 107.62 -51.14
N TYR KC 45 -80.74 106.53 -51.90
CA TYR KC 45 -81.35 105.34 -51.31
C TYR KC 45 -80.60 104.89 -50.07
N ARG KC 46 -79.27 104.86 -50.16
CA ARG KC 46 -78.41 104.41 -49.06
C ARG KC 46 -78.77 105.05 -47.73
N THR KC 47 -79.43 106.22 -47.73
CA THR KC 47 -79.87 106.89 -46.51
C THR KC 47 -81.29 107.45 -46.64
N ARG KC 48 -82.22 106.70 -47.26
CA ARG KC 48 -83.62 107.14 -47.26
C ARG KC 48 -84.37 106.63 -46.04
N ARG KC 49 -84.85 107.59 -45.25
CA ARG KC 49 -85.72 107.30 -44.12
C ARG KC 49 -86.92 106.48 -44.59
N ASN KC 50 -87.14 105.34 -43.96
CA ASN KC 50 -88.29 104.51 -44.33
C ASN KC 50 -89.07 104.12 -43.09
N ALA KC 51 -90.21 103.48 -43.31
CA ALA KC 51 -91.07 103.10 -42.20
C ALA KC 51 -91.77 101.80 -42.59
N THR KC 52 -91.99 100.96 -41.60
CA THR KC 52 -92.58 99.65 -41.79
C THR KC 52 -93.76 99.50 -40.84
N PHE KC 53 -94.89 99.09 -41.40
CA PHE KC 53 -96.15 98.95 -40.68
C PHE KC 53 -96.49 97.47 -40.60
N LYS KC 54 -96.75 96.98 -39.39
CA LYS KC 54 -97.17 95.60 -39.18
C LYS KC 54 -98.47 95.56 -38.39
N SER KC 55 -99.27 94.51 -38.63
CA SER KC 55 -100.56 94.35 -37.97
C SER KC 55 -100.81 92.86 -37.75
N ARG KC 56 -100.58 92.39 -36.53
CA ARG KC 56 -100.96 91.06 -36.10
C ARG KC 56 -102.33 91.13 -35.43
N VAL KC 57 -103.22 90.23 -35.85
CA VAL KC 57 -104.61 90.26 -35.44
C VAL KC 57 -104.81 89.48 -34.14
N PRO KC 58 -105.88 89.73 -33.41
CA PRO KC 58 -106.17 88.92 -32.22
C PRO KC 58 -106.47 87.48 -32.59
N THR KC 59 -106.09 86.58 -31.70
CA THR KC 59 -106.25 85.14 -31.92
C THR KC 59 -107.49 84.66 -31.19
N VAL KC 60 -108.29 83.84 -31.88
CA VAL KC 60 -109.52 83.29 -31.32
C VAL KC 60 -109.19 81.91 -30.75
N VAL KC 61 -109.17 81.79 -29.43
CA VAL KC 61 -108.85 80.54 -28.75
C VAL KC 61 -110.05 80.20 -27.86
N ASN KC 62 -110.97 79.41 -28.40
CA ASN KC 62 -112.09 78.85 -27.64
C ASN KC 62 -112.88 79.93 -26.92
N GLY KC 63 -113.35 80.90 -27.69
CA GLY KC 63 -114.12 82.00 -27.13
C GLY KC 63 -113.32 83.10 -26.44
N ASN KC 64 -112.01 82.92 -26.27
CA ASN KC 64 -111.16 83.93 -25.64
C ASN KC 64 -110.27 84.58 -26.69
N TYR KC 65 -110.10 85.90 -26.62
CA TYR KC 65 -109.32 86.63 -27.61
C TYR KC 65 -108.07 87.20 -26.97
N SER KC 66 -106.92 87.00 -27.63
CA SER KC 66 -105.68 87.65 -27.26
C SER KC 66 -105.65 89.08 -27.78
N LYS KC 67 -104.84 89.91 -27.15
CA LYS KC 67 -104.65 91.25 -27.66
C LYS KC 67 -103.96 91.20 -29.02
N GLY KC 68 -104.33 92.13 -29.90
CA GLY KC 68 -103.65 92.31 -31.15
C GLY KC 68 -102.55 93.35 -31.06
N LYS KC 69 -101.75 93.44 -32.12
CA LYS KC 69 -100.52 94.22 -32.06
C LYS KC 69 -100.33 94.97 -33.38
N ASN KC 70 -100.21 96.29 -33.31
CA ASN KC 70 -99.95 97.10 -34.49
C ASN KC 70 -98.63 97.85 -34.29
N GLU KC 71 -97.63 97.52 -35.10
CA GLU KC 71 -96.31 98.13 -34.98
C GLU KC 71 -96.05 99.12 -36.12
N VAL KC 72 -95.24 100.11 -35.81
CA VAL KC 72 -94.58 100.94 -36.81
C VAL KC 72 -93.11 101.05 -36.44
N VAL KC 73 -92.25 101.01 -37.44
CA VAL KC 73 -90.80 101.14 -37.25
C VAL KC 73 -90.33 102.19 -38.25
N PHE KC 74 -89.91 103.34 -37.74
CA PHE KC 74 -89.36 104.41 -38.57
C PHE KC 74 -87.85 104.39 -38.42
N VAL KC 75 -87.14 104.51 -39.55
CA VAL KC 75 -85.72 104.26 -39.59
C VAL KC 75 -85.02 105.38 -40.37
N ILE KC 76 -84.02 105.98 -39.72
CA ILE KC 76 -83.05 106.86 -40.36
C ILE KC 76 -81.76 106.08 -40.54
N PRO KC 77 -81.44 105.62 -41.74
CA PRO KC 77 -80.12 105.03 -41.96
C PRO KC 77 -79.06 106.11 -42.12
N MET KC 78 -77.90 105.89 -41.52
CA MET KC 78 -76.80 106.84 -41.59
C MET KC 78 -75.50 106.09 -41.88
N SER KC 79 -74.66 106.72 -42.71
CA SER KC 79 -73.37 106.16 -43.10
C SER KC 79 -72.33 106.64 -42.09
N LEU KC 80 -71.69 105.69 -41.42
CA LEU KC 80 -70.68 106.03 -40.44
C LEU KC 80 -69.38 106.46 -41.12
N ASP KC 81 -68.51 107.07 -40.33
CA ASP KC 81 -67.16 107.36 -40.80
C ASP KC 81 -66.44 106.08 -41.20
N SER KC 82 -66.73 104.97 -40.52
CA SER KC 82 -66.16 103.66 -40.79
C SER KC 82 -66.56 103.09 -42.15
N GLY KC 83 -67.54 103.69 -42.83
CA GLY KC 83 -68.12 103.13 -44.02
C GLY KC 83 -69.32 102.24 -43.76
N GLU KC 84 -69.35 101.57 -42.62
CA GLU KC 84 -70.51 100.75 -42.26
C GLU KC 84 -71.70 101.64 -41.96
N THR KC 85 -72.82 101.40 -42.65
CA THR KC 85 -74.04 102.17 -42.46
C THR KC 85 -74.94 101.44 -41.47
N VAL KC 86 -75.53 102.18 -40.54
CA VAL KC 86 -76.36 101.63 -39.47
C VAL KC 86 -77.69 102.37 -39.44
N PHE KC 87 -78.58 101.95 -38.54
CA PHE KC 87 -79.97 102.37 -38.53
C PHE KC 87 -80.37 102.96 -37.19
N ASN KC 88 -80.93 104.17 -37.22
CA ASN KC 88 -81.55 104.81 -36.07
C ASN KC 88 -83.04 104.53 -36.11
N SER KC 89 -83.58 103.92 -35.05
CA SER KC 89 -84.88 103.28 -35.11
C SER KC 89 -85.78 103.80 -34.01
N VAL KC 90 -86.88 104.43 -34.38
CA VAL KC 90 -87.98 104.64 -33.45
C VAL KC 90 -89.07 103.62 -33.76
N ARG KC 91 -89.45 102.82 -32.76
CA ARG KC 91 -90.44 101.77 -32.91
C ARG KC 91 -91.58 102.02 -31.95
N ILE KC 92 -92.81 101.96 -32.45
CA ILE KC 92 -94.00 102.17 -31.64
C ILE KC 92 -94.97 101.03 -31.91
N ALA KC 93 -95.22 100.23 -30.88
CA ALA KC 93 -96.09 99.07 -30.96
C ALA KC 93 -97.26 99.28 -30.01
N LEU KC 94 -98.46 99.05 -30.50
CA LEU KC 94 -99.68 99.26 -29.72
C LEU KC 94 -100.45 97.95 -29.66
N GLU KC 95 -100.52 97.37 -28.47
CA GLU KC 95 -101.14 96.08 -28.21
C GLU KC 95 -102.44 96.31 -27.46
N ILE KC 96 -103.55 95.93 -28.09
CA ILE KC 96 -104.89 96.23 -27.58
C ILE KC 96 -105.74 94.98 -27.62
N HIS KC 97 -106.45 94.70 -26.52
CA HIS KC 97 -107.51 93.71 -26.51
C HIS KC 97 -108.80 94.34 -27.06
N PRO KC 98 -109.56 93.60 -27.87
CA PRO KC 98 -110.71 94.23 -28.57
C PRO KC 98 -111.77 94.79 -27.65
N ALA KC 99 -111.81 94.35 -26.39
CA ALA KC 99 -112.83 94.80 -25.46
C ALA KC 99 -112.54 96.16 -24.84
N LEU KC 100 -111.40 96.78 -25.14
CA LEU KC 100 -111.12 98.11 -24.62
C LEU KC 100 -111.95 99.14 -25.37
N ALA KC 101 -112.30 100.22 -24.66
CA ALA KC 101 -113.13 101.26 -25.26
C ALA KC 101 -112.41 101.96 -26.40
N SER KC 102 -113.18 102.23 -27.46
CA SER KC 102 -112.63 102.93 -28.62
C SER KC 102 -111.98 104.25 -28.22
N ALA KC 103 -112.51 104.89 -27.17
CA ALA KC 103 -111.94 106.15 -26.68
C ALA KC 103 -110.63 105.93 -25.93
N SER KC 104 -110.54 104.85 -25.14
CA SER KC 104 -109.30 104.56 -24.44
C SER KC 104 -108.19 104.18 -25.39
N VAL KC 105 -108.52 103.58 -26.54
CA VAL KC 105 -107.49 103.28 -27.53
C VAL KC 105 -106.81 104.56 -28.01
N LYS KC 106 -107.62 105.57 -28.38
CA LYS KC 106 -107.04 106.83 -28.84
C LYS KC 106 -106.37 107.60 -27.70
N ASP KC 107 -106.94 107.54 -26.48
CA ASP KC 107 -106.22 108.11 -25.34
C ASP KC 107 -104.84 107.47 -25.21
N LEU KC 108 -104.73 106.18 -25.50
CA LEU KC 108 -103.46 105.48 -25.35
C LEU KC 108 -102.46 105.93 -26.43
N ARG KC 109 -102.94 106.10 -27.66
CA ARG KC 109 -102.11 106.67 -28.72
C ARG KC 109 -101.56 108.04 -28.33
N LEU KC 110 -102.44 108.92 -27.84
CA LEU KC 110 -102.02 110.28 -27.51
C LEU KC 110 -101.11 110.31 -26.29
N ILE KC 111 -101.33 109.42 -25.33
CA ILE KC 111 -100.50 109.44 -24.13
C ILE KC 111 -99.10 108.92 -24.46
N GLY KC 112 -99.00 107.95 -25.38
CA GLY KC 112 -97.68 107.56 -25.86
C GLY KC 112 -96.98 108.68 -26.60
N ALA KC 113 -97.73 109.39 -27.46
CA ALA KC 113 -97.14 110.53 -28.16
C ALA KC 113 -96.61 111.57 -27.18
N GLN KC 114 -97.35 111.84 -26.11
CA GLN KC 114 -96.84 112.81 -25.13
C GLN KC 114 -95.59 112.29 -24.46
N LEU KC 115 -95.58 111.00 -24.09
CA LEU KC 115 -94.37 110.42 -23.51
C LEU KC 115 -93.16 110.60 -24.42
N LEU KC 116 -93.35 110.53 -25.74
CA LEU KC 116 -92.25 110.86 -26.65
C LEU KC 116 -91.87 112.33 -26.61
N THR KC 117 -92.84 113.24 -26.75
CA THR KC 117 -92.49 114.60 -27.13
C THR KC 117 -92.43 115.61 -25.98
N ASP KC 118 -92.89 115.25 -24.78
CA ASP KC 118 -92.92 116.23 -23.70
C ASP KC 118 -91.50 116.54 -23.23
N ALA KC 119 -91.35 117.74 -22.66
CA ALA KC 119 -90.02 118.19 -22.24
C ALA KC 119 -89.57 117.47 -20.98
N ASP KC 120 -90.51 117.09 -20.11
CA ASP KC 120 -90.18 116.34 -18.90
C ASP KC 120 -89.33 115.11 -19.20
N TYR KC 121 -89.46 114.54 -20.38
CA TYR KC 121 -88.79 113.29 -20.72
C TYR KC 121 -87.55 113.51 -21.58
N ASP KC 122 -87.22 114.77 -21.89
CA ASP KC 122 -86.03 115.07 -22.71
C ASP KC 122 -84.79 114.39 -22.14
N SER KC 123 -84.56 114.53 -20.84
CA SER KC 123 -83.37 113.93 -20.23
C SER KC 123 -83.36 112.42 -20.45
N PHE KC 124 -84.48 111.76 -20.16
CA PHE KC 124 -84.59 110.32 -20.36
C PHE KC 124 -84.23 109.91 -21.78
N TRP KC 125 -84.98 110.42 -22.75
CA TRP KC 125 -84.80 109.98 -24.13
C TRP KC 125 -83.39 110.27 -24.62
N THR KC 126 -82.93 111.52 -24.48
CA THR KC 126 -81.66 111.91 -25.08
C THR KC 126 -80.48 111.27 -24.36
N LEU KC 127 -80.37 111.51 -23.06
CA LEU KC 127 -79.19 111.11 -22.29
C LEU KC 127 -79.27 109.68 -21.78
N GLY KC 128 -80.47 109.10 -21.72
CA GLY KC 128 -80.67 107.82 -21.07
C GLY KC 128 -80.89 107.91 -19.57
N ALA KC 129 -81.15 109.10 -19.04
CA ALA KC 129 -81.16 109.30 -17.59
C ALA KC 129 -82.41 108.70 -16.98
N LEU KC 130 -82.22 107.81 -16.02
CA LEU KC 130 -83.34 107.31 -15.25
C LEU KC 130 -83.76 108.31 -14.18
N ALA KC 131 -84.91 108.05 -13.56
CA ALA KC 131 -85.44 108.88 -12.48
C ALA KC 131 -85.70 110.34 -12.88
N SER LC 1 -100.69 99.02 31.66
CA SER LC 1 -100.54 100.20 30.82
C SER LC 1 -100.79 99.88 29.34
N ILE LC 2 -100.37 98.69 28.89
CA ILE LC 2 -100.75 98.24 27.56
C ILE LC 2 -102.23 97.88 27.53
N ILE LC 3 -102.68 97.13 28.53
CA ILE LC 3 -104.09 96.79 28.63
C ILE LC 3 -104.87 98.03 29.07
N GLY LC 4 -105.82 98.43 28.24
CA GLY LC 4 -106.60 99.61 28.52
C GLY LC 4 -106.08 100.89 27.89
N SER LC 5 -104.95 100.84 27.22
CA SER LC 5 -104.41 102.02 26.56
C SER LC 5 -105.36 102.52 25.48
N SER LC 6 -105.33 103.83 25.24
CA SER LC 6 -106.17 104.46 24.25
C SER LC 6 -105.30 105.23 23.27
N ILE LC 7 -105.60 105.07 21.97
CA ILE LC 7 -104.83 105.69 20.91
C ILE LC 7 -105.79 106.13 19.81
N LYS LC 8 -105.42 107.22 19.11
CA LYS LC 8 -106.30 107.83 18.12
C LYS LC 8 -106.26 107.06 16.81
N THR LC 9 -107.44 106.73 16.27
CA THR LC 9 -107.54 106.25 14.89
C THR LC 9 -108.21 107.32 14.04
N GLY LC 10 -108.06 107.16 12.73
CA GLY LC 10 -108.53 108.18 11.81
C GLY LC 10 -107.93 109.55 12.10
N ALA LC 11 -106.67 109.59 12.49
CA ALA LC 11 -106.03 110.85 12.81
C ALA LC 11 -105.68 111.61 11.53
N THR LC 12 -105.77 112.94 11.61
CA THR LC 12 -105.41 113.78 10.46
C THR LC 12 -103.91 113.69 10.17
N SER LC 13 -103.07 114.00 11.15
CA SER LC 13 -101.63 113.90 10.95
C SER LC 13 -100.93 113.87 12.30
N ALA LC 14 -99.69 113.38 12.28
CA ALA LC 14 -98.86 113.30 13.47
C ALA LC 14 -97.70 114.27 13.35
N SER LC 15 -97.22 114.76 14.49
CA SER LC 15 -96.16 115.73 14.52
C SER LC 15 -95.26 115.43 15.71
N ILE LC 16 -94.15 116.16 15.81
CA ILE LC 16 -93.18 115.89 16.86
C ILE LC 16 -92.55 117.20 17.32
N THR LC 17 -92.75 117.52 18.60
CA THR LC 17 -92.10 118.68 19.22
C THR LC 17 -90.70 118.26 19.64
N GLY LC 18 -89.69 118.70 18.90
CA GLY LC 18 -88.37 118.14 19.08
C GLY LC 18 -87.19 119.06 18.84
N GLY LC 19 -86.00 118.48 18.88
CA GLY LC 19 -84.76 119.22 18.83
C GLY LC 19 -84.15 119.40 17.45
N SER LC 20 -82.90 118.97 17.29
CA SER LC 20 -82.11 119.28 16.12
C SER LC 20 -82.50 118.41 14.92
N ASP LC 21 -82.18 118.91 13.73
CA ASP LC 21 -82.41 118.20 12.49
C ASP LC 21 -81.35 117.12 12.26
N ILE LC 22 -81.68 116.19 11.38
CA ILE LC 22 -80.72 115.21 10.88
C ILE LC 22 -81.08 114.93 9.43
N THR LC 23 -80.08 114.76 8.59
CA THR LC 23 -80.32 114.61 7.16
C THR LC 23 -79.68 113.34 6.63
N PHE LC 24 -80.35 112.73 5.66
CA PHE LC 24 -79.92 111.48 5.05
C PHE LC 24 -79.30 111.74 3.69
N ALA LC 25 -78.28 110.95 3.35
CA ALA LC 25 -77.75 110.92 2.00
C ALA LC 25 -77.49 109.48 1.60
N LEU LC 26 -77.52 109.23 0.30
CA LEU LC 26 -77.43 107.86 -0.20
C LEU LC 26 -76.05 107.27 0.07
N THR LC 27 -76.04 106.07 0.69
CA THR LC 27 -74.80 105.48 1.17
C THR LC 27 -73.95 104.94 0.03
N GLY LC 28 -74.58 104.25 -0.92
CA GLY LC 28 -73.83 103.46 -1.86
C GLY LC 28 -73.47 102.09 -1.37
N GLN LC 29 -74.03 101.65 -0.25
CA GLN LC 29 -73.98 100.25 0.13
C GLN LC 29 -75.01 99.52 -0.69
N THR LC 30 -74.58 98.47 -1.41
CA THR LC 30 -75.50 97.72 -2.25
C THR LC 30 -76.46 96.93 -1.37
N VAL LC 31 -77.76 97.16 -1.56
CA VAL LC 31 -78.80 96.47 -0.79
C VAL LC 31 -79.82 95.89 -1.76
N THR LC 32 -80.08 94.59 -1.64
CA THR LC 32 -81.02 93.91 -2.51
C THR LC 32 -82.43 94.42 -2.28
N ASN LC 33 -83.10 94.80 -3.38
CA ASN LC 33 -84.44 95.39 -3.35
C ASN LC 33 -84.52 96.62 -2.46
N GLY LC 34 -83.38 97.23 -2.15
CA GLY LC 34 -83.38 98.23 -1.10
C GLY LC 34 -82.37 99.35 -1.30
N LEU LC 35 -82.31 100.19 -0.27
CA LEU LC 35 -81.57 101.43 -0.29
C LEU LC 35 -80.92 101.62 1.07
N ASN LC 36 -79.75 102.25 1.10
CA ASN LC 36 -79.13 102.63 2.35
C ASN LC 36 -78.86 104.13 2.31
N VAL LC 37 -79.40 104.87 3.26
CA VAL LC 37 -79.09 106.28 3.45
C VAL LC 37 -78.56 106.45 4.86
N SER LC 38 -77.40 107.08 4.99
CA SER LC 38 -76.85 107.30 6.32
C SER LC 38 -76.89 108.79 6.64
N VAL LC 39 -76.52 109.08 7.89
CA VAL LC 39 -76.57 110.44 8.41
C VAL LC 39 -75.36 111.22 7.94
N SER LC 40 -75.60 112.25 7.14
CA SER LC 40 -74.54 113.13 6.67
C SER LC 40 -74.02 114.05 7.75
N GLU LC 41 -74.53 113.93 8.98
CA GLU LC 41 -74.25 114.88 10.04
C GLU LC 41 -73.42 114.30 11.17
N ASP LC 42 -73.42 112.98 11.32
CA ASP LC 42 -72.48 112.31 12.21
C ASP LC 42 -71.14 112.16 11.50
N THR LC 43 -70.06 112.45 12.20
CA THR LC 43 -68.77 112.66 11.55
C THR LC 43 -67.92 111.40 11.46
N ASP LC 44 -68.20 110.37 12.26
CA ASP LC 44 -67.41 109.15 12.28
C ASP LC 44 -68.28 108.01 11.78
N TYR LC 45 -67.91 107.43 10.62
CA TYR LC 45 -68.67 106.31 10.06
C TYR LC 45 -68.88 105.21 11.08
N ARG LC 46 -67.84 104.94 11.87
CA ARG LC 46 -67.90 103.90 12.90
C ARG LC 46 -69.16 104.01 13.74
N THR LC 47 -69.67 105.23 13.94
CA THR LC 47 -70.89 105.48 14.71
C THR LC 47 -71.94 106.28 13.93
N ARG LC 48 -71.92 106.26 12.59
CA ARG LC 48 -72.95 106.96 11.83
C ARG LC 48 -74.25 106.16 11.81
N ARG LC 49 -75.28 106.74 12.41
CA ARG LC 49 -76.63 106.23 12.30
C ARG LC 49 -76.99 106.07 10.82
N ASN LC 50 -77.58 104.92 10.48
CA ASN LC 50 -78.03 104.77 9.10
C ASN LC 50 -79.33 103.98 9.02
N ALA LC 51 -80.08 104.21 7.94
CA ALA LC 51 -81.36 103.59 7.72
C ALA LC 51 -81.35 102.86 6.38
N THR LC 52 -82.04 101.73 6.35
CA THR LC 52 -82.13 100.88 5.17
C THR LC 52 -83.59 100.63 4.85
N PHE LC 53 -83.94 100.84 3.59
CA PHE LC 53 -85.30 100.81 3.09
C PHE LC 53 -85.43 99.66 2.11
N LYS LC 54 -86.27 98.68 2.44
CA LYS LC 54 -86.55 97.59 1.53
C LYS LC 54 -88.02 97.63 1.11
N SER LC 55 -88.29 97.15 -0.11
CA SER LC 55 -89.61 97.25 -0.69
C SER LC 55 -89.90 96.05 -1.58
N ARG LC 56 -91.03 95.40 -1.34
CA ARG LC 56 -91.57 94.40 -2.25
C ARG LC 56 -93.03 94.71 -2.55
N VAL LC 57 -93.34 94.77 -3.84
CA VAL LC 57 -94.64 95.16 -4.41
C VAL LC 57 -95.55 93.93 -4.41
N PRO LC 58 -96.88 94.11 -4.36
CA PRO LC 58 -97.78 92.95 -4.42
C PRO LC 58 -97.59 92.13 -5.69
N THR LC 59 -97.50 90.81 -5.50
CA THR LC 59 -97.33 89.86 -6.58
C THR LC 59 -98.67 89.18 -6.88
N VAL LC 60 -98.97 88.98 -8.16
CA VAL LC 60 -100.25 88.45 -8.61
C VAL LC 60 -100.07 87.00 -9.07
N VAL LC 61 -100.88 86.10 -8.51
CA VAL LC 61 -100.94 84.70 -8.92
C VAL LC 61 -102.33 84.44 -9.51
N ASN LC 62 -102.38 84.40 -10.85
CA ASN LC 62 -103.60 84.08 -11.60
C ASN LC 62 -104.80 84.88 -11.09
N GLY LC 63 -104.60 86.18 -10.91
CA GLY LC 63 -105.66 87.09 -10.52
C GLY LC 63 -105.72 87.42 -9.04
N ASN LC 64 -105.02 86.67 -8.18
CA ASN LC 64 -105.05 86.89 -6.73
C ASN LC 64 -103.81 87.64 -6.28
N TYR LC 65 -104.00 88.76 -5.58
CA TYR LC 65 -102.88 89.58 -5.15
C TYR LC 65 -102.37 89.18 -3.78
N SER LC 66 -101.06 89.35 -3.58
CA SER LC 66 -100.41 89.08 -2.31
C SER LC 66 -100.07 90.39 -1.63
N LYS LC 67 -100.28 90.43 -0.31
CA LYS LC 67 -99.91 91.61 0.47
C LYS LC 67 -98.42 91.90 0.34
N GLY LC 68 -98.11 93.15 -0.02
CA GLY LC 68 -96.73 93.58 -0.16
C GLY LC 68 -96.15 94.11 1.14
N LYS LC 69 -94.84 94.36 1.11
CA LYS LC 69 -94.06 94.55 2.33
C LYS LC 69 -93.08 95.70 2.15
N ASN LC 70 -93.17 96.72 3.02
CA ASN LC 70 -92.24 97.85 3.02
C ASN LC 70 -91.54 97.90 4.37
N GLU LC 71 -90.25 97.57 4.39
CA GLU LC 71 -89.45 97.57 5.61
C GLU LC 71 -88.55 98.79 5.69
N VAL LC 72 -88.33 99.26 6.92
CA VAL LC 72 -87.30 100.23 7.23
C VAL LC 72 -86.58 99.73 8.47
N VAL LC 73 -85.26 99.88 8.49
CA VAL LC 73 -84.48 99.59 9.69
C VAL LC 73 -83.53 100.76 9.93
N PHE LC 74 -83.52 101.26 11.16
CA PHE LC 74 -82.71 102.39 11.57
C PHE LC 74 -81.77 101.91 12.65
N VAL LC 75 -80.49 102.28 12.53
CA VAL LC 75 -79.43 101.69 13.32
C VAL LC 75 -78.56 102.78 13.94
N ILE LC 76 -78.37 102.68 15.25
CA ILE LC 76 -77.33 103.39 15.99
C ILE LC 76 -76.21 102.39 16.27
N PRO LC 77 -75.07 102.48 15.62
CA PRO LC 77 -73.94 101.61 15.99
C PRO LC 77 -73.20 102.15 17.19
N MET LC 78 -72.83 101.24 18.10
CA MET LC 78 -72.01 101.62 19.23
C MET LC 78 -70.99 100.53 19.49
N SER LC 79 -69.76 100.95 19.83
CA SER LC 79 -68.72 100.01 20.21
C SER LC 79 -68.81 99.73 21.70
N LEU LC 80 -68.73 98.46 22.07
CA LEU LC 80 -68.84 98.03 23.45
C LEU LC 80 -67.48 98.12 24.15
N ASP LC 81 -67.52 97.98 25.47
CA ASP LC 81 -66.29 97.79 26.24
C ASP LC 81 -65.54 96.55 25.77
N SER LC 82 -66.26 95.60 25.17
CA SER LC 82 -65.65 94.41 24.56
C SER LC 82 -64.84 94.74 23.31
N GLY LC 83 -64.93 95.97 22.79
CA GLY LC 83 -64.33 96.28 21.51
C GLY LC 83 -65.27 95.96 20.37
N GLU LC 84 -65.98 94.84 20.51
CA GLU LC 84 -67.05 94.47 19.59
C GLU LC 84 -68.02 95.62 19.40
N THR LC 85 -68.39 95.88 18.15
CA THR LC 85 -69.34 96.93 17.81
C THR LC 85 -70.69 96.29 17.49
N VAL LC 86 -71.73 96.75 18.18
CA VAL LC 86 -73.08 96.20 18.05
C VAL LC 86 -74.00 97.28 17.49
N PHE LC 87 -75.04 96.84 16.78
CA PHE LC 87 -75.98 97.71 16.11
C PHE LC 87 -77.28 97.76 16.91
N ASN LC 88 -77.75 98.96 17.24
CA ASN LC 88 -78.99 99.17 17.99
C ASN LC 88 -80.10 99.53 17.00
N SER LC 89 -81.15 98.70 16.98
CA SER LC 89 -82.06 98.64 15.84
C SER LC 89 -83.46 99.06 16.23
N VAL LC 90 -84.12 99.78 15.32
CA VAL LC 90 -85.56 99.90 15.30
C VAL LC 90 -86.02 99.56 13.87
N ARG LC 91 -86.96 98.62 13.76
CA ARG LC 91 -87.38 98.10 12.46
C ARG LC 91 -88.90 98.21 12.35
N ILE LC 92 -89.36 98.83 11.27
CA ILE LC 92 -90.78 99.03 11.03
C ILE LC 92 -91.13 98.48 9.66
N ALA LC 93 -92.01 97.49 9.65
CA ALA LC 93 -92.41 96.78 8.43
C ALA LC 93 -93.92 96.88 8.28
N LEU LC 94 -94.36 97.41 7.15
CA LEU LC 94 -95.78 97.61 6.88
C LEU LC 94 -96.19 96.74 5.71
N GLU LC 95 -97.10 95.80 5.96
CA GLU LC 95 -97.55 94.81 4.99
C GLU LC 95 -99.00 95.08 4.65
N ILE LC 96 -99.26 95.43 3.40
CA ILE LC 96 -100.58 95.91 2.97
C ILE LC 96 -101.05 95.10 1.77
N HIS LC 97 -102.32 94.68 1.80
CA HIS LC 97 -102.95 94.12 0.61
C HIS LC 97 -103.51 95.26 -0.25
N PRO LC 98 -103.42 95.13 -1.58
CA PRO LC 98 -103.85 96.25 -2.44
C PRO LC 98 -105.29 96.68 -2.24
N ALA LC 99 -106.15 95.80 -1.73
CA ALA LC 99 -107.57 96.11 -1.60
C ALA LC 99 -107.88 97.02 -0.41
N LEU LC 100 -106.91 97.27 0.46
CA LEU LC 100 -107.18 98.06 1.67
C LEU LC 100 -107.46 99.51 1.31
N ALA LC 101 -108.26 100.17 2.14
CA ALA LC 101 -108.59 101.57 1.94
C ALA LC 101 -107.34 102.44 2.00
N SER LC 102 -107.25 103.36 1.04
CA SER LC 102 -106.13 104.31 1.00
C SER LC 102 -105.95 105.01 2.33
N ALA LC 103 -107.05 105.40 2.99
CA ALA LC 103 -106.95 106.08 4.27
C ALA LC 103 -106.62 105.14 5.41
N SER LC 104 -107.06 103.87 5.32
CA SER LC 104 -106.66 102.89 6.33
C SER LC 104 -105.16 102.63 6.29
N VAL LC 105 -104.53 102.76 5.12
CA VAL LC 105 -103.07 102.62 5.05
C VAL LC 105 -102.39 103.66 5.93
N LYS LC 106 -102.74 104.94 5.75
CA LYS LC 106 -102.13 105.97 6.56
C LYS LC 106 -102.59 105.89 8.02
N ASP LC 107 -103.80 105.39 8.28
CA ASP LC 107 -104.19 105.16 9.67
C ASP LC 107 -103.29 104.11 10.32
N LEU LC 108 -102.88 103.08 9.56
CA LEU LC 108 -101.93 102.10 10.10
C LEU LC 108 -100.59 102.75 10.41
N ARG LC 109 -100.09 103.58 9.49
CA ARG LC 109 -98.84 104.29 9.77
C ARG LC 109 -98.93 105.08 11.07
N LEU LC 110 -100.01 105.85 11.23
CA LEU LC 110 -100.15 106.71 12.39
C LEU LC 110 -100.38 105.91 13.68
N ILE LC 111 -101.13 104.81 13.59
CA ILE LC 111 -101.39 104.03 14.80
C ILE LC 111 -100.15 103.27 15.24
N GLY LC 112 -99.36 102.80 14.27
CA GLY LC 112 -98.06 102.24 14.61
C GLY LC 112 -97.17 103.26 15.30
N ALA LC 113 -97.14 104.49 14.77
CA ALA LC 113 -96.29 105.51 15.39
C ALA LC 113 -96.75 105.80 16.81
N GLN LC 114 -98.07 105.84 17.05
CA GLN LC 114 -98.55 106.07 18.40
C GLN LC 114 -98.14 104.92 19.32
N LEU LC 115 -98.14 103.69 18.80
CA LEU LC 115 -97.72 102.56 19.62
C LEU LC 115 -96.26 102.68 20.06
N LEU LC 116 -95.42 103.38 19.29
CA LEU LC 116 -94.07 103.70 19.77
C LEU LC 116 -94.04 104.87 20.74
N THR LC 117 -94.77 105.94 20.46
CA THR LC 117 -94.49 107.21 21.12
C THR LC 117 -95.54 107.63 22.13
N ASP LC 118 -96.47 106.76 22.51
CA ASP LC 118 -97.37 107.12 23.60
C ASP LC 118 -96.77 106.70 24.93
N ALA LC 119 -97.13 107.44 25.98
CA ALA LC 119 -96.59 107.17 27.31
C ALA LC 119 -97.06 105.83 27.83
N ASP LC 120 -98.29 105.43 27.48
CA ASP LC 120 -98.85 104.18 27.97
C ASP LC 120 -97.92 102.99 27.72
N TYR LC 121 -97.06 103.08 26.71
CA TYR LC 121 -96.22 101.97 26.31
C TYR LC 121 -94.77 102.13 26.76
N ASP LC 122 -94.43 103.25 27.40
CA ASP LC 122 -93.06 103.50 27.84
C ASP LC 122 -92.49 102.30 28.59
N SER LC 123 -93.27 101.76 29.52
CA SER LC 123 -92.79 100.64 30.32
C SER LC 123 -92.48 99.44 29.42
N PHE LC 124 -93.39 99.12 28.49
CA PHE LC 124 -93.17 98.04 27.54
C PHE LC 124 -91.87 98.23 26.77
N TRP LC 125 -91.75 99.36 26.06
CA TRP LC 125 -90.59 99.52 25.18
C TRP LC 125 -89.29 99.53 25.96
N THR LC 126 -89.19 100.37 27.00
CA THR LC 126 -87.93 100.50 27.71
C THR LC 126 -87.56 99.21 28.41
N LEU LC 127 -88.43 98.70 29.28
CA LEU LC 127 -88.08 97.58 30.13
C LEU LC 127 -88.42 96.23 29.51
N GLY LC 128 -89.54 96.13 28.81
CA GLY LC 128 -90.03 94.85 28.32
C GLY LC 128 -91.27 94.35 29.04
N ALA LC 129 -91.96 95.22 29.77
CA ALA LC 129 -93.14 94.88 30.55
C ALA LC 129 -94.27 94.40 29.66
N LEU LC 130 -95.01 93.41 30.16
CA LEU LC 130 -96.05 92.74 29.38
C LEU LC 130 -97.46 92.97 29.91
N ALA LC 131 -97.67 93.93 30.80
CA ALA LC 131 -99.01 94.22 31.31
C ALA LC 131 -99.63 95.42 30.58
#